data_7U8K
#
_entry.id   7U8K
#
loop_
_entity.id
_entity.type
_entity.pdbx_description
1 polymer 'Actin, alpha skeletal muscle'
2 polymer Cofilin-2
#
loop_
_entity_poly.entity_id
_entity_poly.type
_entity_poly.pdbx_seq_one_letter_code
_entity_poly.pdbx_strand_id
1 'polypeptide(L)'
;(ACE)DEDETTALVCDNGSGLVKAGFAGDDAPRAVFPSIVGRPRHQGVMVGMGQKDSYVGDEAQSKRGILTLKYPIEHGI
ITNWDDMEKIWHHTFYNELRVAPEEHPTLLTEAPLNPKANREKMTQIMFETFNVPAMYVAIQAVLSLYASGRTTGIVLDS
GDGVTHNVPIYEGYALPHAIMRLDLAGRDLTDYLMKILTERGYSFVTTAEREIVRDIKEKLCYVALDFENEMATAASSSS
LEKSYELPDGQVITIGNERFRCPETLFQPSFIGMESAGIHETTYNSIMKCDIDIRKDLYANNVMSGGTTMYPGIADRMQK
EITALAPSTMKIKIIAPPERKYSVWIGGSILASLSTFQQMWITKQEYDEAGPSIVHRKCF(NH2)
;
A,B,C,D,E,F,G,H,I,J
2 'polypeptide(L)'
;(ACE)MASGVTVNDEVIKVFNDMKVRKSSTQEEIKKRKKAVLFCLSDDKRQIIVEEAKQILVGDIGDTVEDPYTSFVKLL
PLNDCRYALYDATYETKESKKEDLVFIFWAPESAPLKSKMIYASSKDAIKKKFTGIKHEWQVNGLDDIKDRSTLGEKLGG
NVVVSLEGKPL(NH2)
;
K,L,M,N,O,P,Q,R
#
loop_
_chem_comp.id
_chem_comp.type
_chem_comp.name
_chem_comp.formula
ACE non-polymer 'ACETYL GROUP' 'C2 H4 O'
NH2 non-polymer 'AMINO GROUP' 'H2 N'
#
# COMPACT_ATOMS: atom_id res chain seq x y z
C ACE A 1 -62.92 122.69 -8.69
O ACE A 1 -62.64 121.31 -8.61
CH3 ACE A 1 -61.66 123.42 -9.11
H1 ACE A 1 -61.27 123.03 -10.06
H2 ACE A 1 -60.87 123.30 -8.36
H3 ACE A 1 -61.84 124.49 -9.24
N ASP A 2 -63.92 122.83 -9.74
CA ASP A 2 -65.28 122.43 -9.30
C ASP A 2 -65.55 120.94 -9.51
N GLU A 3 -65.01 120.40 -10.61
CA GLU A 3 -65.11 119.01 -11.04
C GLU A 3 -63.82 118.21 -10.72
N ASP A 4 -62.87 118.77 -9.98
CA ASP A 4 -61.60 118.14 -9.55
C ASP A 4 -61.38 118.36 -8.04
N GLU A 5 -62.46 118.14 -7.27
CA GLU A 5 -62.55 118.27 -5.82
C GLU A 5 -62.60 116.86 -5.19
N THR A 6 -62.61 116.82 -3.87
CA THR A 6 -62.51 115.64 -3.03
C THR A 6 -63.92 115.04 -2.75
N THR A 7 -64.11 113.76 -3.08
CA THR A 7 -65.30 113.00 -2.73
C THR A 7 -65.12 112.51 -1.28
N ALA A 8 -65.75 113.24 -0.33
CA ALA A 8 -65.64 113.03 1.12
C ALA A 8 -65.95 111.60 1.58
N LEU A 9 -65.28 111.15 2.64
CA LEU A 9 -65.48 109.83 3.23
C LEU A 9 -66.73 109.88 4.15
N VAL A 10 -67.44 108.76 4.27
CA VAL A 10 -68.58 108.57 5.16
C VAL A 10 -68.24 107.32 5.98
N CYS A 11 -67.82 107.53 7.23
CA CYS A 11 -67.26 106.53 8.13
C CYS A 11 -68.19 106.45 9.36
N ASP A 12 -69.08 105.46 9.39
CA ASP A 12 -69.98 105.22 10.51
C ASP A 12 -69.19 104.45 11.60
N ASN A 13 -69.23 104.98 12.81
CA ASN A 13 -68.53 104.48 14.00
C ASN A 13 -69.25 103.26 14.61
N GLY A 14 -70.53 103.04 14.26
CA GLY A 14 -71.27 101.82 14.53
C GLY A 14 -71.52 101.53 16.02
N SER A 15 -71.34 100.27 16.43
CA SER A 15 -71.49 99.78 17.81
C SER A 15 -70.59 98.57 18.12
N GLY A 16 -69.50 98.40 17.35
CA GLY A 16 -68.63 97.23 17.39
C GLY A 16 -68.31 96.68 16.00
N LEU A 17 -69.04 97.11 14.96
CA LEU A 17 -68.72 96.92 13.55
C LEU A 17 -68.57 98.33 12.95
N VAL A 18 -67.45 98.60 12.29
CA VAL A 18 -67.20 99.84 11.53
C VAL A 18 -67.80 99.63 10.11
N LYS A 19 -68.28 100.71 9.49
CA LYS A 19 -68.75 100.75 8.10
C LYS A 19 -68.24 102.07 7.50
N ALA A 20 -67.38 102.05 6.48
CA ALA A 20 -66.79 103.25 5.89
C ALA A 20 -66.66 103.17 4.37
N GLY A 21 -67.15 104.19 3.66
CA GLY A 21 -67.06 104.34 2.21
C GLY A 21 -66.88 105.80 1.79
N PHE A 22 -67.06 106.09 0.50
CA PHE A 22 -66.99 107.43 -0.09
C PHE A 22 -68.41 107.95 -0.32
N ALA A 23 -68.61 109.28 -0.25
CA ALA A 23 -69.85 109.96 -0.52
C ALA A 23 -70.11 109.96 -2.03
N GLY A 24 -71.29 109.47 -2.43
CA GLY A 24 -71.69 109.30 -3.82
C GLY A 24 -71.35 107.90 -4.36
N ASP A 25 -70.72 107.04 -3.53
CA ASP A 25 -70.51 105.62 -3.81
C ASP A 25 -71.69 104.83 -3.20
N ASP A 26 -72.01 103.69 -3.81
CA ASP A 26 -73.21 102.88 -3.58
C ASP A 26 -73.11 102.04 -2.29
N ALA A 27 -71.90 101.80 -1.77
CA ALA A 27 -71.65 100.86 -0.67
C ALA A 27 -70.48 101.31 0.21
N PRO A 28 -70.40 100.84 1.48
CA PRO A 28 -69.21 101.03 2.31
C PRO A 28 -68.04 100.17 1.76
N ARG A 29 -66.88 100.79 1.58
CA ARG A 29 -65.64 100.17 1.12
C ARG A 29 -65.05 99.25 2.20
N ALA A 30 -64.88 99.75 3.41
CA ALA A 30 -64.41 98.99 4.56
C ALA A 30 -65.63 98.67 5.41
N VAL A 31 -65.85 97.39 5.72
CA VAL A 31 -66.75 96.90 6.75
C VAL A 31 -65.92 95.87 7.52
N PHE A 32 -65.70 96.08 8.82
CA PHE A 32 -64.86 95.22 9.66
C PHE A 32 -65.22 95.43 11.15
N PRO A 33 -65.02 94.42 12.04
CA PRO A 33 -65.15 94.56 13.50
C PRO A 33 -64.27 95.68 14.09
N SER A 34 -64.76 96.38 15.12
CA SER A 34 -64.00 97.39 15.86
C SER A 34 -63.14 96.75 16.97
N ILE A 35 -62.96 95.42 16.99
CA ILE A 35 -62.24 94.67 18.02
C ILE A 35 -60.74 94.96 17.94
N VAL A 36 -60.06 95.04 19.10
CA VAL A 36 -58.63 95.27 19.26
C VAL A 36 -58.10 94.23 20.25
N GLY A 37 -56.87 93.73 20.08
CA GLY A 37 -56.25 92.80 21.01
C GLY A 37 -54.77 93.06 21.19
N ARG A 38 -54.23 92.62 22.35
CA ARG A 38 -52.81 92.67 22.73
C ARG A 38 -52.36 91.28 23.19
N PRO A 39 -51.06 90.93 23.00
CA PRO A 39 -50.54 89.57 23.25
C PRO A 39 -50.50 89.17 24.74
N ARG A 40 -50.90 87.92 25.02
CA ARG A 40 -50.85 87.28 26.34
C ARG A 40 -49.52 86.53 26.56
N HIS A 41 -48.77 86.27 25.48
CA HIS A 41 -47.45 85.64 25.44
C HIS A 41 -46.69 86.20 24.24
N GLN A 42 -45.35 86.24 24.31
CA GLN A 42 -44.49 87.06 23.46
C GLN A 42 -43.64 86.20 22.51
N GLY A 43 -43.35 86.75 21.33
CA GLY A 43 -42.41 86.20 20.35
C GLY A 43 -41.00 86.77 20.55
N VAL A 44 -40.07 86.40 19.65
CA VAL A 44 -38.66 86.82 19.71
C VAL A 44 -38.19 87.50 18.42
N MET A 45 -39.03 87.54 17.39
CA MET A 45 -38.75 88.02 16.04
C MET A 45 -38.97 89.54 16.02
N VAL A 46 -37.89 90.29 16.33
CA VAL A 46 -37.84 91.75 16.40
C VAL A 46 -38.16 92.38 15.02
N GLY A 47 -38.90 93.48 15.00
CA GLY A 47 -39.22 94.27 13.80
C GLY A 47 -40.38 93.73 12.97
N MET A 48 -40.92 92.56 13.32
CA MET A 48 -42.02 91.92 12.59
C MET A 48 -43.39 92.37 13.13
N GLY A 49 -43.43 93.04 14.28
CA GLY A 49 -44.62 93.67 14.83
C GLY A 49 -44.53 95.17 14.57
N GLN A 50 -45.45 95.73 13.76
CA GLN A 50 -45.45 97.14 13.35
C GLN A 50 -46.40 97.97 14.25
N LYS A 51 -47.00 97.36 15.26
CA LYS A 51 -48.02 97.90 16.14
C LYS A 51 -48.00 97.08 17.44
N ASP A 52 -48.43 97.68 18.57
CA ASP A 52 -48.51 97.04 19.89
C ASP A 52 -49.79 96.18 19.98
N SER A 53 -50.83 96.61 19.26
CA SER A 53 -52.19 96.17 19.30
C SER A 53 -52.60 95.80 17.87
N TYR A 54 -53.24 94.64 17.69
CA TYR A 54 -53.76 94.22 16.41
C TYR A 54 -55.24 94.59 16.42
N VAL A 55 -55.63 95.39 15.42
CA VAL A 55 -56.88 96.10 15.28
C VAL A 55 -57.66 95.43 14.13
N GLY A 56 -58.93 95.10 14.35
CA GLY A 56 -59.85 94.65 13.31
C GLY A 56 -59.68 93.16 12.98
N ASP A 57 -59.72 92.82 11.69
CA ASP A 57 -59.55 91.44 11.18
C ASP A 57 -58.11 90.94 11.43
N GLU A 58 -57.14 91.85 11.53
CA GLU A 58 -55.78 91.59 11.99
C GLU A 58 -55.75 91.04 13.43
N ALA A 59 -56.78 91.26 14.27
CA ALA A 59 -56.89 90.73 15.62
C ALA A 59 -57.40 89.28 15.58
N GLN A 60 -58.52 89.04 14.86
CA GLN A 60 -59.17 87.73 14.68
C GLN A 60 -58.21 86.66 14.10
N SER A 61 -57.28 87.13 13.27
CA SER A 61 -56.13 86.44 12.72
C SER A 61 -55.19 85.77 13.75
N LYS A 62 -55.12 86.23 15.01
CA LYS A 62 -54.03 85.90 15.94
C LYS A 62 -54.44 84.88 17.01
N ARG A 63 -54.66 83.66 16.51
CA ARG A 63 -54.96 82.38 17.14
C ARG A 63 -54.27 82.20 18.51
N GLY A 64 -55.02 82.34 19.61
CA GLY A 64 -54.53 82.21 20.99
C GLY A 64 -53.36 83.10 21.41
N ILE A 65 -52.95 84.10 20.61
CA ILE A 65 -51.87 85.01 20.95
C ILE A 65 -52.46 86.13 21.82
N LEU A 66 -53.59 86.71 21.37
CA LEU A 66 -54.15 87.92 21.95
C LEU A 66 -55.23 87.59 22.98
N THR A 67 -55.42 88.50 23.92
CA THR A 67 -56.71 88.73 24.57
C THR A 67 -57.32 89.92 23.79
N LEU A 68 -58.60 89.79 23.41
CA LEU A 68 -59.34 90.71 22.56
C LEU A 68 -60.33 91.53 23.41
N LYS A 69 -60.62 92.78 23.02
CA LYS A 69 -61.59 93.67 23.65
C LYS A 69 -62.15 94.64 22.59
N TYR A 70 -63.40 95.11 22.74
CA TYR A 70 -64.00 96.16 21.89
C TYR A 70 -63.87 97.51 22.63
N PRO A 71 -63.44 98.62 22.00
CA PRO A 71 -63.35 99.94 22.63
C PRO A 71 -64.68 100.73 22.62
N ILE A 72 -65.79 100.14 22.15
CA ILE A 72 -67.02 100.83 21.74
C ILE A 72 -68.28 99.97 21.96
N GLU A 73 -68.39 99.24 23.08
CA GLU A 73 -69.45 98.26 23.41
C GLU A 73 -70.90 98.70 23.14
N HIS A 74 -71.22 99.97 23.41
CA HIS A 74 -72.57 100.56 23.32
C HIS A 74 -72.78 101.35 22.02
N GLY A 75 -71.71 101.61 21.26
CA GLY A 75 -71.60 102.74 20.34
C GLY A 75 -71.09 104.00 21.04
N ILE A 76 -71.13 104.01 22.39
CA ILE A 76 -70.42 104.95 23.25
C ILE A 76 -69.06 104.29 23.50
N ILE A 77 -68.00 105.06 23.23
CA ILE A 77 -66.61 104.68 23.29
C ILE A 77 -66.18 104.60 24.78
N THR A 78 -65.55 103.49 25.17
CA THR A 78 -65.11 103.17 26.52
C THR A 78 -63.58 103.30 26.66
N ASN A 79 -62.85 103.24 25.54
CA ASN A 79 -61.41 103.45 25.40
C ASN A 79 -61.26 104.31 24.16
N TRP A 80 -60.60 105.46 24.27
CA TRP A 80 -60.50 106.43 23.19
C TRP A 80 -59.20 106.27 22.41
N ASP A 81 -58.15 105.81 23.08
CA ASP A 81 -56.75 105.74 22.70
C ASP A 81 -56.44 104.53 21.78
N ASP A 82 -57.22 103.43 21.84
CA ASP A 82 -57.22 102.39 20.80
C ASP A 82 -58.30 102.67 19.76
N MET A 83 -59.37 103.43 20.09
CA MET A 83 -60.30 103.92 19.06
C MET A 83 -59.60 104.95 18.14
N GLU A 84 -58.66 105.74 18.68
CA GLU A 84 -57.72 106.62 17.98
C GLU A 84 -56.91 105.83 16.91
N LYS A 85 -56.61 104.55 17.17
CA LYS A 85 -55.93 103.64 16.24
C LYS A 85 -56.91 102.99 15.24
N ILE A 86 -58.20 102.82 15.58
CA ILE A 86 -59.25 102.23 14.71
C ILE A 86 -59.42 103.06 13.43
N TRP A 87 -59.62 104.38 13.57
CA TRP A 87 -59.76 105.31 12.47
C TRP A 87 -58.46 105.43 11.66
N HIS A 88 -57.30 105.46 12.34
CA HIS A 88 -55.97 105.50 11.71
C HIS A 88 -55.74 104.25 10.83
N HIS A 89 -56.08 103.08 11.37
CA HIS A 89 -56.04 101.80 10.65
C HIS A 89 -57.10 101.73 9.53
N THR A 90 -58.26 102.40 9.69
CA THR A 90 -59.30 102.49 8.66
C THR A 90 -58.78 103.30 7.46
N PHE A 91 -58.18 104.48 7.69
CA PHE A 91 -57.63 105.33 6.64
C PHE A 91 -56.36 104.72 6.02
N TYR A 92 -55.32 104.49 6.83
CA TYR A 92 -53.98 104.11 6.36
C TYR A 92 -53.85 102.60 6.09
N ASN A 93 -54.91 101.80 6.24
CA ASN A 93 -54.97 100.40 5.83
C ASN A 93 -56.25 100.10 5.04
N GLU A 94 -57.41 100.02 5.68
CA GLU A 94 -58.62 99.43 5.09
C GLU A 94 -59.23 100.22 3.91
N LEU A 95 -59.33 101.55 4.00
CA LEU A 95 -59.89 102.40 2.95
C LEU A 95 -58.82 102.74 1.90
N ARG A 96 -57.54 102.80 2.31
CA ARG A 96 -56.37 103.11 1.50
C ARG A 96 -56.39 104.57 1.04
N VAL A 97 -56.59 105.54 1.95
CA VAL A 97 -56.69 106.98 1.64
C VAL A 97 -55.91 107.80 2.67
N ALA A 98 -55.53 109.03 2.28
CA ALA A 98 -54.94 110.04 3.14
C ALA A 98 -56.07 110.89 3.76
N PRO A 99 -56.31 110.87 5.10
CA PRO A 99 -57.38 111.65 5.74
C PRO A 99 -57.08 113.16 5.79
N GLU A 100 -55.82 113.57 5.58
CA GLU A 100 -55.36 114.95 5.51
C GLU A 100 -55.75 115.57 4.16
N GLU A 101 -55.92 114.75 3.11
CA GLU A 101 -56.40 115.17 1.79
C GLU A 101 -57.95 115.28 1.82
N HIS A 102 -58.67 114.24 2.29
CA HIS A 102 -60.10 114.07 2.01
C HIS A 102 -60.96 114.23 3.29
N PRO A 103 -62.01 115.10 3.30
CA PRO A 103 -62.98 115.23 4.40
C PRO A 103 -63.66 113.92 4.82
N THR A 104 -64.19 113.86 6.06
CA THR A 104 -64.80 112.68 6.65
C THR A 104 -66.11 113.05 7.39
N LEU A 105 -67.26 112.49 6.99
CA LEU A 105 -68.51 112.56 7.76
C LEU A 105 -68.54 111.33 8.69
N LEU A 106 -68.95 111.55 9.94
CA LEU A 106 -69.04 110.57 11.02
C LEU A 106 -70.48 110.41 11.53
N THR A 107 -70.67 109.45 12.44
CA THR A 107 -71.90 109.17 13.15
C THR A 107 -71.68 109.22 14.68
N GLU A 108 -72.77 109.37 15.44
CA GLU A 108 -72.81 109.29 16.90
C GLU A 108 -73.97 108.39 17.32
N ALA A 109 -73.78 107.63 18.41
CA ALA A 109 -74.72 106.63 18.90
C ALA A 109 -75.84 107.28 19.73
N PRO A 110 -77.10 106.81 19.63
CA PRO A 110 -78.27 107.29 20.39
C PRO A 110 -78.02 107.59 21.89
N LEU A 111 -78.04 108.89 22.23
CA LEU A 111 -78.05 109.44 23.59
C LEU A 111 -76.67 109.46 24.26
N ASN A 112 -75.58 109.39 23.45
CA ASN A 112 -74.16 109.50 23.84
C ASN A 112 -73.85 110.65 24.83
N PRO A 113 -73.12 110.41 25.97
CA PRO A 113 -72.63 111.46 26.90
C PRO A 113 -71.86 112.56 26.17
N LYS A 114 -72.41 113.78 26.12
CA LYS A 114 -72.17 114.76 25.06
C LYS A 114 -70.72 115.23 24.81
N ALA A 115 -69.81 115.14 25.79
CA ALA A 115 -68.38 115.42 25.60
C ALA A 115 -67.67 114.43 24.65
N ASN A 116 -68.31 113.28 24.40
CA ASN A 116 -67.97 112.25 23.41
C ASN A 116 -67.70 112.84 22.01
N ARG A 117 -68.58 113.73 21.54
CA ARG A 117 -68.49 114.27 20.18
C ARG A 117 -67.44 115.40 20.07
N GLU A 118 -67.03 116.00 21.18
CA GLU A 118 -66.00 117.03 21.23
C GLU A 118 -64.60 116.37 21.16
N LYS A 119 -64.35 115.28 21.90
CA LYS A 119 -63.14 114.45 21.70
C LYS A 119 -63.13 113.81 20.30
N MET A 120 -64.30 113.49 19.71
CA MET A 120 -64.41 113.03 18.32
C MET A 120 -64.04 114.14 17.30
N THR A 121 -64.28 115.42 17.64
CA THR A 121 -63.91 116.57 16.81
C THR A 121 -62.40 116.85 16.93
N GLN A 122 -61.83 116.66 18.14
CA GLN A 122 -60.40 116.78 18.41
C GLN A 122 -59.59 115.78 17.57
N ILE A 123 -59.81 114.47 17.72
CA ILE A 123 -59.02 113.41 17.09
C ILE A 123 -58.96 113.49 15.55
N MET A 124 -60.05 113.95 14.93
CA MET A 124 -60.12 114.18 13.50
C MET A 124 -59.21 115.35 13.11
N PHE A 125 -59.29 116.48 13.84
CA PHE A 125 -58.61 117.71 13.51
C PHE A 125 -57.16 117.82 14.06
N GLU A 126 -56.79 117.04 15.08
CA GLU A 126 -55.43 116.98 15.63
C GLU A 126 -54.71 115.75 15.04
N THR A 127 -55.10 114.54 15.47
CA THR A 127 -54.34 113.31 15.30
C THR A 127 -54.35 112.82 13.83
N PHE A 128 -55.44 113.07 13.10
CA PHE A 128 -55.60 112.68 11.68
C PHE A 128 -55.55 113.91 10.77
N ASN A 129 -55.59 115.12 11.36
CA ASN A 129 -55.47 116.45 10.78
C ASN A 129 -56.45 116.78 9.63
N VAL A 130 -57.61 116.11 9.59
CA VAL A 130 -58.71 116.18 8.63
C VAL A 130 -59.14 117.63 8.28
N PRO A 131 -59.40 117.97 6.99
CA PRO A 131 -59.73 119.34 6.59
C PRO A 131 -61.19 119.76 6.90
N ALA A 132 -62.15 118.83 6.87
CA ALA A 132 -63.57 119.09 7.14
C ALA A 132 -64.27 117.85 7.70
N MET A 133 -65.24 118.06 8.59
CA MET A 133 -65.90 117.04 9.41
C MET A 133 -67.40 117.35 9.62
N TYR A 134 -68.23 116.33 9.85
CA TYR A 134 -69.65 116.42 10.21
C TYR A 134 -70.08 115.19 11.03
N VAL A 135 -71.09 115.30 11.90
CA VAL A 135 -71.61 114.23 12.78
C VAL A 135 -73.15 114.18 12.74
N ALA A 136 -73.75 112.98 12.69
CA ALA A 136 -75.19 112.71 12.70
C ALA A 136 -75.54 111.54 13.62
N ILE A 137 -76.73 111.57 14.24
CA ILE A 137 -77.26 110.45 15.02
C ILE A 137 -77.82 109.42 14.02
N GLN A 138 -77.43 108.14 14.18
CA GLN A 138 -77.67 107.01 13.27
C GLN A 138 -79.16 106.76 12.96
N ALA A 139 -80.04 106.93 13.95
CA ALA A 139 -81.48 106.73 13.81
C ALA A 139 -82.16 107.86 13.00
N VAL A 140 -81.47 108.99 12.83
CA VAL A 140 -81.89 110.14 12.04
C VAL A 140 -81.24 110.04 10.63
N LEU A 141 -80.74 108.85 10.24
CA LEU A 141 -80.28 108.53 8.89
C LEU A 141 -81.25 107.53 8.26
N SER A 142 -81.49 106.38 8.93
CA SER A 142 -82.32 105.28 8.42
C SER A 142 -83.81 105.66 8.32
N LEU A 143 -84.31 106.57 9.16
CA LEU A 143 -85.68 107.10 9.09
C LEU A 143 -85.89 107.91 7.79
N TYR A 144 -84.91 108.73 7.39
CA TYR A 144 -85.00 109.55 6.19
C TYR A 144 -84.72 108.73 4.91
N ALA A 145 -83.92 107.66 5.00
CA ALA A 145 -83.77 106.65 3.93
C ALA A 145 -85.08 105.90 3.68
N SER A 146 -85.90 105.71 4.72
CA SER A 146 -87.24 105.13 4.66
C SER A 146 -88.32 106.18 4.26
N GLY A 147 -87.92 107.43 3.99
CA GLY A 147 -88.78 108.52 3.54
C GLY A 147 -89.70 109.08 4.63
N ARG A 148 -89.33 108.94 5.91
CA ARG A 148 -90.05 109.46 7.07
C ARG A 148 -89.29 110.66 7.66
N THR A 149 -89.88 111.24 8.70
CA THR A 149 -89.32 112.29 9.54
C THR A 149 -89.80 112.09 10.98
N THR A 150 -91.07 111.70 11.15
CA THR A 150 -91.64 111.16 12.39
C THR A 150 -91.65 109.61 12.25
N GLY A 151 -91.39 108.90 13.35
CA GLY A 151 -91.42 107.44 13.42
C GLY A 151 -90.59 106.94 14.61
N ILE A 152 -90.51 105.62 14.79
CA ILE A 152 -89.83 104.99 15.92
C ILE A 152 -88.86 103.95 15.35
N VAL A 153 -87.58 104.32 15.33
CA VAL A 153 -86.51 103.50 14.81
C VAL A 153 -86.04 102.58 15.95
N LEU A 154 -86.16 101.28 15.72
CA LEU A 154 -85.60 100.21 16.51
C LEU A 154 -84.31 99.84 15.76
N ASP A 155 -83.13 100.21 16.28
CA ASP A 155 -81.86 99.82 15.67
C ASP A 155 -81.27 98.71 16.54
N SER A 156 -81.26 97.47 16.04
CA SER A 156 -80.63 96.33 16.69
C SER A 156 -79.31 96.10 15.94
N GLY A 157 -78.32 96.92 16.32
CA GLY A 157 -77.03 97.13 15.68
C GLY A 157 -76.08 95.93 15.80
N ASP A 158 -74.83 96.18 16.24
CA ASP A 158 -73.85 95.13 16.53
C ASP A 158 -74.06 94.70 17.99
N GLY A 159 -73.94 95.66 18.92
CA GLY A 159 -73.69 95.34 20.32
C GLY A 159 -74.77 95.69 21.35
N VAL A 160 -75.70 96.59 21.02
CA VAL A 160 -76.83 96.95 21.86
C VAL A 160 -77.97 97.32 20.91
N THR A 161 -79.20 97.05 21.33
CA THR A 161 -80.38 97.42 20.56
C THR A 161 -80.94 98.72 21.17
N HIS A 162 -81.05 99.76 20.36
CA HIS A 162 -81.55 101.09 20.72
C HIS A 162 -83.01 101.18 20.23
N ASN A 163 -83.86 101.90 21.00
CA ASN A 163 -85.17 102.37 20.54
C ASN A 163 -85.13 103.88 20.55
N VAL A 164 -85.39 104.51 19.39
CA VAL A 164 -85.37 105.95 19.19
C VAL A 164 -86.70 106.41 18.54
N PRO A 165 -87.73 106.78 19.32
CA PRO A 165 -88.86 107.61 18.87
C PRO A 165 -88.39 109.00 18.39
N ILE A 166 -88.87 109.43 17.22
CA ILE A 166 -88.53 110.67 16.53
C ILE A 166 -89.85 111.31 16.07
N TYR A 167 -89.96 112.65 16.16
CA TYR A 167 -91.05 113.45 15.63
C TYR A 167 -90.42 114.60 14.83
N GLU A 168 -90.74 114.68 13.52
CA GLU A 168 -90.28 115.65 12.52
C GLU A 168 -88.76 115.91 12.58
N GLY A 169 -87.99 114.82 12.70
CA GLY A 169 -86.53 114.80 12.79
C GLY A 169 -85.98 114.91 14.21
N TYR A 170 -86.77 115.38 15.18
CA TYR A 170 -86.35 115.59 16.57
C TYR A 170 -86.58 114.29 17.33
N ALA A 171 -85.47 113.66 17.76
CA ALA A 171 -85.45 112.44 18.56
C ALA A 171 -85.89 112.77 20.00
N LEU A 172 -87.03 112.22 20.41
CA LEU A 172 -87.76 112.57 21.62
C LEU A 172 -86.97 112.06 22.86
N PRO A 173 -86.32 112.94 23.65
CA PRO A 173 -85.29 112.53 24.62
C PRO A 173 -85.87 111.79 25.84
N HIS A 174 -87.10 112.12 26.22
CA HIS A 174 -87.86 111.48 27.29
C HIS A 174 -88.33 110.06 26.91
N ALA A 175 -88.32 109.70 25.62
CA ALA A 175 -88.95 108.49 25.12
C ALA A 175 -87.94 107.39 24.73
N ILE A 176 -86.67 107.74 24.45
CA ILE A 176 -85.57 106.82 24.11
C ILE A 176 -85.34 105.75 25.21
N MET A 177 -84.86 104.57 24.80
CA MET A 177 -84.34 103.50 25.65
C MET A 177 -83.39 102.60 24.86
N ARG A 178 -82.92 101.53 25.51
CA ARG A 178 -81.98 100.54 25.00
C ARG A 178 -82.29 99.20 25.67
N LEU A 179 -82.02 98.11 24.95
CA LEU A 179 -81.88 96.75 25.45
C LEU A 179 -80.40 96.39 25.17
N ASP A 180 -79.62 96.14 26.22
CA ASP A 180 -78.19 95.81 26.11
C ASP A 180 -78.02 94.33 25.74
N LEU A 181 -78.20 94.04 24.45
CA LEU A 181 -78.07 92.76 23.75
C LEU A 181 -78.26 93.08 22.25
N ALA A 182 -77.42 92.55 21.35
CA ALA A 182 -77.68 92.55 19.91
C ALA A 182 -76.99 91.38 19.18
N GLY A 183 -76.89 91.47 17.84
CA GLY A 183 -76.46 90.42 16.91
C GLY A 183 -75.00 89.98 16.99
N ARG A 184 -74.17 90.69 17.77
CA ARG A 184 -72.86 90.24 18.22
C ARG A 184 -73.05 89.12 19.25
N ASP A 185 -73.68 89.46 20.36
CA ASP A 185 -73.65 88.74 21.64
C ASP A 185 -74.60 87.53 21.60
N LEU A 186 -75.55 87.53 20.65
CA LEU A 186 -76.36 86.39 20.25
C LEU A 186 -75.56 85.33 19.47
N THR A 187 -74.38 85.64 18.91
CA THR A 187 -73.55 84.69 18.15
C THR A 187 -72.94 83.66 19.12
N ASP A 188 -72.37 84.12 20.24
CA ASP A 188 -71.82 83.28 21.30
C ASP A 188 -72.91 82.49 22.03
N TYR A 189 -74.15 83.00 22.06
CA TYR A 189 -75.32 82.26 22.50
C TYR A 189 -75.63 81.10 21.54
N LEU A 190 -75.43 81.25 20.22
CA LEU A 190 -75.63 80.17 19.24
C LEU A 190 -74.61 79.03 19.44
N MET A 191 -73.39 79.34 19.90
CA MET A 191 -72.33 78.35 20.21
C MET A 191 -72.76 77.39 21.35
N LYS A 192 -73.46 77.90 22.37
CA LYS A 192 -73.90 77.14 23.54
C LYS A 192 -75.02 76.13 23.19
N ILE A 193 -75.94 76.51 22.29
CA ILE A 193 -77.07 75.65 21.89
C ILE A 193 -76.67 74.71 20.73
N LEU A 194 -75.55 74.99 20.04
CA LEU A 194 -74.87 74.00 19.20
C LEU A 194 -74.14 72.97 20.08
N THR A 195 -73.61 73.38 21.25
CA THR A 195 -72.97 72.49 22.22
C THR A 195 -74.01 71.55 22.88
N GLU A 196 -75.29 71.93 22.97
CA GLU A 196 -76.39 71.07 23.41
C GLU A 196 -76.61 69.86 22.48
N ARG A 197 -76.24 69.99 21.19
CA ARG A 197 -76.34 68.90 20.21
C ARG A 197 -75.06 68.03 20.21
N GLY A 198 -74.01 68.43 20.93
CA GLY A 198 -72.72 67.74 20.95
C GLY A 198 -71.81 68.14 19.77
N TYR A 199 -72.03 69.31 19.16
CA TYR A 199 -71.07 69.93 18.23
C TYR A 199 -70.10 70.75 19.09
N SER A 200 -68.83 70.83 18.68
CA SER A 200 -67.84 71.71 19.30
C SER A 200 -67.72 72.93 18.37
N PHE A 201 -67.65 74.12 18.96
CA PHE A 201 -67.30 75.42 18.39
C PHE A 201 -66.89 76.24 19.61
N VAL A 202 -65.62 76.64 19.77
CA VAL A 202 -65.12 77.26 21.00
C VAL A 202 -64.09 78.39 20.75
N THR A 203 -63.28 78.27 19.71
CA THR A 203 -62.23 79.23 19.35
C THR A 203 -62.83 80.45 18.61
N THR A 204 -62.03 81.52 18.47
CA THR A 204 -62.32 82.72 17.69
C THR A 204 -62.47 82.40 16.19
N ALA A 205 -61.79 81.34 15.70
CA ALA A 205 -61.94 80.84 14.33
C ALA A 205 -63.33 80.22 14.15
N GLU A 206 -63.75 79.38 15.10
CA GLU A 206 -65.06 78.73 15.12
C GLU A 206 -66.20 79.74 15.37
N ARG A 207 -65.98 80.78 16.18
CA ARG A 207 -66.91 81.89 16.39
C ARG A 207 -67.34 82.53 15.05
N GLU A 208 -66.40 82.79 14.13
CA GLU A 208 -66.68 83.38 12.82
C GLU A 208 -67.43 82.43 11.87
N ILE A 209 -67.38 81.11 12.09
CA ILE A 209 -68.22 80.14 11.36
C ILE A 209 -69.64 80.18 11.96
N VAL A 210 -69.78 80.20 13.30
CA VAL A 210 -71.08 80.31 13.96
C VAL A 210 -71.73 81.68 13.67
N ARG A 211 -70.95 82.75 13.51
CA ARG A 211 -71.37 84.07 13.02
C ARG A 211 -71.93 83.95 11.59
N ASP A 212 -71.23 83.25 10.70
CA ASP A 212 -71.64 82.97 9.32
C ASP A 212 -72.92 82.11 9.23
N ILE A 213 -72.99 81.01 10.02
CA ILE A 213 -74.17 80.15 10.20
C ILE A 213 -75.40 80.98 10.63
N LYS A 214 -75.22 81.85 11.62
CA LYS A 214 -76.23 82.74 12.20
C LYS A 214 -76.84 83.65 11.13
N GLU A 215 -76.01 84.44 10.41
CA GLU A 215 -76.50 85.39 9.39
C GLU A 215 -77.13 84.69 8.18
N LYS A 216 -76.72 83.46 7.85
CA LYS A 216 -77.23 82.74 6.68
C LYS A 216 -78.47 81.88 6.98
N LEU A 217 -78.59 81.31 8.19
CA LEU A 217 -79.56 80.26 8.47
C LEU A 217 -80.55 80.59 9.60
N CYS A 218 -80.32 81.60 10.44
CA CYS A 218 -81.25 81.92 11.53
C CYS A 218 -82.41 82.78 11.03
N TYR A 219 -83.55 82.68 11.72
CA TYR A 219 -84.78 83.42 11.47
C TYR A 219 -85.53 83.60 12.78
N VAL A 220 -86.42 84.60 12.88
CA VAL A 220 -87.29 84.76 14.03
C VAL A 220 -88.53 83.88 13.76
N ALA A 221 -88.92 83.08 14.75
CA ALA A 221 -90.09 82.22 14.71
C ALA A 221 -91.37 83.08 14.76
N LEU A 222 -92.40 82.71 13.99
CA LEU A 222 -93.68 83.42 13.91
C LEU A 222 -94.45 83.41 15.24
N ASP A 223 -94.30 82.32 16.00
CA ASP A 223 -94.47 82.22 17.45
C ASP A 223 -93.52 81.12 17.91
N PHE A 224 -92.88 81.26 19.09
CA PHE A 224 -91.92 80.30 19.61
C PHE A 224 -92.51 78.89 19.78
N GLU A 225 -93.65 78.76 20.49
CA GLU A 225 -94.21 77.46 20.84
C GLU A 225 -94.93 76.86 19.62
N ASN A 226 -95.46 77.70 18.72
CA ASN A 226 -96.01 77.26 17.43
C ASN A 226 -94.91 76.62 16.55
N GLU A 227 -93.76 77.28 16.42
CA GLU A 227 -92.64 76.78 15.62
C GLU A 227 -91.90 75.63 16.31
N MET A 228 -91.93 75.55 17.66
CA MET A 228 -91.45 74.41 18.44
C MET A 228 -92.34 73.17 18.23
N ALA A 229 -93.67 73.37 18.20
CA ALA A 229 -94.64 72.31 17.91
C ALA A 229 -94.55 71.84 16.45
N THR A 230 -94.28 72.78 15.52
CA THR A 230 -94.02 72.50 14.11
C THR A 230 -92.69 71.74 13.96
N ALA A 231 -91.62 72.11 14.69
CA ALA A 231 -90.32 71.44 14.68
C ALA A 231 -90.42 69.98 15.18
N ALA A 232 -91.24 69.74 16.22
CA ALA A 232 -91.48 68.42 16.78
C ALA A 232 -92.27 67.50 15.84
N SER A 233 -93.10 68.07 14.96
CA SER A 233 -93.93 67.35 14.01
C SER A 233 -93.36 67.41 12.57
N SER A 234 -92.18 68.00 12.35
CA SER A 234 -91.61 68.20 11.03
C SER A 234 -90.09 68.26 11.13
N SER A 235 -89.41 67.16 10.81
CA SER A 235 -87.97 67.02 10.71
C SER A 235 -87.34 67.88 9.58
N SER A 236 -88.16 68.43 8.68
CA SER A 236 -87.75 69.31 7.59
C SER A 236 -87.39 70.75 8.09
N LEU A 237 -87.62 71.05 9.36
CA LEU A 237 -87.31 72.31 10.03
C LEU A 237 -85.78 72.54 10.13
N GLU A 238 -85.04 71.48 10.44
CA GLU A 238 -83.59 71.44 10.63
C GLU A 238 -82.90 71.39 9.24
N LYS A 239 -81.64 71.85 9.09
CA LYS A 239 -80.91 71.80 7.81
C LYS A 239 -79.37 71.87 7.95
N SER A 240 -78.69 71.38 6.91
CA SER A 240 -77.25 71.17 6.79
C SER A 240 -76.43 72.47 6.66
N TYR A 241 -75.17 72.43 7.09
CA TYR A 241 -74.12 73.40 6.82
C TYR A 241 -72.81 72.60 6.67
N GLU A 242 -72.03 72.87 5.61
CA GLU A 242 -70.73 72.27 5.33
C GLU A 242 -69.65 73.22 5.86
N LEU A 243 -68.69 72.69 6.63
CA LEU A 243 -67.47 73.39 7.06
C LEU A 243 -66.47 73.41 5.89
N PRO A 244 -65.53 74.39 5.84
CA PRO A 244 -64.67 74.61 4.66
C PRO A 244 -63.61 73.54 4.39
N ASP A 245 -63.48 72.52 5.26
CA ASP A 245 -62.63 71.34 5.13
C ASP A 245 -63.47 70.11 4.69
N GLY A 246 -64.79 70.25 4.54
CA GLY A 246 -65.70 69.22 4.05
C GLY A 246 -66.38 68.40 5.14
N GLN A 247 -66.27 68.76 6.43
CA GLN A 247 -67.10 68.19 7.49
C GLN A 247 -68.49 68.87 7.45
N VAL A 248 -69.56 68.16 7.82
CA VAL A 248 -70.95 68.63 7.66
C VAL A 248 -71.71 68.40 8.97
N ILE A 249 -72.56 69.37 9.37
CA ILE A 249 -73.42 69.34 10.55
C ILE A 249 -74.84 69.81 10.16
N THR A 250 -75.84 69.56 11.01
CA THR A 250 -77.22 70.02 10.84
C THR A 250 -77.52 71.07 11.92
N ILE A 251 -77.90 72.29 11.49
CA ILE A 251 -78.28 73.42 12.32
C ILE A 251 -79.82 73.34 12.40
N GLY A 252 -80.36 73.26 13.62
CA GLY A 252 -81.74 72.88 13.87
C GLY A 252 -82.64 74.03 14.29
N ASN A 253 -83.60 73.75 15.20
CA ASN A 253 -84.42 74.74 15.92
C ASN A 253 -83.66 75.90 16.58
N GLU A 254 -82.35 75.72 16.83
CA GLU A 254 -81.34 76.72 17.18
C GLU A 254 -81.33 77.93 16.23
N ARG A 255 -81.74 77.71 14.98
CA ARG A 255 -82.04 78.72 13.96
C ARG A 255 -83.09 79.75 14.41
N PHE A 256 -83.97 79.42 15.36
CA PHE A 256 -84.93 80.36 15.94
C PHE A 256 -84.71 80.54 17.45
N ARG A 257 -84.18 79.53 18.18
CA ARG A 257 -83.86 79.68 19.62
C ARG A 257 -82.79 80.76 19.85
N CYS A 258 -81.84 80.95 18.92
CA CYS A 258 -80.89 82.08 18.93
C CYS A 258 -81.63 83.43 18.80
N PRO A 259 -82.24 83.83 17.64
CA PRO A 259 -83.07 85.04 17.53
C PRO A 259 -84.17 85.26 18.58
N GLU A 260 -84.83 84.21 19.09
CA GLU A 260 -85.89 84.33 20.10
C GLU A 260 -85.42 84.99 21.39
N THR A 261 -84.16 84.80 21.80
CA THR A 261 -83.55 85.45 22.95
C THR A 261 -83.51 86.99 22.85
N LEU A 262 -83.72 87.59 21.67
CA LEU A 262 -83.87 89.03 21.49
C LEU A 262 -85.34 89.48 21.77
N PHE A 263 -86.31 88.57 21.62
CA PHE A 263 -87.70 88.77 22.04
C PHE A 263 -87.90 88.29 23.49
N GLN A 264 -86.98 87.48 24.03
CA GLN A 264 -87.01 86.93 25.38
C GLN A 264 -85.61 86.93 26.04
N PRO A 265 -85.04 88.10 26.42
CA PRO A 265 -83.73 88.22 27.09
C PRO A 265 -83.50 87.34 28.33
N SER A 266 -84.55 86.94 29.05
CA SER A 266 -84.45 86.03 30.20
C SER A 266 -83.76 84.68 29.86
N PHE A 267 -83.80 84.24 28.59
CA PHE A 267 -83.12 83.06 28.07
C PHE A 267 -81.58 83.15 28.11
N ILE A 268 -80.98 84.35 28.11
CA ILE A 268 -79.55 84.55 28.33
C ILE A 268 -79.27 85.05 29.78
N GLY A 269 -80.34 85.17 30.59
CA GLY A 269 -80.35 85.67 31.95
C GLY A 269 -80.13 87.18 31.97
N MET A 270 -81.23 87.92 31.82
CA MET A 270 -81.41 89.36 31.85
C MET A 270 -82.81 89.61 32.43
N GLU A 271 -83.00 90.77 33.07
CA GLU A 271 -84.28 91.22 33.66
C GLU A 271 -85.21 91.81 32.57
N SER A 272 -84.61 92.38 31.53
CA SER A 272 -85.24 93.20 30.50
C SER A 272 -86.22 92.39 29.63
N ALA A 273 -87.33 93.04 29.23
CA ALA A 273 -88.24 92.55 28.22
C ALA A 273 -87.62 92.75 26.82
N GLY A 274 -88.16 92.02 25.84
CA GLY A 274 -87.61 91.96 24.48
C GLY A 274 -87.97 93.16 23.61
N ILE A 275 -87.40 93.19 22.41
CA ILE A 275 -87.48 94.29 21.43
C ILE A 275 -88.90 94.79 21.07
N HIS A 276 -89.91 93.92 21.15
CA HIS A 276 -91.33 94.24 20.98
C HIS A 276 -91.83 95.17 22.11
N GLU A 277 -91.42 94.88 23.35
CA GLU A 277 -91.92 95.53 24.55
C GLU A 277 -91.10 96.80 24.83
N THR A 278 -89.82 96.87 24.48
CA THR A 278 -89.04 98.10 24.55
C THR A 278 -89.51 99.09 23.47
N THR A 279 -89.97 98.58 22.31
CA THR A 279 -90.68 99.37 21.29
C THR A 279 -92.03 99.88 21.85
N TYR A 280 -92.85 99.01 22.44
CA TYR A 280 -94.09 99.39 23.11
C TYR A 280 -93.87 100.44 24.21
N ASN A 281 -92.91 100.20 25.11
CA ASN A 281 -92.59 101.10 26.23
C ASN A 281 -92.02 102.45 25.77
N SER A 282 -91.19 102.49 24.72
CA SER A 282 -90.71 103.77 24.18
C SER A 282 -91.83 104.56 23.49
N ILE A 283 -92.74 103.92 22.74
CA ILE A 283 -93.93 104.54 22.18
C ILE A 283 -94.87 105.02 23.31
N MET A 284 -95.07 104.22 24.37
CA MET A 284 -95.95 104.56 25.48
C MET A 284 -95.36 105.61 26.45
N LYS A 285 -94.07 105.96 26.32
CA LYS A 285 -93.42 107.10 26.98
C LYS A 285 -93.54 108.39 26.13
N CYS A 286 -93.98 108.32 24.87
CA CYS A 286 -94.22 109.51 24.03
C CYS A 286 -95.63 110.04 24.32
N ASP A 287 -95.82 111.34 24.15
CA ASP A 287 -97.02 112.14 24.39
C ASP A 287 -98.31 111.61 23.74
N ILE A 288 -99.45 112.03 24.31
CA ILE A 288 -100.80 111.46 24.20
C ILE A 288 -101.28 110.92 22.83
N ASP A 289 -101.17 111.72 21.76
CA ASP A 289 -101.67 111.34 20.43
C ASP A 289 -100.59 110.58 19.65
N ILE A 290 -99.38 111.17 19.51
CA ILE A 290 -98.27 110.80 18.62
C ILE A 290 -97.85 109.31 18.59
N ARG A 291 -98.31 108.54 19.59
CA ARG A 291 -98.51 107.09 19.61
C ARG A 291 -98.98 106.55 18.22
N LYS A 292 -100.02 107.23 17.71
CA LYS A 292 -100.67 107.15 16.41
C LYS A 292 -99.67 107.02 15.23
N ASP A 293 -98.75 107.98 15.14
CA ASP A 293 -97.83 108.16 14.01
C ASP A 293 -96.59 107.29 14.19
N LEU A 294 -96.21 106.98 15.43
CA LEU A 294 -95.08 106.13 15.79
C LEU A 294 -95.42 104.65 15.54
N TYR A 295 -96.62 104.17 15.95
CA TYR A 295 -97.09 102.81 15.66
C TYR A 295 -97.21 102.56 14.14
N ALA A 296 -97.54 103.60 13.38
CA ALA A 296 -97.67 103.57 11.93
C ALA A 296 -96.32 103.72 11.19
N ASN A 297 -95.20 103.90 11.91
CA ASN A 297 -93.87 104.14 11.36
C ASN A 297 -92.80 103.50 12.26
N ASN A 298 -92.99 102.22 12.62
CA ASN A 298 -91.99 101.46 13.39
C ASN A 298 -90.99 100.88 12.39
N VAL A 299 -89.82 101.50 12.31
CA VAL A 299 -88.73 101.16 11.39
C VAL A 299 -87.75 100.26 12.15
N MET A 300 -87.45 99.10 11.57
CA MET A 300 -86.35 98.25 11.98
C MET A 300 -85.09 98.66 11.21
N SER A 301 -83.96 98.77 11.92
CA SER A 301 -82.66 99.21 11.46
C SER A 301 -81.60 98.29 12.11
N GLY A 302 -80.39 98.26 11.56
CA GLY A 302 -79.27 97.50 12.11
C GLY A 302 -79.24 96.05 11.60
N GLY A 303 -78.12 95.35 11.81
CA GLY A 303 -77.83 94.05 11.22
C GLY A 303 -78.70 92.91 11.72
N THR A 304 -79.17 92.97 12.98
CA THR A 304 -79.90 91.88 13.63
C THR A 304 -81.39 91.86 13.18
N THR A 305 -81.81 92.82 12.33
CA THR A 305 -83.16 92.89 11.80
C THR A 305 -83.27 92.26 10.39
N MET A 306 -82.19 91.67 9.86
CA MET A 306 -82.16 91.07 8.53
C MET A 306 -82.74 89.64 8.50
N TYR A 307 -83.07 89.07 9.66
CA TYR A 307 -83.72 87.76 9.79
C TYR A 307 -85.12 87.74 9.16
N PRO A 308 -85.53 86.64 8.48
CA PRO A 308 -86.94 86.38 8.12
C PRO A 308 -87.84 86.30 9.38
N GLY A 309 -89.14 86.56 9.22
CA GLY A 309 -90.19 86.36 10.24
C GLY A 309 -90.29 87.47 11.29
N ILE A 310 -89.31 88.39 11.34
CA ILE A 310 -89.19 89.37 12.42
C ILE A 310 -90.21 90.52 12.30
N ALA A 311 -90.64 90.90 11.09
CA ALA A 311 -91.58 92.02 10.88
C ALA A 311 -92.99 91.56 11.29
N ASP A 312 -93.30 90.36 10.81
CA ASP A 312 -94.40 89.45 11.07
C ASP A 312 -94.59 89.26 12.59
N ARG A 313 -93.52 88.83 13.27
CA ARG A 313 -93.47 88.61 14.71
C ARG A 313 -93.60 89.90 15.52
N MET A 314 -92.94 91.00 15.10
CA MET A 314 -93.02 92.32 15.76
C MET A 314 -94.45 92.87 15.80
N GLN A 315 -95.20 92.68 14.70
CA GLN A 315 -96.60 93.07 14.58
C GLN A 315 -97.47 92.19 15.52
N LYS A 316 -97.24 90.87 15.49
CA LYS A 316 -97.91 89.84 16.29
C LYS A 316 -97.98 90.17 17.79
N GLU A 317 -96.85 90.54 18.41
CA GLU A 317 -96.82 90.81 19.85
C GLU A 317 -97.45 92.17 20.18
N ILE A 318 -97.04 93.25 19.49
CA ILE A 318 -97.39 94.62 19.89
C ILE A 318 -98.88 94.92 19.62
N THR A 319 -99.57 94.19 18.74
CA THR A 319 -101.02 94.31 18.55
C THR A 319 -101.85 93.77 19.74
N ALA A 320 -101.24 93.01 20.67
CA ALA A 320 -101.86 92.64 21.94
C ALA A 320 -101.61 93.72 23.02
N LEU A 321 -100.54 94.52 22.86
CA LEU A 321 -100.11 95.52 23.83
C LEU A 321 -100.72 96.90 23.51
N ALA A 322 -100.74 97.29 22.23
CA ALA A 322 -101.21 98.58 21.75
C ALA A 322 -102.76 98.64 21.80
N PRO A 323 -103.37 99.71 22.39
CA PRO A 323 -104.83 99.92 22.44
C PRO A 323 -105.53 99.65 21.10
N SER A 324 -106.45 98.68 21.08
CA SER A 324 -106.90 97.90 19.92
C SER A 324 -107.53 98.70 18.75
N THR A 325 -107.80 99.99 18.95
CA THR A 325 -108.18 100.96 17.92
C THR A 325 -107.00 101.22 16.97
N MET A 326 -105.76 101.30 17.49
CA MET A 326 -104.49 101.51 16.78
C MET A 326 -104.23 100.42 15.73
N LYS A 327 -103.58 100.77 14.62
CA LYS A 327 -103.23 99.87 13.53
C LYS A 327 -101.75 100.10 13.21
N ILE A 328 -100.92 99.17 13.68
CA ILE A 328 -99.47 99.23 13.67
C ILE A 328 -98.97 98.88 12.25
N LYS A 329 -97.90 99.52 11.81
CA LYS A 329 -97.23 99.27 10.55
C LYS A 329 -95.74 99.13 10.88
N ILE A 330 -95.23 97.89 10.80
CA ILE A 330 -93.81 97.59 10.92
C ILE A 330 -93.20 97.80 9.51
N ILE A 331 -92.19 98.66 9.42
CA ILE A 331 -91.45 98.99 8.21
C ILE A 331 -90.20 98.08 8.24
N ALA A 332 -89.97 97.32 7.15
CA ALA A 332 -88.91 96.34 7.01
C ALA A 332 -88.30 96.38 5.59
N PRO A 333 -87.53 97.43 5.22
CA PRO A 333 -86.97 97.61 3.87
C PRO A 333 -85.76 96.66 3.62
N PRO A 334 -85.22 96.53 2.40
CA PRO A 334 -84.24 95.46 2.09
C PRO A 334 -82.80 95.67 2.60
N GLU A 335 -82.33 96.90 2.78
CA GLU A 335 -80.91 97.26 2.95
C GLU A 335 -80.55 97.61 4.42
N ARG A 336 -81.40 97.21 5.39
CA ARG A 336 -81.43 97.50 6.84
C ARG A 336 -80.12 97.88 7.58
N LYS A 337 -79.00 97.25 7.24
CA LYS A 337 -77.68 97.50 7.83
C LYS A 337 -76.97 98.72 7.21
N TYR A 338 -77.42 99.19 6.04
CA TYR A 338 -76.83 100.25 5.22
C TYR A 338 -77.80 101.42 5.00
N SER A 339 -79.05 101.35 5.47
CA SER A 339 -80.02 102.47 5.46
C SER A 339 -79.49 103.66 6.29
N VAL A 340 -78.73 103.31 7.33
CA VAL A 340 -77.94 104.13 8.24
C VAL A 340 -76.58 104.53 7.60
N TRP A 341 -76.40 104.39 6.29
CA TRP A 341 -75.20 104.79 5.54
C TRP A 341 -75.57 105.46 4.20
N ILE A 342 -76.46 104.84 3.40
CA ILE A 342 -76.88 105.30 2.06
C ILE A 342 -77.33 106.76 2.04
N GLY A 343 -78.15 107.18 3.00
CA GLY A 343 -78.60 108.57 3.13
C GLY A 343 -77.47 109.55 3.51
N GLY A 344 -76.43 109.05 4.19
CA GLY A 344 -75.22 109.79 4.54
C GLY A 344 -74.30 110.01 3.33
N SER A 345 -74.21 109.01 2.43
CA SER A 345 -73.48 109.07 1.16
C SER A 345 -74.03 110.20 0.27
N ILE A 346 -75.36 110.30 0.15
CA ILE A 346 -76.08 111.36 -0.54
C ILE A 346 -75.82 112.71 0.16
N LEU A 347 -76.05 112.82 1.47
CA LEU A 347 -75.89 114.05 2.27
C LEU A 347 -74.49 114.67 2.12
N ALA A 348 -73.45 113.84 2.22
CA ALA A 348 -72.05 114.22 2.11
C ALA A 348 -71.59 114.56 0.67
N SER A 349 -72.49 114.50 -0.33
CA SER A 349 -72.24 114.86 -1.72
C SER A 349 -73.29 115.85 -2.26
N LEU A 350 -74.17 116.41 -1.41
CA LEU A 350 -75.04 117.53 -1.78
C LEU A 350 -74.19 118.81 -1.79
N SER A 351 -73.95 119.38 -2.98
CA SER A 351 -73.20 120.61 -3.23
C SER A 351 -73.55 121.79 -2.29
N THR A 352 -74.84 121.97 -1.96
CA THR A 352 -75.35 123.02 -1.09
C THR A 352 -75.06 122.79 0.41
N PHE A 353 -74.45 121.67 0.81
CA PHE A 353 -74.13 121.31 2.19
C PHE A 353 -72.79 121.93 2.66
N GLN A 354 -72.08 122.70 1.80
CA GLN A 354 -70.82 123.42 2.07
C GLN A 354 -70.75 124.19 3.41
N GLN A 355 -71.87 124.80 3.82
CA GLN A 355 -71.95 125.61 5.04
C GLN A 355 -72.28 124.75 6.28
N MET A 356 -72.75 123.51 6.09
CA MET A 356 -73.14 122.60 7.17
C MET A 356 -71.93 121.79 7.64
N TRP A 357 -71.00 121.45 6.73
CA TRP A 357 -69.66 120.91 7.02
C TRP A 357 -68.91 121.82 8.01
N ILE A 358 -68.26 121.29 9.03
CA ILE A 358 -67.34 122.03 9.89
C ILE A 358 -65.97 121.89 9.24
N THR A 359 -65.41 122.99 8.75
CA THR A 359 -64.05 123.10 8.26
C THR A 359 -63.10 123.34 9.45
N LYS A 360 -61.82 123.02 9.27
CA LYS A 360 -60.73 123.13 10.24
C LYS A 360 -60.64 124.46 11.02
N GLN A 361 -61.05 125.59 10.42
CA GLN A 361 -60.90 126.92 10.99
C GLN A 361 -61.98 127.26 12.02
N GLU A 362 -63.14 126.61 11.97
CA GLU A 362 -64.29 126.88 12.85
C GLU A 362 -64.10 126.25 14.25
N TYR A 363 -63.06 125.43 14.40
CA TYR A 363 -62.61 124.76 15.63
C TYR A 363 -61.88 125.73 16.58
N ASP A 364 -61.43 126.89 16.07
CA ASP A 364 -60.68 127.91 16.80
C ASP A 364 -61.66 128.80 17.60
N GLU A 365 -62.19 129.87 16.98
CA GLU A 365 -63.08 130.88 17.57
C GLU A 365 -64.28 130.31 18.37
N ALA A 366 -64.96 129.31 17.80
CA ALA A 366 -66.13 128.68 18.40
C ALA A 366 -65.75 127.52 19.33
N GLY A 367 -64.46 127.14 19.38
CA GLY A 367 -63.85 126.07 20.14
C GLY A 367 -64.20 124.65 19.66
N PRO A 368 -63.60 123.59 20.25
CA PRO A 368 -63.95 122.17 20.05
C PRO A 368 -65.46 121.84 20.09
N SER A 369 -66.22 122.62 20.87
CA SER A 369 -67.67 122.62 21.01
C SER A 369 -68.43 123.05 19.72
N ILE A 370 -67.74 123.38 18.62
CA ILE A 370 -68.24 123.63 17.25
C ILE A 370 -69.29 122.60 16.79
N VAL A 371 -69.07 121.34 17.17
CA VAL A 371 -69.95 120.18 16.96
C VAL A 371 -71.36 120.38 17.59
N HIS A 372 -71.49 121.13 18.70
CA HIS A 372 -72.79 121.41 19.32
C HIS A 372 -73.47 122.63 18.66
N ARG A 373 -72.80 123.33 17.74
CA ARG A 373 -73.36 124.46 17.01
C ARG A 373 -73.98 123.96 15.68
N LYS A 374 -73.36 122.98 15.02
CA LYS A 374 -73.64 122.64 13.61
C LYS A 374 -74.07 121.18 13.36
N CYS A 375 -73.74 120.23 14.25
CA CYS A 375 -73.91 118.80 13.98
C CYS A 375 -75.00 118.18 14.86
N PHE A 376 -76.00 117.54 14.24
CA PHE A 376 -77.11 116.84 14.90
C PHE A 376 -76.61 115.66 15.77
N NH2 A 377 -75.52 115.01 15.38
HN1 NH2 A 377 -75.09 114.36 16.05
HN2 NH2 A 377 -75.04 115.26 14.53
C ACE B 1 -83.96 41.51 53.44
O ACE B 1 -84.94 40.56 53.12
CH3 ACE B 1 -82.75 41.27 52.55
H1 ACE B 1 -81.92 41.92 52.81
H2 ACE B 1 -83.01 41.49 51.50
H3 ACE B 1 -82.39 40.25 52.61
N ASP B 2 -83.60 41.26 54.81
CA ASP B 2 -84.67 41.65 55.75
C ASP B 2 -84.44 43.11 56.19
N GLU B 3 -85.41 43.69 56.91
CA GLU B 3 -85.71 45.11 57.18
C GLU B 3 -84.60 46.19 57.29
N ASP B 4 -83.33 45.83 57.52
CA ASP B 4 -82.18 46.75 57.43
C ASP B 4 -81.75 46.99 55.97
N GLU B 5 -81.98 46.04 55.04
CA GLU B 5 -81.70 46.21 53.62
C GLU B 5 -82.90 46.92 52.97
N THR B 6 -82.63 47.89 52.09
CA THR B 6 -83.62 48.59 51.29
C THR B 6 -83.07 48.60 49.85
N THR B 7 -83.67 47.80 48.97
CA THR B 7 -83.08 47.37 47.72
C THR B 7 -83.27 48.42 46.61
N ALA B 8 -82.19 49.11 46.25
CA ALA B 8 -82.09 49.98 45.08
C ALA B 8 -80.64 50.00 44.57
N LEU B 9 -80.48 50.34 43.29
CA LEU B 9 -79.22 50.54 42.59
C LEU B 9 -79.03 52.03 42.32
N VAL B 10 -77.75 52.44 42.18
CA VAL B 10 -77.34 53.78 41.78
C VAL B 10 -76.22 53.60 40.75
N CYS B 11 -76.36 54.19 39.56
CA CYS B 11 -75.35 54.22 38.51
C CYS B 11 -75.11 55.70 38.20
N ASP B 12 -73.95 56.23 38.57
CA ASP B 12 -73.54 57.57 38.17
C ASP B 12 -72.88 57.42 36.79
N ASN B 13 -73.35 58.21 35.82
CA ASN B 13 -72.77 58.31 34.48
C ASN B 13 -71.62 59.34 34.47
N GLY B 14 -71.64 60.29 35.42
CA GLY B 14 -70.74 61.41 35.62
C GLY B 14 -70.48 62.27 34.37
N SER B 15 -69.35 62.96 34.37
CA SER B 15 -68.65 63.53 33.23
C SER B 15 -67.88 62.40 32.49
N GLY B 16 -68.59 61.30 32.18
CA GLY B 16 -68.19 60.13 31.39
C GLY B 16 -67.42 59.04 32.13
N LEU B 17 -67.04 59.31 33.39
CA LEU B 17 -66.44 58.38 34.34
C LEU B 17 -67.61 57.76 35.13
N VAL B 18 -67.98 56.53 34.74
CA VAL B 18 -69.10 55.78 35.27
C VAL B 18 -68.67 55.12 36.59
N LYS B 19 -69.59 55.08 37.55
CA LYS B 19 -69.41 54.61 38.91
C LYS B 19 -70.75 53.99 39.28
N ALA B 20 -70.79 52.73 39.74
CA ALA B 20 -72.03 52.03 40.03
C ALA B 20 -71.89 51.11 41.24
N GLY B 21 -72.97 50.96 42.00
CA GLY B 21 -73.08 50.11 43.17
C GLY B 21 -74.55 50.03 43.60
N PHE B 22 -74.77 49.54 44.82
CA PHE B 22 -76.10 49.45 45.42
C PHE B 22 -76.33 50.69 46.31
N ALA B 23 -77.60 51.07 46.49
CA ALA B 23 -78.01 52.15 47.37
C ALA B 23 -77.81 51.68 48.81
N GLY B 24 -76.82 52.24 49.49
CA GLY B 24 -76.35 51.80 50.79
C GLY B 24 -74.88 51.40 50.77
N ASP B 25 -74.24 51.25 49.60
CA ASP B 25 -72.77 51.09 49.53
C ASP B 25 -72.13 52.45 49.85
N ASP B 26 -70.99 52.39 50.53
CA ASP B 26 -70.16 53.50 51.02
C ASP B 26 -69.36 54.11 49.87
N ALA B 27 -68.80 53.27 49.00
CA ALA B 27 -68.12 53.59 47.76
C ALA B 27 -68.58 52.62 46.67
N PRO B 28 -68.63 53.06 45.38
CA PRO B 28 -69.17 52.26 44.28
C PRO B 28 -68.38 50.96 44.00
N ARG B 29 -69.15 49.93 43.65
CA ARG B 29 -68.81 48.52 43.52
C ARG B 29 -68.05 48.24 42.20
N ALA B 30 -68.20 49.13 41.21
CA ALA B 30 -67.41 49.19 39.98
C ALA B 30 -67.28 50.65 39.55
N VAL B 31 -66.13 51.02 38.96
CA VAL B 31 -65.83 52.34 38.42
C VAL B 31 -65.02 52.11 37.12
N PHE B 32 -65.37 52.77 36.01
CA PHE B 32 -64.73 52.61 34.70
C PHE B 32 -65.05 53.78 33.75
N PRO B 33 -64.26 54.02 32.69
CA PRO B 33 -64.60 54.99 31.64
C PRO B 33 -65.69 54.42 30.71
N SER B 34 -66.64 55.24 30.29
CA SER B 34 -67.69 54.86 29.35
C SER B 34 -67.11 54.83 27.92
N ILE B 35 -66.62 53.67 27.47
CA ILE B 35 -66.17 53.42 26.11
C ILE B 35 -66.64 52.02 25.68
N VAL B 36 -67.06 51.90 24.42
CA VAL B 36 -67.36 50.64 23.76
C VAL B 36 -66.28 50.46 22.69
N GLY B 37 -65.67 49.27 22.64
CA GLY B 37 -64.74 48.81 21.62
C GLY B 37 -65.52 47.95 20.62
N ARG B 38 -65.62 48.44 19.39
CA ARG B 38 -66.23 47.78 18.24
C ARG B 38 -65.09 46.98 17.56
N PRO B 39 -65.21 45.64 17.44
CA PRO B 39 -64.14 44.81 16.87
C PRO B 39 -64.13 44.86 15.33
N ARG B 40 -63.01 44.46 14.73
CA ARG B 40 -62.82 44.35 13.27
C ARG B 40 -62.94 42.89 12.81
N HIS B 41 -63.32 41.96 13.70
CA HIS B 41 -63.57 40.54 13.43
C HIS B 41 -64.59 40.02 14.45
N GLN B 42 -65.29 38.95 14.11
CA GLN B 42 -66.28 38.30 14.97
C GLN B 42 -65.60 37.28 15.88
N GLY B 43 -66.08 37.15 17.13
CA GLY B 43 -65.64 36.13 18.06
C GLY B 43 -64.31 36.44 18.78
N VAL B 44 -63.83 37.68 18.70
CA VAL B 44 -62.55 38.15 19.24
C VAL B 44 -62.49 38.01 20.79
N MET B 45 -63.61 38.15 21.49
CA MET B 45 -63.72 37.91 22.94
C MET B 45 -64.89 36.99 23.31
N VAL B 46 -65.60 36.44 22.31
CA VAL B 46 -66.87 35.74 22.50
C VAL B 46 -66.93 34.49 21.61
N GLY B 47 -67.85 33.58 21.90
CA GLY B 47 -68.30 32.56 20.96
C GLY B 47 -69.28 33.19 19.96
N MET B 48 -69.54 32.52 18.82
CA MET B 48 -70.48 33.00 17.82
C MET B 48 -71.92 32.93 18.35
N GLY B 49 -72.73 33.96 18.07
CA GLY B 49 -74.09 34.11 18.57
C GLY B 49 -74.15 34.74 19.96
N GLN B 50 -73.31 35.76 20.21
CA GLN B 50 -73.12 36.49 21.47
C GLN B 50 -72.95 37.99 21.14
N LYS B 51 -72.68 38.86 22.14
CA LYS B 51 -72.63 40.32 22.00
C LYS B 51 -71.65 40.84 20.93
N ASP B 52 -72.04 41.91 20.23
CA ASP B 52 -71.39 42.50 19.06
C ASP B 52 -70.10 43.24 19.47
N SER B 53 -70.16 44.00 20.56
CA SER B 53 -69.19 45.01 20.92
C SER B 53 -68.85 44.89 22.41
N TYR B 54 -67.60 45.21 22.76
CA TYR B 54 -67.01 44.96 24.07
C TYR B 54 -66.87 46.31 24.79
N VAL B 55 -67.00 46.35 26.11
CA VAL B 55 -67.17 47.54 26.93
C VAL B 55 -65.94 47.75 27.82
N GLY B 56 -65.49 49.01 27.93
CA GLY B 56 -64.54 49.55 28.91
C GLY B 56 -63.30 48.70 29.18
N ASP B 57 -63.37 47.94 30.27
CA ASP B 57 -62.40 46.94 30.76
C ASP B 57 -61.97 45.94 29.68
N GLU B 58 -62.95 45.40 28.93
CA GLU B 58 -62.75 44.48 27.81
C GLU B 58 -62.10 45.19 26.61
N ALA B 59 -62.44 46.47 26.39
CA ALA B 59 -62.04 47.25 25.23
C ALA B 59 -60.54 47.61 25.28
N GLN B 60 -60.05 48.11 26.42
CA GLN B 60 -58.63 48.46 26.57
C GLN B 60 -57.74 47.22 26.72
N SER B 61 -58.33 46.07 27.10
CA SER B 61 -57.64 44.79 27.23
C SER B 61 -57.27 44.16 25.86
N LYS B 62 -57.85 44.61 24.74
CA LYS B 62 -57.57 44.08 23.40
C LYS B 62 -57.09 45.19 22.45
N ARG B 63 -55.88 45.66 22.76
CA ARG B 63 -55.01 46.56 22.01
C ARG B 63 -54.85 46.15 20.54
N GLY B 64 -54.78 47.15 19.65
CA GLY B 64 -54.60 47.06 18.20
C GLY B 64 -55.79 46.47 17.41
N ILE B 65 -56.63 45.63 18.04
CA ILE B 65 -57.59 44.77 17.37
C ILE B 65 -59.04 45.23 17.54
N LEU B 66 -59.30 46.33 18.28
CA LEU B 66 -60.61 46.97 18.44
C LEU B 66 -60.51 48.46 18.04
N THR B 67 -61.65 49.07 17.66
CA THR B 67 -61.81 50.51 17.46
C THR B 67 -62.82 51.00 18.51
N LEU B 68 -62.52 52.07 19.25
CA LEU B 68 -63.32 52.58 20.36
C LEU B 68 -64.33 53.66 19.90
N LYS B 69 -65.47 53.77 20.60
CA LYS B 69 -66.37 54.93 20.60
C LYS B 69 -66.70 55.25 22.06
N TYR B 70 -66.57 56.53 22.45
CA TYR B 70 -67.01 57.11 23.72
C TYR B 70 -68.42 57.70 23.47
N PRO B 71 -69.53 57.12 23.99
CA PRO B 71 -70.89 57.58 23.65
C PRO B 71 -71.33 58.87 24.39
N ILE B 72 -70.78 59.13 25.56
CA ILE B 72 -71.12 60.24 26.47
C ILE B 72 -69.91 61.19 26.60
N GLU B 73 -69.25 61.45 25.46
CA GLU B 73 -68.10 62.33 25.22
C GLU B 73 -68.19 63.69 25.97
N HIS B 74 -69.12 64.55 25.52
CA HIS B 74 -69.35 65.89 26.07
C HIS B 74 -70.17 65.88 27.39
N GLY B 75 -70.22 64.75 28.09
CA GLY B 75 -70.96 64.54 29.34
C GLY B 75 -72.46 64.32 29.11
N ILE B 76 -73.03 64.98 28.10
CA ILE B 76 -74.32 64.69 27.49
C ILE B 76 -74.14 63.48 26.53
N ILE B 77 -75.17 62.67 26.38
CA ILE B 77 -75.13 61.42 25.61
C ILE B 77 -75.31 61.77 24.11
N THR B 78 -74.25 61.53 23.32
CA THR B 78 -74.13 61.88 21.90
C THR B 78 -74.51 60.70 20.98
N ASN B 79 -74.79 59.53 21.56
CA ASN B 79 -74.95 58.23 20.91
C ASN B 79 -75.70 57.36 21.91
N TRP B 80 -76.76 56.67 21.48
CA TRP B 80 -77.53 55.76 22.31
C TRP B 80 -77.12 54.30 22.05
N ASP B 81 -76.88 53.90 20.79
CA ASP B 81 -76.62 52.52 20.35
C ASP B 81 -75.42 51.84 21.03
N ASP B 82 -74.45 52.60 21.56
CA ASP B 82 -73.37 52.11 22.41
C ASP B 82 -73.59 52.46 23.89
N MET B 83 -74.28 53.56 24.25
CA MET B 83 -74.60 53.89 25.65
C MET B 83 -75.56 52.85 26.27
N GLU B 84 -76.49 52.31 25.47
CA GLU B 84 -77.39 51.21 25.84
C GLU B 84 -76.57 49.96 26.25
N LYS B 85 -75.41 49.72 25.63
CA LYS B 85 -74.53 48.59 25.91
C LYS B 85 -73.72 48.80 27.20
N ILE B 86 -73.31 50.05 27.51
CA ILE B 86 -72.61 50.40 28.75
C ILE B 86 -73.47 50.01 29.96
N TRP B 87 -74.74 50.44 29.96
CA TRP B 87 -75.70 50.18 31.03
C TRP B 87 -76.02 48.69 31.15
N HIS B 88 -76.28 48.00 30.02
CA HIS B 88 -76.58 46.56 30.00
C HIS B 88 -75.42 45.73 30.57
N HIS B 89 -74.18 46.07 30.19
CA HIS B 89 -72.96 45.44 30.69
C HIS B 89 -72.69 45.82 32.16
N THR B 90 -73.04 47.04 32.61
CA THR B 90 -72.93 47.45 34.01
C THR B 90 -73.81 46.55 34.92
N PHE B 91 -75.06 46.29 34.53
CA PHE B 91 -75.98 45.43 35.25
C PHE B 91 -75.61 43.94 35.07
N TYR B 92 -75.67 43.44 33.82
CA TYR B 92 -75.58 42.02 33.48
C TYR B 92 -74.13 41.58 33.22
N ASN B 93 -73.14 42.29 33.78
CA ASN B 93 -71.74 41.88 33.85
C ASN B 93 -71.07 42.28 35.16
N GLU B 94 -70.98 43.59 35.44
CA GLU B 94 -70.08 44.10 36.49
C GLU B 94 -70.76 44.08 37.88
N LEU B 95 -71.99 44.58 38.00
CA LEU B 95 -72.76 44.57 39.26
C LEU B 95 -73.37 43.19 39.53
N ARG B 96 -73.62 42.42 38.47
CA ARG B 96 -74.06 41.01 38.48
C ARG B 96 -75.53 40.84 38.86
N VAL B 97 -76.38 41.85 38.62
CA VAL B 97 -77.78 41.89 39.04
C VAL B 97 -78.67 42.41 37.91
N ALA B 98 -79.92 41.95 37.86
CA ALA B 98 -80.91 42.32 36.86
C ALA B 98 -81.68 43.59 37.30
N PRO B 99 -81.87 44.61 36.44
CA PRO B 99 -82.58 45.85 36.79
C PRO B 99 -84.12 45.73 36.82
N GLU B 100 -84.72 44.67 36.25
CA GLU B 100 -86.18 44.42 36.25
C GLU B 100 -86.80 44.39 37.67
N GLU B 101 -85.98 43.97 38.64
CA GLU B 101 -86.30 43.79 40.05
C GLU B 101 -85.95 45.05 40.88
N HIS B 102 -84.92 45.82 40.49
CA HIS B 102 -84.26 46.81 41.36
C HIS B 102 -84.45 48.25 40.86
N PRO B 103 -85.05 49.17 41.65
CA PRO B 103 -85.07 50.61 41.35
C PRO B 103 -83.66 51.17 41.09
N THR B 104 -83.44 51.86 39.96
CA THR B 104 -82.12 52.32 39.53
C THR B 104 -82.12 53.86 39.45
N LEU B 105 -81.31 54.54 40.27
CA LEU B 105 -81.10 55.98 40.20
C LEU B 105 -79.95 56.25 39.23
N LEU B 106 -80.16 57.18 38.28
CA LEU B 106 -79.18 57.65 37.30
C LEU B 106 -78.78 59.09 37.64
N THR B 107 -77.64 59.53 37.10
CA THR B 107 -77.22 60.92 37.13
C THR B 107 -77.31 61.52 35.71
N GLU B 108 -77.52 62.84 35.66
CA GLU B 108 -77.49 63.69 34.48
C GLU B 108 -76.36 64.72 34.66
N ALA B 109 -75.72 65.09 33.55
CA ALA B 109 -74.66 66.11 33.48
C ALA B 109 -75.27 67.50 33.17
N PRO B 110 -74.65 68.62 33.61
CA PRO B 110 -75.06 69.99 33.26
C PRO B 110 -75.26 70.26 31.75
N LEU B 111 -76.29 71.06 31.43
CA LEU B 111 -76.61 71.58 30.09
C LEU B 111 -77.28 70.55 29.17
N ASN B 112 -77.71 69.40 29.72
CA ASN B 112 -78.34 68.30 28.99
C ASN B 112 -79.76 68.69 28.49
N PRO B 113 -80.06 68.58 27.17
CA PRO B 113 -81.41 68.78 26.60
C PRO B 113 -82.51 67.91 27.22
N LYS B 114 -83.76 68.40 27.15
CA LYS B 114 -84.98 67.68 27.51
C LYS B 114 -85.07 66.28 26.88
N ALA B 115 -84.83 66.21 25.56
CA ALA B 115 -84.93 65.01 24.73
C ALA B 115 -84.00 63.89 25.20
N ASN B 116 -82.84 64.24 25.76
CA ASN B 116 -81.87 63.28 26.29
C ASN B 116 -82.32 62.79 27.67
N ARG B 117 -82.86 63.69 28.51
CA ARG B 117 -83.48 63.36 29.79
C ARG B 117 -84.69 62.42 29.57
N GLU B 118 -85.54 62.75 28.58
CA GLU B 118 -86.69 61.97 28.13
C GLU B 118 -86.26 60.60 27.55
N LYS B 119 -85.34 60.55 26.56
CA LYS B 119 -84.84 59.29 25.98
C LYS B 119 -84.14 58.41 27.03
N MET B 120 -83.46 58.97 28.03
CA MET B 120 -82.85 58.18 29.12
C MET B 120 -83.92 57.64 30.08
N THR B 121 -85.03 58.37 30.29
CA THR B 121 -86.18 57.93 31.08
C THR B 121 -86.92 56.80 30.35
N GLN B 122 -87.05 56.89 29.01
CA GLN B 122 -87.57 55.85 28.13
C GLN B 122 -86.79 54.54 28.27
N ILE B 123 -85.46 54.58 28.10
CA ILE B 123 -84.55 53.41 28.10
C ILE B 123 -84.66 52.60 29.41
N MET B 124 -84.78 53.29 30.54
CA MET B 124 -84.91 52.68 31.86
C MET B 124 -86.15 51.78 31.98
N PHE B 125 -87.26 52.15 31.33
CA PHE B 125 -88.49 51.36 31.35
C PHE B 125 -88.59 50.47 30.12
N GLU B 126 -88.38 50.99 28.91
CA GLU B 126 -88.63 50.27 27.65
C GLU B 126 -87.46 49.32 27.28
N THR B 127 -86.22 49.56 27.72
CA THR B 127 -85.08 48.67 27.44
C THR B 127 -84.69 47.88 28.71
N PHE B 128 -85.09 48.31 29.92
CA PHE B 128 -84.59 47.76 31.20
C PHE B 128 -85.65 47.45 32.26
N ASN B 129 -86.95 47.67 31.98
CA ASN B 129 -88.11 47.22 32.78
C ASN B 129 -88.20 47.81 34.21
N VAL B 130 -87.37 48.80 34.58
CA VAL B 130 -87.02 49.14 35.95
C VAL B 130 -88.26 49.45 36.83
N PRO B 131 -88.39 48.91 38.07
CA PRO B 131 -89.54 49.16 38.95
C PRO B 131 -89.78 50.65 39.24
N ALA B 132 -88.68 51.38 39.48
CA ALA B 132 -88.67 52.83 39.61
C ALA B 132 -87.30 53.40 39.22
N MET B 133 -87.23 54.70 38.94
CA MET B 133 -86.00 55.40 38.58
C MET B 133 -86.02 56.86 39.04
N TYR B 134 -84.87 57.52 38.97
CA TYR B 134 -84.70 58.95 39.24
C TYR B 134 -83.49 59.45 38.44
N VAL B 135 -83.51 60.72 38.01
CA VAL B 135 -82.45 61.43 37.31
C VAL B 135 -82.05 62.64 38.19
N ALA B 136 -80.90 62.56 38.87
CA ALA B 136 -80.35 63.63 39.71
C ALA B 136 -79.19 64.32 38.96
N ILE B 137 -78.98 65.63 39.15
CA ILE B 137 -77.83 66.34 38.59
C ILE B 137 -76.66 66.22 39.60
N GLN B 138 -75.62 65.46 39.21
CA GLN B 138 -74.50 65.01 40.05
C GLN B 138 -73.71 66.12 40.78
N ALA B 139 -73.62 67.31 40.19
CA ALA B 139 -73.02 68.50 40.79
C ALA B 139 -73.71 68.92 42.09
N VAL B 140 -75.05 68.83 42.15
CA VAL B 140 -75.83 69.13 43.34
C VAL B 140 -75.66 68.01 44.40
N LEU B 141 -75.52 66.74 43.97
CA LEU B 141 -75.21 65.62 44.88
C LEU B 141 -73.83 65.81 45.55
N SER B 142 -72.83 66.29 44.80
CA SER B 142 -71.50 66.59 45.32
C SER B 142 -71.51 67.88 46.18
N LEU B 143 -72.36 68.87 45.87
CA LEU B 143 -72.57 70.07 46.70
C LEU B 143 -73.22 69.68 48.05
N TYR B 144 -74.20 68.78 48.03
CA TYR B 144 -74.85 68.23 49.22
C TYR B 144 -73.88 67.34 50.01
N ALA B 145 -72.95 66.64 49.35
CA ALA B 145 -71.86 65.88 49.99
C ALA B 145 -70.78 66.78 50.61
N SER B 146 -70.72 68.06 50.23
CA SER B 146 -69.91 69.08 50.88
C SER B 146 -70.67 69.72 52.05
N GLY B 147 -71.93 69.31 52.30
CA GLY B 147 -72.83 69.87 53.30
C GLY B 147 -73.20 71.31 52.97
N ARG B 148 -73.77 71.55 51.78
CA ARG B 148 -74.16 72.85 51.27
C ARG B 148 -75.50 72.78 50.54
N THR B 149 -76.12 73.95 50.41
CA THR B 149 -77.32 74.25 49.65
C THR B 149 -76.91 75.13 48.44
N THR B 150 -76.13 76.19 48.69
CA THR B 150 -75.53 77.11 47.75
C THR B 150 -74.02 76.87 47.67
N GLY B 151 -73.43 77.07 46.49
CA GLY B 151 -71.99 77.06 46.24
C GLY B 151 -71.74 76.98 44.73
N ILE B 152 -70.47 76.92 44.31
CA ILE B 152 -70.07 76.73 42.92
C ILE B 152 -69.20 75.49 42.80
N VAL B 153 -69.70 74.49 42.07
CA VAL B 153 -69.08 73.19 41.90
C VAL B 153 -68.30 73.22 40.59
N LEU B 154 -67.02 72.82 40.66
CA LEU B 154 -66.19 72.42 39.53
C LEU B 154 -66.26 70.89 39.51
N ASP B 155 -67.00 70.31 38.56
CA ASP B 155 -66.95 68.87 38.22
C ASP B 155 -65.83 68.74 37.20
N SER B 156 -64.84 67.89 37.48
CA SER B 156 -63.72 67.60 36.58
C SER B 156 -63.48 66.08 36.61
N GLY B 157 -64.03 65.39 35.60
CA GLY B 157 -63.79 63.99 35.33
C GLY B 157 -62.78 63.84 34.19
N ASP B 158 -63.02 62.85 33.32
CA ASP B 158 -62.16 62.57 32.17
C ASP B 158 -62.77 63.10 30.87
N GLY B 159 -64.07 63.41 30.79
CA GLY B 159 -64.73 63.88 29.56
C GLY B 159 -64.65 65.38 29.31
N VAL B 160 -65.27 66.18 30.18
CA VAL B 160 -65.34 67.64 30.14
C VAL B 160 -65.33 68.13 31.60
N THR B 161 -64.85 69.35 31.84
CA THR B 161 -64.91 70.01 33.15
C THR B 161 -66.05 71.05 33.10
N HIS B 162 -67.00 71.01 34.03
CA HIS B 162 -68.14 71.93 34.12
C HIS B 162 -67.96 72.84 35.34
N ASN B 163 -68.25 74.15 35.18
CA ASN B 163 -68.33 75.12 36.28
C ASN B 163 -69.84 75.34 36.49
N VAL B 164 -70.38 74.87 37.62
CA VAL B 164 -71.81 74.82 37.92
C VAL B 164 -72.07 75.67 39.19
N PRO B 165 -72.48 76.95 39.05
CA PRO B 165 -72.89 77.78 40.19
C PRO B 165 -74.33 77.43 40.59
N ILE B 166 -74.57 77.21 41.88
CA ILE B 166 -75.81 76.73 42.45
C ILE B 166 -76.23 77.67 43.59
N TYR B 167 -77.52 78.01 43.65
CA TYR B 167 -78.14 78.70 44.76
C TYR B 167 -79.30 77.82 45.25
N GLU B 168 -79.25 77.43 46.52
CA GLU B 168 -80.20 76.61 47.29
C GLU B 168 -80.76 75.41 46.51
N GLY B 169 -79.83 74.59 45.99
CA GLY B 169 -80.08 73.33 45.29
C GLY B 169 -80.30 73.45 43.78
N TYR B 170 -80.52 74.65 43.25
CA TYR B 170 -80.80 74.91 41.84
C TYR B 170 -79.57 75.54 41.18
N ALA B 171 -79.08 74.91 40.11
CA ALA B 171 -77.96 75.38 39.28
C ALA B 171 -78.44 76.54 38.39
N LEU B 172 -77.72 77.66 38.42
CA LEU B 172 -78.08 78.91 37.77
C LEU B 172 -77.67 78.86 36.28
N PRO B 173 -78.59 78.63 35.33
CA PRO B 173 -78.25 78.16 33.97
C PRO B 173 -77.64 79.24 33.05
N HIS B 174 -77.87 80.51 33.40
CA HIS B 174 -77.36 81.70 32.73
C HIS B 174 -75.86 81.95 33.06
N ALA B 175 -75.29 81.20 34.00
CA ALA B 175 -73.95 81.35 34.53
C ALA B 175 -73.16 80.04 34.60
N ILE B 176 -73.73 78.90 34.16
CA ILE B 176 -73.00 77.64 33.96
C ILE B 176 -72.03 77.84 32.78
N MET B 177 -70.79 77.38 32.97
CA MET B 177 -69.70 77.39 32.00
C MET B 177 -69.10 75.98 31.93
N ARG B 178 -68.31 75.71 30.90
CA ARG B 178 -67.66 74.43 30.65
C ARG B 178 -66.29 74.71 30.03
N LEU B 179 -65.28 73.95 30.44
CA LEU B 179 -63.97 73.83 29.84
C LEU B 179 -63.90 72.38 29.37
N ASP B 180 -63.86 72.16 28.06
CA ASP B 180 -63.98 70.82 27.44
C ASP B 180 -62.71 69.98 27.61
N LEU B 181 -61.61 70.59 28.06
CA LEU B 181 -60.40 69.93 28.54
C LEU B 181 -60.72 69.20 29.86
N ALA B 182 -60.36 67.92 29.93
CA ALA B 182 -60.54 67.09 31.11
C ALA B 182 -59.46 66.02 31.22
N GLY B 183 -59.64 65.08 32.16
CA GLY B 183 -58.67 64.05 32.53
C GLY B 183 -58.27 63.06 31.43
N ARG B 184 -59.03 62.98 30.32
CA ARG B 184 -58.68 62.31 29.06
C ARG B 184 -57.42 62.94 28.45
N ASP B 185 -57.44 64.26 28.34
CA ASP B 185 -56.49 65.07 27.58
C ASP B 185 -55.23 65.29 28.41
N LEU B 186 -55.38 65.28 29.73
CA LEU B 186 -54.27 65.20 30.68
C LEU B 186 -53.53 63.87 30.53
N THR B 187 -54.25 62.75 30.36
CA THR B 187 -53.66 61.42 30.14
C THR B 187 -52.93 61.39 28.78
N ASP B 188 -53.54 61.97 27.72
CA ASP B 188 -52.92 62.02 26.39
C ASP B 188 -51.64 62.88 26.40
N TYR B 189 -51.68 64.09 26.98
CA TYR B 189 -50.53 65.00 27.07
C TYR B 189 -49.40 64.40 27.92
N LEU B 190 -49.73 63.70 29.01
CA LEU B 190 -48.79 63.00 29.90
C LEU B 190 -47.92 61.98 29.14
N MET B 191 -48.48 61.26 28.16
CA MET B 191 -47.75 60.33 27.29
C MET B 191 -46.66 61.07 26.46
N LYS B 192 -46.97 62.27 25.98
CA LYS B 192 -46.11 63.05 25.09
C LYS B 192 -44.89 63.59 25.85
N ILE B 193 -45.10 64.15 27.06
CA ILE B 193 -44.01 64.70 27.87
C ILE B 193 -43.12 63.59 28.48
N LEU B 194 -43.64 62.37 28.66
CA LEU B 194 -42.86 61.19 29.02
C LEU B 194 -42.04 60.70 27.81
N THR B 195 -42.56 60.85 26.59
CA THR B 195 -41.86 60.55 25.33
C THR B 195 -40.75 61.59 25.06
N GLU B 196 -40.85 62.84 25.58
CA GLU B 196 -39.75 63.81 25.60
C GLU B 196 -38.55 63.32 26.47
N ARG B 197 -38.77 62.34 27.37
CA ARG B 197 -37.74 61.69 28.18
C ARG B 197 -37.43 60.28 27.65
N GLY B 198 -37.79 60.00 26.39
CA GLY B 198 -37.45 58.79 25.65
C GLY B 198 -38.22 57.53 26.03
N TYR B 199 -39.11 57.60 27.03
CA TYR B 199 -39.89 56.48 27.51
C TYR B 199 -40.97 56.11 26.47
N SER B 200 -41.14 54.81 26.23
CA SER B 200 -42.15 54.23 25.34
C SER B 200 -43.52 54.42 25.99
N PHE B 201 -44.39 55.22 25.37
CA PHE B 201 -45.74 55.52 25.82
C PHE B 201 -46.59 55.89 24.61
N VAL B 202 -46.88 54.93 23.73
CA VAL B 202 -47.53 55.11 22.43
C VAL B 202 -48.83 54.29 22.36
N THR B 203 -48.84 53.07 22.87
CA THR B 203 -49.90 52.08 22.71
C THR B 203 -51.04 52.30 23.73
N THR B 204 -52.17 51.60 23.52
CA THR B 204 -53.30 51.51 24.45
C THR B 204 -52.83 50.85 25.77
N ALA B 205 -51.94 49.84 25.69
CA ALA B 205 -51.38 49.13 26.84
C ALA B 205 -50.57 50.07 27.74
N GLU B 206 -49.70 50.88 27.14
CA GLU B 206 -48.89 51.88 27.84
C GLU B 206 -49.76 53.08 28.31
N ARG B 207 -50.80 53.46 27.55
CA ARG B 207 -51.72 54.54 27.87
C ARG B 207 -52.44 54.32 29.22
N GLU B 208 -52.90 53.11 29.49
CA GLU B 208 -53.61 52.82 30.74
C GLU B 208 -52.66 52.73 31.95
N ILE B 209 -51.35 52.50 31.72
CA ILE B 209 -50.30 52.69 32.74
C ILE B 209 -50.13 54.21 32.99
N VAL B 210 -50.15 55.06 31.96
CA VAL B 210 -50.13 56.51 32.10
C VAL B 210 -51.33 57.08 32.90
N ARG B 211 -52.50 56.44 32.86
CA ARG B 211 -53.64 56.76 33.71
C ARG B 211 -53.38 56.46 35.19
N ASP B 212 -52.48 55.50 35.50
CA ASP B 212 -52.10 55.18 36.87
C ASP B 212 -51.02 56.18 37.34
N ILE B 213 -50.06 56.55 36.47
CA ILE B 213 -49.06 57.61 36.70
C ILE B 213 -49.73 58.97 37.01
N LYS B 214 -50.90 59.25 36.39
CA LYS B 214 -51.84 60.32 36.71
C LYS B 214 -52.28 60.32 38.20
N GLU B 215 -52.78 59.19 38.72
CA GLU B 215 -53.20 59.04 40.12
C GLU B 215 -51.97 59.01 41.06
N LYS B 216 -50.92 58.28 40.69
CA LYS B 216 -49.80 57.92 41.57
C LYS B 216 -48.73 59.01 41.70
N LEU B 217 -48.37 59.69 40.59
CA LEU B 217 -47.16 60.50 40.52
C LEU B 217 -47.43 62.00 40.29
N CYS B 218 -48.55 62.37 39.65
CA CYS B 218 -48.80 63.76 39.26
C CYS B 218 -49.34 64.61 40.43
N TYR B 219 -49.13 65.93 40.34
CA TYR B 219 -49.56 66.93 41.30
C TYR B 219 -49.61 68.28 40.59
N VAL B 220 -50.38 69.23 41.14
CA VAL B 220 -50.37 70.62 40.70
C VAL B 220 -49.27 71.32 41.51
N ALA B 221 -48.43 72.09 40.81
CA ALA B 221 -47.42 72.97 41.39
C ALA B 221 -48.13 74.20 41.97
N LEU B 222 -47.75 74.62 43.19
CA LEU B 222 -48.35 75.76 43.91
C LEU B 222 -48.07 77.08 43.18
N ASP B 223 -46.92 77.17 42.52
CA ASP B 223 -46.69 78.06 41.40
C ASP B 223 -45.76 77.36 40.41
N PHE B 224 -46.07 77.40 39.11
CA PHE B 224 -45.47 76.57 38.09
C PHE B 224 -43.96 76.82 37.90
N GLU B 225 -43.56 78.07 37.57
CA GLU B 225 -42.16 78.34 37.24
C GLU B 225 -41.32 78.44 38.52
N ASN B 226 -41.95 78.65 39.69
CA ASN B 226 -41.32 78.49 41.00
C ASN B 226 -40.98 77.02 41.31
N GLU B 227 -41.94 76.10 41.09
CA GLU B 227 -41.73 74.65 41.21
C GLU B 227 -40.73 74.16 40.13
N MET B 228 -40.79 74.72 38.91
CA MET B 228 -39.85 74.46 37.81
C MET B 228 -38.42 74.86 38.19
N ALA B 229 -38.22 76.06 38.77
CA ALA B 229 -36.93 76.57 39.20
C ALA B 229 -36.35 75.77 40.38
N THR B 230 -37.21 75.23 41.25
CA THR B 230 -36.84 74.40 42.38
C THR B 230 -36.44 72.98 41.89
N ALA B 231 -37.18 72.42 40.92
CA ALA B 231 -36.89 71.13 40.31
C ALA B 231 -35.63 71.19 39.44
N ALA B 232 -35.45 72.27 38.67
CA ALA B 232 -34.28 72.54 37.85
C ALA B 232 -33.03 72.96 38.65
N SER B 233 -33.08 72.93 39.99
CA SER B 233 -31.98 73.22 40.89
C SER B 233 -31.94 72.21 42.05
N SER B 234 -32.45 70.99 41.86
CA SER B 234 -32.39 69.92 42.85
C SER B 234 -32.37 68.54 42.17
N SER B 235 -32.63 67.51 42.97
CA SER B 235 -32.84 66.10 42.64
C SER B 235 -33.63 65.52 43.83
N SER B 236 -34.89 65.95 43.98
CA SER B 236 -35.72 65.69 45.16
C SER B 236 -37.23 65.69 44.86
N LEU B 237 -37.66 66.36 43.79
CA LEU B 237 -39.04 66.48 43.36
C LEU B 237 -39.44 65.21 42.60
N GLU B 238 -38.47 64.54 41.98
CA GLU B 238 -38.55 63.41 41.06
C GLU B 238 -39.07 62.16 41.79
N LYS B 239 -39.93 61.36 41.16
CA LYS B 239 -40.56 60.17 41.76
C LYS B 239 -40.55 59.01 40.77
N SER B 240 -40.38 57.79 41.28
CA SER B 240 -40.20 56.56 40.54
C SER B 240 -41.54 55.85 40.31
N TYR B 241 -41.58 55.00 39.28
CA TYR B 241 -42.70 54.12 38.93
C TYR B 241 -42.12 52.79 38.42
N GLU B 242 -42.72 51.66 38.80
CA GLU B 242 -42.36 50.30 38.42
C GLU B 242 -43.38 49.83 37.37
N LEU B 243 -42.91 49.35 36.22
CA LEU B 243 -43.72 48.87 35.09
C LEU B 243 -44.04 47.36 35.27
N PRO B 244 -45.16 46.84 34.73
CA PRO B 244 -45.67 45.49 35.03
C PRO B 244 -44.87 44.31 34.47
N ASP B 245 -43.83 44.56 33.66
CA ASP B 245 -42.84 43.60 33.18
C ASP B 245 -41.62 43.54 34.13
N GLY B 246 -41.53 44.44 35.11
CA GLY B 246 -40.49 44.50 36.13
C GLY B 246 -39.39 45.54 35.84
N GLN B 247 -39.55 46.35 34.79
CA GLN B 247 -38.69 47.50 34.51
C GLN B 247 -39.13 48.70 35.39
N VAL B 248 -38.25 49.68 35.62
CA VAL B 248 -38.49 50.82 36.52
C VAL B 248 -38.09 52.12 35.79
N ILE B 249 -38.83 53.20 36.02
CA ILE B 249 -38.67 54.53 35.44
C ILE B 249 -38.74 55.60 36.55
N THR B 250 -38.28 56.83 36.30
CA THR B 250 -38.33 57.95 37.26
C THR B 250 -38.63 59.26 36.52
N ILE B 251 -39.60 60.04 37.02
CA ILE B 251 -40.16 61.22 36.37
C ILE B 251 -39.84 62.44 37.26
N GLY B 252 -39.23 63.49 36.68
CA GLY B 252 -38.89 64.76 37.32
C GLY B 252 -39.95 65.82 37.06
N ASN B 253 -39.54 66.98 36.53
CA ASN B 253 -40.31 68.19 36.18
C ASN B 253 -41.66 67.92 35.49
N GLU B 254 -41.71 66.85 34.68
CA GLU B 254 -42.88 66.36 33.95
C GLU B 254 -44.06 65.95 34.87
N ARG B 255 -43.82 65.70 36.18
CA ARG B 255 -44.85 65.42 37.18
C ARG B 255 -45.88 66.55 37.38
N PHE B 256 -45.53 67.80 37.04
CA PHE B 256 -46.39 68.98 37.18
C PHE B 256 -46.62 69.72 35.85
N ARG B 257 -45.92 69.35 34.76
CA ARG B 257 -46.24 69.83 33.40
C ARG B 257 -47.64 69.37 32.95
N CYS B 258 -48.04 68.15 33.32
CA CYS B 258 -49.35 67.56 33.00
C CYS B 258 -50.55 68.40 33.50
N PRO B 259 -50.87 68.45 34.82
CA PRO B 259 -52.10 69.12 35.28
C PRO B 259 -52.05 70.66 35.27
N GLU B 260 -50.91 71.31 35.01
CA GLU B 260 -50.83 72.76 34.78
C GLU B 260 -51.65 73.19 33.54
N THR B 261 -51.89 72.27 32.61
CA THR B 261 -52.81 72.38 31.48
C THR B 261 -54.21 72.88 31.91
N LEU B 262 -54.67 72.55 33.13
CA LEU B 262 -55.94 73.00 33.68
C LEU B 262 -55.96 74.51 33.99
N PHE B 263 -54.81 75.11 34.29
CA PHE B 263 -54.67 76.54 34.56
C PHE B 263 -54.19 77.28 33.32
N GLN B 264 -53.60 76.57 32.35
CA GLN B 264 -53.02 77.11 31.12
C GLN B 264 -53.36 76.17 29.95
N PRO B 265 -54.63 76.13 29.46
CA PRO B 265 -55.07 75.28 28.31
C PRO B 265 -54.18 75.35 27.04
N SER B 266 -53.46 76.45 26.86
CA SER B 266 -52.41 76.69 25.89
C SER B 266 -51.30 75.62 25.83
N PHE B 267 -51.08 74.82 26.90
CA PHE B 267 -50.20 73.64 26.90
C PHE B 267 -50.65 72.53 25.94
N ILE B 268 -51.93 72.52 25.53
CA ILE B 268 -52.47 71.62 24.51
C ILE B 268 -53.06 72.43 23.34
N GLY B 269 -52.68 73.72 23.23
CA GLY B 269 -53.03 74.59 22.10
C GLY B 269 -54.41 75.24 22.15
N MET B 270 -55.16 75.10 23.26
CA MET B 270 -56.48 75.72 23.40
C MET B 270 -56.30 77.21 23.80
N GLU B 271 -56.94 78.13 23.09
CA GLU B 271 -57.01 79.57 23.43
C GLU B 271 -58.12 79.87 24.48
N SER B 272 -58.59 78.83 25.16
CA SER B 272 -59.60 78.82 26.20
C SER B 272 -58.97 79.25 27.54
N ALA B 273 -59.83 79.58 28.50
CA ALA B 273 -59.49 79.99 29.86
C ALA B 273 -59.43 78.74 30.77
N GLY B 274 -58.57 78.78 31.80
CA GLY B 274 -58.33 77.68 32.73
C GLY B 274 -59.42 77.52 33.81
N ILE B 275 -59.32 76.47 34.64
CA ILE B 275 -60.28 76.11 35.70
C ILE B 275 -60.53 77.22 36.75
N HIS B 276 -59.51 78.06 37.00
CA HIS B 276 -59.52 79.23 37.86
C HIS B 276 -60.31 80.38 37.21
N GLU B 277 -59.96 80.72 35.96
CA GLU B 277 -60.53 81.81 35.16
C GLU B 277 -62.01 81.51 34.87
N THR B 278 -62.34 80.29 34.44
CA THR B 278 -63.71 79.87 34.09
C THR B 278 -64.65 79.86 35.31
N THR B 279 -64.16 79.41 36.48
CA THR B 279 -64.91 79.44 37.72
C THR B 279 -65.15 80.91 38.16
N TYR B 280 -64.13 81.76 38.07
CA TYR B 280 -64.22 83.20 38.36
C TYR B 280 -65.23 83.90 37.44
N ASN B 281 -65.16 83.66 36.13
CA ASN B 281 -66.10 84.17 35.11
C ASN B 281 -67.54 83.71 35.38
N SER B 282 -67.71 82.44 35.77
CA SER B 282 -68.98 81.83 36.17
C SER B 282 -69.60 82.52 37.40
N ILE B 283 -68.81 82.83 38.45
CA ILE B 283 -69.28 83.62 39.60
C ILE B 283 -69.63 85.05 39.15
N MET B 284 -68.80 85.67 38.31
CA MET B 284 -68.99 87.05 37.87
C MET B 284 -70.23 87.27 36.99
N LYS B 285 -70.69 86.24 36.26
CA LYS B 285 -71.96 86.24 35.52
C LYS B 285 -73.15 85.84 36.43
N CYS B 286 -72.94 85.43 37.69
CA CYS B 286 -74.02 85.36 38.67
C CYS B 286 -74.23 86.78 39.21
N ASP B 287 -75.50 87.11 39.49
CA ASP B 287 -76.01 88.44 39.78
C ASP B 287 -75.60 88.93 41.18
N ILE B 288 -75.92 90.19 41.52
CA ILE B 288 -75.44 91.01 42.63
C ILE B 288 -74.78 90.32 43.85
N ASP B 289 -75.56 90.09 44.92
CA ASP B 289 -75.11 89.66 46.24
C ASP B 289 -74.96 88.15 46.40
N ILE B 290 -75.44 87.34 45.45
CA ILE B 290 -75.34 85.87 45.54
C ILE B 290 -73.88 85.40 45.33
N ARG B 291 -73.05 86.23 44.69
CA ARG B 291 -71.64 85.96 44.41
C ARG B 291 -70.76 85.74 45.65
N LYS B 292 -71.05 86.44 46.76
CA LYS B 292 -70.29 86.35 48.01
C LYS B 292 -70.36 84.92 48.61
N ASP B 293 -71.50 84.24 48.39
CA ASP B 293 -71.85 82.94 48.94
C ASP B 293 -71.24 81.84 48.06
N LEU B 294 -71.05 82.11 46.76
CA LEU B 294 -70.36 81.24 45.80
C LEU B 294 -68.84 81.37 45.99
N TYR B 295 -68.30 82.59 46.17
CA TYR B 295 -66.87 82.84 46.40
C TYR B 295 -66.29 82.10 47.61
N ALA B 296 -67.09 81.97 48.68
CA ALA B 296 -66.74 81.30 49.92
C ALA B 296 -66.94 79.77 49.85
N ASN B 297 -67.53 79.25 48.77
CA ASN B 297 -67.99 77.86 48.64
C ASN B 297 -67.69 77.33 47.23
N ASN B 298 -66.43 77.41 46.78
CA ASN B 298 -66.03 76.78 45.53
C ASN B 298 -65.68 75.32 45.86
N VAL B 299 -66.57 74.40 45.48
CA VAL B 299 -66.46 72.96 45.66
C VAL B 299 -65.68 72.38 44.48
N MET B 300 -64.60 71.65 44.78
CA MET B 300 -63.89 70.79 43.83
C MET B 300 -64.58 69.41 43.88
N SER B 301 -64.92 68.85 42.71
CA SER B 301 -65.64 67.59 42.53
C SER B 301 -64.97 66.76 41.42
N GLY B 302 -64.95 65.44 41.56
CA GLY B 302 -64.50 64.50 40.54
C GLY B 302 -63.05 64.05 40.73
N GLY B 303 -62.61 63.10 39.90
CA GLY B 303 -61.31 62.42 39.98
C GLY B 303 -60.11 63.36 39.80
N THR B 304 -60.25 64.38 38.95
CA THR B 304 -59.19 65.34 38.63
C THR B 304 -58.97 66.35 39.80
N THR B 305 -59.69 66.20 40.92
CA THR B 305 -59.54 67.02 42.14
C THR B 305 -58.89 66.21 43.30
N MET B 306 -58.32 65.04 42.99
CA MET B 306 -57.60 64.18 43.92
C MET B 306 -56.10 64.51 43.96
N TYR B 307 -55.59 65.38 43.06
CA TYR B 307 -54.17 65.72 42.98
C TYR B 307 -53.74 66.58 44.20
N PRO B 308 -52.53 66.36 44.77
CA PRO B 308 -51.91 67.31 45.71
C PRO B 308 -51.74 68.71 45.08
N GLY B 309 -51.86 69.75 45.93
CA GLY B 309 -51.59 71.15 45.59
C GLY B 309 -52.69 71.88 44.81
N ILE B 310 -53.72 71.18 44.30
CA ILE B 310 -54.74 71.78 43.42
C ILE B 310 -55.62 72.80 44.18
N ALA B 311 -56.00 72.50 45.43
CA ALA B 311 -56.87 73.33 46.24
C ALA B 311 -56.14 74.59 46.71
N ASP B 312 -54.87 74.43 47.06
CA ASP B 312 -53.89 75.43 47.46
C ASP B 312 -53.58 76.37 46.29
N ARG B 313 -53.38 75.80 45.09
CA ARG B 313 -53.21 76.55 43.85
C ARG B 313 -54.48 77.33 43.49
N MET B 314 -55.66 76.71 43.53
CA MET B 314 -56.94 77.37 43.24
C MET B 314 -57.24 78.49 44.24
N GLN B 315 -56.84 78.31 45.51
CA GLN B 315 -56.94 79.29 46.58
C GLN B 315 -56.00 80.48 46.36
N LYS B 316 -54.83 80.29 45.71
CA LYS B 316 -53.97 81.35 45.19
C LYS B 316 -54.64 82.03 43.99
N GLU B 317 -54.98 81.28 42.93
CA GLU B 317 -55.41 81.84 41.65
C GLU B 317 -56.72 82.65 41.78
N ILE B 318 -57.72 82.15 42.52
CA ILE B 318 -59.00 82.86 42.65
C ILE B 318 -58.89 84.03 43.67
N THR B 319 -57.91 84.08 44.59
CA THR B 319 -57.67 85.29 45.39
C THR B 319 -56.83 86.34 44.64
N ALA B 320 -56.15 85.96 43.55
CA ALA B 320 -55.49 86.90 42.64
C ALA B 320 -56.49 87.47 41.62
N LEU B 321 -57.46 86.66 41.18
CA LEU B 321 -58.49 87.08 40.22
C LEU B 321 -59.58 87.93 40.89
N ALA B 322 -60.08 87.52 42.06
CA ALA B 322 -61.22 88.15 42.72
C ALA B 322 -60.73 89.21 43.73
N PRO B 323 -61.25 90.46 43.70
CA PRO B 323 -60.94 91.53 44.66
C PRO B 323 -60.97 91.09 46.14
N SER B 324 -59.82 91.17 46.80
CA SER B 324 -59.48 90.51 48.06
C SER B 324 -60.22 91.06 49.31
N THR B 325 -61.18 91.97 49.12
CA THR B 325 -62.15 92.37 50.12
C THR B 325 -63.21 91.25 50.31
N MET B 326 -63.47 90.44 49.27
CA MET B 326 -64.22 89.19 49.32
C MET B 326 -63.36 88.11 49.98
N LYS B 327 -63.99 87.20 50.73
CA LYS B 327 -63.31 86.14 51.48
C LYS B 327 -63.51 84.84 50.69
N ILE B 328 -62.57 84.56 49.81
CA ILE B 328 -62.60 83.45 48.86
C ILE B 328 -62.19 82.16 49.59
N LYS B 329 -62.94 81.07 49.42
CA LYS B 329 -62.57 79.76 49.90
C LYS B 329 -62.89 78.67 48.88
N ILE B 330 -61.85 77.93 48.51
CA ILE B 330 -61.95 76.60 47.94
C ILE B 330 -62.32 75.65 49.12
N ILE B 331 -63.26 74.75 48.85
CA ILE B 331 -63.73 73.66 49.70
C ILE B 331 -63.87 72.41 48.81
N ALA B 332 -64.20 71.27 49.41
CA ALA B 332 -64.53 70.04 48.73
C ALA B 332 -65.17 69.07 49.73
N PRO B 333 -66.02 68.13 49.27
CA PRO B 333 -66.32 66.88 49.96
C PRO B 333 -65.03 66.13 50.40
N PRO B 334 -64.99 65.49 51.60
CA PRO B 334 -63.83 64.73 52.12
C PRO B 334 -63.28 63.69 51.12
N GLU B 335 -64.09 62.68 50.80
CA GLU B 335 -64.02 61.91 49.56
C GLU B 335 -64.76 62.79 48.54
N ARG B 336 -64.24 62.90 47.32
CA ARG B 336 -64.79 63.70 46.23
C ARG B 336 -64.82 63.02 44.86
N LYS B 337 -64.06 61.92 44.62
CA LYS B 337 -64.03 61.27 43.31
C LYS B 337 -65.30 60.44 43.06
N TYR B 338 -65.97 59.99 44.14
CA TYR B 338 -67.20 59.21 44.11
C TYR B 338 -68.37 59.98 44.74
N SER B 339 -68.15 61.14 45.38
CA SER B 339 -69.17 61.97 46.05
C SER B 339 -70.49 62.19 45.27
N VAL B 340 -70.35 62.39 43.96
CA VAL B 340 -71.37 62.45 42.91
C VAL B 340 -72.32 61.22 42.87
N TRP B 341 -71.79 60.05 43.25
CA TRP B 341 -72.50 58.78 43.32
C TRP B 341 -72.93 58.51 44.77
N ILE B 342 -72.07 58.77 45.77
CA ILE B 342 -72.32 58.53 47.20
C ILE B 342 -73.55 59.32 47.69
N GLY B 343 -73.73 60.56 47.22
CA GLY B 343 -74.92 61.36 47.50
C GLY B 343 -76.19 60.76 46.88
N GLY B 344 -76.04 60.01 45.77
CA GLY B 344 -77.09 59.24 45.14
C GLY B 344 -77.42 57.96 45.92
N SER B 345 -76.40 57.28 46.48
CA SER B 345 -76.52 56.11 47.37
C SER B 345 -77.39 56.43 48.58
N ILE B 346 -77.09 57.54 49.26
CA ILE B 346 -77.83 58.09 50.39
C ILE B 346 -79.27 58.47 49.98
N LEU B 347 -79.45 59.12 48.82
CA LEU B 347 -80.75 59.55 48.33
C LEU B 347 -81.67 58.35 47.99
N ALA B 348 -81.11 57.33 47.33
CA ALA B 348 -81.80 56.12 46.92
C ALA B 348 -82.08 55.14 48.08
N SER B 349 -81.59 55.42 49.29
CA SER B 349 -81.80 54.61 50.50
C SER B 349 -82.56 55.36 51.60
N LEU B 350 -82.91 56.65 51.40
CA LEU B 350 -83.80 57.40 52.29
C LEU B 350 -85.23 56.89 52.06
N SER B 351 -85.83 56.28 53.07
CA SER B 351 -87.17 55.68 53.05
C SER B 351 -88.29 56.67 52.67
N THR B 352 -88.08 57.97 52.88
CA THR B 352 -88.99 59.07 52.53
C THR B 352 -88.91 59.41 51.02
N PHE B 353 -87.91 58.90 50.28
CA PHE B 353 -87.72 59.12 48.84
C PHE B 353 -88.71 58.27 48.01
N GLN B 354 -89.47 57.38 48.66
CA GLN B 354 -90.52 56.49 48.15
C GLN B 354 -91.50 57.13 47.14
N GLN B 355 -91.87 58.40 47.36
CA GLN B 355 -92.79 59.14 46.50
C GLN B 355 -92.06 59.88 45.37
N MET B 356 -90.74 60.06 45.48
CA MET B 356 -89.91 60.87 44.59
C MET B 356 -89.32 59.99 43.47
N TRP B 357 -89.13 58.70 43.73
CA TRP B 357 -88.92 57.63 42.75
C TRP B 357 -90.05 57.65 41.70
N ILE B 358 -89.72 57.70 40.40
CA ILE B 358 -90.68 57.55 39.30
C ILE B 358 -90.89 56.06 39.13
N THR B 359 -92.00 55.54 39.65
CA THR B 359 -92.43 54.15 39.54
C THR B 359 -92.95 53.94 38.11
N LYS B 360 -92.74 52.75 37.52
CA LYS B 360 -93.00 52.50 36.09
C LYS B 360 -94.41 52.82 35.57
N GLN B 361 -95.46 52.76 36.41
CA GLN B 361 -96.81 53.14 35.97
C GLN B 361 -97.06 54.66 35.98
N GLU B 362 -96.09 55.47 36.42
CA GLU B 362 -96.08 56.92 36.18
C GLU B 362 -95.49 57.24 34.79
N TYR B 363 -95.07 56.22 34.02
CA TYR B 363 -94.80 56.33 32.59
C TYR B 363 -96.11 56.20 31.80
N ASP B 364 -97.05 55.35 32.23
CA ASP B 364 -98.34 55.05 31.58
C ASP B 364 -99.18 56.31 31.28
N GLU B 365 -99.17 57.27 32.21
CA GLU B 365 -100.03 58.45 32.20
C GLU B 365 -99.48 59.63 31.36
N ALA B 366 -98.15 59.71 31.11
CA ALA B 366 -97.53 60.84 30.41
C ALA B 366 -96.27 60.52 29.60
N GLY B 367 -95.92 59.25 29.42
CA GLY B 367 -94.72 58.77 28.76
C GLY B 367 -93.43 59.27 29.45
N PRO B 368 -92.32 59.50 28.71
CA PRO B 368 -91.04 59.94 29.29
C PRO B 368 -91.02 61.41 29.78
N SER B 369 -92.13 62.16 29.73
CA SER B 369 -92.19 63.56 30.15
C SER B 369 -92.29 63.70 31.69
N ILE B 370 -92.60 62.61 32.41
CA ILE B 370 -92.73 62.48 33.86
C ILE B 370 -91.51 63.03 34.64
N VAL B 371 -90.32 62.94 34.04
CA VAL B 371 -89.03 63.41 34.53
C VAL B 371 -88.95 64.95 34.70
N HIS B 372 -89.91 65.71 34.17
CA HIS B 372 -90.01 67.16 34.36
C HIS B 372 -90.97 67.52 35.51
N ARG B 373 -91.68 66.54 36.07
CA ARG B 373 -92.61 66.69 37.17
C ARG B 373 -92.05 66.07 38.47
N LYS B 374 -91.27 64.99 38.37
CA LYS B 374 -90.84 64.19 39.53
C LYS B 374 -89.34 64.34 39.87
N CYS B 375 -88.48 64.75 38.92
CA CYS B 375 -87.03 64.83 39.10
C CYS B 375 -86.60 66.30 39.13
N PHE B 376 -86.69 66.88 40.33
CA PHE B 376 -86.43 68.26 40.72
C PHE B 376 -84.98 68.70 40.42
N NH2 B 377 -84.76 69.99 40.20
HN1 NH2 B 377 -83.81 70.29 40.04
HN2 NH2 B 377 -85.51 70.67 40.31
C ACE C 1 -18.18 90.32 -5.74
O ACE C 1 -17.16 90.64 -6.67
CH3 ACE C 1 -19.35 91.28 -5.95
H1 ACE C 1 -19.04 92.31 -5.85
H2 ACE C 1 -20.15 91.09 -5.24
H3 ACE C 1 -19.76 91.16 -6.95
N ASP C 2 -17.60 90.56 -4.43
CA ASP C 2 -16.72 89.45 -4.01
C ASP C 2 -17.55 88.58 -3.05
N GLU C 3 -17.33 87.26 -3.02
CA GLU C 3 -18.07 86.29 -2.21
C GLU C 3 -17.25 85.97 -0.93
N ASP C 4 -17.95 85.60 0.16
CA ASP C 4 -17.37 85.40 1.49
C ASP C 4 -16.66 84.04 1.57
N GLU C 5 -15.49 83.96 2.22
CA GLU C 5 -14.76 82.71 2.50
C GLU C 5 -15.41 81.87 3.63
N THR C 6 -16.51 82.32 4.23
CA THR C 6 -17.13 81.72 5.42
C THR C 6 -17.99 80.50 5.01
N THR C 7 -17.34 79.38 4.67
CA THR C 7 -17.98 78.10 4.39
C THR C 7 -18.32 77.44 5.74
N ALA C 8 -19.61 77.28 6.04
CA ALA C 8 -20.10 76.62 7.25
C ALA C 8 -20.16 75.08 7.05
N LEU C 9 -20.16 74.33 8.14
CA LEU C 9 -20.36 72.90 8.21
C LEU C 9 -21.85 72.63 8.50
N VAL C 10 -22.39 71.57 7.89
CA VAL C 10 -23.79 71.19 7.94
C VAL C 10 -23.81 69.73 8.38
N CYS C 11 -24.52 69.40 9.47
CA CYS C 11 -24.68 68.04 9.95
C CYS C 11 -26.18 67.82 10.21
N ASP C 12 -26.78 66.86 9.50
CA ASP C 12 -28.13 66.39 9.79
C ASP C 12 -27.99 65.17 10.71
N ASN C 13 -28.71 65.17 11.84
CA ASN C 13 -28.79 64.04 12.77
C ASN C 13 -29.98 63.11 12.39
N GLY C 14 -30.92 63.60 11.56
CA GLY C 14 -32.08 62.93 10.97
C GLY C 14 -32.83 61.97 11.90
N SER C 15 -32.95 60.71 11.46
CA SER C 15 -33.27 59.58 12.31
C SER C 15 -32.48 58.39 11.77
N GLY C 16 -31.73 57.70 12.64
CA GLY C 16 -30.87 56.57 12.31
C GLY C 16 -29.56 56.97 11.61
N LEU C 17 -29.67 57.58 10.43
CA LEU C 17 -28.57 57.97 9.56
C LEU C 17 -28.22 59.45 9.79
N VAL C 18 -26.99 59.71 10.24
CA VAL C 18 -26.37 61.03 10.34
C VAL C 18 -25.71 61.32 8.98
N LYS C 19 -25.74 62.58 8.54
CA LYS C 19 -25.39 63.02 7.19
C LYS C 19 -24.67 64.37 7.32
N ALA C 20 -23.49 64.55 6.73
CA ALA C 20 -22.68 65.75 6.92
C ALA C 20 -21.91 66.19 5.67
N GLY C 21 -21.59 67.48 5.60
CA GLY C 21 -20.85 68.12 4.53
C GLY C 21 -20.71 69.63 4.82
N PHE C 22 -20.42 70.41 3.78
CA PHE C 22 -20.16 71.85 3.85
C PHE C 22 -21.35 72.60 3.23
N ALA C 23 -21.61 73.83 3.70
CA ALA C 23 -22.64 74.73 3.20
C ALA C 23 -22.18 75.27 1.84
N GLY C 24 -22.96 74.99 0.79
CA GLY C 24 -22.62 75.25 -0.60
C GLY C 24 -22.58 73.96 -1.42
N ASP C 25 -22.28 72.82 -0.78
CA ASP C 25 -22.52 71.50 -1.36
C ASP C 25 -24.03 71.22 -1.25
N ASP C 26 -24.62 70.70 -2.32
CA ASP C 26 -26.05 70.37 -2.40
C ASP C 26 -26.33 68.90 -2.05
N ALA C 27 -25.30 68.11 -1.71
CA ALA C 27 -25.40 66.73 -1.22
C ALA C 27 -24.33 66.50 -0.14
N PRO C 28 -24.61 65.75 0.94
CA PRO C 28 -23.61 65.38 1.97
C PRO C 28 -22.33 64.74 1.41
N ARG C 29 -21.20 64.99 2.08
CA ARG C 29 -19.90 64.40 1.78
C ARG C 29 -19.71 63.09 2.56
N ALA C 30 -20.45 62.89 3.67
CA ALA C 30 -20.39 61.71 4.51
C ALA C 30 -21.80 61.37 4.99
N VAL C 31 -22.16 60.09 5.01
CA VAL C 31 -23.43 59.55 5.50
C VAL C 31 -23.09 58.22 6.19
N PHE C 32 -23.51 58.01 7.44
CA PHE C 32 -23.29 56.75 8.18
C PHE C 32 -24.42 56.51 9.21
N PRO C 33 -24.63 55.28 9.71
CA PRO C 33 -25.61 55.03 10.78
C PRO C 33 -25.07 55.51 12.13
N SER C 34 -25.89 56.22 12.91
CA SER C 34 -25.57 56.74 14.24
C SER C 34 -25.61 55.59 15.26
N ILE C 35 -24.59 54.73 15.22
CA ILE C 35 -24.35 53.60 16.11
C ILE C 35 -22.93 53.73 16.66
N VAL C 36 -22.72 53.23 17.89
CA VAL C 36 -21.46 53.23 18.59
C VAL C 36 -21.29 51.86 19.29
N GLY C 37 -20.07 51.33 19.37
CA GLY C 37 -19.76 50.05 20.02
C GLY C 37 -18.57 50.17 20.95
N ARG C 38 -18.77 49.91 22.24
CA ARG C 38 -17.69 49.78 23.24
C ARG C 38 -17.22 48.31 23.22
N PRO C 39 -15.92 48.00 23.42
CA PRO C 39 -15.42 46.63 23.69
C PRO C 39 -16.09 45.93 24.89
N ARG C 40 -16.03 44.59 24.89
CA ARG C 40 -16.22 43.73 26.05
C ARG C 40 -14.82 43.46 26.63
N HIS C 41 -14.70 43.35 27.96
CA HIS C 41 -13.42 43.17 28.65
C HIS C 41 -12.84 41.76 28.40
N GLN C 42 -13.71 40.76 28.20
CA GLN C 42 -13.37 39.45 27.63
C GLN C 42 -13.19 39.67 26.12
N GLY C 43 -11.93 39.62 25.65
CA GLY C 43 -11.59 39.77 24.24
C GLY C 43 -11.32 41.22 23.80
N VAL C 44 -11.08 42.13 24.75
CA VAL C 44 -10.73 43.54 24.52
C VAL C 44 -9.51 43.70 23.60
N MET C 45 -9.66 44.48 22.54
CA MET C 45 -8.60 44.91 21.64
C MET C 45 -7.79 46.06 22.29
N VAL C 46 -6.53 46.23 21.88
CA VAL C 46 -5.65 47.30 22.33
C VAL C 46 -5.00 47.92 21.08
N GLY C 47 -4.97 49.26 21.02
CA GLY C 47 -4.40 50.01 19.91
C GLY C 47 -5.45 50.33 18.86
N MET C 48 -6.48 51.11 19.23
CA MET C 48 -7.58 51.51 18.36
C MET C 48 -7.99 52.95 18.64
N GLY C 49 -7.97 53.79 17.61
CA GLY C 49 -8.55 55.13 17.57
C GLY C 49 -7.92 56.16 18.52
N GLN C 50 -8.65 57.25 18.73
CA GLN C 50 -8.42 58.24 19.80
C GLN C 50 -9.44 58.03 20.94
N LYS C 51 -10.29 57.00 20.87
CA LYS C 51 -11.39 56.77 21.79
C LYS C 51 -11.70 55.30 22.07
N ASP C 52 -12.50 55.12 23.12
CA ASP C 52 -12.93 53.90 23.81
C ASP C 52 -14.01 53.11 23.04
N SER C 53 -14.54 53.62 21.93
CA SER C 53 -15.67 53.06 21.23
C SER C 53 -15.53 53.32 19.73
N TYR C 54 -15.81 52.31 18.89
CA TYR C 54 -15.90 52.43 17.44
C TYR C 54 -17.27 52.99 17.09
N VAL C 55 -17.38 53.69 15.96
CA VAL C 55 -18.55 54.44 15.51
C VAL C 55 -18.92 53.98 14.09
N GLY C 56 -20.20 54.11 13.72
CA GLY C 56 -20.66 54.01 12.34
C GLY C 56 -20.47 52.63 11.70
N ASP C 57 -19.84 52.61 10.52
CA ASP C 57 -19.53 51.40 9.75
C ASP C 57 -18.49 50.52 10.47
N GLU C 58 -17.51 51.10 11.18
CA GLU C 58 -16.42 50.38 11.86
C GLU C 58 -16.95 49.45 12.95
N ALA C 59 -17.96 49.90 13.70
CA ALA C 59 -18.59 49.18 14.80
C ALA C 59 -19.38 47.94 14.32
N GLN C 60 -19.82 47.95 13.06
CA GLN C 60 -20.49 46.83 12.41
C GLN C 60 -19.52 46.00 11.55
N SER C 61 -18.38 46.55 11.15
CA SER C 61 -17.37 45.85 10.37
C SER C 61 -16.58 44.84 11.25
N LYS C 62 -16.55 45.03 12.58
CA LYS C 62 -15.84 44.21 13.54
C LYS C 62 -16.76 43.87 14.72
N ARG C 63 -17.56 42.82 14.52
CA ARG C 63 -18.70 42.42 15.34
C ARG C 63 -18.29 41.57 16.57
N GLY C 64 -19.29 41.24 17.42
CA GLY C 64 -19.23 40.21 18.45
C GLY C 64 -18.51 40.62 19.75
N ILE C 65 -17.28 41.10 19.61
CA ILE C 65 -16.42 41.61 20.66
C ILE C 65 -16.95 42.95 21.21
N LEU C 66 -17.61 43.75 20.36
CA LEU C 66 -18.17 45.03 20.76
C LEU C 66 -19.61 44.85 21.25
N THR C 67 -20.00 45.62 22.27
CA THR C 67 -21.37 45.76 22.74
C THR C 67 -21.88 47.11 22.20
N LEU C 68 -22.68 47.02 21.12
CA LEU C 68 -23.32 48.14 20.41
C LEU C 68 -24.34 48.86 21.30
N LYS C 69 -24.41 50.19 21.17
CA LYS C 69 -25.31 51.11 21.90
C LYS C 69 -25.79 52.20 20.92
N TYR C 70 -27.02 52.66 21.11
CA TYR C 70 -27.73 53.58 20.26
C TYR C 70 -27.78 54.92 21.02
N PRO C 71 -27.15 56.01 20.54
CA PRO C 71 -27.12 57.31 21.24
C PRO C 71 -28.37 58.19 20.94
N ILE C 72 -29.08 57.85 19.85
CA ILE C 72 -30.31 58.42 19.36
C ILE C 72 -31.28 57.24 19.26
N GLU C 73 -32.53 57.45 19.67
CA GLU C 73 -33.71 56.75 19.21
C GLU C 73 -34.89 57.72 19.41
N HIS C 74 -36.00 57.50 18.70
CA HIS C 74 -37.19 58.35 18.59
C HIS C 74 -36.94 59.57 17.68
N GLY C 75 -35.77 59.60 17.03
CA GLY C 75 -35.21 60.75 16.31
C GLY C 75 -34.54 61.79 17.24
N ILE C 76 -34.55 61.58 18.56
CA ILE C 76 -34.12 62.56 19.56
C ILE C 76 -32.84 62.03 20.23
N ILE C 77 -31.89 62.96 20.47
CA ILE C 77 -30.61 62.73 21.13
C ILE C 77 -30.88 62.56 22.64
N THR C 78 -30.20 61.58 23.26
CA THR C 78 -30.31 61.26 24.68
C THR C 78 -28.91 61.17 25.31
N ASN C 79 -28.02 60.43 24.65
CA ASN C 79 -26.58 60.34 24.89
C ASN C 79 -25.92 61.59 24.29
N TRP C 80 -24.82 62.03 24.93
CA TRP C 80 -23.92 63.04 24.38
C TRP C 80 -22.46 62.60 24.43
N ASP C 81 -22.09 61.65 25.32
CA ASP C 81 -20.75 61.10 25.54
C ASP C 81 -20.25 60.24 24.36
N ASP C 82 -21.13 59.84 23.44
CA ASP C 82 -20.82 59.21 22.16
C ASP C 82 -21.25 60.09 20.99
N MET C 83 -22.28 60.93 21.13
CA MET C 83 -22.66 61.91 20.11
C MET C 83 -21.53 62.93 19.85
N GLU C 84 -20.82 63.35 20.91
CA GLU C 84 -19.61 64.18 20.84
C GLU C 84 -18.37 63.39 20.33
N LYS C 85 -18.42 62.05 20.22
CA LYS C 85 -17.42 61.27 19.46
C LYS C 85 -17.81 61.26 17.98
N ILE C 86 -19.09 60.97 17.68
CA ILE C 86 -19.70 60.92 16.34
C ILE C 86 -19.38 62.19 15.52
N TRP C 87 -19.65 63.37 16.09
CA TRP C 87 -19.33 64.67 15.48
C TRP C 87 -17.82 64.85 15.25
N HIS C 88 -16.97 64.42 16.21
CA HIS C 88 -15.52 64.51 16.11
C HIS C 88 -14.95 63.64 14.97
N HIS C 89 -15.40 62.39 14.88
CA HIS C 89 -15.00 61.43 13.85
C HIS C 89 -15.47 61.90 12.46
N THR C 90 -16.66 62.53 12.40
CA THR C 90 -17.20 63.20 11.22
C THR C 90 -16.28 64.34 10.75
N PHE C 91 -15.98 65.34 11.60
CA PHE C 91 -15.12 66.47 11.23
C PHE C 91 -13.69 66.00 10.91
N TYR C 92 -13.02 65.35 11.88
CA TYR C 92 -11.57 65.19 11.88
C TYR C 92 -11.06 63.96 11.10
N ASN C 93 -11.94 63.05 10.68
CA ASN C 93 -11.59 61.80 9.98
C ASN C 93 -12.38 61.57 8.69
N GLU C 94 -13.68 61.89 8.62
CA GLU C 94 -14.47 61.74 7.39
C GLU C 94 -14.45 63.03 6.53
N LEU C 95 -14.65 64.22 7.11
CA LEU C 95 -14.71 65.49 6.37
C LEU C 95 -13.33 66.18 6.26
N ARG C 96 -12.36 65.80 7.11
CA ARG C 96 -10.94 66.09 7.02
C ARG C 96 -10.49 67.44 7.61
N VAL C 97 -11.27 68.06 8.51
CA VAL C 97 -11.01 69.38 9.06
C VAL C 97 -11.23 69.42 10.57
N ALA C 98 -10.64 70.41 11.25
CA ALA C 98 -11.06 70.85 12.59
C ALA C 98 -12.09 71.96 12.36
N PRO C 99 -13.25 71.99 13.07
CA PRO C 99 -14.38 72.89 12.76
C PRO C 99 -14.22 74.32 13.32
N GLU C 100 -13.01 74.72 13.72
CA GLU C 100 -12.72 75.91 14.50
C GLU C 100 -12.82 77.22 13.69
N GLU C 101 -12.78 77.13 12.36
CA GLU C 101 -12.95 78.28 11.47
C GLU C 101 -14.39 78.34 10.90
N HIS C 102 -15.17 77.25 10.99
CA HIS C 102 -16.39 77.01 10.20
C HIS C 102 -17.61 77.03 11.13
N PRO C 103 -18.60 77.95 10.98
CA PRO C 103 -19.90 77.85 11.66
C PRO C 103 -20.57 76.48 11.43
N THR C 104 -21.26 75.91 12.42
CA THR C 104 -21.78 74.54 12.33
C THR C 104 -23.30 74.53 12.57
N LEU C 105 -24.10 74.07 11.58
CA LEU C 105 -25.56 73.96 11.66
C LEU C 105 -25.96 72.50 11.91
N LEU C 106 -26.85 72.30 12.89
CA LEU C 106 -27.46 71.02 13.27
C LEU C 106 -28.97 71.05 12.89
N THR C 107 -29.58 69.87 12.70
CA THR C 107 -31.03 69.73 12.49
C THR C 107 -31.70 69.28 13.81
N GLU C 108 -32.88 69.84 14.14
CA GLU C 108 -33.70 69.47 15.30
C GLU C 108 -34.89 68.61 14.84
N ALA C 109 -35.27 67.61 15.64
CA ALA C 109 -36.43 66.76 15.44
C ALA C 109 -37.70 67.44 16.02
N PRO C 110 -38.88 67.32 15.38
CA PRO C 110 -40.16 67.83 15.91
C PRO C 110 -40.45 67.32 17.34
N LEU C 111 -40.59 68.25 18.30
CA LEU C 111 -40.88 68.00 19.72
C LEU C 111 -39.63 67.63 20.55
N ASN C 112 -38.47 68.14 20.12
CA ASN C 112 -37.19 68.05 20.82
C ASN C 112 -37.23 68.92 22.11
N PRO C 113 -36.90 68.37 23.30
CA PRO C 113 -36.78 69.10 24.57
C PRO C 113 -35.84 70.33 24.49
N LYS C 114 -36.26 71.46 25.11
CA LYS C 114 -35.55 72.75 25.19
C LYS C 114 -34.02 72.67 25.26
N ALA C 115 -33.54 71.98 26.32
CA ALA C 115 -32.16 71.87 26.75
C ALA C 115 -31.21 71.22 25.75
N ASN C 116 -31.74 70.48 24.77
CA ASN C 116 -30.94 69.81 23.75
C ASN C 116 -30.36 70.82 22.75
N ARG C 117 -31.01 71.97 22.55
CA ARG C 117 -30.47 73.09 21.77
C ARG C 117 -29.37 73.82 22.55
N GLU C 118 -29.49 73.85 23.88
CA GLU C 118 -28.60 74.52 24.81
C GLU C 118 -27.32 73.67 24.99
N LYS C 119 -27.43 72.32 25.02
CA LYS C 119 -26.30 71.39 24.92
C LYS C 119 -25.62 71.44 23.54
N MET C 120 -26.37 71.72 22.46
CA MET C 120 -25.79 71.96 21.12
C MET C 120 -25.01 73.28 21.06
N THR C 121 -25.33 74.26 21.92
CA THR C 121 -24.61 75.54 22.00
C THR C 121 -23.30 75.31 22.79
N GLN C 122 -23.38 74.61 23.95
CA GLN C 122 -22.26 74.15 24.78
C GLN C 122 -21.15 73.48 23.96
N ILE C 123 -21.43 72.29 23.39
CA ILE C 123 -20.43 71.41 22.77
C ILE C 123 -19.73 72.03 21.55
N MET C 124 -20.44 72.91 20.83
CA MET C 124 -19.89 73.60 19.67
C MET C 124 -18.82 74.58 20.13
N PHE C 125 -19.11 75.40 21.13
CA PHE C 125 -18.25 76.48 21.59
C PHE C 125 -17.17 75.99 22.58
N GLU C 126 -17.46 74.93 23.35
CA GLU C 126 -16.58 74.29 24.32
C GLU C 126 -15.83 73.16 23.58
N THR C 127 -16.37 71.92 23.55
CA THR C 127 -15.77 70.69 23.03
C THR C 127 -15.12 70.80 21.63
N PHE C 128 -15.71 71.59 20.72
CA PHE C 128 -15.29 71.66 19.31
C PHE C 128 -14.67 73.00 18.90
N ASN C 129 -14.76 74.06 19.72
CA ASN C 129 -14.11 75.36 19.53
C ASN C 129 -14.68 76.18 18.34
N VAL C 130 -15.89 75.85 17.88
CA VAL C 130 -16.59 76.41 16.72
C VAL C 130 -16.94 77.90 16.95
N PRO C 131 -16.88 78.77 15.92
CA PRO C 131 -17.12 80.21 16.06
C PRO C 131 -18.61 80.63 16.15
N ALA C 132 -19.55 79.84 15.61
CA ALA C 132 -20.99 80.15 15.59
C ALA C 132 -21.81 78.90 15.26
N MET C 133 -23.11 78.90 15.60
CA MET C 133 -24.02 77.80 15.34
C MET C 133 -25.46 78.23 15.06
N TYR C 134 -26.28 77.27 14.65
CA TYR C 134 -27.74 77.33 14.68
C TYR C 134 -28.30 75.90 14.76
N VAL C 135 -29.58 75.81 15.06
CA VAL C 135 -30.37 74.59 15.10
C VAL C 135 -31.71 74.93 14.45
N ALA C 136 -32.11 74.17 13.42
CA ALA C 136 -33.33 74.36 12.65
C ALA C 136 -34.11 73.05 12.58
N ILE C 137 -35.43 73.12 12.74
CA ILE C 137 -36.31 71.95 12.85
C ILE C 137 -36.58 71.35 11.45
N GLN C 138 -36.38 70.04 11.34
CA GLN C 138 -36.44 69.18 10.15
C GLN C 138 -37.54 69.52 9.13
N ALA C 139 -38.81 69.48 9.56
CA ALA C 139 -39.99 69.65 8.69
C ALA C 139 -40.10 71.03 8.01
N VAL C 140 -39.51 72.09 8.60
CA VAL C 140 -39.54 73.43 8.02
C VAL C 140 -38.49 73.53 6.90
N LEU C 141 -37.30 72.95 7.11
CA LEU C 141 -36.19 72.89 6.15
C LEU C 141 -36.60 72.19 4.85
N SER C 142 -37.34 71.08 4.95
CA SER C 142 -37.89 70.35 3.82
C SER C 142 -39.01 71.15 3.11
N LEU C 143 -39.94 71.79 3.84
CA LEU C 143 -41.08 72.51 3.28
C LEU C 143 -40.66 73.83 2.60
N TYR C 144 -39.64 74.52 3.16
CA TYR C 144 -39.05 75.72 2.58
C TYR C 144 -38.24 75.36 1.32
N ALA C 145 -37.45 74.28 1.32
CA ALA C 145 -36.72 73.81 0.14
C ALA C 145 -37.65 73.30 -0.99
N SER C 146 -38.86 72.86 -0.63
CA SER C 146 -39.92 72.49 -1.55
C SER C 146 -40.61 73.74 -2.19
N GLY C 147 -40.53 74.93 -1.58
CA GLY C 147 -41.16 76.15 -2.09
C GLY C 147 -42.67 76.20 -1.79
N ARG C 148 -43.04 75.97 -0.53
CA ARG C 148 -44.40 76.07 0.03
C ARG C 148 -44.34 76.93 1.30
N THR C 149 -45.49 77.25 1.89
CA THR C 149 -45.59 78.06 3.11
C THR C 149 -46.69 77.61 4.08
N THR C 150 -47.58 76.68 3.71
CA THR C 150 -48.57 76.06 4.60
C THR C 150 -48.81 74.65 4.03
N GLY C 151 -49.15 73.69 4.88
CA GLY C 151 -49.38 72.31 4.48
C GLY C 151 -48.99 71.37 5.62
N ILE C 152 -48.77 70.10 5.29
CA ILE C 152 -48.35 69.06 6.21
C ILE C 152 -47.20 68.30 5.55
N VAL C 153 -46.11 68.11 6.31
CA VAL C 153 -44.98 67.28 5.91
C VAL C 153 -45.20 65.91 6.57
N LEU C 154 -45.19 64.85 5.77
CA LEU C 154 -45.03 63.46 6.20
C LEU C 154 -43.58 63.12 5.91
N ASP C 155 -42.78 62.95 6.96
CA ASP C 155 -41.36 62.63 6.89
C ASP C 155 -41.16 61.18 7.38
N SER C 156 -40.32 60.38 6.73
CA SER C 156 -40.13 58.95 7.00
C SER C 156 -38.65 58.54 6.82
N GLY C 157 -37.93 58.38 7.93
CA GLY C 157 -36.53 57.97 7.96
C GLY C 157 -36.37 56.60 8.63
N ASP C 158 -35.12 56.21 8.90
CA ASP C 158 -34.78 54.91 9.49
C ASP C 158 -34.99 54.83 11.01
N GLY C 159 -35.18 55.95 11.72
CA GLY C 159 -35.48 55.91 13.17
C GLY C 159 -36.96 56.15 13.48
N VAL C 160 -37.62 57.11 12.80
CA VAL C 160 -39.02 57.47 13.00
C VAL C 160 -39.66 58.00 11.72
N THR C 161 -41.00 57.98 11.70
CA THR C 161 -41.85 58.65 10.71
C THR C 161 -42.73 59.66 11.48
N HIS C 162 -42.85 60.92 11.01
CA HIS C 162 -43.63 61.98 11.66
C HIS C 162 -44.42 62.82 10.66
N ASN C 163 -45.60 63.23 11.09
CA ASN C 163 -46.55 64.09 10.38
C ASN C 163 -46.59 65.43 11.11
N VAL C 164 -46.12 66.49 10.44
CA VAL C 164 -45.97 67.84 10.99
C VAL C 164 -46.76 68.84 10.12
N PRO C 165 -47.98 69.27 10.53
CA PRO C 165 -48.68 70.46 10.00
C PRO C 165 -47.84 71.75 10.18
N ILE C 166 -47.77 72.58 9.13
CA ILE C 166 -47.07 73.87 9.09
C ILE C 166 -48.08 74.96 8.67
N TYR C 167 -48.05 76.12 9.36
CA TYR C 167 -48.91 77.28 9.14
C TYR C 167 -48.00 78.51 9.08
N GLU C 168 -47.96 79.21 7.92
CA GLU C 168 -47.06 80.31 7.51
C GLU C 168 -45.58 79.89 7.36
N GLY C 169 -45.13 78.93 8.18
CA GLY C 169 -43.75 78.48 8.36
C GLY C 169 -43.53 77.95 9.78
N TYR C 170 -44.46 78.23 10.71
CA TYR C 170 -44.45 77.77 12.09
C TYR C 170 -45.20 76.42 12.14
N ALA C 171 -44.68 75.44 12.86
CA ALA C 171 -45.32 74.12 13.02
C ALA C 171 -46.35 74.20 14.14
N LEU C 172 -47.56 73.68 13.92
CA LEU C 172 -48.62 73.62 14.94
C LEU C 172 -48.30 72.44 15.88
N PRO C 173 -47.87 72.67 17.13
CA PRO C 173 -47.19 71.63 17.93
C PRO C 173 -48.14 70.54 18.44
N HIS C 174 -49.32 70.94 18.93
CA HIS C 174 -50.38 70.09 19.47
C HIS C 174 -51.08 69.21 18.41
N ALA C 175 -50.79 69.43 17.12
CA ALA C 175 -51.33 68.70 15.99
C ALA C 175 -50.34 67.68 15.42
N ILE C 176 -49.07 67.70 15.84
CA ILE C 176 -48.02 66.77 15.36
C ILE C 176 -48.37 65.33 15.80
N MET C 177 -48.05 64.37 14.93
CA MET C 177 -48.08 62.94 15.22
C MET C 177 -46.76 62.33 14.77
N ARG C 178 -46.31 61.31 15.49
CA ARG C 178 -45.17 60.48 15.13
C ARG C 178 -45.65 59.04 15.20
N LEU C 179 -45.33 58.29 14.14
CA LEU C 179 -45.50 56.86 13.98
C LEU C 179 -44.14 56.26 14.34
N ASP C 180 -44.15 55.16 15.09
CA ASP C 180 -42.98 54.42 15.55
C ASP C 180 -42.29 53.74 14.36
N LEU C 181 -43.09 53.17 13.45
CA LEU C 181 -42.73 52.44 12.23
C LEU C 181 -41.74 53.24 11.36
N ALA C 182 -40.56 52.66 11.09
CA ALA C 182 -39.45 53.32 10.43
C ALA C 182 -38.65 52.36 9.55
N GLY C 183 -37.66 52.90 8.83
CA GLY C 183 -36.74 52.17 7.97
C GLY C 183 -35.93 51.08 8.70
N ARG C 184 -35.72 51.21 10.02
CA ARG C 184 -35.27 50.18 10.97
C ARG C 184 -36.13 48.91 10.89
N ASP C 185 -37.43 49.08 11.08
CA ASP C 185 -38.41 47.99 11.24
C ASP C 185 -38.71 47.38 9.87
N LEU C 186 -38.67 48.19 8.80
CA LEU C 186 -38.61 47.72 7.42
C LEU C 186 -37.40 46.81 7.18
N THR C 187 -36.22 47.09 7.77
CA THR C 187 -35.04 46.22 7.63
C THR C 187 -35.25 44.91 8.44
N ASP C 188 -35.73 44.99 9.70
CA ASP C 188 -36.14 43.85 10.56
C ASP C 188 -37.08 42.89 9.81
N TYR C 189 -38.12 43.47 9.22
CA TYR C 189 -39.10 42.77 8.41
C TYR C 189 -38.51 42.25 7.08
N LEU C 190 -37.80 43.08 6.28
CA LEU C 190 -37.23 42.71 4.97
C LEU C 190 -36.28 41.49 5.03
N MET C 191 -35.49 41.38 6.11
CA MET C 191 -34.61 40.23 6.39
C MET C 191 -35.46 38.97 6.63
N LYS C 192 -36.51 39.10 7.45
CA LYS C 192 -37.37 38.00 7.90
C LYS C 192 -38.23 37.43 6.75
N ILE C 193 -38.72 38.28 5.84
CA ILE C 193 -39.56 37.86 4.73
C ILE C 193 -38.73 37.28 3.55
N LEU C 194 -37.45 37.69 3.42
CA LEU C 194 -36.49 37.00 2.55
C LEU C 194 -36.18 35.61 3.12
N THR C 195 -36.07 35.50 4.45
CA THR C 195 -35.90 34.24 5.17
C THR C 195 -37.15 33.33 4.98
N GLU C 196 -38.36 33.88 4.83
CA GLU C 196 -39.58 33.12 4.47
C GLU C 196 -39.57 32.64 3.00
N ARG C 197 -38.79 33.25 2.11
CA ARG C 197 -38.47 32.70 0.77
C ARG C 197 -37.28 31.71 0.85
N GLY C 198 -36.71 31.46 2.04
CA GLY C 198 -35.61 30.53 2.27
C GLY C 198 -34.23 31.19 2.19
N TYR C 199 -34.14 32.44 1.74
CA TYR C 199 -32.92 33.24 1.65
C TYR C 199 -32.67 33.84 3.04
N SER C 200 -32.12 33.01 3.94
CA SER C 200 -31.84 33.34 5.32
C SER C 200 -30.79 34.44 5.41
N PHE C 201 -31.10 35.53 6.11
CA PHE C 201 -30.23 36.68 6.35
C PHE C 201 -30.41 37.09 7.81
N VAL C 202 -29.33 37.09 8.60
CA VAL C 202 -29.36 37.19 10.07
C VAL C 202 -28.21 38.06 10.62
N THR C 203 -27.06 38.07 9.95
CA THR C 203 -25.81 38.69 10.43
C THR C 203 -25.80 40.21 10.15
N THR C 204 -24.83 40.90 10.75
CA THR C 204 -24.54 42.31 10.50
C THR C 204 -24.00 42.55 9.08
N ALA C 205 -23.37 41.54 8.46
CA ALA C 205 -22.87 41.62 7.09
C ALA C 205 -24.03 41.53 6.09
N GLU C 206 -25.00 40.63 6.32
CA GLU C 206 -26.16 40.44 5.45
C GLU C 206 -27.18 41.57 5.61
N ARG C 207 -27.35 42.12 6.82
CA ARG C 207 -28.24 43.26 7.11
C ARG C 207 -28.02 44.46 6.19
N GLU C 208 -26.75 44.80 5.91
CA GLU C 208 -26.40 45.95 5.08
C GLU C 208 -26.53 45.65 3.58
N ILE C 209 -26.55 44.37 3.17
CA ILE C 209 -26.91 43.97 1.80
C ILE C 209 -28.45 44.04 1.66
N VAL C 210 -29.21 43.60 2.67
CA VAL C 210 -30.66 43.79 2.75
C VAL C 210 -31.04 45.28 2.78
N ARG C 211 -30.21 46.15 3.37
CA ARG C 211 -30.36 47.60 3.32
C ARG C 211 -30.03 48.14 1.90
N ASP C 212 -29.02 47.60 1.22
CA ASP C 212 -28.65 47.94 -0.16
C ASP C 212 -29.76 47.54 -1.17
N ILE C 213 -30.41 46.39 -0.91
CA ILE C 213 -31.60 45.90 -1.61
C ILE C 213 -32.81 46.82 -1.35
N LYS C 214 -33.03 47.24 -0.09
CA LYS C 214 -34.05 48.20 0.36
C LYS C 214 -33.95 49.50 -0.45
N GLU C 215 -32.73 50.04 -0.54
CA GLU C 215 -32.38 51.30 -1.21
C GLU C 215 -32.32 51.17 -2.76
N LYS C 216 -32.62 49.98 -3.33
CA LYS C 216 -32.59 49.74 -4.78
C LYS C 216 -33.93 49.23 -5.34
N LEU C 217 -34.41 48.07 -4.85
CA LEU C 217 -35.37 47.24 -5.59
C LEU C 217 -36.81 47.42 -5.11
N CYS C 218 -37.03 48.21 -4.04
CA CYS C 218 -38.31 48.35 -3.35
C CYS C 218 -39.13 49.54 -3.90
N TYR C 219 -40.45 49.47 -3.72
CA TYR C 219 -41.47 50.36 -4.25
C TYR C 219 -42.77 50.11 -3.46
N VAL C 220 -43.70 51.07 -3.41
CA VAL C 220 -45.00 50.87 -2.79
C VAL C 220 -45.92 50.33 -3.89
N ALA C 221 -46.68 49.27 -3.58
CA ALA C 221 -47.70 48.70 -4.44
C ALA C 221 -48.96 49.58 -4.35
N LEU C 222 -49.73 49.65 -5.44
CA LEU C 222 -51.08 50.17 -5.45
C LEU C 222 -51.99 48.95 -5.37
N ASP C 223 -52.93 48.94 -4.42
CA ASP C 223 -54.11 48.07 -4.40
C ASP C 223 -53.67 46.62 -4.12
N PHE C 224 -52.88 46.50 -3.05
CA PHE C 224 -51.96 45.44 -2.61
C PHE C 224 -52.21 44.00 -3.10
N GLU C 225 -53.44 43.49 -2.91
CA GLU C 225 -53.83 42.12 -3.27
C GLU C 225 -53.65 41.82 -4.77
N ASN C 226 -53.87 42.82 -5.64
CA ASN C 226 -53.66 42.69 -7.09
C ASN C 226 -52.17 42.55 -7.40
N GLU C 227 -51.31 43.34 -6.76
CA GLU C 227 -49.85 43.30 -6.96
C GLU C 227 -49.27 41.98 -6.40
N MET C 228 -49.83 41.49 -5.27
CA MET C 228 -49.54 40.16 -4.70
C MET C 228 -49.92 39.04 -5.68
N ALA C 229 -51.14 39.08 -6.23
CA ALA C 229 -51.66 38.12 -7.19
C ALA C 229 -50.89 38.15 -8.53
N THR C 230 -50.49 39.36 -8.98
CA THR C 230 -49.67 39.56 -10.18
C THR C 230 -48.26 38.95 -9.97
N ALA C 231 -47.67 39.08 -8.78
CA ALA C 231 -46.36 38.48 -8.47
C ALA C 231 -46.46 36.96 -8.35
N ALA C 232 -47.59 36.45 -7.83
CA ALA C 232 -47.88 35.04 -7.65
C ALA C 232 -48.30 34.32 -8.95
N SER C 233 -48.39 35.03 -10.08
CA SER C 233 -48.77 34.50 -11.39
C SER C 233 -47.89 34.98 -12.54
N SER C 234 -47.01 35.96 -12.31
CA SER C 234 -46.13 36.55 -13.30
C SER C 234 -44.80 36.93 -12.65
N SER C 235 -43.70 36.39 -13.19
CA SER C 235 -42.33 36.70 -12.81
C SER C 235 -41.91 38.15 -13.23
N SER C 236 -42.83 38.93 -13.83
CA SER C 236 -42.65 40.33 -14.18
C SER C 236 -42.27 41.21 -12.96
N LEU C 237 -42.78 40.88 -11.76
CA LEU C 237 -42.51 41.63 -10.53
C LEU C 237 -41.33 41.04 -9.73
N GLU C 238 -40.78 39.88 -10.12
CA GLU C 238 -39.60 39.26 -9.50
C GLU C 238 -38.35 39.92 -10.10
N LYS C 239 -37.34 40.24 -9.29
CA LYS C 239 -36.08 40.88 -9.69
C LYS C 239 -34.92 40.21 -8.96
N SER C 240 -33.78 40.02 -9.64
CA SER C 240 -32.59 39.32 -9.16
C SER C 240 -31.57 40.30 -8.53
N TYR C 241 -30.64 39.75 -7.74
CA TYR C 241 -29.54 40.46 -7.09
C TYR C 241 -28.37 39.48 -6.92
N GLU C 242 -27.12 39.94 -7.16
CA GLU C 242 -25.87 39.20 -6.93
C GLU C 242 -25.40 39.59 -5.51
N LEU C 243 -25.21 38.62 -4.62
CA LEU C 243 -24.60 38.83 -3.29
C LEU C 243 -23.07 38.97 -3.45
N PRO C 244 -22.36 39.62 -2.50
CA PRO C 244 -20.94 40.02 -2.59
C PRO C 244 -19.90 39.13 -3.30
N ASP C 245 -20.04 37.80 -3.28
CA ASP C 245 -19.11 36.82 -3.86
C ASP C 245 -19.79 35.93 -4.92
N GLY C 246 -20.77 36.47 -5.64
CA GLY C 246 -21.25 35.93 -6.92
C GLY C 246 -22.44 34.98 -6.81
N GLN C 247 -23.00 34.82 -5.61
CA GLN C 247 -24.14 33.97 -5.32
C GLN C 247 -25.42 34.80 -5.57
N VAL C 248 -26.40 34.27 -6.30
CA VAL C 248 -27.53 35.04 -6.82
C VAL C 248 -28.81 34.69 -6.03
N ILE C 249 -29.62 35.72 -5.73
CA ILE C 249 -30.95 35.65 -5.13
C ILE C 249 -31.98 36.32 -6.05
N THR C 250 -33.28 36.18 -5.76
CA THR C 250 -34.39 36.82 -6.45
C THR C 250 -35.52 37.20 -5.46
N ILE C 251 -36.07 38.41 -5.60
CA ILE C 251 -37.02 39.03 -4.69
C ILE C 251 -38.20 39.62 -5.52
N GLY C 252 -39.43 39.35 -5.11
CA GLY C 252 -40.66 39.80 -5.75
C GLY C 252 -41.54 40.52 -4.74
N ASN C 253 -42.55 39.83 -4.19
CA ASN C 253 -43.56 40.32 -3.23
C ASN C 253 -42.99 41.22 -2.13
N GLU C 254 -41.88 40.75 -1.58
CA GLU C 254 -41.03 41.29 -0.53
C GLU C 254 -40.46 42.69 -0.86
N ARG C 255 -40.40 43.07 -2.16
CA ARG C 255 -40.03 44.40 -2.64
C ARG C 255 -41.12 45.45 -2.35
N PHE C 256 -42.37 45.05 -2.14
CA PHE C 256 -43.49 45.96 -1.89
C PHE C 256 -44.17 45.66 -0.55
N ARG C 257 -44.25 44.38 -0.17
CA ARG C 257 -44.67 43.88 1.14
C ARG C 257 -43.85 44.46 2.30
N CYS C 258 -42.58 44.83 2.06
CA CYS C 258 -41.77 45.64 2.98
C CYS C 258 -42.29 47.10 3.04
N PRO C 259 -42.17 47.96 1.99
CA PRO C 259 -42.82 49.29 1.91
C PRO C 259 -44.28 49.45 2.40
N GLU C 260 -45.12 48.40 2.25
CA GLU C 260 -46.50 48.35 2.72
C GLU C 260 -46.62 48.46 4.25
N THR C 261 -45.58 48.13 5.02
CA THR C 261 -45.57 48.21 6.48
C THR C 261 -45.75 49.65 7.03
N LEU C 262 -45.57 50.71 6.23
CA LEU C 262 -45.94 52.07 6.64
C LEU C 262 -47.46 52.31 6.53
N PHE C 263 -48.16 51.58 5.65
CA PHE C 263 -49.61 51.66 5.49
C PHE C 263 -50.29 50.62 6.40
N GLN C 264 -49.61 49.53 6.73
CA GLN C 264 -50.06 48.47 7.63
C GLN C 264 -48.95 48.11 8.66
N PRO C 265 -48.66 48.95 9.69
CA PRO C 265 -47.73 48.63 10.80
C PRO C 265 -47.96 47.27 11.47
N SER C 266 -49.23 46.89 11.60
CA SER C 266 -49.74 45.59 12.04
C SER C 266 -49.26 44.37 11.21
N PHE C 267 -48.65 44.55 10.03
CA PHE C 267 -48.00 43.47 9.26
C PHE C 267 -46.60 43.15 9.81
N ILE C 268 -45.99 44.07 10.59
CA ILE C 268 -44.84 43.77 11.44
C ILE C 268 -45.40 43.37 12.82
N GLY C 269 -46.40 44.09 13.34
CA GLY C 269 -47.13 43.68 14.55
C GLY C 269 -47.68 44.81 15.41
N MET C 270 -47.32 46.08 15.13
CA MET C 270 -47.68 47.28 15.87
C MET C 270 -49.21 47.52 15.98
N GLU C 271 -49.64 48.12 17.11
CA GLU C 271 -51.01 48.62 17.33
C GLU C 271 -51.30 49.86 16.46
N SER C 272 -50.24 50.58 16.08
CA SER C 272 -50.21 51.82 15.33
C SER C 272 -50.97 51.78 13.99
N ALA C 273 -51.60 52.92 13.66
CA ALA C 273 -52.31 53.18 12.42
C ALA C 273 -51.29 53.59 11.34
N GLY C 274 -51.66 53.44 10.07
CA GLY C 274 -50.81 53.68 8.90
C GLY C 274 -50.49 55.16 8.65
N ILE C 275 -49.52 55.46 7.77
CA ILE C 275 -49.07 56.82 7.45
C ILE C 275 -50.20 57.72 6.94
N HIS C 276 -51.15 57.18 6.18
CA HIS C 276 -52.33 57.87 5.65
C HIS C 276 -53.34 58.19 6.78
N GLU C 277 -53.52 57.26 7.72
CA GLU C 277 -54.36 57.43 8.90
C GLU C 277 -53.73 58.45 9.86
N THR C 278 -52.39 58.39 10.03
CA THR C 278 -51.61 59.30 10.86
C THR C 278 -51.63 60.71 10.23
N THR C 279 -51.55 60.84 8.89
CA THR C 279 -51.73 62.08 8.14
C THR C 279 -53.16 62.65 8.35
N TYR C 280 -54.19 61.80 8.22
CA TYR C 280 -55.59 62.16 8.44
C TYR C 280 -55.85 62.64 9.88
N ASN C 281 -55.37 61.90 10.89
CA ASN C 281 -55.56 62.21 12.31
C ASN C 281 -54.80 63.47 12.76
N SER C 282 -53.64 63.78 12.15
CA SER C 282 -52.89 65.01 12.43
C SER C 282 -53.54 66.24 11.75
N ILE C 283 -54.07 66.12 10.52
CA ILE C 283 -54.87 67.16 9.88
C ILE C 283 -56.15 67.42 10.70
N MET C 284 -56.86 66.36 11.11
CA MET C 284 -58.09 66.43 11.90
C MET C 284 -57.90 66.94 13.35
N LYS C 285 -56.65 67.17 13.78
CA LYS C 285 -56.30 67.80 15.05
C LYS C 285 -55.90 69.28 14.87
N CYS C 286 -56.07 69.86 13.67
CA CYS C 286 -55.89 71.28 13.38
C CYS C 286 -57.25 71.98 13.24
N ASP C 287 -57.24 73.31 13.29
CA ASP C 287 -58.35 74.27 13.23
C ASP C 287 -59.18 74.17 11.94
N ILE C 288 -60.50 74.35 12.10
CA ILE C 288 -61.55 74.27 11.09
C ILE C 288 -61.29 74.96 9.73
N ASP C 289 -60.64 76.14 9.72
CA ASP C 289 -60.41 76.96 8.54
C ASP C 289 -59.04 76.67 7.92
N ILE C 290 -58.13 75.99 8.64
CA ILE C 290 -56.77 75.68 8.18
C ILE C 290 -56.77 74.28 7.51
N ARG C 291 -57.58 73.32 7.97
CA ARG C 291 -57.60 71.92 7.52
C ARG C 291 -57.71 71.71 6.00
N LYS C 292 -58.46 72.59 5.33
CA LYS C 292 -58.64 72.67 3.88
C LYS C 292 -57.29 72.74 3.11
N ASP C 293 -56.35 73.54 3.63
CA ASP C 293 -55.09 73.87 2.99
C ASP C 293 -54.04 72.79 3.32
N LEU C 294 -54.24 72.03 4.40
CA LEU C 294 -53.39 70.92 4.83
C LEU C 294 -53.71 69.67 3.99
N TYR C 295 -55.01 69.34 3.81
CA TYR C 295 -55.49 68.25 2.93
C TYR C 295 -55.01 68.43 1.48
N ALA C 296 -54.90 69.69 1.05
CA ALA C 296 -54.49 70.11 -0.27
C ALA C 296 -52.97 70.34 -0.37
N ASN C 297 -52.14 70.08 0.66
CA ASN C 297 -50.68 70.33 0.63
C ASN C 297 -49.92 69.30 1.47
N ASN C 298 -49.97 68.02 1.08
CA ASN C 298 -49.26 66.92 1.75
C ASN C 298 -47.88 66.81 1.09
N VAL C 299 -46.82 67.21 1.77
CA VAL C 299 -45.43 67.11 1.34
C VAL C 299 -44.88 65.76 1.85
N MET C 300 -44.30 64.96 0.94
CA MET C 300 -43.57 63.74 1.27
C MET C 300 -42.12 64.14 1.53
N SER C 301 -41.50 63.61 2.58
CA SER C 301 -40.12 63.82 2.97
C SER C 301 -39.56 62.51 3.55
N GLY C 302 -38.23 62.47 3.72
CA GLY C 302 -37.50 61.39 4.36
C GLY C 302 -37.16 60.28 3.37
N GLY C 303 -36.04 59.59 3.61
CA GLY C 303 -35.42 58.67 2.66
C GLY C 303 -36.25 57.43 2.31
N THR C 304 -37.21 57.06 3.17
CA THR C 304 -38.10 55.93 2.93
C THR C 304 -39.21 56.32 1.92
N THR C 305 -39.43 57.61 1.60
CA THR C 305 -40.37 58.03 0.56
C THR C 305 -39.73 58.05 -0.85
N MET C 306 -38.51 57.51 -1.01
CA MET C 306 -37.83 57.34 -2.30
C MET C 306 -38.44 56.21 -3.14
N TYR C 307 -39.26 55.35 -2.52
CA TYR C 307 -40.00 54.26 -3.14
C TYR C 307 -41.00 54.80 -4.19
N PRO C 308 -40.97 54.35 -5.47
CA PRO C 308 -42.02 54.61 -6.46
C PRO C 308 -43.42 54.17 -5.94
N GLY C 309 -44.49 54.81 -6.42
CA GLY C 309 -45.86 54.44 -6.11
C GLY C 309 -46.40 55.04 -4.81
N ILE C 310 -45.57 55.66 -3.96
CA ILE C 310 -45.98 56.08 -2.62
C ILE C 310 -46.94 57.29 -2.64
N ALA C 311 -46.74 58.25 -3.56
CA ALA C 311 -47.57 59.46 -3.64
C ALA C 311 -48.89 59.14 -4.36
N ASP C 312 -48.75 58.30 -5.37
CA ASP C 312 -49.70 57.64 -6.24
C ASP C 312 -50.66 56.76 -5.42
N ARG C 313 -50.13 56.08 -4.39
CA ARG C 313 -50.87 55.31 -3.39
C ARG C 313 -51.51 56.23 -2.35
N MET C 314 -50.78 57.23 -1.81
CA MET C 314 -51.28 58.20 -0.83
C MET C 314 -52.51 58.97 -1.34
N GLN C 315 -52.57 59.21 -2.66
CA GLN C 315 -53.73 59.75 -3.37
C GLN C 315 -54.99 58.88 -3.24
N LYS C 316 -54.85 57.54 -3.19
CA LYS C 316 -55.95 56.59 -2.99
C LYS C 316 -56.33 56.58 -1.50
N GLU C 317 -55.33 56.46 -0.62
CA GLU C 317 -55.50 56.22 0.79
C GLU C 317 -56.07 57.43 1.55
N ILE C 318 -55.70 58.66 1.16
CA ILE C 318 -56.25 59.86 1.78
C ILE C 318 -57.67 60.14 1.25
N THR C 319 -58.02 59.80 0.00
CA THR C 319 -59.37 60.00 -0.53
C THR C 319 -60.38 58.94 -0.01
N ALA C 320 -59.90 57.91 0.72
CA ALA C 320 -60.72 56.96 1.46
C ALA C 320 -61.01 57.46 2.90
N LEU C 321 -60.38 58.55 3.35
CA LEU C 321 -60.47 59.08 4.71
C LEU C 321 -61.02 60.51 4.72
N ALA C 322 -60.49 61.36 3.83
CA ALA C 322 -60.84 62.77 3.71
C ALA C 322 -62.15 62.94 2.90
N PRO C 323 -63.01 63.94 3.21
CA PRO C 323 -64.20 64.30 2.43
C PRO C 323 -63.92 64.47 0.91
N SER C 324 -64.74 63.86 0.05
CA SER C 324 -64.58 63.88 -1.41
C SER C 324 -64.86 65.25 -2.07
N THR C 325 -65.29 66.25 -1.28
CA THR C 325 -65.37 67.64 -1.65
C THR C 325 -63.98 68.32 -1.58
N MET C 326 -63.04 67.78 -0.77
CA MET C 326 -61.63 68.17 -0.75
C MET C 326 -60.89 67.53 -1.93
N LYS C 327 -59.79 68.16 -2.33
CA LYS C 327 -59.08 67.92 -3.59
C LYS C 327 -57.61 67.74 -3.20
N ILE C 328 -57.25 66.48 -2.93
CA ILE C 328 -56.00 66.10 -2.27
C ILE C 328 -54.84 66.17 -3.28
N LYS C 329 -53.91 67.12 -3.09
CA LYS C 329 -52.64 67.15 -3.79
C LYS C 329 -51.61 66.53 -2.83
N ILE C 330 -50.82 65.59 -3.37
CA ILE C 330 -49.61 65.09 -2.75
C ILE C 330 -48.46 65.77 -3.51
N ILE C 331 -47.53 66.38 -2.77
CA ILE C 331 -46.33 67.03 -3.27
C ILE C 331 -45.19 66.04 -2.97
N ALA C 332 -44.66 65.38 -4.00
CA ALA C 332 -43.50 64.49 -3.91
C ALA C 332 -42.29 65.24 -4.49
N PRO C 333 -41.32 65.73 -3.68
CA PRO C 333 -40.13 66.44 -4.18
C PRO C 333 -39.13 65.48 -4.86
N PRO C 334 -38.11 65.99 -5.60
CA PRO C 334 -37.09 65.16 -6.24
C PRO C 334 -36.15 64.52 -5.20
N GLU C 335 -35.47 65.35 -4.39
CA GLU C 335 -34.63 64.94 -3.26
C GLU C 335 -35.55 64.65 -2.06
N ARG C 336 -35.25 63.59 -1.32
CA ARG C 336 -36.05 63.07 -0.21
C ARG C 336 -35.16 62.49 0.91
N LYS C 337 -33.96 61.99 0.59
CA LYS C 337 -33.04 61.35 1.53
C LYS C 337 -32.35 62.40 2.41
N TYR C 338 -31.91 63.48 1.77
CA TYR C 338 -31.15 64.58 2.32
C TYR C 338 -32.05 65.82 2.47
N SER C 339 -33.38 65.65 2.37
CA SER C 339 -34.47 66.63 2.43
C SER C 339 -34.23 67.83 3.35
N VAL C 340 -33.89 67.55 4.62
CA VAL C 340 -33.69 68.54 5.66
C VAL C 340 -32.25 69.12 5.61
N TRP C 341 -31.28 68.36 5.09
CA TRP C 341 -29.88 68.76 4.96
C TRP C 341 -29.71 69.72 3.77
N ILE C 342 -30.40 69.51 2.63
CA ILE C 342 -30.36 70.45 1.49
C ILE C 342 -30.95 71.82 1.89
N GLY C 343 -32.01 71.86 2.71
CA GLY C 343 -32.54 73.10 3.28
C GLY C 343 -31.57 73.74 4.27
N GLY C 344 -30.99 72.91 5.16
CA GLY C 344 -30.02 73.28 6.17
C GLY C 344 -28.70 73.80 5.60
N SER C 345 -28.20 73.22 4.50
CA SER C 345 -26.97 73.62 3.81
C SER C 345 -27.08 75.04 3.25
N ILE C 346 -28.21 75.36 2.61
CA ILE C 346 -28.44 76.69 2.05
C ILE C 346 -28.71 77.70 3.17
N LEU C 347 -29.44 77.33 4.24
CA LEU C 347 -29.62 78.15 5.44
C LEU C 347 -28.27 78.48 6.12
N ALA C 348 -27.37 77.50 6.23
CA ALA C 348 -26.03 77.62 6.80
C ALA C 348 -25.10 78.55 6.01
N SER C 349 -25.38 78.82 4.72
CA SER C 349 -24.59 79.74 3.91
C SER C 349 -25.03 81.21 4.06
N LEU C 350 -26.18 81.47 4.71
CA LEU C 350 -26.70 82.82 4.88
C LEU C 350 -26.04 83.44 6.12
N SER C 351 -25.31 84.53 5.89
CA SER C 351 -24.51 85.25 6.89
C SER C 351 -25.05 86.67 7.15
N THR C 352 -26.38 86.83 7.01
CA THR C 352 -27.14 88.08 7.06
C THR C 352 -26.98 88.82 8.41
N PHE C 353 -26.89 88.10 9.53
CA PHE C 353 -26.98 88.64 10.89
C PHE C 353 -25.75 88.29 11.74
N GLN C 354 -24.69 87.81 11.11
CA GLN C 354 -23.49 87.17 11.67
C GLN C 354 -22.82 87.83 12.88
N GLN C 355 -22.83 89.16 12.95
CA GLN C 355 -22.11 89.94 13.95
C GLN C 355 -22.86 90.12 15.29
N MET C 356 -24.10 89.64 15.42
CA MET C 356 -24.80 89.46 16.68
C MET C 356 -25.79 88.32 16.45
N TRP C 357 -25.32 87.08 16.59
CA TRP C 357 -25.99 85.88 16.10
C TRP C 357 -26.22 84.89 17.27
N ILE C 358 -25.48 83.79 17.24
CA ILE C 358 -25.22 82.82 18.27
C ILE C 358 -23.74 82.52 17.97
N THR C 359 -22.85 83.48 18.25
CA THR C 359 -21.41 83.34 18.06
C THR C 359 -20.77 82.89 19.39
N LYS C 360 -19.57 82.30 19.31
CA LYS C 360 -18.83 81.68 20.42
C LYS C 360 -18.57 82.65 21.59
N GLN C 361 -18.49 83.95 21.31
CA GLN C 361 -18.11 84.98 22.28
C GLN C 361 -19.24 85.98 22.54
N GLU C 362 -20.48 85.59 22.24
CA GLU C 362 -21.69 86.10 22.90
C GLU C 362 -22.04 85.17 24.09
N TYR C 363 -21.34 84.03 24.23
CA TYR C 363 -21.60 82.97 25.20
C TYR C 363 -21.18 83.37 26.62
N ASP C 364 -20.08 84.11 26.76
CA ASP C 364 -19.49 84.56 28.03
C ASP C 364 -20.37 85.60 28.73
N GLU C 365 -21.27 86.23 27.97
CA GLU C 365 -22.30 87.19 28.36
C GLU C 365 -23.64 86.44 28.56
N ALA C 366 -24.22 85.89 27.48
CA ALA C 366 -25.61 85.42 27.45
C ALA C 366 -25.79 83.94 27.84
N GLY C 367 -24.71 83.18 27.97
CA GLY C 367 -24.69 81.75 28.27
C GLY C 367 -25.33 80.88 27.18
N PRO C 368 -25.64 79.59 27.46
CA PRO C 368 -26.30 78.69 26.50
C PRO C 368 -27.80 78.99 26.24
N SER C 369 -28.38 80.02 26.88
CA SER C 369 -29.78 80.39 26.71
C SER C 369 -30.05 81.10 25.37
N ILE C 370 -29.00 81.72 24.79
CA ILE C 370 -28.99 82.57 23.61
C ILE C 370 -29.70 81.96 22.37
N VAL C 371 -29.52 80.65 22.16
CA VAL C 371 -30.05 79.84 21.06
C VAL C 371 -31.55 80.06 20.82
N HIS C 372 -32.35 80.10 21.90
CA HIS C 372 -33.80 80.26 21.84
C HIS C 372 -34.21 81.70 21.46
N ARG C 373 -33.32 82.69 21.58
CA ARG C 373 -33.62 84.10 21.28
C ARG C 373 -33.45 84.44 19.79
N LYS C 374 -32.87 83.54 18.97
CA LYS C 374 -32.81 83.66 17.51
C LYS C 374 -33.67 82.58 16.84
N CYS C 375 -34.43 81.77 17.59
CA CYS C 375 -35.35 80.76 17.04
C CYS C 375 -36.70 81.43 16.75
N PHE C 376 -37.11 81.49 15.48
CA PHE C 376 -38.38 82.05 15.02
C PHE C 376 -39.57 81.12 15.37
N NH2 C 377 -39.77 80.84 16.65
HN1 NH2 C 377 -40.55 80.28 16.91
HN2 NH2 C 377 -39.11 81.25 17.32
C ACE D 1 -68.52 6.85 9.06
O ACE D 1 -68.92 6.01 10.12
CH3 ACE D 1 -69.47 6.59 7.89
H1 ACE D 1 -69.25 7.26 7.06
H2 ACE D 1 -70.51 6.75 8.18
H3 ACE D 1 -69.37 5.57 7.53
N ASP D 2 -68.72 8.19 9.57
CA ASP D 2 -67.46 8.89 9.91
C ASP D 2 -66.76 8.31 11.15
N GLU D 3 -67.52 7.73 12.06
CA GLU D 3 -67.09 7.04 13.30
C GLU D 3 -66.53 5.62 13.00
N ASP D 4 -65.81 5.43 11.88
CA ASP D 4 -65.24 4.15 11.45
C ASP D 4 -63.85 3.97 12.11
N GLU D 5 -63.52 2.73 12.50
CA GLU D 5 -62.31 2.37 13.25
C GLU D 5 -61.12 2.24 12.27
N THR D 6 -60.69 3.38 11.73
CA THR D 6 -59.53 3.56 10.87
C THR D 6 -58.68 4.68 11.50
N THR D 7 -57.40 4.39 11.77
CA THR D 7 -56.53 5.18 12.62
C THR D 7 -55.68 6.10 11.73
N ALA D 8 -55.75 7.42 11.98
CA ALA D 8 -55.07 8.44 11.19
C ALA D 8 -53.54 8.36 11.31
N LEU D 9 -52.83 8.72 10.23
CA LEU D 9 -51.38 8.69 10.11
C LEU D 9 -50.85 10.07 10.55
N VAL D 10 -50.11 10.12 11.66
CA VAL D 10 -49.56 11.34 12.25
C VAL D 10 -48.14 11.46 11.71
N CYS D 11 -47.83 12.57 11.02
CA CYS D 11 -46.50 12.88 10.50
C CYS D 11 -46.08 14.25 11.05
N ASP D 12 -45.08 14.30 11.94
CA ASP D 12 -44.47 15.57 12.33
C ASP D 12 -43.22 15.76 11.47
N ASN D 13 -42.96 17.00 11.07
CA ASN D 13 -41.76 17.40 10.34
C ASN D 13 -40.72 18.00 11.32
N GLY D 14 -41.15 18.56 12.46
CA GLY D 14 -40.37 19.36 13.43
C GLY D 14 -39.47 20.42 12.79
N SER D 15 -38.37 20.75 13.47
CA SER D 15 -37.17 21.30 12.84
C SER D 15 -36.30 20.11 12.36
N GLY D 16 -36.51 19.67 11.12
CA GLY D 16 -35.62 18.82 10.32
C GLY D 16 -35.67 17.31 10.56
N LEU D 17 -36.25 16.85 11.67
CA LEU D 17 -36.42 15.44 12.03
C LEU D 17 -37.89 15.07 11.79
N VAL D 18 -38.15 14.36 10.69
CA VAL D 18 -39.46 13.82 10.34
C VAL D 18 -39.73 12.59 11.22
N LYS D 19 -40.95 12.50 11.78
CA LYS D 19 -41.42 11.51 12.73
C LYS D 19 -42.79 11.07 12.26
N ALA D 20 -43.05 9.76 12.15
CA ALA D 20 -44.30 9.23 11.63
C ALA D 20 -44.78 7.95 12.32
N GLY D 21 -46.10 7.75 12.34
CA GLY D 21 -46.75 6.63 12.99
C GLY D 21 -48.27 6.74 12.85
N PHE D 22 -48.98 5.90 13.60
CA PHE D 22 -50.43 5.94 13.72
C PHE D 22 -50.81 6.77 14.96
N ALA D 23 -51.99 7.39 14.92
CA ALA D 23 -52.65 8.06 16.02
C ALA D 23 -53.13 7.08 17.11
N GLY D 24 -53.43 7.59 18.29
CA GLY D 24 -53.81 6.80 19.47
C GLY D 24 -52.58 6.36 20.25
N ASP D 25 -51.61 5.74 19.55
CA ASP D 25 -50.29 5.34 20.05
C ASP D 25 -49.47 6.59 20.35
N ASP D 26 -48.99 6.75 21.59
CA ASP D 26 -48.10 7.84 22.00
C ASP D 26 -46.63 7.51 21.69
N ALA D 27 -46.36 6.57 20.76
CA ALA D 27 -45.04 6.19 20.25
C ALA D 27 -45.08 6.02 18.72
N PRO D 28 -44.14 6.60 17.95
CA PRO D 28 -44.12 6.51 16.47
C PRO D 28 -43.60 5.15 15.95
N ARG D 29 -43.59 5.00 14.61
CA ARG D 29 -43.02 3.85 13.89
C ARG D 29 -41.79 4.24 13.06
N ALA D 30 -41.57 5.54 12.82
CA ALA D 30 -40.47 6.10 12.06
C ALA D 30 -40.05 7.42 12.70
N VAL D 31 -38.74 7.66 12.80
CA VAL D 31 -38.09 8.90 13.22
C VAL D 31 -36.79 8.95 12.40
N PHE D 32 -36.60 9.92 11.50
CA PHE D 32 -35.42 10.01 10.64
C PHE D 32 -35.10 11.47 10.26
N PRO D 33 -33.86 11.82 9.86
CA PRO D 33 -33.55 13.17 9.35
C PRO D 33 -34.07 13.31 7.91
N SER D 34 -34.54 14.50 7.54
CA SER D 34 -35.20 14.75 6.25
C SER D 34 -34.17 14.87 5.10
N ILE D 35 -33.27 13.89 4.94
CA ILE D 35 -32.10 13.99 4.09
C ILE D 35 -32.32 13.31 2.73
N VAL D 36 -31.74 13.92 1.68
CA VAL D 36 -31.70 13.46 0.29
C VAL D 36 -30.26 13.61 -0.23
N GLY D 37 -29.74 12.56 -0.86
CA GLY D 37 -28.44 12.53 -1.48
C GLY D 37 -28.60 12.85 -2.97
N ARG D 38 -28.22 14.07 -3.35
CA ARG D 38 -28.26 14.58 -4.71
C ARG D 38 -26.82 14.45 -5.24
N PRO D 39 -26.54 13.75 -6.38
CA PRO D 39 -25.19 13.44 -6.89
C PRO D 39 -24.11 14.54 -6.83
N ARG D 40 -22.92 14.20 -6.32
CA ARG D 40 -21.69 14.99 -6.41
C ARG D 40 -20.89 14.37 -7.58
N HIS D 41 -20.91 15.03 -8.74
CA HIS D 41 -20.17 14.74 -9.98
C HIS D 41 -20.71 13.50 -10.72
N GLN D 42 -20.83 12.40 -10.01
CA GLN D 42 -21.03 11.02 -10.48
C GLN D 42 -22.43 10.72 -11.03
N GLY D 43 -23.24 11.73 -11.36
CA GLY D 43 -24.65 11.62 -11.76
C GLY D 43 -24.90 10.67 -12.94
N VAL D 44 -24.02 10.69 -13.94
CA VAL D 44 -24.06 9.81 -15.11
C VAL D 44 -23.77 8.33 -14.74
N MET D 45 -23.00 8.07 -13.68
CA MET D 45 -22.66 6.72 -13.21
C MET D 45 -23.70 6.22 -12.20
N VAL D 46 -24.38 7.13 -11.47
CA VAL D 46 -25.50 6.82 -10.60
C VAL D 46 -26.78 6.56 -11.44
N GLY D 47 -26.97 7.31 -12.54
CA GLY D 47 -28.18 7.30 -13.37
C GLY D 47 -28.38 6.05 -14.23
N MET D 48 -27.38 5.17 -14.31
CA MET D 48 -27.48 3.84 -14.94
C MET D 48 -27.78 2.75 -13.88
N GLY D 49 -28.02 3.15 -12.63
CA GLY D 49 -28.37 2.28 -11.51
C GLY D 49 -29.86 1.94 -11.47
N GLN D 50 -30.29 1.23 -10.42
CA GLN D 50 -31.66 0.79 -10.21
C GLN D 50 -32.54 1.91 -9.59
N LYS D 51 -31.94 3.04 -9.20
CA LYS D 51 -32.57 4.35 -9.05
C LYS D 51 -31.50 5.46 -9.06
N ASP D 52 -31.97 6.69 -9.26
CA ASP D 52 -31.23 7.93 -9.46
C ASP D 52 -30.94 8.63 -8.10
N SER D 53 -31.89 8.59 -7.17
CA SER D 53 -32.05 9.54 -6.09
C SER D 53 -32.40 8.79 -4.81
N TYR D 54 -31.62 9.03 -3.77
CA TYR D 54 -31.57 8.26 -2.54
C TYR D 54 -31.96 9.21 -1.40
N VAL D 55 -32.93 8.80 -0.57
CA VAL D 55 -33.50 9.56 0.54
C VAL D 55 -33.30 8.77 1.85
N GLY D 56 -33.28 9.48 2.98
CA GLY D 56 -33.25 8.91 4.32
C GLY D 56 -31.89 8.30 4.69
N ASP D 57 -31.94 7.28 5.55
CA ASP D 57 -30.80 6.46 6.01
C ASP D 57 -30.17 5.69 4.84
N GLU D 58 -30.98 5.25 3.87
CA GLU D 58 -30.56 4.61 2.63
C GLU D 58 -29.64 5.53 1.77
N ALA D 59 -29.76 6.85 1.90
CA ALA D 59 -28.87 7.85 1.28
C ALA D 59 -27.57 8.04 2.05
N GLN D 60 -27.57 7.80 3.37
CA GLN D 60 -26.39 7.97 4.23
C GLN D 60 -25.42 6.77 4.05
N SER D 61 -25.92 5.62 3.62
CA SER D 61 -25.13 4.46 3.22
C SER D 61 -24.83 4.53 1.70
N LYS D 62 -24.38 5.70 1.21
CA LYS D 62 -23.79 5.96 -0.10
C LYS D 62 -22.60 6.89 0.15
N ARG D 63 -21.38 6.34 0.06
CA ARG D 63 -20.14 7.05 0.37
C ARG D 63 -19.83 8.06 -0.77
N GLY D 64 -19.39 9.27 -0.41
CA GLY D 64 -18.77 10.37 -1.14
C GLY D 64 -19.44 10.93 -2.41
N ILE D 65 -20.19 10.10 -3.13
CA ILE D 65 -20.71 10.35 -4.47
C ILE D 65 -22.01 11.18 -4.49
N LEU D 66 -22.57 11.53 -3.32
CA LEU D 66 -23.78 12.32 -3.15
C LEU D 66 -23.45 13.56 -2.30
N THR D 67 -24.07 14.70 -2.62
CA THR D 67 -24.14 15.89 -1.78
C THR D 67 -25.41 15.69 -0.93
N LEU D 68 -25.21 15.44 0.38
CA LEU D 68 -26.26 15.07 1.33
C LEU D 68 -26.86 16.35 1.92
N LYS D 69 -28.08 16.68 1.49
CA LYS D 69 -28.82 17.91 1.74
C LYS D 69 -30.26 17.56 2.16
N TYR D 70 -31.06 18.55 2.57
CA TYR D 70 -32.48 18.35 2.89
C TYR D 70 -33.35 19.02 1.79
N PRO D 71 -34.67 18.81 1.75
CA PRO D 71 -35.64 19.77 1.18
C PRO D 71 -36.00 20.84 2.23
N ILE D 72 -36.44 20.45 3.44
CA ILE D 72 -36.83 21.31 4.56
C ILE D 72 -35.58 21.67 5.39
N GLU D 73 -34.66 22.44 4.82
CA GLU D 73 -33.31 22.62 5.34
C GLU D 73 -33.24 23.52 6.59
N HIS D 74 -34.13 24.52 6.71
CA HIS D 74 -34.01 25.60 7.70
C HIS D 74 -35.38 26.06 8.24
N GLY D 75 -36.36 25.14 8.24
CA GLY D 75 -37.78 25.39 8.57
C GLY D 75 -38.60 25.76 7.33
N ILE D 76 -37.92 26.12 6.24
CA ILE D 76 -38.46 26.44 4.92
C ILE D 76 -37.95 25.35 3.96
N ILE D 77 -38.72 25.10 2.89
CA ILE D 77 -38.49 24.10 1.86
C ILE D 77 -37.64 24.76 0.75
N THR D 78 -36.61 24.06 0.24
CA THR D 78 -35.77 24.49 -0.88
C THR D 78 -36.03 23.68 -2.17
N ASN D 79 -36.80 22.58 -2.13
CA ASN D 79 -37.35 21.89 -3.31
C ASN D 79 -38.57 21.08 -2.86
N TRP D 80 -39.66 21.14 -3.63
CA TRP D 80 -40.95 20.54 -3.26
C TRP D 80 -41.02 19.06 -3.61
N ASP D 81 -40.46 18.66 -4.75
CA ASP D 81 -40.41 17.30 -5.30
C ASP D 81 -39.64 16.39 -4.33
N ASP D 82 -38.50 16.89 -3.84
CA ASP D 82 -37.69 16.23 -2.80
C ASP D 82 -38.44 16.11 -1.47
N MET D 83 -39.31 17.07 -1.12
CA MET D 83 -40.14 17.01 0.10
C MET D 83 -41.24 15.95 -0.05
N GLU D 84 -41.82 15.83 -1.25
CA GLU D 84 -42.75 14.78 -1.60
C GLU D 84 -42.05 13.40 -1.57
N LYS D 85 -40.84 13.29 -2.13
CA LYS D 85 -39.97 12.11 -2.05
C LYS D 85 -39.65 11.70 -0.60
N ILE D 86 -39.45 12.65 0.32
CA ILE D 86 -39.31 12.41 1.77
C ILE D 86 -40.64 11.89 2.37
N TRP D 87 -41.78 12.51 2.07
CA TRP D 87 -43.08 12.11 2.61
C TRP D 87 -43.56 10.77 2.01
N HIS D 88 -43.26 10.52 0.73
CA HIS D 88 -43.56 9.27 0.03
C HIS D 88 -42.71 8.12 0.60
N HIS D 89 -41.45 8.39 0.96
CA HIS D 89 -40.60 7.43 1.67
C HIS D 89 -41.09 7.21 3.12
N THR D 90 -41.54 8.27 3.80
CA THR D 90 -42.12 8.21 5.15
C THR D 90 -43.36 7.30 5.17
N PHE D 91 -44.33 7.53 4.28
CA PHE D 91 -45.56 6.76 4.22
C PHE D 91 -45.34 5.39 3.56
N TYR D 92 -44.89 5.33 2.30
CA TYR D 92 -44.89 4.11 1.50
C TYR D 92 -43.63 3.25 1.72
N ASN D 93 -42.67 3.68 2.57
CA ASN D 93 -41.55 2.84 3.04
C ASN D 93 -41.58 2.69 4.55
N GLU D 94 -41.17 3.69 5.33
CA GLU D 94 -40.91 3.56 6.77
C GLU D 94 -42.15 3.18 7.62
N LEU D 95 -43.33 3.71 7.26
CA LEU D 95 -44.59 3.41 7.95
C LEU D 95 -45.38 2.29 7.23
N ARG D 96 -45.13 2.07 5.94
CA ARG D 96 -45.66 1.00 5.08
C ARG D 96 -47.15 1.18 4.70
N VAL D 97 -47.60 2.41 4.47
CA VAL D 97 -49.02 2.76 4.25
C VAL D 97 -49.19 3.56 2.95
N ALA D 98 -50.40 3.53 2.36
CA ALA D 98 -50.84 4.48 1.35
C ALA D 98 -51.83 5.43 2.06
N PRO D 99 -51.56 6.75 2.16
CA PRO D 99 -52.49 7.75 2.75
C PRO D 99 -53.92 7.79 2.17
N GLU D 100 -54.23 7.05 1.10
CA GLU D 100 -55.57 6.79 0.57
C GLU D 100 -56.46 6.02 1.57
N GLU D 101 -55.88 5.07 2.33
CA GLU D 101 -56.62 4.09 3.14
C GLU D 101 -57.10 4.66 4.49
N HIS D 102 -56.50 5.77 4.95
CA HIS D 102 -56.59 6.34 6.29
C HIS D 102 -56.23 7.83 6.23
N PRO D 103 -56.89 8.72 7.02
CA PRO D 103 -56.60 10.16 7.01
C PRO D 103 -55.23 10.50 7.64
N THR D 104 -54.75 11.74 7.50
CA THR D 104 -53.41 12.12 7.94
C THR D 104 -53.36 13.51 8.58
N LEU D 105 -52.69 13.62 9.73
CA LEU D 105 -52.46 14.86 10.46
C LEU D 105 -50.97 15.20 10.29
N LEU D 106 -50.72 16.44 9.89
CA LEU D 106 -49.38 16.99 9.65
C LEU D 106 -49.16 18.22 10.55
N THR D 107 -47.94 18.74 10.54
CA THR D 107 -47.51 19.87 11.35
C THR D 107 -46.97 20.99 10.45
N GLU D 108 -47.31 22.25 10.75
CA GLU D 108 -46.86 23.44 10.03
C GLU D 108 -45.37 23.65 10.33
N ALA D 109 -44.56 23.86 9.27
CA ALA D 109 -43.10 23.89 9.35
C ALA D 109 -42.59 25.16 10.05
N PRO D 110 -41.49 25.08 10.84
CA PRO D 110 -40.96 26.18 11.67
C PRO D 110 -40.81 27.55 10.98
N LEU D 111 -41.83 28.41 11.18
CA LEU D 111 -41.89 29.83 10.82
C LEU D 111 -42.24 30.06 9.34
N ASN D 112 -42.75 29.04 8.65
CA ASN D 112 -43.15 29.10 7.23
C ASN D 112 -44.20 30.19 6.90
N PRO D 113 -44.18 30.79 5.69
CA PRO D 113 -45.29 31.61 5.20
C PRO D 113 -46.49 30.68 4.92
N LYS D 114 -47.71 31.09 5.29
CA LYS D 114 -48.85 30.18 5.39
C LYS D 114 -49.33 29.52 4.08
N ALA D 115 -48.88 29.98 2.90
CA ALA D 115 -49.12 29.32 1.62
C ALA D 115 -48.28 28.03 1.46
N ASN D 116 -47.23 27.84 2.28
CA ASN D 116 -46.37 26.65 2.31
C ASN D 116 -47.19 25.39 2.64
N ARG D 117 -48.23 25.53 3.49
CA ARG D 117 -49.08 24.41 3.87
C ARG D 117 -50.16 24.11 2.81
N GLU D 118 -50.39 24.97 1.81
CA GLU D 118 -51.31 24.67 0.71
C GLU D 118 -50.64 23.69 -0.26
N LYS D 119 -49.33 23.79 -0.47
CA LYS D 119 -48.56 22.78 -1.19
C LYS D 119 -48.48 21.43 -0.43
N MET D 120 -48.59 21.45 0.90
CA MET D 120 -48.72 20.24 1.72
C MET D 120 -50.12 19.64 1.55
N THR D 121 -51.17 20.49 1.51
CA THR D 121 -52.57 20.12 1.26
C THR D 121 -52.72 19.49 -0.14
N GLN D 122 -52.08 20.08 -1.18
CA GLN D 122 -51.97 19.55 -2.54
C GLN D 122 -51.46 18.11 -2.57
N ILE D 123 -50.20 17.91 -2.15
CA ILE D 123 -49.47 16.63 -2.21
C ILE D 123 -50.21 15.48 -1.48
N MET D 124 -50.95 15.77 -0.40
CA MET D 124 -51.80 14.79 0.26
C MET D 124 -52.94 14.31 -0.66
N PHE D 125 -53.73 15.25 -1.20
CA PHE D 125 -54.92 14.94 -1.97
C PHE D 125 -54.62 14.55 -3.43
N GLU D 126 -53.55 15.08 -4.03
CA GLU D 126 -53.20 14.86 -5.43
C GLU D 126 -52.29 13.64 -5.58
N THR D 127 -51.13 13.61 -4.91
CA THR D 127 -50.13 12.57 -5.14
C THR D 127 -50.51 11.29 -4.35
N PHE D 128 -51.00 11.43 -3.12
CA PHE D 128 -51.20 10.30 -2.21
C PHE D 128 -52.69 9.89 -2.06
N ASN D 129 -53.61 10.68 -2.63
CA ASN D 129 -55.04 10.38 -2.81
C ASN D 129 -55.82 10.34 -1.47
N VAL D 130 -55.40 11.15 -0.50
CA VAL D 130 -55.92 11.25 0.87
C VAL D 130 -57.45 11.47 0.96
N PRO D 131 -58.16 10.82 1.91
CA PRO D 131 -59.59 11.07 2.13
C PRO D 131 -59.82 12.38 2.91
N ALA D 132 -59.04 12.65 3.97
CA ALA D 132 -59.13 13.86 4.79
C ALA D 132 -57.80 14.15 5.51
N MET D 133 -57.50 15.42 5.75
CA MET D 133 -56.27 15.88 6.41
C MET D 133 -56.42 17.17 7.24
N TYR D 134 -55.40 17.45 8.07
CA TYR D 134 -55.30 18.63 8.95
C TYR D 134 -53.81 18.99 9.15
N VAL D 135 -53.49 20.26 9.42
CA VAL D 135 -52.14 20.78 9.67
C VAL D 135 -52.15 21.65 10.94
N ALA D 136 -51.44 21.24 12.00
CA ALA D 136 -51.38 21.90 13.31
C ALA D 136 -50.07 22.70 13.47
N ILE D 137 -50.05 23.72 14.33
CA ILE D 137 -48.83 24.43 14.74
C ILE D 137 -48.13 23.54 15.78
N GLN D 138 -46.85 23.22 15.53
CA GLN D 138 -45.99 22.32 16.31
C GLN D 138 -45.93 22.66 17.80
N ALA D 139 -45.57 23.91 18.11
CA ALA D 139 -45.26 24.39 19.46
C ALA D 139 -46.48 24.39 20.40
N VAL D 140 -47.70 24.55 19.85
CA VAL D 140 -48.95 24.54 20.60
C VAL D 140 -49.22 23.14 21.18
N LEU D 141 -48.87 22.07 20.44
CA LEU D 141 -49.04 20.69 20.87
C LEU D 141 -48.14 20.37 22.08
N SER D 142 -46.88 20.79 22.04
CA SER D 142 -45.91 20.65 23.13
C SER D 142 -46.31 21.47 24.37
N LEU D 143 -46.88 22.69 24.17
CA LEU D 143 -47.37 23.55 25.24
C LEU D 143 -48.60 22.94 25.94
N TYR D 144 -49.54 22.38 25.17
CA TYR D 144 -50.74 21.74 25.70
C TYR D 144 -50.41 20.41 26.43
N ALA D 145 -49.32 19.72 26.07
CA ALA D 145 -48.83 18.53 26.79
C ALA D 145 -48.26 18.91 28.17
N SER D 146 -47.67 20.12 28.25
CA SER D 146 -47.25 20.74 29.50
C SER D 146 -48.46 21.20 30.36
N GLY D 147 -49.63 21.46 29.76
CA GLY D 147 -50.89 21.71 30.46
C GLY D 147 -51.13 23.19 30.79
N ARG D 148 -50.48 24.11 30.06
CA ARG D 148 -50.81 25.52 30.00
C ARG D 148 -51.28 25.83 28.58
N THR D 149 -51.97 26.96 28.43
CA THR D 149 -52.36 27.55 27.16
C THR D 149 -51.48 28.78 26.80
N THR D 150 -50.71 29.32 27.76
CA THR D 150 -49.79 30.44 27.62
C THR D 150 -48.37 29.95 27.97
N GLY D 151 -47.36 30.42 27.23
CA GLY D 151 -45.96 30.20 27.51
C GLY D 151 -45.08 30.61 26.32
N ILE D 152 -43.77 30.37 26.42
CA ILE D 152 -42.81 30.55 25.34
C ILE D 152 -42.07 29.22 25.16
N VAL D 153 -42.28 28.57 24.02
CA VAL D 153 -41.77 27.24 23.70
C VAL D 153 -40.47 27.44 22.91
N LEU D 154 -39.38 26.79 23.34
CA LEU D 154 -38.11 26.71 22.63
C LEU D 154 -38.11 25.35 21.91
N ASP D 155 -38.11 25.31 20.57
CA ASP D 155 -37.75 24.13 19.77
C ASP D 155 -36.26 24.25 19.44
N SER D 156 -35.58 23.10 19.33
CA SER D 156 -34.17 22.97 19.01
C SER D 156 -34.01 21.59 18.38
N GLY D 157 -33.99 21.49 17.06
CA GLY D 157 -33.95 20.23 16.33
C GLY D 157 -32.77 20.17 15.38
N ASP D 158 -32.57 19.00 14.76
CA ASP D 158 -31.61 18.76 13.69
C ASP D 158 -32.12 19.31 12.35
N GLY D 159 -32.47 20.61 12.38
CA GLY D 159 -32.86 21.47 11.29
C GLY D 159 -32.57 22.93 11.64
N VAL D 160 -33.01 23.42 12.81
CA VAL D 160 -32.89 24.80 13.30
C VAL D 160 -33.37 24.85 14.78
N THR D 161 -33.32 26.03 15.43
CA THR D 161 -33.82 26.31 16.77
C THR D 161 -34.78 27.53 16.68
N HIS D 162 -35.89 27.56 17.44
CA HIS D 162 -36.86 28.66 17.49
C HIS D 162 -37.38 28.86 18.91
N ASN D 163 -37.53 30.12 19.32
CA ASN D 163 -38.39 30.53 20.43
C ASN D 163 -39.72 31.00 19.85
N VAL D 164 -40.83 30.41 20.30
CA VAL D 164 -42.20 30.68 19.87
C VAL D 164 -43.07 31.10 21.09
N PRO D 165 -43.27 32.42 21.35
CA PRO D 165 -44.24 32.92 22.35
C PRO D 165 -45.69 32.57 21.96
N ILE D 166 -46.49 32.14 22.95
CA ILE D 166 -47.90 31.79 22.83
C ILE D 166 -48.64 32.39 24.03
N TYR D 167 -49.79 33.03 23.79
CA TYR D 167 -50.70 33.51 24.82
C TYR D 167 -52.08 32.94 24.51
N GLU D 168 -52.57 32.07 25.41
CA GLU D 168 -53.87 31.41 25.43
C GLU D 168 -54.23 30.66 24.13
N GLY D 169 -53.26 29.92 23.60
CA GLY D 169 -53.35 29.09 22.40
C GLY D 169 -52.97 29.83 21.10
N TYR D 170 -52.92 31.17 21.13
CA TYR D 170 -52.62 32.02 19.99
C TYR D 170 -51.12 32.35 20.06
N ALA D 171 -50.37 32.00 19.01
CA ALA D 171 -48.94 32.27 18.88
C ALA D 171 -48.76 33.73 18.45
N LEU D 172 -47.93 34.48 19.17
CA LEU D 172 -47.72 35.91 18.97
C LEU D 172 -46.66 36.06 17.86
N PRO D 173 -47.04 36.46 16.62
CA PRO D 173 -46.20 36.23 15.44
C PRO D 173 -45.00 37.18 15.33
N HIS D 174 -45.15 38.41 15.84
CA HIS D 174 -44.19 39.52 15.81
C HIS D 174 -43.01 39.32 16.75
N ALA D 175 -43.00 38.22 17.52
CA ALA D 175 -42.04 37.92 18.55
C ALA D 175 -41.50 36.48 18.46
N ILE D 176 -41.88 35.70 17.43
CA ILE D 176 -41.29 34.39 17.17
C ILE D 176 -39.88 34.65 16.61
N MET D 177 -38.87 34.08 17.28
CA MET D 177 -37.47 34.35 17.03
C MET D 177 -36.79 33.02 16.72
N ARG D 178 -36.22 32.93 15.52
CA ARG D 178 -35.41 31.79 15.09
C ARG D 178 -33.97 32.05 15.57
N LEU D 179 -33.31 30.98 16.00
CA LEU D 179 -31.87 30.90 16.21
C LEU D 179 -31.38 29.88 15.18
N ASP D 180 -30.58 30.32 14.22
CA ASP D 180 -30.19 29.58 13.02
C ASP D 180 -29.24 28.40 13.27
N LEU D 181 -28.84 28.19 14.53
CA LEU D 181 -28.13 27.04 15.07
C LEU D 181 -29.02 25.79 14.94
N ALA D 182 -28.61 24.89 14.05
CA ALA D 182 -29.24 23.60 13.77
C ALA D 182 -28.46 22.50 14.51
N GLY D 183 -29.16 21.65 15.27
CA GLY D 183 -28.60 20.51 16.00
C GLY D 183 -27.97 19.43 15.11
N ARG D 184 -28.28 19.50 13.81
CA ARG D 184 -27.80 18.68 12.69
C ARG D 184 -26.30 18.88 12.51
N ASP D 185 -25.84 20.11 12.71
CA ASP D 185 -24.53 20.63 12.39
C ASP D 185 -23.80 21.18 13.62
N LEU D 186 -24.42 21.03 14.81
CA LEU D 186 -23.67 20.78 16.05
C LEU D 186 -22.83 19.50 15.94
N THR D 187 -23.24 18.53 15.10
CA THR D 187 -22.48 17.33 14.78
C THR D 187 -21.21 17.68 13.96
N ASP D 188 -21.28 18.67 13.03
CA ASP D 188 -20.13 19.21 12.26
C ASP D 188 -19.10 19.81 13.23
N TYR D 189 -19.57 20.63 14.18
CA TYR D 189 -18.78 21.17 15.27
C TYR D 189 -18.18 20.06 16.16
N LEU D 190 -19.00 19.09 16.60
CA LEU D 190 -18.59 17.91 17.40
C LEU D 190 -17.47 17.10 16.72
N MET D 191 -17.55 16.90 15.39
CA MET D 191 -16.53 16.23 14.59
C MET D 191 -15.25 17.08 14.48
N LYS D 192 -15.38 18.39 14.27
CA LYS D 192 -14.28 19.37 14.27
C LYS D 192 -13.51 19.38 15.61
N ILE D 193 -14.21 19.37 16.75
CA ILE D 193 -13.57 19.36 18.08
C ILE D 193 -13.08 17.95 18.48
N LEU D 194 -13.56 16.87 17.85
CA LEU D 194 -12.99 15.52 17.98
C LEU D 194 -11.71 15.39 17.12
N THR D 195 -11.58 16.18 16.04
CA THR D 195 -10.36 16.27 15.24
C THR D 195 -9.25 16.99 16.05
N GLU D 196 -9.61 17.87 17.01
CA GLU D 196 -8.70 18.45 17.99
C GLU D 196 -8.25 17.43 19.07
N ARG D 197 -8.92 16.28 19.21
CA ARG D 197 -8.45 15.15 20.03
C ARG D 197 -7.59 14.18 19.19
N GLY D 198 -7.39 14.46 17.89
CA GLY D 198 -6.52 13.74 16.99
C GLY D 198 -7.24 12.71 16.11
N TYR D 199 -8.51 12.41 16.40
CA TYR D 199 -9.31 11.37 15.75
C TYR D 199 -9.57 11.66 14.25
N SER D 200 -9.63 10.59 13.45
CA SER D 200 -9.68 10.62 11.99
C SER D 200 -11.12 10.54 11.45
N PHE D 201 -12.14 10.78 12.29
CA PHE D 201 -13.55 10.52 11.95
C PHE D 201 -14.05 11.55 10.93
N VAL D 202 -14.47 11.07 9.75
CA VAL D 202 -14.67 11.90 8.57
C VAL D 202 -15.79 11.38 7.64
N THR D 203 -16.13 10.10 7.69
CA THR D 203 -17.08 9.46 6.78
C THR D 203 -18.54 9.77 7.20
N THR D 204 -19.47 9.47 6.28
CA THR D 204 -20.91 9.61 6.47
C THR D 204 -21.45 8.61 7.52
N ALA D 205 -20.76 7.48 7.71
CA ALA D 205 -21.07 6.47 8.73
C ALA D 205 -20.67 6.96 10.12
N GLU D 206 -19.44 7.50 10.26
CA GLU D 206 -18.91 8.00 11.52
C GLU D 206 -19.70 9.20 12.05
N ARG D 207 -20.28 10.03 11.16
CA ARG D 207 -21.14 11.13 11.53
C ARG D 207 -22.36 10.71 12.36
N GLU D 208 -23.00 9.56 12.09
CA GLU D 208 -24.14 9.09 12.88
C GLU D 208 -23.68 8.38 14.17
N ILE D 209 -22.45 7.84 14.22
CA ILE D 209 -21.80 7.39 15.46
C ILE D 209 -21.54 8.61 16.37
N VAL D 210 -21.14 9.75 15.79
CA VAL D 210 -20.98 11.02 16.50
C VAL D 210 -22.34 11.65 16.87
N ARG D 211 -23.45 11.34 16.16
CA ARG D 211 -24.82 11.68 16.58
C ARG D 211 -25.26 10.84 17.79
N ASP D 212 -24.80 9.59 17.92
CA ASP D 212 -25.00 8.79 19.14
C ASP D 212 -24.22 9.40 20.32
N ILE D 213 -22.94 9.78 20.12
CA ILE D 213 -22.12 10.55 21.08
C ILE D 213 -22.82 11.84 21.55
N LYS D 214 -23.45 12.59 20.62
CA LYS D 214 -24.31 13.76 20.89
C LYS D 214 -25.41 13.45 21.94
N GLU D 215 -26.29 12.47 21.67
CA GLU D 215 -27.41 12.18 22.57
C GLU D 215 -26.99 11.34 23.80
N LYS D 216 -25.87 10.61 23.75
CA LYS D 216 -25.43 9.73 24.82
C LYS D 216 -24.57 10.45 25.87
N LEU D 217 -23.51 11.18 25.47
CA LEU D 217 -22.41 11.53 26.39
C LEU D 217 -22.35 13.02 26.75
N CYS D 218 -23.14 13.87 26.08
CA CYS D 218 -23.09 15.31 26.26
C CYS D 218 -23.99 15.76 27.42
N TYR D 219 -23.64 16.89 28.04
CA TYR D 219 -24.26 17.50 29.21
C TYR D 219 -23.94 18.99 29.15
N VAL D 220 -24.83 19.86 29.62
CA VAL D 220 -24.56 21.29 29.71
C VAL D 220 -23.83 21.49 31.04
N ALA D 221 -22.64 22.10 30.99
CA ALA D 221 -21.92 22.57 32.17
C ALA D 221 -22.72 23.73 32.79
N LEU D 222 -22.84 23.77 34.13
CA LEU D 222 -23.62 24.78 34.85
C LEU D 222 -23.01 26.19 34.70
N ASP D 223 -21.70 26.26 34.49
CA ASP D 223 -20.97 27.41 34.00
C ASP D 223 -19.78 26.89 33.19
N PHE D 224 -19.45 27.53 32.06
CA PHE D 224 -18.44 27.05 31.12
C PHE D 224 -17.02 27.37 31.63
N GLU D 225 -16.78 28.60 32.11
CA GLU D 225 -15.45 29.06 32.51
C GLU D 225 -15.04 28.38 33.83
N ASN D 226 -16.00 28.11 34.72
CA ASN D 226 -15.82 27.31 35.94
C ASN D 226 -15.57 25.82 35.62
N GLU D 227 -16.29 25.23 34.64
CA GLU D 227 -16.06 23.84 34.21
C GLU D 227 -14.71 23.71 33.47
N MET D 228 -14.35 24.67 32.61
CA MET D 228 -13.05 24.70 31.92
C MET D 228 -11.87 24.81 32.91
N ALA D 229 -12.06 25.53 34.04
CA ALA D 229 -11.10 25.56 35.13
C ALA D 229 -11.06 24.23 35.91
N THR D 230 -12.24 23.62 36.15
CA THR D 230 -12.38 22.34 36.85
C THR D 230 -11.82 21.17 35.99
N ALA D 231 -12.03 21.20 34.67
CA ALA D 231 -11.58 20.24 33.66
C ALA D 231 -10.07 19.94 33.70
N ALA D 232 -9.26 20.96 34.03
CA ALA D 232 -7.81 20.85 34.14
C ALA D 232 -7.34 20.04 35.35
N SER D 233 -8.20 19.84 36.36
CA SER D 233 -7.95 18.96 37.51
C SER D 233 -8.82 17.69 37.44
N SER D 234 -10.05 17.80 36.90
CA SER D 234 -11.04 16.74 36.90
C SER D 234 -10.72 15.69 35.82
N SER D 235 -9.91 14.70 36.22
CA SER D 235 -9.67 13.46 35.49
C SER D 235 -10.95 12.60 35.31
N SER D 236 -12.04 12.97 35.99
CA SER D 236 -13.35 12.30 35.92
C SER D 236 -14.15 12.74 34.68
N LEU D 237 -13.66 13.72 33.91
CA LEU D 237 -14.34 14.37 32.79
C LEU D 237 -14.50 13.44 31.56
N GLU D 238 -13.47 12.63 31.26
CA GLU D 238 -13.43 11.73 30.10
C GLU D 238 -14.46 10.60 30.28
N LYS D 239 -15.21 10.27 29.23
CA LYS D 239 -16.17 9.17 29.19
C LYS D 239 -15.81 8.30 28.00
N SER D 240 -15.77 6.98 28.22
CA SER D 240 -15.42 5.98 27.24
C SER D 240 -16.57 5.70 26.26
N TYR D 241 -16.23 5.40 25.01
CA TYR D 241 -17.12 4.95 23.96
C TYR D 241 -16.40 3.78 23.27
N GLU D 242 -17.06 2.64 23.08
CA GLU D 242 -16.57 1.52 22.28
C GLU D 242 -17.23 1.66 20.91
N LEU D 243 -16.42 1.74 19.85
CA LEU D 243 -16.85 1.84 18.46
C LEU D 243 -17.45 0.50 17.98
N PRO D 244 -18.30 0.48 16.93
CA PRO D 244 -18.97 -0.73 16.39
C PRO D 244 -18.12 -2.01 16.19
N ASP D 245 -16.81 -1.88 16.02
CA ASP D 245 -15.85 -2.97 15.81
C ASP D 245 -14.92 -3.16 17.02
N GLY D 246 -15.31 -2.66 18.20
CA GLY D 246 -14.76 -3.03 19.51
C GLY D 246 -13.63 -2.14 20.02
N GLN D 247 -13.22 -1.13 19.24
CA GLN D 247 -12.12 -0.24 19.56
C GLN D 247 -12.65 0.88 20.47
N VAL D 248 -12.04 1.05 21.64
CA VAL D 248 -12.45 1.97 22.69
C VAL D 248 -11.72 3.31 22.49
N ILE D 249 -12.49 4.40 22.58
CA ILE D 249 -12.07 5.79 22.55
C ILE D 249 -12.64 6.48 23.82
N THR D 250 -12.28 7.75 24.04
CA THR D 250 -12.85 8.59 25.10
C THR D 250 -13.17 10.01 24.55
N ILE D 251 -14.15 10.69 25.16
CA ILE D 251 -14.55 12.06 24.87
C ILE D 251 -14.73 12.78 26.22
N GLY D 252 -14.07 13.93 26.42
CA GLY D 252 -14.08 14.73 27.65
C GLY D 252 -14.74 16.08 27.43
N ASN D 253 -13.94 17.15 27.29
CA ASN D 253 -14.36 18.58 27.19
C ASN D 253 -15.45 18.84 26.15
N GLU D 254 -15.38 18.11 25.05
CA GLU D 254 -16.21 18.18 23.87
C GLU D 254 -17.68 17.76 24.17
N ARG D 255 -17.88 17.02 25.28
CA ARG D 255 -19.18 16.68 25.84
C ARG D 255 -19.96 17.92 26.34
N PHE D 256 -19.27 18.98 26.79
CA PHE D 256 -19.93 20.20 27.25
C PHE D 256 -19.78 21.36 26.25
N ARG D 257 -18.79 21.33 25.34
CA ARG D 257 -18.70 22.29 24.23
C ARG D 257 -19.92 22.21 23.28
N CYS D 258 -20.28 21.01 22.80
CA CYS D 258 -21.43 20.74 21.92
C CYS D 258 -22.77 21.40 22.37
N PRO D 259 -23.24 21.20 23.62
CA PRO D 259 -24.35 21.99 24.17
C PRO D 259 -24.03 23.46 24.46
N GLU D 260 -22.79 23.84 24.85
CA GLU D 260 -22.43 25.24 25.10
C GLU D 260 -22.60 26.11 23.86
N THR D 261 -22.35 25.58 22.65
CA THR D 261 -22.70 26.23 21.38
C THR D 261 -24.17 26.69 21.20
N LEU D 262 -25.11 26.33 22.11
CA LEU D 262 -26.45 26.93 22.18
C LEU D 262 -26.43 28.26 22.97
N PHE D 263 -25.52 28.42 23.94
CA PHE D 263 -25.36 29.62 24.77
C PHE D 263 -24.23 30.51 24.20
N GLN D 264 -23.29 29.91 23.47
CA GLN D 264 -22.19 30.57 22.79
C GLN D 264 -22.16 30.15 21.31
N PRO D 265 -23.10 30.62 20.44
CA PRO D 265 -22.98 30.52 18.97
C PRO D 265 -21.64 31.07 18.39
N SER D 266 -20.98 31.96 19.13
CA SER D 266 -19.61 32.45 18.99
C SER D 266 -18.56 31.32 18.88
N PHE D 267 -18.75 30.20 19.58
CA PHE D 267 -17.82 29.08 19.64
C PHE D 267 -17.94 28.16 18.42
N ILE D 268 -18.95 28.38 17.56
CA ILE D 268 -19.11 27.78 16.23
C ILE D 268 -18.97 28.88 15.14
N GLY D 269 -18.64 30.12 15.54
CA GLY D 269 -18.36 31.25 14.65
C GLY D 269 -19.61 31.97 14.13
N MET D 270 -20.76 31.84 14.78
CA MET D 270 -22.01 32.47 14.36
C MET D 270 -22.19 33.80 15.12
N GLU D 271 -22.83 34.77 14.45
CA GLU D 271 -23.15 36.12 14.93
C GLU D 271 -24.36 36.18 15.87
N SER D 272 -25.13 35.08 15.98
CA SER D 272 -26.39 35.05 16.72
C SER D 272 -26.16 35.11 18.24
N ALA D 273 -27.15 35.63 18.95
CA ALA D 273 -27.26 35.56 20.40
C ALA D 273 -27.65 34.12 20.78
N GLY D 274 -27.31 33.69 22.00
CA GLY D 274 -27.58 32.34 22.51
C GLY D 274 -29.07 32.12 22.84
N ILE D 275 -29.46 30.88 23.17
CA ILE D 275 -30.85 30.49 23.48
C ILE D 275 -31.47 31.31 24.64
N HIS D 276 -30.68 31.68 25.65
CA HIS D 276 -31.08 32.49 26.80
C HIS D 276 -31.39 33.93 26.39
N GLU D 277 -30.55 34.52 25.53
CA GLU D 277 -30.73 35.85 24.96
C GLU D 277 -31.93 35.83 24.00
N THR D 278 -32.01 34.84 23.10
CA THR D 278 -33.08 34.69 22.11
C THR D 278 -34.46 34.52 22.80
N THR D 279 -34.52 33.83 23.94
CA THR D 279 -35.70 33.72 24.80
C THR D 279 -36.07 35.10 25.39
N TYR D 280 -35.10 35.83 25.97
CA TYR D 280 -35.28 37.18 26.51
C TYR D 280 -35.72 38.19 25.43
N ASN D 281 -35.01 38.22 24.29
CA ASN D 281 -35.25 39.11 23.16
C ASN D 281 -36.63 38.86 22.52
N SER D 282 -37.10 37.60 22.53
CA SER D 282 -38.43 37.18 22.10
C SER D 282 -39.51 37.72 23.07
N ILE D 283 -39.34 37.56 24.40
CA ILE D 283 -40.28 38.08 25.41
C ILE D 283 -40.35 39.62 25.37
N MET D 284 -39.22 40.30 25.16
CA MET D 284 -39.13 41.76 25.14
C MET D 284 -39.65 42.38 23.82
N LYS D 285 -40.00 41.59 22.80
CA LYS D 285 -40.72 42.05 21.60
C LYS D 285 -42.24 41.76 21.73
N CYS D 286 -42.70 41.24 22.88
CA CYS D 286 -44.12 41.10 23.25
C CYS D 286 -44.53 42.26 24.20
N ASP D 287 -45.84 42.50 24.32
CA ASP D 287 -46.51 43.57 25.08
C ASP D 287 -46.10 43.65 26.56
N ILE D 288 -46.07 44.88 27.09
CA ILE D 288 -45.58 45.29 28.42
C ILE D 288 -46.22 44.57 29.63
N ASP D 289 -47.41 43.98 29.51
CA ASP D 289 -48.10 43.27 30.60
C ASP D 289 -47.83 41.76 30.48
N ILE D 290 -48.02 41.15 29.31
CA ILE D 290 -47.93 39.70 29.08
C ILE D 290 -46.52 39.09 29.31
N ARG D 291 -45.46 39.92 29.33
CA ARG D 291 -44.07 39.51 29.63
C ARG D 291 -43.98 38.78 30.99
N LYS D 292 -44.79 39.23 31.95
CA LYS D 292 -45.02 38.70 33.29
C LYS D 292 -45.34 37.18 33.31
N ASP D 293 -46.18 36.71 32.39
CA ASP D 293 -46.63 35.31 32.31
C ASP D 293 -45.64 34.48 31.49
N LEU D 294 -45.04 35.06 30.45
CA LEU D 294 -44.10 34.40 29.54
C LEU D 294 -42.78 34.08 30.26
N TYR D 295 -42.30 34.98 31.15
CA TYR D 295 -41.13 34.77 32.00
C TYR D 295 -41.27 33.54 32.93
N ALA D 296 -42.49 33.19 33.32
CA ALA D 296 -42.78 32.09 34.24
C ALA D 296 -43.08 30.77 33.50
N ASN D 297 -43.13 30.78 32.17
CA ASN D 297 -43.65 29.67 31.35
C ASN D 297 -42.75 29.44 30.15
N ASN D 298 -41.43 29.32 30.37
CA ASN D 298 -40.44 28.99 29.34
C ASN D 298 -40.44 27.46 29.23
N VAL D 299 -40.86 26.91 28.09
CA VAL D 299 -41.07 25.47 27.88
C VAL D 299 -39.97 24.96 26.92
N MET D 300 -39.11 24.08 27.43
CA MET D 300 -38.01 23.49 26.66
C MET D 300 -38.54 22.29 25.86
N SER D 301 -38.39 22.33 24.53
CA SER D 301 -38.84 21.32 23.59
C SER D 301 -37.73 21.06 22.55
N GLY D 302 -38.02 20.25 21.53
CA GLY D 302 -37.05 19.82 20.53
C GLY D 302 -36.10 18.72 21.04
N GLY D 303 -35.09 18.37 20.24
CA GLY D 303 -34.15 17.29 20.50
C GLY D 303 -32.95 17.79 21.30
N THR D 304 -32.33 18.91 20.91
CA THR D 304 -31.16 19.49 21.57
C THR D 304 -31.55 20.33 22.82
N THR D 305 -32.65 19.97 23.49
CA THR D 305 -32.89 20.28 24.90
C THR D 305 -32.95 18.99 25.76
N MET D 306 -32.52 17.84 25.25
CA MET D 306 -32.41 16.59 26.02
C MET D 306 -31.13 16.54 26.87
N TYR D 307 -30.18 17.46 26.67
CA TYR D 307 -28.89 17.50 27.38
C TYR D 307 -29.13 17.75 28.89
N PRO D 308 -28.60 16.90 29.81
CA PRO D 308 -28.60 17.17 31.25
C PRO D 308 -27.99 18.55 31.59
N GLY D 309 -28.62 19.31 32.49
CA GLY D 309 -28.14 20.64 32.89
C GLY D 309 -28.77 21.81 32.13
N ILE D 310 -29.54 21.56 31.06
CA ILE D 310 -30.05 22.61 30.15
C ILE D 310 -31.17 23.46 30.77
N ALA D 311 -32.03 22.88 31.62
CA ALA D 311 -33.17 23.59 32.21
C ALA D 311 -32.68 24.42 33.40
N ASP D 312 -31.78 23.80 34.16
CA ASP D 312 -30.95 24.22 35.26
C ASP D 312 -30.12 25.45 34.85
N ARG D 313 -29.39 25.35 33.73
CA ARG D 313 -28.58 26.41 33.13
C ARG D 313 -29.46 27.56 32.61
N MET D 314 -30.63 27.28 32.02
CA MET D 314 -31.57 28.33 31.59
C MET D 314 -32.16 29.11 32.78
N GLN D 315 -32.40 28.43 33.92
CA GLN D 315 -32.87 29.04 35.16
C GLN D 315 -31.79 29.94 35.79
N LYS D 316 -30.51 29.70 35.51
CA LYS D 316 -29.40 30.64 35.75
C LYS D 316 -29.53 31.82 34.78
N GLU D 317 -29.29 31.62 33.47
CA GLU D 317 -29.06 32.72 32.53
C GLU D 317 -30.27 33.66 32.33
N ILE D 318 -31.51 33.16 32.38
CA ILE D 318 -32.70 34.01 32.19
C ILE D 318 -32.85 35.01 33.37
N THR D 319 -32.47 34.63 34.60
CA THR D 319 -32.58 35.50 35.77
C THR D 319 -31.54 36.64 35.80
N ALA D 320 -30.53 36.60 34.90
CA ALA D 320 -29.52 37.65 34.77
C ALA D 320 -29.94 38.72 33.75
N LEU D 321 -30.76 38.36 32.76
CA LEU D 321 -31.24 39.28 31.72
C LEU D 321 -32.66 39.80 32.06
N ALA D 322 -33.53 38.92 32.58
CA ALA D 322 -34.85 39.30 33.08
C ALA D 322 -34.69 39.87 34.50
N PRO D 323 -35.55 40.81 34.93
CA PRO D 323 -35.39 41.49 36.22
C PRO D 323 -35.71 40.56 37.41
N SER D 324 -34.92 40.64 38.47
CA SER D 324 -35.02 39.83 39.69
C SER D 324 -36.27 40.12 40.54
N THR D 325 -37.05 41.15 40.18
CA THR D 325 -38.37 41.44 40.70
C THR D 325 -39.41 40.44 40.14
N MET D 326 -39.21 39.90 38.93
CA MET D 326 -40.10 38.94 38.26
C MET D 326 -39.79 37.50 38.68
N LYS D 327 -40.72 36.59 38.35
CA LYS D 327 -40.82 35.24 38.91
C LYS D 327 -40.52 34.22 37.80
N ILE D 328 -39.26 34.21 37.34
CA ILE D 328 -38.74 33.35 36.27
C ILE D 328 -38.80 31.86 36.70
N LYS D 329 -39.48 31.03 35.90
CA LYS D 329 -39.52 29.56 36.00
C LYS D 329 -39.24 28.98 34.60
N ILE D 330 -38.41 27.93 34.52
CA ILE D 330 -38.21 27.11 33.32
C ILE D 330 -38.98 25.78 33.55
N ILE D 331 -39.69 25.32 32.53
CA ILE D 331 -40.43 24.07 32.48
C ILE D 331 -39.71 23.19 31.43
N ALA D 332 -39.44 21.91 31.72
CA ALA D 332 -38.75 21.00 30.81
C ALA D 332 -39.38 19.59 30.83
N PRO D 333 -40.46 19.32 30.07
CA PRO D 333 -41.20 18.04 30.00
C PRO D 333 -40.31 16.78 29.82
N PRO D 334 -40.68 15.60 30.39
CA PRO D 334 -39.97 14.33 30.23
C PRO D 334 -39.79 13.87 28.76
N GLU D 335 -40.85 13.95 27.95
CA GLU D 335 -40.97 13.38 26.62
C GLU D 335 -40.57 14.38 25.52
N ARG D 336 -40.05 15.55 25.92
CA ARG D 336 -39.77 16.77 25.15
C ARG D 336 -39.43 16.62 23.65
N LYS D 337 -38.51 15.69 23.30
CA LYS D 337 -38.08 15.40 21.93
C LYS D 337 -39.18 14.83 21.00
N TYR D 338 -40.28 14.30 21.56
CA TYR D 338 -41.41 13.72 20.83
C TYR D 338 -42.74 14.41 21.12
N SER D 339 -42.77 15.37 22.07
CA SER D 339 -43.93 16.13 22.57
C SER D 339 -44.93 16.58 21.50
N VAL D 340 -44.41 17.14 20.41
CA VAL D 340 -45.11 17.60 19.21
C VAL D 340 -45.84 16.44 18.50
N TRP D 341 -45.16 15.32 18.25
CA TRP D 341 -45.73 14.16 17.57
C TRP D 341 -46.71 13.43 18.50
N ILE D 342 -46.38 13.29 19.79
CA ILE D 342 -47.26 12.76 20.85
C ILE D 342 -48.56 13.57 20.90
N GLY D 343 -48.47 14.91 20.92
CA GLY D 343 -49.61 15.79 20.83
C GLY D 343 -50.40 15.68 19.52
N GLY D 344 -49.72 15.44 18.39
CA GLY D 344 -50.32 15.16 17.10
C GLY D 344 -51.13 13.85 17.09
N SER D 345 -50.66 12.83 17.82
CA SER D 345 -51.34 11.55 18.00
C SER D 345 -52.53 11.68 18.96
N ILE D 346 -52.41 12.50 20.02
CA ILE D 346 -53.50 12.83 20.93
C ILE D 346 -54.59 13.63 20.20
N LEU D 347 -54.21 14.64 19.39
CA LEU D 347 -55.14 15.43 18.58
C LEU D 347 -55.89 14.58 17.55
N ALA D 348 -55.21 13.61 16.91
CA ALA D 348 -55.76 12.70 15.93
C ALA D 348 -56.43 11.46 16.57
N SER D 349 -56.80 11.51 17.85
CA SER D 349 -57.51 10.45 18.58
C SER D 349 -58.63 11.00 19.49
N LEU D 350 -59.24 12.13 19.10
CA LEU D 350 -60.45 12.70 19.71
C LEU D 350 -61.63 12.44 18.75
N SER D 351 -62.84 12.89 19.09
CA SER D 351 -64.06 12.50 18.37
C SER D 351 -65.17 13.56 18.34
N THR D 352 -64.89 14.80 18.74
CA THR D 352 -65.89 15.84 19.00
C THR D 352 -66.61 16.36 17.75
N PHE D 353 -65.87 16.55 16.64
CA PHE D 353 -66.42 17.06 15.40
C PHE D 353 -65.67 16.44 14.22
N GLN D 354 -66.37 15.56 13.52
CA GLN D 354 -66.06 14.88 12.28
C GLN D 354 -65.35 15.76 11.24
N GLN D 355 -66.10 16.68 10.63
CA GLN D 355 -65.66 17.44 9.47
C GLN D 355 -64.81 18.67 9.87
N MET D 356 -64.04 18.56 10.97
CA MET D 356 -62.97 19.49 11.36
C MET D 356 -61.68 19.20 10.58
N TRP D 357 -61.52 17.97 10.03
CA TRP D 357 -60.54 17.69 8.98
C TRP D 357 -60.98 18.41 7.68
N ILE D 358 -60.07 18.78 6.79
CA ILE D 358 -60.39 19.12 5.40
C ILE D 358 -60.55 17.77 4.69
N THR D 359 -61.66 17.54 4.01
CA THR D 359 -61.92 16.34 3.24
C THR D 359 -61.57 16.56 1.75
N LYS D 360 -61.36 15.46 1.02
CA LYS D 360 -61.19 15.42 -0.44
C LYS D 360 -62.41 16.00 -1.16
N GLN D 361 -63.62 15.76 -0.63
CA GLN D 361 -64.88 16.20 -1.20
C GLN D 361 -65.06 17.72 -1.12
N GLU D 362 -64.52 18.37 -0.08
CA GLU D 362 -64.45 19.83 0.00
C GLU D 362 -63.36 20.35 -0.95
N TYR D 363 -62.19 19.68 -0.97
CA TYR D 363 -61.01 20.08 -1.73
C TYR D 363 -61.27 20.18 -3.25
N ASP D 364 -61.93 19.16 -3.81
CA ASP D 364 -62.15 19.02 -5.26
C ASP D 364 -63.05 20.12 -5.87
N GLU D 365 -63.78 20.89 -5.03
CA GLU D 365 -64.49 22.10 -5.44
C GLU D 365 -63.81 23.38 -4.90
N ALA D 366 -63.35 23.39 -3.65
CA ALA D 366 -62.90 24.62 -2.96
C ALA D 366 -61.39 24.89 -3.06
N GLY D 367 -60.58 23.91 -3.46
CA GLY D 367 -59.12 23.99 -3.57
C GLY D 367 -58.37 24.11 -2.23
N PRO D 368 -57.01 24.22 -2.26
CA PRO D 368 -56.13 24.27 -1.07
C PRO D 368 -56.49 25.26 0.04
N SER D 369 -56.90 26.48 -0.32
CA SER D 369 -57.11 27.61 0.59
C SER D 369 -58.30 27.42 1.57
N ILE D 370 -59.06 26.33 1.43
CA ILE D 370 -59.98 25.79 2.44
C ILE D 370 -59.24 25.48 3.76
N VAL D 371 -57.94 25.12 3.70
CA VAL D 371 -57.07 24.81 4.84
C VAL D 371 -57.08 25.92 5.90
N HIS D 372 -57.05 27.20 5.49
CA HIS D 372 -57.03 28.35 6.41
C HIS D 372 -58.40 28.63 7.04
N ARG D 373 -59.45 27.90 6.65
CA ARG D 373 -60.77 27.97 7.24
C ARG D 373 -60.96 26.86 8.31
N LYS D 374 -59.95 26.00 8.55
CA LYS D 374 -59.97 24.96 9.58
C LYS D 374 -58.66 24.93 10.40
N CYS D 375 -57.51 25.08 9.73
CA CYS D 375 -56.18 24.98 10.33
C CYS D 375 -55.66 26.37 10.71
N PHE D 376 -55.57 26.63 12.02
CA PHE D 376 -54.94 27.82 12.61
C PHE D 376 -53.45 27.87 12.24
N NH2 D 377 -52.79 26.71 12.28
HN1 NH2 D 377 -51.80 26.62 11.97
HN2 NH2 D 377 -53.26 25.88 12.61
C ACE E 1 29.57 46.93 23.81
O ACE E 1 30.92 46.95 24.21
CH3 ACE E 1 28.94 48.29 24.12
H1 ACE E 1 27.88 48.31 23.83
H2 ACE E 1 29.44 49.09 23.56
H3 ACE E 1 29.01 48.53 25.18
N ASP E 2 28.94 45.91 24.62
CA ASP E 2 29.17 44.56 24.08
C ASP E 2 27.90 44.18 23.33
N GLU E 3 27.96 44.10 21.99
CA GLU E 3 26.81 43.97 21.10
C GLU E 3 27.05 42.76 20.18
N ASP E 4 26.37 41.66 20.49
CA ASP E 4 26.19 40.43 19.71
C ASP E 4 24.83 39.85 20.15
N GLU E 5 24.18 39.01 19.33
CA GLU E 5 22.80 38.57 19.51
C GLU E 5 22.74 37.04 19.59
N THR E 6 21.96 36.49 20.53
CA THR E 6 21.81 35.06 20.77
C THR E 6 21.06 34.41 19.59
N THR E 7 21.82 33.83 18.65
CA THR E 7 21.39 33.07 17.49
C THR E 7 20.52 31.88 17.93
N ALA E 8 19.20 32.07 17.87
CA ALA E 8 18.18 31.16 18.39
C ALA E 8 18.08 29.89 17.53
N LEU E 9 17.53 28.84 18.13
CA LEU E 9 17.28 27.53 17.54
C LEU E 9 15.84 27.55 16.99
N VAL E 10 15.64 26.96 15.82
CA VAL E 10 14.37 27.00 15.09
C VAL E 10 14.02 25.56 14.76
N CYS E 11 13.13 24.98 15.56
CA CYS E 11 12.57 23.66 15.34
C CYS E 11 11.15 23.91 14.84
N ASP E 12 10.89 23.61 13.56
CA ASP E 12 9.52 23.42 13.11
C ASP E 12 9.18 21.96 13.44
N ASN E 13 8.14 21.78 14.25
CA ASN E 13 7.60 20.47 14.63
C ASN E 13 6.81 19.86 13.46
N GLY E 14 6.33 20.72 12.54
CA GLY E 14 5.74 20.41 11.24
C GLY E 14 4.49 19.52 11.24
N SER E 15 4.12 19.07 10.04
CA SER E 15 3.06 18.13 9.71
C SER E 15 3.65 16.70 9.71
N GLY E 16 4.34 16.34 10.80
CA GLY E 16 5.03 15.06 10.96
C GLY E 16 6.40 14.99 10.24
N LEU E 17 6.84 16.08 9.60
CA LEU E 17 8.18 16.26 9.05
C LEU E 17 8.79 17.42 9.85
N VAL E 18 9.69 17.07 10.78
CA VAL E 18 10.39 17.96 11.70
C VAL E 18 11.55 18.59 10.92
N LYS E 19 11.78 19.90 11.12
CA LYS E 19 12.76 20.70 10.39
C LYS E 19 13.49 21.53 11.45
N ALA E 20 14.82 21.39 11.55
CA ALA E 20 15.65 21.96 12.60
C ALA E 20 16.79 22.78 11.98
N GLY E 21 17.07 23.95 12.56
CA GLY E 21 18.23 24.75 12.25
C GLY E 21 18.39 25.90 13.25
N PHE E 22 19.21 26.88 12.88
CA PHE E 22 19.48 28.11 13.62
C PHE E 22 18.75 29.25 12.93
N ALA E 23 18.38 30.27 13.70
CA ALA E 23 17.67 31.46 13.26
C ALA E 23 18.61 32.43 12.57
N GLY E 24 18.17 32.97 11.43
CA GLY E 24 18.92 33.94 10.63
C GLY E 24 19.76 33.26 9.56
N ASP E 25 20.12 31.98 9.77
CA ASP E 25 20.60 31.06 8.77
C ASP E 25 19.36 30.53 8.03
N ASP E 26 19.34 30.66 6.71
CA ASP E 26 18.13 30.52 5.88
C ASP E 26 18.08 29.16 5.18
N ALA E 27 18.85 28.18 5.67
CA ALA E 27 18.77 26.77 5.32
C ALA E 27 18.62 25.96 6.63
N PRO E 28 17.88 24.82 6.65
CA PRO E 28 17.88 23.87 7.77
C PRO E 28 19.28 23.32 8.08
N ARG E 29 19.43 22.66 9.24
CA ARG E 29 20.62 21.91 9.63
C ARG E 29 20.30 20.42 9.77
N ALA E 30 19.04 20.05 9.99
CA ALA E 30 18.53 18.70 9.88
C ALA E 30 17.03 18.79 9.53
N VAL E 31 16.50 17.81 8.79
CA VAL E 31 15.09 17.70 8.46
C VAL E 31 14.79 16.22 8.28
N PHE E 32 13.81 15.68 9.02
CA PHE E 32 13.54 14.25 9.10
C PHE E 32 12.05 13.98 9.36
N PRO E 33 11.49 12.82 8.94
CA PRO E 33 10.11 12.44 9.27
C PRO E 33 10.02 12.01 10.75
N SER E 34 8.95 12.38 11.44
CA SER E 34 8.65 12.09 12.85
C SER E 34 8.37 10.60 13.07
N ILE E 35 9.43 9.78 12.99
CA ILE E 35 9.46 8.38 13.31
C ILE E 35 10.41 8.26 14.52
N VAL E 36 10.00 7.53 15.55
CA VAL E 36 10.87 7.06 16.62
C VAL E 36 10.65 5.54 16.70
N GLY E 37 11.74 4.79 16.55
CA GLY E 37 11.76 3.34 16.65
C GLY E 37 12.31 2.94 18.01
N ARG E 38 11.55 2.12 18.75
CA ARG E 38 12.01 1.42 19.94
C ARG E 38 12.25 -0.06 19.51
N PRO E 39 13.14 -0.84 20.16
CA PRO E 39 13.67 -2.09 19.57
C PRO E 39 12.69 -3.27 19.58
N ARG E 40 12.84 -4.18 18.60
CA ARG E 40 12.31 -5.54 18.64
C ARG E 40 13.44 -6.49 19.08
N HIS E 41 13.05 -7.65 19.60
CA HIS E 41 13.89 -8.81 19.91
C HIS E 41 14.15 -9.68 18.65
N GLN E 42 13.42 -9.42 17.57
CA GLN E 42 13.39 -10.21 16.34
C GLN E 42 14.42 -9.64 15.34
N GLY E 43 15.11 -10.55 14.65
CA GLY E 43 16.20 -10.23 13.74
C GLY E 43 17.52 -10.27 14.51
N VAL E 44 18.37 -9.26 14.31
CA VAL E 44 19.52 -8.94 15.14
C VAL E 44 19.41 -7.44 15.43
N MET E 45 19.55 -7.05 16.69
CA MET E 45 19.69 -5.67 17.14
C MET E 45 21.16 -5.52 17.57
N VAL E 46 21.78 -4.43 17.15
CA VAL E 46 23.21 -4.15 17.30
C VAL E 46 23.32 -2.76 17.97
N GLY E 47 22.85 -2.67 19.21
CA GLY E 47 22.82 -1.44 20.00
C GLY E 47 24.23 -1.01 20.38
N MET E 48 24.75 0.02 19.70
CA MET E 48 26.10 0.56 19.88
C MET E 48 26.09 2.07 20.13
N GLY E 49 24.91 2.64 20.41
CA GLY E 49 24.72 3.97 20.96
C GLY E 49 24.36 3.87 22.45
N GLN E 50 23.88 4.96 23.04
CA GLN E 50 23.52 5.06 24.46
C GLN E 50 22.10 5.62 24.61
N LYS E 51 21.17 5.03 23.84
CA LYS E 51 19.73 5.17 23.95
C LYS E 51 19.06 4.10 23.07
N ASP E 52 17.83 3.73 23.43
CA ASP E 52 17.00 2.68 22.83
C ASP E 52 16.11 3.23 21.71
N SER E 53 15.86 4.55 21.71
CA SER E 53 14.99 5.26 20.79
C SER E 53 15.80 5.71 19.55
N TYR E 54 15.50 5.15 18.37
CA TYR E 54 16.15 5.47 17.10
C TYR E 54 15.24 6.42 16.34
N VAL E 55 15.68 7.67 16.20
CA VAL E 55 14.90 8.84 15.83
C VAL E 55 15.20 9.19 14.35
N GLY E 56 14.15 9.44 13.55
CA GLY E 56 14.23 9.93 12.18
C GLY E 56 15.07 9.03 11.28
N ASP E 57 16.17 9.59 10.75
CA ASP E 57 17.23 8.97 9.94
C ASP E 57 17.69 7.62 10.46
N GLU E 58 17.83 7.50 11.80
CA GLU E 58 18.31 6.30 12.48
C GLU E 58 17.36 5.11 12.27
N ALA E 59 16.04 5.38 12.19
CA ALA E 59 15.03 4.37 11.90
C ALA E 59 15.02 4.02 10.41
N GLN E 60 15.16 5.02 9.52
CA GLN E 60 15.22 4.85 8.06
C GLN E 60 16.43 3.97 7.61
N SER E 61 17.52 4.00 8.37
CA SER E 61 18.71 3.17 8.18
C SER E 61 18.64 1.81 8.93
N LYS E 62 17.53 1.47 9.61
CA LYS E 62 17.38 0.27 10.45
C LYS E 62 16.02 -0.41 10.27
N ARG E 63 15.77 -0.88 9.04
CA ARG E 63 14.62 -1.67 8.60
C ARG E 63 14.30 -2.89 9.47
N GLY E 64 13.02 -3.26 9.50
CA GLY E 64 12.42 -4.45 10.11
C GLY E 64 12.51 -4.60 11.64
N ILE E 65 13.64 -4.23 12.25
CA ILE E 65 14.07 -4.62 13.61
C ILE E 65 13.62 -3.64 14.72
N LEU E 66 12.85 -2.60 14.39
CA LEU E 66 12.30 -1.61 15.31
C LEU E 66 10.77 -1.70 15.28
N THR E 67 10.10 -1.39 16.40
CA THR E 67 8.67 -1.06 16.43
C THR E 67 8.61 0.47 16.39
N LEU E 68 8.09 1.02 15.28
CA LEU E 68 8.02 2.45 15.02
C LEU E 68 6.77 3.04 15.70
N LYS E 69 6.90 4.24 16.27
CA LYS E 69 5.85 5.07 16.84
C LYS E 69 6.10 6.50 16.40
N TYR E 70 5.03 7.24 16.12
CA TYR E 70 5.07 8.54 15.45
C TYR E 70 4.59 9.57 16.48
N PRO E 71 5.48 10.40 17.07
CA PRO E 71 5.06 11.40 18.06
C PRO E 71 4.23 12.56 17.50
N ILE E 72 4.48 13.01 16.26
CA ILE E 72 3.61 13.89 15.50
C ILE E 72 3.23 13.14 14.21
N GLU E 73 1.94 13.27 13.84
CA GLU E 73 1.37 12.75 12.61
C GLU E 73 0.73 13.91 11.84
N HIS E 74 -0.32 14.51 12.42
CA HIS E 74 -1.24 15.45 11.78
C HIS E 74 -0.87 16.92 12.10
N GLY E 75 0.26 17.13 12.78
CA GLY E 75 0.74 18.40 13.31
C GLY E 75 0.41 18.58 14.80
N ILE E 76 -0.59 17.83 15.29
CA ILE E 76 -0.83 17.58 16.71
C ILE E 76 0.23 16.57 17.18
N ILE E 77 0.62 16.69 18.46
CA ILE E 77 1.56 15.80 19.14
C ILE E 77 0.68 14.68 19.71
N THR E 78 0.75 13.49 19.09
CA THR E 78 -0.03 12.29 19.37
C THR E 78 0.57 11.53 20.58
N ASN E 79 1.88 11.70 20.85
CA ASN E 79 2.62 11.08 21.94
C ASN E 79 3.68 12.07 22.44
N TRP E 80 3.95 12.10 23.75
CA TRP E 80 4.95 12.99 24.35
C TRP E 80 6.28 12.28 24.65
N ASP E 81 6.27 10.99 25.05
CA ASP E 81 7.46 10.33 25.62
C ASP E 81 8.46 9.93 24.51
N ASP E 82 8.05 9.77 23.24
CA ASP E 82 8.96 9.72 22.08
C ASP E 82 9.24 11.14 21.54
N MET E 83 8.33 12.12 21.73
CA MET E 83 8.46 13.49 21.19
C MET E 83 9.58 14.28 21.89
N GLU E 84 9.85 13.99 23.18
CA GLU E 84 11.04 14.50 23.87
C GLU E 84 12.31 14.10 23.12
N LYS E 85 12.34 12.85 22.67
CA LYS E 85 13.50 12.17 22.11
C LYS E 85 13.79 12.66 20.68
N ILE E 86 12.78 13.20 19.97
CA ILE E 86 12.91 14.03 18.76
C ILE E 86 13.78 15.27 19.06
N TRP E 87 13.33 16.11 20.01
CA TRP E 87 13.98 17.37 20.39
C TRP E 87 15.39 17.14 20.99
N HIS E 88 15.50 16.17 21.91
CA HIS E 88 16.71 15.70 22.59
C HIS E 88 17.81 15.32 21.60
N HIS E 89 17.48 14.50 20.59
CA HIS E 89 18.40 14.10 19.54
C HIS E 89 18.76 15.30 18.65
N THR E 90 17.77 16.13 18.29
CA THR E 90 17.93 17.31 17.44
C THR E 90 18.94 18.30 18.04
N PHE E 91 18.79 18.66 19.32
CA PHE E 91 19.71 19.51 20.06
C PHE E 91 21.10 18.86 20.18
N TYR E 92 21.16 17.69 20.82
CA TYR E 92 22.42 17.15 21.34
C TYR E 92 23.18 16.30 20.30
N ASN E 93 22.61 16.00 19.12
CA ASN E 93 23.25 15.27 18.03
C ASN E 93 23.26 16.02 16.68
N GLU E 94 22.17 16.67 16.27
CA GLU E 94 22.04 17.24 14.91
C GLU E 94 22.46 18.73 14.87
N LEU E 95 21.92 19.57 15.76
CA LEU E 95 22.27 20.99 15.85
C LEU E 95 23.63 21.15 16.53
N ARG E 96 23.90 20.31 17.54
CA ARG E 96 25.20 20.10 18.17
C ARG E 96 25.47 21.15 19.26
N VAL E 97 24.43 21.47 20.04
CA VAL E 97 24.42 22.51 21.07
C VAL E 97 23.69 22.02 22.32
N ALA E 98 23.94 22.71 23.44
CA ALA E 98 23.21 22.62 24.70
C ALA E 98 22.26 23.84 24.71
N PRO E 99 20.91 23.68 24.72
CA PRO E 99 19.96 24.80 24.64
C PRO E 99 20.04 25.84 25.78
N GLU E 100 20.73 25.54 26.89
CA GLU E 100 20.93 26.30 28.13
C GLU E 100 21.16 27.82 27.96
N GLU E 101 21.86 28.24 26.90
CA GLU E 101 22.11 29.65 26.56
C GLU E 101 21.29 30.12 25.33
N HIS E 102 20.62 29.21 24.61
CA HIS E 102 20.21 29.38 23.21
C HIS E 102 18.68 29.32 23.10
N PRO E 103 17.97 30.45 22.88
CA PRO E 103 16.51 30.50 22.73
C PRO E 103 15.95 29.56 21.65
N THR E 104 14.74 29.01 21.83
CA THR E 104 14.13 28.05 20.90
C THR E 104 12.77 28.58 20.43
N LEU E 105 12.59 28.67 19.10
CA LEU E 105 11.28 28.78 18.47
C LEU E 105 10.82 27.35 18.19
N LEU E 106 9.68 26.97 18.80
CA LEU E 106 8.87 25.84 18.41
C LEU E 106 7.72 26.36 17.53
N THR E 107 7.03 25.45 16.84
CA THR E 107 5.86 25.74 16.03
C THR E 107 4.63 24.96 16.55
N GLU E 108 3.45 25.59 16.53
CA GLU E 108 2.14 25.00 16.73
C GLU E 108 1.51 24.83 15.32
N ALA E 109 0.94 23.66 15.05
CA ALA E 109 0.26 23.36 13.80
C ALA E 109 -1.25 23.69 13.89
N PRO E 110 -1.97 23.83 12.75
CA PRO E 110 -3.42 24.03 12.71
C PRO E 110 -4.22 22.97 13.50
N LEU E 111 -5.14 23.43 14.34
CA LEU E 111 -6.12 22.63 15.11
C LEU E 111 -5.56 22.04 16.42
N ASN E 112 -4.31 22.34 16.78
CA ASN E 112 -3.67 21.88 18.02
C ASN E 112 -4.32 22.50 19.27
N PRO E 113 -4.78 21.70 20.27
CA PRO E 113 -5.23 22.17 21.59
C PRO E 113 -4.21 23.05 22.30
N LYS E 114 -4.71 23.85 23.25
CA LYS E 114 -3.92 24.84 23.97
C LYS E 114 -3.14 24.22 25.15
N ALA E 115 -3.59 23.08 25.68
CA ALA E 115 -2.84 22.24 26.63
C ALA E 115 -1.53 21.70 26.04
N ASN E 116 -1.47 21.54 24.71
CA ASN E 116 -0.25 21.15 24.01
C ASN E 116 0.73 22.32 23.89
N ARG E 117 0.30 23.58 24.09
CA ARG E 117 1.23 24.69 24.25
C ARG E 117 1.84 24.63 25.64
N GLU E 118 1.01 24.42 26.66
CA GLU E 118 1.40 24.30 28.06
C GLU E 118 2.49 23.23 28.24
N LYS E 119 2.26 21.97 27.83
CA LYS E 119 3.29 20.94 27.97
C LYS E 119 4.51 21.14 27.02
N MET E 120 4.42 21.92 25.94
CA MET E 120 5.57 22.31 25.13
C MET E 120 6.40 23.40 25.85
N THR E 121 5.72 24.37 26.47
CA THR E 121 6.32 25.46 27.25
C THR E 121 7.03 24.87 28.49
N GLN E 122 6.35 23.92 29.16
CA GLN E 122 6.86 23.07 30.24
C GLN E 122 8.15 22.35 29.83
N ILE E 123 8.10 21.38 28.89
CA ILE E 123 9.24 20.57 28.45
C ILE E 123 10.49 21.38 28.04
N MET E 124 10.31 22.55 27.41
CA MET E 124 11.43 23.43 27.04
C MET E 124 12.13 24.05 28.27
N PHE E 125 11.40 24.28 29.36
CA PHE E 125 11.94 24.82 30.61
C PHE E 125 12.25 23.71 31.66
N GLU E 126 11.68 22.51 31.52
CA GLU E 126 11.84 21.39 32.46
C GLU E 126 12.93 20.41 31.98
N THR E 127 12.89 19.99 30.70
CA THR E 127 13.67 18.86 30.20
C THR E 127 14.88 19.36 29.37
N PHE E 128 14.81 20.60 28.86
CA PHE E 128 15.76 21.13 27.87
C PHE E 128 16.34 22.50 28.25
N ASN E 129 15.99 23.04 29.42
CA ASN E 129 16.69 24.12 30.13
C ASN E 129 16.74 25.46 29.39
N VAL E 130 15.90 25.66 28.36
CA VAL E 130 15.94 26.79 27.43
C VAL E 130 15.68 28.12 28.20
N PRO E 131 16.49 29.18 28.01
CA PRO E 131 16.33 30.41 28.81
C PRO E 131 15.12 31.26 28.40
N ALA E 132 14.70 31.18 27.13
CA ALA E 132 13.55 31.87 26.59
C ALA E 132 13.03 31.12 25.34
N MET E 133 11.71 31.03 25.16
CA MET E 133 11.08 30.27 24.08
C MET E 133 9.85 30.97 23.48
N TYR E 134 9.43 30.52 22.30
CA TYR E 134 8.24 30.96 21.59
C TYR E 134 7.57 29.78 20.87
N VAL E 135 6.25 29.89 20.64
CA VAL E 135 5.41 28.94 19.95
C VAL E 135 4.69 29.71 18.82
N ALA E 136 5.24 29.70 17.61
CA ALA E 136 4.68 30.35 16.42
C ALA E 136 3.64 29.44 15.75
N ILE E 137 2.64 29.97 15.06
CA ILE E 137 1.62 29.17 14.36
C ILE E 137 2.02 29.01 12.88
N GLN E 138 2.23 27.76 12.44
CA GLN E 138 2.84 27.31 11.18
C GLN E 138 2.28 27.96 9.91
N ALA E 139 0.94 28.07 9.84
CA ALA E 139 0.21 28.61 8.70
C ALA E 139 0.53 30.10 8.47
N VAL E 140 0.61 30.88 9.55
CA VAL E 140 0.90 32.32 9.51
C VAL E 140 2.35 32.57 9.02
N LEU E 141 3.31 31.71 9.40
CA LEU E 141 4.68 31.74 8.89
C LEU E 141 4.73 31.46 7.38
N SER E 142 3.93 30.48 6.93
CA SER E 142 3.80 30.05 5.54
C SER E 142 3.13 31.16 4.69
N LEU E 143 2.12 31.83 5.24
CA LEU E 143 1.44 32.98 4.64
C LEU E 143 2.39 34.19 4.54
N TYR E 144 3.13 34.49 5.63
CA TYR E 144 4.09 35.60 5.69
C TYR E 144 5.32 35.39 4.79
N ALA E 145 5.67 34.13 4.47
CA ALA E 145 6.71 33.79 3.50
C ALA E 145 6.31 34.20 2.07
N SER E 146 5.01 34.11 1.75
CA SER E 146 4.43 34.66 0.52
C SER E 146 4.10 36.17 0.66
N GLY E 147 4.40 36.81 1.80
CA GLY E 147 4.31 38.23 2.04
C GLY E 147 2.88 38.79 2.11
N ARG E 148 1.92 38.00 2.59
CA ARG E 148 0.52 38.43 2.78
C ARG E 148 0.21 38.46 4.29
N THR E 149 -0.74 39.31 4.70
CA THR E 149 -1.27 39.33 6.08
C THR E 149 -2.66 38.69 6.14
N THR E 150 -3.43 38.77 5.05
CA THR E 150 -4.76 38.20 4.88
C THR E 150 -4.71 37.28 3.65
N GLY E 151 -5.46 36.17 3.64
CA GLY E 151 -5.51 35.23 2.53
C GLY E 151 -5.86 33.84 3.04
N ILE E 152 -5.75 32.84 2.16
CA ILE E 152 -5.86 31.43 2.52
C ILE E 152 -4.53 30.79 2.17
N VAL E 153 -4.08 29.90 3.07
CA VAL E 153 -2.84 29.17 2.98
C VAL E 153 -3.12 27.69 3.26
N LEU E 154 -2.17 26.84 2.88
CA LEU E 154 -2.16 25.42 3.14
C LEU E 154 -0.73 24.94 3.44
N ASP E 155 -0.66 23.78 4.10
CA ASP E 155 0.43 22.82 3.97
C ASP E 155 -0.24 21.56 3.38
N SER E 156 0.54 20.78 2.64
CA SER E 156 0.21 19.50 2.08
C SER E 156 1.52 18.71 2.11
N GLY E 157 1.61 17.69 2.96
CA GLY E 157 2.79 16.87 3.14
C GLY E 157 2.44 15.39 2.99
N ASP E 158 3.34 14.52 3.49
CA ASP E 158 3.08 13.09 3.61
C ASP E 158 2.24 12.78 4.87
N GLY E 159 2.06 13.73 5.79
CA GLY E 159 1.19 13.65 6.95
C GLY E 159 -0.29 13.86 6.56
N VAL E 160 -0.71 15.11 6.45
CA VAL E 160 -2.07 15.55 6.12
C VAL E 160 -1.97 16.74 5.14
N THR E 161 -3.12 17.22 4.67
CA THR E 161 -3.27 18.53 4.05
C THR E 161 -4.21 19.34 4.96
N HIS E 162 -3.80 20.55 5.37
CA HIS E 162 -4.56 21.51 6.14
C HIS E 162 -4.80 22.72 5.23
N ASN E 163 -6.04 23.23 5.18
CA ASN E 163 -6.37 24.54 4.60
C ASN E 163 -6.70 25.49 5.76
N VAL E 164 -6.07 26.67 5.76
CA VAL E 164 -6.21 27.69 6.80
C VAL E 164 -6.52 29.05 6.16
N PRO E 165 -7.74 29.59 6.26
CA PRO E 165 -8.05 31.00 5.92
C PRO E 165 -7.64 31.92 7.08
N ILE E 166 -7.09 33.10 6.78
CA ILE E 166 -6.43 34.03 7.70
C ILE E 166 -6.86 35.47 7.35
N TYR E 167 -7.07 36.29 8.39
CA TYR E 167 -7.30 37.73 8.30
C TYR E 167 -6.30 38.40 9.24
N GLU E 168 -5.36 39.17 8.70
CA GLU E 168 -4.42 40.06 9.38
C GLU E 168 -3.48 39.34 10.37
N GLY E 169 -3.07 38.12 10.00
CA GLY E 169 -2.22 37.21 10.77
C GLY E 169 -3.02 36.30 11.72
N TYR E 170 -4.30 36.58 11.94
CA TYR E 170 -5.18 35.87 12.85
C TYR E 170 -5.98 34.84 12.01
N ALA E 171 -5.86 33.54 12.33
CA ALA E 171 -6.49 32.45 11.57
C ALA E 171 -7.98 32.31 11.95
N LEU E 172 -8.84 32.07 10.96
CA LEU E 172 -10.30 32.05 11.09
C LEU E 172 -10.77 30.60 11.35
N PRO E 173 -11.13 30.21 12.59
CA PRO E 173 -11.15 28.80 13.03
C PRO E 173 -12.35 27.97 12.53
N HIS E 174 -13.48 28.63 12.26
CA HIS E 174 -14.72 28.08 11.73
C HIS E 174 -14.49 27.35 10.40
N ALA E 175 -13.61 27.92 9.58
CA ALA E 175 -13.38 27.59 8.19
C ALA E 175 -12.08 26.80 7.94
N ILE E 176 -11.26 26.51 8.97
CA ILE E 176 -10.11 25.61 8.86
C ILE E 176 -10.64 24.19 8.58
N MET E 177 -10.07 23.53 7.57
CA MET E 177 -10.42 22.18 7.11
C MET E 177 -9.14 21.38 6.92
N ARG E 178 -9.23 20.06 7.10
CA ARG E 178 -8.14 19.11 6.96
C ARG E 178 -8.66 18.02 6.01
N LEU E 179 -7.84 17.67 5.02
CA LEU E 179 -8.03 16.53 4.13
C LEU E 179 -6.88 15.56 4.45
N ASP E 180 -7.25 14.34 4.86
CA ASP E 180 -6.33 13.35 5.42
C ASP E 180 -5.81 12.40 4.32
N LEU E 181 -6.22 12.59 3.07
CA LEU E 181 -5.58 12.01 1.88
C LEU E 181 -4.29 12.81 1.64
N ALA E 182 -3.13 12.13 1.63
CA ALA E 182 -1.82 12.79 1.73
C ALA E 182 -0.75 12.16 0.85
N GLY E 183 0.43 12.79 0.88
CA GLY E 183 1.62 12.39 0.13
C GLY E 183 2.18 11.01 0.50
N ARG E 184 1.83 10.49 1.69
CA ARG E 184 1.96 9.09 2.09
C ARG E 184 1.26 8.20 1.06
N ASP E 185 -0.06 8.35 0.96
CA ASP E 185 -0.96 7.60 0.10
C ASP E 185 -0.60 7.78 -1.39
N LEU E 186 -0.07 8.95 -1.78
CA LEU E 186 0.49 9.16 -3.12
C LEU E 186 1.79 8.36 -3.35
N THR E 187 2.67 8.20 -2.34
CA THR E 187 3.90 7.41 -2.45
C THR E 187 3.54 5.92 -2.61
N ASP E 188 2.66 5.41 -1.75
CA ASP E 188 2.26 4.01 -1.75
C ASP E 188 1.33 3.70 -2.95
N TYR E 189 0.57 4.69 -3.46
CA TYR E 189 -0.13 4.60 -4.76
C TYR E 189 0.85 4.58 -5.95
N LEU E 190 1.98 5.33 -5.90
CA LEU E 190 3.03 5.29 -6.93
C LEU E 190 3.70 3.91 -6.98
N MET E 191 3.92 3.30 -5.79
CA MET E 191 4.47 1.95 -5.63
C MET E 191 3.51 0.88 -6.17
N LYS E 192 2.20 1.04 -5.94
CA LYS E 192 1.13 0.22 -6.54
C LYS E 192 1.22 0.21 -8.09
N ILE E 193 1.12 1.38 -8.74
CA ILE E 193 1.10 1.47 -10.20
C ILE E 193 2.43 1.05 -10.87
N LEU E 194 3.55 1.08 -10.13
CA LEU E 194 4.84 0.52 -10.55
C LEU E 194 4.88 -1.03 -10.44
N THR E 195 4.26 -1.64 -9.43
CA THR E 195 4.19 -3.11 -9.30
C THR E 195 3.12 -3.72 -10.23
N GLU E 196 2.11 -2.92 -10.64
CA GLU E 196 1.18 -3.21 -11.74
C GLU E 196 1.93 -3.22 -13.09
N ARG E 197 2.89 -2.30 -13.28
CA ARG E 197 3.78 -2.25 -14.45
C ARG E 197 4.90 -3.33 -14.35
N GLY E 198 5.02 -4.02 -13.21
CA GLY E 198 5.88 -5.18 -13.01
C GLY E 198 7.21 -4.90 -12.30
N TYR E 199 7.50 -3.68 -11.83
CA TYR E 199 8.74 -3.37 -11.12
C TYR E 199 8.62 -3.72 -9.62
N SER E 200 9.65 -4.37 -9.06
CA SER E 200 9.72 -4.76 -7.65
C SER E 200 10.11 -3.54 -6.79
N PHE E 201 9.33 -3.30 -5.73
CA PHE E 201 9.63 -2.42 -4.60
C PHE E 201 8.88 -3.07 -3.43
N VAL E 202 9.56 -3.51 -2.35
CA VAL E 202 8.94 -4.25 -1.24
C VAL E 202 9.43 -3.82 0.16
N THR E 203 10.70 -3.42 0.32
CA THR E 203 11.26 -2.90 1.58
C THR E 203 11.00 -1.39 1.70
N THR E 204 11.23 -0.81 2.88
CA THR E 204 11.19 0.62 3.13
C THR E 204 12.36 1.31 2.39
N ALA E 205 13.49 0.60 2.22
CA ALA E 205 14.64 1.06 1.45
C ALA E 205 14.35 1.15 -0.06
N GLU E 206 13.40 0.34 -0.56
CA GLU E 206 12.87 0.45 -1.92
C GLU E 206 11.76 1.53 -1.95
N ARG E 207 10.87 1.57 -0.95
CA ARG E 207 9.77 2.54 -0.87
C ARG E 207 10.25 4.00 -0.87
N GLU E 208 11.35 4.32 -0.18
CA GLU E 208 11.88 5.67 -0.13
C GLU E 208 12.63 6.07 -1.43
N ILE E 209 12.95 5.11 -2.31
CA ILE E 209 13.36 5.37 -3.70
C ILE E 209 12.10 5.70 -4.53
N VAL E 210 10.94 5.08 -4.27
CA VAL E 210 9.66 5.47 -4.86
C VAL E 210 9.23 6.87 -4.34
N ARG E 211 9.53 7.19 -3.08
CA ARG E 211 9.32 8.53 -2.51
C ARG E 211 10.25 9.57 -3.17
N ASP E 212 11.47 9.16 -3.57
CA ASP E 212 12.39 10.00 -4.35
C ASP E 212 11.80 10.30 -5.76
N ILE E 213 11.38 9.25 -6.49
CA ILE E 213 10.69 9.34 -7.78
C ILE E 213 9.44 10.26 -7.73
N LYS E 214 8.66 10.21 -6.65
CA LYS E 214 7.57 11.15 -6.34
C LYS E 214 8.03 12.61 -6.36
N GLU E 215 9.14 12.93 -5.68
CA GLU E 215 9.66 14.28 -5.56
C GLU E 215 10.31 14.74 -6.89
N LYS E 216 11.13 13.89 -7.52
CA LYS E 216 12.00 14.32 -8.61
C LYS E 216 11.35 14.14 -9.99
N LEU E 217 10.29 13.32 -10.14
CA LEU E 217 9.75 12.92 -11.44
C LEU E 217 8.24 13.08 -11.61
N CYS E 218 7.44 13.30 -10.55
CA CYS E 218 5.97 13.39 -10.65
C CYS E 218 5.50 14.86 -10.65
N TYR E 219 4.31 15.10 -11.21
CA TYR E 219 3.77 16.41 -11.54
C TYR E 219 2.24 16.30 -11.64
N VAL E 220 1.54 17.44 -11.59
CA VAL E 220 0.12 17.52 -11.85
C VAL E 220 -0.06 17.85 -13.35
N ALA E 221 -1.02 17.18 -13.99
CA ALA E 221 -1.43 17.43 -15.37
C ALA E 221 -2.45 18.58 -15.37
N LEU E 222 -2.52 19.36 -16.46
CA LEU E 222 -3.40 20.53 -16.58
C LEU E 222 -4.89 20.11 -16.67
N ASP E 223 -5.15 18.96 -17.30
CA ASP E 223 -6.28 18.07 -17.10
C ASP E 223 -5.81 16.66 -17.51
N PHE E 224 -6.46 15.60 -17.03
CA PHE E 224 -5.96 14.22 -17.09
C PHE E 224 -5.95 13.66 -18.52
N GLU E 225 -7.10 13.73 -19.22
CA GLU E 225 -7.33 13.03 -20.49
C GLU E 225 -6.46 13.56 -21.62
N ASN E 226 -6.10 14.85 -21.57
CA ASN E 226 -5.18 15.49 -22.50
C ASN E 226 -3.78 14.89 -22.34
N GLU E 227 -3.30 14.82 -21.10
CA GLU E 227 -1.99 14.30 -20.73
C GLU E 227 -1.91 12.79 -21.04
N MET E 228 -2.99 12.05 -20.76
CA MET E 228 -3.13 10.62 -21.03
C MET E 228 -3.12 10.31 -22.54
N ALA E 229 -3.84 11.10 -23.36
CA ALA E 229 -3.86 10.98 -24.82
C ALA E 229 -2.49 11.33 -25.43
N THR E 230 -1.84 12.39 -24.91
CA THR E 230 -0.50 12.83 -25.31
C THR E 230 0.57 11.77 -24.93
N ALA E 231 0.48 11.16 -23.74
CA ALA E 231 1.39 10.11 -23.27
C ALA E 231 1.19 8.78 -24.03
N ALA E 232 -0.05 8.49 -24.43
CA ALA E 232 -0.40 7.29 -25.21
C ALA E 232 0.10 7.42 -26.66
N SER E 233 -0.08 8.58 -27.30
CA SER E 233 0.35 8.84 -28.68
C SER E 233 1.84 9.19 -28.80
N SER E 234 2.55 9.41 -27.68
CA SER E 234 3.97 9.71 -27.63
C SER E 234 4.59 8.97 -26.46
N SER E 235 4.78 7.65 -26.60
CA SER E 235 5.39 6.74 -25.62
C SER E 235 6.83 7.16 -25.25
N SER E 236 7.49 7.92 -26.14
CA SER E 236 8.73 8.66 -25.96
C SER E 236 8.73 9.69 -24.81
N LEU E 237 7.56 10.06 -24.26
CA LEU E 237 7.42 10.94 -23.10
C LEU E 237 7.58 10.18 -21.76
N GLU E 238 7.63 8.84 -21.77
CA GLU E 238 7.99 8.03 -20.60
C GLU E 238 9.52 8.14 -20.38
N LYS E 239 9.99 8.22 -19.13
CA LYS E 239 11.35 8.63 -18.76
C LYS E 239 12.00 7.60 -17.83
N SER E 240 13.31 7.42 -17.99
CA SER E 240 14.11 6.43 -17.27
C SER E 240 14.63 7.00 -15.95
N TYR E 241 15.00 6.12 -15.02
CA TYR E 241 15.58 6.41 -13.71
C TYR E 241 16.54 5.26 -13.42
N GLU E 242 17.73 5.56 -12.89
CA GLU E 242 18.68 4.59 -12.38
C GLU E 242 18.47 4.56 -10.86
N LEU E 243 18.46 3.37 -10.26
CA LEU E 243 18.65 3.20 -8.83
C LEU E 243 20.14 3.49 -8.49
N PRO E 244 20.50 3.85 -7.23
CA PRO E 244 21.87 4.03 -6.71
C PRO E 244 23.00 3.03 -7.04
N ASP E 245 22.73 1.95 -7.79
CA ASP E 245 23.64 0.92 -8.26
C ASP E 245 23.34 0.52 -9.73
N GLY E 246 22.89 1.47 -10.56
CA GLY E 246 22.86 1.37 -12.03
C GLY E 246 21.77 0.46 -12.62
N GLN E 247 20.93 -0.13 -11.77
CA GLN E 247 19.77 -0.91 -12.14
C GLN E 247 18.70 0.10 -12.59
N VAL E 248 18.18 -0.03 -13.81
CA VAL E 248 17.40 1.00 -14.49
C VAL E 248 15.92 0.59 -14.59
N ILE E 249 15.03 1.58 -14.47
CA ILE E 249 13.58 1.48 -14.64
C ILE E 249 13.14 2.54 -15.68
N THR E 250 11.85 2.57 -16.03
CA THR E 250 11.21 3.62 -16.80
C THR E 250 9.78 3.84 -16.28
N ILE E 251 9.36 5.10 -16.18
CA ILE E 251 8.09 5.55 -15.64
C ILE E 251 7.58 6.70 -16.52
N GLY E 252 6.28 6.78 -16.78
CA GLY E 252 5.73 7.81 -17.67
C GLY E 252 4.35 8.22 -17.24
N ASN E 253 3.32 7.56 -17.76
CA ASN E 253 1.90 7.84 -17.48
C ASN E 253 1.52 7.86 -15.98
N GLU E 254 2.26 7.16 -15.12
CA GLU E 254 2.17 7.14 -13.66
C GLU E 254 2.50 8.50 -13.03
N ARG E 255 3.35 9.30 -13.69
CA ARG E 255 3.93 10.53 -13.14
C ARG E 255 2.89 11.63 -12.91
N PHE E 256 1.79 11.62 -13.67
CA PHE E 256 0.64 12.50 -13.47
C PHE E 256 -0.52 11.72 -12.84
N ARG E 257 -0.77 10.48 -13.31
CA ARG E 257 -1.80 9.57 -12.82
C ARG E 257 -1.73 9.31 -11.30
N CYS E 258 -0.52 9.40 -10.70
CA CYS E 258 -0.27 9.50 -9.27
C CYS E 258 -0.87 10.80 -8.64
N PRO E 259 -0.26 12.01 -8.69
CA PRO E 259 -0.84 13.26 -8.14
C PRO E 259 -2.31 13.57 -8.45
N GLU E 260 -2.82 13.17 -9.62
CA GLU E 260 -4.20 13.34 -10.09
C GLU E 260 -5.27 12.89 -9.06
N THR E 261 -5.02 11.84 -8.28
CA THR E 261 -5.97 11.35 -7.29
C THR E 261 -6.18 12.32 -6.10
N LEU E 262 -5.35 13.36 -5.94
CA LEU E 262 -5.51 14.41 -4.92
C LEU E 262 -6.60 15.43 -5.35
N PHE E 263 -6.88 15.51 -6.67
CA PHE E 263 -7.99 16.26 -7.27
C PHE E 263 -9.18 15.33 -7.56
N GLN E 264 -9.03 14.02 -7.35
CA GLN E 264 -10.00 12.97 -7.67
C GLN E 264 -10.03 11.87 -6.59
N PRO E 265 -10.62 12.13 -5.40
CA PRO E 265 -10.72 11.17 -4.27
C PRO E 265 -11.25 9.76 -4.57
N SER E 266 -12.09 9.55 -5.60
CA SER E 266 -12.69 8.25 -5.87
C SER E 266 -11.69 7.23 -6.45
N PHE E 267 -10.60 7.69 -7.08
CA PHE E 267 -9.53 6.86 -7.66
C PHE E 267 -8.65 6.16 -6.59
N ILE E 268 -8.80 6.52 -5.31
CA ILE E 268 -8.08 5.93 -4.18
C ILE E 268 -9.05 5.47 -3.06
N GLY E 269 -10.36 5.68 -3.25
CA GLY E 269 -11.42 5.23 -2.35
C GLY E 269 -11.58 6.09 -1.09
N MET E 270 -11.52 7.42 -1.23
CA MET E 270 -11.74 8.39 -0.16
C MET E 270 -13.12 9.04 -0.36
N GLU E 271 -13.89 9.20 0.73
CA GLU E 271 -15.21 9.85 0.81
C GLU E 271 -15.11 11.35 0.42
N SER E 272 -14.09 12.00 0.99
CA SER E 272 -13.94 13.45 1.15
C SER E 272 -13.96 14.27 -0.15
N ALA E 273 -13.96 15.59 0.04
CA ALA E 273 -13.63 16.61 -0.95
C ALA E 273 -12.16 16.47 -1.41
N GLY E 274 -11.86 16.72 -2.68
CA GLY E 274 -10.50 16.92 -3.19
C GLY E 274 -9.93 18.27 -2.72
N ILE E 275 -8.63 18.55 -2.93
CA ILE E 275 -7.98 19.79 -2.45
C ILE E 275 -8.66 21.08 -2.96
N HIS E 276 -9.10 21.08 -4.22
CA HIS E 276 -9.85 22.16 -4.88
C HIS E 276 -11.22 22.40 -4.22
N GLU E 277 -11.99 21.31 -4.01
CA GLU E 277 -13.27 21.32 -3.30
C GLU E 277 -13.07 21.77 -1.84
N THR E 278 -12.10 21.19 -1.14
CA THR E 278 -11.75 21.51 0.26
C THR E 278 -11.33 22.98 0.41
N THR E 279 -10.52 23.52 -0.51
CA THR E 279 -10.10 24.92 -0.55
C THR E 279 -11.32 25.82 -0.78
N TYR E 280 -12.17 25.53 -1.78
CA TYR E 280 -13.39 26.31 -2.03
C TYR E 280 -14.39 26.24 -0.86
N ASN E 281 -14.58 25.06 -0.25
CA ASN E 281 -15.39 24.87 0.96
C ASN E 281 -14.82 25.65 2.16
N SER E 282 -13.49 25.67 2.32
CA SER E 282 -12.77 26.40 3.36
C SER E 282 -12.98 27.92 3.19
N ILE E 283 -12.84 28.47 1.97
CA ILE E 283 -13.15 29.88 1.69
C ILE E 283 -14.64 30.18 1.91
N MET E 284 -15.54 29.29 1.44
CA MET E 284 -16.98 29.49 1.53
C MET E 284 -17.55 29.41 2.95
N LYS E 285 -16.88 28.71 3.89
CA LYS E 285 -17.28 28.71 5.32
C LYS E 285 -16.71 29.95 6.06
N CYS E 286 -16.04 30.90 5.37
CA CYS E 286 -15.65 32.22 5.90
C CYS E 286 -16.71 33.27 5.53
N ASP E 287 -16.68 34.36 6.31
CA ASP E 287 -17.41 35.63 6.23
C ASP E 287 -17.44 36.25 4.83
N ILE E 288 -18.61 36.76 4.42
CA ILE E 288 -18.99 37.09 3.03
C ILE E 288 -18.24 38.28 2.39
N ASP E 289 -17.53 39.11 3.17
CA ASP E 289 -16.81 40.29 2.68
C ASP E 289 -15.39 39.85 2.25
N ILE E 290 -14.66 39.18 3.14
CA ILE E 290 -13.27 38.77 2.97
C ILE E 290 -13.06 37.67 1.91
N ARG E 291 -14.09 36.90 1.50
CA ARG E 291 -13.97 35.78 0.55
C ARG E 291 -13.28 36.13 -0.78
N LYS E 292 -13.44 37.37 -1.24
CA LYS E 292 -12.83 37.85 -2.48
C LYS E 292 -11.33 38.17 -2.30
N ASP E 293 -10.89 38.56 -1.10
CA ASP E 293 -9.46 38.72 -0.76
C ASP E 293 -8.83 37.35 -0.43
N LEU E 294 -9.62 36.35 -0.01
CA LEU E 294 -9.19 34.95 0.08
C LEU E 294 -9.01 34.35 -1.33
N TYR E 295 -9.98 34.50 -2.25
CA TYR E 295 -9.89 34.08 -3.67
C TYR E 295 -8.64 34.62 -4.38
N ALA E 296 -8.28 35.87 -4.07
CA ALA E 296 -7.16 36.61 -4.63
C ALA E 296 -5.84 36.46 -3.84
N ASN E 297 -5.79 35.64 -2.79
CA ASN E 297 -4.58 35.37 -1.98
C ASN E 297 -4.55 33.90 -1.56
N ASN E 298 -4.64 33.00 -2.54
CA ASN E 298 -4.52 31.56 -2.38
C ASN E 298 -3.01 31.21 -2.42
N VAL E 299 -2.38 31.15 -1.25
CA VAL E 299 -0.97 30.84 -1.10
C VAL E 299 -0.83 29.31 -0.99
N MET E 300 -0.23 28.69 -2.01
CA MET E 300 0.21 27.30 -1.98
C MET E 300 1.52 27.26 -1.19
N SER E 301 1.62 26.34 -0.22
CA SER E 301 2.80 26.03 0.56
C SER E 301 2.68 24.57 1.01
N GLY E 302 3.77 23.97 1.50
CA GLY E 302 3.83 22.59 1.94
C GLY E 302 4.65 21.71 0.99
N GLY E 303 5.05 20.53 1.47
CA GLY E 303 5.95 19.60 0.79
C GLY E 303 5.47 19.09 -0.57
N THR E 304 4.21 18.65 -0.64
CA THR E 304 3.59 18.07 -1.82
C THR E 304 3.30 19.16 -2.89
N THR E 305 3.26 20.45 -2.51
CA THR E 305 3.02 21.55 -3.45
C THR E 305 4.28 21.90 -4.29
N MET E 306 5.39 21.17 -4.11
CA MET E 306 6.60 21.26 -4.93
C MET E 306 6.42 20.64 -6.33
N TYR E 307 5.31 19.92 -6.60
CA TYR E 307 4.97 19.40 -7.92
C TYR E 307 4.81 20.53 -8.97
N PRO E 308 5.35 20.38 -10.20
CA PRO E 308 4.95 21.19 -11.36
C PRO E 308 3.43 21.05 -11.66
N GLY E 309 2.82 22.06 -12.26
CA GLY E 309 1.45 22.05 -12.77
C GLY E 309 0.36 22.31 -11.73
N ILE E 310 0.68 22.29 -10.42
CA ILE E 310 -0.31 22.28 -9.36
C ILE E 310 -1.02 23.64 -9.20
N ALA E 311 -0.33 24.76 -9.45
CA ALA E 311 -0.87 26.12 -9.29
C ALA E 311 -1.76 26.47 -10.49
N ASP E 312 -1.30 26.06 -11.66
CA ASP E 312 -1.87 26.05 -12.99
C ASP E 312 -3.20 25.30 -12.97
N ARG E 313 -3.18 24.06 -12.45
CA ARG E 313 -4.35 23.22 -12.25
C ARG E 313 -5.29 23.79 -11.17
N MET E 314 -4.78 24.29 -10.04
CA MET E 314 -5.60 24.91 -9.00
C MET E 314 -6.35 26.17 -9.51
N GLN E 315 -5.71 27.01 -10.33
CA GLN E 315 -6.34 28.17 -10.97
C GLN E 315 -7.50 27.73 -11.88
N LYS E 316 -7.30 26.64 -12.66
CA LYS E 316 -8.31 25.96 -13.49
C LYS E 316 -9.47 25.41 -12.64
N GLU E 317 -9.19 24.61 -11.59
CA GLU E 317 -10.22 24.00 -10.76
C GLU E 317 -11.02 25.05 -9.95
N ILE E 318 -10.34 26.07 -9.38
CA ILE E 318 -11.02 27.11 -8.60
C ILE E 318 -11.89 28.01 -9.50
N THR E 319 -11.52 28.27 -10.77
CA THR E 319 -12.38 28.98 -11.72
C THR E 319 -13.51 28.09 -12.30
N ALA E 320 -13.53 26.78 -12.03
CA ALA E 320 -14.66 25.91 -12.34
C ALA E 320 -15.66 25.87 -11.17
N LEU E 321 -15.18 26.08 -9.93
CA LEU E 321 -15.99 26.05 -8.71
C LEU E 321 -16.53 27.43 -8.34
N ALA E 322 -15.75 28.50 -8.56
CA ALA E 322 -16.10 29.86 -8.17
C ALA E 322 -16.86 30.59 -9.30
N PRO E 323 -17.88 31.42 -8.98
CA PRO E 323 -18.54 32.35 -9.93
C PRO E 323 -17.55 33.20 -10.75
N SER E 324 -17.85 33.41 -12.03
CA SER E 324 -16.97 34.02 -13.02
C SER E 324 -16.81 35.55 -12.89
N THR E 325 -17.51 36.20 -11.95
CA THR E 325 -17.32 37.59 -11.58
C THR E 325 -16.16 37.77 -10.57
N MET E 326 -15.55 36.67 -10.09
CA MET E 326 -14.50 36.67 -9.08
C MET E 326 -13.11 36.65 -9.73
N LYS E 327 -12.21 37.52 -9.27
CA LYS E 327 -10.83 37.59 -9.71
C LYS E 327 -9.98 36.65 -8.82
N ILE E 328 -9.66 35.47 -9.34
CA ILE E 328 -8.86 34.44 -8.67
C ILE E 328 -7.36 34.73 -8.94
N LYS E 329 -6.52 34.64 -7.91
CA LYS E 329 -5.06 34.80 -7.96
C LYS E 329 -4.47 33.74 -7.01
N ILE E 330 -3.99 32.61 -7.56
CA ILE E 330 -3.22 31.58 -6.86
C ILE E 330 -1.72 32.01 -6.89
N ILE E 331 -1.00 31.79 -5.79
CA ILE E 331 0.43 32.06 -5.65
C ILE E 331 1.11 30.76 -5.19
N ALA E 332 2.27 30.42 -5.77
CA ALA E 332 3.07 29.24 -5.44
C ALA E 332 4.56 29.62 -5.48
N PRO E 333 5.20 29.99 -4.35
CA PRO E 333 6.53 30.60 -4.32
C PRO E 333 7.70 29.65 -4.70
N PRO E 334 8.90 30.19 -4.98
CA PRO E 334 10.14 29.44 -5.34
C PRO E 334 10.58 28.31 -4.38
N GLU E 335 10.19 28.36 -3.10
CA GLU E 335 10.40 27.31 -2.12
C GLU E 335 9.10 27.21 -1.32
N ARG E 336 8.71 25.98 -0.98
CA ARG E 336 7.38 25.62 -0.52
C ARG E 336 7.41 24.61 0.62
N LYS E 337 8.43 23.73 0.69
CA LYS E 337 8.47 22.67 1.70
C LYS E 337 9.06 23.19 3.02
N TYR E 338 9.79 24.31 2.96
CA TYR E 338 10.42 24.96 4.10
C TYR E 338 9.83 26.35 4.37
N SER E 339 8.77 26.82 3.67
CA SER E 339 8.25 28.19 3.79
C SER E 339 7.85 28.57 5.24
N VAL E 340 7.27 27.60 5.98
CA VAL E 340 7.05 27.60 7.42
C VAL E 340 8.34 27.89 8.22
N TRP E 341 9.38 27.08 8.00
CA TRP E 341 10.64 27.12 8.73
C TRP E 341 11.47 28.35 8.37
N ILE E 342 11.48 28.76 7.09
CA ILE E 342 12.15 29.98 6.62
C ILE E 342 11.48 31.23 7.23
N GLY E 343 10.14 31.28 7.27
CA GLY E 343 9.38 32.30 7.99
C GLY E 343 9.68 32.29 9.50
N GLY E 344 9.81 31.09 10.07
CA GLY E 344 10.26 30.84 11.43
C GLY E 344 11.68 31.33 11.72
N SER E 345 12.64 31.10 10.82
CA SER E 345 14.03 31.54 10.95
C SER E 345 14.16 33.06 10.87
N ILE E 346 13.38 33.71 9.99
CA ILE E 346 13.29 35.16 9.93
C ILE E 346 12.66 35.70 11.23
N LEU E 347 11.53 35.13 11.68
CA LEU E 347 10.83 35.59 12.89
C LEU E 347 11.65 35.35 14.16
N ALA E 348 12.43 34.26 14.22
CA ALA E 348 13.33 33.90 15.32
C ALA E 348 14.67 34.67 15.30
N SER E 349 14.93 35.48 14.27
CA SER E 349 16.08 36.40 14.21
C SER E 349 15.61 37.86 14.22
N LEU E 350 14.29 38.10 14.35
CA LEU E 350 13.71 39.42 14.52
C LEU E 350 13.72 39.69 16.03
N SER E 351 14.84 40.26 16.48
CA SER E 351 15.14 40.71 17.84
C SER E 351 14.30 41.96 18.21
N THR E 352 14.27 42.27 19.51
CA THR E 352 13.65 43.43 20.17
C THR E 352 12.16 43.23 20.46
N PHE E 353 11.70 43.77 21.61
CA PHE E 353 10.32 43.82 22.10
C PHE E 353 9.88 42.46 22.70
N GLN E 354 9.84 42.34 24.03
CA GLN E 354 9.63 41.08 24.77
C GLN E 354 8.16 40.61 24.77
N GLN E 355 7.37 40.91 23.73
CA GLN E 355 5.94 40.67 23.69
C GLN E 355 5.61 39.17 23.53
N MET E 356 6.14 38.53 22.48
CA MET E 356 5.77 37.19 22.06
C MET E 356 6.61 36.12 22.78
N TRP E 357 7.92 36.32 22.83
CA TRP E 357 8.90 35.38 23.37
C TRP E 357 8.84 35.39 24.91
N ILE E 358 8.73 34.20 25.51
CA ILE E 358 8.57 33.97 26.94
C ILE E 358 9.97 33.67 27.48
N THR E 359 10.46 34.50 28.40
CA THR E 359 11.69 34.27 29.16
C THR E 359 11.36 33.46 30.43
N LYS E 360 12.28 32.59 30.87
CA LYS E 360 12.17 31.66 32.01
C LYS E 360 11.46 32.24 33.25
N GLN E 361 11.82 33.47 33.64
CA GLN E 361 11.26 34.23 34.75
C GLN E 361 9.72 34.41 34.70
N GLU E 362 9.15 34.47 33.49
CA GLU E 362 7.72 34.65 33.25
C GLU E 362 6.97 33.31 33.39
N TYR E 363 7.65 32.16 33.22
CA TYR E 363 7.11 30.84 33.55
C TYR E 363 7.22 30.63 35.07
N ASP E 364 8.32 31.08 35.68
CA ASP E 364 8.56 30.96 37.13
C ASP E 364 7.65 31.87 37.97
N GLU E 365 7.01 32.87 37.35
CA GLU E 365 5.94 33.69 37.92
C GLU E 365 4.58 33.04 37.64
N ALA E 366 4.22 32.90 36.35
CA ALA E 366 2.85 32.66 35.91
C ALA E 366 2.50 31.18 35.72
N GLY E 367 3.49 30.29 35.77
CA GLY E 367 3.39 28.89 35.41
C GLY E 367 3.17 28.66 33.90
N PRO E 368 2.81 27.43 33.48
CA PRO E 368 2.49 27.06 32.08
C PRO E 368 1.46 27.93 31.33
N SER E 369 0.60 28.69 32.05
CA SER E 369 -0.44 29.52 31.47
C SER E 369 0.14 30.78 30.78
N ILE E 370 1.44 31.09 31.00
CA ILE E 370 2.19 32.20 30.39
C ILE E 370 2.00 32.33 28.86
N VAL E 371 2.00 31.19 28.17
CA VAL E 371 1.88 31.06 26.72
C VAL E 371 0.53 31.61 26.18
N HIS E 372 -0.51 31.67 27.02
CA HIS E 372 -1.84 32.18 26.66
C HIS E 372 -1.98 33.67 27.02
N ARG E 373 -1.03 34.23 27.79
CA ARG E 373 -0.87 35.68 27.94
C ARG E 373 -0.05 36.27 26.78
N LYS E 374 0.69 35.44 26.01
CA LYS E 374 1.80 35.89 25.15
C LYS E 374 1.60 35.51 23.68
N CYS E 375 1.28 34.24 23.37
CA CYS E 375 1.20 33.75 21.99
C CYS E 375 -0.24 33.98 21.47
N PHE E 376 -0.57 35.24 21.22
CA PHE E 376 -1.86 35.75 20.73
C PHE E 376 -2.21 35.19 19.34
N NH2 E 377 -3.49 35.22 18.99
HN1 NH2 E 377 -3.71 35.01 18.02
HN2 NH2 E 377 -4.20 35.59 19.62
C ACE F 1 -33.89 -31.92 -27.95
O ACE F 1 -33.56 -30.69 -27.38
CH3 ACE F 1 -35.11 -31.74 -28.85
H1 ACE F 1 -35.98 -31.44 -28.27
H2 ACE F 1 -35.37 -32.68 -29.35
H3 ACE F 1 -34.93 -30.99 -29.62
N ASP F 2 -32.74 -32.26 -28.75
CA ASP F 2 -31.86 -33.30 -28.16
C ASP F 2 -31.17 -32.88 -26.85
N GLU F 3 -30.69 -33.87 -26.10
CA GLU F 3 -30.14 -33.75 -24.75
C GLU F 3 -28.76 -34.42 -24.69
N ASP F 4 -27.75 -33.75 -24.12
CA ASP F 4 -26.39 -34.24 -23.85
C ASP F 4 -25.86 -33.49 -22.62
N GLU F 5 -25.00 -34.10 -21.78
CA GLU F 5 -24.37 -33.51 -20.60
C GLU F 5 -23.35 -32.46 -21.11
N THR F 6 -23.84 -31.23 -21.24
CA THR F 6 -23.28 -30.11 -22.00
C THR F 6 -22.04 -29.56 -21.27
N THR F 7 -20.88 -30.02 -21.73
CA THR F 7 -19.57 -29.95 -21.07
C THR F 7 -18.97 -28.53 -21.09
N ALA F 8 -19.61 -27.56 -20.41
CA ALA F 8 -19.10 -26.21 -20.20
C ALA F 8 -17.80 -26.23 -19.38
N LEU F 9 -16.85 -25.39 -19.78
CA LEU F 9 -15.44 -25.50 -19.39
C LEU F 9 -15.12 -24.54 -18.23
N VAL F 10 -14.23 -24.98 -17.33
CA VAL F 10 -13.84 -24.26 -16.12
C VAL F 10 -12.30 -24.19 -16.11
N CYS F 11 -11.74 -22.99 -15.94
CA CYS F 11 -10.31 -22.75 -15.78
C CYS F 11 -10.12 -21.67 -14.69
N ASP F 12 -9.14 -21.84 -13.79
CA ASP F 12 -8.86 -20.90 -12.70
C ASP F 12 -7.34 -20.74 -12.47
N ASN F 13 -6.87 -19.52 -12.22
CA ASN F 13 -5.49 -19.14 -11.89
C ASN F 13 -5.56 -17.88 -11.00
N GLY F 14 -4.90 -17.90 -9.83
CA GLY F 14 -4.92 -16.79 -8.87
C GLY F 14 -3.53 -16.29 -8.48
N SER F 15 -2.59 -17.22 -8.32
CA SER F 15 -1.26 -16.99 -7.80
C SER F 15 -0.21 -17.91 -8.47
N GLY F 16 -0.51 -18.41 -9.67
CA GLY F 16 0.43 -19.19 -10.49
C GLY F 16 0.19 -20.70 -10.51
N LEU F 17 -0.84 -21.19 -9.82
CA LEU F 17 -1.31 -22.58 -9.90
C LEU F 17 -2.60 -22.56 -10.73
N VAL F 18 -2.60 -23.25 -11.87
CA VAL F 18 -3.74 -23.42 -12.77
C VAL F 18 -4.55 -24.63 -12.25
N LYS F 19 -5.88 -24.51 -12.26
CA LYS F 19 -6.85 -25.61 -12.04
C LYS F 19 -7.82 -25.59 -13.22
N ALA F 20 -8.24 -26.76 -13.73
CA ALA F 20 -9.20 -26.89 -14.81
C ALA F 20 -10.04 -28.16 -14.70
N GLY F 21 -11.22 -28.17 -15.34
CA GLY F 21 -12.14 -29.28 -15.43
C GLY F 21 -13.45 -28.82 -16.08
N PHE F 22 -14.52 -29.59 -15.91
CA PHE F 22 -15.80 -29.37 -16.57
C PHE F 22 -16.85 -28.99 -15.53
N ALA F 23 -17.84 -28.19 -15.96
CA ALA F 23 -18.92 -27.61 -15.16
C ALA F 23 -19.77 -28.69 -14.49
N GLY F 24 -19.57 -28.88 -13.18
CA GLY F 24 -20.23 -29.92 -12.41
C GLY F 24 -19.24 -30.82 -11.66
N ASP F 25 -17.97 -30.86 -12.08
CA ASP F 25 -16.86 -31.53 -11.41
C ASP F 25 -16.53 -30.75 -10.13
N ASP F 26 -16.48 -31.43 -8.98
CA ASP F 26 -15.98 -30.88 -7.71
C ASP F 26 -14.49 -31.21 -7.52
N ALA F 27 -13.93 -32.07 -8.38
CA ALA F 27 -12.54 -32.50 -8.40
C ALA F 27 -11.98 -32.14 -9.79
N PRO F 28 -10.92 -31.32 -9.94
CA PRO F 28 -10.28 -30.97 -11.22
C PRO F 28 -9.92 -32.16 -12.13
N ARG F 29 -9.93 -31.93 -13.45
CA ARG F 29 -9.42 -32.86 -14.44
C ARG F 29 -7.91 -32.61 -14.68
N ALA F 30 -7.41 -31.40 -14.37
CA ALA F 30 -6.01 -31.04 -14.47
C ALA F 30 -5.70 -29.93 -13.46
N VAL F 31 -4.50 -29.98 -12.86
CA VAL F 31 -3.93 -28.97 -11.99
C VAL F 31 -2.44 -28.93 -12.35
N PHE F 32 -1.88 -27.77 -12.70
CA PHE F 32 -0.48 -27.65 -13.10
C PHE F 32 0.08 -26.27 -12.69
N PRO F 33 1.41 -26.11 -12.47
CA PRO F 33 2.02 -24.81 -12.21
C PRO F 33 2.08 -24.02 -13.53
N SER F 34 1.74 -22.73 -13.50
CA SER F 34 1.52 -21.85 -14.66
C SER F 34 2.84 -21.46 -15.39
N ILE F 35 3.77 -22.40 -15.61
CA ILE F 35 5.04 -22.19 -16.29
C ILE F 35 4.92 -22.70 -17.75
N VAL F 36 5.46 -21.93 -18.71
CA VAL F 36 5.67 -22.28 -20.10
C VAL F 36 7.20 -22.29 -20.31
N GLY F 37 7.72 -23.28 -21.04
CA GLY F 37 9.08 -23.34 -21.54
C GLY F 37 9.10 -23.57 -23.05
N ARG F 38 10.14 -23.06 -23.72
CA ARG F 38 10.43 -23.26 -25.15
C ARG F 38 11.95 -23.39 -25.33
N PRO F 39 12.46 -24.09 -26.38
CA PRO F 39 13.89 -24.33 -26.64
C PRO F 39 14.83 -23.11 -26.54
N ARG F 40 16.05 -23.34 -26.03
CA ARG F 40 17.15 -22.37 -26.06
C ARG F 40 17.97 -22.46 -27.36
N HIS F 41 17.78 -23.53 -28.16
CA HIS F 41 18.34 -23.77 -29.48
C HIS F 41 17.40 -24.75 -30.19
N GLN F 42 17.86 -26.00 -30.42
CA GLN F 42 17.09 -27.10 -31.00
C GLN F 42 16.06 -27.66 -29.99
N GLY F 43 15.06 -28.40 -30.52
CA GLY F 43 14.02 -29.07 -29.74
C GLY F 43 14.53 -30.21 -28.84
N VAL F 44 13.63 -30.74 -28.00
CA VAL F 44 13.88 -31.77 -26.98
C VAL F 44 14.38 -33.10 -27.56
N MET F 45 14.00 -33.40 -28.79
CA MET F 45 14.56 -34.45 -29.63
C MET F 45 14.87 -33.73 -30.95
N VAL F 46 15.96 -34.09 -31.63
CA VAL F 46 16.53 -33.43 -32.82
C VAL F 46 15.49 -33.03 -33.90
N GLY F 47 15.65 -31.83 -34.47
CA GLY F 47 14.70 -31.16 -35.35
C GLY F 47 13.50 -30.58 -34.59
N MET F 48 12.54 -30.02 -35.31
CA MET F 48 11.25 -29.56 -34.78
C MET F 48 10.31 -30.75 -34.50
N GLY F 49 9.38 -30.60 -33.55
CA GLY F 49 8.21 -31.46 -33.36
C GLY F 49 6.97 -30.83 -34.01
N GLN F 50 5.78 -31.40 -33.74
CA GLN F 50 4.50 -30.79 -34.11
C GLN F 50 4.14 -29.63 -33.15
N LYS F 51 4.84 -29.52 -32.02
CA LYS F 51 4.96 -28.35 -31.18
C LYS F 51 6.39 -28.34 -30.61
N ASP F 52 6.90 -27.17 -30.26
CA ASP F 52 8.14 -26.95 -29.51
C ASP F 52 7.90 -25.86 -28.47
N SER F 53 6.83 -26.02 -27.70
CA SER F 53 6.49 -25.24 -26.51
C SER F 53 5.93 -26.26 -25.53
N TYR F 54 6.36 -26.19 -24.28
CA TYR F 54 6.24 -27.24 -23.27
C TYR F 54 5.70 -26.56 -22.00
N VAL F 55 4.47 -26.88 -21.62
CA VAL F 55 3.72 -26.20 -20.55
C VAL F 55 3.69 -27.12 -19.31
N GLY F 56 3.71 -26.51 -18.12
CA GLY F 56 3.52 -27.15 -16.82
C GLY F 56 4.45 -28.34 -16.59
N ASP F 57 3.86 -29.53 -16.51
CA ASP F 57 4.44 -30.87 -16.38
C ASP F 57 5.51 -31.14 -17.45
N GLU F 58 5.32 -30.66 -18.68
CA GLU F 58 6.29 -30.77 -19.76
C GLU F 58 7.46 -29.79 -19.57
N ALA F 59 7.23 -28.61 -18.98
CA ALA F 59 8.30 -27.65 -18.64
C ALA F 59 9.12 -28.16 -17.45
N GLN F 60 8.44 -28.76 -16.46
CA GLN F 60 9.01 -29.26 -15.22
C GLN F 60 9.87 -30.53 -15.43
N SER F 61 9.57 -31.34 -16.44
CA SER F 61 10.22 -32.64 -16.67
C SER F 61 11.22 -32.61 -17.85
N LYS F 62 11.65 -31.42 -18.32
CA LYS F 62 12.51 -31.26 -19.49
C LYS F 62 13.62 -30.24 -19.18
N ARG F 63 14.57 -30.68 -18.35
CA ARG F 63 15.74 -29.92 -17.90
C ARG F 63 16.78 -29.83 -19.02
N GLY F 64 17.61 -28.77 -19.04
CA GLY F 64 18.78 -28.65 -19.90
C GLY F 64 18.53 -28.04 -21.29
N ILE F 65 17.27 -27.76 -21.63
CA ILE F 65 16.85 -27.51 -23.02
C ILE F 65 16.00 -26.23 -23.21
N LEU F 66 15.24 -25.81 -22.18
CA LEU F 66 14.24 -24.75 -22.31
C LEU F 66 14.70 -23.44 -21.65
N THR F 67 14.30 -22.31 -22.23
CA THR F 67 14.12 -21.02 -21.55
C THR F 67 12.63 -20.98 -21.17
N LEU F 68 12.30 -20.45 -19.98
CA LEU F 68 10.97 -20.56 -19.37
C LEU F 68 10.51 -19.22 -18.79
N LYS F 69 9.19 -19.07 -18.69
CA LYS F 69 8.47 -17.97 -18.06
C LYS F 69 7.27 -18.56 -17.29
N TYR F 70 6.89 -17.94 -16.17
CA TYR F 70 5.52 -17.98 -15.69
C TYR F 70 4.90 -16.66 -16.19
N PRO F 71 3.81 -16.63 -16.97
CA PRO F 71 3.05 -15.40 -17.25
C PRO F 71 2.43 -14.67 -16.02
N ILE F 72 2.70 -15.13 -14.79
CA ILE F 72 2.18 -14.66 -13.52
C ILE F 72 3.31 -14.85 -12.49
N GLU F 73 4.28 -13.92 -12.49
CA GLU F 73 5.51 -14.03 -11.69
C GLU F 73 5.29 -13.62 -10.22
N HIS F 74 4.15 -13.00 -9.92
CA HIS F 74 3.63 -12.73 -8.59
C HIS F 74 2.13 -13.00 -8.61
N GLY F 75 1.33 -12.05 -8.12
CA GLY F 75 -0.12 -12.16 -8.04
C GLY F 75 -0.85 -11.55 -9.24
N ILE F 76 -0.11 -10.83 -10.11
CA ILE F 76 -0.63 -10.21 -11.32
C ILE F 76 -0.03 -10.98 -12.51
N ILE F 77 -0.83 -11.10 -13.59
CA ILE F 77 -0.44 -11.63 -14.88
C ILE F 77 0.45 -10.57 -15.57
N THR F 78 1.72 -10.92 -15.82
CA THR F 78 2.80 -10.09 -16.33
C THR F 78 3.11 -10.38 -17.82
N ASN F 79 2.36 -11.28 -18.47
CA ASN F 79 2.47 -11.64 -19.88
C ASN F 79 1.13 -12.26 -20.31
N TRP F 80 0.68 -12.03 -21.57
CA TRP F 80 -0.59 -12.53 -22.09
C TRP F 80 -0.40 -13.51 -23.25
N ASP F 81 0.65 -13.31 -24.03
CA ASP F 81 1.11 -13.99 -25.23
C ASP F 81 1.67 -15.40 -24.95
N ASP F 82 2.11 -15.70 -23.72
CA ASP F 82 2.36 -17.08 -23.24
C ASP F 82 1.20 -17.57 -22.36
N MET F 83 0.39 -16.67 -21.77
CA MET F 83 -0.82 -17.06 -21.00
C MET F 83 -1.89 -17.64 -21.95
N GLU F 84 -1.95 -17.14 -23.19
CA GLU F 84 -2.65 -17.69 -24.35
C GLU F 84 -2.33 -19.19 -24.56
N LYS F 85 -1.05 -19.54 -24.48
CA LYS F 85 -0.55 -20.89 -24.74
C LYS F 85 -0.79 -21.84 -23.55
N ILE F 86 -0.95 -21.30 -22.33
CA ILE F 86 -1.39 -22.07 -21.16
C ILE F 86 -2.85 -22.51 -21.36
N TRP F 87 -3.75 -21.58 -21.74
CA TRP F 87 -5.16 -21.88 -22.03
C TRP F 87 -5.30 -22.87 -23.19
N HIS F 88 -4.51 -22.70 -24.25
CA HIS F 88 -4.47 -23.54 -25.45
C HIS F 88 -4.11 -24.99 -25.08
N HIS F 89 -3.07 -25.16 -24.27
CA HIS F 89 -2.66 -26.46 -23.74
C HIS F 89 -3.69 -27.03 -22.75
N THR F 90 -4.32 -26.20 -21.92
CA THR F 90 -5.35 -26.59 -20.97
C THR F 90 -6.56 -27.20 -21.71
N PHE F 91 -7.10 -26.49 -22.70
CA PHE F 91 -8.24 -26.92 -23.51
C PHE F 91 -7.89 -28.14 -24.39
N TYR F 92 -6.85 -28.04 -25.21
CA TYR F 92 -6.62 -28.98 -26.31
C TYR F 92 -5.68 -30.14 -25.93
N ASN F 93 -5.01 -30.13 -24.77
CA ASN F 93 -4.02 -31.17 -24.37
C ASN F 93 -4.30 -31.78 -23.00
N GLU F 94 -4.68 -31.00 -22.00
CA GLU F 94 -5.00 -31.51 -20.65
C GLU F 94 -6.47 -31.98 -20.63
N LEU F 95 -7.42 -31.08 -20.90
CA LEU F 95 -8.85 -31.39 -20.93
C LEU F 95 -9.21 -32.17 -22.20
N ARG F 96 -8.57 -31.84 -23.33
CA ARG F 96 -8.67 -32.50 -24.63
C ARG F 96 -10.01 -32.21 -25.34
N VAL F 97 -10.55 -31.02 -25.15
CA VAL F 97 -11.79 -30.51 -25.73
C VAL F 97 -11.47 -29.47 -26.82
N ALA F 98 -12.47 -29.18 -27.65
CA ALA F 98 -12.52 -28.02 -28.53
C ALA F 98 -13.37 -26.95 -27.80
N PRO F 99 -12.82 -25.80 -27.35
CA PRO F 99 -13.59 -24.69 -26.77
C PRO F 99 -14.43 -23.90 -27.78
N GLU F 100 -14.21 -24.08 -29.11
CA GLU F 100 -14.94 -23.47 -30.24
C GLU F 100 -16.47 -23.34 -30.07
N GLU F 101 -17.11 -24.36 -29.47
CA GLU F 101 -18.57 -24.46 -29.30
C GLU F 101 -18.98 -24.62 -27.83
N HIS F 102 -18.04 -24.63 -26.87
CA HIS F 102 -18.32 -24.93 -25.46
C HIS F 102 -18.06 -23.68 -24.58
N PRO F 103 -19.09 -23.09 -23.93
CA PRO F 103 -18.93 -21.97 -22.98
C PRO F 103 -17.88 -22.16 -21.87
N THR F 104 -17.26 -21.06 -21.42
CA THR F 104 -16.15 -21.05 -20.46
C THR F 104 -16.50 -20.17 -19.24
N LEU F 105 -16.25 -20.67 -18.03
CA LEU F 105 -16.08 -19.87 -16.81
C LEU F 105 -14.57 -19.71 -16.59
N LEU F 106 -14.11 -18.47 -16.51
CA LEU F 106 -12.77 -18.09 -16.13
C LEU F 106 -12.84 -17.28 -14.82
N THR F 107 -11.72 -17.16 -14.10
CA THR F 107 -11.59 -16.37 -12.90
C THR F 107 -10.54 -15.26 -13.14
N GLU F 108 -10.85 -14.04 -12.69
CA GLU F 108 -9.89 -12.96 -12.51
C GLU F 108 -9.18 -13.21 -11.16
N ALA F 109 -7.85 -13.11 -11.20
CA ALA F 109 -6.97 -13.18 -10.04
C ALA F 109 -7.08 -11.84 -9.27
N PRO F 110 -7.30 -11.84 -7.94
CA PRO F 110 -7.40 -10.63 -7.10
C PRO F 110 -6.24 -9.62 -7.28
N LEU F 111 -6.54 -8.33 -7.05
CA LEU F 111 -5.56 -7.23 -7.01
C LEU F 111 -4.88 -6.95 -8.36
N ASN F 112 -5.50 -7.35 -9.47
CA ASN F 112 -5.01 -7.15 -10.84
C ASN F 112 -5.67 -5.88 -11.43
N PRO F 113 -4.98 -5.07 -12.27
CA PRO F 113 -5.54 -3.90 -12.97
C PRO F 113 -6.83 -4.18 -13.77
N LYS F 114 -7.69 -3.15 -13.95
CA LYS F 114 -8.95 -3.15 -14.72
C LYS F 114 -8.91 -3.98 -16.03
N ALA F 115 -7.86 -3.77 -16.83
CA ALA F 115 -7.73 -4.29 -18.19
C ALA F 115 -7.43 -5.79 -18.23
N ASN F 116 -7.07 -6.41 -17.10
CA ASN F 116 -6.67 -7.81 -17.01
C ASN F 116 -7.84 -8.75 -17.33
N ARG F 117 -9.05 -8.49 -16.79
CA ARG F 117 -10.25 -9.24 -17.15
C ARG F 117 -10.72 -8.96 -18.59
N GLU F 118 -10.40 -7.79 -19.15
CA GLU F 118 -10.78 -7.40 -20.51
C GLU F 118 -9.85 -8.08 -21.53
N LYS F 119 -8.55 -8.18 -21.23
CA LYS F 119 -7.60 -8.91 -22.06
C LYS F 119 -7.85 -10.43 -22.00
N MET F 120 -8.36 -10.95 -20.87
CA MET F 120 -8.86 -12.31 -20.72
C MET F 120 -10.11 -12.54 -21.61
N THR F 121 -11.07 -11.61 -21.55
CA THR F 121 -12.32 -11.63 -22.34
C THR F 121 -12.01 -11.61 -23.84
N GLN F 122 -11.11 -10.71 -24.26
CA GLN F 122 -10.54 -10.57 -25.60
C GLN F 122 -10.03 -11.89 -26.19
N ILE F 123 -9.00 -12.51 -25.58
CA ILE F 123 -8.34 -13.72 -26.08
C ILE F 123 -9.33 -14.89 -26.21
N MET F 124 -10.30 -15.00 -25.29
CA MET F 124 -11.35 -16.00 -25.35
C MET F 124 -12.29 -15.80 -26.55
N PHE F 125 -12.67 -14.56 -26.89
CA PHE F 125 -13.58 -14.31 -28.02
C PHE F 125 -12.86 -14.15 -29.37
N GLU F 126 -11.64 -13.59 -29.41
CA GLU F 126 -10.94 -13.31 -30.66
C GLU F 126 -10.02 -14.46 -31.08
N THR F 127 -9.42 -15.19 -30.13
CA THR F 127 -8.43 -16.23 -30.45
C THR F 127 -9.07 -17.62 -30.34
N PHE F 128 -9.81 -17.91 -29.27
CA PHE F 128 -10.42 -19.23 -29.05
C PHE F 128 -11.84 -19.32 -29.61
N ASN F 129 -12.54 -18.19 -29.82
CA ASN F 129 -13.84 -18.09 -30.49
C ASN F 129 -15.03 -18.55 -29.63
N VAL F 130 -14.82 -18.67 -28.31
CA VAL F 130 -15.77 -19.19 -27.31
C VAL F 130 -17.16 -18.50 -27.45
N PRO F 131 -18.29 -19.24 -27.50
CA PRO F 131 -19.58 -18.65 -27.86
C PRO F 131 -20.18 -17.76 -26.75
N ALA F 132 -20.02 -18.14 -25.48
CA ALA F 132 -20.45 -17.39 -24.30
C ALA F 132 -19.50 -17.68 -23.15
N MET F 133 -19.24 -16.71 -22.29
CA MET F 133 -18.32 -16.86 -21.18
C MET F 133 -18.63 -15.87 -20.05
N TYR F 134 -18.00 -16.08 -18.90
CA TYR F 134 -18.00 -15.15 -17.77
C TYR F 134 -16.61 -15.19 -17.12
N VAL F 135 -16.15 -14.02 -16.66
CA VAL F 135 -14.96 -13.86 -15.84
C VAL F 135 -15.48 -13.47 -14.45
N ALA F 136 -15.40 -14.38 -13.48
CA ALA F 136 -15.75 -14.11 -12.09
C ALA F 136 -14.53 -13.55 -11.35
N ILE F 137 -14.71 -12.85 -10.23
CA ILE F 137 -13.64 -12.66 -9.27
C ILE F 137 -13.49 -13.97 -8.49
N GLN F 138 -12.26 -14.49 -8.36
CA GLN F 138 -11.93 -15.80 -7.83
C GLN F 138 -12.45 -16.04 -6.40
N ALA F 139 -12.20 -15.06 -5.53
CA ALA F 139 -12.44 -15.11 -4.09
C ALA F 139 -13.90 -15.34 -3.70
N VAL F 140 -14.85 -14.69 -4.40
CA VAL F 140 -16.28 -14.72 -4.08
C VAL F 140 -16.86 -16.13 -4.23
N LEU F 141 -16.30 -16.95 -5.12
CA LEU F 141 -16.76 -18.30 -5.41
C LEU F 141 -16.54 -19.23 -4.19
N SER F 142 -15.45 -19.00 -3.44
CA SER F 142 -15.15 -19.72 -2.22
C SER F 142 -15.90 -19.08 -1.02
N LEU F 143 -16.19 -17.76 -1.07
CA LEU F 143 -17.03 -17.06 -0.08
C LEU F 143 -18.45 -17.63 -0.10
N TYR F 144 -19.04 -17.73 -1.29
CA TYR F 144 -20.31 -18.36 -1.59
C TYR F 144 -20.31 -19.86 -1.24
N ALA F 145 -19.21 -20.60 -1.50
CA ALA F 145 -19.07 -22.01 -1.13
C ALA F 145 -18.94 -22.20 0.40
N SER F 146 -18.34 -21.25 1.13
CA SER F 146 -18.33 -21.23 2.59
C SER F 146 -19.75 -21.04 3.14
N GLY F 147 -20.54 -20.16 2.50
CA GLY F 147 -21.90 -19.81 2.88
C GLY F 147 -22.02 -18.34 3.31
N ARG F 148 -21.17 -17.47 2.75
CA ARG F 148 -21.16 -16.04 2.96
C ARG F 148 -21.45 -15.34 1.63
N THR F 149 -22.07 -14.16 1.67
CA THR F 149 -22.15 -13.20 0.55
C THR F 149 -21.29 -11.95 0.85
N THR F 150 -20.96 -11.77 2.14
CA THR F 150 -20.18 -10.69 2.75
C THR F 150 -19.19 -11.39 3.72
N GLY F 151 -17.95 -10.91 3.83
CA GLY F 151 -16.90 -11.50 4.67
C GLY F 151 -15.51 -11.12 4.14
N ILE F 152 -14.47 -11.89 4.47
CA ILE F 152 -13.10 -11.69 4.00
C ILE F 152 -12.54 -13.05 3.56
N VAL F 153 -11.94 -13.09 2.37
CA VAL F 153 -11.37 -14.30 1.77
C VAL F 153 -9.85 -14.12 1.71
N LEU F 154 -9.13 -15.19 2.10
CA LEU F 154 -7.71 -15.37 1.93
C LEU F 154 -7.52 -16.42 0.82
N ASP F 155 -6.75 -16.10 -0.24
CA ASP F 155 -6.04 -17.14 -1.04
C ASP F 155 -4.61 -17.18 -0.47
N SER F 156 -4.00 -18.35 -0.56
CA SER F 156 -2.59 -18.60 -0.35
C SER F 156 -2.28 -19.79 -1.26
N GLY F 157 -2.38 -19.58 -2.57
CA GLY F 157 -2.33 -20.60 -3.61
C GLY F 157 -0.90 -21.08 -3.82
N ASP F 158 -0.08 -20.27 -4.52
CA ASP F 158 1.30 -20.57 -4.86
C ASP F 158 2.23 -19.37 -4.64
N GLY F 159 2.18 -18.36 -5.51
CA GLY F 159 3.17 -17.28 -5.56
C GLY F 159 2.87 -16.02 -4.76
N VAL F 160 1.68 -15.89 -4.17
CA VAL F 160 1.26 -14.80 -3.30
C VAL F 160 0.20 -15.35 -2.34
N THR F 161 0.04 -14.69 -1.20
CA THR F 161 -1.17 -14.73 -0.41
C THR F 161 -1.96 -13.44 -0.77
N HIS F 162 -3.25 -13.56 -1.11
CA HIS F 162 -4.16 -12.44 -1.36
C HIS F 162 -5.10 -12.34 -0.13
N ASN F 163 -5.50 -11.14 0.28
CA ASN F 163 -6.46 -10.86 1.36
C ASN F 163 -7.53 -9.92 0.81
N VAL F 164 -8.76 -10.43 0.65
CA VAL F 164 -9.84 -9.79 -0.11
C VAL F 164 -11.09 -9.67 0.79
N PRO F 165 -11.32 -8.51 1.45
CA PRO F 165 -12.61 -8.15 2.05
C PRO F 165 -13.67 -8.04 0.95
N ILE F 166 -14.84 -8.64 1.14
CA ILE F 166 -15.97 -8.63 0.22
C ILE F 166 -17.22 -8.20 1.00
N TYR F 167 -17.99 -7.28 0.44
CA TYR F 167 -19.32 -6.89 0.87
C TYR F 167 -20.25 -7.15 -0.32
N GLU F 168 -21.25 -8.02 -0.12
CA GLU F 168 -22.33 -8.43 -1.02
C GLU F 168 -21.86 -8.64 -2.47
N GLY F 169 -20.81 -9.46 -2.61
CA GLY F 169 -20.20 -9.85 -3.87
C GLY F 169 -19.19 -8.85 -4.44
N TYR F 170 -19.06 -7.64 -3.90
CA TYR F 170 -18.11 -6.62 -4.35
C TYR F 170 -16.90 -6.65 -3.41
N ALA F 171 -15.68 -6.73 -3.95
CA ALA F 171 -14.43 -6.72 -3.21
C ALA F 171 -13.99 -5.26 -3.02
N LEU F 172 -13.72 -4.86 -1.77
CA LEU F 172 -13.53 -3.47 -1.35
C LEU F 172 -12.17 -2.90 -1.82
N PRO F 173 -12.12 -2.01 -2.84
CA PRO F 173 -10.88 -1.65 -3.54
C PRO F 173 -9.92 -0.75 -2.74
N HIS F 174 -10.40 -0.13 -1.65
CA HIS F 174 -9.64 0.66 -0.70
C HIS F 174 -8.98 -0.20 0.39
N ALA F 175 -9.34 -1.48 0.51
CA ALA F 175 -9.00 -2.34 1.66
C ALA F 175 -8.44 -3.73 1.31
N ILE F 176 -8.51 -4.16 0.05
CA ILE F 176 -7.84 -5.35 -0.49
C ILE F 176 -6.32 -5.29 -0.25
N MET F 177 -5.69 -6.43 0.10
CA MET F 177 -4.28 -6.56 0.44
C MET F 177 -3.67 -7.83 -0.17
N ARG F 178 -2.34 -7.89 -0.22
CA ARG F 178 -1.57 -8.99 -0.78
C ARG F 178 -0.28 -9.09 0.04
N LEU F 179 0.26 -10.30 0.17
CA LEU F 179 1.51 -10.61 0.84
C LEU F 179 2.24 -11.56 -0.11
N ASP F 180 3.35 -11.09 -0.70
CA ASP F 180 4.06 -11.77 -1.78
C ASP F 180 5.09 -12.74 -1.18
N LEU F 181 4.54 -13.78 -0.55
CA LEU F 181 5.17 -14.97 -0.02
C LEU F 181 4.01 -15.98 0.09
N ALA F 182 4.16 -17.18 -0.48
CA ALA F 182 3.23 -18.28 -0.26
C ALA F 182 3.89 -19.63 -0.56
N GLY F 183 3.07 -20.62 -0.93
CA GLY F 183 3.40 -22.02 -1.17
C GLY F 183 4.53 -22.26 -2.17
N ARG F 184 4.83 -21.33 -3.08
CA ARG F 184 5.94 -21.37 -4.01
C ARG F 184 7.26 -21.33 -3.23
N ASP F 185 7.50 -20.20 -2.58
CA ASP F 185 8.75 -19.76 -1.94
C ASP F 185 8.97 -20.52 -0.63
N LEU F 186 7.89 -21.06 -0.03
CA LEU F 186 7.94 -22.03 1.04
C LEU F 186 8.55 -23.38 0.60
N THR F 187 8.45 -23.78 -0.69
CA THR F 187 9.15 -24.97 -1.21
C THR F 187 10.67 -24.71 -1.24
N ASP F 188 11.06 -23.48 -1.60
CA ASP F 188 12.46 -23.06 -1.73
C ASP F 188 13.07 -22.80 -0.34
N TYR F 189 12.34 -22.20 0.60
CA TYR F 189 12.72 -22.11 2.02
C TYR F 189 12.86 -23.50 2.66
N LEU F 190 11.98 -24.47 2.34
CA LEU F 190 12.07 -25.86 2.79
C LEU F 190 13.41 -26.52 2.39
N MET F 191 13.87 -26.37 1.13
CA MET F 191 15.21 -26.85 0.75
C MET F 191 16.36 -25.96 1.26
N LYS F 192 16.12 -24.68 1.59
CA LYS F 192 17.12 -23.79 2.22
C LYS F 192 17.39 -24.23 3.67
N ILE F 193 16.47 -24.95 4.34
CA ILE F 193 16.67 -25.51 5.68
C ILE F 193 16.99 -27.02 5.63
N LEU F 194 16.56 -27.78 4.61
CA LEU F 194 17.06 -29.16 4.40
C LEU F 194 18.52 -29.19 3.93
N THR F 195 19.07 -28.03 3.52
CA THR F 195 20.51 -27.77 3.38
C THR F 195 21.26 -27.98 4.71
N GLU F 196 20.64 -27.74 5.88
CA GLU F 196 21.25 -27.92 7.20
C GLU F 196 21.49 -29.41 7.53
N ARG F 197 20.86 -30.33 6.78
CA ARG F 197 21.08 -31.77 6.84
C ARG F 197 22.04 -32.25 5.75
N GLY F 198 22.54 -31.35 4.89
CA GLY F 198 23.45 -31.67 3.79
C GLY F 198 22.76 -32.20 2.54
N TYR F 199 21.44 -32.00 2.37
CA TYR F 199 20.74 -32.39 1.15
C TYR F 199 20.87 -31.26 0.12
N SER F 200 21.89 -31.36 -0.74
CA SER F 200 22.23 -30.51 -1.88
C SER F 200 21.19 -30.55 -3.03
N PHE F 201 19.90 -30.41 -2.71
CA PHE F 201 18.79 -30.42 -3.67
C PHE F 201 18.87 -29.20 -4.60
N VAL F 202 18.59 -29.39 -5.89
CA VAL F 202 18.61 -28.34 -6.90
C VAL F 202 17.64 -28.60 -8.07
N THR F 203 17.41 -29.86 -8.45
CA THR F 203 16.75 -30.23 -9.69
C THR F 203 15.21 -30.18 -9.55
N THR F 204 14.51 -30.17 -10.70
CA THR F 204 13.04 -30.34 -10.74
C THR F 204 12.61 -31.72 -10.20
N ALA F 205 13.46 -32.75 -10.40
CA ALA F 205 13.26 -34.11 -9.94
C ALA F 205 13.34 -34.23 -8.40
N GLU F 206 14.01 -33.28 -7.74
CA GLU F 206 14.03 -33.16 -6.28
C GLU F 206 12.97 -32.17 -5.80
N ARG F 207 12.63 -31.13 -6.58
CA ARG F 207 11.52 -30.20 -6.29
C ARG F 207 10.17 -30.94 -6.21
N GLU F 208 10.01 -32.01 -7.00
CA GLU F 208 8.98 -33.05 -6.90
C GLU F 208 8.90 -33.64 -5.48
N ILE F 209 10.03 -34.05 -4.91
CA ILE F 209 10.14 -34.67 -3.59
C ILE F 209 9.92 -33.61 -2.49
N VAL F 210 10.47 -32.39 -2.65
CA VAL F 210 10.28 -31.28 -1.71
C VAL F 210 8.81 -30.77 -1.72
N ARG F 211 8.12 -30.77 -2.87
CA ARG F 211 6.66 -30.58 -2.97
C ARG F 211 5.92 -31.64 -2.15
N ASP F 212 6.32 -32.90 -2.29
CA ASP F 212 5.68 -34.03 -1.63
C ASP F 212 5.85 -34.00 -0.10
N ILE F 213 6.96 -33.46 0.42
CA ILE F 213 7.16 -33.16 1.85
C ILE F 213 6.24 -31.98 2.26
N LYS F 214 6.11 -30.94 1.42
CA LYS F 214 5.24 -29.78 1.64
C LYS F 214 3.76 -30.18 1.79
N GLU F 215 3.24 -31.08 0.94
CA GLU F 215 1.87 -31.60 1.01
C GLU F 215 1.74 -32.61 2.16
N LYS F 216 2.58 -33.66 2.22
CA LYS F 216 2.31 -34.82 3.06
C LYS F 216 2.93 -34.75 4.47
N LEU F 217 3.79 -33.75 4.78
CA LEU F 217 4.56 -33.73 6.02
C LEU F 217 4.57 -32.41 6.80
N CYS F 218 4.22 -31.26 6.21
CA CYS F 218 4.40 -29.95 6.86
C CYS F 218 3.11 -29.47 7.56
N TYR F 219 3.25 -28.84 8.73
CA TYR F 219 2.20 -28.41 9.64
C TYR F 219 2.59 -27.09 10.29
N VAL F 220 1.62 -26.23 10.60
CA VAL F 220 1.82 -24.99 11.34
C VAL F 220 1.80 -25.34 12.84
N ALA F 221 2.65 -24.67 13.61
CA ALA F 221 2.67 -24.75 15.06
C ALA F 221 1.55 -23.86 15.62
N LEU F 222 0.95 -24.27 16.72
CA LEU F 222 0.00 -23.51 17.51
C LEU F 222 0.78 -22.59 18.47
N ASP F 223 1.87 -23.09 19.05
CA ASP F 223 2.87 -22.34 19.82
C ASP F 223 4.24 -22.91 19.43
N PHE F 224 5.05 -22.14 18.70
CA PHE F 224 6.35 -22.56 18.16
C PHE F 224 7.33 -23.10 19.22
N GLU F 225 7.34 -22.50 20.42
CA GLU F 225 8.15 -22.91 21.57
C GLU F 225 7.64 -24.25 22.16
N ASN F 226 6.31 -24.46 22.17
CA ASN F 226 5.64 -25.67 22.64
C ASN F 226 5.96 -26.83 21.68
N GLU F 227 5.83 -26.61 20.38
CA GLU F 227 6.02 -27.64 19.36
C GLU F 227 7.50 -28.07 19.26
N MET F 228 8.45 -27.18 19.60
CA MET F 228 9.87 -27.47 19.74
C MET F 228 10.13 -28.32 21.01
N ALA F 229 9.51 -27.95 22.14
CA ALA F 229 9.63 -28.65 23.42
C ALA F 229 8.97 -30.04 23.37
N THR F 230 7.80 -30.14 22.74
CA THR F 230 7.02 -31.37 22.57
C THR F 230 7.77 -32.35 21.65
N ALA F 231 8.48 -31.85 20.62
CA ALA F 231 9.33 -32.65 19.74
C ALA F 231 10.56 -33.16 20.49
N ALA F 232 11.24 -32.28 21.24
CA ALA F 232 12.45 -32.60 22.01
C ALA F 232 12.19 -33.53 23.22
N SER F 233 10.94 -33.57 23.73
CA SER F 233 10.50 -34.45 24.80
C SER F 233 9.92 -35.77 24.25
N SER F 234 9.92 -35.99 22.94
CA SER F 234 9.48 -37.23 22.30
C SER F 234 10.72 -38.08 21.97
N SER F 235 10.55 -39.40 21.90
CA SER F 235 11.56 -40.34 21.43
C SER F 235 11.56 -40.47 19.90
N SER F 236 10.72 -39.72 19.17
CA SER F 236 10.75 -39.59 17.73
C SER F 236 10.26 -38.19 17.34
N LEU F 237 11.05 -37.52 16.48
CA LEU F 237 10.78 -36.21 15.90
C LEU F 237 11.34 -36.23 14.46
N GLU F 238 12.57 -36.74 14.32
CA GLU F 238 13.21 -37.11 13.07
C GLU F 238 12.47 -38.32 12.46
N LYS F 239 12.08 -38.23 11.18
CA LYS F 239 11.43 -39.29 10.43
C LYS F 239 11.85 -39.27 8.96
N SER F 240 12.02 -40.47 8.39
CA SER F 240 12.30 -40.71 6.99
C SER F 240 11.07 -40.48 6.08
N TYR F 241 11.30 -39.86 4.91
CA TYR F 241 10.51 -39.97 3.70
C TYR F 241 11.37 -40.77 2.69
N GLU F 242 10.75 -41.27 1.62
CA GLU F 242 11.35 -42.19 0.65
C GLU F 242 11.04 -41.69 -0.76
N LEU F 243 12.04 -41.71 -1.63
CA LEU F 243 11.97 -41.32 -3.04
C LEU F 243 11.50 -42.54 -3.84
N PRO F 244 10.65 -42.40 -4.88
CA PRO F 244 10.10 -43.49 -5.70
C PRO F 244 11.08 -44.58 -6.23
N ASP F 245 12.37 -44.27 -6.33
CA ASP F 245 13.42 -45.17 -6.78
C ASP F 245 13.99 -46.02 -5.61
N GLY F 246 13.58 -45.77 -4.37
CA GLY F 246 13.90 -46.55 -3.17
C GLY F 246 14.90 -45.86 -2.23
N GLN F 247 15.42 -44.68 -2.58
CA GLN F 247 16.35 -43.94 -1.72
C GLN F 247 15.57 -43.15 -0.66
N VAL F 248 16.20 -42.86 0.48
CA VAL F 248 15.55 -42.39 1.71
C VAL F 248 16.16 -41.05 2.13
N ILE F 249 15.34 -40.12 2.64
CA ILE F 249 15.72 -38.81 3.16
C ILE F 249 15.00 -38.55 4.49
N THR F 250 15.64 -37.90 5.47
CA THR F 250 15.10 -37.66 6.81
C THR F 250 14.73 -36.17 6.94
N ILE F 251 13.60 -35.90 7.60
CA ILE F 251 13.06 -34.58 7.90
C ILE F 251 12.65 -34.59 9.39
N GLY F 252 12.82 -33.46 10.08
CA GLY F 252 12.48 -33.28 11.49
C GLY F 252 11.64 -32.03 11.70
N ASN F 253 12.15 -31.09 12.51
CA ASN F 253 11.49 -29.84 12.89
C ASN F 253 11.28 -28.86 11.71
N GLU F 254 11.93 -29.09 10.56
CA GLU F 254 11.72 -28.37 9.29
C GLU F 254 10.24 -28.29 8.87
N ARG F 255 9.47 -29.33 9.22
CA ARG F 255 8.03 -29.49 9.03
C ARG F 255 7.17 -28.35 9.58
N PHE F 256 7.64 -27.61 10.59
CA PHE F 256 6.97 -26.44 11.16
C PHE F 256 7.84 -25.19 11.12
N ARG F 257 9.17 -25.30 11.01
CA ARG F 257 10.05 -24.15 10.72
C ARG F 257 9.75 -23.54 9.34
N CYS F 258 9.44 -24.38 8.33
CA CYS F 258 9.01 -23.99 6.98
C CYS F 258 7.72 -23.13 7.03
N PRO F 259 6.49 -23.65 7.34
CA PRO F 259 5.26 -22.86 7.45
C PRO F 259 5.30 -21.55 8.27
N GLU F 260 5.99 -21.52 9.42
CA GLU F 260 6.01 -20.40 10.38
C GLU F 260 6.37 -19.03 9.78
N THR F 261 7.21 -18.95 8.74
CA THR F 261 7.59 -17.66 8.15
C THR F 261 6.43 -16.96 7.37
N LEU F 262 5.26 -17.60 7.21
CA LEU F 262 4.05 -17.00 6.67
C LEU F 262 3.30 -16.20 7.77
N PHE F 263 3.50 -16.58 9.04
CA PHE F 263 2.99 -15.87 10.21
C PHE F 263 4.00 -14.79 10.65
N GLN F 264 5.26 -14.86 10.24
CA GLN F 264 6.19 -13.73 10.38
C GLN F 264 7.29 -13.75 9.29
N PRO F 265 7.09 -13.06 8.13
CA PRO F 265 8.11 -12.88 7.07
C PRO F 265 9.48 -12.32 7.50
N SER F 266 9.60 -11.81 8.74
CA SER F 266 10.87 -11.49 9.40
C SER F 266 11.84 -12.68 9.46
N PHE F 267 11.35 -13.93 9.54
CA PHE F 267 12.19 -15.12 9.63
C PHE F 267 12.89 -15.43 8.29
N ILE F 268 12.22 -15.29 7.14
CA ILE F 268 12.84 -15.42 5.80
C ILE F 268 13.48 -14.08 5.36
N GLY F 269 13.24 -12.99 6.08
CA GLY F 269 13.96 -11.73 5.98
C GLY F 269 13.35 -10.73 5.00
N MET F 270 12.02 -10.56 5.07
CA MET F 270 11.32 -9.37 4.61
C MET F 270 10.89 -8.55 5.84
N GLU F 271 10.49 -7.29 5.63
CA GLU F 271 9.95 -6.40 6.68
C GLU F 271 8.46 -6.68 6.95
N SER F 272 7.80 -7.34 5.99
CA SER F 272 6.38 -7.62 5.88
C SER F 272 5.80 -8.31 7.13
N ALA F 273 4.54 -8.00 7.46
CA ALA F 273 3.78 -8.57 8.56
C ALA F 273 3.18 -9.92 8.14
N GLY F 274 2.73 -10.71 9.11
CA GLY F 274 2.14 -12.03 8.94
C GLY F 274 0.74 -11.99 8.33
N ILE F 275 0.26 -13.14 7.86
CA ILE F 275 -1.07 -13.29 7.26
C ILE F 275 -2.24 -12.85 8.16
N HIS F 276 -2.17 -13.09 9.48
CA HIS F 276 -3.15 -12.63 10.47
C HIS F 276 -3.13 -11.11 10.64
N GLU F 277 -1.92 -10.54 10.64
CA GLU F 277 -1.68 -9.10 10.75
C GLU F 277 -2.18 -8.40 9.47
N THR F 278 -1.92 -8.98 8.30
CA THR F 278 -2.37 -8.50 6.98
C THR F 278 -3.91 -8.60 6.88
N THR F 279 -4.50 -9.69 7.41
CA THR F 279 -5.95 -9.87 7.49
C THR F 279 -6.57 -8.77 8.37
N TYR F 280 -6.04 -8.52 9.58
CA TYR F 280 -6.61 -7.49 10.45
C TYR F 280 -6.30 -6.06 9.98
N ASN F 281 -5.14 -5.80 9.35
CA ASN F 281 -4.84 -4.53 8.67
C ASN F 281 -5.80 -4.26 7.51
N SER F 282 -6.16 -5.30 6.75
CA SER F 282 -7.18 -5.27 5.70
C SER F 282 -8.57 -4.97 6.30
N ILE F 283 -9.00 -5.68 7.36
CA ILE F 283 -10.23 -5.43 8.11
C ILE F 283 -10.27 -3.99 8.66
N MET F 284 -9.19 -3.53 9.30
CA MET F 284 -9.06 -2.19 9.88
C MET F 284 -9.18 -1.07 8.83
N LYS F 285 -8.80 -1.34 7.57
CA LYS F 285 -8.91 -0.38 6.49
C LYS F 285 -10.30 -0.45 5.80
N CYS F 286 -11.18 -1.37 6.21
CA CYS F 286 -12.58 -1.40 5.79
C CYS F 286 -13.39 -0.47 6.72
N ASP F 287 -14.53 -0.05 6.19
CA ASP F 287 -15.52 0.87 6.71
C ASP F 287 -16.08 0.38 8.06
N ILE F 288 -16.20 1.30 9.03
CA ILE F 288 -16.49 1.05 10.44
C ILE F 288 -17.83 0.33 10.71
N ASP F 289 -18.81 0.49 9.81
CA ASP F 289 -20.17 -0.05 9.89
C ASP F 289 -20.22 -1.50 9.38
N ILE F 290 -19.12 -2.06 8.86
CA ILE F 290 -19.03 -3.44 8.35
C ILE F 290 -17.85 -4.25 8.95
N ARG F 291 -16.86 -3.64 9.61
CA ARG F 291 -15.70 -4.33 10.22
C ARG F 291 -16.10 -5.46 11.21
N LYS F 292 -17.16 -5.20 11.97
CA LYS F 292 -17.83 -6.09 12.93
C LYS F 292 -18.08 -7.51 12.39
N ASP F 293 -18.51 -7.64 11.13
CA ASP F 293 -18.91 -8.93 10.53
C ASP F 293 -17.74 -9.60 9.81
N LEU F 294 -16.65 -8.87 9.51
CA LEU F 294 -15.46 -9.45 8.88
C LEU F 294 -14.70 -10.33 9.88
N TYR F 295 -14.76 -10.01 11.18
CA TYR F 295 -14.23 -10.78 12.30
C TYR F 295 -14.68 -12.26 12.30
N ALA F 296 -15.94 -12.51 11.91
CA ALA F 296 -16.59 -13.81 12.01
C ALA F 296 -16.53 -14.63 10.71
N ASN F 297 -15.97 -14.07 9.63
CA ASN F 297 -16.18 -14.55 8.25
C ASN F 297 -14.86 -14.57 7.47
N ASN F 298 -13.80 -15.09 8.09
CA ASN F 298 -12.46 -15.20 7.50
C ASN F 298 -12.38 -16.57 6.81
N VAL F 299 -12.56 -16.60 5.48
CA VAL F 299 -12.57 -17.81 4.66
C VAL F 299 -11.13 -18.08 4.19
N MET F 300 -10.58 -19.24 4.57
CA MET F 300 -9.24 -19.70 4.20
C MET F 300 -9.39 -20.59 2.96
N SER F 301 -8.97 -20.10 1.78
CA SER F 301 -8.86 -20.85 0.53
C SER F 301 -7.37 -20.96 0.16
N GLY F 302 -7.03 -21.87 -0.76
CA GLY F 302 -5.74 -21.90 -1.44
C GLY F 302 -4.90 -23.10 -1.01
N GLY F 303 -3.85 -23.41 -1.79
CA GLY F 303 -3.04 -24.62 -1.65
C GLY F 303 -2.24 -24.71 -0.35
N THR F 304 -1.81 -23.57 0.20
CA THR F 304 -0.98 -23.50 1.40
C THR F 304 -1.84 -23.61 2.69
N THR F 305 -3.19 -23.59 2.59
CA THR F 305 -4.08 -23.76 3.74
C THR F 305 -4.26 -25.25 4.15
N MET F 306 -3.54 -26.15 3.48
CA MET F 306 -3.59 -27.60 3.68
C MET F 306 -2.69 -28.08 4.83
N TYR F 307 -1.82 -27.21 5.37
CA TYR F 307 -0.99 -27.51 6.53
C TYR F 307 -1.91 -27.61 7.77
N PRO F 308 -1.88 -28.71 8.58
CA PRO F 308 -2.56 -28.78 9.88
C PRO F 308 -2.18 -27.61 10.80
N GLY F 309 -3.13 -27.14 11.61
CA GLY F 309 -2.93 -26.10 12.62
C GLY F 309 -3.09 -24.66 12.09
N ILE F 310 -3.19 -24.44 10.77
CA ILE F 310 -3.10 -23.09 10.19
C ILE F 310 -4.34 -22.21 10.46
N ALA F 311 -5.54 -22.79 10.53
CA ALA F 311 -6.79 -22.05 10.78
C ALA F 311 -6.96 -21.79 12.28
N ASP F 312 -6.52 -22.77 13.05
CA ASP F 312 -6.53 -22.95 14.48
C ASP F 312 -5.56 -21.94 15.12
N ARG F 313 -4.35 -21.83 14.54
CA ARG F 313 -3.35 -20.80 14.80
C ARG F 313 -3.88 -19.41 14.41
N MET F 314 -4.50 -19.24 13.22
CA MET F 314 -5.08 -17.96 12.77
C MET F 314 -6.13 -17.40 13.75
N GLN F 315 -7.00 -18.26 14.31
CA GLN F 315 -8.01 -17.84 15.29
C GLN F 315 -7.36 -17.46 16.63
N LYS F 316 -6.29 -18.15 17.03
CA LYS F 316 -5.50 -17.90 18.24
C LYS F 316 -4.67 -16.62 18.12
N GLU F 317 -4.20 -16.28 16.91
CA GLU F 317 -3.39 -15.11 16.61
C GLU F 317 -4.28 -13.87 16.52
N ILE F 318 -5.36 -13.90 15.73
CA ILE F 318 -6.23 -12.74 15.48
C ILE F 318 -7.00 -12.29 16.76
N THR F 319 -7.21 -13.17 17.73
CA THR F 319 -7.80 -12.84 19.04
C THR F 319 -6.84 -12.09 19.98
N ALA F 320 -5.54 -11.99 19.66
CA ALA F 320 -4.58 -11.13 20.34
C ALA F 320 -4.53 -9.74 19.66
N LEU F 321 -4.83 -9.67 18.35
CA LEU F 321 -4.83 -8.42 17.58
C LEU F 321 -6.14 -7.64 17.79
N ALA F 322 -7.29 -8.32 17.77
CA ALA F 322 -8.62 -7.71 17.80
C ALA F 322 -9.08 -7.47 19.24
N PRO F 323 -9.74 -6.32 19.54
CA PRO F 323 -10.40 -6.03 20.83
C PRO F 323 -11.31 -7.18 21.29
N SER F 324 -11.02 -7.77 22.45
CA SER F 324 -11.49 -9.08 22.86
C SER F 324 -12.98 -9.12 23.30
N THR F 325 -13.70 -7.99 23.20
CA THR F 325 -15.15 -7.87 23.30
C THR F 325 -15.79 -8.53 22.07
N MET F 326 -15.27 -8.24 20.88
CA MET F 326 -15.56 -8.89 19.60
C MET F 326 -15.05 -10.33 19.60
N LYS F 327 -15.57 -11.17 18.70
CA LYS F 327 -15.31 -12.60 18.63
C LYS F 327 -14.89 -12.93 17.19
N ILE F 328 -13.91 -13.82 17.04
CA ILE F 328 -13.28 -14.18 15.77
C ILE F 328 -13.79 -15.57 15.39
N LYS F 329 -13.99 -15.79 14.09
CA LYS F 329 -14.30 -17.10 13.52
C LYS F 329 -13.61 -17.24 12.15
N ILE F 330 -12.84 -18.32 12.00
CA ILE F 330 -12.16 -18.73 10.78
C ILE F 330 -12.94 -19.93 10.23
N ILE F 331 -12.93 -20.11 8.90
CA ILE F 331 -13.51 -21.24 8.20
C ILE F 331 -12.56 -21.68 7.09
N ALA F 332 -12.11 -22.94 7.15
CA ALA F 332 -11.23 -23.57 6.19
C ALA F 332 -11.92 -24.86 5.71
N PRO F 333 -12.60 -24.87 4.53
CA PRO F 333 -13.29 -26.04 3.93
C PRO F 333 -12.44 -27.33 3.86
N PRO F 334 -13.03 -28.52 3.58
CA PRO F 334 -12.26 -29.73 3.31
C PRO F 334 -11.45 -29.57 2.00
N GLU F 335 -12.14 -29.29 0.89
CA GLU F 335 -11.55 -29.04 -0.42
C GLU F 335 -11.16 -27.55 -0.57
N ARG F 336 -10.53 -27.00 0.49
CA ARG F 336 -9.94 -25.66 0.56
C ARG F 336 -8.87 -25.41 -0.51
N LYS F 337 -8.21 -26.49 -0.99
CA LYS F 337 -7.18 -26.48 -2.03
C LYS F 337 -7.72 -25.99 -3.39
N TYR F 338 -9.01 -26.26 -3.66
CA TYR F 338 -9.65 -26.07 -4.97
C TYR F 338 -10.90 -25.17 -4.89
N SER F 339 -11.31 -24.75 -3.68
CA SER F 339 -12.60 -24.11 -3.32
C SER F 339 -13.11 -23.00 -4.28
N VAL F 340 -12.18 -22.17 -4.78
CA VAL F 340 -12.46 -21.05 -5.71
C VAL F 340 -12.84 -21.57 -7.10
N TRP F 341 -12.21 -22.63 -7.58
CA TRP F 341 -12.50 -23.28 -8.86
C TRP F 341 -13.76 -24.14 -8.74
N ILE F 342 -14.01 -24.78 -7.58
CA ILE F 342 -15.23 -25.57 -7.31
C ILE F 342 -16.48 -24.67 -7.39
N GLY F 343 -16.46 -23.50 -6.73
CA GLY F 343 -17.51 -22.48 -6.87
C GLY F 343 -17.63 -21.94 -8.31
N GLY F 344 -16.54 -21.96 -9.07
CA GLY F 344 -16.50 -21.63 -10.49
C GLY F 344 -17.18 -22.69 -11.36
N SER F 345 -16.91 -23.98 -11.09
CA SER F 345 -17.54 -25.13 -11.74
C SER F 345 -19.07 -25.13 -11.54
N ILE F 346 -19.53 -24.80 -10.32
CA ILE F 346 -20.94 -24.67 -10.02
C ILE F 346 -21.55 -23.46 -10.78
N LEU F 347 -20.85 -22.33 -10.89
CA LEU F 347 -21.31 -21.17 -11.67
C LEU F 347 -21.35 -21.49 -13.18
N ALA F 348 -20.33 -22.20 -13.69
CA ALA F 348 -20.21 -22.67 -15.06
C ALA F 348 -21.41 -23.48 -15.54
N SER F 349 -22.00 -24.29 -14.64
CA SER F 349 -23.11 -25.19 -14.92
C SER F 349 -24.48 -24.48 -14.98
N LEU F 350 -24.58 -23.20 -14.60
CA LEU F 350 -25.85 -22.46 -14.61
C LEU F 350 -26.07 -21.81 -15.99
N SER F 351 -27.25 -22.06 -16.56
CA SER F 351 -27.67 -21.81 -17.93
C SER F 351 -28.42 -20.48 -18.11
N THR F 352 -28.78 -19.81 -17.02
CA THR F 352 -29.57 -18.59 -16.91
C THR F 352 -28.76 -17.35 -17.35
N PHE F 353 -28.52 -17.27 -18.65
CA PHE F 353 -27.74 -16.22 -19.32
C PHE F 353 -28.50 -14.88 -19.48
N GLN F 354 -29.79 -14.86 -19.10
CA GLN F 354 -30.77 -13.83 -19.46
C GLN F 354 -30.48 -12.41 -18.94
N GLN F 355 -29.53 -12.25 -18.01
CA GLN F 355 -29.03 -10.98 -17.49
C GLN F 355 -27.49 -10.95 -17.46
N MET F 356 -26.86 -11.68 -18.38
CA MET F 356 -25.43 -11.69 -18.64
C MET F 356 -25.24 -11.10 -20.04
N TRP F 357 -25.14 -11.94 -21.09
CA TRP F 357 -25.03 -11.55 -22.49
C TRP F 357 -23.59 -11.24 -22.95
N ILE F 358 -22.59 -11.79 -22.25
CA ILE F 358 -21.19 -11.79 -22.67
C ILE F 358 -21.06 -12.96 -23.66
N THR F 359 -21.26 -12.68 -24.96
CA THR F 359 -21.32 -13.65 -26.06
C THR F 359 -20.63 -13.10 -27.32
N LYS F 360 -20.24 -13.99 -28.24
CA LYS F 360 -19.53 -13.74 -29.49
C LYS F 360 -20.43 -13.09 -30.58
N GLN F 361 -21.63 -12.61 -30.21
CA GLN F 361 -22.43 -11.67 -30.98
C GLN F 361 -22.15 -10.28 -30.36
N GLU F 362 -22.57 -10.10 -29.11
CA GLU F 362 -22.48 -8.91 -28.24
C GLU F 362 -21.07 -8.32 -28.10
N TYR F 363 -20.02 -9.17 -28.11
CA TYR F 363 -18.61 -8.77 -28.03
C TYR F 363 -18.23 -7.79 -29.15
N ASP F 364 -18.84 -7.93 -30.32
CA ASP F 364 -18.43 -7.25 -31.54
C ASP F 364 -19.12 -5.88 -31.64
N GLU F 365 -20.10 -5.60 -30.76
CA GLU F 365 -20.63 -4.26 -30.51
C GLU F 365 -19.93 -3.64 -29.28
N ALA F 366 -19.87 -4.38 -28.17
CA ALA F 366 -19.48 -3.86 -26.86
C ALA F 366 -17.95 -3.86 -26.61
N GLY F 367 -17.19 -4.59 -27.42
CA GLY F 367 -15.73 -4.70 -27.39
C GLY F 367 -15.16 -5.40 -26.13
N PRO F 368 -13.81 -5.39 -25.94
CA PRO F 368 -13.13 -5.93 -24.76
C PRO F 368 -13.69 -5.52 -23.38
N SER F 369 -14.33 -4.35 -23.29
CA SER F 369 -14.85 -3.79 -22.04
C SER F 369 -16.30 -4.26 -21.75
N ILE F 370 -16.87 -5.18 -22.55
CA ILE F 370 -18.17 -5.83 -22.39
C ILE F 370 -18.47 -6.28 -20.94
N VAL F 371 -17.48 -6.90 -20.29
CA VAL F 371 -17.48 -7.40 -18.92
C VAL F 371 -17.90 -6.35 -17.86
N HIS F 372 -17.74 -5.04 -18.13
CA HIS F 372 -18.12 -3.93 -17.25
C HIS F 372 -19.48 -3.32 -17.64
N ARG F 373 -20.16 -3.84 -18.68
CA ARG F 373 -21.46 -3.38 -19.17
C ARG F 373 -22.42 -4.54 -19.44
N LYS F 374 -22.12 -5.71 -18.87
CA LYS F 374 -22.94 -6.92 -18.81
C LYS F 374 -22.95 -7.40 -17.36
N CYS F 375 -22.99 -6.45 -16.42
CA CYS F 375 -23.15 -6.63 -14.99
C CYS F 375 -23.77 -5.34 -14.41
N PHE F 376 -24.43 -5.43 -13.24
CA PHE F 376 -25.20 -4.38 -12.57
C PHE F 376 -24.29 -3.31 -11.90
N NH2 F 377 -23.21 -2.93 -12.55
HN1 NH2 F 377 -22.59 -2.26 -12.13
HN2 NH2 F 377 -23.05 -3.30 -13.49
C ACE G 1 50.47 -23.89 32.10
O ACE G 1 51.65 -24.49 32.57
CH3 ACE G 1 50.00 -24.61 30.83
H1 ACE G 1 49.06 -24.18 30.46
H2 ACE G 1 49.81 -25.66 31.03
H3 ACE G 1 50.73 -24.54 30.03
N ASP G 2 50.86 -22.54 31.75
CA ASP G 2 50.84 -21.62 32.91
C ASP G 2 49.64 -20.70 32.64
N GLU G 3 48.44 -21.16 33.06
CA GLU G 3 47.08 -20.95 32.57
C GLU G 3 46.80 -19.81 31.55
N ASP G 4 45.92 -18.84 31.87
CA ASP G 4 45.38 -17.84 30.94
C ASP G 4 46.40 -16.87 30.31
N GLU G 5 47.65 -16.88 30.76
CA GLU G 5 48.77 -16.12 30.20
C GLU G 5 49.46 -16.91 29.05
N THR G 6 49.02 -18.14 28.77
CA THR G 6 49.57 -18.98 27.70
C THR G 6 49.17 -18.45 26.29
N THR G 7 49.72 -19.11 25.26
CA THR G 7 49.43 -18.83 23.87
C THR G 7 48.20 -19.68 23.50
N ALA G 8 47.14 -19.05 22.95
CA ALA G 8 45.91 -19.73 22.56
C ALA G 8 46.14 -20.60 21.31
N LEU G 9 45.43 -21.71 21.26
CA LEU G 9 45.34 -22.68 20.18
C LEU G 9 44.25 -22.18 19.21
N VAL G 10 44.52 -22.21 17.90
CA VAL G 10 43.61 -21.76 16.86
C VAL G 10 43.52 -22.88 15.81
N CYS G 11 42.31 -23.39 15.55
CA CYS G 11 42.02 -24.40 14.55
C CYS G 11 40.91 -23.87 13.65
N ASP G 12 41.19 -23.69 12.34
CA ASP G 12 40.18 -23.41 11.33
C ASP G 12 39.68 -24.76 10.80
N ASN G 13 38.38 -25.00 10.98
CA ASN G 13 37.72 -26.29 10.78
C ASN G 13 37.05 -26.30 9.40
N GLY G 14 37.81 -25.89 8.37
CA GLY G 14 37.35 -25.72 7.00
C GLY G 14 36.99 -27.04 6.30
N SER G 15 36.16 -26.93 5.26
CA SER G 15 35.38 -28.00 4.61
C SER G 15 36.15 -29.19 3.97
N GLY G 16 37.47 -29.07 3.75
CA GLY G 16 38.33 -30.16 3.30
C GLY G 16 39.80 -29.89 3.58
N LEU G 17 40.12 -28.94 4.45
CA LEU G 17 41.46 -28.70 4.94
C LEU G 17 41.30 -28.08 6.33
N VAL G 18 41.75 -28.79 7.36
CA VAL G 18 41.84 -28.32 8.73
C VAL G 18 43.21 -27.64 8.79
N LYS G 19 43.22 -26.36 9.18
CA LYS G 19 44.41 -25.52 9.24
C LYS G 19 44.48 -25.11 10.71
N ALA G 20 45.57 -25.44 11.41
CA ALA G 20 45.69 -25.22 12.84
C ALA G 20 47.09 -24.80 13.26
N GLY G 21 47.22 -24.28 14.48
CA GLY G 21 48.45 -23.78 15.08
C GLY G 21 48.11 -22.94 16.30
N PHE G 22 48.99 -22.02 16.66
CA PHE G 22 48.85 -21.17 17.83
C PHE G 22 48.75 -19.69 17.42
N ALA G 23 48.13 -18.90 18.30
CA ALA G 23 47.93 -17.46 18.20
C ALA G 23 49.28 -16.73 18.36
N GLY G 24 49.91 -16.39 17.25
CA GLY G 24 51.28 -15.87 17.21
C GLY G 24 52.21 -16.74 16.36
N ASP G 25 51.76 -17.92 15.89
CA ASP G 25 52.36 -18.57 14.73
C ASP G 25 51.83 -17.79 13.52
N ASP G 26 52.74 -17.15 12.75
CA ASP G 26 52.42 -16.29 11.59
C ASP G 26 52.11 -17.09 10.31
N ALA G 27 52.21 -18.42 10.37
CA ALA G 27 51.72 -19.40 9.42
C ALA G 27 51.29 -20.63 10.22
N PRO G 28 50.30 -21.45 9.76
CA PRO G 28 49.85 -22.65 10.47
C PRO G 28 50.99 -23.66 10.81
N ARG G 29 50.67 -24.52 11.78
CA ARG G 29 51.55 -25.52 12.38
C ARG G 29 51.04 -26.95 12.10
N ALA G 30 49.84 -27.07 11.52
CA ALA G 30 49.25 -28.30 11.03
C ALA G 30 48.28 -27.96 9.91
N VAL G 31 48.32 -28.76 8.84
CA VAL G 31 47.45 -28.70 7.67
C VAL G 31 47.14 -30.16 7.31
N PHE G 32 45.87 -30.58 7.25
CA PHE G 32 45.47 -31.93 6.85
C PHE G 32 44.02 -31.95 6.32
N PRO G 33 43.65 -32.87 5.38
CA PRO G 33 42.28 -33.06 4.90
C PRO G 33 41.24 -33.33 6.00
N SER G 34 40.05 -32.71 5.92
CA SER G 34 38.93 -32.87 6.85
C SER G 34 38.12 -34.15 6.49
N ILE G 35 38.83 -35.27 6.34
CA ILE G 35 38.35 -36.57 5.88
C ILE G 35 38.80 -37.61 6.92
N VAL G 36 37.94 -38.57 7.23
CA VAL G 36 38.20 -39.75 8.04
C VAL G 36 37.80 -40.98 7.22
N GLY G 37 38.44 -42.12 7.47
CA GLY G 37 38.07 -43.39 6.87
C GLY G 37 38.43 -44.57 7.76
N ARG G 38 38.03 -45.76 7.33
CA ARG G 38 38.29 -47.05 7.99
C ARG G 38 38.55 -48.08 6.87
N PRO G 39 39.55 -48.98 7.02
CA PRO G 39 39.88 -49.94 5.96
C PRO G 39 38.85 -51.06 5.86
N ARG G 40 38.73 -51.65 4.67
CA ARG G 40 38.05 -52.92 4.42
C ARG G 40 39.04 -53.80 3.67
N HIS G 41 38.89 -55.12 3.83
CA HIS G 41 39.35 -56.16 2.91
C HIS G 41 40.85 -56.48 2.99
N GLN G 42 41.51 -56.00 4.05
CA GLN G 42 42.90 -56.29 4.39
C GLN G 42 43.03 -57.78 4.79
N GLY G 43 44.23 -58.31 4.63
CA GLY G 43 44.54 -59.75 4.66
C GLY G 43 44.51 -60.34 3.25
N VAL G 44 43.75 -59.77 2.31
CA VAL G 44 43.56 -60.27 0.95
C VAL G 44 44.51 -59.58 -0.05
N MET G 45 44.93 -58.32 0.23
CA MET G 45 45.90 -57.59 -0.60
C MET G 45 46.85 -56.65 0.17
N VAL G 46 46.77 -56.61 1.50
CA VAL G 46 47.61 -55.80 2.39
C VAL G 46 47.52 -56.44 3.79
N GLY G 47 48.47 -56.15 4.69
CA GLY G 47 48.43 -56.56 6.09
C GLY G 47 47.34 -55.83 6.88
N MET G 48 46.77 -56.48 7.90
CA MET G 48 45.70 -55.98 8.76
C MET G 48 46.17 -54.74 9.54
N GLY G 49 45.36 -53.68 9.50
CA GLY G 49 45.67 -52.33 9.92
C GLY G 49 46.00 -52.19 11.41
N GLN G 50 47.16 -51.58 11.69
CA GLN G 50 47.67 -51.22 13.01
C GLN G 50 46.91 -49.99 13.59
N LYS G 51 46.05 -49.37 12.79
CA LYS G 51 45.18 -48.25 13.10
C LYS G 51 43.86 -48.58 12.36
N ASP G 52 42.86 -49.17 13.05
CA ASP G 52 41.54 -49.51 12.46
C ASP G 52 40.64 -48.26 12.47
N SER G 53 41.08 -47.26 11.70
CA SER G 53 40.57 -45.92 11.44
C SER G 53 41.81 -45.10 11.08
N TYR G 54 41.67 -44.24 10.05
CA TYR G 54 42.69 -43.32 9.55
C TYR G 54 42.00 -41.98 9.31
N VAL G 55 42.73 -40.87 9.47
CA VAL G 55 42.27 -39.49 9.26
C VAL G 55 43.23 -38.84 8.24
N GLY G 56 42.76 -37.85 7.48
CA GLY G 56 43.60 -36.93 6.72
C GLY G 56 44.19 -37.51 5.44
N ASP G 57 45.47 -37.21 5.21
CA ASP G 57 46.36 -37.62 4.11
C ASP G 57 46.76 -39.09 4.36
N GLU G 58 47.02 -39.44 5.62
CA GLU G 58 47.19 -40.76 6.21
C GLU G 58 46.12 -41.77 5.75
N ALA G 59 44.84 -41.34 5.69
CA ALA G 59 43.72 -42.13 5.19
C ALA G 59 43.73 -42.37 3.66
N GLN G 60 44.44 -41.54 2.89
CA GLN G 60 44.58 -41.69 1.44
C GLN G 60 45.83 -42.57 1.16
N SER G 61 46.83 -42.49 2.04
CA SER G 61 48.14 -43.10 1.95
C SER G 61 48.11 -44.61 2.23
N LYS G 62 47.46 -45.05 3.31
CA LYS G 62 47.57 -46.42 3.81
C LYS G 62 46.50 -47.30 3.14
N ARG G 63 46.97 -48.41 2.58
CA ARG G 63 46.31 -49.19 1.53
C ARG G 63 45.22 -50.15 2.08
N GLY G 64 44.32 -50.56 1.19
CA GLY G 64 43.17 -51.41 1.42
C GLY G 64 41.99 -50.85 0.62
N ILE G 65 40.83 -51.52 0.67
CA ILE G 65 39.58 -51.03 0.07
C ILE G 65 38.95 -50.11 1.14
N LEU G 66 39.55 -48.93 1.30
CA LEU G 66 39.28 -48.00 2.40
C LEU G 66 38.10 -47.09 2.03
N THR G 67 37.09 -47.04 2.92
CA THR G 67 35.90 -46.21 2.76
C THR G 67 36.16 -44.90 3.53
N LEU G 68 36.19 -43.76 2.82
CA LEU G 68 36.37 -42.42 3.39
C LEU G 68 35.00 -41.74 3.56
N LYS G 69 34.92 -40.79 4.49
CA LYS G 69 33.87 -39.81 4.66
C LYS G 69 34.48 -38.45 5.04
N TYR G 70 33.89 -37.37 4.54
CA TYR G 70 33.96 -36.05 5.14
C TYR G 70 32.78 -36.02 6.13
N PRO G 71 32.96 -35.73 7.44
CA PRO G 71 31.83 -35.59 8.38
C PRO G 71 31.07 -34.26 8.20
N ILE G 72 31.70 -33.27 7.54
CA ILE G 72 31.16 -31.99 7.10
C ILE G 72 30.75 -32.08 5.61
N GLU G 73 30.19 -33.24 5.20
CA GLU G 73 29.91 -33.73 3.84
C GLU G 73 29.46 -32.71 2.78
N HIS G 74 28.62 -31.73 3.16
CA HIS G 74 28.14 -30.65 2.29
C HIS G 74 28.21 -29.29 2.99
N GLY G 75 29.23 -29.09 3.83
CA GLY G 75 29.58 -27.79 4.40
C GLY G 75 29.00 -27.51 5.78
N ILE G 76 28.04 -28.33 6.23
CA ILE G 76 27.47 -28.32 7.58
C ILE G 76 27.86 -29.68 8.20
N ILE G 77 28.09 -29.71 9.52
CA ILE G 77 28.60 -30.87 10.24
C ILE G 77 27.40 -31.75 10.61
N THR G 78 27.12 -32.73 9.75
CA THR G 78 26.01 -33.66 9.86
C THR G 78 26.40 -34.86 10.75
N ASN G 79 27.62 -35.37 10.60
CA ASN G 79 28.18 -36.41 11.46
C ASN G 79 29.12 -35.73 12.47
N TRP G 80 29.04 -36.17 13.74
CA TRP G 80 29.94 -35.75 14.80
C TRP G 80 30.97 -36.84 15.14
N ASP G 81 30.61 -38.12 14.97
CA ASP G 81 31.39 -39.31 15.32
C ASP G 81 32.82 -39.28 14.76
N ASP G 82 32.98 -38.86 13.50
CA ASP G 82 34.26 -38.71 12.82
C ASP G 82 34.78 -37.26 12.90
N MET G 83 33.95 -36.26 13.17
CA MET G 83 34.40 -34.87 13.36
C MET G 83 35.12 -34.72 14.72
N GLU G 84 34.65 -35.41 15.76
CA GLU G 84 35.32 -35.53 17.05
C GLU G 84 36.65 -36.32 16.93
N LYS G 85 36.77 -37.24 15.96
CA LYS G 85 38.06 -37.86 15.63
C LYS G 85 39.00 -36.86 14.94
N ILE G 86 38.50 -35.95 14.07
CA ILE G 86 39.31 -34.91 13.43
C ILE G 86 39.90 -33.95 14.48
N TRP G 87 39.12 -33.53 15.48
CA TRP G 87 39.64 -32.69 16.57
C TRP G 87 40.65 -33.44 17.45
N HIS G 88 40.39 -34.71 17.80
CA HIS G 88 41.32 -35.61 18.51
C HIS G 88 42.65 -35.75 17.74
N HIS G 89 42.56 -35.91 16.42
CA HIS G 89 43.68 -36.03 15.49
C HIS G 89 44.46 -34.72 15.38
N THR G 90 43.78 -33.56 15.33
CA THR G 90 44.38 -32.22 15.26
C THR G 90 45.36 -32.01 16.44
N PHE G 91 44.87 -32.21 17.66
CA PHE G 91 45.58 -31.87 18.90
C PHE G 91 46.65 -32.94 19.19
N TYR G 92 46.27 -34.22 19.29
CA TYR G 92 47.16 -35.23 19.84
C TYR G 92 48.07 -35.88 18.76
N ASN G 93 47.78 -35.73 17.45
CA ASN G 93 48.55 -36.37 16.37
C ASN G 93 49.24 -35.36 15.44
N GLU G 94 48.66 -34.18 15.15
CA GLU G 94 49.25 -33.24 14.19
C GLU G 94 49.95 -32.05 14.88
N LEU G 95 49.30 -31.39 15.83
CA LEU G 95 49.89 -30.26 16.57
C LEU G 95 50.72 -30.76 17.75
N ARG G 96 50.40 -31.97 18.25
CA ARG G 96 51.08 -32.77 19.26
C ARG G 96 51.13 -32.07 20.63
N VAL G 97 50.00 -31.44 20.99
CA VAL G 97 49.74 -30.79 22.27
C VAL G 97 48.58 -31.52 22.97
N ALA G 98 48.41 -31.25 24.26
CA ALA G 98 47.25 -31.67 25.02
C ALA G 98 46.25 -30.50 24.94
N PRO G 99 44.99 -30.68 24.48
CA PRO G 99 44.01 -29.58 24.43
C PRO G 99 43.60 -29.05 25.82
N GLU G 100 43.80 -29.83 26.88
CA GLU G 100 43.60 -29.49 28.28
C GLU G 100 44.62 -28.43 28.76
N GLU G 101 45.69 -28.15 28.01
CA GLU G 101 46.67 -27.10 28.27
C GLU G 101 46.18 -25.73 27.74
N HIS G 102 45.34 -25.68 26.67
CA HIS G 102 45.25 -24.52 25.77
C HIS G 102 43.83 -23.99 25.57
N PRO G 103 43.55 -22.69 25.85
CA PRO G 103 42.37 -21.97 25.33
C PRO G 103 42.27 -22.08 23.79
N THR G 104 41.09 -22.45 23.26
CA THR G 104 40.94 -22.94 21.90
C THR G 104 39.94 -22.08 21.08
N LEU G 105 40.39 -21.43 19.99
CA LEU G 105 39.50 -20.80 19.01
C LEU G 105 39.23 -21.84 17.91
N LEU G 106 37.96 -22.20 17.75
CA LEU G 106 37.43 -22.94 16.61
C LEU G 106 36.84 -21.93 15.62
N THR G 107 36.85 -22.25 14.32
CA THR G 107 36.00 -21.58 13.33
C THR G 107 34.79 -22.48 12.98
N GLU G 108 33.83 -21.90 12.27
CA GLU G 108 32.69 -22.55 11.65
C GLU G 108 32.56 -22.07 10.19
N ALA G 109 32.13 -22.97 9.30
CA ALA G 109 31.74 -22.65 7.93
C ALA G 109 30.39 -21.90 7.92
N PRO G 110 30.16 -20.93 7.01
CA PRO G 110 28.91 -20.16 6.92
C PRO G 110 27.61 -21.01 6.94
N LEU G 111 26.63 -20.57 7.71
CA LEU G 111 25.29 -21.16 7.91
C LEU G 111 25.19 -22.18 9.07
N ASN G 112 26.28 -22.43 9.81
CA ASN G 112 26.40 -23.37 10.94
C ASN G 112 25.23 -23.29 11.96
N PRO G 113 24.29 -24.26 12.01
CA PRO G 113 23.11 -24.27 12.89
C PRO G 113 23.41 -24.03 14.38
N LYS G 114 22.43 -23.47 15.11
CA LYS G 114 22.53 -23.22 16.56
C LYS G 114 22.90 -24.47 17.38
N ALA G 115 22.28 -25.61 17.06
CA ALA G 115 22.56 -26.90 17.68
C ALA G 115 23.95 -27.46 17.29
N ASN G 116 24.49 -27.07 16.13
CA ASN G 116 25.86 -27.41 15.72
C ASN G 116 26.86 -26.55 16.51
N ARG G 117 26.59 -25.24 16.66
CA ARG G 117 27.37 -24.32 17.50
C ARG G 117 27.41 -24.75 18.97
N GLU G 118 26.26 -25.19 19.51
CA GLU G 118 26.14 -25.69 20.86
C GLU G 118 26.84 -27.06 21.01
N LYS G 119 26.67 -28.03 20.10
CA LYS G 119 27.46 -29.27 20.08
C LYS G 119 28.98 -29.01 19.91
N MET G 120 29.41 -27.98 19.16
CA MET G 120 30.81 -27.55 19.08
C MET G 120 31.33 -26.93 20.40
N THR G 121 30.43 -26.39 21.24
CA THR G 121 30.77 -25.90 22.58
C THR G 121 30.87 -27.09 23.54
N GLN G 122 29.97 -28.10 23.42
CA GLN G 122 29.99 -29.34 24.19
C GLN G 122 31.34 -30.06 24.06
N ILE G 123 31.74 -30.38 22.82
CA ILE G 123 32.91 -31.18 22.47
C ILE G 123 34.20 -30.65 23.09
N MET G 124 34.41 -29.33 23.10
CA MET G 124 35.65 -28.76 23.63
C MET G 124 35.75 -28.88 25.15
N PHE G 125 34.61 -28.90 25.88
CA PHE G 125 34.61 -29.01 27.34
C PHE G 125 34.36 -30.45 27.82
N GLU G 126 33.67 -31.29 27.04
CA GLU G 126 33.30 -32.65 27.41
C GLU G 126 34.28 -33.68 26.83
N THR G 127 34.65 -33.56 25.54
CA THR G 127 35.50 -34.53 24.85
C THR G 127 36.99 -34.11 24.98
N PHE G 128 37.30 -32.82 25.22
CA PHE G 128 38.67 -32.29 25.19
C PHE G 128 39.06 -31.39 26.37
N ASN G 129 38.13 -31.10 27.30
CA ASN G 129 38.38 -30.51 28.63
C ASN G 129 39.19 -29.18 28.61
N VAL G 130 38.96 -28.30 27.61
CA VAL G 130 39.66 -27.02 27.48
C VAL G 130 39.26 -26.06 28.63
N PRO G 131 40.11 -25.06 29.00
CA PRO G 131 39.75 -24.06 30.02
C PRO G 131 38.72 -23.03 29.50
N ALA G 132 38.84 -22.60 28.24
CA ALA G 132 37.97 -21.63 27.59
C ALA G 132 38.05 -21.76 26.06
N MET G 133 37.03 -21.28 25.33
CA MET G 133 36.92 -21.38 23.88
C MET G 133 35.97 -20.35 23.24
N TYR G 134 35.87 -20.34 21.91
CA TYR G 134 34.77 -19.76 21.14
C TYR G 134 34.72 -20.42 19.74
N VAL G 135 33.62 -20.18 19.00
CA VAL G 135 33.32 -20.65 17.64
C VAL G 135 32.98 -19.43 16.77
N ALA G 136 33.93 -18.96 15.93
CA ALA G 136 33.77 -17.77 15.07
C ALA G 136 33.55 -18.12 13.59
N ILE G 137 32.68 -17.42 12.87
CA ILE G 137 32.45 -17.61 11.43
C ILE G 137 33.68 -17.15 10.61
N GLN G 138 34.16 -18.03 9.73
CA GLN G 138 35.34 -17.91 8.86
C GLN G 138 35.46 -16.56 8.13
N ALA G 139 34.35 -16.12 7.54
CA ALA G 139 34.27 -14.98 6.64
C ALA G 139 34.67 -13.66 7.30
N VAL G 140 34.27 -13.43 8.55
CA VAL G 140 34.53 -12.21 9.32
C VAL G 140 36.05 -12.04 9.59
N LEU G 141 36.78 -13.14 9.87
CA LEU G 141 38.22 -13.12 10.11
C LEU G 141 39.00 -12.75 8.83
N SER G 142 38.58 -13.30 7.68
CA SER G 142 39.15 -12.99 6.37
C SER G 142 38.82 -11.53 5.96
N LEU G 143 37.57 -11.08 6.20
CA LEU G 143 37.08 -9.71 5.98
C LEU G 143 37.86 -8.69 6.83
N TYR G 144 38.01 -8.94 8.14
CA TYR G 144 38.70 -8.04 9.07
C TYR G 144 40.21 -8.00 8.78
N ALA G 145 40.83 -9.13 8.38
CA ALA G 145 42.24 -9.18 7.94
C ALA G 145 42.43 -8.48 6.58
N SER G 146 41.41 -8.52 5.71
CA SER G 146 41.34 -7.76 4.47
C SER G 146 40.94 -6.28 4.70
N GLY G 147 40.67 -5.88 5.94
CA GLY G 147 40.59 -4.50 6.40
C GLY G 147 39.20 -3.89 6.32
N ARG G 148 38.15 -4.71 6.35
CA ARG G 148 36.77 -4.28 6.26
C ARG G 148 36.00 -4.81 7.47
N THR G 149 34.94 -4.11 7.85
CA THR G 149 33.97 -4.58 8.83
C THR G 149 32.60 -4.80 8.15
N THR G 150 32.33 -4.11 7.04
CA THR G 150 31.20 -4.29 6.14
C THR G 150 31.78 -4.64 4.75
N GLY G 151 31.19 -5.62 4.05
CA GLY G 151 31.62 -6.08 2.72
C GLY G 151 30.96 -7.42 2.39
N ILE G 152 31.48 -8.16 1.40
CA ILE G 152 31.00 -9.49 1.02
C ILE G 152 32.18 -10.41 0.79
N VAL G 153 32.14 -11.60 1.40
CA VAL G 153 33.14 -12.64 1.23
C VAL G 153 32.52 -13.70 0.32
N LEU G 154 33.26 -14.08 -0.72
CA LEU G 154 33.12 -15.36 -1.40
C LEU G 154 34.15 -16.26 -0.72
N ASP G 155 33.70 -17.39 -0.17
CA ASP G 155 34.56 -18.51 0.19
C ASP G 155 34.24 -19.63 -0.79
N SER G 156 35.27 -20.24 -1.38
CA SER G 156 35.14 -21.47 -2.15
C SER G 156 36.09 -22.46 -1.48
N GLY G 157 35.51 -23.35 -0.67
CA GLY G 157 36.20 -24.41 0.04
C GLY G 157 36.34 -25.64 -0.85
N ASP G 158 36.62 -26.79 -0.23
CA ASP G 158 36.80 -28.04 -0.97
C ASP G 158 35.47 -28.81 -1.05
N GLY G 159 34.60 -28.66 -0.04
CA GLY G 159 33.33 -29.39 0.09
C GLY G 159 32.07 -28.52 0.01
N VAL G 160 32.21 -27.20 -0.18
CA VAL G 160 31.13 -26.22 -0.32
C VAL G 160 31.73 -24.90 -0.85
N THR G 161 30.94 -24.09 -1.54
CA THR G 161 31.22 -22.69 -1.86
C THR G 161 30.09 -21.83 -1.25
N HIS G 162 30.44 -20.69 -0.63
CA HIS G 162 29.56 -19.79 0.11
C HIS G 162 29.78 -18.34 -0.32
N ASN G 163 28.70 -17.58 -0.42
CA ASN G 163 28.67 -16.15 -0.78
C ASN G 163 28.00 -15.45 0.42
N VAL G 164 28.74 -14.61 1.16
CA VAL G 164 28.37 -14.13 2.49
C VAL G 164 28.43 -12.58 2.56
N PRO G 165 27.30 -11.85 2.34
CA PRO G 165 27.18 -10.41 2.67
C PRO G 165 27.33 -10.16 4.18
N ILE G 166 28.14 -9.18 4.59
CA ILE G 166 28.44 -8.81 5.97
C ILE G 166 28.29 -7.30 6.16
N TYR G 167 27.65 -6.89 7.25
CA TYR G 167 27.41 -5.52 7.69
C TYR G 167 27.89 -5.43 9.14
N GLU G 168 28.96 -4.65 9.38
CA GLU G 168 29.72 -4.46 10.62
C GLU G 168 29.87 -5.74 11.46
N GLY G 169 30.45 -6.76 10.82
CA GLY G 169 30.79 -8.05 11.40
C GLY G 169 29.65 -9.08 11.40
N TYR G 170 28.39 -8.65 11.25
CA TYR G 170 27.22 -9.51 11.24
C TYR G 170 26.87 -9.86 9.79
N ALA G 171 26.91 -11.16 9.46
CA ALA G 171 26.50 -11.73 8.18
C ALA G 171 24.98 -11.92 8.17
N LEU G 172 24.32 -11.71 7.02
CA LEU G 172 22.87 -11.81 6.85
C LEU G 172 22.50 -13.22 6.31
N PRO G 173 22.00 -14.19 7.13
CA PRO G 173 21.88 -15.62 6.76
C PRO G 173 21.02 -15.92 5.53
N HIS G 174 19.88 -15.25 5.40
CA HIS G 174 18.86 -15.52 4.39
C HIS G 174 19.37 -15.24 2.97
N ALA G 175 20.20 -14.21 2.83
CA ALA G 175 20.82 -13.73 1.61
C ALA G 175 22.13 -14.48 1.26
N ILE G 176 22.61 -15.40 2.12
CA ILE G 176 23.75 -16.28 1.80
C ILE G 176 23.27 -17.32 0.77
N MET G 177 24.04 -17.41 -0.32
CA MET G 177 23.83 -18.34 -1.42
C MET G 177 24.89 -19.45 -1.31
N ARG G 178 24.40 -20.69 -1.47
CA ARG G 178 25.13 -21.96 -1.45
C ARG G 178 25.49 -22.29 -2.91
N LEU G 179 26.64 -22.93 -3.12
CA LEU G 179 27.01 -23.62 -4.36
C LEU G 179 27.64 -24.94 -3.91
N ASP G 180 27.08 -26.06 -4.37
CA ASP G 180 27.42 -27.43 -3.93
C ASP G 180 28.63 -28.00 -4.69
N LEU G 181 28.99 -27.37 -5.83
CA LEU G 181 30.18 -27.67 -6.62
C LEU G 181 31.36 -26.99 -5.92
N ALA G 182 32.41 -27.76 -5.55
CA ALA G 182 33.57 -27.25 -4.84
C ALA G 182 34.87 -27.92 -5.31
N GLY G 183 35.97 -27.71 -4.56
CA GLY G 183 37.33 -28.15 -4.88
C GLY G 183 37.48 -29.64 -5.22
N ARG G 184 36.77 -30.51 -4.49
CA ARG G 184 36.72 -31.96 -4.67
C ARG G 184 36.12 -32.36 -6.04
N ASP G 185 35.21 -31.52 -6.57
CA ASP G 185 34.34 -31.76 -7.71
C ASP G 185 35.01 -31.22 -8.97
N LEU G 186 35.79 -30.13 -8.84
CA LEU G 186 36.72 -29.67 -9.88
C LEU G 186 37.83 -30.71 -10.13
N THR G 187 38.26 -31.43 -9.07
CA THR G 187 39.20 -32.55 -9.13
C THR G 187 38.56 -33.76 -9.86
N ASP G 188 37.22 -33.94 -9.77
CA ASP G 188 36.47 -34.99 -10.49
C ASP G 188 36.42 -34.68 -12.00
N TYR G 189 36.26 -33.39 -12.35
CA TYR G 189 36.34 -32.94 -13.74
C TYR G 189 37.79 -33.00 -14.28
N LEU G 190 38.82 -32.72 -13.45
CA LEU G 190 40.23 -32.92 -13.85
C LEU G 190 40.54 -34.39 -14.18
N MET G 191 39.99 -35.35 -13.39
CA MET G 191 40.08 -36.78 -13.64
C MET G 191 39.41 -37.17 -14.98
N LYS G 192 38.26 -36.57 -15.30
CA LYS G 192 37.52 -36.79 -16.55
C LYS G 192 38.32 -36.31 -17.77
N ILE G 193 38.84 -35.08 -17.77
CA ILE G 193 39.57 -34.52 -18.91
C ILE G 193 40.96 -35.16 -19.10
N LEU G 194 41.53 -35.75 -18.03
CA LEU G 194 42.70 -36.60 -18.13
C LEU G 194 42.33 -38.00 -18.68
N THR G 195 41.09 -38.50 -18.50
CA THR G 195 40.60 -39.72 -19.15
C THR G 195 40.38 -39.47 -20.66
N GLU G 196 39.97 -38.25 -21.08
CA GLU G 196 39.87 -37.85 -22.49
C GLU G 196 41.25 -37.81 -23.17
N ARG G 197 42.31 -37.48 -22.41
CA ARG G 197 43.71 -37.54 -22.84
C ARG G 197 44.27 -38.99 -22.72
N GLY G 198 43.45 -39.94 -22.25
CA GLY G 198 43.70 -41.38 -22.28
C GLY G 198 44.34 -41.98 -21.03
N TYR G 199 44.39 -41.25 -19.90
CA TYR G 199 44.96 -41.76 -18.65
C TYR G 199 43.94 -42.60 -17.85
N SER G 200 44.44 -43.45 -16.95
CA SER G 200 43.67 -44.39 -16.15
C SER G 200 42.91 -43.73 -14.99
N PHE G 201 43.46 -42.65 -14.42
CA PHE G 201 43.15 -41.97 -13.15
C PHE G 201 41.78 -42.27 -12.53
N VAL G 202 41.73 -43.28 -11.65
CA VAL G 202 40.51 -43.83 -11.07
C VAL G 202 40.65 -44.06 -9.56
N THR G 203 41.83 -44.49 -9.10
CA THR G 203 42.08 -44.82 -7.69
C THR G 203 42.25 -43.53 -6.86
N THR G 204 42.13 -43.66 -5.54
CA THR G 204 42.35 -42.61 -4.54
C THR G 204 43.81 -42.11 -4.59
N ALA G 205 44.76 -43.01 -4.93
CA ALA G 205 46.18 -42.74 -5.05
C ALA G 205 46.47 -41.90 -6.31
N GLU G 206 45.80 -42.19 -7.43
CA GLU G 206 45.85 -41.35 -8.62
C GLU G 206 45.10 -40.02 -8.38
N ARG G 207 43.91 -40.08 -7.75
CA ARG G 207 43.07 -38.89 -7.50
C ARG G 207 43.76 -37.84 -6.62
N GLU G 208 44.52 -38.22 -5.60
CA GLU G 208 45.22 -37.27 -4.75
C GLU G 208 46.53 -36.76 -5.38
N ILE G 209 47.10 -37.48 -6.35
CA ILE G 209 48.13 -36.93 -7.24
C ILE G 209 47.47 -35.90 -8.18
N VAL G 210 46.29 -36.22 -8.74
CA VAL G 210 45.49 -35.28 -9.54
C VAL G 210 45.05 -34.04 -8.71
N ARG G 211 44.77 -34.20 -7.41
CA ARG G 211 44.41 -33.13 -6.48
C ARG G 211 45.64 -32.23 -6.19
N ASP G 212 46.85 -32.82 -6.12
CA ASP G 212 48.13 -32.09 -6.04
C ASP G 212 48.42 -31.33 -7.35
N ILE G 213 48.32 -32.00 -8.51
CA ILE G 213 48.44 -31.45 -9.87
C ILE G 213 47.52 -30.22 -10.06
N LYS G 214 46.27 -30.32 -9.63
CA LYS G 214 45.28 -29.24 -9.62
C LYS G 214 45.80 -28.00 -8.89
N GLU G 215 46.21 -28.12 -7.62
CA GLU G 215 46.69 -26.99 -6.82
C GLU G 215 48.09 -26.49 -7.26
N LYS G 216 48.95 -27.37 -7.79
CA LYS G 216 50.28 -27.01 -8.30
C LYS G 216 50.23 -26.35 -9.69
N LEU G 217 49.30 -26.73 -10.58
CA LEU G 217 49.39 -26.45 -12.02
C LEU G 217 48.17 -25.81 -12.68
N CYS G 218 46.97 -25.80 -12.08
CA CYS G 218 45.79 -25.17 -12.69
C CYS G 218 45.82 -23.63 -12.63
N TYR G 219 45.10 -22.97 -13.54
CA TYR G 219 44.88 -21.53 -13.61
C TYR G 219 43.51 -21.28 -14.23
N VAL G 220 42.95 -20.09 -14.05
CA VAL G 220 41.70 -19.67 -14.70
C VAL G 220 42.12 -18.80 -15.89
N ALA G 221 41.52 -19.05 -17.05
CA ALA G 221 41.68 -18.28 -18.27
C ALA G 221 40.86 -16.98 -18.15
N LEU G 222 41.40 -15.86 -18.64
CA LEU G 222 40.69 -14.58 -18.64
C LEU G 222 39.65 -14.54 -19.76
N ASP G 223 40.01 -15.04 -20.95
CA ASP G 223 39.19 -15.19 -22.14
C ASP G 223 39.49 -16.61 -22.65
N PHE G 224 38.54 -17.54 -22.49
CA PHE G 224 38.75 -18.97 -22.74
C PHE G 224 39.01 -19.28 -24.23
N GLU G 225 38.36 -18.58 -25.17
CA GLU G 225 38.47 -18.85 -26.61
C GLU G 225 39.86 -18.44 -27.12
N ASN G 226 40.36 -17.28 -26.67
CA ASN G 226 41.72 -16.77 -26.80
C ASN G 226 42.75 -17.73 -26.20
N GLU G 227 42.50 -18.24 -24.98
CA GLU G 227 43.35 -19.21 -24.28
C GLU G 227 43.42 -20.54 -25.05
N MET G 228 42.30 -21.02 -25.60
CA MET G 228 42.21 -22.26 -26.37
C MET G 228 42.81 -22.10 -27.79
N ALA G 229 42.74 -20.90 -28.38
CA ALA G 229 43.43 -20.56 -29.63
C ALA G 229 44.96 -20.48 -29.40
N THR G 230 45.38 -19.91 -28.27
CA THR G 230 46.78 -19.83 -27.84
C THR G 230 47.29 -21.22 -27.39
N ALA G 231 46.40 -22.13 -26.96
CA ALA G 231 46.72 -23.52 -26.64
C ALA G 231 47.07 -24.31 -27.90
N ALA G 232 46.30 -24.09 -28.98
CA ALA G 232 46.46 -24.70 -30.30
C ALA G 232 47.65 -24.11 -31.09
N SER G 233 48.38 -23.16 -30.52
CA SER G 233 49.55 -22.51 -31.09
C SER G 233 50.66 -22.30 -30.04
N SER G 234 50.61 -23.05 -28.93
CA SER G 234 51.47 -22.82 -27.78
C SER G 234 52.89 -23.39 -28.00
N SER G 235 53.79 -23.00 -27.09
CA SER G 235 55.08 -23.61 -26.85
C SER G 235 55.38 -23.67 -25.33
N SER G 236 54.35 -23.48 -24.47
CA SER G 236 54.56 -23.37 -23.02
C SER G 236 53.45 -23.94 -22.13
N LEU G 237 52.23 -24.16 -22.66
CA LEU G 237 51.03 -24.60 -21.94
C LEU G 237 51.20 -25.98 -21.27
N GLU G 238 51.68 -26.96 -22.03
CA GLU G 238 51.88 -28.36 -21.64
C GLU G 238 52.96 -28.45 -20.55
N LYS G 239 52.71 -29.24 -19.50
CA LYS G 239 53.56 -29.47 -18.35
C LYS G 239 53.61 -30.97 -18.08
N SER G 240 54.83 -31.53 -18.11
CA SER G 240 55.12 -32.89 -17.69
C SER G 240 55.25 -32.92 -16.16
N TYR G 241 54.91 -34.06 -15.56
CA TYR G 241 54.86 -34.28 -14.11
C TYR G 241 55.20 -35.74 -13.87
N GLU G 242 56.15 -36.01 -12.96
CA GLU G 242 56.50 -37.33 -12.48
C GLU G 242 55.51 -37.78 -11.40
N LEU G 243 55.00 -39.00 -11.55
CA LEU G 243 54.32 -39.77 -10.50
C LEU G 243 55.40 -40.28 -9.50
N PRO G 244 55.06 -40.59 -8.24
CA PRO G 244 56.05 -40.86 -7.18
C PRO G 244 56.84 -42.17 -7.31
N ASP G 245 56.47 -43.05 -8.25
CA ASP G 245 57.21 -44.24 -8.67
C ASP G 245 58.19 -43.90 -9.81
N GLY G 246 58.18 -42.67 -10.33
CA GLY G 246 59.06 -42.15 -11.36
C GLY G 246 58.48 -42.23 -12.78
N GLN G 247 57.22 -42.67 -12.96
CA GLN G 247 56.55 -42.65 -14.25
C GLN G 247 56.16 -41.19 -14.59
N VAL G 248 56.36 -40.76 -15.83
CA VAL G 248 56.10 -39.38 -16.28
C VAL G 248 54.74 -39.36 -17.01
N ILE G 249 53.92 -38.36 -16.67
CA ILE G 249 52.67 -37.99 -17.34
C ILE G 249 52.78 -36.53 -17.81
N THR G 250 51.81 -36.02 -18.58
CA THR G 250 51.79 -34.66 -19.14
C THR G 250 50.36 -34.11 -19.21
N ILE G 251 50.15 -32.87 -18.73
CA ILE G 251 48.88 -32.16 -18.59
C ILE G 251 49.09 -30.75 -19.19
N GLY G 252 48.13 -30.19 -19.95
CA GLY G 252 48.28 -28.88 -20.57
C GLY G 252 47.01 -28.06 -20.49
N ASN G 253 46.23 -28.01 -21.58
CA ASN G 253 44.95 -27.30 -21.69
C ASN G 253 43.96 -27.59 -20.53
N GLU G 254 44.03 -28.81 -19.97
CA GLU G 254 43.30 -29.31 -18.82
C GLU G 254 43.48 -28.45 -17.55
N ARG G 255 44.62 -27.75 -17.48
CA ARG G 255 44.98 -26.82 -16.42
C ARG G 255 44.02 -25.62 -16.34
N PHE G 256 43.39 -25.23 -17.44
CA PHE G 256 42.39 -24.15 -17.50
C PHE G 256 40.98 -24.66 -17.81
N ARG G 257 40.82 -25.84 -18.44
CA ARG G 257 39.50 -26.49 -18.58
C ARG G 257 38.91 -26.87 -17.20
N CYS G 258 39.74 -27.38 -16.27
CA CYS G 258 39.35 -27.74 -14.89
C CYS G 258 38.57 -26.64 -14.12
N PRO G 259 39.17 -25.50 -13.71
CA PRO G 259 38.49 -24.52 -12.85
C PRO G 259 37.50 -23.59 -13.57
N GLU G 260 37.42 -23.62 -14.91
CA GLU G 260 36.47 -22.85 -15.73
C GLU G 260 35.01 -23.13 -15.32
N THR G 261 34.73 -24.38 -14.95
CA THR G 261 33.43 -24.87 -14.45
C THR G 261 32.94 -24.20 -13.15
N LEU G 262 33.81 -23.54 -12.37
CA LEU G 262 33.44 -22.80 -11.16
C LEU G 262 32.81 -21.44 -11.52
N PHE G 263 33.24 -20.84 -12.63
CA PHE G 263 32.63 -19.62 -13.19
C PHE G 263 31.52 -19.97 -14.17
N GLN G 264 31.67 -21.02 -14.97
CA GLN G 264 30.74 -21.37 -16.03
C GLN G 264 30.31 -22.85 -15.91
N PRO G 265 29.43 -23.24 -14.94
CA PRO G 265 28.88 -24.62 -14.80
C PRO G 265 28.29 -25.24 -16.08
N SER G 266 27.82 -24.39 -17.02
CA SER G 266 27.41 -24.67 -18.38
C SER G 266 28.43 -25.54 -19.16
N PHE G 267 29.72 -25.33 -18.89
CA PHE G 267 30.89 -26.04 -19.42
C PHE G 267 30.90 -27.55 -19.10
N ILE G 268 30.11 -27.99 -18.12
CA ILE G 268 29.90 -29.40 -17.75
C ILE G 268 28.41 -29.79 -17.79
N GLY G 269 27.55 -28.93 -18.35
CA GLY G 269 26.12 -29.17 -18.53
C GLY G 269 25.30 -28.99 -17.25
N MET G 270 25.87 -28.35 -16.21
CA MET G 270 25.19 -28.09 -14.96
C MET G 270 24.37 -26.81 -15.14
N GLU G 271 23.06 -26.91 -14.93
CA GLU G 271 22.09 -25.82 -14.99
C GLU G 271 22.12 -25.06 -13.64
N SER G 272 23.25 -24.40 -13.37
CA SER G 272 23.52 -23.62 -12.17
C SER G 272 24.30 -22.34 -12.56
N ALA G 273 24.22 -21.32 -11.70
CA ALA G 273 24.90 -20.05 -11.84
C ALA G 273 26.32 -20.14 -11.25
N GLY G 274 27.25 -19.33 -11.77
CA GLY G 274 28.65 -19.27 -11.37
C GLY G 274 28.92 -18.40 -10.15
N ILE G 275 30.15 -18.46 -9.59
CA ILE G 275 30.57 -17.75 -8.37
C ILE G 275 30.34 -16.21 -8.40
N HIS G 276 30.48 -15.58 -9.57
CA HIS G 276 30.24 -14.16 -9.81
C HIS G 276 28.74 -13.83 -9.72
N GLU G 277 27.90 -14.69 -10.32
CA GLU G 277 26.44 -14.58 -10.30
C GLU G 277 25.89 -14.83 -8.90
N THR G 278 26.41 -15.82 -8.16
CA THR G 278 25.94 -16.09 -6.81
C THR G 278 26.36 -14.97 -5.83
N THR G 279 27.52 -14.35 -6.05
CA THR G 279 27.98 -13.15 -5.35
C THR G 279 27.04 -11.97 -5.70
N TYR G 280 26.79 -11.72 -7.00
CA TYR G 280 25.86 -10.70 -7.47
C TYR G 280 24.43 -10.88 -6.91
N ASN G 281 23.89 -12.10 -6.95
CA ASN G 281 22.59 -12.47 -6.37
C ASN G 281 22.51 -12.30 -4.84
N SER G 282 23.63 -12.43 -4.13
CA SER G 282 23.68 -12.18 -2.70
C SER G 282 23.63 -10.66 -2.43
N ILE G 283 24.39 -9.85 -3.19
CA ILE G 283 24.43 -8.38 -3.11
C ILE G 283 23.08 -7.79 -3.52
N MET G 284 22.51 -8.23 -4.65
CA MET G 284 21.27 -7.73 -5.21
C MET G 284 20.03 -8.06 -4.37
N LYS G 285 20.12 -8.98 -3.40
CA LYS G 285 19.05 -9.21 -2.44
C LYS G 285 19.10 -8.19 -1.29
N CYS G 286 20.23 -7.51 -1.06
CA CYS G 286 20.37 -6.52 0.01
C CYS G 286 19.73 -5.19 -0.43
N ASP G 287 19.24 -4.45 0.57
CA ASP G 287 18.68 -3.09 0.54
C ASP G 287 19.54 -2.13 -0.27
N ILE G 288 18.90 -1.24 -1.05
CA ILE G 288 19.54 -0.37 -2.05
C ILE G 288 20.69 0.49 -1.47
N ASP G 289 20.48 1.06 -0.28
CA ASP G 289 21.34 2.05 0.37
C ASP G 289 22.67 1.47 0.86
N ILE G 290 22.84 0.14 0.89
CA ILE G 290 24.04 -0.54 1.36
C ILE G 290 24.75 -1.37 0.26
N ARG G 291 24.18 -1.53 -0.95
CA ARG G 291 24.78 -2.38 -1.99
C ARG G 291 26.09 -1.84 -2.57
N LYS G 292 26.25 -0.51 -2.66
CA LYS G 292 27.38 0.20 -3.29
C LYS G 292 28.76 -0.33 -2.86
N ASP G 293 29.05 -0.30 -1.55
CA ASP G 293 30.33 -0.74 -1.00
C ASP G 293 30.40 -2.27 -0.82
N LEU G 294 29.38 -3.07 -1.17
CA LEU G 294 29.54 -4.51 -1.29
C LEU G 294 30.24 -4.84 -2.63
N TYR G 295 29.98 -4.07 -3.69
CA TYR G 295 30.66 -4.22 -4.98
C TYR G 295 32.15 -3.79 -4.92
N ALA G 296 32.48 -2.85 -4.01
CA ALA G 296 33.84 -2.34 -3.81
C ALA G 296 34.66 -3.20 -2.82
N ASN G 297 34.06 -4.23 -2.20
CA ASN G 297 34.63 -4.96 -1.07
C ASN G 297 34.33 -6.46 -1.17
N ASN G 298 34.58 -7.07 -2.34
CA ASN G 298 34.45 -8.51 -2.55
C ASN G 298 35.76 -9.20 -2.10
N VAL G 299 35.71 -9.92 -0.98
CA VAL G 299 36.85 -10.68 -0.44
C VAL G 299 36.80 -12.09 -1.02
N MET G 300 37.94 -12.63 -1.44
CA MET G 300 38.09 -14.04 -1.79
C MET G 300 38.79 -14.75 -0.62
N SER G 301 38.06 -15.64 0.05
CA SER G 301 38.52 -16.60 1.05
C SER G 301 38.46 -18.01 0.42
N GLY G 302 38.91 -19.04 1.14
CA GLY G 302 38.75 -20.44 0.76
C GLY G 302 39.94 -21.00 -0.02
N GLY G 303 39.92 -22.32 -0.27
CA GLY G 303 41.03 -23.06 -0.87
C GLY G 303 40.99 -23.10 -2.39
N THR G 304 39.78 -23.04 -2.96
CA THR G 304 39.53 -23.19 -4.39
C THR G 304 39.59 -21.81 -5.10
N THR G 305 39.71 -20.70 -4.37
CA THR G 305 39.96 -19.37 -4.92
C THR G 305 41.47 -19.11 -5.17
N MET G 306 42.34 -20.11 -5.05
CA MET G 306 43.80 -19.92 -5.05
C MET G 306 44.43 -19.89 -6.47
N TYR G 307 43.67 -20.25 -7.52
CA TYR G 307 44.21 -20.39 -8.89
C TYR G 307 44.58 -19.02 -9.50
N PRO G 308 45.73 -18.87 -10.19
CA PRO G 308 46.07 -17.66 -10.96
C PRO G 308 44.97 -17.23 -11.94
N GLY G 309 44.73 -15.92 -12.07
CA GLY G 309 43.76 -15.33 -13.00
C GLY G 309 42.32 -15.27 -12.47
N ILE G 310 42.01 -15.89 -11.33
CA ILE G 310 40.65 -16.05 -10.80
C ILE G 310 40.02 -14.72 -10.34
N ALA G 311 40.83 -13.81 -9.76
CA ALA G 311 40.35 -12.53 -9.22
C ALA G 311 40.15 -11.52 -10.35
N ASP G 312 40.99 -11.65 -11.37
CA ASP G 312 41.09 -10.87 -12.59
C ASP G 312 39.94 -11.29 -13.53
N ARG G 313 39.64 -12.60 -13.59
CA ARG G 313 38.44 -13.17 -14.21
C ARG G 313 37.19 -12.73 -13.44
N MET G 314 37.20 -12.72 -12.09
CA MET G 314 36.09 -12.22 -11.26
C MET G 314 35.78 -10.73 -11.57
N GLN G 315 36.81 -9.89 -11.69
CA GLN G 315 36.72 -8.50 -12.13
C GLN G 315 36.03 -8.37 -13.51
N LYS G 316 36.48 -9.17 -14.50
CA LYS G 316 35.89 -9.26 -15.84
C LYS G 316 34.43 -9.75 -15.80
N GLU G 317 34.15 -10.85 -15.09
CA GLU G 317 32.85 -11.52 -15.04
C GLU G 317 31.80 -10.67 -14.28
N ILE G 318 32.21 -9.92 -13.24
CA ILE G 318 31.32 -9.01 -12.52
C ILE G 318 31.03 -7.75 -13.37
N THR G 319 32.02 -7.17 -14.08
CA THR G 319 31.79 -6.01 -14.95
C THR G 319 31.04 -6.38 -16.25
N ALA G 320 30.99 -7.66 -16.63
CA ALA G 320 30.16 -8.21 -17.70
C ALA G 320 28.75 -8.60 -17.22
N LEU G 321 28.35 -8.23 -16.00
CA LEU G 321 27.12 -8.69 -15.33
C LEU G 321 26.45 -7.58 -14.50
N ALA G 322 27.23 -6.87 -13.68
CA ALA G 322 26.79 -5.76 -12.82
C ALA G 322 27.20 -4.41 -13.46
N PRO G 323 26.32 -3.38 -13.43
CA PRO G 323 26.62 -1.99 -13.86
C PRO G 323 27.92 -1.36 -13.36
N SER G 324 28.43 -0.37 -14.10
CA SER G 324 29.73 0.25 -13.91
C SER G 324 29.68 1.64 -13.22
N THR G 325 28.54 2.04 -12.67
CA THR G 325 28.38 3.33 -11.97
C THR G 325 28.87 3.23 -10.51
N MET G 326 28.75 2.05 -9.88
CA MET G 326 29.47 1.67 -8.68
C MET G 326 30.92 1.27 -9.04
N LYS G 327 31.84 1.48 -8.10
CA LYS G 327 33.27 1.21 -8.28
C LYS G 327 33.47 -0.24 -7.80
N ILE G 328 33.75 -1.16 -8.72
CA ILE G 328 33.94 -2.58 -8.44
C ILE G 328 35.38 -2.77 -7.92
N LYS G 329 35.57 -3.52 -6.83
CA LYS G 329 36.88 -3.88 -6.29
C LYS G 329 36.80 -5.28 -5.64
N ILE G 330 37.83 -6.07 -5.92
CA ILE G 330 38.08 -7.37 -5.32
C ILE G 330 39.29 -7.15 -4.39
N ILE G 331 39.35 -7.86 -3.26
CA ILE G 331 40.50 -7.97 -2.39
C ILE G 331 40.75 -9.47 -2.23
N ALA G 332 41.87 -9.99 -2.75
CA ALA G 332 42.17 -11.42 -2.83
C ALA G 332 43.62 -11.68 -2.37
N PRO G 333 43.90 -11.70 -1.03
CA PRO G 333 45.23 -11.96 -0.44
C PRO G 333 46.01 -13.16 -1.04
N PRO G 334 47.36 -13.17 -1.06
CA PRO G 334 48.15 -14.20 -1.75
C PRO G 334 48.18 -15.58 -1.05
N GLU G 335 47.77 -15.65 0.21
CA GLU G 335 47.75 -16.82 1.07
C GLU G 335 46.30 -17.12 1.50
N ARG G 336 45.32 -16.56 0.76
CA ARG G 336 43.87 -16.52 1.00
C ARG G 336 43.23 -17.75 1.65
N LYS G 337 43.66 -18.95 1.26
CA LYS G 337 43.26 -20.23 1.86
C LYS G 337 43.47 -20.29 3.38
N TYR G 338 44.49 -19.59 3.89
CA TYR G 338 44.85 -19.51 5.29
C TYR G 338 44.47 -18.15 5.90
N SER G 339 44.06 -17.14 5.11
CA SER G 339 43.79 -15.76 5.59
C SER G 339 42.80 -15.67 6.78
N VAL G 340 41.79 -16.54 6.75
CA VAL G 340 40.82 -16.81 7.81
C VAL G 340 41.51 -17.19 9.14
N TRP G 341 42.46 -18.13 9.07
CA TRP G 341 43.19 -18.64 10.22
C TRP G 341 44.25 -17.62 10.69
N ILE G 342 44.89 -16.90 9.77
CA ILE G 342 45.80 -15.77 10.05
C ILE G 342 45.07 -14.68 10.86
N GLY G 343 43.87 -14.28 10.42
CA GLY G 343 42.99 -13.36 11.14
C GLY G 343 42.60 -13.89 12.52
N GLY G 344 42.35 -15.21 12.61
CA GLY G 344 42.12 -15.95 13.85
C GLY G 344 43.33 -15.88 14.80
N SER G 345 44.52 -16.25 14.33
CA SER G 345 45.81 -16.23 15.04
C SER G 345 46.10 -14.87 15.69
N ILE G 346 45.96 -13.79 14.92
CA ILE G 346 46.24 -12.43 15.37
C ILE G 346 45.16 -11.95 16.37
N LEU G 347 43.87 -12.22 16.11
CA LEU G 347 42.78 -11.85 17.01
C LEU G 347 42.89 -12.60 18.34
N ALA G 348 43.15 -13.91 18.27
CA ALA G 348 43.28 -14.81 19.42
C ALA G 348 44.60 -14.65 20.19
N SER G 349 45.47 -13.70 19.84
CA SER G 349 46.64 -13.35 20.64
C SER G 349 46.28 -12.28 21.70
N LEU G 350 45.15 -11.57 21.53
CA LEU G 350 44.75 -10.46 22.36
C LEU G 350 43.84 -10.98 23.47
N SER G 351 44.30 -10.88 24.72
CA SER G 351 43.63 -11.16 25.98
C SER G 351 42.92 -9.90 26.54
N THR G 352 42.90 -8.81 25.77
CA THR G 352 42.55 -7.45 26.19
C THR G 352 41.04 -7.23 26.43
N PHE G 353 40.17 -8.18 26.08
CA PHE G 353 38.76 -8.21 26.40
C PHE G 353 38.29 -9.66 26.19
N GLN G 354 37.59 -10.23 27.18
CA GLN G 354 37.36 -11.68 27.29
C GLN G 354 35.90 -12.06 27.42
N GLN G 355 34.99 -11.09 27.39
CA GLN G 355 33.53 -11.27 27.46
C GLN G 355 32.97 -12.20 26.35
N MET G 356 33.67 -12.26 25.21
CA MET G 356 33.36 -13.05 24.01
C MET G 356 33.90 -14.49 24.10
N TRP G 357 34.78 -14.79 25.06
CA TRP G 357 35.42 -16.08 25.28
C TRP G 357 34.52 -16.86 26.27
N ILE G 358 34.15 -18.11 25.96
CA ILE G 358 33.31 -18.96 26.80
C ILE G 358 34.26 -19.66 27.78
N THR G 359 34.04 -19.50 29.08
CA THR G 359 34.76 -20.17 30.15
C THR G 359 34.08 -21.52 30.47
N LYS G 360 34.80 -22.44 31.12
CA LYS G 360 34.25 -23.66 31.70
C LYS G 360 33.22 -23.35 32.81
N GLN G 361 33.41 -22.24 33.56
CA GLN G 361 32.49 -21.75 34.60
C GLN G 361 31.08 -21.51 34.03
N GLU G 362 30.98 -20.72 32.95
CA GLU G 362 29.73 -20.39 32.27
C GLU G 362 29.04 -21.62 31.66
N TYR G 363 29.82 -22.66 31.33
CA TYR G 363 29.30 -23.93 30.81
C TYR G 363 28.66 -24.72 31.95
N ASP G 364 29.33 -24.83 33.10
CA ASP G 364 28.86 -25.55 34.28
C ASP G 364 27.72 -24.80 35.00
N GLU G 365 27.54 -23.50 34.74
CA GLU G 365 26.39 -22.72 35.15
C GLU G 365 25.19 -22.94 34.19
N ALA G 366 25.41 -22.81 32.88
CA ALA G 366 24.36 -22.49 31.91
C ALA G 366 24.45 -23.22 30.56
N GLY G 367 25.28 -24.27 30.48
CA GLY G 367 25.41 -25.19 29.36
C GLY G 367 25.98 -24.57 28.08
N PRO G 368 25.82 -25.25 26.91
CA PRO G 368 26.36 -24.77 25.64
C PRO G 368 25.64 -23.53 25.08
N SER G 369 24.42 -23.22 25.56
CA SER G 369 23.59 -22.07 25.17
C SER G 369 24.25 -20.70 25.43
N ILE G 370 25.37 -20.70 26.17
CA ILE G 370 26.27 -19.57 26.36
C ILE G 370 26.80 -19.01 25.01
N VAL G 371 27.00 -19.87 23.99
CA VAL G 371 27.57 -19.57 22.67
C VAL G 371 26.82 -18.47 21.88
N HIS G 372 25.57 -18.16 22.24
CA HIS G 372 24.75 -17.12 21.61
C HIS G 372 24.95 -15.75 22.27
N ARG G 373 25.35 -15.71 23.54
CA ARG G 373 25.45 -14.48 24.34
C ARG G 373 26.81 -13.80 24.07
N LYS G 374 27.76 -14.57 23.51
CA LYS G 374 29.14 -14.20 23.23
C LYS G 374 29.29 -13.45 21.90
N CYS G 375 28.28 -13.53 21.00
CA CYS G 375 28.23 -12.87 19.70
C CYS G 375 28.04 -11.33 19.79
N PHE G 376 28.07 -10.79 21.01
CA PHE G 376 27.88 -9.40 21.40
C PHE G 376 28.96 -9.02 22.45
N NH2 G 377 30.02 -9.80 22.58
HN1 NH2 G 377 30.67 -9.65 23.36
HN2 NH2 G 377 30.14 -10.62 22.00
C ACE H 1 20.20 -59.24 -56.95
O ACE H 1 19.01 -59.62 -57.58
CH3 ACE H 1 20.62 -60.34 -55.98
H1 ACE H 1 21.52 -60.06 -55.43
H2 ACE H 1 20.83 -61.27 -56.51
H3 ACE H 1 19.83 -60.54 -55.24
N ASP H 2 19.84 -58.05 -56.22
CA ASP H 2 19.89 -56.84 -57.08
C ASP H 2 21.31 -56.28 -57.07
N GLU H 3 21.57 -55.18 -57.77
CA GLU H 3 22.86 -54.55 -58.01
C GLU H 3 22.84 -53.02 -57.76
N ASP H 4 21.69 -52.45 -57.33
CA ASP H 4 21.53 -51.06 -56.85
C ASP H 4 21.05 -51.04 -55.37
N GLU H 5 20.80 -49.84 -54.81
CA GLU H 5 20.37 -49.51 -53.44
C GLU H 5 21.52 -49.85 -52.46
N THR H 6 22.62 -49.10 -52.60
CA THR H 6 23.96 -49.27 -52.00
C THR H 6 23.96 -49.77 -50.54
N THR H 7 24.29 -51.04 -50.33
CA THR H 7 24.41 -51.65 -49.01
C THR H 7 25.81 -51.33 -48.44
N ALA H 8 25.83 -50.56 -47.35
CA ALA H 8 27.01 -50.01 -46.68
C ALA H 8 27.76 -51.09 -45.87
N LEU H 9 29.04 -50.82 -45.56
CA LEU H 9 29.87 -51.60 -44.66
C LEU H 9 29.57 -51.12 -43.22
N VAL H 10 29.61 -52.05 -42.27
CA VAL H 10 29.36 -51.83 -40.85
C VAL H 10 30.54 -52.45 -40.09
N CYS H 11 31.16 -51.70 -39.18
CA CYS H 11 32.27 -52.13 -38.34
C CYS H 11 32.02 -51.69 -36.88
N ASP H 12 32.26 -52.59 -35.92
CA ASP H 12 32.24 -52.31 -34.48
C ASP H 12 33.66 -52.49 -33.90
N ASN H 13 34.00 -51.62 -32.95
CA ASN H 13 35.23 -51.57 -32.17
C ASN H 13 34.88 -51.09 -30.76
N GLY H 14 35.17 -51.89 -29.72
CA GLY H 14 34.74 -51.64 -28.33
C GLY H 14 35.82 -51.87 -27.27
N SER H 15 36.20 -53.12 -27.00
CA SER H 15 37.19 -53.50 -25.99
C SER H 15 37.58 -54.98 -26.17
N GLY H 16 38.12 -55.38 -27.34
CA GLY H 16 38.43 -56.78 -27.62
C GLY H 16 38.18 -57.10 -29.10
N LEU H 17 37.25 -58.00 -29.40
CA LEU H 17 36.90 -58.42 -30.77
C LEU H 17 36.35 -57.26 -31.62
N VAL H 18 37.03 -57.00 -32.74
CA VAL H 18 36.61 -56.12 -33.83
C VAL H 18 35.72 -57.00 -34.72
N LYS H 19 34.60 -56.45 -35.19
CA LYS H 19 33.50 -57.16 -35.83
C LYS H 19 33.14 -56.31 -37.05
N ALA H 20 33.13 -56.87 -38.25
CA ALA H 20 32.83 -56.15 -39.48
C ALA H 20 32.08 -56.99 -40.52
N GLY H 21 31.23 -56.35 -41.32
CA GLY H 21 30.46 -56.95 -42.39
C GLY H 21 29.70 -55.87 -43.13
N PHE H 22 28.55 -56.21 -43.71
CA PHE H 22 27.67 -55.30 -44.46
C PHE H 22 26.36 -55.09 -43.70
N ALA H 23 25.61 -54.05 -44.09
CA ALA H 23 24.31 -53.69 -43.54
C ALA H 23 23.22 -54.70 -43.94
N GLY H 24 22.29 -54.99 -43.02
CA GLY H 24 21.18 -55.94 -43.20
C GLY H 24 21.56 -57.40 -42.94
N ASP H 25 22.84 -57.73 -43.14
CA ASP H 25 23.49 -59.03 -42.90
C ASP H 25 23.58 -59.22 -41.39
N ASP H 26 23.13 -60.37 -40.89
CA ASP H 26 23.08 -60.68 -39.46
C ASP H 26 24.40 -61.25 -38.98
N ALA H 27 25.31 -61.64 -39.88
CA ALA H 27 26.62 -62.18 -39.53
C ALA H 27 27.72 -61.17 -39.88
N PRO H 28 28.77 -61.01 -39.05
CA PRO H 28 30.02 -60.42 -39.51
C PRO H 28 30.74 -61.38 -40.48
N ARG H 29 31.60 -60.80 -41.31
CA ARG H 29 32.40 -61.49 -42.32
C ARG H 29 33.89 -61.32 -42.04
N ALA H 30 34.22 -60.57 -40.99
CA ALA H 30 35.53 -60.41 -40.39
C ALA H 30 35.29 -60.28 -38.89
N VAL H 31 35.85 -61.19 -38.10
CA VAL H 31 35.89 -61.12 -36.65
C VAL H 31 37.25 -61.66 -36.22
N PHE H 32 37.96 -60.88 -35.41
CA PHE H 32 39.33 -61.12 -34.95
C PHE H 32 39.58 -60.16 -33.76
N PRO H 33 40.59 -60.39 -32.90
CA PRO H 33 40.87 -59.53 -31.74
C PRO H 33 41.57 -58.21 -32.13
N SER H 34 41.31 -57.14 -31.36
CA SER H 34 42.07 -55.87 -31.36
C SER H 34 43.50 -56.13 -30.89
N ILE H 35 44.39 -56.55 -31.79
CA ILE H 35 45.81 -56.80 -31.52
C ILE H 35 46.63 -56.46 -32.76
N VAL H 36 47.69 -55.65 -32.57
CA VAL H 36 48.75 -55.39 -33.52
C VAL H 36 50.07 -55.62 -32.78
N GLY H 37 50.93 -56.47 -33.34
CA GLY H 37 52.28 -56.71 -32.88
C GLY H 37 53.25 -55.88 -33.70
N ARG H 38 53.87 -54.90 -33.05
CA ARG H 38 55.04 -54.19 -33.55
C ARG H 38 56.24 -54.78 -32.77
N PRO H 39 57.37 -55.13 -33.43
CA PRO H 39 58.58 -55.70 -32.80
C PRO H 39 59.09 -55.04 -31.50
N ARG H 40 59.75 -55.84 -30.64
CA ARG H 40 60.61 -55.40 -29.55
C ARG H 40 61.83 -54.62 -30.11
N HIS H 41 62.29 -54.97 -31.32
CA HIS H 41 63.26 -54.22 -32.11
C HIS H 41 63.18 -54.68 -33.57
N GLN H 42 63.78 -55.84 -33.87
CA GLN H 42 63.70 -56.51 -35.17
C GLN H 42 62.57 -57.55 -35.12
N GLY H 43 61.91 -57.78 -36.26
CA GLY H 43 60.88 -58.80 -36.46
C GLY H 43 61.48 -60.16 -36.84
N VAL H 44 60.67 -61.05 -37.43
CA VAL H 44 61.05 -62.40 -37.82
C VAL H 44 60.48 -62.68 -39.22
N MET H 45 61.34 -63.05 -40.18
CA MET H 45 61.04 -63.31 -41.59
C MET H 45 60.92 -62.01 -42.41
N VAL H 46 61.65 -60.96 -41.99
CA VAL H 46 61.75 -59.68 -42.68
C VAL H 46 62.54 -59.87 -43.99
N GLY H 47 62.19 -59.10 -45.02
CA GLY H 47 62.81 -59.13 -46.33
C GLY H 47 62.32 -57.90 -47.07
N MET H 48 61.53 -58.09 -48.14
CA MET H 48 60.78 -56.99 -48.74
C MET H 48 59.54 -56.73 -47.86
N GLY H 49 59.44 -55.53 -47.28
CA GLY H 49 58.33 -55.11 -46.43
C GLY H 49 57.04 -54.96 -47.23
N GLN H 50 55.89 -55.24 -46.61
CA GLN H 50 54.57 -55.30 -47.24
C GLN H 50 53.50 -54.70 -46.33
N LYS H 51 53.37 -55.20 -45.09
CA LYS H 51 52.56 -54.63 -44.02
C LYS H 51 53.07 -55.24 -42.70
N ASP H 52 54.21 -54.72 -42.24
CA ASP H 52 55.18 -55.44 -41.40
C ASP H 52 54.85 -55.42 -39.90
N SER H 53 53.74 -54.77 -39.54
CA SER H 53 53.08 -54.88 -38.26
C SER H 53 52.16 -56.11 -38.37
N TYR H 54 52.33 -57.08 -37.46
CA TYR H 54 51.66 -58.37 -37.48
C TYR H 54 50.29 -58.13 -36.81
N VAL H 55 49.17 -58.40 -37.48
CA VAL H 55 47.83 -58.02 -37.00
C VAL H 55 46.96 -59.27 -36.80
N GLY H 56 46.16 -59.27 -35.72
CA GLY H 56 45.16 -60.28 -35.42
C GLY H 56 45.76 -61.67 -35.25
N ASP H 57 45.24 -62.61 -36.03
CA ASP H 57 45.63 -63.99 -36.30
C ASP H 57 47.16 -64.16 -36.40
N GLU H 58 47.81 -63.23 -37.13
CA GLU H 58 49.25 -63.19 -37.41
C GLU H 58 50.08 -62.94 -36.14
N ALA H 59 49.59 -62.10 -35.23
CA ALA H 59 50.33 -61.58 -34.07
C ALA H 59 50.53 -62.66 -33.01
N GLN H 60 49.48 -63.41 -32.68
CA GLN H 60 49.54 -64.50 -31.69
C GLN H 60 50.31 -65.70 -32.27
N SER H 61 50.24 -65.90 -33.60
CA SER H 61 50.91 -66.99 -34.31
C SER H 61 52.41 -66.71 -34.58
N LYS H 62 52.96 -65.55 -34.22
CA LYS H 62 54.35 -65.13 -34.47
C LYS H 62 54.95 -64.43 -33.24
N ARG H 63 54.66 -65.04 -32.09
CA ARG H 63 55.01 -64.73 -30.71
C ARG H 63 56.44 -64.24 -30.34
N GLY H 64 56.56 -63.69 -29.12
CA GLY H 64 57.80 -63.48 -28.38
C GLY H 64 58.53 -62.17 -28.70
N ILE H 65 58.86 -61.94 -29.97
CA ILE H 65 59.63 -60.79 -30.43
C ILE H 65 58.75 -59.53 -30.62
N LEU H 66 57.43 -59.64 -30.49
CA LEU H 66 56.47 -58.56 -30.72
C LEU H 66 56.07 -57.92 -29.37
N THR H 67 56.14 -56.59 -29.31
CA THR H 67 55.50 -55.79 -28.28
C THR H 67 54.06 -55.58 -28.79
N LEU H 68 53.15 -56.42 -28.28
CA LEU H 68 51.74 -56.49 -28.63
C LEU H 68 51.01 -55.26 -28.06
N LYS H 69 50.34 -54.53 -28.95
CA LYS H 69 49.53 -53.36 -28.70
C LYS H 69 48.09 -53.70 -29.12
N TYR H 70 47.11 -53.09 -28.46
CA TYR H 70 45.69 -53.39 -28.59
C TYR H 70 45.05 -52.03 -28.93
N PRO H 71 44.88 -51.67 -30.23
CA PRO H 71 44.50 -50.32 -30.70
C PRO H 71 43.31 -49.66 -29.98
N ILE H 72 42.23 -50.43 -29.83
CA ILE H 72 41.05 -50.10 -29.04
C ILE H 72 41.06 -51.09 -27.87
N GLU H 73 41.19 -50.56 -26.65
CA GLU H 73 41.33 -51.33 -25.43
C GLU H 73 40.48 -50.73 -24.31
N HIS H 74 40.98 -49.75 -23.54
CA HIS H 74 40.25 -49.14 -22.42
C HIS H 74 39.14 -48.15 -22.85
N GLY H 75 39.00 -47.89 -24.15
CA GLY H 75 37.87 -47.22 -24.77
C GLY H 75 38.31 -46.06 -25.64
N ILE H 76 39.08 -45.14 -25.05
CA ILE H 76 39.66 -43.98 -25.71
C ILE H 76 40.88 -44.48 -26.49
N ILE H 77 40.86 -44.33 -27.81
CA ILE H 77 42.00 -44.66 -28.67
C ILE H 77 43.00 -43.50 -28.56
N THR H 78 44.26 -43.83 -28.22
CA THR H 78 45.44 -42.97 -28.27
C THR H 78 46.50 -43.59 -29.18
N ASN H 79 46.56 -44.94 -29.25
CA ASN H 79 47.47 -45.75 -30.06
C ASN H 79 46.99 -45.80 -31.53
N TRP H 80 46.75 -44.61 -32.09
CA TRP H 80 45.99 -44.36 -33.31
C TRP H 80 46.63 -44.87 -34.61
N ASP H 81 47.95 -45.11 -34.67
CA ASP H 81 48.59 -45.57 -35.90
C ASP H 81 48.39 -47.10 -36.04
N ASP H 82 48.37 -47.89 -34.95
CA ASP H 82 47.98 -49.31 -35.02
C ASP H 82 46.46 -49.44 -35.25
N MET H 83 45.67 -48.41 -34.92
CA MET H 83 44.23 -48.32 -35.24
C MET H 83 44.03 -48.16 -36.77
N GLU H 84 44.84 -47.31 -37.41
CA GLU H 84 44.99 -47.19 -38.87
C GLU H 84 45.23 -48.57 -39.54
N LYS H 85 46.19 -49.33 -39.00
CA LYS H 85 46.64 -50.61 -39.55
C LYS H 85 45.64 -51.75 -39.30
N ILE H 86 44.92 -51.78 -38.16
CA ILE H 86 43.94 -52.81 -37.88
C ILE H 86 42.63 -52.60 -38.68
N TRP H 87 42.28 -51.34 -38.98
CA TRP H 87 41.19 -51.02 -39.90
C TRP H 87 41.56 -51.44 -41.32
N HIS H 88 42.78 -51.13 -41.77
CA HIS H 88 43.35 -51.57 -43.05
C HIS H 88 43.34 -53.10 -43.21
N HIS H 89 43.72 -53.83 -42.15
CA HIS H 89 43.65 -55.28 -42.06
C HIS H 89 42.20 -55.81 -42.16
N THR H 90 41.23 -55.16 -41.50
CA THR H 90 39.81 -55.53 -41.53
C THR H 90 39.26 -55.43 -42.97
N PHE H 91 39.57 -54.32 -43.66
CA PHE H 91 39.08 -54.03 -45.00
C PHE H 91 39.81 -54.89 -46.05
N TYR H 92 41.14 -54.87 -46.09
CA TYR H 92 41.90 -55.37 -47.23
C TYR H 92 42.55 -56.74 -46.97
N ASN H 93 42.47 -57.32 -45.76
CA ASN H 93 43.11 -58.61 -45.41
C ASN H 93 42.03 -59.62 -44.97
N GLU H 94 41.05 -59.21 -44.15
CA GLU H 94 39.94 -60.07 -43.74
C GLU H 94 38.79 -60.02 -44.76
N LEU H 95 38.10 -58.88 -44.91
CA LEU H 95 36.95 -58.73 -45.81
C LEU H 95 37.38 -58.79 -47.28
N ARG H 96 38.50 -58.13 -47.60
CA ARG H 96 39.22 -58.11 -48.88
C ARG H 96 38.47 -57.30 -49.96
N VAL H 97 37.77 -56.25 -49.52
CA VAL H 97 36.97 -55.28 -50.30
C VAL H 97 37.72 -53.93 -50.29
N ALA H 98 37.25 -52.96 -51.10
CA ALA H 98 37.84 -51.62 -51.21
C ALA H 98 36.89 -50.56 -50.59
N PRO H 99 37.17 -49.99 -49.38
CA PRO H 99 36.50 -48.81 -48.81
C PRO H 99 36.24 -47.62 -49.75
N GLU H 100 37.07 -47.46 -50.78
CA GLU H 100 36.89 -46.60 -51.94
C GLU H 100 35.50 -46.74 -52.63
N GLU H 101 34.89 -47.93 -52.59
CA GLU H 101 33.55 -48.21 -53.11
C GLU H 101 32.45 -47.91 -52.06
N HIS H 102 32.73 -48.14 -50.77
CA HIS H 102 31.72 -48.50 -49.78
C HIS H 102 31.52 -47.40 -48.71
N PRO H 103 30.29 -46.83 -48.56
CA PRO H 103 29.88 -46.07 -47.37
C PRO H 103 30.14 -46.87 -46.08
N THR H 104 30.98 -46.37 -45.18
CA THR H 104 31.45 -47.09 -44.01
C THR H 104 30.74 -46.53 -42.76
N LEU H 105 29.92 -47.36 -42.08
CA LEU H 105 29.42 -47.12 -40.74
C LEU H 105 30.43 -47.75 -39.77
N LEU H 106 30.90 -46.95 -38.81
CA LEU H 106 31.83 -47.32 -37.77
C LEU H 106 31.17 -47.02 -36.42
N THR H 107 31.55 -47.69 -35.32
CA THR H 107 31.05 -47.35 -33.99
C THR H 107 32.06 -46.44 -33.26
N GLU H 108 31.53 -45.57 -32.38
CA GLU H 108 32.28 -44.94 -31.31
C GLU H 108 32.16 -45.89 -30.10
N ALA H 109 33.32 -46.28 -29.54
CA ALA H 109 33.43 -46.98 -28.25
C ALA H 109 33.22 -45.94 -27.13
N PRO H 110 32.62 -46.33 -25.98
CA PRO H 110 32.39 -45.44 -24.82
C PRO H 110 33.60 -44.58 -24.39
N LEU H 111 33.29 -43.38 -23.90
CA LEU H 111 34.21 -42.44 -23.24
C LEU H 111 35.07 -41.58 -24.19
N ASN H 112 35.08 -41.86 -25.50
CA ASN H 112 35.87 -41.14 -26.49
C ASN H 112 35.55 -39.63 -26.55
N PRO H 113 36.57 -38.73 -26.55
CA PRO H 113 36.36 -37.28 -26.76
C PRO H 113 36.00 -37.04 -28.23
N LYS H 114 35.15 -36.05 -28.51
CA LYS H 114 34.47 -35.95 -29.81
C LYS H 114 35.39 -35.59 -30.99
N ALA H 115 36.61 -35.08 -30.72
CA ALA H 115 37.70 -34.96 -31.69
C ALA H 115 38.17 -36.31 -32.24
N ASN H 116 37.97 -37.42 -31.50
CA ASN H 116 38.21 -38.78 -31.99
C ASN H 116 37.21 -39.20 -33.07
N ARG H 117 36.05 -38.53 -33.19
CA ARG H 117 35.12 -38.71 -34.32
C ARG H 117 35.69 -38.00 -35.56
N GLU H 118 36.27 -36.80 -35.38
CA GLU H 118 36.91 -36.05 -36.45
C GLU H 118 38.15 -36.80 -36.98
N LYS H 119 38.95 -37.42 -36.10
CA LYS H 119 40.11 -38.22 -36.50
C LYS H 119 39.78 -39.48 -37.33
N MET H 120 38.63 -40.14 -37.09
CA MET H 120 38.17 -41.25 -37.94
C MET H 120 37.52 -40.71 -39.23
N THR H 121 36.88 -39.53 -39.21
CA THR H 121 36.35 -38.88 -40.41
C THR H 121 37.53 -38.50 -41.33
N GLN H 122 38.56 -37.86 -40.75
CA GLN H 122 39.84 -37.50 -41.33
C GLN H 122 40.52 -38.71 -42.00
N ILE H 123 40.84 -39.77 -41.25
CA ILE H 123 41.44 -41.01 -41.76
C ILE H 123 40.60 -41.68 -42.87
N MET H 124 39.27 -41.76 -42.73
CA MET H 124 38.45 -42.47 -43.72
C MET H 124 38.42 -41.75 -45.08
N PHE H 125 38.52 -40.42 -45.11
CA PHE H 125 38.63 -39.66 -46.35
C PHE H 125 40.11 -39.49 -46.76
N GLU H 126 40.97 -38.94 -45.90
CA GLU H 126 42.34 -38.53 -46.21
C GLU H 126 43.35 -39.69 -46.04
N THR H 127 42.89 -40.94 -45.92
CA THR H 127 43.74 -42.12 -46.01
C THR H 127 43.03 -43.19 -46.86
N PHE H 128 41.78 -43.55 -46.54
CA PHE H 128 41.07 -44.65 -47.21
C PHE H 128 40.20 -44.18 -48.39
N ASN H 129 40.02 -42.86 -48.60
CA ASN H 129 39.37 -42.26 -49.78
C ASN H 129 37.87 -42.63 -49.93
N VAL H 130 37.18 -42.84 -48.80
CA VAL H 130 35.80 -43.30 -48.71
C VAL H 130 34.82 -42.32 -49.42
N PRO H 131 33.72 -42.79 -50.04
CA PRO H 131 32.69 -41.89 -50.57
C PRO H 131 31.85 -41.21 -49.47
N ALA H 132 31.56 -41.91 -48.37
CA ALA H 132 30.80 -41.40 -47.24
C ALA H 132 31.12 -42.15 -45.94
N MET H 133 30.89 -41.49 -44.80
CA MET H 133 30.97 -42.09 -43.46
C MET H 133 29.84 -41.59 -42.55
N TYR H 134 29.60 -42.34 -41.47
CA TYR H 134 28.65 -42.10 -40.40
C TYR H 134 29.18 -42.84 -39.16
N VAL H 135 28.86 -42.35 -37.95
CA VAL H 135 29.24 -42.97 -36.69
C VAL H 135 28.11 -42.85 -35.65
N ALA H 136 27.91 -43.93 -34.88
CA ALA H 136 27.00 -44.03 -33.75
C ALA H 136 27.70 -44.77 -32.61
N ILE H 137 27.12 -44.75 -31.41
CA ILE H 137 27.74 -45.32 -30.21
C ILE H 137 27.28 -46.79 -30.13
N GLN H 138 28.23 -47.74 -30.06
CA GLN H 138 27.98 -49.20 -30.02
C GLN H 138 27.04 -49.64 -28.89
N ALA H 139 27.15 -48.98 -27.73
CA ALA H 139 26.35 -49.21 -26.53
C ALA H 139 24.87 -48.91 -26.77
N VAL H 140 24.57 -47.80 -27.47
CA VAL H 140 23.21 -47.35 -27.78
C VAL H 140 22.58 -48.28 -28.84
N LEU H 141 23.35 -48.70 -29.85
CA LEU H 141 22.94 -49.66 -30.87
C LEU H 141 22.61 -51.04 -30.26
N SER H 142 23.42 -51.49 -29.29
CA SER H 142 23.21 -52.70 -28.52
C SER H 142 21.95 -52.62 -27.63
N LEU H 143 21.71 -51.47 -26.99
CA LEU H 143 20.54 -51.16 -26.18
C LEU H 143 19.25 -51.13 -27.05
N TYR H 144 19.31 -50.49 -28.22
CA TYR H 144 18.24 -50.46 -29.22
C TYR H 144 17.93 -51.86 -29.77
N ALA H 145 18.96 -52.69 -30.03
CA ALA H 145 18.82 -54.09 -30.47
C ALA H 145 18.26 -54.99 -29.37
N SER H 146 18.46 -54.64 -28.10
CA SER H 146 17.87 -55.29 -26.94
C SER H 146 16.44 -54.77 -26.67
N GLY H 147 15.96 -53.76 -27.42
CA GLY H 147 14.60 -53.25 -27.39
C GLY H 147 14.36 -52.11 -26.38
N ARG H 148 15.35 -51.25 -26.15
CA ARG H 148 15.26 -50.11 -25.25
C ARG H 148 15.83 -48.85 -25.90
N THR H 149 15.27 -47.67 -25.59
CA THR H 149 15.86 -46.37 -25.90
C THR H 149 16.47 -45.73 -24.63
N THR H 150 15.96 -46.10 -23.45
CA THR H 150 16.42 -45.67 -22.14
C THR H 150 16.81 -46.94 -21.35
N GLY H 151 17.92 -46.91 -20.60
CA GLY H 151 18.41 -48.05 -19.81
C GLY H 151 19.90 -47.90 -19.50
N ILE H 152 20.54 -48.93 -18.93
CA ILE H 152 21.96 -48.96 -18.60
C ILE H 152 22.57 -50.25 -19.14
N VAL H 153 23.37 -50.13 -20.21
CA VAL H 153 23.99 -51.25 -20.89
C VAL H 153 25.45 -51.37 -20.40
N LEU H 154 25.94 -52.60 -20.38
CA LEU H 154 27.29 -53.00 -20.00
C LEU H 154 27.86 -53.85 -21.14
N ASP H 155 29.17 -53.72 -21.43
CA ASP H 155 29.98 -54.58 -22.29
C ASP H 155 31.30 -54.84 -21.55
N SER H 156 31.51 -56.09 -21.09
CA SER H 156 32.76 -56.61 -20.56
C SER H 156 33.38 -57.41 -21.71
N GLY H 157 34.49 -56.90 -22.25
CA GLY H 157 35.24 -57.52 -23.32
C GLY H 157 36.50 -58.18 -22.75
N ASP H 158 37.64 -57.88 -23.39
CA ASP H 158 38.97 -58.41 -23.06
C ASP H 158 39.98 -57.26 -23.04
N GLY H 159 39.51 -56.02 -22.79
CA GLY H 159 40.32 -54.83 -22.56
C GLY H 159 39.99 -54.27 -21.19
N VAL H 160 38.77 -53.78 -21.03
CA VAL H 160 38.14 -53.30 -19.80
C VAL H 160 36.66 -53.70 -19.82
N THR H 161 35.90 -53.35 -18.78
CA THR H 161 34.45 -53.40 -18.80
C THR H 161 33.93 -51.95 -18.89
N HIS H 162 33.02 -51.70 -19.84
CA HIS H 162 32.30 -50.45 -20.04
C HIS H 162 30.91 -50.59 -19.40
N ASN H 163 30.39 -49.49 -18.82
CA ASN H 163 29.06 -49.38 -18.21
C ASN H 163 28.52 -47.99 -18.55
N VAL H 164 27.39 -47.90 -19.29
CA VAL H 164 26.90 -46.68 -19.92
C VAL H 164 25.39 -46.49 -19.62
N PRO H 165 24.97 -45.55 -18.74
CA PRO H 165 23.56 -45.20 -18.53
C PRO H 165 23.08 -44.24 -19.63
N ILE H 166 21.91 -44.53 -20.20
CA ILE H 166 21.37 -43.90 -21.41
C ILE H 166 19.90 -43.50 -21.15
N TYR H 167 19.54 -42.29 -21.58
CA TYR H 167 18.17 -41.80 -21.66
C TYR H 167 17.90 -41.39 -23.11
N GLU H 168 16.94 -42.05 -23.76
CA GLU H 168 16.39 -41.81 -25.09
C GLU H 168 17.47 -41.72 -26.19
N GLY H 169 18.46 -42.63 -26.13
CA GLY H 169 19.58 -42.76 -27.04
C GLY H 169 20.84 -41.99 -26.61
N TYR H 170 20.74 -41.08 -25.64
CA TYR H 170 21.84 -40.21 -25.20
C TYR H 170 22.40 -40.75 -23.88
N ALA H 171 23.72 -41.02 -23.88
CA ALA H 171 24.47 -41.47 -22.71
C ALA H 171 24.72 -40.27 -21.77
N LEU H 172 24.45 -40.45 -20.48
CA LEU H 172 24.45 -39.40 -19.46
C LEU H 172 25.91 -39.16 -18.99
N PRO H 173 26.59 -38.05 -19.41
CA PRO H 173 28.05 -37.89 -19.36
C PRO H 173 28.76 -38.18 -18.03
N HIS H 174 28.21 -37.70 -16.90
CA HIS H 174 28.89 -37.72 -15.60
C HIS H 174 28.84 -39.11 -14.92
N ALA H 175 27.98 -39.99 -15.44
CA ALA H 175 27.61 -41.28 -14.89
C ALA H 175 28.09 -42.46 -15.76
N ILE H 176 28.78 -42.23 -16.88
CA ILE H 176 29.44 -43.29 -17.68
C ILE H 176 30.69 -43.73 -16.88
N MET H 177 30.95 -45.04 -16.83
CA MET H 177 31.98 -45.63 -15.97
C MET H 177 32.72 -46.74 -16.72
N ARG H 178 34.04 -46.78 -16.53
CA ARG H 178 34.94 -47.81 -16.98
C ARG H 178 35.31 -48.60 -15.71
N LEU H 179 35.52 -49.91 -15.82
CA LEU H 179 36.17 -50.73 -14.81
C LEU H 179 37.28 -51.51 -15.51
N ASP H 180 38.52 -51.33 -15.05
CA ASP H 180 39.75 -51.81 -15.68
C ASP H 180 40.01 -53.29 -15.32
N LEU H 181 39.04 -54.14 -15.62
CA LEU H 181 39.06 -55.57 -15.40
C LEU H 181 38.05 -56.17 -16.38
N ALA H 182 38.47 -57.14 -17.19
CA ALA H 182 37.61 -57.95 -18.04
C ALA H 182 38.34 -59.26 -18.37
N GLY H 183 38.09 -59.79 -19.57
CA GLY H 183 38.51 -61.13 -19.98
C GLY H 183 40.02 -61.38 -19.98
N ARG H 184 40.87 -60.41 -20.33
CA ARG H 184 42.31 -60.60 -20.46
C ARG H 184 42.98 -60.90 -19.10
N ASP H 185 42.53 -60.19 -18.05
CA ASP H 185 43.09 -60.15 -16.70
C ASP H 185 42.42 -61.27 -15.88
N LEU H 186 41.14 -61.55 -16.15
CA LEU H 186 40.42 -62.77 -15.79
C LEU H 186 41.16 -64.03 -16.28
N THR H 187 41.59 -64.06 -17.55
CA THR H 187 42.35 -65.15 -18.17
C THR H 187 43.82 -65.20 -17.65
N ASP H 188 44.33 -64.13 -17.03
CA ASP H 188 45.62 -64.17 -16.32
C ASP H 188 45.43 -64.87 -14.96
N TYR H 189 44.45 -64.42 -14.17
CA TYR H 189 44.03 -65.02 -12.91
C TYR H 189 43.70 -66.52 -13.04
N LEU H 190 43.06 -66.95 -14.14
CA LEU H 190 42.82 -68.35 -14.52
C LEU H 190 44.10 -69.21 -14.45
N MET H 191 45.20 -68.71 -15.01
CA MET H 191 46.49 -69.37 -14.98
C MET H 191 47.12 -69.37 -13.57
N LYS H 192 46.87 -68.35 -12.74
CA LYS H 192 47.37 -68.31 -11.36
C LYS H 192 46.64 -69.33 -10.48
N ILE H 193 45.33 -69.50 -10.64
CA ILE H 193 44.56 -70.46 -9.85
C ILE H 193 44.74 -71.91 -10.38
N LEU H 194 45.22 -72.08 -11.63
CA LEU H 194 45.75 -73.36 -12.13
C LEU H 194 47.21 -73.60 -11.67
N THR H 195 47.98 -72.54 -11.36
CA THR H 195 49.34 -72.64 -10.80
C THR H 195 49.28 -73.22 -9.37
N GLU H 196 48.21 -72.97 -8.61
CA GLU H 196 47.94 -73.55 -7.29
C GLU H 196 47.87 -75.09 -7.32
N ARG H 197 47.63 -75.70 -8.48
CA ARG H 197 47.60 -77.15 -8.68
C ARG H 197 48.83 -77.65 -9.47
N GLY H 198 49.82 -76.79 -9.73
CA GLY H 198 51.10 -77.18 -10.33
C GLY H 198 51.08 -77.33 -11.85
N TYR H 199 50.09 -76.75 -12.54
CA TYR H 199 50.11 -76.60 -13.99
C TYR H 199 50.80 -75.28 -14.33
N SER H 200 51.66 -75.27 -15.36
CA SER H 200 52.31 -74.10 -15.91
C SER H 200 52.17 -74.19 -17.44
N PHE H 201 51.65 -73.12 -18.05
CA PHE H 201 51.39 -72.93 -19.46
C PHE H 201 51.82 -71.47 -19.69
N VAL H 202 52.94 -71.25 -20.40
CA VAL H 202 53.75 -70.04 -20.27
C VAL H 202 54.15 -69.38 -21.59
N THR H 203 54.10 -70.11 -22.71
CA THR H 203 54.28 -69.54 -24.04
C THR H 203 52.98 -68.84 -24.49
N THR H 204 53.07 -68.07 -25.58
CA THR H 204 51.93 -67.48 -26.27
C THR H 204 51.12 -68.59 -26.96
N ALA H 205 51.77 -69.65 -27.43
CA ALA H 205 51.14 -70.84 -28.05
C ALA H 205 50.32 -71.64 -27.01
N GLU H 206 50.76 -71.69 -25.75
CA GLU H 206 50.03 -72.33 -24.67
C GLU H 206 48.95 -71.40 -24.10
N ARG H 207 49.11 -70.07 -24.21
CA ARG H 207 48.10 -69.07 -23.84
C ARG H 207 46.80 -69.18 -24.68
N GLU H 208 46.86 -69.85 -25.84
CA GLU H 208 45.71 -70.27 -26.65
C GLU H 208 44.81 -71.26 -25.90
N ILE H 209 45.41 -72.16 -25.09
CA ILE H 209 44.72 -73.17 -24.29
C ILE H 209 43.94 -72.46 -23.16
N VAL H 210 44.58 -71.48 -22.51
CA VAL H 210 44.04 -70.71 -21.39
C VAL H 210 42.81 -69.87 -21.82
N ARG H 211 42.75 -69.37 -23.07
CA ARG H 211 41.54 -68.75 -23.60
C ARG H 211 40.47 -69.82 -23.91
N ASP H 212 40.87 -70.93 -24.52
CA ASP H 212 40.00 -72.06 -24.87
C ASP H 212 39.23 -72.63 -23.66
N ILE H 213 39.93 -72.75 -22.52
CA ILE H 213 39.37 -73.06 -21.21
C ILE H 213 38.41 -71.94 -20.73
N LYS H 214 38.88 -70.68 -20.74
CA LYS H 214 38.15 -69.46 -20.34
C LYS H 214 36.81 -69.28 -21.07
N GLU H 215 36.78 -69.44 -22.39
CA GLU H 215 35.58 -69.26 -23.20
C GLU H 215 34.62 -70.45 -23.01
N LYS H 216 35.12 -71.71 -23.00
CA LYS H 216 34.25 -72.89 -23.05
C LYS H 216 33.68 -73.32 -21.68
N LEU H 217 34.51 -73.36 -20.63
CA LEU H 217 34.21 -74.16 -19.44
C LEU H 217 33.75 -73.31 -18.24
N CYS H 218 33.95 -72.00 -18.28
CA CYS H 218 33.77 -71.13 -17.13
C CYS H 218 32.34 -70.57 -17.08
N TYR H 219 31.89 -70.20 -15.88
CA TYR H 219 30.56 -69.67 -15.56
C TYR H 219 30.66 -68.88 -14.26
N VAL H 220 29.74 -67.97 -13.94
CA VAL H 220 29.76 -67.26 -12.67
C VAL H 220 29.04 -68.14 -11.63
N ALA H 221 29.63 -68.28 -10.44
CA ALA H 221 29.04 -68.92 -9.27
C ALA H 221 27.84 -68.12 -8.77
N LEU H 222 26.71 -68.77 -8.46
CA LEU H 222 25.48 -68.11 -8.03
C LEU H 222 25.64 -67.44 -6.65
N ASP H 223 26.47 -68.02 -5.80
CA ASP H 223 27.17 -67.43 -4.66
C ASP H 223 28.47 -68.22 -4.51
N PHE H 224 29.59 -67.58 -4.14
CA PHE H 224 30.92 -68.19 -4.12
C PHE H 224 31.02 -69.45 -3.23
N GLU H 225 30.72 -69.32 -1.93
CA GLU H 225 30.87 -70.44 -0.99
C GLU H 225 29.64 -71.38 -1.05
N ASN H 226 28.50 -70.91 -1.58
CA ASN H 226 27.36 -71.78 -1.90
C ASN H 226 27.74 -72.70 -3.08
N GLU H 227 28.45 -72.19 -4.09
CA GLU H 227 28.95 -72.94 -5.23
C GLU H 227 30.06 -73.91 -4.78
N MET H 228 30.94 -73.49 -3.86
CA MET H 228 31.97 -74.31 -3.22
C MET H 228 31.37 -75.53 -2.48
N ALA H 229 30.26 -75.33 -1.77
CA ALA H 229 29.52 -76.39 -1.06
C ALA H 229 28.79 -77.35 -2.03
N THR H 230 28.38 -76.83 -3.19
CA THR H 230 27.71 -77.59 -4.25
C THR H 230 28.78 -78.37 -5.05
N ALA H 231 29.95 -77.76 -5.34
CA ALA H 231 31.12 -78.38 -5.96
C ALA H 231 31.62 -79.59 -5.14
N ALA H 232 31.69 -79.43 -3.81
CA ALA H 232 32.05 -80.45 -2.82
C ALA H 232 31.08 -81.65 -2.74
N SER H 233 29.98 -81.62 -3.50
CA SER H 233 29.02 -82.70 -3.64
C SER H 233 28.57 -82.93 -5.09
N SER H 234 29.29 -82.36 -6.07
CA SER H 234 28.91 -82.40 -7.48
C SER H 234 29.56 -83.63 -8.16
N SER H 235 28.79 -84.30 -9.00
CA SER H 235 29.24 -85.39 -9.86
C SER H 235 29.69 -84.86 -11.25
N SER H 236 29.70 -83.54 -11.50
CA SER H 236 29.94 -82.98 -12.85
C SER H 236 30.66 -81.62 -12.91
N LEU H 237 31.23 -81.15 -11.78
CA LEU H 237 31.96 -79.88 -11.71
C LEU H 237 33.34 -79.96 -12.40
N GLU H 238 34.09 -81.04 -12.17
CA GLU H 238 35.43 -81.26 -12.71
C GLU H 238 35.33 -81.82 -14.14
N LYS H 239 36.01 -81.18 -15.11
CA LYS H 239 36.02 -81.57 -16.53
C LYS H 239 37.46 -81.92 -16.92
N SER H 240 37.70 -83.19 -17.29
CA SER H 240 38.92 -83.67 -17.95
C SER H 240 39.03 -82.99 -19.32
N TYR H 241 40.06 -82.18 -19.54
CA TYR H 241 40.23 -81.30 -20.68
C TYR H 241 41.28 -81.88 -21.63
N GLU H 242 40.95 -81.88 -22.92
CA GLU H 242 41.67 -82.40 -24.06
C GLU H 242 42.50 -81.26 -24.68
N LEU H 243 43.84 -81.34 -24.63
CA LEU H 243 44.73 -80.34 -25.24
C LEU H 243 44.90 -80.60 -26.75
N PRO H 244 45.21 -79.57 -27.58
CA PRO H 244 45.42 -79.68 -29.04
C PRO H 244 46.40 -80.78 -29.53
N ASP H 245 47.42 -81.10 -28.73
CA ASP H 245 48.46 -82.09 -29.00
C ASP H 245 48.10 -83.46 -28.37
N GLY H 246 46.85 -83.63 -27.92
CA GLY H 246 46.27 -84.88 -27.47
C GLY H 246 46.46 -85.18 -25.99
N GLN H 247 47.20 -84.34 -25.25
CA GLN H 247 47.41 -84.49 -23.81
C GLN H 247 46.11 -84.17 -23.04
N VAL H 248 46.07 -84.56 -21.76
CA VAL H 248 44.91 -84.44 -20.90
C VAL H 248 45.32 -83.78 -19.57
N ILE H 249 44.49 -82.85 -19.10
CA ILE H 249 44.49 -82.22 -17.77
C ILE H 249 43.05 -82.25 -17.24
N THR H 250 42.77 -81.65 -16.07
CA THR H 250 41.42 -81.49 -15.54
C THR H 250 41.26 -80.04 -15.08
N ILE H 251 40.19 -79.35 -15.51
CA ILE H 251 39.81 -78.01 -15.08
C ILE H 251 38.54 -78.18 -14.24
N GLY H 252 38.52 -77.54 -13.07
CA GLY H 252 37.62 -77.84 -11.99
C GLY H 252 37.02 -76.59 -11.38
N ASN H 253 37.21 -76.47 -10.07
CA ASN H 253 36.86 -75.35 -9.19
C ASN H 253 37.39 -73.97 -9.67
N GLU H 254 38.31 -73.96 -10.63
CA GLU H 254 38.77 -72.78 -11.36
C GLU H 254 37.65 -72.17 -12.24
N ARG H 255 36.70 -73.00 -12.74
CA ARG H 255 35.61 -72.63 -13.65
C ARG H 255 34.74 -71.46 -13.17
N PHE H 256 34.59 -71.29 -11.86
CA PHE H 256 33.77 -70.24 -11.26
C PHE H 256 34.63 -69.20 -10.54
N ARG H 257 35.69 -69.63 -9.86
CA ARG H 257 36.58 -68.76 -9.09
C ARG H 257 37.40 -67.82 -10.01
N CYS H 258 37.55 -68.17 -11.30
CA CYS H 258 38.00 -67.28 -12.37
C CYS H 258 36.96 -66.15 -12.62
N PRO H 259 35.77 -66.36 -13.26
CA PRO H 259 34.68 -65.36 -13.40
C PRO H 259 34.28 -64.54 -12.16
N GLU H 260 34.42 -65.08 -10.94
CA GLU H 260 34.24 -64.38 -9.66
C GLU H 260 34.98 -63.02 -9.57
N THR H 261 36.12 -62.89 -10.26
CA THR H 261 36.93 -61.67 -10.39
C THR H 261 36.18 -60.42 -10.88
N LEU H 262 35.11 -60.54 -11.68
CA LEU H 262 34.36 -59.38 -12.19
C LEU H 262 33.57 -58.69 -11.05
N PHE H 263 33.21 -59.45 -10.02
CA PHE H 263 32.58 -58.97 -8.79
C PHE H 263 33.67 -58.73 -7.72
N GLN H 264 34.78 -59.47 -7.78
CA GLN H 264 35.92 -59.40 -6.86
C GLN H 264 37.24 -58.90 -7.50
N PRO H 265 37.38 -57.61 -7.92
CA PRO H 265 38.67 -56.96 -8.23
C PRO H 265 39.71 -56.97 -7.09
N SER H 266 39.30 -57.35 -5.88
CA SER H 266 40.07 -57.69 -4.69
C SER H 266 41.18 -58.73 -4.95
N PHE H 267 40.96 -59.68 -5.87
CA PHE H 267 41.93 -60.69 -6.31
C PHE H 267 42.93 -60.14 -7.35
N ILE H 268 42.75 -58.89 -7.79
CA ILE H 268 43.57 -58.21 -8.80
C ILE H 268 44.36 -57.05 -8.14
N GLY H 269 44.07 -56.72 -6.88
CA GLY H 269 44.72 -55.67 -6.11
C GLY H 269 44.25 -54.26 -6.48
N MET H 270 42.96 -54.12 -6.83
CA MET H 270 42.33 -52.84 -7.17
C MET H 270 41.44 -52.42 -5.99
N GLU H 271 41.44 -51.13 -5.61
CA GLU H 271 40.47 -50.55 -4.67
C GLU H 271 39.10 -50.32 -5.35
N SER H 272 39.07 -50.26 -6.68
CA SER H 272 37.87 -50.08 -7.50
C SER H 272 36.99 -51.33 -7.42
N ALA H 273 35.70 -51.13 -7.08
CA ALA H 273 34.72 -52.19 -6.88
C ALA H 273 34.28 -52.85 -8.21
N GLY H 274 33.61 -54.01 -8.08
CA GLY H 274 33.17 -54.85 -9.18
C GLY H 274 32.00 -54.27 -10.00
N ILE H 275 31.64 -54.98 -11.07
CA ILE H 275 30.61 -54.62 -12.07
C ILE H 275 29.26 -54.18 -11.45
N HIS H 276 28.83 -54.85 -10.38
CA HIS H 276 27.60 -54.61 -9.63
C HIS H 276 27.55 -53.21 -8.99
N GLU H 277 28.62 -52.84 -8.26
CA GLU H 277 28.75 -51.55 -7.59
C GLU H 277 29.04 -50.45 -8.62
N THR H 278 29.72 -50.77 -9.73
CA THR H 278 29.96 -49.86 -10.85
C THR H 278 28.62 -49.46 -11.53
N THR H 279 27.74 -50.43 -11.82
CA THR H 279 26.37 -50.18 -12.29
C THR H 279 25.56 -49.36 -11.26
N TYR H 280 25.65 -49.64 -9.96
CA TYR H 280 24.92 -48.89 -8.94
C TYR H 280 25.44 -47.44 -8.79
N ASN H 281 26.77 -47.24 -8.70
CA ASN H 281 27.39 -45.90 -8.52
C ASN H 281 27.16 -45.00 -9.75
N SER H 282 27.00 -45.60 -10.93
CA SER H 282 26.57 -44.96 -12.16
C SER H 282 25.13 -44.44 -12.04
N ILE H 283 24.15 -45.29 -11.68
CA ILE H 283 22.75 -44.92 -11.47
C ILE H 283 22.60 -43.88 -10.34
N MET H 284 23.43 -43.97 -9.29
CA MET H 284 23.51 -43.00 -8.17
C MET H 284 24.08 -41.63 -8.55
N LYS H 285 24.58 -41.44 -9.79
CA LYS H 285 24.99 -40.15 -10.33
C LYS H 285 24.04 -39.68 -11.43
N CYS H 286 22.76 -40.04 -11.34
CA CYS H 286 21.66 -39.65 -12.24
C CYS H 286 20.47 -39.09 -11.44
N ASP H 287 19.72 -38.17 -12.05
CA ASP H 287 18.47 -37.54 -11.62
C ASP H 287 17.41 -38.56 -11.18
N ILE H 288 16.61 -38.22 -10.16
CA ILE H 288 15.67 -39.10 -9.46
C ILE H 288 14.66 -39.81 -10.40
N ASP H 289 14.06 -39.02 -11.32
CA ASP H 289 12.91 -39.39 -12.13
C ASP H 289 13.26 -40.32 -13.30
N ILE H 290 14.54 -40.63 -13.51
CA ILE H 290 15.05 -41.55 -14.54
C ILE H 290 15.75 -42.80 -13.98
N ARG H 291 16.11 -42.83 -12.68
CA ARG H 291 16.79 -43.99 -12.06
C ARG H 291 15.92 -45.25 -12.09
N LYS H 292 14.60 -45.07 -12.05
CA LYS H 292 13.57 -46.10 -12.20
C LYS H 292 13.80 -46.97 -13.46
N ASP H 293 14.05 -46.31 -14.60
CA ASP H 293 14.17 -46.91 -15.93
C ASP H 293 15.54 -47.57 -16.08
N LEU H 294 16.57 -47.03 -15.41
CA LEU H 294 17.92 -47.57 -15.40
C LEU H 294 17.98 -48.88 -14.60
N TYR H 295 17.40 -48.95 -13.38
CA TYR H 295 17.34 -50.19 -12.60
C TYR H 295 16.48 -51.25 -13.33
N ALA H 296 15.35 -50.82 -13.90
CA ALA H 296 14.39 -51.67 -14.57
C ALA H 296 14.83 -52.10 -15.98
N ASN H 297 15.98 -51.61 -16.49
CA ASN H 297 16.55 -51.93 -17.79
C ASN H 297 18.07 -51.95 -17.76
N ASN H 298 18.67 -52.78 -16.89
CA ASN H 298 20.11 -53.05 -16.91
C ASN H 298 20.33 -54.21 -17.89
N VAL H 299 20.99 -53.94 -19.01
CA VAL H 299 21.20 -54.88 -20.12
C VAL H 299 22.67 -55.34 -20.09
N MET H 300 22.86 -56.66 -19.95
CA MET H 300 24.17 -57.31 -20.08
C MET H 300 24.36 -57.65 -21.56
N SER H 301 25.19 -56.86 -22.25
CA SER H 301 25.73 -57.17 -23.56
C SER H 301 27.22 -57.51 -23.39
N GLY H 302 27.91 -57.90 -24.46
CA GLY H 302 29.36 -58.00 -24.49
C GLY H 302 29.92 -59.41 -24.59
N GLY H 303 31.25 -59.49 -24.67
CA GLY H 303 32.03 -60.66 -25.04
C GLY H 303 32.26 -61.64 -23.89
N THR H 304 32.96 -61.18 -22.84
CA THR H 304 33.24 -61.96 -21.64
C THR H 304 32.01 -61.94 -20.71
N THR H 305 31.02 -61.05 -20.92
CA THR H 305 29.74 -61.04 -20.20
C THR H 305 28.83 -62.22 -20.63
N MET H 306 29.26 -63.11 -21.53
CA MET H 306 28.49 -64.23 -22.10
C MET H 306 28.18 -65.34 -21.10
N TYR H 307 28.85 -65.36 -19.95
CA TYR H 307 28.75 -66.44 -18.96
C TYR H 307 27.33 -66.65 -18.40
N PRO H 308 26.92 -67.92 -18.15
CA PRO H 308 25.81 -68.26 -17.25
C PRO H 308 26.09 -67.71 -15.83
N GLY H 309 25.02 -67.40 -15.08
CA GLY H 309 25.09 -66.98 -13.69
C GLY H 309 25.41 -65.50 -13.50
N ILE H 310 25.85 -64.77 -14.54
CA ILE H 310 26.34 -63.39 -14.38
C ILE H 310 25.20 -62.39 -14.08
N ALA H 311 24.01 -62.56 -14.68
CA ALA H 311 22.88 -61.64 -14.50
C ALA H 311 22.17 -61.96 -13.18
N ASP H 312 22.09 -63.26 -12.91
CA ASP H 312 21.60 -63.98 -11.74
C ASP H 312 22.38 -63.54 -10.50
N ARG H 313 23.71 -63.51 -10.59
CA ARG H 313 24.60 -63.02 -9.54
C ARG H 313 24.57 -61.49 -9.40
N MET H 314 24.43 -60.74 -10.52
CA MET H 314 24.29 -59.28 -10.54
C MET H 314 23.04 -58.81 -9.78
N GLN H 315 21.96 -59.61 -9.78
CA GLN H 315 20.78 -59.37 -8.96
C GLN H 315 21.14 -59.42 -7.46
N LYS H 316 21.78 -60.51 -7.01
CA LYS H 316 22.15 -60.78 -5.62
C LYS H 316 22.97 -59.64 -4.99
N GLU H 317 24.08 -59.24 -5.63
CA GLU H 317 25.00 -58.30 -5.02
C GLU H 317 24.52 -56.84 -5.10
N ILE H 318 23.59 -56.48 -6.00
CA ILE H 318 23.01 -55.12 -6.03
C ILE H 318 21.81 -55.06 -5.05
N THR H 319 20.98 -56.11 -4.93
CA THR H 319 19.89 -56.17 -3.94
C THR H 319 20.39 -56.23 -2.47
N ALA H 320 21.66 -56.59 -2.24
CA ALA H 320 22.33 -56.51 -0.95
C ALA H 320 22.97 -55.12 -0.69
N LEU H 321 23.24 -54.35 -1.75
CA LEU H 321 23.96 -53.08 -1.72
C LEU H 321 22.99 -51.89 -1.64
N ALA H 322 21.91 -51.94 -2.44
CA ALA H 322 20.92 -50.87 -2.58
C ALA H 322 19.72 -51.15 -1.67
N PRO H 323 19.01 -50.10 -1.17
CA PRO H 323 17.75 -50.22 -0.40
C PRO H 323 16.70 -51.13 -1.08
N SER H 324 16.29 -52.20 -0.39
CA SER H 324 15.43 -53.28 -0.90
C SER H 324 14.02 -52.91 -1.45
N THR H 325 13.62 -51.63 -1.45
CA THR H 325 12.38 -51.12 -2.01
C THR H 325 12.55 -50.68 -3.49
N MET H 326 13.79 -50.59 -4.00
CA MET H 326 14.12 -50.42 -5.42
C MET H 326 13.78 -51.70 -6.21
N LYS H 327 13.41 -51.55 -7.49
CA LYS H 327 13.05 -52.66 -8.39
C LYS H 327 14.20 -52.72 -9.40
N ILE H 328 14.89 -53.86 -9.55
CA ILE H 328 16.02 -54.02 -10.48
C ILE H 328 15.87 -55.28 -11.34
N LYS H 329 15.84 -55.10 -12.66
CA LYS H 329 15.80 -56.14 -13.67
C LYS H 329 17.17 -56.14 -14.37
N ILE H 330 17.91 -57.25 -14.26
CA ILE H 330 19.14 -57.49 -15.01
C ILE H 330 18.72 -58.39 -16.18
N ILE H 331 18.76 -57.87 -17.40
CA ILE H 331 18.38 -58.57 -18.63
C ILE H 331 19.68 -59.03 -19.31
N ALA H 332 19.70 -60.26 -19.82
CA ALA H 332 20.82 -60.83 -20.58
C ALA H 332 20.24 -61.73 -21.69
N PRO H 333 20.37 -61.38 -22.99
CA PRO H 333 19.90 -62.26 -24.08
C PRO H 333 20.80 -63.52 -24.23
N PRO H 334 20.31 -64.60 -24.88
CA PRO H 334 20.99 -65.91 -24.91
C PRO H 334 22.28 -65.93 -25.76
N GLU H 335 22.38 -65.03 -26.75
CA GLU H 335 23.63 -64.55 -27.32
C GLU H 335 23.56 -63.03 -27.13
N ARG H 336 24.69 -62.40 -26.80
CA ARG H 336 24.76 -60.97 -26.45
C ARG H 336 26.00 -60.29 -27.03
N LYS H 337 26.86 -61.06 -27.70
CA LYS H 337 28.22 -60.71 -28.09
C LYS H 337 28.25 -59.83 -29.35
N TYR H 338 27.36 -60.07 -30.32
CA TYR H 338 27.34 -59.36 -31.60
C TYR H 338 26.26 -58.28 -31.63
N SER H 339 25.58 -58.03 -30.49
CA SER H 339 24.48 -57.08 -30.30
C SER H 339 24.84 -55.65 -30.77
N VAL H 340 26.04 -55.21 -30.40
CA VAL H 340 26.73 -53.98 -30.77
C VAL H 340 26.81 -53.78 -32.29
N TRP H 341 27.31 -54.80 -33.01
CA TRP H 341 27.52 -54.76 -34.44
C TRP H 341 26.20 -54.99 -35.20
N ILE H 342 25.40 -55.99 -34.80
CA ILE H 342 24.16 -56.34 -35.49
C ILE H 342 23.12 -55.22 -35.33
N GLY H 343 23.15 -54.48 -34.21
CA GLY H 343 22.38 -53.25 -34.01
C GLY H 343 22.74 -52.18 -35.04
N GLY H 344 24.03 -52.04 -35.36
CA GLY H 344 24.54 -51.19 -36.45
C GLY H 344 24.10 -51.68 -37.83
N SER H 345 24.13 -52.99 -38.08
CA SER H 345 23.68 -53.61 -39.32
C SER H 345 22.17 -53.43 -39.53
N ILE H 346 21.35 -53.65 -38.50
CA ILE H 346 19.90 -53.55 -38.58
C ILE H 346 19.47 -52.07 -38.61
N LEU H 347 20.18 -51.16 -37.92
CA LEU H 347 20.00 -49.71 -38.05
C LEU H 347 20.31 -49.29 -39.50
N ALA H 348 21.40 -49.79 -40.09
CA ALA H 348 21.78 -49.50 -41.46
C ALA H 348 20.84 -50.13 -42.50
N SER H 349 20.24 -51.29 -42.22
CA SER H 349 19.52 -52.19 -43.16
C SER H 349 18.54 -51.58 -44.18
N LEU H 350 17.96 -50.42 -43.89
CA LEU H 350 17.02 -49.74 -44.78
C LEU H 350 17.83 -48.74 -45.61
N SER H 351 17.74 -48.85 -46.93
CA SER H 351 18.60 -48.29 -47.95
C SER H 351 18.08 -46.94 -48.48
N THR H 352 18.96 -46.12 -49.08
CA THR H 352 18.79 -44.72 -49.49
C THR H 352 18.65 -43.77 -48.28
N PHE H 353 19.70 -43.00 -47.98
CA PHE H 353 19.72 -41.96 -46.97
C PHE H 353 20.81 -40.95 -47.30
N GLN H 354 20.65 -39.68 -46.89
CA GLN H 354 21.58 -38.59 -47.18
C GLN H 354 21.73 -37.55 -46.06
N GLN H 355 21.00 -37.65 -44.95
CA GLN H 355 20.99 -36.64 -43.90
C GLN H 355 22.25 -36.77 -43.02
N MET H 356 22.35 -37.83 -42.22
CA MET H 356 23.36 -38.00 -41.17
C MET H 356 24.66 -38.66 -41.68
N TRP H 357 24.76 -38.98 -42.97
CA TRP H 357 26.01 -39.41 -43.59
C TRP H 357 26.78 -38.16 -44.04
N ILE H 358 28.08 -38.11 -43.73
CA ILE H 358 29.02 -37.12 -44.23
C ILE H 358 29.50 -37.73 -45.57
N THR H 359 29.22 -37.08 -46.69
CA THR H 359 29.75 -37.49 -47.99
C THR H 359 31.06 -36.71 -48.26
N LYS H 360 31.89 -37.23 -49.17
CA LYS H 360 33.14 -36.63 -49.63
C LYS H 360 32.98 -35.16 -50.09
N GLN H 361 31.98 -34.89 -50.94
CA GLN H 361 31.71 -33.56 -51.49
C GLN H 361 31.27 -32.52 -50.44
N GLU H 362 30.76 -32.95 -49.27
CA GLU H 362 30.45 -32.06 -48.15
C GLU H 362 31.69 -31.84 -47.26
N TYR H 363 32.67 -32.75 -47.28
CA TYR H 363 33.92 -32.63 -46.53
C TYR H 363 34.83 -31.57 -47.18
N ASP H 364 34.86 -31.54 -48.52
CA ASP H 364 35.69 -30.67 -49.36
C ASP H 364 35.55 -29.16 -49.06
N GLU H 365 34.40 -28.72 -48.55
CA GLU H 365 34.10 -27.33 -48.21
C GLU H 365 33.97 -27.10 -46.67
N ALA H 366 34.21 -28.12 -45.83
CA ALA H 366 33.93 -28.07 -44.39
C ALA H 366 34.91 -28.78 -43.44
N GLY H 367 35.74 -29.70 -43.95
CA GLY H 367 36.63 -30.53 -43.15
C GLY H 367 35.88 -31.56 -42.28
N PRO H 368 36.53 -32.17 -41.27
CA PRO H 368 35.93 -33.26 -40.47
C PRO H 368 34.86 -32.79 -39.47
N SER H 369 34.90 -31.53 -39.02
CA SER H 369 34.02 -30.92 -38.01
C SER H 369 32.50 -30.98 -38.33
N ILE H 370 32.15 -31.28 -39.60
CA ILE H 370 30.81 -31.61 -40.07
C ILE H 370 30.18 -32.82 -39.34
N VAL H 371 31.02 -33.75 -38.82
CA VAL H 371 30.64 -34.95 -38.08
C VAL H 371 29.73 -34.63 -36.87
N HIS H 372 29.95 -33.48 -36.21
CA HIS H 372 29.20 -33.04 -35.03
C HIS H 372 27.80 -32.50 -35.38
N ARG H 373 27.54 -32.24 -36.67
CA ARG H 373 26.27 -31.78 -37.20
C ARG H 373 25.41 -32.96 -37.69
N LYS H 374 25.97 -34.18 -37.68
CA LYS H 374 25.42 -35.36 -38.34
C LYS H 374 25.39 -36.60 -37.43
N CYS H 375 26.47 -36.87 -36.70
CA CYS H 375 26.60 -38.02 -35.82
C CYS H 375 26.27 -37.57 -34.39
N PHE H 376 25.10 -38.01 -33.90
CA PHE H 376 24.45 -37.71 -32.61
C PHE H 376 25.39 -37.66 -31.40
N NH2 H 377 25.30 -36.62 -30.58
HN1 NH2 H 377 25.90 -36.54 -29.78
HN2 NH2 H 377 24.63 -35.90 -30.80
C ACE I 1 60.36 -74.90 25.14
O ACE I 1 59.40 -73.88 24.94
CH3 ACE I 1 59.65 -76.25 24.98
H1 ACE I 1 59.24 -76.35 23.98
H2 ACE I 1 58.84 -76.37 25.69
H3 ACE I 1 60.35 -77.08 25.12
N ASP I 2 60.81 -74.74 26.50
CA ASP I 2 61.66 -73.53 26.67
C ASP I 2 63.14 -73.91 26.44
N GLU I 3 64.09 -73.03 26.74
CA GLU I 3 65.48 -73.12 26.26
C GLU I 3 66.32 -74.29 26.81
N ASP I 4 65.90 -74.94 27.89
CA ASP I 4 66.55 -76.13 28.47
C ASP I 4 66.00 -77.45 27.86
N GLU I 5 65.06 -77.36 26.91
CA GLU I 5 64.40 -78.49 26.23
C GLU I 5 65.04 -78.70 24.84
N THR I 6 64.42 -79.54 24.00
CA THR I 6 64.85 -79.96 22.67
C THR I 6 65.26 -78.82 21.71
N THR I 7 66.37 -79.04 20.99
CA THR I 7 66.87 -78.19 19.93
C THR I 7 66.02 -78.44 18.67
N ALA I 8 64.99 -77.61 18.47
CA ALA I 8 64.03 -77.64 17.36
C ALA I 8 64.67 -77.83 15.98
N LEU I 9 64.05 -78.62 15.10
CA LEU I 9 64.54 -78.92 13.76
C LEU I 9 63.95 -77.89 12.80
N VAL I 10 64.74 -77.47 11.81
CA VAL I 10 64.27 -76.63 10.71
C VAL I 10 64.57 -77.39 9.43
N CYS I 11 63.53 -77.68 8.65
CA CYS I 11 63.62 -78.30 7.34
C CYS I 11 63.17 -77.24 6.32
N ASP I 12 64.08 -76.84 5.43
CA ASP I 12 63.72 -76.10 4.24
C ASP I 12 63.55 -77.14 3.11
N ASN I 13 62.32 -77.23 2.60
CA ASN I 13 61.93 -78.05 1.45
C ASN I 13 62.45 -77.43 0.14
N GLY I 14 62.68 -76.11 0.15
CA GLY I 14 63.24 -75.30 -0.93
C GLY I 14 62.45 -75.41 -2.23
N SER I 15 63.17 -75.79 -3.28
CA SER I 15 62.71 -75.77 -4.67
C SER I 15 63.25 -76.98 -5.44
N GLY I 16 63.66 -78.06 -4.75
CA GLY I 16 64.29 -79.24 -5.36
C GLY I 16 65.47 -79.76 -4.56
N LEU I 17 66.12 -78.93 -3.72
CA LEU I 17 67.18 -79.32 -2.80
C LEU I 17 66.62 -79.12 -1.39
N VAL I 18 66.61 -80.16 -0.55
CA VAL I 18 66.18 -80.14 0.85
C VAL I 18 67.41 -79.71 1.68
N LYS I 19 67.23 -78.81 2.66
CA LYS I 19 68.24 -78.47 3.66
C LYS I 19 67.59 -78.70 5.02
N ALA I 20 68.28 -79.35 5.95
CA ALA I 20 67.79 -79.56 7.31
C ALA I 20 68.93 -79.50 8.34
N GLY I 21 68.56 -79.25 9.59
CA GLY I 21 69.48 -79.15 10.72
C GLY I 21 68.71 -78.67 11.94
N PHE I 22 69.44 -78.40 13.02
CA PHE I 22 68.90 -77.94 14.30
C PHE I 22 68.87 -76.41 14.29
N ALA I 23 67.86 -75.82 14.95
CA ALA I 23 67.64 -74.40 15.07
C ALA I 23 68.69 -73.74 15.96
N GLY I 24 69.35 -72.70 15.44
CA GLY I 24 70.39 -71.94 16.13
C GLY I 24 71.79 -72.41 15.75
N ASP I 25 71.89 -73.50 15.00
CA ASP I 25 73.05 -73.85 14.20
C ASP I 25 72.78 -73.18 12.84
N ASP I 26 73.49 -72.10 12.52
CA ASP I 26 73.17 -71.20 11.39
C ASP I 26 73.85 -71.68 10.08
N ALA I 27 74.07 -73.00 9.93
CA ALA I 27 74.40 -73.68 8.67
C ALA I 27 73.71 -75.06 8.65
N PRO I 28 73.18 -75.54 7.50
CA PRO I 28 72.50 -76.83 7.42
C PRO I 28 73.50 -78.01 7.51
N ARG I 29 73.01 -79.16 7.99
CA ARG I 29 73.82 -80.32 8.34
C ARG I 29 73.38 -81.58 7.59
N ALA I 30 72.08 -81.68 7.27
CA ALA I 30 71.55 -82.56 6.24
C ALA I 30 71.26 -81.66 5.05
N VAL I 31 71.63 -82.10 3.85
CA VAL I 31 71.39 -81.39 2.60
C VAL I 31 71.46 -82.42 1.47
N PHE I 32 70.33 -82.67 0.80
CA PHE I 32 70.20 -83.70 -0.21
C PHE I 32 69.23 -83.24 -1.32
N PRO I 33 69.33 -83.76 -2.56
CA PRO I 33 68.39 -83.42 -3.63
C PRO I 33 67.05 -84.13 -3.38
N SER I 34 65.93 -83.43 -3.60
CA SER I 34 64.57 -83.92 -3.40
C SER I 34 64.14 -84.86 -4.57
N ILE I 35 65.08 -85.61 -5.14
CA ILE I 35 64.87 -86.50 -6.27
C ILE I 35 64.57 -87.90 -5.70
N VAL I 36 63.55 -88.55 -6.24
CA VAL I 36 63.08 -89.88 -5.90
C VAL I 36 63.28 -90.75 -7.15
N GLY I 37 63.98 -91.87 -7.01
CA GLY I 37 64.32 -92.80 -8.07
C GLY I 37 63.41 -94.01 -7.96
N ARG I 38 62.31 -94.04 -8.72
CA ARG I 38 61.41 -95.20 -8.80
C ARG I 38 61.95 -96.14 -9.90
N PRO I 39 62.03 -97.47 -9.68
CA PRO I 39 62.40 -98.47 -10.69
C PRO I 39 61.65 -98.35 -12.04
N ARG I 40 62.34 -98.62 -13.15
CA ARG I 40 61.76 -98.66 -14.49
C ARG I 40 61.28 -100.08 -14.86
N HIS I 41 61.54 -101.10 -14.02
CA HIS I 41 61.03 -102.46 -14.14
C HIS I 41 60.93 -103.09 -12.74
N GLN I 42 60.44 -104.33 -12.67
CA GLN I 42 60.23 -105.10 -11.44
C GLN I 42 61.56 -105.64 -10.89
N GLY I 43 61.69 -105.69 -9.56
CA GLY I 43 62.83 -106.25 -8.84
C GLY I 43 62.63 -107.73 -8.50
N VAL I 44 63.73 -108.45 -8.24
CA VAL I 44 63.74 -109.85 -7.83
C VAL I 44 63.32 -109.97 -6.35
N MET I 45 62.60 -111.04 -6.01
CA MET I 45 61.99 -111.23 -4.68
C MET I 45 62.95 -111.93 -3.69
N VAL I 46 64.05 -112.50 -4.18
CA VAL I 46 65.15 -113.04 -3.39
C VAL I 46 66.31 -112.04 -3.60
N GLY I 47 66.80 -111.42 -2.52
CA GLY I 47 67.68 -110.25 -2.62
C GLY I 47 66.90 -108.94 -2.83
N MET I 48 65.64 -108.91 -2.38
CA MET I 48 64.72 -107.78 -2.47
C MET I 48 65.15 -106.64 -1.51
N GLY I 49 64.92 -105.39 -1.92
CA GLY I 49 65.22 -104.20 -1.13
C GLY I 49 64.08 -103.84 -0.17
N GLN I 50 64.41 -103.12 0.91
CA GLN I 50 63.51 -102.77 2.00
C GLN I 50 62.81 -101.40 1.82
N LYS I 51 62.84 -100.82 0.61
CA LYS I 51 62.08 -99.64 0.19
C LYS I 51 61.73 -99.82 -1.30
N ASP I 52 60.61 -99.23 -1.76
CA ASP I 52 60.08 -99.35 -3.13
C ASP I 52 60.94 -98.52 -4.11
N SER I 53 61.46 -97.41 -3.61
CA SER I 53 62.11 -96.36 -4.33
C SER I 53 63.26 -95.83 -3.48
N TYR I 54 64.37 -95.50 -4.12
CA TYR I 54 65.55 -94.94 -3.48
C TYR I 54 65.49 -93.43 -3.71
N VAL I 55 65.74 -92.65 -2.66
CA VAL I 55 65.55 -91.20 -2.60
C VAL I 55 66.92 -90.53 -2.39
N GLY I 56 67.12 -89.36 -2.99
CA GLY I 56 68.21 -88.43 -2.72
C GLY I 56 69.61 -88.98 -3.01
N ASP I 57 70.43 -89.04 -1.96
CA ASP I 57 71.71 -89.70 -1.82
C ASP I 57 71.65 -91.14 -2.36
N GLU I 58 70.64 -91.91 -1.94
CA GLU I 58 70.44 -93.28 -2.38
C GLU I 58 69.87 -93.36 -3.82
N ALA I 59 69.22 -92.32 -4.35
CA ALA I 59 68.70 -92.30 -5.72
C ALA I 59 69.85 -92.09 -6.71
N GLN I 60 70.74 -91.14 -6.40
CA GLN I 60 71.91 -90.82 -7.21
C GLN I 60 72.98 -91.92 -7.06
N SER I 61 73.06 -92.59 -5.91
CA SER I 61 73.92 -93.76 -5.69
C SER I 61 73.21 -95.05 -6.15
N LYS I 62 72.77 -95.06 -7.42
CA LYS I 62 72.36 -96.20 -8.24
C LYS I 62 72.85 -95.92 -9.68
N ARG I 63 72.48 -96.78 -10.63
CA ARG I 63 72.74 -96.58 -12.05
C ARG I 63 71.64 -97.31 -12.84
N GLY I 64 71.10 -96.67 -13.88
CA GLY I 64 70.26 -97.20 -14.97
C GLY I 64 68.88 -97.82 -14.63
N ILE I 65 68.72 -98.45 -13.47
CA ILE I 65 67.56 -99.27 -13.11
C ILE I 65 66.27 -98.46 -12.82
N LEU I 66 66.38 -97.14 -12.66
CA LEU I 66 65.35 -96.25 -12.14
C LEU I 66 65.21 -94.98 -12.98
N THR I 67 64.05 -94.33 -12.82
CA THR I 67 63.71 -93.03 -13.39
C THR I 67 63.62 -92.05 -12.21
N LEU I 68 64.28 -90.90 -12.33
CA LEU I 68 64.43 -89.89 -11.30
C LEU I 68 63.36 -88.81 -11.52
N LYS I 69 62.62 -88.45 -10.46
CA LYS I 69 61.51 -87.51 -10.45
C LYS I 69 61.54 -86.73 -9.14
N TYR I 70 61.19 -85.43 -9.17
CA TYR I 70 60.96 -84.62 -7.97
C TYR I 70 59.45 -84.75 -7.62
N PRO I 71 59.05 -84.84 -6.32
CA PRO I 71 57.64 -84.75 -5.91
C PRO I 71 57.09 -83.31 -5.96
N ILE I 72 57.98 -82.31 -5.86
CA ILE I 72 57.71 -80.88 -5.78
C ILE I 72 58.12 -80.18 -7.09
N GLU I 73 58.06 -80.92 -8.21
CA GLU I 73 58.62 -80.59 -9.54
C GLU I 73 58.39 -79.15 -10.04
N HIS I 74 57.18 -78.62 -9.86
CA HIS I 74 56.70 -77.37 -10.46
C HIS I 74 56.66 -76.21 -9.44
N GLY I 75 57.27 -76.40 -8.26
CA GLY I 75 57.32 -75.42 -7.18
C GLY I 75 56.17 -75.54 -6.19
N ILE I 76 55.33 -76.58 -6.35
CA ILE I 76 54.26 -76.99 -5.47
C ILE I 76 54.30 -78.53 -5.44
N ILE I 77 53.76 -79.16 -4.39
CA ILE I 77 53.86 -80.60 -4.16
C ILE I 77 52.82 -81.31 -5.06
N THR I 78 53.29 -81.82 -6.20
CA THR I 78 52.52 -82.44 -7.27
C THR I 78 52.46 -83.98 -7.15
N ASN I 79 53.21 -84.60 -6.23
CA ASN I 79 52.87 -85.89 -5.62
C ASN I 79 53.14 -85.75 -4.13
N TRP I 80 52.21 -86.23 -3.32
CA TRP I 80 52.31 -86.20 -1.86
C TRP I 80 52.96 -87.47 -1.33
N ASP I 81 52.78 -88.68 -1.92
CA ASP I 81 53.33 -89.94 -1.36
C ASP I 81 54.87 -89.88 -1.40
N ASP I 82 55.45 -89.44 -2.53
CA ASP I 82 56.88 -89.24 -2.70
C ASP I 82 57.40 -88.03 -1.90
N MET I 83 56.54 -87.10 -1.46
CA MET I 83 56.94 -86.01 -0.55
C MET I 83 56.88 -86.51 0.92
N GLU I 84 55.91 -87.37 1.26
CA GLU I 84 55.81 -88.12 2.52
C GLU I 84 57.07 -89.02 2.66
N LYS I 85 57.52 -89.66 1.56
CA LYS I 85 58.81 -90.36 1.46
C LYS I 85 60.00 -89.43 1.69
N ILE I 86 60.03 -88.23 1.09
CA ILE I 86 61.09 -87.22 1.29
C ILE I 86 61.24 -86.84 2.77
N TRP I 87 60.13 -86.64 3.50
CA TRP I 87 60.19 -86.34 4.92
C TRP I 87 60.59 -87.57 5.76
N HIS I 88 60.18 -88.78 5.36
CA HIS I 88 60.61 -90.04 5.97
C HIS I 88 62.13 -90.25 5.77
N HIS I 89 62.62 -89.98 4.56
CA HIS I 89 64.02 -90.02 4.20
C HIS I 89 64.81 -88.89 4.89
N THR I 90 64.22 -87.70 5.07
CA THR I 90 64.80 -86.59 5.84
C THR I 90 65.08 -87.07 7.28
N PHE I 91 64.04 -87.43 8.07
CA PHE I 91 64.18 -87.86 9.45
C PHE I 91 65.14 -89.06 9.61
N TYR I 92 64.88 -90.16 8.89
CA TYR I 92 65.49 -91.46 9.20
C TYR I 92 66.70 -91.81 8.31
N ASN I 93 66.99 -91.07 7.22
CA ASN I 93 68.10 -91.35 6.30
C ASN I 93 69.14 -90.21 6.28
N GLU I 94 68.76 -88.94 6.55
CA GLU I 94 69.60 -87.75 6.29
C GLU I 94 69.76 -86.82 7.52
N LEU I 95 68.68 -86.39 8.17
CA LEU I 95 68.72 -85.56 9.37
C LEU I 95 69.11 -86.41 10.59
N ARG I 96 68.65 -87.67 10.63
CA ARG I 96 69.17 -88.76 11.48
C ARG I 96 68.73 -88.58 12.95
N VAL I 97 67.46 -88.20 13.16
CA VAL I 97 66.77 -87.95 14.43
C VAL I 97 65.34 -88.55 14.33
N ALA I 98 64.61 -88.68 15.44
CA ALA I 98 63.20 -89.07 15.40
C ALA I 98 62.32 -87.81 15.21
N PRO I 99 61.16 -87.92 14.55
CA PRO I 99 60.26 -86.77 14.32
C PRO I 99 59.51 -86.33 15.59
N GLU I 100 59.05 -87.28 16.40
CA GLU I 100 58.25 -87.06 17.60
C GLU I 100 59.11 -86.71 18.84
N GLU I 101 60.42 -86.50 18.66
CA GLU I 101 61.33 -85.95 19.67
C GLU I 101 61.17 -84.41 19.69
N HIS I 102 61.42 -83.75 18.55
CA HIS I 102 61.72 -82.31 18.50
C HIS I 102 60.57 -81.51 17.88
N PRO I 103 60.38 -80.22 18.23
CA PRO I 103 59.64 -79.24 17.43
C PRO I 103 60.21 -79.14 15.99
N THR I 104 59.34 -78.97 15.00
CA THR I 104 59.73 -78.89 13.58
C THR I 104 59.23 -77.55 13.01
N LEU I 105 60.10 -76.75 12.39
CA LEU I 105 59.72 -75.66 11.49
C LEU I 105 59.92 -76.17 10.06
N LEU I 106 58.89 -76.03 9.22
CA LEU I 106 58.82 -76.49 7.84
C LEU I 106 58.56 -75.28 6.93
N THR I 107 59.38 -75.03 5.90
CA THR I 107 59.15 -73.93 4.96
C THR I 107 57.99 -74.27 3.99
N GLU I 108 57.24 -73.25 3.59
CA GLU I 108 56.22 -73.31 2.54
C GLU I 108 56.70 -72.48 1.34
N ALA I 109 56.25 -72.87 0.14
CA ALA I 109 56.46 -72.13 -1.10
C ALA I 109 55.34 -71.07 -1.25
N PRO I 110 55.62 -69.89 -1.84
CA PRO I 110 54.61 -68.86 -2.09
C PRO I 110 53.71 -69.28 -3.27
N LEU I 111 52.43 -68.88 -3.20
CA LEU I 111 51.36 -69.13 -4.17
C LEU I 111 50.74 -70.54 -4.04
N ASN I 112 50.95 -71.19 -2.89
CA ASN I 112 50.31 -72.46 -2.53
C ASN I 112 48.82 -72.24 -2.19
N PRO I 113 47.92 -73.23 -2.46
CA PRO I 113 46.55 -73.20 -1.96
C PRO I 113 46.50 -73.64 -0.49
N LYS I 114 45.46 -73.22 0.24
CA LYS I 114 45.21 -73.47 1.68
C LYS I 114 45.51 -74.93 2.13
N ALA I 115 45.04 -75.87 1.31
CA ALA I 115 45.17 -77.33 1.44
C ALA I 115 46.61 -77.84 1.53
N ASN I 116 47.58 -77.09 0.98
CA ASN I 116 49.01 -77.40 1.06
C ASN I 116 49.50 -77.23 2.51
N ARG I 117 49.06 -76.15 3.16
CA ARG I 117 49.43 -75.78 4.53
C ARG I 117 48.74 -76.75 5.52
N GLU I 118 47.47 -77.09 5.23
CA GLU I 118 46.63 -78.03 5.97
C GLU I 118 47.19 -79.47 5.88
N LYS I 119 47.47 -80.00 4.68
CA LYS I 119 48.08 -81.32 4.48
C LYS I 119 49.52 -81.39 5.05
N MET I 120 50.33 -80.32 4.97
CA MET I 120 51.65 -80.32 5.63
C MET I 120 51.57 -80.34 7.16
N THR I 121 50.51 -79.77 7.74
CA THR I 121 50.24 -79.81 9.18
C THR I 121 49.75 -81.22 9.58
N GLN I 122 48.86 -81.83 8.77
CA GLN I 122 48.37 -83.22 8.88
C GLN I 122 49.51 -84.23 8.99
N ILE I 123 50.42 -84.23 8.00
CA ILE I 123 51.57 -85.13 7.87
C ILE I 123 52.39 -85.22 9.16
N MET I 124 52.77 -84.05 9.69
CA MET I 124 53.68 -83.97 10.82
C MET I 124 53.01 -84.48 12.11
N PHE I 125 51.72 -84.20 12.31
CA PHE I 125 50.99 -84.68 13.48
C PHE I 125 50.55 -86.15 13.37
N GLU I 126 50.12 -86.63 12.20
CA GLU I 126 49.49 -87.94 12.07
C GLU I 126 50.48 -88.98 11.52
N THR I 127 51.20 -88.68 10.44
CA THR I 127 52.11 -89.64 9.80
C THR I 127 53.44 -89.74 10.58
N PHE I 128 53.84 -88.68 11.31
CA PHE I 128 55.16 -88.58 11.97
C PHE I 128 55.09 -88.27 13.47
N ASN I 129 53.90 -87.97 14.02
CA ASN I 129 53.63 -87.83 15.46
C ASN I 129 54.33 -86.63 16.15
N VAL I 130 54.86 -85.65 15.39
CA VAL I 130 55.54 -84.42 15.84
C VAL I 130 54.72 -83.66 16.91
N PRO I 131 55.33 -83.16 18.01
CA PRO I 131 54.58 -82.48 19.09
C PRO I 131 54.17 -81.04 18.75
N ALA I 132 55.05 -80.29 18.08
CA ALA I 132 55.00 -78.85 17.85
C ALA I 132 55.46 -78.56 16.42
N MET I 133 54.63 -77.84 15.65
CA MET I 133 54.87 -77.54 14.23
C MET I 133 54.75 -76.03 13.99
N TYR I 134 55.51 -75.47 13.05
CA TYR I 134 55.39 -74.07 12.62
C TYR I 134 55.76 -73.96 11.14
N VAL I 135 55.17 -72.99 10.43
CA VAL I 135 55.22 -72.84 8.99
C VAL I 135 55.58 -71.37 8.69
N ALA I 136 56.48 -71.15 7.73
CA ALA I 136 56.96 -69.83 7.32
C ALA I 136 57.30 -69.78 5.83
N ILE I 137 57.07 -68.62 5.22
CA ILE I 137 57.35 -68.30 3.81
C ILE I 137 58.85 -67.95 3.71
N GLN I 138 59.57 -68.67 2.84
CA GLN I 138 60.99 -68.55 2.53
C GLN I 138 61.56 -67.12 2.38
N ALA I 139 60.79 -66.25 1.71
CA ALA I 139 61.13 -64.88 1.39
C ALA I 139 61.13 -64.01 2.64
N VAL I 140 60.15 -64.19 3.54
CA VAL I 140 60.07 -63.47 4.82
C VAL I 140 61.28 -63.82 5.71
N LEU I 141 61.68 -65.10 5.75
CA LEU I 141 62.87 -65.58 6.45
C LEU I 141 64.16 -64.93 5.90
N SER I 142 64.25 -64.81 4.57
CA SER I 142 65.38 -64.20 3.86
C SER I 142 65.42 -62.68 4.09
N LEU I 143 64.25 -62.03 4.05
CA LEU I 143 64.04 -60.58 4.18
C LEU I 143 64.35 -60.13 5.62
N TYR I 144 63.88 -60.87 6.62
CA TYR I 144 64.07 -60.53 8.04
C TYR I 144 65.52 -60.83 8.45
N ALA I 145 66.16 -61.88 7.89
CA ALA I 145 67.59 -62.16 8.10
C ALA I 145 68.49 -61.08 7.45
N SER I 146 68.00 -60.41 6.40
CA SER I 146 68.65 -59.28 5.74
C SER I 146 68.25 -57.94 6.41
N GLY I 147 67.44 -57.97 7.48
CA GLY I 147 67.06 -56.82 8.30
C GLY I 147 66.02 -55.89 7.66
N ARG I 148 65.21 -56.41 6.72
CA ARG I 148 64.12 -55.70 6.06
C ARG I 148 62.78 -56.22 6.61
N THR I 149 61.74 -55.37 6.57
CA THR I 149 60.33 -55.73 6.79
C THR I 149 59.50 -55.40 5.52
N THR I 150 59.97 -54.46 4.69
CA THR I 150 59.46 -54.10 3.38
C THR I 150 60.65 -54.29 2.40
N GLY I 151 60.36 -54.79 1.18
CA GLY I 151 61.32 -55.02 0.10
C GLY I 151 60.81 -56.10 -0.87
N ILE I 152 61.62 -56.50 -1.86
CA ILE I 152 61.29 -57.56 -2.82
C ILE I 152 62.41 -58.60 -2.78
N VAL I 153 62.07 -59.86 -2.52
CA VAL I 153 63.01 -60.96 -2.52
C VAL I 153 62.89 -61.65 -3.89
N LEU I 154 64.03 -61.78 -4.59
CA LEU I 154 64.22 -62.72 -5.68
C LEU I 154 64.76 -63.99 -5.00
N ASP I 155 64.06 -65.12 -5.14
CA ASP I 155 64.46 -66.44 -4.67
C ASP I 155 64.63 -67.29 -5.94
N SER I 156 65.87 -67.41 -6.44
CA SER I 156 66.17 -68.19 -7.63
C SER I 156 66.70 -69.55 -7.15
N GLY I 157 65.83 -70.55 -7.26
CA GLY I 157 66.02 -71.86 -6.65
C GLY I 157 66.68 -72.88 -7.58
N ASP I 158 66.32 -74.15 -7.36
CA ASP I 158 66.77 -75.29 -8.19
C ASP I 158 65.74 -75.58 -9.29
N GLY I 159 64.45 -75.74 -8.94
CA GLY I 159 63.39 -76.11 -9.86
C GLY I 159 62.43 -74.96 -10.26
N VAL I 160 62.45 -73.85 -9.52
CA VAL I 160 61.68 -72.63 -9.80
C VAL I 160 62.47 -71.40 -9.31
N THR I 161 62.24 -70.24 -9.96
CA THR I 161 62.64 -68.92 -9.48
C THR I 161 61.35 -68.15 -9.14
N HIS I 162 61.31 -67.48 -7.98
CA HIS I 162 60.22 -66.63 -7.50
C HIS I 162 60.73 -65.20 -7.30
N ASN I 163 59.89 -64.21 -7.60
CA ASN I 163 59.98 -62.82 -7.16
C ASN I 163 58.79 -62.56 -6.23
N VAL I 164 59.05 -62.18 -4.98
CA VAL I 164 58.06 -61.99 -3.92
C VAL I 164 58.19 -60.55 -3.35
N PRO I 165 57.31 -59.58 -3.72
CA PRO I 165 57.29 -58.22 -3.14
C PRO I 165 56.53 -58.18 -1.81
N ILE I 166 57.12 -57.54 -0.78
CA ILE I 166 56.71 -57.56 0.62
C ILE I 166 56.63 -56.12 1.17
N TYR I 167 55.62 -55.82 1.99
CA TYR I 167 55.28 -54.52 2.56
C TYR I 167 54.75 -54.74 3.99
N GLU I 168 55.48 -54.29 5.03
CA GLU I 168 55.16 -54.45 6.46
C GLU I 168 55.08 -55.95 6.85
N GLY I 169 55.95 -56.77 6.25
CA GLY I 169 56.02 -58.23 6.41
C GLY I 169 55.00 -59.01 5.56
N TYR I 170 53.95 -58.36 5.04
CA TYR I 170 52.92 -58.97 4.22
C TYR I 170 53.41 -59.03 2.77
N ALA I 171 53.34 -60.21 2.13
CA ALA I 171 53.70 -60.42 0.72
C ALA I 171 52.46 -60.13 -0.14
N LEU I 172 52.57 -59.19 -1.09
CA LEU I 172 51.47 -58.67 -1.90
C LEU I 172 51.10 -59.69 -3.00
N PRO I 173 49.98 -60.43 -2.89
CA PRO I 173 49.72 -61.63 -3.71
C PRO I 173 49.43 -61.33 -5.19
N HIS I 174 48.86 -60.15 -5.47
CA HIS I 174 48.58 -59.61 -6.79
C HIS I 174 49.85 -59.30 -7.61
N ALA I 175 51.05 -59.37 -7.02
CA ALA I 175 52.31 -58.96 -7.59
C ALA I 175 53.47 -59.97 -7.43
N ILE I 176 53.26 -61.12 -6.78
CA ILE I 176 54.22 -62.23 -6.76
C ILE I 176 54.28 -62.85 -8.17
N MET I 177 55.48 -63.20 -8.63
CA MET I 177 55.74 -63.79 -9.94
C MET I 177 56.70 -64.98 -9.78
N ARG I 178 56.37 -66.12 -10.40
CA ARG I 178 57.24 -67.29 -10.53
C ARG I 178 57.71 -67.35 -11.98
N LEU I 179 58.86 -67.99 -12.21
CA LEU I 179 59.41 -68.38 -13.50
C LEU I 179 59.95 -69.80 -13.30
N ASP I 180 59.57 -70.73 -14.20
CA ASP I 180 59.94 -72.15 -14.14
C ASP I 180 61.44 -72.41 -14.35
N LEU I 181 62.17 -71.46 -14.94
CA LEU I 181 63.61 -71.53 -15.20
C LEU I 181 64.39 -71.42 -13.88
N ALA I 182 65.26 -72.39 -13.59
CA ALA I 182 66.08 -72.41 -12.39
C ALA I 182 67.36 -73.26 -12.52
N GLY I 183 68.03 -73.49 -11.38
CA GLY I 183 69.36 -74.10 -11.23
C GLY I 183 69.54 -75.47 -11.87
N ARG I 184 68.46 -76.26 -11.94
CA ARG I 184 68.28 -77.51 -12.67
C ARG I 184 68.67 -77.33 -14.15
N ASP I 185 68.11 -76.29 -14.78
CA ASP I 185 68.11 -76.05 -16.22
C ASP I 185 69.38 -75.32 -16.62
N LEU I 186 69.95 -74.51 -15.72
CA LEU I 186 71.29 -73.92 -15.88
C LEU I 186 72.34 -75.04 -15.97
N THR I 187 72.20 -76.09 -15.15
CA THR I 187 73.08 -77.26 -15.15
C THR I 187 72.82 -78.12 -16.41
N ASP I 188 71.55 -78.30 -16.83
CA ASP I 188 71.18 -79.04 -18.05
C ASP I 188 71.65 -78.32 -19.33
N TYR I 189 71.56 -76.98 -19.36
CA TYR I 189 72.05 -76.14 -20.42
C TYR I 189 73.59 -76.13 -20.43
N LEU I 190 74.25 -76.06 -19.26
CA LEU I 190 75.70 -76.19 -19.12
C LEU I 190 76.23 -77.49 -19.74
N MET I 191 75.51 -78.60 -19.53
CA MET I 191 75.80 -79.92 -20.12
C MET I 191 75.71 -79.89 -21.66
N LYS I 192 74.68 -79.22 -22.21
CA LYS I 192 74.47 -79.11 -23.65
C LYS I 192 75.49 -78.16 -24.33
N ILE I 193 75.83 -77.02 -23.74
CA ILE I 193 76.85 -76.11 -24.30
C ILE I 193 78.28 -76.71 -24.17
N LEU I 194 78.50 -77.65 -23.25
CA LEU I 194 79.72 -78.46 -23.20
C LEU I 194 79.68 -79.61 -24.23
N THR I 195 78.50 -80.01 -24.72
CA THR I 195 78.37 -80.98 -25.81
C THR I 195 78.71 -80.29 -27.15
N GLU I 196 78.49 -78.97 -27.29
CA GLU I 196 79.00 -78.16 -28.40
C GLU I 196 80.56 -78.14 -28.41
N ARG I 197 81.19 -78.21 -27.23
CA ARG I 197 82.65 -78.30 -27.07
C ARG I 197 83.15 -79.76 -27.13
N GLY I 198 82.27 -80.74 -27.41
CA GLY I 198 82.61 -82.13 -27.63
C GLY I 198 82.95 -82.95 -26.39
N TYR I 199 82.60 -82.49 -25.18
CA TYR I 199 82.80 -83.23 -23.95
C TYR I 199 81.73 -84.33 -23.80
N SER I 200 82.07 -85.43 -23.11
CA SER I 200 81.30 -86.67 -23.03
C SER I 200 79.95 -86.54 -22.31
N PHE I 201 79.89 -85.61 -21.33
CA PHE I 201 78.87 -85.39 -20.31
C PHE I 201 77.44 -85.84 -20.61
N VAL I 202 77.11 -87.08 -20.23
CA VAL I 202 75.85 -87.74 -20.55
C VAL I 202 75.23 -88.44 -19.32
N THR I 203 76.05 -89.09 -18.48
CA THR I 203 75.59 -89.91 -17.36
C THR I 203 75.06 -89.05 -16.20
N THR I 204 74.30 -89.69 -15.28
CA THR I 204 73.83 -89.10 -14.02
C THR I 204 75.00 -88.77 -13.06
N ALA I 205 76.16 -89.43 -13.22
CA ALA I 205 77.38 -89.12 -12.48
C ALA I 205 78.02 -87.84 -13.03
N GLU I 206 78.17 -87.73 -14.37
CA GLU I 206 78.70 -86.54 -15.04
C GLU I 206 77.75 -85.34 -14.86
N ARG I 207 76.44 -85.57 -14.69
CA ARG I 207 75.43 -84.55 -14.43
C ARG I 207 75.68 -83.83 -13.08
N GLU I 208 76.21 -84.55 -12.08
CA GLU I 208 76.61 -83.98 -10.79
C GLU I 208 78.01 -83.34 -10.88
N ILE I 209 78.90 -83.83 -11.76
CA ILE I 209 80.17 -83.17 -12.08
C ILE I 209 79.89 -81.83 -12.81
N VAL I 210 78.91 -81.79 -13.73
CA VAL I 210 78.43 -80.57 -14.38
C VAL I 210 77.75 -79.61 -13.39
N ARG I 211 77.06 -80.10 -12.33
CA ARG I 211 76.66 -79.28 -11.17
C ARG I 211 77.85 -78.58 -10.51
N ASP I 212 78.96 -79.32 -10.39
CA ASP I 212 80.20 -78.87 -9.78
C ASP I 212 80.96 -77.89 -10.67
N ILE I 213 81.00 -78.13 -12.00
CA ILE I 213 81.49 -77.21 -13.02
C ILE I 213 80.70 -75.88 -13.00
N LYS I 214 79.41 -75.92 -12.63
CA LYS I 214 78.59 -74.73 -12.46
C LYS I 214 79.02 -73.96 -11.19
N GLU I 215 79.10 -74.66 -10.05
CA GLU I 215 79.44 -74.11 -8.73
C GLU I 215 80.88 -73.55 -8.71
N LYS I 216 81.86 -74.33 -9.18
CA LYS I 216 83.28 -74.07 -9.01
C LYS I 216 83.85 -73.14 -10.12
N LEU I 217 83.11 -72.85 -11.20
CA LEU I 217 83.66 -72.15 -12.38
C LEU I 217 82.78 -71.07 -13.04
N CYS I 218 81.45 -71.02 -12.85
CA CYS I 218 80.60 -70.04 -13.54
C CYS I 218 80.60 -68.66 -12.85
N TYR I 219 80.18 -67.63 -13.60
CA TYR I 219 79.98 -66.25 -13.19
C TYR I 219 78.96 -65.64 -14.16
N VAL I 220 78.35 -64.50 -13.84
CA VAL I 220 77.54 -63.74 -14.79
C VAL I 220 78.49 -62.74 -15.45
N ALA I 221 78.39 -62.59 -16.78
CA ALA I 221 79.13 -61.62 -17.57
C ALA I 221 78.56 -60.23 -17.29
N LEU I 222 79.41 -59.20 -17.19
CA LEU I 222 79.00 -57.84 -16.84
C LEU I 222 78.27 -57.18 -18.02
N ASP I 223 78.75 -57.44 -19.24
CA ASP I 223 78.06 -57.15 -20.48
C ASP I 223 78.37 -58.28 -21.45
N PHE I 224 77.35 -59.06 -21.85
CA PHE I 224 77.50 -60.33 -22.55
C PHE I 224 78.30 -60.22 -23.85
N GLU I 225 77.99 -59.22 -24.70
CA GLU I 225 78.64 -59.06 -26.00
C GLU I 225 80.08 -58.56 -25.86
N ASN I 226 80.37 -57.75 -24.84
CA ASN I 226 81.71 -57.26 -24.52
C ASN I 226 82.58 -58.42 -23.98
N GLU I 227 81.99 -59.25 -23.10
CA GLU I 227 82.59 -60.44 -22.53
C GLU I 227 82.80 -61.52 -23.61
N MET I 228 81.84 -61.71 -24.52
CA MET I 228 81.89 -62.62 -25.66
C MET I 228 82.95 -62.21 -26.68
N ALA I 229 83.08 -60.91 -26.98
CA ALA I 229 84.13 -60.36 -27.86
C ALA I 229 85.53 -60.60 -27.27
N THR I 230 85.69 -60.41 -25.96
CA THR I 230 86.93 -60.66 -25.22
C THR I 230 87.23 -62.18 -25.17
N ALA I 231 86.26 -63.01 -24.79
CA ALA I 231 86.39 -64.45 -24.62
C ALA I 231 86.48 -65.23 -25.94
N ALA I 232 86.22 -64.57 -27.08
CA ALA I 232 86.43 -65.12 -28.42
C ALA I 232 87.81 -64.72 -28.97
N SER I 233 88.58 -63.88 -28.25
CA SER I 233 89.84 -63.31 -28.70
C SER I 233 90.99 -63.56 -27.70
N SER I 234 90.74 -64.25 -26.58
CA SER I 234 91.74 -64.65 -25.60
C SER I 234 91.18 -65.76 -24.72
N SER I 235 92.03 -66.72 -24.36
CA SER I 235 91.80 -67.77 -23.38
C SER I 235 92.08 -67.28 -21.94
N SER I 236 92.49 -66.01 -21.73
CA SER I 236 92.79 -65.40 -20.42
C SER I 236 91.51 -65.10 -19.60
N LEU I 237 90.54 -66.00 -19.68
CA LEU I 237 89.19 -65.96 -19.15
C LEU I 237 88.71 -67.37 -18.78
N GLU I 238 89.29 -68.42 -19.39
CA GLU I 238 88.88 -69.81 -19.22
C GLU I 238 89.59 -70.43 -18.01
N LYS I 239 89.09 -71.59 -17.56
CA LYS I 239 89.72 -72.39 -16.52
C LYS I 239 89.31 -73.86 -16.64
N SER I 240 90.20 -74.75 -16.19
CA SER I 240 89.99 -76.19 -16.08
C SER I 240 89.06 -76.50 -14.90
N TYR I 241 88.16 -77.47 -15.07
CA TYR I 241 87.71 -78.33 -13.99
C TYR I 241 88.59 -79.59 -14.09
N GLU I 242 89.29 -79.87 -13.00
CA GLU I 242 90.20 -80.98 -12.79
C GLU I 242 89.36 -82.19 -12.37
N LEU I 243 89.25 -83.19 -13.23
CA LEU I 243 88.72 -84.52 -12.87
C LEU I 243 89.88 -85.36 -12.29
N PRO I 244 89.63 -86.25 -11.29
CA PRO I 244 90.69 -87.05 -10.66
C PRO I 244 91.10 -88.27 -11.50
N ASP I 245 90.14 -88.88 -12.20
CA ASP I 245 90.25 -90.05 -13.08
C ASP I 245 90.44 -89.57 -14.53
N GLY I 246 89.71 -88.51 -14.91
CA GLY I 246 89.75 -87.89 -16.23
C GLY I 246 90.91 -86.91 -16.41
N GLN I 247 90.65 -85.74 -17.00
CA GLN I 247 91.62 -84.70 -17.34
C GLN I 247 91.04 -83.31 -17.04
N VAL I 248 91.75 -82.26 -17.49
CA VAL I 248 91.43 -80.85 -17.32
C VAL I 248 90.37 -80.41 -18.36
N ILE I 249 89.09 -80.58 -18.01
CA ILE I 249 87.92 -80.14 -18.77
C ILE I 249 87.88 -78.61 -18.69
N THR I 250 88.16 -77.89 -19.78
CA THR I 250 88.46 -76.47 -19.75
C THR I 250 87.27 -75.72 -20.37
N ILE I 251 86.69 -74.82 -19.56
CA ILE I 251 85.43 -74.13 -19.79
C ILE I 251 85.79 -72.68 -20.14
N GLY I 252 85.38 -72.23 -21.34
CA GLY I 252 85.58 -70.87 -21.82
C GLY I 252 84.30 -70.05 -21.62
N ASN I 253 83.73 -69.54 -22.73
CA ASN I 253 82.53 -68.69 -22.85
C ASN I 253 81.30 -69.23 -22.08
N GLU I 254 81.24 -70.56 -21.95
CA GLU I 254 80.23 -71.34 -21.28
C GLU I 254 80.19 -71.09 -19.76
N ARG I 255 81.28 -70.54 -19.18
CA ARG I 255 81.33 -70.02 -17.79
C ARG I 255 80.30 -68.92 -17.54
N PHE I 256 79.96 -68.13 -18.56
CA PHE I 256 79.03 -67.00 -18.45
C PHE I 256 77.78 -67.18 -19.32
N ARG I 257 77.88 -67.90 -20.46
CA ARG I 257 76.71 -68.32 -21.24
C ARG I 257 75.76 -69.25 -20.44
N CYS I 258 76.26 -70.02 -19.46
CA CYS I 258 75.44 -70.76 -18.48
C CYS I 258 74.42 -69.87 -17.73
N PRO I 259 74.80 -68.96 -16.80
CA PRO I 259 73.82 -68.13 -16.08
C PRO I 259 73.26 -66.93 -16.88
N GLU I 260 73.75 -66.61 -18.09
CA GLU I 260 73.14 -65.61 -18.98
C GLU I 260 71.67 -65.96 -19.32
N THR I 261 71.33 -67.26 -19.30
CA THR I 261 69.97 -67.81 -19.36
C THR I 261 68.94 -67.10 -18.46
N LEU I 262 69.36 -66.60 -17.29
CA LEU I 262 68.52 -65.91 -16.33
C LEU I 262 68.09 -64.52 -16.84
N PHE I 263 68.98 -63.83 -17.57
CA PHE I 263 68.72 -62.50 -18.13
C PHE I 263 68.22 -62.63 -19.57
N GLN I 264 68.50 -63.76 -20.24
CA GLN I 264 68.11 -64.08 -21.61
C GLN I 264 67.55 -65.52 -21.69
N PRO I 265 66.29 -65.78 -21.29
CA PRO I 265 65.61 -67.08 -21.46
C PRO I 265 65.59 -67.66 -22.89
N SER I 266 65.88 -66.85 -23.92
CA SER I 266 66.09 -67.23 -25.31
C SER I 266 67.11 -68.38 -25.50
N PHE I 267 68.15 -68.44 -24.65
CA PHE I 267 69.15 -69.50 -24.65
C PHE I 267 68.59 -70.87 -24.19
N ILE I 268 67.51 -70.88 -23.39
CA ILE I 268 66.77 -72.08 -22.98
C ILE I 268 65.67 -72.39 -24.03
N GLY I 269 65.43 -71.47 -24.97
CA GLY I 269 64.39 -71.56 -26.00
C GLY I 269 63.04 -71.02 -25.52
N MET I 270 63.00 -70.26 -24.42
CA MET I 270 61.79 -69.65 -23.88
C MET I 270 61.65 -68.23 -24.48
N GLU I 271 60.42 -67.84 -24.83
CA GLU I 271 60.06 -66.49 -25.26
C GLU I 271 59.73 -65.56 -24.06
N SER I 272 59.82 -66.11 -22.85
CA SER I 272 59.51 -65.52 -21.56
C SER I 272 60.47 -64.37 -21.18
N ALA I 273 60.06 -63.61 -20.16
CA ALA I 273 60.81 -62.54 -19.56
C ALA I 273 61.89 -63.10 -18.62
N GLY I 274 63.08 -62.48 -18.62
CA GLY I 274 64.21 -62.80 -17.75
C GLY I 274 64.02 -62.34 -16.31
N ILE I 275 64.98 -62.64 -15.41
CA ILE I 275 64.94 -62.32 -13.98
C ILE I 275 64.74 -60.82 -13.72
N HIS I 276 65.45 -59.94 -14.44
CA HIS I 276 65.35 -58.47 -14.31
C HIS I 276 63.99 -57.95 -14.84
N GLU I 277 63.50 -58.48 -15.97
CA GLU I 277 62.17 -58.19 -16.53
C GLU I 277 61.08 -58.61 -15.51
N THR I 278 61.06 -59.87 -15.08
CA THR I 278 60.11 -60.41 -14.08
C THR I 278 60.16 -59.68 -12.71
N THR I 279 61.34 -59.21 -12.26
CA THR I 279 61.49 -58.41 -11.04
C THR I 279 60.82 -57.04 -11.26
N TYR I 280 61.13 -56.37 -12.39
CA TYR I 280 60.55 -55.08 -12.78
C TYR I 280 59.03 -55.17 -12.97
N ASN I 281 58.53 -56.23 -13.63
CA ASN I 281 57.12 -56.47 -13.86
C ASN I 281 56.36 -56.76 -12.56
N SER I 282 57.01 -57.42 -11.60
CA SER I 282 56.53 -57.62 -10.23
C SER I 282 56.42 -56.26 -9.52
N ILE I 283 57.50 -55.46 -9.46
CA ILE I 283 57.55 -54.12 -8.85
C ILE I 283 56.47 -53.19 -9.45
N MET I 284 56.37 -53.11 -10.77
CA MET I 284 55.45 -52.22 -11.49
C MET I 284 53.98 -52.70 -11.44
N LYS I 285 53.70 -53.91 -10.93
CA LYS I 285 52.35 -54.38 -10.60
C LYS I 285 52.03 -54.15 -9.10
N CYS I 286 53.01 -53.81 -8.24
CA CYS I 286 52.77 -53.40 -6.86
C CYS I 286 52.30 -51.94 -6.86
N ASP I 287 51.41 -51.63 -5.91
CA ASP I 287 50.78 -50.34 -5.59
C ASP I 287 51.78 -49.18 -5.61
N ILE I 288 51.37 -48.05 -6.21
CA ILE I 288 52.22 -46.93 -6.63
C ILE I 288 53.20 -46.36 -5.59
N ASP I 289 52.78 -46.27 -4.31
CA ASP I 289 53.64 -45.86 -3.18
C ASP I 289 54.85 -46.82 -3.05
N ILE I 290 54.52 -48.10 -2.92
CA ILE I 290 55.39 -49.22 -2.53
C ILE I 290 56.58 -49.40 -3.48
N ARG I 291 56.43 -49.03 -4.76
CA ARG I 291 57.43 -49.17 -5.82
C ARG I 291 58.77 -48.51 -5.47
N LYS I 292 58.73 -47.35 -4.80
CA LYS I 292 59.87 -46.64 -4.21
C LYS I 292 60.72 -47.55 -3.29
N ASP I 293 60.05 -48.33 -2.42
CA ASP I 293 60.64 -49.08 -1.31
C ASP I 293 61.17 -50.43 -1.76
N LEU I 294 60.61 -50.99 -2.85
CA LEU I 294 61.03 -52.25 -3.46
C LEU I 294 62.30 -52.04 -4.30
N TYR I 295 62.42 -50.92 -5.03
CA TYR I 295 63.62 -50.57 -5.80
C TYR I 295 64.87 -50.43 -4.92
N ALA I 296 64.69 -49.91 -3.70
CA ALA I 296 65.74 -49.69 -2.72
C ALA I 296 66.03 -50.93 -1.86
N ASN I 297 65.29 -52.04 -2.06
CA ASN I 297 65.36 -53.25 -1.25
C ASN I 297 65.09 -54.50 -2.10
N ASN I 298 65.84 -54.72 -3.17
CA ASN I 298 65.80 -56.00 -3.88
C ASN I 298 66.82 -56.92 -3.21
N VAL I 299 66.34 -57.89 -2.44
CA VAL I 299 67.14 -58.89 -1.75
C VAL I 299 67.24 -60.12 -2.66
N MET I 300 68.44 -60.70 -2.76
CA MET I 300 68.69 -61.97 -3.43
C MET I 300 68.73 -63.09 -2.38
N SER I 301 68.09 -64.22 -2.71
CA SER I 301 68.06 -65.47 -1.98
C SER I 301 68.00 -66.62 -3.00
N GLY I 302 68.06 -67.86 -2.52
CA GLY I 302 68.08 -69.06 -3.33
C GLY I 302 69.48 -69.34 -3.91
N GLY I 303 69.72 -70.58 -4.37
CA GLY I 303 71.05 -71.06 -4.77
C GLY I 303 71.60 -70.42 -6.06
N THR I 304 70.71 -70.15 -7.03
CA THR I 304 71.07 -69.67 -8.37
C THR I 304 71.39 -68.15 -8.37
N THR I 305 71.30 -67.44 -7.23
CA THR I 305 71.78 -66.07 -7.11
C THR I 305 73.26 -65.98 -6.66
N MET I 306 73.97 -67.11 -6.52
CA MET I 306 75.31 -67.14 -5.90
C MET I 306 76.46 -66.66 -6.82
N TYR I 307 76.26 -66.62 -8.14
CA TYR I 307 77.34 -66.41 -9.12
C TYR I 307 77.94 -64.98 -9.02
N PRO I 308 79.28 -64.80 -9.11
CA PRO I 308 79.92 -63.48 -9.22
C PRO I 308 79.36 -62.67 -10.41
N GLY I 309 79.29 -61.34 -10.29
CA GLY I 309 78.84 -60.44 -11.36
C GLY I 309 77.31 -60.25 -11.43
N ILE I 310 76.52 -61.07 -10.72
CA ILE I 310 75.06 -61.10 -10.88
C ILE I 310 74.38 -59.88 -10.24
N ALA I 311 74.91 -59.36 -9.12
CA ALA I 311 74.34 -58.21 -8.40
C ALA I 311 74.70 -56.91 -9.13
N ASP I 312 75.93 -56.87 -9.65
CA ASP I 312 76.57 -55.89 -10.51
C ASP I 312 75.75 -55.76 -11.81
N ARG I 313 75.48 -56.90 -12.47
CA ARG I 313 74.64 -57.02 -13.66
C ARG I 313 73.19 -56.61 -13.34
N MET I 314 72.62 -57.02 -12.19
CA MET I 314 71.27 -56.63 -11.77
C MET I 314 71.11 -55.10 -11.69
N GLN I 315 72.05 -54.38 -11.07
CA GLN I 315 72.04 -52.92 -10.96
C GLN I 315 72.15 -52.24 -12.34
N LYS I 316 72.96 -52.79 -13.25
CA LYS I 316 73.08 -52.35 -14.64
C LYS I 316 71.76 -52.53 -15.42
N GLU I 317 71.26 -53.77 -15.50
CA GLU I 317 70.14 -54.11 -16.37
C GLU I 317 68.78 -53.64 -15.78
N ILE I 318 68.66 -53.36 -14.47
CA ILE I 318 67.46 -52.76 -13.87
C ILE I 318 67.43 -51.24 -14.13
N THR I 319 68.57 -50.53 -14.21
CA THR I 319 68.59 -49.10 -14.55
C THR I 319 68.39 -48.84 -16.06
N ALA I 320 68.25 -49.91 -16.87
CA ALA I 320 67.72 -49.88 -18.23
C ALA I 320 66.20 -50.10 -18.26
N LEU I 321 65.54 -50.20 -17.10
CA LEU I 321 64.09 -50.41 -16.94
C LEU I 321 63.47 -49.38 -15.98
N ALA I 322 64.11 -49.19 -14.82
CA ALA I 322 63.65 -48.34 -13.73
C ALA I 322 63.94 -46.85 -14.05
N PRO I 323 63.01 -45.92 -13.80
CA PRO I 323 63.21 -44.46 -13.96
C PRO I 323 64.48 -43.92 -13.28
N SER I 324 65.20 -43.00 -13.94
CA SER I 324 66.48 -42.45 -13.50
C SER I 324 66.38 -41.57 -12.23
N THR I 325 65.17 -41.26 -11.76
CA THR I 325 64.86 -40.57 -10.51
C THR I 325 64.66 -41.55 -9.34
N MET I 326 64.52 -42.86 -9.60
CA MET I 326 64.38 -43.89 -8.59
C MET I 326 65.78 -44.35 -8.14
N LYS I 327 65.91 -44.63 -6.84
CA LYS I 327 67.16 -44.84 -6.13
C LYS I 327 67.28 -46.36 -5.89
N ILE I 328 67.96 -47.06 -6.80
CA ILE I 328 67.98 -48.53 -6.86
C ILE I 328 69.13 -49.06 -5.95
N LYS I 329 68.82 -50.03 -5.09
CA LYS I 329 69.75 -50.69 -4.17
C LYS I 329 69.39 -52.18 -4.06
N ILE I 330 70.28 -53.04 -4.58
CA ILE I 330 70.21 -54.49 -4.53
C ILE I 330 71.01 -54.96 -3.31
N ILE I 331 70.61 -56.07 -2.67
CA ILE I 331 71.27 -56.67 -1.52
C ILE I 331 71.52 -58.15 -1.83
N ALA I 332 72.77 -58.50 -2.11
CA ALA I 332 73.27 -59.87 -2.19
C ALA I 332 74.07 -60.14 -0.90
N PRO I 333 73.55 -60.94 0.07
CA PRO I 333 74.34 -61.43 1.22
C PRO I 333 75.61 -62.20 0.77
N PRO I 334 76.74 -62.18 1.52
CA PRO I 334 78.04 -62.80 1.18
C PRO I 334 77.96 -64.17 0.49
N GLU I 335 77.56 -65.21 1.22
CA GLU I 335 76.86 -66.36 0.68
C GLU I 335 75.37 -66.09 0.98
N ARG I 336 74.49 -66.44 0.04
CA ARG I 336 73.04 -66.16 0.07
C ARG I 336 72.20 -67.41 -0.23
N LYS I 337 72.89 -68.53 -0.48
CA LYS I 337 72.43 -69.84 -0.94
C LYS I 337 71.35 -70.47 -0.03
N TYR I 338 71.52 -70.29 1.28
CA TYR I 338 70.71 -70.93 2.32
C TYR I 338 70.02 -69.89 3.20
N SER I 339 69.97 -68.60 2.78
CA SER I 339 69.41 -67.45 3.51
C SER I 339 68.00 -67.72 4.09
N VAL I 340 67.15 -68.34 3.27
CA VAL I 340 65.86 -68.96 3.60
C VAL I 340 65.90 -69.85 4.86
N TRP I 341 66.77 -70.86 4.88
CA TRP I 341 66.86 -71.86 5.93
C TRP I 341 67.52 -71.27 7.18
N ILE I 342 68.56 -70.45 6.99
CA ILE I 342 69.27 -69.76 8.06
C ILE I 342 68.30 -68.81 8.79
N GLY I 343 67.46 -68.05 8.07
CA GLY I 343 66.38 -67.24 8.64
C GLY I 343 65.35 -68.07 9.43
N GLY I 344 65.08 -69.31 8.98
CA GLY I 344 64.28 -70.29 9.70
C GLY I 344 64.95 -70.81 10.98
N SER I 345 66.24 -71.17 10.91
CA SER I 345 67.08 -71.61 12.04
C SER I 345 67.13 -70.55 13.15
N ILE I 346 67.31 -69.29 12.74
CA ILE I 346 67.34 -68.12 13.61
C ILE I 346 65.99 -67.90 14.30
N LEU I 347 64.88 -67.96 13.54
CA LEU I 347 63.49 -67.75 14.00
C LEU I 347 63.00 -68.87 14.92
N ALA I 348 63.46 -70.11 14.72
CA ALA I 348 63.10 -71.29 15.52
C ALA I 348 63.97 -71.44 16.78
N SER I 349 64.80 -70.45 17.10
CA SER I 349 65.66 -70.42 18.28
C SER I 349 65.71 -69.00 18.84
N LEU I 350 64.53 -68.38 19.01
CA LEU I 350 64.37 -67.12 19.72
C LEU I 350 63.88 -67.47 21.11
N SER I 351 64.37 -66.76 22.13
CA SER I 351 64.10 -66.95 23.56
C SER I 351 62.69 -66.48 24.00
N THR I 352 61.73 -66.46 23.07
CA THR I 352 60.47 -65.74 23.16
C THR I 352 59.33 -66.45 22.38
N PHE I 353 58.21 -66.72 23.07
CA PHE I 353 56.92 -67.18 22.57
C PHE I 353 56.89 -68.64 22.13
N GLN I 354 56.38 -69.54 22.99
CA GLN I 354 56.01 -70.91 22.64
C GLN I 354 54.68 -70.91 21.85
N GLN I 355 53.92 -69.81 21.97
CA GLN I 355 52.51 -69.71 21.64
C GLN I 355 52.25 -69.64 20.11
N MET I 356 53.32 -69.52 19.31
CA MET I 356 53.27 -69.55 17.84
C MET I 356 53.50 -70.97 17.31
N TRP I 357 53.95 -71.94 18.14
CA TRP I 357 53.99 -73.34 17.72
C TRP I 357 52.55 -73.85 17.67
N ILE I 358 52.19 -74.54 16.59
CA ILE I 358 50.96 -75.30 16.45
C ILE I 358 51.21 -76.55 17.28
N THR I 359 50.52 -76.66 18.43
CA THR I 359 50.61 -77.81 19.31
C THR I 359 49.54 -78.82 18.87
N LYS I 360 49.78 -80.11 19.16
CA LYS I 360 48.85 -81.20 18.86
C LYS I 360 47.50 -81.05 19.61
N GLN I 361 47.49 -80.35 20.75
CA GLN I 361 46.29 -80.08 21.55
C GLN I 361 45.44 -78.93 20.95
N GLU I 362 45.99 -78.10 20.06
CA GLU I 362 45.21 -77.11 19.32
C GLU I 362 44.64 -77.76 18.05
N TYR I 363 45.35 -78.75 17.47
CA TYR I 363 44.89 -79.55 16.33
C TYR I 363 43.66 -80.41 16.72
N ASP I 364 43.56 -80.80 18.00
CA ASP I 364 42.46 -81.54 18.62
C ASP I 364 41.12 -80.79 18.52
N GLU I 365 41.15 -79.46 18.72
CA GLU I 365 39.98 -78.57 18.62
C GLU I 365 39.78 -78.09 17.17
N ALA I 366 40.84 -77.55 16.56
CA ALA I 366 40.75 -76.72 15.35
C ALA I 366 41.05 -77.48 14.05
N GLY I 367 41.51 -78.73 14.13
CA GLY I 367 41.91 -79.57 13.00
C GLY I 367 43.03 -78.96 12.12
N PRO I 368 43.21 -79.45 10.88
CA PRO I 368 44.15 -78.90 9.88
C PRO I 368 44.09 -77.38 9.62
N SER I 369 42.98 -76.70 9.93
CA SER I 369 42.80 -75.26 9.75
C SER I 369 43.57 -74.41 10.79
N ILE I 370 44.11 -75.02 11.86
CA ILE I 370 44.84 -74.36 12.95
C ILE I 370 45.95 -73.41 12.48
N VAL I 371 46.70 -73.83 11.45
CA VAL I 371 47.81 -73.14 10.80
C VAL I 371 47.45 -71.71 10.35
N HIS I 372 46.18 -71.48 9.99
CA HIS I 372 45.70 -70.19 9.49
C HIS I 372 45.33 -69.24 10.66
N ARG I 373 45.22 -69.73 11.90
CA ARG I 373 45.07 -68.87 13.09
C ARG I 373 46.44 -68.41 13.61
N LYS I 374 47.46 -69.27 13.46
CA LYS I 374 48.71 -69.22 14.21
C LYS I 374 49.87 -68.54 13.48
N CYS I 375 49.69 -68.16 12.21
CA CYS I 375 50.70 -67.47 11.42
C CYS I 375 50.58 -65.95 11.61
N PHE I 376 51.68 -65.22 11.42
CA PHE I 376 51.72 -63.79 11.20
C PHE I 376 51.11 -63.52 9.80
N NH2 I 377 49.81 -63.28 9.73
HN1 NH2 I 377 49.40 -63.18 8.83
HN2 NH2 I 377 49.26 -63.42 10.57
C ACE J 1 69.32 -81.88 -67.93
O ACE J 1 69.43 -81.28 -69.20
CH3 ACE J 1 68.42 -83.12 -68.05
H1 ACE J 1 68.34 -83.64 -67.10
H2 ACE J 1 68.81 -83.83 -68.79
H3 ACE J 1 67.42 -82.84 -68.37
N ASP J 2 70.65 -82.32 -67.57
CA ASP J 2 71.77 -81.34 -67.53
C ASP J 2 73.07 -82.10 -67.16
N GLU J 3 73.05 -83.43 -67.34
CA GLU J 3 73.96 -84.38 -66.71
C GLU J 3 75.28 -84.55 -67.49
N ASP J 4 75.45 -83.82 -68.60
CA ASP J 4 76.66 -83.73 -69.44
C ASP J 4 77.60 -82.59 -69.01
N GLU J 5 77.10 -81.60 -68.24
CA GLU J 5 77.78 -80.33 -67.96
C GLU J 5 78.86 -80.48 -66.85
N THR J 6 79.58 -79.38 -66.61
CA THR J 6 80.61 -79.14 -65.62
C THR J 6 80.00 -78.93 -64.20
N THR J 7 79.19 -79.89 -63.74
CA THR J 7 78.45 -79.83 -62.49
C THR J 7 79.37 -79.88 -61.24
N ALA J 8 78.88 -79.30 -60.13
CA ALA J 8 79.61 -79.09 -58.87
C ALA J 8 79.95 -80.41 -58.16
N LEU J 9 80.98 -80.41 -57.32
CA LEU J 9 81.34 -81.54 -56.45
C LEU J 9 80.39 -81.55 -55.23
N VAL J 10 79.99 -82.74 -54.78
CA VAL J 10 79.04 -82.93 -53.69
C VAL J 10 79.67 -83.94 -52.74
N CYS J 11 80.15 -83.47 -51.58
CA CYS J 11 80.71 -84.30 -50.53
C CYS J 11 79.76 -84.18 -49.34
N ASP J 12 79.19 -85.30 -48.87
CA ASP J 12 78.55 -85.37 -47.56
C ASP J 12 79.59 -85.95 -46.59
N ASN J 13 79.87 -85.22 -45.50
CA ASN J 13 80.80 -85.63 -44.44
C ASN J 13 80.18 -86.71 -43.53
N GLY J 14 78.86 -86.90 -43.56
CA GLY J 14 78.13 -87.94 -42.85
C GLY J 14 78.23 -87.80 -41.33
N SER J 15 78.44 -88.93 -40.65
CA SER J 15 78.72 -89.06 -39.22
C SER J 15 79.82 -90.13 -38.99
N GLY J 16 80.67 -90.32 -40.00
CA GLY J 16 81.75 -91.30 -40.04
C GLY J 16 81.81 -92.03 -41.38
N LEU J 17 80.69 -92.13 -42.12
CA LEU J 17 80.63 -92.67 -43.47
C LEU J 17 80.41 -91.48 -44.42
N VAL J 18 81.49 -91.06 -45.09
CA VAL J 18 81.55 -89.94 -46.04
C VAL J 18 81.09 -90.46 -47.41
N LYS J 19 80.33 -89.64 -48.15
CA LYS J 19 79.78 -89.94 -49.47
C LYS J 19 80.20 -88.81 -50.41
N ALA J 20 80.70 -89.14 -51.61
CA ALA J 20 81.21 -88.19 -52.60
C ALA J 20 80.72 -88.54 -54.00
N GLY J 21 80.58 -87.51 -54.84
CA GLY J 21 80.25 -87.57 -56.25
C GLY J 21 80.18 -86.15 -56.81
N PHE J 22 79.57 -86.00 -57.98
CA PHE J 22 79.26 -84.71 -58.60
C PHE J 22 77.77 -84.42 -58.32
N ALA J 23 77.28 -83.28 -58.81
CA ALA J 23 75.89 -82.84 -58.70
C ALA J 23 75.14 -83.25 -59.98
N GLY J 24 73.89 -83.66 -59.82
CA GLY J 24 73.06 -84.25 -60.87
C GLY J 24 73.01 -85.78 -60.69
N ASP J 25 74.09 -86.35 -60.15
CA ASP J 25 74.25 -87.76 -59.76
C ASP J 25 73.22 -88.13 -58.69
N ASP J 26 72.37 -89.12 -58.95
CA ASP J 26 71.42 -89.66 -57.95
C ASP J 26 72.06 -90.79 -57.12
N ALA J 27 73.20 -91.33 -57.57
CA ALA J 27 73.98 -92.35 -56.88
C ALA J 27 75.38 -91.79 -56.58
N PRO J 28 75.93 -91.93 -55.36
CA PRO J 28 77.27 -91.46 -55.02
C PRO J 28 78.36 -92.30 -55.72
N ARG J 29 79.40 -91.62 -56.19
CA ARG J 29 80.50 -92.22 -56.96
C ARG J 29 81.54 -92.85 -56.04
N ALA J 30 81.65 -92.38 -54.78
CA ALA J 30 82.48 -92.95 -53.73
C ALA J 30 81.74 -92.86 -52.40
N VAL J 31 81.81 -93.91 -51.58
CA VAL J 31 81.33 -93.96 -50.20
C VAL J 31 82.37 -94.77 -49.43
N PHE J 32 82.90 -94.26 -48.32
CA PHE J 32 83.98 -94.91 -47.56
C PHE J 32 83.91 -94.52 -46.08
N PRO J 33 84.54 -95.27 -45.14
CA PRO J 33 84.64 -94.86 -43.73
C PRO J 33 85.66 -93.72 -43.58
N SER J 34 85.26 -92.59 -42.99
CA SER J 34 86.05 -91.38 -42.80
C SER J 34 87.05 -91.59 -41.64
N ILE J 35 87.96 -92.55 -41.78
CA ILE J 35 88.93 -92.95 -40.77
C ILE J 35 90.32 -92.72 -41.38
N VAL J 36 91.21 -92.05 -40.64
CA VAL J 36 92.63 -91.97 -40.95
C VAL J 36 93.30 -93.07 -40.11
N GLY J 37 94.25 -93.77 -40.72
CA GLY J 37 95.13 -94.71 -40.08
C GLY J 37 96.53 -94.13 -40.07
N ARG J 38 96.99 -93.65 -38.90
CA ARG J 38 98.38 -93.26 -38.72
C ARG J 38 99.16 -94.56 -38.37
N PRO J 39 100.35 -94.83 -38.97
CA PRO J 39 101.17 -96.03 -38.76
C PRO J 39 101.37 -96.53 -37.32
N ARG J 40 101.68 -97.82 -37.21
CA ARG J 40 102.26 -98.46 -36.03
C ARG J 40 103.57 -99.15 -36.43
N HIS J 41 103.51 -100.03 -37.43
CA HIS J 41 104.60 -100.94 -37.83
C HIS J 41 104.47 -101.31 -39.32
N GLN J 42 103.85 -100.43 -40.09
CA GLN J 42 103.56 -100.57 -41.51
C GLN J 42 104.60 -99.75 -42.30
N GLY J 43 104.69 -99.99 -43.62
CA GLY J 43 105.69 -99.41 -44.51
C GLY J 43 105.51 -97.91 -44.76
N VAL J 44 106.63 -97.18 -44.72
CA VAL J 44 106.73 -95.74 -44.96
C VAL J 44 106.75 -95.50 -46.49
N MET J 45 106.21 -94.36 -46.91
CA MET J 45 106.18 -93.87 -48.29
C MET J 45 107.58 -93.43 -48.77
N VAL J 46 107.82 -93.52 -50.08
CA VAL J 46 108.98 -92.92 -50.73
C VAL J 46 108.57 -91.52 -51.24
N GLY J 47 109.49 -90.56 -51.12
CA GLY J 47 109.29 -89.16 -51.50
C GLY J 47 109.33 -88.26 -50.26
N MET J 48 109.96 -87.09 -50.38
CA MET J 48 110.12 -86.13 -49.30
C MET J 48 108.91 -85.18 -49.29
N GLY J 49 108.44 -84.80 -48.08
CA GLY J 49 107.46 -83.74 -47.85
C GLY J 49 106.01 -84.09 -48.20
N GLN J 50 105.71 -85.37 -48.44
CA GLN J 50 104.43 -85.87 -48.96
C GLN J 50 103.37 -85.99 -47.84
N LYS J 51 102.45 -86.95 -47.97
CA LYS J 51 101.53 -87.37 -46.91
C LYS J 51 101.88 -88.80 -46.47
N ASP J 52 101.27 -89.20 -45.37
CA ASP J 52 101.94 -89.88 -44.26
C ASP J 52 101.03 -90.98 -43.70
N SER J 53 99.84 -90.56 -43.25
CA SER J 53 98.82 -91.39 -42.68
C SER J 53 97.88 -91.84 -43.80
N TYR J 54 97.43 -93.09 -43.71
CA TYR J 54 96.57 -93.81 -44.63
C TYR J 54 95.11 -93.34 -44.41
N VAL J 55 94.25 -93.38 -45.43
CA VAL J 55 92.87 -92.89 -45.40
C VAL J 55 91.91 -94.00 -45.86
N GLY J 56 90.73 -94.12 -45.24
CA GLY J 56 89.61 -94.90 -45.75
C GLY J 56 89.86 -96.40 -45.72
N ASP J 57 89.37 -97.12 -46.73
CA ASP J 57 89.52 -98.57 -46.92
C ASP J 57 90.99 -98.98 -47.11
N GLU J 58 91.85 -98.06 -47.56
CA GLU J 58 93.30 -98.17 -47.65
C GLU J 58 93.87 -98.35 -46.22
N ALA J 59 93.44 -97.52 -45.25
CA ALA J 59 93.78 -97.63 -43.84
C ALA J 59 93.22 -98.90 -43.17
N GLN J 60 92.09 -99.43 -43.66
CA GLN J 60 91.46 -100.63 -43.12
C GLN J 60 92.16 -101.92 -43.62
N SER J 61 92.82 -101.86 -44.78
CA SER J 61 93.50 -102.97 -45.45
C SER J 61 94.84 -103.32 -44.75
N LYS J 62 95.33 -102.49 -43.82
CA LYS J 62 96.63 -102.58 -43.15
C LYS J 62 96.61 -103.67 -42.04
N ARG J 63 96.29 -104.91 -42.42
CA ARG J 63 96.18 -106.13 -41.61
C ARG J 63 97.19 -106.25 -40.46
N GLY J 64 96.73 -105.90 -39.25
CA GLY J 64 97.52 -105.75 -38.04
C GLY J 64 96.90 -104.60 -37.26
N ILE J 65 97.49 -104.23 -36.11
CA ILE J 65 97.07 -103.06 -35.34
C ILE J 65 97.62 -101.78 -36.00
N LEU J 66 96.88 -100.68 -35.88
CA LEU J 66 97.11 -99.38 -36.51
C LEU J 66 96.55 -98.31 -35.57
N THR J 67 97.04 -97.06 -35.63
CA THR J 67 96.48 -95.96 -34.86
C THR J 67 95.38 -95.33 -35.73
N LEU J 68 94.19 -95.96 -35.72
CA LEU J 68 93.01 -95.51 -36.43
C LEU J 68 92.30 -94.42 -35.62
N LYS J 69 91.87 -93.36 -36.31
CA LYS J 69 91.24 -92.16 -35.78
C LYS J 69 90.22 -91.68 -36.81
N TYR J 70 88.98 -91.42 -36.37
CA TYR J 70 88.03 -90.63 -37.15
C TYR J 70 88.26 -89.16 -36.73
N PRO J 71 88.19 -88.17 -37.63
CA PRO J 71 88.23 -86.75 -37.24
C PRO J 71 86.87 -86.23 -36.73
N ILE J 72 85.82 -87.06 -36.71
CA ILE J 72 84.42 -86.65 -36.69
C ILE J 72 83.53 -87.73 -36.03
N GLU J 73 83.96 -88.32 -34.90
CA GLU J 73 83.31 -89.46 -34.22
C GLU J 73 81.79 -89.32 -34.00
N HIS J 74 81.33 -88.12 -33.66
CA HIS J 74 79.96 -87.82 -33.24
C HIS J 74 79.27 -86.85 -34.22
N GLY J 75 79.85 -86.60 -35.40
CA GLY J 75 79.38 -85.61 -36.38
C GLY J 75 79.95 -84.21 -36.12
N ILE J 76 80.39 -83.95 -34.89
CA ILE J 76 81.20 -82.80 -34.49
C ILE J 76 82.66 -83.21 -34.81
N ILE J 77 83.42 -82.30 -35.43
CA ILE J 77 84.82 -82.50 -35.80
C ILE J 77 85.68 -82.41 -34.51
N THR J 78 86.58 -83.37 -34.32
CA THR J 78 87.46 -83.53 -33.16
C THR J 78 88.95 -83.30 -33.54
N ASN J 79 89.28 -83.28 -34.84
CA ASN J 79 90.57 -82.90 -35.38
C ASN J 79 90.33 -82.41 -36.81
N TRP J 80 90.86 -81.24 -37.15
CA TRP J 80 90.76 -80.67 -38.48
C TRP J 80 91.79 -81.30 -39.42
N ASP J 81 93.01 -81.61 -38.95
CA ASP J 81 94.11 -82.15 -39.77
C ASP J 81 93.70 -83.50 -40.39
N ASP J 82 93.14 -84.43 -39.61
CA ASP J 82 92.65 -85.72 -40.09
C ASP J 82 91.40 -85.60 -40.96
N MET J 83 90.62 -84.51 -40.88
CA MET J 83 89.51 -84.22 -41.79
C MET J 83 90.08 -83.72 -43.14
N GLU J 84 91.04 -82.80 -43.06
CA GLU J 84 91.75 -82.14 -44.16
C GLU J 84 92.53 -83.16 -45.01
N LYS J 85 93.12 -84.19 -44.38
CA LYS J 85 93.74 -85.34 -45.04
C LYS J 85 92.74 -86.15 -45.88
N ILE J 86 91.57 -86.47 -45.31
CA ILE J 86 90.51 -87.26 -45.94
C ILE J 86 89.92 -86.48 -47.13
N TRP J 87 89.68 -85.18 -46.96
CA TRP J 87 89.23 -84.28 -48.03
C TRP J 87 90.24 -84.22 -49.19
N HIS J 88 91.52 -83.98 -48.88
CA HIS J 88 92.66 -83.97 -49.83
C HIS J 88 92.71 -85.25 -50.66
N HIS J 89 92.63 -86.40 -49.98
CA HIS J 89 92.55 -87.74 -50.56
C HIS J 89 91.33 -87.89 -51.47
N THR J 90 90.14 -87.49 -50.99
CA THR J 90 88.86 -87.58 -51.71
C THR J 90 88.89 -86.75 -53.01
N PHE J 91 89.47 -85.54 -52.98
CA PHE J 91 89.64 -84.70 -54.16
C PHE J 91 90.58 -85.36 -55.17
N TYR J 92 91.85 -85.52 -54.82
CA TYR J 92 92.90 -85.77 -55.80
C TYR J 92 93.09 -87.26 -56.11
N ASN J 93 92.84 -88.16 -55.15
CA ASN J 93 93.06 -89.59 -55.33
C ASN J 93 91.76 -90.28 -55.78
N GLU J 94 90.56 -89.77 -55.42
CA GLU J 94 89.28 -90.50 -55.61
C GLU J 94 88.27 -89.83 -56.56
N LEU J 95 87.97 -88.53 -56.40
CA LEU J 95 87.20 -87.77 -57.40
C LEU J 95 88.07 -87.53 -58.65
N ARG J 96 89.35 -87.22 -58.44
CA ARG J 96 90.45 -87.20 -59.42
C ARG J 96 90.42 -85.92 -60.26
N VAL J 97 89.94 -84.83 -59.66
CA VAL J 97 89.80 -83.47 -60.18
C VAL J 97 90.07 -82.50 -59.01
N ALA J 98 90.40 -81.24 -59.28
CA ALA J 98 90.80 -80.28 -58.23
C ALA J 98 89.58 -79.48 -57.72
N PRO J 99 89.55 -79.08 -56.42
CA PRO J 99 88.52 -78.18 -55.89
C PRO J 99 88.71 -76.72 -56.38
N GLU J 100 89.93 -76.38 -56.81
CA GLU J 100 90.29 -75.11 -57.44
C GLU J 100 89.62 -74.95 -58.82
N GLU J 101 89.31 -76.06 -59.50
CA GLU J 101 88.55 -76.09 -60.74
C GLU J 101 87.04 -75.96 -60.41
N HIS J 102 86.50 -76.95 -59.68
CA HIS J 102 85.06 -77.20 -59.60
C HIS J 102 84.49 -76.72 -58.24
N PRO J 103 83.44 -75.87 -58.23
CA PRO J 103 82.66 -75.54 -57.02
C PRO J 103 82.19 -76.75 -56.19
N THR J 104 82.08 -76.61 -54.87
CA THR J 104 81.83 -77.71 -53.93
C THR J 104 80.61 -77.42 -53.04
N LEU J 105 79.68 -78.37 -52.92
CA LEU J 105 78.68 -78.41 -51.85
C LEU J 105 79.22 -79.35 -50.75
N LEU J 106 79.22 -78.88 -49.51
CA LEU J 106 79.54 -79.62 -48.30
C LEU J 106 78.26 -79.79 -47.47
N THR J 107 78.19 -80.84 -46.63
CA THR J 107 77.20 -80.95 -45.57
C THR J 107 77.83 -80.60 -44.21
N GLU J 108 77.10 -79.85 -43.38
CA GLU J 108 77.30 -79.73 -41.95
C GLU J 108 76.38 -80.75 -41.26
N ALA J 109 76.90 -81.41 -40.22
CA ALA J 109 76.15 -82.31 -39.34
C ALA J 109 75.76 -81.55 -38.06
N PRO J 110 74.55 -81.79 -37.48
CA PRO J 110 74.09 -81.15 -36.23
C PRO J 110 75.07 -81.22 -35.04
N LEU J 111 75.06 -80.17 -34.20
CA LEU J 111 75.80 -80.01 -32.94
C LEU J 111 77.21 -79.42 -33.12
N ASN J 112 77.55 -78.96 -34.33
CA ASN J 112 78.79 -78.25 -34.63
C ASN J 112 78.63 -76.75 -34.27
N PRO J 113 79.49 -76.14 -33.41
CA PRO J 113 79.49 -74.70 -33.10
C PRO J 113 79.68 -73.76 -34.31
N LYS J 114 79.50 -72.45 -34.07
CA LYS J 114 79.86 -71.35 -34.98
C LYS J 114 81.27 -71.49 -35.57
N ALA J 115 82.26 -71.66 -34.69
CA ALA J 115 83.68 -71.78 -35.01
C ALA J 115 84.00 -72.98 -35.92
N ASN J 116 83.19 -74.06 -35.85
CA ASN J 116 83.33 -75.24 -36.70
C ASN J 116 82.79 -74.96 -38.11
N ARG J 117 81.64 -74.27 -38.21
CA ARG J 117 81.04 -73.84 -39.47
C ARG J 117 81.94 -72.78 -40.17
N GLU J 118 82.52 -71.86 -39.40
CA GLU J 118 83.50 -70.88 -39.85
C GLU J 118 84.82 -71.57 -40.26
N LYS J 119 85.29 -72.59 -39.52
CA LYS J 119 86.47 -73.39 -39.90
C LYS J 119 86.26 -74.19 -41.19
N MET J 120 85.10 -74.83 -41.35
CA MET J 120 84.68 -75.61 -42.51
C MET J 120 84.65 -74.74 -43.78
N THR J 121 84.22 -73.49 -43.64
CA THR J 121 84.20 -72.50 -44.72
C THR J 121 85.63 -72.01 -45.00
N GLN J 122 86.45 -71.77 -43.96
CA GLN J 122 87.81 -71.26 -44.06
C GLN J 122 88.73 -72.19 -44.87
N ILE J 123 88.93 -73.45 -44.44
CA ILE J 123 89.90 -74.35 -45.07
C ILE J 123 89.53 -74.73 -46.52
N MET J 124 88.25 -74.63 -46.90
CA MET J 124 87.80 -74.82 -48.28
C MET J 124 88.33 -73.72 -49.21
N PHE J 125 88.51 -72.49 -48.71
CA PHE J 125 89.11 -71.39 -49.45
C PHE J 125 90.62 -71.30 -49.17
N GLU J 126 91.08 -71.47 -47.93
CA GLU J 126 92.46 -71.19 -47.55
C GLU J 126 93.39 -72.42 -47.65
N THR J 127 92.87 -73.67 -47.66
CA THR J 127 93.68 -74.86 -47.94
C THR J 127 93.40 -75.37 -49.38
N PHE J 128 92.23 -75.05 -49.97
CA PHE J 128 91.71 -75.70 -51.18
C PHE J 128 91.20 -74.73 -52.27
N ASN J 129 91.32 -73.40 -52.08
CA ASN J 129 91.17 -72.33 -53.09
C ASN J 129 89.83 -72.28 -53.87
N VAL J 130 88.76 -72.92 -53.36
CA VAL J 130 87.53 -73.19 -54.11
C VAL J 130 86.91 -71.91 -54.75
N PRO J 131 86.53 -71.92 -56.05
CA PRO J 131 86.04 -70.70 -56.72
C PRO J 131 84.63 -70.28 -56.27
N ALA J 132 83.82 -71.23 -55.79
CA ALA J 132 82.53 -70.99 -55.17
C ALA J 132 82.13 -72.24 -54.37
N MET J 133 81.39 -72.08 -53.26
CA MET J 133 80.94 -73.18 -52.40
C MET J 133 79.62 -72.91 -51.68
N TYR J 134 79.09 -73.94 -51.02
CA TYR J 134 77.91 -73.89 -50.16
C TYR J 134 78.02 -74.96 -49.05
N VAL J 135 77.57 -74.64 -47.83
CA VAL J 135 77.44 -75.54 -46.70
C VAL J 135 75.94 -75.80 -46.50
N ALA J 136 75.49 -77.03 -46.74
CA ALA J 136 74.11 -77.49 -46.53
C ALA J 136 73.99 -78.23 -45.19
N ILE J 137 72.75 -78.48 -44.73
CA ILE J 137 72.43 -79.12 -43.46
C ILE J 137 71.60 -80.39 -43.73
N GLN J 138 72.13 -81.54 -43.30
CA GLN J 138 71.75 -82.92 -43.65
C GLN J 138 70.25 -83.23 -43.56
N ALA J 139 69.62 -82.85 -42.44
CA ALA J 139 68.23 -83.17 -42.14
C ALA J 139 67.27 -82.48 -43.11
N VAL J 140 67.53 -81.22 -43.48
CA VAL J 140 66.70 -80.45 -44.40
C VAL J 140 66.76 -81.04 -45.82
N LEU J 141 67.93 -81.55 -46.26
CA LEU J 141 68.10 -82.20 -47.56
C LEU J 141 67.28 -83.50 -47.62
N SER J 142 67.32 -84.27 -46.52
CA SER J 142 66.64 -85.54 -46.35
C SER J 142 65.11 -85.35 -46.25
N LEU J 143 64.67 -84.29 -45.54
CA LEU J 143 63.27 -83.90 -45.36
C LEU J 143 62.67 -83.43 -46.70
N TYR J 144 63.37 -82.55 -47.42
CA TYR J 144 62.96 -82.03 -48.73
C TYR J 144 62.88 -83.16 -49.77
N ALA J 145 63.85 -84.08 -49.79
CA ALA J 145 63.84 -85.27 -50.63
C ALA J 145 62.67 -86.23 -50.31
N SER J 146 62.33 -86.40 -49.03
CA SER J 146 61.12 -87.11 -48.59
C SER J 146 59.81 -86.42 -49.03
N GLY J 147 59.86 -85.13 -49.38
CA GLY J 147 58.74 -84.33 -49.89
C GLY J 147 57.98 -83.62 -48.78
N ARG J 148 58.68 -83.23 -47.71
CA ARG J 148 58.15 -82.45 -46.60
C ARG J 148 58.96 -81.15 -46.50
N THR J 149 58.34 -80.09 -46.00
CA THR J 149 59.03 -78.89 -45.51
C THR J 149 58.90 -78.84 -43.97
N THR J 150 57.87 -79.49 -43.40
CA THR J 150 57.60 -79.59 -41.98
C THR J 150 57.50 -81.08 -41.61
N GLY J 151 58.13 -81.47 -40.50
CA GLY J 151 58.14 -82.84 -40.00
C GLY J 151 59.30 -83.04 -39.05
N ILE J 152 59.47 -84.25 -38.54
CA ILE J 152 60.62 -84.64 -37.74
C ILE J 152 61.41 -85.66 -38.56
N VAL J 153 62.71 -85.42 -38.69
CA VAL J 153 63.65 -86.34 -39.30
C VAL J 153 64.26 -87.12 -38.14
N LEU J 154 64.27 -88.45 -38.24
CA LEU J 154 65.23 -89.29 -37.56
C LEU J 154 66.29 -89.59 -38.63
N ASP J 155 67.53 -89.16 -38.41
CA ASP J 155 68.72 -89.76 -39.02
C ASP J 155 69.19 -90.80 -37.99
N SER J 156 69.48 -92.02 -38.42
CA SER J 156 70.26 -92.99 -37.66
C SER J 156 71.46 -93.37 -38.54
N GLY J 157 72.45 -92.47 -38.56
CA GLY J 157 73.65 -92.50 -39.39
C GLY J 157 74.66 -93.57 -38.96
N ASP J 158 75.94 -93.18 -38.92
CA ASP J 158 77.05 -94.07 -38.60
C ASP J 158 77.45 -93.91 -37.12
N GLY J 159 77.71 -92.66 -36.69
CA GLY J 159 78.27 -92.38 -35.37
C GLY J 159 77.26 -91.97 -34.31
N VAL J 160 76.20 -91.26 -34.70
CA VAL J 160 75.10 -90.82 -33.84
C VAL J 160 73.80 -90.87 -34.63
N THR J 161 72.69 -90.87 -33.89
CA THR J 161 71.33 -90.84 -34.39
C THR J 161 70.74 -89.50 -33.92
N HIS J 162 70.26 -88.65 -34.85
CA HIS J 162 69.71 -87.33 -34.58
C HIS J 162 68.19 -87.37 -34.84
N ASN J 163 67.40 -86.91 -33.87
CA ASN J 163 66.04 -86.45 -34.04
C ASN J 163 66.10 -84.94 -34.25
N VAL J 164 65.70 -84.46 -35.44
CA VAL J 164 65.67 -83.05 -35.80
C VAL J 164 64.21 -82.70 -36.16
N PRO J 165 63.42 -82.08 -35.26
CA PRO J 165 62.07 -81.58 -35.56
C PRO J 165 62.16 -80.24 -36.30
N ILE J 166 61.46 -80.11 -37.43
CA ILE J 166 61.60 -79.06 -38.41
C ILE J 166 60.21 -78.48 -38.75
N TYR J 167 60.15 -77.16 -38.86
CA TYR J 167 59.00 -76.38 -39.30
C TYR J 167 59.50 -75.51 -40.46
N GLU J 168 59.10 -75.85 -41.69
CA GLU J 168 59.35 -75.10 -42.93
C GLU J 168 60.83 -75.08 -43.38
N GLY J 169 61.60 -76.08 -42.94
CA GLY J 169 63.04 -76.23 -43.19
C GLY J 169 63.91 -75.69 -42.05
N TYR J 170 63.30 -74.95 -41.13
CA TYR J 170 63.94 -74.32 -39.97
C TYR J 170 63.76 -75.31 -38.80
N ALA J 171 64.86 -75.78 -38.21
CA ALA J 171 64.88 -76.78 -37.15
C ALA J 171 64.71 -76.11 -35.78
N LEU J 172 63.89 -76.70 -34.91
CA LEU J 172 63.50 -76.17 -33.60
C LEU J 172 64.57 -76.57 -32.56
N PRO J 173 65.49 -75.67 -32.14
CA PRO J 173 66.73 -76.04 -31.44
C PRO J 173 66.50 -76.53 -30.00
N HIS J 174 65.40 -76.09 -29.37
CA HIS J 174 64.88 -76.52 -28.07
C HIS J 174 64.42 -77.99 -28.04
N ALA J 175 64.39 -78.66 -29.21
CA ALA J 175 63.80 -79.97 -29.41
C ALA J 175 64.62 -80.92 -30.28
N ILE J 176 65.81 -80.50 -30.75
CA ILE J 176 66.76 -81.39 -31.42
C ILE J 176 67.36 -82.29 -30.34
N MET J 177 67.39 -83.60 -30.57
CA MET J 177 67.89 -84.60 -29.64
C MET J 177 68.79 -85.54 -30.42
N ARG J 178 70.00 -85.76 -29.90
CA ARG J 178 70.97 -86.71 -30.42
C ARG J 178 70.91 -87.91 -29.47
N LEU J 179 70.77 -89.12 -30.02
CA LEU J 179 71.05 -90.37 -29.34
C LEU J 179 72.50 -90.72 -29.75
N ASP J 180 73.35 -90.85 -28.72
CA ASP J 180 74.82 -90.89 -28.79
C ASP J 180 75.40 -92.22 -29.35
N LEU J 181 74.58 -93.03 -30.02
CA LEU J 181 74.85 -94.34 -30.59
C LEU J 181 74.26 -94.41 -32.00
N ALA J 182 74.93 -95.11 -32.93
CA ALA J 182 74.39 -95.48 -34.25
C ALA J 182 75.16 -96.65 -34.87
N GLY J 183 74.94 -96.85 -36.17
CA GLY J 183 75.29 -98.00 -36.99
C GLY J 183 76.74 -98.48 -36.99
N ARG J 184 77.74 -97.65 -36.63
CA ARG J 184 79.16 -98.03 -36.63
C ARG J 184 79.47 -99.00 -35.49
N ASP J 185 78.93 -98.73 -34.30
CA ASP J 185 79.34 -99.33 -33.03
C ASP J 185 78.22 -100.21 -32.46
N LEU J 186 77.04 -100.16 -33.08
CA LEU J 186 76.11 -101.30 -33.12
C LEU J 186 76.73 -102.51 -33.85
N THR J 187 77.70 -102.29 -34.76
CA THR J 187 78.42 -103.37 -35.45
C THR J 187 79.42 -104.01 -34.47
N ASP J 188 79.97 -103.23 -33.52
CA ASP J 188 80.88 -103.71 -32.47
C ASP J 188 80.12 -104.62 -31.48
N TYR J 189 78.90 -104.21 -31.11
CA TYR J 189 77.96 -105.01 -30.32
C TYR J 189 77.57 -106.32 -31.04
N LEU J 190 77.38 -106.26 -32.38
CA LEU J 190 77.11 -107.42 -33.21
C LEU J 190 78.29 -108.42 -33.24
N MET J 191 79.54 -107.96 -33.13
CA MET J 191 80.72 -108.82 -33.00
C MET J 191 80.68 -109.56 -31.66
N LYS J 192 80.28 -108.86 -30.59
CA LYS J 192 80.26 -109.37 -29.22
C LYS J 192 79.21 -110.48 -29.05
N ILE J 193 77.94 -110.24 -29.39
CA ILE J 193 76.88 -111.26 -29.33
C ILE J 193 77.11 -112.51 -30.22
N LEU J 194 78.03 -112.43 -31.19
CA LEU J 194 78.53 -113.56 -31.97
C LEU J 194 79.79 -114.19 -31.32
N THR J 195 80.60 -113.43 -30.57
CA THR J 195 81.75 -113.90 -29.79
C THR J 195 81.27 -114.81 -28.64
N GLU J 196 80.10 -114.52 -28.03
CA GLU J 196 79.47 -115.38 -27.02
C GLU J 196 78.97 -116.72 -27.61
N ARG J 197 78.94 -116.87 -28.94
CA ARG J 197 78.70 -118.13 -29.65
C ARG J 197 80.02 -118.70 -30.23
N GLY J 198 81.17 -118.10 -29.91
CA GLY J 198 82.52 -118.58 -30.25
C GLY J 198 83.10 -117.96 -31.52
N TYR J 199 82.42 -117.02 -32.17
CA TYR J 199 82.84 -116.41 -33.44
C TYR J 199 83.50 -115.07 -33.09
N SER J 200 84.75 -115.15 -32.62
CA SER J 200 85.53 -114.00 -32.17
C SER J 200 86.00 -113.14 -33.37
N PHE J 201 85.17 -112.17 -33.76
CA PHE J 201 85.52 -111.13 -34.73
C PHE J 201 86.19 -110.01 -33.91
N VAL J 202 87.45 -109.67 -34.22
CA VAL J 202 88.30 -108.83 -33.37
C VAL J 202 88.76 -107.56 -34.08
N THR J 203 89.35 -107.66 -35.29
CA THR J 203 89.96 -106.54 -35.98
C THR J 203 89.20 -106.25 -37.29
N THR J 204 89.86 -105.55 -38.21
CA THR J 204 89.25 -104.67 -39.20
C THR J 204 88.39 -105.40 -40.25
N ALA J 205 88.91 -106.49 -40.84
CA ALA J 205 88.18 -107.23 -41.87
C ALA J 205 87.06 -108.05 -41.23
N GLU J 206 87.33 -108.65 -40.07
CA GLU J 206 86.35 -109.34 -39.22
C GLU J 206 85.17 -108.42 -38.84
N ARG J 207 85.46 -107.16 -38.51
CA ARG J 207 84.46 -106.16 -38.17
C ARG J 207 83.64 -105.75 -39.40
N GLU J 208 84.23 -105.62 -40.60
CA GLU J 208 83.51 -105.27 -41.82
C GLU J 208 82.78 -106.49 -42.43
N ILE J 209 83.19 -107.73 -42.12
CA ILE J 209 82.39 -108.95 -42.33
C ILE J 209 81.14 -108.89 -41.43
N VAL J 210 81.28 -108.48 -40.16
CA VAL J 210 80.16 -108.22 -39.27
C VAL J 210 79.30 -107.02 -39.73
N ARG J 211 79.87 -106.00 -40.39
CA ARG J 211 79.09 -104.95 -41.04
C ARG J 211 78.27 -105.51 -42.20
N ASP J 212 78.87 -106.40 -43.01
CA ASP J 212 78.18 -107.05 -44.12
C ASP J 212 77.06 -108.00 -43.61
N ILE J 213 77.26 -108.69 -42.48
CA ILE J 213 76.21 -109.39 -41.72
C ILE J 213 75.08 -108.41 -41.30
N LYS J 214 75.41 -107.19 -40.84
CA LYS J 214 74.46 -106.12 -40.51
C LYS J 214 73.65 -105.68 -41.74
N GLU J 215 74.31 -105.40 -42.87
CA GLU J 215 73.66 -104.94 -44.11
C GLU J 215 72.89 -106.07 -44.82
N LYS J 216 73.28 -107.34 -44.68
CA LYS J 216 72.61 -108.48 -45.31
C LYS J 216 71.50 -109.10 -44.43
N LEU J 217 71.77 -109.44 -43.16
CA LEU J 217 71.01 -110.48 -42.44
C LEU J 217 70.17 -109.96 -41.27
N CYS J 218 70.36 -108.71 -40.83
CA CYS J 218 69.75 -108.18 -39.61
C CYS J 218 68.40 -107.48 -39.90
N TYR J 219 67.47 -107.51 -38.94
CA TYR J 219 66.09 -106.99 -39.03
C TYR J 219 65.63 -106.51 -37.64
N VAL J 220 64.67 -105.58 -37.55
CA VAL J 220 64.06 -105.21 -36.28
C VAL J 220 62.88 -106.18 -36.04
N ALA J 221 62.77 -106.67 -34.81
CA ALA J 221 61.72 -107.58 -34.35
C ALA J 221 60.41 -106.82 -34.13
N LEU J 222 59.27 -107.45 -34.44
CA LEU J 222 57.95 -106.82 -34.41
C LEU J 222 57.43 -106.65 -32.97
N ASP J 223 57.65 -107.66 -32.12
CA ASP J 223 57.54 -107.62 -30.66
C ASP J 223 58.60 -108.58 -30.13
N PHE J 224 59.71 -108.01 -29.64
CA PHE J 224 60.95 -108.64 -29.21
C PHE J 224 60.81 -109.92 -28.37
N GLU J 225 59.90 -109.89 -27.38
CA GLU J 225 59.68 -111.01 -26.45
C GLU J 225 59.05 -112.23 -27.15
N ASN J 226 58.24 -112.00 -28.20
CA ASN J 226 57.65 -113.07 -29.02
C ASN J 226 58.69 -113.57 -30.05
N GLU J 227 59.57 -112.68 -30.52
CA GLU J 227 60.71 -113.00 -31.39
C GLU J 227 61.73 -113.88 -30.63
N MET J 228 62.04 -113.53 -29.37
CA MET J 228 62.90 -114.31 -28.46
C MET J 228 62.27 -115.68 -28.12
N ALA J 229 60.95 -115.75 -27.94
CA ALA J 229 60.22 -116.99 -27.71
C ALA J 229 60.20 -117.87 -28.97
N THR J 230 60.02 -117.26 -30.15
CA THR J 230 60.12 -117.91 -31.45
C THR J 230 61.56 -118.40 -31.71
N ALA J 231 62.58 -117.63 -31.32
CA ALA J 231 64.00 -117.94 -31.47
C ALA J 231 64.49 -119.08 -30.57
N ALA J 232 63.65 -119.53 -29.62
CA ALA J 232 63.91 -120.69 -28.77
C ALA J 232 63.36 -121.99 -29.39
N SER J 233 62.69 -121.92 -30.55
CA SER J 233 62.05 -123.06 -31.20
C SER J 233 62.18 -123.06 -32.73
N SER J 234 62.17 -121.89 -33.37
CA SER J 234 62.28 -121.74 -34.80
C SER J 234 63.77 -121.86 -35.19
N SER J 235 64.16 -123.07 -35.60
CA SER J 235 65.44 -123.40 -36.20
C SER J 235 65.59 -122.83 -37.64
N SER J 236 64.77 -121.83 -38.01
CA SER J 236 64.78 -121.08 -39.26
C SER J 236 64.70 -119.56 -38.98
N LEU J 237 64.85 -119.13 -37.72
CA LEU J 237 65.13 -117.74 -37.38
C LEU J 237 66.62 -117.44 -37.65
N GLU J 238 67.47 -118.49 -37.56
CA GLU J 238 68.81 -118.56 -38.14
C GLU J 238 68.75 -118.30 -39.66
N LYS J 239 69.69 -117.50 -40.15
CA LYS J 239 70.10 -117.48 -41.54
C LYS J 239 71.58 -117.09 -41.50
N SER J 240 72.41 -118.04 -41.92
CA SER J 240 73.85 -117.99 -42.06
C SER J 240 74.39 -116.89 -43.01
N TYR J 241 75.66 -116.57 -42.82
CA TYR J 241 76.48 -115.77 -43.68
C TYR J 241 77.42 -116.73 -44.43
N GLU J 242 77.42 -116.69 -45.75
CA GLU J 242 78.30 -117.48 -46.63
C GLU J 242 79.34 -116.53 -47.23
N LEU J 243 80.63 -116.89 -47.15
CA LEU J 243 81.72 -116.23 -47.87
C LEU J 243 81.95 -116.98 -49.21
N PRO J 244 82.29 -116.28 -50.32
CA PRO J 244 82.66 -116.88 -51.63
C PRO J 244 83.72 -118.00 -51.56
N ASP J 245 84.64 -117.88 -50.61
CA ASP J 245 85.74 -118.77 -50.23
C ASP J 245 85.26 -120.17 -49.77
N GLY J 246 83.96 -120.32 -49.49
CA GLY J 246 83.31 -121.57 -49.11
C GLY J 246 83.10 -121.71 -47.61
N GLN J 247 83.57 -120.75 -46.82
CA GLN J 247 83.34 -120.69 -45.37
C GLN J 247 81.96 -120.09 -45.10
N VAL J 248 81.24 -120.68 -44.13
CA VAL J 248 79.90 -120.28 -43.72
C VAL J 248 79.92 -120.07 -42.19
N ILE J 249 79.17 -119.08 -41.70
CA ILE J 249 78.99 -118.72 -40.29
C ILE J 249 77.48 -118.64 -40.02
N THR J 250 77.01 -119.20 -38.90
CA THR J 250 75.63 -119.23 -38.41
C THR J 250 75.32 -117.88 -37.70
N ILE J 251 74.18 -117.23 -37.96
CA ILE J 251 73.78 -115.92 -37.41
C ILE J 251 72.32 -116.04 -36.93
N GLY J 252 72.09 -116.12 -35.61
CA GLY J 252 70.82 -116.53 -35.01
C GLY J 252 69.99 -115.36 -34.50
N ASN J 253 69.97 -115.18 -33.18
CA ASN J 253 69.21 -114.14 -32.46
C ASN J 253 69.85 -112.76 -32.66
N GLU J 254 71.16 -112.76 -32.91
CA GLU J 254 72.05 -111.67 -33.30
C GLU J 254 71.47 -110.76 -34.40
N ARG J 255 70.71 -111.37 -35.32
CA ARG J 255 69.98 -110.73 -36.42
C ARG J 255 69.00 -109.64 -35.96
N PHE J 256 68.36 -109.83 -34.81
CA PHE J 256 67.38 -108.88 -34.26
C PHE J 256 67.87 -108.25 -32.96
N ARG J 257 68.67 -108.98 -32.17
CA ARG J 257 69.29 -108.51 -30.92
C ARG J 257 70.18 -107.28 -31.13
N CYS J 258 70.94 -107.21 -32.25
CA CYS J 258 71.63 -105.99 -32.69
C CYS J 258 70.65 -104.84 -33.00
N PRO J 259 69.83 -104.86 -34.08
CA PRO J 259 68.78 -103.85 -34.36
C PRO J 259 67.89 -103.38 -33.20
N GLU J 260 67.51 -104.27 -32.27
CA GLU J 260 66.74 -103.93 -31.06
C GLU J 260 67.50 -102.95 -30.14
N THR J 261 68.84 -102.93 -30.18
CA THR J 261 69.68 -102.08 -29.34
C THR J 261 69.60 -100.58 -29.75
N LEU J 262 68.96 -100.25 -30.88
CA LEU J 262 68.62 -98.88 -31.24
C LEU J 262 67.34 -98.42 -30.49
N PHE J 263 66.50 -99.38 -30.06
CA PHE J 263 65.33 -99.17 -29.21
C PHE J 263 65.69 -99.43 -27.73
N GLN J 264 66.70 -100.27 -27.44
CA GLN J 264 67.16 -100.65 -26.10
C GLN J 264 68.68 -100.43 -25.95
N PRO J 265 69.22 -99.19 -25.92
CA PRO J 265 70.65 -98.92 -25.65
C PRO J 265 71.25 -99.61 -24.40
N SER J 266 70.42 -99.98 -23.43
CA SER J 266 70.72 -100.84 -22.30
C SER J 266 71.31 -102.21 -22.68
N PHE J 267 71.09 -102.71 -23.91
CA PHE J 267 71.66 -103.95 -24.42
C PHE J 267 73.16 -103.83 -24.72
N ILE J 268 73.67 -102.62 -25.01
CA ILE J 268 75.11 -102.33 -25.16
C ILE J 268 75.64 -101.66 -23.86
N GLY J 269 74.81 -101.57 -22.81
CA GLY J 269 75.16 -101.06 -21.49
C GLY J 269 75.09 -99.54 -21.34
N MET J 270 74.36 -98.85 -22.23
CA MET J 270 74.20 -97.39 -22.20
C MET J 270 72.82 -97.04 -21.63
N GLU J 271 72.75 -96.18 -20.62
CA GLU J 271 71.53 -95.66 -19.99
C GLU J 271 70.85 -94.54 -20.82
N SER J 272 70.93 -94.63 -22.15
CA SER J 272 70.22 -93.80 -23.11
C SER J 272 68.83 -94.45 -23.36
N ALA J 273 67.84 -93.65 -23.73
CA ALA J 273 66.51 -94.12 -24.13
C ALA J 273 66.54 -94.45 -25.63
N GLY J 274 65.61 -95.30 -26.09
CA GLY J 274 65.50 -95.73 -27.48
C GLY J 274 65.04 -94.62 -28.43
N ILE J 275 65.19 -94.83 -29.74
CA ILE J 275 64.77 -93.91 -30.79
C ILE J 275 63.31 -93.47 -30.71
N HIS J 276 62.40 -94.37 -30.31
CA HIS J 276 60.98 -94.13 -30.11
C HIS J 276 60.73 -93.16 -28.93
N GLU J 277 61.40 -93.39 -27.80
CA GLU J 277 61.37 -92.54 -26.61
C GLU J 277 62.03 -91.18 -26.87
N THR J 278 63.09 -91.14 -27.69
CA THR J 278 63.83 -89.92 -28.02
C THR J 278 63.03 -89.08 -29.03
N THR J 279 62.35 -89.72 -30.00
CA THR J 279 61.44 -89.08 -30.96
C THR J 279 60.23 -88.48 -30.20
N TYR J 280 59.68 -89.22 -29.23
CA TYR J 280 58.59 -88.80 -28.36
C TYR J 280 58.99 -87.60 -27.48
N ASN J 281 60.16 -87.65 -26.83
CA ASN J 281 60.72 -86.55 -26.03
C ASN J 281 61.06 -85.32 -26.89
N SER J 282 61.52 -85.52 -28.13
CA SER J 282 61.73 -84.47 -29.13
C SER J 282 60.40 -83.78 -29.49
N ILE J 283 59.35 -84.53 -29.88
CA ILE J 283 58.04 -83.97 -30.22
C ILE J 283 57.40 -83.28 -29.01
N MET J 284 57.51 -83.88 -27.80
CA MET J 284 57.02 -83.30 -26.54
C MET J 284 57.82 -82.08 -26.06
N LYS J 285 58.98 -81.77 -26.68
CA LYS J 285 59.73 -80.54 -26.43
C LYS J 285 59.37 -79.42 -27.41
N CYS J 286 58.70 -79.73 -28.54
CA CYS J 286 58.31 -78.74 -29.54
C CYS J 286 57.05 -77.99 -29.09
N ASP J 287 56.79 -76.85 -29.70
CA ASP J 287 55.68 -75.91 -29.45
C ASP J 287 54.33 -76.56 -29.78
N ILE J 288 53.34 -76.43 -28.87
CA ILE J 288 52.05 -77.14 -28.89
C ILE J 288 51.25 -76.97 -30.21
N ASP J 289 51.34 -75.78 -30.81
CA ASP J 289 50.64 -75.38 -32.02
C ASP J 289 51.16 -76.12 -33.27
N ILE J 290 52.30 -76.81 -33.18
CA ILE J 290 52.87 -77.64 -34.25
C ILE J 290 53.11 -79.10 -33.82
N ARG J 291 53.07 -79.46 -32.53
CA ARG J 291 53.22 -80.84 -32.00
C ARG J 291 52.29 -81.84 -32.70
N LYS J 292 51.05 -81.40 -32.94
CA LYS J 292 49.97 -82.07 -33.66
C LYS J 292 50.42 -82.70 -34.99
N ASP J 293 51.11 -81.92 -35.84
CA ASP J 293 51.52 -82.33 -37.18
C ASP J 293 52.94 -82.89 -37.20
N LEU J 294 53.74 -82.65 -36.15
CA LEU J 294 55.04 -83.28 -35.96
C LEU J 294 54.89 -84.76 -35.53
N TYR J 295 53.74 -85.18 -34.94
CA TYR J 295 53.40 -86.59 -34.76
C TYR J 295 53.15 -87.29 -36.11
N ALA J 296 52.66 -86.55 -37.11
CA ALA J 296 52.10 -87.06 -38.35
C ALA J 296 53.05 -86.90 -39.55
N ASN J 297 54.34 -86.63 -39.32
CA ASN J 297 55.33 -86.33 -40.36
C ASN J 297 56.73 -86.83 -39.96
N ASN J 298 56.86 -88.11 -39.60
CA ASN J 298 58.10 -88.71 -39.11
C ASN J 298 58.84 -89.32 -40.31
N VAL J 299 59.95 -88.72 -40.73
CA VAL J 299 60.79 -89.20 -41.83
C VAL J 299 61.94 -90.01 -41.22
N MET J 300 62.03 -91.29 -41.57
CA MET J 300 63.09 -92.20 -41.19
C MET J 300 64.15 -92.15 -42.31
N SER J 301 65.38 -91.79 -41.96
CA SER J 301 66.54 -91.69 -42.84
C SER J 301 67.80 -92.08 -42.02
N GLY J 302 68.96 -92.04 -42.67
CA GLY J 302 70.25 -92.44 -42.11
C GLY J 302 70.51 -93.93 -42.35
N GLY J 303 71.79 -94.30 -42.35
CA GLY J 303 72.29 -95.57 -42.87
C GLY J 303 71.80 -96.84 -42.17
N THR J 304 71.40 -96.74 -40.89
CA THR J 304 70.99 -97.87 -40.06
C THR J 304 69.50 -98.22 -40.30
N THR J 305 68.69 -97.34 -40.92
CA THR J 305 67.25 -97.53 -41.09
C THR J 305 66.87 -98.52 -42.22
N MET J 306 67.84 -99.26 -42.75
CA MET J 306 67.68 -100.24 -43.82
C MET J 306 67.32 -101.64 -43.27
N TYR J 307 67.28 -101.85 -41.94
CA TYR J 307 66.84 -103.10 -41.31
C TYR J 307 65.30 -103.23 -41.51
N PRO J 308 64.78 -104.33 -42.10
CA PRO J 308 63.34 -104.61 -42.19
C PRO J 308 62.64 -104.53 -40.82
N GLY J 309 61.37 -104.10 -40.78
CA GLY J 309 60.56 -104.08 -39.57
C GLY J 309 60.68 -102.79 -38.74
N ILE J 310 61.62 -101.88 -39.06
CA ILE J 310 61.91 -100.71 -38.25
C ILE J 310 60.79 -99.65 -38.31
N ALA J 311 60.10 -99.49 -39.45
CA ALA J 311 59.05 -98.48 -39.62
C ALA J 311 57.76 -98.95 -38.92
N ASP J 312 57.51 -100.25 -39.07
CA ASP J 312 56.49 -101.10 -38.50
C ASP J 312 56.59 -101.09 -36.97
N ARG J 313 57.79 -101.36 -36.43
CA ARG J 313 58.08 -101.32 -35.01
C ARG J 313 57.99 -99.90 -34.45
N MET J 314 58.48 -98.87 -35.17
CA MET J 314 58.31 -97.47 -34.76
C MET J 314 56.83 -97.07 -34.68
N GLN J 315 56.01 -97.48 -35.65
CA GLN J 315 54.55 -97.30 -35.65
C GLN J 315 53.88 -98.01 -34.45
N LYS J 316 54.32 -99.22 -34.13
CA LYS J 316 53.91 -99.98 -32.94
C LYS J 316 54.29 -99.23 -31.64
N GLU J 317 55.59 -98.91 -31.48
CA GLU J 317 56.18 -98.35 -30.27
C GLU J 317 55.65 -96.95 -29.94
N ILE J 318 55.63 -96.00 -30.91
CA ILE J 318 55.22 -94.62 -30.67
C ILE J 318 53.75 -94.53 -30.19
N THR J 319 52.86 -95.43 -30.62
CA THR J 319 51.45 -95.44 -30.20
C THR J 319 51.21 -95.96 -28.77
N ALA J 320 52.25 -96.46 -28.08
CA ALA J 320 52.22 -96.75 -26.64
C ALA J 320 52.62 -95.51 -25.82
N LEU J 321 53.30 -94.54 -26.44
CA LEU J 321 53.82 -93.33 -25.79
C LEU J 321 52.92 -92.12 -26.13
N ALA J 322 52.62 -91.93 -27.43
CA ALA J 322 51.91 -90.78 -27.96
C ALA J 322 50.39 -91.00 -27.83
N PRO J 323 49.59 -89.96 -27.48
CA PRO J 323 48.13 -90.02 -27.36
C PRO J 323 47.42 -90.68 -28.56
N SER J 324 46.56 -91.66 -28.31
CA SER J 324 45.78 -92.40 -29.30
C SER J 324 44.69 -91.54 -29.99
N THR J 325 44.43 -90.34 -29.43
CA THR J 325 43.63 -89.26 -29.99
C THR J 325 44.36 -88.65 -31.22
N MET J 326 45.69 -88.52 -31.18
CA MET J 326 46.55 -88.04 -32.28
C MET J 326 46.80 -89.18 -33.29
N LYS J 327 47.47 -88.87 -34.40
CA LYS J 327 47.66 -89.76 -35.54
C LYS J 327 49.12 -89.67 -36.01
N ILE J 328 49.67 -90.80 -36.45
CA ILE J 328 51.04 -90.99 -36.87
C ILE J 328 51.01 -91.27 -38.37
N LYS J 329 52.00 -90.74 -39.11
CA LYS J 329 52.42 -91.21 -40.42
C LYS J 329 53.94 -91.37 -40.30
N ILE J 330 54.46 -92.58 -40.50
CA ILE J 330 55.88 -92.89 -40.60
C ILE J 330 56.18 -92.96 -42.10
N ILE J 331 57.17 -92.20 -42.57
CA ILE J 331 57.67 -92.21 -43.94
C ILE J 331 59.06 -92.84 -43.86
N ALA J 332 59.29 -93.92 -44.60
CA ALA J 332 60.58 -94.60 -44.73
C ALA J 332 60.78 -94.93 -46.22
N PRO J 333 61.38 -94.02 -47.02
CA PRO J 333 61.47 -94.17 -48.49
C PRO J 333 62.35 -95.37 -48.93
N PRO J 334 62.28 -95.81 -50.21
CA PRO J 334 62.93 -97.04 -50.67
C PRO J 334 64.46 -96.93 -50.81
N GLU J 335 64.97 -95.77 -51.22
CA GLU J 335 66.30 -95.32 -50.83
C GLU J 335 66.03 -94.45 -49.59
N ARG J 336 66.87 -94.59 -48.57
CA ARG J 336 66.89 -93.79 -47.35
C ARG J 336 68.29 -93.71 -46.71
N LYS J 337 69.30 -94.35 -47.31
CA LYS J 337 70.62 -94.60 -46.76
C LYS J 337 71.61 -93.50 -47.18
N TYR J 338 71.44 -92.97 -48.40
CA TYR J 338 72.32 -92.02 -49.06
C TYR J 338 71.58 -90.72 -49.40
N SER J 339 70.24 -90.73 -49.38
CA SER J 339 69.26 -89.66 -49.57
C SER J 339 69.66 -88.25 -49.10
N VAL J 340 70.31 -88.15 -47.93
CA VAL J 340 70.99 -86.99 -47.35
C VAL J 340 71.93 -86.27 -48.34
N TRP J 341 72.72 -87.06 -49.09
CA TRP J 341 73.67 -86.60 -50.09
C TRP J 341 72.96 -86.43 -51.44
N ILE J 342 71.96 -87.26 -51.76
CA ILE J 342 71.19 -87.20 -53.01
C ILE J 342 70.36 -85.89 -53.06
N GLY J 343 69.76 -85.48 -51.94
CA GLY J 343 69.11 -84.18 -51.80
C GLY J 343 70.11 -83.03 -51.90
N GLY J 344 71.35 -83.25 -51.46
CA GLY J 344 72.49 -82.34 -51.61
C GLY J 344 72.92 -82.17 -53.06
N SER J 345 72.98 -83.27 -53.81
CA SER J 345 73.29 -83.31 -55.25
C SER J 345 72.31 -82.48 -56.07
N ILE J 346 71.00 -82.65 -55.81
CA ILE J 346 69.92 -81.92 -56.49
C ILE J 346 69.98 -80.42 -56.12
N LEU J 347 70.29 -80.09 -54.86
CA LEU J 347 70.47 -78.69 -54.42
C LEU J 347 71.68 -78.03 -55.09
N ALA J 348 72.72 -78.82 -55.42
CA ALA J 348 73.93 -78.40 -56.10
C ALA J 348 73.81 -78.42 -57.64
N SER J 349 72.62 -78.71 -58.20
CA SER J 349 72.39 -78.78 -59.66
C SER J 349 71.16 -77.98 -60.14
N LEU J 350 70.51 -77.21 -59.27
CA LEU J 350 69.52 -76.20 -59.65
C LEU J 350 70.26 -74.96 -60.19
N SER J 351 70.58 -75.01 -61.50
CA SER J 351 71.25 -74.00 -62.31
C SER J 351 70.50 -72.65 -62.29
N THR J 352 70.92 -71.69 -61.44
CA THR J 352 70.31 -70.38 -61.29
C THR J 352 71.35 -69.36 -60.75
N PHE J 353 70.88 -68.21 -60.21
CA PHE J 353 71.67 -67.12 -59.65
C PHE J 353 71.87 -67.31 -58.14
N GLN J 354 73.04 -66.96 -57.62
CA GLN J 354 73.59 -67.32 -56.31
C GLN J 354 72.94 -66.58 -55.13
N GLN J 355 71.73 -66.98 -54.73
CA GLN J 355 71.01 -66.40 -53.59
C GLN J 355 71.39 -67.07 -52.26
N MET J 356 72.14 -68.17 -52.29
CA MET J 356 72.67 -68.85 -51.11
C MET J 356 74.13 -69.32 -51.27
N TRP J 357 74.54 -69.69 -52.50
CA TRP J 357 75.88 -70.15 -52.83
C TRP J 357 76.89 -68.98 -52.73
N ILE J 358 78.05 -69.22 -52.11
CA ILE J 358 79.07 -68.23 -51.83
C ILE J 358 80.10 -68.33 -52.96
N THR J 359 80.40 -67.21 -53.64
CA THR J 359 81.47 -67.06 -54.61
C THR J 359 82.70 -66.46 -53.87
N LYS J 360 83.91 -66.87 -54.28
CA LYS J 360 85.17 -66.68 -53.53
C LYS J 360 85.47 -65.25 -53.06
N GLN J 361 85.12 -64.23 -53.85
CA GLN J 361 85.39 -62.82 -53.55
C GLN J 361 84.45 -62.23 -52.49
N GLU J 362 83.37 -62.92 -52.09
CA GLU J 362 82.51 -62.53 -50.97
C GLU J 362 83.21 -62.78 -49.62
N TYR J 363 84.17 -63.72 -49.59
CA TYR J 363 84.98 -64.06 -48.41
C TYR J 363 85.96 -62.92 -48.07
N ASP J 364 86.40 -62.16 -49.08
CA ASP J 364 87.45 -61.13 -48.93
C ASP J 364 86.87 -59.80 -48.41
N GLU J 365 85.54 -59.71 -48.27
CA GLU J 365 84.83 -58.64 -47.56
C GLU J 365 84.46 -59.15 -46.15
N ALA J 366 83.79 -60.30 -46.08
CA ALA J 366 83.09 -60.78 -44.89
C ALA J 366 83.94 -61.69 -43.98
N GLY J 367 85.08 -62.19 -44.46
CA GLY J 367 85.90 -63.21 -43.82
C GLY J 367 85.20 -64.57 -43.70
N PRO J 368 85.72 -65.50 -42.86
CA PRO J 368 85.11 -66.80 -42.54
C PRO J 368 83.62 -66.81 -42.14
N SER J 369 83.07 -65.68 -41.66
CA SER J 369 81.73 -65.60 -41.11
C SER J 369 80.64 -65.46 -42.21
N ILE J 370 81.03 -65.34 -43.49
CA ILE J 370 80.18 -65.30 -44.70
C ILE J 370 79.05 -66.35 -44.73
N VAL J 371 79.37 -67.56 -44.26
CA VAL J 371 78.50 -68.72 -44.14
C VAL J 371 77.25 -68.46 -43.27
N HIS J 372 77.37 -67.58 -42.26
CA HIS J 372 76.29 -67.27 -41.32
C HIS J 372 75.42 -66.11 -41.83
N ARG J 373 75.62 -65.66 -43.08
CA ARG J 373 74.76 -64.73 -43.80
C ARG J 373 74.38 -65.26 -45.20
N LYS J 374 74.54 -66.57 -45.46
CA LYS J 374 74.23 -67.19 -46.74
C LYS J 374 73.75 -68.65 -46.64
N CYS J 375 74.25 -69.44 -45.69
CA CYS J 375 73.85 -70.82 -45.46
C CYS J 375 72.94 -70.86 -44.22
N PHE J 376 71.76 -71.47 -44.35
CA PHE J 376 70.69 -71.57 -43.34
C PHE J 376 71.17 -72.13 -41.99
N NH2 J 377 70.62 -71.64 -40.88
HN1 NH2 J 377 70.93 -71.99 -40.00
HN2 NH2 J 377 69.96 -70.88 -40.94
C ACE K 1 -26.08 80.48 11.09
O ACE K 1 -25.22 80.26 12.18
CH3 ACE K 1 -26.30 79.15 10.38
H1 ACE K 1 -25.37 78.76 9.97
H2 ACE K 1 -27.01 79.25 9.56
H3 ACE K 1 -26.68 78.41 11.07
N MET K 2 -25.35 81.36 10.19
CA MET K 2 -25.18 82.75 10.66
C MET K 2 -26.42 83.65 10.44
N ALA K 3 -27.56 83.06 10.08
CA ALA K 3 -28.86 83.73 9.91
C ALA K 3 -30.02 82.74 9.96
N SER K 4 -31.24 83.28 10.14
CA SER K 4 -32.51 82.56 10.00
C SER K 4 -33.04 82.68 8.55
N GLY K 5 -32.48 83.59 7.75
CA GLY K 5 -32.95 83.90 6.42
C GLY K 5 -32.26 85.18 5.93
N VAL K 6 -32.66 85.63 4.75
CA VAL K 6 -32.27 86.91 4.17
C VAL K 6 -33.22 88.01 4.70
N THR K 7 -32.75 89.27 4.78
CA THR K 7 -33.49 90.34 5.43
C THR K 7 -34.31 91.12 4.38
N VAL K 8 -35.35 91.82 4.84
CA VAL K 8 -36.13 92.78 4.07
C VAL K 8 -35.34 94.11 4.09
N ASN K 9 -35.12 94.74 2.93
CA ASN K 9 -34.60 96.11 2.82
C ASN K 9 -35.83 97.01 2.58
N ASP K 10 -36.05 97.98 3.49
CA ASP K 10 -37.21 98.86 3.55
C ASP K 10 -37.56 99.72 2.33
N GLU K 11 -36.77 99.80 1.24
CA GLU K 11 -37.24 100.39 -0.04
C GLU K 11 -38.45 99.60 -0.59
N VAL K 12 -38.56 98.29 -0.30
CA VAL K 12 -39.75 97.51 -0.65
C VAL K 12 -41.03 98.07 0.00
N ILE K 13 -40.90 98.65 1.21
CA ILE K 13 -41.95 99.31 1.97
C ILE K 13 -42.22 100.71 1.38
N LYS K 14 -41.21 101.40 0.83
CA LYS K 14 -41.35 102.70 0.18
C LYS K 14 -42.14 102.56 -1.13
N VAL K 15 -41.71 101.71 -2.08
CA VAL K 15 -42.41 101.47 -3.35
C VAL K 15 -43.77 100.76 -3.13
N PHE K 16 -43.92 99.99 -2.04
CA PHE K 16 -45.23 99.52 -1.57
C PHE K 16 -46.10 100.71 -1.14
N ASN K 17 -45.56 101.70 -0.42
CA ASN K 17 -46.28 102.92 -0.01
C ASN K 17 -46.70 103.81 -1.18
N ASP K 18 -45.93 103.84 -2.27
CA ASP K 18 -46.32 104.44 -3.55
C ASP K 18 -47.60 103.80 -4.13
N MET K 19 -47.77 102.48 -3.98
CA MET K 19 -48.96 101.74 -4.41
C MET K 19 -50.05 101.63 -3.32
N LYS K 20 -49.74 101.97 -2.06
CA LYS K 20 -50.54 101.59 -0.88
C LYS K 20 -51.87 102.32 -0.81
N VAL K 21 -51.88 103.60 -1.18
CA VAL K 21 -52.97 104.54 -1.02
C VAL K 21 -53.52 104.95 -2.39
N ARG K 22 -54.83 105.22 -2.40
CA ARG K 22 -55.54 106.02 -3.38
C ARG K 22 -55.37 107.46 -2.89
N LYS K 23 -55.06 108.38 -3.81
CA LYS K 23 -54.69 109.76 -3.51
C LYS K 23 -55.25 110.73 -4.56
N SER K 24 -55.04 112.03 -4.31
CA SER K 24 -55.21 113.17 -5.19
C SER K 24 -55.07 112.91 -6.72
N SER K 25 -56.15 113.23 -7.43
CA SER K 25 -56.50 113.01 -8.83
C SER K 25 -55.36 113.20 -9.85
N THR K 26 -54.97 114.47 -10.04
CA THR K 26 -54.14 115.05 -11.10
C THR K 26 -52.95 114.23 -11.64
N GLN K 27 -52.29 113.39 -10.82
CA GLN K 27 -51.21 112.50 -11.23
C GLN K 27 -51.16 111.14 -10.52
N GLU K 28 -51.32 111.10 -9.18
CA GLU K 28 -50.95 109.95 -8.33
C GLU K 28 -51.59 108.62 -8.78
N GLU K 29 -52.93 108.57 -8.86
CA GLU K 29 -53.68 107.40 -9.30
C GLU K 29 -53.38 107.01 -10.75
N ILE K 30 -53.08 108.00 -11.60
CA ILE K 30 -52.84 107.88 -13.04
C ILE K 30 -51.38 107.41 -13.33
N LYS K 31 -50.52 107.32 -12.30
CA LYS K 31 -49.08 107.09 -12.45
C LYS K 31 -48.50 106.06 -11.49
N LYS K 32 -49.00 105.94 -10.25
CA LYS K 32 -48.35 105.12 -9.21
C LYS K 32 -48.87 103.68 -9.17
N ARG K 33 -50.11 103.41 -9.61
CA ARG K 33 -50.80 102.13 -9.42
C ARG K 33 -50.40 101.07 -10.46
N LYS K 34 -49.08 100.99 -10.74
CA LYS K 34 -48.41 100.03 -11.60
C LYS K 34 -48.35 98.65 -10.91
N LYS K 35 -49.42 97.88 -11.06
CA LYS K 35 -49.63 96.60 -10.39
C LYS K 35 -48.70 95.51 -10.95
N ALA K 36 -48.16 94.64 -10.09
CA ALA K 36 -47.31 93.48 -10.40
C ALA K 36 -45.80 93.73 -10.26
N VAL K 37 -45.39 94.73 -9.46
CA VAL K 37 -43.99 94.99 -9.09
C VAL K 37 -43.41 93.79 -8.32
N LEU K 38 -42.13 93.45 -8.56
CA LEU K 38 -41.45 92.27 -8.05
C LEU K 38 -40.50 92.66 -6.91
N PHE K 39 -40.37 91.81 -5.89
CA PHE K 39 -39.38 91.91 -4.82
C PHE K 39 -38.51 90.66 -4.90
N CYS K 40 -37.20 90.88 -4.95
CA CYS K 40 -36.17 89.97 -5.45
C CYS K 40 -34.93 89.98 -4.56
N LEU K 41 -34.15 88.90 -4.59
CA LEU K 41 -32.90 88.69 -3.86
C LEU K 41 -31.74 89.54 -4.43
N SER K 42 -30.91 90.12 -3.55
CA SER K 42 -29.79 91.02 -3.84
C SER K 42 -28.56 90.33 -4.48
N ASP K 43 -27.55 91.16 -4.79
CA ASP K 43 -26.22 90.89 -5.33
C ASP K 43 -25.45 89.94 -4.39
N ASP K 44 -25.33 90.32 -3.11
CA ASP K 44 -24.64 89.59 -2.06
C ASP K 44 -25.49 88.40 -1.54
N LYS K 45 -26.78 88.36 -1.88
CA LYS K 45 -27.75 87.31 -1.61
C LYS K 45 -28.32 87.36 -0.19
N ARG K 46 -28.12 88.46 0.55
CA ARG K 46 -28.49 88.57 1.96
C ARG K 46 -29.72 89.48 2.16
N GLN K 47 -30.10 90.28 1.17
CA GLN K 47 -31.25 91.18 1.20
C GLN K 47 -32.31 90.77 0.16
N ILE K 48 -33.58 90.97 0.49
CA ILE K 48 -34.66 91.13 -0.48
C ILE K 48 -34.74 92.65 -0.77
N ILE K 49 -34.71 92.99 -2.04
CA ILE K 49 -34.82 94.32 -2.63
C ILE K 49 -35.99 94.30 -3.64
N VAL K 50 -36.16 95.38 -4.42
CA VAL K 50 -37.13 95.51 -5.50
C VAL K 50 -36.38 95.31 -6.83
N GLU K 51 -37.05 94.72 -7.83
CA GLU K 51 -36.64 94.70 -9.22
C GLU K 51 -37.83 95.28 -10.01
N GLU K 52 -37.56 96.20 -10.95
CA GLU K 52 -38.59 96.75 -11.84
C GLU K 52 -39.15 95.61 -12.70
N ALA K 53 -40.46 95.41 -12.52
CA ALA K 53 -41.20 94.29 -13.06
C ALA K 53 -41.62 94.57 -14.51
N LYS K 54 -42.33 93.60 -15.07
CA LYS K 54 -42.45 93.36 -16.50
C LYS K 54 -43.96 93.38 -16.71
N GLN K 55 -44.45 94.62 -16.62
CA GLN K 55 -45.79 95.07 -16.35
C GLN K 55 -46.08 96.26 -17.29
N ILE K 56 -47.18 96.95 -17.01
CA ILE K 56 -47.60 98.23 -17.58
C ILE K 56 -48.14 99.07 -16.40
N LEU K 57 -48.36 100.37 -16.60
CA LEU K 57 -48.66 101.35 -15.57
C LEU K 57 -50.18 101.46 -15.36
N VAL K 58 -50.86 102.44 -16.00
CA VAL K 58 -52.23 102.83 -15.69
C VAL K 58 -53.03 103.28 -16.93
N GLY K 59 -52.51 104.24 -17.71
CA GLY K 59 -53.25 104.81 -18.85
C GLY K 59 -53.21 103.88 -20.07
N ASP K 60 -52.13 103.11 -20.12
CA ASP K 60 -51.75 101.99 -20.97
C ASP K 60 -52.70 100.78 -20.84
N ILE K 61 -53.53 100.73 -19.78
CA ILE K 61 -54.62 99.76 -19.63
C ILE K 61 -55.82 100.17 -20.53
N GLY K 62 -55.87 101.43 -20.99
CA GLY K 62 -56.88 101.96 -21.89
C GLY K 62 -56.50 101.84 -23.37
N ASP K 63 -55.56 100.94 -23.70
CA ASP K 63 -54.99 100.73 -25.04
C ASP K 63 -54.82 99.21 -25.30
N THR K 64 -53.72 98.77 -25.91
CA THR K 64 -53.49 97.44 -26.46
C THR K 64 -53.34 96.29 -25.42
N VAL K 65 -53.53 96.54 -24.12
CA VAL K 65 -53.46 95.55 -23.04
C VAL K 65 -54.63 95.75 -22.08
N GLU K 66 -55.41 94.68 -21.85
CA GLU K 66 -56.65 94.69 -21.06
C GLU K 66 -56.42 94.97 -19.56
N ASP K 67 -55.24 94.61 -19.03
CA ASP K 67 -54.88 94.69 -17.61
C ASP K 67 -53.35 94.49 -17.47
N PRO K 68 -52.73 94.90 -16.33
CA PRO K 68 -51.30 94.69 -16.08
C PRO K 68 -50.93 93.29 -15.56
N TYR K 69 -51.89 92.45 -15.10
CA TYR K 69 -51.64 91.06 -14.72
C TYR K 69 -51.31 90.25 -15.99
N THR K 70 -52.06 90.48 -17.08
CA THR K 70 -51.86 89.98 -18.44
C THR K 70 -50.45 90.27 -19.01
N SER K 71 -49.77 91.32 -18.53
CA SER K 71 -48.38 91.60 -18.85
C SER K 71 -47.48 90.65 -18.03
N PHE K 72 -47.60 90.70 -16.70
CA PHE K 72 -46.87 89.96 -15.66
C PHE K 72 -46.79 88.42 -15.86
N VAL K 73 -47.93 87.73 -16.00
CA VAL K 73 -48.09 86.27 -15.87
C VAL K 73 -47.30 85.38 -16.87
N LYS K 74 -46.64 86.00 -17.84
CA LYS K 74 -45.79 85.39 -18.85
C LYS K 74 -44.52 86.23 -19.10
N LEU K 75 -44.10 87.01 -18.10
CA LEU K 75 -42.84 87.75 -18.05
C LEU K 75 -42.12 87.50 -16.71
N LEU K 76 -42.46 86.39 -16.05
CA LEU K 76 -41.84 85.85 -14.85
C LEU K 76 -40.74 84.84 -15.25
N PRO K 77 -39.68 84.65 -14.44
CA PRO K 77 -38.64 83.65 -14.72
C PRO K 77 -39.12 82.25 -14.32
N LEU K 78 -38.78 81.22 -15.11
CA LEU K 78 -39.11 79.83 -14.82
C LEU K 78 -38.03 79.18 -13.94
N ASN K 79 -36.79 79.68 -14.04
CA ASN K 79 -35.58 79.12 -13.44
C ASN K 79 -35.24 79.83 -12.12
N ASP K 80 -36.14 80.67 -11.59
CA ASP K 80 -35.98 81.45 -10.37
C ASP K 80 -37.33 81.59 -9.64
N CYS K 81 -37.30 81.94 -8.35
CA CYS K 81 -38.44 82.28 -7.51
C CYS K 81 -38.42 83.80 -7.27
N ARG K 82 -39.52 84.39 -6.82
CA ARG K 82 -39.59 85.78 -6.36
C ARG K 82 -40.95 86.09 -5.74
N TYR K 83 -41.09 87.27 -5.14
CA TYR K 83 -42.36 87.78 -4.68
C TYR K 83 -42.87 88.80 -5.71
N ALA K 84 -44.19 88.93 -5.83
CA ALA K 84 -44.88 89.98 -6.57
C ALA K 84 -45.93 90.64 -5.68
N LEU K 85 -46.14 91.95 -5.85
CA LEU K 85 -47.17 92.74 -5.18
C LEU K 85 -48.25 93.06 -6.22
N TYR K 86 -49.52 92.86 -5.85
CA TYR K 86 -50.68 93.16 -6.69
C TYR K 86 -51.72 93.98 -5.90
N ASP K 87 -52.68 94.55 -6.63
CA ASP K 87 -53.68 95.53 -6.20
C ASP K 87 -54.97 95.15 -6.92
N ALA K 88 -55.64 94.11 -6.42
CA ALA K 88 -56.66 93.36 -7.15
C ALA K 88 -58.01 94.06 -7.01
N THR K 89 -58.59 94.53 -8.12
CA THR K 89 -59.91 95.14 -8.15
C THR K 89 -60.91 93.97 -8.20
N TYR K 90 -61.93 93.97 -7.33
CA TYR K 90 -62.96 92.95 -7.33
C TYR K 90 -64.30 93.54 -6.92
N GLU K 91 -65.36 93.11 -7.60
CA GLU K 91 -66.72 93.36 -7.17
C GLU K 91 -67.21 92.10 -6.46
N THR K 92 -68.11 92.33 -5.50
CA THR K 92 -69.12 91.38 -5.10
C THR K 92 -70.43 91.95 -5.71
N LYS K 93 -71.53 92.00 -4.95
CA LYS K 93 -72.61 92.97 -5.09
C LYS K 93 -72.99 93.52 -3.70
N GLU K 94 -72.10 93.37 -2.71
CA GLU K 94 -72.19 93.96 -1.38
C GLU K 94 -71.34 95.25 -1.37
N SER K 95 -70.18 95.24 -2.03
CA SER K 95 -69.32 96.39 -2.25
C SER K 95 -68.35 96.15 -3.43
N LYS K 96 -67.59 97.18 -3.78
CA LYS K 96 -66.55 97.22 -4.82
C LYS K 96 -65.24 97.48 -4.08
N LYS K 97 -64.33 96.51 -4.05
CA LYS K 97 -63.03 96.59 -3.40
C LYS K 97 -61.93 96.74 -4.46
N GLU K 98 -60.79 97.31 -4.06
CA GLU K 98 -59.49 97.12 -4.68
C GLU K 98 -58.47 97.07 -3.54
N ASP K 99 -57.95 95.86 -3.28
CA ASP K 99 -57.17 95.47 -2.10
C ASP K 99 -55.80 94.96 -2.53
N LEU K 100 -54.80 95.14 -1.67
CA LEU K 100 -53.42 94.76 -1.94
C LEU K 100 -53.21 93.28 -1.58
N VAL K 101 -52.47 92.57 -2.44
CA VAL K 101 -52.22 91.13 -2.41
C VAL K 101 -50.70 90.91 -2.52
N PHE K 102 -50.15 89.99 -1.73
CA PHE K 102 -48.78 89.50 -1.85
C PHE K 102 -48.83 88.13 -2.56
N ILE K 103 -48.01 87.93 -3.58
CA ILE K 103 -47.94 86.69 -4.35
C ILE K 103 -46.50 86.18 -4.25
N PHE K 104 -46.29 84.91 -3.87
CA PHE K 104 -44.99 84.24 -3.90
C PHE K 104 -44.97 83.34 -5.15
N TRP K 105 -44.14 83.70 -6.14
CA TRP K 105 -43.91 82.92 -7.35
C TRP K 105 -42.81 81.90 -7.03
N ALA K 106 -43.16 80.60 -7.03
CA ALA K 106 -42.25 79.51 -6.73
C ALA K 106 -42.47 78.32 -7.67
N PRO K 107 -42.09 78.42 -8.97
CA PRO K 107 -42.32 77.35 -9.95
C PRO K 107 -41.36 76.19 -9.69
N GLU K 108 -41.78 74.93 -9.92
CA GLU K 108 -40.97 73.76 -9.58
C GLU K 108 -39.63 73.66 -10.33
N SER K 109 -39.55 74.26 -11.52
CA SER K 109 -38.35 74.43 -12.33
C SER K 109 -37.29 75.38 -11.71
N ALA K 110 -37.62 76.14 -10.67
CA ALA K 110 -36.67 76.95 -9.91
C ALA K 110 -35.89 76.04 -8.93
N PRO K 111 -34.58 76.31 -8.70
CA PRO K 111 -33.73 75.44 -7.88
C PRO K 111 -34.04 75.57 -6.38
N LEU K 112 -33.88 74.46 -5.64
CA LEU K 112 -34.17 74.27 -4.22
C LEU K 112 -33.56 75.35 -3.32
N LYS K 113 -32.39 75.88 -3.68
CA LYS K 113 -31.72 76.94 -2.95
C LYS K 113 -32.41 78.31 -3.10
N SER K 114 -32.95 78.67 -4.28
CA SER K 114 -33.73 79.91 -4.44
C SER K 114 -35.08 79.76 -3.70
N LYS K 115 -35.72 78.58 -3.81
CA LYS K 115 -36.91 78.18 -3.05
C LYS K 115 -36.71 78.35 -1.53
N MET K 116 -35.66 77.73 -0.96
CA MET K 116 -35.27 77.82 0.45
C MET K 116 -35.02 79.28 0.89
N ILE K 117 -34.32 80.07 0.07
CA ILE K 117 -34.02 81.48 0.37
C ILE K 117 -35.31 82.32 0.38
N TYR K 118 -36.11 82.32 -0.68
CA TYR K 118 -37.32 83.15 -0.74
C TYR K 118 -38.44 82.65 0.20
N ALA K 119 -38.40 81.38 0.62
CA ALA K 119 -39.25 80.88 1.71
C ALA K 119 -38.82 81.45 3.08
N SER K 120 -37.51 81.60 3.32
CA SER K 120 -36.95 82.03 4.62
C SER K 120 -37.46 83.41 5.08
N SER K 121 -37.48 84.38 4.17
CA SER K 121 -37.82 85.77 4.42
C SER K 121 -39.31 86.07 4.18
N LYS K 122 -40.12 85.07 3.78
CA LYS K 122 -41.49 85.23 3.31
C LYS K 122 -42.40 85.86 4.36
N ASP K 123 -42.28 85.40 5.60
CA ASP K 123 -43.14 85.85 6.70
C ASP K 123 -42.79 87.28 7.10
N ALA K 124 -41.50 87.64 7.04
CA ALA K 124 -40.97 88.92 7.47
C ALA K 124 -41.47 90.09 6.60
N ILE K 125 -41.41 89.95 5.27
CA ILE K 125 -41.91 90.97 4.34
C ILE K 125 -43.46 91.07 4.41
N LYS K 126 -44.16 89.94 4.58
CA LYS K 126 -45.61 89.87 4.75
C LYS K 126 -46.05 90.58 6.05
N LYS K 127 -45.35 90.35 7.17
CA LYS K 127 -45.63 90.98 8.45
C LYS K 127 -45.16 92.45 8.53
N LYS K 128 -44.42 92.96 7.54
CA LYS K 128 -44.08 94.38 7.42
C LYS K 128 -45.16 95.14 6.62
N PHE K 129 -45.72 94.52 5.56
CA PHE K 129 -46.71 95.15 4.68
C PHE K 129 -48.13 95.10 5.29
N THR K 130 -48.43 95.93 6.29
CA THR K 130 -49.79 96.06 6.81
C THR K 130 -50.73 96.64 5.73
N GLY K 131 -51.93 96.06 5.59
CA GLY K 131 -52.92 96.44 4.59
C GLY K 131 -52.82 95.61 3.30
N ILE K 132 -51.91 94.62 3.25
CA ILE K 132 -52.08 93.40 2.46
C ILE K 132 -53.20 92.61 3.16
N LYS K 133 -54.28 92.31 2.43
CA LYS K 133 -55.47 91.65 2.97
C LYS K 133 -55.51 90.16 2.59
N HIS K 134 -54.75 89.76 1.56
CA HIS K 134 -54.75 88.42 0.96
C HIS K 134 -53.31 88.06 0.59
N GLU K 135 -52.94 86.77 0.67
CA GLU K 135 -51.64 86.23 0.26
C GLU K 135 -51.81 84.82 -0.27
N TRP K 136 -50.98 84.42 -1.23
CA TRP K 136 -50.94 83.08 -1.79
C TRP K 136 -49.55 82.79 -2.38
N GLN K 137 -49.34 81.51 -2.73
CA GLN K 137 -48.14 80.98 -3.36
C GLN K 137 -48.57 80.22 -4.61
N VAL K 138 -47.77 80.32 -5.67
CA VAL K 138 -48.00 79.73 -6.99
C VAL K 138 -46.88 78.69 -7.21
N ASN K 139 -47.19 77.57 -7.90
CA ASN K 139 -46.28 76.43 -8.06
C ASN K 139 -46.19 75.84 -9.47
N GLY K 140 -47.24 75.93 -10.27
CA GLY K 140 -47.22 75.55 -11.66
C GLY K 140 -46.98 76.78 -12.54
N LEU K 141 -47.39 76.70 -13.80
CA LEU K 141 -47.28 77.78 -14.77
C LEU K 141 -48.68 78.18 -15.26
N ASP K 142 -49.75 77.72 -14.58
CA ASP K 142 -51.14 77.72 -15.06
C ASP K 142 -52.11 78.24 -14.01
N ASP K 143 -51.85 77.90 -12.74
CA ASP K 143 -52.35 78.47 -11.49
C ASP K 143 -52.11 79.99 -11.38
N ILE K 144 -51.19 80.53 -12.20
CA ILE K 144 -50.88 81.95 -12.32
C ILE K 144 -51.80 82.68 -13.33
N LYS K 145 -52.31 82.01 -14.37
CA LYS K 145 -52.54 82.60 -15.70
C LYS K 145 -53.58 83.73 -15.79
N ASP K 146 -54.88 83.46 -15.65
CA ASP K 146 -55.91 84.49 -15.82
C ASP K 146 -56.18 85.19 -14.47
N ARG K 147 -56.73 86.40 -14.56
CA ARG K 147 -57.08 87.37 -13.54
C ARG K 147 -58.14 86.81 -12.60
N SER K 148 -59.09 86.02 -13.13
CA SER K 148 -60.10 85.35 -12.35
C SER K 148 -59.51 84.21 -11.49
N THR K 149 -58.32 83.68 -11.81
CA THR K 149 -57.62 82.63 -11.05
C THR K 149 -56.96 83.22 -9.78
N LEU K 150 -57.05 84.54 -9.56
CA LEU K 150 -56.65 85.22 -8.33
C LEU K 150 -57.80 85.20 -7.32
N GLY K 151 -59.05 84.96 -7.75
CA GLY K 151 -60.25 85.33 -6.99
C GLY K 151 -60.57 84.45 -5.79
N GLU K 152 -60.48 83.12 -5.89
CA GLU K 152 -60.73 82.23 -4.74
C GLU K 152 -59.57 82.29 -3.72
N LYS K 153 -58.41 82.81 -4.15
CA LYS K 153 -57.24 83.08 -3.33
C LYS K 153 -57.46 84.33 -2.46
N LEU K 154 -58.34 85.26 -2.88
CA LEU K 154 -58.84 86.36 -2.05
C LEU K 154 -60.01 85.87 -1.19
N GLY K 155 -60.70 84.80 -1.62
CA GLY K 155 -61.77 84.11 -0.94
C GLY K 155 -63.00 84.07 -1.85
N GLY K 156 -63.60 82.88 -2.02
CA GLY K 156 -64.64 82.53 -3.00
C GLY K 156 -65.98 83.31 -2.98
N ASN K 157 -66.05 84.44 -2.30
CA ASN K 157 -67.20 85.37 -2.30
C ASN K 157 -67.09 86.40 -3.43
N VAL K 158 -65.89 86.58 -4.01
CA VAL K 158 -65.56 87.64 -4.97
C VAL K 158 -65.71 87.17 -6.43
N VAL K 159 -66.31 85.99 -6.66
CA VAL K 159 -66.45 85.29 -7.95
C VAL K 159 -67.18 86.08 -9.06
N VAL K 160 -67.84 87.19 -8.70
CA VAL K 160 -68.63 88.05 -9.57
C VAL K 160 -67.75 88.75 -10.63
N SER K 161 -66.61 89.33 -10.22
CA SER K 161 -65.74 90.12 -11.09
C SER K 161 -64.38 90.28 -10.40
N LEU K 162 -63.30 89.87 -11.06
CA LEU K 162 -61.89 90.02 -10.68
C LEU K 162 -61.24 90.80 -11.82
N GLU K 163 -60.83 92.04 -11.55
CA GLU K 163 -60.17 92.97 -12.47
C GLU K 163 -61.08 93.36 -13.66
N GLY K 164 -62.41 93.23 -13.47
CA GLY K 164 -63.44 93.40 -14.49
C GLY K 164 -63.79 92.11 -15.24
N LYS K 165 -63.18 90.97 -14.90
CA LYS K 165 -63.38 89.69 -15.57
C LYS K 165 -64.06 88.69 -14.59
N PRO K 166 -65.09 87.92 -15.00
CA PRO K 166 -65.82 87.03 -14.08
C PRO K 166 -65.05 85.73 -13.78
N LEU K 167 -65.31 85.14 -12.61
CA LEU K 167 -64.90 83.80 -12.21
C LEU K 167 -66.14 82.89 -12.30
N NH2 K 168 -67.29 83.37 -11.83
HN1 NH2 K 168 -68.10 82.78 -11.90
HN2 NH2 K 168 -67.31 84.26 -11.35
C ACE L 1 -60.69 10.75 14.49
O ACE L 1 -60.09 10.87 13.21
CH3 ACE L 1 -60.05 9.56 15.21
H1 ACE L 1 -58.97 9.68 15.30
H2 ACE L 1 -60.23 8.63 14.69
H3 ACE L 1 -60.45 9.47 16.22
N MET L 2 -60.39 11.97 15.20
CA MET L 2 -60.91 13.25 14.66
C MET L 2 -60.06 14.39 15.23
N ALA L 3 -59.50 15.23 14.35
CA ALA L 3 -58.70 16.40 14.67
C ALA L 3 -59.56 17.55 15.20
N SER L 4 -60.20 17.35 16.36
CA SER L 4 -61.17 18.24 16.98
C SER L 4 -60.99 18.26 18.50
N GLY L 5 -60.77 19.44 19.10
CA GLY L 5 -60.81 19.65 20.54
C GLY L 5 -62.26 19.62 21.08
N VAL L 6 -62.42 19.29 22.37
CA VAL L 6 -63.71 19.11 23.03
C VAL L 6 -64.45 20.45 23.26
N THR L 7 -65.75 20.43 23.57
CA THR L 7 -66.60 21.62 23.64
C THR L 7 -67.64 21.52 24.77
N VAL L 8 -68.34 22.61 25.05
CA VAL L 8 -69.28 22.73 26.16
C VAL L 8 -70.72 22.41 25.69
N ASN L 9 -71.49 21.77 26.58
CA ASN L 9 -72.91 21.48 26.42
C ASN L 9 -73.75 22.62 26.99
N ASP L 10 -75.07 22.57 26.79
CA ASP L 10 -76.03 23.59 27.23
C ASP L 10 -76.07 23.76 28.76
N GLU L 11 -76.06 22.67 29.54
CA GLU L 11 -76.17 22.71 31.00
C GLU L 11 -74.98 23.46 31.64
N VAL L 12 -73.77 23.32 31.07
CA VAL L 12 -72.56 24.10 31.34
C VAL L 12 -72.81 25.62 31.17
N ILE L 13 -73.56 26.02 30.13
CA ILE L 13 -73.95 27.41 29.87
C ILE L 13 -75.03 27.86 30.88
N LYS L 14 -75.98 26.99 31.24
CA LYS L 14 -77.07 27.27 32.17
C LYS L 14 -76.55 27.53 33.60
N VAL L 15 -75.73 26.62 34.15
CA VAL L 15 -75.21 26.73 35.52
C VAL L 15 -74.20 27.89 35.65
N PHE L 16 -73.46 28.20 34.57
CA PHE L 16 -72.64 29.40 34.46
C PHE L 16 -73.52 30.65 34.62
N ASN L 17 -74.59 30.77 33.82
CA ASN L 17 -75.49 31.94 33.84
C ASN L 17 -76.26 32.08 35.15
N ASP L 18 -76.56 30.97 35.86
CA ASP L 18 -77.20 31.01 37.18
C ASP L 18 -76.25 31.61 38.24
N MET L 19 -74.97 31.22 38.21
CA MET L 19 -73.95 31.63 39.18
C MET L 19 -73.33 32.99 38.81
N LYS L 20 -73.35 33.36 37.51
CA LYS L 20 -72.84 34.64 37.02
C LYS L 20 -73.72 35.80 37.49
N VAL L 21 -75.03 35.60 37.68
CA VAL L 21 -75.87 36.57 38.36
C VAL L 21 -75.80 36.29 39.89
N ARG L 22 -75.83 37.36 40.67
CA ARG L 22 -76.29 37.32 42.06
C ARG L 22 -77.82 37.31 42.02
N LYS L 23 -78.45 36.75 43.05
CA LYS L 23 -79.90 36.64 43.13
C LYS L 23 -80.46 37.78 44.00
N SER L 24 -81.73 37.66 44.41
CA SER L 24 -82.40 38.52 45.37
C SER L 24 -81.88 38.20 46.79
N SER L 25 -81.58 39.24 47.58
CA SER L 25 -81.04 39.21 48.93
C SER L 25 -81.78 38.26 49.89
N THR L 26 -83.08 38.50 50.09
CA THR L 26 -84.00 37.96 51.11
C THR L 26 -83.81 36.48 51.50
N GLN L 27 -83.60 35.58 50.52
CA GLN L 27 -83.03 34.26 50.81
C GLN L 27 -82.41 33.56 49.59
N GLU L 28 -82.70 33.97 48.35
CA GLU L 28 -82.20 33.31 47.15
C GLU L 28 -80.67 33.45 47.01
N GLU L 29 -80.07 34.56 47.47
CA GLU L 29 -78.63 34.69 47.61
C GLU L 29 -78.12 33.71 48.67
N ILE L 30 -78.72 33.82 49.86
CA ILE L 30 -78.30 33.21 51.12
C ILE L 30 -78.60 31.68 51.15
N LYS L 31 -79.25 31.11 50.13
CA LYS L 31 -79.53 29.67 49.99
C LYS L 31 -79.39 29.16 48.54
N LYS L 32 -78.68 29.86 47.64
CA LYS L 32 -78.34 29.35 46.30
C LYS L 32 -76.88 29.55 45.92
N ARG L 33 -76.20 30.59 46.44
CA ARG L 33 -74.81 30.90 46.07
C ARG L 33 -73.83 29.89 46.73
N LYS L 34 -73.73 28.70 46.12
CA LYS L 34 -72.51 27.90 46.14
C LYS L 34 -71.45 28.71 45.40
N LYS L 35 -70.37 29.06 46.10
CA LYS L 35 -69.39 30.04 45.60
C LYS L 35 -68.38 29.41 44.62
N ALA L 36 -68.66 28.19 44.13
CA ALA L 36 -67.93 27.48 43.10
C ALA L 36 -68.87 26.51 42.35
N VAL L 37 -68.41 26.07 41.18
CA VAL L 37 -68.91 24.93 40.42
C VAL L 37 -67.67 24.39 39.66
N LEU L 38 -67.67 23.13 39.24
CA LEU L 38 -66.58 22.54 38.47
C LEU L 38 -67.12 21.66 37.33
N PHE L 39 -66.31 21.49 36.28
CA PHE L 39 -66.70 20.89 35.01
C PHE L 39 -65.65 19.84 34.62
N CYS L 40 -66.11 18.75 34.02
CA CYS L 40 -65.37 17.54 33.71
C CYS L 40 -65.66 17.13 32.27
N LEU L 41 -64.83 16.25 31.71
CA LEU L 41 -65.01 15.60 30.41
C LEU L 41 -66.09 14.50 30.53
N SER L 42 -66.87 14.29 29.47
CA SER L 42 -67.85 13.21 29.33
C SER L 42 -67.19 11.82 29.29
N ASP L 43 -67.99 10.77 29.54
CA ASP L 43 -67.63 9.35 29.44
C ASP L 43 -67.41 8.98 27.95
N ASP L 44 -68.24 9.55 27.07
CA ASP L 44 -68.13 9.61 25.60
C ASP L 44 -66.79 10.24 25.17
N LYS L 45 -66.38 11.35 25.81
CA LYS L 45 -65.11 12.07 25.74
C LYS L 45 -65.07 13.17 24.68
N ARG L 46 -66.22 13.56 24.12
CA ARG L 46 -66.29 14.64 23.14
C ARG L 46 -66.57 15.98 23.81
N GLN L 47 -67.30 15.97 24.93
CA GLN L 47 -67.94 17.14 25.51
C GLN L 47 -67.47 17.37 26.94
N ILE L 48 -67.52 18.63 27.37
CA ILE L 48 -67.39 19.05 28.75
C ILE L 48 -68.81 19.12 29.34
N ILE L 49 -68.95 18.60 30.56
CA ILE L 49 -70.16 18.53 31.38
C ILE L 49 -69.86 19.09 32.78
N VAL L 50 -70.91 19.43 33.55
CA VAL L 50 -70.84 19.83 34.95
C VAL L 50 -70.54 18.60 35.86
N GLU L 51 -69.83 18.84 36.98
CA GLU L 51 -69.60 17.95 38.11
C GLU L 51 -69.71 18.80 39.39
N GLU L 52 -69.48 18.23 40.58
CA GLU L 52 -69.63 18.93 41.85
C GLU L 52 -68.24 19.49 42.24
N ALA L 53 -68.17 20.76 42.67
CA ALA L 53 -66.91 21.34 43.11
C ALA L 53 -66.55 20.96 44.56
N LYS L 54 -67.45 20.25 45.27
CA LYS L 54 -67.29 19.75 46.62
C LYS L 54 -67.36 20.95 47.58
N GLN L 55 -68.34 21.83 47.33
CA GLN L 55 -68.45 23.20 47.81
C GLN L 55 -69.77 23.42 48.57
N ILE L 56 -69.83 24.53 49.30
CA ILE L 56 -70.73 24.80 50.43
C ILE L 56 -71.42 26.18 50.17
N LEU L 57 -72.56 26.46 50.81
CA LEU L 57 -73.52 27.51 50.45
C LEU L 57 -73.39 28.76 51.34
N VAL L 58 -74.47 29.21 51.99
CA VAL L 58 -74.57 30.38 52.87
C VAL L 58 -75.53 30.11 54.05
N GLY L 59 -75.33 29.01 54.80
CA GLY L 59 -75.96 28.77 56.10
C GLY L 59 -74.89 28.12 56.97
N ASP L 60 -74.59 26.89 56.57
CA ASP L 60 -73.35 26.11 56.68
C ASP L 60 -72.08 26.92 57.01
N ILE L 61 -71.75 27.96 56.22
CA ILE L 61 -70.57 28.84 56.41
C ILE L 61 -70.65 29.79 57.63
N GLY L 62 -71.78 29.78 58.35
CA GLY L 62 -71.98 30.44 59.64
C GLY L 62 -72.34 29.41 60.72
N ASP L 63 -73.13 28.38 60.36
CA ASP L 63 -73.61 27.34 61.26
C ASP L 63 -72.49 26.39 61.72
N THR L 64 -71.52 26.03 60.85
CA THR L 64 -70.48 25.06 61.22
C THR L 64 -69.17 25.16 60.41
N VAL L 65 -69.23 25.54 59.13
CA VAL L 65 -68.10 25.50 58.20
C VAL L 65 -67.39 26.86 58.20
N GLU L 66 -66.07 26.86 57.99
CA GLU L 66 -65.22 28.05 58.06
C GLU L 66 -65.37 28.96 56.81
N ASP L 67 -65.58 28.42 55.60
CA ASP L 67 -65.89 29.19 54.38
C ASP L 67 -66.61 28.27 53.35
N PRO L 68 -67.26 28.80 52.29
CA PRO L 68 -68.00 28.02 51.28
C PRO L 68 -67.12 27.24 50.27
N TYR L 69 -65.87 27.66 50.09
CA TYR L 69 -64.94 27.18 49.09
C TYR L 69 -63.79 26.38 49.74
N THR L 70 -63.63 26.50 51.07
CA THR L 70 -62.66 25.94 52.04
C THR L 70 -62.10 24.53 51.76
N SER L 71 -62.78 23.70 50.97
CA SER L 71 -62.47 22.30 50.74
C SER L 71 -62.38 21.87 49.28
N PHE L 72 -62.51 22.81 48.34
CA PHE L 72 -62.21 22.62 46.91
C PHE L 72 -60.77 22.10 46.72
N VAL L 73 -59.79 22.84 47.26
CA VAL L 73 -58.35 22.65 47.08
C VAL L 73 -57.79 21.31 47.60
N LYS L 74 -58.52 20.64 48.49
CA LYS L 74 -58.15 19.34 49.08
C LYS L 74 -58.88 18.18 48.40
N LEU L 75 -59.83 18.45 47.50
CA LEU L 75 -60.73 17.46 46.89
C LEU L 75 -60.64 17.52 45.36
N LEU L 76 -59.49 18.00 44.84
CA LEU L 76 -59.13 17.98 43.42
C LEU L 76 -58.36 16.68 43.14
N PRO L 77 -58.50 16.07 41.94
CA PRO L 77 -57.69 14.91 41.56
C PRO L 77 -56.28 15.38 41.21
N LEU L 78 -55.25 14.78 41.80
CA LEU L 78 -53.85 15.14 41.58
C LEU L 78 -53.27 14.41 40.34
N ASN L 79 -54.08 13.56 39.70
CA ASN L 79 -53.75 12.72 38.55
C ASN L 79 -54.81 12.81 37.45
N ASP L 80 -55.64 13.86 37.45
CA ASP L 80 -56.55 14.25 36.37
C ASP L 80 -56.63 15.78 36.34
N CYS L 81 -57.08 16.37 35.24
CA CYS L 81 -57.30 17.80 35.06
C CYS L 81 -58.81 18.04 35.07
N ARG L 82 -59.24 19.27 35.38
CA ARG L 82 -60.63 19.72 35.24
C ARG L 82 -60.71 21.25 35.29
N TYR L 83 -61.88 21.81 35.00
CA TYR L 83 -62.12 23.25 35.09
C TYR L 83 -62.94 23.53 36.34
N ALA L 84 -62.81 24.72 36.92
CA ALA L 84 -63.66 25.23 37.99
C ALA L 84 -64.03 26.69 37.78
N LEU L 85 -65.10 27.10 38.43
CA LEU L 85 -65.58 28.47 38.56
C LEU L 85 -65.47 28.81 40.05
N TYR L 86 -65.21 30.07 40.37
CA TYR L 86 -65.30 30.63 41.72
C TYR L 86 -66.05 31.98 41.60
N ASP L 87 -66.99 32.22 42.52
CA ASP L 87 -67.71 33.47 42.72
C ASP L 87 -67.09 34.03 43.99
N ALA L 88 -66.23 35.05 43.89
CA ALA L 88 -65.49 35.57 45.03
C ALA L 88 -66.36 36.57 45.79
N THR L 89 -66.02 36.87 47.04
CA THR L 89 -66.62 37.96 47.81
C THR L 89 -65.52 38.60 48.65
N TYR L 90 -65.19 39.88 48.40
CA TYR L 90 -64.07 40.59 48.98
C TYR L 90 -64.39 42.07 49.22
N GLU L 91 -63.54 42.72 50.03
CA GLU L 91 -63.52 44.16 50.30
C GLU L 91 -62.12 44.59 49.89
N THR L 92 -62.02 45.56 48.97
CA THR L 92 -60.79 45.94 48.29
C THR L 92 -59.85 46.76 49.21
N LYS L 93 -59.90 48.08 49.02
CA LYS L 93 -59.23 49.17 49.73
C LYS L 93 -60.16 50.40 49.76
N GLU L 94 -61.37 50.31 49.17
CA GLU L 94 -62.34 51.39 49.01
C GLU L 94 -63.75 50.81 49.08
N SER L 95 -64.01 49.79 48.27
CA SER L 95 -65.33 49.21 48.08
C SER L 95 -65.32 47.67 48.04
N LYS L 96 -66.51 47.09 48.18
CA LYS L 96 -66.79 45.66 48.11
C LYS L 96 -66.71 45.22 46.64
N LYS L 97 -66.29 43.99 46.38
CA LYS L 97 -66.27 43.36 45.05
C LYS L 97 -66.57 41.86 45.18
N GLU L 98 -67.14 41.28 44.12
CA GLU L 98 -67.83 40.00 44.15
C GLU L 98 -67.77 39.29 42.79
N ASP L 99 -66.66 39.47 42.10
CA ASP L 99 -66.42 39.14 40.69
C ASP L 99 -66.20 37.64 40.50
N LEU L 100 -66.49 37.16 39.28
CA LEU L 100 -66.46 35.76 38.93
C LEU L 100 -65.09 35.40 38.34
N VAL L 101 -64.64 34.20 38.67
CA VAL L 101 -63.33 33.63 38.41
C VAL L 101 -63.52 32.34 37.59
N PHE L 102 -62.64 32.08 36.61
CA PHE L 102 -62.49 30.81 35.92
C PHE L 102 -61.15 30.21 36.34
N ILE L 103 -61.12 28.90 36.55
CA ILE L 103 -59.98 28.14 37.01
C ILE L 103 -59.78 26.96 36.03
N PHE L 104 -58.57 26.79 35.50
CA PHE L 104 -58.13 25.56 34.86
C PHE L 104 -57.18 24.88 35.85
N TRP L 105 -57.53 23.68 36.32
CA TRP L 105 -56.70 22.82 37.15
C TRP L 105 -56.10 21.76 36.20
N ALA L 106 -54.78 21.75 36.08
CA ALA L 106 -54.03 20.75 35.31
C ALA L 106 -52.73 20.38 36.02
N PRO L 107 -52.73 19.43 36.98
CA PRO L 107 -51.53 19.06 37.73
C PRO L 107 -50.58 18.24 36.85
N GLU L 108 -49.26 18.42 37.02
CA GLU L 108 -48.24 17.88 36.11
C GLU L 108 -48.27 16.35 35.98
N SER L 109 -48.68 15.67 37.04
CA SER L 109 -48.75 14.21 37.17
C SER L 109 -50.08 13.63 36.63
N ALA L 110 -50.95 14.44 36.02
CA ALA L 110 -52.10 13.96 35.24
C ALA L 110 -51.62 13.44 33.87
N PRO L 111 -52.31 12.46 33.22
CA PRO L 111 -52.02 11.99 31.86
C PRO L 111 -51.88 13.13 30.83
N LEU L 112 -50.91 13.03 29.91
CA LEU L 112 -50.67 14.00 28.82
C LEU L 112 -51.93 14.20 27.95
N LYS L 113 -52.68 13.12 27.73
CA LYS L 113 -53.99 13.11 27.09
C LYS L 113 -55.04 13.95 27.86
N SER L 114 -55.08 13.91 29.21
CA SER L 114 -55.99 14.74 30.01
C SER L 114 -55.55 16.22 29.94
N LYS L 115 -54.26 16.49 30.15
CA LYS L 115 -53.65 17.82 30.09
C LYS L 115 -53.92 18.54 28.76
N MET L 116 -53.81 17.81 27.64
CA MET L 116 -54.01 18.33 26.30
C MET L 116 -55.49 18.52 25.96
N ILE L 117 -56.37 17.59 26.32
CA ILE L 117 -57.80 17.65 26.04
C ILE L 117 -58.42 18.91 26.68
N TYR L 118 -58.22 19.10 27.99
CA TYR L 118 -58.77 20.25 28.70
C TYR L 118 -58.03 21.56 28.34
N ALA L 119 -56.79 21.51 27.82
CA ALA L 119 -56.10 22.70 27.31
C ALA L 119 -56.70 23.12 25.96
N SER L 120 -57.02 22.16 25.08
CA SER L 120 -57.56 22.41 23.73
C SER L 120 -58.89 23.19 23.77
N SER L 121 -59.75 22.86 24.74
CA SER L 121 -61.10 23.39 24.86
C SER L 121 -61.17 24.60 25.81
N LYS L 122 -60.04 25.00 26.43
CA LYS L 122 -59.98 26.03 27.47
C LYS L 122 -60.44 27.40 26.97
N ASP L 123 -60.12 27.74 25.72
CA ASP L 123 -60.57 28.98 25.08
C ASP L 123 -62.08 28.89 24.75
N ALA L 124 -62.53 27.73 24.25
CA ALA L 124 -63.91 27.46 23.85
C ALA L 124 -64.93 27.58 25.00
N ILE L 125 -64.58 27.12 26.21
CA ILE L 125 -65.42 27.29 27.40
C ILE L 125 -65.43 28.77 27.86
N LYS L 126 -64.26 29.42 27.92
CA LYS L 126 -64.13 30.78 28.46
C LYS L 126 -64.70 31.84 27.52
N LYS L 127 -64.76 31.57 26.22
CA LYS L 127 -65.41 32.38 25.19
C LYS L 127 -66.94 32.24 25.27
N LYS L 128 -67.45 31.13 25.80
CA LYS L 128 -68.88 30.96 26.10
C LYS L 128 -69.21 31.60 27.45
N PHE L 129 -68.33 31.52 28.44
CA PHE L 129 -68.48 32.08 29.79
C PHE L 129 -68.14 33.59 29.80
N THR L 130 -68.96 34.41 29.15
CA THR L 130 -68.83 35.87 29.12
C THR L 130 -69.32 36.49 30.46
N GLY L 131 -68.46 36.42 31.48
CA GLY L 131 -68.68 37.02 32.79
C GLY L 131 -67.55 36.84 33.80
N ILE L 132 -66.40 36.34 33.36
CA ILE L 132 -65.21 36.10 34.17
C ILE L 132 -64.29 37.30 34.01
N LYS L 133 -63.70 37.78 35.11
CA LYS L 133 -62.58 38.71 35.09
C LYS L 133 -61.27 37.98 35.43
N HIS L 134 -61.27 37.22 36.53
CA HIS L 134 -60.07 36.57 37.06
C HIS L 134 -59.89 35.22 36.35
N GLU L 135 -58.86 35.12 35.50
CA GLU L 135 -58.46 33.90 34.81
C GLU L 135 -57.35 33.26 35.66
N TRP L 136 -57.59 32.08 36.21
CA TRP L 136 -56.61 31.35 37.01
C TRP L 136 -56.17 30.10 36.24
N GLN L 137 -54.93 30.12 35.76
CA GLN L 137 -54.19 28.92 35.40
C GLN L 137 -53.67 28.33 36.73
N VAL L 138 -53.88 27.03 36.98
CA VAL L 138 -53.43 26.32 38.17
C VAL L 138 -52.82 24.98 37.74
N ASN L 139 -51.56 24.73 38.12
CA ASN L 139 -50.80 23.52 37.76
C ASN L 139 -50.15 22.82 38.96
N GLY L 140 -50.35 23.32 40.17
CA GLY L 140 -49.71 22.79 41.37
C GLY L 140 -50.54 23.13 42.61
N LEU L 141 -50.19 22.48 43.73
CA LEU L 141 -50.79 22.70 45.05
C LEU L 141 -50.03 23.78 45.83
N ASP L 142 -48.87 24.24 45.33
CA ASP L 142 -48.17 25.45 45.77
C ASP L 142 -49.04 26.66 45.35
N ASP L 143 -49.51 26.62 44.10
CA ASP L 143 -50.17 27.68 43.36
C ASP L 143 -51.66 27.89 43.74
N ILE L 144 -52.22 27.09 44.67
CA ILE L 144 -53.57 27.26 45.22
C ILE L 144 -53.64 26.83 46.71
N LYS L 145 -52.53 26.96 47.45
CA LYS L 145 -52.31 26.38 48.78
C LYS L 145 -53.34 26.73 49.88
N ASP L 146 -53.92 27.93 49.85
CA ASP L 146 -54.73 28.51 50.91
C ASP L 146 -55.53 29.70 50.37
N ARG L 147 -56.39 30.29 51.23
CA ARG L 147 -57.26 31.43 50.93
C ARG L 147 -56.51 32.76 50.81
N SER L 148 -55.30 32.88 51.37
CA SER L 148 -54.43 34.05 51.16
C SER L 148 -53.81 34.02 49.75
N THR L 149 -53.51 32.84 49.21
CA THR L 149 -53.13 32.66 47.80
C THR L 149 -54.30 32.88 46.84
N LEU L 150 -55.55 32.71 47.28
CA LEU L 150 -56.72 33.20 46.53
C LEU L 150 -56.75 34.74 46.53
N GLY L 151 -56.24 35.40 47.58
CA GLY L 151 -56.00 36.84 47.64
C GLY L 151 -54.94 37.32 46.65
N GLU L 152 -53.84 36.56 46.48
CA GLU L 152 -52.80 36.77 45.46
C GLU L 152 -53.41 36.71 44.04
N LYS L 153 -54.21 35.67 43.77
CA LYS L 153 -54.86 35.40 42.50
C LYS L 153 -56.10 36.33 42.27
N LEU L 154 -56.60 37.02 43.31
CA LEU L 154 -57.57 38.13 43.22
C LEU L 154 -56.84 39.50 43.17
N GLY L 155 -55.52 39.51 43.00
CA GLY L 155 -54.73 40.68 42.66
C GLY L 155 -54.04 41.36 43.86
N GLY L 156 -54.08 40.76 45.06
CA GLY L 156 -53.33 41.12 46.28
C GLY L 156 -53.67 42.47 46.92
N ASN L 157 -54.29 43.40 46.17
CA ASN L 157 -54.65 44.76 46.56
C ASN L 157 -56.06 44.80 47.19
N VAL L 158 -56.52 43.65 47.67
CA VAL L 158 -57.84 43.38 48.22
C VAL L 158 -57.57 42.63 49.54
N VAL L 159 -57.70 43.33 50.68
CA VAL L 159 -57.09 42.90 51.94
C VAL L 159 -58.03 42.94 53.15
N VAL L 160 -59.14 43.67 53.05
CA VAL L 160 -60.03 43.97 54.18
C VAL L 160 -61.06 42.83 54.36
N SER L 161 -61.39 42.07 53.31
CA SER L 161 -62.22 40.87 53.38
C SER L 161 -61.89 39.97 52.20
N LEU L 162 -61.85 38.66 52.41
CA LEU L 162 -61.63 37.58 51.45
C LEU L 162 -62.50 36.40 51.93
N GLU L 163 -63.72 36.29 51.42
CA GLU L 163 -64.70 35.22 51.66
C GLU L 163 -65.20 35.21 53.13
N GLY L 164 -65.36 36.42 53.69
CA GLY L 164 -65.91 36.70 55.01
C GLY L 164 -64.87 36.79 56.12
N LYS L 165 -63.57 36.90 55.81
CA LYS L 165 -62.49 37.13 56.77
C LYS L 165 -61.34 37.91 56.10
N PRO L 166 -60.56 38.75 56.82
CA PRO L 166 -59.56 39.64 56.21
C PRO L 166 -58.23 38.93 55.88
N LEU L 167 -57.38 39.61 55.09
CA LEU L 167 -55.93 39.42 55.08
C LEU L 167 -55.35 40.38 56.13
N NH2 L 168 -55.87 41.61 56.20
HN1 NH2 L 168 -55.49 42.24 56.89
HN2 NH2 L 168 -56.57 41.91 55.54
C ACE M 1 13.72 36.80 19.12
O ACE M 1 14.23 36.54 20.41
CH3 ACE M 1 14.93 36.94 18.19
H1 ACE M 1 15.54 36.03 18.21
H2 ACE M 1 15.59 37.75 18.49
H3 ACE M 1 14.62 37.11 17.15
N MET M 2 13.05 38.07 19.23
CA MET M 2 11.86 38.09 20.10
C MET M 2 10.51 37.88 19.38
N ALA M 3 10.48 37.86 18.04
CA ALA M 3 9.32 37.46 17.22
C ALA M 3 8.13 38.42 17.27
N SER M 4 8.33 39.66 17.72
CA SER M 4 7.27 40.59 18.10
C SER M 4 6.75 41.44 16.93
N GLY M 5 7.45 41.47 15.79
CA GLY M 5 7.37 42.58 14.86
C GLY M 5 8.23 43.74 15.39
N VAL M 6 8.31 44.84 14.63
CA VAL M 6 9.10 46.03 14.93
C VAL M 6 8.26 47.30 14.74
N THR M 7 8.76 48.47 15.21
CA THR M 7 7.93 49.64 15.52
C THR M 7 8.26 50.84 14.62
N VAL M 8 7.44 51.89 14.68
CA VAL M 8 7.60 53.11 13.90
C VAL M 8 8.41 54.15 14.68
N ASN M 9 9.30 54.87 13.97
CA ASN M 9 9.82 56.17 14.38
C ASN M 9 8.69 57.20 14.34
N ASP M 10 8.74 58.24 15.19
CA ASP M 10 7.69 59.26 15.31
C ASP M 10 7.55 60.13 14.04
N GLU M 11 8.58 60.13 13.18
CA GLU M 11 8.65 60.73 11.84
C GLU M 11 7.43 60.39 10.95
N VAL M 12 7.02 59.12 10.94
CA VAL M 12 5.91 58.64 10.12
C VAL M 12 4.56 59.19 10.65
N ILE M 13 4.48 59.45 11.96
CA ILE M 13 3.29 59.93 12.66
C ILE M 13 3.21 61.47 12.50
N LYS M 14 4.35 62.16 12.42
CA LYS M 14 4.47 63.60 12.14
C LYS M 14 3.95 63.92 10.72
N VAL M 15 4.48 63.24 9.68
CA VAL M 15 4.03 63.43 8.29
C VAL M 15 2.59 62.95 8.08
N PHE M 16 2.12 61.93 8.82
CA PHE M 16 0.72 61.48 8.79
C PHE M 16 -0.25 62.58 9.22
N ASN M 17 0.07 63.33 10.28
CA ASN M 17 -0.79 64.43 10.76
C ASN M 17 -0.73 65.67 9.85
N ASP M 18 0.34 65.83 9.04
CA ASP M 18 0.41 66.84 7.97
C ASP M 18 -0.50 66.44 6.79
N MET M 19 -0.53 65.13 6.49
CA MET M 19 -1.20 64.50 5.35
C MET M 19 -2.70 64.24 5.58
N LYS M 20 -3.15 63.90 6.80
CA LYS M 20 -4.49 63.33 7.03
C LYS M 20 -5.61 64.37 6.86
N VAL M 21 -5.34 65.63 7.15
CA VAL M 21 -6.28 66.74 7.05
C VAL M 21 -6.27 67.28 5.62
N ARG M 22 -7.37 67.91 5.20
CA ARG M 22 -7.32 68.98 4.21
C ARG M 22 -6.88 70.22 4.99
N LYS M 23 -5.96 70.97 4.41
CA LYS M 23 -5.29 72.10 5.05
C LYS M 23 -5.95 73.39 4.55
N SER M 24 -5.52 74.55 5.08
CA SER M 24 -5.95 75.88 4.65
C SER M 24 -5.80 76.07 3.12
N SER M 25 -6.90 76.40 2.46
CA SER M 25 -7.07 76.53 1.01
C SER M 25 -6.14 77.60 0.41
N THR M 26 -5.89 78.68 1.15
CA THR M 26 -5.26 79.92 0.74
C THR M 26 -3.76 79.72 0.42
N GLN M 27 -3.08 78.77 1.10
CA GLN M 27 -1.65 78.48 0.93
C GLN M 27 -1.28 77.00 1.07
N GLU M 28 -1.79 76.30 2.09
CA GLU M 28 -1.30 74.97 2.43
C GLU M 28 -1.74 73.92 1.39
N GLU M 29 -2.96 74.03 0.86
CA GLU M 29 -3.44 73.17 -0.24
C GLU M 29 -2.84 73.57 -1.60
N ILE M 30 -2.06 74.65 -1.69
CA ILE M 30 -1.38 75.06 -2.92
C ILE M 30 -0.05 74.30 -3.02
N LYS M 31 0.91 74.55 -2.12
CA LYS M 31 2.29 74.07 -2.26
C LYS M 31 2.89 73.53 -0.95
N LYS M 32 2.06 73.00 -0.03
CA LYS M 32 2.50 72.30 1.18
C LYS M 32 1.86 70.91 1.26
N ARG M 33 0.61 70.78 0.80
CA ARG M 33 -0.13 69.55 0.62
C ARG M 33 0.47 68.82 -0.60
N LYS M 34 1.16 67.73 -0.31
CA LYS M 34 1.32 66.55 -1.14
C LYS M 34 0.37 65.50 -0.54
N LYS M 35 0.16 64.40 -1.24
CA LYS M 35 -0.88 63.43 -0.90
C LYS M 35 -0.44 61.97 -1.04
N ALA M 36 0.88 61.72 -1.10
CA ALA M 36 1.50 60.41 -1.14
C ALA M 36 2.78 60.45 -0.31
N VAL M 37 3.17 59.32 0.29
CA VAL M 37 4.40 59.07 1.03
C VAL M 37 4.72 57.58 0.94
N LEU M 38 6.01 57.20 1.05
CA LEU M 38 6.52 55.84 1.10
C LEU M 38 7.38 55.73 2.36
N PHE M 39 7.29 54.59 3.06
CA PHE M 39 8.06 54.23 4.25
C PHE M 39 8.82 52.93 3.97
N CYS M 40 9.94 52.74 4.67
CA CYS M 40 10.89 51.63 4.60
C CYS M 40 11.20 51.15 6.02
N LEU M 41 11.61 49.88 6.17
CA LEU M 41 12.14 49.29 7.39
C LEU M 41 13.66 49.58 7.41
N SER M 42 14.17 50.17 8.50
CA SER M 42 15.56 50.56 8.75
C SER M 42 16.53 49.36 8.68
N ASP M 43 17.83 49.57 8.47
CA ASP M 43 18.82 48.50 8.22
C ASP M 43 19.58 48.04 9.47
N ASP M 44 19.32 48.64 10.63
CA ASP M 44 19.46 48.02 11.96
C ASP M 44 18.32 47.00 12.17
N LYS M 45 17.17 47.25 11.55
CA LYS M 45 15.98 46.42 11.40
C LYS M 45 15.04 46.48 12.63
N ARG M 46 15.15 47.52 13.47
CA ARG M 46 14.27 47.74 14.62
C ARG M 46 13.17 48.77 14.32
N GLN M 47 13.30 49.62 13.29
CA GLN M 47 12.42 50.77 13.07
C GLN M 47 11.87 50.87 11.64
N ILE M 48 10.63 51.34 11.50
CA ILE M 48 10.05 51.81 10.24
C ILE M 48 10.29 53.34 10.16
N ILE M 49 10.79 53.79 9.00
CA ILE M 49 11.28 55.12 8.66
C ILE M 49 10.69 55.57 7.30
N VAL M 50 10.87 56.85 6.94
CA VAL M 50 10.58 57.41 5.61
C VAL M 50 11.65 56.96 4.59
N GLU M 51 11.29 56.96 3.30
CA GLU M 51 12.17 56.72 2.16
C GLU M 51 11.72 57.66 1.01
N GLU M 52 12.50 57.68 -0.08
CA GLU M 52 12.23 58.41 -1.31
C GLU M 52 11.08 57.73 -2.07
N ALA M 53 10.37 58.53 -2.85
CA ALA M 53 9.19 58.29 -3.67
C ALA M 53 8.59 59.68 -3.83
N LYS M 54 8.12 60.03 -5.03
CA LYS M 54 7.86 61.42 -5.36
C LYS M 54 6.54 61.89 -4.74
N GLN M 55 6.65 62.53 -3.58
CA GLN M 55 5.59 63.20 -2.80
C GLN M 55 5.25 64.56 -3.48
N ILE M 56 4.71 64.47 -4.70
CA ILE M 56 4.32 65.59 -5.57
C ILE M 56 3.16 66.35 -4.90
N LEU M 57 3.25 67.69 -4.92
CA LEU M 57 2.31 68.61 -4.30
C LEU M 57 1.09 68.81 -5.21
N VAL M 58 -0.03 69.24 -4.64
CA VAL M 58 -1.27 69.59 -5.36
C VAL M 58 -1.03 70.69 -6.41
N GLY M 59 -0.16 71.66 -6.11
CA GLY M 59 0.21 72.74 -7.02
C GLY M 59 1.10 72.30 -8.18
N ASP M 60 1.82 71.18 -8.08
CA ASP M 60 2.70 70.65 -9.14
C ASP M 60 1.90 70.15 -10.35
N ILE M 61 0.62 69.80 -10.12
CA ILE M 61 -0.39 69.47 -11.13
C ILE M 61 -0.77 70.75 -11.91
N GLY M 62 -0.62 71.92 -11.29
CA GLY M 62 -0.79 73.23 -11.90
C GLY M 62 0.48 73.73 -12.61
N ASP M 63 1.67 73.22 -12.23
CA ASP M 63 2.94 73.57 -12.84
C ASP M 63 3.10 72.84 -14.19
N THR M 64 3.20 71.49 -14.17
CA THR M 64 3.67 70.70 -15.32
C THR M 64 3.40 69.18 -15.17
N VAL M 65 2.50 68.72 -14.29
CA VAL M 65 2.38 67.30 -13.90
C VAL M 65 0.92 66.83 -14.01
N GLU M 66 0.73 65.50 -13.99
CA GLU M 66 -0.53 64.79 -13.80
C GLU M 66 -0.80 64.75 -12.28
N ASP M 67 -1.87 64.07 -11.85
CA ASP M 67 -2.14 63.67 -10.46
C ASP M 67 -0.88 63.00 -9.84
N PRO M 68 -0.62 63.24 -8.54
CA PRO M 68 0.66 62.90 -7.92
C PRO M 68 0.82 61.39 -7.73
N TYR M 69 -0.28 60.62 -7.63
CA TYR M 69 -0.26 59.18 -7.57
C TYR M 69 0.26 58.61 -8.89
N THR M 70 -0.22 59.13 -10.04
CA THR M 70 0.22 58.79 -11.39
C THR M 70 1.62 59.38 -11.74
N SER M 71 2.37 59.88 -10.74
CA SER M 71 3.80 60.19 -10.85
C SER M 71 4.68 59.69 -9.70
N PHE M 72 4.10 59.43 -8.52
CA PHE M 72 4.64 58.68 -7.40
C PHE M 72 5.01 57.24 -7.81
N VAL M 73 4.09 56.52 -8.48
CA VAL M 73 4.20 55.09 -8.83
C VAL M 73 5.30 54.73 -9.87
N LYS M 74 6.12 55.70 -10.29
CA LYS M 74 7.32 55.50 -11.11
C LYS M 74 8.59 55.35 -10.23
N LEU M 75 8.46 55.44 -8.90
CA LEU M 75 9.55 55.25 -7.94
C LEU M 75 9.04 54.43 -6.75
N LEU M 76 8.57 53.21 -7.05
CA LEU M 76 8.31 52.17 -6.07
C LEU M 76 9.40 51.10 -6.28
N PRO M 77 10.13 50.65 -5.23
CA PRO M 77 11.06 49.50 -5.31
C PRO M 77 10.39 48.23 -5.88
N LEU M 78 10.94 47.70 -6.98
CA LEU M 78 10.35 46.58 -7.72
C LEU M 78 10.68 45.22 -7.06
N ASN M 79 11.65 45.22 -6.14
CA ASN M 79 12.27 44.04 -5.53
C ASN M 79 12.41 44.17 -4.01
N ASP M 80 11.74 45.15 -3.37
CA ASP M 80 11.64 45.30 -1.91
C ASP M 80 10.19 45.65 -1.55
N CYS M 81 9.75 45.24 -0.36
CA CYS M 81 8.43 45.51 0.18
C CYS M 81 8.48 46.86 0.90
N ARG M 82 7.39 47.61 0.93
CA ARG M 82 7.31 48.95 1.50
C ARG M 82 5.90 49.17 2.08
N TYR M 83 5.70 50.28 2.78
CA TYR M 83 4.36 50.80 3.05
C TYR M 83 4.29 52.12 2.28
N ALA M 84 3.19 52.37 1.56
CA ALA M 84 2.83 53.68 1.06
C ALA M 84 1.56 54.13 1.81
N LEU M 85 1.36 55.44 1.86
CA LEU M 85 0.18 56.08 2.39
C LEU M 85 -0.28 57.08 1.34
N TYR M 86 -1.59 57.16 1.11
CA TYR M 86 -2.22 57.93 0.04
C TYR M 86 -3.58 58.42 0.54
N ASP M 87 -3.89 59.70 0.23
CA ASP M 87 -5.19 60.33 0.43
C ASP M 87 -5.89 60.26 -0.94
N ALA M 88 -6.87 59.37 -1.06
CA ALA M 88 -7.56 59.03 -2.31
C ALA M 88 -8.79 59.94 -2.42
N THR M 89 -8.84 60.75 -3.48
CA THR M 89 -9.82 61.80 -3.69
C THR M 89 -10.75 61.29 -4.79
N TYR M 90 -12.00 60.96 -4.44
CA TYR M 90 -12.97 60.26 -5.28
C TYR M 90 -14.29 61.03 -5.35
N GLU M 91 -15.07 60.72 -6.38
CA GLU M 91 -15.93 61.69 -7.04
C GLU M 91 -17.11 60.88 -7.54
N THR M 92 -18.17 60.82 -6.73
CA THR M 92 -19.26 59.85 -6.89
C THR M 92 -20.50 60.54 -7.46
N LYS M 93 -21.46 59.72 -7.90
CA LYS M 93 -22.84 59.97 -8.35
C LYS M 93 -23.74 60.96 -7.54
N GLU M 94 -23.19 61.65 -6.53
CA GLU M 94 -23.88 62.51 -5.58
C GLU M 94 -22.94 63.65 -5.18
N SER M 95 -21.72 63.29 -4.74
CA SER M 95 -20.78 64.19 -4.08
C SER M 95 -19.34 63.69 -4.24
N LYS M 96 -18.38 64.56 -3.92
CA LYS M 96 -16.99 64.20 -3.70
C LYS M 96 -16.81 63.71 -2.27
N LYS M 97 -15.88 62.77 -2.09
CA LYS M 97 -15.35 62.33 -0.81
C LYS M 97 -13.86 62.11 -1.00
N GLU M 98 -13.10 62.13 0.10
CA GLU M 98 -11.67 61.95 0.11
C GLU M 98 -11.37 61.07 1.32
N ASP M 99 -10.74 59.90 1.16
CA ASP M 99 -10.44 58.91 2.23
C ASP M 99 -9.00 58.42 2.12
N LEU M 100 -8.39 58.09 3.26
CA LEU M 100 -6.99 57.68 3.35
C LEU M 100 -6.89 56.15 3.36
N VAL M 101 -5.93 55.64 2.58
CA VAL M 101 -5.68 54.22 2.34
C VAL M 101 -4.30 53.87 2.92
N PHE M 102 -4.20 52.77 3.68
CA PHE M 102 -2.92 52.14 4.01
C PHE M 102 -2.60 51.15 2.89
N ILE M 103 -1.42 51.28 2.28
CA ILE M 103 -0.99 50.47 1.13
C ILE M 103 0.26 49.69 1.58
N PHE M 104 0.12 48.40 1.86
CA PHE M 104 1.25 47.50 2.05
C PHE M 104 1.67 47.02 0.65
N TRP M 105 2.89 47.37 0.24
CA TRP M 105 3.49 46.96 -1.03
C TRP M 105 4.41 45.78 -0.71
N ALA M 106 4.24 44.65 -1.38
CA ALA M 106 5.08 43.47 -1.24
C ALA M 106 5.27 42.76 -2.58
N PRO M 107 6.20 43.20 -3.46
CA PRO M 107 6.33 42.63 -4.81
C PRO M 107 6.83 41.19 -4.77
N GLU M 108 6.25 40.33 -5.61
CA GLU M 108 6.43 38.87 -5.58
C GLU M 108 7.91 38.42 -5.70
N SER M 109 8.77 39.19 -6.37
CA SER M 109 10.21 38.93 -6.50
C SER M 109 11.00 39.21 -5.20
N ALA M 110 10.46 40.02 -4.26
CA ALA M 110 11.22 40.57 -3.14
C ALA M 110 11.67 39.49 -2.14
N PRO M 111 12.83 39.67 -1.44
CA PRO M 111 13.33 38.76 -0.40
C PRO M 111 12.28 38.35 0.65
N LEU M 112 12.28 37.06 1.02
CA LEU M 112 11.35 36.49 2.02
C LEU M 112 11.56 37.14 3.40
N LYS M 113 12.80 37.54 3.69
CA LYS M 113 13.23 38.22 4.90
C LYS M 113 12.78 39.70 4.94
N SER M 114 12.47 40.33 3.78
CA SER M 114 11.78 41.62 3.75
C SER M 114 10.29 41.36 4.04
N LYS M 115 9.64 40.55 3.18
CA LYS M 115 8.22 40.15 3.21
C LYS M 115 7.63 39.91 4.61
N MET M 116 8.23 38.96 5.34
CA MET M 116 7.87 38.56 6.70
C MET M 116 7.92 39.73 7.70
N ILE M 117 9.05 40.46 7.79
CA ILE M 117 9.24 41.52 8.80
C ILE M 117 8.30 42.72 8.51
N TYR M 118 8.12 43.10 7.24
CA TYR M 118 7.18 44.14 6.85
C TYR M 118 5.73 43.69 7.07
N ALA M 119 5.37 42.45 6.76
CA ALA M 119 4.00 41.94 6.88
C ALA M 119 3.53 41.83 8.35
N SER M 120 4.43 41.41 9.26
CA SER M 120 4.15 41.36 10.70
C SER M 120 4.09 42.77 11.33
N SER M 121 5.00 43.68 10.95
CA SER M 121 5.09 45.00 11.56
C SER M 121 4.06 45.99 11.00
N LYS M 122 3.35 45.66 9.90
CA LYS M 122 2.41 46.56 9.23
C LYS M 122 1.16 46.83 10.10
N ASP M 123 0.77 45.86 10.95
CA ASP M 123 -0.34 45.99 11.90
C ASP M 123 0.02 47.00 13.01
N ALA M 124 1.31 47.09 13.37
CA ALA M 124 1.90 48.03 14.32
C ALA M 124 2.17 49.42 13.72
N ILE M 125 1.65 49.72 12.51
CA ILE M 125 1.61 51.04 11.88
C ILE M 125 0.17 51.36 11.42
N LYS M 126 -0.59 50.34 10.98
CA LYS M 126 -2.06 50.35 10.82
C LYS M 126 -2.75 50.89 12.09
N LYS M 127 -2.44 50.30 13.25
CA LYS M 127 -2.93 50.69 14.57
C LYS M 127 -2.26 51.98 15.13
N LYS M 128 -1.55 52.75 14.30
CA LYS M 128 -0.95 54.04 14.66
C LYS M 128 -1.52 55.19 13.82
N PHE M 129 -2.14 54.91 12.66
CA PHE M 129 -2.61 55.92 11.72
C PHE M 129 -4.14 55.98 11.78
N THR M 130 -4.67 56.48 12.91
CA THR M 130 -6.09 56.77 13.10
C THR M 130 -6.50 57.87 12.10
N GLY M 131 -7.27 57.48 11.07
CA GLY M 131 -7.67 58.30 9.94
C GLY M 131 -7.59 57.54 8.62
N ILE M 132 -6.90 56.39 8.55
CA ILE M 132 -7.08 55.42 7.46
C ILE M 132 -8.48 54.81 7.59
N LYS M 133 -9.18 54.62 6.47
CA LYS M 133 -10.54 54.06 6.43
C LYS M 133 -10.61 52.85 5.48
N HIS M 134 -9.59 52.69 4.62
CA HIS M 134 -9.47 51.64 3.61
C HIS M 134 -8.03 51.10 3.65
N GLU M 135 -7.81 49.87 3.18
CA GLU M 135 -6.50 49.24 3.15
C GLU M 135 -6.43 48.19 2.05
N TRP M 136 -5.22 48.00 1.50
CA TRP M 136 -4.88 46.95 0.55
C TRP M 136 -3.45 46.45 0.77
N GLN M 137 -3.21 45.18 0.45
CA GLN M 137 -1.90 44.56 0.27
C GLN M 137 -1.82 44.32 -1.25
N VAL M 138 -0.73 44.76 -1.88
CA VAL M 138 -0.56 44.81 -3.33
C VAL M 138 0.84 44.27 -3.71
N ASN M 139 0.92 43.49 -4.80
CA ASN M 139 2.03 42.57 -5.09
C ASN M 139 2.49 42.61 -6.55
N GLY M 140 1.58 42.93 -7.48
CA GLY M 140 1.87 43.24 -8.86
C GLY M 140 1.94 44.76 -9.04
N LEU M 141 2.75 45.26 -9.98
CA LEU M 141 2.85 46.70 -10.27
C LEU M 141 1.50 47.27 -10.77
N ASP M 142 0.77 46.48 -11.56
CA ASP M 142 -0.57 46.79 -12.04
C ASP M 142 -1.68 46.45 -11.02
N ASP M 143 -1.35 45.99 -9.80
CA ASP M 143 -2.28 46.06 -8.67
C ASP M 143 -2.28 47.51 -8.15
N ILE M 144 -1.10 48.09 -7.90
CA ILE M 144 -0.93 49.36 -7.17
C ILE M 144 -1.00 50.61 -8.08
N LYS M 145 -0.74 50.47 -9.39
CA LYS M 145 -0.57 51.59 -10.34
C LYS M 145 -1.90 52.11 -10.91
N ASP M 146 -2.97 51.31 -10.89
CA ASP M 146 -4.27 51.67 -11.46
C ASP M 146 -5.11 52.46 -10.42
N ARG M 147 -6.06 53.25 -10.92
CA ARG M 147 -7.05 54.01 -10.16
C ARG M 147 -8.40 53.27 -10.13
N SER M 148 -8.69 52.38 -11.08
CA SER M 148 -9.98 51.71 -11.24
C SER M 148 -10.09 50.58 -10.19
N THR M 149 -9.03 49.77 -10.06
CA THR M 149 -8.87 48.70 -9.08
C THR M 149 -8.62 49.28 -7.66
N LEU M 150 -8.20 50.55 -7.55
CA LEU M 150 -8.12 51.28 -6.28
C LEU M 150 -9.54 51.69 -5.86
N GLY M 151 -10.36 52.15 -6.81
CA GLY M 151 -11.78 52.47 -6.60
C GLY M 151 -12.68 51.27 -6.32
N GLU M 152 -12.19 50.04 -6.59
CA GLU M 152 -12.81 48.78 -6.17
C GLU M 152 -12.60 48.54 -4.67
N LYS M 153 -11.42 48.91 -4.13
CA LYS M 153 -11.11 48.82 -2.69
C LYS M 153 -11.71 49.99 -1.89
N LEU M 154 -12.11 51.07 -2.57
CA LEU M 154 -13.01 52.13 -2.06
C LEU M 154 -14.46 51.84 -2.51
N GLY M 155 -14.76 50.61 -2.93
CA GLY M 155 -16.03 50.20 -3.52
C GLY M 155 -17.18 50.18 -2.51
N GLY M 156 -18.42 50.24 -3.00
CA GLY M 156 -19.62 50.33 -2.18
C GLY M 156 -20.62 51.32 -2.76
N ASN M 157 -20.93 51.22 -4.05
CA ASN M 157 -21.88 52.07 -4.81
C ASN M 157 -21.25 53.40 -5.28
N VAL M 158 -19.95 53.64 -5.00
CA VAL M 158 -19.21 54.87 -5.30
C VAL M 158 -19.32 55.34 -6.76
N VAL M 159 -18.64 54.65 -7.68
CA VAL M 159 -18.56 54.83 -9.13
C VAL M 159 -18.17 56.27 -9.57
N VAL M 160 -18.25 56.56 -10.87
CA VAL M 160 -18.04 57.87 -11.50
C VAL M 160 -16.55 58.16 -11.72
N SER M 161 -15.84 58.75 -10.75
CA SER M 161 -14.50 59.32 -10.91
C SER M 161 -13.59 59.15 -9.68
N LEU M 162 -12.27 59.14 -9.92
CA LEU M 162 -11.19 59.10 -8.94
C LEU M 162 -10.01 59.92 -9.47
N GLU M 163 -9.55 60.94 -8.71
CA GLU M 163 -8.49 61.91 -9.05
C GLU M 163 -8.78 62.68 -10.36
N GLY M 164 -10.06 62.97 -10.61
CA GLY M 164 -10.59 63.60 -11.81
C GLY M 164 -10.66 62.67 -13.02
N LYS M 165 -10.34 61.38 -12.87
CA LYS M 165 -10.31 60.41 -13.96
C LYS M 165 -11.57 59.53 -13.85
N PRO M 166 -12.40 59.40 -14.91
CA PRO M 166 -13.48 58.42 -15.00
C PRO M 166 -13.06 57.00 -14.60
N LEU M 167 -13.81 56.39 -13.68
CA LEU M 167 -13.48 55.13 -13.02
C LEU M 167 -13.90 53.95 -13.92
N NH2 M 168 -13.17 53.76 -15.01
HN1 NH2 M 168 -13.37 53.00 -15.62
HN2 NH2 M 168 -12.41 54.42 -15.19
C ACE N 1 -23.49 -22.87 -19.37
O ACE N 1 -23.47 -23.19 -20.74
CH3 ACE N 1 -24.11 -24.04 -18.65
H1 ACE N 1 -23.47 -24.93 -18.67
H2 ACE N 1 -25.09 -24.32 -19.05
H3 ACE N 1 -24.27 -23.80 -17.60
N MET N 2 -24.37 -21.72 -19.25
CA MET N 2 -23.87 -20.48 -19.89
C MET N 2 -23.09 -19.56 -18.92
N ALA N 3 -22.65 -20.12 -17.79
CA ALA N 3 -21.74 -19.53 -16.80
C ALA N 3 -22.35 -18.38 -16.00
N SER N 4 -23.66 -18.44 -15.72
CA SER N 4 -24.46 -17.27 -15.35
C SER N 4 -25.51 -17.63 -14.30
N GLY N 5 -25.54 -16.89 -13.18
CA GLY N 5 -26.39 -17.10 -12.01
C GLY N 5 -27.91 -17.06 -12.28
N VAL N 6 -28.69 -17.68 -11.39
CA VAL N 6 -30.15 -17.84 -11.51
C VAL N 6 -30.90 -16.50 -11.38
N THR N 7 -31.93 -16.33 -12.21
CA THR N 7 -32.72 -15.10 -12.35
C THR N 7 -34.05 -15.27 -11.60
N VAL N 8 -34.39 -14.33 -10.72
CA VAL N 8 -35.64 -14.27 -9.98
C VAL N 8 -36.62 -13.39 -10.78
N ASN N 9 -37.89 -13.80 -10.87
CA ASN N 9 -38.96 -13.08 -11.55
C ASN N 9 -40.05 -12.74 -10.52
N ASP N 10 -41.09 -12.01 -10.94
CA ASP N 10 -42.00 -11.26 -10.06
C ASP N 10 -43.13 -12.08 -9.39
N GLU N 11 -43.11 -13.42 -9.44
CA GLU N 11 -43.89 -14.31 -8.59
C GLU N 11 -43.62 -14.06 -7.10
N VAL N 12 -42.36 -13.79 -6.72
CA VAL N 12 -41.96 -13.50 -5.34
C VAL N 12 -42.53 -12.17 -4.82
N ILE N 13 -42.79 -11.20 -5.72
CA ILE N 13 -43.33 -9.88 -5.42
C ILE N 13 -44.83 -9.94 -5.08
N LYS N 14 -45.52 -11.06 -5.39
CA LYS N 14 -46.90 -11.29 -5.00
C LYS N 14 -46.96 -11.58 -3.48
N VAL N 15 -46.08 -12.46 -3.01
CA VAL N 15 -45.97 -12.94 -1.63
C VAL N 15 -45.46 -11.82 -0.68
N PHE N 16 -44.66 -10.90 -1.24
CA PHE N 16 -44.06 -9.74 -0.57
C PHE N 16 -44.98 -8.50 -0.65
N ASN N 17 -46.16 -8.58 -1.30
CA ASN N 17 -47.15 -7.49 -1.33
C ASN N 17 -47.69 -7.29 0.09
N ASP N 18 -48.11 -8.40 0.71
CA ASP N 18 -48.48 -8.75 2.09
C ASP N 18 -47.41 -8.40 3.17
N MET N 19 -46.38 -7.66 2.77
CA MET N 19 -45.24 -7.22 3.55
C MET N 19 -44.94 -5.76 3.21
N LYS N 20 -44.68 -5.47 1.93
CA LYS N 20 -44.31 -4.15 1.39
C LYS N 20 -45.29 -3.02 1.76
N VAL N 21 -46.57 -3.32 1.98
CA VAL N 21 -47.60 -2.43 2.49
C VAL N 21 -48.40 -3.14 3.59
N ARG N 22 -48.96 -2.36 4.52
CA ARG N 22 -49.92 -2.76 5.55
C ARG N 22 -51.36 -2.65 5.00
N LYS N 23 -52.35 -2.72 5.88
CA LYS N 23 -53.75 -2.34 5.75
C LYS N 23 -54.18 -1.79 7.13
N SER N 24 -55.49 -1.67 7.42
CA SER N 24 -56.02 -1.22 8.70
C SER N 24 -55.90 -2.31 9.78
N SER N 25 -55.41 -1.93 10.96
CA SER N 25 -55.02 -2.82 12.05
C SER N 25 -56.20 -3.55 12.72
N THR N 26 -57.43 -3.05 12.57
CA THR N 26 -58.66 -3.48 13.23
C THR N 26 -59.15 -4.86 12.73
N GLN N 27 -58.79 -5.24 11.50
CA GLN N 27 -59.12 -6.52 10.90
C GLN N 27 -58.03 -6.97 9.94
N GLU N 28 -57.71 -6.11 8.97
CA GLU N 28 -57.01 -6.49 7.75
C GLU N 28 -55.55 -6.92 8.01
N GLU N 29 -54.83 -6.23 8.91
CA GLU N 29 -53.47 -6.65 9.30
C GLU N 29 -53.47 -8.00 10.01
N ILE N 30 -54.53 -8.30 10.78
CA ILE N 30 -54.70 -9.52 11.56
C ILE N 30 -55.04 -10.72 10.64
N LYS N 31 -55.18 -10.51 9.32
CA LYS N 31 -55.42 -11.56 8.32
C LYS N 31 -54.49 -11.43 7.10
N LYS N 32 -53.64 -10.39 7.00
CA LYS N 32 -52.94 -10.02 5.77
C LYS N 32 -51.51 -9.47 5.97
N ARG N 33 -51.02 -9.27 7.21
CA ARG N 33 -49.59 -9.03 7.43
C ARG N 33 -48.94 -10.42 7.47
N LYS N 34 -48.05 -10.70 6.51
CA LYS N 34 -47.27 -11.93 6.45
C LYS N 34 -46.08 -11.76 7.41
N LYS N 35 -45.91 -12.69 8.35
CA LYS N 35 -44.85 -12.65 9.34
C LYS N 35 -43.67 -13.52 8.93
N ALA N 36 -43.87 -14.65 8.24
CA ALA N 36 -42.79 -15.51 7.75
C ALA N 36 -43.25 -16.27 6.51
N VAL N 37 -42.36 -16.39 5.52
CA VAL N 37 -42.56 -17.15 4.28
C VAL N 37 -41.18 -17.58 3.75
N LEU N 38 -41.17 -18.75 3.11
CA LEU N 38 -40.01 -19.49 2.63
C LEU N 38 -39.99 -19.45 1.09
N PHE N 39 -38.78 -19.40 0.53
CA PHE N 39 -38.49 -19.40 -0.90
C PHE N 39 -37.39 -20.45 -1.13
N CYS N 40 -37.40 -21.07 -2.31
CA CYS N 40 -36.50 -22.15 -2.72
C CYS N 40 -36.08 -21.97 -4.17
N LEU N 41 -34.93 -22.54 -4.54
CA LEU N 41 -34.49 -22.74 -5.92
C LEU N 41 -35.37 -23.84 -6.53
N SER N 42 -35.99 -23.57 -7.68
CA SER N 42 -36.73 -24.56 -8.45
C SER N 42 -35.72 -25.50 -9.13
N ASP N 43 -35.88 -26.83 -8.98
CA ASP N 43 -34.88 -27.82 -9.38
C ASP N 43 -34.83 -28.11 -10.91
N ASP N 44 -35.52 -27.28 -11.71
CA ASP N 44 -35.19 -27.07 -13.13
C ASP N 44 -33.92 -26.20 -13.25
N LYS N 45 -33.50 -25.55 -12.14
CA LYS N 45 -32.21 -24.94 -11.85
C LYS N 45 -32.09 -23.52 -12.42
N ARG N 46 -33.22 -22.79 -12.48
CA ARG N 46 -33.31 -21.50 -13.20
C ARG N 46 -33.80 -20.31 -12.36
N GLN N 47 -34.70 -20.49 -11.39
CA GLN N 47 -35.27 -19.37 -10.63
C GLN N 47 -35.50 -19.73 -9.16
N ILE N 48 -35.65 -18.70 -8.34
CA ILE N 48 -36.08 -18.80 -6.95
C ILE N 48 -37.59 -18.58 -6.97
N ILE N 49 -38.35 -19.53 -6.43
CA ILE N 49 -39.80 -19.51 -6.30
C ILE N 49 -40.14 -19.44 -4.81
N VAL N 50 -41.43 -19.26 -4.48
CA VAL N 50 -41.96 -19.41 -3.12
C VAL N 50 -42.12 -20.91 -2.83
N GLU N 51 -41.87 -21.31 -1.58
CA GLU N 51 -42.14 -22.65 -1.08
C GLU N 51 -43.36 -22.51 -0.17
N GLU N 52 -44.52 -22.97 -0.65
CA GLU N 52 -45.84 -22.84 -0.04
C GLU N 52 -46.01 -23.85 1.12
N ALA N 53 -45.15 -23.70 2.14
CA ALA N 53 -45.06 -24.53 3.32
C ALA N 53 -45.00 -23.60 4.53
N LYS N 54 -46.18 -23.29 5.08
CA LYS N 54 -46.45 -22.38 6.21
C LYS N 54 -46.04 -20.93 5.92
N GLN N 55 -46.89 -20.23 5.14
CA GLN N 55 -46.94 -18.77 5.11
C GLN N 55 -47.65 -18.35 6.41
N ILE N 56 -46.92 -17.71 7.33
CA ILE N 56 -47.36 -17.37 8.69
C ILE N 56 -47.77 -15.90 8.67
N LEU N 57 -48.81 -15.53 9.43
CA LEU N 57 -49.45 -14.22 9.47
C LEU N 57 -49.63 -13.74 10.93
N VAL N 58 -50.70 -13.00 11.22
CA VAL N 58 -51.00 -12.33 12.49
C VAL N 58 -52.40 -12.75 12.99
N GLY N 59 -52.84 -13.99 12.71
CA GLY N 59 -54.03 -14.58 13.34
C GLY N 59 -53.59 -15.78 14.17
N ASP N 60 -52.97 -16.71 13.45
CA ASP N 60 -52.25 -17.95 13.74
C ASP N 60 -51.35 -17.93 14.99
N ILE N 61 -50.87 -16.74 15.37
CA ILE N 61 -50.12 -16.46 16.61
C ILE N 61 -50.99 -16.73 17.86
N GLY N 62 -52.32 -16.57 17.75
CA GLY N 62 -53.27 -16.87 18.81
C GLY N 62 -53.53 -18.37 18.96
N ASP N 63 -53.66 -19.08 17.83
CA ASP N 63 -54.07 -20.49 17.77
C ASP N 63 -52.96 -21.44 18.25
N THR N 64 -51.74 -21.31 17.70
CA THR N 64 -50.64 -22.26 17.95
C THR N 64 -49.22 -21.66 17.96
N VAL N 65 -48.99 -20.53 17.29
CA VAL N 65 -47.66 -20.15 16.83
C VAL N 65 -46.96 -19.25 17.88
N GLU N 66 -46.39 -19.90 18.91
CA GLU N 66 -45.65 -19.36 20.07
C GLU N 66 -44.72 -18.17 19.78
N ASP N 67 -43.86 -18.31 18.76
CA ASP N 67 -43.33 -17.19 17.95
C ASP N 67 -43.58 -17.59 16.50
N PRO N 68 -43.85 -16.65 15.57
CA PRO N 68 -43.88 -16.88 14.11
C PRO N 68 -42.68 -17.68 13.59
N TYR N 69 -41.45 -17.17 13.79
CA TYR N 69 -40.24 -17.85 13.34
C TYR N 69 -40.00 -19.22 14.03
N THR N 70 -40.43 -19.42 15.27
CA THR N 70 -40.24 -20.67 16.00
C THR N 70 -41.05 -21.83 15.36
N SER N 71 -42.22 -21.53 14.76
CA SER N 71 -42.99 -22.51 14.00
C SER N 71 -42.33 -22.77 12.62
N PHE N 72 -41.54 -21.82 12.10
CA PHE N 72 -40.86 -21.85 10.80
C PHE N 72 -39.52 -22.63 10.90
N VAL N 73 -38.84 -22.53 12.05
CA VAL N 73 -37.67 -23.31 12.48
C VAL N 73 -38.00 -24.81 12.71
N LYS N 74 -39.28 -25.20 12.66
CA LYS N 74 -39.74 -26.58 12.61
C LYS N 74 -40.27 -26.91 11.19
N LEU N 75 -39.55 -26.43 10.18
CA LEU N 75 -39.68 -26.79 8.77
C LEU N 75 -38.28 -26.78 8.13
N LEU N 76 -37.57 -25.65 8.31
CA LEU N 76 -36.27 -25.32 7.69
C LEU N 76 -35.25 -26.48 7.62
N PRO N 77 -34.69 -26.83 6.42
CA PRO N 77 -33.88 -28.03 6.23
C PRO N 77 -32.47 -27.89 6.83
N LEU N 78 -32.07 -28.89 7.61
CA LEU N 78 -30.87 -28.91 8.46
C LEU N 78 -29.55 -28.78 7.68
N ASN N 79 -29.52 -29.26 6.43
CA ASN N 79 -28.31 -29.44 5.62
C ASN N 79 -28.53 -28.95 4.18
N ASP N 80 -29.53 -28.09 3.93
CA ASP N 80 -29.79 -27.46 2.63
C ASP N 80 -30.16 -25.99 2.82
N CYS N 81 -29.94 -25.19 1.76
CA CYS N 81 -30.09 -23.74 1.74
C CYS N 81 -31.51 -23.37 1.25
N ARG N 82 -31.99 -22.19 1.67
CA ARG N 82 -33.30 -21.61 1.37
C ARG N 82 -33.15 -20.07 1.41
N TYR N 83 -34.20 -19.35 1.01
CA TYR N 83 -34.36 -17.93 1.29
C TYR N 83 -35.68 -17.73 2.03
N ALA N 84 -35.77 -16.68 2.84
CA ALA N 84 -36.97 -16.34 3.59
C ALA N 84 -37.07 -14.83 3.80
N LEU N 85 -38.25 -14.38 4.19
CA LEU N 85 -38.55 -13.02 4.61
C LEU N 85 -39.12 -13.07 6.04
N TYR N 86 -39.08 -11.92 6.74
CA TYR N 86 -39.70 -11.70 8.03
C TYR N 86 -40.23 -10.27 8.11
N ASP N 87 -41.39 -10.08 8.75
CA ASP N 87 -41.93 -8.79 9.17
C ASP N 87 -41.73 -8.79 10.68
N ALA N 88 -40.70 -8.11 11.19
CA ALA N 88 -40.27 -8.16 12.58
C ALA N 88 -41.03 -7.08 13.38
N THR N 89 -41.68 -7.48 14.45
CA THR N 89 -42.44 -6.63 15.36
C THR N 89 -41.54 -6.46 16.60
N TYR N 90 -41.00 -5.27 16.85
CA TYR N 90 -40.08 -5.02 17.95
C TYR N 90 -40.28 -3.63 18.57
N GLU N 91 -40.36 -3.60 19.90
CA GLU N 91 -40.50 -2.40 20.70
C GLU N 91 -39.07 -1.92 21.01
N THR N 92 -38.80 -0.62 20.87
CA THR N 92 -37.55 0.01 21.28
C THR N 92 -37.88 1.06 22.37
N LYS N 93 -36.88 1.86 22.75
CA LYS N 93 -37.00 2.91 23.76
C LYS N 93 -37.85 4.11 23.28
N GLU N 94 -37.86 4.37 21.96
CA GLU N 94 -38.36 5.62 21.37
C GLU N 94 -39.29 5.39 20.17
N SER N 95 -39.61 4.14 19.83
CA SER N 95 -40.43 3.75 18.68
C SER N 95 -40.83 2.29 18.83
N LYS N 96 -42.04 1.95 18.38
CA LYS N 96 -42.42 0.57 18.07
C LYS N 96 -42.04 0.38 16.61
N LYS N 97 -41.17 -0.57 16.29
CA LYS N 97 -40.78 -0.88 14.92
C LYS N 97 -41.56 -2.12 14.49
N GLU N 98 -41.86 -2.15 13.19
CA GLU N 98 -42.70 -3.10 12.49
C GLU N 98 -42.06 -3.15 11.10
N ASP N 99 -40.93 -3.84 10.97
CA ASP N 99 -39.95 -3.62 9.91
C ASP N 99 -39.63 -4.93 9.18
N LEU N 100 -39.34 -4.85 7.88
CA LEU N 100 -39.13 -6.01 7.03
C LEU N 100 -37.66 -6.42 7.01
N VAL N 101 -37.42 -7.73 7.06
CA VAL N 101 -36.13 -8.40 7.16
C VAL N 101 -36.03 -9.42 6.01
N PHE N 102 -34.81 -9.59 5.46
CA PHE N 102 -34.48 -10.63 4.47
C PHE N 102 -33.56 -11.65 5.12
N ILE N 103 -33.85 -12.94 4.92
CA ILE N 103 -33.15 -14.07 5.53
C ILE N 103 -32.46 -14.87 4.42
N PHE N 104 -31.16 -15.09 4.54
CA PHE N 104 -30.41 -16.11 3.80
C PHE N 104 -30.21 -17.28 4.77
N TRP N 105 -30.81 -18.44 4.45
CA TRP N 105 -30.64 -19.69 5.19
C TRP N 105 -29.63 -20.51 4.39
N ALA N 106 -28.45 -20.76 4.97
CA ALA N 106 -27.40 -21.56 4.37
C ALA N 106 -26.60 -22.29 5.47
N PRO N 107 -27.08 -23.45 5.97
CA PRO N 107 -26.41 -24.25 7.02
C PRO N 107 -24.92 -24.48 6.73
N GLU N 108 -24.06 -24.32 7.74
CA GLU N 108 -22.59 -24.43 7.64
C GLU N 108 -22.12 -25.75 6.99
N SER N 109 -22.84 -26.85 7.23
CA SER N 109 -22.59 -28.19 6.70
C SER N 109 -23.24 -28.46 5.32
N ALA N 110 -24.06 -27.54 4.77
CA ALA N 110 -24.82 -27.77 3.53
C ALA N 110 -23.90 -27.87 2.29
N PRO N 111 -24.28 -28.66 1.25
CA PRO N 111 -23.51 -28.82 0.00
C PRO N 111 -23.09 -27.50 -0.65
N LEU N 112 -21.82 -27.44 -1.10
CA LEU N 112 -21.22 -26.31 -1.83
C LEU N 112 -22.00 -26.02 -3.12
N LYS N 113 -22.50 -27.09 -3.75
CA LYS N 113 -23.25 -27.12 -5.00
C LYS N 113 -24.71 -26.64 -4.82
N SER N 114 -25.23 -26.55 -3.59
CA SER N 114 -26.47 -25.83 -3.28
C SER N 114 -26.07 -24.39 -2.92
N LYS N 115 -25.16 -24.22 -1.95
CA LYS N 115 -24.67 -22.96 -1.40
C LYS N 115 -24.33 -21.91 -2.46
N MET N 116 -23.48 -22.26 -3.43
CA MET N 116 -23.02 -21.35 -4.48
C MET N 116 -24.15 -20.80 -5.38
N ILE N 117 -25.10 -21.65 -5.80
CA ILE N 117 -26.24 -21.26 -6.65
C ILE N 117 -27.16 -20.33 -5.84
N TYR N 118 -27.48 -20.71 -4.60
CA TYR N 118 -28.33 -19.93 -3.70
C TYR N 118 -27.66 -18.60 -3.31
N ALA N 119 -26.40 -18.63 -2.87
CA ALA N 119 -25.67 -17.45 -2.39
C ALA N 119 -25.44 -16.41 -3.49
N SER N 120 -25.13 -16.84 -4.73
CA SER N 120 -25.02 -15.93 -5.87
C SER N 120 -26.36 -15.30 -6.32
N SER N 121 -27.51 -15.83 -5.87
CA SER N 121 -28.83 -15.24 -6.10
C SER N 121 -29.16 -14.15 -5.06
N LYS N 122 -28.29 -13.86 -4.07
CA LYS N 122 -28.47 -12.85 -3.03
C LYS N 122 -28.77 -11.46 -3.61
N ASP N 123 -27.96 -11.03 -4.58
CA ASP N 123 -28.07 -9.77 -5.34
C ASP N 123 -29.46 -9.64 -6.00
N ALA N 124 -29.85 -10.69 -6.75
CA ALA N 124 -31.08 -10.78 -7.53
C ALA N 124 -32.34 -10.63 -6.67
N ILE N 125 -32.38 -11.30 -5.50
CA ILE N 125 -33.52 -11.27 -4.60
C ILE N 125 -33.53 -9.93 -3.81
N LYS N 126 -32.36 -9.45 -3.39
CA LYS N 126 -32.16 -8.23 -2.60
C LYS N 126 -32.51 -6.95 -3.39
N LYS N 127 -32.38 -6.98 -4.73
CA LYS N 127 -32.89 -5.92 -5.61
C LYS N 127 -34.43 -5.88 -5.61
N LYS N 128 -35.08 -7.06 -5.72
CA LYS N 128 -36.52 -7.19 -5.87
C LYS N 128 -37.26 -6.94 -4.53
N PHE N 129 -36.76 -7.48 -3.42
CA PHE N 129 -37.32 -7.30 -2.08
C PHE N 129 -36.79 -5.98 -1.46
N THR N 130 -36.95 -4.86 -2.17
CA THR N 130 -36.62 -3.53 -1.66
C THR N 130 -37.73 -3.06 -0.69
N GLY N 131 -37.33 -2.33 0.36
CA GLY N 131 -38.17 -1.99 1.51
C GLY N 131 -37.84 -2.83 2.75
N ILE N 132 -36.84 -3.71 2.68
CA ILE N 132 -36.22 -4.38 3.83
C ILE N 132 -35.24 -3.41 4.52
N LYS N 133 -35.07 -3.56 5.83
CA LYS N 133 -34.25 -2.69 6.68
C LYS N 133 -33.19 -3.47 7.47
N HIS N 134 -33.22 -4.81 7.44
CA HIS N 134 -32.33 -5.70 8.18
C HIS N 134 -32.09 -6.98 7.37
N GLU N 135 -30.97 -7.67 7.62
CA GLU N 135 -30.60 -8.91 6.95
C GLU N 135 -30.11 -9.93 7.97
N TRP N 136 -30.81 -11.07 8.06
CA TRP N 136 -30.44 -12.19 8.89
C TRP N 136 -29.61 -13.17 8.03
N GLN N 137 -28.32 -13.26 8.33
CA GLN N 137 -27.45 -14.38 7.96
C GLN N 137 -27.80 -15.51 8.96
N VAL N 138 -28.29 -16.65 8.46
CA VAL N 138 -28.66 -17.79 9.27
C VAL N 138 -27.81 -18.98 8.80
N ASN N 139 -26.91 -19.40 9.70
CA ASN N 139 -25.81 -20.33 9.48
C ASN N 139 -26.21 -21.77 9.90
N GLY N 140 -27.46 -22.00 10.32
CA GLY N 140 -28.01 -23.28 10.71
C GLY N 140 -29.16 -23.07 11.70
N LEU N 141 -29.68 -24.16 12.30
CA LEU N 141 -30.70 -24.08 13.35
C LEU N 141 -30.13 -23.40 14.59
N ASP N 142 -28.96 -23.86 15.03
CA ASP N 142 -28.26 -23.46 16.26
C ASP N 142 -27.50 -22.13 16.12
N ASP N 143 -28.07 -21.24 15.31
CA ASP N 143 -27.76 -19.82 15.15
C ASP N 143 -29.07 -18.99 15.08
N ILE N 144 -30.26 -19.61 15.27
CA ILE N 144 -31.57 -18.94 15.30
C ILE N 144 -32.67 -19.62 16.15
N LYS N 145 -32.41 -20.75 16.83
CA LYS N 145 -33.37 -21.39 17.75
C LYS N 145 -33.54 -20.61 19.08
N ASP N 146 -32.53 -19.79 19.38
CA ASP N 146 -32.41 -18.85 20.49
C ASP N 146 -33.16 -17.58 20.08
N ARG N 147 -34.09 -17.11 20.91
CA ARG N 147 -35.05 -16.07 20.52
C ARG N 147 -34.40 -14.67 20.44
N SER N 148 -33.29 -14.44 21.15
CA SER N 148 -32.61 -13.16 21.28
C SER N 148 -31.89 -12.73 19.99
N THR N 149 -31.33 -13.68 19.22
CA THR N 149 -30.50 -13.38 18.06
C THR N 149 -31.33 -12.95 16.82
N LEU N 150 -32.65 -13.11 16.90
CA LEU N 150 -33.62 -12.47 16.02
C LEU N 150 -33.64 -10.94 16.23
N GLY N 151 -33.08 -10.43 17.34
CA GLY N 151 -32.84 -9.02 17.63
C GLY N 151 -31.40 -8.59 17.33
N GLU N 152 -30.40 -9.44 17.63
CA GLU N 152 -28.97 -9.18 17.39
C GLU N 152 -28.67 -9.02 15.90
N LYS N 153 -29.25 -9.88 15.05
CA LYS N 153 -29.11 -9.85 13.59
C LYS N 153 -29.83 -8.65 12.94
N LEU N 154 -30.61 -7.87 13.70
CA LEU N 154 -31.16 -6.57 13.28
C LEU N 154 -30.21 -5.42 13.67
N GLY N 155 -29.18 -5.69 14.48
CA GLY N 155 -28.25 -4.71 15.02
C GLY N 155 -28.29 -4.61 16.55
N GLY N 156 -29.08 -5.43 17.24
CA GLY N 156 -29.13 -5.62 18.70
C GLY N 156 -29.74 -4.47 19.51
N ASN N 157 -29.48 -3.22 19.10
CA ASN N 157 -29.88 -1.93 19.69
C ASN N 157 -31.39 -1.69 19.99
N VAL N 158 -32.23 -2.71 19.88
CA VAL N 158 -33.66 -2.78 20.18
C VAL N 158 -33.88 -2.55 21.68
N VAL N 159 -33.42 -3.50 22.50
CA VAL N 159 -33.22 -3.47 23.95
C VAL N 159 -34.49 -3.21 24.79
N VAL N 160 -35.68 -3.56 24.30
CA VAL N 160 -36.94 -3.48 25.04
C VAL N 160 -37.76 -4.78 24.86
N SER N 161 -38.36 -5.02 23.68
CA SER N 161 -39.19 -6.22 23.42
C SER N 161 -39.20 -6.56 21.92
N LEU N 162 -39.48 -7.83 21.57
CA LEU N 162 -39.41 -8.37 20.22
C LEU N 162 -40.39 -9.54 20.11
N GLU N 163 -41.33 -9.49 19.15
CA GLU N 163 -42.29 -10.55 18.78
C GLU N 163 -43.34 -10.85 19.88
N GLY N 164 -43.48 -9.95 20.85
CA GLY N 164 -44.31 -10.11 22.05
C GLY N 164 -43.55 -10.69 23.23
N LYS N 165 -42.27 -11.02 23.08
CA LYS N 165 -41.38 -11.53 24.12
C LYS N 165 -40.48 -10.36 24.62
N PRO N 166 -40.11 -10.33 25.93
CA PRO N 166 -39.11 -9.41 26.49
C PRO N 166 -37.75 -9.47 25.77
N LEU N 167 -37.07 -8.33 25.61
CA LEU N 167 -35.76 -8.21 24.99
C LEU N 167 -34.93 -7.17 25.77
N NH2 N 168 -35.20 -7.01 27.06
HN1 NH2 N 168 -34.70 -6.31 27.57
HN2 NH2 N 168 -35.90 -7.59 27.50
C ACE O 1 43.02 -15.04 23.69
O ACE O 1 42.57 -16.30 24.12
CH3 ACE O 1 44.49 -14.91 24.09
H1 ACE O 1 44.91 -13.96 23.77
H2 ACE O 1 45.10 -15.70 23.65
H3 ACE O 1 44.63 -14.98 25.17
N MET O 2 42.28 -14.04 24.44
CA MET O 2 40.83 -14.20 24.71
C MET O 2 39.92 -13.75 23.55
N ALA O 3 40.52 -13.28 22.45
CA ALA O 3 39.95 -13.14 21.11
C ALA O 3 39.06 -11.91 20.93
N SER O 4 39.62 -10.70 21.03
CA SER O 4 38.90 -9.45 20.82
C SER O 4 39.87 -8.37 20.32
N GLY O 5 39.40 -7.11 20.25
CA GLY O 5 40.19 -5.91 19.98
C GLY O 5 40.80 -5.35 21.27
N VAL O 6 41.59 -4.27 21.14
CA VAL O 6 42.35 -3.68 22.25
C VAL O 6 41.56 -2.61 23.02
N THR O 7 42.09 -2.16 24.15
CA THR O 7 41.54 -1.11 25.01
C THR O 7 41.83 0.28 24.40
N VAL O 8 40.84 1.18 24.38
CA VAL O 8 40.98 2.56 23.94
C VAL O 8 41.59 3.38 25.10
N ASN O 9 42.57 4.26 24.81
CA ASN O 9 43.06 5.27 25.75
C ASN O 9 42.26 6.55 25.43
N ASP O 10 41.15 6.74 26.15
CA ASP O 10 40.08 7.77 26.12
C ASP O 10 40.41 9.25 25.88
N GLU O 11 41.65 9.58 25.49
CA GLU O 11 42.06 10.83 24.85
C GLU O 11 41.27 11.08 23.55
N VAL O 12 40.87 9.98 22.88
CA VAL O 12 39.95 9.93 21.76
C VAL O 12 38.62 10.65 22.08
N ILE O 13 38.04 10.35 23.25
CA ILE O 13 36.75 10.89 23.68
C ILE O 13 36.94 12.32 24.19
N LYS O 14 38.06 12.63 24.87
CA LYS O 14 38.40 13.96 25.38
C LYS O 14 38.44 15.03 24.27
N VAL O 15 39.09 14.75 23.13
CA VAL O 15 39.12 15.66 21.98
C VAL O 15 37.78 15.60 21.21
N PHE O 16 37.13 14.42 21.14
CA PHE O 16 35.83 14.25 20.49
C PHE O 16 34.75 15.10 21.17
N ASN O 17 34.70 15.16 22.51
CA ASN O 17 33.76 15.99 23.28
C ASN O 17 33.84 17.48 22.92
N ASP O 18 35.06 17.98 22.66
CA ASP O 18 35.37 19.36 22.28
C ASP O 18 34.97 19.65 20.82
N MET O 19 34.94 18.61 19.97
CA MET O 19 34.47 18.67 18.58
C MET O 19 32.95 18.41 18.48
N LYS O 20 32.38 17.58 19.38
CA LYS O 20 31.04 17.00 19.27
C LYS O 20 29.97 18.08 19.36
N VAL O 21 29.99 18.87 20.44
CA VAL O 21 29.24 20.11 20.55
C VAL O 21 30.08 21.20 19.88
N ARG O 22 29.46 21.97 18.98
CA ARG O 22 30.13 23.03 18.26
C ARG O 22 29.91 24.31 19.07
N LYS O 23 31.00 24.77 19.68
CA LYS O 23 31.09 25.96 20.51
C LYS O 23 31.28 27.18 19.57
N SER O 24 31.43 28.40 20.13
CA SER O 24 31.38 29.68 19.43
C SER O 24 32.29 29.84 18.19
N SER O 25 32.03 30.90 17.42
CA SER O 25 32.68 31.21 16.14
C SER O 25 33.13 32.68 16.06
N THR O 26 32.98 33.47 17.14
CA THR O 26 33.16 34.92 17.14
C THR O 26 34.65 35.34 17.19
N GLN O 27 35.52 34.64 17.95
CA GLN O 27 36.92 35.04 18.10
C GLN O 27 37.91 33.87 18.23
N GLU O 28 37.97 33.25 19.42
CA GLU O 28 39.16 32.58 19.93
C GLU O 28 39.13 31.07 19.65
N GLU O 29 37.94 30.49 19.49
CA GLU O 29 37.66 29.11 19.09
C GLU O 29 38.23 28.79 17.68
N ILE O 30 38.43 29.82 16.84
CA ILE O 30 38.95 29.75 15.48
C ILE O 30 40.31 29.01 15.38
N LYS O 31 41.18 29.11 16.38
CA LYS O 31 42.49 28.43 16.43
C LYS O 31 42.54 27.43 17.59
N LYS O 32 41.40 26.82 17.95
CA LYS O 32 41.35 25.66 18.85
C LYS O 32 40.28 24.61 18.49
N ARG O 33 39.31 24.94 17.63
CA ARG O 33 38.42 23.98 16.98
C ARG O 33 39.20 23.30 15.86
N LYS O 34 39.48 22.00 16.05
CA LYS O 34 40.09 21.12 15.07
C LYS O 34 38.96 20.56 14.20
N LYS O 35 39.17 20.61 12.88
CA LYS O 35 38.26 20.07 11.87
C LYS O 35 38.67 18.63 11.49
N ALA O 36 39.91 18.22 11.78
CA ALA O 36 40.46 16.91 11.45
C ALA O 36 41.55 16.49 12.45
N VAL O 37 41.51 15.25 12.94
CA VAL O 37 42.46 14.64 13.89
C VAL O 37 42.84 13.22 13.43
N LEU O 38 43.99 12.71 13.90
CA LEU O 38 44.62 11.44 13.50
C LEU O 38 44.95 10.65 14.78
N PHE O 39 44.69 9.34 14.78
CA PHE O 39 44.70 8.40 15.91
C PHE O 39 45.26 7.05 15.43
N CYS O 40 45.88 6.27 16.31
CA CYS O 40 46.69 5.08 15.96
C CYS O 40 46.69 4.01 17.07
N LEU O 41 47.14 2.78 16.75
CA LEU O 41 47.50 1.72 17.69
C LEU O 41 48.90 2.05 18.25
N SER O 42 49.08 1.91 19.57
CA SER O 42 50.33 2.18 20.29
C SER O 42 51.40 1.12 19.98
N ASP O 43 52.70 1.43 20.18
CA ASP O 43 53.79 0.52 19.80
C ASP O 43 53.91 -0.73 20.71
N ASP O 44 53.38 -0.69 21.94
CA ASP O 44 53.19 -1.88 22.78
C ASP O 44 52.02 -2.74 22.25
N LYS O 45 51.21 -2.24 21.30
CA LYS O 45 50.29 -2.96 20.41
C LYS O 45 49.00 -3.40 21.11
N ARG O 46 48.70 -2.77 22.25
CA ARG O 46 47.64 -3.14 23.18
C ARG O 46 46.76 -1.96 23.59
N GLN O 47 46.89 -0.78 22.99
CA GLN O 47 45.92 0.32 23.10
C GLN O 47 45.84 1.20 21.86
N ILE O 48 44.71 1.90 21.69
CA ILE O 48 44.53 2.93 20.68
C ILE O 48 44.78 4.28 21.38
N ILE O 49 45.64 5.11 20.77
CA ILE O 49 46.13 6.40 21.24
C ILE O 49 45.91 7.47 20.15
N VAL O 50 46.24 8.73 20.48
CA VAL O 50 46.32 9.84 19.55
C VAL O 50 47.66 9.73 18.80
N GLU O 51 47.68 10.10 17.52
CA GLU O 51 48.90 10.26 16.74
C GLU O 51 49.40 11.67 17.03
N GLU O 52 50.73 11.89 17.11
CA GLU O 52 51.29 13.24 17.07
C GLU O 52 51.14 13.69 15.61
N ALA O 53 50.43 14.80 15.43
CA ALA O 53 49.85 15.26 14.18
C ALA O 53 49.14 16.57 14.45
N LYS O 54 49.44 17.57 13.61
CA LYS O 54 48.74 18.82 13.41
C LYS O 54 47.20 18.67 13.40
N GLN O 55 46.55 19.06 14.49
CA GLN O 55 45.12 18.92 14.78
C GLN O 55 44.33 20.02 14.02
N ILE O 56 44.36 19.96 12.69
CA ILE O 56 44.01 20.99 11.68
C ILE O 56 42.80 21.86 12.06
N LEU O 57 43.04 23.16 12.28
CA LEU O 57 42.11 24.08 12.91
C LEU O 57 41.28 24.83 11.86
N VAL O 58 40.13 25.34 12.29
CA VAL O 58 39.23 26.24 11.54
C VAL O 58 39.97 27.46 10.95
N GLY O 59 40.88 28.08 11.70
CA GLY O 59 41.64 29.24 11.29
C GLY O 59 42.70 28.95 10.23
N ASP O 60 43.27 27.73 10.20
CA ASP O 60 44.34 27.28 9.29
C ASP O 60 43.92 27.35 7.81
N ILE O 61 42.60 27.32 7.58
CA ILE O 61 41.94 27.48 6.29
C ILE O 61 42.11 28.92 5.77
N GLY O 62 42.31 29.89 6.67
CA GLY O 62 42.65 31.28 6.36
C GLY O 62 44.15 31.47 6.15
N ASP O 63 45.00 30.70 6.84
CA ASP O 63 46.47 30.73 6.68
C ASP O 63 46.86 30.21 5.29
N THR O 64 46.42 29.00 4.91
CA THR O 64 46.81 28.34 3.66
C THR O 64 45.94 27.11 3.29
N VAL O 65 45.29 26.45 4.26
CA VAL O 65 44.81 25.08 4.11
C VAL O 65 43.44 25.04 3.38
N GLU O 66 43.49 25.09 2.03
CA GLU O 66 42.44 25.08 1.00
C GLU O 66 41.12 24.32 1.31
N ASP O 67 41.22 23.16 1.98
CA ASP O 67 40.23 22.59 2.90
C ASP O 67 41.09 21.91 3.99
N PRO O 68 40.60 21.75 5.25
CA PRO O 68 41.29 21.02 6.33
C PRO O 68 41.93 19.69 5.91
N TYR O 69 41.18 18.85 5.20
CA TYR O 69 41.56 17.52 4.78
C TYR O 69 42.58 17.53 3.63
N THR O 70 42.64 18.60 2.80
CA THR O 70 43.61 18.77 1.71
C THR O 70 45.08 18.59 2.14
N SER O 71 45.40 18.94 3.39
CA SER O 71 46.74 18.87 3.97
C SER O 71 46.84 17.79 5.06
N PHE O 72 45.79 16.96 5.22
CA PHE O 72 45.73 15.80 6.12
C PHE O 72 46.09 14.55 5.30
N VAL O 73 45.34 14.30 4.22
CA VAL O 73 45.34 13.06 3.44
C VAL O 73 46.62 12.82 2.62
N LYS O 74 47.61 13.72 2.69
CA LYS O 74 48.84 13.66 1.92
C LYS O 74 50.00 13.06 2.73
N LEU O 75 49.81 12.78 4.04
CA LEU O 75 50.88 12.35 4.96
C LEU O 75 50.47 11.14 5.82
N LEU O 76 49.45 10.37 5.41
CA LEU O 76 48.92 9.25 6.19
C LEU O 76 49.75 7.97 5.90
N PRO O 77 50.22 7.22 6.93
CA PRO O 77 50.89 5.91 6.76
C PRO O 77 50.12 4.92 5.88
N LEU O 78 50.72 4.49 4.77
CA LEU O 78 50.12 3.55 3.80
C LEU O 78 50.44 2.08 4.16
N ASN O 79 51.35 1.85 5.12
CA ASN O 79 51.83 0.53 5.54
C ASN O 79 51.44 0.25 7.01
N ASP O 80 50.46 1.00 7.53
CA ASP O 80 49.64 0.65 8.69
C ASP O 80 48.23 1.22 8.44
N CYS O 81 47.28 0.81 9.26
CA CYS O 81 45.94 1.37 9.37
C CYS O 81 46.00 2.52 10.38
N ARG O 82 44.98 3.37 10.40
CA ARG O 82 44.88 4.56 11.25
C ARG O 82 43.40 4.81 11.54
N TYR O 83 43.14 5.59 12.57
CA TYR O 83 41.83 6.17 12.83
C TYR O 83 41.96 7.68 12.61
N ALA O 84 40.88 8.31 12.17
CA ALA O 84 40.73 9.74 12.09
C ALA O 84 39.31 10.11 12.52
N LEU O 85 39.11 11.39 12.85
CA LEU O 85 37.80 11.97 13.15
C LEU O 85 37.81 13.35 12.52
N TYR O 86 36.69 13.77 11.92
CA TYR O 86 36.55 15.04 11.23
C TYR O 86 35.15 15.63 11.45
N ASP O 87 35.07 16.97 11.49
CA ASP O 87 33.85 17.76 11.53
C ASP O 87 33.69 18.25 10.09
N ALA O 88 32.60 17.88 9.42
CA ALA O 88 32.34 18.16 8.01
C ALA O 88 31.57 19.47 7.85
N THR O 89 31.62 20.06 6.65
CA THR O 89 30.80 21.20 6.24
C THR O 89 30.29 21.00 4.80
N TYR O 90 28.97 21.02 4.58
CA TYR O 90 28.31 21.08 3.28
C TYR O 90 27.16 22.09 3.28
N GLU O 91 26.76 22.56 2.10
CA GLU O 91 26.00 23.80 1.89
C GLU O 91 25.04 23.63 0.70
N THR O 92 23.81 24.12 0.86
CA THR O 92 22.68 24.20 -0.05
C THR O 92 21.51 24.79 0.77
N LYS O 93 20.37 25.12 0.12
CA LYS O 93 19.16 25.55 0.84
C LYS O 93 18.41 24.36 1.46
N GLU O 94 18.75 23.11 1.06
CA GLU O 94 18.06 21.91 1.52
C GLU O 94 18.58 21.44 2.90
N SER O 95 19.85 21.69 3.21
CA SER O 95 20.40 21.81 4.55
C SER O 95 21.88 22.18 4.46
N LYS O 96 22.36 22.98 5.43
CA LYS O 96 23.78 23.26 5.67
C LYS O 96 24.29 22.22 6.68
N LYS O 97 24.40 20.96 6.23
CA LYS O 97 24.86 19.84 7.03
C LYS O 97 26.30 20.05 7.51
N GLU O 98 26.52 19.91 8.81
CA GLU O 98 27.83 19.97 9.45
C GLU O 98 27.96 18.77 10.40
N ASP O 99 28.12 17.58 9.82
CA ASP O 99 28.18 16.29 10.51
C ASP O 99 29.51 16.08 11.22
N LEU O 100 29.51 15.21 12.21
CA LEU O 100 30.69 14.59 12.80
C LEU O 100 30.87 13.23 12.13
N VAL O 101 32.09 12.91 11.73
CA VAL O 101 32.45 11.69 11.01
C VAL O 101 33.63 11.03 11.75
N PHE O 102 33.51 9.73 12.04
CA PHE O 102 34.62 8.85 12.44
C PHE O 102 35.10 8.15 11.17
N ILE O 103 36.42 7.99 11.03
CA ILE O 103 37.10 7.55 9.82
C ILE O 103 38.04 6.42 10.23
N PHE O 104 37.84 5.24 9.63
CA PHE O 104 38.68 4.06 9.72
C PHE O 104 39.48 3.99 8.41
N TRP O 105 40.80 4.21 8.47
CA TRP O 105 41.73 4.12 7.36
C TRP O 105 42.37 2.72 7.47
N ALA O 106 42.04 1.81 6.55
CA ALA O 106 42.53 0.44 6.51
C ALA O 106 43.01 0.08 5.09
N PRO O 107 44.21 0.54 4.68
CA PRO O 107 44.65 0.43 3.28
C PRO O 107 45.07 -0.99 2.88
N GLU O 108 44.92 -1.29 1.59
CA GLU O 108 45.32 -2.50 0.90
C GLU O 108 46.79 -2.90 1.17
N SER O 109 47.67 -1.89 1.23
CA SER O 109 49.11 -1.97 1.43
C SER O 109 49.57 -2.05 2.90
N ALA O 110 48.66 -2.01 3.90
CA ALA O 110 48.99 -2.30 5.30
C ALA O 110 49.05 -3.82 5.53
N PRO O 111 49.86 -4.35 6.48
CA PRO O 111 49.86 -5.77 6.85
C PRO O 111 48.47 -6.34 7.22
N LEU O 112 48.24 -7.63 6.98
CA LEU O 112 46.98 -8.31 7.37
C LEU O 112 46.83 -8.36 8.90
N LYS O 113 47.96 -8.47 9.61
CA LYS O 113 48.01 -8.42 11.08
C LYS O 113 47.89 -6.99 11.64
N SER O 114 47.97 -5.95 10.81
CA SER O 114 47.66 -4.57 11.18
C SER O 114 46.13 -4.44 11.06
N LYS O 115 45.61 -4.66 9.84
CA LYS O 115 44.20 -4.65 9.46
C LYS O 115 43.27 -5.35 10.46
N MET O 116 43.60 -6.59 10.84
CA MET O 116 42.83 -7.42 11.79
C MET O 116 42.68 -6.78 13.19
N ILE O 117 43.75 -6.15 13.71
CA ILE O 117 43.74 -5.50 15.03
C ILE O 117 42.93 -4.19 14.93
N TYR O 118 43.17 -3.36 13.91
CA TYR O 118 42.46 -2.09 13.75
C TYR O 118 40.97 -2.29 13.37
N ALA O 119 40.62 -3.37 12.67
CA ALA O 119 39.25 -3.74 12.36
C ALA O 119 38.52 -4.19 13.64
N SER O 120 39.09 -5.07 14.45
CA SER O 120 38.48 -5.52 15.71
C SER O 120 38.45 -4.41 16.78
N SER O 121 39.41 -3.47 16.75
CA SER O 121 39.44 -2.33 17.66
C SER O 121 38.58 -1.16 17.12
N LYS O 122 38.01 -1.25 15.89
CA LYS O 122 37.00 -0.32 15.37
C LYS O 122 35.74 -0.49 16.21
N ASP O 123 35.30 -1.74 16.39
CA ASP O 123 34.17 -2.16 17.23
C ASP O 123 34.35 -1.81 18.71
N ALA O 124 35.59 -1.66 19.19
CA ALA O 124 35.90 -1.20 20.55
C ALA O 124 35.72 0.32 20.68
N ILE O 125 36.22 1.10 19.71
CA ILE O 125 36.26 2.56 19.80
C ILE O 125 34.98 3.23 19.25
N LYS O 126 34.38 2.73 18.16
CA LYS O 126 33.35 3.43 17.37
C LYS O 126 32.10 3.82 18.20
N LYS O 127 31.71 2.93 19.12
CA LYS O 127 30.62 3.10 20.08
C LYS O 127 30.90 4.16 21.15
N LYS O 128 32.18 4.50 21.40
CA LYS O 128 32.58 5.58 22.30
C LYS O 128 32.74 6.91 21.53
N PHE O 129 32.39 6.93 20.24
CA PHE O 129 32.16 8.11 19.42
C PHE O 129 30.66 8.23 19.10
N THR O 130 29.76 7.71 19.96
CA THR O 130 28.31 7.89 19.88
C THR O 130 27.92 9.37 19.72
N GLY O 131 27.26 9.68 18.59
CA GLY O 131 26.94 11.05 18.18
C GLY O 131 27.78 11.52 17.00
N ILE O 132 28.50 10.63 16.31
CA ILE O 132 28.85 10.77 14.90
C ILE O 132 27.59 10.50 14.04
N LYS O 133 27.51 11.13 12.86
CA LYS O 133 26.44 10.84 11.89
C LYS O 133 26.89 9.73 10.92
N HIS O 134 28.20 9.63 10.66
CA HIS O 134 28.78 8.75 9.65
C HIS O 134 30.03 8.06 10.21
N GLU O 135 30.15 6.74 10.00
CA GLU O 135 31.42 6.01 10.04
C GLU O 135 31.85 5.86 8.58
N TRP O 136 33.05 6.35 8.21
CA TRP O 136 33.67 6.09 6.91
C TRP O 136 34.66 4.92 7.07
N GLN O 137 34.43 3.83 6.33
CA GLN O 137 35.40 2.78 6.03
C GLN O 137 36.11 3.24 4.74
N VAL O 138 37.36 3.71 4.89
CA VAL O 138 38.25 4.21 3.86
C VAL O 138 39.33 3.13 3.71
N ASN O 139 39.52 2.57 2.51
CA ASN O 139 40.40 1.43 2.28
C ASN O 139 41.63 1.85 1.46
N GLY O 140 42.18 3.00 1.86
CA GLY O 140 43.40 3.58 1.33
C GLY O 140 43.08 4.79 0.46
N LEU O 141 43.93 5.06 -0.53
CA LEU O 141 43.86 6.28 -1.34
C LEU O 141 42.63 6.34 -2.27
N ASP O 142 41.97 5.21 -2.53
CA ASP O 142 40.79 5.11 -3.40
C ASP O 142 39.60 5.90 -2.88
N ASP O 143 39.35 5.82 -1.58
CA ASP O 143 38.21 6.45 -0.91
C ASP O 143 38.61 7.83 -0.36
N ILE O 144 39.78 8.39 -0.77
CA ILE O 144 40.36 9.64 -0.26
C ILE O 144 40.88 10.57 -1.37
N LYS O 145 41.04 10.10 -2.61
CA LYS O 145 41.76 10.80 -3.68
C LYS O 145 41.09 12.08 -4.23
N ASP O 146 39.84 12.36 -3.87
CA ASP O 146 39.13 13.62 -4.16
C ASP O 146 38.13 13.91 -3.02
N ARG O 147 37.57 15.12 -2.98
CA ARG O 147 36.57 15.54 -1.99
C ARG O 147 35.15 15.10 -2.39
N SER O 148 34.88 14.82 -3.68
CA SER O 148 33.59 14.32 -4.16
C SER O 148 33.42 12.85 -3.75
N THR O 149 34.52 12.09 -3.77
CA THR O 149 34.63 10.71 -3.30
C THR O 149 34.41 10.59 -1.77
N LEU O 150 34.83 11.59 -0.98
CA LEU O 150 34.51 11.69 0.45
C LEU O 150 33.01 11.97 0.65
N GLY O 151 32.44 12.84 -0.20
CA GLY O 151 31.02 13.17 -0.25
C GLY O 151 30.16 11.95 -0.55
N GLU O 152 30.59 11.08 -1.45
CA GLU O 152 29.97 9.80 -1.78
C GLU O 152 29.93 8.82 -0.57
N LYS O 153 30.87 8.92 0.38
CA LYS O 153 30.91 8.10 1.59
C LYS O 153 30.06 8.71 2.73
N LEU O 154 29.59 9.95 2.58
CA LEU O 154 28.45 10.48 3.34
C LEU O 154 27.13 10.15 2.60
N GLY O 155 27.17 9.37 1.51
CA GLY O 155 26.09 9.11 0.57
C GLY O 155 25.97 10.21 -0.49
N GLY O 156 26.18 11.47 -0.10
CA GLY O 156 26.26 12.65 -0.96
C GLY O 156 24.89 13.29 -1.27
N ASN O 157 23.83 12.79 -0.64
CA ASN O 157 22.41 12.93 -0.99
C ASN O 157 21.87 14.38 -1.03
N VAL O 158 22.54 15.28 -0.31
CA VAL O 158 22.21 16.70 -0.18
C VAL O 158 22.87 17.51 -1.33
N VAL O 159 23.87 16.92 -2.01
CA VAL O 159 24.57 17.36 -3.21
C VAL O 159 25.30 18.71 -3.05
N VAL O 160 25.62 19.37 -4.16
CA VAL O 160 26.22 20.70 -4.29
C VAL O 160 27.75 20.70 -4.06
N SER O 161 28.20 20.45 -2.83
CA SER O 161 29.57 20.66 -2.39
C SER O 161 29.85 19.90 -1.09
N LEU O 162 31.12 19.62 -0.80
CA LEU O 162 31.66 19.21 0.50
C LEU O 162 32.92 20.03 0.75
N GLU O 163 33.04 20.63 1.94
CA GLU O 163 34.21 21.35 2.49
C GLU O 163 34.63 22.54 1.61
N GLY O 164 33.59 23.20 1.05
CA GLY O 164 33.70 24.31 0.12
C GLY O 164 34.33 23.92 -1.21
N LYS O 165 34.12 22.69 -1.69
CA LYS O 165 34.55 22.16 -2.99
C LYS O 165 33.32 21.53 -3.68
N PRO O 166 32.95 21.94 -4.92
CA PRO O 166 31.94 21.26 -5.76
C PRO O 166 32.17 19.76 -5.93
N LEU O 167 31.09 18.97 -5.96
CA LEU O 167 31.12 17.52 -6.16
C LEU O 167 31.22 17.22 -7.67
N NH2 O 168 32.35 17.57 -8.28
HN1 NH2 O 168 32.48 17.34 -9.25
HN2 NH2 O 168 33.11 17.91 -7.69
C ACE P 1 22.05 -48.96 -46.89
O ACE P 1 23.45 -49.00 -46.87
CH3 ACE P 1 21.48 -50.36 -46.60
H1 ACE P 1 21.91 -50.79 -45.70
H2 ACE P 1 21.66 -51.04 -47.43
H3 ACE P 1 20.40 -50.33 -46.45
N MET P 2 21.65 -48.08 -45.81
CA MET P 2 22.17 -46.70 -45.76
C MET P 2 21.62 -45.96 -44.52
N ALA P 3 20.90 -46.65 -43.63
CA ALA P 3 20.35 -46.11 -42.38
C ALA P 3 19.14 -45.18 -42.57
N SER P 4 18.28 -45.50 -43.56
CA SER P 4 17.12 -44.72 -44.01
C SER P 4 16.12 -44.40 -42.90
N GLY P 5 15.94 -45.32 -41.94
CA GLY P 5 14.90 -45.26 -40.92
C GLY P 5 13.52 -45.61 -41.51
N VAL P 6 12.45 -45.24 -40.79
CA VAL P 6 11.05 -45.43 -41.16
C VAL P 6 10.30 -44.11 -40.86
N THR P 7 9.11 -43.93 -41.44
CA THR P 7 8.29 -42.73 -41.31
C THR P 7 6.86 -43.08 -40.87
N VAL P 8 6.18 -42.18 -40.15
CA VAL P 8 4.81 -42.36 -39.70
C VAL P 8 3.94 -41.66 -40.75
N ASN P 9 2.99 -42.38 -41.36
CA ASN P 9 1.93 -41.78 -42.17
C ASN P 9 0.80 -41.33 -41.23
N ASP P 10 0.19 -40.18 -41.52
CA ASP P 10 -0.85 -39.55 -40.69
C ASP P 10 -2.19 -40.32 -40.61
N GLU P 11 -2.29 -41.53 -41.16
CA GLU P 11 -3.35 -42.51 -40.82
C GLU P 11 -3.27 -42.95 -39.35
N VAL P 12 -2.05 -43.05 -38.81
CA VAL P 12 -1.74 -43.23 -37.39
C VAL P 12 -2.19 -42.02 -36.55
N ILE P 13 -2.23 -40.83 -37.16
CA ILE P 13 -2.54 -39.57 -36.50
C ILE P 13 -4.05 -39.29 -36.59
N LYS P 14 -4.73 -39.71 -37.67
CA LYS P 14 -6.18 -39.65 -37.83
C LYS P 14 -6.92 -40.46 -36.74
N VAL P 15 -6.45 -41.68 -36.43
CA VAL P 15 -6.97 -42.46 -35.31
C VAL P 15 -6.54 -41.86 -33.96
N PHE P 16 -5.31 -41.33 -33.85
CA PHE P 16 -4.84 -40.62 -32.64
C PHE P 16 -5.72 -39.42 -32.30
N ASN P 17 -6.09 -38.59 -33.29
CA ASN P 17 -6.91 -37.40 -33.11
C ASN P 17 -8.31 -37.76 -32.59
N ASP P 18 -8.95 -38.77 -33.20
CA ASP P 18 -10.26 -39.29 -32.82
C ASP P 18 -10.25 -39.92 -31.41
N MET P 19 -9.16 -40.63 -31.09
CA MET P 19 -8.87 -41.20 -29.78
C MET P 19 -8.63 -40.10 -28.74
N LYS P 20 -7.73 -39.14 -29.03
CA LYS P 20 -7.27 -38.09 -28.13
C LYS P 20 -8.43 -37.22 -27.62
N VAL P 21 -9.18 -36.61 -28.54
CA VAL P 21 -10.08 -35.51 -28.22
C VAL P 21 -11.45 -36.05 -27.79
N ARG P 22 -12.06 -35.33 -26.84
CA ARG P 22 -13.39 -35.61 -26.32
C ARG P 22 -14.45 -35.09 -27.30
N LYS P 23 -15.65 -35.64 -27.20
CA LYS P 23 -16.85 -35.20 -27.90
C LYS P 23 -18.04 -35.36 -26.93
N SER P 24 -19.28 -35.38 -27.45
CA SER P 24 -20.54 -35.52 -26.71
C SER P 24 -20.53 -36.65 -25.67
N SER P 25 -20.85 -36.34 -24.42
CA SER P 25 -20.54 -37.13 -23.25
C SER P 25 -21.53 -38.32 -23.09
N THR P 26 -22.80 -38.13 -23.46
CA THR P 26 -23.89 -39.05 -23.14
C THR P 26 -23.95 -40.23 -24.16
N GLN P 27 -23.10 -40.22 -25.20
CA GLN P 27 -22.96 -41.34 -26.12
C GLN P 27 -21.56 -41.42 -26.73
N GLU P 28 -21.02 -40.28 -27.18
CA GLU P 28 -19.90 -40.28 -28.10
C GLU P 28 -18.54 -40.32 -27.36
N GLU P 29 -18.51 -39.99 -26.07
CA GLU P 29 -17.41 -40.35 -25.16
C GLU P 29 -17.42 -41.88 -24.91
N ILE P 30 -18.61 -42.49 -24.86
CA ILE P 30 -18.81 -43.89 -24.51
C ILE P 30 -18.40 -44.78 -25.71
N LYS P 31 -18.79 -44.46 -26.94
CA LYS P 31 -18.57 -45.32 -28.11
C LYS P 31 -18.05 -44.63 -29.39
N LYS P 32 -17.52 -43.40 -29.32
CA LYS P 32 -16.75 -42.77 -30.40
C LYS P 32 -15.37 -42.32 -29.90
N ARG P 33 -14.87 -42.92 -28.82
CA ARG P 33 -13.51 -42.77 -28.34
C ARG P 33 -12.89 -44.17 -28.38
N LYS P 34 -11.70 -44.30 -28.95
CA LYS P 34 -10.87 -45.49 -28.78
C LYS P 34 -10.17 -45.34 -27.42
N LYS P 35 -10.08 -46.43 -26.67
CA LYS P 35 -9.44 -46.51 -25.38
C LYS P 35 -8.08 -47.23 -25.50
N ALA P 36 -7.89 -48.01 -26.57
CA ALA P 36 -6.68 -48.73 -26.91
C ALA P 36 -6.57 -48.79 -28.43
N VAL P 37 -5.34 -48.80 -28.95
CA VAL P 37 -4.95 -49.04 -30.34
C VAL P 37 -3.48 -49.49 -30.34
N LEU P 38 -3.08 -50.24 -31.36
CA LEU P 38 -1.73 -50.72 -31.65
C LEU P 38 -1.30 -50.08 -32.97
N PHE P 39 -0.01 -49.75 -33.11
CA PHE P 39 0.61 -49.28 -34.35
C PHE P 39 1.80 -50.20 -34.64
N CYS P 40 2.01 -50.46 -35.94
CA CYS P 40 2.76 -51.59 -36.47
C CYS P 40 3.66 -51.08 -37.60
N LEU P 41 4.85 -51.66 -37.76
CA LEU P 41 5.74 -51.48 -38.90
C LEU P 41 5.17 -52.27 -40.10
N SER P 42 5.31 -51.74 -41.33
CA SER P 42 4.95 -52.42 -42.57
C SER P 42 5.89 -53.61 -42.87
N ASP P 43 5.50 -54.47 -43.83
CA ASP P 43 6.28 -55.58 -44.39
C ASP P 43 7.42 -55.02 -45.25
N ASP P 44 7.14 -53.93 -46.00
CA ASP P 44 8.05 -53.07 -46.74
C ASP P 44 9.12 -52.48 -45.78
N LYS P 45 8.68 -52.00 -44.60
CA LYS P 45 9.43 -51.48 -43.46
C LYS P 45 9.85 -50.01 -43.62
N ARG P 46 9.32 -49.29 -44.62
CA ARG P 46 9.59 -47.87 -44.79
C ARG P 46 8.64 -47.04 -43.90
N GLN P 47 7.53 -47.60 -43.41
CA GLN P 47 6.50 -46.89 -42.65
C GLN P 47 5.92 -47.63 -41.45
N ILE P 48 5.36 -46.85 -40.52
CA ILE P 48 4.47 -47.29 -39.45
C ILE P 48 3.04 -47.12 -39.97
N ILE P 49 2.19 -48.12 -39.70
CA ILE P 49 0.78 -48.24 -40.05
C ILE P 49 -0.05 -48.59 -38.80
N VAL P 50 -1.38 -48.57 -38.95
CA VAL P 50 -2.37 -49.15 -38.05
C VAL P 50 -2.93 -50.35 -38.83
N GLU P 51 -3.37 -51.42 -38.16
CA GLU P 51 -4.06 -52.54 -38.79
C GLU P 51 -5.27 -53.00 -37.96
N GLU P 52 -5.62 -54.30 -38.03
CA GLU P 52 -6.80 -54.93 -37.44
C GLU P 52 -6.55 -55.21 -35.93
N ALA P 53 -5.29 -55.15 -35.47
CA ALA P 53 -4.85 -55.17 -34.08
C ALA P 53 -5.75 -54.32 -33.17
N LYS P 54 -6.47 -55.02 -32.29
CA LYS P 54 -7.83 -54.63 -31.89
C LYS P 54 -7.90 -53.30 -31.13
N GLN P 55 -8.73 -52.40 -31.64
CA GLN P 55 -9.17 -51.20 -30.96
C GLN P 55 -10.44 -51.56 -30.18
N ILE P 56 -10.62 -50.96 -29.01
CA ILE P 56 -11.79 -51.08 -28.14
C ILE P 56 -12.07 -49.69 -27.55
N LEU P 57 -13.34 -49.44 -27.22
CA LEU P 57 -13.92 -48.16 -26.82
C LEU P 57 -14.15 -48.14 -25.29
N VAL P 58 -14.80 -47.08 -24.78
CA VAL P 58 -15.05 -46.87 -23.35
C VAL P 58 -16.30 -47.65 -22.88
N GLY P 59 -17.29 -47.88 -23.75
CA GLY P 59 -18.56 -48.49 -23.41
C GLY P 59 -18.55 -50.02 -23.44
N ASP P 60 -17.56 -50.63 -24.10
CA ASP P 60 -17.44 -52.06 -24.42
C ASP P 60 -17.25 -52.95 -23.17
N ILE P 61 -17.10 -52.32 -22.01
CA ILE P 61 -17.17 -52.86 -20.66
C ILE P 61 -18.58 -53.39 -20.35
N GLY P 62 -19.61 -52.86 -21.02
CA GLY P 62 -20.98 -53.35 -20.94
C GLY P 62 -21.22 -54.54 -21.88
N ASP P 63 -20.67 -54.47 -23.10
CA ASP P 63 -20.85 -55.47 -24.14
C ASP P 63 -20.02 -56.75 -23.88
N THR P 64 -18.84 -56.66 -23.26
CA THR P 64 -17.88 -57.77 -23.19
C THR P 64 -16.92 -57.81 -21.98
N VAL P 65 -16.13 -56.76 -21.70
CA VAL P 65 -14.84 -56.88 -20.99
C VAL P 65 -14.85 -56.31 -19.56
N GLU P 66 -13.76 -56.55 -18.79
CA GLU P 66 -13.51 -55.96 -17.47
C GLU P 66 -13.32 -54.43 -17.55
N ASP P 67 -12.68 -54.02 -18.66
CA ASP P 67 -12.21 -52.71 -19.07
C ASP P 67 -11.42 -52.99 -20.37
N PRO P 68 -11.23 -51.99 -21.26
CA PRO P 68 -10.62 -52.21 -22.56
C PRO P 68 -9.13 -52.58 -22.52
N TYR P 69 -8.33 -51.97 -21.62
CA TYR P 69 -6.88 -52.18 -21.64
C TYR P 69 -6.49 -53.50 -20.97
N THR P 70 -7.23 -54.00 -19.97
CA THR P 70 -6.97 -55.33 -19.42
C THR P 70 -7.45 -56.43 -20.40
N SER P 71 -8.28 -56.11 -21.40
CA SER P 71 -8.51 -56.97 -22.56
C SER P 71 -7.33 -56.87 -23.55
N PHE P 72 -6.78 -55.68 -23.78
CA PHE P 72 -5.70 -55.42 -24.74
C PHE P 72 -4.40 -56.17 -24.38
N VAL P 73 -4.03 -56.23 -23.09
CA VAL P 73 -2.83 -56.97 -22.64
C VAL P 73 -2.96 -58.49 -22.81
N LYS P 74 -4.18 -59.04 -22.93
CA LYS P 74 -4.43 -60.45 -23.24
C LYS P 74 -4.37 -60.69 -24.78
N LEU P 75 -4.15 -59.64 -25.59
CA LEU P 75 -4.10 -59.68 -27.06
C LEU P 75 -2.77 -59.15 -27.61
N LEU P 76 -1.80 -58.78 -26.75
CA LEU P 76 -0.49 -58.26 -27.18
C LEU P 76 0.40 -59.39 -27.73
N PRO P 77 1.12 -59.18 -28.85
CA PRO P 77 1.99 -60.21 -29.44
C PRO P 77 3.27 -60.37 -28.60
N LEU P 78 3.47 -61.55 -28.01
CA LEU P 78 4.64 -61.86 -27.16
C LEU P 78 5.94 -61.98 -27.96
N ASN P 79 5.87 -62.16 -29.28
CA ASN P 79 7.01 -62.43 -30.16
C ASN P 79 7.19 -61.35 -31.23
N ASP P 80 6.57 -60.18 -31.08
CA ASP P 80 6.79 -59.02 -31.93
C ASP P 80 6.80 -57.74 -31.08
N CYS P 81 7.51 -56.72 -31.55
CA CYS P 81 7.56 -55.40 -30.95
C CYS P 81 6.52 -54.54 -31.66
N ARG P 82 5.89 -53.60 -30.94
CA ARG P 82 4.82 -52.76 -31.43
C ARG P 82 4.87 -51.41 -30.72
N TYR P 83 4.09 -50.45 -31.20
CA TYR P 83 3.71 -49.30 -30.38
C TYR P 83 2.24 -49.53 -29.99
N ALA P 84 1.83 -49.00 -28.84
CA ALA P 84 0.45 -48.88 -28.41
C ALA P 84 0.18 -47.47 -27.88
N LEU P 85 -1.10 -47.20 -27.64
CA LEU P 85 -1.65 -45.94 -27.17
C LEU P 85 -2.81 -46.31 -26.25
N TYR P 86 -2.89 -45.67 -25.08
CA TYR P 86 -3.88 -45.93 -24.03
C TYR P 86 -4.33 -44.59 -23.47
N ASP P 87 -5.64 -44.39 -23.34
CA ASP P 87 -6.24 -43.28 -22.58
C ASP P 87 -6.56 -43.86 -21.19
N ALA P 88 -5.69 -43.60 -20.21
CA ALA P 88 -5.68 -44.19 -18.88
C ALA P 88 -6.52 -43.32 -17.95
N THR P 89 -7.61 -43.87 -17.41
CA THR P 89 -8.51 -43.17 -16.49
C THR P 89 -8.13 -43.60 -15.06
N TYR P 90 -7.76 -42.65 -14.21
CA TYR P 90 -7.57 -42.82 -12.77
C TYR P 90 -8.37 -41.76 -12.01
N GLU P 91 -8.93 -42.15 -10.86
CA GLU P 91 -10.00 -41.44 -10.18
C GLU P 91 -9.69 -41.33 -8.69
N THR P 92 -9.98 -40.17 -8.11
CA THR P 92 -9.86 -39.82 -6.71
C THR P 92 -10.68 -38.54 -6.46
N LYS P 93 -10.77 -38.10 -5.19
CA LYS P 93 -11.48 -36.88 -4.81
C LYS P 93 -10.68 -35.62 -5.19
N GLU P 94 -9.35 -35.73 -5.30
CA GLU P 94 -8.46 -34.62 -5.59
C GLU P 94 -8.47 -34.29 -7.08
N SER P 95 -8.52 -35.31 -7.95
CA SER P 95 -8.52 -35.15 -9.39
C SER P 95 -9.09 -36.40 -10.07
N LYS P 96 -9.77 -36.20 -11.20
CA LYS P 96 -10.27 -37.24 -12.09
C LYS P 96 -9.38 -37.14 -13.34
N LYS P 97 -8.25 -37.84 -13.31
CA LYS P 97 -7.22 -37.75 -14.33
C LYS P 97 -7.51 -38.79 -15.41
N GLU P 98 -7.63 -38.30 -16.63
CA GLU P 98 -7.83 -39.07 -17.84
C GLU P 98 -6.65 -38.67 -18.72
N ASP P 99 -5.55 -39.43 -18.64
CA ASP P 99 -4.28 -39.12 -19.33
C ASP P 99 -4.11 -40.05 -20.53
N LEU P 100 -3.66 -39.51 -21.66
CA LEU P 100 -3.28 -40.29 -22.82
C LEU P 100 -1.77 -40.64 -22.68
N VAL P 101 -1.46 -41.93 -22.79
CA VAL P 101 -0.17 -42.56 -22.56
C VAL P 101 0.33 -43.15 -23.90
N PHE P 102 1.61 -42.96 -24.24
CA PHE P 102 2.27 -43.66 -25.35
C PHE P 102 3.03 -44.88 -24.81
N ILE P 103 3.00 -45.99 -25.54
CA ILE P 103 3.56 -47.27 -25.11
C ILE P 103 4.47 -47.78 -26.23
N PHE P 104 5.75 -48.05 -25.93
CA PHE P 104 6.64 -48.85 -26.76
C PHE P 104 6.65 -50.25 -26.13
N TRP P 105 6.18 -51.25 -26.90
CA TRP P 105 6.14 -52.66 -26.53
C TRP P 105 7.30 -53.34 -27.25
N ALA P 106 8.23 -53.95 -26.51
CA ALA P 106 9.37 -54.68 -27.06
C ALA P 106 9.75 -55.90 -26.21
N PRO P 107 8.98 -57.02 -26.24
CA PRO P 107 9.20 -58.25 -25.44
C PRO P 107 10.62 -58.81 -25.47
N GLU P 108 11.13 -59.38 -24.37
CA GLU P 108 12.41 -60.11 -24.33
C GLU P 108 12.52 -61.22 -25.40
N SER P 109 11.41 -61.90 -25.66
CA SER P 109 11.18 -62.93 -26.66
C SER P 109 11.02 -62.37 -28.10
N ALA P 110 10.71 -61.08 -28.30
CA ALA P 110 10.57 -60.51 -29.65
C ALA P 110 11.94 -60.33 -30.32
N PRO P 111 12.07 -60.50 -31.65
CA PRO P 111 13.37 -60.58 -32.33
C PRO P 111 14.09 -59.22 -32.44
N LEU P 112 15.44 -59.30 -32.46
CA LEU P 112 16.39 -58.18 -32.48
C LEU P 112 16.19 -57.23 -33.66
N LYS P 113 15.70 -57.74 -34.81
CA LYS P 113 15.42 -56.97 -36.02
C LYS P 113 13.94 -56.71 -36.26
N SER P 114 13.11 -56.87 -35.22
CA SER P 114 11.94 -56.02 -35.01
C SER P 114 12.40 -54.89 -34.05
N LYS P 115 12.99 -55.25 -32.89
CA LYS P 115 13.51 -54.36 -31.83
C LYS P 115 14.19 -53.07 -32.28
N MET P 116 15.32 -53.20 -32.98
CA MET P 116 16.17 -52.09 -33.44
C MET P 116 15.46 -51.14 -34.40
N ILE P 117 14.45 -51.60 -35.15
CA ILE P 117 13.72 -50.76 -36.11
C ILE P 117 12.68 -49.93 -35.33
N TYR P 118 11.85 -50.58 -34.49
CA TYR P 118 10.85 -49.88 -33.68
C TYR P 118 11.50 -48.95 -32.62
N ALA P 119 12.70 -49.28 -32.14
CA ALA P 119 13.45 -48.47 -31.17
C ALA P 119 14.06 -47.20 -31.79
N SER P 120 14.53 -47.23 -33.04
CA SER P 120 15.14 -46.07 -33.69
C SER P 120 14.09 -45.08 -34.25
N SER P 121 12.87 -45.53 -34.53
CA SER P 121 11.77 -44.68 -35.00
C SER P 121 10.80 -44.29 -33.85
N LYS P 122 11.08 -44.75 -32.60
CA LYS P 122 10.23 -44.62 -31.41
C LYS P 122 9.91 -43.15 -31.06
N ASP P 123 10.88 -42.26 -31.26
CA ASP P 123 10.80 -40.86 -30.82
C ASP P 123 10.61 -39.90 -32.00
N ALA P 124 10.27 -40.46 -33.18
CA ALA P 124 9.69 -39.71 -34.30
C ALA P 124 8.18 -39.62 -34.07
N ILE P 125 7.52 -40.77 -33.80
CA ILE P 125 6.09 -40.86 -33.47
C ILE P 125 5.75 -40.12 -32.16
N LYS P 126 6.66 -40.13 -31.17
CA LYS P 126 6.54 -39.38 -29.91
C LYS P 126 6.54 -37.85 -30.09
N LYS P 127 7.02 -37.33 -31.24
CA LYS P 127 6.96 -35.90 -31.60
C LYS P 127 5.79 -35.58 -32.54
N LYS P 128 5.15 -36.60 -33.13
CA LYS P 128 3.97 -36.44 -33.98
C LYS P 128 2.70 -36.37 -33.10
N PHE P 129 2.66 -37.14 -32.01
CA PHE P 129 1.61 -37.09 -31.00
C PHE P 129 1.85 -35.88 -30.08
N THR P 130 0.78 -35.27 -29.57
CA THR P 130 0.83 -34.11 -28.70
C THR P 130 -0.47 -34.06 -27.89
N GLY P 131 -0.38 -33.91 -26.57
CA GLY P 131 -1.47 -34.23 -25.65
C GLY P 131 -1.45 -35.71 -25.23
N ILE P 132 -0.25 -36.30 -25.26
CA ILE P 132 0.21 -37.43 -24.48
C ILE P 132 0.77 -36.78 -23.19
N LYS P 133 0.55 -37.41 -22.03
CA LYS P 133 1.06 -36.96 -20.74
C LYS P 133 2.20 -37.87 -20.24
N HIS P 134 2.09 -39.19 -20.42
CA HIS P 134 3.02 -40.21 -19.91
C HIS P 134 3.52 -41.11 -21.05
N GLU P 135 4.63 -41.83 -20.82
CA GLU P 135 5.18 -42.82 -21.73
C GLU P 135 5.69 -44.04 -20.95
N TRP P 136 5.55 -45.24 -21.54
CA TRP P 136 6.07 -46.50 -21.04
C TRP P 136 7.00 -47.11 -22.09
N GLN P 137 8.19 -47.56 -21.66
CA GLN P 137 9.01 -48.54 -22.36
C GLN P 137 8.76 -49.85 -21.59
N VAL P 138 8.06 -50.81 -22.20
CA VAL P 138 7.65 -52.07 -21.60
C VAL P 138 8.18 -53.24 -22.44
N ASN P 139 8.68 -54.28 -21.77
CA ASN P 139 9.59 -55.27 -22.35
C ASN P 139 9.13 -56.72 -22.11
N GLY P 140 7.86 -56.95 -21.79
CA GLY P 140 7.30 -58.28 -21.63
C GLY P 140 5.94 -58.18 -20.94
N LEU P 141 5.15 -59.27 -20.96
CA LEU P 141 3.80 -59.35 -20.39
C LEU P 141 3.78 -59.02 -18.89
N ASP P 142 4.78 -59.51 -18.16
CA ASP P 142 4.94 -59.31 -16.71
C ASP P 142 5.21 -57.85 -16.29
N ASP P 143 5.60 -56.97 -17.23
CA ASP P 143 5.72 -55.52 -17.00
C ASP P 143 4.37 -54.79 -17.23
N ILE P 144 3.31 -55.48 -17.67
CA ILE P 144 2.04 -54.87 -18.11
C ILE P 144 0.78 -55.66 -17.65
N LYS P 145 0.95 -56.74 -16.84
CA LYS P 145 -0.06 -57.79 -16.69
C LYS P 145 -1.36 -57.41 -15.93
N ASP P 146 -1.36 -56.31 -15.16
CA ASP P 146 -2.55 -55.69 -14.56
C ASP P 146 -2.34 -54.18 -14.44
N ARG P 147 -3.47 -53.45 -14.42
CA ARG P 147 -3.70 -52.07 -14.03
C ARG P 147 -2.82 -51.52 -12.90
N SER P 148 -2.62 -52.28 -11.83
CA SER P 148 -1.80 -51.86 -10.69
C SER P 148 -0.31 -51.70 -11.08
N THR P 149 0.18 -52.50 -12.03
CA THR P 149 1.54 -52.38 -12.58
C THR P 149 1.59 -51.26 -13.64
N LEU P 150 0.45 -50.82 -14.20
CA LEU P 150 0.37 -49.71 -15.15
C LEU P 150 0.36 -48.37 -14.39
N GLY P 151 -0.29 -48.34 -13.22
CA GLY P 151 -0.46 -47.17 -12.38
C GLY P 151 0.85 -46.69 -11.75
N GLU P 152 1.78 -47.61 -11.48
CA GLU P 152 3.12 -47.36 -10.95
C GLU P 152 3.96 -46.49 -11.91
N LYS P 153 3.77 -46.69 -13.23
CA LYS P 153 4.53 -46.04 -14.28
C LYS P 153 3.90 -44.69 -14.70
N LEU P 154 2.68 -44.40 -14.24
CA LEU P 154 2.11 -43.05 -14.25
C LEU P 154 2.60 -42.34 -12.97
N GLY P 155 2.55 -43.03 -11.84
CA GLY P 155 3.18 -42.65 -10.58
C GLY P 155 2.32 -41.68 -9.77
N GLY P 156 3.02 -40.84 -8.98
CA GLY P 156 2.42 -39.95 -7.99
C GLY P 156 1.77 -40.73 -6.84
N ASN P 157 0.72 -40.17 -6.25
CA ASN P 157 -0.17 -40.82 -5.27
C ASN P 157 -1.64 -40.63 -5.65
N VAL P 158 -1.92 -40.13 -6.86
CA VAL P 158 -3.26 -39.74 -7.34
C VAL P 158 -4.02 -40.99 -7.87
N VAL P 159 -3.29 -42.04 -8.27
CA VAL P 159 -3.83 -43.29 -8.79
C VAL P 159 -4.30 -44.16 -7.60
N VAL P 160 -5.42 -43.79 -6.99
CA VAL P 160 -6.10 -44.55 -5.94
C VAL P 160 -6.97 -45.66 -6.58
N SER P 161 -7.31 -45.50 -7.86
CA SER P 161 -8.08 -46.38 -8.71
C SER P 161 -7.54 -46.14 -10.12
N LEU P 162 -7.41 -47.19 -10.94
CA LEU P 162 -7.09 -47.12 -12.36
C LEU P 162 -8.09 -48.00 -13.10
N GLU P 163 -8.76 -47.44 -14.11
CA GLU P 163 -9.62 -48.11 -15.08
C GLU P 163 -10.85 -48.77 -14.39
N GLY P 164 -11.35 -48.06 -13.38
CA GLY P 164 -12.49 -48.42 -12.55
C GLY P 164 -12.18 -49.40 -11.43
N LYS P 165 -10.93 -49.88 -11.30
CA LYS P 165 -10.51 -50.84 -10.29
C LYS P 165 -9.68 -50.09 -9.22
N PRO P 166 -10.13 -50.00 -7.95
CA PRO P 166 -9.34 -49.50 -6.82
C PRO P 166 -7.99 -50.23 -6.66
N LEU P 167 -6.91 -49.49 -6.40
CA LEU P 167 -5.57 -50.04 -6.18
C LEU P 167 -5.24 -50.06 -4.67
N NH2 P 168 -6.24 -49.91 -3.81
HN1 NH2 P 168 -6.05 -49.97 -2.82
HN2 NH2 P 168 -7.17 -49.81 -4.17
C ACE Q 1 60.69 -73.16 21.99
O ACE Q 1 59.32 -73.29 22.28
CH3 ACE Q 1 61.22 -74.51 21.49
H1 ACE Q 1 60.68 -74.86 20.61
H2 ACE Q 1 61.11 -75.29 22.25
H3 ACE Q 1 62.27 -74.46 21.24
N MET Q 2 60.75 -72.23 20.88
CA MET Q 2 60.19 -70.88 21.05
C MET Q 2 60.48 -70.11 19.76
N ALA Q 3 59.46 -69.48 19.15
CA ALA Q 3 59.48 -69.10 17.74
C ALA Q 3 58.79 -67.77 17.37
N SER Q 4 58.84 -66.75 18.24
CA SER Q 4 58.43 -65.39 17.90
C SER Q 4 59.29 -64.32 18.60
N GLY Q 5 59.04 -63.04 18.27
CA GLY Q 5 59.84 -61.88 18.65
C GLY Q 5 59.64 -61.42 20.10
N VAL Q 6 60.46 -60.45 20.50
CA VAL Q 6 60.52 -59.89 21.85
C VAL Q 6 59.37 -58.92 22.13
N THR Q 7 59.02 -58.79 23.42
CA THR Q 7 57.99 -57.89 23.91
C THR Q 7 58.54 -56.46 24.08
N VAL Q 8 57.66 -55.46 24.04
CA VAL Q 8 57.97 -54.08 24.34
C VAL Q 8 57.78 -53.88 25.86
N ASN Q 9 58.83 -53.39 26.55
CA ASN Q 9 58.75 -52.99 27.95
C ASN Q 9 58.13 -51.58 27.99
N ASP Q 10 57.11 -51.37 28.84
CA ASP Q 10 56.34 -50.13 28.96
C ASP Q 10 57.12 -48.84 29.27
N GLU Q 11 58.37 -48.90 29.72
CA GLU Q 11 59.18 -47.70 29.94
C GLU Q 11 59.55 -46.96 28.65
N VAL Q 12 59.41 -47.59 27.46
CA VAL Q 12 59.51 -46.87 26.18
C VAL Q 12 58.30 -45.94 25.95
N ILE Q 13 57.13 -46.26 26.51
CA ILE Q 13 55.87 -45.51 26.37
C ILE Q 13 55.89 -44.28 27.28
N LYS Q 14 56.56 -44.36 28.45
CA LYS Q 14 56.86 -43.22 29.32
C LYS Q 14 57.73 -42.18 28.58
N VAL Q 15 58.79 -42.67 27.92
CA VAL Q 15 59.71 -41.88 27.11
C VAL Q 15 59.01 -41.28 25.89
N PHE Q 16 58.28 -42.08 25.10
CA PHE Q 16 57.54 -41.65 23.91
C PHE Q 16 56.53 -40.52 24.22
N ASN Q 17 55.71 -40.69 25.26
CA ASN Q 17 54.67 -39.72 25.64
C ASN Q 17 55.24 -38.56 26.49
N ASP Q 18 56.56 -38.49 26.69
CA ASP Q 18 57.27 -37.32 27.20
C ASP Q 18 57.93 -36.56 26.02
N MET Q 19 58.55 -37.30 25.09
CA MET Q 19 59.23 -36.84 23.89
C MET Q 19 58.25 -36.16 22.92
N LYS Q 20 57.14 -36.84 22.61
CA LYS Q 20 56.26 -36.53 21.47
C LYS Q 20 55.46 -35.23 21.67
N VAL Q 21 55.21 -34.88 22.92
CA VAL Q 21 54.36 -33.77 23.31
C VAL Q 21 55.23 -32.51 23.43
N ARG Q 22 54.58 -31.35 23.36
CA ARG Q 22 55.11 -30.09 23.85
C ARG Q 22 55.05 -30.09 25.40
N LYS Q 23 55.41 -28.99 26.03
CA LYS Q 23 55.08 -28.67 27.41
C LYS Q 23 54.68 -27.18 27.38
N SER Q 24 54.39 -26.59 28.56
CA SER Q 24 54.37 -25.15 28.71
C SER Q 24 55.77 -24.57 28.37
N SER Q 25 55.79 -23.50 27.58
CA SER Q 25 56.99 -22.92 26.99
C SER Q 25 57.71 -21.94 27.93
N THR Q 26 57.07 -21.62 29.06
CA THR Q 26 57.51 -20.75 30.14
C THR Q 26 58.87 -21.18 30.70
N GLN Q 27 58.99 -22.47 31.03
CA GLN Q 27 60.24 -23.20 31.24
C GLN Q 27 60.23 -24.65 30.74
N GLU Q 28 59.12 -25.39 30.84
CA GLU Q 28 59.14 -26.86 30.73
C GLU Q 28 59.53 -27.38 29.33
N GLU Q 29 59.15 -26.69 28.25
CA GLU Q 29 59.58 -27.03 26.88
C GLU Q 29 61.12 -26.89 26.77
N ILE Q 30 61.64 -25.81 27.36
CA ILE Q 30 63.03 -25.40 27.32
C ILE Q 30 63.88 -26.24 28.32
N LYS Q 31 63.27 -27.12 29.13
CA LYS Q 31 63.90 -27.82 30.24
C LYS Q 31 63.58 -29.31 30.37
N LYS Q 32 62.65 -29.88 29.58
CA LYS Q 32 62.23 -31.28 29.69
C LYS Q 32 62.20 -32.06 28.38
N ARG Q 33 62.22 -31.41 27.21
CA ARG Q 33 62.15 -32.07 25.91
C ARG Q 33 63.44 -32.86 25.61
N LYS Q 34 63.30 -33.93 24.82
CA LYS Q 34 64.34 -34.86 24.38
C LYS Q 34 64.04 -35.06 22.90
N LYS Q 35 64.95 -34.63 22.02
CA LYS Q 35 64.67 -34.49 20.59
C LYS Q 35 64.92 -35.78 19.80
N ALA Q 36 65.90 -36.59 20.25
CA ALA Q 36 66.20 -37.93 19.75
C ALA Q 36 66.19 -38.87 20.94
N VAL Q 37 65.64 -40.08 20.81
CA VAL Q 37 65.73 -41.13 21.81
C VAL Q 37 65.79 -42.51 21.16
N LEU Q 38 66.62 -43.40 21.73
CA LEU Q 38 66.95 -44.73 21.22
C LEU Q 38 66.60 -45.78 22.28
N PHE Q 39 66.29 -46.98 21.81
CA PHE Q 39 65.92 -48.17 22.54
C PHE Q 39 66.76 -49.33 22.01
N CYS Q 40 66.95 -50.37 22.83
CA CYS Q 40 67.76 -51.54 22.52
C CYS Q 40 67.02 -52.78 23.00
N LEU Q 41 67.26 -53.90 22.32
CA LEU Q 41 67.10 -55.26 22.83
C LEU Q 41 67.94 -55.42 24.11
N SER Q 42 67.33 -55.80 25.23
CA SER Q 42 68.07 -56.21 26.42
C SER Q 42 68.67 -57.60 26.17
N ASP Q 43 69.93 -57.82 26.57
CA ASP Q 43 70.64 -59.09 26.30
C ASP Q 43 70.15 -60.27 27.18
N ASP Q 44 69.05 -60.07 27.93
CA ASP Q 44 68.18 -61.14 28.46
C ASP Q 44 67.53 -61.91 27.29
N LYS Q 45 67.36 -61.22 26.15
CA LYS Q 45 66.85 -61.65 24.86
C LYS Q 45 65.32 -61.72 24.84
N ARG Q 46 64.66 -61.06 25.80
CA ARG Q 46 63.22 -61.16 26.04
C ARG Q 46 62.46 -59.91 25.58
N GLN Q 47 63.09 -58.73 25.64
CA GLN Q 47 62.40 -57.44 25.57
C GLN Q 47 63.22 -56.34 24.89
N ILE Q 48 62.56 -55.27 24.47
CA ILE Q 48 63.16 -54.00 24.08
C ILE Q 48 63.06 -53.08 25.30
N ILE Q 49 64.17 -52.40 25.65
CA ILE Q 49 64.35 -51.46 26.75
C ILE Q 49 64.98 -50.15 26.24
N VAL Q 50 65.32 -49.23 27.16
CA VAL Q 50 66.14 -48.04 26.93
C VAL Q 50 67.60 -48.41 27.26
N GLU Q 51 68.55 -47.67 26.68
CA GLU Q 51 69.98 -47.98 26.58
C GLU Q 51 70.79 -46.70 26.86
N GLU Q 52 72.11 -46.83 27.06
CA GLU Q 52 73.08 -45.72 27.09
C GLU Q 52 73.22 -45.25 25.63
N ALA Q 53 72.47 -44.19 25.30
CA ALA Q 53 72.32 -43.67 23.96
C ALA Q 53 72.33 -42.16 24.02
N LYS Q 54 73.00 -41.56 23.04
CA LYS Q 54 73.41 -40.17 23.03
C LYS Q 54 72.26 -39.34 22.44
N GLN Q 55 71.32 -39.01 23.33
CA GLN Q 55 70.22 -38.06 23.14
C GLN Q 55 70.77 -36.63 23.22
N ILE Q 56 69.96 -35.66 22.82
CA ILE Q 56 70.17 -34.22 22.98
C ILE Q 56 68.81 -33.60 23.36
N LEU Q 57 68.85 -32.49 24.11
CA LEU Q 57 67.71 -31.89 24.77
C LEU Q 57 67.23 -30.62 24.04
N VAL Q 58 67.91 -29.48 24.24
CA VAL Q 58 67.44 -28.14 23.91
C VAL Q 58 68.60 -27.18 23.54
N GLY Q 59 69.54 -26.95 24.47
CA GLY Q 59 70.58 -25.92 24.36
C GLY Q 59 71.81 -26.43 23.60
N ASP Q 60 72.06 -27.72 23.77
CA ASP Q 60 73.03 -28.64 23.18
C ASP Q 60 73.17 -28.54 21.64
N ILE Q 61 72.15 -27.98 20.98
CA ILE Q 61 72.05 -27.72 19.54
C ILE Q 61 72.75 -26.39 19.18
N GLY Q 62 72.72 -25.39 20.07
CA GLY Q 62 73.35 -24.08 19.88
C GLY Q 62 74.72 -24.02 20.56
N ASP Q 63 74.84 -24.64 21.74
CA ASP Q 63 76.04 -24.66 22.56
C ASP Q 63 77.10 -25.62 22.00
N THR Q 64 76.74 -26.62 21.17
CA THR Q 64 77.71 -27.54 20.57
C THR Q 64 77.33 -28.15 19.20
N VAL Q 65 76.27 -28.96 19.08
CA VAL Q 65 76.10 -29.84 17.91
C VAL Q 65 75.24 -29.15 16.84
N GLU Q 66 75.86 -28.81 15.71
CA GLU Q 66 75.33 -28.08 14.54
C GLU Q 66 73.91 -28.39 14.00
N ASP Q 67 73.29 -29.54 14.37
CA ASP Q 67 71.83 -29.75 14.42
C ASP Q 67 71.58 -30.93 15.38
N PRO Q 68 70.35 -31.12 15.91
CA PRO Q 68 70.03 -32.23 16.82
C PRO Q 68 69.99 -33.62 16.15
N TYR Q 69 69.54 -33.70 14.89
CA TYR Q 69 69.32 -34.95 14.17
C TYR Q 69 70.67 -35.56 13.80
N THR Q 70 71.59 -34.68 13.40
CA THR Q 70 73.03 -34.85 13.30
C THR Q 70 73.68 -35.51 14.53
N SER Q 71 73.26 -35.18 15.76
CA SER Q 71 73.85 -35.74 16.98
C SER Q 71 73.53 -37.23 17.11
N PHE Q 72 72.31 -37.62 16.73
CA PHE Q 72 71.85 -39.00 16.68
C PHE Q 72 72.49 -39.75 15.50
N VAL Q 73 72.34 -39.26 14.25
CA VAL Q 73 72.71 -40.04 13.07
C VAL Q 73 74.23 -40.05 12.76
N LYS Q 74 75.05 -39.30 13.51
CA LYS Q 74 76.52 -39.44 13.49
C LYS Q 74 76.98 -40.43 14.60
N LEU Q 75 76.12 -40.85 15.53
CA LEU Q 75 76.45 -41.64 16.72
C LEU Q 75 75.58 -42.91 16.82
N LEU Q 76 75.17 -43.47 15.67
CA LEU Q 76 74.42 -44.73 15.60
C LEU Q 76 75.38 -45.93 15.82
N PRO Q 77 75.05 -46.92 16.69
CA PRO Q 77 75.80 -48.18 16.85
C PRO Q 77 76.13 -48.86 15.52
N LEU Q 78 77.41 -49.04 15.23
CA LEU Q 78 77.93 -49.30 13.88
C LEU Q 78 77.71 -50.75 13.40
N ASN Q 79 77.39 -51.68 14.31
CA ASN Q 79 77.28 -53.12 14.00
C ASN Q 79 76.15 -53.81 14.78
N ASP Q 80 75.22 -53.07 15.37
CA ASP Q 80 74.01 -53.63 15.96
C ASP Q 80 72.80 -52.75 15.64
N CYS Q 81 71.64 -53.38 15.56
CA CYS Q 81 70.36 -52.77 15.22
C CYS Q 81 69.76 -52.17 16.52
N ARG Q 82 68.90 -51.16 16.37
CA ARG Q 82 68.24 -50.44 17.46
C ARG Q 82 66.84 -50.01 16.99
N TYR Q 83 65.94 -49.73 17.95
CA TYR Q 83 64.72 -48.98 17.67
C TYR Q 83 64.93 -47.57 18.22
N ALA Q 84 64.43 -46.55 17.53
CA ALA Q 84 64.55 -45.15 17.93
C ALA Q 84 63.29 -44.36 17.59
N LEU Q 85 63.14 -43.22 18.24
CA LEU Q 85 62.15 -42.18 17.96
C LEU Q 85 62.91 -40.92 17.58
N TYR Q 86 62.35 -40.12 16.67
CA TYR Q 86 62.83 -38.77 16.41
C TYR Q 86 61.65 -37.81 16.30
N ASP Q 87 61.81 -36.64 16.91
CA ASP Q 87 60.83 -35.57 16.99
C ASP Q 87 61.17 -34.58 15.88
N ALA Q 88 60.68 -34.82 14.66
CA ALA Q 88 61.03 -34.03 13.48
C ALA Q 88 60.19 -32.74 13.46
N THR Q 89 60.85 -31.61 13.28
CA THR Q 89 60.33 -30.26 13.34
C THR Q 89 60.79 -29.54 12.06
N TYR Q 90 59.84 -29.24 11.16
CA TYR Q 90 60.13 -29.00 9.76
C TYR Q 90 59.20 -27.96 9.13
N GLU Q 91 59.66 -27.39 8.02
CA GLU Q 91 59.06 -26.27 7.33
C GLU Q 91 58.68 -26.77 5.93
N THR Q 92 57.39 -26.68 5.60
CA THR Q 92 56.85 -27.04 4.30
C THR Q 92 56.66 -25.75 3.48
N LYS Q 93 56.21 -25.85 2.22
CA LYS Q 93 56.00 -24.70 1.36
C LYS Q 93 54.77 -23.83 1.75
N GLU Q 94 54.00 -24.18 2.78
CA GLU Q 94 52.78 -23.45 3.17
C GLU Q 94 52.57 -23.35 4.70
N SER Q 95 53.37 -24.03 5.53
CA SER Q 95 53.15 -24.14 6.96
C SER Q 95 54.43 -24.63 7.66
N LYS Q 96 54.51 -24.41 8.97
CA LYS Q 96 55.40 -25.16 9.85
C LYS Q 96 54.69 -26.49 10.16
N LYS Q 97 55.44 -27.54 10.52
CA LYS Q 97 54.88 -28.81 10.94
C LYS Q 97 55.86 -29.50 11.91
N GLU Q 98 55.32 -30.37 12.77
CA GLU Q 98 56.05 -31.26 13.67
C GLU Q 98 55.43 -32.65 13.49
N ASP Q 99 56.23 -33.70 13.30
CA ASP Q 99 55.77 -35.08 13.12
C ASP Q 99 56.70 -36.05 13.84
N LEU Q 100 56.13 -37.16 14.30
CA LEU Q 100 56.78 -38.15 15.15
C LEU Q 100 57.25 -39.30 14.26
N VAL Q 101 58.59 -39.46 14.16
CA VAL Q 101 59.25 -40.47 13.37
C VAL Q 101 59.55 -41.65 14.31
N PHE Q 102 59.16 -42.86 13.91
CA PHE Q 102 59.55 -44.14 14.50
C PHE Q 102 60.61 -44.74 13.57
N ILE Q 103 61.74 -45.20 14.11
CA ILE Q 103 62.94 -45.59 13.37
C ILE Q 103 63.34 -47.00 13.78
N PHE Q 104 63.37 -47.95 12.83
CA PHE Q 104 64.13 -49.19 12.95
C PHE Q 104 65.50 -48.87 12.32
N TRP Q 105 66.55 -48.89 13.13
CA TRP Q 105 67.94 -48.78 12.69
C TRP Q 105 68.47 -50.21 12.56
N ALA Q 106 68.97 -50.57 11.38
CA ALA Q 106 69.68 -51.80 11.13
C ALA Q 106 70.93 -51.52 10.27
N PRO Q 107 72.16 -51.56 10.83
CA PRO Q 107 73.38 -51.55 10.02
C PRO Q 107 73.51 -52.93 9.36
N GLU Q 108 73.69 -52.95 8.03
CA GLU Q 108 73.52 -54.14 7.19
C GLU Q 108 74.51 -55.28 7.49
N SER Q 109 75.65 -54.96 8.11
CA SER Q 109 76.68 -55.86 8.58
C SER Q 109 76.37 -56.48 9.97
N ALA Q 110 75.28 -56.09 10.65
CA ALA Q 110 74.95 -56.57 12.00
C ALA Q 110 74.51 -58.05 12.03
N PRO Q 111 74.60 -58.74 13.19
CA PRO Q 111 74.10 -60.12 13.40
C PRO Q 111 72.68 -60.38 12.86
N LEU Q 112 72.51 -61.53 12.20
CA LEU Q 112 71.26 -61.97 11.58
C LEU Q 112 70.15 -62.23 12.62
N LYS Q 113 70.53 -62.58 13.86
CA LYS Q 113 69.63 -62.86 14.97
C LYS Q 113 69.16 -61.56 15.66
N SER Q 114 69.98 -60.50 15.71
CA SER Q 114 69.57 -59.15 16.12
C SER Q 114 68.47 -58.65 15.16
N LYS Q 115 68.77 -58.69 13.85
CA LYS Q 115 67.87 -58.34 12.75
C LYS Q 115 66.50 -59.04 12.85
N MET Q 116 66.50 -60.36 13.04
CA MET Q 116 65.29 -61.17 13.21
C MET Q 116 64.48 -60.76 14.46
N ILE Q 117 65.13 -60.57 15.62
CA ILE Q 117 64.50 -60.13 16.88
C ILE Q 117 63.83 -58.76 16.73
N TYR Q 118 64.54 -57.76 16.17
CA TYR Q 118 64.01 -56.43 15.93
C TYR Q 118 62.95 -56.43 14.80
N ALA Q 119 63.10 -57.25 13.75
CA ALA Q 119 62.12 -57.35 12.65
C ALA Q 119 60.80 -57.98 13.11
N SER Q 120 60.87 -59.07 13.87
CA SER Q 120 59.68 -59.74 14.42
C SER Q 120 59.02 -58.98 15.60
N SER Q 121 59.58 -57.85 16.05
CA SER Q 121 58.99 -56.97 17.06
C SER Q 121 58.53 -55.62 16.47
N LYS Q 122 58.60 -55.45 15.13
CA LYS Q 122 58.08 -54.32 14.35
C LYS Q 122 56.58 -54.09 14.58
N ASP Q 123 55.83 -55.18 14.75
CA ASP Q 123 54.40 -55.19 15.05
C ASP Q 123 54.15 -54.82 16.53
N ALA Q 124 54.89 -55.48 17.43
CA ALA Q 124 54.67 -55.48 18.88
C ALA Q 124 54.91 -54.12 19.54
N ILE Q 125 56.01 -53.45 19.20
CA ILE Q 125 56.41 -52.18 19.80
C ILE Q 125 55.51 -51.02 19.32
N LYS Q 126 54.99 -51.10 18.09
CA LYS Q 126 54.38 -49.98 17.39
C LYS Q 126 52.94 -49.70 17.86
N LYS Q 127 52.20 -50.72 18.33
CA LYS Q 127 50.81 -50.56 18.82
C LYS Q 127 50.75 -49.74 20.11
N LYS Q 128 51.86 -49.71 20.87
CA LYS Q 128 52.03 -48.91 22.06
C LYS Q 128 52.35 -47.43 21.72
N PHE Q 129 52.93 -47.15 20.53
CA PHE Q 129 53.37 -45.83 20.12
C PHE Q 129 52.24 -45.12 19.37
N THR Q 130 51.17 -44.81 20.11
CA THR Q 130 49.95 -44.14 19.70
C THR Q 130 50.23 -42.74 19.12
N GLY Q 131 49.94 -42.56 17.83
CA GLY Q 131 50.09 -41.29 17.12
C GLY Q 131 51.40 -41.19 16.33
N ILE Q 132 52.18 -42.28 16.21
CA ILE Q 132 53.28 -42.37 15.24
C ILE Q 132 52.76 -42.14 13.80
N LYS Q 133 53.43 -41.22 13.12
CA LYS Q 133 53.08 -40.68 11.82
C LYS Q 133 53.88 -41.44 10.77
N HIS Q 134 55.22 -41.34 10.86
CA HIS Q 134 56.15 -41.74 9.82
C HIS Q 134 57.05 -42.83 10.38
N GLU Q 135 57.15 -43.95 9.66
CA GLU Q 135 58.01 -45.08 9.98
C GLU Q 135 59.22 -45.05 9.05
N TRP Q 136 60.43 -45.12 9.61
CA TRP Q 136 61.65 -45.39 8.88
C TRP Q 136 62.07 -46.83 9.19
N GLN Q 137 62.28 -47.63 8.14
CA GLN Q 137 63.17 -48.77 8.12
C GLN Q 137 64.48 -48.19 7.55
N VAL Q 138 65.51 -48.02 8.37
CA VAL Q 138 66.82 -47.51 7.97
C VAL Q 138 67.75 -48.72 7.84
N ASN Q 139 68.24 -48.97 6.62
CA ASN Q 139 69.10 -50.09 6.26
C ASN Q 139 70.45 -49.54 5.79
N GLY Q 140 71.35 -49.30 6.75
CA GLY Q 140 72.71 -48.78 6.55
C GLY Q 140 72.81 -47.26 6.72
N LEU Q 141 74.02 -46.70 6.87
CA LEU Q 141 74.23 -45.24 7.01
C LEU Q 141 74.06 -44.50 5.68
N ASP Q 142 74.06 -45.21 4.54
CA ASP Q 142 73.74 -44.65 3.23
C ASP Q 142 72.21 -44.46 3.09
N ASP Q 143 71.40 -45.00 4.01
CA ASP Q 143 69.95 -44.75 4.10
C ASP Q 143 69.66 -43.60 5.08
N ILE Q 144 70.71 -42.97 5.63
CA ILE Q 144 70.68 -41.70 6.36
C ILE Q 144 71.20 -40.61 5.41
N LYS Q 145 72.45 -40.73 4.96
CA LYS Q 145 73.20 -39.76 4.14
C LYS Q 145 73.37 -38.42 4.90
N ASP Q 146 72.81 -37.33 4.36
CA ASP Q 146 72.91 -35.95 4.82
C ASP Q 146 71.66 -35.66 5.70
N ARG Q 147 71.10 -34.43 5.71
CA ARG Q 147 69.86 -34.08 6.40
C ARG Q 147 68.70 -33.88 5.41
N SER Q 148 68.96 -33.64 4.12
CA SER Q 148 67.96 -33.49 3.05
C SER Q 148 67.36 -34.86 2.71
N THR Q 149 68.19 -35.91 2.72
CA THR Q 149 67.77 -37.30 2.58
C THR Q 149 66.85 -37.73 3.74
N LEU Q 150 66.99 -37.13 4.94
CA LEU Q 150 66.09 -37.38 6.07
C LEU Q 150 64.74 -36.68 5.84
N GLY Q 151 64.72 -35.55 5.12
CA GLY Q 151 63.50 -34.88 4.67
C GLY Q 151 62.76 -35.67 3.59
N GLU Q 152 63.51 -36.32 2.67
CA GLU Q 152 62.96 -37.24 1.66
C GLU Q 152 62.35 -38.49 2.31
N LYS Q 153 63.04 -39.06 3.30
CA LYS Q 153 62.62 -40.22 4.08
C LYS Q 153 61.48 -39.84 5.06
N LEU Q 154 61.23 -38.55 5.33
CA LEU Q 154 60.14 -38.07 6.18
C LEU Q 154 58.91 -37.75 5.32
N GLY Q 155 59.02 -36.88 4.31
CA GLY Q 155 57.86 -36.30 3.62
C GLY Q 155 58.11 -35.89 2.18
N GLY Q 156 59.25 -36.25 1.56
CA GLY Q 156 59.55 -35.91 0.17
C GLY Q 156 59.74 -34.41 -0.06
N ASN Q 157 59.41 -33.94 -1.28
CA ASN Q 157 59.55 -32.54 -1.74
C ASN Q 157 58.55 -31.54 -1.10
N VAL Q 158 57.74 -31.97 -0.12
CA VAL Q 158 56.81 -31.14 0.63
C VAL Q 158 57.59 -30.28 1.66
N VAL Q 159 58.72 -30.82 2.16
CA VAL Q 159 59.63 -30.23 3.13
C VAL Q 159 60.63 -29.32 2.38
N VAL Q 160 61.02 -28.19 2.98
CA VAL Q 160 62.01 -27.26 2.44
C VAL Q 160 63.07 -26.82 3.49
N SER Q 161 62.79 -27.03 4.78
CA SER Q 161 63.73 -26.87 5.89
C SER Q 161 63.34 -27.88 6.97
N LEU Q 162 64.32 -28.41 7.68
CA LEU Q 162 64.18 -29.48 8.65
C LEU Q 162 65.23 -29.26 9.74
N GLU Q 163 64.82 -29.07 11.00
CA GLU Q 163 65.68 -28.93 12.17
C GLU Q 163 66.58 -27.67 12.17
N GLY Q 164 66.28 -26.70 11.29
CA GLY Q 164 67.07 -25.48 11.07
C GLY Q 164 68.13 -25.64 9.97
N LYS Q 165 68.25 -26.82 9.35
CA LYS Q 165 69.06 -27.02 8.15
C LYS Q 165 68.10 -26.85 6.95
N PRO Q 166 68.32 -25.86 6.05
CA PRO Q 166 67.50 -25.66 4.86
C PRO Q 166 67.89 -26.68 3.77
N LEU Q 167 66.91 -27.33 3.15
CA LEU Q 167 67.10 -28.42 2.20
C LEU Q 167 67.21 -27.85 0.78
N NH2 Q 168 68.06 -26.86 0.59
HN1 NH2 Q 168 68.19 -26.47 -0.33
HN2 NH2 Q 168 68.63 -26.59 1.38
C ACE R 1 78.13 -74.14 -59.08
O ACE R 1 77.28 -74.86 -58.20
CH3 ACE R 1 78.60 -75.06 -60.21
H1 ACE R 1 79.28 -75.82 -59.85
H2 ACE R 1 79.15 -74.49 -60.97
H3 ACE R 1 77.77 -75.55 -60.71
N MET R 2 77.28 -73.11 -59.64
CA MET R 2 76.92 -72.03 -58.69
C MET R 2 75.41 -71.99 -58.47
N ALA R 3 74.86 -73.20 -58.32
CA ALA R 3 73.46 -73.54 -58.11
C ALA R 3 72.88 -72.93 -56.83
N SER R 4 71.56 -72.70 -56.82
CA SER R 4 70.85 -72.04 -55.75
C SER R 4 69.38 -72.47 -55.75
N GLY R 5 68.57 -71.97 -54.81
CA GLY R 5 67.12 -72.08 -54.87
C GLY R 5 66.58 -71.14 -55.95
N VAL R 6 65.65 -71.65 -56.76
CA VAL R 6 64.94 -70.92 -57.83
C VAL R 6 63.73 -70.16 -57.23
N THR R 7 62.90 -69.57 -58.07
CA THR R 7 61.81 -68.67 -57.68
C THR R 7 60.51 -68.99 -58.43
N VAL R 8 59.48 -68.15 -58.23
CA VAL R 8 58.27 -68.13 -59.03
C VAL R 8 58.29 -66.87 -59.91
N ASN R 9 57.66 -66.99 -61.07
CA ASN R 9 57.42 -65.89 -62.00
C ASN R 9 56.29 -64.99 -61.49
N ASP R 10 56.36 -63.68 -61.78
CA ASP R 10 55.37 -62.64 -61.44
C ASP R 10 53.92 -62.98 -61.87
N GLU R 11 53.80 -63.74 -62.97
CA GLU R 11 52.59 -64.31 -63.57
C GLU R 11 51.57 -64.83 -62.55
N VAL R 12 52.03 -65.58 -61.53
CA VAL R 12 51.21 -66.21 -60.51
C VAL R 12 50.48 -65.16 -59.65
N ILE R 13 51.15 -64.04 -59.37
CA ILE R 13 50.70 -62.95 -58.51
C ILE R 13 49.72 -62.06 -59.31
N LYS R 14 49.78 -62.10 -60.66
CA LYS R 14 48.88 -61.36 -61.54
C LYS R 14 47.53 -62.09 -61.64
N VAL R 15 47.53 -63.40 -61.96
CA VAL R 15 46.31 -64.20 -62.08
C VAL R 15 45.59 -64.42 -60.72
N PHE R 16 46.35 -64.33 -59.61
CA PHE R 16 45.89 -64.41 -58.23
C PHE R 16 44.83 -63.34 -57.90
N ASN R 17 44.92 -62.13 -58.46
CA ASN R 17 44.22 -60.94 -57.96
C ASN R 17 42.69 -61.04 -57.81
N ASP R 18 41.94 -61.68 -58.73
CA ASP R 18 40.47 -61.82 -58.54
C ASP R 18 40.12 -62.91 -57.50
N MET R 19 40.94 -63.98 -57.41
CA MET R 19 40.75 -64.97 -56.36
C MET R 19 41.30 -64.47 -54.99
N LYS R 20 42.03 -63.34 -54.98
CA LYS R 20 42.61 -62.70 -53.81
C LYS R 20 41.61 -61.70 -53.22
N VAL R 21 41.09 -60.76 -54.01
CA VAL R 21 40.12 -59.74 -53.56
C VAL R 21 38.70 -60.33 -53.63
N ARG R 22 37.78 -59.72 -52.90
CA ARG R 22 36.36 -60.07 -52.88
C ARG R 22 35.58 -58.83 -53.33
N LYS R 23 34.73 -59.00 -54.34
CA LYS R 23 33.84 -57.97 -54.86
C LYS R 23 32.43 -58.20 -54.28
N SER R 24 31.40 -57.56 -54.89
CA SER R 24 29.99 -57.74 -54.56
C SER R 24 29.56 -59.22 -54.63
N SER R 25 29.09 -59.74 -53.48
CA SER R 25 29.08 -61.15 -53.12
C SER R 25 28.16 -62.03 -53.98
N THR R 26 26.97 -61.53 -54.33
CA THR R 26 26.02 -62.23 -55.21
C THR R 26 26.19 -61.80 -56.67
N GLN R 27 26.92 -60.70 -56.93
CA GLN R 27 27.01 -60.06 -58.23
C GLN R 27 28.41 -60.31 -58.80
N GLU R 28 29.30 -59.32 -58.76
CA GLU R 28 30.63 -59.33 -59.36
C GLU R 28 31.54 -60.49 -58.96
N GLU R 29 31.32 -61.15 -57.81
CA GLU R 29 31.98 -62.41 -57.49
C GLU R 29 31.50 -63.53 -58.43
N ILE R 30 30.18 -63.72 -58.56
CA ILE R 30 29.54 -64.74 -59.39
C ILE R 30 29.81 -64.50 -60.88
N LYS R 31 29.89 -63.22 -61.30
CA LYS R 31 30.13 -62.80 -62.67
C LYS R 31 31.63 -62.90 -63.08
N LYS R 32 32.56 -63.31 -62.19
CA LYS R 32 34.02 -63.24 -62.43
C LYS R 32 34.87 -64.40 -61.88
N ARG R 33 34.56 -64.94 -60.69
CA ARG R 33 35.54 -65.65 -59.88
C ARG R 33 35.75 -67.12 -60.31
N LYS R 34 36.98 -67.46 -60.71
CA LYS R 34 37.56 -68.80 -60.58
C LYS R 34 38.34 -68.72 -59.24
N LYS R 35 37.89 -69.41 -58.18
CA LYS R 35 38.37 -69.16 -56.81
C LYS R 35 39.58 -70.04 -56.39
N ALA R 36 40.21 -70.76 -57.33
CA ALA R 36 41.39 -71.59 -57.08
C ALA R 36 42.24 -71.72 -58.34
N VAL R 37 43.54 -72.01 -58.18
CA VAL R 37 44.53 -72.19 -59.25
C VAL R 37 45.59 -73.23 -58.81
N LEU R 38 46.33 -73.78 -59.78
CA LEU R 38 47.39 -74.79 -59.63
C LEU R 38 48.66 -74.23 -60.28
N PHE R 39 49.84 -74.65 -59.81
CA PHE R 39 51.17 -74.21 -60.27
C PHE R 39 52.06 -75.44 -60.50
N CYS R 40 52.96 -75.34 -61.48
CA CYS R 40 53.89 -76.36 -61.95
C CYS R 40 55.30 -75.77 -61.96
N LEU R 41 56.34 -76.63 -61.88
CA LEU R 41 57.72 -76.31 -62.22
C LEU R 41 57.84 -76.33 -63.77
N SER R 42 58.39 -75.26 -64.36
CA SER R 42 58.53 -74.91 -65.79
C SER R 42 58.94 -76.06 -66.71
N ASP R 43 58.66 -75.98 -68.02
CA ASP R 43 59.06 -76.98 -69.04
C ASP R 43 60.51 -77.45 -68.95
N ASP R 44 61.44 -76.50 -68.84
CA ASP R 44 62.88 -76.71 -68.68
C ASP R 44 63.23 -77.21 -67.26
N LYS R 45 62.42 -76.82 -66.26
CA LYS R 45 62.38 -77.23 -64.85
C LYS R 45 63.10 -76.28 -63.86
N ARG R 46 63.34 -75.02 -64.22
CA ARG R 46 64.10 -74.05 -63.41
C ARG R 46 63.29 -72.90 -62.81
N GLN R 47 61.98 -72.77 -63.06
CA GLN R 47 61.11 -71.76 -62.45
C GLN R 47 59.74 -72.35 -62.13
N ILE R 48 59.04 -71.81 -61.13
CA ILE R 48 57.64 -72.17 -60.87
C ILE R 48 56.75 -71.24 -61.73
N ILE R 49 55.81 -71.84 -62.45
CA ILE R 49 54.85 -71.25 -63.39
C ILE R 49 53.42 -71.62 -62.98
N VAL R 50 52.43 -70.98 -63.61
CA VAL R 50 51.01 -71.33 -63.61
C VAL R 50 50.77 -72.70 -64.31
N GLU R 51 49.61 -73.31 -64.08
CA GLU R 51 49.12 -74.49 -64.79
C GLU R 51 47.68 -74.24 -65.24
N GLU R 52 47.29 -74.83 -66.37
CA GLU R 52 45.93 -74.87 -66.92
C GLU R 52 45.10 -75.83 -66.04
N ALA R 53 44.80 -75.36 -64.83
CA ALA R 53 44.08 -76.06 -63.79
C ALA R 53 42.64 -76.33 -64.25
N LYS R 54 42.11 -77.53 -63.97
CA LYS R 54 40.70 -77.83 -64.15
C LYS R 54 39.97 -77.19 -62.96
N GLN R 55 39.32 -76.06 -63.27
CA GLN R 55 38.75 -75.10 -62.35
C GLN R 55 37.22 -75.13 -62.43
N ILE R 56 36.62 -74.37 -61.53
CA ILE R 56 35.23 -74.31 -61.16
C ILE R 56 35.05 -72.90 -60.56
N LEU R 57 33.87 -72.31 -60.67
CA LEU R 57 33.62 -70.91 -60.36
C LEU R 57 32.73 -70.77 -59.12
N VAL R 58 31.44 -70.53 -59.33
CA VAL R 58 30.43 -70.14 -58.35
C VAL R 58 28.99 -70.19 -58.93
N GLY R 59 28.80 -70.16 -60.25
CA GLY R 59 27.48 -70.22 -60.91
C GLY R 59 27.10 -71.66 -61.26
N ASP R 60 28.11 -72.42 -61.66
CA ASP R 60 28.22 -73.88 -61.80
C ASP R 60 27.86 -74.61 -60.49
N ILE R 61 28.13 -73.96 -59.35
CA ILE R 61 27.78 -74.40 -57.99
C ILE R 61 26.29 -74.12 -57.68
N GLY R 62 25.65 -73.20 -58.40
CA GLY R 62 24.22 -72.96 -58.33
C GLY R 62 23.46 -73.96 -59.20
N ASP R 63 23.99 -74.25 -60.40
CA ASP R 63 23.37 -75.15 -61.37
C ASP R 63 23.47 -76.63 -60.96
N THR R 64 24.68 -77.21 -60.88
CA THR R 64 24.82 -78.68 -60.96
C THR R 64 26.08 -79.30 -60.33
N VAL R 65 26.97 -78.57 -59.64
CA VAL R 65 28.26 -79.09 -59.20
C VAL R 65 28.46 -78.92 -57.68
N GLU R 66 28.90 -80.01 -57.03
CA GLU R 66 29.06 -80.25 -55.58
C GLU R 66 29.52 -79.08 -54.69
N ASP R 67 30.70 -78.55 -55.00
CA ASP R 67 31.44 -77.55 -54.24
C ASP R 67 32.59 -77.10 -55.14
N PRO R 68 33.02 -75.82 -55.11
CA PRO R 68 34.11 -75.31 -55.93
C PRO R 68 35.52 -75.78 -55.50
N TYR R 69 35.69 -77.03 -55.05
CA TYR R 69 37.00 -77.65 -54.87
C TYR R 69 37.06 -79.17 -55.17
N THR R 70 35.96 -79.92 -55.01
CA THR R 70 35.87 -81.36 -55.32
C THR R 70 36.25 -81.75 -56.77
N SER R 71 36.02 -80.86 -57.73
CA SER R 71 36.38 -81.02 -59.14
C SER R 71 37.89 -80.86 -59.38
N PHE R 72 38.58 -80.05 -58.55
CA PHE R 72 39.99 -79.71 -58.67
C PHE R 72 40.84 -80.85 -58.08
N VAL R 73 40.54 -81.26 -56.83
CA VAL R 73 41.36 -82.20 -56.06
C VAL R 73 41.38 -83.61 -56.69
N LYS R 74 40.29 -84.01 -57.34
CA LYS R 74 40.14 -85.30 -58.01
C LYS R 74 40.89 -85.39 -59.34
N LEU R 75 41.54 -84.30 -59.79
CA LEU R 75 42.30 -84.20 -61.03
C LEU R 75 43.75 -83.74 -60.76
N LEU R 76 44.23 -83.83 -59.52
CA LEU R 76 45.64 -83.62 -59.16
C LEU R 76 46.50 -84.80 -59.66
N PRO R 77 47.75 -84.57 -60.13
CA PRO R 77 48.63 -85.65 -60.59
C PRO R 77 49.22 -86.40 -59.39
N LEU R 78 48.95 -87.70 -59.28
CA LEU R 78 49.42 -88.55 -58.17
C LEU R 78 50.92 -88.93 -58.31
N ASN R 79 51.55 -88.59 -59.43
CA ASN R 79 52.94 -88.93 -59.79
C ASN R 79 53.79 -87.69 -60.08
N ASP R 80 53.31 -86.50 -59.72
CA ASP R 80 54.06 -85.25 -59.74
C ASP R 80 53.65 -84.41 -58.54
N CYS R 81 54.53 -83.51 -58.09
CA CYS R 81 54.28 -82.56 -57.02
C CYS R 81 53.78 -81.26 -57.68
N ARG R 82 53.02 -80.44 -56.96
CA ARG R 82 52.47 -79.18 -57.45
C ARG R 82 52.35 -78.20 -56.28
N TYR R 83 51.96 -76.96 -56.56
CA TYR R 83 51.32 -76.12 -55.54
C TYR R 83 49.89 -75.87 -56.00
N ALA R 84 48.97 -75.70 -55.04
CA ALA R 84 47.63 -75.18 -55.25
C ALA R 84 47.45 -73.96 -54.34
N LEU R 85 46.53 -73.09 -54.74
CA LEU R 85 46.19 -71.82 -54.11
C LEU R 85 44.67 -71.73 -54.19
N TYR R 86 44.02 -71.41 -53.06
CA TYR R 86 42.58 -71.55 -52.90
C TYR R 86 42.07 -70.53 -51.87
N ASP R 87 40.96 -69.86 -52.18
CA ASP R 87 40.26 -68.93 -51.28
C ASP R 87 39.13 -69.74 -50.64
N ALA R 88 39.26 -70.04 -49.34
CA ALA R 88 38.40 -70.98 -48.64
C ALA R 88 37.19 -70.25 -48.06
N THR R 89 35.99 -70.68 -48.47
CA THR R 89 34.72 -70.15 -48.01
C THR R 89 34.32 -70.98 -46.79
N TYR R 90 34.21 -70.37 -45.61
CA TYR R 90 33.84 -71.05 -44.38
C TYR R 90 32.76 -70.34 -43.57
N GLU R 91 32.04 -71.15 -42.79
CA GLU R 91 30.81 -70.83 -42.08
C GLU R 91 30.92 -71.41 -40.67
N THR R 92 30.31 -70.74 -39.69
CA THR R 92 30.39 -71.04 -38.27
C THR R 92 28.98 -71.01 -37.64
N LYS R 93 28.90 -70.73 -36.32
CA LYS R 93 27.65 -70.52 -35.59
C LYS R 93 27.30 -69.02 -35.51
N GLU R 94 28.24 -68.11 -35.83
CA GLU R 94 28.14 -66.70 -35.45
C GLU R 94 28.86 -65.71 -36.36
N SER R 95 29.55 -66.18 -37.42
CA SER R 95 30.33 -65.35 -38.33
C SER R 95 30.48 -66.12 -39.64
N LYS R 96 30.55 -65.41 -40.75
CA LYS R 96 31.16 -65.90 -41.98
C LYS R 96 32.64 -65.47 -41.87
N LYS R 97 33.52 -66.14 -42.59
CA LYS R 97 34.94 -65.86 -42.62
C LYS R 97 35.44 -66.52 -43.89
N GLU R 98 36.25 -65.84 -44.70
CA GLU R 98 36.86 -66.41 -45.88
C GLU R 98 38.32 -65.94 -45.93
N ASP R 99 39.27 -66.87 -45.75
CA ASP R 99 40.71 -66.60 -45.67
C ASP R 99 41.42 -67.33 -46.82
N LEU R 100 42.61 -66.86 -47.19
CA LEU R 100 43.36 -67.34 -48.35
C LEU R 100 44.37 -68.41 -47.92
N VAL R 101 44.36 -69.54 -48.62
CA VAL R 101 45.16 -70.73 -48.38
C VAL R 101 46.15 -70.93 -49.55
N PHE R 102 47.40 -71.25 -49.23
CA PHE R 102 48.40 -71.84 -50.13
C PHE R 102 48.61 -73.31 -49.73
N ILE R 103 48.83 -74.20 -50.70
CA ILE R 103 48.89 -75.65 -50.52
C ILE R 103 50.10 -76.20 -51.29
N PHE R 104 50.98 -76.94 -50.62
CA PHE R 104 52.05 -77.74 -51.22
C PHE R 104 51.52 -79.18 -51.36
N TRP R 105 51.48 -79.69 -52.60
CA TRP R 105 51.07 -81.05 -52.95
C TRP R 105 52.35 -81.84 -53.27
N ALA R 106 52.63 -82.93 -52.54
CA ALA R 106 53.76 -83.82 -52.80
C ALA R 106 53.40 -85.31 -52.55
N PRO R 107 52.76 -86.00 -53.51
CA PRO R 107 52.30 -87.39 -53.33
C PRO R 107 53.47 -88.39 -53.40
N GLU R 108 53.37 -89.50 -52.67
CA GLU R 108 54.51 -90.38 -52.39
C GLU R 108 55.12 -91.09 -53.61
N SER R 109 54.36 -91.25 -54.69
CA SER R 109 54.81 -91.82 -55.96
C SER R 109 55.47 -90.77 -56.87
N ALA R 110 55.49 -89.48 -56.48
CA ALA R 110 56.20 -88.45 -57.22
C ALA R 110 57.73 -88.58 -57.02
N PRO R 111 58.55 -88.42 -58.09
CA PRO R 111 60.02 -88.53 -58.05
C PRO R 111 60.71 -87.69 -56.96
N LEU R 112 61.83 -88.20 -56.42
CA LEU R 112 62.68 -87.47 -55.47
C LEU R 112 63.28 -86.19 -56.12
N LYS R 113 63.67 -86.30 -57.41
CA LYS R 113 64.08 -85.21 -58.31
C LYS R 113 62.92 -84.24 -58.68
N SER R 114 61.65 -84.48 -58.28
CA SER R 114 60.56 -83.50 -58.33
C SER R 114 60.37 -82.94 -56.90
N LYS R 115 60.09 -83.83 -55.91
CA LYS R 115 59.84 -83.54 -54.49
C LYS R 115 60.79 -82.50 -53.86
N MET R 116 62.09 -82.72 -54.05
CA MET R 116 63.20 -81.92 -53.54
C MET R 116 63.17 -80.47 -54.06
N ILE R 117 62.81 -80.26 -55.33
CA ILE R 117 62.81 -78.95 -55.97
C ILE R 117 61.56 -78.18 -55.54
N TYR R 118 60.38 -78.82 -55.57
CA TYR R 118 59.12 -78.20 -55.17
C TYR R 118 59.10 -77.88 -53.66
N ALA R 119 59.71 -78.71 -52.82
CA ALA R 119 59.82 -78.48 -51.37
C ALA R 119 60.70 -77.24 -51.06
N SER R 120 61.83 -77.08 -51.76
CA SER R 120 62.75 -75.96 -51.55
C SER R 120 62.24 -74.65 -52.19
N SER R 121 61.58 -74.71 -53.36
CA SER R 121 61.08 -73.52 -54.06
C SER R 121 59.79 -72.97 -53.43
N LYS R 122 59.19 -73.70 -52.47
CA LYS R 122 57.89 -73.47 -51.83
C LYS R 122 57.84 -72.11 -51.10
N ASP R 123 58.96 -71.72 -50.46
CA ASP R 123 59.07 -70.45 -49.73
C ASP R 123 59.27 -69.25 -50.66
N ALA R 124 59.76 -69.49 -51.88
CA ALA R 124 60.03 -68.47 -52.89
C ALA R 124 58.78 -68.12 -53.72
N ILE R 125 57.63 -68.70 -53.38
CA ILE R 125 56.31 -68.37 -53.93
C ILE R 125 55.43 -67.80 -52.81
N LYS R 126 55.32 -68.48 -51.65
CA LYS R 126 54.43 -68.08 -50.57
C LYS R 126 54.79 -66.72 -49.95
N LYS R 127 56.08 -66.36 -49.91
CA LYS R 127 56.58 -65.05 -49.48
C LYS R 127 56.52 -64.00 -50.61
N LYS R 128 55.82 -64.28 -51.73
CA LYS R 128 55.50 -63.31 -52.79
C LYS R 128 54.00 -63.02 -52.82
N PHE R 129 53.13 -63.94 -52.37
CA PHE R 129 51.69 -63.77 -52.34
C PHE R 129 51.31 -63.01 -51.06
N THR R 130 50.84 -61.77 -51.20
CA THR R 130 50.36 -60.91 -50.12
C THR R 130 48.97 -61.40 -49.64
N GLY R 131 48.85 -61.73 -48.35
CA GLY R 131 47.57 -62.03 -47.69
C GLY R 131 47.24 -63.51 -47.56
N ILE R 132 48.20 -64.43 -47.76
CA ILE R 132 48.03 -65.86 -47.46
C ILE R 132 48.02 -66.01 -45.93
N LYS R 133 46.96 -66.60 -45.40
CA LYS R 133 46.74 -66.79 -43.96
C LYS R 133 47.03 -68.23 -43.53
N HIS R 134 46.87 -69.20 -44.44
CA HIS R 134 46.93 -70.63 -44.16
C HIS R 134 47.88 -71.29 -45.17
N GLU R 135 48.70 -72.22 -44.70
CA GLU R 135 49.63 -72.96 -45.53
C GLU R 135 49.61 -74.45 -45.16
N TRP R 136 49.35 -75.33 -46.13
CA TRP R 136 49.15 -76.76 -45.93
C TRP R 136 50.22 -77.57 -46.71
N GLN R 137 50.70 -78.66 -46.11
CA GLN R 137 51.56 -79.68 -46.69
C GLN R 137 50.70 -80.94 -46.82
N VAL R 138 50.50 -81.42 -48.05
CA VAL R 138 49.60 -82.51 -48.42
C VAL R 138 50.45 -83.60 -49.10
N ASN R 139 50.33 -84.86 -48.64
CA ASN R 139 51.15 -85.99 -49.11
C ASN R 139 50.35 -87.24 -49.47
N GLY R 140 49.13 -87.39 -48.92
CA GLY R 140 48.12 -88.33 -49.41
C GLY R 140 47.11 -87.58 -50.28
N LEU R 141 46.28 -88.30 -51.06
CA LEU R 141 45.13 -87.71 -51.75
C LEU R 141 44.02 -87.46 -50.71
N ASP R 142 43.84 -88.43 -49.79
CA ASP R 142 42.95 -88.42 -48.63
C ASP R 142 43.23 -87.29 -47.63
N ASP R 143 44.42 -86.69 -47.66
CA ASP R 143 44.78 -85.46 -46.93
C ASP R 143 44.05 -84.21 -47.49
N ILE R 144 43.42 -84.28 -48.67
CA ILE R 144 42.74 -83.16 -49.36
C ILE R 144 41.36 -83.57 -49.97
N LYS R 145 41.06 -84.87 -50.00
CA LYS R 145 39.86 -85.51 -50.56
C LYS R 145 38.56 -84.91 -50.02
N ASP R 146 38.45 -84.81 -48.69
CA ASP R 146 37.22 -84.47 -47.96
C ASP R 146 37.36 -83.05 -47.38
N ARG R 147 36.27 -82.26 -47.41
CA ARG R 147 36.26 -80.86 -46.96
C ARG R 147 36.46 -80.69 -45.44
N SER R 148 36.30 -81.76 -44.65
CA SER R 148 36.59 -81.83 -43.22
C SER R 148 38.06 -81.54 -42.92
N THR R 149 38.97 -82.16 -43.68
CA THR R 149 40.42 -82.07 -43.57
C THR R 149 40.95 -80.69 -43.99
N LEU R 150 40.19 -79.95 -44.82
CA LEU R 150 40.48 -78.59 -45.23
C LEU R 150 40.04 -77.59 -44.14
N GLY R 151 38.93 -77.86 -43.43
CA GLY R 151 38.50 -77.05 -42.29
C GLY R 151 39.46 -77.15 -41.10
N GLU R 152 40.00 -78.35 -40.86
CA GLU R 152 41.00 -78.77 -39.86
C GLU R 152 42.22 -77.83 -39.71
N LYS R 153 42.71 -77.23 -40.81
CA LYS R 153 43.84 -76.30 -40.85
C LYS R 153 43.42 -74.91 -41.36
N LEU R 154 42.17 -74.53 -41.09
CA LEU R 154 41.56 -73.26 -41.40
C LEU R 154 41.03 -72.72 -40.06
N GLY R 155 39.71 -72.71 -39.83
CA GLY R 155 39.10 -72.36 -38.54
C GLY R 155 39.02 -73.54 -37.55
N GLY R 156 39.33 -74.77 -38.00
CA GLY R 156 39.31 -75.98 -37.20
C GLY R 156 37.88 -76.37 -36.78
N ASN R 157 37.69 -76.64 -35.48
CA ASN R 157 36.42 -77.07 -34.88
C ASN R 157 35.39 -75.94 -34.78
N VAL R 158 35.76 -74.71 -35.16
CA VAL R 158 34.89 -73.54 -35.19
C VAL R 158 34.11 -73.50 -36.53
N VAL R 159 34.56 -74.25 -37.55
CA VAL R 159 33.91 -74.35 -38.85
C VAL R 159 32.78 -75.40 -38.72
N VAL R 160 31.60 -75.07 -39.24
CA VAL R 160 30.48 -76.02 -39.37
C VAL R 160 30.24 -76.36 -40.85
N SER R 161 30.67 -75.50 -41.79
CA SER R 161 30.62 -75.75 -43.23
C SER R 161 31.83 -75.11 -43.90
N LEU R 162 32.34 -75.79 -44.93
CA LEU R 162 33.38 -75.32 -45.84
C LEU R 162 32.92 -75.68 -47.26
N GLU R 163 32.87 -74.66 -48.13
CA GLU R 163 32.50 -74.74 -49.55
C GLU R 163 31.03 -75.16 -49.78
N GLY R 164 30.15 -74.89 -48.81
CA GLY R 164 28.74 -75.23 -48.85
C GLY R 164 28.43 -76.66 -48.39
N LYS R 165 29.46 -77.50 -48.17
CA LYS R 165 29.34 -78.83 -47.60
C LYS R 165 29.40 -78.70 -46.06
N PRO R 166 28.40 -79.19 -45.29
CA PRO R 166 28.51 -79.34 -43.83
C PRO R 166 29.68 -80.29 -43.47
N LEU R 167 30.43 -80.00 -42.41
CA LEU R 167 31.58 -80.81 -41.99
C LEU R 167 31.15 -81.87 -40.95
N NH2 R 168 30.02 -82.52 -41.20
HN1 NH2 R 168 29.72 -83.24 -40.56
HN2 NH2 R 168 29.53 -82.32 -42.06
C ACE A 1 -59.19 121.72 -9.70
O ACE A 1 -57.93 121.18 -9.99
CH3 ACE A 1 -59.06 122.64 -8.49
H1 ACE A 1 -58.39 123.48 -8.72
H2 ACE A 1 -58.66 122.12 -7.63
H3 ACE A 1 -60.03 123.06 -8.21
N ASP A 2 -60.02 120.58 -9.35
CA ASP A 2 -60.54 119.90 -10.54
C ASP A 2 -61.99 120.39 -10.72
N GLU A 3 -62.56 120.26 -11.93
CA GLU A 3 -63.87 120.83 -12.27
C GLU A 3 -65.06 119.89 -11.94
N ASP A 4 -64.78 118.67 -11.44
CA ASP A 4 -65.76 117.72 -10.91
C ASP A 4 -66.01 117.98 -9.41
N GLU A 5 -67.13 117.46 -8.90
CA GLU A 5 -67.70 117.75 -7.58
C GLU A 5 -66.96 117.02 -6.42
N THR A 6 -67.37 117.40 -5.22
CA THR A 6 -66.76 117.20 -3.92
C THR A 6 -66.79 115.70 -3.51
N THR A 7 -65.61 115.08 -3.40
CA THR A 7 -65.45 113.76 -2.77
C THR A 7 -65.37 113.97 -1.24
N ALA A 8 -65.90 113.03 -0.46
CA ALA A 8 -65.82 112.99 1.00
C ALA A 8 -65.93 111.52 1.45
N LEU A 9 -65.45 111.22 2.66
CA LEU A 9 -65.48 109.89 3.27
C LEU A 9 -66.71 109.83 4.18
N VAL A 10 -67.48 108.76 4.11
CA VAL A 10 -68.70 108.57 4.87
C VAL A 10 -68.44 107.35 5.76
N CYS A 11 -68.16 107.58 7.05
CA CYS A 11 -67.92 106.56 8.06
C CYS A 11 -69.18 106.50 8.92
N ASP A 12 -69.70 105.30 9.19
CA ASP A 12 -70.75 105.08 10.16
C ASP A 12 -70.18 104.17 11.26
N ASN A 13 -70.27 104.66 12.50
CA ASN A 13 -69.67 104.09 13.71
C ASN A 13 -70.60 103.00 14.26
N GLY A 14 -70.58 101.81 13.67
CA GLY A 14 -71.31 100.67 14.22
C GLY A 14 -70.52 100.01 15.35
N SER A 15 -71.19 99.72 16.44
CA SER A 15 -70.71 98.94 17.57
C SER A 15 -70.62 97.46 17.13
N GLY A 16 -69.43 97.02 16.72
CA GLY A 16 -69.13 95.66 16.28
C GLY A 16 -68.72 95.60 14.81
N LEU A 17 -69.21 96.53 13.98
CA LEU A 17 -68.84 96.66 12.56
C LEU A 17 -68.63 98.14 12.23
N VAL A 18 -67.38 98.51 11.93
CA VAL A 18 -66.98 99.82 11.43
C VAL A 18 -67.27 99.79 9.91
N LYS A 19 -68.21 100.63 9.45
CA LYS A 19 -68.68 100.72 8.07
C LYS A 19 -68.16 102.04 7.50
N ALA A 20 -67.47 102.04 6.36
CA ALA A 20 -67.05 103.26 5.69
C ALA A 20 -66.95 103.14 4.17
N GLY A 21 -67.23 104.22 3.44
CA GLY A 21 -67.02 104.32 2.00
C GLY A 21 -66.80 105.77 1.60
N PHE A 22 -66.74 106.03 0.29
CA PHE A 22 -66.73 107.38 -0.25
C PHE A 22 -68.19 107.83 -0.45
N ALA A 23 -68.44 109.13 -0.29
CA ALA A 23 -69.68 109.80 -0.68
C ALA A 23 -69.81 109.66 -2.21
N GLY A 24 -70.87 108.98 -2.65
CA GLY A 24 -71.05 108.59 -4.05
C GLY A 24 -70.77 107.10 -4.31
N ASP A 25 -70.25 106.33 -3.32
CA ASP A 25 -70.27 104.87 -3.38
C ASP A 25 -71.72 104.40 -3.13
N ASP A 26 -72.11 103.31 -3.79
CA ASP A 26 -73.42 102.67 -3.73
C ASP A 26 -73.59 101.93 -2.38
N ALA A 27 -72.52 101.32 -1.89
CA ALA A 27 -72.39 100.70 -0.58
C ALA A 27 -70.96 100.89 -0.03
N PRO A 28 -70.73 100.80 1.30
CA PRO A 28 -69.43 100.96 1.96
C PRO A 28 -68.25 100.23 1.28
N ARG A 29 -67.18 100.98 0.97
CA ARG A 29 -65.93 100.52 0.38
C ARG A 29 -65.17 99.55 1.32
N ALA A 30 -65.39 99.69 2.63
CA ALA A 30 -64.91 98.82 3.68
C ALA A 30 -66.00 98.64 4.73
N VAL A 31 -66.14 97.43 5.25
CA VAL A 31 -66.79 97.16 6.51
C VAL A 31 -65.89 96.13 7.19
N PHE A 32 -65.52 96.35 8.46
CA PHE A 32 -64.61 95.47 9.19
C PHE A 32 -65.01 95.39 10.67
N PRO A 33 -64.75 94.25 11.37
CA PRO A 33 -64.96 94.10 12.82
C PRO A 33 -64.31 95.21 13.67
N SER A 34 -65.04 95.75 14.63
CA SER A 34 -64.54 96.74 15.59
C SER A 34 -63.67 96.04 16.66
N ILE A 35 -62.46 95.59 16.28
CA ILE A 35 -61.55 94.82 17.12
C ILE A 35 -60.13 95.39 17.02
N VAL A 36 -59.47 95.53 18.17
CA VAL A 36 -58.02 95.60 18.32
C VAL A 36 -57.67 94.42 19.23
N GLY A 37 -56.66 93.64 18.85
CA GLY A 37 -56.14 92.52 19.60
C GLY A 37 -54.73 92.85 20.08
N ARG A 38 -54.50 92.84 21.39
CA ARG A 38 -53.19 92.93 22.03
C ARG A 38 -52.87 91.53 22.60
N PRO A 39 -51.84 90.79 22.11
CA PRO A 39 -51.50 89.42 22.59
C PRO A 39 -51.32 89.29 24.12
N ARG A 40 -51.80 88.19 24.74
CA ARG A 40 -51.49 87.87 26.13
C ARG A 40 -50.06 87.25 26.18
N HIS A 41 -49.05 88.12 26.26
CA HIS A 41 -47.71 87.83 26.78
C HIS A 41 -46.71 87.23 25.78
N GLN A 42 -46.71 87.63 24.51
CA GLN A 42 -45.63 87.36 23.56
C GLN A 42 -45.38 88.58 22.68
N GLY A 43 -44.10 88.85 22.39
CA GLY A 43 -43.67 89.90 21.47
C GLY A 43 -43.77 89.41 20.03
N VAL A 44 -45.01 89.31 19.52
CA VAL A 44 -45.32 88.85 18.17
C VAL A 44 -45.19 90.02 17.16
N MET A 45 -45.80 91.17 17.48
CA MET A 45 -45.99 92.31 16.57
C MET A 45 -45.03 93.47 16.88
N VAL A 46 -43.98 93.21 17.66
CA VAL A 46 -42.98 94.19 18.08
C VAL A 46 -42.19 94.73 16.87
N GLY A 47 -42.45 95.98 16.50
CA GLY A 47 -41.85 96.67 15.37
C GLY A 47 -42.19 96.04 14.01
N MET A 48 -41.24 96.09 13.07
CA MET A 48 -41.34 95.67 11.66
C MET A 48 -42.25 96.60 10.84
N GLY A 49 -43.53 96.59 11.22
CA GLY A 49 -44.57 97.52 10.82
C GLY A 49 -44.57 98.70 11.80
N GLN A 50 -45.75 99.13 12.25
CA GLN A 50 -45.95 100.35 13.05
C GLN A 50 -47.00 100.22 14.16
N LYS A 51 -47.41 99.00 14.53
CA LYS A 51 -48.37 98.77 15.62
C LYS A 51 -48.16 97.40 16.27
N ASP A 52 -47.95 97.36 17.59
CA ASP A 52 -47.78 96.16 18.43
C ASP A 52 -49.14 95.47 18.72
N SER A 53 -50.02 95.41 17.72
CA SER A 53 -51.38 94.90 17.82
C SER A 53 -51.89 94.41 16.45
N TYR A 54 -52.87 93.50 16.48
CA TYR A 54 -53.67 93.11 15.33
C TYR A 54 -54.91 94.03 15.35
N VAL A 55 -55.39 94.52 14.20
CA VAL A 55 -56.61 95.32 14.09
C VAL A 55 -57.52 94.73 13.01
N GLY A 56 -58.83 94.66 13.26
CA GLY A 56 -59.82 94.22 12.30
C GLY A 56 -59.73 92.73 11.96
N ASP A 57 -59.84 92.40 10.68
CA ASP A 57 -59.80 91.06 10.12
C ASP A 57 -58.36 90.49 10.08
N GLU A 58 -57.32 91.30 10.39
CA GLU A 58 -55.97 90.83 10.74
C GLU A 58 -56.03 89.90 11.97
N ALA A 59 -56.83 90.28 12.98
CA ALA A 59 -56.89 89.64 14.29
C ALA A 59 -57.69 88.34 14.26
N GLN A 60 -58.61 88.19 13.29
CA GLN A 60 -59.45 87.01 13.12
C GLN A 60 -58.87 86.02 12.09
N SER A 61 -57.79 86.40 11.40
CA SER A 61 -57.00 85.54 10.52
C SER A 61 -55.78 84.99 11.28
N LYS A 62 -55.87 84.91 12.62
CA LYS A 62 -54.87 84.41 13.55
C LYS A 62 -55.57 83.59 14.64
N ARG A 63 -54.76 82.98 15.51
CA ARG A 63 -55.16 82.23 16.69
C ARG A 63 -54.23 82.67 17.84
N GLY A 64 -54.61 82.30 19.06
CA GLY A 64 -53.78 82.33 20.26
C GLY A 64 -54.17 83.46 21.20
N ILE A 65 -54.18 83.13 22.50
CA ILE A 65 -54.53 83.91 23.69
C ILE A 65 -54.38 85.44 23.56
N LEU A 66 -55.50 86.13 23.31
CA LEU A 66 -55.57 87.51 22.86
C LEU A 66 -56.35 88.34 23.89
N THR A 67 -55.85 89.55 24.22
CA THR A 67 -56.59 90.51 25.04
C THR A 67 -57.37 91.37 24.03
N LEU A 68 -58.70 91.34 24.13
CA LEU A 68 -59.65 91.91 23.19
C LEU A 68 -60.29 93.17 23.79
N LYS A 69 -60.70 94.11 22.93
CA LYS A 69 -61.84 94.99 23.20
C LYS A 69 -62.55 95.34 21.89
N TYR A 70 -63.86 95.54 21.98
CA TYR A 70 -64.63 96.44 21.13
C TYR A 70 -64.43 97.84 21.77
N PRO A 71 -63.92 98.86 21.05
CA PRO A 71 -63.72 100.21 21.62
C PRO A 71 -65.03 101.03 21.69
N ILE A 72 -66.02 100.69 20.86
CA ILE A 72 -67.35 101.25 20.79
C ILE A 72 -68.33 100.12 21.05
N GLU A 73 -69.28 100.36 21.96
CA GLU A 73 -70.31 99.43 22.41
C GLU A 73 -71.65 100.18 22.53
N HIS A 74 -71.79 101.03 23.56
CA HIS A 74 -73.05 101.72 23.90
C HIS A 74 -73.29 102.99 23.06
N GLY A 75 -72.29 103.41 22.28
CA GLY A 75 -72.28 104.65 21.50
C GLY A 75 -71.66 105.83 22.26
N ILE A 76 -71.51 105.69 23.58
CA ILE A 76 -70.62 106.46 24.43
C ILE A 76 -69.28 105.71 24.33
N ILE A 77 -68.20 106.41 23.95
CA ILE A 77 -66.88 105.83 23.79
C ILE A 77 -66.20 105.96 25.17
N THR A 78 -65.81 104.82 25.73
CA THR A 78 -65.13 104.67 27.01
C THR A 78 -63.74 104.03 26.82
N ASN A 79 -63.29 103.85 25.56
CA ASN A 79 -62.07 103.14 25.15
C ASN A 79 -61.38 103.90 24.01
N TRP A 80 -61.23 105.22 24.20
CA TRP A 80 -60.74 106.19 23.20
C TRP A 80 -59.46 105.84 22.45
N ASP A 81 -58.47 105.23 23.13
CA ASP A 81 -57.20 104.77 22.57
C ASP A 81 -57.43 103.83 21.36
N ASP A 82 -58.10 102.69 21.58
CA ASP A 82 -58.38 101.70 20.54
C ASP A 82 -59.49 102.17 19.58
N MET A 83 -60.34 103.13 19.96
CA MET A 83 -61.28 103.77 19.04
C MET A 83 -60.52 104.62 18.00
N GLU A 84 -59.44 105.30 18.44
CA GLU A 84 -58.59 106.08 17.53
C GLU A 84 -57.77 105.12 16.65
N LYS A 85 -57.28 103.99 17.19
CA LYS A 85 -56.63 102.93 16.40
C LYS A 85 -57.52 102.36 15.29
N ILE A 86 -58.83 102.19 15.56
CA ILE A 86 -59.83 101.83 14.56
C ILE A 86 -59.91 102.88 13.44
N TRP A 87 -59.88 104.19 13.75
CA TRP A 87 -59.86 105.24 12.72
C TRP A 87 -58.53 105.29 11.95
N HIS A 88 -57.37 105.13 12.63
CA HIS A 88 -56.05 104.97 12.01
C HIS A 88 -56.04 103.83 10.98
N HIS A 89 -56.67 102.70 11.34
CA HIS A 89 -56.82 101.54 10.46
C HIS A 89 -57.85 101.77 9.33
N THR A 90 -58.97 102.47 9.60
CA THR A 90 -60.04 102.78 8.66
C THR A 90 -59.49 103.60 7.47
N PHE A 91 -58.78 104.70 7.74
CA PHE A 91 -58.27 105.61 6.73
C PHE A 91 -57.04 105.01 6.04
N TYR A 92 -55.99 104.70 6.82
CA TYR A 92 -54.66 104.44 6.29
C TYR A 92 -54.41 102.95 5.98
N ASN A 93 -55.41 102.07 6.13
CA ASN A 93 -55.41 100.68 5.67
C ASN A 93 -56.61 100.44 4.76
N GLU A 94 -57.85 100.49 5.28
CA GLU A 94 -59.03 99.94 4.61
C GLU A 94 -59.60 100.86 3.52
N LEU A 95 -59.85 102.15 3.81
CA LEU A 95 -60.37 103.11 2.82
C LEU A 95 -59.28 103.56 1.85
N ARG A 96 -58.01 103.41 2.25
CA ARG A 96 -56.81 103.61 1.44
C ARG A 96 -56.62 105.08 1.06
N VAL A 97 -56.80 106.04 1.98
CA VAL A 97 -56.77 107.47 1.67
C VAL A 97 -56.07 108.31 2.73
N ALA A 98 -55.79 109.55 2.34
CA ALA A 98 -55.31 110.67 3.13
C ALA A 98 -56.55 111.45 3.61
N PRO A 99 -56.95 111.38 4.90
CA PRO A 99 -58.08 112.16 5.43
C PRO A 99 -57.76 113.67 5.61
N GLU A 100 -56.51 114.08 5.46
CA GLU A 100 -56.02 115.46 5.50
C GLU A 100 -56.40 116.20 4.20
N GLU A 101 -56.56 115.47 3.09
CA GLU A 101 -57.13 115.96 1.83
C GLU A 101 -58.66 115.75 1.83
N HIS A 102 -59.17 114.63 2.36
CA HIS A 102 -60.55 114.18 2.16
C HIS A 102 -61.43 114.36 3.43
N PRO A 103 -62.43 115.29 3.42
CA PRO A 103 -63.42 115.46 4.50
C PRO A 103 -64.12 114.16 4.96
N THR A 104 -64.47 114.05 6.24
CA THR A 104 -65.10 112.86 6.81
C THR A 104 -66.47 113.22 7.42
N LEU A 105 -67.54 112.51 7.04
CA LEU A 105 -68.81 112.47 7.75
C LEU A 105 -68.70 111.33 8.76
N LEU A 106 -68.97 111.65 10.03
CA LEU A 106 -69.09 110.75 11.15
C LEU A 106 -70.58 110.63 11.51
N THR A 107 -70.94 109.54 12.21
CA THR A 107 -72.25 109.35 12.78
C THR A 107 -72.09 109.27 14.31
N GLU A 108 -72.99 109.91 15.06
CA GLU A 108 -73.10 109.82 16.51
C GLU A 108 -74.34 108.97 16.86
N ALA A 109 -74.24 108.28 17.99
CA ALA A 109 -75.26 107.40 18.51
C ALA A 109 -76.25 108.18 19.39
N PRO A 110 -77.55 107.80 19.43
CA PRO A 110 -78.56 108.36 20.33
C PRO A 110 -78.13 108.32 21.81
N LEU A 111 -78.26 109.47 22.50
CA LEU A 111 -78.04 109.69 23.93
C LEU A 111 -76.56 109.90 24.31
N ASN A 112 -75.64 110.03 23.34
CA ASN A 112 -74.21 110.21 23.61
C ASN A 112 -73.93 111.59 24.29
N PRO A 113 -73.11 111.65 25.37
CA PRO A 113 -72.75 112.89 26.08
C PRO A 113 -72.20 114.02 25.21
N LYS A 114 -72.29 115.27 25.70
CA LYS A 114 -71.69 116.45 25.07
C LYS A 114 -70.18 116.28 24.81
N ALA A 115 -69.47 115.81 25.84
CA ALA A 115 -68.03 115.57 25.83
C ALA A 115 -67.64 114.38 24.94
N ASN A 116 -68.60 113.52 24.54
CA ASN A 116 -68.36 112.42 23.61
C ASN A 116 -68.34 113.01 22.20
N ARG A 117 -69.41 113.69 21.76
CA ARG A 117 -69.50 114.33 20.44
C ARG A 117 -68.45 115.45 20.25
N GLU A 118 -68.13 116.24 21.30
CA GLU A 118 -67.04 117.24 21.29
C GLU A 118 -65.66 116.57 21.14
N LYS A 119 -65.35 115.50 21.88
CA LYS A 119 -64.08 114.78 21.74
C LYS A 119 -63.99 114.02 20.40
N MET A 120 -65.11 113.53 19.87
CA MET A 120 -65.17 112.85 18.57
C MET A 120 -64.93 113.84 17.42
N THR A 121 -65.36 115.11 17.59
CA THR A 121 -65.06 116.20 16.67
C THR A 121 -63.57 116.58 16.78
N GLN A 122 -63.07 116.73 18.01
CA GLN A 122 -61.70 117.11 18.34
C GLN A 122 -60.63 116.24 17.65
N ILE A 123 -60.69 114.91 17.80
CA ILE A 123 -59.67 113.98 17.29
C ILE A 123 -59.54 114.01 15.75
N MET A 124 -60.62 114.33 15.02
CA MET A 124 -60.59 114.45 13.57
C MET A 124 -59.70 115.62 13.13
N PHE A 125 -59.80 116.76 13.83
CA PHE A 125 -58.96 117.92 13.57
C PHE A 125 -57.58 117.78 14.23
N GLU A 126 -57.51 117.40 15.51
CA GLU A 126 -56.27 117.49 16.29
C GLU A 126 -55.38 116.24 16.18
N THR A 127 -55.90 115.06 15.82
CA THR A 127 -55.06 113.91 15.49
C THR A 127 -54.97 113.85 13.95
N PHE A 128 -56.11 113.65 13.26
CA PHE A 128 -56.11 113.22 11.86
C PHE A 128 -56.01 114.37 10.86
N ASN A 129 -56.07 115.64 11.31
CA ASN A 129 -55.84 116.84 10.49
C ASN A 129 -56.92 117.08 9.42
N VAL A 130 -58.13 116.53 9.63
CA VAL A 130 -59.28 116.57 8.72
C VAL A 130 -59.67 118.05 8.41
N PRO A 131 -59.82 118.45 7.13
CA PRO A 131 -60.04 119.86 6.76
C PRO A 131 -61.48 120.34 7.02
N ALA A 132 -62.47 119.44 6.87
CA ALA A 132 -63.87 119.66 7.19
C ALA A 132 -64.54 118.35 7.58
N MET A 133 -65.54 118.39 8.47
CA MET A 133 -66.28 117.23 8.95
C MET A 133 -67.73 117.56 9.32
N TYR A 134 -68.56 116.52 9.47
CA TYR A 134 -69.93 116.60 9.98
C TYR A 134 -70.25 115.39 10.85
N VAL A 135 -71.11 115.61 11.86
CA VAL A 135 -71.61 114.60 12.78
C VAL A 135 -73.14 114.60 12.62
N ALA A 136 -73.68 113.54 12.03
CA ALA A 136 -75.12 113.26 11.93
C ALA A 136 -75.52 112.23 13.00
N ILE A 137 -76.79 112.19 13.40
CA ILE A 137 -77.33 111.15 14.27
C ILE A 137 -77.61 109.91 13.40
N GLN A 138 -77.22 108.71 13.85
CA GLN A 138 -77.38 107.44 13.14
C GLN A 138 -78.84 107.14 12.69
N ALA A 139 -79.79 107.22 13.62
CA ALA A 139 -81.14 106.70 13.42
C ALA A 139 -81.98 107.45 12.37
N VAL A 140 -81.89 108.79 12.32
CA VAL A 140 -82.71 109.63 11.45
C VAL A 140 -82.38 109.43 9.95
N LEU A 141 -81.13 109.05 9.63
CA LEU A 141 -80.66 108.78 8.28
C LEU A 141 -81.38 107.58 7.64
N SER A 142 -81.70 106.54 8.44
CA SER A 142 -82.49 105.39 8.00
C SER A 142 -83.98 105.76 7.85
N LEU A 143 -84.51 106.65 8.71
CA LEU A 143 -85.89 107.13 8.65
C LEU A 143 -86.09 107.98 7.39
N TYR A 144 -85.14 108.87 7.11
CA TYR A 144 -85.04 109.71 5.91
C TYR A 144 -84.98 108.83 4.64
N ALA A 145 -84.09 107.82 4.63
CA ALA A 145 -83.94 106.86 3.53
C ALA A 145 -85.15 105.93 3.33
N SER A 146 -86.05 105.83 4.31
CA SER A 146 -87.31 105.07 4.22
C SER A 146 -88.48 105.94 3.71
N GLY A 147 -88.24 107.22 3.39
CA GLY A 147 -89.25 108.17 2.96
C GLY A 147 -90.15 108.60 4.12
N ARG A 148 -89.55 108.99 5.24
CA ARG A 148 -90.17 109.47 6.46
C ARG A 148 -89.44 110.70 6.97
N THR A 149 -90.04 111.34 7.97
CA THR A 149 -89.61 112.59 8.60
C THR A 149 -90.08 112.50 10.06
N THR A 150 -91.37 112.23 10.28
CA THR A 150 -91.90 111.65 11.51
C THR A 150 -91.87 110.10 11.40
N GLY A 151 -91.72 109.41 12.54
CA GLY A 151 -91.81 107.97 12.68
C GLY A 151 -90.99 107.48 13.87
N ILE A 152 -90.83 106.17 14.04
CA ILE A 152 -90.01 105.56 15.09
C ILE A 152 -89.08 104.53 14.45
N VAL A 153 -87.77 104.69 14.70
CA VAL A 153 -86.73 103.80 14.26
C VAL A 153 -86.49 102.81 15.40
N LEU A 154 -86.49 101.51 15.10
CA LEU A 154 -85.82 100.48 15.90
C LEU A 154 -84.50 100.20 15.16
N ASP A 155 -83.41 100.02 15.91
CA ASP A 155 -82.13 99.50 15.42
C ASP A 155 -81.62 98.44 16.42
N SER A 156 -80.93 97.43 15.89
CA SER A 156 -80.36 96.31 16.61
C SER A 156 -79.09 95.96 15.85
N GLY A 157 -77.95 96.41 16.39
CA GLY A 157 -76.62 96.10 15.92
C GLY A 157 -76.00 95.05 16.84
N ASP A 158 -74.81 94.56 16.48
CA ASP A 158 -74.14 93.52 17.24
C ASP A 158 -73.60 93.99 18.60
N GLY A 159 -73.54 95.30 18.87
CA GLY A 159 -73.06 95.87 20.14
C GLY A 159 -74.14 96.36 21.11
N VAL A 160 -75.25 96.95 20.63
CA VAL A 160 -76.44 97.36 21.40
C VAL A 160 -77.67 97.38 20.48
N THR A 161 -78.86 97.34 21.10
CA THR A 161 -80.17 97.54 20.48
C THR A 161 -80.78 98.84 21.04
N HIS A 162 -81.52 99.62 20.24
CA HIS A 162 -82.05 100.94 20.61
C HIS A 162 -83.25 101.39 19.76
N ASN A 163 -84.10 102.23 20.34
CA ASN A 163 -85.28 102.84 19.73
C ASN A 163 -85.14 104.36 19.71
N VAL A 164 -85.49 105.01 18.59
CA VAL A 164 -85.51 106.45 18.43
C VAL A 164 -86.84 106.89 17.77
N PRO A 165 -87.86 107.33 18.54
CA PRO A 165 -89.00 108.10 18.04
C PRO A 165 -88.57 109.49 17.52
N ILE A 166 -89.13 109.93 16.40
CA ILE A 166 -88.80 111.18 15.70
C ILE A 166 -90.12 111.82 15.25
N TYR A 167 -90.23 113.15 15.35
CA TYR A 167 -91.33 113.96 14.84
C TYR A 167 -90.72 115.09 14.00
N GLU A 168 -91.15 115.19 12.74
CA GLU A 168 -90.60 115.92 11.60
C GLU A 168 -89.10 116.28 11.71
N GLY A 169 -88.26 115.24 11.72
CA GLY A 169 -86.81 115.31 11.72
C GLY A 169 -86.17 115.41 13.11
N TYR A 170 -86.92 115.82 14.13
CA TYR A 170 -86.43 116.04 15.49
C TYR A 170 -86.76 114.81 16.34
N ALA A 171 -85.74 114.24 16.99
CA ALA A 171 -85.86 113.09 17.88
C ALA A 171 -86.49 113.52 19.21
N LEU A 172 -87.56 112.82 19.63
CA LEU A 172 -88.32 113.07 20.84
C LEU A 172 -87.50 112.49 22.02
N PRO A 173 -86.87 113.31 22.89
CA PRO A 173 -85.75 112.88 23.72
C PRO A 173 -86.14 111.98 24.90
N HIS A 174 -87.30 112.23 25.51
CA HIS A 174 -87.83 111.53 26.69
C HIS A 174 -88.33 110.11 26.39
N ALA A 175 -88.30 109.67 25.13
CA ALA A 175 -88.85 108.42 24.65
C ALA A 175 -87.84 107.57 23.87
N ILE A 176 -86.57 108.01 23.77
CA ILE A 176 -85.46 107.22 23.24
C ILE A 176 -85.09 106.15 24.30
N MET A 177 -84.80 104.93 23.85
CA MET A 177 -84.52 103.77 24.70
C MET A 177 -83.35 102.96 24.11
N ARG A 178 -82.69 102.17 24.95
CA ARG A 178 -81.57 101.28 24.64
C ARG A 178 -81.73 99.98 25.42
N LEU A 179 -81.20 98.89 24.86
CA LEU A 179 -81.19 97.53 25.35
C LEU A 179 -79.77 96.98 25.09
N ASP A 180 -79.09 96.54 26.15
CA ASP A 180 -77.71 96.02 26.15
C ASP A 180 -77.60 94.60 25.58
N LEU A 181 -78.73 93.92 25.33
CA LEU A 181 -78.77 92.67 24.57
C LEU A 181 -78.57 93.02 23.09
N ALA A 182 -77.57 92.40 22.47
CA ALA A 182 -77.11 92.73 21.14
C ALA A 182 -76.80 91.48 20.32
N GLY A 183 -76.54 91.68 19.02
CA GLY A 183 -76.27 90.63 18.06
C GLY A 183 -75.02 89.79 18.36
N ARG A 184 -74.01 90.33 19.07
CA ARG A 184 -72.84 89.59 19.57
C ARG A 184 -73.27 88.56 20.63
N ASP A 185 -74.15 88.96 21.55
CA ASP A 185 -74.63 88.19 22.70
C ASP A 185 -75.54 87.06 22.19
N LEU A 186 -76.27 87.30 21.10
CA LEU A 186 -77.01 86.28 20.37
C LEU A 186 -76.08 85.32 19.58
N THR A 187 -74.88 85.77 19.17
CA THR A 187 -73.89 84.90 18.49
C THR A 187 -73.20 84.03 19.56
N ASP A 188 -72.87 84.60 20.73
CA ASP A 188 -72.38 83.87 21.90
C ASP A 188 -73.40 82.83 22.39
N TYR A 189 -74.69 83.21 22.39
CA TYR A 189 -75.81 82.32 22.70
C TYR A 189 -75.88 81.16 21.70
N LEU A 190 -75.84 81.42 20.38
CA LEU A 190 -75.87 80.40 19.33
C LEU A 190 -74.67 79.44 19.41
N MET A 191 -73.48 79.94 19.78
CA MET A 191 -72.28 79.17 20.12
C MET A 191 -72.43 78.29 21.39
N LYS A 192 -73.55 78.40 22.12
CA LYS A 192 -73.85 77.72 23.38
C LYS A 192 -75.17 76.93 23.33
N ILE A 193 -75.92 76.96 22.22
CA ILE A 193 -77.19 76.26 22.02
C ILE A 193 -77.17 75.37 20.76
N LEU A 194 -75.96 74.97 20.35
CA LEU A 194 -75.70 73.89 19.40
C LEU A 194 -74.92 72.77 20.10
N THR A 195 -74.60 72.92 21.40
CA THR A 195 -73.58 72.15 22.12
C THR A 195 -74.21 71.18 23.15
N GLU A 196 -75.55 71.18 23.26
CA GLU A 196 -76.36 70.12 23.87
C GLU A 196 -76.71 69.11 22.76
N ARG A 197 -76.99 69.63 21.55
CA ARG A 197 -77.06 68.94 20.27
C ARG A 197 -75.71 68.29 19.90
N GLY A 198 -74.59 68.83 20.42
CA GLY A 198 -73.29 68.18 20.45
C GLY A 198 -72.19 68.84 19.61
N TYR A 199 -72.48 69.97 18.93
CA TYR A 199 -71.49 70.74 18.19
C TYR A 199 -70.92 71.83 19.12
N SER A 200 -69.64 71.73 19.46
CA SER A 200 -68.90 72.73 20.21
C SER A 200 -68.13 73.58 19.19
N PHE A 201 -68.17 74.91 19.36
CA PHE A 201 -67.49 75.92 18.59
C PHE A 201 -66.72 76.74 19.63
N VAL A 202 -65.38 76.89 19.49
CA VAL A 202 -64.53 77.44 20.55
C VAL A 202 -63.54 78.50 20.05
N THR A 203 -63.01 78.37 18.83
CA THR A 203 -62.02 79.29 18.29
C THR A 203 -62.67 80.57 17.72
N THR A 204 -61.85 81.60 17.49
CA THR A 204 -62.18 82.84 16.80
C THR A 204 -62.78 82.60 15.38
N ALA A 205 -62.34 81.53 14.70
CA ALA A 205 -62.81 81.14 13.37
C ALA A 205 -64.14 80.38 13.43
N GLU A 206 -64.33 79.52 14.44
CA GLU A 206 -65.57 78.78 14.66
C GLU A 206 -66.71 79.71 15.12
N ARG A 207 -66.40 80.85 15.75
CA ARG A 207 -67.37 81.90 16.00
C ARG A 207 -67.89 82.51 14.67
N GLU A 208 -67.03 82.66 13.66
CA GLU A 208 -67.42 83.26 12.38
C GLU A 208 -68.29 82.31 11.53
N ILE A 209 -68.16 80.99 11.70
CA ILE A 209 -69.13 80.00 11.21
C ILE A 209 -70.50 80.28 11.83
N VAL A 210 -70.57 80.47 13.15
CA VAL A 210 -71.80 80.76 13.87
C VAL A 210 -72.40 82.13 13.49
N ARG A 211 -71.59 83.16 13.18
CA ARG A 211 -72.05 84.44 12.63
C ARG A 211 -72.59 84.28 11.20
N ASP A 212 -71.97 83.40 10.39
CA ASP A 212 -72.37 83.12 9.01
C ASP A 212 -73.69 82.34 8.92
N ILE A 213 -73.89 81.36 9.82
CA ILE A 213 -75.15 80.67 10.10
C ILE A 213 -76.25 81.67 10.52
N LYS A 214 -75.92 82.66 11.37
CA LYS A 214 -76.81 83.73 11.83
C LYS A 214 -77.34 84.58 10.67
N GLU A 215 -76.52 84.87 9.65
CA GLU A 215 -76.94 85.61 8.46
C GLU A 215 -77.77 84.71 7.52
N LYS A 216 -77.35 83.46 7.29
CA LYS A 216 -77.84 82.65 6.17
C LYS A 216 -78.97 81.68 6.54
N LEU A 217 -79.15 81.31 7.82
CA LEU A 217 -80.06 80.24 8.23
C LEU A 217 -81.11 80.68 9.26
N CYS A 218 -80.89 81.76 10.02
CA CYS A 218 -81.79 82.20 11.08
C CYS A 218 -82.99 83.01 10.56
N TYR A 219 -84.10 82.98 11.30
CA TYR A 219 -85.40 83.58 11.00
C TYR A 219 -86.18 83.75 12.29
N VAL A 220 -87.14 84.68 12.34
CA VAL A 220 -88.07 84.81 13.44
C VAL A 220 -89.22 83.82 13.17
N ALA A 221 -89.60 83.03 14.19
CA ALA A 221 -90.78 82.18 14.14
C ALA A 221 -92.01 83.06 14.35
N LEU A 222 -93.04 82.93 13.49
CA LEU A 222 -94.25 83.77 13.49
C LEU A 222 -95.08 83.56 14.77
N ASP A 223 -95.07 82.31 15.26
CA ASP A 223 -95.38 81.88 16.61
C ASP A 223 -94.26 80.88 16.96
N PHE A 224 -93.77 80.89 18.20
CA PHE A 224 -92.66 80.02 18.60
C PHE A 224 -93.12 78.57 18.75
N GLU A 225 -94.27 78.30 19.40
CA GLU A 225 -94.66 76.94 19.77
C GLU A 225 -95.19 76.18 18.55
N ASN A 226 -95.79 76.88 17.57
CA ASN A 226 -96.20 76.28 16.29
C ASN A 226 -94.97 75.76 15.50
N GLU A 227 -93.84 76.49 15.51
CA GLU A 227 -92.59 76.08 14.86
C GLU A 227 -91.83 75.08 15.74
N MET A 228 -91.82 75.28 17.07
CA MET A 228 -91.10 74.43 18.03
C MET A 228 -91.72 73.02 18.09
N ALA A 229 -93.05 72.90 18.03
CA ALA A 229 -93.77 71.63 17.96
C ALA A 229 -93.49 70.92 16.64
N THR A 230 -93.49 71.66 15.52
CA THR A 230 -93.20 71.15 14.17
C THR A 230 -91.75 70.66 14.07
N ALA A 231 -90.77 71.44 14.58
CA ALA A 231 -89.35 71.09 14.57
C ALA A 231 -89.00 69.99 15.59
N ALA A 232 -89.87 69.76 16.59
CA ALA A 232 -89.73 68.71 17.60
C ALA A 232 -90.44 67.41 17.17
N SER A 233 -91.08 67.37 15.99
CA SER A 233 -91.83 66.21 15.50
C SER A 233 -91.56 65.88 14.03
N SER A 234 -90.81 66.73 13.31
CA SER A 234 -90.45 66.52 11.91
C SER A 234 -89.12 67.22 11.62
N SER A 235 -88.31 66.65 10.72
CA SER A 235 -87.02 67.19 10.29
C SER A 235 -87.21 68.26 9.18
N SER A 236 -88.41 68.84 9.05
CA SER A 236 -88.83 69.76 8.00
C SER A 236 -88.07 71.11 8.03
N LEU A 237 -87.75 71.57 9.25
CA LEU A 237 -87.11 72.85 9.53
C LEU A 237 -85.60 72.67 9.83
N GLU A 238 -85.06 71.45 9.67
CA GLU A 238 -83.65 71.09 9.85
C GLU A 238 -82.93 71.36 8.50
N LYS A 239 -81.72 71.94 8.55
CA LYS A 239 -80.96 72.35 7.38
C LYS A 239 -79.47 72.02 7.54
N SER A 240 -78.84 71.56 6.47
CA SER A 240 -77.41 71.31 6.37
C SER A 240 -76.59 72.60 6.17
N TYR A 241 -75.30 72.52 6.51
CA TYR A 241 -74.23 73.51 6.35
C TYR A 241 -72.91 72.71 6.22
N GLU A 242 -71.83 73.28 5.67
CA GLU A 242 -70.51 72.66 5.51
C GLU A 242 -69.43 73.55 6.13
N LEU A 243 -68.56 72.96 6.95
CA LEU A 243 -67.39 73.58 7.56
C LEU A 243 -66.23 73.55 6.55
N PRO A 244 -65.29 74.53 6.57
CA PRO A 244 -64.28 74.70 5.51
C PRO A 244 -63.14 73.65 5.48
N ASP A 245 -63.17 72.64 6.34
CA ASP A 245 -62.35 71.42 6.28
C ASP A 245 -63.11 70.29 5.55
N GLY A 246 -64.38 70.49 5.17
CA GLY A 246 -65.20 69.60 4.39
C GLY A 246 -66.13 68.69 5.22
N GLN A 247 -66.35 69.01 6.49
CA GLN A 247 -67.32 68.30 7.33
C GLN A 247 -68.68 68.99 7.21
N VAL A 248 -69.72 68.21 6.92
CA VAL A 248 -71.11 68.64 6.84
C VAL A 248 -71.71 68.53 8.25
N ILE A 249 -72.51 69.53 8.63
CA ILE A 249 -73.25 69.65 9.90
C ILE A 249 -74.71 70.02 9.59
N THR A 250 -75.61 69.98 10.58
CA THR A 250 -77.01 70.38 10.43
C THR A 250 -77.47 71.30 11.59
N ILE A 251 -78.30 72.31 11.28
CA ILE A 251 -78.86 73.33 12.18
C ILE A 251 -80.39 73.34 11.94
N GLY A 252 -81.23 73.35 12.99
CA GLY A 252 -82.68 73.25 12.88
C GLY A 252 -83.40 74.31 13.67
N ASN A 253 -84.12 73.93 14.73
CA ASN A 253 -84.87 74.82 15.62
C ASN A 253 -84.04 75.98 16.21
N GLU A 254 -82.73 75.80 16.31
CA GLU A 254 -81.71 76.77 16.71
C GLU A 254 -81.73 78.04 15.83
N ARG A 255 -82.17 77.88 14.58
CA ARG A 255 -82.44 78.93 13.61
C ARG A 255 -83.52 79.93 14.07
N PHE A 256 -84.43 79.54 14.97
CA PHE A 256 -85.44 80.42 15.56
C PHE A 256 -85.26 80.57 17.08
N ARG A 257 -84.66 79.60 17.80
CA ARG A 257 -84.32 79.73 19.23
C ARG A 257 -83.46 80.99 19.49
N CYS A 258 -82.42 81.19 18.67
CA CYS A 258 -81.56 82.38 18.68
C CYS A 258 -82.36 83.69 18.44
N PRO A 259 -82.95 84.00 17.25
CA PRO A 259 -83.88 85.12 17.04
C PRO A 259 -84.98 85.35 18.09
N GLU A 260 -85.63 84.30 18.63
CA GLU A 260 -86.66 84.43 19.66
C GLU A 260 -86.10 85.00 20.97
N THR A 261 -84.83 84.75 21.29
CA THR A 261 -84.16 85.31 22.45
C THR A 261 -84.03 86.86 22.37
N LEU A 262 -84.20 87.48 21.19
CA LEU A 262 -84.27 88.94 21.02
C LEU A 262 -85.70 89.47 21.23
N PHE A 263 -86.73 88.60 21.19
CA PHE A 263 -88.12 88.92 21.53
C PHE A 263 -88.36 88.59 23.01
N GLN A 264 -87.80 87.49 23.53
CA GLN A 264 -87.89 87.10 24.93
C GLN A 264 -86.50 86.86 25.55
N PRO A 265 -85.78 87.93 25.98
CA PRO A 265 -84.51 87.91 26.73
C PRO A 265 -84.42 86.97 27.96
N SER A 266 -85.54 86.50 28.54
CA SER A 266 -85.57 85.49 29.59
C SER A 266 -84.76 84.22 29.22
N PHE A 267 -84.78 83.85 27.93
CA PHE A 267 -84.05 82.74 27.34
C PHE A 267 -82.51 82.85 27.42
N ILE A 268 -81.93 84.02 27.76
CA ILE A 268 -80.48 84.23 27.93
C ILE A 268 -80.14 84.66 29.38
N GLY A 269 -81.15 84.81 30.25
CA GLY A 269 -81.01 85.30 31.62
C GLY A 269 -80.85 86.82 31.65
N MET A 270 -81.84 87.55 31.10
CA MET A 270 -81.96 89.00 31.14
C MET A 270 -83.44 89.33 31.31
N GLU A 271 -83.81 90.29 32.17
CA GLU A 271 -85.21 90.69 32.38
C GLU A 271 -85.62 91.85 31.44
N SER A 272 -84.65 92.63 30.96
CA SER A 272 -84.85 93.80 30.10
C SER A 272 -85.38 93.34 28.74
N ALA A 273 -86.71 93.41 28.57
CA ALA A 273 -87.54 92.90 27.50
C ALA A 273 -87.11 93.28 26.06
N GLY A 274 -87.58 92.47 25.11
CA GLY A 274 -87.12 92.45 23.72
C GLY A 274 -87.56 93.63 22.87
N ILE A 275 -87.17 93.58 21.59
CA ILE A 275 -87.40 94.58 20.54
C ILE A 275 -88.86 95.07 20.40
N HIS A 276 -89.83 94.21 20.72
CA HIS A 276 -91.27 94.48 20.66
C HIS A 276 -91.69 95.40 21.83
N GLU A 277 -91.31 95.06 23.06
CA GLU A 277 -91.75 95.76 24.26
C GLU A 277 -90.94 97.05 24.45
N THR A 278 -89.67 97.09 24.01
CA THR A 278 -88.89 98.33 23.97
C THR A 278 -89.50 99.33 22.95
N THR A 279 -89.93 98.86 21.75
CA THR A 279 -90.70 99.65 20.79
C THR A 279 -92.04 100.12 21.40
N TYR A 280 -92.78 99.22 22.06
CA TYR A 280 -94.07 99.53 22.69
C TYR A 280 -93.91 100.58 23.81
N ASN A 281 -92.97 100.37 24.75
CA ASN A 281 -92.62 101.28 25.84
C ASN A 281 -92.14 102.64 25.32
N SER A 282 -91.37 102.67 24.23
CA SER A 282 -90.90 103.87 23.55
C SER A 282 -92.06 104.71 23.00
N ILE A 283 -93.01 104.13 22.23
CA ILE A 283 -94.16 104.87 21.70
C ILE A 283 -95.15 105.21 22.84
N MET A 284 -95.27 104.35 23.86
CA MET A 284 -96.08 104.60 25.05
C MET A 284 -95.53 105.73 25.94
N LYS A 285 -94.24 106.06 25.83
CA LYS A 285 -93.59 107.18 26.49
C LYS A 285 -93.58 108.47 25.65
N CYS A 286 -94.04 108.43 24.39
CA CYS A 286 -94.23 109.60 23.54
C CYS A 286 -95.60 110.23 23.88
N ASP A 287 -95.72 111.53 23.60
CA ASP A 287 -96.82 112.42 24.01
C ASP A 287 -98.15 112.08 23.32
N ILE A 288 -99.26 112.60 23.85
CA ILE A 288 -100.62 112.09 23.66
C ILE A 288 -101.16 112.06 22.21
N ASP A 289 -100.85 113.08 21.40
CA ASP A 289 -101.47 113.35 20.10
C ASP A 289 -100.59 112.81 18.95
N ILE A 290 -99.27 112.73 19.12
CA ILE A 290 -98.29 112.32 18.11
C ILE A 290 -98.25 110.80 17.88
N ARG A 291 -98.92 110.01 18.74
CA ARG A 291 -98.91 108.54 18.82
C ARG A 291 -99.20 107.83 17.49
N LYS A 292 -100.28 108.24 16.79
CA LYS A 292 -100.78 107.63 15.56
C LYS A 292 -99.75 107.59 14.43
N ASP A 293 -98.95 108.65 14.32
CA ASP A 293 -97.97 108.86 13.24
C ASP A 293 -96.75 107.96 13.47
N LEU A 294 -96.44 107.68 14.74
CA LEU A 294 -95.37 106.78 15.18
C LEU A 294 -95.82 105.32 15.04
N TYR A 295 -97.06 104.98 15.44
CA TYR A 295 -97.64 103.63 15.32
C TYR A 295 -97.76 103.17 13.85
N ALA A 296 -97.87 104.11 12.91
CA ALA A 296 -97.97 103.87 11.48
C ALA A 296 -96.60 103.82 10.77
N ASN A 297 -95.52 104.24 11.45
CA ASN A 297 -94.19 104.43 10.87
C ASN A 297 -93.10 103.88 11.79
N ASN A 298 -93.27 102.64 12.25
CA ASN A 298 -92.20 101.89 12.92
C ASN A 298 -91.31 101.32 11.82
N VAL A 299 -90.16 101.96 11.57
CA VAL A 299 -89.19 101.57 10.56
C VAL A 299 -88.11 100.71 11.21
N MET A 300 -87.68 99.68 10.49
CA MET A 300 -86.60 98.79 10.87
C MET A 300 -85.30 99.33 10.26
N SER A 301 -84.23 99.36 11.05
CA SER A 301 -82.85 99.68 10.70
C SER A 301 -81.95 98.66 11.42
N GLY A 302 -80.68 98.53 11.04
CA GLY A 302 -79.70 97.72 11.76
C GLY A 302 -79.33 96.40 11.09
N GLY A 303 -78.52 95.60 11.79
CA GLY A 303 -77.95 94.34 11.30
C GLY A 303 -78.62 93.08 11.87
N THR A 304 -79.37 93.20 12.98
CA THR A 304 -79.95 92.12 13.75
C THR A 304 -81.48 92.27 13.90
N THR A 305 -82.06 93.27 13.23
CA THR A 305 -83.48 93.31 12.88
C THR A 305 -83.70 92.63 11.49
N MET A 306 -82.68 91.98 10.91
CA MET A 306 -82.64 91.55 9.50
C MET A 306 -83.27 90.17 9.26
N TYR A 307 -83.60 89.42 10.32
CA TYR A 307 -84.08 88.05 10.24
C TYR A 307 -85.49 88.00 9.60
N PRO A 308 -85.74 87.13 8.59
CA PRO A 308 -87.06 86.90 7.98
C PRO A 308 -88.17 86.63 9.01
N GLY A 309 -89.39 87.14 8.77
CA GLY A 309 -90.56 86.96 9.62
C GLY A 309 -90.71 88.04 10.71
N ILE A 310 -89.76 88.97 10.84
CA ILE A 310 -89.71 89.92 11.95
C ILE A 310 -90.86 90.95 11.91
N ALA A 311 -91.25 91.44 10.72
CA ALA A 311 -92.27 92.48 10.58
C ALA A 311 -93.66 91.89 10.84
N ASP A 312 -93.86 90.69 10.32
CA ASP A 312 -94.97 89.74 10.41
C ASP A 312 -95.22 89.39 11.88
N ARG A 313 -94.15 89.02 12.60
CA ARG A 313 -94.15 88.75 14.03
C ARG A 313 -94.44 90.01 14.84
N MET A 314 -93.77 91.14 14.55
CA MET A 314 -93.94 92.42 15.26
C MET A 314 -95.37 92.97 15.10
N GLN A 315 -96.02 92.69 13.96
CA GLN A 315 -97.41 93.04 13.69
C GLN A 315 -98.39 92.34 14.66
N LYS A 316 -98.04 91.15 15.18
CA LYS A 316 -98.80 90.44 16.22
C LYS A 316 -98.59 91.15 17.57
N GLU A 317 -97.35 91.24 18.06
CA GLU A 317 -97.06 91.63 19.45
C GLU A 317 -97.48 93.06 19.77
N ILE A 318 -97.22 94.01 18.86
CA ILE A 318 -97.50 95.42 19.08
C ILE A 318 -99.02 95.72 18.96
N THR A 319 -99.82 94.86 18.30
CA THR A 319 -101.29 94.99 18.29
C THR A 319 -101.92 94.23 19.48
N ALA A 320 -101.25 93.20 20.02
CA ALA A 320 -101.70 92.45 21.19
C ALA A 320 -101.46 93.21 22.49
N LEU A 321 -100.37 94.00 22.57
CA LEU A 321 -100.06 94.84 23.72
C LEU A 321 -100.87 96.15 23.71
N ALA A 322 -101.32 96.60 22.53
CA ALA A 322 -102.05 97.85 22.36
C ALA A 322 -103.56 97.60 22.50
N PRO A 323 -104.34 98.53 23.09
CA PRO A 323 -105.81 98.53 23.03
C PRO A 323 -106.33 98.41 21.58
N SER A 324 -107.25 97.49 21.31
CA SER A 324 -107.73 97.09 19.98
C SER A 324 -108.42 98.20 19.15
N THR A 325 -108.64 99.37 19.74
CA THR A 325 -108.98 100.63 19.11
C THR A 325 -107.82 101.13 18.22
N MET A 326 -106.55 100.91 18.62
CA MET A 326 -105.34 101.27 17.91
C MET A 326 -105.16 100.40 16.64
N LYS A 327 -104.41 100.91 15.66
CA LYS A 327 -103.90 100.21 14.49
C LYS A 327 -102.39 100.50 14.44
N ILE A 328 -101.59 99.51 14.03
CA ILE A 328 -100.13 99.56 14.00
C ILE A 328 -99.70 99.17 12.58
N LYS A 329 -98.68 99.82 12.02
CA LYS A 329 -97.98 99.38 10.82
C LYS A 329 -96.46 99.42 11.02
N ILE A 330 -95.85 98.23 10.98
CA ILE A 330 -94.42 98.02 10.87
C ILE A 330 -94.05 98.21 9.38
N ILE A 331 -93.00 98.98 9.13
CA ILE A 331 -92.47 99.32 7.81
C ILE A 331 -91.08 98.68 7.73
N ALA A 332 -90.96 97.51 7.07
CA ALA A 332 -89.72 96.74 7.00
C ALA A 332 -89.31 96.53 5.53
N PRO A 333 -88.36 97.32 4.99
CA PRO A 333 -87.67 96.99 3.72
C PRO A 333 -86.95 95.62 3.77
N PRO A 334 -86.64 95.00 2.61
CA PRO A 334 -85.92 93.71 2.55
C PRO A 334 -84.45 93.87 2.98
N GLU A 335 -83.60 94.51 2.17
CA GLU A 335 -82.30 95.01 2.61
C GLU A 335 -82.52 96.47 3.07
N ARG A 336 -81.67 96.88 4.00
CA ARG A 336 -81.72 98.09 4.81
C ARG A 336 -80.54 98.19 5.79
N LYS A 337 -79.58 97.24 5.83
CA LYS A 337 -78.49 97.29 6.82
C LYS A 337 -77.51 98.45 6.55
N TYR A 338 -77.56 99.03 5.36
CA TYR A 338 -76.79 100.18 4.93
C TYR A 338 -77.60 101.48 4.96
N SER A 339 -78.90 101.47 5.33
CA SER A 339 -79.79 102.64 5.20
C SER A 339 -79.33 103.89 5.96
N VAL A 340 -78.68 103.72 7.12
CA VAL A 340 -78.02 104.78 7.88
C VAL A 340 -76.85 105.38 7.08
N TRP A 341 -76.01 104.51 6.48
CA TRP A 341 -74.84 104.90 5.71
C TRP A 341 -75.24 105.56 4.38
N ILE A 342 -76.24 105.01 3.68
CA ILE A 342 -76.80 105.55 2.43
C ILE A 342 -77.37 106.95 2.66
N GLY A 343 -78.07 107.17 3.78
CA GLY A 343 -78.52 108.49 4.22
C GLY A 343 -77.35 109.46 4.46
N GLY A 344 -76.22 108.97 4.97
CA GLY A 344 -74.97 109.71 5.10
C GLY A 344 -74.30 110.02 3.76
N SER A 345 -74.33 109.09 2.79
CA SER A 345 -73.81 109.26 1.43
C SER A 345 -74.61 110.34 0.68
N ILE A 346 -75.94 110.36 0.84
CA ILE A 346 -76.84 111.42 0.38
C ILE A 346 -76.49 112.76 1.06
N LEU A 347 -76.39 112.80 2.40
CA LEU A 347 -76.11 114.02 3.17
C LEU A 347 -74.73 114.65 2.84
N ALA A 348 -73.78 113.85 2.37
CA ALA A 348 -72.46 114.28 1.93
C ALA A 348 -72.47 114.75 0.47
N SER A 349 -73.10 113.98 -0.44
CA SER A 349 -73.10 114.27 -1.89
C SER A 349 -74.08 115.40 -2.28
N LEU A 350 -75.00 115.80 -1.38
CA LEU A 350 -75.71 117.07 -1.45
C LEU A 350 -74.71 118.18 -1.03
N SER A 351 -73.95 118.71 -1.98
CA SER A 351 -72.94 119.76 -1.80
C SER A 351 -73.53 121.08 -1.23
N THR A 352 -74.85 121.30 -1.38
CA THR A 352 -75.62 122.33 -0.70
C THR A 352 -75.66 122.14 0.84
N PHE A 353 -75.55 120.90 1.33
CA PHE A 353 -75.49 120.55 2.75
C PHE A 353 -74.06 120.74 3.30
N GLN A 354 -73.03 120.90 2.44
CA GLN A 354 -71.63 121.13 2.82
C GLN A 354 -71.47 122.41 3.67
N GLN A 355 -72.41 123.36 3.57
CA GLN A 355 -72.50 124.55 4.41
C GLN A 355 -72.72 124.22 5.90
N MET A 356 -73.30 123.06 6.21
CA MET A 356 -73.53 122.59 7.57
C MET A 356 -72.30 121.88 8.15
N TRP A 357 -71.30 121.53 7.33
CA TRP A 357 -70.06 120.88 7.77
C TRP A 357 -69.19 121.91 8.50
N ILE A 358 -68.48 121.47 9.53
CA ILE A 358 -67.54 122.25 10.31
C ILE A 358 -66.23 122.23 9.52
N THR A 359 -65.69 123.39 9.17
CA THR A 359 -64.38 123.57 8.59
C THR A 359 -63.37 123.83 9.74
N LYS A 360 -62.07 123.74 9.43
CA LYS A 360 -60.97 124.11 10.33
C LYS A 360 -61.06 125.57 10.83
N GLN A 361 -61.59 126.50 10.03
CA GLN A 361 -61.76 127.91 10.39
C GLN A 361 -62.72 128.07 11.58
N GLU A 362 -63.85 127.36 11.54
CA GLU A 362 -64.89 127.41 12.57
C GLU A 362 -64.46 126.63 13.83
N TYR A 363 -63.47 125.73 13.71
CA TYR A 363 -62.84 125.06 14.84
C TYR A 363 -61.86 126.03 15.54
N ASP A 364 -61.14 126.87 14.79
CA ASP A 364 -60.22 127.88 15.34
C ASP A 364 -61.01 129.04 15.97
N GLU A 365 -62.23 129.31 15.51
CA GLU A 365 -63.11 130.35 16.00
C GLU A 365 -63.92 129.89 17.25
N ALA A 366 -64.37 128.63 17.29
CA ALA A 366 -65.36 128.14 18.26
C ALA A 366 -65.03 126.78 18.92
N GLY A 367 -63.83 126.24 18.67
CA GLY A 367 -63.30 125.00 19.23
C GLY A 367 -64.11 123.75 18.86
N PRO A 368 -63.96 122.63 19.61
CA PRO A 368 -64.80 121.43 19.48
C PRO A 368 -66.32 121.69 19.64
N SER A 369 -66.69 122.74 20.37
CA SER A 369 -68.05 123.04 20.78
C SER A 369 -68.91 123.62 19.61
N ILE A 370 -68.32 123.81 18.42
CA ILE A 370 -68.99 124.06 17.14
C ILE A 370 -70.00 122.93 16.78
N VAL A 371 -69.78 121.72 17.32
CA VAL A 371 -70.66 120.55 17.21
C VAL A 371 -72.04 120.80 17.86
N HIS A 372 -72.16 121.67 18.87
CA HIS A 372 -73.44 122.02 19.51
C HIS A 372 -74.04 123.27 18.85
N ARG A 373 -73.63 123.56 17.61
CA ARG A 373 -74.11 124.67 16.80
C ARG A 373 -74.54 124.11 15.44
N LYS A 374 -73.62 123.47 14.70
CA LYS A 374 -73.89 123.05 13.30
C LYS A 374 -74.36 121.58 13.20
N CYS A 375 -73.81 120.69 14.02
CA CYS A 375 -74.02 119.24 13.87
C CYS A 375 -75.27 118.79 14.63
N PHE A 376 -76.24 118.20 13.91
CA PHE A 376 -77.44 117.60 14.50
C PHE A 376 -77.08 116.37 15.35
N NH2 A 377 -76.00 115.67 15.01
HN1 NH2 A 377 -75.62 114.99 15.70
HN2 NH2 A 377 -75.42 115.93 14.22
C ACE B 1 -82.16 45.28 55.06
O ACE B 1 -81.41 45.37 56.26
CH3 ACE B 1 -81.34 45.86 53.92
H1 ACE B 1 -81.89 45.83 52.97
H2 ACE B 1 -80.42 45.29 53.78
H3 ACE B 1 -81.06 46.90 54.11
N ASP B 2 -83.34 46.09 55.26
CA ASP B 2 -84.36 45.41 56.10
C ASP B 2 -85.44 44.87 55.15
N GLU B 3 -86.25 43.90 55.60
CA GLU B 3 -87.13 43.07 54.78
C GLU B 3 -88.28 43.83 54.07
N ASP B 4 -88.72 44.97 54.62
CA ASP B 4 -89.83 45.79 54.08
C ASP B 4 -89.36 46.82 53.03
N GLU B 5 -88.10 46.80 52.60
CA GLU B 5 -87.54 47.76 51.63
C GLU B 5 -86.55 47.12 50.66
N THR B 6 -86.09 47.95 49.72
CA THR B 6 -85.44 47.60 48.47
C THR B 6 -84.00 48.17 48.40
N THR B 7 -83.07 47.41 47.85
CA THR B 7 -81.68 47.80 47.63
C THR B 7 -81.58 48.27 46.15
N ALA B 8 -82.15 49.45 45.88
CA ALA B 8 -82.29 50.05 44.54
C ALA B 8 -80.93 50.46 43.94
N LEU B 9 -80.84 50.53 42.61
CA LEU B 9 -79.58 50.66 41.87
C LEU B 9 -79.30 52.15 41.61
N VAL B 10 -78.03 52.55 41.69
CA VAL B 10 -77.55 53.91 41.51
C VAL B 10 -76.51 53.84 40.38
N CYS B 11 -76.78 54.47 39.24
CA CYS B 11 -75.93 54.51 38.06
C CYS B 11 -75.57 55.97 37.79
N ASP B 12 -74.33 56.36 38.08
CA ASP B 12 -73.76 57.62 37.64
C ASP B 12 -73.15 57.41 36.25
N ASN B 13 -73.82 57.95 35.23
CA ASN B 13 -73.46 57.83 33.82
C ASN B 13 -72.11 58.50 33.51
N GLY B 14 -71.83 59.62 34.19
CA GLY B 14 -70.47 60.15 34.35
C GLY B 14 -69.89 60.92 33.15
N SER B 15 -69.00 61.87 33.44
CA SER B 15 -68.22 62.66 32.48
C SER B 15 -67.06 61.83 31.89
N GLY B 16 -67.38 60.68 31.27
CA GLY B 16 -66.48 59.77 30.55
C GLY B 16 -66.19 58.47 31.31
N LEU B 17 -66.09 58.54 32.64
CA LEU B 17 -65.91 57.40 33.53
C LEU B 17 -67.27 57.16 34.21
N VAL B 18 -67.85 55.97 34.04
CA VAL B 18 -69.13 55.53 34.62
C VAL B 18 -68.84 55.05 36.05
N LYS B 19 -69.77 55.29 36.99
CA LYS B 19 -69.76 54.71 38.32
C LYS B 19 -71.15 54.13 38.58
N ALA B 20 -71.29 52.88 39.03
CA ALA B 20 -72.57 52.32 39.43
C ALA B 20 -72.43 51.40 40.64
N GLY B 21 -73.48 51.30 41.45
CA GLY B 21 -73.58 50.48 42.64
C GLY B 21 -75.04 50.40 43.09
N PHE B 22 -75.24 50.07 44.35
CA PHE B 22 -76.52 49.98 45.02
C PHE B 22 -76.66 51.16 46.00
N ALA B 23 -77.91 51.58 46.24
CA ALA B 23 -78.30 52.56 47.24
C ALA B 23 -78.02 51.97 48.63
N GLY B 24 -76.92 52.40 49.23
CA GLY B 24 -76.42 51.90 50.51
C GLY B 24 -74.98 51.39 50.45
N ASP B 25 -74.34 51.26 49.27
CA ASP B 25 -72.90 50.90 49.22
C ASP B 25 -72.06 52.09 49.70
N ASP B 26 -70.98 51.81 50.44
CA ASP B 26 -69.89 52.71 50.83
C ASP B 26 -69.15 53.31 49.62
N ALA B 27 -69.12 52.60 48.48
CA ALA B 27 -68.52 53.02 47.23
C ALA B 27 -69.15 52.25 46.05
N PRO B 28 -69.13 52.78 44.80
CA PRO B 28 -69.76 52.12 43.65
C PRO B 28 -69.03 50.86 43.21
N ARG B 29 -69.78 49.76 43.09
CA ARG B 29 -69.39 48.43 42.60
C ARG B 29 -68.66 48.43 41.23
N ALA B 30 -69.26 49.13 40.26
CA ALA B 30 -68.82 49.22 38.89
C ALA B 30 -68.18 50.60 38.75
N VAL B 31 -66.90 50.66 38.39
CA VAL B 31 -66.16 51.88 38.09
C VAL B 31 -65.42 51.54 36.80
N PHE B 32 -65.83 52.07 35.65
CA PHE B 32 -65.31 51.66 34.35
C PHE B 32 -65.37 52.82 33.34
N PRO B 33 -64.48 52.86 32.32
CA PRO B 33 -64.52 53.88 31.28
C PRO B 33 -65.68 53.59 30.30
N SER B 34 -66.39 54.63 29.87
CA SER B 34 -67.49 54.56 28.92
C SER B 34 -66.91 54.37 27.51
N ILE B 35 -66.30 53.21 27.25
CA ILE B 35 -65.67 52.83 26.00
C ILE B 35 -66.36 51.56 25.49
N VAL B 36 -66.83 51.64 24.25
CA VAL B 36 -67.24 50.52 23.44
C VAL B 36 -66.09 50.31 22.43
N GLY B 37 -65.65 49.07 22.31
CA GLY B 37 -64.71 48.60 21.30
C GLY B 37 -65.50 47.84 20.25
N ARG B 38 -65.58 48.38 19.04
CA ARG B 38 -66.06 47.68 17.86
C ARG B 38 -64.82 47.12 17.14
N PRO B 39 -64.90 46.03 16.35
CA PRO B 39 -63.73 45.41 15.73
C PRO B 39 -63.12 46.25 14.58
N ARG B 40 -61.83 46.05 14.27
CA ARG B 40 -61.22 46.52 13.02
C ARG B 40 -61.76 45.67 11.84
N HIS B 41 -61.87 44.35 12.03
CA HIS B 41 -62.34 43.40 11.01
C HIS B 41 -62.77 42.02 11.56
N GLN B 42 -62.40 41.66 12.80
CA GLN B 42 -62.59 40.31 13.32
C GLN B 42 -62.93 40.29 14.82
N GLY B 43 -63.43 39.15 15.29
CA GLY B 43 -63.72 38.86 16.70
C GLY B 43 -62.46 38.73 17.56
N VAL B 44 -62.64 38.81 18.88
CA VAL B 44 -61.57 38.92 19.86
C VAL B 44 -61.81 37.97 21.04
N MET B 45 -62.69 38.33 21.99
CA MET B 45 -62.96 37.55 23.21
C MET B 45 -64.06 36.50 22.97
N VAL B 46 -64.71 36.52 21.80
CA VAL B 46 -65.65 35.54 21.30
C VAL B 46 -65.34 35.27 19.82
N GLY B 47 -66.03 34.31 19.20
CA GLY B 47 -65.89 33.98 17.78
C GLY B 47 -66.50 35.04 16.85
N MET B 48 -66.37 34.79 15.54
CA MET B 48 -66.96 35.62 14.48
C MET B 48 -68.49 35.44 14.51
N GLY B 49 -69.23 36.56 14.51
CA GLY B 49 -70.70 36.55 14.57
C GLY B 49 -71.24 36.16 15.96
N GLN B 50 -70.52 36.49 17.05
CA GLN B 50 -70.92 36.17 18.42
C GLN B 50 -71.08 37.42 19.31
N LYS B 51 -70.46 38.54 18.96
CA LYS B 51 -70.65 39.88 19.50
C LYS B 51 -70.40 40.88 18.36
N ASP B 52 -71.16 41.98 18.32
CA ASP B 52 -70.96 43.11 17.40
C ASP B 52 -69.93 44.09 18.01
N SER B 53 -69.91 44.21 19.34
CA SER B 53 -69.21 45.19 20.11
C SER B 53 -68.78 44.60 21.46
N TYR B 54 -67.60 45.00 21.93
CA TYR B 54 -66.98 44.66 23.20
C TYR B 54 -66.94 45.94 24.05
N VAL B 55 -66.90 45.83 25.37
CA VAL B 55 -67.15 46.95 26.30
C VAL B 55 -66.16 46.96 27.46
N GLY B 56 -65.83 48.17 27.97
CA GLY B 56 -65.05 48.40 29.18
C GLY B 56 -63.68 47.73 29.15
N ASP B 57 -63.51 46.72 30.02
CA ASP B 57 -62.35 45.85 30.20
C ASP B 57 -61.93 45.19 28.89
N GLU B 58 -62.91 44.64 28.15
CA GLU B 58 -62.71 43.90 26.90
C GLU B 58 -62.12 44.78 25.79
N ALA B 59 -62.42 46.08 25.85
CA ALA B 59 -62.05 47.09 24.87
C ALA B 59 -60.72 47.76 25.21
N GLN B 60 -60.24 47.65 26.46
CA GLN B 60 -58.97 48.24 26.90
C GLN B 60 -57.86 47.17 26.99
N SER B 61 -58.19 45.95 27.44
CA SER B 61 -57.23 44.84 27.60
C SER B 61 -56.97 44.09 26.28
N LYS B 62 -57.42 44.61 25.13
CA LYS B 62 -57.11 44.11 23.79
C LYS B 62 -56.85 45.34 22.91
N ARG B 63 -55.59 45.50 22.49
CA ARG B 63 -55.05 46.68 21.84
C ARG B 63 -55.29 46.61 20.32
N GLY B 64 -55.76 47.71 19.73
CA GLY B 64 -55.73 48.09 18.31
C GLY B 64 -56.53 47.25 17.31
N ILE B 65 -56.75 45.96 17.59
CA ILE B 65 -57.61 45.04 16.82
C ILE B 65 -59.10 45.41 16.93
N LEU B 66 -59.45 46.28 17.89
CA LEU B 66 -60.73 46.94 18.04
C LEU B 66 -60.48 48.43 17.75
N THR B 67 -61.47 49.12 17.16
CA THR B 67 -61.55 50.56 17.05
C THR B 67 -62.47 51.00 18.21
N LEU B 68 -61.93 51.85 19.09
CA LEU B 68 -62.50 52.18 20.39
C LEU B 68 -63.16 53.56 20.31
N LYS B 69 -64.36 53.69 20.87
CA LYS B 69 -65.13 54.93 20.94
C LYS B 69 -65.93 55.04 22.23
N TYR B 70 -66.17 56.29 22.65
CA TYR B 70 -67.11 56.64 23.71
C TYR B 70 -68.49 56.89 23.06
N PRO B 71 -69.61 56.55 23.72
CA PRO B 71 -70.96 56.96 23.31
C PRO B 71 -71.31 58.40 23.75
N ILE B 72 -70.39 59.11 24.41
CA ILE B 72 -70.55 60.38 25.11
C ILE B 72 -69.34 61.29 24.79
N GLU B 73 -68.69 61.10 23.63
CA GLU B 73 -67.33 61.62 23.36
C GLU B 73 -67.23 63.16 23.33
N HIS B 74 -68.31 63.87 23.02
CA HIS B 74 -68.36 65.34 22.97
C HIS B 74 -68.77 65.93 24.34
N GLY B 75 -68.73 65.13 25.42
CA GLY B 75 -69.18 65.51 26.76
C GLY B 75 -70.70 65.45 26.92
N ILE B 76 -71.39 64.96 25.89
CA ILE B 76 -72.82 64.73 25.75
C ILE B 76 -72.98 63.54 24.78
N ILE B 77 -74.10 62.82 24.87
CA ILE B 77 -74.41 61.58 24.14
C ILE B 77 -74.27 61.75 22.60
N THR B 78 -73.48 60.88 21.97
CA THR B 78 -73.17 60.89 20.55
C THR B 78 -73.77 59.68 19.81
N ASN B 79 -74.16 58.61 20.52
CA ASN B 79 -74.89 57.48 19.95
C ASN B 79 -75.58 56.71 21.09
N TRP B 80 -76.84 56.29 20.88
CA TRP B 80 -77.64 55.56 21.88
C TRP B 80 -77.33 54.07 21.80
N ASP B 81 -77.15 53.53 20.60
CA ASP B 81 -76.94 52.13 20.23
C ASP B 81 -75.57 51.59 20.70
N ASP B 82 -74.69 52.49 21.15
CA ASP B 82 -73.45 52.21 21.88
C ASP B 82 -73.69 52.35 23.39
N MET B 83 -74.40 53.40 23.85
CA MET B 83 -74.69 53.64 25.28
C MET B 83 -75.57 52.54 25.89
N GLU B 84 -76.50 51.95 25.12
CA GLU B 84 -77.30 50.79 25.54
C GLU B 84 -76.42 49.57 25.85
N LYS B 85 -75.29 49.36 25.15
CA LYS B 85 -74.35 48.29 25.52
C LYS B 85 -73.58 48.61 26.81
N ILE B 86 -73.33 49.90 27.11
CA ILE B 86 -72.74 50.35 28.38
C ILE B 86 -73.74 50.16 29.54
N TRP B 87 -75.04 50.42 29.33
CA TRP B 87 -76.08 50.19 30.34
C TRP B 87 -76.35 48.69 30.56
N HIS B 88 -76.37 47.90 29.48
CA HIS B 88 -76.54 46.44 29.51
C HIS B 88 -75.37 45.75 30.23
N HIS B 89 -74.15 46.28 30.05
CA HIS B 89 -72.94 45.87 30.77
C HIS B 89 -73.00 46.30 32.24
N THR B 90 -73.50 47.52 32.52
CA THR B 90 -73.69 48.02 33.89
C THR B 90 -74.65 47.09 34.66
N PHE B 91 -75.81 46.76 34.08
CA PHE B 91 -76.81 45.86 34.68
C PHE B 91 -76.30 44.40 34.72
N TYR B 92 -76.23 43.72 33.57
CA TYR B 92 -76.11 42.27 33.48
C TYR B 92 -74.63 41.80 33.36
N ASN B 93 -73.67 42.64 33.79
CA ASN B 93 -72.25 42.30 33.90
C ASN B 93 -71.60 42.84 35.18
N GLU B 94 -71.79 44.12 35.53
CA GLU B 94 -71.05 44.75 36.62
C GLU B 94 -71.85 44.88 37.93
N LEU B 95 -73.10 45.34 37.87
CA LEU B 95 -74.00 45.35 39.04
C LEU B 95 -74.48 43.92 39.31
N ARG B 96 -74.82 43.20 38.23
CA ARG B 96 -75.10 41.78 38.12
C ARG B 96 -76.57 41.44 38.39
N VAL B 97 -77.37 42.43 38.81
CA VAL B 97 -78.80 42.34 39.11
C VAL B 97 -79.64 42.39 37.84
N ALA B 98 -80.87 41.90 38.01
CA ALA B 98 -82.00 42.07 37.12
C ALA B 98 -82.62 43.46 37.42
N PRO B 99 -82.58 44.45 36.50
CA PRO B 99 -83.35 45.68 36.63
C PRO B 99 -84.88 45.46 36.62
N GLU B 100 -85.36 44.32 36.08
CA GLU B 100 -86.72 43.83 36.21
C GLU B 100 -87.11 43.39 37.65
N GLU B 101 -86.22 43.48 38.65
CA GLU B 101 -86.53 43.42 40.09
C GLU B 101 -86.22 44.77 40.79
N HIS B 102 -85.22 45.54 40.33
CA HIS B 102 -84.65 46.67 41.08
C HIS B 102 -84.75 48.00 40.31
N PRO B 103 -85.42 49.05 40.86
CA PRO B 103 -85.38 50.43 40.35
C PRO B 103 -83.96 51.00 40.15
N THR B 104 -83.76 51.84 39.13
CA THR B 104 -82.45 52.42 38.79
C THR B 104 -82.53 53.96 38.89
N LEU B 105 -81.68 54.61 39.70
CA LEU B 105 -81.46 56.05 39.68
C LEU B 105 -80.33 56.32 38.66
N LEU B 106 -80.60 57.16 37.67
CA LEU B 106 -79.66 57.64 36.67
C LEU B 106 -79.22 59.05 37.07
N THR B 107 -77.95 59.40 36.93
CA THR B 107 -77.50 60.79 36.96
C THR B 107 -77.55 61.35 35.52
N GLU B 108 -77.81 62.66 35.38
CA GLU B 108 -77.66 63.42 34.15
C GLU B 108 -76.56 64.47 34.37
N ALA B 109 -75.72 64.63 33.34
CA ALA B 109 -74.61 65.55 33.31
C ALA B 109 -75.11 66.99 33.04
N PRO B 110 -74.40 68.04 33.52
CA PRO B 110 -74.68 69.44 33.17
C PRO B 110 -74.76 69.66 31.65
N LEU B 111 -75.77 70.42 31.21
CA LEU B 111 -76.07 70.72 29.81
C LEU B 111 -76.83 69.60 29.08
N ASN B 112 -77.29 68.56 29.78
CA ASN B 112 -78.14 67.50 29.20
C ASN B 112 -79.55 68.09 28.90
N PRO B 113 -80.03 68.07 27.63
CA PRO B 113 -81.28 68.70 27.23
C PRO B 113 -82.51 67.80 27.49
N LYS B 114 -83.71 68.37 27.29
CA LYS B 114 -85.02 67.72 27.32
C LYS B 114 -85.05 66.35 26.63
N ALA B 115 -84.64 66.34 25.36
CA ALA B 115 -84.65 65.20 24.45
C ALA B 115 -83.94 63.96 25.00
N ASN B 116 -82.87 64.16 25.78
CA ASN B 116 -82.07 63.09 26.38
C ASN B 116 -82.69 62.63 27.71
N ARG B 117 -83.45 63.49 28.40
CA ARG B 117 -84.25 63.13 29.58
C ARG B 117 -85.44 62.27 29.13
N GLU B 118 -86.07 62.69 28.02
CA GLU B 118 -87.11 61.96 27.32
C GLU B 118 -86.56 60.62 26.76
N LYS B 119 -85.43 60.62 26.03
CA LYS B 119 -84.85 59.40 25.46
C LYS B 119 -84.25 58.44 26.49
N MET B 120 -83.78 58.86 27.67
CA MET B 120 -83.32 57.89 28.67
C MET B 120 -84.51 57.20 29.36
N THR B 121 -85.69 57.85 29.39
CA THR B 121 -86.95 57.26 29.84
C THR B 121 -87.42 56.24 28.78
N GLN B 122 -87.43 56.66 27.50
CA GLN B 122 -87.73 55.88 26.30
C GLN B 122 -86.53 54.99 25.90
N ILE B 123 -85.88 54.39 26.91
CA ILE B 123 -84.82 53.38 26.90
C ILE B 123 -85.03 52.54 28.18
N MET B 124 -84.99 53.18 29.35
CA MET B 124 -85.03 52.48 30.64
C MET B 124 -86.36 51.74 30.89
N PHE B 125 -87.48 52.32 30.46
CA PHE B 125 -88.82 51.76 30.62
C PHE B 125 -89.26 50.90 29.41
N GLU B 126 -88.40 50.71 28.40
CA GLU B 126 -88.76 50.12 27.11
C GLU B 126 -87.74 49.08 26.62
N THR B 127 -86.43 49.38 26.66
CA THR B 127 -85.38 48.42 26.34
C THR B 127 -85.16 47.56 27.61
N PHE B 128 -84.82 48.20 28.73
CA PHE B 128 -84.38 47.51 29.95
C PHE B 128 -85.55 47.18 30.89
N ASN B 129 -86.75 47.71 30.63
CA ASN B 129 -88.02 47.34 31.28
C ASN B 129 -88.04 47.59 32.81
N VAL B 130 -87.31 48.63 33.24
CA VAL B 130 -87.14 49.03 34.63
C VAL B 130 -88.52 49.46 35.21
N PRO B 131 -88.90 49.02 36.43
CA PRO B 131 -90.22 49.34 37.01
C PRO B 131 -90.36 50.78 37.52
N ALA B 132 -89.25 51.39 37.98
CA ALA B 132 -89.19 52.77 38.45
C ALA B 132 -87.79 53.35 38.25
N MET B 133 -87.70 54.64 37.90
CA MET B 133 -86.44 55.35 37.72
C MET B 133 -86.51 56.80 38.19
N TYR B 134 -85.36 57.48 38.22
CA TYR B 134 -85.23 58.90 38.51
C TYR B 134 -84.00 59.41 37.75
N VAL B 135 -84.05 60.67 37.32
CA VAL B 135 -82.99 61.39 36.62
C VAL B 135 -82.54 62.52 37.56
N ALA B 136 -81.33 62.41 38.14
CA ALA B 136 -80.77 63.39 39.07
C ALA B 136 -79.65 64.20 38.40
N ILE B 137 -79.60 65.52 38.59
CA ILE B 137 -78.53 66.37 38.03
C ILE B 137 -77.29 66.19 38.92
N GLN B 138 -76.17 65.74 38.32
CA GLN B 138 -74.88 65.42 38.97
C GLN B 138 -74.36 66.49 39.93
N ALA B 139 -74.33 67.75 39.46
CA ALA B 139 -73.73 68.88 40.17
C ALA B 139 -74.40 69.14 41.52
N VAL B 140 -75.73 69.04 41.57
CA VAL B 140 -76.55 69.18 42.78
C VAL B 140 -76.19 68.09 43.80
N LEU B 141 -76.02 66.83 43.36
CA LEU B 141 -75.63 65.70 44.21
C LEU B 141 -74.23 65.90 44.81
N SER B 142 -73.29 66.41 43.99
CA SER B 142 -71.91 66.70 44.38
C SER B 142 -71.86 67.87 45.37
N LEU B 143 -72.66 68.92 45.14
CA LEU B 143 -72.85 70.06 46.02
C LEU B 143 -73.42 69.62 47.38
N TYR B 144 -74.49 68.81 47.36
CA TYR B 144 -75.14 68.24 48.55
C TYR B 144 -74.19 67.31 49.33
N ALA B 145 -73.38 66.50 48.63
CA ALA B 145 -72.36 65.62 49.21
C ALA B 145 -71.19 66.41 49.85
N SER B 146 -70.92 67.63 49.39
CA SER B 146 -69.97 68.57 49.99
C SER B 146 -70.63 69.38 51.14
N GLY B 147 -71.88 69.06 51.50
CA GLY B 147 -72.63 69.69 52.57
C GLY B 147 -73.02 71.12 52.21
N ARG B 148 -73.53 71.34 51.00
CA ARG B 148 -73.96 72.63 50.48
C ARG B 148 -75.25 72.52 49.69
N THR B 149 -76.13 73.49 49.89
CA THR B 149 -77.37 73.73 49.18
C THR B 149 -77.13 74.80 48.09
N THR B 150 -76.29 75.80 48.37
CA THR B 150 -75.82 76.88 47.50
C THR B 150 -74.29 76.78 47.35
N GLY B 151 -73.78 77.12 46.16
CA GLY B 151 -72.37 77.24 45.85
C GLY B 151 -72.14 77.07 44.36
N ILE B 152 -70.89 76.95 43.92
CA ILE B 152 -70.52 76.66 42.54
C ILE B 152 -69.72 75.36 42.52
N VAL B 153 -70.13 74.43 41.66
CA VAL B 153 -69.50 73.14 41.46
C VAL B 153 -68.57 73.28 40.25
N LEU B 154 -67.36 72.72 40.36
CA LEU B 154 -66.49 72.33 39.26
C LEU B 154 -66.49 70.79 39.27
N ASP B 155 -66.78 70.16 38.12
CA ASP B 155 -66.42 68.76 37.81
C ASP B 155 -65.29 68.83 36.77
N SER B 156 -64.42 67.82 36.80
CA SER B 156 -63.42 67.51 35.80
C SER B 156 -63.24 65.99 35.87
N GLY B 157 -63.95 65.26 35.01
CA GLY B 157 -64.01 63.80 35.00
C GLY B 157 -62.87 63.23 34.17
N ASP B 158 -63.23 62.66 33.01
CA ASP B 158 -62.31 62.15 32.00
C ASP B 158 -62.53 62.90 30.68
N GLY B 159 -63.77 62.97 30.20
CA GLY B 159 -64.11 63.47 28.86
C GLY B 159 -64.48 64.95 28.80
N VAL B 160 -64.83 65.60 29.92
CA VAL B 160 -65.30 66.99 29.98
C VAL B 160 -65.08 67.56 31.39
N THR B 161 -64.97 68.89 31.48
CA THR B 161 -64.96 69.70 32.69
C THR B 161 -66.19 70.62 32.62
N HIS B 162 -66.94 70.72 33.72
CA HIS B 162 -68.20 71.48 33.85
C HIS B 162 -68.06 72.49 34.98
N ASN B 163 -68.68 73.67 34.86
CA ASN B 163 -68.89 74.63 35.94
C ASN B 163 -70.40 74.89 36.08
N VAL B 164 -70.95 74.68 37.29
CA VAL B 164 -72.38 74.82 37.57
C VAL B 164 -72.57 75.68 38.83
N PRO B 165 -73.05 76.94 38.72
CA PRO B 165 -73.47 77.76 39.87
C PRO B 165 -74.87 77.34 40.31
N ILE B 166 -75.09 77.18 41.63
CA ILE B 166 -76.31 76.64 42.24
C ILE B 166 -76.71 77.56 43.40
N TYR B 167 -78.00 77.89 43.50
CA TYR B 167 -78.59 78.59 44.64
C TYR B 167 -79.74 77.71 45.14
N GLU B 168 -79.63 77.24 46.38
CA GLU B 168 -80.50 76.33 47.14
C GLU B 168 -81.11 75.20 46.30
N GLY B 169 -80.21 74.37 45.74
CA GLY B 169 -80.52 73.17 44.97
C GLY B 169 -80.84 73.42 43.49
N TYR B 170 -81.22 74.65 43.12
CA TYR B 170 -81.54 75.02 41.74
C TYR B 170 -80.27 75.56 41.08
N ALA B 171 -79.80 74.84 40.06
CA ALA B 171 -78.67 75.23 39.22
C ALA B 171 -79.12 76.36 38.29
N LEU B 172 -78.33 77.43 38.21
CA LEU B 172 -78.65 78.66 37.50
C LEU B 172 -78.16 78.49 36.04
N PRO B 173 -79.05 78.18 35.07
CA PRO B 173 -78.64 77.59 33.78
C PRO B 173 -77.93 78.56 32.85
N HIS B 174 -78.31 79.84 32.92
CA HIS B 174 -77.84 80.97 32.13
C HIS B 174 -76.38 81.38 32.42
N ALA B 175 -75.72 80.69 33.36
CA ALA B 175 -74.34 80.90 33.78
C ALA B 175 -73.58 79.57 33.95
N ILE B 176 -74.12 78.44 33.49
CA ILE B 176 -73.41 77.16 33.42
C ILE B 176 -72.39 77.25 32.27
N MET B 177 -71.22 76.63 32.47
CA MET B 177 -70.13 76.59 31.50
C MET B 177 -69.55 75.18 31.44
N ARG B 178 -68.81 74.90 30.37
CA ARG B 178 -68.03 73.70 30.16
C ARG B 178 -66.67 74.17 29.64
N LEU B 179 -65.66 73.31 29.81
CA LEU B 179 -64.34 73.41 29.22
C LEU B 179 -64.08 72.03 28.61
N ASP B 180 -63.90 71.99 27.29
CA ASP B 180 -63.77 70.79 26.45
C ASP B 180 -62.35 70.20 26.53
N LEU B 181 -61.87 70.05 27.77
CA LEU B 181 -60.64 69.46 28.22
C LEU B 181 -60.97 68.71 29.51
N ALA B 182 -60.25 67.62 29.79
CA ALA B 182 -60.23 66.83 31.02
C ALA B 182 -59.21 65.70 30.79
N GLY B 183 -59.21 64.72 31.70
CA GLY B 183 -58.35 63.53 31.77
C GLY B 183 -57.98 62.88 30.44
N ARG B 184 -58.97 62.67 29.55
CA ARG B 184 -58.91 62.05 28.24
C ARG B 184 -57.72 62.56 27.39
N ASP B 185 -57.58 63.88 27.29
CA ASP B 185 -56.57 64.56 26.47
C ASP B 185 -55.52 65.28 27.33
N LEU B 186 -55.66 65.26 28.66
CA LEU B 186 -54.53 65.51 29.57
C LEU B 186 -53.54 64.33 29.50
N THR B 187 -54.02 63.09 29.38
CA THR B 187 -53.19 61.90 29.15
C THR B 187 -52.55 61.93 27.75
N ASP B 188 -53.19 62.55 26.73
CA ASP B 188 -52.60 62.83 25.40
C ASP B 188 -51.37 63.75 25.55
N TYR B 189 -51.54 64.86 26.29
CA TYR B 189 -50.45 65.79 26.54
C TYR B 189 -49.35 65.19 27.45
N LEU B 190 -49.71 64.35 28.43
CA LEU B 190 -48.75 63.62 29.26
C LEU B 190 -47.85 62.69 28.42
N MET B 191 -48.39 62.00 27.40
CA MET B 191 -47.59 61.21 26.46
C MET B 191 -46.69 62.11 25.58
N LYS B 192 -47.16 63.30 25.17
CA LYS B 192 -46.37 64.26 24.40
C LYS B 192 -45.22 64.91 25.22
N ILE B 193 -45.41 65.24 26.50
CA ILE B 193 -44.34 65.82 27.34
C ILE B 193 -43.37 64.73 27.85
N LEU B 194 -43.79 63.45 27.86
CA LEU B 194 -42.91 62.30 28.02
C LEU B 194 -42.12 62.06 26.72
N THR B 195 -42.66 62.41 25.54
CA THR B 195 -41.90 62.43 24.28
C THR B 195 -40.82 63.54 24.33
N GLU B 196 -41.08 64.68 25.00
CA GLU B 196 -40.08 65.70 25.37
C GLU B 196 -39.03 65.18 26.40
N ARG B 197 -39.01 63.88 26.69
CA ARG B 197 -38.03 63.17 27.53
C ARG B 197 -37.51 61.90 26.82
N GLY B 198 -37.87 61.68 25.54
CA GLY B 198 -37.37 60.60 24.71
C GLY B 198 -38.21 59.31 24.76
N TYR B 199 -39.26 59.26 25.60
CA TYR B 199 -40.17 58.11 25.71
C TYR B 199 -41.10 58.02 24.48
N SER B 200 -41.87 56.92 24.40
CA SER B 200 -42.88 56.62 23.39
C SER B 200 -43.98 55.85 24.08
N PHE B 201 -45.25 56.17 23.80
CA PHE B 201 -46.47 55.64 24.41
C PHE B 201 -47.60 55.85 23.38
N VAL B 202 -48.38 54.81 23.02
CA VAL B 202 -49.36 54.87 21.94
C VAL B 202 -50.64 54.00 22.14
N THR B 203 -50.55 52.79 22.69
CA THR B 203 -51.69 51.85 22.78
C THR B 203 -52.53 52.12 24.06
N THR B 204 -53.57 51.30 24.31
CA THR B 204 -54.33 51.31 25.55
C THR B 204 -53.50 50.87 26.76
N ALA B 205 -52.47 50.03 26.58
CA ALA B 205 -51.61 49.59 27.68
C ALA B 205 -50.85 50.78 28.27
N GLU B 206 -50.13 51.53 27.43
CA GLU B 206 -49.43 52.75 27.81
C GLU B 206 -50.40 53.86 28.24
N ARG B 207 -51.57 54.00 27.60
CA ARG B 207 -52.57 55.00 27.97
C ARG B 207 -53.07 54.80 29.42
N GLU B 208 -53.31 53.54 29.82
CA GLU B 208 -53.77 53.19 31.16
C GLU B 208 -52.61 53.31 32.17
N ILE B 209 -51.37 52.97 31.80
CA ILE B 209 -50.16 53.19 32.61
C ILE B 209 -49.89 54.70 32.79
N VAL B 210 -49.91 55.49 31.71
CA VAL B 210 -49.68 56.94 31.74
C VAL B 210 -50.83 57.66 32.48
N ARG B 211 -52.07 57.16 32.39
CA ARG B 211 -53.21 57.54 33.24
C ARG B 211 -52.93 57.27 34.73
N ASP B 212 -52.35 56.12 35.08
CA ASP B 212 -52.01 55.72 36.45
C ASP B 212 -50.89 56.61 37.01
N ILE B 213 -49.85 56.89 36.20
CA ILE B 213 -48.85 57.95 36.45
C ILE B 213 -49.52 59.32 36.71
N LYS B 214 -50.53 59.68 35.90
CA LYS B 214 -51.38 60.85 36.03
C LYS B 214 -52.43 60.74 37.17
N GLU B 215 -52.32 59.75 38.06
CA GLU B 215 -53.10 59.60 39.27
C GLU B 215 -52.12 59.58 40.46
N LYS B 216 -51.11 58.71 40.42
CA LYS B 216 -50.21 58.44 41.54
C LYS B 216 -49.08 59.49 41.67
N LEU B 217 -48.65 60.14 40.56
CA LEU B 217 -47.45 61.01 40.55
C LEU B 217 -47.71 62.48 40.17
N CYS B 218 -48.91 62.82 39.66
CA CYS B 218 -49.22 64.16 39.13
C CYS B 218 -49.69 65.14 40.22
N TYR B 219 -49.33 66.42 40.09
CA TYR B 219 -49.59 67.49 41.06
C TYR B 219 -49.63 68.87 40.37
N VAL B 220 -50.22 69.87 41.00
CA VAL B 220 -50.27 71.25 40.55
C VAL B 220 -49.29 72.05 41.41
N ALA B 221 -48.40 72.80 40.76
CA ALA B 221 -47.51 73.79 41.35
C ALA B 221 -48.32 75.07 41.59
N LEU B 222 -48.01 75.82 42.66
CA LEU B 222 -48.74 77.03 43.05
C LEU B 222 -48.50 78.20 42.08
N ASP B 223 -47.24 78.36 41.63
CA ASP B 223 -46.79 79.25 40.57
C ASP B 223 -45.70 78.50 39.80
N PHE B 224 -46.07 77.99 38.62
CA PHE B 224 -45.39 77.05 37.74
C PHE B 224 -43.86 77.20 37.61
N GLU B 225 -43.38 78.42 37.35
CA GLU B 225 -42.00 78.80 37.06
C GLU B 225 -40.98 78.26 38.08
N ASN B 226 -41.33 78.35 39.37
CA ASN B 226 -40.55 77.88 40.52
C ASN B 226 -40.30 76.38 40.46
N GLU B 227 -41.35 75.62 40.12
CA GLU B 227 -41.36 74.16 40.03
C GLU B 227 -40.54 73.73 38.80
N MET B 228 -40.73 74.43 37.67
CA MET B 228 -40.06 74.22 36.39
C MET B 228 -38.54 74.44 36.52
N ALA B 229 -38.13 75.52 37.18
CA ALA B 229 -36.74 75.82 37.51
C ALA B 229 -36.14 74.74 38.43
N THR B 230 -36.85 74.39 39.52
CA THR B 230 -36.41 73.41 40.52
C THR B 230 -36.24 72.00 39.94
N ALA B 231 -37.11 71.58 39.00
CA ALA B 231 -37.08 70.26 38.38
C ALA B 231 -35.93 70.11 37.36
N ALA B 232 -35.53 71.22 36.72
CA ALA B 232 -34.38 71.28 35.83
C ALA B 232 -33.06 71.41 36.60
N SER B 233 -33.09 72.12 37.74
CA SER B 233 -31.91 72.42 38.56
C SER B 233 -31.64 71.32 39.61
N SER B 234 -32.61 70.44 39.89
CA SER B 234 -32.48 69.38 40.88
C SER B 234 -33.36 68.18 40.47
N SER B 235 -32.76 66.99 40.46
CA SER B 235 -33.43 65.71 40.22
C SER B 235 -34.33 65.28 41.41
N SER B 236 -34.49 66.12 42.45
CA SER B 236 -35.29 65.89 43.65
C SER B 236 -36.79 65.64 43.33
N LEU B 237 -37.31 66.26 42.26
CA LEU B 237 -38.72 66.16 41.87
C LEU B 237 -39.01 64.95 40.95
N GLU B 238 -37.99 64.17 40.55
CA GLU B 238 -38.09 62.92 39.78
C GLU B 238 -38.63 61.81 40.70
N LYS B 239 -39.59 61.02 40.24
CA LYS B 239 -40.27 59.94 40.96
C LYS B 239 -40.46 58.74 40.01
N SER B 240 -40.07 57.55 40.46
CA SER B 240 -40.04 56.32 39.67
C SER B 240 -41.41 55.62 39.65
N TYR B 241 -41.62 54.78 38.65
CA TYR B 241 -42.82 53.96 38.40
C TYR B 241 -42.35 52.62 37.83
N GLU B 242 -42.89 51.50 38.33
CA GLU B 242 -42.56 50.13 37.92
C GLU B 242 -43.62 49.64 36.91
N LEU B 243 -43.18 49.09 35.78
CA LEU B 243 -44.03 48.61 34.69
C LEU B 243 -44.40 47.12 34.88
N PRO B 244 -45.55 46.66 34.33
CA PRO B 244 -46.08 45.29 34.44
C PRO B 244 -45.14 44.08 34.16
N ASP B 245 -44.02 44.29 33.46
CA ASP B 245 -43.02 43.27 33.12
C ASP B 245 -41.81 43.33 34.07
N GLY B 246 -41.80 44.27 35.03
CA GLY B 246 -40.74 44.47 36.01
C GLY B 246 -39.67 45.46 35.56
N GLN B 247 -39.84 46.17 34.43
CA GLN B 247 -39.00 47.29 34.04
C GLN B 247 -39.43 48.54 34.81
N VAL B 248 -38.55 49.55 34.94
CA VAL B 248 -38.79 50.78 35.71
C VAL B 248 -38.56 51.99 34.80
N ILE B 249 -39.38 53.04 34.97
CA ILE B 249 -39.31 54.34 34.34
C ILE B 249 -39.40 55.44 35.42
N THR B 250 -39.12 56.70 35.09
CA THR B 250 -39.06 57.82 36.04
C THR B 250 -39.66 59.11 35.44
N ILE B 251 -40.50 59.80 36.21
CA ILE B 251 -41.37 60.90 35.82
C ILE B 251 -41.06 62.05 36.79
N GLY B 252 -40.85 63.28 36.34
CA GLY B 252 -40.36 64.38 37.18
C GLY B 252 -40.97 65.73 36.82
N ASN B 253 -40.69 66.17 35.60
CA ASN B 253 -41.09 67.47 35.04
C ASN B 253 -42.51 67.36 34.48
N GLU B 254 -42.83 66.19 33.92
CA GLU B 254 -44.09 65.76 33.33
C GLU B 254 -45.25 65.72 34.34
N ARG B 255 -44.89 65.60 35.64
CA ARG B 255 -45.79 65.50 36.78
C ARG B 255 -46.63 66.77 36.98
N PHE B 256 -46.11 67.94 36.60
CA PHE B 256 -46.76 69.24 36.73
C PHE B 256 -46.94 69.92 35.35
N ARG B 257 -46.09 69.62 34.35
CA ARG B 257 -46.25 70.05 32.96
C ARG B 257 -47.60 69.61 32.34
N CYS B 258 -48.15 68.46 32.76
CA CYS B 258 -49.50 68.01 32.40
C CYS B 258 -50.57 68.82 33.17
N PRO B 259 -50.81 68.68 34.50
CA PRO B 259 -51.82 69.40 35.30
C PRO B 259 -52.02 70.92 35.06
N GLU B 260 -50.94 71.67 34.79
CA GLU B 260 -50.99 73.11 34.51
C GLU B 260 -51.87 73.47 33.29
N THR B 261 -52.09 72.52 32.37
CA THR B 261 -52.91 72.66 31.17
C THR B 261 -54.40 72.93 31.51
N LEU B 262 -54.85 72.63 32.74
CA LEU B 262 -56.18 73.01 33.24
C LEU B 262 -56.26 74.51 33.56
N PHE B 263 -55.15 75.14 33.95
CA PHE B 263 -55.05 76.57 34.26
C PHE B 263 -54.55 77.36 33.03
N GLN B 264 -53.90 76.70 32.07
CA GLN B 264 -53.49 77.24 30.78
C GLN B 264 -53.68 76.23 29.65
N PRO B 265 -54.91 76.08 29.08
CA PRO B 265 -55.19 75.31 27.85
C PRO B 265 -54.30 75.64 26.63
N SER B 266 -53.69 76.82 26.61
CA SER B 266 -52.64 77.28 25.72
C SER B 266 -51.45 76.30 25.59
N PHE B 267 -51.14 75.52 26.64
CA PHE B 267 -50.16 74.42 26.64
C PHE B 267 -50.47 73.29 25.63
N ILE B 268 -51.74 73.16 25.20
CA ILE B 268 -52.22 72.29 24.13
C ILE B 268 -52.85 73.10 22.99
N GLY B 269 -52.58 74.41 22.92
CA GLY B 269 -52.90 75.29 21.78
C GLY B 269 -54.30 75.91 21.78
N MET B 270 -55.14 75.62 22.78
CA MET B 270 -56.53 76.09 22.83
C MET B 270 -56.61 77.60 23.13
N GLU B 271 -57.56 78.28 22.45
CA GLU B 271 -57.94 79.69 22.64
C GLU B 271 -58.68 79.90 23.98
N SER B 272 -59.16 78.79 24.55
CA SER B 272 -59.98 78.66 25.75
C SER B 272 -59.25 79.15 27.02
N ALA B 273 -60.04 79.52 28.03
CA ALA B 273 -59.59 79.99 29.33
C ALA B 273 -59.40 78.80 30.29
N GLY B 274 -58.61 78.98 31.35
CA GLY B 274 -58.34 77.97 32.37
C GLY B 274 -59.53 77.72 33.31
N ILE B 275 -59.49 76.65 34.12
CA ILE B 275 -60.56 76.27 35.06
C ILE B 275 -60.89 77.36 36.10
N HIS B 276 -59.90 78.14 36.52
CA HIS B 276 -60.03 79.27 37.45
C HIS B 276 -60.72 80.45 36.77
N GLU B 277 -60.31 80.78 35.53
CA GLU B 277 -60.91 81.79 34.66
C GLU B 277 -62.35 81.36 34.30
N THR B 278 -62.57 80.09 33.95
CA THR B 278 -63.88 79.55 33.58
C THR B 278 -64.83 79.52 34.80
N THR B 279 -64.36 79.16 36.00
CA THR B 279 -65.13 79.23 37.26
C THR B 279 -65.48 80.70 37.56
N TYR B 280 -64.51 81.61 37.43
CA TYR B 280 -64.70 83.06 37.58
C TYR B 280 -65.71 83.63 36.57
N ASN B 281 -65.62 83.26 35.28
CA ASN B 281 -66.56 83.63 34.22
C ASN B 281 -67.96 83.11 34.50
N SER B 282 -68.08 81.86 34.99
CA SER B 282 -69.33 81.26 35.44
C SER B 282 -69.94 82.05 36.62
N ILE B 283 -69.15 82.40 37.67
CA ILE B 283 -69.62 83.27 38.76
C ILE B 283 -70.00 84.66 38.24
N MET B 284 -69.19 85.28 37.38
CA MET B 284 -69.39 86.66 36.93
C MET B 284 -70.54 86.81 35.93
N LYS B 285 -70.90 85.77 35.15
CA LYS B 285 -72.11 85.74 34.33
C LYS B 285 -73.37 85.44 35.20
N CYS B 286 -73.22 85.08 36.48
CA CYS B 286 -74.35 85.02 37.41
C CYS B 286 -74.72 86.45 37.87
N ASP B 287 -75.99 86.55 38.24
CA ASP B 287 -76.79 87.61 38.81
C ASP B 287 -76.09 88.30 39.99
N ILE B 288 -76.22 89.63 40.10
CA ILE B 288 -75.40 90.56 40.89
C ILE B 288 -74.80 90.05 42.23
N ASP B 289 -75.61 89.98 43.28
CA ASP B 289 -75.14 89.82 44.67
C ASP B 289 -75.28 88.40 45.22
N ILE B 290 -75.56 87.39 44.38
CA ILE B 290 -75.41 85.99 44.76
C ILE B 290 -73.94 85.55 44.59
N ARG B 291 -73.14 86.32 43.83
CA ARG B 291 -71.74 86.03 43.49
C ARG B 291 -70.82 85.96 44.72
N LYS B 292 -71.06 86.77 45.76
CA LYS B 292 -70.38 86.70 47.05
C LYS B 292 -70.53 85.32 47.74
N ASP B 293 -71.68 84.68 47.55
CA ASP B 293 -72.06 83.41 48.19
C ASP B 293 -71.49 82.24 47.37
N LEU B 294 -71.38 82.41 46.04
CA LEU B 294 -70.72 81.48 45.12
C LEU B 294 -69.20 81.52 45.31
N TYR B 295 -68.59 82.71 45.42
CA TYR B 295 -67.16 82.92 45.68
C TYR B 295 -66.64 82.18 46.93
N ALA B 296 -67.47 82.09 47.97
CA ALA B 296 -67.15 81.46 49.25
C ALA B 296 -67.36 79.94 49.22
N ASN B 297 -67.96 79.37 48.17
CA ASN B 297 -68.44 77.98 48.13
C ASN B 297 -68.12 77.34 46.79
N ASN B 298 -66.83 77.28 46.42
CA ASN B 298 -66.37 76.54 45.25
C ASN B 298 -66.20 75.08 45.68
N VAL B 299 -67.07 74.19 45.21
CA VAL B 299 -67.03 72.75 45.48
C VAL B 299 -66.20 72.09 44.36
N MET B 300 -65.06 71.50 44.74
CA MET B 300 -64.18 70.74 43.86
C MET B 300 -64.64 69.28 43.86
N SER B 301 -64.94 68.75 42.68
CA SER B 301 -65.41 67.38 42.46
C SER B 301 -64.85 66.87 41.13
N GLY B 302 -64.89 65.55 40.87
CA GLY B 302 -64.39 64.94 39.64
C GLY B 302 -63.08 64.17 39.86
N GLY B 303 -62.66 63.40 38.84
CA GLY B 303 -61.50 62.51 38.90
C GLY B 303 -60.18 63.17 38.47
N THR B 304 -60.23 64.23 37.65
CA THR B 304 -59.07 65.02 37.24
C THR B 304 -58.80 66.13 38.29
N THR B 305 -59.78 66.49 39.12
CA THR B 305 -59.72 67.52 40.16
C THR B 305 -59.02 67.01 41.45
N MET B 306 -58.27 65.89 41.33
CA MET B 306 -57.73 65.09 42.42
C MET B 306 -56.31 65.49 42.83
N TYR B 307 -55.56 66.16 41.95
CA TYR B 307 -54.10 66.36 42.05
C TYR B 307 -53.72 67.24 43.27
N PRO B 308 -52.72 66.88 44.10
CA PRO B 308 -52.18 67.75 45.16
C PRO B 308 -51.87 69.18 44.68
N GLY B 309 -52.19 70.19 45.49
CA GLY B 309 -51.97 71.59 45.20
C GLY B 309 -53.08 72.27 44.37
N ILE B 310 -54.05 71.51 43.83
CA ILE B 310 -55.05 72.04 42.88
C ILE B 310 -56.08 72.95 43.56
N ALA B 311 -56.48 72.63 44.79
CA ALA B 311 -57.48 73.39 45.55
C ALA B 311 -56.82 74.64 46.15
N ASP B 312 -55.55 74.50 46.54
CA ASP B 312 -54.64 75.49 47.09
C ASP B 312 -54.31 76.52 46.01
N ARG B 313 -54.03 76.04 44.79
CA ARG B 313 -53.94 76.82 43.57
C ARG B 313 -55.26 77.56 43.27
N MET B 314 -56.40 76.87 43.19
CA MET B 314 -57.71 77.48 42.91
C MET B 314 -58.12 78.58 43.91
N GLN B 315 -57.72 78.44 45.17
CA GLN B 315 -57.94 79.43 46.24
C GLN B 315 -57.12 80.70 45.97
N LYS B 316 -55.84 80.53 45.59
CA LYS B 316 -54.91 81.58 45.21
C LYS B 316 -55.31 82.25 43.88
N GLU B 317 -55.73 81.47 42.88
CA GLU B 317 -56.07 81.96 41.54
C GLU B 317 -57.38 82.78 41.57
N ILE B 318 -58.46 82.26 42.17
CA ILE B 318 -59.75 82.94 42.17
C ILE B 318 -59.70 84.24 43.02
N THR B 319 -58.86 84.33 44.06
CA THR B 319 -58.69 85.57 44.84
C THR B 319 -57.68 86.55 44.18
N ALA B 320 -57.09 86.20 43.03
CA ALA B 320 -56.31 87.12 42.19
C ALA B 320 -57.21 87.69 41.08
N LEU B 321 -58.25 86.95 40.66
CA LEU B 321 -59.23 87.40 39.67
C LEU B 321 -60.35 88.22 40.33
N ALA B 322 -60.79 87.82 41.53
CA ALA B 322 -61.84 88.49 42.30
C ALA B 322 -61.19 89.48 43.29
N PRO B 323 -61.87 90.59 43.65
CA PRO B 323 -61.34 91.58 44.59
C PRO B 323 -61.37 91.05 46.04
N SER B 324 -60.29 91.27 46.80
CA SER B 324 -60.05 90.77 48.16
C SER B 324 -60.96 91.38 49.26
N THR B 325 -61.95 92.20 48.88
CA THR B 325 -63.10 92.54 49.71
C THR B 325 -64.02 91.30 49.85
N MET B 326 -64.15 90.49 48.77
CA MET B 326 -64.76 89.17 48.72
C MET B 326 -63.82 88.17 49.40
N LYS B 327 -64.38 87.06 49.88
CA LYS B 327 -63.74 86.15 50.83
C LYS B 327 -63.83 84.75 50.25
N ILE B 328 -62.92 84.46 49.31
CA ILE B 328 -62.92 83.31 48.43
C ILE B 328 -62.60 82.04 49.23
N LYS B 329 -63.39 80.96 49.06
CA LYS B 329 -63.16 79.67 49.67
C LYS B 329 -63.48 78.50 48.75
N ILE B 330 -62.74 77.40 48.98
CA ILE B 330 -62.75 76.16 48.23
C ILE B 330 -63.06 75.05 49.24
N ILE B 331 -63.91 74.10 48.87
CA ILE B 331 -64.43 72.97 49.64
C ILE B 331 -64.54 71.73 48.72
N ALA B 332 -64.77 70.55 49.30
CA ALA B 332 -64.89 69.27 48.58
C ALA B 332 -65.66 68.24 49.44
N PRO B 333 -66.31 67.22 48.82
CA PRO B 333 -66.83 66.05 49.53
C PRO B 333 -65.70 65.06 49.92
N PRO B 334 -65.91 64.12 50.88
CA PRO B 334 -64.91 63.15 51.39
C PRO B 334 -64.03 62.41 50.38
N GLU B 335 -64.54 62.11 49.19
CA GLU B 335 -63.77 61.80 47.99
C GLU B 335 -64.50 62.52 46.85
N ARG B 336 -63.72 63.03 45.91
CA ARG B 336 -64.11 63.88 44.81
C ARG B 336 -64.50 63.03 43.60
N LYS B 337 -63.85 61.89 43.34
CA LYS B 337 -64.08 61.15 42.09
C LYS B 337 -65.38 60.32 42.11
N TYR B 338 -65.95 60.09 43.30
CA TYR B 338 -67.20 59.35 43.52
C TYR B 338 -68.37 60.25 43.96
N SER B 339 -68.12 61.55 44.19
CA SER B 339 -69.05 62.61 44.60
C SER B 339 -70.50 62.51 44.06
N VAL B 340 -70.60 62.60 42.74
CA VAL B 340 -71.80 62.51 41.91
C VAL B 340 -72.59 61.19 42.08
N TRP B 341 -71.93 60.10 42.47
CA TRP B 341 -72.56 58.82 42.75
C TRP B 341 -72.96 58.76 44.23
N ILE B 342 -72.04 59.12 45.16
CA ILE B 342 -72.24 59.12 46.62
C ILE B 342 -73.47 59.94 47.03
N GLY B 343 -73.63 61.16 46.52
CA GLY B 343 -74.80 62.00 46.75
C GLY B 343 -76.10 61.40 46.16
N GLY B 344 -75.97 60.63 45.07
CA GLY B 344 -77.05 59.89 44.44
C GLY B 344 -77.46 58.65 45.24
N SER B 345 -76.51 57.95 45.86
CA SER B 345 -76.73 56.80 46.73
C SER B 345 -77.47 57.23 48.01
N ILE B 346 -77.09 58.38 48.58
CA ILE B 346 -77.83 59.04 49.66
C ILE B 346 -79.25 59.40 49.20
N LEU B 347 -79.42 60.05 48.03
CA LEU B 347 -80.73 60.41 47.46
C LEU B 347 -81.65 59.19 47.28
N ALA B 348 -81.10 58.09 46.76
CA ALA B 348 -81.78 56.82 46.55
C ALA B 348 -82.07 56.03 47.84
N SER B 349 -81.71 56.57 49.02
CA SER B 349 -81.95 55.99 50.34
C SER B 349 -82.58 56.99 51.33
N LEU B 350 -82.99 58.18 50.87
CA LEU B 350 -83.77 59.13 51.67
C LEU B 350 -85.24 58.66 51.68
N SER B 351 -85.83 58.51 52.87
CA SER B 351 -87.19 58.05 53.13
C SER B 351 -88.32 58.97 52.62
N THR B 352 -87.98 60.09 51.99
CA THR B 352 -88.88 61.00 51.29
C THR B 352 -88.88 60.72 49.76
N PHE B 353 -87.96 59.88 49.26
CA PHE B 353 -87.72 59.67 47.84
C PHE B 353 -88.68 58.63 47.23
N GLN B 354 -89.30 57.78 48.05
CA GLN B 354 -90.21 56.68 47.71
C GLN B 354 -91.33 57.07 46.72
N GLN B 355 -91.88 58.28 46.85
CA GLN B 355 -92.92 58.81 45.96
C GLN B 355 -92.32 59.70 44.85
N MET B 356 -91.03 60.06 44.92
CA MET B 356 -90.33 60.92 43.97
C MET B 356 -89.73 60.11 42.80
N TRP B 357 -89.57 58.79 42.95
CA TRP B 357 -89.33 57.84 41.86
C TRP B 357 -90.42 57.98 40.79
N ILE B 358 -90.06 58.03 39.51
CA ILE B 358 -91.02 57.91 38.41
C ILE B 358 -91.28 56.40 38.30
N THR B 359 -92.52 55.98 38.49
CA THR B 359 -92.96 54.62 38.22
C THR B 359 -93.31 54.52 36.72
N LYS B 360 -93.22 53.32 36.14
CA LYS B 360 -93.69 53.01 34.79
C LYS B 360 -95.17 53.38 34.59
N GLN B 361 -95.99 53.18 35.62
CA GLN B 361 -97.41 53.48 35.66
C GLN B 361 -97.75 54.99 35.54
N GLU B 362 -96.81 55.88 35.89
CA GLU B 362 -96.96 57.34 35.71
C GLU B 362 -96.52 57.77 34.29
N TYR B 363 -95.68 56.97 33.61
CA TYR B 363 -95.34 57.17 32.20
C TYR B 363 -96.54 56.80 31.31
N ASP B 364 -97.29 55.75 31.67
CA ASP B 364 -98.47 55.21 30.97
C ASP B 364 -99.73 56.11 31.05
N GLU B 365 -99.51 57.43 31.18
CA GLU B 365 -100.45 58.53 31.07
C GLU B 365 -99.71 59.74 30.45
N ALA B 366 -98.57 60.11 31.05
CA ALA B 366 -97.85 61.34 30.77
C ALA B 366 -96.88 61.25 29.57
N GLY B 367 -96.46 60.04 29.17
CA GLY B 367 -95.48 59.78 28.13
C GLY B 367 -94.03 60.12 28.54
N PRO B 368 -93.04 60.05 27.61
CA PRO B 368 -91.61 60.34 27.86
C PRO B 368 -91.26 61.65 28.60
N SER B 369 -92.12 62.68 28.52
CA SER B 369 -91.98 63.96 29.20
C SER B 369 -92.36 63.90 30.69
N ILE B 370 -92.76 62.73 31.23
CA ILE B 370 -93.03 62.42 32.65
C ILE B 370 -91.94 62.91 33.61
N VAL B 371 -90.68 62.79 33.17
CA VAL B 371 -89.47 63.18 33.88
C VAL B 371 -89.52 64.61 34.45
N HIS B 372 -90.19 65.53 33.76
CA HIS B 372 -90.30 66.94 34.18
C HIS B 372 -91.44 67.17 35.17
N ARG B 373 -92.23 66.14 35.54
CA ARG B 373 -93.17 66.22 36.65
C ARG B 373 -92.49 65.85 37.99
N LYS B 374 -91.29 65.25 37.98
CA LYS B 374 -90.66 64.65 39.18
C LYS B 374 -89.17 65.02 39.34
N CYS B 375 -88.43 65.15 38.23
CA CYS B 375 -86.99 65.44 38.23
C CYS B 375 -86.83 66.91 37.85
N PHE B 376 -86.27 67.69 38.78
CA PHE B 376 -86.00 69.13 38.73
C PHE B 376 -85.01 69.51 37.61
N NH2 B 377 -84.83 70.80 37.35
HN1 NH2 B 377 -84.16 71.05 36.63
HN2 NH2 B 377 -85.34 71.51 37.86
C ACE C 1 -4.02 87.82 5.76
O ACE C 1 -4.16 88.90 6.64
CH3 ACE C 1 -2.54 87.64 5.45
H1 ACE C 1 -1.98 87.40 6.36
H2 ACE C 1 -2.10 88.54 5.03
H3 ACE C 1 -2.38 86.82 4.75
N ASP C 2 -4.72 88.26 4.57
CA ASP C 2 -6.18 87.99 4.67
C ASP C 2 -6.43 86.52 4.29
N GLU C 3 -7.50 85.90 4.78
CA GLU C 3 -7.70 84.45 4.81
C GLU C 3 -8.94 84.03 4.00
N ASP C 4 -9.09 82.71 3.81
CA ASP C 4 -10.18 82.03 3.10
C ASP C 4 -11.56 82.28 3.75
N GLU C 5 -12.64 82.20 2.95
CA GLU C 5 -14.03 82.39 3.33
C GLU C 5 -14.47 81.45 4.46
N THR C 6 -14.86 82.05 5.59
CA THR C 6 -15.24 81.43 6.86
C THR C 6 -16.60 80.67 6.75
N THR C 7 -16.60 79.61 5.94
CA THR C 7 -17.74 78.75 5.63
C THR C 7 -18.05 77.87 6.85
N ALA C 8 -19.33 77.83 7.26
CA ALA C 8 -19.80 77.09 8.42
C ALA C 8 -20.02 75.61 8.07
N LEU C 9 -20.01 74.76 9.11
CA LEU C 9 -20.18 73.31 9.02
C LEU C 9 -21.66 73.02 9.31
N VAL C 10 -22.28 72.08 8.60
CA VAL C 10 -23.72 71.82 8.68
C VAL C 10 -23.91 70.33 8.87
N CYS C 11 -24.27 69.93 10.09
CA CYS C 11 -24.62 68.57 10.43
C CYS C 11 -26.15 68.57 10.63
N ASP C 12 -26.88 67.73 9.88
CA ASP C 12 -28.21 67.32 10.27
C ASP C 12 -28.04 66.11 11.18
N ASN C 13 -28.61 66.18 12.39
CA ASN C 13 -28.56 65.11 13.38
C ASN C 13 -29.51 63.97 13.01
N GLY C 14 -30.69 64.35 12.49
CA GLY C 14 -31.65 63.50 11.79
C GLY C 14 -32.33 62.39 12.60
N SER C 15 -33.50 61.97 12.13
CA SER C 15 -34.37 60.88 12.60
C SER C 15 -33.75 59.47 12.41
N GLY C 16 -32.45 59.31 12.70
CA GLY C 16 -31.66 58.11 12.51
C GLY C 16 -30.31 58.42 11.86
N LEU C 17 -30.31 58.63 10.54
CA LEU C 17 -29.10 58.88 9.75
C LEU C 17 -28.71 60.36 9.83
N VAL C 18 -27.48 60.60 10.27
CA VAL C 18 -26.79 61.88 10.38
C VAL C 18 -26.24 62.22 8.98
N LYS C 19 -26.17 63.51 8.65
CA LYS C 19 -25.80 64.03 7.33
C LYS C 19 -24.91 65.24 7.59
N ALA C 20 -23.68 65.28 7.05
CA ALA C 20 -22.71 66.34 7.28
C ALA C 20 -22.11 66.86 5.97
N GLY C 21 -22.02 68.18 5.82
CA GLY C 21 -21.33 68.87 4.72
C GLY C 21 -21.03 70.31 5.14
N PHE C 22 -20.58 71.14 4.19
CA PHE C 22 -20.22 72.53 4.41
C PHE C 22 -21.36 73.43 3.92
N ALA C 23 -21.50 74.62 4.53
CA ALA C 23 -22.57 75.58 4.26
C ALA C 23 -22.42 76.22 2.87
N GLY C 24 -22.98 75.57 1.86
CA GLY C 24 -22.87 75.95 0.46
C GLY C 24 -23.09 74.74 -0.45
N ASP C 25 -22.72 73.53 0.03
CA ASP C 25 -22.89 72.23 -0.63
C ASP C 25 -24.37 71.92 -0.89
N ASP C 26 -24.68 71.34 -2.05
CA ASP C 26 -26.04 70.96 -2.48
C ASP C 26 -26.43 69.55 -2.01
N ALA C 27 -25.45 68.74 -1.60
CA ALA C 27 -25.64 67.41 -1.03
C ALA C 27 -24.53 67.14 -0.01
N PRO C 28 -24.80 66.40 1.10
CA PRO C 28 -23.83 66.20 2.18
C PRO C 28 -22.66 65.27 1.79
N ARG C 29 -21.48 65.59 2.33
CA ARG C 29 -20.20 64.90 2.13
C ARG C 29 -20.19 63.52 2.81
N ALA C 30 -20.89 63.36 3.93
CA ALA C 30 -20.98 62.11 4.68
C ALA C 30 -22.43 61.95 5.14
N VAL C 31 -22.99 60.75 4.98
CA VAL C 31 -24.30 60.33 5.47
C VAL C 31 -24.07 58.99 6.16
N PHE C 32 -24.49 58.83 7.42
CA PHE C 32 -24.16 57.67 8.24
C PHE C 32 -25.20 57.44 9.34
N PRO C 33 -25.41 56.19 9.81
CA PRO C 33 -26.12 55.93 11.07
C PRO C 33 -25.18 56.31 12.24
N SER C 34 -25.73 56.80 13.34
CA SER C 34 -24.98 57.39 14.45
C SER C 34 -24.30 56.34 15.37
N ILE C 35 -24.41 55.04 15.04
CA ILE C 35 -23.96 53.88 15.82
C ILE C 35 -22.55 53.98 16.44
N VAL C 36 -22.45 53.60 17.71
CA VAL C 36 -21.23 53.44 18.49
C VAL C 36 -21.19 51.97 18.94
N GLY C 37 -20.03 51.34 18.84
CA GLY C 37 -19.81 49.97 19.26
C GLY C 37 -19.41 49.91 20.73
N ARG C 38 -20.19 49.22 21.56
CA ARG C 38 -19.80 48.71 22.87
C ARG C 38 -19.22 47.29 22.65
N PRO C 39 -18.29 46.81 23.50
CA PRO C 39 -17.68 45.48 23.33
C PRO C 39 -18.61 44.33 23.72
N ARG C 40 -18.41 43.17 23.10
CA ARG C 40 -18.92 41.87 23.57
C ARG C 40 -17.87 41.19 24.46
N HIS C 41 -16.58 41.47 24.23
CA HIS C 41 -15.41 41.03 24.98
C HIS C 41 -14.27 42.04 24.72
N GLN C 42 -13.17 41.91 25.47
CA GLN C 42 -11.94 42.68 25.27
C GLN C 42 -11.30 42.38 23.91
N GLY C 43 -10.68 43.40 23.30
CA GLY C 43 -10.09 43.31 21.97
C GLY C 43 -8.87 42.38 21.93
N VAL C 44 -8.99 41.28 21.19
CA VAL C 44 -7.92 40.30 20.95
C VAL C 44 -6.91 40.82 19.89
N MET C 45 -7.31 41.86 19.13
CA MET C 45 -6.50 42.63 18.20
C MET C 45 -5.80 43.68 19.06
N VAL C 46 -4.47 43.60 19.15
CA VAL C 46 -3.63 44.27 20.15
C VAL C 46 -3.62 45.80 19.93
N GLY C 47 -4.65 46.46 20.47
CA GLY C 47 -4.90 47.88 20.46
C GLY C 47 -5.52 48.40 19.16
N MET C 48 -6.00 49.65 19.20
CA MET C 48 -6.51 50.42 18.08
C MET C 48 -5.71 51.71 17.87
N GLY C 49 -4.67 51.94 18.67
CA GLY C 49 -3.85 53.15 18.66
C GLY C 49 -4.47 54.26 19.50
N GLN C 50 -4.15 55.51 19.15
CA GLN C 50 -4.49 56.74 19.88
C GLN C 50 -5.87 57.26 19.41
N LYS C 51 -6.90 56.42 19.43
CA LYS C 51 -8.27 56.80 19.07
C LYS C 51 -9.29 56.12 19.96
N ASP C 52 -10.42 56.79 20.16
CA ASP C 52 -11.54 56.39 20.99
C ASP C 52 -12.56 55.59 20.14
N SER C 53 -13.18 54.58 20.76
CA SER C 53 -14.34 53.81 20.30
C SER C 53 -14.10 53.02 18.99
N TYR C 54 -15.17 52.39 18.49
CA TYR C 54 -15.40 52.09 17.08
C TYR C 54 -16.80 52.67 16.82
N VAL C 55 -16.94 53.51 15.79
CA VAL C 55 -18.13 54.29 15.47
C VAL C 55 -18.45 54.15 13.97
N GLY C 56 -19.73 54.27 13.59
CA GLY C 56 -20.23 54.27 12.21
C GLY C 56 -19.73 53.07 11.40
N ASP C 57 -18.98 53.37 10.33
CA ASP C 57 -18.21 52.50 9.44
C ASP C 57 -17.45 51.40 10.20
N GLU C 58 -16.67 51.79 11.22
CA GLU C 58 -15.84 50.87 12.00
C GLU C 58 -16.68 49.95 12.91
N ALA C 59 -17.79 50.47 13.44
CA ALA C 59 -18.65 49.76 14.37
C ALA C 59 -19.35 48.57 13.70
N GLN C 60 -19.69 48.72 12.42
CA GLN C 60 -20.15 47.64 11.55
C GLN C 60 -18.97 46.72 11.14
N SER C 61 -17.79 47.28 10.86
CA SER C 61 -16.69 46.55 10.22
C SER C 61 -15.85 45.72 11.21
N LYS C 62 -16.00 45.88 12.53
CA LYS C 62 -15.26 45.12 13.53
C LYS C 62 -16.13 44.00 14.08
N ARG C 63 -16.06 42.86 13.37
CA ARG C 63 -16.76 41.60 13.57
C ARG C 63 -16.51 40.96 14.94
N GLY C 64 -17.54 40.31 15.49
CA GLY C 64 -17.47 39.28 16.52
C GLY C 64 -17.20 39.79 17.93
N ILE C 65 -16.97 41.10 18.07
CA ILE C 65 -16.41 41.71 19.25
C ILE C 65 -17.19 42.95 19.69
N LEU C 66 -18.15 43.43 18.89
CA LEU C 66 -18.93 44.64 19.16
C LEU C 66 -20.43 44.36 19.19
N THR C 67 -21.15 45.25 19.86
CA THR C 67 -22.60 45.37 19.88
C THR C 67 -22.92 46.88 19.86
N LEU C 68 -23.93 47.28 19.09
CA LEU C 68 -24.16 48.67 18.72
C LEU C 68 -25.19 49.31 19.67
N LYS C 69 -24.93 50.55 20.08
CA LYS C 69 -25.95 51.50 20.54
C LYS C 69 -26.00 52.60 19.48
N TYR C 70 -27.17 53.22 19.26
CA TYR C 70 -27.27 54.52 18.61
C TYR C 70 -27.28 55.55 19.75
N PRO C 71 -26.62 56.72 19.65
CA PRO C 71 -26.88 57.85 20.54
C PRO C 71 -28.15 58.63 20.15
N ILE C 72 -28.74 58.32 18.98
CA ILE C 72 -29.95 58.92 18.42
C ILE C 72 -30.84 57.77 17.92
N GLU C 73 -31.60 57.10 18.79
CA GLU C 73 -32.56 56.06 18.38
C GLU C 73 -33.74 56.66 17.61
N HIS C 74 -34.24 57.84 18.01
CA HIS C 74 -35.54 58.39 17.59
C HIS C 74 -35.45 59.89 17.29
N GLY C 75 -34.36 60.35 16.68
CA GLY C 75 -34.11 61.76 16.33
C GLY C 75 -33.75 62.65 17.53
N ILE C 76 -34.27 62.32 18.71
CA ILE C 76 -33.87 62.80 20.02
C ILE C 76 -32.56 62.10 20.37
N ILE C 77 -31.54 62.91 20.70
CA ILE C 77 -30.20 62.48 21.09
C ILE C 77 -30.27 62.20 22.60
N THR C 78 -29.87 60.99 23.03
CA THR C 78 -29.96 60.53 24.41
C THR C 78 -28.56 60.46 25.05
N ASN C 79 -27.59 59.89 24.32
CA ASN C 79 -26.25 59.60 24.83
C ASN C 79 -25.34 60.72 24.34
N TRP C 80 -25.19 61.76 25.15
CA TRP C 80 -24.30 62.89 24.89
C TRP C 80 -22.84 62.42 24.90
N ASP C 81 -22.48 61.62 25.91
CA ASP C 81 -21.20 60.98 26.20
C ASP C 81 -20.66 60.16 25.02
N ASP C 82 -21.58 59.62 24.19
CA ASP C 82 -21.29 58.90 22.95
C ASP C 82 -21.38 59.83 21.74
N MET C 83 -22.36 60.74 21.66
CA MET C 83 -22.52 61.66 20.53
C MET C 83 -21.38 62.70 20.45
N GLU C 84 -20.78 63.05 21.59
CA GLU C 84 -19.54 63.84 21.71
C GLU C 84 -18.33 63.12 21.09
N LYS C 85 -18.43 61.81 20.76
CA LYS C 85 -17.45 61.09 19.95
C LYS C 85 -17.85 61.13 18.45
N ILE C 86 -19.15 61.05 18.13
CA ILE C 86 -19.67 61.05 16.75
C ILE C 86 -19.38 62.39 16.07
N TRP C 87 -19.62 63.52 16.74
CA TRP C 87 -19.30 64.86 16.22
C TRP C 87 -17.78 65.04 16.02
N HIS C 88 -16.94 64.45 16.88
CA HIS C 88 -15.48 64.37 16.74
C HIS C 88 -15.08 63.70 15.42
N HIS C 89 -15.64 62.51 15.15
CA HIS C 89 -15.43 61.78 13.90
C HIS C 89 -15.90 62.57 12.67
N THR C 90 -17.05 63.25 12.79
CA THR C 90 -17.66 64.08 11.75
C THR C 90 -16.72 65.24 11.39
N PHE C 91 -16.21 65.97 12.39
CA PHE C 91 -15.35 67.12 12.22
C PHE C 91 -13.94 66.72 11.77
N TYR C 92 -13.27 65.84 12.53
CA TYR C 92 -11.82 65.64 12.40
C TYR C 92 -11.45 64.50 11.44
N ASN C 93 -12.40 63.68 10.97
CA ASN C 93 -12.13 62.52 10.09
C ASN C 93 -12.97 62.54 8.81
N GLU C 94 -14.22 63.04 8.80
CA GLU C 94 -15.08 63.07 7.59
C GLU C 94 -15.00 64.43 6.89
N LEU C 95 -15.32 65.54 7.58
CA LEU C 95 -15.21 66.89 7.04
C LEU C 95 -13.73 67.30 6.92
N ARG C 96 -12.95 66.99 7.97
CA ARG C 96 -11.50 67.09 8.10
C ARG C 96 -11.04 68.53 8.36
N VAL C 97 -11.69 69.18 9.32
CA VAL C 97 -11.47 70.56 9.72
C VAL C 97 -11.25 70.64 11.25
N ALA C 98 -11.01 71.86 11.73
CA ALA C 98 -10.80 72.21 13.12
C ALA C 98 -12.06 72.95 13.61
N PRO C 99 -12.97 72.32 14.39
CA PRO C 99 -14.15 72.97 14.94
C PRO C 99 -13.83 74.09 15.95
N GLU C 100 -12.69 74.04 16.66
CA GLU C 100 -12.23 74.97 17.68
C GLU C 100 -12.32 76.48 17.35
N GLU C 101 -12.33 76.86 16.07
CA GLU C 101 -12.63 78.21 15.56
C GLU C 101 -13.42 78.14 14.23
N HIS C 102 -14.26 77.10 13.99
CA HIS C 102 -15.13 77.00 12.80
C HIS C 102 -16.61 76.87 13.21
N PRO C 103 -17.52 77.81 12.84
CA PRO C 103 -18.97 77.74 13.14
C PRO C 103 -19.67 76.43 12.69
N THR C 104 -20.64 75.94 13.47
CA THR C 104 -21.43 74.74 13.14
C THR C 104 -22.94 75.04 13.25
N LEU C 105 -23.78 74.50 12.36
CA LEU C 105 -25.23 74.44 12.51
C LEU C 105 -25.60 72.98 12.83
N LEU C 106 -26.39 72.80 13.89
CA LEU C 106 -26.96 71.52 14.35
C LEU C 106 -28.49 71.64 14.28
N THR C 107 -29.16 70.74 13.54
CA THR C 107 -30.61 70.75 13.37
C THR C 107 -31.33 70.25 14.65
N GLU C 108 -32.49 70.85 14.98
CA GLU C 108 -33.36 70.43 16.09
C GLU C 108 -34.46 69.52 15.53
N ALA C 109 -34.70 68.38 16.18
CA ALA C 109 -35.76 67.44 15.84
C ALA C 109 -37.06 67.86 16.55
N PRO C 110 -38.22 67.93 15.86
CA PRO C 110 -39.56 68.05 16.48
C PRO C 110 -39.79 67.07 17.64
N LEU C 111 -40.58 67.47 18.65
CA LEU C 111 -40.95 66.67 19.83
C LEU C 111 -39.83 66.57 20.88
N ASN C 112 -38.62 67.09 20.62
CA ASN C 112 -37.43 66.97 21.48
C ASN C 112 -37.61 67.55 22.90
N PRO C 113 -36.81 67.10 23.89
CA PRO C 113 -36.58 67.86 25.14
C PRO C 113 -36.03 69.25 24.79
N LYS C 114 -36.60 70.33 25.34
CA LYS C 114 -36.16 71.69 25.00
C LYS C 114 -34.82 72.08 25.66
N ALA C 115 -34.22 71.16 26.43
CA ALA C 115 -32.83 71.19 26.86
C ALA C 115 -31.89 70.43 25.88
N ASN C 116 -32.42 69.75 24.85
CA ASN C 116 -31.63 69.06 23.81
C ASN C 116 -30.81 70.08 23.00
N ARG C 117 -31.46 71.20 22.61
CA ARG C 117 -30.84 72.37 21.99
C ARG C 117 -29.80 73.07 22.91
N GLU C 118 -29.98 73.01 24.23
CA GLU C 118 -29.08 73.62 25.21
C GLU C 118 -27.82 72.75 25.37
N LYS C 119 -27.96 71.42 25.55
CA LYS C 119 -26.81 70.51 25.65
C LYS C 119 -26.04 70.45 24.31
N MET C 120 -26.73 70.57 23.15
CA MET C 120 -26.08 70.73 21.85
C MET C 120 -25.23 72.01 21.76
N THR C 121 -25.74 73.15 22.24
CA THR C 121 -25.01 74.42 22.25
C THR C 121 -23.83 74.37 23.24
N GLN C 122 -24.00 73.72 24.40
CA GLN C 122 -22.96 73.42 25.39
C GLN C 122 -21.80 72.66 24.73
N ILE C 123 -22.05 71.47 24.17
CA ILE C 123 -21.06 70.61 23.52
C ILE C 123 -20.20 71.32 22.46
N MET C 124 -20.85 72.17 21.67
CA MET C 124 -20.17 72.98 20.66
C MET C 124 -19.20 73.95 21.34
N PHE C 125 -19.60 74.65 22.41
CA PHE C 125 -18.82 75.69 23.05
C PHE C 125 -17.86 75.17 24.14
N GLU C 126 -18.21 74.14 24.93
CA GLU C 126 -17.31 73.54 25.93
C GLU C 126 -16.39 72.53 25.23
N THR C 127 -16.96 71.41 24.72
CA THR C 127 -16.22 70.19 24.37
C THR C 127 -15.39 70.37 23.09
N PHE C 128 -15.89 71.12 22.10
CA PHE C 128 -15.20 71.34 20.81
C PHE C 128 -14.67 72.76 20.67
N ASN C 129 -15.23 73.74 21.38
CA ASN C 129 -14.83 75.14 21.44
C ASN C 129 -15.25 75.97 20.21
N VAL C 130 -16.26 75.52 19.45
CA VAL C 130 -16.90 76.17 18.29
C VAL C 130 -17.24 77.65 18.59
N PRO C 131 -16.90 78.61 17.71
CA PRO C 131 -17.03 80.04 18.02
C PRO C 131 -18.45 80.59 17.84
N ALA C 132 -19.25 79.98 16.95
CA ALA C 132 -20.60 80.41 16.61
C ALA C 132 -21.47 79.21 16.29
N MET C 133 -22.76 79.26 16.65
CA MET C 133 -23.70 78.15 16.52
C MET C 133 -25.01 78.62 15.91
N TYR C 134 -25.82 77.70 15.37
CA TYR C 134 -27.23 77.96 15.07
C TYR C 134 -28.03 76.66 15.14
N VAL C 135 -29.32 76.78 15.46
CA VAL C 135 -30.29 75.70 15.58
C VAL C 135 -31.55 76.14 14.83
N ALA C 136 -32.08 75.25 14.01
CA ALA C 136 -33.31 75.38 13.25
C ALA C 136 -34.00 74.01 13.26
N ILE C 137 -35.34 73.98 13.41
CA ILE C 137 -36.11 72.76 13.53
C ILE C 137 -36.29 72.10 12.15
N GLN C 138 -36.02 70.78 12.07
CA GLN C 138 -35.96 69.95 10.87
C GLN C 138 -37.17 70.05 9.93
N ALA C 139 -38.37 70.16 10.50
CA ALA C 139 -39.62 70.22 9.75
C ALA C 139 -39.76 71.59 9.04
N VAL C 140 -39.38 72.69 9.68
CA VAL C 140 -39.46 74.03 9.09
C VAL C 140 -38.42 74.16 7.95
N LEU C 141 -37.19 73.66 8.16
CA LEU C 141 -36.12 73.62 7.14
C LEU C 141 -36.59 72.90 5.85
N SER C 142 -37.10 71.67 6.00
CA SER C 142 -37.60 70.86 4.90
C SER C 142 -38.83 71.47 4.20
N LEU C 143 -39.76 72.10 4.94
CA LEU C 143 -40.94 72.76 4.38
C LEU C 143 -40.56 74.05 3.64
N TYR C 144 -39.65 74.87 4.20
CA TYR C 144 -39.12 76.10 3.60
C TYR C 144 -38.32 75.79 2.32
N ALA C 145 -37.53 74.70 2.32
CA ALA C 145 -36.86 74.13 1.16
C ALA C 145 -37.88 73.72 0.08
N SER C 146 -38.95 73.02 0.48
CA SER C 146 -40.06 72.61 -0.39
C SER C 146 -41.00 73.79 -0.80
N GLY C 147 -40.57 75.04 -0.53
CA GLY C 147 -41.15 76.28 -1.00
C GLY C 147 -42.55 76.53 -0.47
N ARG C 148 -42.75 76.35 0.84
CA ARG C 148 -44.00 76.49 1.57
C ARG C 148 -43.69 77.09 2.95
N THR C 149 -44.67 77.78 3.54
CA THR C 149 -44.61 78.30 4.91
C THR C 149 -45.81 77.81 5.75
N THR C 150 -46.63 76.91 5.21
CA THR C 150 -47.74 76.21 5.83
C THR C 150 -47.88 74.87 5.08
N GLY C 151 -48.28 73.80 5.77
CA GLY C 151 -48.39 72.45 5.25
C GLY C 151 -47.97 71.45 6.33
N ILE C 152 -47.97 70.16 6.01
CA ILE C 152 -47.63 69.07 6.93
C ILE C 152 -46.44 68.31 6.36
N VAL C 153 -45.33 68.30 7.09
CA VAL C 153 -44.16 67.50 6.77
C VAL C 153 -44.40 66.10 7.36
N LEU C 154 -44.30 65.09 6.50
CA LEU C 154 -44.06 63.71 6.91
C LEU C 154 -42.55 63.52 6.75
N ASP C 155 -41.87 63.14 7.84
CA ASP C 155 -40.51 62.59 7.82
C ASP C 155 -40.59 61.14 8.29
N SER C 156 -39.63 60.34 7.81
CA SER C 156 -39.48 58.91 7.98
C SER C 156 -37.99 58.65 7.74
N GLY C 157 -37.22 58.62 8.84
CA GLY C 157 -35.78 58.39 8.83
C GLY C 157 -35.47 56.89 8.95
N ASP C 158 -34.33 56.56 9.58
CA ASP C 158 -33.99 55.16 9.89
C ASP C 158 -34.79 54.73 11.14
N GLY C 159 -34.97 55.61 12.13
CA GLY C 159 -35.44 55.22 13.45
C GLY C 159 -36.78 55.77 13.92
N VAL C 160 -37.29 56.84 13.32
CA VAL C 160 -38.58 57.41 13.66
C VAL C 160 -39.24 57.99 12.40
N THR C 161 -40.56 57.85 12.35
CA THR C 161 -41.46 58.49 11.42
C THR C 161 -42.32 59.47 12.26
N HIS C 162 -42.64 60.64 11.72
CA HIS C 162 -43.40 61.69 12.37
C HIS C 162 -44.04 62.63 11.34
N ASN C 163 -45.25 63.10 11.68
CA ASN C 163 -46.14 63.89 10.85
C ASN C 163 -46.29 65.21 11.61
N VAL C 164 -45.72 66.30 11.07
CA VAL C 164 -45.58 67.60 11.71
C VAL C 164 -46.36 68.65 10.91
N PRO C 165 -47.58 69.05 11.32
CA PRO C 165 -48.26 70.25 10.82
C PRO C 165 -47.44 71.53 11.10
N ILE C 166 -47.37 72.43 10.12
CA ILE C 166 -46.74 73.74 10.19
C ILE C 166 -47.77 74.78 9.68
N TYR C 167 -47.84 75.93 10.36
CA TYR C 167 -48.68 77.08 10.05
C TYR C 167 -47.85 78.34 10.33
N GLU C 168 -47.75 79.25 9.34
CA GLU C 168 -47.04 80.54 9.39
C GLU C 168 -45.52 80.42 9.70
N GLY C 169 -44.92 79.28 9.35
CA GLY C 169 -43.51 78.96 9.58
C GLY C 169 -43.21 78.31 10.93
N TYR C 170 -44.24 78.07 11.77
CA TYR C 170 -44.13 77.46 13.10
C TYR C 170 -44.82 76.09 13.09
N ALA C 171 -44.22 75.09 13.74
CA ALA C 171 -44.81 73.78 13.94
C ALA C 171 -45.85 73.88 15.06
N LEU C 172 -47.02 73.25 14.90
CA LEU C 172 -48.13 73.27 15.86
C LEU C 172 -47.96 72.05 16.80
N PRO C 173 -47.44 72.21 18.04
CA PRO C 173 -46.85 71.09 18.80
C PRO C 173 -47.88 70.12 19.40
N HIS C 174 -49.14 70.55 19.55
CA HIS C 174 -50.24 69.75 20.09
C HIS C 174 -50.80 68.75 19.06
N ALA C 175 -50.49 68.96 17.77
CA ALA C 175 -51.06 68.23 16.64
C ALA C 175 -50.01 67.43 15.84
N ILE C 176 -48.76 67.37 16.30
CA ILE C 176 -47.72 66.50 15.72
C ILE C 176 -48.02 65.06 16.17
N MET C 177 -47.85 64.10 15.26
CA MET C 177 -47.97 62.66 15.49
C MET C 177 -46.61 61.98 15.25
N ARG C 178 -46.45 60.76 15.76
CA ARG C 178 -45.25 59.93 15.71
C ARG C 178 -45.67 58.53 15.26
N LEU C 179 -44.75 57.80 14.63
CA LEU C 179 -44.81 56.38 14.35
C LEU C 179 -43.39 55.86 14.53
N ASP C 180 -43.16 54.91 15.45
CA ASP C 180 -41.82 54.40 15.76
C ASP C 180 -41.34 53.35 14.74
N LEU C 181 -42.19 52.95 13.79
CA LEU C 181 -41.81 52.11 12.66
C LEU C 181 -41.18 53.05 11.61
N ALA C 182 -39.97 52.72 11.14
CA ALA C 182 -39.20 53.53 10.20
C ALA C 182 -38.31 52.66 9.28
N GLY C 183 -37.23 53.25 8.78
CA GLY C 183 -36.40 52.70 7.72
C GLY C 183 -35.57 51.49 8.13
N ARG C 184 -35.30 51.32 9.44
CA ARG C 184 -34.65 50.13 9.99
C ARG C 184 -35.63 48.94 9.98
N ASP C 185 -36.85 49.10 10.49
CA ASP C 185 -37.85 48.05 10.74
C ASP C 185 -38.36 47.37 9.46
N LEU C 186 -38.41 48.12 8.36
CA LEU C 186 -38.73 47.60 7.03
C LEU C 186 -37.62 46.65 6.52
N THR C 187 -36.38 46.81 6.99
CA THR C 187 -35.27 45.91 6.70
C THR C 187 -35.45 44.60 7.50
N ASP C 188 -35.87 44.68 8.77
CA ASP C 188 -36.15 43.54 9.65
C ASP C 188 -37.27 42.65 9.09
N TYR C 189 -38.29 43.27 8.49
CA TYR C 189 -39.35 42.55 7.79
C TYR C 189 -38.82 41.90 6.50
N LEU C 190 -37.98 42.61 5.72
CA LEU C 190 -37.33 42.08 4.53
C LEU C 190 -36.40 40.89 4.88
N MET C 191 -35.63 40.98 5.97
CA MET C 191 -34.79 39.93 6.54
C MET C 191 -35.61 38.65 6.84
N LYS C 192 -36.75 38.77 7.53
CA LYS C 192 -37.63 37.63 7.82
C LYS C 192 -38.23 36.99 6.54
N ILE C 193 -38.78 37.77 5.60
CA ILE C 193 -39.39 37.21 4.38
C ILE C 193 -38.34 36.77 3.33
N LEU C 194 -37.08 37.22 3.43
CA LEU C 194 -35.92 36.61 2.74
C LEU C 194 -35.61 35.24 3.35
N THR C 195 -35.70 35.10 4.68
CA THR C 195 -35.46 33.85 5.39
C THR C 195 -36.60 32.82 5.10
N GLU C 196 -37.82 33.29 4.76
CA GLU C 196 -38.91 32.45 4.24
C GLU C 196 -38.62 31.90 2.81
N ARG C 197 -37.65 32.46 2.06
CA ARG C 197 -37.10 31.83 0.85
C ARG C 197 -35.88 30.93 1.17
N GLY C 198 -35.41 30.90 2.42
CA GLY C 198 -34.20 30.21 2.83
C GLY C 198 -32.93 31.05 2.75
N TYR C 199 -33.01 32.32 2.34
CA TYR C 199 -31.88 33.25 2.32
C TYR C 199 -31.82 33.94 3.70
N SER C 200 -31.22 33.27 4.69
CA SER C 200 -31.08 33.78 6.06
C SER C 200 -30.06 34.93 6.09
N PHE C 201 -30.39 35.97 6.87
CA PHE C 201 -29.61 37.18 7.11
C PHE C 201 -29.98 37.61 8.53
N VAL C 202 -29.02 37.70 9.47
CA VAL C 202 -29.28 37.96 10.89
C VAL C 202 -28.23 38.86 11.56
N THR C 203 -26.97 38.82 11.13
CA THR C 203 -25.85 39.54 11.74
C THR C 203 -25.75 40.98 11.18
N THR C 204 -24.90 41.83 11.76
CA THR C 204 -24.74 43.26 11.44
C THR C 204 -24.34 43.50 9.96
N ALA C 205 -23.52 42.61 9.37
CA ALA C 205 -23.07 42.74 7.97
C ALA C 205 -24.18 42.29 7.01
N GLU C 206 -24.86 41.18 7.35
CA GLU C 206 -26.01 40.64 6.63
C GLU C 206 -27.18 41.63 6.65
N ARG C 207 -27.44 42.24 7.82
CA ARG C 207 -28.43 43.29 8.02
C ARG C 207 -28.25 44.47 7.05
N GLU C 208 -27.03 45.01 6.94
CA GLU C 208 -26.75 46.15 6.06
C GLU C 208 -26.71 45.76 4.56
N ILE C 209 -26.42 44.50 4.23
CA ILE C 209 -26.60 43.96 2.88
C ILE C 209 -28.11 43.95 2.53
N VAL C 210 -28.99 43.45 3.41
CA VAL C 210 -30.44 43.51 3.23
C VAL C 210 -30.98 44.95 3.23
N ARG C 211 -30.36 45.87 4.01
CA ARG C 211 -30.71 47.29 4.05
C ARG C 211 -30.46 47.95 2.68
N ASP C 212 -29.38 47.54 1.99
CA ASP C 212 -29.10 47.94 0.61
C ASP C 212 -30.10 47.32 -0.38
N ILE C 213 -30.35 45.99 -0.31
CA ILE C 213 -31.32 45.25 -1.14
C ILE C 213 -32.72 45.90 -1.11
N LYS C 214 -33.15 46.33 0.08
CA LYS C 214 -34.36 47.09 0.36
C LYS C 214 -34.42 48.39 -0.47
N GLU C 215 -33.46 49.31 -0.28
CA GLU C 215 -33.44 50.59 -0.96
C GLU C 215 -33.13 50.48 -2.47
N LYS C 216 -32.52 49.37 -2.93
CA LYS C 216 -32.19 49.13 -4.33
C LYS C 216 -33.36 48.57 -5.15
N LEU C 217 -34.24 47.71 -4.58
CA LEU C 217 -35.15 46.85 -5.36
C LEU C 217 -36.63 46.95 -4.98
N CYS C 218 -37.00 47.60 -3.88
CA CYS C 218 -38.38 47.64 -3.39
C CYS C 218 -39.20 48.78 -4.03
N TYR C 219 -40.53 48.67 -3.99
CA TYR C 219 -41.49 49.64 -4.52
C TYR C 219 -42.78 49.56 -3.72
N VAL C 220 -43.48 50.67 -3.49
CA VAL C 220 -44.84 50.66 -2.95
C VAL C 220 -45.76 50.37 -4.15
N ALA C 221 -46.64 49.37 -3.99
CA ALA C 221 -47.70 49.05 -4.93
C ALA C 221 -48.85 50.06 -4.75
N LEU C 222 -49.55 50.40 -5.83
CA LEU C 222 -50.66 51.37 -5.81
C LEU C 222 -51.93 50.77 -5.16
N ASP C 223 -52.04 49.43 -5.20
CA ASP C 223 -52.92 48.62 -4.37
C ASP C 223 -52.19 47.29 -4.11
N PHE C 224 -52.34 46.71 -2.92
CA PHE C 224 -51.62 45.52 -2.48
C PHE C 224 -52.18 44.24 -3.12
N GLU C 225 -53.51 44.09 -3.22
CA GLU C 225 -54.15 42.88 -3.72
C GLU C 225 -54.26 42.93 -5.25
N ASN C 226 -54.29 44.13 -5.85
CA ASN C 226 -54.07 44.34 -7.29
C ASN C 226 -52.66 43.83 -7.69
N GLU C 227 -51.64 44.15 -6.89
CA GLU C 227 -50.27 43.70 -7.10
C GLU C 227 -50.13 42.20 -6.82
N MET C 228 -50.88 41.66 -5.85
CA MET C 228 -50.95 40.22 -5.53
C MET C 228 -51.59 39.42 -6.68
N ALA C 229 -52.65 39.96 -7.30
CA ALA C 229 -53.31 39.38 -8.46
C ALA C 229 -52.41 39.45 -9.70
N THR C 230 -51.64 40.53 -9.85
CA THR C 230 -50.64 40.70 -10.90
C THR C 230 -49.45 39.74 -10.66
N ALA C 231 -48.96 39.60 -9.41
CA ALA C 231 -47.87 38.73 -8.97
C ALA C 231 -48.11 37.27 -9.35
N ALA C 232 -49.36 36.82 -9.17
CA ALA C 232 -49.87 35.50 -9.55
C ALA C 232 -49.86 35.21 -11.07
N SER C 233 -49.45 36.17 -11.91
CA SER C 233 -49.23 36.02 -13.35
C SER C 233 -48.04 36.85 -13.86
N SER C 234 -47.09 37.21 -12.99
CA SER C 234 -45.96 38.08 -13.30
C SER C 234 -44.68 37.46 -12.74
N SER C 235 -44.00 36.63 -13.53
CA SER C 235 -42.65 36.15 -13.24
C SER C 235 -41.61 37.31 -13.30
N SER C 236 -41.96 38.44 -13.94
CA SER C 236 -41.12 39.63 -14.01
C SER C 236 -41.06 40.40 -12.68
N LEU C 237 -41.88 40.02 -11.69
CA LEU C 237 -41.85 40.48 -10.29
C LEU C 237 -40.52 40.11 -9.61
N GLU C 238 -40.03 38.90 -9.87
CA GLU C 238 -38.80 38.31 -9.34
C GLU C 238 -37.60 39.01 -9.97
N LYS C 239 -36.74 39.64 -9.17
CA LYS C 239 -35.59 40.43 -9.60
C LYS C 239 -34.37 40.02 -8.75
N SER C 240 -33.22 39.85 -9.41
CA SER C 240 -32.01 39.28 -8.84
C SER C 240 -31.10 40.36 -8.22
N TYR C 241 -30.21 39.92 -7.32
CA TYR C 241 -29.16 40.71 -6.67
C TYR C 241 -27.93 39.80 -6.53
N GLU C 242 -26.73 40.37 -6.67
CA GLU C 242 -25.43 39.73 -6.48
C GLU C 242 -24.95 40.17 -5.09
N LEU C 243 -24.68 39.22 -4.17
CA LEU C 243 -24.16 39.52 -2.84
C LEU C 243 -22.65 39.90 -2.91
N PRO C 244 -22.08 40.59 -1.90
CA PRO C 244 -20.65 40.98 -1.85
C PRO C 244 -19.58 39.90 -2.14
N ASP C 245 -19.90 38.61 -2.02
CA ASP C 245 -19.04 37.47 -2.32
C ASP C 245 -19.37 36.89 -3.71
N GLY C 246 -20.23 37.54 -4.49
CA GLY C 246 -20.58 37.22 -5.87
C GLY C 246 -21.70 36.18 -6.00
N GLN C 247 -22.24 35.66 -4.89
CA GLN C 247 -23.28 34.63 -4.89
C GLN C 247 -24.63 35.35 -5.14
N VAL C 248 -25.44 34.82 -6.06
CA VAL C 248 -26.65 35.49 -6.54
C VAL C 248 -27.86 35.06 -5.68
N ILE C 249 -28.76 36.00 -5.41
CA ILE C 249 -30.07 35.81 -4.77
C ILE C 249 -31.16 36.43 -5.67
N THR C 250 -32.44 36.15 -5.43
CA THR C 250 -33.58 36.71 -6.16
C THR C 250 -34.78 36.92 -5.20
N ILE C 251 -35.38 38.11 -5.23
CA ILE C 251 -36.55 38.51 -4.46
C ILE C 251 -37.65 39.02 -5.40
N GLY C 252 -38.91 38.82 -5.00
CA GLY C 252 -40.10 39.13 -5.77
C GLY C 252 -41.12 39.87 -4.94
N ASN C 253 -42.16 39.17 -4.47
CA ASN C 253 -43.27 39.63 -3.62
C ASN C 253 -42.84 40.54 -2.46
N GLU C 254 -41.73 40.16 -1.83
CA GLU C 254 -40.99 40.85 -0.78
C GLU C 254 -40.67 42.32 -1.11
N ARG C 255 -40.45 42.64 -2.40
CA ARG C 255 -40.16 43.97 -2.90
C ARG C 255 -41.33 44.96 -2.71
N PHE C 256 -42.58 44.50 -2.67
CA PHE C 256 -43.75 45.35 -2.42
C PHE C 256 -44.30 45.13 -1.01
N ARG C 257 -44.22 43.89 -0.48
CA ARG C 257 -44.63 43.58 0.88
C ARG C 257 -43.81 44.34 1.93
N CYS C 258 -42.49 44.50 1.71
CA CYS C 258 -41.60 45.35 2.51
C CYS C 258 -42.14 46.79 2.69
N PRO C 259 -42.13 47.71 1.70
CA PRO C 259 -42.72 49.05 1.80
C PRO C 259 -44.19 49.13 2.28
N GLU C 260 -45.05 48.17 1.93
CA GLU C 260 -46.47 48.13 2.30
C GLU C 260 -46.70 48.27 3.82
N THR C 261 -45.86 47.63 4.65
CA THR C 261 -46.05 47.64 6.10
C THR C 261 -45.80 49.04 6.74
N LEU C 262 -45.35 50.05 5.98
CA LEU C 262 -45.34 51.45 6.40
C LEU C 262 -46.77 52.05 6.43
N PHE C 263 -47.68 51.49 5.63
CA PHE C 263 -49.11 51.79 5.60
C PHE C 263 -49.90 50.80 6.47
N GLN C 264 -49.31 49.66 6.90
CA GLN C 264 -49.93 48.63 7.72
C GLN C 264 -48.89 47.92 8.61
N PRO C 265 -48.44 48.51 9.74
CA PRO C 265 -47.40 47.95 10.64
C PRO C 265 -47.55 46.50 11.14
N SER C 266 -48.74 45.89 11.08
CA SER C 266 -49.02 44.58 11.69
C SER C 266 -48.30 43.38 11.04
N PHE C 267 -47.66 43.54 9.87
CA PHE C 267 -46.94 42.43 9.20
C PHE C 267 -45.57 42.17 9.85
N ILE C 268 -44.96 43.21 10.44
CA ILE C 268 -43.72 43.13 11.21
C ILE C 268 -44.03 43.20 12.73
N GLY C 269 -45.22 43.69 13.10
CA GLY C 269 -45.81 43.49 14.41
C GLY C 269 -45.54 44.63 15.38
N MET C 270 -46.01 45.82 15.00
CA MET C 270 -46.72 46.72 15.92
C MET C 270 -48.15 46.77 15.35
N GLU C 271 -49.20 46.92 16.16
CA GLU C 271 -50.58 46.99 15.68
C GLU C 271 -51.03 48.46 15.45
N SER C 272 -50.07 49.40 15.49
CA SER C 272 -50.19 50.83 15.30
C SER C 272 -50.77 51.25 13.93
N ALA C 273 -51.14 52.52 13.83
CA ALA C 273 -51.65 53.18 12.62
C ALA C 273 -50.49 53.42 11.64
N GLY C 274 -50.74 53.26 10.33
CA GLY C 274 -49.78 53.51 9.25
C GLY C 274 -49.74 54.98 8.83
N ILE C 275 -48.77 55.36 7.99
CA ILE C 275 -48.50 56.74 7.55
C ILE C 275 -49.70 57.56 7.04
N HIS C 276 -50.68 56.90 6.41
CA HIS C 276 -51.93 57.51 5.94
C HIS C 276 -52.85 57.89 7.12
N GLU C 277 -53.07 56.96 8.06
CA GLU C 277 -53.84 57.15 9.28
C GLU C 277 -53.18 58.22 10.18
N THR C 278 -51.86 58.16 10.42
CA THR C 278 -51.15 59.12 11.26
C THR C 278 -51.10 60.55 10.68
N THR C 279 -50.99 60.71 9.34
CA THR C 279 -50.99 62.00 8.65
C THR C 279 -52.41 62.62 8.69
N TYR C 280 -53.47 61.79 8.67
CA TYR C 280 -54.84 62.24 8.89
C TYR C 280 -55.05 62.67 10.36
N ASN C 281 -54.60 61.85 11.32
CA ASN C 281 -54.80 62.06 12.77
C ASN C 281 -54.08 63.31 13.32
N SER C 282 -53.00 63.77 12.68
CA SER C 282 -52.30 65.01 13.02
C SER C 282 -53.08 66.23 12.49
N ILE C 283 -53.52 66.21 11.21
CA ILE C 283 -54.35 67.25 10.60
C ILE C 283 -55.67 67.43 11.38
N MET C 284 -56.27 66.33 11.87
CA MET C 284 -57.52 66.35 12.63
C MET C 284 -57.35 66.79 14.10
N LYS C 285 -56.13 67.08 14.56
CA LYS C 285 -55.88 67.80 15.82
C LYS C 285 -55.62 69.30 15.56
N CYS C 286 -55.68 69.78 14.31
CA CYS C 286 -55.65 71.20 13.93
C CYS C 286 -57.07 71.65 13.52
N ASP C 287 -57.35 72.95 13.63
CA ASP C 287 -58.62 73.66 13.44
C ASP C 287 -59.10 73.72 11.98
N ILE C 288 -60.41 73.92 11.75
CA ILE C 288 -61.15 73.94 10.47
C ILE C 288 -60.42 74.46 9.22
N ASP C 289 -60.07 75.74 9.24
CA ASP C 289 -59.41 76.55 8.21
C ASP C 289 -57.96 76.09 7.99
N ILE C 290 -57.31 75.57 9.03
CA ILE C 290 -55.95 75.06 8.98
C ILE C 290 -55.94 73.68 8.29
N ARG C 291 -56.92 72.80 8.58
CA ARG C 291 -57.02 71.43 8.04
C ARG C 291 -56.96 71.42 6.50
N LYS C 292 -57.77 72.30 5.90
CA LYS C 292 -57.88 72.63 4.49
C LYS C 292 -56.53 72.82 3.77
N ASP C 293 -55.60 73.61 4.33
CA ASP C 293 -54.29 73.86 3.69
C ASP C 293 -53.23 72.82 4.08
N LEU C 294 -53.44 72.03 5.16
CA LEU C 294 -52.57 70.90 5.49
C LEU C 294 -52.91 69.69 4.60
N TYR C 295 -54.21 69.43 4.36
CA TYR C 295 -54.71 68.41 3.43
C TYR C 295 -54.16 68.60 2.00
N ALA C 296 -53.97 69.86 1.61
CA ALA C 296 -53.46 70.29 0.31
C ALA C 296 -51.93 70.42 0.26
N ASN C 297 -51.18 70.17 1.34
CA ASN C 297 -49.73 70.38 1.41
C ASN C 297 -49.05 69.32 2.27
N ASN C 298 -49.15 68.03 1.93
CA ASN C 298 -48.31 67.02 2.56
C ASN C 298 -46.95 67.01 1.84
N VAL C 299 -45.92 67.49 2.54
CA VAL C 299 -44.53 67.51 2.10
C VAL C 299 -43.86 66.25 2.67
N MET C 300 -43.16 65.49 1.82
CA MET C 300 -42.30 64.39 2.21
C MET C 300 -40.85 64.88 2.30
N SER C 301 -40.16 64.53 3.38
CA SER C 301 -38.73 64.64 3.57
C SER C 301 -38.27 63.34 4.25
N GLY C 302 -36.96 63.10 4.35
CA GLY C 302 -36.42 61.93 5.04
C GLY C 302 -36.16 60.76 4.10
N GLY C 303 -35.44 59.75 4.58
CA GLY C 303 -34.86 58.68 3.78
C GLY C 303 -35.87 57.65 3.28
N THR C 304 -36.89 57.32 4.09
CA THR C 304 -37.82 56.24 3.81
C THR C 304 -38.97 56.73 2.89
N THR C 305 -38.98 58.02 2.50
CA THR C 305 -39.88 58.57 1.49
C THR C 305 -39.37 58.32 0.05
N MET C 306 -38.26 57.59 -0.12
CA MET C 306 -37.57 57.39 -1.39
C MET C 306 -38.09 56.18 -2.19
N TYR C 307 -38.97 55.33 -1.62
CA TYR C 307 -39.54 54.18 -2.33
C TYR C 307 -40.43 54.66 -3.50
N PRO C 308 -40.32 54.09 -4.73
CA PRO C 308 -41.25 54.33 -5.84
C PRO C 308 -42.72 54.05 -5.44
N GLY C 309 -43.67 54.86 -5.92
CA GLY C 309 -45.10 54.66 -5.74
C GLY C 309 -45.68 55.22 -4.43
N ILE C 310 -44.85 55.77 -3.53
CA ILE C 310 -45.25 56.07 -2.15
C ILE C 310 -46.13 57.33 -2.02
N ALA C 311 -45.93 58.37 -2.84
CA ALA C 311 -46.66 59.65 -2.70
C ALA C 311 -48.02 59.54 -3.39
N ASP C 312 -47.96 58.90 -4.55
CA ASP C 312 -48.94 58.31 -5.44
C ASP C 312 -49.93 57.46 -4.62
N ARG C 313 -49.42 56.45 -3.90
CA ARG C 313 -50.17 55.62 -2.96
C ARG C 313 -50.73 56.43 -1.79
N MET C 314 -49.95 57.33 -1.18
CA MET C 314 -50.39 58.22 -0.10
C MET C 314 -51.62 59.05 -0.49
N GLN C 315 -51.63 59.64 -1.70
CA GLN C 315 -52.78 60.35 -2.26
C GLN C 315 -54.00 59.42 -2.40
N LYS C 316 -53.80 58.21 -2.93
CA LYS C 316 -54.78 57.11 -3.04
C LYS C 316 -55.32 56.60 -1.68
N GLU C 317 -54.67 56.91 -0.55
CA GLU C 317 -55.20 56.66 0.79
C GLU C 317 -55.81 57.95 1.37
N ILE C 318 -55.09 59.08 1.33
CA ILE C 318 -55.51 60.36 1.94
C ILE C 318 -56.85 60.85 1.38
N THR C 319 -57.16 60.61 0.11
CA THR C 319 -58.44 60.93 -0.52
C THR C 319 -59.65 60.13 0.03
N ALA C 320 -59.42 59.02 0.76
CA ALA C 320 -60.45 58.27 1.45
C ALA C 320 -60.60 58.70 2.92
N LEU C 321 -59.69 59.54 3.43
CA LEU C 321 -59.66 59.99 4.82
C LEU C 321 -59.99 61.49 4.92
N ALA C 322 -59.37 62.30 4.05
CA ALA C 322 -59.61 63.74 3.94
C ALA C 322 -60.87 63.96 3.08
N PRO C 323 -61.86 64.77 3.54
CA PRO C 323 -63.11 65.08 2.82
C PRO C 323 -62.98 65.41 1.32
N SER C 324 -63.99 64.98 0.55
CA SER C 324 -64.03 64.99 -0.91
C SER C 324 -64.05 66.42 -1.52
N THR C 325 -64.48 67.42 -0.76
CA THR C 325 -64.54 68.82 -1.17
C THR C 325 -63.18 69.54 -1.05
N MET C 326 -62.12 68.87 -0.58
CA MET C 326 -60.75 69.37 -0.48
C MET C 326 -60.01 69.32 -1.84
N LYS C 327 -58.69 69.55 -1.83
CA LYS C 327 -57.79 69.63 -2.97
C LYS C 327 -56.41 69.09 -2.55
N ILE C 328 -56.21 67.77 -2.56
CA ILE C 328 -55.01 67.10 -2.03
C ILE C 328 -53.84 67.19 -3.05
N LYS C 329 -52.81 68.01 -2.78
CA LYS C 329 -51.50 67.90 -3.44
C LYS C 329 -50.53 67.30 -2.41
N ILE C 330 -49.81 66.24 -2.80
CA ILE C 330 -48.68 65.67 -2.07
C ILE C 330 -47.42 66.20 -2.80
N ILE C 331 -46.41 66.61 -2.04
CA ILE C 331 -45.17 67.19 -2.51
C ILE C 331 -44.04 66.25 -2.04
N ALA C 332 -43.23 65.73 -2.96
CA ALA C 332 -42.12 64.83 -2.66
C ALA C 332 -40.95 65.15 -3.62
N PRO C 333 -40.06 66.11 -3.28
CA PRO C 333 -38.93 66.52 -4.14
C PRO C 333 -38.00 65.35 -4.55
N PRO C 334 -37.22 65.46 -5.65
CA PRO C 334 -36.08 64.59 -5.95
C PRO C 334 -35.07 64.44 -4.78
N GLU C 335 -34.78 65.56 -4.11
CA GLU C 335 -33.79 65.71 -3.05
C GLU C 335 -34.38 65.41 -1.65
N ARG C 336 -35.63 64.90 -1.56
CA ARG C 336 -36.42 64.64 -0.35
C ARG C 336 -35.64 64.01 0.82
N LYS C 337 -34.74 63.07 0.49
CA LYS C 337 -33.77 62.42 1.36
C LYS C 337 -32.92 63.38 2.24
N TYR C 338 -32.62 64.57 1.70
CA TYR C 338 -31.68 65.54 2.27
C TYR C 338 -32.27 66.95 2.38
N SER C 339 -33.51 67.22 1.91
CA SER C 339 -34.10 68.57 1.81
C SER C 339 -34.04 69.43 3.10
N VAL C 340 -34.13 68.80 4.27
CA VAL C 340 -33.89 69.35 5.61
C VAL C 340 -32.48 69.97 5.74
N TRP C 341 -31.47 69.20 5.35
CA TRP C 341 -30.06 69.57 5.43
C TRP C 341 -29.72 70.58 4.33
N ILE C 342 -30.33 70.47 3.13
CA ILE C 342 -30.18 71.42 2.02
C ILE C 342 -30.67 72.82 2.44
N GLY C 343 -31.75 72.90 3.22
CA GLY C 343 -32.22 74.13 3.85
C GLY C 343 -31.23 74.67 4.90
N GLY C 344 -30.62 73.79 5.69
CA GLY C 344 -29.59 74.12 6.68
C GLY C 344 -28.29 74.64 6.04
N SER C 345 -27.84 74.01 4.94
CA SER C 345 -26.66 74.35 4.16
C SER C 345 -26.65 75.82 3.75
N ILE C 346 -27.70 76.27 3.03
CA ILE C 346 -27.80 77.62 2.52
C ILE C 346 -28.04 78.63 3.67
N LEU C 347 -28.79 78.25 4.72
CA LEU C 347 -29.08 79.07 5.90
C LEU C 347 -27.79 79.43 6.65
N ALA C 348 -26.92 78.44 6.89
CA ALA C 348 -25.65 78.61 7.59
C ALA C 348 -24.61 79.39 6.78
N SER C 349 -24.81 79.50 5.46
CA SER C 349 -23.94 80.17 4.49
C SER C 349 -24.26 81.68 4.45
N LEU C 350 -25.43 82.12 4.97
CA LEU C 350 -25.78 83.52 5.07
C LEU C 350 -24.97 84.15 6.22
N SER C 351 -24.29 85.26 5.92
CA SER C 351 -23.54 86.08 6.84
C SER C 351 -24.20 87.47 6.84
N THR C 352 -25.43 87.56 7.34
CA THR C 352 -26.25 88.78 7.31
C THR C 352 -25.90 89.71 8.49
N PHE C 353 -25.21 89.20 9.52
CA PHE C 353 -24.90 89.89 10.77
C PHE C 353 -23.41 89.70 11.08
N GLN C 354 -22.81 90.65 11.82
CA GLN C 354 -21.41 90.65 12.23
C GLN C 354 -21.24 91.01 13.71
N GLN C 355 -22.36 91.08 14.43
CA GLN C 355 -22.53 91.28 15.86
C GLN C 355 -23.96 90.84 16.19
N MET C 356 -24.27 90.59 17.48
CA MET C 356 -25.59 90.16 17.99
C MET C 356 -25.99 88.79 17.40
N TRP C 357 -25.03 87.86 17.33
CA TRP C 357 -25.15 86.55 16.74
C TRP C 357 -24.49 85.52 17.63
N ILE C 358 -25.16 84.37 17.73
CA ILE C 358 -24.94 83.22 18.62
C ILE C 358 -23.46 82.84 18.67
N THR C 359 -22.74 83.30 19.69
CA THR C 359 -21.30 83.13 19.82
C THR C 359 -20.88 82.60 21.19
N LYS C 360 -19.72 81.93 21.19
CA LYS C 360 -19.02 81.29 22.31
C LYS C 360 -18.89 82.19 23.55
N GLN C 361 -18.58 83.48 23.33
CA GLN C 361 -18.30 84.45 24.39
C GLN C 361 -19.60 85.14 24.86
N GLU C 362 -20.53 85.39 23.93
CA GLU C 362 -21.85 85.99 24.15
C GLU C 362 -22.73 85.08 25.05
N TYR C 363 -22.45 83.77 25.03
CA TYR C 363 -23.04 82.72 25.86
C TYR C 363 -22.77 82.92 27.37
N ASP C 364 -21.73 83.67 27.77
CA ASP C 364 -21.39 83.91 29.17
C ASP C 364 -22.41 84.88 29.81
N GLU C 365 -22.73 85.98 29.11
CA GLU C 365 -23.69 86.97 29.56
C GLU C 365 -25.13 86.58 29.19
N ALA C 366 -25.37 86.05 27.98
CA ALA C 366 -26.72 85.84 27.44
C ALA C 366 -27.24 84.41 27.63
N GLY C 367 -26.36 83.44 27.91
CA GLY C 367 -26.69 82.02 27.95
C GLY C 367 -27.27 81.47 26.63
N PRO C 368 -28.05 80.37 26.65
CA PRO C 368 -28.74 79.85 25.46
C PRO C 368 -29.99 80.67 25.05
N SER C 369 -30.30 81.79 25.72
CA SER C 369 -31.50 82.60 25.54
C SER C 369 -31.64 83.15 24.10
N ILE C 370 -30.51 83.58 23.52
CA ILE C 370 -30.44 84.11 22.16
C ILE C 370 -30.63 82.99 21.11
N VAL C 371 -30.23 81.75 21.43
CA VAL C 371 -30.34 80.58 20.56
C VAL C 371 -31.79 80.08 20.58
N HIS C 372 -32.40 80.08 21.78
CA HIS C 372 -33.77 79.66 22.05
C HIS C 372 -34.80 80.42 21.22
N ARG C 373 -34.63 81.75 21.13
CA ARG C 373 -35.59 82.69 20.55
C ARG C 373 -35.32 82.95 19.05
N LYS C 374 -34.16 82.55 18.51
CA LYS C 374 -33.83 82.70 17.08
C LYS C 374 -34.12 81.43 16.27
N CYS C 375 -34.46 80.31 16.93
CA CYS C 375 -34.88 79.07 16.28
C CYS C 375 -36.38 79.21 15.94
N PHE C 376 -36.77 78.80 14.74
CA PHE C 376 -38.14 78.84 14.23
C PHE C 376 -39.02 77.87 15.03
N NH2 C 377 -40.27 78.25 15.31
HN1 NH2 C 377 -40.83 77.61 15.85
HN2 NH2 C 377 -40.61 79.15 15.03
C ACE D 1 -68.82 -1.42 16.08
O ACE D 1 -69.38 -2.46 15.32
CH3 ACE D 1 -67.77 -2.00 17.02
H1 ACE D 1 -68.21 -2.75 17.69
H2 ACE D 1 -67.33 -1.21 17.64
H3 ACE D 1 -66.97 -2.47 16.47
N ASP D 2 -69.91 -0.87 16.86
CA ASP D 2 -70.87 -0.01 16.10
C ASP D 2 -70.22 1.27 15.55
N GLU D 3 -69.23 1.77 16.29
CA GLU D 3 -68.29 2.79 15.82
C GLU D 3 -67.13 2.03 15.14
N ASP D 4 -66.88 2.36 13.86
CA ASP D 4 -66.07 1.58 12.90
C ASP D 4 -64.58 1.47 13.26
N GLU D 5 -63.91 0.47 12.68
CA GLU D 5 -62.51 0.12 12.83
C GLU D 5 -61.67 1.19 12.11
N THR D 6 -61.02 2.06 12.89
CA THR D 6 -60.25 3.19 12.40
C THR D 6 -59.03 3.41 13.30
N THR D 7 -57.97 3.98 12.73
CA THR D 7 -56.73 4.40 13.36
C THR D 7 -56.16 5.46 12.40
N ALA D 8 -55.52 6.51 12.95
CA ALA D 8 -54.92 7.57 12.16
C ALA D 8 -53.40 7.46 12.23
N LEU D 9 -52.71 7.95 11.21
CA LEU D 9 -51.25 8.08 11.15
C LEU D 9 -50.90 9.49 11.67
N VAL D 10 -49.85 9.59 12.47
CA VAL D 10 -49.35 10.84 13.04
C VAL D 10 -47.89 10.92 12.64
N CYS D 11 -47.54 11.93 11.83
CA CYS D 11 -46.21 12.15 11.27
C CYS D 11 -45.76 13.57 11.64
N ASP D 12 -44.62 13.70 12.31
CA ASP D 12 -43.92 14.96 12.57
C ASP D 12 -42.47 14.83 12.06
N ASN D 13 -41.97 15.85 11.36
CA ASN D 13 -40.58 15.96 10.93
C ASN D 13 -39.73 16.80 11.90
N GLY D 14 -40.33 17.47 12.90
CA GLY D 14 -39.66 18.27 13.94
C GLY D 14 -38.69 19.34 13.40
N SER D 15 -37.73 19.73 14.24
CA SER D 15 -36.48 20.37 13.83
C SER D 15 -35.48 19.28 13.36
N GLY D 16 -35.86 18.54 12.29
CA GLY D 16 -34.99 17.67 11.50
C GLY D 16 -35.05 16.16 11.78
N LEU D 17 -35.91 15.70 12.69
CA LEU D 17 -36.01 14.32 13.17
C LEU D 17 -37.45 13.82 13.00
N VAL D 18 -37.64 12.78 12.17
CA VAL D 18 -38.94 12.17 11.91
C VAL D 18 -39.40 11.41 13.16
N LYS D 19 -40.68 11.56 13.49
CA LYS D 19 -41.45 10.82 14.46
C LYS D 19 -42.73 10.48 13.70
N ALA D 20 -42.90 9.22 13.32
CA ALA D 20 -44.04 8.72 12.58
C ALA D 20 -44.61 7.51 13.31
N GLY D 21 -45.93 7.40 13.41
CA GLY D 21 -46.57 6.32 14.12
C GLY D 21 -48.08 6.36 13.92
N PHE D 22 -48.78 5.55 14.72
CA PHE D 22 -50.23 5.41 14.71
C PHE D 22 -50.76 6.13 15.94
N ALA D 23 -51.86 6.87 15.77
CA ALA D 23 -52.59 7.54 16.84
C ALA D 23 -53.20 6.50 17.78
N GLY D 24 -53.03 6.69 19.08
CA GLY D 24 -53.49 5.78 20.12
C GLY D 24 -52.37 4.85 20.60
N ASP D 25 -51.27 4.72 19.85
CA ASP D 25 -50.00 4.20 20.36
C ASP D 25 -49.24 5.40 20.93
N ASP D 26 -48.70 5.26 22.14
CA ASP D 26 -48.11 6.35 22.94
C ASP D 26 -46.60 6.46 22.74
N ALA D 27 -46.04 5.74 21.77
CA ALA D 27 -44.68 5.93 21.26
C ALA D 27 -44.74 5.80 19.73
N PRO D 28 -43.84 6.49 18.97
CA PRO D 28 -43.82 6.39 17.51
C PRO D 28 -43.36 5.01 17.03
N ARG D 29 -43.59 4.74 15.74
CA ARG D 29 -43.43 3.44 15.11
C ARG D 29 -42.42 3.51 13.95
N ALA D 30 -41.88 4.70 13.69
CA ALA D 30 -40.86 5.03 12.72
C ALA D 30 -40.18 6.30 13.24
N VAL D 31 -38.85 6.25 13.39
CA VAL D 31 -38.00 7.33 13.85
C VAL D 31 -36.73 7.22 12.99
N PHE D 32 -36.36 8.30 12.28
CA PHE D 32 -35.17 8.36 11.43
C PHE D 32 -34.79 9.84 11.17
N PRO D 33 -33.53 10.18 10.84
CA PRO D 33 -33.15 11.56 10.51
C PRO D 33 -33.61 11.93 9.09
N SER D 34 -34.12 13.16 8.89
CA SER D 34 -34.63 13.66 7.61
C SER D 34 -33.49 14.04 6.63
N ILE D 35 -32.58 13.11 6.34
CA ILE D 35 -31.55 13.23 5.33
C ILE D 35 -32.00 12.44 4.09
N VAL D 36 -31.80 13.03 2.90
CA VAL D 36 -31.82 12.33 1.62
C VAL D 36 -30.38 12.41 1.10
N GLY D 37 -29.83 11.27 0.70
CA GLY D 37 -28.58 11.17 -0.02
C GLY D 37 -28.86 11.22 -1.52
N ARG D 38 -28.18 12.13 -2.23
CA ARG D 38 -28.08 12.21 -3.70
C ARG D 38 -26.56 12.14 -4.04
N PRO D 39 -26.13 11.71 -5.25
CA PRO D 39 -24.69 11.68 -5.61
C PRO D 39 -24.11 13.09 -5.85
N ARG D 40 -22.80 13.28 -5.58
CA ARG D 40 -22.10 14.55 -5.78
C ARG D 40 -21.15 14.50 -7.00
N HIS D 41 -20.38 13.44 -7.15
CA HIS D 41 -19.39 13.24 -8.22
C HIS D 41 -19.53 11.84 -8.86
N GLN D 42 -20.36 10.99 -8.25
CA GLN D 42 -20.60 9.59 -8.60
C GLN D 42 -21.88 9.48 -9.46
N GLY D 43 -22.43 10.62 -9.91
CA GLY D 43 -23.78 10.76 -10.47
C GLY D 43 -24.04 10.02 -11.78
N VAL D 44 -22.99 9.68 -12.53
CA VAL D 44 -23.11 8.86 -13.74
C VAL D 44 -23.35 7.39 -13.35
N MET D 45 -22.65 6.92 -12.31
CA MET D 45 -22.67 5.52 -11.85
C MET D 45 -23.88 5.28 -10.94
N VAL D 46 -24.27 6.26 -10.12
CA VAL D 46 -25.43 6.21 -9.25
C VAL D 46 -26.71 6.57 -10.02
N GLY D 47 -26.60 7.33 -11.12
CA GLY D 47 -27.70 7.59 -12.06
C GLY D 47 -28.01 6.39 -12.97
N MET D 48 -27.04 5.48 -13.11
CA MET D 48 -27.21 4.13 -13.66
C MET D 48 -27.37 3.11 -12.50
N GLY D 49 -27.63 3.59 -11.29
CA GLY D 49 -27.87 2.81 -10.09
C GLY D 49 -29.36 2.50 -9.91
N GLN D 50 -29.75 2.06 -8.71
CA GLN D 50 -31.11 1.63 -8.41
C GLN D 50 -32.12 2.80 -8.24
N LYS D 51 -31.62 4.04 -8.29
CA LYS D 51 -32.23 5.35 -8.09
C LYS D 51 -31.08 6.28 -7.65
N ASP D 52 -31.30 7.60 -7.70
CA ASP D 52 -30.38 8.63 -7.20
C ASP D 52 -30.65 8.87 -5.70
N SER D 53 -31.92 8.86 -5.29
CA SER D 53 -32.42 9.32 -3.99
C SER D 53 -32.52 8.14 -3.02
N TYR D 54 -31.74 8.19 -1.93
CA TYR D 54 -31.77 7.23 -0.81
C TYR D 54 -32.05 8.03 0.45
N VAL D 55 -32.85 7.51 1.40
CA VAL D 55 -33.42 8.27 2.52
C VAL D 55 -33.08 7.61 3.87
N GLY D 56 -32.73 8.42 4.88
CA GLY D 56 -32.56 8.00 6.28
C GLY D 56 -31.51 6.88 6.46
N ASP D 57 -31.90 5.79 7.13
CA ASP D 57 -31.14 4.55 7.31
C ASP D 57 -30.66 3.98 5.96
N GLU D 58 -31.56 4.02 4.95
CA GLU D 58 -31.34 3.49 3.61
C GLU D 58 -30.35 4.35 2.81
N ALA D 59 -30.09 5.61 3.23
CA ALA D 59 -29.02 6.47 2.76
C ALA D 59 -27.71 6.12 3.48
N GLN D 60 -27.71 5.98 4.82
CA GLN D 60 -26.50 5.68 5.61
C GLN D 60 -26.00 4.23 5.35
N SER D 61 -26.85 3.38 4.77
CA SER D 61 -26.54 2.08 4.17
C SER D 61 -25.74 2.23 2.84
N LYS D 62 -25.48 3.45 2.34
CA LYS D 62 -24.65 3.72 1.16
C LYS D 62 -23.48 4.61 1.60
N ARG D 63 -22.26 4.05 1.53
CA ARG D 63 -20.99 4.69 1.86
C ARG D 63 -20.34 5.07 0.53
N GLY D 64 -19.63 6.20 0.49
CA GLY D 64 -18.77 6.64 -0.61
C GLY D 64 -19.47 7.09 -1.90
N ILE D 65 -20.80 7.01 -2.00
CA ILE D 65 -21.55 7.21 -3.26
C ILE D 65 -22.59 8.34 -3.20
N LEU D 66 -22.88 8.93 -2.04
CA LEU D 66 -23.87 9.99 -1.86
C LEU D 66 -23.26 11.18 -1.12
N THR D 67 -23.98 12.31 -1.11
CA THR D 67 -23.86 13.39 -0.16
C THR D 67 -25.28 13.77 0.28
N LEU D 68 -25.45 14.26 1.52
CA LEU D 68 -26.73 14.38 2.20
C LEU D 68 -27.32 15.79 2.04
N LYS D 69 -28.58 15.85 1.62
CA LYS D 69 -29.43 17.03 1.55
C LYS D 69 -30.42 16.94 2.73
N TYR D 70 -30.73 18.09 3.34
CA TYR D 70 -31.91 18.29 4.18
C TYR D 70 -32.94 19.07 3.33
N PRO D 71 -34.22 18.66 3.26
CA PRO D 71 -35.28 19.41 2.54
C PRO D 71 -35.90 20.55 3.37
N ILE D 72 -36.14 20.21 4.64
CA ILE D 72 -36.73 21.02 5.68
C ILE D 72 -35.66 21.98 6.24
N GLU D 73 -34.41 21.50 6.37
CA GLU D 73 -33.20 22.28 6.62
C GLU D 73 -33.35 23.05 7.94
N HIS D 74 -33.24 24.38 7.86
CA HIS D 74 -33.47 25.41 8.87
C HIS D 74 -34.97 25.64 9.19
N GLY D 75 -35.83 24.67 8.89
CA GLY D 75 -37.25 24.60 9.23
C GLY D 75 -38.21 25.10 8.15
N ILE D 76 -37.68 25.54 7.01
CA ILE D 76 -38.43 26.13 5.89
C ILE D 76 -38.33 25.09 4.75
N ILE D 77 -39.44 24.43 4.39
CA ILE D 77 -39.45 23.39 3.37
C ILE D 77 -39.37 24.09 2.00
N THR D 78 -38.26 23.85 1.31
CA THR D 78 -37.82 24.57 0.12
C THR D 78 -37.47 23.59 -1.01
N ASN D 79 -36.66 22.55 -0.72
CA ASN D 79 -36.29 21.52 -1.68
C ASN D 79 -37.32 20.36 -1.56
N TRP D 80 -38.53 20.62 -2.10
CA TRP D 80 -39.71 19.78 -1.97
C TRP D 80 -39.58 18.36 -2.56
N ASP D 81 -38.72 18.16 -3.57
CA ASP D 81 -38.40 16.85 -4.15
C ASP D 81 -37.67 15.94 -3.14
N ASP D 82 -36.87 16.54 -2.26
CA ASP D 82 -36.18 15.85 -1.19
C ASP D 82 -37.08 15.78 0.05
N MET D 83 -38.30 16.34 0.04
CA MET D 83 -39.27 16.28 1.14
C MET D 83 -40.32 15.19 0.87
N GLU D 84 -41.00 15.24 -0.29
CA GLU D 84 -42.06 14.30 -0.70
C GLU D 84 -41.60 12.83 -0.59
N LYS D 85 -40.44 12.53 -1.15
CA LYS D 85 -39.78 11.22 -1.08
C LYS D 85 -39.34 10.78 0.33
N ILE D 86 -39.29 11.67 1.33
CA ILE D 86 -39.14 11.26 2.73
C ILE D 86 -40.48 10.77 3.28
N TRP D 87 -41.61 11.41 2.96
CA TRP D 87 -42.94 10.94 3.38
C TRP D 87 -43.29 9.60 2.70
N HIS D 88 -42.94 9.44 1.42
CA HIS D 88 -43.01 8.19 0.65
C HIS D 88 -42.25 7.04 1.34
N HIS D 89 -41.01 7.34 1.78
CA HIS D 89 -40.15 6.41 2.52
C HIS D 89 -40.71 6.13 3.92
N THR D 90 -41.20 7.17 4.62
CA THR D 90 -41.82 7.09 5.95
C THR D 90 -42.94 6.05 5.95
N PHE D 91 -43.88 6.12 4.99
CA PHE D 91 -45.02 5.22 4.91
C PHE D 91 -44.57 3.81 4.45
N TYR D 92 -44.01 3.69 3.24
CA TYR D 92 -43.91 2.41 2.54
C TYR D 92 -42.62 1.62 2.87
N ASN D 93 -41.66 2.21 3.61
CA ASN D 93 -40.40 1.55 4.01
C ASN D 93 -40.20 1.48 5.54
N GLU D 94 -40.68 2.49 6.30
CA GLU D 94 -40.35 2.62 7.73
C GLU D 94 -41.58 2.31 8.63
N LEU D 95 -42.69 3.03 8.45
CA LEU D 95 -43.91 2.90 9.25
C LEU D 95 -44.68 1.62 8.89
N ARG D 96 -44.57 1.21 7.62
CA ARG D 96 -45.00 -0.06 7.06
C ARG D 96 -46.50 -0.06 6.75
N VAL D 97 -47.01 1.02 6.16
CA VAL D 97 -48.41 1.21 5.76
C VAL D 97 -48.47 1.78 4.34
N ALA D 98 -49.63 1.59 3.70
CA ALA D 98 -50.04 2.30 2.50
C ALA D 98 -50.95 3.43 3.02
N PRO D 99 -50.63 4.73 2.81
CA PRO D 99 -51.39 5.83 3.42
C PRO D 99 -52.76 6.11 2.80
N GLU D 100 -53.04 5.63 1.58
CA GLU D 100 -54.28 5.87 0.83
C GLU D 100 -55.56 5.36 1.53
N GLU D 101 -55.44 4.46 2.53
CA GLU D 101 -56.55 3.99 3.37
C GLU D 101 -56.76 4.86 4.63
N HIS D 102 -55.74 5.59 5.12
CA HIS D 102 -55.66 6.01 6.53
C HIS D 102 -55.78 7.54 6.73
N PRO D 103 -56.59 8.03 7.69
CA PRO D 103 -56.54 9.41 8.19
C PRO D 103 -55.11 9.80 8.66
N THR D 104 -54.57 10.95 8.23
CA THR D 104 -53.17 11.31 8.44
C THR D 104 -53.06 12.72 9.04
N LEU D 105 -52.53 12.83 10.27
CA LEU D 105 -52.18 14.09 10.92
C LEU D 105 -50.70 14.37 10.60
N LEU D 106 -50.43 15.54 10.03
CA LEU D 106 -49.11 16.07 9.75
C LEU D 106 -48.88 17.28 10.68
N THR D 107 -47.62 17.73 10.82
CA THR D 107 -47.26 18.96 11.49
C THR D 107 -46.74 20.00 10.47
N GLU D 108 -46.79 21.28 10.84
CA GLU D 108 -46.06 22.34 10.15
C GLU D 108 -44.58 22.23 10.54
N ALA D 109 -43.66 22.29 9.56
CA ALA D 109 -42.22 22.44 9.80
C ALA D 109 -41.89 23.76 10.55
N PRO D 110 -40.83 23.79 11.39
CA PRO D 110 -40.62 24.87 12.37
C PRO D 110 -40.27 26.22 11.72
N LEU D 111 -41.25 27.12 11.68
CA LEU D 111 -41.18 28.49 11.15
C LEU D 111 -41.46 28.56 9.64
N ASN D 112 -41.84 27.43 9.02
CA ASN D 112 -42.26 27.33 7.61
C ASN D 112 -43.47 28.25 7.35
N PRO D 113 -43.48 29.07 6.26
CA PRO D 113 -44.56 30.00 5.89
C PRO D 113 -45.98 29.40 5.95
N LYS D 114 -46.94 30.15 6.49
CA LYS D 114 -48.30 29.65 6.79
C LYS D 114 -49.13 29.36 5.52
N ALA D 115 -48.73 29.91 4.37
CA ALA D 115 -49.29 29.59 3.06
C ALA D 115 -48.81 28.20 2.58
N ASN D 116 -47.61 27.76 2.98
CA ASN D 116 -47.01 26.51 2.50
C ASN D 116 -47.61 25.26 3.17
N ARG D 117 -48.61 25.44 4.02
CA ARG D 117 -49.56 24.41 4.47
C ARG D 117 -50.37 23.83 3.29
N GLU D 118 -50.61 24.63 2.25
CA GLU D 118 -51.29 24.23 1.01
C GLU D 118 -50.51 23.15 0.26
N LYS D 119 -49.19 23.29 0.20
CA LYS D 119 -48.33 22.43 -0.62
C LYS D 119 -48.02 21.12 0.14
N MET D 120 -48.25 21.11 1.46
CA MET D 120 -48.33 19.89 2.27
C MET D 120 -49.66 19.18 2.01
N THR D 121 -50.76 19.94 1.95
CA THR D 121 -52.13 19.44 1.79
C THR D 121 -52.30 18.78 0.41
N GLN D 122 -51.79 19.42 -0.66
CA GLN D 122 -51.93 18.94 -2.03
C GLN D 122 -51.25 17.57 -2.22
N ILE D 123 -49.97 17.44 -1.83
CA ILE D 123 -49.15 16.23 -1.92
C ILE D 123 -49.82 15.02 -1.24
N MET D 124 -50.48 15.21 -0.08
CA MET D 124 -51.17 14.14 0.63
C MET D 124 -52.35 13.58 -0.20
N PHE D 125 -53.08 14.43 -0.92
CA PHE D 125 -54.21 14.02 -1.76
C PHE D 125 -53.75 13.62 -3.18
N GLU D 126 -52.73 14.28 -3.74
CA GLU D 126 -52.34 14.13 -5.14
C GLU D 126 -51.25 13.06 -5.32
N THR D 127 -50.25 12.99 -4.43
CA THR D 127 -49.13 12.04 -4.54
C THR D 127 -49.49 10.75 -3.79
N PHE D 128 -50.14 10.85 -2.62
CA PHE D 128 -50.34 9.73 -1.70
C PHE D 128 -51.81 9.30 -1.55
N ASN D 129 -52.75 10.07 -2.11
CA ASN D 129 -54.18 9.73 -2.23
C ASN D 129 -54.91 9.53 -0.89
N VAL D 130 -54.41 10.18 0.18
CA VAL D 130 -54.95 10.14 1.54
C VAL D 130 -56.43 10.57 1.57
N PRO D 131 -57.33 9.88 2.31
CA PRO D 131 -58.77 10.19 2.28
C PRO D 131 -59.13 11.46 3.07
N ALA D 132 -58.47 11.69 4.23
CA ALA D 132 -58.67 12.85 5.07
C ALA D 132 -57.40 13.15 5.87
N MET D 133 -57.08 14.43 6.09
CA MET D 133 -55.84 14.89 6.70
C MET D 133 -55.99 16.18 7.52
N TYR D 134 -54.94 16.56 8.26
CA TYR D 134 -54.86 17.79 9.05
C TYR D 134 -53.38 18.19 9.23
N VAL D 135 -53.10 19.50 9.40
CA VAL D 135 -51.79 20.06 9.68
C VAL D 135 -51.88 20.89 10.99
N ALA D 136 -50.98 20.67 11.95
CA ALA D 136 -50.94 21.36 13.24
C ALA D 136 -49.55 21.92 13.58
N ILE D 137 -49.50 22.93 14.47
CA ILE D 137 -48.28 23.68 14.80
C ILE D 137 -47.58 22.94 15.94
N GLN D 138 -46.32 22.52 15.72
CA GLN D 138 -45.47 21.72 16.64
C GLN D 138 -45.41 22.27 18.07
N ALA D 139 -45.18 23.60 18.20
CA ALA D 139 -45.03 24.30 19.46
C ALA D 139 -46.31 24.30 20.29
N VAL D 140 -47.47 24.47 19.64
CA VAL D 140 -48.79 24.53 20.27
C VAL D 140 -49.20 23.12 20.75
N LEU D 141 -48.89 22.06 19.97
CA LEU D 141 -49.08 20.67 20.36
C LEU D 141 -48.23 20.31 21.60
N SER D 142 -46.98 20.78 21.64
CA SER D 142 -46.05 20.56 22.74
C SER D 142 -46.49 21.36 23.99
N LEU D 143 -46.95 22.62 23.82
CA LEU D 143 -47.46 23.49 24.89
C LEU D 143 -48.74 22.92 25.50
N TYR D 144 -49.68 22.45 24.66
CA TYR D 144 -50.89 21.76 25.09
C TYR D 144 -50.54 20.46 25.82
N ALA D 145 -49.64 19.62 25.29
CA ALA D 145 -49.20 18.36 25.94
C ALA D 145 -48.46 18.61 27.28
N SER D 146 -47.81 19.77 27.42
CA SER D 146 -47.22 20.25 28.67
C SER D 146 -48.30 20.72 29.68
N GLY D 147 -49.55 20.92 29.25
CA GLY D 147 -50.69 21.31 30.08
C GLY D 147 -50.79 22.83 30.26
N ARG D 148 -50.36 23.60 29.26
CA ARG D 148 -50.39 25.05 29.22
C ARG D 148 -51.26 25.54 28.06
N THR D 149 -51.78 26.76 28.17
CA THR D 149 -52.52 27.49 27.13
C THR D 149 -51.80 28.81 26.78
N THR D 150 -50.85 29.22 27.62
CA THR D 150 -50.05 30.42 27.54
C THR D 150 -48.64 30.01 27.98
N GLY D 151 -47.61 30.54 27.33
CA GLY D 151 -46.21 30.26 27.63
C GLY D 151 -45.34 30.48 26.40
N ILE D 152 -44.05 30.20 26.54
CA ILE D 152 -43.06 30.30 25.50
C ILE D 152 -42.39 28.93 25.37
N VAL D 153 -42.35 28.42 24.14
CA VAL D 153 -41.68 27.19 23.76
C VAL D 153 -40.28 27.60 23.28
N LEU D 154 -39.26 26.89 23.75
CA LEU D 154 -37.95 26.75 23.11
C LEU D 154 -37.96 25.36 22.48
N ASP D 155 -37.46 25.24 21.24
CA ASP D 155 -37.15 23.98 20.55
C ASP D 155 -35.72 24.09 19.99
N SER D 156 -35.03 22.96 19.90
CA SER D 156 -33.67 22.79 19.44
C SER D 156 -33.56 21.36 18.89
N GLY D 157 -33.21 21.21 17.62
CA GLY D 157 -32.92 19.94 16.99
C GLY D 157 -31.73 20.07 16.03
N ASP D 158 -31.38 18.97 15.37
CA ASP D 158 -30.33 18.91 14.34
C ASP D 158 -30.64 19.70 13.06
N GLY D 159 -31.88 20.18 12.88
CA GLY D 159 -32.25 21.10 11.82
C GLY D 159 -32.10 22.59 12.19
N VAL D 160 -32.54 23.01 13.39
CA VAL D 160 -32.63 24.42 13.79
C VAL D 160 -32.88 24.54 15.32
N THR D 161 -32.83 25.76 15.86
CA THR D 161 -33.28 26.15 17.20
C THR D 161 -34.22 27.36 17.05
N HIS D 162 -35.27 27.49 17.88
CA HIS D 162 -36.27 28.55 17.79
C HIS D 162 -37.02 28.75 19.11
N ASN D 163 -37.50 29.99 19.32
CA ASN D 163 -38.34 30.43 20.43
C ASN D 163 -39.68 30.95 19.88
N VAL D 164 -40.79 30.40 20.38
CA VAL D 164 -42.16 30.69 19.93
C VAL D 164 -43.01 31.06 21.17
N PRO D 165 -43.41 32.34 21.36
CA PRO D 165 -44.30 32.77 22.46
C PRO D 165 -45.78 32.60 22.07
N ILE D 166 -46.61 32.12 22.99
CA ILE D 166 -48.01 31.73 22.79
C ILE D 166 -48.88 32.29 23.94
N TYR D 167 -50.09 32.77 23.63
CA TYR D 167 -51.05 33.34 24.58
C TYR D 167 -52.46 32.88 24.17
N GLU D 168 -53.21 32.22 25.07
CA GLU D 168 -54.58 31.71 24.87
C GLU D 168 -54.68 30.56 23.84
N GLY D 169 -53.55 29.94 23.48
CA GLY D 169 -53.42 28.92 22.44
C GLY D 169 -52.97 29.48 21.08
N TYR D 170 -52.83 30.80 20.95
CA TYR D 170 -52.47 31.50 19.71
C TYR D 170 -51.01 31.95 19.84
N ALA D 171 -50.18 31.67 18.82
CA ALA D 171 -48.77 32.08 18.76
C ALA D 171 -48.65 33.53 18.25
N LEU D 172 -47.74 34.33 18.81
CA LEU D 172 -47.49 35.71 18.38
C LEU D 172 -46.33 35.68 17.34
N PRO D 173 -46.58 35.90 16.03
CA PRO D 173 -45.62 35.57 14.96
C PRO D 173 -44.43 36.53 14.84
N HIS D 174 -44.64 37.81 15.15
CA HIS D 174 -43.65 38.87 15.15
C HIS D 174 -42.52 38.61 16.17
N ALA D 175 -42.92 38.12 17.34
CA ALA D 175 -42.08 37.84 18.50
C ALA D 175 -41.42 36.45 18.45
N ILE D 176 -41.61 35.67 17.38
CA ILE D 176 -40.84 34.45 17.12
C ILE D 176 -39.41 34.86 16.75
N MET D 177 -38.44 34.25 17.45
CA MET D 177 -37.01 34.37 17.21
C MET D 177 -36.50 33.00 16.82
N ARG D 178 -35.63 32.92 15.81
CA ARG D 178 -34.94 31.69 15.42
C ARG D 178 -33.49 31.83 15.91
N LEU D 179 -32.83 30.70 16.14
CA LEU D 179 -31.40 30.58 16.38
C LEU D 179 -30.89 29.54 15.39
N ASP D 180 -30.16 30.01 14.38
CA ASP D 180 -29.70 29.26 13.20
C ASP D 180 -28.54 28.30 13.49
N LEU D 181 -28.13 28.20 14.76
CA LEU D 181 -27.22 27.17 15.28
C LEU D 181 -28.08 25.93 15.54
N ALA D 182 -27.83 24.89 14.74
CA ALA D 182 -28.55 23.63 14.75
C ALA D 182 -27.70 22.57 15.47
N GLY D 183 -28.35 21.52 15.98
CA GLY D 183 -27.75 20.41 16.70
C GLY D 183 -26.76 19.57 15.86
N ARG D 184 -26.80 19.72 14.53
CA ARG D 184 -25.87 19.07 13.59
C ARG D 184 -24.51 19.80 13.66
N ASP D 185 -24.49 21.14 13.68
CA ASP D 185 -23.29 21.97 13.80
C ASP D 185 -22.70 21.84 15.20
N LEU D 186 -23.48 21.41 16.21
CA LEU D 186 -22.98 20.96 17.51
C LEU D 186 -22.28 19.59 17.42
N THR D 187 -22.62 18.75 16.42
CA THR D 187 -21.97 17.44 16.19
C THR D 187 -20.63 17.69 15.46
N ASP D 188 -20.55 18.70 14.57
CA ASP D 188 -19.28 19.14 13.95
C ASP D 188 -18.42 19.89 14.97
N TYR D 189 -19.03 20.70 15.85
CA TYR D 189 -18.34 21.34 16.98
C TYR D 189 -17.71 20.28 17.89
N LEU D 190 -18.47 19.22 18.24
CA LEU D 190 -17.99 18.02 18.92
C LEU D 190 -16.75 17.39 18.26
N MET D 191 -16.71 17.27 16.92
CA MET D 191 -15.54 16.82 16.15
C MET D 191 -14.35 17.77 16.29
N LYS D 192 -14.57 19.09 16.23
CA LYS D 192 -13.52 20.11 16.37
C LYS D 192 -12.90 20.11 17.80
N ILE D 193 -13.72 19.95 18.86
CA ILE D 193 -13.22 19.89 20.23
C ILE D 193 -12.61 18.52 20.56
N LEU D 194 -13.02 17.42 19.89
CA LEU D 194 -12.36 16.11 19.96
C LEU D 194 -11.00 16.13 19.21
N THR D 195 -10.84 16.97 18.18
CA THR D 195 -9.57 17.14 17.45
C THR D 195 -8.49 17.73 18.39
N GLU D 196 -8.88 18.52 19.42
CA GLU D 196 -7.99 18.97 20.49
C GLU D 196 -7.58 17.85 21.45
N ARG D 197 -8.00 16.59 21.21
CA ARG D 197 -7.53 15.38 21.88
C ARG D 197 -6.89 14.41 20.87
N GLY D 198 -6.76 14.83 19.60
CA GLY D 198 -6.24 14.05 18.48
C GLY D 198 -7.31 13.20 17.77
N TYR D 199 -8.44 12.95 18.44
CA TYR D 199 -9.59 12.15 17.96
C TYR D 199 -10.30 12.86 16.81
N SER D 200 -9.86 12.54 15.58
CA SER D 200 -10.36 13.06 14.32
C SER D 200 -11.31 11.99 13.76
N PHE D 201 -12.56 12.36 13.50
CA PHE D 201 -13.63 11.60 12.86
C PHE D 201 -14.07 12.43 11.64
N VAL D 202 -14.26 11.85 10.46
CA VAL D 202 -14.40 12.58 9.19
C VAL D 202 -15.59 12.12 8.32
N THR D 203 -15.80 10.81 8.18
CA THR D 203 -16.74 10.19 7.23
C THR D 203 -18.21 10.19 7.71
N THR D 204 -19.14 9.79 6.84
CA THR D 204 -20.55 9.56 7.16
C THR D 204 -20.73 8.50 8.27
N ALA D 205 -19.89 7.45 8.23
CA ALA D 205 -19.95 6.31 9.14
C ALA D 205 -19.32 6.62 10.50
N GLU D 206 -18.28 7.47 10.57
CA GLU D 206 -17.66 7.91 11.82
C GLU D 206 -18.57 8.91 12.56
N ARG D 207 -19.37 9.70 11.82
CA ARG D 207 -20.33 10.67 12.36
C ARG D 207 -21.44 10.02 13.22
N GLU D 208 -21.65 8.70 13.10
CA GLU D 208 -22.52 7.88 13.95
C GLU D 208 -22.06 7.89 15.41
N ILE D 209 -20.75 7.67 15.64
CA ILE D 209 -20.10 7.59 16.94
C ILE D 209 -20.24 8.95 17.65
N VAL D 210 -20.02 10.03 16.88
CA VAL D 210 -20.12 11.41 17.33
C VAL D 210 -21.56 11.78 17.73
N ARG D 211 -22.59 11.30 17.01
CA ARG D 211 -23.99 11.50 17.40
C ARG D 211 -24.34 10.74 18.69
N ASP D 212 -23.85 9.50 18.84
CA ASP D 212 -24.12 8.65 20.02
C ASP D 212 -23.53 9.25 21.31
N ILE D 213 -22.30 9.79 21.22
CA ILE D 213 -21.66 10.59 22.26
C ILE D 213 -22.50 11.83 22.63
N LYS D 214 -22.98 12.56 21.62
CA LYS D 214 -23.81 13.75 21.76
C LYS D 214 -25.12 13.46 22.51
N GLU D 215 -25.94 12.54 22.01
CA GLU D 215 -27.28 12.28 22.55
C GLU D 215 -27.25 11.65 23.96
N LYS D 216 -26.27 10.78 24.24
CA LYS D 216 -26.29 9.94 25.43
C LYS D 216 -25.32 10.43 26.53
N LEU D 217 -24.19 11.07 26.20
CA LEU D 217 -23.06 11.20 27.14
C LEU D 217 -22.71 12.65 27.50
N CYS D 218 -23.26 13.64 26.78
CA CYS D 218 -22.97 15.06 26.95
C CYS D 218 -24.01 15.73 27.87
N TYR D 219 -23.62 16.81 28.55
CA TYR D 219 -24.38 17.52 29.57
C TYR D 219 -24.00 19.00 29.54
N VAL D 220 -24.78 19.86 30.19
CA VAL D 220 -24.46 21.26 30.40
C VAL D 220 -23.96 21.38 31.84
N ALA D 221 -22.82 22.06 32.01
CA ALA D 221 -22.25 22.39 33.32
C ALA D 221 -23.06 23.54 33.93
N LEU D 222 -23.32 23.48 35.24
CA LEU D 222 -24.12 24.46 35.97
C LEU D 222 -23.33 25.76 36.24
N ASP D 223 -22.02 25.61 36.41
CA ASP D 223 -20.99 26.64 36.26
C ASP D 223 -19.85 25.95 35.50
N PHE D 224 -19.19 26.68 34.61
CA PHE D 224 -18.12 26.18 33.78
C PHE D 224 -16.78 26.17 34.54
N GLU D 225 -16.58 27.11 35.48
CA GLU D 225 -15.31 27.30 36.18
C GLU D 225 -15.15 26.21 37.25
N ASN D 226 -16.23 25.89 38.00
CA ASN D 226 -16.32 24.73 38.90
C ASN D 226 -16.07 23.41 38.15
N GLU D 227 -16.67 23.25 36.95
CA GLU D 227 -16.57 22.04 36.14
C GLU D 227 -15.15 21.88 35.55
N MET D 228 -14.50 22.99 35.16
CA MET D 228 -13.11 23.03 34.74
C MET D 228 -12.15 22.78 35.91
N ALA D 229 -12.45 23.28 37.13
CA ALA D 229 -11.68 23.01 38.34
C ALA D 229 -11.79 21.52 38.76
N THR D 230 -12.98 20.93 38.61
CA THR D 230 -13.25 19.51 38.81
C THR D 230 -12.49 18.66 37.76
N ALA D 231 -12.39 19.14 36.51
CA ALA D 231 -11.61 18.50 35.44
C ALA D 231 -10.11 18.59 35.70
N ALA D 232 -9.62 19.78 36.08
CA ALA D 232 -8.22 20.11 36.32
C ALA D 232 -7.65 19.52 37.63
N SER D 233 -8.45 18.73 38.35
CA SER D 233 -8.06 17.99 39.54
C SER D 233 -8.51 16.51 39.46
N SER D 234 -9.01 16.07 38.30
CA SER D 234 -9.47 14.71 38.10
C SER D 234 -8.28 13.84 37.68
N SER D 235 -8.16 12.65 38.29
CA SER D 235 -7.21 11.61 37.90
C SER D 235 -7.69 10.90 36.61
N SER D 236 -8.99 10.95 36.31
CA SER D 236 -9.60 10.51 35.06
C SER D 236 -11.03 11.08 35.03
N LEU D 237 -11.32 11.99 34.10
CA LEU D 237 -12.64 12.55 33.82
C LEU D 237 -13.27 11.77 32.65
N GLU D 238 -12.45 11.40 31.65
CA GLU D 238 -12.68 10.50 30.52
C GLU D 238 -13.32 9.18 30.94
N LYS D 239 -14.41 8.73 30.30
CA LYS D 239 -15.00 7.41 30.54
C LYS D 239 -15.30 6.76 29.18
N SER D 240 -15.34 5.42 29.16
CA SER D 240 -15.29 4.59 27.97
C SER D 240 -16.69 4.28 27.40
N TYR D 241 -16.76 4.01 26.10
CA TYR D 241 -17.93 3.57 25.34
C TYR D 241 -17.43 2.67 24.20
N GLU D 242 -18.11 1.55 23.90
CA GLU D 242 -17.72 0.61 22.83
C GLU D 242 -18.15 1.18 21.46
N LEU D 243 -17.37 0.90 20.41
CA LEU D 243 -17.68 1.09 18.99
C LEU D 243 -18.11 -0.28 18.41
N PRO D 244 -19.10 -0.36 17.48
CA PRO D 244 -19.69 -1.62 16.95
C PRO D 244 -18.76 -2.80 16.58
N ASP D 245 -17.56 -2.53 16.04
CA ASP D 245 -16.57 -3.54 15.69
C ASP D 245 -15.87 -4.11 16.94
N GLY D 246 -16.03 -3.45 18.09
CA GLY D 246 -15.50 -3.82 19.40
C GLY D 246 -14.21 -3.10 19.74
N GLN D 247 -13.91 -1.96 19.09
CA GLN D 247 -12.99 -0.96 19.61
C GLN D 247 -13.74 -0.07 20.63
N VAL D 248 -13.06 0.90 21.23
CA VAL D 248 -13.54 1.72 22.33
C VAL D 248 -13.17 3.19 22.05
N ILE D 249 -14.00 4.12 22.49
CA ILE D 249 -13.77 5.57 22.49
C ILE D 249 -13.89 6.04 23.95
N THR D 250 -13.17 7.12 24.31
CA THR D 250 -13.15 7.74 25.64
C THR D 250 -13.47 9.24 25.49
N ILE D 251 -14.36 9.79 26.33
CA ILE D 251 -14.83 11.16 26.25
C ILE D 251 -14.83 11.76 27.66
N GLY D 252 -14.16 12.91 27.86
CA GLY D 252 -13.98 13.60 29.13
C GLY D 252 -14.57 15.01 29.10
N ASN D 253 -13.70 16.03 29.12
CA ASN D 253 -13.96 17.48 29.17
C ASN D 253 -14.97 17.95 28.09
N GLU D 254 -14.86 17.34 26.91
CA GLU D 254 -15.67 17.56 25.72
C GLU D 254 -17.17 17.31 25.94
N ARG D 255 -17.53 16.51 26.96
CA ARG D 255 -18.92 16.21 27.33
C ARG D 255 -19.67 17.47 27.82
N PHE D 256 -18.96 18.41 28.48
CA PHE D 256 -19.56 19.65 28.97
C PHE D 256 -19.17 20.84 28.09
N ARG D 257 -18.08 20.79 27.30
CA ARG D 257 -17.79 21.84 26.32
C ARG D 257 -18.79 21.78 25.14
N CYS D 258 -19.17 20.58 24.69
CA CYS D 258 -20.10 20.28 23.58
C CYS D 258 -21.31 21.22 23.44
N PRO D 259 -22.27 21.25 24.39
CA PRO D 259 -23.45 22.11 24.27
C PRO D 259 -23.22 23.58 24.67
N GLU D 260 -22.10 23.95 25.29
CA GLU D 260 -21.89 25.30 25.84
C GLU D 260 -21.89 26.40 24.73
N THR D 261 -21.58 26.05 23.48
CA THR D 261 -21.71 26.96 22.34
C THR D 261 -23.19 27.28 21.98
N LEU D 262 -24.20 26.63 22.61
CA LEU D 262 -25.63 26.97 22.48
C LEU D 262 -26.01 28.11 23.44
N PHE D 263 -25.27 28.28 24.54
CA PHE D 263 -25.37 29.43 25.45
C PHE D 263 -24.46 30.57 25.00
N GLN D 264 -23.52 30.33 24.07
CA GLN D 264 -22.60 31.32 23.53
C GLN D 264 -22.22 31.01 22.06
N PRO D 265 -23.06 31.35 21.06
CA PRO D 265 -22.78 31.16 19.63
C PRO D 265 -21.44 31.70 19.09
N SER D 266 -20.80 32.68 19.75
CA SER D 266 -19.48 33.20 19.39
C SER D 266 -18.36 32.13 19.51
N PHE D 267 -18.60 31.05 20.27
CA PHE D 267 -17.71 29.88 20.38
C PHE D 267 -17.75 29.00 19.10
N ILE D 268 -18.64 29.31 18.15
CA ILE D 268 -18.68 28.76 16.79
C ILE D 268 -18.69 29.93 15.78
N GLY D 269 -18.18 31.11 16.20
CA GLY D 269 -17.94 32.30 15.38
C GLY D 269 -19.17 33.15 15.06
N MET D 270 -20.37 32.77 15.53
CA MET D 270 -21.62 33.39 15.13
C MET D 270 -21.93 34.60 16.04
N GLU D 271 -22.23 35.75 15.43
CA GLU D 271 -22.64 37.02 16.05
C GLU D 271 -24.05 36.95 16.69
N SER D 272 -24.70 35.78 16.71
CA SER D 272 -25.98 35.52 17.32
C SER D 272 -25.94 35.64 18.86
N ALA D 273 -27.13 35.62 19.47
CA ALA D 273 -27.37 35.62 20.91
C ALA D 273 -27.64 34.16 21.35
N GLY D 274 -27.33 33.80 22.59
CA GLY D 274 -27.56 32.48 23.16
C GLY D 274 -29.04 32.21 23.48
N ILE D 275 -29.39 30.97 23.84
CA ILE D 275 -30.78 30.53 24.07
C ILE D 275 -31.51 31.35 25.17
N HIS D 276 -30.83 31.72 26.26
CA HIS D 276 -31.30 32.56 27.36
C HIS D 276 -31.63 33.98 26.89
N GLU D 277 -30.76 34.58 26.06
CA GLU D 277 -30.95 35.89 25.45
C GLU D 277 -32.07 35.84 24.40
N THR D 278 -32.09 34.83 23.53
CA THR D 278 -33.05 34.67 22.44
C THR D 278 -34.47 34.44 22.99
N THR D 279 -34.60 33.75 24.14
CA THR D 279 -35.83 33.61 24.91
C THR D 279 -36.29 34.99 25.43
N TYR D 280 -35.38 35.79 26.01
CA TYR D 280 -35.66 37.15 26.50
C TYR D 280 -36.04 38.11 25.34
N ASN D 281 -35.32 38.05 24.22
CA ASN D 281 -35.58 38.85 23.01
C ASN D 281 -36.94 38.52 22.37
N SER D 282 -37.38 37.26 22.47
CA SER D 282 -38.69 36.81 22.05
C SER D 282 -39.78 37.36 22.98
N ILE D 283 -39.64 37.23 24.31
CA ILE D 283 -40.57 37.76 25.31
C ILE D 283 -40.67 39.30 25.20
N MET D 284 -39.56 40.00 24.96
CA MET D 284 -39.51 41.46 24.88
C MET D 284 -40.21 42.07 23.64
N LYS D 285 -40.54 41.29 22.61
CA LYS D 285 -41.42 41.75 21.52
C LYS D 285 -42.89 41.32 21.71
N CYS D 286 -43.22 40.69 22.84
CA CYS D 286 -44.60 40.52 23.32
C CYS D 286 -44.90 41.74 24.23
N ASP D 287 -46.16 42.18 24.24
CA ASP D 287 -46.74 43.33 24.93
C ASP D 287 -46.38 43.41 26.41
N ILE D 288 -46.39 44.62 26.98
CA ILE D 288 -45.95 44.98 28.32
C ILE D 288 -46.56 44.13 29.46
N ASP D 289 -47.83 43.72 29.35
CA ASP D 289 -48.59 43.06 30.40
C ASP D 289 -48.44 41.54 30.31
N ILE D 290 -48.46 40.96 29.11
CA ILE D 290 -48.43 39.52 28.88
C ILE D 290 -47.06 38.86 29.17
N ARG D 291 -45.97 39.65 29.27
CA ARG D 291 -44.60 39.17 29.54
C ARG D 291 -44.52 38.34 30.82
N LYS D 292 -45.26 38.80 31.85
CA LYS D 292 -45.59 38.19 33.13
C LYS D 292 -45.80 36.67 33.07
N ASP D 293 -46.74 36.25 32.21
CA ASP D 293 -47.28 34.88 32.18
C ASP D 293 -46.45 34.00 31.24
N LEU D 294 -45.70 34.62 30.30
CA LEU D 294 -44.73 33.96 29.43
C LEU D 294 -43.47 33.60 30.23
N TYR D 295 -42.97 34.52 31.10
CA TYR D 295 -41.86 34.29 32.02
C TYR D 295 -42.06 33.07 32.94
N ALA D 296 -43.32 32.82 33.35
CA ALA D 296 -43.70 31.76 34.27
C ALA D 296 -43.99 30.42 33.56
N ASN D 297 -43.85 30.34 32.24
CA ASN D 297 -44.19 29.18 31.42
C ASN D 297 -43.17 29.02 30.29
N ASN D 298 -41.88 28.93 30.65
CA ASN D 298 -40.76 28.65 29.75
C ASN D 298 -40.67 27.11 29.61
N VAL D 299 -41.19 26.56 28.51
CA VAL D 299 -41.30 25.13 28.28
C VAL D 299 -40.22 24.70 27.27
N MET D 300 -39.42 23.69 27.61
CA MET D 300 -38.46 23.10 26.69
C MET D 300 -39.13 21.96 25.92
N SER D 301 -39.15 22.09 24.59
CA SER D 301 -39.35 21.02 23.63
C SER D 301 -37.98 20.68 23.00
N GLY D 302 -37.92 19.63 22.19
CA GLY D 302 -36.84 19.41 21.24
C GLY D 302 -35.93 18.25 21.57
N GLY D 303 -35.06 17.89 20.61
CA GLY D 303 -34.14 16.77 20.74
C GLY D 303 -32.78 17.18 21.30
N THR D 304 -32.38 18.44 21.14
CA THR D 304 -31.08 18.97 21.57
C THR D 304 -31.22 19.67 22.95
N THR D 305 -32.40 19.71 23.57
CA THR D 305 -32.60 20.18 24.95
C THR D 305 -32.51 19.00 25.97
N MET D 306 -32.14 17.79 25.51
CA MET D 306 -32.11 16.55 26.30
C MET D 306 -30.89 16.45 27.22
N TYR D 307 -29.91 17.36 27.10
CA TYR D 307 -28.69 17.39 27.90
C TYR D 307 -29.01 17.68 29.38
N PRO D 308 -28.54 16.88 30.36
CA PRO D 308 -28.64 17.20 31.80
C PRO D 308 -28.07 18.59 32.15
N GLY D 309 -28.63 19.25 33.17
CA GLY D 309 -28.16 20.54 33.69
C GLY D 309 -28.63 21.77 32.91
N ILE D 310 -29.24 21.62 31.72
CA ILE D 310 -29.54 22.71 30.81
C ILE D 310 -30.70 23.62 31.30
N ALA D 311 -31.69 23.07 32.02
CA ALA D 311 -32.86 23.82 32.49
C ALA D 311 -32.50 24.59 33.78
N ASP D 312 -31.73 23.89 34.61
CA ASP D 312 -31.12 24.21 35.88
C ASP D 312 -30.14 25.38 35.69
N ARG D 313 -29.30 25.29 34.65
CA ARG D 313 -28.41 26.34 34.17
C ARG D 313 -29.18 27.53 33.57
N MET D 314 -30.25 27.29 32.80
CA MET D 314 -31.06 28.34 32.15
C MET D 314 -31.73 29.27 33.17
N GLN D 315 -32.17 28.72 34.32
CA GLN D 315 -32.63 29.48 35.48
C GLN D 315 -31.55 30.47 35.98
N LYS D 316 -30.31 29.98 36.16
CA LYS D 316 -29.14 30.76 36.58
C LYS D 316 -28.80 31.91 35.60
N GLU D 317 -29.10 31.77 34.29
CA GLU D 317 -28.88 32.84 33.32
C GLU D 317 -30.07 33.81 33.27
N ILE D 318 -31.30 33.31 33.15
CA ILE D 318 -32.49 34.13 32.93
C ILE D 318 -32.79 35.03 34.15
N THR D 319 -32.48 34.61 35.38
CA THR D 319 -32.63 35.44 36.58
C THR D 319 -31.59 36.58 36.67
N ALA D 320 -30.52 36.56 35.86
CA ALA D 320 -29.54 37.63 35.71
C ALA D 320 -29.86 38.48 34.46
N LEU D 321 -31.13 38.49 34.00
CA LEU D 321 -31.58 39.16 32.79
C LEU D 321 -33.05 39.62 32.92
N ALA D 322 -33.93 38.72 33.35
CA ALA D 322 -35.33 39.00 33.66
C ALA D 322 -35.44 39.49 35.12
N PRO D 323 -36.25 40.53 35.40
CA PRO D 323 -36.54 41.03 36.76
C PRO D 323 -36.98 39.93 37.74
N SER D 324 -36.48 39.99 38.99
CA SER D 324 -36.76 39.00 40.04
C SER D 324 -38.19 39.10 40.60
N THR D 325 -38.92 40.18 40.32
CA THR D 325 -40.34 40.36 40.62
C THR D 325 -41.23 39.50 39.69
N MET D 326 -40.72 39.08 38.53
CA MET D 326 -41.37 38.16 37.61
C MET D 326 -40.97 36.74 38.03
N LYS D 327 -41.95 35.84 38.13
CA LYS D 327 -41.80 34.55 38.79
C LYS D 327 -41.39 33.51 37.74
N ILE D 328 -40.07 33.45 37.45
CA ILE D 328 -39.41 32.66 36.40
C ILE D 328 -39.44 31.15 36.71
N LYS D 329 -40.59 30.48 36.54
CA LYS D 329 -40.70 29.03 36.55
C LYS D 329 -40.32 28.49 35.16
N ILE D 330 -39.22 27.72 35.08
CA ILE D 330 -38.80 26.96 33.90
C ILE D 330 -39.43 25.56 34.04
N ILE D 331 -40.03 25.04 32.96
CA ILE D 331 -40.76 23.78 32.92
C ILE D 331 -39.96 22.84 31.99
N ALA D 332 -39.48 21.71 32.53
CA ALA D 332 -38.63 20.74 31.82
C ALA D 332 -39.32 19.36 31.74
N PRO D 333 -40.11 19.06 30.67
CA PRO D 333 -40.67 17.72 30.39
C PRO D 333 -39.59 16.61 30.34
N PRO D 334 -39.97 15.32 30.49
CA PRO D 334 -39.05 14.18 30.34
C PRO D 334 -38.63 14.00 28.86
N GLU D 335 -39.38 13.24 28.07
CA GLU D 335 -39.15 13.00 26.63
C GLU D 335 -39.64 14.18 25.79
N ARG D 336 -39.01 15.34 26.03
CA ARG D 336 -39.09 16.58 25.27
C ARG D 336 -38.77 16.40 23.76
N LYS D 337 -38.03 15.33 23.44
CA LYS D 337 -37.71 14.80 22.11
C LYS D 337 -38.98 14.37 21.33
N TYR D 338 -40.07 14.05 22.04
CA TYR D 338 -41.30 13.46 21.48
C TYR D 338 -42.59 14.20 21.90
N SER D 339 -42.52 15.28 22.69
CA SER D 339 -43.65 16.08 23.21
C SER D 339 -44.73 16.48 22.18
N VAL D 340 -44.29 16.87 20.97
CA VAL D 340 -45.15 17.20 19.85
C VAL D 340 -45.94 15.98 19.35
N TRP D 341 -45.31 14.80 19.29
CA TRP D 341 -45.87 13.62 18.66
C TRP D 341 -46.87 12.93 19.60
N ILE D 342 -46.58 12.84 20.91
CA ILE D 342 -47.52 12.29 21.90
C ILE D 342 -48.82 13.13 21.95
N GLY D 343 -48.70 14.46 21.90
CA GLY D 343 -49.84 15.38 21.77
C GLY D 343 -50.65 15.15 20.50
N GLY D 344 -49.98 14.88 19.37
CA GLY D 344 -50.59 14.52 18.10
C GLY D 344 -51.30 13.16 18.13
N SER D 345 -50.70 12.14 18.77
CA SER D 345 -51.31 10.82 18.97
C SER D 345 -52.62 10.91 19.77
N ILE D 346 -52.60 11.64 20.89
CA ILE D 346 -53.77 11.95 21.72
C ILE D 346 -54.89 12.64 20.92
N LEU D 347 -54.55 13.68 20.15
CA LEU D 347 -55.52 14.46 19.36
C LEU D 347 -56.19 13.63 18.25
N ALA D 348 -55.42 12.77 17.57
CA ALA D 348 -55.87 12.00 16.40
C ALA D 348 -56.49 10.64 16.75
N SER D 349 -56.79 10.35 18.03
CA SER D 349 -57.41 9.10 18.48
C SER D 349 -58.65 9.33 19.36
N LEU D 350 -59.29 10.49 19.22
CA LEU D 350 -60.57 10.80 19.85
C LEU D 350 -61.71 10.22 19.00
N SER D 351 -62.89 10.04 19.61
CA SER D 351 -64.13 9.58 18.98
C SER D 351 -65.14 10.75 18.86
N THR D 352 -64.67 12.00 18.84
CA THR D 352 -65.42 13.24 18.74
C THR D 352 -66.28 13.36 17.46
N PHE D 353 -65.71 13.80 16.33
CA PHE D 353 -66.41 14.02 15.07
C PHE D 353 -65.40 14.18 13.93
N GLN D 354 -65.76 13.71 12.72
CA GLN D 354 -64.88 13.66 11.54
C GLN D 354 -64.48 15.05 11.02
N GLN D 355 -65.42 16.02 10.96
CA GLN D 355 -65.30 17.18 10.08
C GLN D 355 -64.28 18.26 10.50
N MET D 356 -63.46 18.02 11.54
CA MET D 356 -62.22 18.78 11.77
C MET D 356 -61.11 18.29 10.81
N TRP D 357 -61.15 17.03 10.36
CA TRP D 357 -60.30 16.52 9.28
C TRP D 357 -60.69 17.21 7.97
N ILE D 358 -59.72 17.55 7.12
CA ILE D 358 -59.92 18.02 5.76
C ILE D 358 -60.07 16.74 4.93
N THR D 359 -61.22 16.52 4.31
CA THR D 359 -61.50 15.36 3.46
C THR D 359 -61.10 15.67 2.01
N LYS D 360 -60.92 14.61 1.19
CA LYS D 360 -60.72 14.68 -0.26
C LYS D 360 -61.86 15.41 -1.00
N GLN D 361 -63.11 15.28 -0.52
CA GLN D 361 -64.30 15.96 -1.06
C GLN D 361 -64.13 17.49 -0.98
N GLU D 362 -63.81 17.98 0.23
CA GLU D 362 -63.58 19.39 0.50
C GLU D 362 -62.29 19.93 -0.15
N TYR D 363 -61.40 19.06 -0.65
CA TYR D 363 -60.27 19.44 -1.48
C TYR D 363 -60.74 19.56 -2.94
N ASP D 364 -61.44 18.55 -3.49
CA ASP D 364 -61.87 18.52 -4.90
C ASP D 364 -62.91 19.61 -5.24
N GLU D 365 -63.61 20.15 -4.23
CA GLU D 365 -64.50 21.31 -4.34
C GLU D 365 -63.74 22.65 -4.33
N ALA D 366 -62.45 22.70 -3.93
CA ALA D 366 -61.78 23.95 -3.53
C ALA D 366 -60.30 24.08 -3.89
N GLY D 367 -59.64 23.00 -4.29
CA GLY D 367 -58.18 22.88 -4.35
C GLY D 367 -57.55 23.00 -2.95
N PRO D 368 -56.25 23.34 -2.82
CA PRO D 368 -55.58 23.45 -1.51
C PRO D 368 -55.99 24.68 -0.68
N SER D 369 -56.92 25.51 -1.16
CA SER D 369 -57.53 26.63 -0.43
C SER D 369 -58.36 26.16 0.79
N ILE D 370 -58.66 24.87 0.91
CA ILE D 370 -59.39 24.27 2.03
C ILE D 370 -58.61 24.35 3.37
N VAL D 371 -57.27 24.27 3.34
CA VAL D 371 -56.44 24.06 4.53
C VAL D 371 -56.63 25.17 5.59
N HIS D 372 -56.70 26.43 5.18
CA HIS D 372 -56.78 27.58 6.09
C HIS D 372 -58.20 27.76 6.66
N ARG D 373 -59.17 26.99 6.16
CA ARG D 373 -60.55 26.97 6.62
C ARG D 373 -60.70 25.95 7.78
N LYS D 374 -59.67 25.13 8.07
CA LYS D 374 -59.66 24.15 9.17
C LYS D 374 -58.39 24.24 10.03
N CYS D 375 -57.21 24.46 9.44
CA CYS D 375 -55.94 24.52 10.17
C CYS D 375 -55.76 25.94 10.73
N PHE D 376 -55.71 26.02 12.07
CA PHE D 376 -55.69 27.20 12.95
C PHE D 376 -54.98 28.45 12.42
N NH2 D 377 -55.53 29.63 12.62
HN1 NH2 D 377 -55.09 30.45 12.26
HN2 NH2 D 377 -56.44 29.68 13.08
C ACE E 1 21.41 39.94 12.53
O ACE E 1 21.69 40.18 11.17
CH3 ACE E 1 19.91 39.66 12.67
H1 ACE E 1 19.61 38.80 12.08
H2 ACE E 1 19.32 40.52 12.32
H3 ACE E 1 19.64 39.48 13.71
N ASP E 2 21.73 41.17 13.25
CA ASP E 2 23.15 41.62 13.24
C ASP E 2 24.11 40.46 13.54
N GLU E 3 25.22 40.33 12.82
CA GLU E 3 26.13 39.16 12.85
C GLU E 3 26.85 38.90 14.20
N ASP E 4 26.80 39.85 15.15
CA ASP E 4 27.31 39.72 16.53
C ASP E 4 26.18 39.45 17.56
N GLU E 5 24.89 39.43 17.17
CA GLU E 5 23.78 38.91 17.99
C GLU E 5 23.80 37.37 17.89
N THR E 6 23.36 36.66 18.93
CA THR E 6 23.26 35.20 18.98
C THR E 6 22.14 34.75 18.00
N THR E 7 22.54 34.21 16.83
CA THR E 7 21.68 33.84 15.72
C THR E 7 20.71 32.71 16.12
N ALA E 8 19.49 33.08 16.56
CA ALA E 8 18.46 32.21 17.13
C ALA E 8 18.13 30.98 16.26
N LEU E 9 17.83 29.85 16.90
CA LEU E 9 17.45 28.60 16.22
C LEU E 9 15.98 28.70 15.81
N VAL E 10 15.61 28.06 14.69
CA VAL E 10 14.24 28.00 14.21
C VAL E 10 13.89 26.55 13.91
N CYS E 11 12.81 26.05 14.51
CA CYS E 11 12.26 24.72 14.30
C CYS E 11 10.78 24.84 13.90
N ASP E 12 10.35 23.99 12.96
CA ASP E 12 8.95 23.68 12.64
C ASP E 12 8.78 22.17 12.74
N ASN E 13 7.63 21.75 13.26
CA ASN E 13 7.23 20.37 13.52
C ASN E 13 6.36 19.85 12.36
N GLY E 14 5.68 20.76 11.63
CA GLY E 14 4.69 20.49 10.60
C GLY E 14 3.58 19.51 11.00
N SER E 15 2.90 18.91 10.01
CA SER E 15 1.95 17.84 10.23
C SER E 15 2.64 16.46 10.13
N GLY E 16 3.84 16.34 10.74
CA GLY E 16 4.61 15.09 10.82
C GLY E 16 6.02 15.15 10.19
N LEU E 17 6.45 16.34 9.71
CA LEU E 17 7.70 16.55 9.01
C LEU E 17 8.43 17.72 9.68
N VAL E 18 9.49 17.38 10.43
CA VAL E 18 10.28 18.30 11.24
C VAL E 18 11.29 19.00 10.30
N LYS E 19 11.51 20.29 10.50
CA LYS E 19 12.39 21.17 9.73
C LYS E 19 13.08 22.07 10.77
N ALA E 20 14.41 22.15 10.79
CA ALA E 20 15.15 23.01 11.70
C ALA E 20 16.44 23.58 11.10
N GLY E 21 16.83 24.76 11.55
CA GLY E 21 18.05 25.47 11.15
C GLY E 21 18.20 26.71 12.03
N PHE E 22 18.91 27.73 11.55
CA PHE E 22 19.08 29.01 12.23
C PHE E 22 18.06 30.03 11.68
N ALA E 23 18.01 31.21 12.30
CA ALA E 23 17.32 32.40 11.83
C ALA E 23 18.17 33.11 10.77
N GLY E 24 17.51 33.75 9.81
CA GLY E 24 18.10 34.45 8.66
C GLY E 24 18.60 33.51 7.54
N ASP E 25 18.78 32.24 7.90
CA ASP E 25 19.25 31.09 7.14
C ASP E 25 18.08 30.57 6.30
N ASP E 26 18.23 30.56 4.98
CA ASP E 26 17.10 30.44 4.03
C ASP E 26 16.68 29.00 3.76
N ALA E 27 17.38 27.99 4.28
CA ALA E 27 17.00 26.58 4.14
C ALA E 27 17.39 25.79 5.40
N PRO E 28 16.50 24.92 5.94
CA PRO E 28 16.76 24.17 7.17
C PRO E 28 17.85 23.09 6.97
N ARG E 29 18.76 23.02 7.94
CA ARG E 29 19.97 22.21 7.92
C ARG E 29 19.78 20.88 8.67
N ALA E 30 18.57 20.63 9.20
CA ALA E 30 18.12 19.36 9.73
C ALA E 30 16.65 19.23 9.33
N VAL E 31 16.29 18.18 8.59
CA VAL E 31 14.93 17.89 8.13
C VAL E 31 14.80 16.37 8.18
N PHE E 32 13.73 15.82 8.77
CA PHE E 32 13.42 14.39 8.75
C PHE E 32 11.93 14.12 9.05
N PRO E 33 11.33 13.02 8.55
CA PRO E 33 9.97 12.61 8.90
C PRO E 33 9.96 12.03 10.33
N SER E 34 8.92 12.33 11.11
CA SER E 34 8.90 12.18 12.57
C SER E 34 8.67 10.72 13.04
N ILE E 35 9.24 9.73 12.35
CA ILE E 35 9.17 8.32 12.70
C ILE E 35 10.13 8.01 13.86
N VAL E 36 9.57 7.66 15.02
CA VAL E 36 10.27 7.07 16.17
C VAL E 36 10.24 5.56 15.90
N GLY E 37 11.40 4.97 15.59
CA GLY E 37 11.56 3.55 15.39
C GLY E 37 12.04 2.91 16.70
N ARG E 38 11.19 2.21 17.46
CA ARG E 38 11.66 1.41 18.60
C ARG E 38 11.99 -0.02 18.12
N PRO E 39 12.85 -0.77 18.85
CA PRO E 39 13.17 -2.18 18.59
C PRO E 39 11.96 -3.12 18.41
N ARG E 40 12.14 -4.17 17.60
CA ARG E 40 11.30 -5.37 17.52
C ARG E 40 12.03 -6.55 18.18
N HIS E 41 11.31 -7.64 18.43
CA HIS E 41 11.83 -8.95 18.86
C HIS E 41 12.31 -9.78 17.64
N GLN E 42 12.84 -9.10 16.62
CA GLN E 42 13.24 -9.61 15.31
C GLN E 42 14.56 -8.97 14.89
N GLY E 43 15.12 -9.43 13.77
CA GLY E 43 16.47 -9.06 13.33
C GLY E 43 17.52 -10.02 13.90
N VAL E 44 18.79 -9.60 13.88
CA VAL E 44 19.96 -10.40 14.28
C VAL E 44 21.03 -9.57 15.02
N MET E 45 20.83 -8.25 15.18
CA MET E 45 21.76 -7.32 15.81
C MET E 45 20.97 -6.12 16.34
N VAL E 46 21.63 -5.19 17.06
CA VAL E 46 21.10 -3.93 17.57
C VAL E 46 22.10 -2.84 17.19
N GLY E 47 21.63 -1.62 16.87
CA GLY E 47 22.47 -0.47 16.56
C GLY E 47 23.01 0.18 17.84
N MET E 48 24.34 0.30 17.96
CA MET E 48 25.03 0.75 19.17
C MET E 48 25.10 2.30 19.20
N GLY E 49 23.92 2.91 19.33
CA GLY E 49 23.68 4.35 19.38
C GLY E 49 23.59 4.89 20.81
N GLN E 50 22.76 5.92 21.03
CA GLN E 50 22.62 6.61 22.32
C GLN E 50 21.19 7.11 22.59
N LYS E 51 20.19 6.37 22.09
CA LYS E 51 18.75 6.46 22.36
C LYS E 51 18.23 5.01 22.28
N ASP E 52 17.03 4.71 22.79
CA ASP E 52 16.34 3.43 22.54
C ASP E 52 15.74 3.48 21.13
N SER E 53 15.17 4.64 20.76
CA SER E 53 14.49 4.92 19.53
C SER E 53 15.53 5.24 18.43
N TYR E 54 15.40 4.56 17.29
CA TYR E 54 16.02 4.92 16.02
C TYR E 54 15.09 6.01 15.43
N VAL E 55 15.47 7.28 15.51
CA VAL E 55 14.70 8.42 15.02
C VAL E 55 15.16 8.72 13.58
N GLY E 56 14.20 8.84 12.65
CA GLY E 56 14.41 9.29 11.27
C GLY E 56 15.46 8.45 10.54
N ASP E 57 16.57 9.08 10.15
CA ASP E 57 17.80 8.54 9.57
C ASP E 57 18.37 7.30 10.26
N GLU E 58 18.21 7.17 11.58
CA GLU E 58 18.63 6.00 12.32
C GLU E 58 17.78 4.77 11.93
N ALA E 59 16.53 4.96 11.49
CA ALA E 59 15.58 3.95 11.03
C ALA E 59 15.57 3.83 9.48
N GLN E 60 16.30 4.69 8.75
CA GLN E 60 16.50 4.60 7.30
C GLN E 60 17.42 3.44 6.89
N SER E 61 18.02 2.76 7.87
CA SER E 61 18.80 1.54 7.73
C SER E 61 18.58 0.64 8.96
N LYS E 62 18.86 -0.67 8.82
CA LYS E 62 18.79 -1.74 9.83
C LYS E 62 17.40 -2.41 9.83
N ARG E 63 17.05 -3.12 8.75
CA ARG E 63 15.77 -3.80 8.55
C ARG E 63 15.53 -4.92 9.58
N GLY E 64 14.27 -5.16 9.91
CA GLY E 64 13.76 -6.20 10.81
C GLY E 64 13.93 -5.89 12.29
N ILE E 65 14.86 -5.01 12.63
CA ILE E 65 15.31 -4.73 13.99
C ILE E 65 14.41 -3.68 14.68
N LEU E 66 13.61 -2.89 13.95
CA LEU E 66 12.88 -1.71 14.46
C LEU E 66 11.49 -1.56 13.82
N THR E 67 10.55 -0.91 14.52
CA THR E 67 9.17 -0.65 14.09
C THR E 67 8.81 0.82 14.36
N LEU E 68 8.18 1.49 13.38
CA LEU E 68 7.97 2.93 13.33
C LEU E 68 6.60 3.31 13.90
N LYS E 69 6.56 4.44 14.63
CA LYS E 69 5.36 5.14 15.06
C LYS E 69 5.66 6.64 15.04
N TYR E 70 4.68 7.46 14.62
CA TYR E 70 4.79 8.93 14.71
C TYR E 70 4.15 9.38 16.05
N PRO E 71 4.76 10.34 16.77
CA PRO E 71 4.13 11.03 17.92
C PRO E 71 3.13 12.13 17.48
N ILE E 72 3.02 12.37 16.17
CA ILE E 72 2.29 13.43 15.49
C ILE E 72 1.71 12.86 14.18
N GLU E 73 0.66 12.03 14.26
CA GLU E 73 0.11 11.32 13.09
C GLU E 73 -0.87 12.19 12.29
N HIS E 74 -1.76 12.90 13.01
CA HIS E 74 -2.84 13.73 12.48
C HIS E 74 -2.44 15.22 12.41
N GLY E 75 -1.18 15.54 12.71
CA GLY E 75 -0.61 16.88 12.74
C GLY E 75 -0.75 17.61 14.07
N ILE E 76 -1.59 17.08 14.97
CA ILE E 76 -1.62 17.40 16.39
C ILE E 76 -0.51 16.52 17.04
N ILE E 77 0.26 17.10 17.97
CA ILE E 77 1.24 16.37 18.80
C ILE E 77 0.44 15.62 19.88
N THR E 78 0.63 14.29 19.97
CA THR E 78 -0.15 13.34 20.77
C THR E 78 0.77 12.40 21.58
N ASN E 79 1.92 12.92 22.02
CA ASN E 79 3.05 12.28 22.71
C ASN E 79 4.04 13.44 22.93
N TRP E 80 4.67 13.49 24.10
CA TRP E 80 5.70 14.48 24.44
C TRP E 80 7.05 13.82 24.69
N ASP E 81 6.94 12.56 25.08
CA ASP E 81 7.84 11.67 25.79
C ASP E 81 8.87 11.08 24.83
N ASP E 82 8.49 10.86 23.57
CA ASP E 82 9.35 10.51 22.45
C ASP E 82 9.57 11.73 21.55
N MET E 83 8.67 12.72 21.55
CA MET E 83 8.81 14.01 20.85
C MET E 83 10.02 14.80 21.39
N GLU E 84 10.34 14.62 22.68
CA GLU E 84 11.59 14.93 23.36
C GLU E 84 12.82 14.38 22.58
N LYS E 85 12.81 13.09 22.22
CA LYS E 85 13.87 12.40 21.50
C LYS E 85 13.95 12.87 20.04
N ILE E 86 12.82 13.21 19.41
CA ILE E 86 12.74 13.87 18.10
C ILE E 86 13.47 15.24 18.14
N TRP E 87 13.12 16.12 19.09
CA TRP E 87 13.73 17.45 19.25
C TRP E 87 15.21 17.35 19.67
N HIS E 88 15.57 16.39 20.54
CA HIS E 88 16.94 16.12 20.96
C HIS E 88 17.83 15.72 19.77
N HIS E 89 17.32 14.84 18.91
CA HIS E 89 17.99 14.40 17.69
C HIS E 89 18.19 15.56 16.69
N THR E 90 17.13 16.37 16.51
CA THR E 90 17.11 17.58 15.69
C THR E 90 18.24 18.57 16.08
N PHE E 91 18.39 18.86 17.37
CA PHE E 91 19.37 19.82 17.88
C PHE E 91 20.77 19.17 17.99
N TYR E 92 20.95 18.16 18.84
CA TYR E 92 22.28 17.74 19.29
C TYR E 92 22.95 16.80 18.28
N ASN E 93 22.20 16.04 17.47
CA ASN E 93 22.80 15.10 16.51
C ASN E 93 22.86 15.72 15.11
N GLU E 94 21.77 16.33 14.62
CA GLU E 94 21.67 16.71 13.21
C GLU E 94 22.13 18.15 12.92
N LEU E 95 21.90 19.12 13.81
CA LEU E 95 22.46 20.46 13.69
C LEU E 95 23.83 20.54 14.41
N ARG E 96 23.96 19.84 15.54
CA ARG E 96 25.15 19.67 16.38
C ARG E 96 25.37 20.86 17.34
N VAL E 97 24.38 21.74 17.48
CA VAL E 97 24.37 22.86 18.41
C VAL E 97 24.00 22.35 19.81
N ALA E 98 24.40 23.08 20.85
CA ALA E 98 23.91 22.93 22.20
C ALA E 98 22.77 23.97 22.35
N PRO E 99 21.48 23.60 22.34
CA PRO E 99 20.36 24.57 22.43
C PRO E 99 20.32 25.36 23.75
N GLU E 100 21.00 24.89 24.81
CA GLU E 100 21.29 25.64 26.03
C GLU E 100 22.14 26.92 25.81
N GLU E 101 22.76 27.13 24.64
CA GLU E 101 23.38 28.40 24.24
C GLU E 101 22.35 29.37 23.61
N HIS E 102 21.25 28.88 23.00
CA HIS E 102 20.55 29.59 21.91
C HIS E 102 19.08 29.89 22.20
N PRO E 103 18.61 31.15 22.02
CA PRO E 103 17.19 31.47 21.83
C PRO E 103 16.57 30.64 20.67
N THR E 104 15.33 30.17 20.82
CA THR E 104 14.69 29.26 19.85
C THR E 104 13.30 29.79 19.47
N LEU E 105 13.01 29.93 18.17
CA LEU E 105 11.65 30.08 17.66
C LEU E 105 11.15 28.67 17.32
N LEU E 106 9.97 28.33 17.83
CA LEU E 106 9.30 27.07 17.58
C LEU E 106 8.00 27.38 16.83
N THR E 107 7.73 26.68 15.73
CA THR E 107 6.50 26.86 14.96
C THR E 107 5.50 25.74 15.34
N GLU E 108 4.28 26.18 15.66
CA GLU E 108 3.08 25.40 15.92
C GLU E 108 2.41 25.09 14.57
N ALA E 109 2.03 23.83 14.33
CA ALA E 109 1.26 23.43 13.16
C ALA E 109 -0.24 23.60 13.50
N PRO E 110 -1.09 24.16 12.60
CA PRO E 110 -2.54 24.31 12.81
C PRO E 110 -3.23 23.01 13.26
N LEU E 111 -4.25 23.17 14.12
CA LEU E 111 -5.09 22.12 14.72
C LEU E 111 -4.55 21.62 16.07
N ASN E 112 -3.35 22.05 16.48
CA ASN E 112 -2.85 21.83 17.85
C ASN E 112 -3.57 22.80 18.81
N PRO E 113 -4.09 22.33 19.98
CA PRO E 113 -4.73 23.19 20.98
C PRO E 113 -3.68 23.98 21.78
N LYS E 114 -4.05 25.14 22.35
CA LYS E 114 -3.12 26.07 22.98
C LYS E 114 -2.29 25.48 24.15
N ALA E 115 -2.77 24.42 24.80
CA ALA E 115 -2.06 23.68 25.85
C ALA E 115 -0.84 22.93 25.30
N ASN E 116 -0.84 22.61 24.00
CA ASN E 116 0.31 22.02 23.30
C ASN E 116 1.46 23.02 23.18
N ARG E 117 1.18 24.33 23.25
CA ARG E 117 2.21 25.36 23.31
C ARG E 117 2.92 25.29 24.66
N GLU E 118 2.14 25.20 25.75
CA GLU E 118 2.58 25.15 27.14
C GLU E 118 3.46 23.91 27.40
N LYS E 119 3.02 22.74 26.92
CA LYS E 119 3.78 21.49 27.01
C LYS E 119 5.05 21.47 26.14
N MET E 120 5.15 22.30 25.08
CA MET E 120 6.39 22.50 24.32
C MET E 120 7.29 23.52 25.06
N THR E 121 6.71 24.62 25.54
CA THR E 121 7.37 25.73 26.23
C THR E 121 8.13 25.26 27.49
N GLN E 122 7.51 24.42 28.33
CA GLN E 122 8.14 23.83 29.52
C GLN E 122 9.39 23.01 29.16
N ILE E 123 9.30 22.11 28.18
CA ILE E 123 10.39 21.25 27.72
C ILE E 123 11.55 22.10 27.15
N MET E 124 11.23 23.18 26.42
CA MET E 124 12.24 24.10 25.89
C MET E 124 12.99 24.85 27.00
N PHE E 125 12.28 25.33 28.04
CA PHE E 125 12.87 26.09 29.14
C PHE E 125 13.50 25.22 30.24
N GLU E 126 13.08 23.96 30.42
CA GLU E 126 13.50 23.10 31.53
C GLU E 126 14.41 21.95 31.07
N THR E 127 14.11 21.32 29.93
CA THR E 127 14.87 20.15 29.46
C THR E 127 16.04 20.67 28.58
N PHE E 128 15.74 21.50 27.56
CA PHE E 128 16.76 21.99 26.62
C PHE E 128 17.44 23.28 27.12
N ASN E 129 16.83 23.97 28.10
CA ASN E 129 17.42 25.08 28.86
C ASN E 129 17.60 26.37 28.04
N VAL E 130 16.76 26.53 27.00
CA VAL E 130 16.70 27.70 26.13
C VAL E 130 16.43 28.97 27.00
N PRO E 131 17.22 30.05 26.88
CA PRO E 131 17.10 31.21 27.79
C PRO E 131 15.86 32.09 27.52
N ALA E 132 15.37 32.10 26.28
CA ALA E 132 14.22 32.85 25.82
C ALA E 132 13.69 32.20 24.54
N MET E 133 12.37 32.14 24.34
CA MET E 133 11.73 31.44 23.21
C MET E 133 10.49 32.17 22.66
N TYR E 134 9.95 31.65 21.55
CA TYR E 134 8.78 32.17 20.83
C TYR E 134 8.01 30.99 20.23
N VAL E 135 6.68 31.06 20.22
CA VAL E 135 5.79 30.10 19.58
C VAL E 135 5.02 30.83 18.45
N ALA E 136 5.43 30.57 17.21
CA ALA E 136 4.83 31.07 15.96
C ALA E 136 3.87 30.00 15.39
N ILE E 137 3.07 30.34 14.39
CA ILE E 137 2.02 29.51 13.79
C ILE E 137 2.19 29.52 12.26
N GLN E 138 2.34 28.33 11.64
CA GLN E 138 2.73 28.10 10.24
C GLN E 138 2.07 29.01 9.20
N ALA E 139 0.73 29.09 9.23
CA ALA E 139 -0.09 29.75 8.22
C ALA E 139 0.11 31.27 8.19
N VAL E 140 0.35 31.89 9.35
CA VAL E 140 0.64 33.32 9.46
C VAL E 140 2.02 33.64 8.86
N LEU E 141 3.00 32.72 9.00
CA LEU E 141 4.34 32.83 8.41
C LEU E 141 4.27 32.64 6.87
N SER E 142 3.42 31.73 6.39
CA SER E 142 3.11 31.53 4.97
C SER E 142 2.46 32.79 4.37
N LEU E 143 1.49 33.39 5.08
CA LEU E 143 0.74 34.55 4.63
C LEU E 143 1.62 35.81 4.59
N TYR E 144 2.44 36.05 5.62
CA TYR E 144 3.39 37.16 5.67
C TYR E 144 4.53 36.96 4.64
N ALA E 145 5.00 35.71 4.40
CA ALA E 145 5.96 35.41 3.33
C ALA E 145 5.34 35.58 1.93
N SER E 146 4.01 35.53 1.80
CA SER E 146 3.28 35.89 0.58
C SER E 146 3.10 37.43 0.46
N GLY E 147 3.58 38.22 1.42
CA GLY E 147 3.47 39.67 1.47
C GLY E 147 2.04 40.17 1.70
N ARG E 148 1.17 39.33 2.28
CA ARG E 148 -0.22 39.60 2.60
C ARG E 148 -0.38 39.55 4.12
N THR E 149 -1.50 40.07 4.63
CA THR E 149 -1.88 40.03 6.04
C THR E 149 -3.30 39.45 6.24
N THR E 150 -4.12 39.49 5.19
CA THR E 150 -5.44 38.87 5.07
C THR E 150 -5.35 37.96 3.83
N GLY E 151 -6.00 36.79 3.86
CA GLY E 151 -6.03 35.80 2.78
C GLY E 151 -6.32 34.40 3.34
N ILE E 152 -6.22 33.36 2.51
CA ILE E 152 -6.44 31.95 2.91
C ILE E 152 -5.23 31.12 2.51
N VAL E 153 -4.69 30.36 3.45
CA VAL E 153 -3.55 29.47 3.25
C VAL E 153 -4.10 28.04 3.19
N LEU E 154 -3.73 27.30 2.14
CA LEU E 154 -3.82 25.84 2.04
C LEU E 154 -2.41 25.32 2.34
N ASP E 155 -2.22 24.55 3.42
CA ASP E 155 -0.97 23.88 3.77
C ASP E 155 -1.12 22.36 3.60
N SER E 156 -0.02 21.64 3.33
CA SER E 156 0.01 20.26 2.88
C SER E 156 1.36 19.65 3.29
N GLY E 157 1.40 18.94 4.44
CA GLY E 157 2.63 18.39 5.02
C GLY E 157 2.73 16.88 4.84
N ASP E 158 2.96 16.13 5.93
CA ASP E 158 3.07 14.67 5.90
C ASP E 158 1.67 14.06 6.02
N GLY E 159 0.95 14.39 7.11
CA GLY E 159 -0.19 13.62 7.58
C GLY E 159 -1.56 14.23 7.40
N VAL E 160 -1.65 15.55 7.24
CA VAL E 160 -2.87 16.30 6.90
C VAL E 160 -2.50 17.43 5.93
N THR E 161 -3.42 17.72 5.01
CA THR E 161 -3.55 18.97 4.30
C THR E 161 -4.68 19.73 5.02
N HIS E 162 -4.63 21.06 5.06
CA HIS E 162 -5.55 21.88 5.84
C HIS E 162 -5.56 23.33 5.35
N ASN E 163 -6.71 23.99 5.54
CA ASN E 163 -6.99 25.33 5.10
C ASN E 163 -7.16 26.23 6.32
N VAL E 164 -6.47 27.37 6.34
CA VAL E 164 -6.51 28.39 7.38
C VAL E 164 -6.84 29.75 6.72
N PRO E 165 -8.11 30.21 6.76
CA PRO E 165 -8.52 31.56 6.32
C PRO E 165 -8.20 32.59 7.41
N ILE E 166 -7.62 33.74 7.04
CA ILE E 166 -7.02 34.74 7.93
C ILE E 166 -7.53 36.16 7.60
N TYR E 167 -7.89 36.91 8.65
CA TYR E 167 -8.18 38.35 8.69
C TYR E 167 -7.06 39.02 9.50
N GLU E 168 -6.28 39.92 8.89
CA GLU E 168 -5.14 40.71 9.42
C GLU E 168 -4.30 39.98 10.50
N GLY E 169 -3.84 38.77 10.15
CA GLY E 169 -2.99 37.90 10.96
C GLY E 169 -3.75 36.91 11.85
N TYR E 170 -5.05 37.12 12.11
CA TYR E 170 -5.87 36.28 12.97
C TYR E 170 -6.64 35.29 12.09
N ALA E 171 -6.42 33.99 12.32
CA ALA E 171 -7.08 32.89 11.63
C ALA E 171 -8.51 32.74 12.15
N LEU E 172 -9.48 32.60 11.25
CA LEU E 172 -10.91 32.47 11.55
C LEU E 172 -11.17 30.99 11.90
N PRO E 173 -11.43 30.62 13.19
CA PRO E 173 -11.35 29.24 13.64
C PRO E 173 -12.53 28.37 13.19
N HIS E 174 -13.73 28.97 13.07
CA HIS E 174 -14.99 28.38 12.63
C HIS E 174 -14.95 27.87 11.17
N ALA E 175 -13.95 28.32 10.42
CA ALA E 175 -13.75 28.06 9.01
C ALA E 175 -12.45 27.29 8.69
N ILE E 176 -11.64 26.88 9.69
CA ILE E 176 -10.45 26.05 9.46
C ILE E 176 -10.93 24.63 9.08
N MET E 177 -10.48 24.12 7.93
CA MET E 177 -10.87 22.81 7.36
C MET E 177 -9.63 21.96 7.09
N ARG E 178 -9.83 20.66 6.88
CA ARG E 178 -8.80 19.64 6.79
C ARG E 178 -9.11 18.68 5.65
N LEU E 179 -8.07 18.09 5.04
CA LEU E 179 -8.14 16.93 4.19
C LEU E 179 -6.96 16.02 4.57
N ASP E 180 -7.23 14.79 4.95
CA ASP E 180 -6.32 13.85 5.62
C ASP E 180 -5.35 13.16 4.65
N LEU E 181 -5.49 13.46 3.35
CA LEU E 181 -4.54 13.12 2.31
C LEU E 181 -3.43 14.20 2.34
N ALA E 182 -2.19 13.75 2.54
CA ALA E 182 -0.97 14.54 2.46
C ALA E 182 0.19 13.60 2.14
N GLY E 183 1.43 14.13 2.15
CA GLY E 183 2.65 13.53 1.61
C GLY E 183 2.95 12.09 1.97
N ARG E 184 2.54 11.64 3.17
CA ARG E 184 2.68 10.27 3.66
C ARG E 184 1.76 9.31 2.89
N ASP E 185 0.45 9.28 3.20
CA ASP E 185 -0.54 8.38 2.57
C ASP E 185 -0.64 8.59 1.03
N LEU E 186 -0.29 9.79 0.54
CA LEU E 186 -0.09 10.09 -0.89
C LEU E 186 1.07 9.27 -1.51
N THR E 187 2.17 9.05 -0.77
CA THR E 187 3.30 8.24 -1.24
C THR E 187 2.95 6.74 -1.20
N ASP E 188 2.09 6.28 -0.27
CA ASP E 188 1.64 4.87 -0.22
C ASP E 188 0.62 4.57 -1.32
N TYR E 189 -0.20 5.54 -1.71
CA TYR E 189 -1.00 5.50 -2.93
C TYR E 189 -0.10 5.36 -4.18
N LEU E 190 1.01 6.11 -4.22
CA LEU E 190 2.06 5.97 -5.23
C LEU E 190 2.74 4.59 -5.19
N MET E 191 2.95 3.97 -4.02
CA MET E 191 3.50 2.61 -3.92
C MET E 191 2.55 1.56 -4.53
N LYS E 192 1.23 1.68 -4.27
CA LYS E 192 0.20 0.90 -4.96
C LYS E 192 0.24 1.11 -6.49
N ILE E 193 0.38 2.37 -6.97
CA ILE E 193 0.55 2.69 -8.40
C ILE E 193 1.85 2.10 -8.99
N LEU E 194 2.99 2.19 -8.27
CA LEU E 194 4.28 1.61 -8.69
C LEU E 194 4.22 0.07 -8.79
N THR E 195 3.37 -0.58 -7.98
CA THR E 195 3.09 -2.01 -8.07
C THR E 195 2.29 -2.35 -9.35
N GLU E 196 1.54 -1.41 -9.94
CA GLU E 196 0.86 -1.58 -11.23
C GLU E 196 1.82 -1.40 -12.43
N ARG E 197 3.04 -0.88 -12.20
CA ARG E 197 4.17 -0.89 -13.14
C ARG E 197 5.06 -2.13 -12.90
N GLY E 198 4.77 -2.97 -11.90
CA GLY E 198 5.56 -4.14 -11.53
C GLY E 198 6.82 -3.83 -10.71
N TYR E 199 7.00 -2.59 -10.24
CA TYR E 199 8.07 -2.20 -9.33
C TYR E 199 7.56 -2.40 -7.90
N SER E 200 8.43 -2.62 -6.92
CA SER E 200 8.07 -2.66 -5.51
C SER E 200 9.25 -2.17 -4.67
N PHE E 201 8.94 -1.33 -3.67
CA PHE E 201 9.87 -0.60 -2.83
C PHE E 201 9.24 -0.69 -1.44
N VAL E 202 9.95 -1.27 -0.48
CA VAL E 202 9.37 -1.78 0.75
C VAL E 202 9.86 -0.92 1.91
N THR E 203 11.18 -0.84 2.11
CA THR E 203 11.77 -0.38 3.36
C THR E 203 11.95 1.15 3.32
N THR E 204 12.34 1.71 4.45
CA THR E 204 12.69 3.10 4.66
C THR E 204 13.77 3.60 3.66
N ALA E 205 14.74 2.74 3.29
CA ALA E 205 15.81 3.02 2.34
C ALA E 205 15.28 3.38 0.94
N GLU E 206 14.53 2.47 0.28
CA GLU E 206 13.84 2.74 -0.97
C GLU E 206 12.79 3.87 -0.87
N ARG E 207 12.25 4.13 0.32
CA ARG E 207 11.30 5.23 0.55
C ARG E 207 11.98 6.62 0.59
N GLU E 208 13.32 6.72 0.66
CA GLU E 208 14.03 7.97 0.31
C GLU E 208 13.96 8.11 -1.22
N ILE E 209 14.27 7.03 -1.94
CA ILE E 209 14.29 6.99 -3.40
C ILE E 209 12.89 7.27 -4.00
N VAL E 210 11.81 6.65 -3.50
CA VAL E 210 10.44 6.94 -3.93
C VAL E 210 9.97 8.34 -3.46
N ARG E 211 10.55 8.92 -2.40
CA ARG E 211 10.38 10.34 -2.08
C ARG E 211 11.08 11.20 -3.16
N ASP E 212 12.34 10.89 -3.46
CA ASP E 212 13.24 11.57 -4.40
C ASP E 212 12.70 11.55 -5.85
N ILE E 213 12.24 10.38 -6.31
CA ILE E 213 11.51 10.14 -7.56
C ILE E 213 10.26 11.04 -7.63
N LYS E 214 9.44 11.05 -6.56
CA LYS E 214 8.22 11.84 -6.51
C LYS E 214 8.53 13.35 -6.53
N GLU E 215 9.57 13.80 -5.82
CA GLU E 215 9.97 15.21 -5.71
C GLU E 215 10.57 15.75 -7.04
N LYS E 216 11.24 14.90 -7.81
CA LYS E 216 11.87 15.27 -9.08
C LYS E 216 10.93 15.17 -10.29
N LEU E 217 10.15 14.08 -10.42
CA LEU E 217 9.51 13.72 -11.70
C LEU E 217 8.00 14.03 -11.75
N CYS E 218 7.35 14.36 -10.62
CA CYS E 218 5.90 14.59 -10.57
C CYS E 218 5.55 16.07 -10.78
N TYR E 219 4.27 16.31 -11.04
CA TYR E 219 3.68 17.57 -11.48
C TYR E 219 2.17 17.43 -11.28
N VAL E 220 1.45 18.54 -11.14
CA VAL E 220 -0.01 18.53 -11.24
C VAL E 220 -0.33 18.85 -12.71
N ALA E 221 -1.24 18.06 -13.28
CA ALA E 221 -1.80 18.25 -14.61
C ALA E 221 -2.85 19.37 -14.55
N LEU E 222 -2.88 20.25 -15.56
CA LEU E 222 -3.80 21.39 -15.67
C LEU E 222 -5.26 20.92 -15.84
N ASP E 223 -5.43 19.80 -16.53
CA ASP E 223 -6.60 18.93 -16.60
C ASP E 223 -6.03 17.52 -16.83
N PHE E 224 -6.81 16.50 -16.45
CA PHE E 224 -6.39 15.11 -16.51
C PHE E 224 -6.51 14.51 -17.92
N GLU E 225 -7.28 15.11 -18.82
CA GLU E 225 -7.63 14.57 -20.14
C GLU E 225 -6.58 15.00 -21.19
N ASN E 226 -6.11 16.26 -21.13
CA ASN E 226 -5.03 16.83 -21.96
C ASN E 226 -3.71 16.04 -21.77
N GLU E 227 -3.32 15.77 -20.52
CA GLU E 227 -2.10 15.03 -20.19
C GLU E 227 -2.24 13.53 -20.55
N MET E 228 -3.48 12.99 -20.62
CA MET E 228 -3.74 11.64 -21.10
C MET E 228 -3.62 11.57 -22.64
N ALA E 229 -4.12 12.59 -23.35
CA ALA E 229 -4.00 12.73 -24.80
C ALA E 229 -2.54 12.98 -25.23
N THR E 230 -1.79 13.71 -24.40
CA THR E 230 -0.35 13.95 -24.56
C THR E 230 0.42 12.63 -24.33
N ALA E 231 0.05 11.83 -23.32
CA ALA E 231 0.67 10.53 -23.04
C ALA E 231 0.35 9.48 -24.12
N ALA E 232 -0.85 9.55 -24.69
CA ALA E 232 -1.32 8.70 -25.79
C ALA E 232 -0.74 9.12 -27.16
N SER E 233 0.35 9.91 -27.17
CA SER E 233 1.07 10.36 -28.34
C SER E 233 2.58 10.49 -28.06
N SER E 234 2.95 11.17 -26.96
CA SER E 234 4.33 11.42 -26.59
C SER E 234 4.82 10.27 -25.71
N SER E 235 5.48 9.27 -26.32
CA SER E 235 6.19 8.18 -25.63
C SER E 235 7.37 8.69 -24.77
N SER E 236 7.81 9.94 -25.01
CA SER E 236 8.76 10.70 -24.21
C SER E 236 8.15 11.26 -22.90
N LEU E 237 6.87 10.98 -22.61
CA LEU E 237 6.22 11.25 -21.33
C LEU E 237 6.72 10.29 -20.23
N GLU E 238 7.28 9.13 -20.61
CA GLU E 238 8.02 8.20 -19.75
C GLU E 238 9.34 8.88 -19.32
N LYS E 239 9.57 9.01 -18.01
CA LYS E 239 10.76 9.61 -17.43
C LYS E 239 11.53 8.51 -16.67
N SER E 240 12.69 8.13 -17.20
CA SER E 240 13.53 7.08 -16.68
C SER E 240 14.43 7.60 -15.53
N TYR E 241 14.73 6.73 -14.56
CA TYR E 241 15.51 7.01 -13.35
C TYR E 241 16.39 5.78 -13.12
N GLU E 242 17.69 5.95 -12.91
CA GLU E 242 18.59 4.89 -12.47
C GLU E 242 18.53 4.88 -10.94
N LEU E 243 18.17 3.74 -10.34
CA LEU E 243 18.15 3.56 -8.88
C LEU E 243 19.61 3.47 -8.37
N PRO E 244 19.91 3.87 -7.10
CA PRO E 244 21.26 4.02 -6.54
C PRO E 244 22.34 2.96 -6.85
N ASP E 245 21.96 1.69 -7.06
CA ASP E 245 22.84 0.56 -7.33
C ASP E 245 22.70 0.05 -8.78
N GLY E 246 22.10 0.85 -9.67
CA GLY E 246 22.31 0.80 -11.12
C GLY E 246 21.18 0.17 -11.94
N GLN E 247 20.10 -0.28 -11.30
CA GLN E 247 18.92 -0.81 -11.97
C GLN E 247 18.02 0.37 -12.39
N VAL E 248 17.63 0.43 -13.67
CA VAL E 248 16.87 1.53 -14.24
C VAL E 248 15.37 1.19 -14.17
N ILE E 249 14.55 2.18 -13.82
CA ILE E 249 13.09 2.17 -13.86
C ILE E 249 12.61 3.37 -14.69
N THR E 250 11.34 3.39 -15.09
CA THR E 250 10.71 4.50 -15.82
C THR E 250 9.25 4.65 -15.37
N ILE E 251 8.78 5.90 -15.22
CA ILE E 251 7.41 6.26 -14.83
C ILE E 251 6.87 7.38 -15.72
N GLY E 252 5.56 7.37 -15.99
CA GLY E 252 4.91 8.16 -17.05
C GLY E 252 3.75 9.00 -16.54
N ASN E 253 2.53 8.47 -16.66
CA ASN E 253 1.25 9.09 -16.32
C ASN E 253 1.04 9.09 -14.80
N GLU E 254 1.65 8.11 -14.11
CA GLU E 254 1.76 7.98 -12.65
C GLU E 254 2.24 9.25 -11.97
N ARG E 255 3.10 10.02 -12.68
CA ARG E 255 3.66 11.30 -12.28
C ARG E 255 2.59 12.40 -12.05
N PHE E 256 1.42 12.34 -12.71
CA PHE E 256 0.31 13.27 -12.48
C PHE E 256 -0.86 12.55 -11.78
N ARG E 257 -1.09 11.26 -12.05
CA ARG E 257 -2.07 10.42 -11.34
C ARG E 257 -1.81 10.33 -9.82
N CYS E 258 -0.53 10.41 -9.38
CA CYS E 258 -0.10 10.55 -7.99
C CYS E 258 -0.73 11.78 -7.30
N PRO E 259 -0.40 13.05 -7.64
CA PRO E 259 -1.08 14.20 -7.05
C PRO E 259 -2.56 14.41 -7.45
N GLU E 260 -3.05 13.90 -8.59
CA GLU E 260 -4.44 14.04 -9.04
C GLU E 260 -5.51 13.66 -7.97
N THR E 261 -5.23 12.68 -7.10
CA THR E 261 -6.14 12.31 -6.01
C THR E 261 -6.32 13.42 -4.94
N LEU E 262 -5.53 14.50 -4.96
CA LEU E 262 -5.78 15.70 -4.16
C LEU E 262 -7.04 16.44 -4.63
N PHE E 263 -7.40 16.29 -5.91
CA PHE E 263 -8.60 16.88 -6.52
C PHE E 263 -9.74 15.85 -6.59
N GLN E 264 -9.48 14.58 -6.22
CA GLN E 264 -10.49 13.53 -6.09
C GLN E 264 -10.06 12.44 -5.09
N PRO E 265 -10.19 12.64 -3.76
CA PRO E 265 -9.82 11.64 -2.73
C PRO E 265 -10.41 10.22 -2.87
N SER E 266 -11.49 10.03 -3.64
CA SER E 266 -12.00 8.68 -3.94
C SER E 266 -11.09 7.88 -4.92
N PHE E 267 -10.01 8.49 -5.47
CA PHE E 267 -8.98 7.77 -6.23
C PHE E 267 -7.99 7.04 -5.30
N ILE E 268 -7.64 7.59 -4.11
CA ILE E 268 -6.98 6.85 -3.03
C ILE E 268 -8.02 6.02 -2.24
N GLY E 269 -9.30 6.41 -2.28
CA GLY E 269 -10.43 5.63 -1.74
C GLY E 269 -11.03 6.20 -0.46
N MET E 270 -10.83 7.49 -0.18
CA MET E 270 -11.53 8.22 0.88
C MET E 270 -12.89 8.69 0.35
N GLU E 271 -13.87 8.97 1.23
CA GLU E 271 -15.16 9.57 0.85
C GLU E 271 -14.99 11.07 0.48
N SER E 272 -14.01 11.70 1.12
CA SER E 272 -13.69 13.11 1.24
C SER E 272 -13.70 13.95 -0.06
N ALA E 273 -13.90 15.27 0.10
CA ALA E 273 -13.84 16.27 -0.95
C ALA E 273 -12.38 16.72 -1.17
N GLY E 274 -12.04 17.19 -2.38
CA GLY E 274 -10.68 17.55 -2.81
C GLY E 274 -10.18 18.91 -2.29
N ILE E 275 -8.91 19.23 -2.51
CA ILE E 275 -8.22 20.41 -1.97
C ILE E 275 -8.89 21.75 -2.34
N HIS E 276 -9.33 21.91 -3.59
CA HIS E 276 -10.08 23.06 -4.11
C HIS E 276 -11.45 23.18 -3.45
N GLU E 277 -12.14 22.04 -3.24
CA GLU E 277 -13.41 21.95 -2.54
C GLU E 277 -13.24 22.27 -1.04
N THR E 278 -12.18 21.79 -0.41
CA THR E 278 -11.89 22.00 1.01
C THR E 278 -11.54 23.49 1.24
N THR E 279 -10.81 24.10 0.30
CA THR E 279 -10.53 25.53 0.25
C THR E 279 -11.84 26.33 0.09
N TYR E 280 -12.75 25.91 -0.81
CA TYR E 280 -14.03 26.59 -1.02
C TYR E 280 -14.99 26.41 0.17
N ASN E 281 -15.03 25.23 0.80
CA ASN E 281 -15.80 24.98 2.03
C ASN E 281 -15.23 25.72 3.25
N SER E 282 -13.92 25.99 3.26
CA SER E 282 -13.28 26.87 4.23
C SER E 282 -13.71 28.33 3.98
N ILE E 283 -13.64 28.83 2.73
CA ILE E 283 -14.11 30.18 2.37
C ILE E 283 -15.61 30.37 2.68
N MET E 284 -16.48 29.41 2.35
CA MET E 284 -17.94 29.55 2.44
C MET E 284 -18.51 29.35 3.86
N LYS E 285 -17.72 28.82 4.80
CA LYS E 285 -18.06 28.78 6.24
C LYS E 285 -17.34 29.92 6.99
N CYS E 286 -16.64 30.83 6.26
CA CYS E 286 -16.35 32.19 6.73
C CYS E 286 -17.54 33.08 6.35
N ASP E 287 -17.66 34.18 7.09
CA ASP E 287 -18.52 35.35 6.99
C ASP E 287 -18.57 35.93 5.56
N ILE E 288 -19.74 36.40 5.12
CA ILE E 288 -20.04 36.82 3.74
C ILE E 288 -19.09 37.91 3.19
N ASP E 289 -18.78 38.92 4.00
CA ASP E 289 -18.05 40.13 3.62
C ASP E 289 -16.54 39.87 3.35
N ILE E 290 -15.98 38.80 3.92
CA ILE E 290 -14.55 38.49 3.87
C ILE E 290 -14.23 37.64 2.62
N ARG E 291 -15.19 36.86 2.11
CA ARG E 291 -14.98 35.78 1.13
C ARG E 291 -14.32 36.25 -0.18
N LYS E 292 -14.67 37.45 -0.63
CA LYS E 292 -14.10 38.19 -1.76
C LYS E 292 -12.56 38.31 -1.73
N ASP E 293 -12.01 38.59 -0.54
CA ASP E 293 -10.59 38.87 -0.33
C ASP E 293 -9.81 37.56 -0.11
N LEU E 294 -10.51 36.47 0.25
CA LEU E 294 -9.97 35.12 0.35
C LEU E 294 -9.87 34.50 -1.06
N TYR E 295 -10.88 34.70 -1.93
CA TYR E 295 -10.83 34.35 -3.36
C TYR E 295 -9.64 35.03 -4.07
N ALA E 296 -9.32 36.27 -3.66
CA ALA E 296 -8.25 37.09 -4.22
C ALA E 296 -6.86 36.75 -3.65
N ASN E 297 -6.72 35.94 -2.60
CA ASN E 297 -5.48 35.70 -1.86
C ASN E 297 -5.42 34.25 -1.38
N ASN E 298 -5.46 33.29 -2.31
CA ASN E 298 -5.25 31.86 -2.00
C ASN E 298 -3.74 31.63 -2.00
N VAL E 299 -3.18 31.43 -0.80
CA VAL E 299 -1.80 31.06 -0.55
C VAL E 299 -1.73 29.53 -0.48
N MET E 300 -0.60 28.98 -0.93
CA MET E 300 -0.27 27.57 -0.87
C MET E 300 1.02 27.39 -0.04
N SER E 301 1.12 26.27 0.66
CA SER E 301 2.23 25.83 1.49
C SER E 301 2.47 24.33 1.23
N GLY E 302 3.67 23.86 1.56
CA GLY E 302 4.05 22.46 1.51
C GLY E 302 4.72 22.07 0.19
N GLY E 303 5.54 21.02 0.21
CA GLY E 303 6.29 20.54 -0.96
C GLY E 303 5.39 19.91 -2.03
N THR E 304 4.21 19.43 -1.62
CA THR E 304 3.11 18.95 -2.46
C THR E 304 2.45 20.09 -3.25
N THR E 305 2.70 21.37 -2.93
CA THR E 305 2.25 22.50 -3.72
C THR E 305 3.42 23.19 -4.45
N MET E 306 4.67 22.75 -4.27
CA MET E 306 5.83 23.34 -4.95
C MET E 306 5.91 22.93 -6.43
N TYR E 307 5.18 21.86 -6.80
CA TYR E 307 5.09 21.30 -8.15
C TYR E 307 4.62 22.29 -9.23
N PRO E 308 4.99 22.04 -10.51
CA PRO E 308 4.37 22.68 -11.68
C PRO E 308 2.84 22.47 -11.74
N GLY E 309 2.14 23.43 -12.35
CA GLY E 309 0.75 23.33 -12.79
C GLY E 309 -0.31 23.48 -11.69
N ILE E 310 0.04 23.38 -10.40
CA ILE E 310 -0.95 23.33 -9.33
C ILE E 310 -1.63 24.69 -9.09
N ALA E 311 -0.92 25.80 -9.36
CA ALA E 311 -1.46 27.16 -9.23
C ALA E 311 -2.53 27.40 -10.32
N ASP E 312 -2.17 27.05 -11.55
CA ASP E 312 -2.95 27.14 -12.78
C ASP E 312 -4.15 26.17 -12.72
N ARG E 313 -3.95 24.98 -12.13
CA ARG E 313 -5.00 24.02 -11.81
C ARG E 313 -5.93 24.59 -10.73
N MET E 314 -5.43 25.08 -9.59
CA MET E 314 -6.27 25.69 -8.53
C MET E 314 -7.07 26.91 -9.04
N GLN E 315 -6.49 27.67 -9.97
CA GLN E 315 -7.15 28.72 -10.74
C GLN E 315 -8.31 28.16 -11.60
N LYS E 316 -8.08 27.06 -12.33
CA LYS E 316 -9.04 26.31 -13.16
C LYS E 316 -10.14 25.60 -12.35
N GLU E 317 -9.83 25.11 -11.15
CA GLU E 317 -10.76 24.32 -10.33
C GLU E 317 -11.62 25.22 -9.44
N ILE E 318 -11.08 26.30 -8.84
CA ILE E 318 -11.86 27.20 -7.99
C ILE E 318 -12.84 28.05 -8.84
N THR E 319 -12.54 28.31 -10.12
CA THR E 319 -13.48 28.98 -11.05
C THR E 319 -14.61 28.05 -11.55
N ALA E 320 -14.63 26.77 -11.15
CA ALA E 320 -15.76 25.86 -11.31
C ALA E 320 -16.55 25.72 -9.99
N LEU E 321 -16.20 26.50 -8.95
CA LEU E 321 -16.83 26.48 -7.63
C LEU E 321 -17.30 27.88 -7.24
N ALA E 322 -16.40 28.85 -7.27
CA ALA E 322 -16.65 30.24 -6.88
C ALA E 322 -17.23 31.01 -8.08
N PRO E 323 -18.16 31.98 -7.85
CA PRO E 323 -18.80 32.82 -8.87
C PRO E 323 -17.85 33.45 -9.91
N SER E 324 -18.26 33.46 -11.19
CA SER E 324 -17.47 33.94 -12.34
C SER E 324 -17.24 35.47 -12.36
N THR E 325 -17.92 36.21 -11.47
CA THR E 325 -17.69 37.62 -11.15
C THR E 325 -16.40 37.77 -10.32
N MET E 326 -16.11 36.83 -9.40
CA MET E 326 -15.00 36.94 -8.47
C MET E 326 -13.72 36.49 -9.16
N LYS E 327 -12.84 37.44 -9.49
CA LYS E 327 -11.54 37.18 -10.09
C LYS E 327 -10.61 36.48 -9.07
N ILE E 328 -10.67 35.15 -9.07
CA ILE E 328 -9.86 34.26 -8.25
C ILE E 328 -8.37 34.46 -8.55
N LYS E 329 -7.53 34.54 -7.52
CA LYS E 329 -6.09 34.79 -7.58
C LYS E 329 -5.37 33.89 -6.58
N ILE E 330 -4.32 33.21 -7.06
CA ILE E 330 -3.45 32.30 -6.32
C ILE E 330 -2.07 32.99 -6.18
N ILE E 331 -1.40 32.79 -5.05
CA ILE E 331 -0.07 33.27 -4.70
C ILE E 331 0.58 32.28 -3.71
N ALA E 332 1.79 32.61 -3.25
CA ALA E 332 2.69 31.92 -2.30
C ALA E 332 4.11 32.38 -2.64
N PRO E 333 5.10 32.20 -1.73
CA PRO E 333 6.53 32.13 -2.10
C PRO E 333 6.80 31.05 -3.18
N PRO E 334 7.90 31.13 -3.95
CA PRO E 334 8.26 30.08 -4.90
C PRO E 334 8.65 28.76 -4.17
N GLU E 335 9.50 28.83 -3.14
CA GLU E 335 10.06 27.69 -2.41
C GLU E 335 9.08 27.12 -1.35
N ARG E 336 7.90 26.70 -1.82
CA ARG E 336 6.78 26.18 -1.03
C ARG E 336 7.12 25.06 -0.04
N LYS E 337 8.11 24.18 -0.32
CA LYS E 337 8.52 23.12 0.61
C LYS E 337 9.08 23.62 1.96
N TYR E 338 9.59 24.86 2.02
CA TYR E 338 10.15 25.46 3.24
C TYR E 338 9.54 26.82 3.60
N SER E 339 8.60 27.34 2.79
CA SER E 339 7.90 28.62 2.93
C SER E 339 7.55 29.08 4.38
N VAL E 340 6.83 28.23 5.13
CA VAL E 340 6.46 28.41 6.53
C VAL E 340 7.67 28.62 7.47
N TRP E 341 8.70 27.77 7.32
CA TRP E 341 9.90 27.80 8.13
C TRP E 341 10.80 28.99 7.71
N ILE E 342 10.89 29.31 6.41
CA ILE E 342 11.55 30.50 5.88
C ILE E 342 10.96 31.79 6.50
N GLY E 343 9.63 31.87 6.63
CA GLY E 343 8.94 32.96 7.32
C GLY E 343 9.29 33.03 8.81
N GLY E 344 9.40 31.87 9.48
CA GLY E 344 9.86 31.73 10.86
C GLY E 344 11.33 32.11 11.05
N SER E 345 12.19 31.78 10.08
CA SER E 345 13.61 32.11 10.02
C SER E 345 13.83 33.64 9.96
N ILE E 346 12.98 34.34 9.21
CA ILE E 346 13.01 35.81 9.10
C ILE E 346 12.43 36.42 10.40
N LEU E 347 11.32 35.87 10.93
CA LEU E 347 10.69 36.34 12.17
C LEU E 347 11.62 36.26 13.38
N ALA E 348 12.52 35.27 13.40
CA ALA E 348 13.53 35.04 14.42
C ALA E 348 14.80 35.86 14.20
N SER E 349 14.86 36.75 13.19
CA SER E 349 16.03 37.61 12.91
C SER E 349 15.75 39.08 13.24
N LEU E 350 14.54 39.43 13.69
CA LEU E 350 14.16 40.81 14.03
C LEU E 350 14.52 41.04 15.51
N SER E 351 15.15 42.18 15.80
CA SER E 351 15.55 42.64 17.13
C SER E 351 15.10 44.11 17.28
N THR E 352 15.20 44.66 18.51
CA THR E 352 14.64 45.91 19.05
C THR E 352 13.53 45.62 20.09
N PHE E 353 13.94 44.97 21.19
CA PHE E 353 13.20 44.72 22.43
C PHE E 353 12.41 43.41 22.38
N GLN E 354 12.49 42.64 23.48
CA GLN E 354 11.88 41.33 23.71
C GLN E 354 10.37 41.45 23.97
N GLN E 355 9.66 42.10 23.05
CA GLN E 355 8.25 42.45 23.16
C GLN E 355 7.40 41.16 23.16
N MET E 356 7.54 40.37 22.10
CA MET E 356 6.66 39.22 21.83
C MET E 356 7.39 37.88 22.10
N TRP E 357 8.70 37.92 22.37
CA TRP E 357 9.55 36.77 22.72
C TRP E 357 9.53 36.64 24.25
N ILE E 358 9.36 35.41 24.75
CA ILE E 358 9.20 35.05 26.16
C ILE E 358 10.60 34.74 26.72
N THR E 359 10.96 35.33 27.85
CA THR E 359 12.16 35.02 28.60
C THR E 359 11.86 33.96 29.68
N LYS E 360 12.92 33.31 30.21
CA LYS E 360 12.83 32.40 31.34
C LYS E 360 12.26 33.06 32.61
N GLN E 361 12.44 34.39 32.79
CA GLN E 361 11.89 35.16 33.91
C GLN E 361 10.36 35.15 33.89
N GLU E 362 9.75 35.47 32.73
CA GLU E 362 8.31 35.51 32.54
C GLU E 362 7.68 34.10 32.63
N TYR E 363 8.47 33.05 32.38
CA TYR E 363 8.09 31.65 32.57
C TYR E 363 8.10 31.31 34.07
N ASP E 364 9.21 31.59 34.78
CA ASP E 364 9.39 31.25 36.20
C ASP E 364 8.45 32.05 37.11
N GLU E 365 8.10 33.28 36.71
CA GLU E 365 7.16 34.15 37.40
C GLU E 365 5.70 33.72 37.13
N ALA E 366 5.33 33.56 35.85
CA ALA E 366 3.94 33.55 35.41
C ALA E 366 3.48 32.20 34.81
N GLY E 367 4.34 31.18 34.84
CA GLY E 367 4.08 29.81 34.43
C GLY E 367 4.13 29.58 32.91
N PRO E 368 3.90 28.35 32.42
CA PRO E 368 4.01 27.99 31.00
C PRO E 368 2.93 28.63 30.11
N SER E 369 1.82 29.04 30.71
CA SER E 369 0.67 29.71 30.12
C SER E 369 0.98 31.15 29.67
N ILE E 370 2.21 31.64 29.87
CA ILE E 370 2.79 32.87 29.31
C ILE E 370 2.68 32.94 27.77
N VAL E 371 2.66 31.77 27.11
CA VAL E 371 2.55 31.58 25.67
C VAL E 371 1.12 31.84 25.12
N HIS E 372 0.16 32.19 26.01
CA HIS E 372 -1.14 32.76 25.65
C HIS E 372 -1.15 34.30 25.85
N ARG E 373 -0.11 34.87 26.48
CA ARG E 373 -0.05 36.27 26.90
C ARG E 373 0.96 37.09 26.07
N LYS E 374 1.81 36.43 25.26
CA LYS E 374 2.91 37.02 24.52
C LYS E 374 2.71 36.75 23.03
N CYS E 375 3.27 35.65 22.50
CA CYS E 375 3.17 35.26 21.09
C CYS E 375 1.71 34.81 20.83
N PHE E 376 0.96 35.59 20.02
CA PHE E 376 -0.50 35.64 19.98
C PHE E 376 -1.17 34.29 19.68
N NH2 E 377 -0.54 33.46 18.85
HN1 NH2 E 377 -0.96 32.58 18.63
HN2 NH2 E 377 0.33 33.78 18.43
C ACE F 1 -28.26 -22.01 -21.27
O ACE F 1 -28.92 -20.92 -20.69
CH3 ACE F 1 -26.85 -21.59 -21.64
H1 ACE F 1 -26.29 -21.26 -20.77
H2 ACE F 1 -26.86 -20.79 -22.38
H3 ACE F 1 -26.28 -22.42 -22.07
N ASP F 2 -29.03 -22.29 -22.45
CA ASP F 2 -30.14 -23.21 -22.17
C ASP F 2 -29.66 -24.63 -22.51
N GLU F 3 -30.33 -25.65 -21.97
CA GLU F 3 -29.98 -27.05 -21.78
C GLU F 3 -29.18 -27.79 -22.89
N ASP F 4 -29.23 -27.33 -24.14
CA ASP F 4 -28.52 -27.92 -25.30
C ASP F 4 -27.10 -27.34 -25.50
N GLU F 5 -26.70 -26.27 -24.78
CA GLU F 5 -25.39 -25.61 -24.89
C GLU F 5 -24.26 -26.54 -24.40
N THR F 6 -23.05 -26.31 -24.90
CA THR F 6 -21.87 -27.13 -24.62
C THR F 6 -21.18 -26.63 -23.33
N THR F 7 -20.78 -27.58 -22.47
CA THR F 7 -20.23 -27.40 -21.13
C THR F 7 -18.98 -26.50 -21.13
N ALA F 8 -19.21 -25.21 -20.85
CA ALA F 8 -18.22 -24.13 -20.74
C ALA F 8 -16.98 -24.49 -19.91
N LEU F 9 -15.81 -24.00 -20.32
CA LEU F 9 -14.52 -24.24 -19.69
C LEU F 9 -14.31 -23.20 -18.59
N VAL F 10 -13.57 -23.57 -17.53
CA VAL F 10 -13.26 -22.70 -16.41
C VAL F 10 -11.77 -22.84 -16.09
N CYS F 11 -11.02 -21.74 -16.15
CA CYS F 11 -9.59 -21.66 -15.82
C CYS F 11 -9.43 -20.59 -14.73
N ASP F 12 -8.70 -20.92 -13.64
CA ASP F 12 -8.38 -20.04 -12.52
C ASP F 12 -6.87 -19.97 -12.33
N ASN F 13 -6.32 -18.78 -12.11
CA ASN F 13 -4.89 -18.56 -11.83
C ASN F 13 -4.70 -17.20 -11.15
N GLY F 14 -5.15 -17.05 -9.89
CA GLY F 14 -5.08 -15.76 -9.16
C GLY F 14 -3.89 -15.60 -8.21
N SER F 15 -3.20 -16.70 -7.91
CA SER F 15 -2.14 -16.79 -6.91
C SER F 15 -1.03 -17.78 -7.33
N GLY F 16 -0.79 -17.88 -8.65
CA GLY F 16 0.34 -18.59 -9.27
C GLY F 16 0.11 -20.08 -9.53
N LEU F 17 -0.96 -20.66 -8.98
CA LEU F 17 -1.38 -22.04 -9.15
C LEU F 17 -2.56 -22.05 -10.12
N VAL F 18 -2.35 -22.60 -11.32
CA VAL F 18 -3.35 -22.77 -12.38
C VAL F 18 -4.23 -23.95 -11.95
N LYS F 19 -5.55 -23.77 -12.03
CA LYS F 19 -6.59 -24.75 -11.77
C LYS F 19 -7.53 -24.63 -12.97
N ALA F 20 -7.80 -25.72 -13.67
CA ALA F 20 -8.63 -25.71 -14.87
C ALA F 20 -9.53 -26.94 -14.96
N GLY F 21 -10.68 -26.81 -15.61
CA GLY F 21 -11.64 -27.87 -15.80
C GLY F 21 -12.88 -27.33 -16.52
N PHE F 22 -14.01 -28.04 -16.40
CA PHE F 22 -15.28 -27.69 -17.01
C PHE F 22 -16.17 -26.96 -15.99
N ALA F 23 -17.34 -26.52 -16.46
CA ALA F 23 -18.45 -26.01 -15.69
C ALA F 23 -19.22 -27.14 -15.00
N GLY F 24 -19.75 -26.85 -13.80
CA GLY F 24 -20.53 -27.76 -12.96
C GLY F 24 -19.75 -28.98 -12.43
N ASP F 25 -18.43 -28.96 -12.55
CA ASP F 25 -17.51 -30.10 -12.50
C ASP F 25 -16.86 -30.14 -11.11
N ASP F 26 -17.00 -31.25 -10.38
CA ASP F 26 -16.75 -31.32 -8.93
C ASP F 26 -15.26 -31.40 -8.54
N ALA F 27 -14.36 -31.50 -9.52
CA ALA F 27 -12.91 -31.36 -9.35
C ALA F 27 -12.30 -30.83 -10.66
N PRO F 28 -11.17 -30.09 -10.63
CA PRO F 28 -10.40 -29.70 -11.81
C PRO F 28 -10.02 -30.88 -12.73
N ARG F 29 -9.75 -30.57 -14.00
CA ARG F 29 -9.21 -31.50 -15.01
C ARG F 29 -7.71 -31.24 -15.27
N ALA F 30 -7.12 -30.21 -14.63
CA ALA F 30 -5.69 -30.05 -14.45
C ALA F 30 -5.43 -29.02 -13.35
N VAL F 31 -4.32 -29.19 -12.63
CA VAL F 31 -3.77 -28.25 -11.66
C VAL F 31 -2.26 -28.25 -11.90
N PHE F 32 -1.64 -27.07 -12.11
CA PHE F 32 -0.20 -26.94 -12.26
C PHE F 32 0.31 -25.58 -11.77
N PRO F 33 1.55 -25.47 -11.22
CA PRO F 33 2.24 -24.17 -11.00
C PRO F 33 2.38 -23.41 -12.32
N SER F 34 2.11 -22.11 -12.36
CA SER F 34 2.06 -21.30 -13.59
C SER F 34 3.47 -20.99 -14.14
N ILE F 35 4.28 -22.02 -14.40
CA ILE F 35 5.65 -21.93 -14.91
C ILE F 35 5.67 -22.17 -16.43
N VAL F 36 6.39 -21.30 -17.15
CA VAL F 36 6.78 -21.47 -18.54
C VAL F 36 8.32 -21.57 -18.51
N GLY F 37 8.87 -22.72 -18.86
CA GLY F 37 10.31 -22.97 -18.91
C GLY F 37 10.86 -22.58 -20.28
N ARG F 38 11.82 -21.65 -20.30
CA ARG F 38 12.56 -21.22 -21.48
C ARG F 38 14.07 -21.48 -21.19
N PRO F 39 14.94 -21.78 -22.19
CA PRO F 39 16.40 -22.03 -22.00
C PRO F 39 17.20 -21.00 -21.17
N ARG F 40 18.23 -21.45 -20.43
CA ARG F 40 19.22 -20.63 -19.72
C ARG F 40 20.26 -20.07 -20.69
N HIS F 41 20.84 -20.91 -21.55
CA HIS F 41 21.84 -20.54 -22.54
C HIS F 41 21.80 -21.52 -23.71
N GLN F 42 22.15 -22.78 -23.46
CA GLN F 42 22.09 -23.86 -24.44
C GLN F 42 20.71 -24.55 -24.40
N GLY F 43 20.43 -25.37 -25.41
CA GLY F 43 19.16 -26.06 -25.59
C GLY F 43 19.03 -27.32 -24.74
N VAL F 44 17.81 -27.88 -24.70
CA VAL F 44 17.44 -29.07 -23.94
C VAL F 44 16.67 -30.00 -24.90
N MET F 45 17.35 -30.35 -25.98
CA MET F 45 16.98 -31.30 -27.02
C MET F 45 18.30 -31.83 -27.60
N VAL F 46 18.29 -33.06 -28.11
CA VAL F 46 19.33 -33.58 -28.99
C VAL F 46 18.82 -33.23 -30.39
N GLY F 47 19.42 -32.22 -31.02
CA GLY F 47 18.93 -31.61 -32.25
C GLY F 47 18.31 -30.25 -31.93
N MET F 48 17.26 -29.86 -32.66
CA MET F 48 16.60 -28.57 -32.52
C MET F 48 15.50 -28.64 -31.45
N GLY F 49 15.21 -27.50 -30.81
CA GLY F 49 14.06 -27.34 -29.93
C GLY F 49 12.78 -27.25 -30.76
N GLN F 50 11.85 -28.19 -30.55
CA GLN F 50 10.61 -28.33 -31.32
C GLN F 50 9.50 -27.37 -30.82
N LYS F 51 9.73 -26.62 -29.75
CA LYS F 51 8.88 -25.56 -29.21
C LYS F 51 9.73 -24.64 -28.32
N ASP F 52 9.23 -23.43 -28.02
CA ASP F 52 9.96 -22.40 -27.27
C ASP F 52 9.65 -22.48 -25.76
N SER F 53 8.67 -23.30 -25.36
CA SER F 53 8.08 -23.34 -24.03
C SER F 53 7.76 -24.79 -23.66
N TYR F 54 8.20 -25.21 -22.46
CA TYR F 54 7.65 -26.37 -21.75
C TYR F 54 6.87 -25.78 -20.56
N VAL F 55 5.65 -26.29 -20.30
CA VAL F 55 4.67 -25.78 -19.34
C VAL F 55 4.16 -26.95 -18.49
N GLY F 56 3.76 -26.67 -17.24
CA GLY F 56 3.12 -27.59 -16.30
C GLY F 56 3.90 -28.90 -16.09
N ASP F 57 3.23 -30.04 -16.33
CA ASP F 57 3.72 -31.41 -16.34
C ASP F 57 5.05 -31.57 -17.09
N GLU F 58 5.21 -30.85 -18.22
CA GLU F 58 6.40 -30.87 -19.05
C GLU F 58 7.53 -29.99 -18.50
N ALA F 59 7.22 -28.90 -17.78
CA ALA F 59 8.22 -27.92 -17.33
C ALA F 59 9.12 -28.48 -16.22
N GLN F 60 8.58 -29.39 -15.42
CA GLN F 60 9.27 -30.14 -14.37
C GLN F 60 9.97 -31.39 -14.94
N SER F 61 9.47 -31.93 -16.07
CA SER F 61 10.00 -33.11 -16.75
C SER F 61 11.30 -32.83 -17.52
N LYS F 62 11.66 -31.56 -17.73
CA LYS F 62 12.78 -31.12 -18.56
C LYS F 62 13.65 -30.18 -17.71
N ARG F 63 14.81 -30.69 -17.33
CA ARG F 63 15.56 -30.31 -16.14
C ARG F 63 16.63 -29.23 -16.43
N GLY F 64 17.10 -28.56 -15.38
CA GLY F 64 18.39 -27.87 -15.17
C GLY F 64 18.79 -26.72 -16.11
N ILE F 65 18.44 -26.84 -17.39
CA ILE F 65 18.83 -26.01 -18.52
C ILE F 65 17.70 -25.01 -18.84
N LEU F 66 16.48 -25.20 -18.31
CA LEU F 66 15.39 -24.23 -18.42
C LEU F 66 15.42 -23.30 -17.20
N THR F 67 15.06 -22.03 -17.41
CA THR F 67 14.75 -21.02 -16.42
C THR F 67 13.24 -20.77 -16.55
N LEU F 68 12.52 -20.93 -15.44
CA LEU F 68 11.07 -20.80 -15.34
C LEU F 68 10.72 -19.30 -15.23
N LYS F 69 9.79 -18.85 -16.07
CA LYS F 69 9.16 -17.54 -16.03
C LYS F 69 7.74 -17.80 -15.52
N TYR F 70 7.23 -16.91 -14.67
CA TYR F 70 5.91 -17.03 -14.04
C TYR F 70 5.06 -15.84 -14.54
N PRO F 71 4.23 -15.97 -15.61
CA PRO F 71 3.37 -14.90 -16.13
C PRO F 71 2.45 -14.14 -15.14
N ILE F 72 2.23 -14.64 -13.93
CA ILE F 72 1.60 -13.94 -12.82
C ILE F 72 2.51 -14.14 -11.59
N GLU F 73 3.41 -13.18 -11.36
CA GLU F 73 4.30 -13.15 -10.20
C GLU F 73 3.51 -12.59 -9.00
N HIS F 74 3.37 -11.26 -8.94
CA HIS F 74 3.05 -10.49 -7.74
C HIS F 74 1.52 -10.36 -7.54
N GLY F 75 0.76 -11.33 -8.05
CA GLY F 75 -0.70 -11.34 -8.17
C GLY F 75 -1.21 -10.52 -9.36
N ILE F 76 -0.33 -9.71 -9.96
CA ILE F 76 -0.52 -8.98 -11.19
C ILE F 76 0.14 -9.83 -12.30
N ILE F 77 -0.50 -9.87 -13.48
CA ILE F 77 -0.01 -10.60 -14.64
C ILE F 77 1.08 -9.71 -15.29
N THR F 78 2.29 -10.25 -15.45
CA THR F 78 3.53 -9.55 -15.76
C THR F 78 4.02 -9.92 -17.16
N ASN F 79 4.63 -11.11 -17.29
CA ASN F 79 5.21 -11.68 -18.52
C ASN F 79 4.09 -12.20 -19.44
N TRP F 80 3.16 -11.29 -19.76
CA TRP F 80 1.84 -11.43 -20.36
C TRP F 80 1.71 -12.48 -21.45
N ASP F 81 2.44 -12.33 -22.56
CA ASP F 81 2.26 -13.15 -23.76
C ASP F 81 2.96 -14.53 -23.62
N ASP F 82 3.56 -14.84 -22.46
CA ASP F 82 3.86 -16.20 -22.02
C ASP F 82 2.69 -16.78 -21.17
N MET F 83 1.71 -15.99 -20.69
CA MET F 83 0.44 -16.49 -20.12
C MET F 83 -0.43 -17.10 -21.23
N GLU F 84 -0.27 -16.63 -22.48
CA GLU F 84 -0.86 -17.25 -23.66
C GLU F 84 -0.36 -18.70 -23.81
N LYS F 85 0.92 -18.99 -23.48
CA LYS F 85 1.43 -20.36 -23.43
C LYS F 85 0.87 -21.17 -22.25
N ILE F 86 0.56 -20.55 -21.10
CA ILE F 86 -0.15 -21.17 -19.97
C ILE F 86 -1.56 -21.60 -20.42
N TRP F 87 -2.32 -20.69 -21.04
CA TRP F 87 -3.67 -20.96 -21.57
C TRP F 87 -3.63 -22.00 -22.70
N HIS F 88 -2.72 -21.85 -23.66
CA HIS F 88 -2.50 -22.77 -24.78
C HIS F 88 -2.18 -24.20 -24.33
N HIS F 89 -1.36 -24.36 -23.29
CA HIS F 89 -1.10 -25.65 -22.66
C HIS F 89 -2.38 -26.22 -22.00
N THR F 90 -3.03 -25.40 -21.15
CA THR F 90 -4.23 -25.75 -20.39
C THR F 90 -5.37 -26.25 -21.30
N PHE F 91 -5.59 -25.57 -22.43
CA PHE F 91 -6.58 -25.95 -23.43
C PHE F 91 -6.12 -27.19 -24.20
N TYR F 92 -5.01 -27.08 -24.93
CA TYR F 92 -4.73 -28.02 -26.01
C TYR F 92 -3.94 -29.25 -25.55
N ASN F 93 -3.42 -29.31 -24.31
CA ASN F 93 -2.72 -30.48 -23.77
C ASN F 93 -3.46 -31.11 -22.59
N GLU F 94 -4.20 -30.33 -21.80
CA GLU F 94 -4.82 -30.77 -20.56
C GLU F 94 -6.33 -30.96 -20.73
N LEU F 95 -7.08 -29.90 -21.09
CA LEU F 95 -8.52 -30.00 -21.33
C LEU F 95 -8.83 -30.80 -22.62
N ARG F 96 -7.96 -30.71 -23.64
CA ARG F 96 -7.93 -31.51 -24.87
C ARG F 96 -9.00 -31.12 -25.91
N VAL F 97 -9.67 -29.99 -25.68
CA VAL F 97 -10.69 -29.36 -26.50
C VAL F 97 -10.05 -28.28 -27.37
N ALA F 98 -10.81 -27.75 -28.34
CA ALA F 98 -10.50 -26.49 -29.01
C ALA F 98 -11.40 -25.41 -28.38
N PRO F 99 -10.86 -24.33 -27.78
CA PRO F 99 -11.66 -23.23 -27.18
C PRO F 99 -12.69 -22.58 -28.14
N GLU F 100 -12.48 -22.70 -29.45
CA GLU F 100 -13.43 -22.39 -30.53
C GLU F 100 -14.81 -23.08 -30.35
N GLU F 101 -14.81 -24.28 -29.77
CA GLU F 101 -16.00 -25.07 -29.50
C GLU F 101 -16.79 -24.52 -28.28
N HIS F 102 -16.14 -24.02 -27.22
CA HIS F 102 -16.76 -23.84 -25.89
C HIS F 102 -16.56 -22.44 -25.30
N PRO F 103 -17.59 -21.80 -24.70
CA PRO F 103 -17.42 -20.61 -23.83
C PRO F 103 -16.40 -20.83 -22.69
N THR F 104 -15.68 -19.78 -22.27
CA THR F 104 -14.61 -19.88 -21.26
C THR F 104 -14.76 -18.82 -20.16
N LEU F 105 -14.92 -19.25 -18.90
CA LEU F 105 -14.87 -18.38 -17.73
C LEU F 105 -13.40 -18.32 -17.25
N LEU F 106 -12.87 -17.10 -17.14
CA LEU F 106 -11.58 -16.82 -16.53
C LEU F 106 -11.85 -16.24 -15.13
N THR F 107 -10.89 -16.41 -14.21
CA THR F 107 -10.87 -15.66 -12.97
C THR F 107 -9.85 -14.52 -13.09
N GLU F 108 -9.96 -13.52 -12.20
CA GLU F 108 -9.06 -12.38 -12.05
C GLU F 108 -8.55 -12.35 -10.61
N ALA F 109 -7.30 -11.91 -10.42
CA ALA F 109 -6.70 -11.60 -9.13
C ALA F 109 -6.93 -10.11 -8.81
N PRO F 110 -7.09 -9.71 -7.54
CA PRO F 110 -7.43 -8.33 -7.17
C PRO F 110 -6.29 -7.32 -7.38
N LEU F 111 -6.63 -6.02 -7.31
CA LEU F 111 -5.78 -4.82 -7.40
C LEU F 111 -5.36 -4.45 -8.84
N ASN F 112 -5.23 -5.46 -9.72
CA ASN F 112 -4.73 -5.48 -11.11
C ASN F 112 -4.82 -4.21 -11.98
N PRO F 113 -3.82 -3.90 -12.83
CA PRO F 113 -3.87 -2.88 -13.90
C PRO F 113 -5.18 -2.93 -14.71
N LYS F 114 -5.85 -1.78 -14.82
CA LYS F 114 -7.22 -1.66 -15.30
C LYS F 114 -7.26 -1.60 -16.85
N ALA F 115 -6.59 -2.58 -17.47
CA ALA F 115 -6.68 -3.00 -18.86
C ALA F 115 -6.53 -4.53 -18.98
N ASN F 116 -6.70 -5.24 -17.84
CA ASN F 116 -6.56 -6.69 -17.69
C ASN F 116 -7.66 -7.42 -18.47
N ARG F 117 -8.91 -6.95 -18.34
CA ARG F 117 -10.09 -7.65 -18.85
C ARG F 117 -10.18 -7.52 -20.38
N GLU F 118 -9.64 -6.43 -20.93
CA GLU F 118 -9.47 -6.12 -22.33
C GLU F 118 -8.53 -7.13 -23.00
N LYS F 119 -7.30 -7.31 -22.46
CA LYS F 119 -6.33 -8.30 -22.93
C LYS F 119 -6.89 -9.73 -22.80
N MET F 120 -7.60 -10.04 -21.70
CA MET F 120 -8.31 -11.30 -21.48
C MET F 120 -9.40 -11.56 -22.55
N THR F 121 -10.24 -10.56 -22.84
CA THR F 121 -11.32 -10.66 -23.83
C THR F 121 -10.72 -10.85 -25.23
N GLN F 122 -9.71 -10.05 -25.58
CA GLN F 122 -8.99 -10.07 -26.84
C GLN F 122 -8.42 -11.47 -27.14
N ILE F 123 -7.48 -11.96 -26.32
CA ILE F 123 -6.71 -13.18 -26.60
C ILE F 123 -7.58 -14.44 -26.65
N MET F 124 -8.66 -14.48 -25.86
CA MET F 124 -9.67 -15.54 -25.88
C MET F 124 -10.36 -15.60 -27.26
N PHE F 125 -10.79 -14.44 -27.77
CA PHE F 125 -11.61 -14.32 -28.98
C PHE F 125 -10.75 -14.31 -30.25
N GLU F 126 -9.64 -13.57 -30.26
CA GLU F 126 -8.85 -13.28 -31.45
C GLU F 126 -7.63 -14.23 -31.60
N THR F 127 -7.41 -15.17 -30.67
CA THR F 127 -6.23 -16.05 -30.64
C THR F 127 -6.55 -17.48 -30.17
N PHE F 128 -7.61 -17.69 -29.38
CA PHE F 128 -8.11 -19.02 -29.03
C PHE F 128 -9.47 -19.31 -29.67
N ASN F 129 -10.10 -18.30 -30.29
CA ASN F 129 -11.30 -18.38 -31.15
C ASN F 129 -12.61 -18.49 -30.36
N VAL F 130 -12.57 -18.30 -29.04
CA VAL F 130 -13.67 -18.48 -28.09
C VAL F 130 -14.90 -17.63 -28.46
N PRO F 131 -16.13 -18.20 -28.50
CA PRO F 131 -17.33 -17.45 -28.87
C PRO F 131 -17.85 -16.51 -27.76
N ALA F 132 -17.68 -16.90 -26.48
CA ALA F 132 -18.23 -16.20 -25.33
C ALA F 132 -17.34 -16.40 -24.08
N MET F 133 -17.29 -15.42 -23.19
CA MET F 133 -16.44 -15.46 -21.99
C MET F 133 -17.09 -14.76 -20.78
N TYR F 134 -16.41 -14.81 -19.62
CA TYR F 134 -16.77 -14.10 -18.40
C TYR F 134 -15.52 -13.95 -17.51
N VAL F 135 -15.50 -12.91 -16.66
CA VAL F 135 -14.42 -12.61 -15.72
C VAL F 135 -15.05 -12.32 -14.35
N ALA F 136 -14.56 -12.98 -13.30
CA ALA F 136 -14.90 -12.75 -11.90
C ALA F 136 -13.63 -12.80 -11.06
N ILE F 137 -13.58 -12.09 -9.93
CA ILE F 137 -12.42 -12.11 -9.04
C ILE F 137 -12.47 -13.46 -8.27
N GLN F 138 -11.40 -14.26 -8.28
CA GLN F 138 -11.39 -15.59 -7.63
C GLN F 138 -11.69 -15.56 -6.12
N ALA F 139 -11.32 -14.47 -5.44
CA ALA F 139 -11.65 -14.17 -4.06
C ALA F 139 -13.17 -14.11 -3.81
N VAL F 140 -13.93 -13.53 -4.75
CA VAL F 140 -15.39 -13.41 -4.67
C VAL F 140 -16.04 -14.79 -4.89
N LEU F 141 -15.53 -15.58 -5.87
CA LEU F 141 -15.95 -16.95 -6.14
C LEU F 141 -15.67 -17.87 -4.93
N SER F 142 -14.50 -17.69 -4.31
CA SER F 142 -14.06 -18.37 -3.09
C SER F 142 -14.95 -18.00 -1.89
N LEU F 143 -15.28 -16.71 -1.70
CA LEU F 143 -16.11 -16.23 -0.59
C LEU F 143 -17.56 -16.71 -0.73
N TYR F 144 -18.12 -16.71 -1.96
CA TYR F 144 -19.43 -17.28 -2.25
C TYR F 144 -19.47 -18.81 -2.06
N ALA F 145 -18.39 -19.53 -2.43
CA ALA F 145 -18.23 -20.97 -2.20
C ALA F 145 -18.11 -21.29 -0.70
N SER F 146 -17.57 -20.37 0.10
CA SER F 146 -17.50 -20.43 1.55
C SER F 146 -18.83 -20.04 2.23
N GLY F 147 -19.86 -19.71 1.44
CA GLY F 147 -21.22 -19.39 1.89
C GLY F 147 -21.37 -17.96 2.42
N ARG F 148 -20.39 -17.08 2.14
CA ARG F 148 -20.40 -15.67 2.49
C ARG F 148 -20.68 -14.86 1.20
N THR F 149 -20.57 -13.53 1.29
CA THR F 149 -20.96 -12.58 0.25
C THR F 149 -20.30 -11.24 0.58
N THR F 150 -20.48 -10.80 1.83
CA THR F 150 -19.69 -9.81 2.53
C THR F 150 -18.79 -10.61 3.50
N GLY F 151 -17.55 -10.14 3.73
CA GLY F 151 -16.55 -10.77 4.58
C GLY F 151 -15.16 -10.43 4.07
N ILE F 152 -14.12 -11.10 4.59
CA ILE F 152 -12.75 -11.00 4.13
C ILE F 152 -12.21 -12.40 3.92
N VAL F 153 -11.88 -12.73 2.67
CA VAL F 153 -11.17 -13.93 2.30
C VAL F 153 -9.68 -13.54 2.23
N LEU F 154 -8.81 -14.41 2.75
CA LEU F 154 -7.37 -14.32 2.56
C LEU F 154 -6.98 -15.57 1.76
N ASP F 155 -6.43 -15.37 0.56
CA ASP F 155 -5.92 -16.42 -0.32
C ASP F 155 -4.41 -16.43 -0.09
N SER F 156 -3.84 -17.62 0.15
CA SER F 156 -2.43 -17.89 0.27
C SER F 156 -2.12 -19.14 -0.57
N GLY F 157 -2.34 -19.05 -1.89
CA GLY F 157 -2.03 -20.01 -2.95
C GLY F 157 -0.59 -20.52 -2.95
N ASP F 158 0.24 -20.02 -3.88
CA ASP F 158 1.67 -20.37 -3.96
C ASP F 158 2.55 -19.15 -4.28
N GLY F 159 2.11 -18.24 -5.16
CA GLY F 159 2.88 -17.07 -5.59
C GLY F 159 2.96 -15.96 -4.54
N VAL F 160 1.81 -15.38 -4.16
CA VAL F 160 1.66 -14.33 -3.18
C VAL F 160 0.39 -14.64 -2.36
N THR F 161 0.32 -14.07 -1.14
CA THR F 161 -0.86 -14.11 -0.31
C THR F 161 -1.60 -12.78 -0.50
N HIS F 162 -2.91 -12.83 -0.82
CA HIS F 162 -3.80 -11.69 -0.91
C HIS F 162 -4.65 -11.65 0.37
N ASN F 163 -4.98 -10.46 0.86
CA ASN F 163 -5.98 -10.20 1.92
C ASN F 163 -7.07 -9.36 1.26
N VAL F 164 -8.27 -9.92 1.04
CA VAL F 164 -9.30 -9.34 0.18
C VAL F 164 -10.60 -9.13 0.99
N PRO F 165 -10.90 -7.92 1.50
CA PRO F 165 -12.19 -7.58 2.09
C PRO F 165 -13.22 -7.32 0.98
N ILE F 166 -14.44 -7.83 1.18
CA ILE F 166 -15.52 -7.89 0.22
C ILE F 166 -16.83 -7.45 0.91
N TYR F 167 -17.66 -6.72 0.18
CA TYR F 167 -18.98 -6.24 0.54
C TYR F 167 -19.91 -6.60 -0.61
N GLU F 168 -20.74 -7.63 -0.43
CA GLU F 168 -21.74 -8.19 -1.35
C GLU F 168 -21.19 -8.46 -2.76
N GLY F 169 -20.02 -9.10 -2.80
CA GLY F 169 -19.32 -9.50 -4.01
C GLY F 169 -18.37 -8.43 -4.57
N TYR F 170 -18.47 -7.18 -4.12
CA TYR F 170 -17.55 -6.11 -4.49
C TYR F 170 -16.37 -6.16 -3.51
N ALA F 171 -15.16 -6.41 -4.03
CA ALA F 171 -13.91 -6.39 -3.25
C ALA F 171 -13.49 -4.92 -3.09
N LEU F 172 -13.30 -4.48 -1.84
CA LEU F 172 -13.09 -3.08 -1.46
C LEU F 172 -11.64 -2.66 -1.81
N PRO F 173 -11.39 -1.91 -2.91
CA PRO F 173 -10.06 -1.87 -3.56
C PRO F 173 -8.99 -1.08 -2.78
N HIS F 174 -9.43 -0.11 -1.96
CA HIS F 174 -8.58 0.66 -1.05
C HIS F 174 -8.03 -0.27 0.04
N ALA F 175 -8.89 -1.10 0.62
CA ALA F 175 -8.64 -1.95 1.77
C ALA F 175 -8.01 -3.31 1.41
N ILE F 176 -7.96 -3.74 0.14
CA ILE F 176 -7.21 -4.93 -0.27
C ILE F 176 -5.71 -4.70 0.00
N MET F 177 -5.06 -5.73 0.55
CA MET F 177 -3.65 -5.78 0.89
C MET F 177 -3.09 -7.10 0.34
N ARG F 178 -1.76 -7.16 0.21
CA ARG F 178 -1.01 -8.33 -0.22
C ARG F 178 0.05 -8.57 0.86
N LEU F 179 0.36 -9.84 1.11
CA LEU F 179 1.57 -10.27 1.76
C LEU F 179 2.36 -10.95 0.65
N ASP F 180 3.53 -10.41 0.32
CA ASP F 180 4.38 -10.78 -0.82
C ASP F 180 5.22 -12.02 -0.47
N LEU F 181 4.57 -13.03 0.11
CA LEU F 181 5.09 -14.30 0.60
C LEU F 181 3.94 -15.29 0.50
N ALA F 182 4.18 -16.47 -0.08
CA ALA F 182 3.27 -17.62 -0.04
C ALA F 182 4.08 -18.91 -0.20
N GLY F 183 3.45 -19.96 -0.75
CA GLY F 183 4.00 -21.31 -0.90
C GLY F 183 5.31 -21.40 -1.70
N ARG F 184 5.60 -20.46 -2.61
CA ARG F 184 6.81 -20.39 -3.41
C ARG F 184 8.03 -20.26 -2.47
N ASP F 185 8.02 -19.23 -1.63
CA ASP F 185 9.05 -18.90 -0.66
C ASP F 185 9.10 -19.86 0.53
N LEU F 186 8.00 -20.57 0.82
CA LEU F 186 8.02 -21.71 1.74
C LEU F 186 8.84 -22.88 1.17
N THR F 187 8.85 -23.10 -0.16
CA THR F 187 9.63 -24.17 -0.80
C THR F 187 11.13 -23.87 -0.64
N ASP F 188 11.55 -22.61 -0.83
CA ASP F 188 12.94 -22.18 -0.72
C ASP F 188 13.38 -22.10 0.74
N TYR F 189 12.51 -21.64 1.66
CA TYR F 189 12.80 -21.64 3.10
C TYR F 189 12.91 -23.08 3.63
N LEU F 190 12.03 -23.98 3.19
CA LEU F 190 12.07 -25.41 3.49
C LEU F 190 13.37 -26.05 2.99
N MET F 191 13.75 -25.80 1.72
CA MET F 191 15.01 -26.24 1.11
C MET F 191 16.23 -25.74 1.91
N LYS F 192 16.24 -24.46 2.30
CA LYS F 192 17.27 -23.84 3.15
C LYS F 192 17.43 -24.59 4.48
N ILE F 193 16.34 -24.79 5.25
CA ILE F 193 16.43 -25.50 6.53
C ILE F 193 16.68 -27.01 6.36
N LEU F 194 16.25 -27.64 5.25
CA LEU F 194 16.56 -29.03 4.90
C LEU F 194 18.06 -29.22 4.59
N THR F 195 18.68 -28.24 3.93
CA THR F 195 20.12 -28.24 3.63
C THR F 195 20.93 -28.04 4.93
N GLU F 196 20.39 -27.29 5.91
CA GLU F 196 20.95 -27.13 7.25
C GLU F 196 20.66 -28.35 8.16
N ARG F 197 19.67 -29.20 7.84
CA ARG F 197 19.49 -30.56 8.42
C ARG F 197 20.41 -31.58 7.70
N GLY F 198 21.01 -31.23 6.57
CA GLY F 198 21.97 -32.04 5.81
C GLY F 198 21.37 -32.73 4.56
N TYR F 199 20.06 -32.56 4.29
CA TYR F 199 19.39 -33.13 3.14
C TYR F 199 19.63 -32.24 1.92
N SER F 200 20.73 -32.47 1.22
CA SER F 200 21.12 -31.72 0.02
C SER F 200 20.67 -32.51 -1.24
N PHE F 201 19.36 -32.64 -1.45
CA PHE F 201 18.75 -33.13 -2.69
C PHE F 201 18.54 -31.88 -3.56
N VAL F 202 19.04 -31.87 -4.81
CA VAL F 202 19.41 -30.62 -5.47
C VAL F 202 19.25 -30.61 -7.01
N THR F 203 18.83 -31.70 -7.66
CA THR F 203 18.46 -31.68 -9.08
C THR F 203 17.03 -31.09 -9.24
N THR F 204 16.63 -30.79 -10.48
CA THR F 204 15.31 -30.25 -10.79
C THR F 204 14.21 -31.28 -10.48
N ALA F 205 14.49 -32.59 -10.65
CA ALA F 205 13.55 -33.68 -10.37
C ALA F 205 13.21 -33.74 -8.87
N GLU F 206 14.25 -33.60 -8.03
CA GLU F 206 14.17 -33.61 -6.57
C GLU F 206 13.50 -32.35 -5.99
N ARG F 207 13.21 -31.31 -6.80
CA ARG F 207 12.48 -30.13 -6.38
C ARG F 207 11.07 -30.48 -5.86
N GLU F 208 10.41 -31.48 -6.47
CA GLU F 208 9.08 -31.92 -6.04
C GLU F 208 9.13 -32.79 -4.78
N ILE F 209 10.31 -33.26 -4.31
CA ILE F 209 10.45 -33.87 -2.98
C ILE F 209 10.26 -32.77 -1.91
N VAL F 210 10.82 -31.58 -2.14
CA VAL F 210 10.65 -30.40 -1.30
C VAL F 210 9.17 -29.96 -1.30
N ARG F 211 8.49 -30.04 -2.46
CA ARG F 211 7.06 -29.78 -2.59
C ARG F 211 6.21 -30.81 -1.83
N ASP F 212 6.52 -32.12 -1.95
CA ASP F 212 5.85 -33.19 -1.20
C ASP F 212 5.96 -32.99 0.31
N ILE F 213 7.17 -32.68 0.81
CA ILE F 213 7.42 -32.29 2.19
C ILE F 213 6.60 -31.04 2.59
N LYS F 214 6.56 -30.01 1.73
CA LYS F 214 5.86 -28.74 1.93
C LYS F 214 4.34 -28.94 2.01
N GLU F 215 3.76 -29.72 1.09
CA GLU F 215 2.32 -29.93 0.99
C GLU F 215 1.83 -30.84 2.13
N LYS F 216 2.51 -31.98 2.33
CA LYS F 216 1.92 -33.15 2.97
C LYS F 216 2.43 -33.38 4.41
N LEU F 217 3.66 -32.97 4.74
CA LEU F 217 4.28 -33.31 6.03
C LEU F 217 4.30 -32.13 7.01
N CYS F 218 3.97 -30.93 6.53
CA CYS F 218 4.03 -29.67 7.27
C CYS F 218 2.69 -29.31 7.93
N TYR F 219 2.73 -28.50 8.99
CA TYR F 219 1.58 -28.05 9.79
C TYR F 219 1.98 -26.81 10.59
N VAL F 220 1.04 -25.97 11.01
CA VAL F 220 1.31 -24.82 11.88
C VAL F 220 1.16 -25.30 13.34
N ALA F 221 1.97 -24.71 14.24
CA ALA F 221 2.01 -25.01 15.65
C ALA F 221 0.93 -24.19 16.38
N LEU F 222 0.25 -24.80 17.36
CA LEU F 222 -0.82 -24.18 18.15
C LEU F 222 -0.24 -23.25 19.24
N ASP F 223 0.92 -23.64 19.77
CA ASP F 223 1.98 -22.84 20.38
C ASP F 223 3.25 -23.39 19.73
N PHE F 224 4.30 -22.57 19.63
CA PHE F 224 5.59 -22.99 19.09
C PHE F 224 6.35 -23.85 20.10
N GLU F 225 6.40 -23.44 21.38
CA GLU F 225 7.23 -24.07 22.41
C GLU F 225 6.75 -25.50 22.71
N ASN F 226 5.43 -25.74 22.68
CA ASN F 226 4.76 -27.05 22.67
C ASN F 226 5.42 -28.04 21.68
N GLU F 227 5.39 -27.70 20.38
CA GLU F 227 5.89 -28.55 19.30
C GLU F 227 7.42 -28.60 19.32
N MET F 228 8.07 -27.46 19.60
CA MET F 228 9.52 -27.32 19.68
C MET F 228 10.13 -28.21 20.76
N ALA F 229 9.64 -28.11 22.01
CA ALA F 229 10.12 -28.86 23.17
C ALA F 229 9.79 -30.36 23.04
N THR F 230 8.61 -30.71 22.52
CA THR F 230 8.20 -32.10 22.31
C THR F 230 9.07 -32.77 21.21
N ALA F 231 9.43 -32.05 20.14
CA ALA F 231 10.28 -32.57 19.08
C ALA F 231 11.76 -32.61 19.52
N ALA F 232 12.21 -31.60 20.28
CA ALA F 232 13.58 -31.48 20.78
C ALA F 232 13.90 -32.40 21.97
N SER F 233 12.93 -33.18 22.48
CA SER F 233 13.13 -34.14 23.56
C SER F 233 12.51 -35.52 23.27
N SER F 234 11.82 -35.70 22.13
CA SER F 234 11.21 -36.96 21.76
C SER F 234 11.09 -37.05 20.24
N SER F 235 11.48 -38.18 19.64
CA SER F 235 11.31 -38.51 18.23
C SER F 235 9.83 -38.82 17.86
N SER F 236 8.87 -38.38 18.67
CA SER F 236 7.43 -38.46 18.46
C SER F 236 7.03 -37.58 17.25
N LEU F 237 7.59 -36.37 17.13
CA LEU F 237 7.27 -35.43 16.05
C LEU F 237 8.24 -35.52 14.86
N GLU F 238 9.31 -36.34 14.95
CA GLU F 238 10.12 -36.81 13.81
C GLU F 238 9.24 -37.83 13.06
N LYS F 239 8.99 -37.63 11.77
CA LYS F 239 8.08 -38.46 10.98
C LYS F 239 8.60 -38.71 9.57
N SER F 240 8.42 -39.95 9.12
CA SER F 240 8.99 -40.58 7.94
C SER F 240 8.12 -40.35 6.68
N TYR F 241 8.75 -40.35 5.50
CA TYR F 241 8.12 -40.31 4.18
C TYR F 241 9.05 -41.01 3.17
N GLU F 242 8.49 -41.78 2.25
CA GLU F 242 9.20 -42.59 1.27
C GLU F 242 9.28 -41.83 -0.08
N LEU F 243 10.45 -41.83 -0.72
CA LEU F 243 10.70 -41.18 -2.00
C LEU F 243 10.48 -42.21 -3.13
N PRO F 244 10.04 -41.79 -4.35
CA PRO F 244 9.65 -42.65 -5.48
C PRO F 244 10.52 -43.88 -5.84
N ASP F 245 11.83 -43.85 -5.58
CA ASP F 245 12.79 -44.89 -5.93
C ASP F 245 13.11 -45.82 -4.74
N GLY F 246 12.46 -45.61 -3.59
CA GLY F 246 12.59 -46.48 -2.42
C GLY F 246 13.60 -45.98 -1.38
N GLN F 247 14.15 -44.76 -1.52
CA GLN F 247 14.79 -44.05 -0.42
C GLN F 247 13.68 -43.55 0.54
N VAL F 248 14.00 -43.41 1.83
CA VAL F 248 13.10 -42.92 2.86
C VAL F 248 13.81 -41.75 3.57
N ILE F 249 13.05 -40.70 3.88
CA ILE F 249 13.48 -39.55 4.67
C ILE F 249 12.68 -39.55 5.99
N THR F 250 13.14 -38.79 6.98
CA THR F 250 12.44 -38.45 8.21
C THR F 250 12.66 -36.95 8.50
N ILE F 251 11.60 -36.24 8.88
CA ILE F 251 11.58 -34.80 9.08
C ILE F 251 10.82 -34.48 10.38
N GLY F 252 11.26 -33.43 11.08
CA GLY F 252 10.94 -33.17 12.48
C GLY F 252 10.49 -31.73 12.67
N ASN F 253 11.28 -30.94 13.42
CA ASN F 253 11.04 -29.53 13.76
C ASN F 253 10.74 -28.66 12.52
N GLU F 254 11.44 -28.93 11.42
CA GLU F 254 11.28 -28.43 10.05
C GLU F 254 9.81 -28.37 9.56
N ARG F 255 8.99 -29.33 9.97
CA ARG F 255 7.58 -29.49 9.61
C ARG F 255 6.69 -28.33 10.10
N PHE F 256 7.07 -27.68 11.21
CA PHE F 256 6.37 -26.50 11.73
C PHE F 256 7.27 -25.26 11.64
N ARG F 257 8.60 -25.42 11.78
CA ARG F 257 9.59 -24.36 11.58
C ARG F 257 9.52 -23.69 10.19
N CYS F 258 9.12 -24.42 9.15
CA CYS F 258 8.76 -23.83 7.85
C CYS F 258 7.46 -22.99 7.94
N PRO F 259 6.23 -23.56 8.10
CA PRO F 259 4.97 -22.80 8.27
C PRO F 259 4.93 -21.55 9.17
N GLU F 260 5.67 -21.52 10.30
CA GLU F 260 5.76 -20.39 11.24
C GLU F 260 6.17 -19.04 10.60
N THR F 261 6.81 -19.07 9.43
CA THR F 261 7.26 -17.90 8.69
C THR F 261 6.15 -16.92 8.26
N LEU F 262 4.90 -17.39 8.10
CA LEU F 262 3.77 -16.60 7.63
C LEU F 262 3.27 -15.59 8.69
N PHE F 263 3.64 -15.77 9.96
CA PHE F 263 3.25 -14.93 11.09
C PHE F 263 4.29 -13.83 11.36
N GLN F 264 5.52 -13.94 10.83
CA GLN F 264 6.46 -12.81 10.84
C GLN F 264 7.48 -12.96 9.69
N PRO F 265 7.23 -12.39 8.49
CA PRO F 265 8.11 -12.41 7.31
C PRO F 265 9.60 -12.03 7.53
N SER F 266 9.96 -11.39 8.64
CA SER F 266 11.36 -11.14 9.04
C SER F 266 12.11 -12.48 9.32
N PHE F 267 11.37 -13.58 9.57
CA PHE F 267 11.89 -14.95 9.61
C PHE F 267 12.29 -15.50 8.23
N ILE F 268 11.76 -14.98 7.12
CA ILE F 268 12.22 -15.28 5.75
C ILE F 268 13.42 -14.36 5.42
N GLY F 269 13.39 -13.12 5.92
CA GLY F 269 14.42 -12.10 5.69
C GLY F 269 13.92 -11.06 4.68
N MET F 270 12.76 -10.49 4.97
CA MET F 270 12.04 -9.46 4.24
C MET F 270 11.26 -8.62 5.27
N GLU F 271 10.97 -7.37 4.97
CA GLU F 271 10.15 -6.51 5.83
C GLU F 271 8.70 -6.64 5.36
N SER F 272 7.87 -7.31 6.16
CA SER F 272 6.43 -7.34 6.06
C SER F 272 5.88 -7.68 7.46
N ALA F 273 4.58 -7.51 7.62
CA ALA F 273 3.76 -7.97 8.73
C ALA F 273 3.19 -9.34 8.34
N GLY F 274 2.76 -10.16 9.31
CA GLY F 274 2.22 -11.50 9.13
C GLY F 274 0.75 -11.55 8.69
N ILE F 275 0.28 -12.72 8.25
CA ILE F 275 -1.09 -12.98 7.73
C ILE F 275 -2.26 -12.42 8.55
N HIS F 276 -2.16 -12.44 9.88
CA HIS F 276 -3.12 -11.88 10.83
C HIS F 276 -3.03 -10.35 10.85
N GLU F 277 -1.81 -9.80 10.87
CA GLU F 277 -1.53 -8.38 10.85
C GLU F 277 -2.01 -7.73 9.54
N THR F 278 -1.78 -8.36 8.39
CA THR F 278 -2.19 -7.83 7.09
C THR F 278 -3.72 -7.92 6.91
N THR F 279 -4.37 -8.97 7.46
CA THR F 279 -5.83 -9.08 7.52
C THR F 279 -6.41 -8.00 8.45
N TYR F 280 -5.86 -7.84 9.66
CA TYR F 280 -6.24 -6.83 10.65
C TYR F 280 -6.13 -5.40 10.09
N ASN F 281 -4.99 -5.06 9.47
CA ASN F 281 -4.73 -3.77 8.83
C ASN F 281 -5.67 -3.48 7.63
N SER F 282 -6.04 -4.52 6.88
CA SER F 282 -6.98 -4.48 5.77
C SER F 282 -8.39 -4.10 6.25
N ILE F 283 -8.86 -4.71 7.35
CA ILE F 283 -10.14 -4.39 8.00
C ILE F 283 -10.07 -3.00 8.67
N MET F 284 -8.94 -2.63 9.29
CA MET F 284 -8.78 -1.39 10.05
C MET F 284 -8.81 -0.09 9.19
N LYS F 285 -8.66 -0.17 7.86
CA LYS F 285 -8.90 0.96 6.95
C LYS F 285 -10.33 0.88 6.33
N CYS F 286 -11.26 0.08 6.89
CA CYS F 286 -12.70 0.06 6.54
C CYS F 286 -13.51 0.73 7.68
N ASP F 287 -14.77 1.09 7.39
CA ASP F 287 -15.76 1.71 8.27
C ASP F 287 -16.51 0.63 9.10
N ILE F 288 -17.18 1.08 10.17
CA ILE F 288 -17.17 0.39 11.46
C ILE F 288 -18.15 -0.80 11.58
N ASP F 289 -19.34 -0.74 10.97
CA ASP F 289 -20.33 -1.84 10.95
C ASP F 289 -19.86 -2.94 9.98
N ILE F 290 -19.28 -2.54 8.85
CA ILE F 290 -18.55 -3.38 7.90
C ILE F 290 -17.38 -4.07 8.62
N ARG F 291 -16.56 -3.36 9.41
CA ARG F 291 -15.55 -3.95 10.30
C ARG F 291 -16.12 -5.06 11.22
N LYS F 292 -17.27 -4.84 11.84
CA LYS F 292 -18.01 -5.82 12.66
C LYS F 292 -18.20 -7.20 11.97
N ASP F 293 -18.89 -7.25 10.82
CA ASP F 293 -19.14 -8.53 10.11
C ASP F 293 -17.98 -8.92 9.18
N LEU F 294 -17.00 -8.03 8.89
CA LEU F 294 -15.70 -8.41 8.30
C LEU F 294 -14.90 -9.24 9.32
N TYR F 295 -14.78 -8.76 10.57
CA TYR F 295 -14.17 -9.48 11.69
C TYR F 295 -14.85 -10.84 11.95
N ALA F 296 -16.18 -10.92 11.83
CA ALA F 296 -16.94 -12.16 11.99
C ALA F 296 -16.86 -13.10 10.77
N ASN F 297 -16.18 -12.70 9.69
CA ASN F 297 -16.10 -13.44 8.43
C ASN F 297 -14.69 -13.32 7.84
N ASN F 298 -13.66 -13.69 8.62
CA ASN F 298 -12.28 -13.86 8.17
C ASN F 298 -12.16 -15.30 7.64
N VAL F 299 -12.22 -15.48 6.32
CA VAL F 299 -12.35 -16.77 5.64
C VAL F 299 -10.97 -17.18 5.08
N MET F 300 -10.50 -18.35 5.49
CA MET F 300 -9.25 -18.94 5.01
C MET F 300 -9.42 -19.55 3.60
N SER F 301 -8.51 -19.23 2.68
CA SER F 301 -8.48 -19.71 1.29
C SER F 301 -7.03 -19.92 0.81
N GLY F 302 -6.88 -20.34 -0.45
CA GLY F 302 -5.60 -20.64 -1.08
C GLY F 302 -5.01 -21.98 -0.62
N GLY F 303 -3.71 -22.17 -0.80
CA GLY F 303 -3.02 -23.44 -0.67
C GLY F 303 -2.63 -23.78 0.77
N THR F 304 -1.98 -22.84 1.46
CA THR F 304 -1.37 -23.04 2.77
C THR F 304 -2.42 -23.22 3.89
N THR F 305 -3.58 -22.58 3.79
CA THR F 305 -4.60 -22.54 4.84
C THR F 305 -5.39 -23.86 4.95
N MET F 306 -5.06 -24.86 4.11
CA MET F 306 -5.52 -26.24 4.20
C MET F 306 -4.64 -27.05 5.18
N TYR F 307 -3.56 -26.48 5.74
CA TYR F 307 -2.76 -27.10 6.81
C TYR F 307 -3.58 -27.31 8.10
N PRO F 308 -3.21 -28.29 8.95
CA PRO F 308 -3.59 -28.31 10.37
C PRO F 308 -2.98 -27.10 11.11
N GLY F 309 -3.70 -26.57 12.11
CA GLY F 309 -3.22 -25.61 13.08
C GLY F 309 -3.26 -24.14 12.64
N ILE F 310 -3.40 -23.85 11.35
CA ILE F 310 -3.21 -22.52 10.78
C ILE F 310 -4.38 -21.57 11.06
N ALA F 311 -5.62 -22.07 11.11
CA ALA F 311 -6.82 -21.25 11.39
C ALA F 311 -6.96 -21.02 12.90
N ASP F 312 -6.58 -22.07 13.64
CA ASP F 312 -6.52 -22.24 15.08
C ASP F 312 -5.53 -21.22 15.66
N ARG F 313 -4.32 -21.18 15.08
CA ARG F 313 -3.26 -20.24 15.36
C ARG F 313 -3.63 -18.82 14.89
N MET F 314 -4.23 -18.63 13.71
CA MET F 314 -4.71 -17.31 13.22
C MET F 314 -5.69 -16.68 14.21
N GLN F 315 -6.61 -17.48 14.75
CA GLN F 315 -7.61 -17.05 15.74
C GLN F 315 -6.97 -16.70 17.10
N LYS F 316 -5.76 -17.20 17.40
CA LYS F 316 -4.96 -16.77 18.56
C LYS F 316 -4.18 -15.50 18.20
N GLU F 317 -3.38 -15.54 17.13
CA GLU F 317 -2.52 -14.45 16.63
C GLU F 317 -3.29 -13.12 16.46
N ILE F 318 -4.48 -13.15 15.85
CA ILE F 318 -5.29 -11.95 15.63
C ILE F 318 -5.90 -11.40 16.96
N THR F 319 -6.05 -12.22 18.01
CA THR F 319 -6.57 -11.79 19.31
C THR F 319 -5.42 -11.40 20.28
N ALA F 320 -4.18 -11.33 19.78
CA ALA F 320 -3.11 -10.56 20.39
C ALA F 320 -3.09 -9.12 19.85
N LEU F 321 -3.77 -8.86 18.71
CA LEU F 321 -3.89 -7.54 18.10
C LEU F 321 -5.25 -6.91 18.45
N ALA F 322 -6.31 -7.72 18.45
CA ALA F 322 -7.69 -7.31 18.63
C ALA F 322 -8.05 -7.33 20.13
N PRO F 323 -8.69 -6.26 20.67
CA PRO F 323 -9.31 -6.23 22.00
C PRO F 323 -10.26 -7.42 22.28
N SER F 324 -10.40 -7.82 23.55
CA SER F 324 -11.32 -8.88 23.98
C SER F 324 -12.81 -8.60 23.66
N THR F 325 -13.16 -7.34 23.40
CA THR F 325 -14.46 -6.84 22.98
C THR F 325 -14.70 -6.99 21.46
N MET F 326 -13.66 -7.30 20.66
CA MET F 326 -13.72 -7.35 19.19
C MET F 326 -14.33 -8.69 18.72
N LYS F 327 -15.30 -8.61 17.79
CA LYS F 327 -16.30 -9.65 17.54
C LYS F 327 -15.80 -10.82 16.63
N ILE F 328 -14.47 -10.99 16.48
CA ILE F 328 -13.77 -11.86 15.52
C ILE F 328 -14.26 -13.31 15.44
N LYS F 329 -14.33 -13.87 14.23
CA LYS F 329 -14.40 -15.29 13.91
C LYS F 329 -13.45 -15.53 12.72
N ILE F 330 -12.42 -16.37 12.89
CA ILE F 330 -11.71 -16.99 11.77
C ILE F 330 -12.54 -18.21 11.34
N ILE F 331 -12.97 -18.20 10.07
CA ILE F 331 -13.75 -19.23 9.40
C ILE F 331 -12.77 -20.02 8.52
N ALA F 332 -12.89 -21.34 8.51
CA ALA F 332 -12.01 -22.25 7.77
C ALA F 332 -12.85 -23.35 7.11
N PRO F 333 -13.39 -23.13 5.89
CA PRO F 333 -14.41 -24.02 5.28
C PRO F 333 -13.89 -25.40 4.84
N PRO F 334 -14.79 -26.38 4.57
CA PRO F 334 -14.49 -27.76 4.10
C PRO F 334 -13.61 -27.92 2.84
N GLU F 335 -13.55 -26.91 1.96
CA GLU F 335 -12.68 -26.84 0.78
C GLU F 335 -12.18 -25.40 0.71
N ARG F 336 -10.92 -25.20 0.31
CA ARG F 336 -10.16 -23.97 0.48
C ARG F 336 -9.29 -23.76 -0.76
N LYS F 337 -8.45 -24.75 -1.07
CA LYS F 337 -7.50 -24.76 -2.19
C LYS F 337 -8.19 -24.60 -3.56
N TYR F 338 -9.38 -25.20 -3.70
CA TYR F 338 -10.13 -25.20 -4.96
C TYR F 338 -11.43 -24.40 -4.87
N SER F 339 -11.69 -23.71 -3.76
CA SER F 339 -12.85 -22.83 -3.53
C SER F 339 -13.00 -21.73 -4.62
N VAL F 340 -11.84 -21.19 -5.03
CA VAL F 340 -11.61 -20.21 -6.08
C VAL F 340 -12.11 -20.70 -7.45
N TRP F 341 -11.81 -21.95 -7.81
CA TRP F 341 -12.10 -22.52 -9.11
C TRP F 341 -13.50 -23.15 -9.10
N ILE F 342 -13.89 -23.90 -8.05
CA ILE F 342 -15.18 -24.58 -7.96
C ILE F 342 -16.34 -23.56 -7.89
N GLY F 343 -16.08 -22.36 -7.33
CA GLY F 343 -16.99 -21.23 -7.37
C GLY F 343 -17.22 -20.73 -8.80
N GLY F 344 -16.16 -20.69 -9.61
CA GLY F 344 -16.22 -20.42 -11.05
C GLY F 344 -16.91 -21.54 -11.84
N SER F 345 -16.60 -22.81 -11.53
CA SER F 345 -17.18 -24.00 -12.15
C SER F 345 -18.70 -24.03 -11.98
N ILE F 346 -19.21 -23.82 -10.76
CA ILE F 346 -20.63 -23.85 -10.47
C ILE F 346 -21.32 -22.61 -11.09
N LEU F 347 -20.70 -21.41 -11.05
CA LEU F 347 -21.23 -20.19 -11.65
C LEU F 347 -21.37 -20.32 -13.19
N ALA F 348 -20.41 -21.00 -13.82
CA ALA F 348 -20.42 -21.36 -15.24
C ALA F 348 -21.42 -22.46 -15.59
N SER F 349 -22.22 -22.94 -14.63
CA SER F 349 -23.33 -23.87 -14.81
C SER F 349 -24.66 -23.25 -14.32
N LEU F 350 -24.70 -21.93 -14.12
CA LEU F 350 -25.92 -21.15 -13.92
C LEU F 350 -26.11 -20.35 -15.20
N SER F 351 -27.23 -20.62 -15.88
CA SER F 351 -27.67 -20.15 -17.19
C SER F 351 -28.16 -18.69 -17.18
N THR F 352 -28.55 -18.19 -16.01
CA THR F 352 -29.19 -16.91 -15.73
C THR F 352 -28.45 -15.60 -16.14
N PHE F 353 -27.31 -15.68 -16.85
CA PHE F 353 -26.68 -14.55 -17.52
C PHE F 353 -27.14 -14.44 -19.00
N GLN F 354 -27.99 -15.38 -19.47
CA GLN F 354 -28.60 -15.49 -20.80
C GLN F 354 -29.37 -14.24 -21.28
N GLN F 355 -29.72 -13.33 -20.37
CA GLN F 355 -30.33 -12.04 -20.65
C GLN F 355 -29.28 -10.96 -20.99
N MET F 356 -27.99 -11.31 -21.05
CA MET F 356 -26.89 -10.44 -21.44
C MET F 356 -25.90 -11.14 -22.38
N TRP F 357 -25.19 -12.16 -21.89
CA TRP F 357 -24.01 -12.80 -22.50
C TRP F 357 -22.77 -11.87 -22.50
N ILE F 358 -21.61 -12.34 -22.93
CA ILE F 358 -20.51 -11.54 -23.49
C ILE F 358 -20.17 -12.35 -24.75
N THR F 359 -20.24 -11.74 -25.94
CA THR F 359 -20.08 -12.43 -27.22
C THR F 359 -18.96 -11.78 -28.03
N LYS F 360 -18.33 -12.56 -28.92
CA LYS F 360 -17.44 -12.10 -30.00
C LYS F 360 -18.16 -11.06 -30.90
N GLN F 361 -19.44 -11.29 -31.22
CA GLN F 361 -20.25 -10.44 -32.09
C GLN F 361 -20.40 -9.01 -31.54
N GLU F 362 -20.42 -8.83 -30.22
CA GLU F 362 -20.44 -7.53 -29.57
C GLU F 362 -19.03 -7.02 -29.20
N TYR F 363 -17.98 -7.85 -29.26
CA TYR F 363 -16.59 -7.38 -29.36
C TYR F 363 -16.41 -6.72 -30.74
N ASP F 364 -17.02 -7.28 -31.78
CA ASP F 364 -17.03 -6.72 -33.13
C ASP F 364 -17.92 -5.45 -33.24
N GLU F 365 -18.61 -5.04 -32.15
CA GLU F 365 -19.07 -3.67 -31.91
C GLU F 365 -17.98 -2.91 -31.11
N ALA F 366 -17.76 -3.29 -29.84
CA ALA F 366 -17.20 -2.45 -28.79
C ALA F 366 -15.70 -2.68 -28.53
N GLY F 367 -15.06 -3.54 -29.32
CA GLY F 367 -13.69 -4.01 -29.14
C GLY F 367 -13.50 -4.76 -27.81
N PRO F 368 -12.26 -4.83 -27.28
CA PRO F 368 -11.93 -5.43 -25.97
C PRO F 368 -12.78 -4.99 -24.76
N SER F 369 -13.47 -3.84 -24.80
CA SER F 369 -14.20 -3.25 -23.69
C SER F 369 -15.57 -3.91 -23.42
N ILE F 370 -16.04 -4.81 -24.31
CA ILE F 370 -17.35 -5.46 -24.30
C ILE F 370 -17.79 -6.01 -22.93
N VAL F 371 -16.87 -6.67 -22.23
CA VAL F 371 -16.97 -7.24 -20.88
C VAL F 371 -17.70 -6.33 -19.87
N HIS F 372 -17.47 -5.02 -19.96
CA HIS F 372 -18.00 -4.02 -19.03
C HIS F 372 -19.45 -3.64 -19.36
N ARG F 373 -19.92 -3.79 -20.61
CA ARG F 373 -21.28 -3.41 -21.01
C ARG F 373 -22.34 -4.35 -20.40
N LYS F 374 -21.91 -5.57 -20.07
CA LYS F 374 -22.78 -6.71 -19.85
C LYS F 374 -22.82 -7.12 -18.36
N CYS F 375 -22.00 -6.49 -17.51
CA CYS F 375 -21.86 -6.86 -16.10
C CYS F 375 -23.05 -6.31 -15.30
N PHE F 376 -23.87 -7.18 -14.69
CA PHE F 376 -25.03 -6.85 -13.85
C PHE F 376 -24.59 -6.33 -12.46
N NH2 F 377 -23.76 -5.29 -12.43
HN1 NH2 F 377 -23.48 -4.90 -11.55
HN2 NH2 F 377 -23.49 -4.89 -13.33
C ACE G 1 53.10 -12.49 38.65
O ACE G 1 54.17 -13.32 38.28
CH3 ACE G 1 53.42 -11.87 40.01
H1 ACE G 1 54.32 -11.26 39.95
H2 ACE G 1 53.58 -12.64 40.77
H3 ACE G 1 52.61 -11.23 40.35
N ASP G 2 51.98 -13.40 38.77
CA ASP G 2 50.81 -13.06 37.92
C ASP G 2 51.12 -13.02 36.41
N GLU G 3 51.21 -14.20 35.79
CA GLU G 3 51.41 -14.43 34.36
C GLU G 3 50.06 -14.32 33.60
N ASP G 4 50.09 -14.02 32.30
CA ASP G 4 48.92 -13.93 31.39
C ASP G 4 48.59 -15.35 30.86
N GLU G 5 47.48 -15.48 30.12
CA GLU G 5 46.86 -16.75 29.69
C GLU G 5 47.75 -17.55 28.70
N THR G 6 47.36 -18.82 28.55
CA THR G 6 48.03 -19.90 27.84
C THR G 6 48.05 -19.61 26.32
N THR G 7 49.12 -20.04 25.64
CA THR G 7 49.34 -19.95 24.20
C THR G 7 48.39 -20.92 23.46
N ALA G 8 47.11 -20.55 23.42
CA ALA G 8 45.94 -21.31 22.97
C ALA G 8 46.10 -21.95 21.58
N LEU G 9 45.40 -23.07 21.38
CA LEU G 9 45.36 -23.79 20.12
C LEU G 9 44.39 -23.06 19.17
N VAL G 10 44.83 -22.82 17.94
CA VAL G 10 44.02 -22.18 16.91
C VAL G 10 43.65 -23.30 15.94
N CYS G 11 42.37 -23.65 15.85
CA CYS G 11 41.87 -24.79 15.10
C CYS G 11 40.74 -24.31 14.18
N ASP G 12 40.84 -24.59 12.87
CA ASP G 12 39.81 -24.32 11.88
C ASP G 12 39.47 -25.65 11.20
N ASN G 13 38.17 -25.90 11.03
CA ASN G 13 37.60 -27.10 10.44
C ASN G 13 36.77 -26.59 9.27
N GLY G 14 37.42 -26.38 8.13
CA GLY G 14 36.84 -25.87 6.90
C GLY G 14 36.43 -26.98 5.93
N SER G 15 35.90 -26.58 4.78
CA SER G 15 35.32 -27.37 3.68
C SER G 15 36.32 -28.30 2.95
N GLY G 16 36.98 -29.21 3.69
CA GLY G 16 37.80 -30.29 3.16
C GLY G 16 39.21 -30.32 3.77
N LEU G 17 39.67 -29.20 4.33
CA LEU G 17 40.99 -29.03 4.94
C LEU G 17 40.82 -28.45 6.35
N VAL G 18 41.29 -29.20 7.35
CA VAL G 18 41.44 -28.81 8.75
C VAL G 18 42.84 -28.18 8.89
N LYS G 19 42.96 -27.12 9.70
CA LYS G 19 44.18 -26.38 9.99
C LYS G 19 44.30 -26.28 11.51
N ALA G 20 45.48 -26.51 12.07
CA ALA G 20 45.77 -26.43 13.49
C ALA G 20 47.18 -25.89 13.76
N GLY G 21 47.34 -25.03 14.77
CA GLY G 21 48.62 -24.53 15.25
C GLY G 21 48.39 -23.84 16.59
N PHE G 22 49.37 -23.05 17.04
CA PHE G 22 49.29 -22.29 18.29
C PHE G 22 49.06 -20.81 17.96
N ALA G 23 48.52 -20.07 18.92
CA ALA G 23 48.33 -18.62 18.88
C ALA G 23 49.70 -17.92 19.00
N GLY G 24 50.00 -17.01 18.09
CA GLY G 24 51.30 -16.35 17.96
C GLY G 24 52.18 -16.98 16.87
N ASP G 25 51.78 -18.13 16.31
CA ASP G 25 52.29 -18.64 15.03
C ASP G 25 51.51 -17.91 13.95
N ASP G 26 52.16 -17.44 12.88
CA ASP G 26 51.51 -16.71 11.78
C ASP G 26 50.93 -17.67 10.72
N ALA G 27 51.23 -18.96 10.81
CA ALA G 27 50.71 -20.02 9.94
C ALA G 27 50.59 -21.33 10.73
N PRO G 28 49.68 -22.26 10.36
CA PRO G 28 49.47 -23.51 11.10
C PRO G 28 50.66 -24.48 11.01
N ARG G 29 50.79 -25.34 12.04
CA ARG G 29 51.82 -26.38 12.14
C ARG G 29 51.25 -27.77 11.80
N ALA G 30 49.92 -27.88 11.62
CA ALA G 30 49.25 -29.06 11.12
C ALA G 30 48.17 -28.56 10.16
N VAL G 31 48.15 -29.10 8.95
CA VAL G 31 47.06 -29.00 7.99
C VAL G 31 46.86 -30.44 7.53
N PHE G 32 45.63 -30.91 7.46
CA PHE G 32 45.32 -32.28 7.05
C PHE G 32 43.97 -32.33 6.33
N PRO G 33 43.71 -33.32 5.45
CA PRO G 33 42.43 -33.45 4.75
C PRO G 33 41.35 -33.95 5.71
N SER G 34 40.10 -33.50 5.50
CA SER G 34 38.92 -34.04 6.17
C SER G 34 38.60 -35.37 5.48
N ILE G 35 39.09 -36.48 6.05
CA ILE G 35 38.87 -37.80 5.53
C ILE G 35 38.91 -38.79 6.70
N VAL G 36 38.02 -39.78 6.65
CA VAL G 36 38.18 -41.06 7.33
C VAL G 36 38.03 -42.12 6.24
N GLY G 37 39.04 -42.98 6.17
CA GLY G 37 39.03 -44.22 5.42
C GLY G 37 38.83 -45.35 6.42
N ARG G 38 37.78 -46.16 6.22
CA ARG G 38 37.60 -47.42 6.93
C ARG G 38 37.85 -48.54 5.89
N PRO G 39 38.73 -49.54 6.14
CA PRO G 39 39.08 -50.61 5.19
C PRO G 39 37.90 -51.35 4.53
N ARG G 40 38.11 -51.87 3.32
CA ARG G 40 37.20 -52.80 2.64
C ARG G 40 38.04 -53.85 1.92
N HIS G 41 37.57 -55.11 1.92
CA HIS G 41 38.13 -56.30 1.27
C HIS G 41 39.26 -56.96 2.08
N GLN G 42 39.55 -56.43 3.28
CA GLN G 42 40.43 -57.05 4.27
C GLN G 42 39.70 -58.22 4.95
N GLY G 43 40.48 -59.15 5.51
CA GLY G 43 40.02 -60.45 5.99
C GLY G 43 40.50 -61.57 5.08
N VAL G 44 40.67 -61.29 3.78
CA VAL G 44 40.95 -62.27 2.73
C VAL G 44 42.43 -62.72 2.73
N MET G 45 43.38 -61.83 3.06
CA MET G 45 44.82 -62.13 3.06
C MET G 45 45.34 -62.35 4.49
N VAL G 46 44.70 -61.75 5.50
CA VAL G 46 45.09 -61.75 6.90
C VAL G 46 43.84 -61.33 7.68
N GLY G 47 43.85 -61.52 9.00
CA GLY G 47 42.81 -61.04 9.92
C GLY G 47 42.79 -59.51 10.02
N MET G 48 41.69 -58.96 10.53
CA MET G 48 41.43 -57.53 10.63
C MET G 48 42.44 -56.79 11.51
N GLY G 49 42.76 -55.55 11.12
CA GLY G 49 43.78 -54.73 11.74
C GLY G 49 43.35 -54.09 13.07
N GLN G 50 44.25 -53.29 13.65
CA GLN G 50 44.13 -52.77 15.02
C GLN G 50 43.22 -51.53 15.12
N LYS G 51 42.56 -51.14 14.03
CA LYS G 51 41.69 -49.99 13.84
C LYS G 51 40.67 -50.37 12.77
N ASP G 52 39.43 -49.89 12.91
CA ASP G 52 38.39 -49.92 11.87
C ASP G 52 38.52 -48.65 10.98
N SER G 53 39.28 -47.66 11.42
CA SER G 53 39.26 -46.29 10.95
C SER G 53 40.68 -45.72 10.92
N TYR G 54 41.03 -45.08 9.81
CA TYR G 54 42.26 -44.34 9.59
C TYR G 54 41.80 -42.94 9.15
N VAL G 55 42.27 -41.91 9.85
CA VAL G 55 41.79 -40.54 9.81
C VAL G 55 42.91 -39.67 9.21
N GLY G 56 42.54 -38.68 8.38
CA GLY G 56 43.48 -37.74 7.76
C GLY G 56 44.45 -38.46 6.82
N ASP G 57 45.74 -38.10 6.88
CA ASP G 57 46.85 -38.67 6.11
C ASP G 57 46.90 -40.20 6.17
N GLU G 58 46.56 -40.78 7.33
CA GLU G 58 46.56 -42.22 7.60
C GLU G 58 45.60 -42.99 6.66
N ALA G 59 44.54 -42.35 6.15
CA ALA G 59 43.53 -42.96 5.27
C ALA G 59 44.03 -43.14 3.82
N GLN G 60 45.10 -42.43 3.44
CA GLN G 60 45.64 -42.39 2.08
C GLN G 60 47.10 -42.88 2.04
N SER G 61 47.86 -42.64 3.13
CA SER G 61 49.25 -43.08 3.32
C SER G 61 49.37 -44.60 3.49
N LYS G 62 48.46 -45.22 4.26
CA LYS G 62 48.57 -46.61 4.66
C LYS G 62 47.70 -47.39 3.65
N ARG G 63 48.36 -48.07 2.71
CA ARG G 63 47.74 -48.61 1.50
C ARG G 63 47.06 -49.98 1.73
N GLY G 64 46.28 -50.37 0.73
CA GLY G 64 45.20 -51.34 0.80
C GLY G 64 43.95 -50.64 0.26
N ILE G 65 42.80 -51.31 0.24
CA ILE G 65 41.55 -50.74 -0.28
C ILE G 65 40.72 -50.26 0.94
N LEU G 66 40.14 -49.07 0.83
CA LEU G 66 39.37 -48.42 1.89
C LEU G 66 38.07 -47.85 1.32
N THR G 67 37.07 -47.65 2.17
CA THR G 67 35.88 -46.85 1.90
C THR G 67 36.16 -45.49 2.57
N LEU G 68 36.39 -44.47 1.74
CA LEU G 68 36.66 -43.09 2.15
C LEU G 68 35.35 -42.31 2.20
N LYS G 69 35.23 -41.38 3.15
CA LYS G 69 34.27 -40.27 3.20
C LYS G 69 34.93 -39.06 3.87
N TYR G 70 34.42 -37.86 3.62
CA TYR G 70 34.78 -36.63 4.32
C TYR G 70 33.79 -36.51 5.51
N PRO G 71 34.21 -36.54 6.80
CA PRO G 71 33.33 -36.30 7.96
C PRO G 71 32.64 -34.92 7.94
N ILE G 72 33.38 -33.88 7.55
CA ILE G 72 32.92 -32.51 7.40
C ILE G 72 33.34 -32.05 6.00
N GLU G 73 32.41 -31.48 5.23
CA GLU G 73 32.69 -30.93 3.90
C GLU G 73 32.14 -29.51 3.73
N HIS G 74 31.39 -29.01 4.72
CA HIS G 74 30.54 -27.82 4.64
C HIS G 74 30.33 -27.17 6.00
N GLY G 75 30.11 -28.00 7.04
CA GLY G 75 29.84 -27.55 8.41
C GLY G 75 28.57 -28.17 9.02
N ILE G 76 27.73 -28.85 8.22
CA ILE G 76 26.53 -29.54 8.66
C ILE G 76 26.95 -30.97 9.05
N ILE G 77 27.63 -31.09 10.19
CA ILE G 77 28.16 -32.34 10.73
C ILE G 77 26.98 -33.18 11.27
N THR G 78 26.64 -34.25 10.57
CA THR G 78 25.65 -35.25 10.99
C THR G 78 26.35 -36.47 11.61
N ASN G 79 27.56 -36.82 11.13
CA ASN G 79 28.37 -37.93 11.63
C ASN G 79 29.27 -37.36 12.73
N TRP G 80 28.81 -37.45 13.99
CA TRP G 80 29.64 -37.13 15.16
C TRP G 80 30.73 -38.19 15.39
N ASP G 81 30.46 -39.48 15.12
CA ASP G 81 31.38 -40.61 15.30
C ASP G 81 32.75 -40.39 14.60
N ASP G 82 32.76 -39.96 13.34
CA ASP G 82 34.00 -39.65 12.62
C ASP G 82 34.45 -38.19 12.79
N MET G 83 33.61 -37.28 13.28
CA MET G 83 34.07 -35.92 13.63
C MET G 83 34.83 -35.95 14.97
N GLU G 84 34.41 -36.80 15.92
CA GLU G 84 35.10 -37.09 17.17
C GLU G 84 36.52 -37.63 16.86
N LYS G 85 36.62 -38.50 15.84
CA LYS G 85 37.89 -38.99 15.33
C LYS G 85 38.74 -37.87 14.71
N ILE G 86 38.17 -36.94 13.92
CA ILE G 86 38.89 -35.78 13.36
C ILE G 86 39.46 -34.88 14.47
N TRP G 87 38.69 -34.60 15.52
CA TRP G 87 39.14 -33.77 16.65
C TRP G 87 40.17 -34.48 17.52
N HIS G 88 39.97 -35.78 17.80
CA HIS G 88 40.94 -36.60 18.52
C HIS G 88 42.25 -36.74 17.72
N HIS G 89 42.16 -36.91 16.40
CA HIS G 89 43.28 -37.00 15.48
C HIS G 89 43.99 -35.64 15.32
N THR G 90 43.28 -34.50 15.44
CA THR G 90 43.88 -33.17 15.43
C THR G 90 44.82 -33.04 16.66
N PHE G 91 44.29 -33.29 17.86
CA PHE G 91 45.00 -33.02 19.10
C PHE G 91 45.98 -34.15 19.44
N TYR G 92 45.59 -35.43 19.35
CA TYR G 92 46.38 -36.56 19.82
C TYR G 92 47.08 -37.36 18.70
N ASN G 93 47.03 -36.90 17.43
CA ASN G 93 47.85 -37.46 16.34
C ASN G 93 48.65 -36.39 15.57
N GLU G 94 48.01 -35.32 15.08
CA GLU G 94 48.69 -34.35 14.21
C GLU G 94 49.41 -33.25 14.99
N LEU G 95 48.71 -32.45 15.82
CA LEU G 95 49.32 -31.33 16.54
C LEU G 95 50.02 -31.83 17.81
N ARG G 96 49.47 -32.87 18.47
CA ARG G 96 50.11 -33.70 19.50
C ARG G 96 50.18 -33.04 20.89
N VAL G 97 49.17 -32.23 21.20
CA VAL G 97 48.96 -31.59 22.48
C VAL G 97 47.79 -32.30 23.18
N ALA G 98 47.81 -32.33 24.52
CA ALA G 98 46.68 -32.83 25.30
C ALA G 98 45.67 -31.66 25.40
N PRO G 99 44.42 -31.78 24.94
CA PRO G 99 43.44 -30.68 25.02
C PRO G 99 43.08 -30.22 26.46
N GLU G 100 43.44 -30.99 27.50
CA GLU G 100 43.36 -30.55 28.89
C GLU G 100 44.57 -29.67 29.33
N GLU G 101 45.67 -29.59 28.55
CA GLU G 101 46.82 -28.72 28.86
C GLU G 101 46.53 -27.28 28.39
N HIS G 102 45.81 -27.10 27.27
CA HIS G 102 45.70 -25.82 26.53
C HIS G 102 44.24 -25.51 26.21
N PRO G 103 43.80 -24.23 26.24
CA PRO G 103 42.51 -23.81 25.69
C PRO G 103 42.53 -23.74 24.15
N THR G 104 41.36 -23.69 23.52
CA THR G 104 41.21 -23.86 22.07
C THR G 104 40.28 -22.79 21.49
N LEU G 105 40.75 -22.05 20.47
CA LEU G 105 39.91 -21.20 19.64
C LEU G 105 39.52 -22.02 18.40
N LEU G 106 38.29 -22.52 18.43
CA LEU G 106 37.68 -23.30 17.37
C LEU G 106 37.06 -22.31 16.36
N THR G 107 37.08 -22.67 15.08
CA THR G 107 36.62 -21.86 13.96
C THR G 107 35.81 -22.77 13.02
N GLU G 108 34.49 -22.62 13.03
CA GLU G 108 33.57 -23.39 12.19
C GLU G 108 33.50 -22.78 10.77
N ALA G 109 33.27 -23.65 9.78
CA ALA G 109 32.83 -23.30 8.44
C ALA G 109 31.42 -22.65 8.48
N PRO G 110 31.12 -21.66 7.62
CA PRO G 110 29.94 -20.81 7.79
C PRO G 110 28.62 -21.52 7.39
N LEU G 111 27.57 -21.32 8.20
CA LEU G 111 26.21 -21.87 8.09
C LEU G 111 26.10 -23.22 8.83
N ASN G 112 25.09 -23.36 9.72
CA ASN G 112 24.67 -24.60 10.40
C ASN G 112 23.58 -24.26 11.43
N PRO G 113 22.71 -25.22 11.82
CA PRO G 113 21.84 -25.10 13.01
C PRO G 113 22.75 -24.94 14.24
N LYS G 114 22.64 -23.83 14.95
CA LYS G 114 23.62 -23.44 15.97
C LYS G 114 23.61 -24.32 17.24
N ALA G 115 22.67 -25.26 17.34
CA ALA G 115 22.68 -26.40 18.29
C ALA G 115 23.82 -27.39 17.98
N ASN G 116 24.32 -27.45 16.73
CA ASN G 116 25.53 -28.22 16.38
C ASN G 116 26.77 -27.64 17.07
N ARG G 117 26.80 -26.32 17.35
CA ARG G 117 27.88 -25.68 18.12
C ARG G 117 27.71 -25.97 19.62
N GLU G 118 26.48 -26.15 20.12
CA GLU G 118 26.22 -26.57 21.50
C GLU G 118 26.71 -28.01 21.70
N LYS G 119 26.40 -28.92 20.75
CA LYS G 119 26.93 -30.28 20.75
C LYS G 119 28.48 -30.33 20.65
N MET G 120 29.10 -29.40 19.91
CA MET G 120 30.56 -29.24 19.84
C MET G 120 31.13 -28.69 21.16
N THR G 121 30.43 -27.76 21.83
CA THR G 121 30.84 -27.20 23.12
C THR G 121 30.77 -28.31 24.20
N GLN G 122 29.71 -29.13 24.18
CA GLN G 122 29.56 -30.35 24.98
C GLN G 122 30.72 -31.32 24.75
N ILE G 123 30.98 -31.70 23.50
CA ILE G 123 32.09 -32.55 23.07
C ILE G 123 33.45 -32.04 23.59
N MET G 124 33.73 -30.75 23.45
CA MET G 124 35.00 -30.17 23.85
C MET G 124 35.17 -30.15 25.38
N PHE G 125 34.12 -29.85 26.15
CA PHE G 125 34.19 -29.82 27.62
C PHE G 125 33.92 -31.19 28.29
N GLU G 126 33.61 -32.24 27.53
CA GLU G 126 33.25 -33.57 28.05
C GLU G 126 34.01 -34.73 27.37
N THR G 127 34.11 -34.80 26.03
CA THR G 127 34.90 -35.82 25.34
C THR G 127 36.39 -35.42 25.36
N PHE G 128 36.71 -34.12 25.25
CA PHE G 128 38.08 -33.62 25.07
C PHE G 128 38.59 -32.76 26.22
N ASN G 129 37.86 -32.67 27.33
CA ASN G 129 38.42 -32.36 28.67
C ASN G 129 38.94 -30.90 28.81
N VAL G 130 38.57 -29.98 27.91
CA VAL G 130 39.25 -28.67 27.77
C VAL G 130 39.01 -27.75 28.99
N PRO G 131 40.00 -26.91 29.40
CA PRO G 131 39.82 -25.95 30.50
C PRO G 131 38.97 -24.74 30.08
N ALA G 132 39.24 -24.19 28.88
CA ALA G 132 38.54 -23.07 28.29
C ALA G 132 38.56 -23.17 26.76
N MET G 133 37.66 -22.44 26.09
CA MET G 133 37.53 -22.43 24.64
C MET G 133 36.83 -21.17 24.10
N TYR G 134 36.74 -21.07 22.77
CA TYR G 134 35.95 -20.12 22.01
C TYR G 134 35.52 -20.75 20.68
N VAL G 135 34.45 -20.25 20.06
CA VAL G 135 33.93 -20.69 18.76
C VAL G 135 33.70 -19.49 17.83
N ALA G 136 34.68 -19.17 16.98
CA ALA G 136 34.63 -18.13 15.95
C ALA G 136 34.03 -18.68 14.64
N ILE G 137 33.85 -17.84 13.61
CA ILE G 137 33.24 -18.19 12.31
C ILE G 137 34.21 -17.79 11.18
N GLN G 138 34.62 -18.79 10.39
CA GLN G 138 35.59 -18.80 9.30
C GLN G 138 35.61 -17.57 8.38
N ALA G 139 34.45 -17.25 7.78
CA ALA G 139 34.30 -16.16 6.81
C ALA G 139 34.50 -14.77 7.44
N VAL G 140 34.16 -14.59 8.71
CA VAL G 140 34.20 -13.31 9.41
C VAL G 140 35.67 -12.99 9.78
N LEU G 141 36.46 -14.01 10.13
CA LEU G 141 37.90 -13.87 10.40
C LEU G 141 38.65 -13.52 9.10
N SER G 142 38.29 -14.18 7.99
CA SER G 142 38.86 -13.92 6.66
C SER G 142 38.53 -12.48 6.19
N LEU G 143 37.31 -11.98 6.49
CA LEU G 143 36.85 -10.62 6.21
C LEU G 143 37.57 -9.60 7.10
N TYR G 144 37.70 -9.88 8.41
CA TYR G 144 38.41 -9.02 9.36
C TYR G 144 39.90 -8.91 9.01
N ALA G 145 40.57 -10.03 8.64
CA ALA G 145 41.96 -10.07 8.18
C ALA G 145 42.16 -9.37 6.81
N SER G 146 41.10 -9.25 5.99
CA SER G 146 41.09 -8.44 4.77
C SER G 146 40.96 -6.93 5.11
N GLY G 147 40.55 -6.58 6.33
CA GLY G 147 40.37 -5.19 6.79
C GLY G 147 38.98 -4.67 6.44
N ARG G 148 37.95 -5.48 6.74
CA ARG G 148 36.55 -5.19 6.53
C ARG G 148 35.76 -5.67 7.75
N THR G 149 34.57 -5.10 7.96
CA THR G 149 33.53 -5.66 8.81
C THR G 149 32.24 -5.90 8.01
N THR G 150 32.07 -5.26 6.85
CA THR G 150 30.95 -5.42 5.91
C THR G 150 31.54 -5.79 4.53
N GLY G 151 30.87 -6.68 3.78
CA GLY G 151 31.30 -7.14 2.46
C GLY G 151 30.74 -8.53 2.16
N ILE G 152 31.23 -9.19 1.10
CA ILE G 152 30.79 -10.52 0.71
C ILE G 152 32.05 -11.39 0.54
N VAL G 153 32.03 -12.54 1.22
CA VAL G 153 33.08 -13.54 1.19
C VAL G 153 32.53 -14.68 0.32
N LEU G 154 33.22 -14.99 -0.77
CA LEU G 154 33.05 -16.19 -1.57
C LEU G 154 34.20 -17.10 -1.11
N ASP G 155 33.92 -18.37 -0.76
CA ASP G 155 34.90 -19.32 -0.25
C ASP G 155 34.73 -20.66 -0.94
N SER G 156 35.76 -21.18 -1.62
CA SER G 156 35.68 -22.41 -2.41
C SER G 156 36.62 -23.45 -1.77
N GLY G 157 36.07 -24.51 -1.19
CA GLY G 157 36.78 -25.60 -0.57
C GLY G 157 36.90 -26.79 -1.52
N ASP G 158 37.22 -27.96 -0.96
CA ASP G 158 37.23 -29.21 -1.69
C ASP G 158 35.87 -29.92 -1.58
N GLY G 159 35.09 -29.65 -0.52
CA GLY G 159 33.80 -30.28 -0.27
C GLY G 159 32.58 -29.52 -0.81
N VAL G 160 32.57 -28.18 -0.69
CA VAL G 160 31.55 -27.25 -1.18
C VAL G 160 32.25 -25.92 -1.56
N THR G 161 31.51 -25.02 -2.21
CA THR G 161 31.82 -23.59 -2.30
C THR G 161 30.71 -22.83 -1.57
N HIS G 162 31.07 -22.01 -0.57
CA HIS G 162 30.20 -21.17 0.23
C HIS G 162 30.15 -19.74 -0.36
N ASN G 163 29.01 -19.07 -0.19
CA ASN G 163 28.83 -17.64 -0.48
C ASN G 163 28.21 -17.03 0.77
N VAL G 164 28.87 -16.01 1.35
CA VAL G 164 28.53 -15.41 2.64
C VAL G 164 28.55 -13.87 2.51
N PRO G 165 27.39 -13.19 2.30
CA PRO G 165 27.27 -11.74 2.50
C PRO G 165 27.24 -11.41 4.01
N ILE G 166 27.97 -10.36 4.41
CA ILE G 166 28.21 -9.94 5.80
C ILE G 166 27.98 -8.43 5.93
N TYR G 167 27.35 -8.01 7.02
CA TYR G 167 27.15 -6.62 7.44
C TYR G 167 27.55 -6.53 8.91
N GLU G 168 28.56 -5.70 9.21
CA GLU G 168 29.15 -5.38 10.52
C GLU G 168 29.48 -6.63 11.37
N GLY G 169 30.04 -7.65 10.70
CA GLY G 169 30.48 -8.91 11.26
C GLY G 169 29.39 -9.99 11.33
N TYR G 170 28.12 -9.63 11.11
CA TYR G 170 26.99 -10.55 11.11
C TYR G 170 26.70 -10.95 9.66
N ALA G 171 26.62 -12.26 9.41
CA ALA G 171 26.32 -12.84 8.09
C ALA G 171 24.81 -12.85 7.88
N LEU G 172 24.34 -12.44 6.70
CA LEU G 172 22.93 -12.30 6.36
C LEU G 172 22.29 -13.70 6.20
N PRO G 173 21.37 -14.13 7.10
CA PRO G 173 20.88 -15.52 7.14
C PRO G 173 19.93 -15.90 5.98
N HIS G 174 19.48 -14.91 5.21
CA HIS G 174 18.53 -14.93 4.10
C HIS G 174 19.20 -14.68 2.73
N ALA G 175 20.54 -14.73 2.70
CA ALA G 175 21.37 -14.61 1.49
C ALA G 175 22.68 -15.43 1.54
N ILE G 176 22.98 -16.10 2.67
CA ILE G 176 24.10 -17.03 2.82
C ILE G 176 23.70 -18.38 2.18
N MET G 177 24.60 -18.98 1.40
CA MET G 177 24.37 -20.25 0.70
C MET G 177 25.67 -21.03 0.49
N ARG G 178 25.56 -22.25 -0.04
CA ARG G 178 26.67 -23.03 -0.56
C ARG G 178 26.22 -23.81 -1.81
N LEU G 179 27.12 -23.92 -2.79
CA LEU G 179 27.03 -24.87 -3.89
C LEU G 179 27.87 -26.10 -3.51
N ASP G 180 27.38 -27.28 -3.86
CA ASP G 180 28.01 -28.60 -3.63
C ASP G 180 29.21 -28.82 -4.58
N LEU G 181 29.28 -28.00 -5.62
CA LEU G 181 30.32 -27.86 -6.63
C LEU G 181 31.64 -27.42 -5.94
N ALA G 182 32.71 -28.22 -6.06
CA ALA G 182 33.94 -27.99 -5.32
C ALA G 182 35.18 -28.60 -5.98
N GLY G 183 36.32 -28.50 -5.29
CA GLY G 183 37.62 -29.06 -5.68
C GLY G 183 37.60 -30.58 -5.90
N ARG G 184 36.72 -31.28 -5.19
CA ARG G 184 36.27 -32.65 -5.42
C ARG G 184 35.94 -32.94 -6.91
N ASP G 185 35.01 -32.17 -7.49
CA ASP G 185 34.58 -32.26 -8.89
C ASP G 185 35.73 -31.96 -9.86
N LEU G 186 36.57 -30.97 -9.54
CA LEU G 186 37.71 -30.56 -10.35
C LEU G 186 38.80 -31.65 -10.40
N THR G 187 39.01 -32.36 -9.27
CA THR G 187 39.94 -33.48 -9.13
C THR G 187 39.41 -34.68 -9.94
N ASP G 188 38.11 -35.00 -9.79
CA ASP G 188 37.45 -36.08 -10.52
C ASP G 188 37.26 -35.78 -12.02
N TYR G 189 37.24 -34.49 -12.42
CA TYR G 189 37.20 -34.02 -13.80
C TYR G 189 38.61 -34.07 -14.40
N LEU G 190 39.66 -33.68 -13.66
CA LEU G 190 41.05 -33.78 -14.11
C LEU G 190 41.44 -35.23 -14.43
N MET G 191 41.03 -36.20 -13.59
CA MET G 191 41.18 -37.63 -13.84
C MET G 191 40.52 -38.12 -15.14
N LYS G 192 39.45 -37.45 -15.59
CA LYS G 192 38.66 -37.86 -16.75
C LYS G 192 39.14 -37.20 -18.05
N ILE G 193 39.53 -35.92 -18.03
CA ILE G 193 40.04 -35.22 -19.23
C ILE G 193 41.43 -35.74 -19.66
N LEU G 194 42.17 -36.40 -18.77
CA LEU G 194 43.43 -37.09 -19.09
C LEU G 194 43.20 -38.40 -19.88
N THR G 195 41.96 -38.91 -20.00
CA THR G 195 41.65 -40.04 -20.88
C THR G 195 41.85 -39.69 -22.38
N GLU G 196 41.78 -38.40 -22.73
CA GLU G 196 42.12 -37.89 -24.07
C GLU G 196 43.64 -37.92 -24.35
N ARG G 197 44.47 -38.12 -23.33
CA ARG G 197 45.91 -38.37 -23.45
C ARG G 197 46.20 -39.88 -23.26
N GLY G 198 45.16 -40.72 -23.20
CA GLY G 198 45.24 -42.18 -23.17
C GLY G 198 45.36 -42.79 -21.77
N TYR G 199 45.44 -41.98 -20.70
CA TYR G 199 45.57 -42.45 -19.32
C TYR G 199 44.22 -42.93 -18.76
N SER G 200 44.25 -43.59 -17.59
CA SER G 200 43.10 -43.91 -16.76
C SER G 200 43.57 -43.71 -15.31
N PHE G 201 42.66 -43.31 -14.42
CA PHE G 201 42.91 -43.01 -13.01
C PHE G 201 41.65 -43.41 -12.25
N VAL G 202 41.77 -44.18 -11.15
CA VAL G 202 40.65 -44.74 -10.40
C VAL G 202 40.92 -44.91 -8.89
N THR G 203 42.15 -45.25 -8.47
CA THR G 203 42.45 -45.53 -7.06
C THR G 203 42.73 -44.22 -6.28
N THR G 204 42.83 -44.33 -4.96
CA THR G 204 43.21 -43.30 -3.99
C THR G 204 44.66 -42.82 -4.24
N ALA G 205 45.56 -43.71 -4.68
CA ALA G 205 46.95 -43.41 -5.02
C ALA G 205 47.04 -42.58 -6.31
N GLU G 206 46.19 -42.87 -7.30
CA GLU G 206 46.00 -42.03 -8.48
C GLU G 206 45.30 -40.71 -8.11
N ARG G 207 44.28 -40.76 -7.24
CA ARG G 207 43.49 -39.60 -6.83
C ARG G 207 44.36 -38.53 -6.17
N GLU G 208 45.26 -38.89 -5.25
CA GLU G 208 46.13 -37.95 -4.53
C GLU G 208 47.07 -37.24 -5.51
N ILE G 209 47.71 -37.98 -6.42
CA ILE G 209 48.59 -37.46 -7.46
C ILE G 209 47.84 -36.47 -8.36
N VAL G 210 46.64 -36.82 -8.83
CA VAL G 210 45.85 -35.94 -9.67
C VAL G 210 45.26 -34.76 -8.87
N ARG G 211 44.94 -34.90 -7.57
CA ARG G 211 44.52 -33.82 -6.68
C ARG G 211 45.64 -32.79 -6.52
N ASP G 212 46.86 -33.28 -6.28
CA ASP G 212 48.09 -32.50 -6.15
C ASP G 212 48.41 -31.68 -7.40
N ILE G 213 48.29 -32.29 -8.59
CA ILE G 213 48.39 -31.63 -9.89
C ILE G 213 47.25 -30.60 -10.09
N LYS G 214 46.01 -30.91 -9.68
CA LYS G 214 44.85 -30.01 -9.67
C LYS G 214 45.11 -28.71 -8.89
N GLU G 215 45.88 -28.75 -7.79
CA GLU G 215 46.30 -27.53 -7.10
C GLU G 215 47.60 -26.96 -7.72
N LYS G 216 48.67 -27.76 -7.86
CA LYS G 216 50.02 -27.24 -8.08
C LYS G 216 50.29 -26.69 -9.49
N LEU G 217 49.50 -27.07 -10.51
CA LEU G 217 49.79 -26.76 -11.91
C LEU G 217 48.64 -26.04 -12.65
N CYS G 218 47.42 -26.00 -12.09
CA CYS G 218 46.22 -25.56 -12.82
C CYS G 218 45.88 -24.09 -12.52
N TYR G 219 45.02 -23.48 -13.33
CA TYR G 219 44.59 -22.09 -13.27
C TYR G 219 43.22 -21.96 -13.96
N VAL G 220 42.57 -20.80 -13.85
CA VAL G 220 41.35 -20.49 -14.59
C VAL G 220 41.75 -19.69 -15.83
N ALA G 221 41.11 -19.99 -16.95
CA ALA G 221 41.24 -19.33 -18.24
C ALA G 221 40.41 -18.03 -18.22
N LEU G 222 40.91 -16.95 -18.82
CA LEU G 222 40.29 -15.62 -18.82
C LEU G 222 39.00 -15.62 -19.67
N ASP G 223 39.05 -16.35 -20.78
CA ASP G 223 37.97 -17.00 -21.54
C ASP G 223 38.58 -18.36 -21.89
N PHE G 224 37.79 -19.35 -22.31
CA PHE G 224 38.32 -20.64 -22.73
C PHE G 224 38.95 -20.52 -24.13
N GLU G 225 38.28 -19.89 -25.10
CA GLU G 225 38.66 -19.96 -26.51
C GLU G 225 39.94 -19.13 -26.79
N ASN G 226 40.10 -17.96 -26.17
CA ASN G 226 41.34 -17.17 -26.26
C ASN G 226 42.52 -17.94 -25.63
N GLU G 227 42.32 -18.63 -24.51
CA GLU G 227 43.35 -19.43 -23.84
C GLU G 227 43.72 -20.65 -24.69
N MET G 228 42.72 -21.34 -25.27
CA MET G 228 42.84 -22.44 -26.21
C MET G 228 43.58 -22.05 -27.51
N ALA G 229 43.35 -20.83 -28.00
CA ALA G 229 44.03 -20.27 -29.17
C ALA G 229 45.48 -19.85 -28.83
N THR G 230 45.68 -19.21 -27.67
CA THR G 230 46.99 -18.76 -27.19
C THR G 230 47.91 -19.96 -26.86
N ALA G 231 47.35 -21.09 -26.41
CA ALA G 231 48.04 -22.35 -26.12
C ALA G 231 48.95 -22.83 -27.26
N ALA G 232 48.50 -22.65 -28.52
CA ALA G 232 49.19 -23.07 -29.75
C ALA G 232 50.49 -22.31 -30.06
N SER G 233 50.84 -21.27 -29.29
CA SER G 233 52.11 -20.55 -29.42
C SER G 233 52.72 -20.11 -28.07
N SER G 234 52.08 -20.44 -26.95
CA SER G 234 52.52 -20.07 -25.61
C SER G 234 53.58 -21.09 -25.15
N SER G 235 54.85 -20.70 -25.32
CA SER G 235 56.08 -21.37 -24.89
C SER G 235 56.20 -21.74 -23.39
N SER G 236 55.15 -21.56 -22.58
CA SER G 236 55.08 -22.01 -21.19
C SER G 236 53.67 -22.52 -20.83
N LEU G 237 52.89 -22.99 -21.82
CA LEU G 237 51.60 -23.67 -21.65
C LEU G 237 51.81 -25.01 -20.91
N GLU G 238 52.72 -25.85 -21.43
CA GLU G 238 53.07 -27.17 -20.91
C GLU G 238 53.84 -27.05 -19.59
N LYS G 239 53.50 -27.89 -18.59
CA LYS G 239 54.19 -28.03 -17.31
C LYS G 239 54.21 -29.47 -16.82
N SER G 240 55.38 -29.93 -16.37
CA SER G 240 55.70 -31.30 -16.01
C SER G 240 55.54 -31.55 -14.50
N TYR G 241 55.39 -32.83 -14.14
CA TYR G 241 55.30 -33.37 -12.79
C TYR G 241 56.05 -34.71 -12.81
N GLU G 242 56.88 -35.00 -11.81
CA GLU G 242 57.58 -36.27 -11.65
C GLU G 242 56.77 -37.12 -10.65
N LEU G 243 56.43 -38.36 -11.03
CA LEU G 243 55.73 -39.31 -10.18
C LEU G 243 56.77 -40.06 -9.31
N PRO G 244 56.41 -40.54 -8.11
CA PRO G 244 57.38 -41.08 -7.14
C PRO G 244 58.04 -42.44 -7.51
N ASP G 245 57.62 -43.08 -8.61
CA ASP G 245 58.27 -44.23 -9.25
C ASP G 245 59.24 -43.76 -10.35
N GLY G 246 59.43 -42.44 -10.49
CA GLY G 246 60.41 -41.78 -11.35
C GLY G 246 59.88 -41.45 -12.75
N GLN G 247 58.64 -41.84 -13.07
CA GLN G 247 58.01 -41.60 -14.35
C GLN G 247 57.57 -40.12 -14.42
N VAL G 248 57.90 -39.41 -15.49
CA VAL G 248 57.52 -38.01 -15.68
C VAL G 248 56.20 -37.99 -16.46
N ILE G 249 55.29 -37.08 -16.08
CA ILE G 249 54.05 -36.74 -16.76
C ILE G 249 54.07 -35.23 -17.00
N THR G 250 53.33 -34.74 -17.99
CA THR G 250 53.22 -33.35 -18.38
C THR G 250 51.76 -33.10 -18.80
N ILE G 251 51.24 -31.91 -18.53
CA ILE G 251 49.89 -31.48 -18.86
C ILE G 251 49.94 -30.05 -19.44
N GLY G 252 49.02 -29.79 -20.37
CA GLY G 252 48.95 -28.59 -21.17
C GLY G 252 47.53 -28.05 -21.11
N ASN G 253 46.72 -28.34 -22.14
CA ASN G 253 45.32 -27.92 -22.30
C ASN G 253 44.32 -28.54 -21.29
N GLU G 254 44.80 -29.32 -20.31
CA GLU G 254 44.08 -29.72 -19.11
C GLU G 254 44.17 -28.64 -18.04
N ARG G 255 45.29 -27.89 -17.98
CA ARG G 255 45.66 -27.01 -16.86
C ARG G 255 44.68 -25.85 -16.64
N PHE G 256 44.20 -25.25 -17.74
CA PHE G 256 43.24 -24.14 -17.69
C PHE G 256 41.79 -24.66 -17.79
N ARG G 257 41.60 -25.89 -18.28
CA ARG G 257 40.29 -26.50 -18.47
C ARG G 257 39.80 -27.09 -17.13
N CYS G 258 40.71 -27.60 -16.28
CA CYS G 258 40.46 -28.14 -14.93
C CYS G 258 39.35 -27.41 -14.12
N PRO G 259 39.51 -26.13 -13.71
CA PRO G 259 38.45 -25.36 -13.04
C PRO G 259 37.41 -24.69 -13.94
N GLU G 260 37.47 -24.81 -15.28
CA GLU G 260 36.49 -24.19 -16.20
C GLU G 260 35.06 -24.74 -15.95
N THR G 261 34.96 -26.01 -15.54
CA THR G 261 33.71 -26.65 -15.14
C THR G 261 33.09 -26.05 -13.85
N LEU G 262 33.78 -25.17 -13.12
CA LEU G 262 33.25 -24.42 -11.98
C LEU G 262 32.38 -23.26 -12.49
N PHE G 263 32.75 -22.67 -13.64
CA PHE G 263 31.98 -21.64 -14.34
C PHE G 263 30.97 -22.29 -15.30
N GLN G 264 31.20 -23.56 -15.69
CA GLN G 264 30.34 -24.34 -16.59
C GLN G 264 30.01 -25.75 -16.03
N PRO G 265 29.21 -25.88 -14.93
CA PRO G 265 28.82 -27.16 -14.29
C PRO G 265 28.32 -28.34 -15.15
N SER G 266 27.94 -28.13 -16.42
CA SER G 266 27.41 -29.17 -17.30
C SER G 266 28.44 -30.27 -17.62
N PHE G 267 29.74 -29.95 -17.66
CA PHE G 267 30.81 -30.87 -18.11
C PHE G 267 31.06 -32.03 -17.12
N ILE G 268 30.74 -31.83 -15.83
CA ILE G 268 30.80 -32.84 -14.78
C ILE G 268 29.42 -33.48 -14.52
N GLY G 269 28.37 -33.04 -15.23
CA GLY G 269 27.03 -33.61 -15.12
C GLY G 269 26.33 -33.19 -13.82
N MET G 270 26.48 -31.92 -13.44
CA MET G 270 25.62 -31.21 -12.50
C MET G 270 24.66 -30.32 -13.31
N GLU G 271 23.52 -29.98 -12.72
CA GLU G 271 22.54 -29.02 -13.27
C GLU G 271 22.87 -27.56 -12.84
N SER G 272 23.94 -27.37 -12.05
CA SER G 272 24.15 -26.23 -11.18
C SER G 272 24.26 -24.87 -11.89
N ALA G 273 24.10 -23.83 -11.09
CA ALA G 273 24.57 -22.47 -11.34
C ALA G 273 26.04 -22.41 -10.90
N GLY G 274 26.85 -21.60 -11.58
CA GLY G 274 28.25 -21.37 -11.24
C GLY G 274 28.40 -20.33 -10.13
N ILE G 275 29.66 -20.12 -9.70
CA ILE G 275 30.07 -19.16 -8.68
C ILE G 275 29.70 -17.70 -9.03
N HIS G 276 29.65 -17.36 -10.32
CA HIS G 276 29.25 -16.07 -10.88
C HIS G 276 27.73 -15.85 -10.78
N GLU G 277 26.93 -16.83 -11.23
CA GLU G 277 25.47 -16.84 -11.18
C GLU G 277 24.99 -16.71 -9.71
N THR G 278 25.57 -17.51 -8.81
CA THR G 278 25.24 -17.52 -7.38
C THR G 278 25.67 -16.23 -6.66
N THR G 279 26.91 -15.75 -6.81
CA THR G 279 27.40 -14.54 -6.14
C THR G 279 26.60 -13.28 -6.56
N TYR G 280 26.22 -13.19 -7.84
CA TYR G 280 25.34 -12.15 -8.35
C TYR G 280 23.94 -12.23 -7.72
N ASN G 281 23.34 -13.43 -7.73
CA ASN G 281 21.97 -13.65 -7.20
C ASN G 281 21.91 -13.36 -5.70
N SER G 282 22.95 -13.69 -4.93
CA SER G 282 23.07 -13.38 -3.51
C SER G 282 23.03 -11.86 -3.23
N ILE G 283 23.82 -11.04 -3.95
CA ILE G 283 23.86 -9.59 -3.78
C ILE G 283 22.53 -8.96 -4.23
N MET G 284 21.95 -9.42 -5.36
CA MET G 284 20.64 -9.01 -5.87
C MET G 284 19.50 -9.25 -4.85
N LYS G 285 19.67 -10.27 -4.00
CA LYS G 285 18.75 -10.65 -2.91
C LYS G 285 19.00 -9.90 -1.59
N CYS G 286 19.96 -8.97 -1.53
CA CYS G 286 20.31 -8.19 -0.34
C CYS G 286 19.77 -6.74 -0.46
N ASP G 287 19.70 -6.08 0.69
CA ASP G 287 19.28 -4.70 0.96
C ASP G 287 20.09 -3.66 0.15
N ILE G 288 19.38 -2.67 -0.41
CA ILE G 288 19.85 -1.65 -1.36
C ILE G 288 21.16 -0.91 -0.97
N ASP G 289 21.30 -0.53 0.31
CA ASP G 289 22.46 0.17 0.86
C ASP G 289 23.65 -0.81 0.93
N ILE G 290 23.43 -2.00 1.51
CA ILE G 290 24.37 -3.11 1.59
C ILE G 290 24.90 -3.53 0.19
N ARG G 291 24.04 -3.63 -0.85
CA ARG G 291 24.39 -4.07 -2.21
C ARG G 291 25.64 -3.40 -2.80
N LYS G 292 25.78 -2.09 -2.62
CA LYS G 292 26.88 -1.29 -3.14
C LYS G 292 28.21 -1.65 -2.43
N ASP G 293 28.16 -1.86 -1.11
CA ASP G 293 29.29 -2.29 -0.29
C ASP G 293 29.68 -3.75 -0.57
N LEU G 294 28.73 -4.62 -0.96
CA LEU G 294 29.00 -5.98 -1.41
C LEU G 294 29.68 -5.96 -2.78
N TYR G 295 29.18 -5.17 -3.75
CA TYR G 295 29.79 -4.97 -5.07
C TYR G 295 31.22 -4.42 -4.97
N ALA G 296 31.51 -3.62 -3.94
CA ALA G 296 32.81 -3.02 -3.66
C ALA G 296 33.72 -3.90 -2.77
N ASN G 297 33.25 -5.03 -2.24
CA ASN G 297 33.96 -5.85 -1.25
C ASN G 297 33.72 -7.34 -1.47
N ASN G 298 33.96 -7.84 -2.69
CA ASN G 298 33.89 -9.26 -3.03
C ASN G 298 35.28 -9.86 -2.77
N VAL G 299 35.44 -10.53 -1.62
CA VAL G 299 36.70 -11.14 -1.18
C VAL G 299 36.69 -12.62 -1.62
N MET G 300 37.70 -13.01 -2.42
CA MET G 300 37.95 -14.39 -2.83
C MET G 300 38.75 -15.10 -1.72
N SER G 301 38.07 -15.61 -0.70
CA SER G 301 38.62 -16.46 0.36
C SER G 301 38.65 -17.92 -0.15
N GLY G 302 39.32 -18.83 0.55
CA GLY G 302 39.17 -20.27 0.40
C GLY G 302 40.37 -20.99 -0.23
N GLY G 303 40.21 -22.29 -0.48
CA GLY G 303 41.27 -23.21 -0.90
C GLY G 303 41.38 -23.36 -2.42
N THR G 304 40.28 -23.71 -3.08
CA THR G 304 40.20 -23.91 -4.54
C THR G 304 40.29 -22.54 -5.26
N THR G 305 39.93 -21.46 -4.57
CA THR G 305 40.06 -20.06 -4.92
C THR G 305 41.50 -19.50 -4.77
N MET G 306 42.51 -20.35 -4.48
CA MET G 306 43.94 -19.98 -4.47
C MET G 306 44.51 -19.70 -5.88
N TYR G 307 43.81 -20.09 -6.95
CA TYR G 307 44.24 -19.94 -8.34
C TYR G 307 44.41 -18.46 -8.78
N PRO G 308 45.28 -18.19 -9.78
CA PRO G 308 45.20 -16.98 -10.60
C PRO G 308 44.09 -17.12 -11.66
N GLY G 309 43.69 -16.02 -12.29
CA GLY G 309 42.70 -16.00 -13.37
C GLY G 309 41.25 -16.05 -12.87
N ILE G 310 40.99 -16.65 -11.70
CA ILE G 310 39.64 -16.85 -11.16
C ILE G 310 38.98 -15.52 -10.76
N ALA G 311 39.77 -14.55 -10.28
CA ALA G 311 39.28 -13.24 -9.85
C ALA G 311 39.04 -12.34 -11.08
N ASP G 312 39.96 -12.45 -12.04
CA ASP G 312 40.03 -11.77 -13.33
C ASP G 312 38.88 -12.21 -14.23
N ARG G 313 38.59 -13.52 -14.24
CA ARG G 313 37.42 -14.15 -14.84
C ARG G 313 36.14 -13.72 -14.10
N MET G 314 36.09 -13.77 -12.76
CA MET G 314 34.93 -13.33 -11.97
C MET G 314 34.54 -11.86 -12.20
N GLN G 315 35.54 -10.98 -12.43
CA GLN G 315 35.32 -9.61 -12.90
C GLN G 315 34.61 -9.59 -14.26
N LYS G 316 35.03 -10.41 -15.24
CA LYS G 316 34.39 -10.56 -16.56
C LYS G 316 32.94 -11.04 -16.45
N GLU G 317 32.71 -12.15 -15.76
CA GLU G 317 31.40 -12.78 -15.59
C GLU G 317 30.40 -11.82 -14.94
N ILE G 318 30.76 -11.22 -13.79
CA ILE G 318 29.82 -10.44 -12.98
C ILE G 318 29.58 -9.04 -13.61
N THR G 319 30.51 -8.50 -14.43
CA THR G 319 30.25 -7.25 -15.18
C THR G 319 29.45 -7.49 -16.49
N ALA G 320 29.11 -8.74 -16.83
CA ALA G 320 28.10 -9.05 -17.84
C ALA G 320 26.71 -9.23 -17.19
N LEU G 321 26.65 -9.50 -15.89
CA LEU G 321 25.40 -9.71 -15.15
C LEU G 321 24.93 -8.41 -14.48
N ALA G 322 25.87 -7.62 -13.92
CA ALA G 322 25.60 -6.36 -13.22
C ALA G 322 25.50 -5.19 -14.22
N PRO G 323 24.80 -4.07 -13.87
CA PRO G 323 24.72 -2.85 -14.67
C PRO G 323 26.07 -2.33 -15.20
N SER G 324 26.11 -1.86 -16.45
CA SER G 324 27.32 -1.33 -17.10
C SER G 324 27.85 -0.03 -16.46
N THR G 325 26.99 0.70 -15.74
CA THR G 325 27.27 1.89 -14.95
C THR G 325 28.02 1.49 -13.65
N MET G 326 27.57 0.43 -12.96
CA MET G 326 28.15 -0.19 -11.76
C MET G 326 29.58 -0.74 -12.02
N LYS G 327 30.41 -0.77 -10.97
CA LYS G 327 31.81 -1.20 -10.99
C LYS G 327 32.03 -2.15 -9.81
N ILE G 328 32.41 -3.40 -10.10
CA ILE G 328 32.57 -4.47 -9.14
C ILE G 328 34.05 -4.51 -8.73
N LYS G 329 34.38 -4.46 -7.43
CA LYS G 329 35.74 -4.74 -6.95
C LYS G 329 35.74 -6.21 -6.47
N ILE G 330 36.58 -7.03 -7.13
CA ILE G 330 36.96 -8.36 -6.69
C ILE G 330 38.35 -8.19 -6.05
N ILE G 331 38.52 -8.69 -4.82
CA ILE G 331 39.75 -8.67 -4.05
C ILE G 331 40.21 -10.13 -3.92
N ALA G 332 41.52 -10.37 -4.13
CA ALA G 332 42.15 -11.68 -4.02
C ALA G 332 43.37 -11.57 -3.08
N PRO G 333 43.27 -12.00 -1.79
CA PRO G 333 44.41 -12.12 -0.85
C PRO G 333 45.57 -13.04 -1.36
N PRO G 334 46.74 -13.09 -0.67
CA PRO G 334 47.81 -14.03 -1.01
C PRO G 334 47.43 -15.49 -0.64
N GLU G 335 47.58 -15.88 0.63
CA GLU G 335 47.19 -17.19 1.13
C GLU G 335 45.75 -17.06 1.65
N ARG G 336 44.80 -17.45 0.80
CA ARG G 336 43.35 -17.28 0.95
C ARG G 336 42.72 -18.40 1.76
N LYS G 337 43.42 -19.54 1.94
CA LYS G 337 42.99 -20.63 2.82
C LYS G 337 43.50 -20.43 4.25
N TYR G 338 44.46 -19.53 4.48
CA TYR G 338 44.99 -19.22 5.81
C TYR G 338 44.45 -17.90 6.34
N SER G 339 43.80 -17.04 5.53
CA SER G 339 43.28 -15.73 5.95
C SER G 339 42.24 -15.82 7.09
N VAL G 340 41.49 -16.92 7.17
CA VAL G 340 40.70 -17.33 8.33
C VAL G 340 41.60 -17.55 9.56
N TRP G 341 42.53 -18.50 9.46
CA TRP G 341 43.38 -19.00 10.53
C TRP G 341 44.33 -17.93 11.08
N ILE G 342 44.85 -17.04 10.22
CA ILE G 342 45.64 -15.85 10.58
C ILE G 342 44.83 -14.89 11.48
N GLY G 343 43.52 -14.73 11.20
CA GLY G 343 42.61 -13.97 12.05
C GLY G 343 42.36 -14.68 13.39
N GLY G 344 42.29 -16.01 13.35
CA GLY G 344 42.15 -16.89 14.50
C GLY G 344 43.33 -16.80 15.47
N SER G 345 44.58 -16.83 14.98
CA SER G 345 45.79 -16.71 15.79
C SER G 345 45.86 -15.38 16.58
N ILE G 346 45.38 -14.28 15.99
CA ILE G 346 45.30 -12.95 16.60
C ILE G 346 44.18 -12.91 17.65
N LEU G 347 42.99 -13.45 17.32
CA LEU G 347 41.85 -13.55 18.24
C LEU G 347 42.16 -14.43 19.47
N ALA G 348 43.01 -15.44 19.26
CA ALA G 348 43.52 -16.36 20.27
C ALA G 348 44.81 -15.85 20.96
N SER G 349 45.21 -14.58 20.77
CA SER G 349 46.35 -13.97 21.47
C SER G 349 46.04 -12.60 22.11
N LEU G 350 44.95 -11.91 21.73
CA LEU G 350 44.53 -10.66 22.36
C LEU G 350 43.78 -10.95 23.67
N SER G 351 44.54 -11.12 24.76
CA SER G 351 44.10 -11.45 26.13
C SER G 351 43.24 -10.37 26.85
N THR G 352 42.76 -9.35 26.13
CA THR G 352 42.34 -8.05 26.66
C THR G 352 41.09 -8.09 27.56
N PHE G 353 40.12 -8.97 27.31
CA PHE G 353 38.84 -9.00 28.01
C PHE G 353 38.34 -10.45 28.13
N GLN G 354 38.60 -11.10 29.26
CA GLN G 354 38.24 -12.48 29.66
C GLN G 354 36.76 -12.89 29.59
N GLN G 355 35.87 -12.02 29.09
CA GLN G 355 34.44 -12.20 29.15
C GLN G 355 33.92 -13.10 28.01
N MET G 356 34.59 -13.11 26.85
CA MET G 356 34.18 -13.88 25.67
C MET G 356 34.73 -15.31 25.71
N TRP G 357 35.85 -15.53 26.41
CA TRP G 357 36.50 -16.82 26.64
C TRP G 357 35.56 -17.70 27.47
N ILE G 358 35.21 -18.90 26.99
CA ILE G 358 34.25 -19.81 27.60
C ILE G 358 35.07 -20.71 28.53
N THR G 359 34.86 -20.68 29.85
CA THR G 359 35.59 -21.52 30.80
C THR G 359 34.69 -22.69 31.24
N LYS G 360 35.29 -23.83 31.64
CA LYS G 360 34.58 -25.03 32.14
C LYS G 360 33.71 -24.72 33.37
N GLN G 361 34.13 -23.76 34.20
CA GLN G 361 33.37 -23.11 35.28
C GLN G 361 31.95 -22.71 34.80
N GLU G 362 31.92 -21.93 33.71
CA GLU G 362 30.72 -21.36 33.16
C GLU G 362 29.90 -22.37 32.35
N TYR G 363 30.53 -23.45 31.87
CA TYR G 363 29.83 -24.61 31.32
C TYR G 363 29.05 -25.30 32.44
N ASP G 364 29.67 -25.49 33.61
CA ASP G 364 29.04 -26.11 34.78
C ASP G 364 28.01 -25.18 35.47
N GLU G 365 27.93 -23.90 35.08
CA GLU G 365 26.84 -22.98 35.45
C GLU G 365 25.64 -23.11 34.49
N ALA G 366 25.88 -23.41 33.19
CA ALA G 366 24.95 -23.07 32.10
C ALA G 366 24.80 -24.09 30.96
N GLY G 367 25.60 -25.16 30.94
CA GLY G 367 25.54 -26.25 30.00
C GLY G 367 25.99 -25.89 28.57
N PRO G 368 25.71 -26.79 27.58
CA PRO G 368 26.04 -26.63 26.14
C PRO G 368 25.74 -25.27 25.49
N SER G 369 24.65 -24.64 25.92
CA SER G 369 24.06 -23.43 25.36
C SER G 369 24.86 -22.16 25.71
N ILE G 370 25.94 -22.26 26.51
CA ILE G 370 26.85 -21.18 26.86
C ILE G 370 27.42 -20.39 25.66
N VAL G 371 27.57 -21.04 24.51
CA VAL G 371 28.01 -20.45 23.24
C VAL G 371 27.15 -19.22 22.84
N HIS G 372 25.86 -19.22 23.21
CA HIS G 372 24.90 -18.15 22.94
C HIS G 372 24.97 -17.01 23.99
N ARG G 373 25.88 -17.08 24.97
CA ARG G 373 26.21 -16.00 25.91
C ARG G 373 27.71 -15.72 25.91
N LYS G 374 28.40 -16.03 24.80
CA LYS G 374 29.84 -15.92 24.62
C LYS G 374 30.24 -15.48 23.19
N CYS G 375 29.69 -16.15 22.17
CA CYS G 375 30.14 -16.02 20.79
C CYS G 375 29.08 -15.28 19.97
N PHE G 376 29.16 -13.95 19.99
CA PHE G 376 28.31 -13.03 19.25
C PHE G 376 28.92 -12.78 17.86
N NH2 G 377 28.36 -11.90 17.04
HN1 NH2 G 377 28.76 -11.79 16.13
HN2 NH2 G 377 27.54 -11.35 17.30
C ACE H 1 13.88 -52.78 -48.30
O ACE H 1 14.45 -54.07 -48.19
CH3 ACE H 1 13.84 -52.15 -46.92
H1 ACE H 1 14.83 -52.14 -46.46
H2 ACE H 1 13.18 -52.71 -46.26
H3 ACE H 1 13.47 -51.12 -46.97
N ASP H 2 14.75 -52.00 -49.16
CA ASP H 2 14.60 -52.33 -50.59
C ASP H 2 15.76 -53.19 -51.11
N GLU H 3 15.42 -54.47 -51.27
CA GLU H 3 16.18 -55.72 -51.30
C GLU H 3 17.57 -55.70 -51.98
N ASP H 4 17.67 -56.11 -53.25
CA ASP H 4 18.91 -56.52 -53.95
C ASP H 4 19.92 -55.39 -54.27
N GLU H 5 19.63 -54.14 -53.88
CA GLU H 5 20.49 -52.97 -54.11
C GLU H 5 21.54 -52.85 -52.98
N THR H 6 22.35 -51.80 -53.06
CA THR H 6 23.59 -51.52 -52.34
C THR H 6 23.36 -51.33 -50.81
N THR H 7 23.12 -52.43 -50.10
CA THR H 7 23.04 -52.49 -48.64
C THR H 7 24.44 -52.34 -47.99
N ALA H 8 24.48 -51.90 -46.73
CA ALA H 8 25.70 -51.48 -46.06
C ALA H 8 26.51 -52.64 -45.44
N LEU H 9 27.81 -52.38 -45.28
CA LEU H 9 28.79 -53.10 -44.48
C LEU H 9 28.71 -52.55 -43.05
N VAL H 10 28.90 -53.39 -42.03
CA VAL H 10 28.85 -53.01 -40.62
C VAL H 10 30.10 -53.52 -39.91
N CYS H 11 30.85 -52.62 -39.26
CA CYS H 11 32.12 -52.90 -38.58
C CYS H 11 32.03 -52.43 -37.12
N ASP H 12 32.30 -53.34 -36.17
CA ASP H 12 32.26 -53.06 -34.73
C ASP H 12 33.65 -52.67 -34.21
N ASN H 13 33.73 -51.57 -33.47
CA ASN H 13 34.95 -50.99 -32.91
C ASN H 13 34.81 -50.88 -31.38
N GLY H 14 34.39 -51.97 -30.74
CA GLY H 14 34.25 -52.08 -29.29
C GLY H 14 35.57 -52.32 -28.57
N SER H 15 35.56 -52.26 -27.24
CA SER H 15 36.68 -52.54 -26.34
C SER H 15 36.84 -54.08 -26.17
N GLY H 16 36.85 -54.85 -27.26
CA GLY H 16 37.04 -56.29 -27.30
C GLY H 16 37.40 -56.68 -28.73
N LEU H 17 37.03 -57.90 -29.14
CA LEU H 17 37.17 -58.41 -30.52
C LEU H 17 36.48 -57.48 -31.53
N VAL H 18 37.20 -57.11 -32.59
CA VAL H 18 36.68 -56.40 -33.77
C VAL H 18 35.80 -57.38 -34.55
N LYS H 19 34.71 -56.90 -35.16
CA LYS H 19 33.68 -57.70 -35.79
C LYS H 19 33.33 -56.99 -37.09
N ALA H 20 33.28 -57.68 -38.23
CA ALA H 20 32.88 -57.11 -39.51
C ALA H 20 32.05 -58.09 -40.34
N GLY H 21 30.97 -57.57 -40.93
CA GLY H 21 30.05 -58.26 -41.81
C GLY H 21 29.19 -57.20 -42.50
N PHE H 22 27.99 -57.58 -42.94
CA PHE H 22 27.06 -56.75 -43.68
C PHE H 22 25.75 -56.60 -42.90
N ALA H 23 24.80 -55.85 -43.47
CA ALA H 23 23.46 -55.68 -42.95
C ALA H 23 22.65 -56.98 -43.08
N GLY H 24 21.92 -57.34 -42.02
CA GLY H 24 21.10 -58.56 -41.96
C GLY H 24 21.88 -59.85 -41.70
N ASP H 25 23.15 -59.77 -41.29
CA ASP H 25 24.02 -60.89 -40.94
C ASP H 25 23.85 -61.20 -39.45
N ASP H 26 23.27 -62.36 -39.10
CA ASP H 26 23.00 -62.82 -37.73
C ASP H 26 24.27 -63.23 -36.96
N ALA H 27 25.43 -63.25 -37.61
CA ALA H 27 26.75 -63.45 -37.00
C ALA H 27 27.81 -62.71 -37.81
N PRO H 28 28.87 -62.15 -37.17
CA PRO H 28 29.96 -61.46 -37.88
C PRO H 28 30.83 -62.46 -38.63
N ARG H 29 31.20 -62.10 -39.87
CA ARG H 29 31.90 -62.96 -40.82
C ARG H 29 33.39 -62.97 -40.49
N ALA H 30 33.97 -61.77 -40.32
CA ALA H 30 35.30 -61.57 -39.77
C ALA H 30 35.08 -61.17 -38.32
N VAL H 31 35.67 -61.91 -37.39
CA VAL H 31 35.76 -61.58 -35.98
C VAL H 31 37.07 -62.19 -35.50
N PHE H 32 37.94 -61.41 -34.86
CA PHE H 32 39.27 -61.82 -34.41
C PHE H 32 39.65 -61.00 -33.16
N PRO H 33 40.57 -61.50 -32.29
CA PRO H 33 40.97 -60.76 -31.08
C PRO H 33 41.80 -59.53 -31.47
N SER H 34 41.53 -58.38 -30.85
CA SER H 34 42.10 -57.08 -31.17
C SER H 34 43.57 -56.90 -30.73
N ILE H 35 44.37 -57.96 -30.84
CA ILE H 35 45.81 -57.98 -30.63
C ILE H 35 46.51 -57.65 -31.96
N VAL H 36 47.55 -56.83 -31.87
CA VAL H 36 48.60 -56.70 -32.86
C VAL H 36 49.88 -57.14 -32.12
N GLY H 37 50.60 -58.11 -32.69
CA GLY H 37 51.87 -58.61 -32.21
C GLY H 37 52.95 -58.16 -33.18
N ARG H 38 53.86 -57.31 -32.72
CA ARG H 38 54.98 -56.75 -33.47
C ARG H 38 56.19 -57.68 -33.22
N PRO H 39 56.72 -58.43 -34.21
CA PRO H 39 57.94 -59.24 -34.07
C PRO H 39 59.15 -58.48 -33.54
N ARG H 40 59.79 -59.02 -32.51
CA ARG H 40 61.01 -58.51 -31.89
C ARG H 40 62.26 -59.11 -32.56
N HIS H 41 62.09 -60.19 -33.32
CA HIS H 41 63.13 -61.03 -33.91
C HIS H 41 62.69 -61.53 -35.29
N GLN H 42 63.45 -62.48 -35.87
CA GLN H 42 63.14 -63.18 -37.11
C GLN H 42 61.81 -63.95 -37.03
N GLY H 43 61.16 -64.16 -38.18
CA GLY H 43 59.87 -64.82 -38.29
C GLY H 43 58.86 -63.95 -39.07
N VAL H 44 59.23 -62.69 -39.36
CA VAL H 44 58.53 -61.75 -40.23
C VAL H 44 58.70 -62.24 -41.67
N MET H 45 57.59 -62.49 -42.38
CA MET H 45 57.60 -63.20 -43.66
C MET H 45 56.83 -62.47 -44.76
N VAL H 46 55.83 -61.65 -44.41
CA VAL H 46 54.83 -61.06 -45.31
C VAL H 46 55.40 -59.77 -45.95
N GLY H 47 56.56 -59.90 -46.62
CA GLY H 47 57.34 -58.83 -47.24
C GLY H 47 56.72 -58.24 -48.52
N MET H 48 55.41 -58.00 -48.52
CA MET H 48 54.62 -57.43 -49.61
C MET H 48 53.47 -56.53 -49.13
N GLY H 49 53.28 -56.40 -47.82
CA GLY H 49 52.25 -55.57 -47.20
C GLY H 49 52.93 -54.60 -46.23
N GLN H 50 52.30 -53.45 -45.99
CA GLN H 50 52.77 -52.45 -45.04
C GLN H 50 52.32 -52.85 -43.63
N LYS H 51 52.87 -53.94 -43.11
CA LYS H 51 52.82 -54.32 -41.71
C LYS H 51 54.08 -55.09 -41.32
N ASP H 52 54.71 -54.61 -40.25
CA ASP H 52 55.75 -55.25 -39.45
C ASP H 52 55.11 -56.44 -38.69
N SER H 53 53.89 -56.20 -38.21
CA SER H 53 53.19 -56.99 -37.22
C SER H 53 52.38 -58.14 -37.84
N TYR H 54 52.15 -59.14 -37.00
CA TYR H 54 51.11 -60.14 -37.17
C TYR H 54 49.90 -59.67 -36.35
N VAL H 55 48.73 -59.60 -36.99
CA VAL H 55 47.49 -59.02 -36.47
C VAL H 55 46.51 -60.18 -36.23
N GLY H 56 45.82 -60.18 -35.08
CA GLY H 56 44.80 -61.16 -34.73
C GLY H 56 45.35 -62.57 -34.63
N ASP H 57 44.65 -63.54 -35.23
CA ASP H 57 44.99 -64.96 -35.35
C ASP H 57 46.42 -65.22 -35.89
N GLU H 58 47.01 -64.27 -36.65
CA GLU H 58 48.39 -64.34 -37.10
C GLU H 58 49.37 -64.29 -35.91
N ALA H 59 49.08 -63.45 -34.90
CA ALA H 59 49.90 -63.26 -33.70
C ALA H 59 49.83 -64.48 -32.78
N GLN H 60 48.72 -65.23 -32.84
CA GLN H 60 48.56 -66.47 -32.09
C GLN H 60 49.29 -67.61 -32.83
N SER H 61 49.09 -67.74 -34.15
CA SER H 61 49.56 -68.88 -34.95
C SER H 61 51.02 -68.76 -35.42
N LYS H 62 51.44 -67.59 -35.93
CA LYS H 62 52.72 -67.37 -36.61
C LYS H 62 53.63 -66.47 -35.78
N ARG H 63 53.54 -66.62 -34.45
CA ARG H 63 54.41 -66.02 -33.45
C ARG H 63 55.90 -66.36 -33.67
N GLY H 64 56.73 -65.32 -33.71
CA GLY H 64 58.12 -65.37 -33.26
C GLY H 64 58.14 -64.84 -31.82
N ILE H 65 59.21 -64.15 -31.41
CA ILE H 65 59.19 -63.35 -30.19
C ILE H 65 58.44 -62.06 -30.59
N LEU H 66 57.23 -61.84 -30.05
CA LEU H 66 56.37 -60.70 -30.36
C LEU H 66 56.35 -59.74 -29.16
N THR H 67 56.26 -58.45 -29.46
CA THR H 67 55.82 -57.41 -28.53
C THR H 67 54.32 -57.21 -28.85
N LEU H 68 53.45 -57.52 -27.89
CA LEU H 68 52.01 -57.58 -28.01
C LEU H 68 51.38 -56.26 -27.54
N LYS H 69 50.46 -55.66 -28.33
CA LYS H 69 49.71 -54.47 -27.92
C LYS H 69 48.32 -54.46 -28.61
N TYR H 70 47.31 -53.92 -27.91
CA TYR H 70 45.94 -53.68 -28.42
C TYR H 70 45.85 -52.19 -28.81
N PRO H 71 45.39 -51.82 -30.03
CA PRO H 71 45.35 -50.41 -30.47
C PRO H 71 44.25 -49.61 -29.77
N ILE H 72 43.04 -50.18 -29.68
CA ILE H 72 41.92 -49.71 -28.87
C ILE H 72 42.01 -50.41 -27.51
N GLU H 73 41.69 -49.68 -26.44
CA GLU H 73 41.49 -50.20 -25.09
C GLU H 73 40.23 -49.55 -24.53
N HIS H 74 40.36 -48.73 -23.46
CA HIS H 74 39.31 -48.13 -22.63
C HIS H 74 38.28 -47.19 -23.30
N GLY H 75 37.81 -47.53 -24.50
CA GLY H 75 36.87 -46.76 -25.31
C GLY H 75 37.55 -45.69 -26.16
N ILE H 76 38.89 -45.75 -26.25
CA ILE H 76 39.80 -44.79 -26.86
C ILE H 76 40.87 -45.61 -27.60
N ILE H 77 41.36 -45.08 -28.73
CA ILE H 77 42.42 -45.63 -29.56
C ILE H 77 43.73 -45.00 -29.05
N THR H 78 44.80 -45.81 -28.95
CA THR H 78 46.10 -45.43 -28.42
C THR H 78 47.17 -45.45 -29.54
N ASN H 79 47.30 -46.57 -30.25
CA ASN H 79 48.08 -46.67 -31.49
C ASN H 79 47.08 -46.65 -32.65
N TRP H 80 46.99 -45.51 -33.34
CA TRP H 80 46.16 -45.33 -34.54
C TRP H 80 46.74 -46.05 -35.76
N ASP H 81 48.06 -46.28 -35.78
CA ASP H 81 48.76 -47.01 -36.85
C ASP H 81 48.46 -48.52 -36.71
N ASP H 82 48.28 -49.04 -35.49
CA ASP H 82 47.89 -50.45 -35.25
C ASP H 82 46.37 -50.62 -35.37
N MET H 83 45.60 -49.54 -35.20
CA MET H 83 44.17 -49.52 -35.49
C MET H 83 43.93 -49.60 -37.01
N GLU H 84 44.74 -48.87 -37.79
CA GLU H 84 44.75 -48.97 -39.25
C GLU H 84 45.22 -50.35 -39.72
N LYS H 85 46.27 -50.93 -39.10
CA LYS H 85 46.68 -52.32 -39.34
C LYS H 85 45.56 -53.33 -39.02
N ILE H 86 44.79 -53.14 -37.93
CA ILE H 86 43.56 -53.89 -37.67
C ILE H 86 42.54 -53.72 -38.80
N TRP H 87 42.18 -52.49 -39.19
CA TRP H 87 41.18 -52.22 -40.22
C TRP H 87 41.60 -52.75 -41.60
N HIS H 88 42.87 -52.56 -41.97
CA HIS H 88 43.49 -53.06 -43.20
C HIS H 88 43.55 -54.60 -43.24
N HIS H 89 43.72 -55.24 -42.08
CA HIS H 89 43.63 -56.70 -41.95
C HIS H 89 42.16 -57.16 -41.96
N THR H 90 41.25 -56.43 -41.29
CA THR H 90 39.82 -56.70 -41.22
C THR H 90 39.20 -56.70 -42.62
N PHE H 91 39.42 -55.65 -43.41
CA PHE H 91 38.83 -55.52 -44.75
C PHE H 91 39.50 -56.45 -45.77
N TYR H 92 40.83 -56.40 -45.89
CA TYR H 92 41.55 -56.96 -47.03
C TYR H 92 42.24 -58.30 -46.72
N ASN H 93 42.05 -58.89 -45.53
CA ASN H 93 42.48 -60.26 -45.20
C ASN H 93 41.32 -61.11 -44.67
N GLU H 94 40.58 -60.62 -43.67
CA GLU H 94 39.58 -61.43 -42.97
C GLU H 94 38.19 -61.35 -43.65
N LEU H 95 37.63 -60.14 -43.86
CA LEU H 95 36.31 -59.96 -44.47
C LEU H 95 36.38 -60.12 -46.00
N ARG H 96 37.49 -59.71 -46.62
CA ARG H 96 37.91 -60.03 -47.99
C ARG H 96 37.16 -59.19 -49.04
N VAL H 97 37.00 -57.89 -48.78
CA VAL H 97 36.29 -56.93 -49.62
C VAL H 97 37.09 -55.61 -49.68
N ALA H 98 36.82 -54.75 -50.67
CA ALA H 98 37.44 -53.44 -50.83
C ALA H 98 36.41 -52.37 -50.44
N PRO H 99 36.55 -51.65 -49.30
CA PRO H 99 35.60 -50.64 -48.81
C PRO H 99 35.08 -49.57 -49.80
N GLU H 100 35.76 -49.29 -50.93
CA GLU H 100 35.25 -48.51 -52.08
C GLU H 100 33.91 -49.05 -52.63
N GLU H 101 33.72 -50.38 -52.57
CA GLU H 101 32.48 -51.06 -52.97
C GLU H 101 31.32 -50.78 -52.00
N HIS H 102 31.58 -50.64 -50.68
CA HIS H 102 30.58 -50.90 -49.64
C HIS H 102 30.41 -49.71 -48.67
N PRO H 103 29.20 -49.13 -48.54
CA PRO H 103 28.89 -48.16 -47.46
C PRO H 103 29.12 -48.77 -46.07
N THR H 104 30.03 -48.21 -45.27
CA THR H 104 30.49 -48.78 -44.00
C THR H 104 29.84 -48.04 -42.81
N LEU H 105 29.03 -48.75 -42.01
CA LEU H 105 28.50 -48.29 -40.73
C LEU H 105 29.48 -48.74 -39.64
N LEU H 106 29.94 -47.82 -38.80
CA LEU H 106 30.78 -48.11 -37.65
C LEU H 106 29.86 -48.23 -36.41
N THR H 107 30.02 -49.28 -35.59
CA THR H 107 29.41 -49.37 -34.26
C THR H 107 30.53 -49.10 -33.23
N GLU H 108 30.40 -47.96 -32.53
CA GLU H 108 31.41 -47.25 -31.74
C GLU H 108 31.33 -47.64 -30.26
N ALA H 109 32.51 -47.81 -29.64
CA ALA H 109 32.70 -48.01 -28.20
C ALA H 109 32.18 -46.81 -27.38
N PRO H 110 31.46 -47.01 -26.25
CA PRO H 110 31.01 -45.93 -25.34
C PRO H 110 32.10 -44.94 -24.92
N LEU H 111 31.68 -43.70 -24.60
CA LEU H 111 32.47 -42.58 -24.09
C LEU H 111 33.22 -41.78 -25.17
N ASN H 112 33.84 -42.49 -26.14
CA ASN H 112 34.77 -42.10 -27.21
C ASN H 112 34.90 -40.58 -27.50
N PRO H 113 36.07 -39.93 -27.25
CA PRO H 113 36.36 -38.52 -27.58
C PRO H 113 36.00 -38.14 -29.03
N LYS H 114 35.40 -36.96 -29.23
CA LYS H 114 34.67 -36.65 -30.46
C LYS H 114 35.60 -36.27 -31.62
N ALA H 115 36.86 -35.92 -31.32
CA ALA H 115 37.95 -35.83 -32.28
C ALA H 115 38.29 -37.19 -32.92
N ASN H 116 38.09 -38.30 -32.19
CA ASN H 116 38.36 -39.66 -32.68
C ASN H 116 37.34 -40.06 -33.76
N ARG H 117 36.13 -39.50 -33.71
CA ARG H 117 35.12 -39.65 -34.76
C ARG H 117 35.57 -39.03 -36.09
N GLU H 118 36.34 -37.93 -36.05
CA GLU H 118 36.92 -37.31 -37.25
C GLU H 118 38.01 -38.21 -37.84
N LYS H 119 38.94 -38.71 -37.00
CA LYS H 119 40.09 -39.46 -37.50
C LYS H 119 39.68 -40.89 -37.91
N MET H 120 38.53 -41.40 -37.42
CA MET H 120 37.88 -42.59 -38.00
C MET H 120 37.26 -42.26 -39.36
N THR H 121 36.62 -41.09 -39.51
CA THR H 121 36.02 -40.65 -40.78
C THR H 121 37.12 -40.45 -41.85
N GLN H 122 38.21 -39.77 -41.49
CA GLN H 122 39.34 -39.50 -42.36
C GLN H 122 39.97 -40.80 -42.90
N ILE H 123 40.44 -41.70 -42.03
CA ILE H 123 41.09 -42.97 -42.42
C ILE H 123 40.16 -43.87 -43.27
N MET H 124 38.85 -43.88 -42.99
CA MET H 124 37.86 -44.63 -43.78
C MET H 124 37.75 -44.12 -45.23
N PHE H 125 37.93 -42.82 -45.47
CA PHE H 125 37.90 -42.22 -46.80
C PHE H 125 39.31 -42.13 -47.40
N GLU H 126 40.34 -41.81 -46.62
CA GLU H 126 41.69 -41.52 -47.10
C GLU H 126 42.48 -42.81 -47.36
N THR H 127 42.49 -43.78 -46.42
CA THR H 127 43.22 -45.04 -46.59
C THR H 127 42.32 -46.08 -47.31
N PHE H 128 41.02 -46.14 -46.97
CA PHE H 128 40.16 -47.27 -47.36
C PHE H 128 39.15 -46.93 -48.47
N ASN H 129 38.88 -45.64 -48.70
CA ASN H 129 38.25 -45.10 -49.92
C ASN H 129 36.72 -45.23 -49.96
N VAL H 130 36.09 -45.48 -48.82
CA VAL H 130 34.65 -45.68 -48.58
C VAL H 130 33.70 -44.73 -49.37
N PRO H 131 32.58 -45.20 -49.96
CA PRO H 131 31.64 -44.33 -50.68
C PRO H 131 30.78 -43.46 -49.75
N ALA H 132 30.31 -44.02 -48.63
CA ALA H 132 29.59 -43.33 -47.58
C ALA H 132 29.76 -44.07 -46.26
N MET H 133 29.68 -43.35 -45.14
CA MET H 133 29.75 -43.90 -43.79
C MET H 133 28.86 -43.16 -42.77
N TYR H 134 28.64 -43.80 -41.63
CA TYR H 134 27.89 -43.34 -40.48
C TYR H 134 28.48 -44.01 -39.23
N VAL H 135 28.17 -43.48 -38.03
CA VAL H 135 28.69 -43.90 -36.74
C VAL H 135 27.51 -44.00 -35.77
N ALA H 136 27.35 -45.14 -35.10
CA ALA H 136 26.32 -45.43 -34.09
C ALA H 136 26.98 -45.97 -32.82
N ILE H 137 26.35 -45.80 -31.65
CA ILE H 137 26.88 -46.24 -30.35
C ILE H 137 26.26 -47.59 -29.97
N GLN H 138 27.14 -48.55 -29.64
CA GLN H 138 26.90 -49.96 -29.35
C GLN H 138 25.73 -50.30 -28.40
N ALA H 139 25.61 -49.56 -27.31
CA ALA H 139 24.69 -49.86 -26.21
C ALA H 139 23.22 -49.68 -26.63
N VAL H 140 22.93 -48.63 -27.39
CA VAL H 140 21.60 -48.31 -27.90
C VAL H 140 21.12 -49.40 -28.88
N LEU H 141 22.02 -49.91 -29.73
CA LEU H 141 21.76 -50.98 -30.69
C LEU H 141 21.44 -52.32 -29.98
N SER H 142 22.17 -52.64 -28.91
CA SER H 142 21.91 -53.79 -28.04
C SER H 142 20.56 -53.64 -27.30
N LEU H 143 20.27 -52.43 -26.77
CA LEU H 143 19.02 -52.09 -26.09
C LEU H 143 17.80 -52.14 -27.04
N TYR H 144 17.96 -51.66 -28.27
CA TYR H 144 16.92 -51.68 -29.31
C TYR H 144 16.72 -53.11 -29.83
N ALA H 145 17.79 -53.93 -29.93
CA ALA H 145 17.70 -55.36 -30.26
C ALA H 145 17.01 -56.15 -29.14
N SER H 146 17.15 -55.72 -27.88
CA SER H 146 16.36 -56.20 -26.73
C SER H 146 14.89 -55.72 -26.78
N GLY H 147 14.53 -54.78 -27.67
CA GLY H 147 13.18 -54.26 -27.85
C GLY H 147 12.81 -53.21 -26.79
N ARG H 148 13.78 -52.34 -26.47
CA ARG H 148 13.70 -51.30 -25.45
C ARG H 148 14.32 -50.02 -26.01
N THR H 149 14.08 -48.87 -25.39
CA THR H 149 14.76 -47.61 -25.70
C THR H 149 15.26 -46.93 -24.42
N THR H 150 14.50 -47.02 -23.32
CA THR H 150 14.93 -46.62 -21.99
C THR H 150 15.48 -47.88 -21.30
N GLY H 151 16.54 -47.75 -20.49
CA GLY H 151 17.14 -48.84 -19.72
C GLY H 151 18.59 -48.54 -19.40
N ILE H 152 19.28 -49.45 -18.69
CA ILE H 152 20.70 -49.35 -18.42
C ILE H 152 21.37 -50.61 -18.95
N VAL H 153 22.38 -50.41 -19.82
CA VAL H 153 23.13 -51.46 -20.47
C VAL H 153 24.46 -51.57 -19.70
N LEU H 154 24.76 -52.75 -19.16
CA LEU H 154 26.09 -53.17 -18.74
C LEU H 154 26.64 -53.97 -19.93
N ASP H 155 27.78 -53.54 -20.51
CA ASP H 155 28.44 -54.23 -21.63
C ASP H 155 29.86 -54.62 -21.24
N SER H 156 30.20 -55.90 -21.43
CA SER H 156 31.47 -56.50 -21.10
C SER H 156 32.36 -56.52 -22.36
N GLY H 157 33.54 -55.90 -22.27
CA GLY H 157 34.61 -55.99 -23.27
C GLY H 157 35.75 -56.90 -22.79
N ASP H 158 36.84 -56.89 -23.55
CA ASP H 158 38.12 -57.53 -23.22
C ASP H 158 39.18 -56.49 -22.84
N GLY H 159 38.94 -55.19 -23.10
CA GLY H 159 39.76 -54.06 -22.68
C GLY H 159 39.23 -53.43 -21.39
N VAL H 160 37.98 -52.95 -21.38
CA VAL H 160 37.22 -52.47 -20.24
C VAL H 160 35.74 -52.91 -20.38
N THR H 161 35.01 -52.98 -19.27
CA THR H 161 33.56 -53.13 -19.20
C THR H 161 32.97 -51.69 -19.04
N HIS H 162 31.80 -51.42 -19.65
CA HIS H 162 31.09 -50.14 -19.60
C HIS H 162 29.67 -50.34 -19.04
N ASN H 163 29.18 -49.36 -18.27
CA ASN H 163 27.78 -49.18 -17.90
C ASN H 163 27.27 -47.90 -18.60
N VAL H 164 26.20 -48.00 -19.38
CA VAL H 164 25.60 -46.92 -20.14
C VAL H 164 24.08 -46.84 -19.82
N PRO H 165 23.61 -45.86 -19.01
CA PRO H 165 22.19 -45.59 -18.80
C PRO H 165 21.60 -44.77 -19.97
N ILE H 166 20.40 -45.13 -20.42
CA ILE H 166 19.68 -44.63 -21.58
C ILE H 166 18.24 -44.27 -21.16
N TYR H 167 17.68 -43.19 -21.70
CA TYR H 167 16.31 -42.71 -21.49
C TYR H 167 15.79 -42.20 -22.84
N GLU H 168 14.58 -42.61 -23.28
CA GLU H 168 13.93 -42.32 -24.57
C GLU H 168 14.54 -43.12 -25.73
N GLY H 169 15.83 -43.46 -25.63
CA GLY H 169 16.70 -43.96 -26.67
C GLY H 169 18.04 -43.21 -26.68
N TYR H 170 18.12 -42.09 -25.96
CA TYR H 170 19.28 -41.20 -25.88
C TYR H 170 20.00 -41.44 -24.54
N ALA H 171 21.33 -41.44 -24.57
CA ALA H 171 22.19 -41.81 -23.45
C ALA H 171 22.25 -40.67 -22.43
N LEU H 172 22.22 -41.01 -21.14
CA LEU H 172 22.33 -40.07 -20.02
C LEU H 172 23.84 -39.94 -19.69
N PRO H 173 24.51 -38.83 -20.06
CA PRO H 173 25.98 -38.78 -20.13
C PRO H 173 26.66 -38.68 -18.77
N HIS H 174 25.97 -38.07 -17.79
CA HIS H 174 26.43 -37.79 -16.44
C HIS H 174 26.51 -39.02 -15.53
N ALA H 175 26.09 -40.19 -16.04
CA ALA H 175 25.97 -41.44 -15.31
C ALA H 175 26.63 -42.63 -16.03
N ILE H 176 27.30 -42.43 -17.18
CA ILE H 176 28.04 -43.48 -17.89
C ILE H 176 29.32 -43.78 -17.06
N MET H 177 29.61 -45.06 -16.80
CA MET H 177 30.67 -45.54 -15.93
C MET H 177 31.40 -46.71 -16.58
N ARG H 178 32.59 -47.03 -16.09
CA ARG H 178 33.42 -48.16 -16.52
C ARG H 178 33.79 -49.02 -15.32
N LEU H 179 34.18 -50.26 -15.62
CA LEU H 179 35.04 -51.08 -14.79
C LEU H 179 36.18 -51.51 -15.72
N ASP H 180 37.42 -51.08 -15.42
CA ASP H 180 38.61 -51.28 -16.25
C ASP H 180 39.28 -52.66 -15.98
N LEU H 181 38.49 -53.62 -15.46
CA LEU H 181 38.74 -55.05 -15.41
C LEU H 181 37.93 -55.64 -16.57
N ALA H 182 38.52 -56.56 -17.35
CA ALA H 182 37.89 -57.13 -18.54
C ALA H 182 38.40 -58.55 -18.86
N GLY H 183 37.94 -59.09 -20.00
CA GLY H 183 38.19 -60.44 -20.50
C GLY H 183 39.66 -60.82 -20.66
N ARG H 184 40.57 -59.86 -20.92
CA ARG H 184 42.02 -60.07 -20.94
C ARG H 184 42.54 -60.43 -19.53
N ASP H 185 42.04 -59.73 -18.49
CA ASP H 185 42.48 -59.84 -17.11
C ASP H 185 41.91 -61.13 -16.52
N LEU H 186 40.70 -61.55 -16.94
CA LEU H 186 40.16 -62.90 -16.69
C LEU H 186 41.07 -63.98 -17.31
N THR H 187 41.49 -63.83 -18.58
CA THR H 187 42.41 -64.75 -19.27
C THR H 187 43.75 -64.87 -18.51
N ASP H 188 44.36 -63.73 -18.13
CA ASP H 188 45.66 -63.67 -17.49
C ASP H 188 45.60 -64.08 -15.99
N TYR H 189 44.46 -63.89 -15.32
CA TYR H 189 44.20 -64.34 -13.95
C TYR H 189 43.92 -65.85 -13.91
N LEU H 190 43.20 -66.44 -14.87
CA LEU H 190 42.86 -67.86 -14.88
C LEU H 190 44.09 -68.78 -14.77
N MET H 191 45.16 -68.50 -15.52
CA MET H 191 46.43 -69.21 -15.43
C MET H 191 47.14 -69.06 -14.06
N LYS H 192 46.87 -67.97 -13.33
CA LYS H 192 47.47 -67.68 -12.03
C LYS H 192 46.70 -68.33 -10.88
N ILE H 193 45.52 -68.92 -11.15
CA ILE H 193 44.78 -69.75 -10.19
C ILE H 193 44.77 -71.23 -10.62
N LEU H 194 45.03 -71.54 -11.90
CA LEU H 194 45.28 -72.91 -12.37
C LEU H 194 46.62 -73.44 -11.87
N THR H 195 47.62 -72.58 -11.64
CA THR H 195 48.96 -72.97 -11.20
C THR H 195 48.98 -73.60 -9.78
N GLU H 196 47.92 -73.40 -8.99
CA GLU H 196 47.66 -74.07 -7.71
C GLU H 196 47.53 -75.60 -7.85
N ARG H 197 47.24 -76.11 -9.06
CA ARG H 197 47.19 -77.52 -9.40
C ARG H 197 48.56 -78.07 -9.86
N GLY H 198 49.63 -77.25 -9.83
CA GLY H 198 50.96 -77.65 -10.29
C GLY H 198 51.11 -77.53 -11.80
N TYR H 199 50.40 -76.58 -12.41
CA TYR H 199 50.45 -76.28 -13.84
C TYR H 199 51.24 -74.98 -14.06
N SER H 200 51.71 -74.76 -15.29
CA SER H 200 52.19 -73.48 -15.80
C SER H 200 51.78 -73.40 -17.29
N PHE H 201 51.86 -72.20 -17.86
CA PHE H 201 51.35 -71.83 -19.18
C PHE H 201 52.26 -70.71 -19.66
N VAL H 202 53.35 -71.06 -20.36
CA VAL H 202 54.41 -70.14 -20.72
C VAL H 202 54.09 -69.52 -22.10
N THR H 203 53.80 -70.37 -23.08
CA THR H 203 53.71 -69.99 -24.48
C THR H 203 52.34 -69.35 -24.83
N THR H 204 52.29 -68.69 -25.99
CA THR H 204 51.10 -68.17 -26.65
C THR H 204 50.12 -69.32 -26.97
N ALA H 205 50.64 -70.51 -27.29
CA ALA H 205 49.87 -71.74 -27.52
C ALA H 205 49.22 -72.25 -26.23
N GLU H 206 49.95 -72.25 -25.10
CA GLU H 206 49.41 -72.57 -23.79
C GLU H 206 48.47 -71.46 -23.27
N ARG H 207 48.67 -70.21 -23.68
CA ARG H 207 47.78 -69.09 -23.36
C ARG H 207 46.45 -69.18 -24.14
N GLU H 208 46.46 -69.70 -25.38
CA GLU H 208 45.26 -70.02 -26.17
C GLU H 208 44.43 -71.13 -25.51
N ILE H 209 45.06 -72.12 -24.84
CA ILE H 209 44.38 -73.13 -24.02
C ILE H 209 43.61 -72.49 -22.85
N VAL H 210 44.28 -71.61 -22.07
CA VAL H 210 43.70 -70.87 -20.96
C VAL H 210 42.57 -69.92 -21.44
N ARG H 211 42.76 -69.26 -22.59
CA ARG H 211 41.74 -68.47 -23.27
C ARG H 211 40.51 -69.33 -23.63
N ASP H 212 40.71 -70.45 -24.33
CA ASP H 212 39.69 -71.38 -24.78
C ASP H 212 38.86 -71.97 -23.62
N ILE H 213 39.51 -72.39 -22.52
CA ILE H 213 38.89 -72.80 -21.26
C ILE H 213 38.01 -71.68 -20.65
N LYS H 214 38.52 -70.44 -20.60
CA LYS H 214 37.81 -69.25 -20.11
C LYS H 214 36.59 -68.90 -21.00
N GLU H 215 36.72 -69.09 -22.32
CA GLU H 215 35.69 -68.91 -23.35
C GLU H 215 34.75 -70.15 -23.40
N LYS H 216 34.86 -71.13 -22.48
CA LYS H 216 34.06 -72.36 -22.42
C LYS H 216 33.47 -72.71 -21.04
N LEU H 217 34.32 -73.11 -20.09
CA LEU H 217 33.95 -74.00 -18.97
C LEU H 217 33.60 -73.24 -17.68
N CYS H 218 33.64 -71.92 -17.73
CA CYS H 218 33.50 -71.01 -16.60
C CYS H 218 32.05 -70.52 -16.44
N TYR H 219 31.68 -70.11 -15.22
CA TYR H 219 30.35 -69.68 -14.81
C TYR H 219 30.46 -68.78 -13.58
N VAL H 220 29.45 -67.96 -13.28
CA VAL H 220 29.41 -67.16 -12.06
C VAL H 220 28.63 -67.97 -11.02
N ALA H 221 29.14 -67.98 -9.79
CA ALA H 221 28.51 -68.60 -8.62
C ALA H 221 27.51 -67.59 -8.04
N LEU H 222 26.32 -68.06 -7.67
CA LEU H 222 25.24 -67.25 -7.09
C LEU H 222 25.54 -66.89 -5.62
N ASP H 223 26.31 -67.76 -4.96
CA ASP H 223 26.69 -67.74 -3.56
C ASP H 223 28.10 -68.32 -3.49
N PHE H 224 29.15 -67.50 -3.61
CA PHE H 224 30.55 -67.94 -3.71
C PHE H 224 30.98 -69.02 -2.69
N GLU H 225 30.78 -68.74 -1.39
CA GLU H 225 31.21 -69.63 -0.32
C GLU H 225 30.30 -70.87 -0.22
N ASN H 226 29.01 -70.76 -0.56
CA ASN H 226 28.07 -71.90 -0.57
C ASN H 226 28.33 -72.80 -1.79
N GLU H 227 28.75 -72.21 -2.92
CA GLU H 227 29.27 -72.91 -4.10
C GLU H 227 30.58 -73.65 -3.74
N MET H 228 31.50 -73.04 -2.99
CA MET H 228 32.70 -73.71 -2.48
C MET H 228 32.37 -74.87 -1.50
N ALA H 229 31.32 -74.75 -0.67
CA ALA H 229 30.81 -75.82 0.18
C ALA H 229 30.16 -76.95 -0.64
N THR H 230 29.49 -76.61 -1.75
CA THR H 230 28.91 -77.55 -2.72
C THR H 230 30.04 -78.23 -3.52
N ALA H 231 31.13 -77.53 -3.82
CA ALA H 231 32.34 -78.06 -4.47
C ALA H 231 33.02 -79.10 -3.57
N ALA H 232 33.12 -78.80 -2.26
CA ALA H 232 33.63 -79.67 -1.21
C ALA H 232 32.74 -80.91 -0.92
N SER H 233 31.65 -81.08 -1.67
CA SER H 233 30.75 -82.21 -1.63
C SER H 233 30.40 -82.73 -3.05
N SER H 234 31.13 -82.28 -4.09
CA SER H 234 30.87 -82.62 -5.48
C SER H 234 32.19 -82.97 -6.17
N SER H 235 32.51 -84.27 -6.23
CA SER H 235 33.68 -84.83 -6.91
C SER H 235 33.50 -84.83 -8.46
N SER H 236 32.67 -83.94 -9.00
CA SER H 236 32.60 -83.59 -10.41
C SER H 236 32.28 -82.09 -10.56
N LEU H 237 32.69 -81.25 -9.60
CA LEU H 237 32.87 -79.81 -9.78
C LEU H 237 34.11 -79.61 -10.68
N GLU H 238 35.15 -80.42 -10.40
CA GLU H 238 36.30 -80.77 -11.22
C GLU H 238 35.83 -81.34 -12.57
N LYS H 239 36.20 -80.69 -13.68
CA LYS H 239 35.96 -81.16 -15.05
C LYS H 239 37.32 -81.32 -15.74
N SER H 240 37.53 -82.48 -16.35
CA SER H 240 38.71 -82.84 -17.13
C SER H 240 38.64 -82.24 -18.54
N TYR H 241 39.80 -81.94 -19.14
CA TYR H 241 39.91 -81.30 -20.44
C TYR H 241 41.17 -81.81 -21.16
N GLU H 242 41.06 -82.09 -22.47
CA GLU H 242 42.17 -82.45 -23.35
C GLU H 242 42.84 -81.13 -23.79
N LEU H 243 44.16 -81.03 -23.67
CA LEU H 243 44.98 -80.00 -24.29
C LEU H 243 45.16 -80.43 -25.75
N PRO H 244 44.88 -79.59 -26.76
CA PRO H 244 44.73 -79.96 -28.19
C PRO H 244 45.67 -80.98 -28.87
N ASP H 245 46.84 -81.34 -28.32
CA ASP H 245 47.74 -82.38 -28.83
C ASP H 245 47.59 -83.71 -28.07
N GLY H 246 46.69 -83.80 -27.08
CA GLY H 246 46.32 -85.07 -26.42
C GLY H 246 46.91 -85.26 -25.02
N GLN H 247 47.45 -84.19 -24.41
CA GLN H 247 47.69 -84.16 -22.96
C GLN H 247 46.36 -83.79 -22.27
N VAL H 248 46.20 -84.12 -20.98
CA VAL H 248 44.95 -83.95 -20.22
C VAL H 248 45.24 -83.23 -18.90
N ILE H 249 44.34 -82.31 -18.52
CA ILE H 249 44.31 -81.56 -17.27
C ILE H 249 42.90 -81.64 -16.66
N THR H 250 42.68 -80.98 -15.51
CA THR H 250 41.39 -80.83 -14.84
C THR H 250 41.29 -79.40 -14.26
N ILE H 251 40.09 -78.81 -14.28
CA ILE H 251 39.76 -77.47 -13.81
C ILE H 251 38.48 -77.58 -12.95
N GLY H 252 38.46 -76.95 -11.77
CA GLY H 252 37.39 -77.03 -10.78
C GLY H 252 36.94 -75.63 -10.37
N ASN H 253 37.11 -75.26 -9.08
CA ASN H 253 36.69 -74.00 -8.45
C ASN H 253 37.19 -72.72 -9.17
N GLU H 254 38.26 -72.82 -9.95
CA GLU H 254 38.76 -71.79 -10.85
C GLU H 254 37.75 -71.39 -11.94
N ARG H 255 36.82 -72.30 -12.28
CA ARG H 255 35.69 -72.08 -13.19
C ARG H 255 34.73 -70.98 -12.71
N PHE H 256 34.74 -70.63 -11.43
CA PHE H 256 33.96 -69.52 -10.88
C PHE H 256 34.83 -68.46 -10.21
N ARG H 257 35.99 -68.81 -9.61
CA ARG H 257 36.92 -67.82 -9.05
C ARG H 257 37.49 -66.88 -10.13
N CYS H 258 37.66 -67.35 -11.38
CA CYS H 258 37.96 -66.49 -12.53
C CYS H 258 36.85 -65.43 -12.78
N PRO H 259 35.62 -65.79 -13.24
CA PRO H 259 34.46 -64.88 -13.35
C PRO H 259 34.15 -63.97 -12.14
N GLU H 260 34.46 -64.39 -10.90
CA GLU H 260 34.25 -63.62 -9.68
C GLU H 260 35.03 -62.28 -9.65
N THR H 261 36.07 -62.12 -10.47
CA THR H 261 36.77 -60.85 -10.71
C THR H 261 35.84 -59.72 -11.24
N LEU H 262 34.68 -60.05 -11.83
CA LEU H 262 33.66 -59.10 -12.28
C LEU H 262 32.90 -58.48 -11.09
N PHE H 263 32.80 -59.19 -9.96
CA PHE H 263 32.10 -58.77 -8.76
C PHE H 263 33.10 -58.30 -7.70
N GLN H 264 34.29 -58.93 -7.64
CA GLN H 264 35.37 -58.62 -6.72
C GLN H 264 36.69 -58.38 -7.49
N PRO H 265 36.88 -57.21 -8.18
CA PRO H 265 38.18 -56.77 -8.75
C PRO H 265 39.40 -56.81 -7.81
N SER H 266 39.15 -56.80 -6.49
CA SER H 266 40.09 -57.05 -5.40
C SER H 266 40.92 -58.34 -5.55
N PHE H 267 40.40 -59.36 -6.28
CA PHE H 267 41.10 -60.60 -6.59
C PHE H 267 42.26 -60.43 -7.61
N ILE H 268 42.39 -59.26 -8.25
CA ILE H 268 43.55 -58.87 -9.09
C ILE H 268 44.20 -57.57 -8.58
N GLY H 269 43.86 -57.17 -7.35
CA GLY H 269 44.42 -56.04 -6.61
C GLY H 269 43.82 -54.66 -6.95
N MET H 270 42.71 -54.60 -7.71
CA MET H 270 42.10 -53.32 -8.06
C MET H 270 41.23 -52.80 -6.90
N GLU H 271 41.36 -51.49 -6.60
CA GLU H 271 40.63 -50.77 -5.55
C GLU H 271 39.14 -50.56 -5.90
N SER H 272 38.82 -50.72 -7.20
CA SER H 272 37.52 -50.69 -7.84
C SER H 272 36.53 -51.72 -7.26
N ALA H 273 35.23 -51.40 -7.38
CA ALA H 273 34.13 -52.29 -7.05
C ALA H 273 33.64 -52.97 -8.34
N GLY H 274 32.86 -54.05 -8.19
CA GLY H 274 32.38 -54.88 -9.29
C GLY H 274 31.23 -54.30 -10.10
N ILE H 275 30.79 -55.06 -11.13
CA ILE H 275 29.74 -54.74 -12.10
C ILE H 275 28.40 -54.31 -11.46
N HIS H 276 28.01 -54.95 -10.35
CA HIS H 276 26.80 -54.70 -9.56
C HIS H 276 26.83 -53.28 -8.97
N GLU H 277 27.91 -52.93 -8.28
CA GLU H 277 28.12 -51.63 -7.66
C GLU H 277 28.33 -50.55 -8.73
N THR H 278 29.02 -50.85 -9.84
CA THR H 278 29.21 -49.94 -10.97
C THR H 278 27.84 -49.58 -11.62
N THR H 279 26.93 -50.56 -11.72
CA THR H 279 25.56 -50.36 -12.22
C THR H 279 24.73 -49.54 -11.20
N TYR H 280 24.83 -49.85 -9.90
CA TYR H 280 24.14 -49.17 -8.80
C TYR H 280 24.52 -47.68 -8.70
N ASN H 281 25.83 -47.37 -8.77
CA ASN H 281 26.37 -45.99 -8.80
C ASN H 281 25.86 -45.20 -10.02
N SER H 282 25.71 -45.88 -11.16
CA SER H 282 25.20 -45.32 -12.42
C SER H 282 23.69 -45.01 -12.30
N ILE H 283 22.83 -45.97 -11.87
CA ILE H 283 21.39 -45.78 -11.69
C ILE H 283 21.09 -44.63 -10.70
N MET H 284 21.81 -44.57 -9.58
CA MET H 284 21.59 -43.57 -8.54
C MET H 284 22.16 -42.18 -8.87
N LYS H 285 22.93 -42.04 -9.97
CA LYS H 285 23.35 -40.75 -10.51
C LYS H 285 22.35 -40.24 -11.58
N CYS H 286 21.39 -41.06 -12.02
CA CYS H 286 20.23 -40.62 -12.80
C CYS H 286 19.21 -39.99 -11.83
N ASP H 287 18.34 -39.12 -12.33
CA ASP H 287 17.34 -38.35 -11.59
C ASP H 287 16.14 -39.26 -11.24
N ILE H 288 15.59 -39.04 -10.04
CA ILE H 288 14.65 -39.90 -9.31
C ILE H 288 13.53 -40.57 -10.15
N ASP H 289 12.75 -39.77 -10.89
CA ASP H 289 11.55 -40.14 -11.65
C ASP H 289 11.71 -41.41 -12.50
N ILE H 290 12.86 -41.56 -13.18
CA ILE H 290 13.16 -42.63 -14.12
C ILE H 290 13.97 -43.78 -13.49
N ARG H 291 14.52 -43.62 -12.25
CA ARG H 291 15.32 -44.64 -11.56
C ARG H 291 14.55 -45.97 -11.39
N LYS H 292 13.21 -45.88 -11.22
CA LYS H 292 12.27 -46.99 -11.11
C LYS H 292 12.33 -47.98 -12.28
N ASP H 293 12.36 -47.45 -13.52
CA ASP H 293 12.30 -48.24 -14.75
C ASP H 293 13.70 -48.62 -15.24
N LEU H 294 14.76 -47.90 -14.80
CA LEU H 294 16.15 -48.31 -15.01
C LEU H 294 16.46 -49.58 -14.20
N TYR H 295 15.96 -49.67 -12.96
CA TYR H 295 15.97 -50.88 -12.15
C TYR H 295 15.16 -52.04 -12.77
N ALA H 296 14.15 -51.75 -13.60
CA ALA H 296 13.35 -52.73 -14.32
C ALA H 296 13.94 -53.06 -15.71
N ASN H 297 15.08 -52.48 -16.11
CA ASN H 297 15.67 -52.59 -17.43
C ASN H 297 17.19 -52.66 -17.36
N ASN H 298 17.74 -53.51 -16.47
CA ASN H 298 19.18 -53.80 -16.38
C ASN H 298 19.50 -54.81 -17.49
N VAL H 299 19.99 -54.33 -18.63
CA VAL H 299 20.35 -55.14 -19.78
C VAL H 299 21.83 -55.52 -19.62
N MET H 300 22.09 -56.82 -19.58
CA MET H 300 23.44 -57.37 -19.66
C MET H 300 23.72 -57.62 -21.16
N SER H 301 24.88 -57.14 -21.64
CA SER H 301 25.34 -57.15 -23.01
C SER H 301 26.82 -57.59 -23.05
N GLY H 302 27.31 -57.94 -24.23
CA GLY H 302 28.72 -58.20 -24.50
C GLY H 302 29.24 -59.53 -23.93
N GLY H 303 30.57 -59.63 -23.81
CA GLY H 303 31.37 -60.82 -23.53
C GLY H 303 30.90 -61.71 -22.36
N THR H 304 31.31 -61.39 -21.13
CA THR H 304 31.22 -62.29 -19.97
C THR H 304 29.78 -62.53 -19.46
N THR H 305 28.80 -61.74 -19.91
CA THR H 305 27.38 -61.93 -19.61
C THR H 305 26.81 -63.25 -20.18
N MET H 306 27.55 -63.91 -21.08
CA MET H 306 27.28 -65.25 -21.61
C MET H 306 27.34 -66.34 -20.52
N TYR H 307 28.06 -66.12 -19.41
CA TYR H 307 28.29 -67.11 -18.36
C TYR H 307 27.00 -67.51 -17.61
N PRO H 308 26.76 -68.82 -17.32
CA PRO H 308 25.69 -69.26 -16.41
C PRO H 308 25.79 -68.60 -15.02
N GLY H 309 24.63 -68.35 -14.39
CA GLY H 309 24.49 -67.86 -13.02
C GLY H 309 24.71 -66.35 -12.83
N ILE H 310 25.19 -65.64 -13.85
CA ILE H 310 25.53 -64.22 -13.74
C ILE H 310 24.29 -63.32 -13.63
N ALA H 311 23.14 -63.73 -14.20
CA ALA H 311 21.89 -62.96 -14.12
C ALA H 311 21.30 -63.02 -12.71
N ASP H 312 21.31 -64.24 -12.17
CA ASP H 312 20.84 -64.70 -10.87
C ASP H 312 21.71 -64.08 -9.77
N ARG H 313 23.03 -64.07 -9.95
CA ARG H 313 23.98 -63.39 -9.08
C ARG H 313 23.79 -61.87 -9.12
N MET H 314 23.61 -61.28 -10.33
CA MET H 314 23.36 -59.84 -10.49
C MET H 314 22.06 -59.43 -9.79
N GLN H 315 21.00 -60.26 -9.86
CA GLN H 315 19.77 -60.13 -9.06
C GLN H 315 20.09 -60.13 -7.56
N LYS H 316 20.79 -61.15 -7.04
CA LYS H 316 21.16 -61.26 -5.63
C LYS H 316 22.03 -60.10 -5.10
N GLU H 317 22.97 -59.62 -5.91
CA GLU H 317 23.86 -58.51 -5.58
C GLU H 317 23.11 -57.17 -5.62
N ILE H 318 22.31 -56.91 -6.66
CA ILE H 318 21.55 -55.66 -6.78
C ILE H 318 20.43 -55.60 -5.72
N THR H 319 19.77 -56.71 -5.35
CA THR H 319 18.78 -56.71 -4.26
C THR H 319 19.38 -56.57 -2.84
N ALA H 320 20.72 -56.65 -2.70
CA ALA H 320 21.41 -56.31 -1.45
C ALA H 320 21.74 -54.80 -1.39
N LEU H 321 21.88 -54.14 -2.56
CA LEU H 321 22.23 -52.74 -2.68
C LEU H 321 20.98 -51.85 -2.83
N ALA H 322 20.03 -52.25 -3.70
CA ALA H 322 18.89 -51.47 -4.14
C ALA H 322 17.62 -51.85 -3.36
N PRO H 323 16.72 -50.89 -3.03
CA PRO H 323 15.41 -51.11 -2.39
C PRO H 323 14.55 -52.22 -3.04
N SER H 324 13.97 -53.09 -2.20
CA SER H 324 13.13 -54.22 -2.60
C SER H 324 11.71 -53.80 -3.04
N THR H 325 11.30 -52.56 -2.77
CA THR H 325 10.05 -51.94 -3.24
C THR H 325 10.16 -51.52 -4.73
N MET H 326 11.38 -51.48 -5.29
CA MET H 326 11.64 -51.31 -6.71
C MET H 326 11.63 -52.68 -7.39
N LYS H 327 11.22 -52.69 -8.66
CA LYS H 327 10.83 -53.87 -9.41
C LYS H 327 12.07 -54.38 -10.17
N ILE H 328 13.11 -54.83 -9.45
CA ILE H 328 14.45 -55.20 -9.93
C ILE H 328 14.43 -56.35 -10.97
N LYS H 329 14.44 -56.05 -12.28
CA LYS H 329 14.56 -57.03 -13.35
C LYS H 329 16.03 -57.06 -13.80
N ILE H 330 16.55 -58.24 -14.14
CA ILE H 330 17.77 -58.43 -14.93
C ILE H 330 17.30 -58.96 -16.30
N ILE H 331 17.80 -58.38 -17.38
CA ILE H 331 17.41 -58.58 -18.78
C ILE H 331 18.67 -58.90 -19.58
N ALA H 332 18.55 -59.66 -20.68
CA ALA H 332 19.61 -59.94 -21.62
C ALA H 332 19.01 -60.47 -22.93
N PRO H 333 19.58 -60.18 -24.12
CA PRO H 333 19.29 -60.95 -25.33
C PRO H 333 19.98 -62.34 -25.25
N PRO H 334 19.47 -63.39 -25.92
CA PRO H 334 20.09 -64.73 -25.91
C PRO H 334 21.56 -64.72 -26.40
N GLU H 335 21.82 -64.20 -27.59
CA GLU H 335 23.08 -64.19 -28.36
C GLU H 335 23.97 -62.97 -28.00
N ARG H 336 23.86 -62.48 -26.76
CA ARG H 336 24.41 -61.23 -26.22
C ARG H 336 25.88 -60.90 -26.54
N LYS H 337 26.72 -61.91 -26.79
CA LYS H 337 28.14 -61.80 -27.18
C LYS H 337 28.42 -60.74 -28.27
N TYR H 338 27.54 -60.65 -29.29
CA TYR H 338 27.72 -59.76 -30.44
C TYR H 338 26.59 -58.72 -30.58
N SER H 339 25.62 -58.71 -29.66
CA SER H 339 24.39 -57.90 -29.64
C SER H 339 24.51 -56.44 -30.14
N VAL H 340 25.55 -55.74 -29.67
CA VAL H 340 25.96 -54.39 -30.03
C VAL H 340 26.11 -54.14 -31.53
N TRP H 341 26.65 -55.14 -32.25
CA TRP H 341 26.88 -55.12 -33.69
C TRP H 341 25.69 -55.76 -34.42
N ILE H 342 25.01 -56.75 -33.82
CA ILE H 342 23.81 -57.41 -34.38
C ILE H 342 22.66 -56.41 -34.54
N GLY H 343 22.45 -55.53 -33.54
CA GLY H 343 21.50 -54.43 -33.62
C GLY H 343 21.89 -53.40 -34.69
N GLY H 344 23.19 -53.20 -34.92
CA GLY H 344 23.73 -52.42 -36.02
C GLY H 344 23.48 -53.07 -37.38
N SER H 345 23.75 -54.38 -37.52
CA SER H 345 23.53 -55.19 -38.72
C SER H 345 22.04 -55.22 -39.13
N ILE H 346 21.12 -55.42 -38.20
CA ILE H 346 19.68 -55.44 -38.49
C ILE H 346 19.19 -54.03 -38.87
N LEU H 347 19.68 -52.97 -38.20
CA LEU H 347 19.31 -51.57 -38.47
C LEU H 347 19.86 -51.07 -39.81
N ALA H 348 21.05 -51.55 -40.21
CA ALA H 348 21.82 -51.11 -41.38
C ALA H 348 21.14 -51.34 -42.74
N SER H 349 20.14 -52.21 -42.78
CA SER H 349 19.50 -52.73 -43.98
C SER H 349 18.78 -51.67 -44.86
N LEU H 350 17.99 -50.79 -44.25
CA LEU H 350 16.92 -50.08 -44.97
C LEU H 350 17.40 -48.86 -45.78
N SER H 351 16.71 -48.66 -46.90
CA SER H 351 16.85 -47.73 -48.02
C SER H 351 16.96 -46.22 -47.72
N THR H 352 18.09 -45.81 -47.12
CA THR H 352 18.72 -44.47 -47.17
C THR H 352 18.43 -43.54 -45.99
N PHE H 353 19.47 -42.86 -45.49
CA PHE H 353 19.48 -42.07 -44.26
C PHE H 353 20.42 -40.88 -44.42
N GLN H 354 20.31 -40.20 -45.58
CA GLN H 354 21.30 -39.26 -46.11
C GLN H 354 21.37 -37.93 -45.33
N GLN H 355 20.51 -37.77 -44.32
CA GLN H 355 20.59 -36.70 -43.32
C GLN H 355 21.80 -36.93 -42.39
N MET H 356 22.17 -38.19 -42.12
CA MET H 356 23.18 -38.54 -41.12
C MET H 356 24.36 -39.34 -41.70
N TRP H 357 24.19 -40.03 -42.84
CA TRP H 357 25.29 -40.67 -43.55
C TRP H 357 26.09 -39.63 -44.33
N ILE H 358 27.41 -39.63 -44.14
CA ILE H 358 28.37 -38.77 -44.81
C ILE H 358 28.79 -39.56 -46.06
N THR H 359 28.54 -39.03 -47.25
CA THR H 359 29.12 -39.50 -48.51
C THR H 359 30.52 -38.88 -48.67
N LYS H 360 31.44 -39.49 -49.43
CA LYS H 360 32.77 -38.90 -49.65
C LYS H 360 32.76 -37.55 -50.38
N GLN H 361 31.68 -37.17 -51.08
CA GLN H 361 31.57 -35.83 -51.69
C GLN H 361 31.21 -34.74 -50.66
N GLU H 362 30.64 -35.12 -49.51
CA GLU H 362 30.49 -34.25 -48.35
C GLU H 362 31.81 -34.24 -47.53
N TYR H 363 32.77 -35.14 -47.83
CA TYR H 363 34.13 -35.05 -47.33
C TYR H 363 34.94 -34.09 -48.20
N ASP H 364 34.76 -34.12 -49.54
CA ASP H 364 35.30 -33.15 -50.50
C ASP H 364 34.86 -31.70 -50.19
N GLU H 365 33.64 -31.53 -49.65
CA GLU H 365 33.09 -30.25 -49.21
C GLU H 365 33.72 -29.78 -47.89
N ALA H 366 33.75 -30.66 -46.86
CA ALA H 366 33.83 -30.26 -45.45
C ALA H 366 34.90 -30.97 -44.61
N GLY H 367 35.59 -31.97 -45.15
CA GLY H 367 36.71 -32.68 -44.52
C GLY H 367 36.37 -33.40 -43.19
N PRO H 368 37.37 -33.71 -42.34
CA PRO H 368 37.23 -34.51 -41.10
C PRO H 368 36.09 -34.12 -40.14
N SER H 369 35.76 -32.83 -40.04
CA SER H 369 34.88 -32.27 -39.02
C SER H 369 33.38 -32.28 -39.45
N ILE H 370 33.04 -32.87 -40.61
CA ILE H 370 31.66 -33.09 -41.08
C ILE H 370 30.84 -33.97 -40.10
N VAL H 371 31.52 -34.86 -39.36
CA VAL H 371 30.97 -35.81 -38.41
C VAL H 371 30.36 -35.15 -37.15
N HIS H 372 30.58 -33.85 -36.92
CA HIS H 372 29.93 -33.10 -35.83
C HIS H 372 28.69 -32.36 -36.34
N ARG H 373 28.39 -32.47 -37.64
CA ARG H 373 27.24 -31.86 -38.31
C ARG H 373 26.26 -32.96 -38.72
N LYS H 374 26.74 -34.07 -39.29
CA LYS H 374 25.90 -35.22 -39.71
C LYS H 374 25.84 -36.32 -38.62
N CYS H 375 26.40 -36.09 -37.44
CA CYS H 375 26.19 -36.88 -36.24
C CYS H 375 26.23 -35.88 -35.08
N PHE H 376 25.56 -36.18 -33.97
CA PHE H 376 25.48 -35.34 -32.79
C PHE H 376 26.87 -35.29 -32.12
N NH2 H 377 27.62 -34.22 -32.39
HN1 NH2 H 377 28.56 -34.15 -32.04
HN2 NH2 H 377 27.32 -33.61 -33.15
C ACE I 1 57.22 -76.73 33.60
O ACE I 1 56.71 -76.12 34.75
CH3 ACE I 1 56.93 -78.24 33.68
H1 ACE I 1 57.37 -78.68 34.57
H2 ACE I 1 57.32 -78.76 32.81
H3 ACE I 1 55.85 -78.42 33.71
N ASP I 2 58.65 -76.53 33.64
CA ASP I 2 59.04 -75.18 33.19
C ASP I 2 59.54 -75.30 31.74
N GLU I 3 59.74 -74.17 31.05
CA GLU I 3 60.28 -74.11 29.69
C GLU I 3 61.81 -73.95 29.78
N ASP I 4 62.54 -74.70 28.94
CA ASP I 4 63.98 -74.59 28.72
C ASP I 4 64.27 -74.71 27.21
N GLU I 5 65.46 -74.29 26.79
CA GLU I 5 66.07 -74.16 25.47
C GLU I 5 66.11 -75.48 24.68
N THR I 6 64.94 -76.01 24.34
CA THR I 6 64.73 -77.21 23.55
C THR I 6 64.86 -76.79 22.07
N THR I 7 65.91 -77.28 21.40
CA THR I 7 66.26 -76.92 20.03
C THR I 7 65.17 -77.42 19.06
N ALA I 8 64.62 -76.51 18.25
CA ALA I 8 63.70 -76.84 17.17
C ALA I 8 64.48 -77.31 15.94
N LEU I 9 63.77 -78.01 15.05
CA LEU I 9 64.24 -78.51 13.77
C LEU I 9 63.68 -77.56 12.70
N VAL I 10 64.48 -77.28 11.66
CA VAL I 10 64.07 -76.46 10.55
C VAL I 10 64.41 -77.23 9.27
N CYS I 11 63.46 -77.33 8.34
CA CYS I 11 63.62 -77.99 7.07
C CYS I 11 63.06 -77.06 6.00
N ASP I 12 63.90 -76.63 5.05
CA ASP I 12 63.47 -75.97 3.84
C ASP I 12 63.27 -77.05 2.78
N ASN I 13 62.11 -77.00 2.11
CA ASN I 13 61.70 -77.86 1.00
C ASN I 13 62.30 -77.39 -0.33
N GLY I 14 62.69 -76.11 -0.43
CA GLY I 14 63.32 -75.46 -1.58
C GLY I 14 62.50 -75.55 -2.87
N SER I 15 63.15 -76.06 -3.93
CA SER I 15 62.56 -76.33 -5.24
C SER I 15 63.23 -77.56 -5.87
N GLY I 16 63.59 -78.55 -5.05
CA GLY I 16 64.29 -79.76 -5.49
C GLY I 16 65.57 -80.03 -4.71
N LEU I 17 65.94 -79.16 -3.77
CA LEU I 17 67.07 -79.32 -2.86
C LEU I 17 66.54 -79.03 -1.46
N VAL I 18 66.62 -80.00 -0.56
CA VAL I 18 66.29 -79.87 0.86
C VAL I 18 67.46 -79.13 1.52
N LYS I 19 67.17 -78.32 2.54
CA LYS I 19 68.17 -77.78 3.46
C LYS I 19 67.57 -78.07 4.83
N ALA I 20 68.29 -78.74 5.72
CA ALA I 20 67.80 -79.12 7.03
C ALA I 20 68.90 -79.05 8.08
N GLY I 21 68.50 -78.93 9.34
CA GLY I 21 69.37 -78.78 10.49
C GLY I 21 68.53 -78.34 11.69
N PHE I 22 69.20 -77.74 12.67
CA PHE I 22 68.62 -77.39 13.96
C PHE I 22 68.64 -75.87 14.12
N ALA I 23 67.71 -75.34 14.91
CA ALA I 23 67.48 -73.92 15.10
C ALA I 23 68.60 -73.29 15.95
N GLY I 24 69.30 -72.32 15.37
CA GLY I 24 70.47 -71.65 15.96
C GLY I 24 71.77 -72.01 15.21
N ASP I 25 71.69 -72.95 14.25
CA ASP I 25 72.75 -73.23 13.30
C ASP I 25 72.67 -72.15 12.20
N ASP I 26 73.65 -71.24 12.12
CA ASP I 26 73.74 -70.20 11.05
C ASP I 26 74.15 -70.79 9.67
N ALA I 27 74.22 -72.13 9.51
CA ALA I 27 74.38 -72.85 8.26
C ALA I 27 73.73 -74.25 8.38
N PRO I 28 73.10 -74.82 7.32
CA PRO I 28 72.41 -76.13 7.39
C PRO I 28 73.37 -77.32 7.55
N ARG I 29 72.85 -78.41 8.11
CA ARG I 29 73.59 -79.63 8.47
C ARG I 29 73.48 -80.68 7.36
N ALA I 30 72.28 -80.81 6.77
CA ALA I 30 71.96 -81.72 5.70
C ALA I 30 71.48 -80.86 4.53
N VAL I 31 72.07 -81.05 3.36
CA VAL I 31 71.64 -80.44 2.12
C VAL I 31 71.69 -81.59 1.12
N PHE I 32 70.53 -82.08 0.65
CA PHE I 32 70.41 -83.24 -0.23
C PHE I 32 69.31 -82.95 -1.27
N PRO I 33 69.32 -83.60 -2.47
CA PRO I 33 68.28 -83.38 -3.47
C PRO I 33 66.96 -84.02 -3.05
N SER I 34 65.86 -83.26 -3.15
CA SER I 34 64.49 -83.68 -2.93
C SER I 34 64.05 -84.39 -4.23
N ILE I 35 64.57 -85.61 -4.43
CA ILE I 35 64.48 -86.37 -5.65
C ILE I 35 64.21 -87.83 -5.26
N VAL I 36 63.23 -88.46 -5.90
CA VAL I 36 62.97 -89.89 -5.78
C VAL I 36 63.33 -90.53 -7.12
N GLY I 37 64.10 -91.61 -7.04
CA GLY I 37 64.48 -92.47 -8.14
C GLY I 37 63.50 -93.65 -8.21
N ARG I 38 62.74 -93.73 -9.31
CA ARG I 38 61.80 -94.81 -9.60
C ARG I 38 62.46 -95.73 -10.67
N PRO I 39 62.58 -97.06 -10.44
CA PRO I 39 63.24 -98.04 -11.34
C PRO I 39 62.96 -97.96 -12.85
N ARG I 40 64.00 -98.19 -13.66
CA ARG I 40 64.02 -98.43 -15.10
C ARG I 40 65.25 -99.31 -15.43
N HIS I 41 65.49 -100.40 -14.68
CA HIS I 41 66.54 -101.37 -14.98
C HIS I 41 65.98 -102.38 -16.00
N GLN I 42 66.69 -102.61 -17.12
CA GLN I 42 66.27 -103.56 -18.16
C GLN I 42 66.99 -104.92 -17.98
N GLY I 43 68.07 -104.96 -17.19
CA GLY I 43 68.89 -106.14 -16.93
C GLY I 43 68.39 -106.88 -15.70
N VAL I 44 68.70 -108.19 -15.63
CA VAL I 44 68.35 -109.09 -14.54
C VAL I 44 69.09 -108.67 -13.26
N MET I 45 68.35 -108.57 -12.15
CA MET I 45 68.87 -108.39 -10.80
C MET I 45 68.88 -109.79 -10.16
N VAL I 46 69.91 -110.10 -9.37
CA VAL I 46 70.05 -111.34 -8.61
C VAL I 46 70.22 -110.90 -7.15
N GLY I 47 69.43 -111.47 -6.24
CA GLY I 47 69.32 -111.07 -4.85
C GLY I 47 67.83 -110.95 -4.50
N MET I 48 67.48 -109.96 -3.69
CA MET I 48 66.14 -109.60 -3.27
C MET I 48 66.05 -108.07 -3.15
N GLY I 49 64.85 -107.55 -2.87
CA GLY I 49 64.58 -106.15 -2.60
C GLY I 49 65.25 -105.65 -1.31
N GLN I 50 65.46 -104.34 -1.18
CA GLN I 50 66.19 -103.70 -0.08
C GLN I 50 65.46 -102.42 0.36
N LYS I 51 65.44 -101.43 -0.53
CA LYS I 51 64.56 -100.29 -0.57
C LYS I 51 64.46 -100.06 -2.08
N ASP I 52 63.28 -100.23 -2.67
CA ASP I 52 63.17 -100.48 -4.11
C ASP I 52 62.57 -99.27 -4.87
N SER I 53 62.53 -98.14 -4.16
CA SER I 53 62.55 -96.79 -4.66
C SER I 53 63.58 -96.08 -3.76
N TYR I 54 64.38 -95.18 -4.34
CA TYR I 54 65.52 -94.56 -3.67
C TYR I 54 65.30 -93.05 -3.61
N VAL I 55 65.87 -92.39 -2.60
CA VAL I 55 65.79 -90.96 -2.36
C VAL I 55 67.21 -90.37 -2.42
N GLY I 56 67.32 -89.10 -2.81
CA GLY I 56 68.49 -88.26 -2.58
C GLY I 56 69.75 -88.73 -3.30
N ASP I 57 70.89 -88.59 -2.62
CA ASP I 57 72.23 -88.97 -3.06
C ASP I 57 72.36 -90.48 -3.30
N GLU I 58 71.52 -91.28 -2.63
CA GLU I 58 71.38 -92.72 -2.84
C GLU I 58 70.60 -93.02 -4.15
N ALA I 59 69.68 -92.15 -4.58
CA ALA I 59 69.06 -92.23 -5.92
C ALA I 59 70.07 -91.81 -6.99
N GLN I 60 70.85 -90.75 -6.75
CA GLN I 60 71.94 -90.28 -7.62
C GLN I 60 73.02 -91.36 -7.84
N SER I 61 73.32 -92.16 -6.80
CA SER I 61 74.26 -93.28 -6.81
C SER I 61 73.79 -94.44 -7.73
N LYS I 62 72.48 -94.61 -7.94
CA LYS I 62 71.89 -95.71 -8.71
C LYS I 62 71.78 -95.30 -10.20
N ARG I 63 72.94 -95.05 -10.81
CA ARG I 63 73.15 -94.61 -12.20
C ARG I 63 72.50 -95.60 -13.19
N GLY I 64 71.57 -95.13 -14.04
CA GLY I 64 70.90 -95.93 -15.08
C GLY I 64 69.91 -96.99 -14.60
N ILE I 65 69.81 -97.24 -13.29
CA ILE I 65 68.92 -98.23 -12.68
C ILE I 65 67.50 -97.64 -12.52
N LEU I 66 67.37 -96.31 -12.49
CA LEU I 66 66.16 -95.58 -12.16
C LEU I 66 66.06 -94.28 -12.94
N THR I 67 64.84 -93.73 -13.08
CA THR I 67 64.61 -92.39 -13.59
C THR I 67 64.23 -91.53 -12.37
N LEU I 68 64.99 -90.45 -12.16
CA LEU I 68 64.88 -89.52 -11.05
C LEU I 68 63.85 -88.43 -11.40
N LYS I 69 62.96 -88.07 -10.47
CA LYS I 69 61.98 -86.98 -10.54
C LYS I 69 61.95 -86.28 -9.18
N TYR I 70 61.68 -84.97 -9.13
CA TYR I 70 61.63 -84.21 -7.88
C TYR I 70 60.15 -84.02 -7.49
N PRO I 71 59.62 -84.57 -6.38
CA PRO I 71 58.23 -84.33 -5.90
C PRO I 71 57.81 -82.85 -5.65
N ILE I 72 58.72 -81.89 -5.82
CA ILE I 72 58.64 -80.49 -5.41
C ILE I 72 59.18 -79.53 -6.49
N GLU I 73 59.46 -79.96 -7.74
CA GLU I 73 60.13 -79.10 -8.74
C GLU I 73 59.35 -77.83 -9.17
N HIS I 74 58.03 -77.76 -8.86
CA HIS I 74 57.20 -76.57 -9.04
C HIS I 74 57.21 -75.64 -7.81
N GLY I 75 57.83 -76.05 -6.70
CA GLY I 75 57.77 -75.36 -5.40
C GLY I 75 56.48 -75.68 -4.61
N ILE I 76 55.62 -76.55 -5.17
CA ILE I 76 54.44 -77.13 -4.57
C ILE I 76 54.62 -78.65 -4.71
N ILE I 77 54.02 -79.43 -3.81
CA ILE I 77 54.13 -80.87 -3.79
C ILE I 77 53.22 -81.43 -4.90
N THR I 78 53.81 -81.83 -6.03
CA THR I 78 53.13 -82.41 -7.18
C THR I 78 52.90 -83.94 -6.99
N ASN I 79 53.56 -84.54 -5.99
CA ASN I 79 53.48 -85.95 -5.64
C ASN I 79 53.67 -86.06 -4.12
N TRP I 80 52.57 -86.16 -3.36
CA TRP I 80 52.59 -86.28 -1.89
C TRP I 80 53.10 -87.64 -1.46
N ASP I 81 52.69 -88.62 -2.25
CA ASP I 81 52.88 -90.05 -2.28
C ASP I 81 54.28 -90.41 -2.80
N ASP I 82 55.22 -89.44 -2.75
CA ASP I 82 56.67 -89.53 -2.90
C ASP I 82 57.40 -88.46 -2.08
N MET I 83 56.80 -87.28 -1.82
CA MET I 83 57.38 -86.27 -0.92
C MET I 83 57.39 -86.74 0.56
N GLU I 84 56.53 -87.68 0.94
CA GLU I 84 56.59 -88.43 2.20
C GLU I 84 57.95 -89.16 2.35
N LYS I 85 58.48 -89.76 1.28
CA LYS I 85 59.78 -90.44 1.26
C LYS I 85 60.93 -89.43 1.40
N ILE I 86 60.79 -88.21 0.85
CA ILE I 86 61.76 -87.12 1.03
C ILE I 86 61.80 -86.70 2.51
N TRP I 87 60.64 -86.39 3.09
CA TRP I 87 60.54 -85.95 4.48
C TRP I 87 60.97 -87.05 5.46
N HIS I 88 60.59 -88.32 5.22
CA HIS I 88 61.01 -89.47 6.02
C HIS I 88 62.53 -89.67 5.96
N HIS I 89 63.13 -89.57 4.77
CA HIS I 89 64.57 -89.67 4.55
C HIS I 89 65.35 -88.45 5.07
N THR I 90 64.69 -87.29 5.23
CA THR I 90 65.30 -86.11 5.86
C THR I 90 65.53 -86.41 7.35
N PHE I 91 64.50 -86.88 8.07
CA PHE I 91 64.58 -87.19 9.50
C PHE I 91 65.40 -88.48 9.68
N TYR I 92 64.80 -89.64 9.33
CA TYR I 92 65.23 -90.99 9.70
C TYR I 92 66.40 -91.49 8.83
N ASN I 93 67.00 -90.63 8.00
CA ASN I 93 68.27 -90.86 7.31
C ASN I 93 69.19 -89.65 7.54
N GLU I 94 69.09 -88.54 6.81
CA GLU I 94 70.21 -87.57 6.71
C GLU I 94 70.32 -86.52 7.81
N LEU I 95 69.30 -86.28 8.64
CA LEU I 95 69.47 -85.58 9.92
C LEU I 95 69.87 -86.59 11.01
N ARG I 96 69.46 -87.86 10.88
CA ARG I 96 69.80 -89.01 11.72
C ARG I 96 68.99 -89.00 13.03
N VAL I 97 67.75 -88.49 13.00
CA VAL I 97 66.84 -88.30 14.13
C VAL I 97 65.44 -88.77 13.72
N ALA I 98 64.44 -88.74 14.61
CA ALA I 98 63.05 -89.00 14.27
C ALA I 98 62.29 -87.65 14.17
N PRO I 99 61.14 -87.55 13.47
CA PRO I 99 60.27 -86.37 13.51
C PRO I 99 59.56 -86.15 14.85
N GLU I 100 59.04 -87.21 15.49
CA GLU I 100 58.14 -87.15 16.64
C GLU I 100 58.73 -86.55 17.93
N GLU I 101 60.05 -86.30 17.97
CA GLU I 101 60.75 -85.70 19.11
C GLU I 101 60.82 -84.16 19.00
N HIS I 102 60.85 -83.57 17.79
CA HIS I 102 61.35 -82.21 17.57
C HIS I 102 60.22 -81.27 17.08
N PRO I 103 60.12 -80.02 17.59
CA PRO I 103 59.24 -79.02 16.99
C PRO I 103 59.84 -78.53 15.64
N THR I 104 59.04 -78.56 14.57
CA THR I 104 59.52 -78.44 13.19
C THR I 104 58.97 -77.17 12.51
N LEU I 105 59.86 -76.29 12.02
CA LEU I 105 59.52 -75.19 11.11
C LEU I 105 59.73 -75.69 9.66
N LEU I 106 58.72 -75.54 8.80
CA LEU I 106 58.79 -75.81 7.36
C LEU I 106 58.72 -74.51 6.57
N THR I 107 59.30 -74.51 5.36
CA THR I 107 59.11 -73.44 4.38
C THR I 107 57.90 -73.76 3.48
N GLU I 108 57.13 -72.74 3.12
CA GLU I 108 56.23 -72.71 1.96
C GLU I 108 56.87 -71.78 0.91
N ALA I 109 56.59 -72.06 -0.37
CA ALA I 109 56.98 -71.24 -1.51
C ALA I 109 55.95 -70.11 -1.74
N PRO I 110 56.34 -68.93 -2.26
CA PRO I 110 55.48 -67.76 -2.51
C PRO I 110 54.12 -68.05 -3.19
N LEU I 111 53.04 -67.51 -2.60
CA LEU I 111 51.66 -67.47 -3.12
C LEU I 111 50.89 -68.79 -2.90
N ASN I 112 51.52 -69.75 -2.20
CA ASN I 112 51.25 -71.19 -1.99
C ASN I 112 49.79 -71.67 -2.16
N PRO I 113 49.53 -72.80 -2.86
CA PRO I 113 48.19 -73.41 -2.92
C PRO I 113 47.63 -73.67 -1.52
N LYS I 114 46.42 -73.17 -1.24
CA LYS I 114 45.96 -73.01 0.14
C LYS I 114 45.77 -74.37 0.86
N ALA I 115 45.30 -75.38 0.12
CA ALA I 115 45.17 -76.76 0.60
C ALA I 115 46.54 -77.51 0.60
N ASN I 116 47.56 -77.00 -0.10
CA ASN I 116 48.94 -77.52 -0.06
C ASN I 116 49.57 -77.10 1.28
N ARG I 117 49.21 -75.94 1.84
CA ARG I 117 49.62 -75.52 3.18
C ARG I 117 49.06 -76.51 4.23
N GLU I 118 47.75 -76.79 4.16
CA GLU I 118 47.02 -77.67 5.07
C GLU I 118 47.46 -79.14 4.94
N LYS I 119 47.64 -79.68 3.72
CA LYS I 119 48.15 -81.04 3.54
C LYS I 119 49.60 -81.20 4.05
N MET I 120 50.41 -80.14 3.98
CA MET I 120 51.79 -80.13 4.49
C MET I 120 51.83 -79.92 6.01
N THR I 121 50.77 -79.35 6.60
CA THR I 121 50.59 -79.24 8.05
C THR I 121 50.13 -80.60 8.59
N GLN I 122 49.12 -81.22 7.94
CA GLN I 122 48.50 -82.48 8.33
C GLN I 122 49.49 -83.66 8.40
N ILE I 123 50.26 -83.91 7.35
CA ILE I 123 51.15 -85.07 7.27
C ILE I 123 52.24 -85.09 8.37
N MET I 124 52.63 -83.92 8.89
CA MET I 124 53.57 -83.82 10.00
C MET I 124 52.91 -84.25 11.32
N PHE I 125 51.65 -83.87 11.55
CA PHE I 125 50.92 -84.19 12.79
C PHE I 125 50.39 -85.63 12.78
N GLU I 126 49.92 -86.14 11.65
CA GLU I 126 49.23 -87.44 11.60
C GLU I 126 50.19 -88.58 11.23
N THR I 127 51.00 -88.39 10.19
CA THR I 127 51.76 -89.48 9.57
C THR I 127 53.15 -89.57 10.22
N PHE I 128 53.77 -88.42 10.56
CA PHE I 128 55.09 -88.36 11.19
C PHE I 128 55.01 -88.09 12.70
N ASN I 129 53.84 -87.70 13.23
CA ASN I 129 53.55 -87.57 14.67
C ASN I 129 54.35 -86.46 15.38
N VAL I 130 54.73 -85.41 14.64
CA VAL I 130 55.41 -84.21 15.11
C VAL I 130 54.57 -83.51 16.21
N PRO I 131 55.14 -83.14 17.38
CA PRO I 131 54.35 -82.62 18.51
C PRO I 131 53.87 -81.17 18.32
N ALA I 132 54.63 -80.35 17.59
CA ALA I 132 54.32 -78.95 17.28
C ALA I 132 55.05 -78.53 16.02
N MET I 133 54.44 -77.63 15.22
CA MET I 133 55.00 -77.18 13.94
C MET I 133 54.59 -75.74 13.57
N TYR I 134 55.17 -75.21 12.50
CA TYR I 134 54.87 -73.89 11.93
C TYR I 134 55.25 -73.92 10.43
N VAL I 135 54.57 -73.11 9.61
CA VAL I 135 54.83 -72.92 8.19
C VAL I 135 55.15 -71.43 7.97
N ALA I 136 56.29 -71.12 7.32
CA ALA I 136 56.76 -69.77 7.02
C ALA I 136 57.14 -69.65 5.53
N ILE I 137 57.02 -68.45 4.95
CA ILE I 137 57.33 -68.16 3.54
C ILE I 137 58.85 -67.88 3.44
N GLN I 138 59.58 -68.76 2.76
CA GLN I 138 61.05 -68.77 2.59
C GLN I 138 61.71 -67.44 2.19
N ALA I 139 61.06 -66.71 1.28
CA ALA I 139 61.50 -65.42 0.76
C ALA I 139 61.51 -64.34 1.86
N VAL I 140 60.49 -64.33 2.74
CA VAL I 140 60.35 -63.39 3.86
C VAL I 140 61.46 -63.65 4.90
N LEU I 141 61.85 -64.92 5.11
CA LEU I 141 63.00 -65.29 5.96
C LEU I 141 64.31 -64.71 5.41
N SER I 142 64.54 -64.77 4.09
CA SER I 142 65.70 -64.15 3.44
C SER I 142 65.65 -62.60 3.51
N LEU I 143 64.45 -62.00 3.36
CA LEU I 143 64.22 -60.55 3.46
C LEU I 143 64.51 -60.03 4.89
N TYR I 144 64.03 -60.75 5.91
CA TYR I 144 64.25 -60.41 7.32
C TYR I 144 65.72 -60.65 7.71
N ALA I 145 66.37 -61.71 7.22
CA ALA I 145 67.81 -61.99 7.42
C ALA I 145 68.70 -60.99 6.67
N SER I 146 68.18 -60.39 5.59
CA SER I 146 68.76 -59.26 4.86
C SER I 146 68.43 -57.91 5.56
N GLY I 147 67.68 -57.94 6.67
CA GLY I 147 67.43 -56.79 7.55
C GLY I 147 66.36 -55.83 7.01
N ARG I 148 65.56 -56.28 6.06
CA ARG I 148 64.47 -55.51 5.46
C ARG I 148 63.14 -55.96 6.07
N THR I 149 62.12 -55.16 5.80
CA THR I 149 60.72 -55.48 6.02
C THR I 149 59.93 -55.17 4.73
N THR I 150 60.35 -54.14 3.98
CA THR I 150 59.90 -53.82 2.63
C THR I 150 61.08 -54.09 1.68
N GLY I 151 60.81 -54.74 0.55
CA GLY I 151 61.77 -55.08 -0.49
C GLY I 151 61.20 -56.17 -1.41
N ILE I 152 61.94 -56.54 -2.46
CA ILE I 152 61.54 -57.54 -3.44
C ILE I 152 62.62 -58.61 -3.50
N VAL I 153 62.26 -59.85 -3.16
CA VAL I 153 63.17 -60.99 -3.18
C VAL I 153 63.06 -61.62 -4.58
N LEU I 154 64.21 -61.80 -5.25
CA LEU I 154 64.37 -62.75 -6.33
C LEU I 154 65.04 -63.98 -5.69
N ASP I 155 64.42 -65.16 -5.81
CA ASP I 155 65.01 -66.45 -5.52
C ASP I 155 64.96 -67.29 -6.81
N SER I 156 65.96 -68.16 -6.99
CA SER I 156 66.20 -68.97 -8.16
C SER I 156 66.97 -70.22 -7.70
N GLY I 157 66.26 -71.34 -7.59
CA GLY I 157 66.81 -72.66 -7.34
C GLY I 157 66.94 -73.44 -8.65
N ASP I 158 67.07 -74.77 -8.55
CA ASP I 158 67.10 -75.64 -9.72
C ASP I 158 65.68 -75.96 -10.24
N GLY I 159 64.60 -75.84 -9.45
CA GLY I 159 63.25 -76.15 -9.90
C GLY I 159 62.49 -74.97 -10.52
N VAL I 160 62.47 -73.81 -9.85
CA VAL I 160 61.73 -72.60 -10.22
C VAL I 160 62.50 -71.34 -9.76
N THR I 161 62.18 -70.21 -10.39
CA THR I 161 62.55 -68.85 -9.99
C THR I 161 61.24 -68.14 -9.58
N HIS I 162 61.32 -67.24 -8.57
CA HIS I 162 60.22 -66.45 -8.02
C HIS I 162 60.67 -65.01 -7.77
N ASN I 163 59.84 -64.03 -8.14
CA ASN I 163 60.01 -62.60 -7.86
C ASN I 163 58.90 -62.26 -6.86
N VAL I 164 59.25 -61.82 -5.63
CA VAL I 164 58.35 -61.75 -4.48
C VAL I 164 58.40 -60.33 -3.85
N PRO I 165 57.54 -59.38 -4.26
CA PRO I 165 57.50 -58.02 -3.70
C PRO I 165 56.74 -58.01 -2.37
N ILE I 166 57.35 -57.40 -1.34
CA ILE I 166 56.90 -57.41 0.04
C ILE I 166 56.93 -55.96 0.56
N TYR I 167 55.91 -55.59 1.33
CA TYR I 167 55.72 -54.28 1.96
C TYR I 167 55.44 -54.53 3.45
N GLU I 168 56.38 -54.14 4.31
CA GLU I 168 56.33 -54.12 5.78
C GLU I 168 55.96 -55.50 6.37
N GLY I 169 56.51 -56.56 5.78
CA GLY I 169 56.31 -57.96 6.13
C GLY I 169 55.22 -58.65 5.29
N TYR I 170 54.37 -57.91 4.58
CA TYR I 170 53.22 -58.46 3.86
C TYR I 170 53.55 -58.54 2.37
N ALA I 171 53.44 -59.74 1.78
CA ALA I 171 53.69 -60.00 0.37
C ALA I 171 52.49 -59.50 -0.45
N LEU I 172 52.75 -58.71 -1.50
CA LEU I 172 51.73 -58.08 -2.35
C LEU I 172 51.32 -59.09 -3.44
N PRO I 173 50.11 -59.70 -3.38
CA PRO I 173 49.78 -60.93 -4.12
C PRO I 173 49.57 -60.69 -5.63
N HIS I 174 49.02 -59.53 -5.99
CA HIS I 174 48.78 -59.05 -7.35
C HIS I 174 50.09 -58.65 -8.09
N ALA I 175 51.25 -58.91 -7.47
CA ALA I 175 52.56 -58.53 -7.95
C ALA I 175 53.62 -59.65 -7.84
N ILE I 176 53.31 -60.80 -7.23
CA ILE I 176 54.22 -61.96 -7.18
C ILE I 176 54.24 -62.60 -8.59
N MET I 177 55.42 -63.05 -9.03
CA MET I 177 55.64 -63.68 -10.32
C MET I 177 56.50 -64.93 -10.13
N ARG I 178 56.14 -66.03 -10.81
CA ARG I 178 56.94 -67.24 -10.96
C ARG I 178 57.61 -67.13 -12.34
N LEU I 179 58.85 -67.62 -12.47
CA LEU I 179 59.56 -67.85 -13.70
C LEU I 179 59.98 -69.31 -13.65
N ASP I 180 59.43 -70.15 -14.53
CA ASP I 180 59.67 -71.60 -14.54
C ASP I 180 61.10 -71.95 -14.91
N LEU I 181 61.80 -71.07 -15.62
CA LEU I 181 63.19 -71.21 -16.05
C LEU I 181 64.07 -71.16 -14.80
N ALA I 182 64.87 -72.21 -14.60
CA ALA I 182 65.56 -72.47 -13.36
C ALA I 182 66.91 -73.13 -13.59
N GLY I 183 67.62 -73.39 -12.48
CA GLY I 183 68.95 -73.97 -12.44
C GLY I 183 69.05 -75.36 -13.10
N ARG I 184 67.94 -76.11 -13.20
CA ARG I 184 67.77 -77.36 -13.95
C ARG I 184 68.13 -77.15 -15.42
N ASP I 185 67.50 -76.13 -16.02
CA ASP I 185 67.54 -75.82 -17.46
C ASP I 185 68.90 -75.20 -17.79
N LEU I 186 69.47 -74.44 -16.85
CA LEU I 186 70.87 -73.99 -16.87
C LEU I 186 71.85 -75.18 -16.91
N THR I 187 71.65 -76.21 -16.08
CA THR I 187 72.49 -77.43 -16.07
C THR I 187 72.31 -78.22 -17.39
N ASP I 188 71.07 -78.27 -17.90
CA ASP I 188 70.69 -78.99 -19.12
C ASP I 188 71.30 -78.33 -20.37
N TYR I 189 71.31 -76.99 -20.40
CA TYR I 189 71.99 -76.14 -21.38
C TYR I 189 73.51 -76.28 -21.23
N LEU I 190 74.05 -76.23 -19.99
CA LEU I 190 75.48 -76.35 -19.67
C LEU I 190 76.09 -77.68 -20.18
N MET I 191 75.34 -78.80 -20.12
CA MET I 191 75.76 -80.09 -20.68
C MET I 191 75.88 -80.02 -22.22
N LYS I 192 74.96 -79.32 -22.89
CA LYS I 192 74.84 -79.26 -24.35
C LYS I 192 75.86 -78.28 -24.97
N ILE I 193 76.17 -77.16 -24.31
CA ILE I 193 77.20 -76.24 -24.77
C ILE I 193 78.63 -76.80 -24.51
N LEU I 194 78.77 -77.85 -23.71
CA LEU I 194 80.00 -78.64 -23.60
C LEU I 194 80.03 -79.74 -24.69
N THR I 195 78.88 -80.30 -25.09
CA THR I 195 78.75 -81.18 -26.27
C THR I 195 79.07 -80.41 -27.58
N GLU I 196 78.88 -79.09 -27.57
CA GLU I 196 79.28 -78.13 -28.61
C GLU I 196 80.81 -77.86 -28.60
N ARG I 197 81.55 -78.31 -27.56
CA ARG I 197 83.02 -78.34 -27.50
C ARG I 197 83.54 -79.79 -27.69
N GLY I 198 82.65 -80.73 -28.02
CA GLY I 198 82.97 -82.13 -28.25
C GLY I 198 82.84 -83.02 -27.02
N TYR I 199 82.61 -82.47 -25.81
CA TYR I 199 82.43 -83.25 -24.59
C TYR I 199 80.95 -83.68 -24.54
N SER I 200 80.62 -84.82 -25.17
CA SER I 200 79.29 -85.41 -25.14
C SER I 200 78.96 -85.81 -23.69
N PHE I 201 77.85 -85.29 -23.14
CA PHE I 201 77.41 -85.47 -21.76
C PHE I 201 75.90 -85.66 -21.77
N VAL I 202 75.40 -86.76 -21.17
CA VAL I 202 74.02 -87.22 -21.27
C VAL I 202 73.47 -87.85 -19.97
N THR I 203 74.33 -88.43 -19.14
CA THR I 203 73.94 -89.25 -17.99
C THR I 203 73.62 -88.38 -16.75
N THR I 204 73.10 -89.03 -15.70
CA THR I 204 72.97 -88.50 -14.35
C THR I 204 74.37 -88.30 -13.74
N ALA I 205 75.37 -89.10 -14.13
CA ALA I 205 76.74 -89.05 -13.66
C ALA I 205 77.46 -87.77 -14.11
N GLU I 206 77.40 -87.48 -15.42
CA GLU I 206 77.98 -86.28 -16.01
C GLU I 206 77.19 -85.04 -15.57
N ARG I 207 75.88 -85.17 -15.32
CA ARG I 207 75.03 -84.11 -14.77
C ARG I 207 75.48 -83.68 -13.35
N GLU I 208 76.09 -84.57 -12.56
CA GLU I 208 76.64 -84.24 -11.23
C GLU I 208 77.88 -83.35 -11.32
N ILE I 209 78.79 -83.70 -12.25
CA ILE I 209 80.01 -82.96 -12.56
C ILE I 209 79.63 -81.57 -13.14
N VAL I 210 78.70 -81.54 -14.09
CA VAL I 210 78.19 -80.31 -14.69
C VAL I 210 77.39 -79.44 -13.68
N ARG I 211 76.68 -80.04 -12.70
CA ARG I 211 76.09 -79.32 -11.56
C ARG I 211 77.17 -78.64 -10.69
N ASP I 212 78.35 -79.25 -10.57
CA ASP I 212 79.45 -78.69 -9.78
C ASP I 212 80.12 -77.54 -10.55
N ILE I 213 80.46 -77.74 -11.83
CA ILE I 213 81.00 -76.75 -12.78
C ILE I 213 80.16 -75.45 -12.79
N LYS I 214 78.83 -75.61 -12.74
CA LYS I 214 77.83 -74.54 -12.60
C LYS I 214 78.10 -73.63 -11.40
N GLU I 215 78.48 -74.18 -10.24
CA GLU I 215 78.74 -73.39 -9.04
C GLU I 215 80.18 -72.83 -9.03
N LYS I 216 81.19 -73.62 -9.41
CA LYS I 216 82.58 -73.25 -9.17
C LYS I 216 83.15 -72.32 -10.26
N LEU I 217 82.83 -72.54 -11.54
CA LEU I 217 83.55 -71.89 -12.63
C LEU I 217 82.72 -70.83 -13.35
N CYS I 218 81.39 -70.79 -13.19
CA CYS I 218 80.51 -69.92 -13.95
C CYS I 218 80.28 -68.57 -13.25
N TYR I 219 79.88 -67.55 -14.02
CA TYR I 219 79.73 -66.16 -13.62
C TYR I 219 78.81 -65.44 -14.61
N VAL I 220 78.23 -64.30 -14.25
CA VAL I 220 77.45 -63.49 -15.18
C VAL I 220 78.39 -62.45 -15.79
N ALA I 221 78.28 -62.31 -17.12
CA ALA I 221 78.93 -61.29 -17.93
C ALA I 221 78.33 -59.92 -17.60
N LEU I 222 79.18 -58.92 -17.36
CA LEU I 222 78.78 -57.59 -16.89
C LEU I 222 77.93 -56.83 -17.92
N ASP I 223 78.22 -57.05 -19.19
CA ASP I 223 77.35 -56.93 -20.36
C ASP I 223 77.80 -58.09 -21.26
N PHE I 224 76.85 -58.74 -21.95
CA PHE I 224 77.08 -60.02 -22.61
C PHE I 224 78.07 -59.94 -23.78
N GLU I 225 77.84 -59.04 -24.75
CA GLU I 225 78.56 -59.05 -26.02
C GLU I 225 79.99 -58.49 -25.88
N ASN I 226 80.23 -57.63 -24.88
CA ASN I 226 81.54 -57.08 -24.54
C ASN I 226 82.40 -58.15 -23.86
N GLU I 227 81.80 -58.92 -22.94
CA GLU I 227 82.41 -60.12 -22.34
C GLU I 227 82.64 -61.18 -23.44
N MET I 228 81.67 -61.40 -24.35
CA MET I 228 81.76 -62.31 -25.49
C MET I 228 82.93 -61.95 -26.44
N ALA I 229 83.11 -60.67 -26.76
CA ALA I 229 84.20 -60.16 -27.59
C ALA I 229 85.58 -60.29 -26.89
N THR I 230 85.62 -60.04 -25.58
CA THR I 230 86.82 -60.18 -24.76
C THR I 230 87.16 -61.68 -24.57
N ALA I 231 86.16 -62.54 -24.38
CA ALA I 231 86.30 -63.99 -24.27
C ALA I 231 86.80 -64.62 -25.58
N ALA I 232 86.28 -64.15 -26.74
CA ALA I 232 86.64 -64.59 -28.09
C ALA I 232 88.03 -64.11 -28.53
N SER I 233 88.76 -63.39 -27.67
CA SER I 233 90.14 -62.96 -27.88
C SER I 233 91.06 -63.33 -26.68
N SER I 234 90.54 -64.04 -25.68
CA SER I 234 91.27 -64.41 -24.48
C SER I 234 91.79 -65.85 -24.64
N SER I 235 93.02 -66.08 -24.16
CA SER I 235 93.56 -67.39 -23.85
C SER I 235 93.78 -67.48 -22.32
N SER I 236 92.85 -66.94 -21.51
CA SER I 236 92.97 -66.93 -20.05
C SER I 236 91.65 -66.99 -19.26
N LEU I 237 90.50 -66.54 -19.81
CA LEU I 237 89.23 -66.48 -19.10
C LEU I 237 88.28 -67.65 -19.43
N GLU I 238 88.80 -68.72 -20.04
CA GLU I 238 88.24 -70.07 -19.91
C GLU I 238 88.43 -70.54 -18.43
N LYS I 239 88.08 -71.78 -18.10
CA LYS I 239 88.80 -72.52 -17.05
C LYS I 239 88.79 -74.01 -17.30
N SER I 240 89.88 -74.67 -16.91
CA SER I 240 90.03 -76.11 -16.85
C SER I 240 89.29 -76.67 -15.63
N TYR I 241 88.74 -77.88 -15.75
CA TYR I 241 88.12 -78.64 -14.68
C TYR I 241 88.72 -80.05 -14.75
N GLU I 242 89.13 -80.57 -13.60
CA GLU I 242 89.70 -81.89 -13.40
C GLU I 242 88.54 -82.81 -13.01
N LEU I 243 88.37 -83.92 -13.72
CA LEU I 243 87.29 -84.89 -13.52
C LEU I 243 87.70 -85.89 -12.41
N PRO I 244 86.74 -86.51 -11.68
CA PRO I 244 86.97 -87.47 -10.57
C PRO I 244 87.96 -88.66 -10.78
N ASP I 245 88.43 -88.91 -11.99
CA ASP I 245 89.37 -89.96 -12.41
C ASP I 245 90.74 -89.37 -12.76
N GLY I 246 90.91 -88.04 -12.73
CA GLY I 246 92.15 -87.34 -13.06
C GLY I 246 92.27 -86.95 -14.54
N GLN I 247 91.24 -87.14 -15.37
CA GLN I 247 91.19 -86.57 -16.72
C GLN I 247 90.73 -85.10 -16.62
N VAL I 248 91.07 -84.27 -17.61
CA VAL I 248 90.90 -82.83 -17.57
C VAL I 248 90.14 -82.37 -18.83
N ILE I 249 89.21 -81.42 -18.64
CA ILE I 249 88.46 -80.72 -19.67
C ILE I 249 88.68 -79.21 -19.48
N THR I 250 88.23 -78.37 -20.42
CA THR I 250 88.29 -76.91 -20.34
C THR I 250 86.98 -76.29 -20.87
N ILE I 251 86.40 -75.37 -20.10
CA ILE I 251 85.13 -74.68 -20.29
C ILE I 251 85.45 -73.27 -20.83
N GLY I 252 84.86 -72.83 -21.94
CA GLY I 252 85.10 -71.52 -22.56
C GLY I 252 84.02 -70.50 -22.17
N ASN I 253 83.47 -69.78 -23.16
CA ASN I 253 82.38 -68.79 -23.08
C ASN I 253 81.10 -69.34 -22.39
N GLU I 254 81.01 -70.67 -22.35
CA GLU I 254 80.12 -71.55 -21.61
C GLU I 254 79.96 -71.16 -20.13
N ARG I 255 81.04 -70.64 -19.53
CA ARG I 255 81.11 -70.07 -18.18
C ARG I 255 80.11 -68.92 -17.93
N PHE I 256 79.69 -68.18 -18.97
CA PHE I 256 78.73 -67.08 -18.85
C PHE I 256 77.49 -67.26 -19.72
N ARG I 257 77.58 -68.02 -20.84
CA ARG I 257 76.42 -68.40 -21.65
C ARG I 257 75.37 -69.20 -20.86
N CYS I 258 75.78 -70.08 -19.93
CA CYS I 258 74.87 -70.76 -19.00
C CYS I 258 74.13 -69.76 -18.08
N PRO I 259 74.82 -68.99 -17.20
CA PRO I 259 74.25 -67.83 -16.47
C PRO I 259 73.38 -66.84 -17.27
N GLU I 260 73.71 -66.53 -18.53
CA GLU I 260 72.98 -65.57 -19.37
C GLU I 260 71.54 -66.04 -19.71
N THR I 261 71.23 -67.35 -19.65
CA THR I 261 69.88 -67.87 -19.89
C THR I 261 68.80 -67.32 -18.93
N LEU I 262 69.19 -66.76 -17.78
CA LEU I 262 68.31 -66.06 -16.84
C LEU I 262 67.93 -64.67 -17.35
N PHE I 263 68.83 -64.02 -18.09
CA PHE I 263 68.63 -62.70 -18.70
C PHE I 263 68.12 -62.85 -20.13
N GLN I 264 68.34 -64.01 -20.79
CA GLN I 264 67.93 -64.30 -22.15
C GLN I 264 67.34 -65.71 -22.27
N PRO I 265 66.09 -65.94 -21.80
CA PRO I 265 65.32 -67.20 -21.98
C PRO I 265 65.26 -67.81 -23.40
N SER I 266 65.52 -67.04 -24.46
CA SER I 266 65.65 -67.49 -25.85
C SER I 266 66.69 -68.61 -26.04
N PHE I 267 67.66 -68.74 -25.13
CA PHE I 267 68.65 -69.81 -25.12
C PHE I 267 68.09 -71.14 -24.58
N ILE I 268 66.94 -71.16 -23.89
CA ILE I 268 66.26 -72.38 -23.42
C ILE I 268 65.05 -72.69 -24.34
N GLY I 269 64.52 -71.68 -25.05
CA GLY I 269 63.35 -71.78 -25.92
C GLY I 269 62.07 -71.84 -25.10
N MET I 270 61.66 -70.67 -24.59
CA MET I 270 60.51 -70.38 -23.75
C MET I 270 60.11 -68.93 -24.05
N GLU I 271 58.82 -68.59 -24.11
CA GLU I 271 58.29 -67.22 -24.26
C GLU I 271 58.28 -66.45 -22.91
N SER I 272 59.13 -66.84 -21.95
CA SER I 272 59.28 -66.18 -20.66
C SER I 272 60.19 -64.96 -20.79
N ALA I 273 59.96 -63.93 -19.94
CA ALA I 273 60.82 -62.78 -19.77
C ALA I 273 61.90 -63.12 -18.73
N GLY I 274 63.03 -62.40 -18.77
CA GLY I 274 64.22 -62.62 -17.96
C GLY I 274 64.11 -62.12 -16.51
N ILE I 275 65.04 -62.52 -15.64
CA ILE I 275 65.06 -62.22 -14.20
C ILE I 275 64.92 -60.73 -13.83
N HIS I 276 65.48 -59.83 -14.64
CA HIS I 276 65.37 -58.38 -14.50
C HIS I 276 64.00 -57.87 -14.96
N GLU I 277 63.50 -58.36 -16.11
CA GLU I 277 62.22 -57.98 -16.70
C GLU I 277 61.05 -58.39 -15.80
N THR I 278 61.08 -59.63 -15.29
CA THR I 278 60.12 -60.18 -14.34
C THR I 278 60.12 -59.40 -13.00
N THR I 279 61.31 -59.06 -12.45
CA THR I 279 61.45 -58.29 -11.22
C THR I 279 60.90 -56.86 -11.42
N TYR I 280 61.18 -56.24 -12.57
CA TYR I 280 60.66 -54.93 -12.99
C TYR I 280 59.12 -54.94 -13.12
N ASN I 281 58.56 -55.91 -13.87
CA ASN I 281 57.12 -56.02 -14.10
C ASN I 281 56.35 -56.38 -12.82
N SER I 282 56.99 -57.10 -11.90
CA SER I 282 56.55 -57.34 -10.53
C SER I 282 56.45 -56.01 -9.75
N ILE I 283 57.50 -55.17 -9.72
CA ILE I 283 57.49 -53.85 -9.07
C ILE I 283 56.42 -52.92 -9.69
N MET I 284 56.32 -52.87 -11.02
CA MET I 284 55.42 -51.96 -11.73
C MET I 284 53.92 -52.32 -11.60
N LYS I 285 53.57 -53.47 -11.01
CA LYS I 285 52.20 -53.81 -10.59
C LYS I 285 51.91 -53.38 -9.13
N CYS I 286 52.89 -52.89 -8.37
CA CYS I 286 52.72 -52.34 -7.03
C CYS I 286 52.47 -50.82 -7.12
N ASP I 287 51.82 -50.24 -6.10
CA ASP I 287 51.50 -48.83 -5.88
C ASP I 287 52.65 -47.86 -6.17
N ILE I 288 52.30 -46.71 -6.76
CA ILE I 288 53.18 -45.74 -7.42
C ILE I 288 54.31 -45.20 -6.50
N ASP I 289 54.09 -45.07 -5.18
CA ASP I 289 55.12 -44.62 -4.24
C ASP I 289 56.18 -45.72 -4.03
N ILE I 290 55.77 -46.84 -3.45
CA ILE I 290 56.62 -47.92 -2.95
C ILE I 290 57.48 -48.64 -4.03
N ARG I 291 57.27 -48.34 -5.32
CA ARG I 291 58.12 -48.82 -6.41
C ARG I 291 59.60 -48.42 -6.20
N LYS I 292 59.81 -47.17 -5.78
CA LYS I 292 61.05 -46.57 -5.27
C LYS I 292 61.80 -47.46 -4.28
N ASP I 293 61.10 -47.83 -3.20
CA ASP I 293 61.66 -48.47 -2.02
C ASP I 293 61.83 -49.98 -2.26
N LEU I 294 61.10 -50.57 -3.23
CA LEU I 294 61.32 -51.91 -3.76
C LEU I 294 62.56 -51.93 -4.68
N TYR I 295 62.72 -50.93 -5.57
CA TYR I 295 63.90 -50.74 -6.42
C TYR I 295 65.20 -50.58 -5.61
N ALA I 296 65.10 -49.94 -4.44
CA ALA I 296 66.20 -49.73 -3.50
C ALA I 296 66.46 -50.95 -2.59
N ASN I 297 65.66 -52.02 -2.68
CA ASN I 297 65.68 -53.18 -1.79
C ASN I 297 65.39 -54.47 -2.55
N ASN I 298 66.10 -54.75 -3.65
CA ASN I 298 66.01 -56.04 -4.34
C ASN I 298 67.01 -57.01 -3.68
N VAL I 299 66.52 -58.05 -3.00
CA VAL I 299 67.32 -59.09 -2.38
C VAL I 299 67.48 -60.23 -3.39
N MET I 300 68.72 -60.62 -3.66
CA MET I 300 69.07 -61.77 -4.50
C MET I 300 69.35 -62.95 -3.56
N SER I 301 68.68 -64.07 -3.75
CA SER I 301 68.86 -65.30 -3.00
C SER I 301 68.78 -66.50 -3.97
N GLY I 302 69.13 -67.69 -3.49
CA GLY I 302 69.15 -68.92 -4.27
C GLY I 302 70.55 -69.18 -4.83
N GLY I 303 70.84 -70.44 -5.12
CA GLY I 303 72.15 -70.90 -5.62
C GLY I 303 72.55 -70.26 -6.95
N THR I 304 71.56 -69.99 -7.81
CA THR I 304 71.71 -69.38 -9.12
C THR I 304 72.09 -67.87 -9.03
N THR I 305 72.09 -67.25 -7.84
CA THR I 305 72.55 -65.87 -7.65
C THR I 305 73.98 -65.80 -7.08
N MET I 306 74.65 -66.94 -6.86
CA MET I 306 76.02 -67.01 -6.34
C MET I 306 77.06 -66.50 -7.35
N TYR I 307 76.68 -66.40 -8.64
CA TYR I 307 77.51 -65.99 -9.77
C TYR I 307 78.11 -64.58 -9.55
N PRO I 308 79.45 -64.38 -9.68
CA PRO I 308 80.06 -63.05 -9.80
C PRO I 308 79.39 -62.21 -10.91
N GLY I 309 79.21 -60.91 -10.68
CA GLY I 309 78.69 -59.97 -11.67
C GLY I 309 77.16 -59.92 -11.78
N ILE I 310 76.39 -60.83 -11.18
CA ILE I 310 74.93 -60.90 -11.40
C ILE I 310 74.19 -59.68 -10.82
N ALA I 311 74.63 -59.16 -9.67
CA ALA I 311 74.04 -57.99 -9.01
C ALA I 311 74.42 -56.71 -9.78
N ASP I 312 75.68 -56.68 -10.25
CA ASP I 312 76.34 -55.62 -10.99
C ASP I 312 75.76 -55.50 -12.40
N ARG I 313 75.30 -56.62 -12.97
CA ARG I 313 74.53 -56.74 -14.21
C ARG I 313 73.06 -56.36 -13.95
N MET I 314 72.41 -56.88 -12.91
CA MET I 314 71.01 -56.56 -12.55
C MET I 314 70.78 -55.06 -12.33
N GLN I 315 71.81 -54.37 -11.81
CA GLN I 315 71.95 -52.92 -11.77
C GLN I 315 71.81 -52.27 -13.17
N LYS I 316 72.50 -52.80 -14.21
CA LYS I 316 72.48 -52.26 -15.58
C LYS I 316 71.11 -52.49 -16.23
N GLU I 317 70.56 -53.68 -16.03
CA GLU I 317 69.31 -54.12 -16.61
C GLU I 317 68.12 -53.34 -16.03
N ILE I 318 68.05 -53.20 -14.70
CA ILE I 318 66.97 -52.48 -14.05
C ILE I 318 67.12 -50.95 -14.26
N THR I 319 68.31 -50.38 -14.45
CA THR I 319 68.46 -48.96 -14.82
C THR I 319 68.21 -48.69 -16.33
N ALA I 320 68.01 -49.72 -17.15
CA ALA I 320 67.52 -49.57 -18.52
C ALA I 320 65.98 -49.63 -18.55
N LEU I 321 65.36 -50.39 -17.65
CA LEU I 321 63.91 -50.56 -17.57
C LEU I 321 63.25 -49.51 -16.66
N ALA I 322 63.83 -49.23 -15.49
CA ALA I 322 63.31 -48.30 -14.49
C ALA I 322 63.94 -46.90 -14.69
N PRO I 323 63.17 -45.79 -14.51
CA PRO I 323 63.65 -44.41 -14.60
C PRO I 323 64.93 -44.09 -13.81
N SER I 324 65.81 -43.27 -14.39
CA SER I 324 67.15 -42.95 -13.88
C SER I 324 67.18 -42.14 -12.56
N THR I 325 66.03 -41.61 -12.12
CA THR I 325 65.85 -40.93 -10.84
C THR I 325 65.65 -41.94 -9.69
N MET I 326 65.38 -43.22 -10.00
CA MET I 326 65.24 -44.29 -9.02
C MET I 326 66.63 -44.85 -8.71
N LYS I 327 66.99 -44.80 -7.42
CA LYS I 327 68.27 -45.21 -6.87
C LYS I 327 68.27 -46.73 -6.67
N ILE I 328 68.46 -47.48 -7.77
CA ILE I 328 68.39 -48.93 -7.81
C ILE I 328 69.50 -49.56 -6.94
N LYS I 329 69.12 -50.45 -6.00
CA LYS I 329 70.02 -51.14 -5.10
C LYS I 329 69.63 -52.61 -5.01
N ILE I 330 70.57 -53.47 -5.42
CA ILE I 330 70.50 -54.91 -5.37
C ILE I 330 71.33 -55.32 -4.12
N ILE I 331 70.83 -56.24 -3.31
CA ILE I 331 71.50 -56.80 -2.14
C ILE I 331 71.68 -58.29 -2.42
N ALA I 332 72.89 -58.69 -2.79
CA ALA I 332 73.33 -60.08 -2.87
C ALA I 332 74.25 -60.32 -1.66
N PRO I 333 73.76 -60.95 -0.56
CA PRO I 333 74.55 -61.11 0.67
C PRO I 333 75.71 -62.14 0.55
N PRO I 334 76.68 -62.14 1.50
CA PRO I 334 77.86 -63.04 1.52
C PRO I 334 77.54 -64.52 1.29
N GLU I 335 76.70 -65.10 2.15
CA GLU I 335 75.95 -66.32 1.86
C GLU I 335 74.59 -65.82 1.35
N ARG I 336 74.02 -66.53 0.37
CA ARG I 336 72.72 -66.26 -0.21
C ARG I 336 72.04 -67.54 -0.75
N LYS I 337 72.70 -68.70 -0.73
CA LYS I 337 72.21 -69.95 -1.30
C LYS I 337 71.35 -70.71 -0.28
N TYR I 338 71.62 -70.53 1.02
CA TYR I 338 70.96 -71.18 2.15
C TYR I 338 70.27 -70.17 3.07
N SER I 339 70.46 -68.85 2.86
CA SER I 339 69.95 -67.72 3.64
C SER I 339 68.46 -67.80 4.04
N VAL I 340 67.63 -68.32 3.13
CA VAL I 340 66.20 -68.65 3.28
C VAL I 340 65.93 -69.60 4.48
N TRP I 341 66.83 -70.54 4.72
CA TRP I 341 66.73 -71.53 5.80
C TRP I 341 67.43 -70.97 7.05
N ILE I 342 68.54 -70.24 6.89
CA ILE I 342 69.30 -69.62 7.99
C ILE I 342 68.44 -68.60 8.76
N GLY I 343 67.60 -67.82 8.07
CA GLY I 343 66.62 -66.93 8.69
C GLY I 343 65.57 -67.70 9.49
N GLY I 344 65.16 -68.88 8.99
CA GLY I 344 64.27 -69.82 9.68
C GLY I 344 64.92 -70.46 10.91
N SER I 345 66.21 -70.84 10.83
CA SER I 345 67.01 -71.38 11.92
C SER I 345 67.07 -70.41 13.11
N ILE I 346 67.35 -69.14 12.85
CA ILE I 346 67.38 -68.08 13.85
C ILE I 346 65.98 -67.85 14.43
N LEU I 347 64.95 -67.76 13.56
CA LEU I 347 63.56 -67.49 13.93
C LEU I 347 62.99 -68.59 14.84
N ALA I 348 63.38 -69.85 14.61
CA ALA I 348 62.98 -71.03 15.36
C ALA I 348 63.75 -71.25 16.66
N SER I 349 64.65 -70.34 17.05
CA SER I 349 65.43 -70.43 18.29
C SER I 349 64.85 -69.52 19.38
N LEU I 350 63.72 -68.85 19.13
CA LEU I 350 63.17 -67.79 19.96
C LEU I 350 62.00 -68.33 20.80
N SER I 351 62.24 -68.50 22.11
CA SER I 351 61.34 -68.83 23.25
C SER I 351 60.06 -67.94 23.34
N THR I 352 59.29 -67.84 22.26
CA THR I 352 58.19 -66.89 22.07
C THR I 352 57.04 -67.61 21.38
N PHE I 353 55.79 -67.18 21.66
CA PHE I 353 54.57 -67.61 20.97
C PHE I 353 53.87 -68.76 21.71
N GLN I 354 54.17 -68.99 23.00
CA GLN I 354 53.68 -70.06 23.88
C GLN I 354 52.17 -70.35 23.77
N GLN I 355 51.35 -69.28 23.79
CA GLN I 355 49.89 -69.33 23.72
C GLN I 355 49.37 -69.28 22.27
N MET I 356 50.24 -69.35 21.26
CA MET I 356 49.88 -69.32 19.85
C MET I 356 50.54 -70.41 18.98
N TRP I 357 51.61 -71.06 19.45
CA TRP I 357 52.36 -72.13 18.81
C TRP I 357 51.48 -73.36 18.55
N ILE I 358 51.48 -73.88 17.32
CA ILE I 358 50.58 -74.96 16.89
C ILE I 358 51.11 -76.28 17.47
N THR I 359 50.42 -76.81 18.47
CA THR I 359 50.62 -78.15 19.00
C THR I 359 49.59 -79.08 18.35
N LYS I 360 49.82 -80.40 18.43
CA LYS I 360 48.90 -81.46 18.01
C LYS I 360 47.48 -81.29 18.59
N GLN I 361 47.36 -80.87 19.86
CA GLN I 361 46.09 -80.59 20.53
C GLN I 361 45.23 -79.55 19.79
N GLU I 362 45.84 -78.43 19.38
CA GLU I 362 45.16 -77.34 18.68
C GLU I 362 44.82 -77.75 17.23
N TYR I 363 45.63 -78.62 16.62
CA TYR I 363 45.32 -79.25 15.34
C TYR I 363 44.08 -80.16 15.49
N ASP I 364 44.00 -80.97 16.56
CA ASP I 364 42.87 -81.86 16.83
C ASP I 364 41.59 -81.08 17.20
N GLU I 365 41.70 -79.85 17.71
CA GLU I 365 40.59 -78.92 17.92
C GLU I 365 40.14 -78.26 16.60
N ALA I 366 41.08 -77.62 15.88
CA ALA I 366 40.80 -76.64 14.81
C ALA I 366 41.03 -77.19 13.40
N GLY I 367 41.55 -78.41 13.26
CA GLY I 367 41.93 -79.06 12.01
C GLY I 367 43.23 -78.53 11.39
N PRO I 368 43.67 -79.05 10.22
CA PRO I 368 44.82 -78.57 9.43
C PRO I 368 44.84 -77.05 9.18
N SER I 369 43.65 -76.45 9.08
CA SER I 369 43.33 -75.06 8.83
C SER I 369 43.87 -74.09 9.91
N ILE I 370 44.42 -74.60 11.03
CA ILE I 370 45.25 -73.91 12.01
C ILE I 370 46.47 -73.17 11.37
N VAL I 371 46.93 -73.63 10.19
CA VAL I 371 47.93 -72.97 9.36
C VAL I 371 47.44 -71.62 8.79
N HIS I 372 46.12 -71.41 8.71
CA HIS I 372 45.48 -70.16 8.32
C HIS I 372 44.94 -69.45 9.58
N ARG I 373 45.59 -69.65 10.73
CA ARG I 373 45.26 -69.05 12.03
C ARG I 373 46.52 -68.58 12.76
N LYS I 374 47.54 -69.44 12.84
CA LYS I 374 48.67 -69.27 13.77
C LYS I 374 50.03 -69.06 13.08
N CYS I 375 50.13 -69.17 11.75
CA CYS I 375 51.39 -69.00 11.01
C CYS I 375 51.52 -67.53 10.56
N PHE I 376 52.29 -67.26 9.50
CA PHE I 376 52.34 -65.96 8.81
C PHE I 376 50.94 -65.64 8.25
N NH2 I 377 50.41 -64.47 8.56
HN1 NH2 I 377 49.51 -64.24 8.18
HN2 NH2 I 377 50.87 -63.86 9.22
C ACE J 1 72.89 -69.69 -64.86
O ACE J 1 72.12 -68.50 -64.80
CH3 ACE J 1 73.26 -70.10 -63.43
H1 ACE J 1 73.89 -70.99 -63.42
H2 ACE J 1 72.36 -70.32 -62.84
H3 ACE J 1 73.79 -69.29 -62.92
N ASP J 2 74.09 -69.36 -65.58
CA ASP J 2 73.87 -69.34 -67.04
C ASP J 2 74.32 -70.71 -67.59
N GLU J 3 73.92 -71.04 -68.82
CA GLU J 3 73.89 -72.37 -69.44
C GLU J 3 75.19 -73.23 -69.33
N ASP J 4 76.38 -72.65 -69.53
CA ASP J 4 77.67 -73.37 -69.61
C ASP J 4 78.30 -73.73 -68.25
N GLU J 5 77.66 -73.38 -67.12
CA GLU J 5 78.15 -73.51 -65.74
C GLU J 5 78.75 -74.89 -65.35
N THR J 6 79.70 -74.82 -64.40
CA THR J 6 80.58 -75.84 -63.90
C THR J 6 79.81 -76.94 -63.16
N THR J 7 80.16 -78.22 -63.40
CA THR J 7 79.57 -79.38 -62.75
C THR J 7 80.17 -79.47 -61.32
N ALA J 8 79.42 -78.96 -60.33
CA ALA J 8 79.83 -78.92 -58.92
C ALA J 8 80.00 -80.33 -58.32
N LEU J 9 80.91 -80.44 -57.35
CA LEU J 9 81.27 -81.67 -56.65
C LEU J 9 80.40 -81.74 -55.39
N VAL J 10 79.69 -82.85 -55.18
CA VAL J 10 78.76 -83.04 -54.07
C VAL J 10 79.52 -83.94 -53.08
N CYS J 11 80.02 -83.33 -51.99
CA CYS J 11 80.80 -83.96 -50.95
C CYS J 11 79.92 -83.96 -49.70
N ASP J 12 79.30 -85.10 -49.38
CA ASP J 12 78.63 -85.29 -48.09
C ASP J 12 79.70 -85.81 -47.12
N ASN J 13 79.92 -85.08 -46.01
CA ASN J 13 80.93 -85.40 -45.02
C ASN J 13 80.39 -86.44 -44.03
N GLY J 14 79.16 -86.23 -43.53
CA GLY J 14 78.48 -87.06 -42.55
C GLY J 14 79.18 -87.14 -41.19
N SER J 15 78.81 -88.16 -40.40
CA SER J 15 79.38 -88.48 -39.09
C SER J 15 80.47 -89.55 -39.19
N GLY J 16 81.01 -89.81 -40.38
CA GLY J 16 82.10 -90.74 -40.64
C GLY J 16 81.95 -91.52 -41.95
N LEU J 17 80.75 -91.54 -42.55
CA LEU J 17 80.49 -92.18 -43.83
C LEU J 17 80.42 -91.06 -44.89
N VAL J 18 81.56 -90.73 -45.51
CA VAL J 18 81.69 -89.71 -46.56
C VAL J 18 81.16 -90.29 -47.88
N LYS J 19 80.50 -89.45 -48.69
CA LYS J 19 79.95 -89.79 -50.00
C LYS J 19 80.33 -88.66 -50.96
N ALA J 20 80.89 -89.01 -52.11
CA ALA J 20 81.35 -88.10 -53.14
C ALA J 20 80.66 -88.43 -54.46
N GLY J 21 80.36 -87.41 -55.26
CA GLY J 21 79.96 -87.54 -56.64
C GLY J 21 79.84 -86.15 -57.28
N PHE J 22 79.22 -86.09 -58.46
CA PHE J 22 79.09 -84.91 -59.29
C PHE J 22 77.61 -84.50 -59.32
N ALA J 23 77.36 -83.19 -59.36
CA ALA J 23 76.04 -82.57 -59.37
C ALA J 23 75.15 -83.04 -60.53
N GLY J 24 73.97 -83.57 -60.20
CA GLY J 24 72.95 -84.01 -61.15
C GLY J 24 72.86 -85.54 -61.25
N ASP J 25 73.92 -86.24 -60.85
CA ASP J 25 74.01 -87.68 -60.75
C ASP J 25 73.23 -88.15 -59.52
N ASP J 26 72.43 -89.22 -59.66
CA ASP J 26 71.49 -89.71 -58.65
C ASP J 26 72.09 -90.84 -57.80
N ALA J 27 73.36 -91.19 -58.01
CA ALA J 27 74.11 -92.11 -57.16
C ALA J 27 75.50 -91.52 -56.89
N PRO J 28 76.09 -91.72 -55.69
CA PRO J 28 77.47 -91.31 -55.43
C PRO J 28 78.45 -92.21 -56.19
N ARG J 29 79.66 -91.69 -56.43
CA ARG J 29 80.69 -92.30 -57.26
C ARG J 29 81.94 -92.65 -56.45
N ALA J 30 82.01 -92.23 -55.18
CA ALA J 30 82.90 -92.79 -54.17
C ALA J 30 82.20 -92.66 -52.82
N VAL J 31 82.30 -93.68 -51.97
CA VAL J 31 81.76 -93.73 -50.61
C VAL J 31 82.84 -94.45 -49.78
N PHE J 32 83.16 -93.98 -48.57
CA PHE J 32 84.21 -94.58 -47.74
C PHE J 32 84.00 -94.34 -46.23
N PRO J 33 84.53 -95.23 -45.35
CA PRO J 33 84.65 -94.95 -43.92
C PRO J 33 85.80 -93.97 -43.70
N SER J 34 85.49 -92.76 -43.25
CA SER J 34 86.36 -91.58 -43.19
C SER J 34 87.35 -91.62 -42.01
N ILE J 35 87.80 -92.81 -41.62
CA ILE J 35 88.90 -93.00 -40.69
C ILE J 35 90.20 -92.72 -41.47
N VAL J 36 91.12 -92.02 -40.79
CA VAL J 36 92.45 -91.72 -41.25
C VAL J 36 93.38 -92.62 -40.43
N GLY J 37 94.27 -93.34 -41.13
CA GLY J 37 95.20 -94.30 -40.60
C GLY J 37 96.58 -93.69 -40.51
N ARG J 38 97.01 -93.30 -39.31
CA ARG J 38 98.36 -92.84 -39.00
C ARG J 38 99.16 -94.14 -38.63
N PRO J 39 100.30 -94.45 -39.30
CA PRO J 39 101.10 -95.68 -39.13
C PRO J 39 101.48 -96.12 -37.69
N ARG J 40 101.78 -97.41 -37.52
CA ARG J 40 102.31 -98.01 -36.29
C ARG J 40 103.41 -99.04 -36.50
N HIS J 41 103.26 -99.92 -37.49
CA HIS J 41 104.05 -101.15 -37.68
C HIS J 41 104.58 -101.32 -39.11
N GLN J 42 104.34 -100.31 -39.95
CA GLN J 42 104.64 -100.28 -41.38
C GLN J 42 106.12 -99.88 -41.57
N GLY J 43 106.71 -100.31 -42.70
CA GLY J 43 108.08 -99.97 -43.09
C GLY J 43 108.25 -98.47 -43.36
N VAL J 44 109.45 -97.95 -43.09
CA VAL J 44 109.80 -96.53 -43.15
C VAL J 44 109.73 -96.04 -44.61
N MET J 45 108.67 -95.29 -44.91
CA MET J 45 108.47 -94.58 -46.16
C MET J 45 108.99 -93.15 -45.98
N VAL J 46 109.42 -92.52 -47.09
CA VAL J 46 109.86 -91.14 -47.14
C VAL J 46 108.63 -90.22 -47.05
N GLY J 47 108.60 -89.33 -46.05
CA GLY J 47 107.57 -88.32 -45.84
C GLY J 47 107.88 -87.00 -46.55
N MET J 48 109.07 -86.87 -47.15
CA MET J 48 109.49 -85.69 -47.90
C MET J 48 108.79 -85.73 -49.26
N GLY J 49 107.71 -84.93 -49.39
CA GLY J 49 106.82 -84.94 -50.54
C GLY J 49 105.72 -86.00 -50.43
N GLN J 50 105.36 -86.42 -49.20
CA GLN J 50 104.32 -87.40 -48.96
C GLN J 50 103.53 -87.07 -47.69
N LYS J 51 102.37 -87.70 -47.54
CA LYS J 51 101.42 -87.59 -46.44
C LYS J 51 101.89 -88.40 -45.22
N ASP J 52 101.34 -88.09 -44.04
CA ASP J 52 101.62 -88.79 -42.78
C ASP J 52 100.70 -90.01 -42.61
N SER J 53 99.61 -90.12 -43.39
CA SER J 53 98.49 -91.01 -43.12
C SER J 53 97.75 -91.43 -44.39
N TYR J 54 97.09 -92.59 -44.30
CA TYR J 54 96.24 -93.19 -45.32
C TYR J 54 94.77 -92.87 -44.97
N VAL J 55 93.87 -92.75 -45.96
CA VAL J 55 92.48 -92.30 -45.81
C VAL J 55 91.52 -93.26 -46.53
N GLY J 56 90.33 -93.54 -45.96
CA GLY J 56 89.23 -94.23 -46.65
C GLY J 56 89.42 -95.74 -46.64
N ASP J 57 89.31 -96.40 -47.81
CA ASP J 57 89.76 -97.79 -48.01
C ASP J 57 91.24 -97.91 -47.64
N GLU J 58 92.05 -96.96 -48.15
CA GLU J 58 93.46 -96.80 -47.91
C GLU J 58 93.79 -96.78 -46.39
N ALA J 59 92.86 -96.41 -45.51
CA ALA J 59 92.97 -96.58 -44.06
C ALA J 59 92.40 -97.94 -43.61
N GLN J 60 91.11 -98.22 -43.86
CA GLN J 60 90.38 -99.44 -43.46
C GLN J 60 91.08 -100.74 -43.90
N SER J 61 91.64 -100.76 -45.10
CA SER J 61 92.21 -101.92 -45.78
C SER J 61 93.67 -102.21 -45.34
N LYS J 62 94.24 -101.44 -44.39
CA LYS J 62 95.45 -101.85 -43.67
C LYS J 62 95.02 -102.85 -42.59
N ARG J 63 95.06 -104.11 -43.00
CA ARG J 63 94.71 -105.30 -42.25
C ARG J 63 95.95 -105.75 -41.44
N GLY J 64 96.61 -104.79 -40.80
CA GLY J 64 97.83 -104.89 -40.00
C GLY J 64 98.00 -103.54 -39.30
N ILE J 65 98.42 -103.57 -38.03
CA ILE J 65 98.40 -102.52 -37.00
C ILE J 65 98.73 -101.09 -37.49
N LEU J 66 97.79 -100.15 -37.31
CA LEU J 66 97.91 -98.70 -37.49
C LEU J 66 96.92 -98.02 -36.53
N THR J 67 97.07 -96.72 -36.30
CA THR J 67 96.15 -95.93 -35.47
C THR J 67 95.09 -95.36 -36.45
N LEU J 68 93.90 -95.96 -36.45
CA LEU J 68 92.74 -95.51 -37.21
C LEU J 68 91.89 -94.61 -36.29
N LYS J 69 91.62 -93.37 -36.71
CA LYS J 69 90.66 -92.48 -36.06
C LYS J 69 89.92 -91.61 -37.08
N TYR J 70 88.72 -91.15 -36.73
CA TYR J 70 87.94 -90.21 -37.53
C TYR J 70 88.32 -88.78 -37.12
N PRO J 71 88.38 -87.81 -38.06
CA PRO J 71 88.51 -86.39 -37.73
C PRO J 71 87.17 -85.76 -37.32
N ILE J 72 86.05 -86.37 -37.70
CA ILE J 72 84.69 -85.85 -37.66
C ILE J 72 83.74 -86.90 -37.07
N GLU J 73 84.14 -87.46 -35.91
CA GLU J 73 83.54 -88.59 -35.18
C GLU J 73 82.01 -88.63 -35.08
N HIS J 74 81.35 -87.47 -34.97
CA HIS J 74 79.91 -87.32 -34.79
C HIS J 74 79.31 -86.27 -35.74
N GLY J 75 80.05 -85.82 -36.75
CA GLY J 75 79.57 -84.80 -37.71
C GLY J 75 79.92 -83.36 -37.30
N ILE J 76 80.50 -83.19 -36.11
CA ILE J 76 81.28 -82.02 -35.70
C ILE J 76 82.73 -82.52 -35.74
N ILE J 77 83.67 -81.66 -36.17
CA ILE J 77 85.08 -81.98 -36.32
C ILE J 77 85.76 -81.90 -34.93
N THR J 78 86.76 -82.75 -34.70
CA THR J 78 87.58 -82.76 -33.48
C THR J 78 89.05 -82.49 -33.82
N ASN J 79 89.55 -83.05 -34.94
CA ASN J 79 90.88 -82.81 -35.47
C ASN J 79 90.66 -82.22 -36.87
N TRP J 80 91.24 -81.04 -37.14
CA TRP J 80 91.19 -80.38 -38.43
C TRP J 80 92.31 -80.84 -39.38
N ASP J 81 93.48 -81.26 -38.88
CA ASP J 81 94.63 -81.69 -39.68
C ASP J 81 94.23 -82.92 -40.53
N ASP J 82 93.59 -83.90 -39.91
CA ASP J 82 93.03 -85.08 -40.56
C ASP J 82 91.74 -84.79 -41.34
N MET J 83 90.95 -83.77 -40.97
CA MET J 83 89.74 -83.38 -41.73
C MET J 83 90.13 -82.82 -43.10
N GLU J 84 91.13 -81.95 -43.15
CA GLU J 84 91.61 -81.33 -44.37
C GLU J 84 92.36 -82.35 -45.28
N LYS J 85 92.78 -83.51 -44.74
CA LYS J 85 93.26 -84.66 -45.51
C LYS J 85 92.11 -85.46 -46.18
N ILE J 86 90.90 -85.47 -45.62
CA ILE J 86 89.72 -86.15 -46.18
C ILE J 86 89.34 -85.50 -47.52
N TRP J 87 89.34 -84.17 -47.55
CA TRP J 87 88.98 -83.38 -48.73
C TRP J 87 90.07 -83.44 -49.81
N HIS J 88 91.36 -83.50 -49.40
CA HIS J 88 92.48 -83.80 -50.28
C HIS J 88 92.36 -85.19 -50.93
N HIS J 89 91.86 -86.19 -50.20
CA HIS J 89 91.52 -87.50 -50.74
C HIS J 89 90.28 -87.40 -51.66
N THR J 90 89.17 -86.84 -51.15
CA THR J 90 87.85 -86.84 -51.82
C THR J 90 87.85 -86.17 -53.20
N PHE J 91 88.50 -85.00 -53.34
CA PHE J 91 88.53 -84.29 -54.60
C PHE J 91 89.62 -84.89 -55.49
N TYR J 92 90.91 -84.63 -55.20
CA TYR J 92 92.03 -84.97 -56.09
C TYR J 92 92.22 -86.48 -56.32
N ASN J 93 91.73 -87.35 -55.42
CA ASN J 93 92.01 -88.79 -55.44
C ASN J 93 90.75 -89.65 -55.66
N GLU J 94 89.54 -89.22 -55.27
CA GLU J 94 88.31 -90.01 -55.46
C GLU J 94 87.41 -89.48 -56.58
N LEU J 95 87.17 -88.17 -56.67
CA LEU J 95 86.49 -87.59 -57.84
C LEU J 95 87.49 -87.39 -58.99
N ARG J 96 88.77 -87.20 -58.67
CA ARG J 96 89.93 -87.32 -59.56
C ARG J 96 90.14 -86.07 -60.42
N VAL J 97 89.67 -84.94 -59.89
CA VAL J 97 89.75 -83.56 -60.35
C VAL J 97 89.93 -82.70 -59.09
N ALA J 98 90.56 -81.53 -59.19
CA ALA J 98 90.89 -80.67 -58.06
C ALA J 98 89.66 -79.86 -57.60
N PRO J 99 89.59 -79.41 -56.32
CA PRO J 99 88.59 -78.44 -55.86
C PRO J 99 88.90 -77.02 -56.38
N GLU J 100 90.15 -76.79 -56.79
CA GLU J 100 90.67 -75.61 -57.46
C GLU J 100 90.05 -75.41 -58.86
N GLU J 101 89.47 -76.48 -59.45
CA GLU J 101 88.77 -76.44 -60.73
C GLU J 101 87.26 -76.22 -60.49
N HIS J 102 86.62 -77.06 -59.65
CA HIS J 102 85.16 -77.22 -59.60
C HIS J 102 84.62 -76.81 -58.22
N PRO J 103 83.54 -76.00 -58.14
CA PRO J 103 82.80 -75.70 -56.90
C PRO J 103 82.40 -76.94 -56.09
N THR J 104 82.48 -76.86 -54.77
CA THR J 104 82.17 -77.95 -53.85
C THR J 104 80.87 -77.60 -53.09
N LEU J 105 79.92 -78.52 -53.04
CA LEU J 105 78.83 -78.53 -52.07
C LEU J 105 79.26 -79.45 -50.92
N LEU J 106 79.35 -78.89 -49.71
CA LEU J 106 79.61 -79.59 -48.45
C LEU J 106 78.30 -79.81 -47.69
N THR J 107 78.30 -80.73 -46.71
CA THR J 107 77.22 -80.92 -45.76
C THR J 107 77.68 -80.60 -44.34
N GLU J 108 76.79 -79.99 -43.55
CA GLU J 108 76.86 -79.74 -42.12
C GLU J 108 75.91 -80.73 -41.44
N ALA J 109 76.31 -81.28 -40.27
CA ALA J 109 75.46 -82.08 -39.39
C ALA J 109 74.83 -81.15 -38.32
N PRO J 110 73.58 -81.44 -37.84
CA PRO J 110 72.84 -80.60 -36.88
C PRO J 110 73.62 -80.14 -35.63
N LEU J 111 73.48 -78.84 -35.31
CA LEU J 111 73.98 -78.16 -34.10
C LEU J 111 75.49 -77.82 -34.13
N ASN J 112 76.09 -77.85 -35.33
CA ASN J 112 77.48 -77.39 -35.56
C ASN J 112 77.64 -75.88 -35.23
N PRO J 113 78.62 -75.49 -34.39
CA PRO J 113 78.74 -74.10 -33.94
C PRO J 113 79.32 -73.15 -34.99
N LYS J 114 79.19 -71.85 -34.75
CA LYS J 114 79.68 -70.75 -35.58
C LYS J 114 81.15 -70.91 -36.00
N ALA J 115 82.05 -71.05 -35.02
CA ALA J 115 83.49 -71.23 -35.22
C ALA J 115 83.85 -72.48 -36.06
N ASN J 116 83.02 -73.54 -35.99
CA ASN J 116 83.21 -74.73 -36.83
C ASN J 116 82.85 -74.38 -38.28
N ARG J 117 81.68 -73.74 -38.51
CA ARG J 117 81.27 -73.27 -39.84
C ARG J 117 82.30 -72.30 -40.44
N GLU J 118 82.86 -71.40 -39.62
CA GLU J 118 83.89 -70.46 -40.04
C GLU J 118 85.20 -71.17 -40.40
N LYS J 119 85.70 -72.13 -39.59
CA LYS J 119 86.90 -72.91 -39.91
C LYS J 119 86.72 -73.79 -41.16
N MET J 120 85.52 -74.35 -41.34
CA MET J 120 85.07 -75.17 -42.47
C MET J 120 84.99 -74.37 -43.77
N THR J 121 84.76 -73.04 -43.67
CA THR J 121 84.65 -72.12 -44.81
C THR J 121 86.02 -71.48 -45.11
N GLN J 122 86.85 -71.20 -44.09
CA GLN J 122 88.16 -70.54 -44.16
C GLN J 122 89.10 -71.17 -45.21
N ILE J 123 89.53 -72.41 -44.95
CA ILE J 123 90.54 -73.12 -45.74
C ILE J 123 90.12 -73.37 -47.21
N MET J 124 88.83 -73.27 -47.54
CA MET J 124 88.28 -73.55 -48.86
C MET J 124 88.81 -72.58 -49.92
N PHE J 125 88.96 -71.32 -49.54
CA PHE J 125 89.37 -70.23 -50.43
C PHE J 125 90.88 -69.95 -50.35
N GLU J 126 91.61 -70.73 -49.54
CA GLU J 126 93.02 -70.52 -49.18
C GLU J 126 93.87 -71.76 -49.50
N THR J 127 93.57 -72.90 -48.86
CA THR J 127 94.30 -74.15 -49.01
C THR J 127 93.74 -74.99 -50.18
N PHE J 128 92.54 -74.65 -50.69
CA PHE J 128 91.84 -75.43 -51.72
C PHE J 128 91.44 -74.58 -52.94
N ASN J 129 91.75 -73.27 -52.95
CA ASN J 129 91.58 -72.31 -54.06
C ASN J 129 90.18 -72.26 -54.70
N VAL J 130 89.11 -72.70 -54.00
CA VAL J 130 87.82 -73.05 -54.60
C VAL J 130 87.15 -71.82 -55.26
N PRO J 131 86.67 -71.91 -56.52
CA PRO J 131 85.91 -70.83 -57.19
C PRO J 131 84.66 -70.37 -56.41
N ALA J 132 83.89 -71.33 -55.87
CA ALA J 132 82.63 -71.13 -55.20
C ALA J 132 82.29 -72.35 -54.33
N MET J 133 81.39 -72.15 -53.36
CA MET J 133 80.94 -73.19 -52.45
C MET J 133 79.51 -72.93 -51.94
N TYR J 134 78.94 -73.96 -51.32
CA TYR J 134 77.75 -73.90 -50.50
C TYR J 134 77.87 -74.98 -49.41
N VAL J 135 77.20 -74.76 -48.27
CA VAL J 135 77.10 -75.68 -47.14
C VAL J 135 75.59 -75.87 -46.90
N ALA J 136 75.14 -77.12 -46.81
CA ALA J 136 73.75 -77.48 -46.55
C ALA J 136 73.65 -78.30 -45.27
N ILE J 137 72.55 -78.14 -44.52
CA ILE J 137 72.22 -78.96 -43.36
C ILE J 137 71.62 -80.27 -43.89
N GLN J 138 72.25 -81.40 -43.54
CA GLN J 138 71.90 -82.78 -43.93
C GLN J 138 70.39 -83.12 -43.86
N ALA J 139 69.77 -82.80 -42.71
CA ALA J 139 68.38 -83.14 -42.42
C ALA J 139 67.38 -82.40 -43.34
N VAL J 140 67.71 -81.17 -43.77
CA VAL J 140 66.89 -80.38 -44.69
C VAL J 140 66.93 -81.01 -46.09
N LEU J 141 68.06 -81.62 -46.50
CA LEU J 141 68.19 -82.34 -47.77
C LEU J 141 67.35 -83.63 -47.75
N SER J 142 67.40 -84.39 -46.65
CA SER J 142 66.60 -85.60 -46.44
C SER J 142 65.08 -85.29 -46.40
N LEU J 143 64.69 -84.20 -45.72
CA LEU J 143 63.30 -83.75 -45.58
C LEU J 143 62.73 -83.32 -46.95
N TYR J 144 63.46 -82.49 -47.70
CA TYR J 144 63.08 -82.06 -49.05
C TYR J 144 63.13 -83.24 -50.06
N ALA J 145 64.02 -84.22 -49.89
CA ALA J 145 64.07 -85.43 -50.72
C ALA J 145 62.88 -86.37 -50.44
N SER J 146 62.45 -86.49 -49.17
CA SER J 146 61.21 -87.17 -48.80
C SER J 146 59.97 -86.36 -49.23
N GLY J 147 60.12 -85.03 -49.42
CA GLY J 147 59.13 -84.13 -50.00
C GLY J 147 58.26 -83.45 -48.93
N ARG J 148 58.85 -83.12 -47.77
CA ARG J 148 58.23 -82.37 -46.69
C ARG J 148 58.95 -81.01 -46.57
N THR J 149 58.30 -80.03 -45.95
CA THR J 149 58.83 -78.73 -45.58
C THR J 149 58.78 -78.55 -44.05
N THR J 150 57.78 -79.15 -43.39
CA THR J 150 57.61 -79.21 -41.96
C THR J 150 57.55 -80.70 -41.57
N GLY J 151 58.05 -81.07 -40.40
CA GLY J 151 58.05 -82.45 -39.92
C GLY J 151 59.24 -82.70 -39.01
N ILE J 152 59.53 -83.98 -38.72
CA ILE J 152 60.66 -84.39 -37.90
C ILE J 152 61.45 -85.45 -38.67
N VAL J 153 62.75 -85.19 -38.83
CA VAL J 153 63.71 -86.11 -39.39
C VAL J 153 64.35 -86.82 -38.18
N LEU J 154 64.27 -88.15 -38.15
CA LEU J 154 65.08 -89.01 -37.30
C LEU J 154 66.19 -89.55 -38.20
N ASP J 155 67.41 -89.00 -38.10
CA ASP J 155 68.59 -89.55 -38.77
C ASP J 155 69.25 -90.55 -37.81
N SER J 156 69.78 -91.66 -38.34
CA SER J 156 70.59 -92.64 -37.62
C SER J 156 71.76 -93.01 -38.54
N GLY J 157 72.70 -92.07 -38.68
CA GLY J 157 73.82 -92.03 -39.61
C GLY J 157 74.93 -93.05 -39.29
N ASP J 158 76.18 -92.58 -39.22
CA ASP J 158 77.35 -93.45 -39.02
C ASP J 158 77.60 -93.67 -37.52
N GLY J 159 77.55 -92.63 -36.68
CA GLY J 159 77.92 -92.77 -35.27
C GLY J 159 77.09 -91.90 -34.33
N VAL J 160 75.94 -91.41 -34.79
CA VAL J 160 75.05 -90.56 -34.03
C VAL J 160 73.65 -90.71 -34.63
N THR J 161 72.64 -90.76 -33.77
CA THR J 161 71.24 -90.61 -34.11
C THR J 161 70.85 -89.19 -33.66
N HIS J 162 70.26 -88.42 -34.59
CA HIS J 162 69.77 -87.06 -34.40
C HIS J 162 68.27 -87.04 -34.65
N ASN J 163 67.50 -86.41 -33.77
CA ASN J 163 66.13 -85.97 -34.03
C ASN J 163 66.20 -84.50 -34.40
N VAL J 164 65.69 -84.12 -35.58
CA VAL J 164 65.66 -82.75 -36.08
C VAL J 164 64.21 -82.38 -36.47
N PRO J 165 63.41 -81.81 -35.54
CA PRO J 165 62.16 -81.10 -35.87
C PRO J 165 62.45 -79.88 -36.77
N ILE J 166 61.69 -79.73 -37.87
CA ILE J 166 61.83 -78.69 -38.88
C ILE J 166 60.43 -78.09 -39.14
N TYR J 167 60.34 -76.77 -39.27
CA TYR J 167 59.16 -76.01 -39.65
C TYR J 167 59.57 -75.15 -40.85
N GLU J 168 59.01 -75.45 -42.04
CA GLU J 168 59.13 -74.74 -43.31
C GLU J 168 60.60 -74.54 -43.75
N GLY J 169 61.39 -75.62 -43.63
CA GLY J 169 62.80 -75.68 -43.97
C GLY J 169 63.76 -75.24 -42.86
N TYR J 170 63.26 -74.64 -41.77
CA TYR J 170 64.08 -74.13 -40.66
C TYR J 170 63.91 -75.05 -39.45
N ALA J 171 65.03 -75.54 -38.90
CA ALA J 171 65.10 -76.47 -37.78
C ALA J 171 64.83 -75.73 -36.46
N LEU J 172 64.01 -76.32 -35.59
CA LEU J 172 63.61 -75.75 -34.29
C LEU J 172 64.66 -76.23 -33.27
N PRO J 173 65.56 -75.34 -32.77
CA PRO J 173 66.82 -75.77 -32.16
C PRO J 173 66.68 -76.33 -30.73
N HIS J 174 65.74 -75.83 -29.93
CA HIS J 174 65.51 -76.18 -28.53
C HIS J 174 64.81 -77.55 -28.36
N ALA J 175 64.56 -78.25 -29.47
CA ALA J 175 63.84 -79.51 -29.58
C ALA J 175 64.65 -80.57 -30.36
N ILE J 176 65.87 -80.23 -30.83
CA ILE J 176 66.81 -81.19 -31.40
C ILE J 176 67.37 -82.02 -30.24
N MET J 177 67.45 -83.33 -30.43
CA MET J 177 67.98 -84.30 -29.49
C MET J 177 68.97 -85.20 -30.25
N ARG J 178 70.06 -85.57 -29.59
CA ARG J 178 71.22 -86.23 -30.15
C ARG J 178 71.55 -87.41 -29.23
N LEU J 179 71.73 -88.58 -29.80
CA LEU J 179 72.11 -89.81 -29.14
C LEU J 179 73.31 -90.34 -29.94
N ASP J 180 74.51 -90.24 -29.39
CA ASP J 180 75.79 -90.62 -30.03
C ASP J 180 75.95 -92.14 -30.08
N LEU J 181 75.14 -92.77 -30.93
CA LEU J 181 75.05 -94.20 -31.23
C LEU J 181 74.37 -94.34 -32.60
N ALA J 182 74.89 -95.16 -33.51
CA ALA J 182 74.23 -95.59 -34.74
C ALA J 182 74.95 -96.79 -35.41
N GLY J 183 75.78 -96.47 -36.40
CA GLY J 183 76.18 -97.35 -37.49
C GLY J 183 77.44 -98.17 -37.19
N ARG J 184 78.42 -97.63 -36.44
CA ARG J 184 79.57 -98.41 -35.95
C ARG J 184 79.08 -99.39 -34.88
N ASP J 185 78.30 -98.85 -33.95
CA ASP J 185 78.30 -99.23 -32.54
C ASP J 185 77.44 -100.49 -32.33
N LEU J 186 76.39 -100.62 -33.17
CA LEU J 186 75.60 -101.83 -33.35
C LEU J 186 76.42 -102.96 -34.00
N THR J 187 77.40 -102.63 -34.86
CA THR J 187 78.26 -103.60 -35.55
C THR J 187 79.34 -104.10 -34.57
N ASP J 188 79.83 -103.25 -33.67
CA ASP J 188 80.74 -103.62 -32.57
C ASP J 188 80.02 -104.50 -31.54
N TYR J 189 78.71 -104.28 -31.30
CA TYR J 189 77.89 -105.25 -30.56
C TYR J 189 77.71 -106.56 -31.36
N LEU J 190 77.48 -106.50 -32.69
CA LEU J 190 77.42 -107.67 -33.58
C LEU J 190 78.68 -108.57 -33.50
N MET J 191 79.88 -107.96 -33.42
CA MET J 191 81.16 -108.65 -33.22
C MET J 191 81.19 -109.40 -31.88
N LYS J 192 80.68 -108.79 -30.79
CA LYS J 192 80.60 -109.41 -29.46
C LYS J 192 79.63 -110.60 -29.46
N ILE J 193 78.40 -110.43 -29.95
CA ILE J 193 77.36 -111.46 -29.89
C ILE J 193 77.67 -112.68 -30.79
N LEU J 194 78.45 -112.48 -31.87
CA LEU J 194 79.00 -113.56 -32.68
C LEU J 194 80.16 -114.26 -31.91
N THR J 195 81.00 -113.51 -31.18
CA THR J 195 82.04 -114.04 -30.30
C THR J 195 81.43 -114.84 -29.12
N GLU J 196 80.25 -114.46 -28.62
CA GLU J 196 79.43 -115.21 -27.65
C GLU J 196 78.87 -116.53 -28.23
N ARG J 197 79.06 -116.82 -29.53
CA ARG J 197 78.81 -118.12 -30.15
C ARG J 197 80.11 -118.82 -30.56
N GLY J 198 81.28 -118.22 -30.30
CA GLY J 198 82.59 -118.75 -30.65
C GLY J 198 83.08 -118.32 -32.04
N TYR J 199 82.37 -117.43 -32.74
CA TYR J 199 82.82 -116.84 -34.00
C TYR J 199 83.60 -115.57 -33.62
N SER J 200 84.84 -115.72 -33.14
CA SER J 200 85.68 -114.67 -32.56
C SER J 200 86.22 -113.66 -33.59
N PHE J 201 85.33 -113.05 -34.39
CA PHE J 201 85.63 -112.03 -35.39
C PHE J 201 86.12 -110.74 -34.71
N VAL J 202 87.38 -110.36 -34.93
CA VAL J 202 88.09 -109.39 -34.09
C VAL J 202 88.92 -108.36 -34.90
N THR J 203 89.58 -108.79 -35.98
CA THR J 203 90.53 -107.98 -36.74
C THR J 203 89.82 -106.91 -37.60
N THR J 204 90.59 -105.95 -38.13
CA THR J 204 90.14 -104.97 -39.11
C THR J 204 89.74 -105.59 -40.48
N ALA J 205 90.05 -106.88 -40.73
CA ALA J 205 89.59 -107.64 -41.87
C ALA J 205 88.21 -108.26 -41.55
N GLU J 206 88.06 -108.93 -40.41
CA GLU J 206 86.79 -109.57 -40.01
C GLU J 206 85.71 -108.53 -39.68
N ARG J 207 86.11 -107.32 -39.25
CA ARG J 207 85.23 -106.17 -39.08
C ARG J 207 84.50 -105.77 -40.38
N GLU J 208 85.09 -106.06 -41.55
CA GLU J 208 84.47 -105.85 -42.86
C GLU J 208 83.42 -106.94 -43.15
N ILE J 209 83.69 -108.19 -42.75
CA ILE J 209 82.79 -109.33 -42.86
C ILE J 209 81.57 -109.08 -41.95
N VAL J 210 81.79 -108.69 -40.69
CA VAL J 210 80.72 -108.36 -39.74
C VAL J 210 79.95 -107.08 -40.14
N ARG J 211 80.58 -106.12 -40.84
CA ARG J 211 79.87 -105.01 -41.51
C ARG J 211 78.93 -105.53 -42.61
N ASP J 212 79.36 -106.51 -43.42
CA ASP J 212 78.58 -107.07 -44.52
C ASP J 212 77.44 -107.97 -44.01
N ILE J 213 77.69 -108.79 -42.97
CA ILE J 213 76.69 -109.56 -42.22
C ILE J 213 75.53 -108.65 -41.75
N LYS J 214 75.87 -107.45 -41.23
CA LYS J 214 74.90 -106.51 -40.70
C LYS J 214 74.09 -105.78 -41.79
N GLU J 215 74.70 -105.53 -42.96
CA GLU J 215 74.03 -104.92 -44.11
C GLU J 215 73.09 -105.96 -44.78
N LYS J 216 73.52 -107.23 -44.86
CA LYS J 216 72.75 -108.30 -45.49
C LYS J 216 71.64 -108.87 -44.58
N LEU J 217 71.95 -109.21 -43.32
CA LEU J 217 71.17 -110.21 -42.56
C LEU J 217 70.47 -109.68 -41.31
N CYS J 218 70.81 -108.49 -40.78
CA CYS J 218 70.21 -107.98 -39.54
C CYS J 218 68.86 -107.31 -39.84
N TYR J 219 67.89 -107.48 -38.94
CA TYR J 219 66.53 -106.95 -39.05
C TYR J 219 66.01 -106.57 -37.67
N VAL J 220 65.13 -105.57 -37.59
CA VAL J 220 64.49 -105.17 -36.34
C VAL J 220 63.26 -106.07 -36.20
N ALA J 221 63.27 -106.89 -35.14
CA ALA J 221 62.18 -107.78 -34.75
C ALA J 221 60.99 -106.95 -34.27
N LEU J 222 59.77 -107.44 -34.50
CA LEU J 222 58.53 -106.70 -34.27
C LEU J 222 58.22 -106.55 -32.77
N ASP J 223 58.71 -107.47 -31.95
CA ASP J 223 58.97 -107.34 -30.52
C ASP J 223 60.19 -108.24 -30.24
N PHE J 224 60.88 -108.01 -29.12
CA PHE J 224 62.15 -108.65 -28.79
C PHE J 224 61.98 -109.86 -27.87
N GLU J 225 60.75 -110.29 -27.53
CA GLU J 225 60.50 -111.41 -26.61
C GLU J 225 59.75 -112.54 -27.32
N ASN J 226 58.76 -112.23 -28.16
CA ASN J 226 57.89 -113.17 -28.86
C ASN J 226 58.63 -113.82 -30.05
N GLU J 227 59.36 -113.00 -30.83
CA GLU J 227 60.26 -113.44 -31.90
C GLU J 227 61.45 -114.21 -31.29
N MET J 228 62.02 -113.72 -30.19
CA MET J 228 63.10 -114.34 -29.42
C MET J 228 62.68 -115.72 -28.86
N ALA J 229 61.49 -115.84 -28.25
CA ALA J 229 60.94 -117.08 -27.73
C ALA J 229 60.67 -118.12 -28.84
N THR J 230 60.38 -117.66 -30.06
CA THR J 230 60.25 -118.53 -31.23
C THR J 230 61.66 -118.94 -31.73
N ALA J 231 62.58 -117.97 -31.86
CA ALA J 231 63.92 -118.16 -32.42
C ALA J 231 64.84 -118.97 -31.49
N ALA J 232 64.62 -118.92 -30.17
CA ALA J 232 65.39 -119.62 -29.14
C ALA J 232 65.24 -121.14 -29.20
N SER J 233 64.25 -121.64 -29.95
CA SER J 233 64.06 -123.05 -30.25
C SER J 233 63.65 -123.28 -31.71
N SER J 234 63.96 -122.34 -32.63
CA SER J 234 63.66 -122.48 -34.04
C SER J 234 64.70 -121.74 -34.89
N SER J 235 65.63 -122.49 -35.48
CA SER J 235 66.61 -122.02 -36.47
C SER J 235 65.94 -121.72 -37.85
N SER J 236 64.61 -121.53 -37.88
CA SER J 236 63.86 -121.08 -39.04
C SER J 236 64.12 -119.57 -39.28
N LEU J 237 64.23 -118.77 -38.22
CA LEU J 237 64.47 -117.32 -38.26
C LEU J 237 65.97 -117.00 -38.38
N GLU J 238 66.83 -117.88 -37.88
CA GLU J 238 68.28 -117.88 -38.02
C GLU J 238 68.68 -118.24 -39.45
N LYS J 239 69.79 -117.71 -39.99
CA LYS J 239 70.24 -118.00 -41.36
C LYS J 239 71.77 -118.12 -41.45
N SER J 240 72.25 -118.56 -42.60
CA SER J 240 73.65 -118.73 -42.94
C SER J 240 74.25 -117.40 -43.44
N TYR J 241 75.59 -117.38 -43.49
CA TYR J 241 76.44 -116.43 -44.18
C TYR J 241 77.60 -117.27 -44.72
N GLU J 242 77.63 -117.40 -46.04
CA GLU J 242 78.53 -118.20 -46.84
C GLU J 242 79.75 -117.33 -47.21
N LEU J 243 80.95 -117.76 -46.82
CA LEU J 243 82.20 -117.07 -47.11
C LEU J 243 82.80 -117.63 -48.43
N PRO J 244 83.44 -116.79 -49.27
CA PRO J 244 84.18 -117.20 -50.49
C PRO J 244 85.17 -118.38 -50.29
N ASP J 245 85.77 -118.44 -49.10
CA ASP J 245 86.69 -119.43 -48.54
C ASP J 245 86.09 -120.84 -48.45
N GLY J 246 84.77 -120.97 -48.55
CA GLY J 246 84.02 -122.22 -48.53
C GLY J 246 83.47 -122.58 -47.16
N GLN J 247 83.72 -121.73 -46.15
CA GLN J 247 83.13 -121.80 -44.83
C GLN J 247 81.73 -121.16 -44.86
N VAL J 248 80.84 -121.64 -43.99
CA VAL J 248 79.51 -121.08 -43.77
C VAL J 248 79.39 -120.86 -42.26
N ILE J 249 78.89 -119.69 -41.86
CA ILE J 249 78.70 -119.24 -40.49
C ILE J 249 77.17 -119.14 -40.30
N THR J 250 76.60 -119.74 -39.24
CA THR J 250 75.17 -119.62 -38.95
C THR J 250 74.99 -118.36 -38.07
N ILE J 251 74.46 -117.30 -38.67
CA ILE J 251 74.14 -116.03 -38.03
C ILE J 251 72.72 -116.22 -37.45
N GLY J 252 72.70 -116.58 -36.18
CA GLY J 252 71.52 -117.02 -35.46
C GLY J 252 70.64 -115.87 -34.95
N ASN J 253 70.06 -116.07 -33.76
CA ASN J 253 69.35 -115.12 -32.89
C ASN J 253 69.98 -113.71 -32.85
N GLU J 254 71.29 -113.65 -33.05
CA GLU J 254 72.18 -112.51 -33.29
C GLU J 254 71.66 -111.46 -34.32
N ARG J 255 70.86 -111.90 -35.30
CA ARG J 255 70.27 -111.08 -36.38
C ARG J 255 69.41 -109.90 -35.87
N PHE J 256 68.70 -110.10 -34.75
CA PHE J 256 67.84 -109.10 -34.14
C PHE J 256 68.44 -108.57 -32.83
N ARG J 257 69.35 -109.33 -32.16
CA ARG J 257 70.12 -108.84 -31.00
C ARG J 257 70.89 -107.56 -31.33
N CYS J 258 71.59 -107.52 -32.47
CA CYS J 258 72.27 -106.34 -32.98
C CYS J 258 71.36 -105.07 -33.07
N PRO J 259 70.38 -104.99 -34.02
CA PRO J 259 69.44 -103.86 -34.17
C PRO J 259 68.71 -103.32 -32.93
N GLU J 260 68.28 -104.19 -31.99
CA GLU J 260 67.45 -103.79 -30.83
C GLU J 260 68.17 -102.80 -29.88
N THR J 261 69.50 -102.77 -29.88
CA THR J 261 70.30 -101.83 -29.09
C THR J 261 70.09 -100.34 -29.46
N LEU J 262 69.44 -100.07 -30.60
CA LEU J 262 68.96 -98.74 -30.97
C LEU J 262 67.67 -98.40 -30.19
N PHE J 263 66.79 -99.39 -29.99
CA PHE J 263 65.48 -99.25 -29.34
C PHE J 263 65.61 -99.26 -27.80
N GLN J 264 66.59 -99.97 -27.22
CA GLN J 264 67.02 -99.82 -25.83
C GLN J 264 68.57 -99.94 -25.74
N PRO J 265 69.35 -98.83 -25.68
CA PRO J 265 70.83 -98.79 -25.45
C PRO J 265 71.45 -99.56 -24.27
N SER J 266 70.74 -100.50 -23.64
CA SER J 266 71.10 -101.19 -22.40
C SER J 266 72.35 -102.07 -22.53
N PHE J 267 72.60 -102.57 -23.74
CA PHE J 267 73.73 -103.42 -24.09
C PHE J 267 74.95 -102.59 -24.52
N ILE J 268 74.80 -101.25 -24.62
CA ILE J 268 75.91 -100.30 -24.70
C ILE J 268 76.22 -99.85 -23.26
N GLY J 269 75.18 -99.63 -22.43
CA GLY J 269 75.30 -99.26 -21.02
C GLY J 269 75.15 -97.75 -20.78
N MET J 270 74.49 -97.03 -21.71
CA MET J 270 74.20 -95.61 -21.63
C MET J 270 72.97 -95.42 -20.73
N GLU J 271 72.88 -94.29 -20.01
CA GLU J 271 71.73 -93.92 -19.18
C GLU J 271 70.63 -93.22 -20.02
N SER J 272 70.84 -93.16 -21.34
CA SER J 272 69.94 -92.65 -22.36
C SER J 272 68.74 -93.59 -22.55
N ALA J 273 67.66 -93.03 -23.09
CA ALA J 273 66.46 -93.75 -23.52
C ALA J 273 66.64 -94.18 -24.99
N GLY J 274 65.68 -94.94 -25.52
CA GLY J 274 65.62 -95.38 -26.91
C GLY J 274 65.29 -94.26 -27.89
N ILE J 275 65.54 -94.45 -29.19
CA ILE J 275 65.23 -93.48 -30.24
C ILE J 275 63.75 -93.05 -30.30
N HIS J 276 62.82 -93.95 -29.96
CA HIS J 276 61.37 -93.71 -29.90
C HIS J 276 61.00 -92.85 -28.68
N GLU J 277 61.56 -93.19 -27.50
CA GLU J 277 61.46 -92.42 -26.26
C GLU J 277 62.02 -91.00 -26.48
N THR J 278 63.15 -90.89 -27.19
CA THR J 278 63.81 -89.64 -27.55
C THR J 278 62.98 -88.84 -28.58
N THR J 279 62.43 -89.49 -29.62
CA THR J 279 61.57 -88.87 -30.64
C THR J 279 60.31 -88.25 -30.01
N TYR J 280 59.68 -88.93 -29.03
CA TYR J 280 58.57 -88.36 -28.24
C TYR J 280 58.99 -87.10 -27.47
N ASN J 281 60.12 -87.17 -26.73
CA ASN J 281 60.64 -86.06 -25.92
C ASN J 281 61.07 -84.84 -26.77
N SER J 282 61.55 -85.09 -28.00
CA SER J 282 61.87 -84.09 -29.02
C SER J 282 60.60 -83.37 -29.50
N ILE J 283 59.56 -84.12 -29.91
CA ILE J 283 58.27 -83.57 -30.37
C ILE J 283 57.58 -82.79 -29.23
N MET J 284 57.64 -83.30 -27.99
CA MET J 284 57.07 -82.68 -26.80
C MET J 284 57.70 -81.33 -26.41
N LYS J 285 58.93 -81.04 -26.86
CA LYS J 285 59.61 -79.78 -26.61
C LYS J 285 59.24 -78.70 -27.65
N CYS J 286 58.40 -79.04 -28.64
CA CYS J 286 57.72 -78.10 -29.53
C CYS J 286 56.29 -77.90 -29.02
N ASP J 287 55.70 -76.77 -29.41
CA ASP J 287 54.37 -76.28 -29.09
C ASP J 287 53.25 -77.17 -29.64
N ILE J 288 52.10 -77.19 -28.94
CA ILE J 288 50.89 -77.99 -29.16
C ILE J 288 50.43 -78.12 -30.63
N ASP J 289 50.44 -77.00 -31.36
CA ASP J 289 50.01 -76.89 -32.76
C ASP J 289 51.12 -77.38 -33.71
N ILE J 290 52.40 -77.28 -33.34
CA ILE J 290 53.52 -77.78 -34.11
C ILE J 290 53.58 -79.32 -33.98
N ARG J 291 53.35 -79.88 -32.77
CA ARG J 291 53.42 -81.32 -32.47
C ARG J 291 52.59 -82.18 -33.44
N LYS J 292 51.43 -81.64 -33.86
CA LYS J 292 50.50 -82.15 -34.85
C LYS J 292 51.14 -82.65 -36.16
N ASP J 293 51.97 -81.83 -36.79
CA ASP J 293 52.58 -82.17 -38.08
C ASP J 293 53.80 -83.07 -37.85
N LEU J 294 54.56 -82.87 -36.76
CA LEU J 294 55.71 -83.72 -36.38
C LEU J 294 55.28 -85.19 -36.18
N TYR J 295 54.15 -85.41 -35.49
CA TYR J 295 53.50 -86.72 -35.34
C TYR J 295 53.07 -87.34 -36.70
N ALA J 296 52.76 -86.51 -37.70
CA ALA J 296 52.30 -86.91 -39.03
C ALA J 296 53.41 -86.88 -40.09
N ASN J 297 54.66 -86.54 -39.73
CA ASN J 297 55.80 -86.40 -40.63
C ASN J 297 57.10 -86.85 -39.96
N ASN J 298 57.08 -88.05 -39.37
CA ASN J 298 58.25 -88.75 -38.83
C ASN J 298 58.97 -89.42 -40.02
N VAL J 299 59.95 -88.70 -40.59
CA VAL J 299 60.78 -89.12 -41.71
C VAL J 299 62.03 -89.81 -41.11
N MET J 300 62.38 -90.98 -41.64
CA MET J 300 63.58 -91.72 -41.24
C MET J 300 64.71 -91.40 -42.24
N SER J 301 65.94 -91.23 -41.75
CA SER J 301 67.16 -90.92 -42.49
C SER J 301 68.34 -91.73 -41.90
N GLY J 302 69.45 -91.83 -42.64
CA GLY J 302 70.70 -92.41 -42.16
C GLY J 302 70.79 -93.93 -42.35
N GLY J 303 72.01 -94.44 -42.52
CA GLY J 303 72.30 -95.80 -42.99
C GLY J 303 71.94 -96.93 -42.03
N THR J 304 71.69 -96.64 -40.75
CA THR J 304 71.27 -97.65 -39.77
C THR J 304 69.77 -97.97 -39.92
N THR J 305 68.97 -97.10 -40.55
CA THR J 305 67.52 -97.30 -40.71
C THR J 305 67.15 -98.26 -41.86
N MET J 306 68.14 -98.99 -42.42
CA MET J 306 67.95 -99.91 -43.54
C MET J 306 67.44 -101.29 -43.07
N TYR J 307 67.58 -101.65 -41.78
CA TYR J 307 67.17 -102.92 -41.20
C TYR J 307 65.66 -103.18 -41.44
N PRO J 308 65.23 -104.31 -42.07
CA PRO J 308 63.81 -104.68 -42.26
C PRO J 308 62.99 -104.64 -40.95
N GLY J 309 61.67 -104.43 -41.07
CA GLY J 309 60.71 -104.39 -39.96
C GLY J 309 60.60 -103.02 -39.27
N ILE J 310 61.69 -102.25 -39.24
CA ILE J 310 61.91 -101.04 -38.45
C ILE J 310 60.78 -99.97 -38.53
N ALA J 311 60.22 -99.77 -39.73
CA ALA J 311 59.19 -98.76 -39.98
C ALA J 311 57.83 -99.20 -39.42
N ASP J 312 57.55 -100.51 -39.40
CA ASP J 312 56.32 -101.08 -38.81
C ASP J 312 56.49 -101.11 -37.28
N ARG J 313 57.66 -101.54 -36.78
CA ARG J 313 58.04 -101.55 -35.38
C ARG J 313 57.87 -100.16 -34.74
N MET J 314 58.39 -99.12 -35.41
CA MET J 314 58.31 -97.73 -34.98
C MET J 314 56.88 -97.22 -34.82
N GLN J 315 55.91 -97.71 -35.62
CA GLN J 315 54.49 -97.40 -35.42
C GLN J 315 53.98 -97.92 -34.07
N LYS J 316 54.39 -99.13 -33.64
CA LYS J 316 54.02 -99.72 -32.36
C LYS J 316 54.59 -98.86 -31.21
N GLU J 317 55.89 -98.57 -31.29
CA GLU J 317 56.67 -97.81 -30.32
C GLU J 317 56.17 -96.35 -30.15
N ILE J 318 55.83 -95.67 -31.25
CA ILE J 318 55.41 -94.28 -31.21
C ILE J 318 53.93 -94.16 -30.80
N THR J 319 53.02 -95.06 -31.21
CA THR J 319 51.62 -95.04 -30.74
C THR J 319 51.46 -95.48 -29.26
N ALA J 320 52.53 -96.02 -28.66
CA ALA J 320 52.63 -96.26 -27.21
C ALA J 320 53.18 -95.03 -26.46
N LEU J 321 53.47 -93.91 -27.15
CA LEU J 321 54.00 -92.67 -26.58
C LEU J 321 53.18 -91.44 -27.00
N ALA J 322 52.92 -91.28 -28.29
CA ALA J 322 52.18 -90.17 -28.87
C ALA J 322 50.67 -90.40 -28.69
N PRO J 323 49.91 -89.45 -28.09
CA PRO J 323 48.45 -89.55 -27.87
C PRO J 323 47.62 -90.04 -29.06
N SER J 324 46.70 -90.99 -28.79
CA SER J 324 45.90 -91.70 -29.78
C SER J 324 44.78 -90.86 -30.44
N THR J 325 44.58 -89.61 -30.01
CA THR J 325 43.71 -88.65 -30.68
C THR J 325 44.45 -87.97 -31.87
N MET J 326 45.77 -88.21 -32.04
CA MET J 326 46.58 -87.66 -33.12
C MET J 326 46.74 -88.72 -34.22
N LYS J 327 46.60 -88.29 -35.48
CA LYS J 327 46.82 -89.09 -36.68
C LYS J 327 48.34 -89.21 -36.93
N ILE J 328 48.96 -90.19 -36.27
CA ILE J 328 50.37 -90.52 -36.40
C ILE J 328 50.67 -91.05 -37.82
N LYS J 329 51.80 -90.64 -38.41
CA LYS J 329 52.32 -91.18 -39.66
C LYS J 329 53.84 -91.35 -39.51
N ILE J 330 54.37 -92.51 -39.93
CA ILE J 330 55.78 -92.83 -40.05
C ILE J 330 56.02 -93.03 -41.55
N ILE J 331 57.13 -92.49 -42.10
CA ILE J 331 57.52 -92.64 -43.50
C ILE J 331 59.01 -93.02 -43.56
N ALA J 332 59.30 -94.19 -44.15
CA ALA J 332 60.64 -94.70 -44.40
C ALA J 332 60.77 -94.86 -45.93
N PRO J 333 61.37 -93.89 -46.66
CA PRO J 333 61.59 -93.96 -48.13
C PRO J 333 62.27 -95.28 -48.61
N PRO J 334 61.98 -95.79 -49.83
CA PRO J 334 62.51 -97.06 -50.39
C PRO J 334 64.01 -97.33 -50.12
N GLU J 335 64.88 -96.51 -50.70
CA GLU J 335 66.27 -96.29 -50.29
C GLU J 335 66.21 -95.07 -49.33
N ARG J 336 67.11 -95.02 -48.35
CA ARG J 336 67.23 -93.91 -47.40
C ARG J 336 68.67 -93.60 -46.96
N LYS J 337 69.68 -94.39 -47.39
CA LYS J 337 71.08 -94.28 -46.98
C LYS J 337 71.84 -93.25 -47.82
N TYR J 338 71.44 -93.01 -49.08
CA TYR J 338 72.05 -92.02 -49.97
C TYR J 338 71.18 -90.75 -50.07
N SER J 339 69.98 -90.75 -49.48
CA SER J 339 68.96 -89.68 -49.47
C SER J 339 69.51 -88.25 -49.39
N VAL J 340 70.23 -87.98 -48.30
CA VAL J 340 70.97 -86.77 -47.98
C VAL J 340 71.90 -86.27 -49.12
N TRP J 341 72.62 -87.19 -49.76
CA TRP J 341 73.57 -86.88 -50.83
C TRP J 341 72.80 -86.65 -52.15
N ILE J 342 71.74 -87.43 -52.44
CA ILE J 342 70.90 -87.27 -53.63
C ILE J 342 70.18 -85.91 -53.58
N GLY J 343 69.60 -85.55 -52.42
CA GLY J 343 69.02 -84.23 -52.15
C GLY J 343 70.05 -83.10 -52.28
N GLY J 344 71.30 -83.37 -51.88
CA GLY J 344 72.46 -82.52 -52.12
C GLY J 344 72.77 -82.36 -53.62
N SER J 345 72.84 -83.46 -54.37
CA SER J 345 73.08 -83.49 -55.81
C SER J 345 72.01 -82.72 -56.62
N ILE J 346 70.73 -82.82 -56.24
CA ILE J 346 69.65 -82.07 -56.91
C ILE J 346 69.78 -80.57 -56.59
N LEU J 347 70.11 -80.20 -55.34
CA LEU J 347 70.35 -78.81 -54.94
C LEU J 347 71.57 -78.22 -55.69
N ALA J 348 72.59 -79.05 -55.95
CA ALA J 348 73.79 -78.70 -56.70
C ALA J 348 73.58 -78.62 -58.22
N SER J 349 72.41 -78.99 -58.76
CA SER J 349 72.14 -79.10 -60.21
C SER J 349 70.93 -78.31 -60.68
N LEU J 350 70.62 -77.21 -59.99
CA LEU J 350 69.59 -76.26 -60.40
C LEU J 350 70.25 -75.19 -61.29
N SER J 351 69.76 -75.04 -62.53
CA SER J 351 70.07 -73.95 -63.45
C SER J 351 69.24 -72.68 -63.09
N THR J 352 69.09 -72.42 -61.79
CA THR J 352 68.53 -71.20 -61.21
C THR J 352 69.70 -70.27 -60.89
N PHE J 353 69.44 -68.96 -60.99
CA PHE J 353 70.44 -67.92 -60.74
C PHE J 353 70.70 -67.79 -59.23
N GLN J 354 71.94 -67.42 -58.89
CA GLN J 354 72.51 -67.23 -57.57
C GLN J 354 71.63 -66.48 -56.55
N GLN J 355 71.55 -67.02 -55.34
CA GLN J 355 71.05 -66.34 -54.16
C GLN J 355 71.75 -66.91 -52.93
N MET J 356 71.75 -68.24 -52.78
CA MET J 356 72.22 -68.94 -51.58
C MET J 356 73.71 -69.33 -51.68
N TRP J 357 74.20 -69.61 -52.90
CA TRP J 357 75.59 -69.96 -53.24
C TRP J 357 76.58 -68.86 -52.80
N ILE J 358 77.77 -69.24 -52.33
CA ILE J 358 78.84 -68.32 -51.93
C ILE J 358 79.92 -68.42 -53.03
N THR J 359 80.20 -67.32 -53.74
CA THR J 359 81.35 -67.25 -54.64
C THR J 359 82.56 -66.68 -53.85
N LYS J 360 83.79 -67.04 -54.26
CA LYS J 360 85.08 -66.72 -53.65
C LYS J 360 85.19 -65.33 -53.00
N GLN J 361 85.01 -64.26 -53.79
CA GLN J 361 85.31 -62.89 -53.37
C GLN J 361 84.31 -62.27 -52.38
N GLU J 362 83.27 -63.02 -51.96
CA GLU J 362 82.41 -62.65 -50.84
C GLU J 362 83.11 -62.93 -49.48
N TYR J 363 84.07 -63.86 -49.46
CA TYR J 363 84.92 -64.16 -48.30
C TYR J 363 85.83 -62.97 -47.97
N ASP J 364 86.40 -62.35 -49.00
CA ASP J 364 87.36 -61.24 -48.94
C ASP J 364 86.72 -59.93 -48.46
N GLU J 365 85.38 -59.88 -48.32
CA GLU J 365 84.64 -58.77 -47.71
C GLU J 365 84.17 -59.21 -46.31
N ALA J 366 83.48 -60.35 -46.22
CA ALA J 366 82.76 -60.79 -45.02
C ALA J 366 83.63 -61.52 -44.00
N GLY J 367 84.84 -61.95 -44.41
CA GLY J 367 85.62 -62.98 -43.74
C GLY J 367 84.90 -64.34 -43.80
N PRO J 368 85.16 -65.25 -42.84
CA PRO J 368 84.46 -66.55 -42.77
C PRO J 368 83.00 -66.47 -42.29
N SER J 369 82.46 -65.29 -41.95
CA SER J 369 81.11 -65.11 -41.44
C SER J 369 80.01 -65.26 -42.51
N ILE J 370 80.39 -65.29 -43.80
CA ILE J 370 79.55 -65.38 -45.01
C ILE J 370 78.52 -66.52 -44.95
N VAL J 371 78.92 -67.66 -44.34
CA VAL J 371 78.14 -68.87 -44.11
C VAL J 371 76.90 -68.65 -43.19
N HIS J 372 76.81 -67.51 -42.49
CA HIS J 372 75.63 -67.14 -41.69
C HIS J 372 74.85 -65.99 -42.34
N ARG J 373 75.44 -65.27 -43.31
CA ARG J 373 74.88 -64.04 -43.86
C ARG J 373 73.88 -64.31 -44.99
N LYS J 374 74.11 -65.33 -45.83
CA LYS J 374 73.30 -65.53 -47.03
C LYS J 374 72.06 -66.39 -46.71
N CYS J 375 72.25 -67.68 -46.43
CA CYS J 375 71.22 -68.71 -46.33
C CYS J 375 70.47 -68.71 -44.98
N PHE J 376 70.86 -67.82 -44.05
CA PHE J 376 70.34 -67.72 -42.68
C PHE J 376 70.06 -66.26 -42.30
N NH2 J 377 70.15 -65.31 -43.24
HN1 NH2 J 377 70.00 -64.35 -42.98
HN2 NH2 J 377 70.36 -65.55 -44.20
C ACE K 1 -23.72 80.70 11.43
O ACE K 1 -23.81 81.04 12.80
CH3 ACE K 1 -24.33 79.31 11.24
H1 ACE K 1 -25.40 79.31 11.50
H2 ACE K 1 -23.84 78.58 11.88
H3 ACE K 1 -24.22 78.97 10.22
N MET K 2 -24.50 81.68 10.70
CA MET K 2 -24.07 83.10 10.84
C MET K 2 -25.24 84.09 10.62
N ALA K 3 -26.43 83.57 10.28
CA ALA K 3 -27.68 84.32 10.15
C ALA K 3 -28.92 83.41 10.14
N SER K 4 -30.07 84.04 10.38
CA SER K 4 -31.41 83.44 10.43
C SER K 4 -32.17 83.57 9.09
N GLY K 5 -31.60 84.25 8.10
CA GLY K 5 -32.29 84.66 6.88
C GLY K 5 -31.72 86.00 6.40
N VAL K 6 -32.50 86.69 5.57
CA VAL K 6 -32.17 87.95 4.89
C VAL K 6 -33.19 89.02 5.32
N THR K 7 -32.75 90.26 5.49
CA THR K 7 -33.58 91.36 5.97
C THR K 7 -34.40 91.97 4.82
N VAL K 8 -35.56 92.55 5.15
CA VAL K 8 -36.47 93.18 4.22
C VAL K 8 -36.26 94.68 4.43
N ASN K 9 -35.64 95.34 3.45
CA ASN K 9 -35.33 96.77 3.50
C ASN K 9 -36.58 97.56 3.07
N ASP K 10 -36.87 98.66 3.78
CA ASP K 10 -38.06 99.53 3.64
C ASP K 10 -38.19 100.28 2.32
N GLU K 11 -37.32 100.03 1.33
CA GLU K 11 -37.53 100.38 -0.08
C GLU K 11 -38.82 99.72 -0.63
N VAL K 12 -39.11 98.49 -0.20
CA VAL K 12 -40.34 97.75 -0.53
C VAL K 12 -41.57 98.47 0.07
N ILE K 13 -41.41 99.07 1.25
CA ILE K 13 -42.43 99.84 1.96
C ILE K 13 -42.61 101.22 1.31
N LYS K 14 -41.54 101.85 0.78
CA LYS K 14 -41.63 103.10 0.03
C LYS K 14 -42.48 102.94 -1.25
N VAL K 15 -42.30 101.89 -2.05
CA VAL K 15 -43.11 101.70 -3.26
C VAL K 15 -44.55 101.20 -2.93
N PHE K 16 -44.74 100.55 -1.77
CA PHE K 16 -46.05 100.15 -1.24
C PHE K 16 -46.81 101.39 -0.69
N ASN K 17 -46.11 102.33 -0.04
CA ASN K 17 -46.59 103.61 0.51
C ASN K 17 -47.44 104.43 -0.47
N ASP K 18 -47.05 104.50 -1.75
CA ASP K 18 -47.76 105.20 -2.83
C ASP K 18 -48.36 104.17 -3.82
N MET K 19 -48.86 103.06 -3.27
CA MET K 19 -49.60 101.98 -3.96
C MET K 19 -50.83 101.62 -3.11
N LYS K 20 -50.62 101.47 -1.80
CA LYS K 20 -51.65 101.09 -0.84
C LYS K 20 -52.67 102.22 -0.63
N VAL K 21 -52.30 103.48 -0.90
CA VAL K 21 -53.20 104.61 -0.89
C VAL K 21 -53.76 104.84 -2.31
N ARG K 22 -54.97 105.35 -2.36
CA ARG K 22 -55.62 105.98 -3.49
C ARG K 22 -55.44 107.50 -3.37
N LYS K 23 -55.92 108.21 -4.39
CA LYS K 23 -56.10 109.65 -4.45
C LYS K 23 -57.40 109.90 -5.24
N SER K 24 -57.67 111.16 -5.62
CA SER K 24 -58.85 111.56 -6.40
C SER K 24 -58.84 110.90 -7.79
N SER K 25 -59.93 110.23 -8.17
CA SER K 25 -60.08 109.53 -9.45
C SER K 25 -60.20 110.49 -10.66
N THR K 26 -60.38 111.80 -10.41
CA THR K 26 -60.48 112.89 -11.37
C THR K 26 -59.19 113.04 -12.19
N GLN K 27 -58.06 113.42 -11.56
CA GLN K 27 -56.79 113.71 -12.22
C GLN K 27 -55.57 113.06 -11.57
N GLU K 28 -55.69 112.45 -10.37
CA GLU K 28 -54.56 111.74 -9.77
C GLU K 28 -54.55 110.30 -10.31
N GLU K 29 -55.42 109.39 -9.85
CA GLU K 29 -55.35 107.92 -10.08
C GLU K 29 -55.03 107.45 -11.51
N ILE K 30 -55.55 108.19 -12.51
CA ILE K 30 -55.43 108.06 -13.96
C ILE K 30 -54.07 107.52 -14.43
N LYS K 31 -52.97 108.16 -14.04
CA LYS K 31 -51.60 107.68 -14.26
C LYS K 31 -50.82 107.88 -12.95
N LYS K 32 -51.40 107.48 -11.81
CA LYS K 32 -50.76 107.51 -10.48
C LYS K 32 -50.96 106.21 -9.68
N ARG K 33 -52.08 105.48 -9.85
CA ARG K 33 -52.34 104.23 -9.14
C ARG K 33 -51.51 103.11 -9.79
N LYS K 34 -50.45 102.67 -9.11
CA LYS K 34 -49.66 101.48 -9.43
C LYS K 34 -50.44 100.29 -8.83
N LYS K 35 -50.66 99.23 -9.61
CA LYS K 35 -51.42 98.04 -9.18
C LYS K 35 -50.55 96.79 -9.02
N ALA K 36 -49.26 96.85 -9.38
CA ALA K 36 -48.27 95.78 -9.24
C ALA K 36 -46.91 96.36 -8.87
N VAL K 37 -46.11 95.60 -8.11
CA VAL K 37 -44.68 95.79 -7.85
C VAL K 37 -44.07 94.45 -7.38
N LEU K 38 -42.77 94.23 -7.60
CA LEU K 38 -42.05 92.99 -7.30
C LEU K 38 -40.77 93.25 -6.50
N PHE K 39 -40.33 92.24 -5.76
CA PHE K 39 -39.18 92.27 -4.87
C PHE K 39 -38.40 90.96 -5.01
N CYS K 40 -37.07 91.06 -5.00
CA CYS K 40 -36.10 89.99 -5.23
C CYS K 40 -35.00 90.03 -4.16
N LEU K 41 -34.31 88.90 -3.99
CA LEU K 41 -33.09 88.76 -3.19
C LEU K 41 -31.90 89.42 -3.91
N SER K 42 -31.06 90.16 -3.16
CA SER K 42 -29.84 90.79 -3.64
C SER K 42 -28.77 89.77 -4.12
N ASP K 43 -27.87 90.18 -5.01
CA ASP K 43 -26.78 89.41 -5.62
C ASP K 43 -25.82 88.86 -4.56
N ASP K 44 -25.54 89.68 -3.54
CA ASP K 44 -24.72 89.38 -2.38
C ASP K 44 -25.44 88.34 -1.49
N LYS K 45 -26.76 88.50 -1.32
CA LYS K 45 -27.75 87.63 -0.68
C LYS K 45 -27.98 87.98 0.80
N ARG K 46 -27.85 89.26 1.19
CA ARG K 46 -28.13 89.74 2.54
C ARG K 46 -29.56 90.29 2.69
N GLN K 47 -30.19 90.81 1.63
CA GLN K 47 -31.47 91.49 1.75
C GLN K 47 -32.39 91.28 0.55
N ILE K 48 -33.69 91.52 0.79
CA ILE K 48 -34.73 91.63 -0.22
C ILE K 48 -34.79 93.11 -0.63
N ILE K 49 -34.78 93.34 -1.95
CA ILE K 49 -34.77 94.62 -2.65
C ILE K 49 -35.94 94.69 -3.65
N VAL K 50 -36.28 95.88 -4.15
CA VAL K 50 -37.20 96.13 -5.26
C VAL K 50 -36.57 95.65 -6.59
N GLU K 51 -37.41 95.27 -7.56
CA GLU K 51 -37.06 94.67 -8.84
C GLU K 51 -37.85 95.35 -9.99
N GLU K 52 -37.32 95.28 -11.22
CA GLU K 52 -37.87 95.84 -12.47
C GLU K 52 -38.61 94.73 -13.25
N ALA K 53 -39.31 93.84 -12.52
CA ALA K 53 -40.39 93.04 -13.07
C ALA K 53 -41.63 93.94 -12.92
N LYS K 54 -42.24 94.25 -14.07
CA LYS K 54 -43.11 95.39 -14.36
C LYS K 54 -44.09 95.84 -13.25
N GLN K 55 -43.95 97.12 -12.85
CA GLN K 55 -45.02 97.88 -12.20
C GLN K 55 -45.92 98.42 -13.32
N ILE K 56 -47.23 98.49 -13.09
CA ILE K 56 -48.24 98.85 -14.08
C ILE K 56 -49.22 99.84 -13.43
N LEU K 57 -49.57 100.90 -14.17
CA LEU K 57 -50.45 101.99 -13.79
C LEU K 57 -51.87 101.72 -14.35
N VAL K 58 -52.90 102.20 -13.63
CA VAL K 58 -54.33 102.15 -14.02
C VAL K 58 -54.61 102.69 -15.44
N GLY K 59 -53.89 103.73 -15.87
CA GLY K 59 -54.05 104.34 -17.19
C GLY K 59 -53.40 103.52 -18.30
N ASP K 60 -52.55 102.54 -17.98
CA ASP K 60 -51.89 101.66 -18.96
C ASP K 60 -52.90 100.66 -19.52
N ILE K 61 -54.01 100.46 -18.81
CA ILE K 61 -55.21 99.71 -19.22
C ILE K 61 -55.98 100.52 -20.29
N GLY K 62 -55.70 101.82 -20.41
CA GLY K 62 -56.27 102.72 -21.41
C GLY K 62 -55.37 102.91 -22.65
N ASP K 63 -54.25 102.18 -22.75
CA ASP K 63 -53.29 102.30 -23.85
C ASP K 63 -52.86 100.93 -24.39
N THR K 64 -52.52 99.94 -23.55
CA THR K 64 -52.12 98.60 -24.03
C THR K 64 -52.53 97.41 -23.12
N VAL K 65 -52.74 97.61 -21.83
CA VAL K 65 -52.72 96.54 -20.83
C VAL K 65 -54.15 96.10 -20.45
N GLU K 66 -54.81 95.33 -21.34
CA GLU K 66 -56.16 94.73 -21.25
C GLU K 66 -56.67 94.34 -19.83
N ASP K 67 -55.83 93.71 -19.02
CA ASP K 67 -55.84 93.83 -17.56
C ASP K 67 -54.37 93.74 -17.09
N PRO K 68 -53.99 94.44 -15.98
CA PRO K 68 -52.61 94.45 -15.47
C PRO K 68 -52.14 93.11 -14.89
N TYR K 69 -53.07 92.21 -14.52
CA TYR K 69 -52.76 90.90 -14.01
C TYR K 69 -52.30 89.99 -15.16
N THR K 70 -53.00 90.04 -16.30
CA THR K 70 -52.66 89.35 -17.55
C THR K 70 -51.32 89.84 -18.13
N SER K 71 -50.88 91.06 -17.79
CA SER K 71 -49.57 91.62 -18.13
C SER K 71 -48.49 91.36 -17.06
N PHE K 72 -48.84 90.82 -15.88
CA PHE K 72 -47.92 90.40 -14.83
C PHE K 72 -47.57 88.91 -15.04
N VAL K 73 -48.58 88.03 -15.18
CA VAL K 73 -48.37 86.57 -15.23
C VAL K 73 -47.71 86.07 -16.55
N LYS K 74 -47.54 86.93 -17.56
CA LYS K 74 -46.78 86.66 -18.77
C LYS K 74 -45.25 86.81 -18.56
N LEU K 75 -44.80 87.38 -17.43
CA LEU K 75 -43.40 87.80 -17.20
C LEU K 75 -42.82 87.26 -15.89
N LEU K 76 -43.43 86.25 -15.27
CA LEU K 76 -42.89 85.58 -14.08
C LEU K 76 -41.98 84.41 -14.52
N PRO K 77 -40.77 84.24 -13.92
CA PRO K 77 -39.86 83.16 -14.30
C PRO K 77 -40.33 81.82 -13.69
N LEU K 78 -40.34 80.76 -14.51
CA LEU K 78 -40.90 79.44 -14.17
C LEU K 78 -39.95 78.60 -13.29
N ASN K 79 -38.77 79.16 -12.99
CA ASN K 79 -37.58 78.50 -12.46
C ASN K 79 -36.87 79.34 -11.40
N ASP K 80 -37.49 80.44 -10.95
CA ASP K 80 -36.97 81.38 -9.96
C ASP K 80 -38.09 81.76 -8.98
N CYS K 81 -37.71 82.12 -7.76
CA CYS K 81 -38.61 82.51 -6.68
C CYS K 81 -38.48 84.03 -6.50
N ARG K 82 -39.58 84.71 -6.23
CA ARG K 82 -39.61 86.14 -5.96
C ARG K 82 -40.89 86.51 -5.20
N TYR K 83 -40.97 87.75 -4.73
CA TYR K 83 -42.17 88.30 -4.11
C TYR K 83 -42.83 89.25 -5.11
N ALA K 84 -44.16 89.34 -5.06
CA ALA K 84 -44.97 90.30 -5.78
C ALA K 84 -46.04 90.85 -4.85
N LEU K 85 -46.34 92.15 -4.98
CA LEU K 85 -47.48 92.81 -4.37
C LEU K 85 -48.47 93.12 -5.49
N TYR K 86 -49.76 92.89 -5.28
CA TYR K 86 -50.81 93.12 -6.26
C TYR K 86 -52.06 93.71 -5.60
N ASP K 87 -52.60 94.80 -6.16
CA ASP K 87 -53.82 95.49 -5.74
C ASP K 87 -54.93 95.04 -6.72
N ALA K 88 -55.83 94.17 -6.28
CA ALA K 88 -56.90 93.58 -7.08
C ALA K 88 -58.19 94.36 -6.84
N THR K 89 -58.82 94.86 -7.92
CA THR K 89 -60.02 95.69 -7.89
C THR K 89 -61.22 94.77 -8.21
N TYR K 90 -62.31 94.84 -7.42
CA TYR K 90 -63.43 93.91 -7.56
C TYR K 90 -64.75 94.49 -7.03
N GLU K 91 -65.84 93.83 -7.37
CA GLU K 91 -67.17 94.01 -6.79
C GLU K 91 -67.50 92.70 -6.07
N THR K 92 -68.23 92.80 -4.95
CA THR K 92 -68.53 91.74 -4.02
C THR K 92 -69.95 91.96 -3.45
N LYS K 93 -70.31 91.19 -2.42
CA LYS K 93 -71.63 90.92 -1.87
C LYS K 93 -72.77 91.92 -2.14
N GLU K 94 -72.55 93.19 -1.80
CA GLU K 94 -73.40 94.32 -2.16
C GLU K 94 -72.55 95.57 -2.50
N SER K 95 -71.23 95.44 -2.76
CA SER K 95 -70.26 96.53 -2.60
C SER K 95 -69.06 96.46 -3.57
N LYS K 96 -68.28 97.54 -3.63
CA LYS K 96 -67.04 97.73 -4.38
C LYS K 96 -65.87 97.51 -3.41
N LYS K 97 -64.79 96.84 -3.82
CA LYS K 97 -63.55 96.67 -3.05
C LYS K 97 -62.31 96.75 -3.95
N GLU K 98 -61.15 97.02 -3.35
CA GLU K 98 -59.86 97.12 -4.02
C GLU K 98 -58.80 96.84 -2.96
N ASP K 99 -58.31 95.60 -2.94
CA ASP K 99 -57.62 95.00 -1.80
C ASP K 99 -56.26 94.48 -2.27
N LEU K 100 -55.24 94.67 -1.43
CA LEU K 100 -53.86 94.32 -1.73
C LEU K 100 -53.54 92.94 -1.15
N VAL K 101 -52.92 92.11 -1.99
CA VAL K 101 -52.48 90.74 -1.76
C VAL K 101 -50.95 90.70 -1.88
N PHE K 102 -50.29 89.94 -1.01
CA PHE K 102 -48.89 89.54 -1.13
C PHE K 102 -48.85 88.19 -1.86
N ILE K 103 -48.08 88.08 -2.94
CA ILE K 103 -47.92 86.88 -3.74
C ILE K 103 -46.47 86.41 -3.51
N PHE K 104 -46.30 85.24 -2.89
CA PHE K 104 -45.02 84.55 -2.82
C PHE K 104 -44.99 83.61 -4.02
N TRP K 105 -44.11 83.90 -5.00
CA TRP K 105 -43.93 83.09 -6.19
C TRP K 105 -42.77 82.13 -5.87
N ALA K 106 -43.05 80.82 -5.88
CA ALA K 106 -42.04 79.78 -5.71
C ALA K 106 -42.37 78.52 -6.52
N PRO K 107 -42.22 78.52 -7.87
CA PRO K 107 -42.46 77.37 -8.76
C PRO K 107 -41.85 76.06 -8.24
N GLU K 108 -42.56 74.93 -8.31
CA GLU K 108 -42.06 73.62 -7.84
C GLU K 108 -40.68 73.24 -8.41
N SER K 109 -40.39 73.64 -9.66
CA SER K 109 -39.13 73.42 -10.37
C SER K 109 -38.01 74.42 -10.00
N ALA K 110 -38.29 75.51 -9.25
CA ALA K 110 -37.27 76.48 -8.85
C ALA K 110 -36.46 75.94 -7.64
N PRO K 111 -35.11 76.12 -7.58
CA PRO K 111 -34.22 75.58 -6.53
C PRO K 111 -34.68 75.74 -5.07
N LEU K 112 -34.51 74.68 -4.26
CA LEU K 112 -34.87 74.66 -2.84
C LEU K 112 -34.06 75.64 -1.99
N LYS K 113 -32.81 75.92 -2.41
CA LYS K 113 -31.91 76.83 -1.72
C LYS K 113 -32.35 78.30 -1.86
N SER K 114 -32.98 78.69 -2.98
CA SER K 114 -33.60 80.00 -3.17
C SER K 114 -34.90 80.07 -2.33
N LYS K 115 -35.71 79.00 -2.36
CA LYS K 115 -36.96 78.86 -1.62
C LYS K 115 -36.78 79.08 -0.11
N MET K 116 -35.74 78.47 0.46
CA MET K 116 -35.34 78.61 1.86
C MET K 116 -35.06 80.07 2.25
N ILE K 117 -34.35 80.83 1.40
CA ILE K 117 -33.98 82.21 1.68
C ILE K 117 -35.24 83.10 1.65
N TYR K 118 -36.04 83.01 0.59
CA TYR K 118 -37.28 83.79 0.45
C TYR K 118 -38.33 83.40 1.49
N ALA K 119 -38.36 82.14 1.94
CA ALA K 119 -39.19 81.67 3.04
C ALA K 119 -38.79 82.31 4.38
N SER K 120 -37.48 82.32 4.71
CA SER K 120 -36.95 82.86 5.96
C SER K 120 -37.30 84.34 6.23
N SER K 121 -37.37 85.16 5.16
CA SER K 121 -37.67 86.58 5.24
C SER K 121 -39.18 86.87 5.15
N LYS K 122 -40.02 85.86 4.89
CA LYS K 122 -41.44 86.01 4.59
C LYS K 122 -42.24 86.55 5.79
N ASP K 123 -41.91 86.07 6.99
CA ASP K 123 -42.55 86.47 8.25
C ASP K 123 -42.31 87.96 8.58
N ALA K 124 -41.13 88.48 8.20
CA ALA K 124 -40.76 89.88 8.37
C ALA K 124 -41.59 90.77 7.45
N ILE K 125 -41.55 90.54 6.12
CA ILE K 125 -42.24 91.36 5.12
C ILE K 125 -43.78 91.36 5.34
N LYS K 126 -44.33 90.22 5.80
CA LYS K 126 -45.75 90.04 6.13
C LYS K 126 -46.19 90.88 7.36
N LYS K 127 -45.26 91.29 8.25
CA LYS K 127 -45.51 92.24 9.33
C LYS K 127 -45.29 93.69 8.84
N LYS K 128 -44.23 93.91 8.05
CA LYS K 128 -43.86 95.24 7.54
C LYS K 128 -44.95 95.82 6.61
N PHE K 129 -45.56 95.00 5.76
CA PHE K 129 -46.68 95.35 4.90
C PHE K 129 -48.02 95.39 5.68
N THR K 130 -48.09 96.27 6.69
CA THR K 130 -49.30 96.60 7.42
C THR K 130 -50.28 97.30 6.44
N GLY K 131 -51.38 96.63 6.07
CA GLY K 131 -52.35 97.09 5.08
C GLY K 131 -52.34 96.29 3.77
N ILE K 132 -51.67 95.13 3.73
CA ILE K 132 -52.03 94.03 2.84
C ILE K 132 -53.06 93.22 3.63
N LYS K 133 -54.14 92.81 2.95
CA LYS K 133 -55.28 92.12 3.55
C LYS K 133 -55.08 90.60 3.49
N HIS K 134 -54.42 90.09 2.45
CA HIS K 134 -54.40 88.67 2.09
C HIS K 134 -53.01 88.24 1.63
N GLU K 135 -52.75 86.93 1.64
CA GLU K 135 -51.61 86.31 0.97
C GLU K 135 -52.10 85.20 0.05
N TRP K 136 -51.23 84.80 -0.87
CA TRP K 136 -51.21 83.45 -1.41
C TRP K 136 -49.77 82.99 -1.61
N GLN K 137 -49.57 81.71 -1.30
CA GLN K 137 -48.37 80.92 -1.53
C GLN K 137 -48.63 80.26 -2.89
N VAL K 138 -47.88 80.65 -3.93
CA VAL K 138 -48.16 80.31 -5.31
C VAL K 138 -46.95 79.58 -5.90
N ASN K 139 -47.17 78.31 -6.21
CA ASN K 139 -46.12 77.35 -6.58
C ASN K 139 -46.36 76.75 -7.98
N GLY K 140 -47.50 77.07 -8.61
CA GLY K 140 -47.91 76.52 -9.88
C GLY K 140 -47.69 77.53 -11.00
N LEU K 141 -47.25 77.04 -12.17
CA LEU K 141 -46.96 77.87 -13.34
C LEU K 141 -48.24 78.45 -13.96
N ASP K 142 -49.37 77.75 -13.78
CA ASP K 142 -50.66 78.04 -14.40
C ASP K 142 -51.77 78.23 -13.36
N ASP K 143 -51.60 77.65 -12.15
CA ASP K 143 -52.40 77.87 -10.94
C ASP K 143 -52.43 79.34 -10.47
N ILE K 144 -51.68 80.24 -11.12
CA ILE K 144 -51.66 81.68 -10.88
C ILE K 144 -52.43 82.48 -11.95
N LYS K 145 -52.58 81.99 -13.18
CA LYS K 145 -52.76 82.82 -14.39
C LYS K 145 -54.17 83.44 -14.61
N ASP K 146 -55.00 83.55 -13.57
CA ASP K 146 -56.34 84.14 -13.64
C ASP K 146 -56.68 84.99 -12.41
N ARG K 147 -57.62 85.93 -12.58
CA ARG K 147 -58.13 86.86 -11.59
C ARG K 147 -59.20 86.20 -10.69
N SER K 148 -60.01 85.24 -11.18
CA SER K 148 -60.97 84.50 -10.35
C SER K 148 -60.24 83.54 -9.40
N THR K 149 -59.14 82.96 -9.88
CA THR K 149 -58.19 82.11 -9.16
C THR K 149 -57.46 82.90 -8.04
N LEU K 150 -57.21 84.20 -8.26
CA LEU K 150 -56.75 85.17 -7.27
C LEU K 150 -57.93 85.58 -6.36
N GLY K 151 -59.11 85.83 -6.93
CA GLY K 151 -60.32 86.29 -6.26
C GLY K 151 -60.88 85.34 -5.19
N GLU K 152 -60.62 84.04 -5.34
CA GLU K 152 -60.83 83.00 -4.32
C GLU K 152 -60.12 83.34 -3.00
N LYS K 153 -58.92 83.94 -3.08
CA LYS K 153 -58.07 84.32 -1.96
C LYS K 153 -58.47 85.69 -1.38
N LEU K 154 -59.36 86.44 -2.05
CA LEU K 154 -59.99 87.68 -1.56
C LEU K 154 -61.33 87.34 -0.85
N GLY K 155 -61.58 86.08 -0.52
CA GLY K 155 -62.79 85.62 0.14
C GLY K 155 -63.89 85.17 -0.83
N GLY K 156 -63.57 84.96 -2.12
CA GLY K 156 -64.34 84.22 -3.12
C GLY K 156 -65.70 84.78 -3.56
N ASN K 157 -66.23 85.79 -2.87
CA ASN K 157 -67.53 86.43 -3.13
C ASN K 157 -67.44 87.48 -4.26
N VAL K 158 -66.36 87.41 -5.06
CA VAL K 158 -65.93 88.31 -6.12
C VAL K 158 -66.77 88.17 -7.42
N VAL K 159 -67.69 87.20 -7.45
CA VAL K 159 -68.52 86.71 -8.56
C VAL K 159 -69.54 87.75 -9.11
N VAL K 160 -69.17 89.02 -9.16
CA VAL K 160 -69.93 90.13 -9.71
C VAL K 160 -69.11 90.69 -10.88
N SER K 161 -67.96 91.29 -10.56
CA SER K 161 -67.04 91.94 -11.48
C SER K 161 -65.68 91.91 -10.79
N LEU K 162 -64.60 91.62 -11.52
CA LEU K 162 -63.30 91.28 -10.96
C LEU K 162 -62.19 91.70 -11.93
N GLU K 163 -61.48 92.77 -11.58
CA GLU K 163 -60.28 93.30 -12.22
C GLU K 163 -60.57 93.84 -13.64
N GLY K 164 -61.80 94.34 -13.82
CA GLY K 164 -62.31 94.88 -15.08
C GLY K 164 -63.04 93.83 -15.94
N LYS K 165 -62.94 92.54 -15.59
CA LYS K 165 -63.67 91.46 -16.26
C LYS K 165 -64.96 91.18 -15.44
N PRO K 166 -66.17 91.19 -16.07
CA PRO K 166 -67.41 90.68 -15.47
C PRO K 166 -67.27 89.23 -14.97
N LEU K 167 -67.86 88.90 -13.82
CA LEU K 167 -67.64 87.64 -13.11
C LEU K 167 -68.94 87.02 -12.57
N NH2 K 168 -70.03 87.78 -12.51
HN1 NH2 K 168 -70.83 87.38 -12.02
HN2 NH2 K 168 -70.00 88.77 -12.69
C ACE L 1 -59.78 9.82 14.35
O ACE L 1 -60.03 9.89 12.97
CH3 ACE L 1 -59.49 8.37 14.73
H1 ACE L 1 -58.58 8.00 14.24
H2 ACE L 1 -60.31 7.70 14.45
H3 ACE L 1 -59.34 8.27 15.81
N MET L 2 -61.03 10.23 14.98
CA MET L 2 -61.44 11.64 14.80
C MET L 2 -60.37 12.61 15.31
N ALA L 3 -60.05 13.65 14.54
CA ALA L 3 -59.08 14.70 14.91
C ALA L 3 -59.74 15.96 15.47
N SER L 4 -61.06 15.96 15.72
CA SER L 4 -61.77 17.08 16.32
C SER L 4 -61.46 17.14 17.82
N GLY L 5 -61.21 18.34 18.35
CA GLY L 5 -61.11 18.60 19.78
C GLY L 5 -62.46 18.39 20.48
N VAL L 6 -62.42 18.29 21.80
CA VAL L 6 -63.60 18.16 22.65
C VAL L 6 -64.21 19.57 22.87
N THR L 7 -65.50 19.66 23.17
CA THR L 7 -66.23 20.92 23.31
C THR L 7 -67.12 20.84 24.57
N VAL L 8 -67.76 21.95 24.93
CA VAL L 8 -68.66 22.06 26.07
C VAL L 8 -70.05 21.53 25.70
N ASN L 9 -70.68 20.79 26.63
CA ASN L 9 -72.13 20.63 26.66
C ASN L 9 -72.72 21.89 27.33
N ASP L 10 -73.98 22.24 27.03
CA ASP L 10 -74.59 23.50 27.47
C ASP L 10 -74.87 23.53 28.99
N GLU L 11 -74.74 22.40 29.71
CA GLU L 11 -74.79 22.24 31.16
C GLU L 11 -73.77 23.13 31.88
N VAL L 12 -72.54 23.23 31.35
CA VAL L 12 -71.47 24.05 31.91
C VAL L 12 -71.79 25.55 31.73
N ILE L 13 -72.46 25.89 30.63
CA ILE L 13 -72.91 27.25 30.32
C ILE L 13 -74.16 27.57 31.17
N LYS L 14 -75.06 26.60 31.41
CA LYS L 14 -76.19 26.68 32.31
C LYS L 14 -75.76 26.98 33.76
N VAL L 15 -74.78 26.26 34.32
CA VAL L 15 -74.30 26.53 35.69
C VAL L 15 -73.37 27.77 35.74
N PHE L 16 -72.77 28.18 34.61
CA PHE L 16 -72.16 29.52 34.47
C PHE L 16 -73.25 30.60 34.55
N ASN L 17 -74.36 30.46 33.80
CA ASN L 17 -75.52 31.36 33.85
C ASN L 17 -76.13 31.47 35.25
N ASP L 18 -76.16 30.33 35.98
CA ASP L 18 -76.56 30.20 37.39
C ASP L 18 -75.72 31.11 38.34
N MET L 19 -74.46 31.38 37.99
CA MET L 19 -73.51 32.22 38.74
C MET L 19 -73.30 33.61 38.12
N LYS L 20 -73.60 33.79 36.82
CA LYS L 20 -73.22 34.96 36.02
C LYS L 20 -73.90 36.26 36.50
N VAL L 21 -75.18 36.19 36.83
CA VAL L 21 -76.01 37.28 37.33
C VAL L 21 -76.49 36.89 38.73
N ARG L 22 -77.04 37.86 39.47
CA ARG L 22 -77.82 37.63 40.67
C ARG L 22 -79.13 36.94 40.29
N LYS L 23 -79.74 36.25 41.25
CA LYS L 23 -81.14 35.86 41.17
C LYS L 23 -81.96 36.91 41.92
N SER L 24 -83.23 36.60 42.21
CA SER L 24 -84.06 37.38 43.13
C SER L 24 -83.41 37.46 44.52
N SER L 25 -83.31 38.68 45.05
CA SER L 25 -82.80 39.05 46.37
C SER L 25 -83.39 38.20 47.52
N THR L 26 -84.71 37.99 47.49
CA THR L 26 -85.58 37.28 48.43
C THR L 26 -85.00 36.01 49.09
N GLN L 27 -84.69 34.99 48.28
CA GLN L 27 -84.09 33.73 48.74
C GLN L 27 -83.16 33.10 47.70
N GLU L 28 -83.34 33.40 46.42
CA GLU L 28 -82.60 32.75 45.35
C GLU L 28 -81.13 33.22 45.29
N GLU L 29 -80.81 34.39 45.85
CA GLU L 29 -79.44 34.83 46.08
C GLU L 29 -78.77 34.00 47.20
N ILE L 30 -79.55 33.58 48.21
CA ILE L 30 -79.06 32.93 49.43
C ILE L 30 -78.77 31.43 49.17
N LYS L 31 -79.58 30.76 48.35
CA LYS L 31 -79.46 29.31 48.10
C LYS L 31 -79.46 28.94 46.61
N LYS L 32 -79.33 29.91 45.69
CA LYS L 32 -79.13 29.69 44.25
C LYS L 32 -78.06 30.61 43.64
N ARG L 33 -77.18 31.23 44.43
CA ARG L 33 -75.85 31.59 43.96
C ARG L 33 -74.94 30.47 44.46
N LYS L 34 -74.26 29.80 43.52
CA LYS L 34 -73.20 28.84 43.76
C LYS L 34 -71.92 29.67 43.85
N LYS L 35 -71.02 29.34 44.78
CA LYS L 35 -69.75 30.04 44.89
C LYS L 35 -68.68 29.46 43.97
N ALA L 36 -68.69 28.15 43.71
CA ALA L 36 -67.78 27.49 42.78
C ALA L 36 -68.39 26.24 42.16
N VAL L 37 -67.84 25.80 41.02
CA VAL L 37 -68.16 24.57 40.30
C VAL L 37 -66.90 24.10 39.54
N LEU L 38 -66.83 22.81 39.21
CA LEU L 38 -65.72 22.14 38.56
C LEU L 38 -66.27 21.40 37.34
N PHE L 39 -65.51 21.39 36.24
CA PHE L 39 -65.88 20.77 34.98
C PHE L 39 -64.86 19.68 34.63
N CYS L 40 -65.38 18.54 34.15
CA CYS L 40 -64.70 17.31 33.78
C CYS L 40 -65.11 16.95 32.34
N LEU L 41 -64.37 16.06 31.70
CA LEU L 41 -64.61 15.48 30.38
C LEU L 41 -65.37 14.15 30.56
N SER L 42 -66.44 13.93 29.76
CA SER L 42 -67.41 12.81 29.71
C SER L 42 -66.80 11.39 29.70
N ASP L 43 -67.60 10.36 29.95
CA ASP L 43 -67.20 8.94 30.10
C ASP L 43 -66.51 8.36 28.87
N ASP L 44 -67.08 8.65 27.69
CA ASP L 44 -66.54 8.34 26.36
C ASP L 44 -65.32 9.23 26.04
N LYS L 45 -65.34 10.46 26.55
CA LYS L 45 -64.32 11.49 26.60
C LYS L 45 -64.41 12.49 25.43
N ARG L 46 -65.63 12.72 24.94
CA ARG L 46 -65.90 13.64 23.82
C ARG L 46 -66.22 15.07 24.27
N GLN L 47 -66.86 15.28 25.42
CA GLN L 47 -67.51 16.54 25.79
C GLN L 47 -67.21 16.93 27.23
N ILE L 48 -67.00 18.23 27.47
CA ILE L 48 -66.78 18.82 28.79
C ILE L 48 -68.17 19.02 29.44
N ILE L 49 -68.29 18.50 30.66
CA ILE L 49 -69.47 18.34 31.50
C ILE L 49 -69.18 18.89 32.91
N VAL L 50 -70.19 18.92 33.79
CA VAL L 50 -70.08 19.27 35.21
C VAL L 50 -69.60 18.06 36.04
N GLU L 51 -68.86 18.32 37.13
CA GLU L 51 -68.49 17.36 38.17
C GLU L 51 -68.80 18.01 39.54
N GLU L 52 -69.34 17.25 40.52
CA GLU L 52 -69.75 17.76 41.83
C GLU L 52 -68.52 17.91 42.75
N ALA L 53 -67.72 18.93 42.46
CA ALA L 53 -66.94 19.63 43.44
C ALA L 53 -67.91 20.58 44.15
N LYS L 54 -67.72 20.69 45.47
CA LYS L 54 -68.69 21.15 46.46
C LYS L 54 -69.40 22.46 46.10
N GLN L 55 -70.68 22.34 45.76
CA GLN L 55 -71.59 23.40 45.28
C GLN L 55 -72.05 24.32 46.43
N ILE L 56 -71.11 24.90 47.19
CA ILE L 56 -71.37 25.74 48.37
C ILE L 56 -72.15 27.01 47.97
N LEU L 57 -73.16 27.36 48.79
CA LEU L 57 -74.07 28.47 48.60
C LEU L 57 -73.80 29.55 49.65
N VAL L 58 -74.32 30.77 49.41
CA VAL L 58 -74.23 31.94 50.28
C VAL L 58 -74.80 31.67 51.69
N GLY L 59 -75.93 30.96 51.79
CA GLY L 59 -76.56 30.57 53.04
C GLY L 59 -75.96 29.33 53.71
N ASP L 60 -74.75 28.91 53.33
CA ASP L 60 -73.96 27.84 53.96
C ASP L 60 -72.80 28.49 54.73
N ILE L 61 -72.16 29.50 54.11
CA ILE L 61 -71.16 30.37 54.76
C ILE L 61 -71.82 31.43 55.66
N GLY L 62 -73.13 31.63 55.51
CA GLY L 62 -74.02 32.32 56.43
C GLY L 62 -74.66 31.37 57.45
N ASP L 63 -74.08 30.18 57.66
CA ASP L 63 -74.56 29.12 58.54
C ASP L 63 -73.40 28.59 59.39
N THR L 64 -72.50 27.78 58.82
CA THR L 64 -71.44 27.06 59.54
C THR L 64 -70.03 27.16 58.91
N VAL L 65 -69.92 27.51 57.62
CA VAL L 65 -68.68 27.36 56.85
C VAL L 65 -67.86 28.68 56.89
N GLU L 66 -66.54 28.59 57.17
CA GLU L 66 -65.57 29.70 57.26
C GLU L 66 -65.56 30.56 55.97
N ASP L 67 -65.19 29.93 54.85
CA ASP L 67 -65.23 30.47 53.48
C ASP L 67 -65.58 29.29 52.55
N PRO L 68 -66.17 29.56 51.37
CA PRO L 68 -66.69 28.51 50.47
C PRO L 68 -65.58 27.85 49.65
N TYR L 69 -64.53 28.61 49.32
CA TYR L 69 -63.38 28.21 48.52
C TYR L 69 -62.51 27.24 49.35
N THR L 70 -62.37 27.50 50.65
CA THR L 70 -61.77 26.64 51.68
C THR L 70 -62.35 25.21 51.73
N SER L 71 -63.63 25.02 51.38
CA SER L 71 -64.29 23.72 51.30
C SER L 71 -64.12 23.12 49.90
N PHE L 72 -64.14 23.95 48.85
CA PHE L 72 -63.95 23.58 47.45
C PHE L 72 -62.53 23.03 47.20
N VAL L 73 -61.46 23.81 47.50
CA VAL L 73 -60.06 23.42 47.23
C VAL L 73 -59.53 22.33 48.19
N LYS L 74 -60.37 21.87 49.13
CA LYS L 74 -60.11 20.74 50.00
C LYS L 74 -60.42 19.41 49.29
N LEU L 75 -61.17 19.43 48.17
CA LEU L 75 -61.61 18.28 47.39
C LEU L 75 -61.49 18.60 45.89
N LEU L 76 -60.26 18.63 45.38
CA LEU L 76 -59.93 18.71 43.95
C LEU L 76 -59.07 17.49 43.59
N PRO L 77 -59.10 16.98 42.33
CA PRO L 77 -58.23 15.86 41.92
C PRO L 77 -56.80 16.36 41.71
N LEU L 78 -55.87 15.93 42.57
CA LEU L 78 -54.45 16.34 42.57
C LEU L 78 -53.64 15.63 41.46
N ASN L 79 -54.27 14.73 40.69
CA ASN L 79 -53.66 13.87 39.69
C ASN L 79 -54.48 13.87 38.38
N ASP L 80 -55.37 14.84 38.16
CA ASP L 80 -56.12 14.99 36.90
C ASP L 80 -56.45 16.47 36.65
N CYS L 81 -56.68 16.84 35.39
CA CYS L 81 -56.92 18.20 34.92
C CYS L 81 -58.43 18.51 34.97
N ARG L 82 -58.78 19.77 35.27
CA ARG L 82 -60.14 20.28 35.37
C ARG L 82 -60.18 21.71 34.81
N TYR L 83 -61.38 22.26 34.64
CA TYR L 83 -61.61 23.69 34.73
C TYR L 83 -62.42 23.90 36.02
N ALA L 84 -62.08 24.92 36.81
CA ALA L 84 -62.88 25.42 37.92
C ALA L 84 -63.38 26.81 37.55
N LEU L 85 -64.60 27.13 38.01
CA LEU L 85 -65.28 28.42 37.89
C LEU L 85 -65.61 28.87 39.31
N TYR L 86 -65.44 30.16 39.61
CA TYR L 86 -65.56 30.73 40.95
C TYR L 86 -66.09 32.17 40.85
N ASP L 87 -67.05 32.56 41.70
CA ASP L 87 -67.56 33.92 41.88
C ASP L 87 -66.74 34.49 43.06
N ALA L 88 -65.78 35.38 42.79
CA ALA L 88 -64.90 35.95 43.81
C ALA L 88 -65.54 37.23 44.33
N THR L 89 -65.84 37.26 45.64
CA THR L 89 -66.37 38.42 46.33
C THR L 89 -65.19 38.99 47.12
N TYR L 90 -64.82 40.24 46.84
CA TYR L 90 -63.65 40.90 47.41
C TYR L 90 -63.92 42.38 47.64
N GLU L 91 -63.05 43.06 48.37
CA GLU L 91 -63.03 44.50 48.54
C GLU L 91 -61.61 45.00 48.26
N THR L 92 -61.56 46.01 47.40
CA THR L 92 -60.36 46.74 47.03
C THR L 92 -60.10 47.83 48.08
N LYS L 93 -59.06 48.65 47.87
CA LYS L 93 -58.75 49.82 48.68
C LYS L 93 -59.84 50.94 48.65
N GLU L 94 -60.91 50.79 47.86
CA GLU L 94 -61.99 51.76 47.72
C GLU L 94 -63.39 51.15 47.71
N SER L 95 -63.61 50.01 47.02
CA SER L 95 -64.94 49.49 46.76
C SER L 95 -64.99 47.95 46.80
N LYS L 96 -66.21 47.42 46.95
CA LYS L 96 -66.53 46.00 47.02
C LYS L 96 -66.81 45.47 45.61
N LYS L 97 -66.36 44.26 45.29
CA LYS L 97 -66.43 43.60 44.00
C LYS L 97 -67.03 42.19 44.15
N GLU L 98 -67.61 41.66 43.07
CA GLU L 98 -68.28 40.37 42.96
C GLU L 98 -68.10 39.96 41.49
N ASP L 99 -66.94 39.38 41.16
CA ASP L 99 -66.49 39.19 39.78
C ASP L 99 -66.01 37.74 39.61
N LEU L 100 -66.20 37.18 38.42
CA LEU L 100 -66.03 35.75 38.18
C LEU L 100 -64.60 35.44 37.68
N VAL L 101 -64.08 34.31 38.17
CA VAL L 101 -62.77 33.75 37.91
C VAL L 101 -62.96 32.43 37.15
N PHE L 102 -62.12 32.16 36.16
CA PHE L 102 -62.00 30.87 35.47
C PHE L 102 -60.57 30.38 35.69
N ILE L 103 -60.41 29.15 36.17
CA ILE L 103 -59.14 28.58 36.57
C ILE L 103 -58.98 27.24 35.82
N PHE L 104 -58.02 27.16 34.88
CA PHE L 104 -57.62 25.90 34.24
C PHE L 104 -56.63 25.19 35.18
N TRP L 105 -57.05 24.04 35.71
CA TRP L 105 -56.29 23.22 36.63
C TRP L 105 -55.68 22.08 35.81
N ALA L 106 -54.35 21.98 35.77
CA ALA L 106 -53.62 20.90 35.12
C ALA L 106 -52.32 20.56 35.87
N PRO L 107 -52.40 19.90 37.06
CA PRO L 107 -51.25 19.45 37.87
C PRO L 107 -50.15 18.76 37.06
N GLU L 108 -48.85 19.00 37.32
CA GLU L 108 -47.76 18.50 36.47
C GLU L 108 -47.78 16.99 36.22
N SER L 109 -48.17 16.23 37.24
CA SER L 109 -48.27 14.78 37.26
C SER L 109 -49.67 14.27 36.86
N ALA L 110 -50.58 15.13 36.36
CA ALA L 110 -51.83 14.70 35.73
C ALA L 110 -51.51 14.08 34.35
N PRO L 111 -52.20 13.00 33.91
CA PRO L 111 -51.97 12.32 32.63
C PRO L 111 -51.90 13.26 31.41
N LEU L 112 -50.91 13.06 30.54
CA LEU L 112 -50.67 13.85 29.32
C LEU L 112 -51.88 13.92 28.37
N LYS L 113 -52.73 12.88 28.39
CA LYS L 113 -53.95 12.78 27.60
C LYS L 113 -55.06 13.69 28.14
N SER L 114 -54.98 14.08 29.42
CA SER L 114 -55.88 15.05 30.03
C SER L 114 -55.25 16.45 29.85
N LYS L 115 -53.92 16.58 30.07
CA LYS L 115 -53.16 17.83 29.87
C LYS L 115 -53.35 18.42 28.46
N MET L 116 -53.14 17.59 27.41
CA MET L 116 -53.33 17.92 26.00
C MET L 116 -54.75 18.39 25.68
N ILE L 117 -55.74 17.52 25.93
CA ILE L 117 -57.13 17.71 25.53
C ILE L 117 -57.76 18.93 26.21
N TYR L 118 -57.68 19.03 27.56
CA TYR L 118 -58.29 20.13 28.31
C TYR L 118 -57.59 21.47 28.03
N ALA L 119 -56.31 21.49 27.60
CA ALA L 119 -55.61 22.72 27.22
C ALA L 119 -56.14 23.28 25.89
N SER L 120 -56.43 22.39 24.92
CA SER L 120 -56.94 22.78 23.60
C SER L 120 -58.41 23.29 23.67
N SER L 121 -59.29 22.62 24.43
CA SER L 121 -60.71 22.99 24.55
C SER L 121 -60.95 24.13 25.55
N LYS L 122 -59.88 24.66 26.17
CA LYS L 122 -59.90 25.72 27.17
C LYS L 122 -60.43 27.03 26.57
N ASP L 123 -60.13 27.29 25.29
CA ASP L 123 -60.56 28.49 24.60
C ASP L 123 -62.05 28.44 24.26
N ALA L 124 -62.59 27.25 23.96
CA ALA L 124 -63.98 27.01 23.59
C ALA L 124 -64.95 27.28 24.74
N ILE L 125 -64.56 26.93 25.98
CA ILE L 125 -65.32 27.24 27.19
C ILE L 125 -65.10 28.72 27.59
N LYS L 126 -63.85 29.21 27.56
CA LYS L 126 -63.47 30.59 27.89
C LYS L 126 -64.22 31.61 27.03
N LYS L 127 -64.21 31.44 25.70
CA LYS L 127 -64.89 32.30 24.72
C LYS L 127 -66.41 32.03 24.61
N LYS L 128 -67.01 31.38 25.62
CA LYS L 128 -68.45 31.30 25.85
C LYS L 128 -68.83 31.84 27.24
N PHE L 129 -67.86 32.13 28.11
CA PHE L 129 -68.08 32.59 29.48
C PHE L 129 -67.81 34.11 29.54
N THR L 130 -68.68 34.89 28.89
CA THR L 130 -68.62 36.35 28.86
C THR L 130 -69.10 36.91 30.23
N GLY L 131 -68.13 37.19 31.10
CA GLY L 131 -68.34 37.65 32.47
C GLY L 131 -67.15 37.36 33.38
N ILE L 132 -66.19 36.54 32.93
CA ILE L 132 -64.93 36.29 33.64
C ILE L 132 -64.05 37.56 33.49
N LYS L 133 -63.54 38.10 34.60
CA LYS L 133 -62.53 39.15 34.60
C LYS L 133 -61.15 38.62 35.00
N HIS L 134 -61.05 37.38 35.49
CA HIS L 134 -59.86 36.83 36.12
C HIS L 134 -59.65 35.43 35.53
N GLU L 135 -58.61 35.22 34.73
CA GLU L 135 -58.39 34.00 33.95
C GLU L 135 -56.92 33.60 34.11
N TRP L 136 -56.64 32.34 34.46
CA TRP L 136 -55.30 31.80 34.65
C TRP L 136 -55.27 30.27 34.54
N GLN L 137 -54.06 29.71 34.60
CA GLN L 137 -53.74 28.29 34.52
C GLN L 137 -52.88 27.94 35.74
N VAL L 138 -53.20 26.83 36.41
CA VAL L 138 -52.47 26.27 37.55
C VAL L 138 -51.88 24.93 37.11
N ASN L 139 -50.61 24.67 37.47
CA ASN L 139 -49.93 23.39 37.26
C ASN L 139 -49.32 22.85 38.56
N GLY L 140 -49.46 23.58 39.67
CA GLY L 140 -49.04 23.17 41.01
C GLY L 140 -50.27 22.98 41.90
N LEU L 141 -50.11 22.23 43.00
CA LEU L 141 -51.22 21.77 43.82
C LEU L 141 -51.67 22.79 44.88
N ASP L 142 -50.86 23.81 45.18
CA ASP L 142 -51.02 24.71 46.33
C ASP L 142 -50.96 26.18 45.93
N ASP L 143 -50.52 26.49 44.70
CA ASP L 143 -50.62 27.80 44.05
C ASP L 143 -52.07 28.29 43.94
N ILE L 144 -53.05 27.38 43.98
CA ILE L 144 -54.48 27.64 43.93
C ILE L 144 -55.10 27.88 45.32
N LYS L 145 -54.55 27.27 46.40
CA LYS L 145 -55.35 26.97 47.59
C LYS L 145 -55.51 28.15 48.55
N ASP L 146 -54.45 28.94 48.77
CA ASP L 146 -54.53 30.11 49.64
C ASP L 146 -55.22 31.24 48.88
N ARG L 147 -56.20 31.84 49.54
CA ARG L 147 -56.93 33.03 49.11
C ARG L 147 -56.02 34.25 48.88
N SER L 148 -54.89 34.40 49.58
CA SER L 148 -53.96 35.53 49.37
C SER L 148 -53.22 35.38 48.02
N THR L 149 -52.76 34.17 47.70
CA THR L 149 -52.14 33.77 46.45
C THR L 149 -53.16 33.79 45.29
N LEU L 150 -54.46 33.58 45.57
CA LEU L 150 -55.57 33.76 44.64
C LEU L 150 -55.74 35.27 44.36
N GLY L 151 -55.72 36.11 45.40
CA GLY L 151 -55.87 37.56 45.35
C GLY L 151 -54.90 38.29 44.40
N GLU L 152 -53.67 37.78 44.27
CA GLU L 152 -52.68 38.18 43.26
C GLU L 152 -53.25 38.18 41.83
N LYS L 153 -54.05 37.17 41.50
CA LYS L 153 -54.62 36.89 40.19
C LYS L 153 -55.92 37.69 39.96
N LEU L 154 -56.52 38.25 41.02
CA LEU L 154 -57.67 39.16 40.95
C LEU L 154 -57.16 40.61 40.78
N GLY L 155 -56.00 40.92 41.37
CA GLY L 155 -55.29 42.18 41.18
C GLY L 155 -54.57 42.63 42.46
N GLY L 156 -53.41 43.27 42.32
CA GLY L 156 -52.51 43.71 43.39
C GLY L 156 -53.02 44.84 44.31
N ASN L 157 -54.34 45.04 44.40
CA ASN L 157 -54.99 45.99 45.30
C ASN L 157 -56.37 45.52 45.80
N VAL L 158 -56.66 44.21 45.74
CA VAL L 158 -57.80 43.55 46.42
C VAL L 158 -57.45 43.25 47.90
N VAL L 159 -56.38 43.86 48.42
CA VAL L 159 -55.65 43.53 49.63
C VAL L 159 -56.41 43.73 50.96
N VAL L 160 -57.59 44.36 50.94
CA VAL L 160 -58.36 44.67 52.14
C VAL L 160 -59.19 43.43 52.56
N SER L 161 -59.84 42.75 51.61
CA SER L 161 -60.84 41.73 51.89
C SER L 161 -61.02 40.86 50.64
N LEU L 162 -61.01 39.55 50.81
CA LEU L 162 -61.41 38.53 49.85
C LEU L 162 -62.25 37.52 50.63
N GLU L 163 -63.51 37.34 50.22
CA GLU L 163 -64.55 36.51 50.85
C GLU L 163 -64.88 36.95 52.28
N GLY L 164 -64.62 38.22 52.63
CA GLY L 164 -64.77 38.76 53.97
C GLY L 164 -63.61 38.37 54.91
N LYS L 165 -62.47 37.98 54.35
CA LYS L 165 -61.24 37.59 55.06
C LYS L 165 -60.14 38.57 54.59
N PRO L 166 -59.32 39.14 55.49
CA PRO L 166 -58.08 39.86 55.13
C PRO L 166 -57.16 39.03 54.22
N LEU L 167 -56.48 39.70 53.28
CA LEU L 167 -55.57 39.08 52.32
C LEU L 167 -54.17 39.06 52.94
N NH2 L 168 -53.50 37.92 52.96
HN1 NH2 L 168 -52.59 37.91 53.42
HN2 NH2 L 168 -53.88 37.05 52.60
C ACE M 1 14.64 37.49 18.45
O ACE M 1 14.81 36.83 19.68
CH3 ACE M 1 15.92 37.30 17.64
H1 ACE M 1 16.79 37.70 18.17
H2 ACE M 1 15.87 37.80 16.68
H3 ACE M 1 16.12 36.25 17.45
N MET M 2 14.52 38.89 18.78
CA MET M 2 13.45 39.33 19.70
C MET M 2 12.03 39.35 19.11
N ALA M 3 11.89 39.19 17.77
CA ALA M 3 10.64 39.11 17.00
C ALA M 3 9.76 40.37 17.16
N SER M 4 10.41 41.52 17.21
CA SER M 4 9.89 42.83 17.61
C SER M 4 8.93 43.46 16.59
N GLY M 5 9.04 43.05 15.32
CA GLY M 5 8.52 43.79 14.18
C GLY M 5 9.48 44.94 13.85
N VAL M 6 9.01 45.91 13.07
CA VAL M 6 9.69 47.16 12.76
C VAL M 6 8.74 48.31 13.11
N THR M 7 9.29 49.46 13.49
CA THR M 7 8.57 50.60 14.04
C THR M 7 8.91 51.89 13.28
N VAL M 8 8.24 53.01 13.57
CA VAL M 8 8.34 54.23 12.80
C VAL M 8 9.26 55.23 13.51
N ASN M 9 10.02 55.99 12.72
CA ASN M 9 10.62 57.25 13.15
C ASN M 9 9.49 58.27 13.02
N ASP M 10 9.07 58.87 14.14
CA ASP M 10 7.85 59.66 14.35
C ASP M 10 7.65 60.89 13.42
N GLU M 11 8.66 61.20 12.60
CA GLU M 11 8.70 62.06 11.41
C GLU M 11 7.46 61.85 10.51
N VAL M 12 7.24 60.58 10.11
CA VAL M 12 6.22 60.13 9.17
C VAL M 12 4.80 60.57 9.57
N ILE M 13 4.57 60.66 10.89
CA ILE M 13 3.30 60.98 11.51
C ILE M 13 3.09 62.50 11.53
N LYS M 14 4.13 63.32 11.37
CA LYS M 14 4.00 64.77 11.26
C LYS M 14 3.47 65.13 9.86
N VAL M 15 3.89 64.37 8.83
CA VAL M 15 3.39 64.46 7.45
C VAL M 15 1.90 64.04 7.42
N PHE M 16 1.54 62.98 8.15
CA PHE M 16 0.16 62.54 8.35
C PHE M 16 -0.70 63.63 9.01
N ASN M 17 -0.18 64.31 10.03
CA ASN M 17 -0.88 65.39 10.72
C ASN M 17 -1.02 66.67 9.87
N ASP M 18 -0.15 66.90 8.88
CA ASP M 18 -0.36 67.89 7.81
C ASP M 18 -1.52 67.43 6.89
N MET M 19 -1.46 66.17 6.45
CA MET M 19 -2.38 65.60 5.47
C MET M 19 -3.83 65.49 6.00
N LYS M 20 -4.04 65.03 7.24
CA LYS M 20 -5.35 64.56 7.69
C LYS M 20 -6.40 65.66 7.93
N VAL M 21 -5.99 66.91 8.18
CA VAL M 21 -6.85 68.06 8.45
C VAL M 21 -6.47 69.20 7.51
N ARG M 22 -7.50 69.89 7.00
CA ARG M 22 -7.36 70.91 5.96
C ARG M 22 -7.10 72.28 6.57
N LYS M 23 -6.43 73.11 5.76
CA LYS M 23 -5.98 74.45 6.08
C LYS M 23 -6.38 75.39 4.93
N SER M 24 -6.09 76.69 5.06
CA SER M 24 -6.29 77.75 4.06
C SER M 24 -5.73 77.37 2.67
N SER M 25 -6.50 77.62 1.61
CA SER M 25 -6.13 77.48 0.22
C SER M 25 -5.45 78.76 -0.31
N THR M 26 -5.63 79.92 0.33
CA THR M 26 -4.97 81.17 -0.05
C THR M 26 -3.54 81.25 0.54
N GLN M 27 -3.35 80.90 1.82
CA GLN M 27 -2.08 81.08 2.54
C GLN M 27 -1.36 79.74 2.77
N GLU M 28 -2.08 78.70 3.23
CA GLU M 28 -1.45 77.52 3.84
C GLU M 28 -1.14 76.44 2.79
N GLU M 29 -2.15 75.77 2.24
CA GLU M 29 -1.97 74.57 1.42
C GLU M 29 -1.31 74.89 0.06
N ILE M 30 -1.50 76.12 -0.43
CA ILE M 30 -1.15 76.71 -1.72
C ILE M 30 0.20 76.27 -2.33
N LYS M 31 1.25 76.19 -1.50
CA LYS M 31 2.61 75.84 -1.89
C LYS M 31 3.30 75.01 -0.79
N LYS M 32 2.54 74.27 0.05
CA LYS M 32 3.11 73.56 1.20
C LYS M 32 2.64 72.12 1.37
N ARG M 33 1.36 71.82 1.09
CA ARG M 33 0.79 70.53 1.45
C ARG M 33 1.04 69.53 0.31
N LYS M 34 1.49 68.32 0.66
CA LYS M 34 1.45 67.14 -0.18
C LYS M 34 0.26 66.29 0.24
N LYS M 35 -0.13 65.34 -0.62
CA LYS M 35 -1.27 64.45 -0.39
C LYS M 35 -0.95 62.99 -0.71
N ALA M 36 0.33 62.69 -0.95
CA ALA M 36 0.89 61.38 -1.21
C ALA M 36 2.28 61.34 -0.57
N VAL M 37 2.61 60.28 0.16
CA VAL M 37 3.92 60.05 0.77
C VAL M 37 4.22 58.55 0.77
N LEU M 38 5.49 58.19 0.59
CA LEU M 38 6.03 56.82 0.59
C LEU M 38 6.98 56.73 1.78
N PHE M 39 6.97 55.59 2.47
CA PHE M 39 7.84 55.27 3.61
C PHE M 39 8.58 53.96 3.33
N CYS M 40 9.87 53.91 3.66
CA CYS M 40 10.78 52.78 3.52
C CYS M 40 11.30 52.39 4.90
N LEU M 41 11.60 51.11 5.08
CA LEU M 41 12.43 50.57 6.15
C LEU M 41 13.88 50.73 5.70
N SER M 42 14.66 51.57 6.40
CA SER M 42 16.09 51.79 6.16
C SER M 42 16.94 50.54 6.46
N ASP M 43 18.26 50.60 6.22
CA ASP M 43 19.14 49.42 6.15
C ASP M 43 19.93 49.19 7.45
N ASP M 44 19.39 49.72 8.55
CA ASP M 44 19.44 49.13 9.89
C ASP M 44 18.47 47.91 9.90
N LYS M 45 17.28 48.07 9.30
CA LYS M 45 16.17 47.14 9.15
C LYS M 45 15.23 47.05 10.35
N ARG M 46 15.19 48.07 11.22
CA ARG M 46 14.32 48.15 12.41
C ARG M 46 13.37 49.35 12.37
N GLN M 47 13.73 50.45 11.69
CA GLN M 47 13.01 51.72 11.73
C GLN M 47 12.56 52.22 10.34
N ILE M 48 11.28 52.60 10.20
CA ILE M 48 10.69 53.17 8.99
C ILE M 48 10.95 54.70 8.97
N ILE M 49 11.32 55.24 7.80
CA ILE M 49 11.51 56.64 7.45
C ILE M 49 10.60 56.99 6.25
N VAL M 50 10.38 58.29 5.97
CA VAL M 50 10.09 58.78 4.61
C VAL M 50 11.26 58.43 3.66
N GLU M 51 10.90 58.22 2.39
CA GLU M 51 11.75 57.83 1.28
C GLU M 51 11.45 58.75 0.09
N GLU M 52 12.29 58.71 -0.95
CA GLU M 52 12.12 59.37 -2.24
C GLU M 52 10.89 58.75 -2.92
N ALA M 53 9.94 59.61 -3.24
CA ALA M 53 8.89 59.40 -4.21
C ALA M 53 8.60 60.80 -4.76
N LYS M 54 7.89 60.88 -5.89
CA LYS M 54 7.58 62.15 -6.53
C LYS M 54 6.30 62.67 -5.85
N GLN M 55 6.48 63.19 -4.62
CA GLN M 55 5.47 63.60 -3.66
C GLN M 55 5.03 65.04 -3.98
N ILE M 56 4.30 65.16 -5.08
CA ILE M 56 3.75 66.38 -5.66
C ILE M 56 2.87 67.13 -4.64
N LEU M 57 3.03 68.44 -4.56
CA LEU M 57 2.28 69.33 -3.70
C LEU M 57 0.96 69.73 -4.37
N VAL M 58 0.02 70.23 -3.55
CA VAL M 58 -1.20 70.94 -3.95
C VAL M 58 -0.88 72.16 -4.86
N GLY M 59 0.32 72.74 -4.71
CA GLY M 59 0.76 73.90 -5.46
C GLY M 59 1.35 73.61 -6.84
N ASP M 60 1.83 72.39 -7.08
CA ASP M 60 2.51 72.00 -8.33
C ASP M 60 1.45 71.67 -9.39
N ILE M 61 0.34 71.08 -8.93
CA ILE M 61 -0.87 70.84 -9.72
C ILE M 61 -1.70 72.14 -9.90
N GLY M 62 -1.33 73.21 -9.20
CA GLY M 62 -1.86 74.55 -9.41
C GLY M 62 -1.13 75.29 -10.54
N ASP M 63 0.13 74.92 -10.81
CA ASP M 63 0.95 75.54 -11.86
C ASP M 63 0.87 74.74 -13.16
N THR M 64 1.08 73.41 -13.13
CA THR M 64 1.34 72.66 -14.37
C THR M 64 0.97 71.15 -14.33
N VAL M 65 1.10 70.48 -13.18
CA VAL M 65 1.03 69.02 -13.12
C VAL M 65 -0.45 68.56 -13.17
N GLU M 66 -0.76 67.58 -14.03
CA GLU M 66 -2.10 67.04 -14.30
C GLU M 66 -2.91 66.63 -13.05
N ASP M 67 -2.27 65.88 -12.16
CA ASP M 67 -2.72 65.40 -10.86
C ASP M 67 -1.46 64.85 -10.18
N PRO M 68 -1.43 64.68 -8.83
CA PRO M 68 -0.20 64.29 -8.14
C PRO M 68 0.18 62.82 -8.36
N TYR M 69 -0.79 61.93 -8.64
CA TYR M 69 -0.59 60.51 -8.90
C TYR M 69 -0.14 60.26 -10.35
N THR M 70 -0.50 61.12 -11.31
CA THR M 70 0.12 61.20 -12.64
C THR M 70 1.65 61.50 -12.60
N SER M 71 2.23 61.78 -11.43
CA SER M 71 3.67 61.79 -11.19
C SER M 71 4.16 60.88 -10.05
N PHE M 72 3.39 60.66 -8.98
CA PHE M 72 3.79 59.79 -7.84
C PHE M 72 3.85 58.30 -8.23
N VAL M 73 2.76 57.70 -8.76
CA VAL M 73 2.72 56.25 -9.04
C VAL M 73 3.42 55.86 -10.36
N LYS M 74 4.07 56.85 -11.01
CA LYS M 74 4.78 56.73 -12.27
C LYS M 74 6.23 56.25 -12.07
N LEU M 75 6.78 56.31 -10.84
CA LEU M 75 8.09 55.81 -10.46
C LEU M 75 7.97 55.24 -9.03
N LEU M 76 8.03 53.91 -8.89
CA LEU M 76 7.98 53.16 -7.62
C LEU M 76 9.01 52.03 -7.67
N PRO M 77 9.60 51.58 -6.53
CA PRO M 77 10.62 50.52 -6.53
C PRO M 77 9.98 49.12 -6.63
N LEU M 78 10.32 48.34 -7.66
CA LEU M 78 9.73 47.03 -7.96
C LEU M 78 10.50 45.86 -7.30
N ASN M 79 11.54 46.12 -6.51
CA ASN M 79 12.41 45.09 -5.91
C ASN M 79 12.60 45.27 -4.39
N ASP M 80 11.80 46.14 -3.76
CA ASP M 80 11.62 46.25 -2.31
C ASP M 80 10.16 46.65 -2.05
N CYS M 81 9.60 46.28 -0.91
CA CYS M 81 8.26 46.66 -0.49
C CYS M 81 8.33 48.05 0.20
N ARG M 82 7.19 48.74 0.30
CA ARG M 82 7.07 50.08 0.89
C ARG M 82 5.70 50.22 1.56
N TYR M 83 5.60 51.13 2.54
CA TYR M 83 4.31 51.64 3.02
C TYR M 83 4.09 53.01 2.36
N ALA M 84 2.84 53.47 2.29
CA ALA M 84 2.49 54.80 1.81
C ALA M 84 1.25 55.33 2.52
N LEU M 85 1.02 56.63 2.39
CA LEU M 85 -0.13 57.37 2.90
C LEU M 85 -0.69 58.19 1.73
N TYR M 86 -2.02 58.25 1.61
CA TYR M 86 -2.74 58.93 0.55
C TYR M 86 -3.97 59.62 1.17
N ASP M 87 -4.26 60.83 0.68
CA ASP M 87 -5.47 61.60 0.95
C ASP M 87 -6.16 61.69 -0.41
N ALA M 88 -7.31 61.03 -0.58
CA ALA M 88 -8.05 60.99 -1.83
C ALA M 88 -8.90 62.25 -1.96
N THR M 89 -9.05 62.79 -3.17
CA THR M 89 -9.99 63.87 -3.48
C THR M 89 -10.86 63.35 -4.63
N TYR M 90 -12.15 63.21 -4.38
CA TYR M 90 -13.10 62.59 -5.29
C TYR M 90 -14.49 63.26 -5.19
N GLU M 91 -14.99 63.73 -6.33
CA GLU M 91 -16.35 64.20 -6.56
C GLU M 91 -17.08 62.92 -7.00
N THR M 92 -18.09 62.50 -6.24
CA THR M 92 -18.76 61.22 -6.37
C THR M 92 -20.16 61.39 -6.97
N LYS M 93 -20.85 60.26 -7.15
CA LYS M 93 -22.26 60.07 -7.50
C LYS M 93 -23.32 60.90 -6.73
N GLU M 94 -22.93 61.63 -5.67
CA GLU M 94 -23.81 62.44 -4.83
C GLU M 94 -23.12 63.70 -4.29
N SER M 95 -21.88 63.65 -3.83
CA SER M 95 -21.18 64.79 -3.21
C SER M 95 -19.66 64.66 -3.31
N LYS M 96 -18.93 65.62 -2.71
CA LYS M 96 -17.49 65.77 -2.68
C LYS M 96 -16.96 65.13 -1.39
N LYS M 97 -16.22 64.04 -1.51
CA LYS M 97 -15.56 63.37 -0.39
C LYS M 97 -14.04 63.53 -0.52
N GLU M 98 -13.37 63.57 0.64
CA GLU M 98 -11.92 63.50 0.74
C GLU M 98 -11.57 62.56 1.90
N ASP M 99 -11.40 61.26 1.66
CA ASP M 99 -11.09 60.26 2.69
C ASP M 99 -9.60 59.90 2.63
N LEU M 100 -9.08 59.41 3.76
CA LEU M 100 -7.66 59.12 3.99
C LEU M 100 -7.40 57.60 3.94
N VAL M 101 -6.33 57.21 3.25
CA VAL M 101 -5.96 55.85 2.86
C VAL M 101 -4.52 55.55 3.32
N PHE M 102 -4.30 54.42 4.00
CA PHE M 102 -2.99 53.80 4.21
C PHE M 102 -2.73 52.80 3.06
N ILE M 103 -1.48 52.68 2.62
CA ILE M 103 -1.07 51.82 1.51
C ILE M 103 0.04 50.90 2.01
N PHE M 104 0.02 49.64 1.55
CA PHE M 104 1.13 48.70 1.63
C PHE M 104 1.38 48.28 0.17
N TRP M 105 2.58 48.62 -0.32
CA TRP M 105 3.12 48.30 -1.63
C TRP M 105 4.09 47.15 -1.41
N ALA M 106 3.83 45.99 -2.01
CA ALA M 106 4.70 44.82 -1.94
C ALA M 106 4.81 44.15 -3.31
N PRO M 107 5.71 44.62 -4.22
CA PRO M 107 5.93 44.06 -5.56
C PRO M 107 6.18 42.56 -5.50
N GLU M 108 5.59 41.75 -6.40
CA GLU M 108 5.80 40.31 -6.35
C GLU M 108 7.26 39.89 -6.62
N SER M 109 8.03 40.74 -7.33
CA SER M 109 9.47 40.68 -7.57
C SER M 109 10.33 41.27 -6.44
N ALA M 110 9.75 41.72 -5.32
CA ALA M 110 10.48 42.08 -4.09
C ALA M 110 10.79 40.79 -3.30
N PRO M 111 11.91 40.72 -2.56
CA PRO M 111 12.33 39.49 -1.88
C PRO M 111 11.44 39.13 -0.68
N LEU M 112 11.38 37.82 -0.36
CA LEU M 112 10.55 37.23 0.69
C LEU M 112 10.87 37.80 2.08
N LYS M 113 12.15 38.07 2.34
CA LYS M 113 12.69 38.79 3.48
C LYS M 113 12.07 40.19 3.65
N SER M 114 11.96 40.98 2.56
CA SER M 114 11.28 42.29 2.56
C SER M 114 9.76 42.09 2.78
N LYS M 115 9.12 41.22 2.00
CA LYS M 115 7.69 40.90 2.07
C LYS M 115 7.21 40.56 3.50
N MET M 116 7.93 39.67 4.17
CA MET M 116 7.68 39.21 5.53
C MET M 116 7.72 40.34 6.57
N ILE M 117 8.76 41.19 6.54
CA ILE M 117 9.01 42.20 7.56
C ILE M 117 7.98 43.34 7.44
N TYR M 118 7.75 43.85 6.22
CA TYR M 118 6.75 44.89 5.99
C TYR M 118 5.31 44.37 6.22
N ALA M 119 5.01 43.09 5.92
CA ALA M 119 3.67 42.51 6.15
C ALA M 119 3.38 42.36 7.65
N SER M 120 4.30 41.75 8.41
CA SER M 120 4.12 41.50 9.83
C SER M 120 3.99 42.79 10.68
N SER M 121 4.63 43.89 10.25
CA SER M 121 4.64 45.15 11.00
C SER M 121 3.59 46.16 10.46
N LYS M 122 2.80 45.77 9.46
CA LYS M 122 1.77 46.58 8.78
C LYS M 122 0.79 47.23 9.78
N ASP M 123 0.35 46.49 10.80
CA ASP M 123 -0.60 46.95 11.81
C ASP M 123 0.04 47.96 12.80
N ALA M 124 1.35 47.88 13.03
CA ALA M 124 2.09 48.74 13.96
C ALA M 124 2.14 50.19 13.46
N ILE M 125 2.37 50.39 12.15
CA ILE M 125 2.32 51.70 11.51
C ILE M 125 0.87 52.19 11.37
N LYS M 126 -0.10 51.29 11.09
CA LYS M 126 -1.54 51.59 11.03
C LYS M 126 -2.07 52.19 12.35
N LYS M 127 -1.72 51.58 13.49
CA LYS M 127 -2.10 52.06 14.83
C LYS M 127 -1.29 53.30 15.28
N LYS M 128 -0.28 53.72 14.50
CA LYS M 128 0.42 54.99 14.68
C LYS M 128 -0.07 56.05 13.67
N PHE M 129 -1.07 55.74 12.83
CA PHE M 129 -1.72 56.62 11.88
C PHE M 129 -3.24 56.67 12.14
N THR M 130 -3.65 56.73 13.41
CA THR M 130 -5.03 56.85 13.84
C THR M 130 -5.64 58.20 13.40
N GLY M 131 -6.62 58.14 12.51
CA GLY M 131 -7.21 59.25 11.79
C GLY M 131 -7.20 59.03 10.28
N ILE M 132 -6.46 58.01 9.79
CA ILE M 132 -6.74 57.33 8.53
C ILE M 132 -8.06 56.55 8.71
N LYS M 133 -8.89 56.50 7.66
CA LYS M 133 -10.14 55.73 7.66
C LYS M 133 -9.96 54.38 6.94
N HIS M 134 -9.25 54.37 5.81
CA HIS M 134 -9.29 53.28 4.83
C HIS M 134 -7.89 52.81 4.46
N GLU M 135 -7.81 51.77 3.61
CA GLU M 135 -6.59 51.13 3.19
C GLU M 135 -6.79 50.57 1.77
N TRP M 136 -5.70 50.40 1.02
CA TRP M 136 -5.63 49.40 -0.03
C TRP M 136 -4.27 48.69 -0.09
N GLN M 137 -4.32 47.35 -0.13
CA GLN M 137 -3.24 46.41 -0.41
C GLN M 137 -3.01 46.41 -1.94
N VAL M 138 -1.75 46.58 -2.36
CA VAL M 138 -1.31 46.57 -3.75
C VAL M 138 -0.03 45.73 -3.86
N ASN M 139 0.07 44.90 -4.90
CA ASN M 139 1.16 43.96 -5.15
C ASN M 139 1.68 44.00 -6.59
N GLY M 140 0.91 44.58 -7.51
CA GLY M 140 1.30 44.91 -8.88
C GLY M 140 1.43 46.42 -9.10
N LEU M 141 1.72 46.84 -10.33
CA LEU M 141 1.55 48.23 -10.81
C LEU M 141 0.14 48.40 -11.39
N ASP M 142 -0.35 47.33 -12.00
CA ASP M 142 -1.68 46.92 -12.43
C ASP M 142 -2.77 47.17 -11.36
N ASP M 143 -2.39 47.17 -10.08
CA ASP M 143 -3.24 47.51 -8.92
C ASP M 143 -3.47 49.02 -8.74
N ILE M 144 -2.62 49.88 -9.30
CA ILE M 144 -2.36 51.24 -8.80
C ILE M 144 -2.16 52.32 -9.87
N LYS M 145 -1.76 51.96 -11.09
CA LYS M 145 -1.28 52.91 -12.11
C LYS M 145 -2.31 53.99 -12.51
N ASP M 146 -3.61 53.67 -12.51
CA ASP M 146 -4.69 54.49 -13.08
C ASP M 146 -5.75 54.76 -12.02
N ARG M 147 -6.45 55.91 -12.12
CA ARG M 147 -7.24 56.46 -11.02
C ARG M 147 -8.60 55.80 -10.85
N SER M 148 -9.14 55.10 -11.86
CA SER M 148 -10.41 54.35 -11.70
C SER M 148 -10.14 53.17 -10.75
N THR M 149 -9.07 52.40 -11.01
CA THR M 149 -8.61 51.24 -10.24
C THR M 149 -8.49 51.54 -8.74
N LEU M 150 -7.96 52.71 -8.38
CA LEU M 150 -7.81 53.13 -6.99
C LEU M 150 -9.11 53.67 -6.36
N GLY M 151 -10.11 54.01 -7.18
CA GLY M 151 -11.45 54.34 -6.75
C GLY M 151 -12.30 53.08 -6.57
N GLU M 152 -12.14 52.07 -7.44
CA GLU M 152 -12.68 50.73 -7.26
C GLU M 152 -12.03 50.02 -6.04
N LYS M 153 -10.81 50.39 -5.64
CA LYS M 153 -10.17 49.95 -4.40
C LYS M 153 -10.71 50.67 -3.15
N LEU M 154 -11.38 51.83 -3.28
CA LEU M 154 -12.24 52.38 -2.20
C LEU M 154 -13.61 51.67 -2.23
N GLY M 155 -14.00 51.16 -3.40
CA GLY M 155 -15.24 50.45 -3.63
C GLY M 155 -16.43 51.40 -3.61
N GLY M 156 -17.46 51.08 -2.81
CA GLY M 156 -18.65 51.88 -2.49
C GLY M 156 -19.58 52.26 -3.65
N ASN M 157 -19.11 52.11 -4.91
CA ASN M 157 -19.74 52.53 -6.16
C ASN M 157 -19.77 54.06 -6.24
N VAL M 158 -18.75 54.73 -5.68
CA VAL M 158 -18.65 56.17 -5.53
C VAL M 158 -18.57 56.92 -6.88
N VAL M 159 -17.76 56.41 -7.82
CA VAL M 159 -17.58 56.81 -9.23
C VAL M 159 -17.41 58.33 -9.46
N VAL M 160 -17.58 58.79 -10.70
CA VAL M 160 -17.52 60.17 -11.17
C VAL M 160 -16.06 60.59 -11.45
N SER M 161 -15.33 61.13 -10.47
CA SER M 161 -13.98 61.69 -10.67
C SER M 161 -13.12 61.52 -9.42
N LEU M 162 -11.85 61.11 -9.59
CA LEU M 162 -10.86 60.90 -8.54
C LEU M 162 -9.53 61.52 -8.99
N GLU M 163 -9.05 62.51 -8.22
CA GLU M 163 -7.86 63.33 -8.49
C GLU M 163 -8.02 64.21 -9.75
N GLY M 164 -9.27 64.46 -10.16
CA GLY M 164 -9.63 65.21 -11.36
C GLY M 164 -9.69 64.37 -12.64
N LYS M 165 -9.37 63.07 -12.57
CA LYS M 165 -9.49 62.13 -13.67
C LYS M 165 -10.74 61.26 -13.43
N PRO M 166 -11.48 60.83 -14.49
CA PRO M 166 -12.64 59.93 -14.39
C PRO M 166 -12.43 58.67 -13.53
N LEU M 167 -13.45 58.35 -12.73
CA LEU M 167 -13.55 57.15 -11.91
C LEU M 167 -14.82 56.43 -12.39
N NH2 M 168 -14.69 55.21 -12.89
HN1 NH2 M 168 -15.49 54.69 -13.17
HN2 NH2 M 168 -13.77 54.74 -12.91
C ACE N 1 -25.52 -18.48 -20.27
O ACE N 1 -25.56 -17.24 -19.62
CH3 ACE N 1 -25.65 -18.21 -21.76
H1 ACE N 1 -25.45 -19.09 -22.36
H2 ACE N 1 -24.94 -17.43 -22.09
H3 ACE N 1 -26.65 -17.85 -22.00
N MET N 2 -24.20 -19.02 -20.01
CA MET N 2 -23.88 -19.27 -18.59
C MET N 2 -23.18 -18.07 -17.92
N ALA N 3 -22.86 -18.16 -16.62
CA ALA N 3 -21.92 -17.32 -15.87
C ALA N 3 -22.50 -16.23 -14.95
N SER N 4 -23.77 -16.29 -14.51
CA SER N 4 -24.31 -15.39 -13.49
C SER N 4 -25.43 -16.06 -12.69
N GLY N 5 -25.66 -15.58 -11.46
CA GLY N 5 -26.50 -16.20 -10.43
C GLY N 5 -28.00 -16.06 -10.65
N VAL N 6 -28.76 -16.95 -10.02
CA VAL N 6 -30.22 -17.11 -10.11
C VAL N 6 -30.97 -16.01 -9.33
N THR N 7 -32.30 -15.91 -9.45
CA THR N 7 -33.14 -14.87 -8.85
C THR N 7 -34.47 -15.48 -8.37
N VAL N 8 -35.23 -14.75 -7.53
CA VAL N 8 -36.53 -15.17 -7.03
C VAL N 8 -37.60 -15.09 -8.12
N ASN N 9 -38.42 -16.13 -8.19
CA ASN N 9 -39.72 -16.13 -8.87
C ASN N 9 -40.64 -15.14 -8.15
N ASP N 10 -41.33 -14.30 -8.91
CA ASP N 10 -42.20 -13.23 -8.44
C ASP N 10 -43.49 -13.69 -7.72
N GLU N 11 -43.70 -14.99 -7.47
CA GLU N 11 -44.59 -15.47 -6.42
C GLU N 11 -44.08 -15.03 -5.03
N VAL N 12 -42.76 -15.14 -4.79
CA VAL N 12 -42.07 -14.71 -3.58
C VAL N 12 -42.33 -13.22 -3.27
N ILE N 13 -42.39 -12.40 -4.34
CA ILE N 13 -42.67 -10.98 -4.31
C ILE N 13 -44.13 -10.67 -3.90
N LYS N 14 -45.07 -11.63 -4.00
CA LYS N 14 -46.43 -11.47 -3.48
C LYS N 14 -46.39 -11.54 -1.95
N VAL N 15 -45.92 -12.65 -1.38
CA VAL N 15 -45.86 -12.88 0.07
C VAL N 15 -44.85 -11.97 0.78
N PHE N 16 -43.84 -11.47 0.07
CA PHE N 16 -42.95 -10.38 0.52
C PHE N 16 -43.75 -9.11 0.87
N ASN N 17 -44.78 -8.79 0.09
CA ASN N 17 -45.69 -7.66 0.35
C ASN N 17 -46.83 -8.06 1.32
N ASP N 18 -46.82 -9.26 1.92
CA ASP N 18 -47.50 -9.50 3.20
C ASP N 18 -46.56 -9.12 4.34
N MET N 19 -45.29 -9.54 4.23
CA MET N 19 -44.30 -9.45 5.30
C MET N 19 -43.91 -7.99 5.60
N LYS N 20 -43.84 -7.15 4.56
CA LYS N 20 -43.27 -5.81 4.66
C LYS N 20 -44.25 -4.74 5.18
N VAL N 21 -45.55 -5.04 5.33
CA VAL N 21 -46.59 -4.07 5.69
C VAL N 21 -47.48 -4.58 6.82
N ARG N 22 -48.06 -3.62 7.55
CA ARG N 22 -49.20 -3.82 8.42
C ARG N 22 -50.47 -3.78 7.55
N LYS N 23 -51.48 -4.55 7.93
CA LYS N 23 -52.73 -4.67 7.20
C LYS N 23 -53.91 -4.23 8.10
N SER N 24 -55.13 -4.35 7.56
CA SER N 24 -56.42 -4.25 8.26
C SER N 24 -56.47 -5.13 9.52
N SER N 25 -56.69 -4.50 10.67
CA SER N 25 -57.02 -5.04 11.99
C SER N 25 -58.22 -5.98 11.94
N THR N 26 -59.25 -5.57 11.19
CA THR N 26 -60.59 -6.11 11.04
C THR N 26 -60.61 -7.56 10.48
N GLN N 27 -59.59 -7.99 9.74
CA GLN N 27 -59.55 -9.30 9.10
C GLN N 27 -58.13 -9.85 8.87
N GLU N 28 -57.21 -9.02 8.39
CA GLU N 28 -55.93 -9.49 7.85
C GLU N 28 -54.94 -9.80 8.99
N GLU N 29 -54.79 -8.88 9.96
CA GLU N 29 -53.77 -8.95 11.02
C GLU N 29 -53.86 -10.20 11.91
N ILE N 30 -55.03 -10.84 11.98
CA ILE N 30 -55.35 -11.97 12.85
C ILE N 30 -54.58 -13.24 12.43
N LYS N 31 -54.55 -13.59 11.13
CA LYS N 31 -53.93 -14.82 10.61
C LYS N 31 -53.28 -14.64 9.21
N LYS N 32 -53.20 -13.41 8.66
CA LYS N 32 -52.60 -13.11 7.36
C LYS N 32 -51.52 -12.02 7.43
N ARG N 33 -51.19 -11.58 8.64
CA ARG N 33 -49.80 -11.29 8.99
C ARG N 33 -49.25 -12.65 9.43
N LYS N 34 -48.06 -12.97 8.95
CA LYS N 34 -47.40 -14.24 9.17
C LYS N 34 -45.95 -13.96 9.52
N LYS N 35 -45.42 -14.76 10.45
CA LYS N 35 -44.11 -14.63 11.04
C LYS N 35 -43.30 -15.80 10.48
N ALA N 36 -42.30 -15.48 9.65
CA ALA N 36 -41.40 -16.36 8.94
C ALA N 36 -41.99 -16.84 7.61
N VAL N 37 -41.13 -16.95 6.59
CA VAL N 37 -41.32 -17.63 5.33
C VAL N 37 -39.91 -18.03 4.86
N LEU N 38 -39.80 -19.12 4.10
CA LEU N 38 -38.56 -19.79 3.72
C LEU N 38 -38.59 -20.07 2.21
N PHE N 39 -37.45 -19.93 1.53
CA PHE N 39 -37.32 -19.98 0.07
C PHE N 39 -36.14 -20.89 -0.31
N CYS N 40 -36.32 -21.70 -1.35
CA CYS N 40 -35.51 -22.82 -1.80
C CYS N 40 -35.20 -22.65 -3.30
N LEU N 41 -34.12 -23.27 -3.80
CA LEU N 41 -33.76 -23.39 -5.21
C LEU N 41 -34.78 -24.31 -5.92
N SER N 42 -35.28 -23.88 -7.08
CA SER N 42 -36.40 -24.48 -7.80
C SER N 42 -36.22 -25.92 -8.30
N ASP N 43 -37.26 -26.46 -8.93
CA ASP N 43 -37.31 -27.70 -9.68
C ASP N 43 -36.37 -27.59 -10.90
N ASP N 44 -36.46 -26.53 -11.68
CA ASP N 44 -35.66 -26.29 -12.90
C ASP N 44 -34.20 -25.92 -12.55
N LYS N 45 -34.01 -25.00 -11.59
CA LYS N 45 -32.77 -24.44 -11.06
C LYS N 45 -32.32 -23.08 -11.61
N ARG N 46 -33.13 -22.35 -12.40
CA ARG N 46 -32.87 -20.94 -12.71
C ARG N 46 -33.46 -20.01 -11.63
N GLN N 47 -34.34 -20.52 -10.77
CA GLN N 47 -35.17 -19.71 -9.88
C GLN N 47 -34.91 -20.09 -8.41
N ILE N 48 -35.14 -19.12 -7.51
CA ILE N 48 -35.45 -19.36 -6.11
C ILE N 48 -36.99 -19.24 -6.01
N ILE N 49 -37.63 -20.19 -5.35
CA ILE N 49 -39.07 -20.30 -5.13
C ILE N 49 -39.35 -20.45 -3.62
N VAL N 50 -40.62 -20.54 -3.24
CA VAL N 50 -41.06 -20.95 -1.90
C VAL N 50 -41.14 -22.50 -1.91
N GLU N 51 -40.98 -23.11 -0.74
CA GLU N 51 -41.04 -24.55 -0.52
C GLU N 51 -41.73 -24.84 0.81
N GLU N 52 -41.17 -25.65 1.72
CA GLU N 52 -41.80 -26.16 2.95
C GLU N 52 -41.76 -25.09 4.07
N ALA N 53 -42.23 -23.88 3.72
CA ALA N 53 -42.31 -22.70 4.54
C ALA N 53 -43.58 -22.74 5.39
N LYS N 54 -43.49 -23.38 6.56
CA LYS N 54 -44.48 -23.32 7.63
C LYS N 54 -44.39 -21.92 8.26
N GLN N 55 -45.28 -21.02 7.83
CA GLN N 55 -45.36 -19.63 8.23
C GLN N 55 -46.25 -19.60 9.48
N ILE N 56 -45.74 -19.08 10.60
CA ILE N 56 -46.42 -19.10 11.89
C ILE N 56 -47.34 -17.87 11.96
N LEU N 57 -48.58 -18.08 12.38
CA LEU N 57 -49.65 -17.10 12.33
C LEU N 57 -49.91 -16.58 13.77
N VAL N 58 -50.61 -15.45 13.89
CA VAL N 58 -50.70 -14.66 15.13
C VAL N 58 -51.75 -15.23 16.12
N GLY N 59 -51.81 -16.56 16.26
CA GLY N 59 -52.60 -17.25 17.27
C GLY N 59 -51.83 -18.45 17.84
N ASP N 60 -51.06 -19.13 16.97
CA ASP N 60 -50.20 -20.28 17.19
C ASP N 60 -49.13 -19.99 18.26
N ILE N 61 -48.67 -18.73 18.29
CA ILE N 61 -47.78 -18.12 19.27
C ILE N 61 -48.42 -17.96 20.68
N GLY N 62 -49.69 -18.32 20.83
CA GLY N 62 -50.47 -18.30 22.05
C GLY N 62 -51.13 -19.64 22.37
N ASP N 63 -50.69 -20.75 21.73
CA ASP N 63 -51.24 -22.10 21.96
C ASP N 63 -50.09 -23.01 22.42
N THR N 64 -49.01 -23.15 21.63
CA THR N 64 -47.87 -24.00 21.96
C THR N 64 -46.51 -23.42 21.52
N VAL N 65 -46.49 -22.49 20.56
CA VAL N 65 -45.26 -22.05 19.91
C VAL N 65 -44.58 -20.93 20.76
N GLU N 66 -43.55 -21.34 21.53
CA GLU N 66 -42.71 -20.59 22.48
C GLU N 66 -42.29 -19.14 22.09
N ASP N 67 -42.12 -18.92 20.79
CA ASP N 67 -42.23 -17.66 20.03
C ASP N 67 -42.24 -18.09 18.54
N PRO N 68 -42.63 -17.22 17.59
CA PRO N 68 -42.62 -17.59 16.17
C PRO N 68 -41.21 -17.80 15.55
N TYR N 69 -40.13 -17.21 16.12
CA TYR N 69 -38.75 -17.52 15.71
C TYR N 69 -38.42 -18.98 16.04
N THR N 70 -38.88 -19.48 17.19
CA THR N 70 -38.60 -20.81 17.73
C THR N 70 -38.99 -21.95 16.76
N SER N 71 -40.11 -21.79 16.06
CA SER N 71 -40.59 -22.78 15.09
C SER N 71 -39.78 -22.64 13.78
N PHE N 72 -39.55 -21.40 13.33
CA PHE N 72 -38.74 -21.04 12.17
C PHE N 72 -37.28 -21.56 12.26
N VAL N 73 -36.57 -21.30 13.36
CA VAL N 73 -35.16 -21.72 13.51
C VAL N 73 -35.01 -23.24 13.77
N LYS N 74 -36.13 -23.94 13.94
CA LYS N 74 -36.23 -25.39 13.98
C LYS N 74 -36.75 -25.98 12.64
N LEU N 75 -37.15 -25.12 11.69
CA LEU N 75 -37.59 -25.48 10.34
C LEU N 75 -36.41 -25.31 9.35
N LEU N 76 -35.40 -24.48 9.69
CA LEU N 76 -34.21 -24.25 8.87
C LEU N 76 -33.40 -25.56 8.65
N PRO N 77 -33.12 -25.98 7.40
CA PRO N 77 -32.43 -27.24 7.12
C PRO N 77 -30.92 -27.10 7.44
N LEU N 78 -30.38 -28.02 8.24
CA LEU N 78 -29.04 -27.91 8.83
C LEU N 78 -27.91 -28.19 7.82
N ASN N 79 -28.24 -28.62 6.60
CA ASN N 79 -27.30 -29.06 5.57
C ASN N 79 -27.65 -28.49 4.18
N ASP N 80 -28.61 -27.55 4.08
CA ASP N 80 -28.96 -26.82 2.86
C ASP N 80 -29.07 -25.33 3.19
N CYS N 81 -28.71 -24.47 2.25
CA CYS N 81 -28.75 -23.02 2.38
C CYS N 81 -30.14 -22.56 1.93
N ARG N 82 -30.68 -21.51 2.54
CA ARG N 82 -32.03 -21.02 2.28
C ARG N 82 -32.06 -19.49 2.39
N TYR N 83 -33.09 -18.89 1.79
CA TYR N 83 -33.44 -17.49 1.97
C TYR N 83 -34.74 -17.42 2.76
N ALA N 84 -34.89 -16.39 3.59
CA ALA N 84 -36.06 -16.16 4.42
C ALA N 84 -36.34 -14.66 4.60
N LEU N 85 -37.57 -14.37 5.02
CA LEU N 85 -38.05 -13.04 5.42
C LEU N 85 -38.64 -13.15 6.82
N TYR N 86 -38.51 -12.08 7.60
CA TYR N 86 -39.04 -11.96 8.95
C TYR N 86 -39.27 -10.47 9.23
N ASP N 87 -40.35 -10.08 9.89
CA ASP N 87 -40.55 -8.72 10.40
C ASP N 87 -40.24 -8.81 11.90
N ALA N 88 -39.13 -8.24 12.33
CA ALA N 88 -38.63 -8.40 13.70
C ALA N 88 -39.38 -7.39 14.58
N THR N 89 -40.22 -7.86 15.49
CA THR N 89 -41.04 -7.02 16.35
C THR N 89 -40.12 -6.65 17.52
N TYR N 90 -39.71 -5.39 17.62
CA TYR N 90 -38.74 -4.90 18.59
C TYR N 90 -39.23 -3.59 19.23
N GLU N 91 -38.80 -3.38 20.47
CA GLU N 91 -39.21 -2.28 21.32
C GLU N 91 -37.95 -1.65 21.91
N THR N 92 -37.94 -0.32 21.95
CA THR N 92 -36.92 0.53 22.54
C THR N 92 -37.61 1.65 23.31
N LYS N 93 -36.86 2.44 24.08
CA LYS N 93 -37.40 3.53 24.91
C LYS N 93 -37.99 4.70 24.08
N GLU N 94 -37.79 4.71 22.75
CA GLU N 94 -38.22 5.77 21.84
C GLU N 94 -39.10 5.27 20.68
N SER N 95 -39.31 3.96 20.52
CA SER N 95 -40.21 3.40 19.50
C SER N 95 -40.56 1.94 19.78
N LYS N 96 -41.68 1.47 19.25
CA LYS N 96 -41.99 0.05 19.10
C LYS N 96 -42.16 -0.15 17.60
N LYS N 97 -41.42 -1.07 16.97
CA LYS N 97 -41.39 -1.23 15.53
C LYS N 97 -41.20 -2.69 15.09
N GLU N 98 -41.25 -2.89 13.76
CA GLU N 98 -41.52 -4.16 13.10
C GLU N 98 -40.65 -4.31 11.83
N ASP N 99 -39.45 -3.73 11.83
CA ASP N 99 -38.55 -3.56 10.66
C ASP N 99 -38.25 -4.91 9.98
N LEU N 100 -38.32 -4.93 8.63
CA LEU N 100 -38.25 -6.16 7.84
C LEU N 100 -36.78 -6.54 7.57
N VAL N 101 -36.51 -7.81 7.85
CA VAL N 101 -35.25 -8.49 7.75
C VAL N 101 -35.30 -9.44 6.54
N PHE N 102 -34.21 -9.46 5.76
CA PHE N 102 -33.85 -10.49 4.81
C PHE N 102 -32.86 -11.42 5.51
N ILE N 103 -33.08 -12.74 5.47
CA ILE N 103 -32.20 -13.72 6.09
C ILE N 103 -31.62 -14.57 4.93
N PHE N 104 -30.29 -14.70 4.90
CA PHE N 104 -29.58 -15.72 4.14
C PHE N 104 -28.97 -16.67 5.18
N TRP N 105 -29.42 -17.93 5.12
CA TRP N 105 -28.98 -19.07 5.90
C TRP N 105 -28.06 -19.90 4.99
N ALA N 106 -26.82 -20.20 5.40
CA ALA N 106 -25.87 -20.97 4.60
C ALA N 106 -24.95 -21.89 5.42
N PRO N 107 -25.45 -23.04 5.95
CA PRO N 107 -24.72 -23.95 6.84
C PRO N 107 -23.28 -24.33 6.43
N GLU N 108 -22.36 -24.31 7.39
CA GLU N 108 -20.94 -24.70 7.21
C GLU N 108 -20.78 -26.13 6.68
N SER N 109 -21.67 -27.05 7.05
CA SER N 109 -21.67 -28.44 6.59
C SER N 109 -22.32 -28.64 5.21
N ALA N 110 -23.09 -27.66 4.70
CA ALA N 110 -23.86 -27.78 3.45
C ALA N 110 -22.94 -27.96 2.23
N PRO N 111 -23.39 -28.61 1.13
CA PRO N 111 -22.65 -28.74 -0.14
C PRO N 111 -22.18 -27.39 -0.73
N LEU N 112 -21.10 -27.42 -1.52
CA LEU N 112 -20.62 -26.26 -2.28
C LEU N 112 -21.63 -25.89 -3.40
N LYS N 113 -22.34 -26.89 -3.93
CA LYS N 113 -23.42 -26.75 -4.91
C LYS N 113 -24.78 -26.43 -4.25
N SER N 114 -24.83 -26.25 -2.93
CA SER N 114 -25.91 -25.52 -2.27
C SER N 114 -25.35 -24.08 -2.15
N LYS N 115 -24.29 -23.89 -1.35
CA LYS N 115 -23.61 -22.61 -1.05
C LYS N 115 -23.42 -21.68 -2.25
N MET N 116 -22.69 -22.08 -3.29
CA MET N 116 -22.33 -21.20 -4.39
C MET N 116 -23.56 -20.78 -5.23
N ILE N 117 -24.53 -21.68 -5.42
CA ILE N 117 -25.74 -21.39 -6.20
C ILE N 117 -26.61 -20.40 -5.42
N TYR N 118 -26.94 -20.72 -4.16
CA TYR N 118 -27.73 -19.85 -3.28
C TYR N 118 -27.02 -18.52 -2.99
N ALA N 119 -25.72 -18.52 -2.67
CA ALA N 119 -24.99 -17.30 -2.29
C ALA N 119 -24.82 -16.34 -3.48
N SER N 120 -24.68 -16.84 -4.71
CA SER N 120 -24.62 -16.00 -5.92
C SER N 120 -25.94 -15.24 -6.19
N SER N 121 -27.07 -15.71 -5.63
CA SER N 121 -28.40 -15.16 -5.85
C SER N 121 -28.65 -13.92 -4.97
N LYS N 122 -27.89 -13.73 -3.87
CA LYS N 122 -28.02 -12.73 -2.81
C LYS N 122 -28.55 -11.36 -3.29
N ASP N 123 -27.71 -10.62 -4.04
CA ASP N 123 -28.03 -9.29 -4.54
C ASP N 123 -28.77 -9.33 -5.90
N ALA N 124 -29.17 -10.51 -6.39
CA ALA N 124 -30.12 -10.67 -7.49
C ALA N 124 -31.56 -10.81 -6.95
N ILE N 125 -31.74 -11.08 -5.65
CA ILE N 125 -33.03 -11.11 -4.95
C ILE N 125 -33.31 -9.72 -4.35
N LYS N 126 -32.34 -9.14 -3.64
CA LYS N 126 -32.48 -7.93 -2.82
C LYS N 126 -33.00 -6.70 -3.58
N LYS N 127 -32.60 -6.59 -4.85
CA LYS N 127 -33.01 -5.53 -5.78
C LYS N 127 -34.51 -5.60 -6.13
N LYS N 128 -35.12 -6.80 -6.10
CA LYS N 128 -36.56 -7.00 -6.29
C LYS N 128 -37.32 -6.88 -4.97
N PHE N 129 -36.65 -7.01 -3.81
CA PHE N 129 -37.25 -6.90 -2.48
C PHE N 129 -37.28 -5.42 -2.05
N THR N 130 -38.01 -4.60 -2.81
CA THR N 130 -38.17 -3.17 -2.61
C THR N 130 -39.11 -2.91 -1.39
N GLY N 131 -38.50 -2.61 -0.24
CA GLY N 131 -39.15 -2.35 1.04
C GLY N 131 -38.65 -3.31 2.11
N ILE N 132 -37.34 -3.29 2.37
CA ILE N 132 -36.61 -4.10 3.35
C ILE N 132 -35.46 -3.22 3.88
N LYS N 133 -34.96 -3.45 5.10
CA LYS N 133 -33.91 -2.60 5.68
C LYS N 133 -32.82 -3.30 6.48
N HIS N 134 -32.94 -4.61 6.74
CA HIS N 134 -31.90 -5.38 7.44
C HIS N 134 -31.59 -6.64 6.62
N GLU N 135 -30.32 -7.07 6.61
CA GLU N 135 -29.87 -8.28 5.95
C GLU N 135 -29.00 -9.10 6.90
N TRP N 136 -29.52 -10.24 7.36
CA TRP N 136 -28.86 -11.17 8.26
C TRP N 136 -28.15 -12.24 7.41
N GLN N 137 -26.82 -12.14 7.37
CA GLN N 137 -25.93 -13.24 7.07
C GLN N 137 -25.76 -14.04 8.38
N VAL N 138 -26.07 -15.34 8.32
CA VAL N 138 -25.96 -16.34 9.38
C VAL N 138 -25.51 -17.66 8.71
N ASN N 139 -24.63 -18.42 9.37
CA ASN N 139 -23.96 -19.59 8.80
C ASN N 139 -23.87 -20.77 9.77
N GLY N 140 -23.95 -20.50 11.08
CA GLY N 140 -24.11 -21.48 12.15
C GLY N 140 -25.55 -21.44 12.69
N LEU N 141 -25.86 -22.31 13.66
CA LEU N 141 -27.14 -22.31 14.36
C LEU N 141 -27.13 -21.28 15.49
N ASP N 142 -26.01 -21.14 16.21
CA ASP N 142 -25.84 -20.31 17.40
C ASP N 142 -26.01 -18.82 17.12
N ASP N 143 -25.75 -18.43 15.86
CA ASP N 143 -26.08 -17.18 15.18
C ASP N 143 -27.58 -16.83 15.20
N ILE N 144 -28.46 -17.83 15.39
CA ILE N 144 -29.92 -17.75 15.24
C ILE N 144 -30.68 -18.53 16.34
N LYS N 145 -30.01 -19.08 17.36
CA LYS N 145 -30.62 -19.88 18.43
C LYS N 145 -31.20 -18.98 19.54
N ASP N 146 -30.43 -17.95 19.91
CA ASP N 146 -30.82 -16.91 20.87
C ASP N 146 -31.65 -15.87 20.10
N ARG N 147 -32.49 -15.13 20.84
CA ARG N 147 -33.35 -14.08 20.32
C ARG N 147 -32.68 -12.69 20.49
N SER N 148 -31.75 -12.53 21.43
CA SER N 148 -31.08 -11.25 21.70
C SER N 148 -30.02 -10.97 20.61
N THR N 149 -29.29 -12.01 20.20
CA THR N 149 -28.35 -12.07 19.07
C THR N 149 -29.00 -11.65 17.73
N LEU N 150 -30.31 -11.85 17.57
CA LEU N 150 -31.07 -11.39 16.40
C LEU N 150 -31.16 -9.86 16.37
N GLY N 151 -31.23 -9.23 17.55
CA GLY N 151 -31.26 -7.79 17.74
C GLY N 151 -29.93 -7.10 17.42
N GLU N 152 -28.81 -7.85 17.43
CA GLU N 152 -27.46 -7.38 17.09
C GLU N 152 -27.41 -6.96 15.61
N LYS N 153 -27.94 -7.80 14.73
CA LYS N 153 -27.97 -7.58 13.28
C LYS N 153 -29.21 -6.77 12.84
N LEU N 154 -29.97 -6.20 13.80
CA LEU N 154 -30.85 -5.04 13.58
C LEU N 154 -30.14 -3.73 13.98
N GLY N 155 -28.90 -3.80 14.49
CA GLY N 155 -28.10 -2.65 14.90
C GLY N 155 -28.19 -2.34 16.40
N GLY N 156 -28.82 -3.20 17.21
CA GLY N 156 -28.71 -3.19 18.67
C GLY N 156 -29.59 -2.18 19.41
N ASN N 157 -30.25 -1.24 18.71
CA ASN N 157 -31.07 -0.14 19.27
C ASN N 157 -32.26 -0.55 20.16
N VAL N 158 -32.59 -1.85 20.19
CA VAL N 158 -33.65 -2.51 20.93
C VAL N 158 -33.58 -2.20 22.44
N VAL N 159 -32.81 -3.00 23.19
CA VAL N 159 -32.46 -2.88 24.62
C VAL N 159 -33.61 -3.12 25.62
N VAL N 160 -34.87 -3.12 25.18
CA VAL N 160 -36.06 -3.28 26.03
C VAL N 160 -36.69 -4.67 25.77
N SER N 161 -37.40 -4.87 24.65
CA SER N 161 -38.11 -6.13 24.35
C SER N 161 -37.95 -6.47 22.86
N LEU N 162 -38.00 -7.78 22.52
CA LEU N 162 -37.93 -8.32 21.17
C LEU N 162 -38.85 -9.54 21.09
N GLU N 163 -39.86 -9.50 20.22
CA GLU N 163 -40.74 -10.61 19.82
C GLU N 163 -41.51 -11.24 21.01
N GLY N 164 -41.85 -10.41 22.01
CA GLY N 164 -42.53 -10.82 23.23
C GLY N 164 -41.58 -11.32 24.33
N LYS N 165 -40.28 -11.41 24.07
CA LYS N 165 -39.27 -11.72 25.07
C LYS N 165 -38.64 -10.39 25.54
N PRO N 166 -38.49 -10.13 26.86
CA PRO N 166 -37.62 -9.08 27.40
C PRO N 166 -36.18 -9.26 26.90
N LEU N 167 -35.53 -8.17 26.49
CA LEU N 167 -34.17 -8.15 25.96
C LEU N 167 -33.26 -7.29 26.86
N NH2 N 168 -33.81 -6.27 27.50
HN1 NH2 N 168 -33.22 -5.65 28.04
HN2 NH2 N 168 -34.79 -6.02 27.33
C ACE O 1 42.72 -15.12 24.96
O ACE O 1 43.15 -15.08 26.29
CH3 ACE O 1 43.93 -14.91 24.08
H1 ACE O 1 44.59 -15.78 24.09
H2 ACE O 1 44.53 -14.05 24.41
H3 ACE O 1 43.61 -14.71 23.06
N MET O 2 41.83 -13.98 24.80
CA MET O 2 40.56 -14.08 25.55
C MET O 2 39.35 -13.99 24.62
N ALA O 3 39.60 -13.98 23.30
CA ALA O 3 38.65 -13.87 22.20
C ALA O 3 38.09 -12.44 22.11
N SER O 4 38.99 -11.46 21.99
CA SER O 4 38.69 -10.05 22.04
C SER O 4 39.43 -9.28 20.94
N GLY O 5 39.26 -7.96 20.94
CA GLY O 5 40.05 -6.98 20.20
C GLY O 5 40.95 -6.25 21.22
N VAL O 6 41.22 -4.97 20.98
CA VAL O 6 41.94 -4.09 21.89
C VAL O 6 41.16 -2.81 22.18
N THR O 7 41.64 -2.07 23.18
CA THR O 7 41.09 -0.81 23.67
C THR O 7 41.73 0.36 22.92
N VAL O 8 40.96 1.44 22.74
CA VAL O 8 41.49 2.78 22.63
C VAL O 8 41.92 3.25 24.02
N ASN O 9 42.94 4.10 24.07
CA ASN O 9 43.18 4.96 25.22
C ASN O 9 42.10 6.05 25.13
N ASP O 10 41.28 6.21 26.18
CA ASP O 10 40.07 7.05 26.19
C ASP O 10 40.33 8.56 26.16
N GLU O 11 41.54 8.95 25.75
CA GLU O 11 41.93 10.20 25.11
C GLU O 11 41.01 10.51 23.90
N VAL O 12 40.70 9.48 23.09
CA VAL O 12 40.00 9.61 21.82
C VAL O 12 38.60 10.21 21.97
N ILE O 13 37.91 9.89 23.07
CA ILE O 13 36.56 10.35 23.36
C ILE O 13 36.57 11.82 23.84
N LYS O 14 37.74 12.37 24.23
CA LYS O 14 37.88 13.75 24.63
C LYS O 14 37.87 14.65 23.38
N VAL O 15 38.75 14.35 22.40
CA VAL O 15 38.84 15.08 21.13
C VAL O 15 37.58 14.85 20.28
N PHE O 16 37.04 13.62 20.29
CA PHE O 16 35.75 13.30 19.66
C PHE O 16 34.61 14.16 20.20
N ASN O 17 34.47 14.34 21.52
CA ASN O 17 33.35 15.12 22.07
C ASN O 17 33.44 16.62 21.76
N ASP O 18 34.65 17.20 21.64
CA ASP O 18 34.81 18.59 21.18
C ASP O 18 34.66 18.71 19.65
N MET O 19 34.94 17.66 18.88
CA MET O 19 34.55 17.61 17.47
C MET O 19 33.04 17.38 17.31
N LYS O 20 32.40 16.62 18.22
CA LYS O 20 31.01 16.19 18.19
C LYS O 20 30.04 17.38 18.22
N VAL O 21 29.99 18.10 19.34
CA VAL O 21 29.17 19.29 19.48
C VAL O 21 29.95 20.49 18.94
N ARG O 22 29.21 21.48 18.44
CA ARG O 22 29.73 22.76 17.97
C ARG O 22 30.07 23.67 19.16
N LYS O 23 30.30 24.96 18.87
CA LYS O 23 30.42 26.06 19.80
C LYS O 23 29.55 27.18 19.19
N SER O 24 29.36 28.28 19.94
CA SER O 24 29.04 29.62 19.45
C SER O 24 29.82 30.00 18.16
N SER O 25 29.15 29.90 17.00
CA SER O 25 29.73 30.01 15.65
C SER O 25 30.36 31.39 15.36
N THR O 26 29.87 32.46 16.00
CA THR O 26 30.27 33.86 15.89
C THR O 26 31.78 34.07 16.14
N GLN O 27 32.40 33.20 16.97
CA GLN O 27 33.84 33.20 17.21
C GLN O 27 34.44 31.81 17.36
N GLU O 28 33.88 30.93 18.21
CA GLU O 28 34.61 29.82 18.80
C GLU O 28 34.74 28.60 17.87
N GLU O 29 33.88 28.45 16.86
CA GLU O 29 34.04 27.41 15.82
C GLU O 29 35.19 27.75 14.86
N ILE O 30 35.53 29.04 14.73
CA ILE O 30 36.67 29.56 13.96
C ILE O 30 37.94 29.46 14.85
N LYS O 31 37.87 28.81 16.02
CA LYS O 31 38.99 28.47 16.90
C LYS O 31 39.06 26.94 17.09
N LYS O 32 37.91 26.24 17.21
CA LYS O 32 37.84 24.78 17.30
C LYS O 32 36.62 24.21 16.56
N ARG O 33 36.85 23.84 15.30
CA ARG O 33 36.19 22.78 14.54
C ARG O 33 37.34 22.12 13.78
N LYS O 34 38.01 21.11 14.35
CA LYS O 34 39.04 20.34 13.64
C LYS O 34 38.31 19.56 12.52
N LYS O 35 38.76 19.65 11.27
CA LYS O 35 38.02 19.06 10.15
C LYS O 35 38.30 17.56 10.02
N ALA O 36 39.57 17.14 10.13
CA ALA O 36 40.00 15.74 10.06
C ALA O 36 41.18 15.51 10.99
N VAL O 37 41.19 14.37 11.70
CA VAL O 37 42.28 13.82 12.50
C VAL O 37 42.28 12.28 12.33
N LEU O 38 43.47 11.67 12.34
CA LEU O 38 43.70 10.22 12.24
C LEU O 38 43.97 9.64 13.63
N PHE O 39 43.82 8.31 13.77
CA PHE O 39 44.12 7.51 14.95
C PHE O 39 44.83 6.24 14.48
N CYS O 40 45.70 5.67 15.33
CA CYS O 40 46.56 4.54 15.03
C CYS O 40 46.59 3.53 16.17
N LEU O 41 46.71 2.24 15.81
CA LEU O 41 47.02 1.13 16.69
C LEU O 41 48.53 1.16 16.97
N SER O 42 48.94 0.79 18.19
CA SER O 42 50.31 0.81 18.69
C SER O 42 51.25 -0.18 17.95
N ASP O 43 52.52 -0.16 18.33
CA ASP O 43 53.62 -0.92 17.74
C ASP O 43 53.48 -2.41 18.08
N ASP O 44 53.28 -2.70 19.37
CA ASP O 44 53.07 -4.02 19.97
C ASP O 44 51.69 -4.57 19.53
N LYS O 45 50.69 -3.68 19.54
CA LYS O 45 49.32 -3.78 19.06
C LYS O 45 48.29 -4.02 20.15
N ARG O 46 48.59 -3.63 21.40
CA ARG O 46 47.68 -3.75 22.54
C ARG O 46 46.78 -2.52 22.73
N GLN O 47 47.03 -1.36 22.11
CA GLN O 47 46.19 -0.16 22.27
C GLN O 47 46.13 0.70 21.01
N ILE O 48 45.12 1.58 20.94
CA ILE O 48 44.89 2.55 19.89
C ILE O 48 44.97 3.95 20.53
N ILE O 49 45.64 4.88 19.83
CA ILE O 49 45.88 6.27 20.21
C ILE O 49 45.56 7.20 19.02
N VAL O 50 45.41 8.50 19.26
CA VAL O 50 45.20 9.52 18.23
C VAL O 50 46.54 9.93 17.58
N GLU O 51 46.53 10.23 16.28
CA GLU O 51 47.65 10.86 15.57
C GLU O 51 47.42 12.39 15.60
N GLU O 52 47.38 13.01 16.80
CA GLU O 52 47.28 14.47 17.02
C GLU O 52 48.50 15.24 16.45
N ALA O 53 49.49 14.55 15.87
CA ALA O 53 50.62 15.13 15.14
C ALA O 53 50.24 15.57 13.70
N LYS O 54 49.01 15.31 13.24
CA LYS O 54 48.48 15.77 11.95
C LYS O 54 47.07 16.33 12.22
N GLN O 55 46.86 17.63 11.94
CA GLN O 55 45.63 18.36 12.22
C GLN O 55 45.35 19.32 11.06
N ILE O 56 44.11 19.81 10.94
CA ILE O 56 43.67 20.83 9.99
C ILE O 56 42.42 21.51 10.61
N LEU O 57 42.19 22.79 10.30
CA LEU O 57 41.28 23.68 11.00
C LEU O 57 40.39 24.48 10.02
N VAL O 58 40.63 25.78 9.85
CA VAL O 58 39.65 26.76 9.33
C VAL O 58 40.28 27.91 8.51
N GLY O 59 41.47 28.41 8.87
CA GLY O 59 42.10 29.57 8.22
C GLY O 59 43.24 29.17 7.26
N ASP O 60 43.71 27.94 7.46
CA ASP O 60 44.64 27.10 6.73
C ASP O 60 43.98 26.54 5.46
N ILE O 61 42.63 26.58 5.38
CA ILE O 61 41.85 26.29 4.19
C ILE O 61 42.11 27.42 3.18
N GLY O 62 42.78 27.09 2.07
CA GLY O 62 43.19 28.00 1.02
C GLY O 62 44.67 28.34 1.04
N ASP O 63 45.44 27.85 2.02
CA ASP O 63 46.88 28.06 2.16
C ASP O 63 47.57 26.77 1.64
N THR O 64 47.88 25.80 2.50
CA THR O 64 48.59 24.56 2.19
C THR O 64 47.62 23.40 1.88
N VAL O 65 46.31 23.64 2.00
CA VAL O 65 45.21 22.73 1.73
C VAL O 65 44.12 23.49 0.96
N GLU O 66 43.67 22.94 -0.17
CA GLU O 66 42.69 23.53 -1.09
C GLU O 66 41.25 23.33 -0.58
N ASP O 67 40.98 22.13 -0.04
CA ASP O 67 39.91 21.84 0.93
C ASP O 67 40.65 21.28 2.17
N PRO O 68 40.10 21.34 3.40
CA PRO O 68 40.80 20.82 4.58
C PRO O 68 41.15 19.32 4.51
N TYR O 69 40.27 18.49 3.95
CA TYR O 69 40.49 17.06 3.62
C TYR O 69 41.82 16.76 2.88
N THR O 70 42.39 17.71 2.15
CA THR O 70 43.70 17.69 1.50
C THR O 70 44.88 17.46 2.47
N SER O 71 44.68 17.59 3.79
CA SER O 71 45.64 17.20 4.84
C SER O 71 45.78 15.66 4.93
N PHE O 72 44.65 14.99 5.17
CA PHE O 72 44.47 13.57 5.42
C PHE O 72 45.08 12.70 4.30
N VAL O 73 44.63 12.91 3.06
CA VAL O 73 45.01 12.13 1.89
C VAL O 73 46.47 12.36 1.44
N LYS O 74 47.12 13.42 1.94
CA LYS O 74 48.52 13.78 1.66
C LYS O 74 49.47 13.11 2.68
N LEU O 75 48.96 12.59 3.81
CA LEU O 75 49.72 12.08 4.95
C LEU O 75 49.11 10.77 5.50
N LEU O 76 48.46 10.00 4.64
CA LEU O 76 47.80 8.73 4.94
C LEU O 76 48.82 7.59 4.74
N PRO O 77 49.09 6.73 5.76
CA PRO O 77 49.90 5.50 5.61
C PRO O 77 49.37 4.57 4.51
N LEU O 78 50.20 4.26 3.51
CA LEU O 78 49.80 3.53 2.31
C LEU O 78 49.74 2.01 2.54
N ASN O 79 50.41 1.49 3.58
CA ASN O 79 50.64 0.06 3.82
C ASN O 79 50.45 -0.35 5.29
N ASP O 80 49.74 0.47 6.07
CA ASP O 80 49.11 0.06 7.33
C ASP O 80 47.73 0.73 7.39
N CYS O 81 46.83 0.15 8.16
CA CYS O 81 45.48 0.63 8.39
C CYS O 81 45.54 1.82 9.36
N ARG O 82 44.48 2.62 9.41
CA ARG O 82 44.28 3.71 10.37
C ARG O 82 42.79 3.79 10.68
N TYR O 83 42.43 4.47 11.76
CA TYR O 83 41.11 5.08 11.84
C TYR O 83 41.30 6.58 11.60
N ALA O 84 40.22 7.27 11.28
CA ALA O 84 40.14 8.72 11.24
C ALA O 84 38.73 9.17 11.62
N LEU O 85 38.62 10.42 12.05
CA LEU O 85 37.40 11.10 12.40
C LEU O 85 37.34 12.34 11.51
N TYR O 86 36.20 12.59 10.87
CA TYR O 86 35.99 13.64 9.90
C TYR O 86 34.69 14.38 10.23
N ASP O 87 34.77 15.71 10.27
CA ASP O 87 33.65 16.65 10.36
C ASP O 87 33.37 17.05 8.91
N ALA O 88 32.25 16.60 8.34
CA ALA O 88 31.89 16.81 6.95
C ALA O 88 30.97 18.03 6.87
N THR O 89 31.47 19.14 6.31
CA THR O 89 30.67 20.30 5.90
C THR O 89 30.37 20.03 4.41
N TYR O 90 29.09 19.90 4.04
CA TYR O 90 28.68 19.51 2.71
C TYR O 90 27.40 20.22 2.29
N GLU O 91 27.21 20.35 0.97
CA GLU O 91 26.03 20.92 0.33
C GLU O 91 25.11 19.73 0.01
N THR O 92 23.79 19.92 0.07
CA THR O 92 22.79 18.87 -0.14
C THR O 92 21.63 19.40 -1.01
N LYS O 93 20.70 18.52 -1.40
CA LYS O 93 19.44 18.84 -2.08
C LYS O 93 18.41 19.61 -1.22
N GLU O 94 18.74 19.91 0.05
CA GLU O 94 17.91 20.72 0.96
C GLU O 94 18.65 21.99 1.39
N SER O 95 19.87 21.87 1.94
CA SER O 95 20.61 22.98 2.53
C SER O 95 22.11 22.61 2.64
N LYS O 96 22.82 23.31 3.53
CA LYS O 96 24.11 22.94 4.08
C LYS O 96 23.85 21.87 5.16
N LYS O 97 24.66 20.82 5.20
CA LYS O 97 24.69 19.82 6.25
C LYS O 97 26.12 19.76 6.81
N GLU O 98 26.24 19.51 8.11
CA GLU O 98 27.46 19.60 8.89
C GLU O 98 27.52 18.40 9.86
N ASP O 99 27.81 17.20 9.33
CA ASP O 99 27.75 15.92 10.06
C ASP O 99 29.14 15.44 10.47
N LEU O 100 29.18 14.39 11.29
CA LEU O 100 30.37 13.67 11.71
C LEU O 100 30.40 12.31 10.99
N VAL O 101 31.58 11.94 10.49
CA VAL O 101 31.87 10.70 9.80
C VAL O 101 33.04 10.01 10.53
N PHE O 102 32.96 8.68 10.73
CA PHE O 102 34.05 7.85 11.21
C PHE O 102 34.66 7.11 10.01
N ILE O 103 35.98 7.01 9.96
CA ILE O 103 36.74 6.39 8.89
C ILE O 103 37.50 5.20 9.48
N PHE O 104 37.35 4.04 8.84
CA PHE O 104 38.16 2.85 8.96
C PHE O 104 38.89 2.73 7.62
N TRP O 105 40.19 3.05 7.62
CA TRP O 105 41.09 2.92 6.48
C TRP O 105 41.86 1.63 6.67
N ALA O 106 41.85 0.73 5.69
CA ALA O 106 42.59 -0.53 5.73
C ALA O 106 43.10 -0.92 4.33
N PRO O 107 44.33 -0.51 3.92
CA PRO O 107 44.87 -0.75 2.58
C PRO O 107 44.96 -2.24 2.23
N GLU O 108 44.71 -2.61 0.97
CA GLU O 108 44.71 -4.00 0.48
C GLU O 108 45.99 -4.79 0.84
N SER O 109 47.15 -4.17 0.60
CA SER O 109 48.50 -4.69 0.77
C SER O 109 49.07 -4.56 2.20
N ALA O 110 48.30 -4.06 3.18
CA ALA O 110 48.75 -3.94 4.57
C ALA O 110 48.83 -5.32 5.26
N PRO O 111 49.76 -5.53 6.23
CA PRO O 111 49.89 -6.76 7.03
C PRO O 111 48.56 -7.27 7.63
N LEU O 112 48.17 -8.51 7.29
CA LEU O 112 46.86 -9.12 7.60
C LEU O 112 46.56 -9.18 9.11
N LYS O 113 47.59 -9.32 9.95
CA LYS O 113 47.47 -9.28 11.40
C LYS O 113 47.10 -7.88 11.92
N SER O 114 47.64 -6.81 11.32
CA SER O 114 47.30 -5.43 11.67
C SER O 114 45.84 -5.17 11.26
N LYS O 115 45.46 -5.60 10.04
CA LYS O 115 44.10 -5.56 9.49
C LYS O 115 43.06 -6.20 10.43
N MET O 116 43.34 -7.41 10.94
CA MET O 116 42.53 -8.12 11.93
C MET O 116 42.37 -7.32 13.23
N ILE O 117 43.46 -6.83 13.84
CA ILE O 117 43.41 -6.07 15.10
C ILE O 117 42.64 -4.75 14.88
N TYR O 118 42.93 -4.02 13.79
CA TYR O 118 42.20 -2.82 13.41
C TYR O 118 40.70 -3.08 13.15
N ALA O 119 40.34 -4.17 12.47
CA ALA O 119 38.96 -4.57 12.19
C ALA O 119 38.20 -4.98 13.47
N SER O 120 38.76 -5.90 14.25
CA SER O 120 38.17 -6.39 15.51
C SER O 120 38.03 -5.30 16.59
N SER O 121 38.88 -4.26 16.55
CA SER O 121 38.87 -3.15 17.49
C SER O 121 38.22 -1.89 16.86
N LYS O 122 37.73 -1.95 15.61
CA LYS O 122 37.11 -0.85 14.88
C LYS O 122 35.87 -0.34 15.61
N ASP O 123 35.07 -1.28 16.09
CA ASP O 123 33.89 -0.98 16.89
C ASP O 123 34.20 -0.82 18.38
N ALA O 124 35.44 -1.07 18.84
CA ALA O 124 35.88 -0.73 20.20
C ALA O 124 36.11 0.79 20.35
N ILE O 125 36.44 1.49 19.25
CA ILE O 125 36.51 2.96 19.20
C ILE O 125 35.11 3.52 18.79
N LYS O 126 34.50 3.02 17.72
CA LYS O 126 33.31 3.64 17.12
C LYS O 126 32.06 3.62 18.03
N LYS O 127 31.91 2.62 18.91
CA LYS O 127 30.76 2.56 19.83
C LYS O 127 30.96 3.44 21.09
N LYS O 128 32.13 4.08 21.25
CA LYS O 128 32.32 5.16 22.21
C LYS O 128 32.06 6.50 21.50
N PHE O 129 32.34 6.58 20.19
CA PHE O 129 32.05 7.70 19.30
C PHE O 129 30.56 7.72 18.93
N THR O 130 29.68 7.80 19.93
CA THR O 130 28.24 7.92 19.77
C THR O 130 27.93 9.35 19.28
N GLY O 131 27.28 9.49 18.12
CA GLY O 131 27.03 10.76 17.44
C GLY O 131 27.71 10.86 16.08
N ILE O 132 28.44 9.83 15.64
CA ILE O 132 28.81 9.60 14.25
C ILE O 132 27.52 9.34 13.45
N LYS O 133 27.33 10.07 12.34
CA LYS O 133 26.14 9.94 11.50
C LYS O 133 26.38 8.92 10.37
N HIS O 134 27.62 8.80 9.88
CA HIS O 134 28.00 8.06 8.69
C HIS O 134 29.34 7.34 8.94
N GLU O 135 29.63 6.23 8.25
CA GLU O 135 30.85 5.44 8.45
C GLU O 135 31.48 4.99 7.13
N TRP O 136 32.78 5.23 6.96
CA TRP O 136 33.57 4.88 5.80
C TRP O 136 34.47 3.68 6.14
N GLN O 137 34.18 2.50 5.57
CA GLN O 137 35.11 1.39 5.40
C GLN O 137 35.66 1.55 3.98
N VAL O 138 36.96 1.81 3.84
CA VAL O 138 37.64 2.14 2.59
C VAL O 138 39.00 1.43 2.54
N ASN O 139 39.40 0.91 1.36
CA ASN O 139 40.43 -0.12 1.24
C ASN O 139 41.41 0.11 0.09
N GLY O 140 40.98 0.75 -1.00
CA GLY O 140 41.82 1.22 -2.08
C GLY O 140 42.20 2.68 -1.79
N LEU O 141 43.41 3.11 -2.17
CA LEU O 141 43.84 4.51 -2.03
C LEU O 141 42.93 5.47 -2.83
N ASP O 142 42.49 5.01 -4.00
CA ASP O 142 41.62 5.72 -4.93
C ASP O 142 40.13 5.57 -4.56
N ASP O 143 39.80 4.87 -3.45
CA ASP O 143 38.51 5.00 -2.77
C ASP O 143 38.53 6.32 -1.97
N ILE O 144 39.62 6.56 -1.22
CA ILE O 144 39.68 7.51 -0.10
C ILE O 144 40.35 8.86 -0.48
N LYS O 145 41.11 8.92 -1.58
CA LYS O 145 41.72 10.16 -2.08
C LYS O 145 40.67 11.15 -2.64
N ASP O 146 39.56 10.62 -3.14
CA ASP O 146 38.42 11.38 -3.67
C ASP O 146 37.48 11.76 -2.50
N ARG O 147 36.58 12.71 -2.74
CA ARG O 147 35.51 13.14 -1.85
C ARG O 147 34.15 12.70 -2.42
N SER O 148 34.01 12.57 -3.75
CA SER O 148 32.78 12.26 -4.46
C SER O 148 32.31 10.83 -4.14
N THR O 149 33.19 9.83 -4.30
CA THR O 149 32.95 8.41 -4.04
C THR O 149 32.69 8.13 -2.53
N LEU O 150 33.05 9.08 -1.65
CA LEU O 150 32.80 9.00 -0.22
C LEU O 150 31.47 9.67 0.16
N GLY O 151 30.88 10.47 -0.72
CA GLY O 151 29.53 11.03 -0.61
C GLY O 151 28.45 9.94 -0.69
N GLU O 152 28.76 8.84 -1.40
CA GLU O 152 27.99 7.59 -1.44
C GLU O 152 27.88 6.95 -0.05
N LYS O 153 28.90 7.10 0.79
CA LYS O 153 28.91 6.55 2.14
C LYS O 153 28.33 7.54 3.18
N LEU O 154 27.87 8.73 2.74
CA LEU O 154 26.85 9.49 3.46
C LEU O 154 25.44 9.05 2.98
N GLY O 155 25.36 7.98 2.17
CA GLY O 155 24.14 7.38 1.64
C GLY O 155 23.86 7.79 0.20
N GLY O 156 24.65 8.71 -0.38
CA GLY O 156 24.52 9.23 -1.76
C GLY O 156 23.35 10.19 -1.96
N ASN O 157 22.23 9.92 -1.27
CA ASN O 157 20.91 10.57 -1.35
C ASN O 157 20.92 12.08 -1.22
N VAL O 158 21.91 12.62 -0.52
CA VAL O 158 22.11 14.03 -0.20
C VAL O 158 22.47 14.87 -1.43
N VAL O 159 23.24 14.26 -2.37
CA VAL O 159 23.83 14.78 -3.61
C VAL O 159 24.57 16.14 -3.44
N VAL O 160 24.88 16.82 -4.56
CA VAL O 160 25.47 18.15 -4.64
C VAL O 160 27.00 18.11 -4.50
N SER O 161 27.55 18.41 -3.32
CA SER O 161 28.99 18.63 -3.12
C SER O 161 29.46 18.26 -1.71
N LEU O 162 30.56 17.51 -1.62
CA LEU O 162 31.27 17.06 -0.42
C LEU O 162 32.56 17.90 -0.32
N GLU O 163 32.68 18.76 0.70
CA GLU O 163 33.88 19.54 1.03
C GLU O 163 34.32 20.47 -0.12
N GLY O 164 33.35 20.96 -0.92
CA GLY O 164 33.57 21.80 -2.09
C GLY O 164 33.89 21.04 -3.39
N LYS O 165 34.06 19.71 -3.34
CA LYS O 165 34.17 18.86 -4.54
C LYS O 165 32.75 18.39 -4.91
N PRO O 166 32.36 18.34 -6.20
CA PRO O 166 31.03 17.88 -6.61
C PRO O 166 30.88 16.37 -6.43
N LEU O 167 29.68 15.89 -6.09
CA LEU O 167 29.36 14.48 -6.00
C LEU O 167 28.90 14.07 -7.41
N NH2 O 168 29.72 13.31 -8.11
HN1 NH2 O 168 29.47 13.03 -9.05
HN2 NH2 O 168 30.62 13.03 -7.71
C ACE P 1 21.47 -48.63 -47.79
O ACE P 1 22.79 -49.10 -47.73
CH3 ACE P 1 20.54 -49.77 -48.18
H1 ACE P 1 19.49 -49.47 -48.16
H2 ACE P 1 20.64 -50.62 -47.49
H3 ACE P 1 20.75 -50.14 -49.18
N MET P 2 21.14 -48.19 -46.44
CA MET P 2 21.95 -47.12 -45.81
C MET P 2 21.26 -46.72 -44.49
N ALA P 3 20.98 -47.73 -43.65
CA ALA P 3 20.52 -47.69 -42.26
C ALA P 3 19.36 -46.72 -41.94
N SER P 4 18.25 -46.75 -42.69
CA SER P 4 17.13 -45.81 -42.53
C SER P 4 16.25 -46.06 -41.29
N GLY P 5 15.92 -47.33 -40.98
CA GLY P 5 14.72 -47.64 -40.22
C GLY P 5 13.51 -47.75 -41.17
N VAL P 6 12.31 -48.04 -40.62
CA VAL P 6 11.07 -48.08 -41.39
C VAL P 6 10.31 -46.76 -41.16
N THR P 7 9.57 -46.30 -42.18
CA THR P 7 8.79 -45.06 -42.12
C THR P 7 7.49 -45.26 -41.31
N VAL P 8 6.69 -44.21 -41.16
CA VAL P 8 5.41 -44.23 -40.47
C VAL P 8 4.43 -43.52 -41.41
N ASN P 9 3.42 -44.28 -41.88
CA ASN P 9 2.32 -43.79 -42.71
C ASN P 9 1.47 -42.81 -41.88
N ASP P 10 0.85 -41.83 -42.55
CA ASP P 10 0.17 -40.70 -41.91
C ASP P 10 -1.33 -40.95 -41.80
N GLU P 11 -1.82 -42.19 -41.91
CA GLU P 11 -3.17 -42.59 -41.51
C GLU P 11 -3.22 -42.79 -39.99
N VAL P 12 -2.14 -43.23 -39.34
CA VAL P 12 -2.02 -43.36 -37.87
C VAL P 12 -2.25 -42.00 -37.18
N ILE P 13 -1.78 -40.91 -37.82
CA ILE P 13 -1.98 -39.52 -37.44
C ILE P 13 -3.48 -39.11 -37.53
N LYS P 14 -4.26 -39.68 -38.45
CA LYS P 14 -5.67 -39.33 -38.65
C LYS P 14 -6.54 -39.94 -37.54
N VAL P 15 -6.31 -41.22 -37.20
CA VAL P 15 -6.97 -41.88 -36.08
C VAL P 15 -6.45 -41.35 -34.72
N PHE P 16 -5.15 -41.00 -34.62
CA PHE P 16 -4.54 -40.32 -33.48
C PHE P 16 -5.23 -38.99 -33.19
N ASN P 17 -5.46 -38.16 -34.21
CA ASN P 17 -6.16 -36.88 -34.12
C ASN P 17 -7.55 -37.04 -33.48
N ASP P 18 -8.35 -37.99 -34.01
CA ASP P 18 -9.67 -38.35 -33.50
C ASP P 18 -9.65 -38.86 -32.04
N MET P 19 -8.59 -39.60 -31.69
CA MET P 19 -8.32 -40.12 -30.35
C MET P 19 -7.93 -38.96 -29.40
N LYS P 20 -7.04 -38.07 -29.86
CA LYS P 20 -6.37 -37.05 -29.05
C LYS P 20 -7.34 -35.93 -28.63
N VAL P 21 -8.14 -35.42 -29.57
CA VAL P 21 -9.15 -34.38 -29.31
C VAL P 21 -10.36 -35.03 -28.63
N ARG P 22 -11.06 -34.27 -27.79
CA ARG P 22 -12.34 -34.70 -27.20
C ARG P 22 -13.47 -34.57 -28.25
N LYS P 23 -14.72 -34.70 -27.80
CA LYS P 23 -15.93 -34.61 -28.61
C LYS P 23 -17.01 -33.91 -27.76
N SER P 24 -18.22 -33.76 -28.33
CA SER P 24 -19.43 -33.35 -27.62
C SER P 24 -19.71 -34.35 -26.46
N SER P 25 -19.65 -33.88 -25.21
CA SER P 25 -19.72 -34.73 -24.01
C SER P 25 -21.09 -35.39 -23.80
N THR P 26 -22.14 -34.89 -24.47
CA THR P 26 -23.54 -35.29 -24.38
C THR P 26 -23.79 -36.71 -24.95
N GLN P 27 -22.87 -37.23 -25.77
CA GLN P 27 -22.93 -38.59 -26.35
C GLN P 27 -21.58 -39.01 -26.94
N GLU P 28 -20.87 -38.09 -27.59
CA GLU P 28 -19.83 -38.41 -28.56
C GLU P 28 -18.46 -38.66 -27.91
N GLU P 29 -18.22 -38.16 -26.69
CA GLU P 29 -17.07 -38.61 -25.88
C GLU P 29 -17.29 -40.06 -25.45
N ILE P 30 -18.54 -40.42 -25.14
CA ILE P 30 -18.93 -41.67 -24.50
C ILE P 30 -18.87 -42.82 -25.53
N LYS P 31 -19.37 -42.63 -26.76
CA LYS P 31 -19.54 -43.71 -27.75
C LYS P 31 -18.99 -43.36 -29.14
N LYS P 32 -17.93 -42.54 -29.23
CA LYS P 32 -17.16 -42.30 -30.47
C LYS P 32 -15.64 -42.31 -30.25
N ARG P 33 -15.16 -41.81 -29.10
CA ARG P 33 -13.75 -41.88 -28.72
C ARG P 33 -13.43 -43.35 -28.39
N LYS P 34 -12.34 -43.86 -28.96
CA LYS P 34 -11.79 -45.17 -28.66
C LYS P 34 -10.73 -44.95 -27.58
N LYS P 35 -10.69 -45.83 -26.59
CA LYS P 35 -9.74 -45.78 -25.48
C LYS P 35 -8.39 -46.38 -25.89
N ALA P 36 -8.32 -47.13 -27.02
CA ALA P 36 -7.13 -47.79 -27.53
C ALA P 36 -7.15 -47.87 -29.07
N VAL P 37 -5.97 -48.00 -29.69
CA VAL P 37 -5.73 -48.31 -31.11
C VAL P 37 -4.32 -48.90 -31.21
N LEU P 38 -4.06 -49.83 -32.15
CA LEU P 38 -2.76 -50.48 -32.38
C LEU P 38 -2.15 -49.92 -33.67
N PHE P 39 -0.81 -49.98 -33.78
CA PHE P 39 -0.03 -49.66 -34.97
C PHE P 39 1.05 -50.75 -35.12
N CYS P 40 1.32 -51.14 -36.38
CA CYS P 40 2.00 -52.35 -36.78
C CYS P 40 2.92 -52.06 -37.98
N LEU P 41 4.04 -52.79 -38.08
CA LEU P 41 4.87 -52.95 -39.26
C LEU P 41 4.10 -53.83 -40.26
N SER P 42 4.13 -53.47 -41.54
CA SER P 42 3.43 -54.16 -42.62
C SER P 42 4.15 -55.47 -43.04
N ASP P 43 3.81 -56.00 -44.22
CA ASP P 43 4.54 -57.04 -44.97
C ASP P 43 4.84 -56.59 -46.42
N ASP P 44 4.94 -55.26 -46.61
CA ASP P 44 5.89 -54.64 -47.53
C ASP P 44 7.20 -54.39 -46.72
N LYS P 45 7.07 -54.07 -45.43
CA LYS P 45 8.11 -53.91 -44.43
C LYS P 45 8.90 -52.61 -44.55
N ARG P 46 8.37 -51.63 -45.28
CA ARG P 46 8.97 -50.30 -45.43
C ARG P 46 8.36 -49.34 -44.40
N GLN P 47 7.14 -49.61 -43.93
CA GLN P 47 6.28 -48.69 -43.19
C GLN P 47 5.67 -49.33 -41.93
N ILE P 48 5.44 -48.50 -40.91
CA ILE P 48 4.45 -48.71 -39.85
C ILE P 48 3.13 -48.11 -40.36
N ILE P 49 2.03 -48.83 -40.08
CA ILE P 49 0.63 -48.56 -40.41
C ILE P 49 -0.24 -48.85 -39.18
N VAL P 50 -1.54 -48.50 -39.24
CA VAL P 50 -2.58 -48.83 -38.26
C VAL P 50 -2.94 -50.33 -38.36
N GLU P 51 -3.44 -50.91 -37.26
CA GLU P 51 -3.81 -52.32 -37.15
C GLU P 51 -4.91 -52.49 -36.07
N GLU P 52 -5.60 -53.62 -36.07
CA GLU P 52 -6.63 -54.00 -35.10
C GLU P 52 -5.97 -54.70 -33.88
N ALA P 53 -6.67 -54.68 -32.75
CA ALA P 53 -6.37 -55.48 -31.56
C ALA P 53 -7.72 -55.73 -30.91
N LYS P 54 -8.23 -54.74 -30.18
CA LYS P 54 -9.64 -54.45 -30.03
C LYS P 54 -9.87 -52.94 -29.98
N GLN P 55 -11.05 -52.51 -30.40
CA GLN P 55 -11.59 -51.18 -30.14
C GLN P 55 -12.51 -51.35 -28.93
N ILE P 56 -12.41 -50.42 -27.99
CA ILE P 56 -13.26 -50.24 -26.83
C ILE P 56 -13.49 -48.73 -26.77
N LEU P 57 -14.75 -48.29 -26.68
CA LEU P 57 -15.16 -46.91 -26.50
C LEU P 57 -15.25 -46.61 -24.99
N VAL P 58 -15.25 -45.32 -24.62
CA VAL P 58 -15.24 -44.85 -23.24
C VAL P 58 -16.45 -45.35 -22.42
N GLY P 59 -17.63 -45.45 -23.04
CA GLY P 59 -18.87 -45.89 -22.43
C GLY P 59 -19.09 -47.40 -22.40
N ASP P 60 -18.28 -48.21 -23.12
CA ASP P 60 -18.43 -49.69 -23.19
C ASP P 60 -18.22 -50.38 -21.83
N ILE P 61 -17.56 -49.68 -20.90
CA ILE P 61 -17.41 -50.01 -19.49
C ILE P 61 -18.79 -50.02 -18.78
N GLY P 62 -19.77 -49.28 -19.30
CA GLY P 62 -21.16 -49.27 -18.84
C GLY P 62 -22.00 -50.35 -19.51
N ASP P 63 -21.69 -50.71 -20.77
CA ASP P 63 -22.36 -51.78 -21.52
C ASP P 63 -22.03 -53.16 -20.93
N THR P 64 -20.74 -53.55 -20.89
CA THR P 64 -20.31 -54.90 -20.52
C THR P 64 -18.81 -55.06 -20.21
N VAL P 65 -17.95 -54.05 -20.33
CA VAL P 65 -16.49 -54.21 -20.30
C VAL P 65 -15.92 -53.86 -18.91
N GLU P 66 -14.72 -54.36 -18.61
CA GLU P 66 -13.90 -54.03 -17.43
C GLU P 66 -13.10 -52.73 -17.72
N ASP P 67 -11.88 -52.55 -17.18
CA ASP P 67 -10.97 -51.46 -17.57
C ASP P 67 -10.49 -51.77 -19.01
N PRO P 68 -10.76 -50.90 -20.01
CA PRO P 68 -10.64 -51.18 -21.46
C PRO P 68 -9.38 -51.94 -21.90
N TYR P 69 -8.20 -51.53 -21.43
CA TYR P 69 -6.92 -52.16 -21.74
C TYR P 69 -6.85 -53.66 -21.42
N THR P 70 -7.59 -54.14 -20.40
CA THR P 70 -7.65 -55.55 -20.02
C THR P 70 -8.44 -56.39 -21.05
N SER P 71 -9.14 -55.77 -21.99
CA SER P 71 -9.69 -56.41 -23.18
C SER P 71 -8.59 -56.47 -24.26
N PHE P 72 -7.87 -55.35 -24.46
CA PHE P 72 -6.84 -55.12 -25.48
C PHE P 72 -5.61 -56.05 -25.32
N VAL P 73 -5.08 -56.20 -24.09
CA VAL P 73 -3.93 -57.07 -23.78
C VAL P 73 -4.19 -58.55 -24.11
N LYS P 74 -5.46 -58.98 -24.16
CA LYS P 74 -5.86 -60.34 -24.50
C LYS P 74 -5.88 -60.56 -26.03
N LEU P 75 -5.50 -59.57 -26.84
CA LEU P 75 -5.26 -59.72 -28.28
C LEU P 75 -4.00 -58.96 -28.73
N LEU P 76 -3.04 -58.73 -27.83
CA LEU P 76 -1.68 -58.34 -28.21
C LEU P 76 -0.91 -59.60 -28.62
N PRO P 77 -0.04 -59.55 -29.66
CA PRO P 77 0.72 -60.72 -30.11
C PRO P 77 1.87 -61.05 -29.14
N LEU P 78 2.16 -62.33 -28.98
CA LEU P 78 3.25 -62.81 -28.12
C LEU P 78 4.57 -62.90 -28.89
N ASN P 79 4.51 -62.90 -30.24
CA ASN P 79 5.63 -63.21 -31.14
C ASN P 79 5.86 -62.13 -32.20
N ASP P 80 5.27 -60.94 -31.98
CA ASP P 80 5.53 -59.70 -32.71
C ASP P 80 5.56 -58.58 -31.67
N CYS P 81 6.29 -57.51 -31.92
CA CYS P 81 6.30 -56.29 -31.12
C CYS P 81 5.34 -55.35 -31.84
N ARG P 82 4.52 -54.56 -31.14
CA ARG P 82 3.58 -53.63 -31.76
C ARG P 82 3.49 -52.36 -30.89
N TYR P 83 3.04 -51.26 -31.50
CA TYR P 83 2.75 -50.03 -30.78
C TYR P 83 1.26 -50.00 -30.48
N ALA P 84 0.87 -49.26 -29.44
CA ALA P 84 -0.50 -48.86 -29.20
C ALA P 84 -0.53 -47.40 -28.74
N LEU P 85 -1.69 -46.77 -28.91
CA LEU P 85 -2.06 -45.53 -28.23
C LEU P 85 -3.05 -45.94 -27.13
N TYR P 86 -3.09 -45.19 -26.02
CA TYR P 86 -4.09 -45.35 -24.98
C TYR P 86 -4.46 -43.98 -24.40
N ASP P 87 -5.70 -43.83 -23.95
CA ASP P 87 -6.23 -42.66 -23.24
C ASP P 87 -6.29 -43.10 -21.78
N ALA P 88 -5.58 -42.44 -20.88
CA ALA P 88 -5.46 -42.82 -19.48
C ALA P 88 -6.34 -41.89 -18.66
N THR P 89 -7.41 -42.42 -18.08
CA THR P 89 -8.26 -41.72 -17.12
C THR P 89 -7.84 -42.21 -15.73
N TYR P 90 -7.18 -41.33 -14.98
CA TYR P 90 -6.67 -41.50 -13.62
C TYR P 90 -7.02 -40.28 -12.77
N GLU P 91 -7.00 -40.46 -11.45
CA GLU P 91 -7.60 -39.54 -10.48
C GLU P 91 -6.69 -39.27 -9.29
N THR P 92 -7.05 -38.27 -8.50
CA THR P 92 -6.45 -37.89 -7.25
C THR P 92 -7.55 -37.19 -6.42
N LYS P 93 -7.24 -36.72 -5.20
CA LYS P 93 -8.20 -35.98 -4.35
C LYS P 93 -8.50 -34.59 -4.95
N GLU P 94 -7.58 -34.06 -5.76
CA GLU P 94 -7.53 -32.67 -6.15
C GLU P 94 -7.86 -32.43 -7.63
N SER P 95 -7.97 -33.47 -8.47
CA SER P 95 -8.21 -33.39 -9.91
C SER P 95 -8.42 -34.82 -10.47
N LYS P 96 -8.99 -34.93 -11.67
CA LYS P 96 -8.89 -36.08 -12.58
C LYS P 96 -7.92 -35.67 -13.69
N LYS P 97 -6.98 -36.52 -14.10
CA LYS P 97 -6.17 -36.34 -15.30
C LYS P 97 -6.67 -37.34 -16.34
N GLU P 98 -7.06 -36.83 -17.51
CA GLU P 98 -7.62 -37.58 -18.62
C GLU P 98 -6.63 -37.43 -19.78
N ASP P 99 -5.46 -38.04 -19.62
CA ASP P 99 -4.26 -37.87 -20.44
C ASP P 99 -4.15 -38.98 -21.51
N LEU P 100 -3.04 -39.01 -22.26
CA LEU P 100 -2.77 -39.87 -23.41
C LEU P 100 -1.39 -40.53 -23.29
N VAL P 101 -1.33 -41.83 -23.61
CA VAL P 101 -0.17 -42.71 -23.50
C VAL P 101 0.21 -43.18 -24.92
N PHE P 102 1.52 -43.30 -25.19
CA PHE P 102 2.07 -44.11 -26.28
C PHE P 102 2.62 -45.40 -25.65
N ILE P 103 2.29 -46.56 -26.21
CA ILE P 103 2.67 -47.87 -25.68
C ILE P 103 3.57 -48.54 -26.73
N PHE P 104 4.69 -49.11 -26.28
CA PHE P 104 5.61 -49.92 -27.05
C PHE P 104 5.62 -51.29 -26.38
N TRP P 105 4.90 -52.25 -26.96
CA TRP P 105 4.85 -53.65 -26.55
C TRP P 105 5.89 -54.40 -27.39
N ALA P 106 6.90 -55.00 -26.75
CA ALA P 106 7.98 -55.70 -27.42
C ALA P 106 8.41 -56.97 -26.66
N PRO P 107 7.61 -58.05 -26.69
CA PRO P 107 7.81 -59.22 -25.82
C PRO P 107 9.04 -60.05 -26.20
N GLU P 108 9.63 -60.71 -25.21
CA GLU P 108 10.90 -61.44 -25.34
C GLU P 108 10.79 -62.75 -26.16
N SER P 109 9.59 -63.10 -26.60
CA SER P 109 9.31 -64.19 -27.53
C SER P 109 9.05 -63.68 -28.96
N ALA P 110 9.10 -62.35 -29.21
CA ALA P 110 9.12 -61.77 -30.54
C ALA P 110 10.59 -61.67 -31.00
N PRO P 111 10.95 -62.10 -32.23
CA PRO P 111 12.31 -62.02 -32.77
C PRO P 111 12.98 -60.63 -32.71
N LEU P 112 14.32 -60.62 -32.70
CA LEU P 112 15.19 -59.44 -32.77
C LEU P 112 14.89 -58.56 -33.99
N LYS P 113 14.47 -59.19 -35.09
CA LYS P 113 14.12 -58.59 -36.38
C LYS P 113 12.65 -58.12 -36.42
N SER P 114 11.89 -58.22 -35.32
CA SER P 114 10.72 -57.38 -35.04
C SER P 114 11.23 -56.28 -34.08
N LYS P 115 11.78 -56.66 -32.91
CA LYS P 115 12.27 -55.80 -31.82
C LYS P 115 13.05 -54.55 -32.27
N MET P 116 14.13 -54.75 -33.04
CA MET P 116 15.05 -53.71 -33.50
C MET P 116 14.36 -52.75 -34.48
N ILE P 117 13.42 -53.24 -35.31
CA ILE P 117 12.70 -52.44 -36.29
C ILE P 117 11.74 -51.49 -35.55
N TYR P 118 10.87 -52.02 -34.67
CA TYR P 118 9.92 -51.20 -33.92
C TYR P 118 10.60 -50.29 -32.90
N ALA P 119 11.81 -50.62 -32.42
CA ALA P 119 12.62 -49.73 -31.61
C ALA P 119 13.17 -48.54 -32.44
N SER P 120 13.52 -48.75 -33.72
CA SER P 120 14.05 -47.71 -34.61
C SER P 120 12.98 -46.67 -34.98
N SER P 121 11.80 -47.09 -35.46
CA SER P 121 10.73 -46.22 -35.90
C SER P 121 9.95 -45.56 -34.75
N LYS P 122 10.31 -45.86 -33.48
CA LYS P 122 9.76 -45.20 -32.29
C LYS P 122 10.05 -43.69 -32.32
N ASP P 123 11.25 -43.30 -32.78
CA ASP P 123 11.70 -41.92 -32.94
C ASP P 123 11.18 -41.30 -34.27
N ALA P 124 10.37 -42.04 -35.04
CA ALA P 124 9.65 -41.54 -36.22
C ALA P 124 8.16 -41.33 -35.88
N ILE P 125 7.50 -42.26 -35.17
CA ILE P 125 6.08 -42.15 -34.82
C ILE P 125 5.87 -41.11 -33.69
N LYS P 126 6.76 -41.06 -32.68
CA LYS P 126 6.73 -40.06 -31.61
C LYS P 126 7.09 -38.66 -32.12
N LYS P 127 7.70 -38.55 -33.32
CA LYS P 127 8.02 -37.28 -33.95
C LYS P 127 6.79 -36.68 -34.66
N LYS P 128 5.73 -37.47 -34.89
CA LYS P 128 4.48 -37.01 -35.50
C LYS P 128 3.44 -36.69 -34.40
N PHE P 129 3.38 -37.51 -33.33
CA PHE P 129 2.31 -37.51 -32.32
C PHE P 129 2.54 -36.44 -31.22
N THR P 130 2.26 -35.16 -31.51
CA THR P 130 2.16 -34.10 -30.50
C THR P 130 0.81 -34.22 -29.79
N GLY P 131 0.83 -34.59 -28.50
CA GLY P 131 -0.35 -34.72 -27.65
C GLY P 131 -0.30 -35.91 -26.68
N ILE P 132 0.76 -36.72 -26.74
CA ILE P 132 1.06 -37.78 -25.77
C ILE P 132 1.60 -37.13 -24.47
N LYS P 133 1.26 -37.71 -23.32
CA LYS P 133 1.72 -37.31 -22.00
C LYS P 133 2.57 -38.41 -21.34
N HIS P 134 2.36 -39.70 -21.68
CA HIS P 134 3.00 -40.85 -21.01
C HIS P 134 3.58 -41.84 -22.02
N GLU P 135 4.50 -42.69 -21.55
CA GLU P 135 5.14 -43.75 -22.32
C GLU P 135 5.15 -45.06 -21.51
N TRP P 136 4.54 -46.12 -22.06
CA TRP P 136 4.62 -47.48 -21.53
C TRP P 136 5.54 -48.29 -22.47
N GLN P 137 6.84 -48.36 -22.16
CA GLN P 137 7.74 -49.43 -22.63
C GLN P 137 7.44 -50.66 -21.75
N VAL P 138 6.89 -51.72 -22.34
CA VAL P 138 6.39 -52.93 -21.70
C VAL P 138 6.84 -54.17 -22.50
N ASN P 139 7.27 -55.23 -21.80
CA ASN P 139 7.94 -56.38 -22.41
C ASN P 139 7.48 -57.72 -21.79
N GLY P 140 7.31 -57.83 -20.47
CA GLY P 140 6.75 -59.01 -19.83
C GLY P 140 5.22 -58.94 -19.85
N LEU P 141 4.54 -60.09 -19.89
CA LEU P 141 3.08 -60.18 -19.82
C LEU P 141 2.54 -59.71 -18.46
N ASP P 142 3.32 -59.91 -17.39
CA ASP P 142 2.98 -59.47 -16.03
C ASP P 142 3.35 -58.01 -15.78
N ASP P 143 4.12 -57.36 -16.68
CA ASP P 143 4.33 -55.91 -16.70
C ASP P 143 3.13 -55.16 -17.31
N ILE P 144 2.09 -55.90 -17.75
CA ILE P 144 0.95 -55.38 -18.51
C ILE P 144 -0.40 -56.00 -18.08
N LYS P 145 -0.39 -56.96 -17.13
CA LYS P 145 -1.60 -57.57 -16.55
C LYS P 145 -2.08 -56.79 -15.31
N ASP P 146 -1.11 -56.31 -14.51
CA ASP P 146 -1.34 -55.41 -13.38
C ASP P 146 -1.50 -53.97 -13.94
N ARG P 147 -2.26 -53.16 -13.19
CA ARG P 147 -2.51 -51.76 -13.49
C ARG P 147 -1.57 -50.85 -12.66
N SER P 148 -0.98 -51.31 -11.55
CA SER P 148 -0.04 -50.51 -10.75
C SER P 148 1.28 -50.31 -11.51
N THR P 149 1.80 -51.34 -12.20
CA THR P 149 3.03 -51.34 -13.00
C THR P 149 2.89 -50.48 -14.29
N LEU P 150 1.65 -50.18 -14.71
CA LEU P 150 1.34 -49.24 -15.78
C LEU P 150 1.15 -47.83 -15.21
N GLY P 151 0.57 -47.72 -13.99
CA GLY P 151 0.47 -46.49 -13.19
C GLY P 151 1.84 -45.92 -12.81
N GLU P 152 2.81 -46.80 -12.51
CA GLU P 152 4.23 -46.54 -12.29
C GLU P 152 4.85 -45.73 -13.45
N LYS P 153 4.47 -46.09 -14.68
CA LYS P 153 4.96 -45.57 -15.96
C LYS P 153 4.10 -44.42 -16.51
N LEU P 154 3.01 -44.02 -15.82
CA LEU P 154 2.40 -42.71 -16.04
C LEU P 154 3.31 -41.63 -15.42
N GLY P 155 3.89 -41.95 -14.26
CA GLY P 155 4.90 -41.16 -13.58
C GLY P 155 4.37 -40.65 -12.23
N GLY P 156 5.30 -40.29 -11.34
CA GLY P 156 5.01 -39.71 -10.03
C GLY P 156 4.37 -40.70 -9.05
N ASN P 157 3.63 -40.13 -8.08
CA ASN P 157 2.98 -40.81 -6.96
C ASN P 157 1.46 -40.62 -7.05
N VAL P 158 0.93 -40.27 -8.23
CA VAL P 158 -0.41 -39.71 -8.41
C VAL P 158 -1.54 -40.74 -8.22
N VAL P 159 -1.21 -42.04 -8.34
CA VAL P 159 -2.04 -43.25 -8.43
C VAL P 159 -3.55 -43.11 -8.14
N VAL P 160 -4.02 -43.54 -6.96
CA VAL P 160 -5.34 -43.31 -6.36
C VAL P 160 -6.48 -44.06 -7.09
N SER P 161 -6.65 -43.83 -8.39
CA SER P 161 -7.60 -44.48 -9.28
C SER P 161 -6.99 -44.46 -10.68
N LEU P 162 -7.13 -45.56 -11.43
CA LEU P 162 -6.78 -45.70 -12.84
C LEU P 162 -7.85 -46.59 -13.49
N GLU P 163 -8.59 -46.03 -14.47
CA GLU P 163 -9.54 -46.74 -15.34
C GLU P 163 -10.70 -47.41 -14.57
N GLY P 164 -10.99 -46.96 -13.34
CA GLY P 164 -11.98 -47.53 -12.44
C GLY P 164 -11.43 -48.56 -11.45
N LYS P 165 -10.12 -48.87 -11.46
CA LYS P 165 -9.48 -49.63 -10.40
C LYS P 165 -8.89 -48.63 -9.38
N PRO P 166 -9.23 -48.72 -8.07
CA PRO P 166 -8.65 -47.84 -7.05
C PRO P 166 -7.22 -48.30 -6.72
N LEU P 167 -6.21 -47.59 -7.22
CA LEU P 167 -4.79 -47.81 -6.93
C LEU P 167 -4.43 -47.05 -5.64
N NH2 P 168 -5.09 -47.40 -4.55
HN1 NH2 P 168 -4.95 -46.91 -3.68
HN2 NH2 P 168 -5.80 -48.12 -4.64
C ACE Q 1 59.89 -74.23 20.24
O ACE Q 1 58.95 -75.09 19.64
CH3 ACE Q 1 61.16 -75.01 20.61
H1 ACE Q 1 61.63 -75.48 19.76
H2 ACE Q 1 60.93 -75.80 21.33
H3 ACE Q 1 61.89 -74.35 21.08
N MET Q 2 60.21 -73.25 19.21
CA MET Q 2 59.21 -72.18 19.00
C MET Q 2 59.76 -71.21 17.96
N ALA Q 3 58.96 -70.88 16.93
CA ALA Q 3 59.31 -69.97 15.86
C ALA Q 3 58.31 -68.81 15.82
N SER Q 4 58.79 -67.58 16.04
CA SER Q 4 58.04 -66.33 16.02
C SER Q 4 59.07 -65.20 15.98
N GLY Q 5 58.58 -63.95 15.85
CA GLY Q 5 59.35 -62.77 16.20
C GLY Q 5 59.13 -62.41 17.67
N VAL Q 6 60.02 -61.60 18.23
CA VAL Q 6 60.02 -61.15 19.61
C VAL Q 6 58.91 -60.09 19.84
N THR Q 7 58.35 -60.06 21.05
CA THR Q 7 57.20 -59.24 21.40
C THR Q 7 57.67 -57.82 21.78
N VAL Q 8 56.89 -56.79 21.43
CA VAL Q 8 57.26 -55.40 21.67
C VAL Q 8 56.56 -54.97 22.96
N ASN Q 9 57.35 -54.95 24.04
CA ASN Q 9 56.95 -54.61 25.40
C ASN Q 9 56.63 -53.11 25.46
N ASP Q 10 55.47 -52.77 26.01
CA ASP Q 10 54.91 -51.43 26.16
C ASP Q 10 55.69 -50.51 27.10
N GLU Q 11 56.80 -50.98 27.69
CA GLU Q 11 57.84 -50.16 28.29
C GLU Q 11 58.41 -49.14 27.27
N VAL Q 12 58.58 -49.53 25.99
CA VAL Q 12 59.04 -48.61 24.94
C VAL Q 12 57.92 -47.63 24.51
N ILE Q 13 56.64 -48.02 24.67
CA ILE Q 13 55.47 -47.18 24.38
C ILE Q 13 55.40 -45.96 25.32
N LYS Q 14 55.90 -46.07 26.57
CA LYS Q 14 56.03 -44.91 27.47
C LYS Q 14 57.04 -43.87 26.95
N VAL Q 15 58.11 -44.32 26.25
CA VAL Q 15 59.07 -43.43 25.59
C VAL Q 15 58.41 -42.77 24.36
N PHE Q 16 57.61 -43.52 23.58
CA PHE Q 16 56.76 -42.98 22.50
C PHE Q 16 55.81 -41.90 22.99
N ASN Q 17 55.09 -42.17 24.10
CA ASN Q 17 54.15 -41.24 24.74
C ASN Q 17 54.83 -39.98 25.26
N ASP Q 18 56.11 -40.04 25.67
CA ASP Q 18 56.90 -38.89 26.12
C ASP Q 18 57.44 -38.08 24.92
N MET Q 19 57.87 -38.77 23.85
CA MET Q 19 58.49 -38.19 22.66
C MET Q 19 57.46 -37.45 21.79
N LYS Q 20 56.27 -38.06 21.62
CA LYS Q 20 55.22 -37.63 20.70
C LYS Q 20 54.58 -36.30 21.12
N VAL Q 21 54.30 -36.14 22.43
CA VAL Q 21 53.53 -35.02 22.96
C VAL Q 21 54.34 -33.71 22.87
N ARG Q 22 53.71 -32.68 22.31
CA ARG Q 22 54.29 -31.43 21.87
C ARG Q 22 54.36 -30.46 23.07
N LYS Q 23 55.03 -30.91 24.15
CA LYS Q 23 55.06 -30.32 25.50
C LYS Q 23 55.44 -28.82 25.59
N SER Q 24 55.03 -28.21 26.71
CA SER Q 24 55.35 -26.87 27.20
C SER Q 24 56.84 -26.46 27.06
N SER Q 25 57.10 -25.26 26.52
CA SER Q 25 58.42 -24.68 26.26
C SER Q 25 59.15 -24.16 27.53
N THR Q 26 58.62 -24.45 28.72
CA THR Q 26 59.19 -24.12 30.03
C THR Q 26 60.47 -24.94 30.28
N GLN Q 27 60.29 -26.24 30.56
CA GLN Q 27 61.33 -27.27 30.69
C GLN Q 27 60.89 -28.59 30.04
N GLU Q 28 59.58 -28.82 29.93
CA GLU Q 28 58.96 -30.06 29.46
C GLU Q 28 59.34 -30.43 28.02
N GLU Q 29 59.54 -29.42 27.19
CA GLU Q 29 60.24 -29.49 25.91
C GLU Q 29 61.74 -29.55 26.20
N ILE Q 30 62.31 -28.38 26.55
CA ILE Q 30 63.71 -27.98 26.62
C ILE Q 30 64.69 -29.02 27.17
N LYS Q 31 64.40 -29.59 28.35
CA LYS Q 31 65.31 -30.50 29.05
C LYS Q 31 64.59 -31.77 29.48
N LYS Q 32 63.48 -32.12 28.82
CA LYS Q 32 62.66 -33.28 29.15
C LYS Q 32 62.16 -34.08 27.94
N ARG Q 33 61.91 -33.47 26.77
CA ARG Q 33 61.78 -34.22 25.51
C ARG Q 33 63.20 -34.58 25.04
N LYS Q 34 63.29 -35.71 24.34
CA LYS Q 34 64.54 -36.29 23.83
C LYS Q 34 64.63 -35.93 22.34
N LYS Q 35 65.83 -36.12 21.77
CA LYS Q 35 66.16 -35.84 20.39
C LYS Q 35 66.90 -37.05 19.77
N ALA Q 36 66.17 -38.17 19.70
CA ALA Q 36 66.53 -39.52 19.24
C ALA Q 36 66.76 -40.44 20.44
N VAL Q 37 66.18 -41.65 20.40
CA VAL Q 37 66.27 -42.64 21.45
C VAL Q 37 66.20 -44.04 20.81
N LEU Q 38 66.95 -45.00 21.37
CA LEU Q 38 67.16 -46.36 20.89
C LEU Q 38 66.27 -47.34 21.67
N PHE Q 39 65.77 -48.38 21.00
CA PHE Q 39 65.12 -49.55 21.58
C PHE Q 39 65.95 -50.79 21.16
N CYS Q 40 65.88 -51.87 21.95
CA CYS Q 40 66.81 -52.99 21.92
C CYS Q 40 66.08 -54.32 22.18
N LEU Q 41 66.55 -55.40 21.54
CA LEU Q 41 66.24 -56.80 21.87
C LEU Q 41 66.76 -57.13 23.28
N SER Q 42 65.99 -57.89 24.06
CA SER Q 42 66.36 -58.36 25.39
C SER Q 42 67.46 -59.43 25.35
N ASP Q 43 68.19 -59.54 26.46
CA ASP Q 43 69.13 -60.61 26.81
C ASP Q 43 68.35 -61.93 27.01
N ASP Q 44 67.17 -61.83 27.65
CA ASP Q 44 66.11 -62.83 27.86
C ASP Q 44 65.65 -63.55 26.57
N LYS Q 45 65.92 -62.96 25.39
CA LYS Q 45 65.72 -63.43 24.02
C LYS Q 45 64.39 -63.03 23.41
N ARG Q 46 63.40 -62.67 24.23
CA ARG Q 46 61.99 -62.82 23.89
C ARG Q 46 61.30 -61.50 23.53
N GLN Q 47 61.92 -60.34 23.83
CA GLN Q 47 61.26 -59.04 23.82
C GLN Q 47 62.10 -57.99 23.09
N ILE Q 48 61.43 -56.98 22.53
CA ILE Q 48 62.01 -55.66 22.28
C ILE Q 48 61.67 -54.82 23.51
N ILE Q 49 62.71 -54.24 24.11
CA ILE Q 49 62.76 -53.38 25.29
C ILE Q 49 63.65 -52.18 24.93
N VAL Q 50 64.37 -51.63 25.91
CA VAL Q 50 65.29 -50.50 25.82
C VAL Q 50 66.54 -50.88 26.63
N GLU Q 51 67.71 -50.43 26.15
CA GLU Q 51 69.02 -50.61 26.78
C GLU Q 51 69.40 -49.32 27.52
N GLU Q 52 70.65 -49.22 27.96
CA GLU Q 52 71.35 -47.97 28.31
C GLU Q 52 71.45 -47.10 27.04
N ALA Q 53 70.38 -46.36 26.75
CA ALA Q 53 70.19 -45.51 25.60
C ALA Q 53 70.55 -44.08 25.99
N LYS Q 54 71.80 -43.69 25.67
CA LYS Q 54 72.39 -42.35 25.71
C LYS Q 54 71.49 -41.31 25.01
N GLN Q 55 71.00 -40.33 25.78
CA GLN Q 55 70.03 -39.31 25.38
C GLN Q 55 70.75 -38.00 25.02
N ILE Q 56 70.02 -37.13 24.32
CA ILE Q 56 70.31 -35.71 24.06
C ILE Q 56 68.94 -35.02 24.01
N LEU Q 57 68.83 -33.79 24.52
CA LEU Q 57 67.58 -33.07 24.75
C LEU Q 57 67.50 -31.85 23.80
N VAL Q 58 66.32 -31.21 23.76
CA VAL Q 58 65.95 -30.18 22.80
C VAL Q 58 66.68 -28.84 23.06
N GLY Q 59 67.09 -28.55 24.30
CA GLY Q 59 67.80 -27.34 24.68
C GLY Q 59 69.29 -27.41 24.36
N ASP Q 60 69.86 -28.62 24.32
CA ASP Q 60 71.31 -28.93 24.20
C ASP Q 60 71.92 -28.38 22.89
N ILE Q 61 71.07 -28.24 21.86
CA ILE Q 61 71.41 -27.68 20.55
C ILE Q 61 71.20 -26.15 20.50
N GLY Q 62 70.67 -25.56 21.58
CA GLY Q 62 70.77 -24.13 21.88
C GLY Q 62 72.02 -23.87 22.74
N ASP Q 63 72.37 -24.81 23.62
CA ASP Q 63 73.52 -24.76 24.52
C ASP Q 63 74.84 -24.83 23.74
N THR Q 64 75.05 -25.84 22.86
CA THR Q 64 76.32 -25.98 22.10
C THR Q 64 76.27 -26.87 20.85
N VAL Q 65 75.38 -27.87 20.72
CA VAL Q 65 75.58 -28.98 19.78
C VAL Q 65 75.00 -28.64 18.38
N GLU Q 66 75.78 -28.92 17.32
CA GLU Q 66 75.51 -28.56 15.91
C GLU Q 66 74.19 -29.11 15.31
N ASP Q 67 73.74 -30.28 15.77
CA ASP Q 67 72.39 -30.83 15.76
C ASP Q 67 72.43 -32.01 16.76
N PRO Q 68 71.29 -32.47 17.29
CA PRO Q 68 71.31 -33.45 18.39
C PRO Q 68 71.54 -34.86 17.83
N TYR Q 69 70.86 -35.13 16.71
CA TYR Q 69 70.92 -36.30 15.83
C TYR Q 69 72.36 -36.78 15.56
N THR Q 70 73.28 -35.85 15.29
CA THR Q 70 74.72 -36.06 15.15
C THR Q 70 75.35 -36.86 16.31
N SER Q 71 74.96 -36.61 17.56
CA SER Q 71 75.51 -37.28 18.74
C SER Q 71 74.96 -38.71 18.86
N PHE Q 72 73.68 -38.91 18.48
CA PHE Q 72 73.00 -40.21 18.38
C PHE Q 72 73.69 -41.10 17.32
N VAL Q 73 73.84 -40.62 16.07
CA VAL Q 73 74.40 -41.43 14.98
C VAL Q 73 75.91 -41.72 15.16
N LYS Q 74 76.61 -40.89 15.93
CA LYS Q 74 77.98 -41.09 16.38
C LYS Q 74 78.14 -42.25 17.37
N LEU Q 75 77.04 -42.74 17.95
CA LEU Q 75 76.97 -43.75 18.99
C LEU Q 75 76.05 -44.93 18.58
N LEU Q 76 75.74 -45.05 17.28
CA LEU Q 76 75.02 -46.20 16.70
C LEU Q 76 76.02 -47.34 16.45
N PRO Q 77 75.67 -48.61 16.74
CA PRO Q 77 76.55 -49.74 16.45
C PRO Q 77 76.52 -50.04 14.94
N LEU Q 78 77.64 -49.79 14.24
CA LEU Q 78 77.76 -49.90 12.79
C LEU Q 78 77.76 -51.37 12.28
N ASN Q 79 77.81 -52.33 13.21
CA ASN Q 79 77.83 -53.77 12.98
C ASN Q 79 76.89 -54.50 13.95
N ASP Q 80 75.83 -53.84 14.44
CA ASP Q 80 74.68 -54.46 15.12
C ASP Q 80 73.41 -53.72 14.68
N CYS Q 81 72.26 -54.41 14.69
CA CYS Q 81 70.98 -53.87 14.25
C CYS Q 81 70.20 -53.48 15.50
N ARG Q 82 69.43 -52.38 15.43
CA ARG Q 82 68.70 -51.77 16.53
C ARG Q 82 67.39 -51.17 16.02
N TYR Q 83 66.57 -50.68 16.94
CA TYR Q 83 65.44 -49.81 16.64
C TYR Q 83 65.77 -48.44 17.23
N ALA Q 84 65.18 -47.38 16.67
CA ALA Q 84 65.17 -46.05 17.24
C ALA Q 84 63.82 -45.36 17.00
N LEU Q 85 63.45 -44.45 17.88
CA LEU Q 85 62.40 -43.47 17.70
C LEU Q 85 63.10 -42.11 17.57
N TYR Q 86 62.55 -41.21 16.77
CA TYR Q 86 63.12 -39.92 16.44
C TYR Q 86 61.99 -38.91 16.22
N ASP Q 87 62.31 -37.62 16.19
CA ASP Q 87 61.44 -36.55 15.75
C ASP Q 87 62.31 -35.62 14.91
N ALA Q 88 61.83 -35.25 13.73
CA ALA Q 88 62.46 -34.28 12.87
C ALA Q 88 61.85 -32.94 13.25
N THR Q 89 62.63 -32.00 13.78
CA THR Q 89 62.22 -30.60 13.92
C THR Q 89 62.50 -29.98 12.54
N TYR Q 90 61.58 -29.19 11.98
CA TYR Q 90 61.76 -28.59 10.67
C TYR Q 90 61.13 -27.20 10.60
N GLU Q 91 61.79 -26.30 9.87
CA GLU Q 91 61.27 -25.04 9.42
C GLU Q 91 60.30 -25.35 8.26
N THR Q 92 59.22 -24.57 8.15
CA THR Q 92 58.53 -24.34 6.90
C THR Q 92 58.86 -22.89 6.50
N LYS Q 93 58.20 -22.35 5.47
CA LYS Q 93 58.38 -20.97 5.03
C LYS Q 93 57.55 -19.96 5.86
N GLU Q 94 56.61 -20.40 6.71
CA GLU Q 94 55.77 -19.54 7.57
C GLU Q 94 55.68 -20.02 9.03
N SER Q 95 56.33 -21.12 9.41
CA SER Q 95 56.31 -21.70 10.75
C SER Q 95 57.59 -22.51 11.01
N LYS Q 96 57.75 -23.04 12.23
CA LYS Q 96 58.69 -24.09 12.58
C LYS Q 96 57.93 -25.10 13.44
N LYS Q 97 58.16 -26.39 13.22
CA LYS Q 97 57.43 -27.48 13.86
C LYS Q 97 58.34 -28.71 14.00
N GLU Q 98 57.75 -29.84 14.37
CA GLU Q 98 58.35 -31.16 14.41
C GLU Q 98 57.29 -32.19 14.01
N ASP Q 99 57.69 -33.39 13.58
CA ASP Q 99 56.89 -34.62 13.45
C ASP Q 99 57.76 -35.79 13.91
N LEU Q 100 57.14 -36.83 14.50
CA LEU Q 100 57.83 -38.00 15.02
C LEU Q 100 57.94 -39.09 13.95
N VAL Q 101 59.01 -39.87 14.07
CA VAL Q 101 59.50 -40.90 13.15
C VAL Q 101 59.82 -42.17 13.98
N PHE Q 102 59.61 -43.36 13.40
CA PHE Q 102 60.19 -44.61 13.88
C PHE Q 102 61.25 -45.04 12.85
N ILE Q 103 62.38 -45.56 13.32
CA ILE Q 103 63.54 -45.97 12.54
C ILE Q 103 63.84 -47.44 12.87
N PHE Q 104 63.96 -48.29 11.85
CA PHE Q 104 64.62 -49.59 11.93
C PHE Q 104 66.04 -49.42 11.35
N TRP Q 105 67.06 -49.71 12.17
CA TRP Q 105 68.48 -49.68 11.84
C TRP Q 105 68.92 -51.14 11.66
N ALA Q 106 69.28 -51.55 10.44
CA ALA Q 106 69.76 -52.90 10.15
C ALA Q 106 70.91 -52.93 9.12
N PRO Q 107 72.17 -52.58 9.53
CA PRO Q 107 73.37 -52.57 8.68
C PRO Q 107 73.62 -53.85 7.86
N GLU Q 108 74.05 -53.70 6.60
CA GLU Q 108 74.39 -54.78 5.66
C GLU Q 108 75.39 -55.80 6.24
N SER Q 109 76.37 -55.33 7.00
CA SER Q 109 77.48 -56.15 7.52
C SER Q 109 77.22 -56.72 8.93
N ALA Q 110 76.17 -56.26 9.64
CA ALA Q 110 75.83 -56.72 10.99
C ALA Q 110 75.39 -58.20 11.01
N PRO Q 111 75.57 -58.96 12.12
CA PRO Q 111 75.15 -60.38 12.25
C PRO Q 111 73.73 -60.69 11.77
N LEU Q 112 73.56 -61.87 11.14
CA LEU Q 112 72.29 -62.35 10.58
C LEU Q 112 71.19 -62.45 11.64
N LYS Q 113 71.57 -62.91 12.84
CA LYS Q 113 70.76 -62.93 14.06
C LYS Q 113 70.10 -61.57 14.37
N SER Q 114 70.87 -60.49 14.30
CA SER Q 114 70.46 -59.16 14.71
C SER Q 114 69.57 -58.55 13.62
N LYS Q 115 69.82 -58.88 12.35
CA LYS Q 115 68.92 -58.50 11.26
C LYS Q 115 67.57 -59.23 11.39
N MET Q 116 67.60 -60.56 11.46
CA MET Q 116 66.42 -61.43 11.46
C MET Q 116 65.47 -61.17 12.62
N ILE Q 117 65.97 -61.15 13.86
CA ILE Q 117 65.14 -61.03 15.07
C ILE Q 117 64.43 -59.66 15.12
N TYR Q 118 65.15 -58.56 14.89
CA TYR Q 118 64.57 -57.20 14.90
C TYR Q 118 63.67 -56.95 13.67
N ALA Q 119 63.91 -57.61 12.54
CA ALA Q 119 63.04 -57.54 11.36
C ALA Q 119 61.73 -58.30 11.62
N SER Q 120 61.79 -59.46 12.27
CA SER Q 120 60.61 -60.29 12.56
C SER Q 120 59.58 -59.61 13.49
N SER Q 121 60.00 -58.67 14.34
CA SER Q 121 59.14 -57.85 15.19
C SER Q 121 58.78 -56.50 14.54
N LYS Q 122 59.26 -56.18 13.32
CA LYS Q 122 59.10 -54.86 12.68
C LYS Q 122 57.65 -54.53 12.27
N ASP Q 123 56.76 -55.52 12.17
CA ASP Q 123 55.32 -55.29 12.06
C ASP Q 123 54.69 -55.18 13.46
N ALA Q 124 55.19 -55.93 14.45
CA ALA Q 124 54.66 -55.99 15.82
C ALA Q 124 54.75 -54.64 16.57
N ILE Q 125 55.77 -53.82 16.26
CA ILE Q 125 55.90 -52.45 16.76
C ILE Q 125 55.03 -51.48 15.93
N LYS Q 126 54.80 -51.77 14.65
CA LYS Q 126 54.02 -50.95 13.72
C LYS Q 126 52.51 -50.96 14.08
N LYS Q 127 52.07 -51.97 14.86
CA LYS Q 127 50.73 -52.06 15.41
C LYS Q 127 50.48 -51.05 16.56
N LYS Q 128 51.55 -50.57 17.23
CA LYS Q 128 51.46 -49.90 18.54
C LYS Q 128 51.37 -48.38 18.40
N PHE Q 129 51.88 -47.79 17.31
CA PHE Q 129 52.04 -46.35 17.11
C PHE Q 129 51.06 -45.83 16.06
N THR Q 130 50.57 -44.59 16.21
CA THR Q 130 49.78 -43.81 15.24
C THR Q 130 50.27 -42.36 15.26
N GLY Q 131 50.17 -41.63 14.14
CA GLY Q 131 50.69 -40.27 14.00
C GLY Q 131 52.20 -40.22 13.72
N ILE Q 132 52.80 -41.37 13.38
CA ILE Q 132 54.14 -41.48 12.79
C ILE Q 132 53.90 -41.15 11.30
N LYS Q 133 54.19 -39.91 10.92
CA LYS Q 133 53.87 -39.38 9.59
C LYS Q 133 54.88 -39.88 8.54
N HIS Q 134 56.07 -40.28 8.97
CA HIS Q 134 57.19 -40.79 8.18
C HIS Q 134 57.79 -41.94 8.98
N GLU Q 135 58.19 -43.03 8.33
CA GLU Q 135 58.76 -44.22 8.96
C GLU Q 135 59.96 -44.66 8.12
N TRP Q 136 61.12 -44.84 8.76
CA TRP Q 136 62.40 -45.05 8.09
C TRP Q 136 62.84 -46.52 8.22
N GLN Q 137 63.16 -47.15 7.08
CA GLN Q 137 64.00 -48.34 6.99
C GLN Q 137 65.41 -47.79 6.67
N VAL Q 138 66.43 -48.22 7.43
CA VAL Q 138 67.83 -47.84 7.28
C VAL Q 138 68.67 -49.12 7.24
N ASN Q 139 69.50 -49.27 6.21
CA ASN Q 139 70.32 -50.46 5.98
C ASN Q 139 71.76 -50.11 5.60
N GLY Q 140 72.01 -48.91 5.08
CA GLY Q 140 73.34 -48.36 4.95
C GLY Q 140 73.75 -47.62 6.23
N LEU Q 141 75.04 -47.32 6.37
CA LEU Q 141 75.52 -46.42 7.41
C LEU Q 141 75.31 -44.98 6.91
N ASP Q 142 75.69 -44.74 5.65
CA ASP Q 142 75.55 -43.53 4.85
C ASP Q 142 74.09 -43.05 4.65
N ASP Q 143 73.10 -43.91 4.97
CA ASP Q 143 71.68 -43.57 5.16
C ASP Q 143 71.47 -42.56 6.29
N ILE Q 144 72.38 -42.54 7.28
CA ILE Q 144 72.20 -41.90 8.59
C ILE Q 144 73.32 -40.88 8.89
N LYS Q 145 74.41 -40.85 8.11
CA LYS Q 145 75.54 -39.93 8.31
C LYS Q 145 75.20 -38.51 7.82
N ASP Q 146 74.56 -38.46 6.64
CA ASP Q 146 74.17 -37.23 5.95
C ASP Q 146 72.85 -36.72 6.57
N ARG Q 147 72.55 -35.45 6.33
CA ARG Q 147 71.34 -34.78 6.81
C ARG Q 147 70.29 -34.70 5.67
N SER Q 148 70.71 -34.80 4.40
CA SER Q 148 69.90 -34.52 3.21
C SER Q 148 69.01 -35.73 2.86
N THR Q 149 69.57 -36.94 2.93
CA THR Q 149 68.90 -38.22 2.63
C THR Q 149 67.79 -38.51 3.66
N LEU Q 150 67.83 -37.86 4.83
CA LEU Q 150 66.81 -37.93 5.87
C LEU Q 150 65.55 -37.18 5.39
N GLY Q 151 65.75 -36.02 4.74
CA GLY Q 151 64.70 -35.23 4.10
C GLY Q 151 63.95 -36.00 3.02
N GLU Q 152 64.64 -36.87 2.25
CA GLU Q 152 64.05 -37.78 1.27
C GLU Q 152 63.18 -38.86 1.95
N LYS Q 153 63.62 -39.41 3.10
CA LYS Q 153 62.84 -40.36 3.90
C LYS Q 153 61.66 -39.68 4.65
N LEU Q 154 61.62 -38.33 4.71
CA LEU Q 154 60.48 -37.52 5.17
C LEU Q 154 59.63 -37.04 3.96
N GLY Q 155 59.94 -37.50 2.73
CA GLY Q 155 59.17 -37.23 1.52
C GLY Q 155 59.54 -35.93 0.80
N GLY Q 156 60.55 -35.21 1.29
CA GLY Q 156 61.21 -34.04 0.70
C GLY Q 156 60.37 -32.75 0.67
N ASN Q 157 59.12 -32.85 0.19
CA ASN Q 157 58.12 -31.84 -0.20
C ASN Q 157 57.98 -30.56 0.63
N VAL Q 158 58.42 -30.52 1.88
CA VAL Q 158 58.38 -29.33 2.74
C VAL Q 158 59.61 -28.45 2.47
N VAL Q 159 60.80 -29.06 2.29
CA VAL Q 159 62.14 -28.48 2.21
C VAL Q 159 62.45 -27.47 3.37
N VAL Q 160 63.25 -26.44 3.10
CA VAL Q 160 63.59 -25.31 3.96
C VAL Q 160 64.77 -25.68 4.88
N SER Q 161 64.49 -26.20 6.07
CA SER Q 161 65.47 -26.62 7.06
C SER Q 161 64.91 -27.80 7.86
N LEU Q 162 65.72 -28.83 8.05
CA LEU Q 162 65.48 -30.02 8.85
C LEU Q 162 66.52 -29.98 9.96
N GLU Q 163 66.09 -29.91 11.22
CA GLU Q 163 66.88 -30.03 12.45
C GLU Q 163 67.93 -28.91 12.59
N GLY Q 164 67.72 -27.78 11.91
CA GLY Q 164 68.65 -26.65 11.84
C GLY Q 164 69.67 -26.77 10.70
N LYS Q 165 69.54 -27.77 9.82
CA LYS Q 165 70.35 -27.93 8.62
C LYS Q 165 69.46 -27.60 7.40
N PRO Q 166 69.78 -26.55 6.60
CA PRO Q 166 69.08 -26.20 5.36
C PRO Q 166 68.91 -27.36 4.36
N LEU Q 167 67.67 -27.63 3.95
CA LEU Q 167 67.31 -28.47 2.81
C LEU Q 167 67.07 -27.49 1.65
N NH2 Q 168 68.17 -26.94 1.12
HN1 NH2 Q 168 68.07 -26.25 0.40
HN2 NH2 Q 168 69.06 -27.18 1.53
C ACE R 1 73.39 -74.79 -58.48
O ACE R 1 73.50 -75.38 -57.20
CH3 ACE R 1 74.75 -74.60 -59.14
H1 ACE R 1 75.24 -75.57 -59.30
H2 ACE R 1 75.44 -74.00 -58.54
H3 ACE R 1 74.64 -74.13 -60.12
N MET R 2 72.65 -73.55 -58.25
CA MET R 2 73.27 -72.54 -57.35
C MET R 2 72.52 -72.49 -56.00
N ALA R 3 71.94 -73.64 -55.62
CA ALA R 3 71.24 -73.99 -54.38
C ALA R 3 70.05 -73.06 -54.06
N SER R 4 69.55 -72.36 -55.08
CA SER R 4 68.61 -71.25 -54.97
C SER R 4 67.29 -71.64 -55.63
N GLY R 5 66.17 -71.20 -55.04
CA GLY R 5 64.83 -71.69 -55.34
C GLY R 5 64.27 -71.22 -56.69
N VAL R 6 63.21 -71.89 -57.11
CA VAL R 6 62.44 -71.60 -58.32
C VAL R 6 61.34 -70.59 -57.97
N THR R 7 60.79 -69.87 -58.96
CA THR R 7 60.08 -68.61 -58.71
C THR R 7 58.65 -68.61 -59.27
N VAL R 8 58.01 -67.45 -59.17
CA VAL R 8 56.59 -67.18 -59.28
C VAL R 8 56.46 -65.83 -59.97
N ASN R 9 55.66 -65.75 -61.03
CA ASN R 9 55.42 -64.59 -61.90
C ASN R 9 54.51 -63.57 -61.17
N ASP R 10 53.84 -62.69 -61.94
CA ASP R 10 52.77 -61.82 -61.45
C ASP R 10 51.43 -62.56 -61.64
N GLU R 11 51.21 -63.22 -62.79
CA GLU R 11 50.10 -64.12 -63.15
C GLU R 11 49.51 -64.95 -62.00
N VAL R 12 50.32 -65.84 -61.42
CA VAL R 12 50.12 -66.61 -60.19
C VAL R 12 49.60 -65.80 -58.96
N ILE R 13 50.00 -64.54 -58.81
CA ILE R 13 49.56 -63.63 -57.75
C ILE R 13 48.23 -62.96 -58.16
N LYS R 14 48.05 -62.69 -59.46
CA LYS R 14 46.89 -62.02 -60.06
C LYS R 14 45.64 -62.92 -59.94
N VAL R 15 45.78 -64.20 -60.32
CA VAL R 15 44.75 -65.24 -60.23
C VAL R 15 44.49 -65.68 -58.78
N PHE R 16 45.47 -65.47 -57.88
CA PHE R 16 45.34 -65.65 -56.42
C PHE R 16 44.44 -64.53 -55.88
N ASN R 17 44.80 -63.25 -56.12
CA ASN R 17 44.08 -62.09 -55.59
C ASN R 17 42.61 -62.04 -56.01
N ASP R 18 42.34 -62.40 -57.26
CA ASP R 18 41.02 -62.59 -57.89
C ASP R 18 40.00 -63.35 -57.02
N MET R 19 40.47 -64.31 -56.21
CA MET R 19 39.70 -65.15 -55.30
C MET R 19 40.14 -64.98 -53.84
N LYS R 20 41.11 -64.11 -53.55
CA LYS R 20 41.53 -63.80 -52.18
C LYS R 20 40.48 -62.82 -51.60
N VAL R 21 40.12 -61.80 -52.39
CA VAL R 21 38.91 -61.01 -52.19
C VAL R 21 37.71 -61.76 -52.78
N ARG R 22 36.51 -61.31 -52.42
CA ARG R 22 35.25 -61.75 -52.99
C ARG R 22 34.93 -60.95 -54.26
N LYS R 23 33.70 -61.02 -54.75
CA LYS R 23 33.17 -60.22 -55.86
C LYS R 23 31.74 -59.83 -55.48
N SER R 24 31.16 -58.85 -56.18
CA SER R 24 29.79 -58.39 -56.01
C SER R 24 28.76 -59.53 -56.21
N SER R 25 27.86 -59.67 -55.24
CA SER R 25 26.88 -60.75 -55.07
C SER R 25 25.99 -61.01 -56.30
N THR R 26 25.53 -59.93 -56.95
CA THR R 26 24.47 -59.87 -57.95
C THR R 26 24.74 -60.72 -59.20
N GLN R 27 26.01 -60.85 -59.62
CA GLN R 27 26.40 -61.66 -60.78
C GLN R 27 27.84 -62.15 -60.69
N GLU R 28 28.76 -61.27 -60.30
CA GLU R 28 30.20 -61.55 -60.35
C GLU R 28 30.63 -62.61 -59.32
N GLU R 29 29.93 -62.67 -58.17
CA GLU R 29 30.06 -63.79 -57.24
C GLU R 29 29.63 -65.11 -57.91
N ILE R 30 28.38 -65.13 -58.40
CA ILE R 30 27.64 -66.27 -58.95
C ILE R 30 28.47 -67.15 -59.91
N LYS R 31 28.89 -66.64 -61.06
CA LYS R 31 29.55 -67.43 -62.09
C LYS R 31 30.87 -66.79 -62.54
N LYS R 32 31.57 -66.06 -61.65
CA LYS R 32 32.94 -65.59 -61.87
C LYS R 32 33.89 -65.79 -60.68
N ARG R 33 33.42 -66.20 -59.48
CA ARG R 33 34.31 -66.62 -58.40
C ARG R 33 34.70 -68.08 -58.62
N LYS R 34 35.79 -68.26 -59.37
CA LYS R 34 36.57 -69.49 -59.42
C LYS R 34 37.38 -69.60 -58.10
N LYS R 35 36.93 -70.48 -57.21
CA LYS R 35 37.33 -70.59 -55.80
C LYS R 35 38.56 -71.51 -55.57
N ALA R 36 39.24 -71.93 -56.63
CA ALA R 36 40.44 -72.77 -56.57
C ALA R 36 41.35 -72.41 -57.73
N VAL R 37 42.61 -72.84 -57.66
CA VAL R 37 43.57 -72.88 -58.76
C VAL R 37 44.67 -73.89 -58.36
N LEU R 38 45.16 -74.65 -59.33
CA LEU R 38 46.31 -75.55 -59.20
C LEU R 38 47.46 -74.89 -59.98
N PHE R 39 48.64 -74.83 -59.37
CA PHE R 39 49.84 -74.26 -59.97
C PHE R 39 50.85 -75.39 -60.22
N CYS R 40 51.43 -75.40 -61.43
CA CYS R 40 52.50 -76.27 -61.88
C CYS R 40 53.77 -75.42 -62.02
N LEU R 41 54.93 -76.02 -61.80
CA LEU R 41 56.23 -75.47 -62.13
C LEU R 41 56.56 -75.90 -63.57
N SER R 42 57.06 -74.97 -64.39
CA SER R 42 57.44 -75.06 -65.81
C SER R 42 58.22 -76.33 -66.25
N ASP R 43 58.33 -76.53 -67.58
CA ASP R 43 58.99 -77.63 -68.28
C ASP R 43 60.45 -77.86 -67.83
N ASP R 44 61.19 -76.76 -67.69
CA ASP R 44 62.58 -76.68 -67.23
C ASP R 44 62.67 -76.73 -65.68
N LYS R 45 61.53 -76.53 -65.02
CA LYS R 45 61.27 -76.53 -63.60
C LYS R 45 61.89 -75.30 -62.93
N ARG R 46 61.46 -74.09 -63.33
CA ARG R 46 61.98 -72.81 -62.85
C ARG R 46 60.91 -71.75 -62.52
N GLN R 47 59.76 -71.72 -63.21
CA GLN R 47 58.71 -70.72 -63.03
C GLN R 47 57.36 -71.41 -62.76
N ILE R 48 56.74 -71.08 -61.62
CA ILE R 48 55.40 -71.54 -61.24
C ILE R 48 54.38 -70.73 -62.04
N ILE R 49 53.47 -71.45 -62.70
CA ILE R 49 52.38 -71.00 -63.55
C ILE R 49 51.08 -71.73 -63.15
N VAL R 50 49.94 -71.22 -63.60
CA VAL R 50 48.66 -71.96 -63.67
C VAL R 50 48.78 -73.11 -64.70
N GLU R 51 48.09 -74.22 -64.45
CA GLU R 51 47.97 -75.37 -65.36
C GLU R 51 46.56 -75.97 -65.24
N GLU R 52 46.32 -77.22 -65.67
CA GLU R 52 44.98 -77.77 -65.88
C GLU R 52 44.49 -78.36 -64.55
N ALA R 53 43.36 -77.84 -64.07
CA ALA R 53 42.59 -78.32 -62.95
C ALA R 53 41.16 -77.83 -63.15
N LYS R 54 40.18 -78.54 -62.56
CA LYS R 54 38.77 -78.27 -62.79
C LYS R 54 38.34 -77.04 -62.00
N GLN R 55 38.32 -75.89 -62.68
CA GLN R 55 38.00 -74.56 -62.19
C GLN R 55 36.47 -74.39 -62.04
N ILE R 56 35.90 -75.01 -61.01
CA ILE R 56 34.47 -74.92 -60.68
C ILE R 56 34.23 -73.58 -59.93
N LEU R 57 33.09 -72.95 -60.23
CA LEU R 57 32.61 -71.67 -59.73
C LEU R 57 31.61 -71.89 -58.59
N VAL R 58 31.26 -70.82 -57.86
CA VAL R 58 30.22 -70.78 -56.82
C VAL R 58 28.85 -71.28 -57.31
N GLY R 59 28.41 -70.80 -58.48
CA GLY R 59 27.08 -71.05 -59.04
C GLY R 59 26.91 -72.44 -59.65
N ASP R 60 27.99 -73.23 -59.77
CA ASP R 60 27.95 -74.62 -60.27
C ASP R 60 27.41 -75.59 -59.20
N ILE R 61 27.23 -75.08 -57.97
CA ILE R 61 26.52 -75.72 -56.86
C ILE R 61 25.04 -75.24 -56.87
N GLY R 62 24.66 -74.44 -57.88
CA GLY R 62 23.30 -74.05 -58.21
C GLY R 62 22.79 -74.78 -59.45
N ASP R 63 23.55 -75.77 -59.97
CA ASP R 63 23.20 -76.57 -61.14
C ASP R 63 23.47 -78.07 -60.91
N THR R 64 24.72 -78.54 -60.74
CA THR R 64 25.00 -79.98 -60.75
C THR R 64 26.12 -80.57 -59.86
N VAL R 65 26.94 -79.78 -59.14
CA VAL R 65 28.17 -80.30 -58.50
C VAL R 65 28.03 -80.37 -56.96
N GLU R 66 28.60 -81.43 -56.33
CA GLU R 66 28.63 -81.73 -54.88
C GLU R 66 29.19 -80.57 -54.03
N ASP R 67 30.43 -80.18 -54.35
CA ASP R 67 31.18 -79.04 -53.85
C ASP R 67 32.16 -78.70 -55.00
N PRO R 68 32.67 -77.45 -55.12
CA PRO R 68 33.62 -77.10 -56.18
C PRO R 68 35.00 -77.77 -56.08
N TYR R 69 35.37 -78.33 -54.93
CA TYR R 69 36.67 -78.95 -54.72
C TYR R 69 36.65 -80.44 -55.12
N THR R 70 35.47 -81.07 -55.16
CA THR R 70 35.24 -82.46 -55.54
C THR R 70 35.75 -82.80 -56.95
N SER R 71 35.55 -81.90 -57.93
CA SER R 71 36.01 -82.11 -59.30
C SER R 71 37.53 -81.87 -59.38
N PHE R 72 38.05 -80.94 -58.58
CA PHE R 72 39.45 -80.53 -58.49
C PHE R 72 40.33 -81.66 -57.89
N VAL R 73 39.96 -82.22 -56.72
CA VAL R 73 40.74 -83.24 -56.02
C VAL R 73 40.77 -84.61 -56.73
N LYS R 74 39.90 -84.81 -57.72
CA LYS R 74 39.82 -86.02 -58.54
C LYS R 74 40.64 -85.90 -59.83
N LEU R 75 41.33 -84.78 -60.07
CA LEU R 75 42.22 -84.57 -61.21
C LEU R 75 43.50 -83.84 -60.81
N LEU R 76 44.04 -84.15 -59.62
CA LEU R 76 45.39 -83.73 -59.23
C LEU R 76 46.39 -84.76 -59.78
N PRO R 77 47.56 -84.33 -60.32
CA PRO R 77 48.53 -85.26 -60.90
C PRO R 77 49.29 -86.03 -59.81
N LEU R 78 49.55 -87.32 -60.04
CA LEU R 78 50.16 -88.21 -59.07
C LEU R 78 51.69 -88.28 -59.24
N ASN R 79 52.24 -87.75 -60.35
CA ASN R 79 53.62 -88.01 -60.78
C ASN R 79 54.44 -86.75 -61.03
N ASP R 80 53.94 -85.58 -60.61
CA ASP R 80 54.68 -84.32 -60.41
C ASP R 80 54.03 -83.67 -59.19
N CYS R 81 54.80 -82.97 -58.37
CA CYS R 81 54.28 -82.20 -57.24
C CYS R 81 53.57 -80.93 -57.76
N ARG R 82 52.75 -80.28 -56.93
CA ARG R 82 51.97 -79.09 -57.25
C ARG R 82 51.80 -78.22 -56.01
N TYR R 83 51.36 -76.98 -56.21
CA TYR R 83 50.74 -76.17 -55.16
C TYR R 83 49.28 -75.95 -55.58
N ALA R 84 48.35 -75.90 -54.62
CA ALA R 84 46.96 -75.54 -54.83
C ALA R 84 46.55 -74.47 -53.82
N LEU R 85 45.76 -73.50 -54.28
CA LEU R 85 45.11 -72.46 -53.49
C LEU R 85 43.60 -72.77 -53.47
N TYR R 86 42.91 -72.43 -52.39
CA TYR R 86 41.52 -72.80 -52.14
C TYR R 86 40.85 -71.74 -51.25
N ASP R 87 39.76 -71.14 -51.75
CA ASP R 87 38.85 -70.26 -51.02
C ASP R 87 37.68 -71.19 -50.64
N ALA R 88 37.67 -71.62 -49.38
CA ALA R 88 36.73 -72.59 -48.86
C ALA R 88 35.49 -71.87 -48.30
N THR R 89 34.41 -72.60 -48.07
CA THR R 89 33.19 -72.09 -47.47
C THR R 89 32.72 -73.10 -46.43
N TYR R 90 32.85 -72.75 -45.14
CA TYR R 90 32.75 -73.68 -44.03
C TYR R 90 31.96 -73.03 -42.88
N GLU R 91 30.79 -73.62 -42.60
CA GLU R 91 29.79 -73.15 -41.65
C GLU R 91 30.15 -73.76 -40.30
N THR R 92 30.29 -72.92 -39.28
CA THR R 92 30.84 -73.26 -37.98
C THR R 92 29.81 -72.99 -36.88
N LYS R 93 30.11 -73.40 -35.64
CA LYS R 93 29.30 -73.19 -34.43
C LYS R 93 29.26 -71.72 -33.93
N GLU R 94 29.50 -70.73 -34.79
CA GLU R 94 29.24 -69.30 -34.55
C GLU R 94 28.90 -68.60 -35.88
N SER R 95 29.69 -68.81 -36.94
CA SER R 95 29.57 -68.09 -38.19
C SER R 95 30.05 -68.92 -39.39
N LYS R 96 29.87 -68.39 -40.59
CA LYS R 96 30.34 -68.90 -41.87
C LYS R 96 31.73 -68.32 -42.12
N LYS R 97 32.76 -69.16 -41.95
CA LYS R 97 34.17 -68.84 -42.09
C LYS R 97 34.62 -69.20 -43.52
N GLU R 98 35.61 -68.46 -44.05
CA GLU R 98 35.99 -68.47 -45.48
C GLU R 98 37.48 -68.21 -45.80
N ASP R 99 38.27 -67.79 -44.82
CA ASP R 99 39.68 -67.43 -44.94
C ASP R 99 40.48 -68.66 -45.40
N LEU R 100 41.45 -68.41 -46.28
CA LEU R 100 41.87 -69.32 -47.33
C LEU R 100 42.82 -70.41 -46.83
N VAL R 101 42.82 -71.49 -47.61
CA VAL R 101 43.72 -72.63 -47.50
C VAL R 101 44.78 -72.50 -48.62
N PHE R 102 46.00 -72.95 -48.33
CA PHE R 102 47.05 -73.21 -49.31
C PHE R 102 47.64 -74.59 -49.02
N ILE R 103 47.77 -75.40 -50.08
CA ILE R 103 48.16 -76.80 -50.05
C ILE R 103 49.49 -76.92 -50.81
N PHE R 104 50.49 -77.58 -50.20
CA PHE R 104 51.60 -78.19 -50.92
C PHE R 104 51.19 -79.65 -51.17
N TRP R 105 51.17 -80.03 -52.46
CA TRP R 105 50.86 -81.37 -52.94
C TRP R 105 52.19 -81.98 -53.41
N ALA R 106 52.66 -83.05 -52.76
CA ALA R 106 53.85 -83.80 -53.15
C ALA R 106 53.72 -85.31 -52.95
N PRO R 107 52.93 -86.02 -53.80
CA PRO R 107 52.71 -87.48 -53.74
C PRO R 107 53.98 -88.33 -53.60
N GLU R 108 53.90 -89.47 -52.92
CA GLU R 108 55.01 -90.44 -52.82
C GLU R 108 55.35 -91.14 -54.16
N SER R 109 54.47 -91.03 -55.15
CA SER R 109 54.64 -91.44 -56.53
C SER R 109 55.22 -90.31 -57.43
N ALA R 110 55.52 -89.12 -56.87
CA ALA R 110 56.16 -88.02 -57.57
C ALA R 110 57.70 -88.17 -57.43
N PRO R 111 58.50 -87.91 -58.50
CA PRO R 111 59.98 -88.00 -58.49
C PRO R 111 60.67 -87.19 -57.39
N LEU R 112 61.83 -87.67 -56.94
CA LEU R 112 62.74 -86.99 -56.01
C LEU R 112 63.16 -85.59 -56.49
N LYS R 113 63.34 -85.41 -57.81
CA LYS R 113 63.67 -84.13 -58.45
C LYS R 113 62.53 -83.11 -58.24
N SER R 114 61.28 -83.54 -58.43
CA SER R 114 60.07 -82.73 -58.28
C SER R 114 59.87 -82.39 -56.79
N LYS R 115 59.92 -83.42 -55.92
CA LYS R 115 59.79 -83.30 -54.46
C LYS R 115 60.75 -82.26 -53.85
N MET R 116 62.03 -82.34 -54.24
CA MET R 116 63.09 -81.46 -53.77
C MET R 116 62.85 -80.00 -54.20
N ILE R 117 62.62 -79.77 -55.50
CA ILE R 117 62.51 -78.43 -56.09
C ILE R 117 61.23 -77.72 -55.58
N TYR R 118 60.07 -78.38 -55.60
CA TYR R 118 58.84 -77.79 -55.09
C TYR R 118 58.85 -77.60 -53.55
N ALA R 119 59.51 -78.49 -52.77
CA ALA R 119 59.57 -78.35 -51.30
C ALA R 119 60.49 -77.19 -50.87
N SER R 120 61.68 -77.08 -51.48
CA SER R 120 62.63 -75.99 -51.24
C SER R 120 62.14 -74.60 -51.72
N SER R 121 61.04 -74.54 -52.48
CA SER R 121 60.47 -73.30 -53.01
C SER R 121 59.02 -73.07 -52.52
N LYS R 122 58.54 -73.86 -51.53
CA LYS R 122 57.23 -73.73 -50.86
C LYS R 122 56.90 -72.29 -50.43
N ASP R 123 57.89 -71.63 -49.82
CA ASP R 123 57.80 -70.26 -49.35
C ASP R 123 58.50 -69.27 -50.29
N ALA R 124 58.75 -69.65 -51.55
CA ALA R 124 58.97 -68.70 -52.64
C ALA R 124 57.60 -68.15 -53.11
N ILE R 125 56.53 -68.94 -53.00
CA ILE R 125 55.16 -68.56 -53.34
C ILE R 125 54.41 -68.08 -52.08
N LYS R 126 54.30 -68.90 -51.03
CA LYS R 126 53.45 -68.67 -49.85
C LYS R 126 53.64 -67.29 -49.17
N LYS R 127 54.88 -66.80 -49.05
CA LYS R 127 55.15 -65.54 -48.36
C LYS R 127 54.90 -64.29 -49.24
N LYS R 128 54.56 -64.46 -50.53
CA LYS R 128 54.06 -63.38 -51.39
C LYS R 128 52.52 -63.30 -51.33
N PHE R 129 51.85 -64.26 -50.69
CA PHE R 129 50.40 -64.32 -50.56
C PHE R 129 50.01 -63.84 -49.14
N THR R 130 48.72 -63.57 -48.94
CA THR R 130 48.08 -63.09 -47.72
C THR R 130 46.65 -63.68 -47.61
N GLY R 131 46.03 -63.61 -46.43
CA GLY R 131 44.66 -64.08 -46.18
C GLY R 131 44.51 -65.60 -46.10
N ILE R 132 45.63 -66.33 -46.22
CA ILE R 132 45.74 -67.75 -45.99
C ILE R 132 46.15 -67.87 -44.52
N LYS R 133 45.34 -68.60 -43.75
CA LYS R 133 45.52 -68.82 -42.32
C LYS R 133 45.57 -70.32 -42.00
N HIS R 134 45.39 -71.17 -43.02
CA HIS R 134 45.41 -72.61 -42.97
C HIS R 134 46.38 -73.10 -44.06
N GLU R 135 47.48 -73.72 -43.67
CA GLU R 135 48.46 -74.34 -44.56
C GLU R 135 48.33 -75.86 -44.38
N TRP R 136 48.25 -76.60 -45.49
CA TRP R 136 48.21 -78.06 -45.49
C TRP R 136 49.45 -78.60 -46.23
N GLN R 137 50.04 -79.68 -45.67
CA GLN R 137 51.14 -80.43 -46.23
C GLN R 137 50.58 -81.82 -46.59
N VAL R 138 50.49 -82.15 -47.89
CA VAL R 138 49.75 -83.28 -48.42
C VAL R 138 50.66 -84.11 -49.34
N ASN R 139 50.91 -85.37 -48.97
CA ASN R 139 51.72 -86.33 -49.73
C ASN R 139 50.92 -87.60 -50.06
N GLY R 140 49.63 -87.66 -49.70
CA GLY R 140 48.70 -88.76 -49.93
C GLY R 140 47.34 -88.18 -50.34
N LEU R 141 46.43 -89.05 -50.83
CA LEU R 141 45.15 -88.64 -51.40
C LEU R 141 44.12 -88.38 -50.29
N ASP R 142 44.23 -89.13 -49.19
CA ASP R 142 43.19 -89.38 -48.19
C ASP R 142 43.05 -88.22 -47.21
N ASP R 143 44.04 -87.32 -47.18
CA ASP R 143 44.00 -86.03 -46.49
C ASP R 143 43.31 -84.95 -47.37
N ILE R 144 42.77 -85.28 -48.55
CA ILE R 144 42.09 -84.33 -49.44
C ILE R 144 40.85 -84.90 -50.18
N LYS R 145 40.85 -86.20 -50.54
CA LYS R 145 39.83 -86.81 -51.40
C LYS R 145 38.47 -86.97 -50.69
N ASP R 146 38.49 -87.37 -49.41
CA ASP R 146 37.32 -87.87 -48.66
C ASP R 146 36.62 -86.67 -48.03
N ARG R 147 35.46 -86.32 -48.61
CA ARG R 147 34.64 -85.10 -48.58
C ARG R 147 34.58 -84.14 -47.37
N SER R 148 35.18 -84.50 -46.24
CA SER R 148 35.16 -83.77 -44.96
C SER R 148 36.54 -83.67 -44.29
N THR R 149 37.60 -84.36 -44.77
CA THR R 149 38.96 -84.30 -44.19
C THR R 149 39.58 -82.89 -44.26
N LEU R 150 39.06 -82.09 -45.18
CA LEU R 150 39.27 -80.67 -45.38
C LEU R 150 39.01 -79.89 -44.06
N GLY R 151 38.01 -80.34 -43.28
CA GLY R 151 37.55 -79.69 -42.06
C GLY R 151 38.41 -80.00 -40.82
N GLU R 152 39.14 -81.11 -40.79
CA GLU R 152 40.08 -81.45 -39.71
C GLU R 152 41.22 -80.43 -39.62
N LYS R 153 41.62 -79.94 -40.79
CA LYS R 153 42.67 -78.96 -41.03
C LYS R 153 42.07 -77.55 -41.27
N LEU R 154 40.82 -77.33 -40.84
CA LEU R 154 40.18 -76.03 -40.70
C LEU R 154 39.73 -75.81 -39.25
N GLY R 155 39.42 -76.88 -38.49
CA GLY R 155 39.37 -76.87 -37.04
C GLY R 155 38.11 -77.49 -36.45
N GLY R 156 38.15 -77.81 -35.16
CA GLY R 156 37.13 -78.53 -34.37
C GLY R 156 35.82 -77.76 -34.10
N ASN R 157 35.42 -76.85 -34.99
CA ASN R 157 34.16 -76.10 -34.92
C ASN R 157 33.38 -76.06 -36.24
N VAL R 158 33.96 -76.53 -37.35
CA VAL R 158 33.46 -76.34 -38.72
C VAL R 158 32.42 -77.41 -39.13
N VAL R 159 31.61 -77.88 -38.17
CA VAL R 159 30.86 -79.12 -38.24
C VAL R 159 29.53 -79.02 -39.01
N VAL R 160 29.00 -77.81 -39.24
CA VAL R 160 27.63 -77.61 -39.71
C VAL R 160 27.54 -77.88 -41.23
N SER R 161 28.51 -77.39 -42.00
CA SER R 161 28.65 -77.62 -43.43
C SER R 161 30.08 -77.30 -43.82
N LEU R 162 30.59 -78.01 -44.83
CA LEU R 162 31.85 -77.76 -45.48
C LEU R 162 31.61 -77.88 -46.98
N GLU R 163 31.63 -76.72 -47.65
CA GLU R 163 31.85 -76.54 -49.08
C GLU R 163 30.57 -76.66 -49.93
N GLY R 164 29.43 -76.94 -49.29
CA GLY R 164 28.13 -77.10 -49.92
C GLY R 164 27.26 -78.15 -49.22
N LYS R 165 27.82 -78.94 -48.30
CA LYS R 165 27.15 -80.06 -47.62
C LYS R 165 27.70 -80.26 -46.20
N PRO R 166 26.93 -80.87 -45.26
CA PRO R 166 27.35 -81.25 -43.90
C PRO R 166 28.76 -81.86 -43.76
N LEU R 167 29.47 -81.55 -42.67
CA LEU R 167 30.78 -82.12 -42.39
C LEU R 167 30.58 -83.54 -41.82
N NH2 R 168 29.66 -83.69 -40.88
HN1 NH2 R 168 29.48 -84.62 -40.54
HN2 NH2 R 168 29.14 -82.90 -40.56
C ACE A 1 -61.90 114.43 -13.39
O ACE A 1 -61.12 113.66 -12.51
CH3 ACE A 1 -63.10 113.59 -13.84
H1 ACE A 1 -62.77 112.68 -14.34
H2 ACE A 1 -63.73 114.16 -14.53
H3 ACE A 1 -63.72 113.31 -12.99
N ASP A 2 -61.06 114.72 -14.54
CA ASP A 2 -59.78 115.44 -14.29
C ASP A 2 -59.89 116.55 -13.22
N GLU A 3 -60.56 117.67 -13.54
CA GLU A 3 -60.67 118.84 -12.65
C GLU A 3 -61.78 118.69 -11.58
N ASP A 4 -62.69 117.72 -11.71
CA ASP A 4 -63.79 117.44 -10.78
C ASP A 4 -63.29 116.93 -9.41
N GLU A 5 -63.85 117.51 -8.34
CA GLU A 5 -63.58 117.17 -6.93
C GLU A 5 -64.06 115.74 -6.60
N THR A 6 -63.25 115.00 -5.86
CA THR A 6 -63.56 113.67 -5.34
C THR A 6 -64.51 113.79 -4.13
N THR A 7 -65.59 113.01 -4.14
CA THR A 7 -66.67 113.04 -3.17
C THR A 7 -66.25 112.56 -1.75
N ALA A 8 -66.91 113.11 -0.74
CA ALA A 8 -66.57 112.95 0.67
C ALA A 8 -66.80 111.54 1.19
N LEU A 9 -66.04 111.17 2.23
CA LEU A 9 -66.10 109.88 2.88
C LEU A 9 -67.24 109.92 3.91
N VAL A 10 -67.90 108.79 4.08
CA VAL A 10 -68.87 108.55 5.15
C VAL A 10 -68.34 107.33 5.90
N CYS A 11 -68.19 107.45 7.21
CA CYS A 11 -67.78 106.40 8.12
C CYS A 11 -68.80 106.36 9.26
N ASP A 12 -69.53 105.25 9.40
CA ASP A 12 -70.31 104.99 10.60
C ASP A 12 -69.36 104.31 11.59
N ASN A 13 -69.29 104.88 12.80
CA ASN A 13 -68.56 104.36 13.96
C ASN A 13 -69.32 103.19 14.62
N GLY A 14 -70.62 103.09 14.35
CA GLY A 14 -71.49 101.98 14.70
C GLY A 14 -71.72 101.82 16.20
N SER A 15 -71.60 100.58 16.64
CA SER A 15 -71.71 100.11 18.02
C SER A 15 -70.76 98.91 18.17
N GLY A 16 -69.56 99.03 17.61
CA GLY A 16 -68.51 98.01 17.62
C GLY A 16 -68.11 97.56 16.21
N LEU A 17 -69.01 97.72 15.23
CA LEU A 17 -68.84 97.38 13.83
C LEU A 17 -68.83 98.70 13.01
N VAL A 18 -67.65 99.04 12.50
CA VAL A 18 -67.34 100.23 11.70
C VAL A 18 -67.68 99.91 10.24
N LYS A 19 -68.21 100.88 9.50
CA LYS A 19 -68.72 100.76 8.12
C LYS A 19 -68.33 102.06 7.42
N ALA A 20 -67.55 102.03 6.35
CA ALA A 20 -67.01 103.22 5.70
C ALA A 20 -66.94 103.11 4.19
N GLY A 21 -67.01 104.25 3.49
CA GLY A 21 -66.84 104.31 2.04
C GLY A 21 -66.83 105.74 1.54
N PHE A 22 -66.67 105.88 0.22
CA PHE A 22 -66.84 107.13 -0.52
C PHE A 22 -68.33 107.27 -0.81
N ALA A 23 -68.88 108.49 -0.71
CA ALA A 23 -70.25 108.78 -1.12
C ALA A 23 -70.31 108.78 -2.66
N GLY A 24 -71.14 107.91 -3.23
CA GLY A 24 -71.22 107.67 -4.67
C GLY A 24 -71.02 106.19 -5.02
N ASP A 25 -70.46 105.41 -4.08
CA ASP A 25 -70.72 103.97 -3.97
C ASP A 25 -72.08 103.87 -3.24
N ASP A 26 -72.95 102.94 -3.65
CA ASP A 26 -74.32 102.74 -3.13
C ASP A 26 -74.32 102.15 -1.71
N ALA A 27 -73.22 101.52 -1.32
CA ALA A 27 -73.00 100.80 -0.07
C ALA A 27 -71.53 100.94 0.33
N PRO A 28 -71.16 100.76 1.63
CA PRO A 28 -69.78 100.86 2.14
C PRO A 28 -68.72 100.12 1.31
N ARG A 29 -67.57 100.78 1.12
CA ARG A 29 -66.38 100.25 0.45
C ARG A 29 -65.54 99.43 1.44
N ALA A 30 -65.81 99.53 2.75
CA ALA A 30 -65.20 98.73 3.80
C ALA A 30 -66.17 98.59 4.98
N VAL A 31 -66.12 97.46 5.67
CA VAL A 31 -66.78 97.18 6.94
C VAL A 31 -65.73 96.40 7.74
N PHE A 32 -65.60 96.65 9.05
CA PHE A 32 -64.70 95.86 9.91
C PHE A 32 -65.15 95.90 11.38
N PRO A 33 -65.00 94.81 12.16
CA PRO A 33 -65.26 94.82 13.61
C PRO A 33 -64.10 95.52 14.32
N SER A 34 -64.38 96.39 15.29
CA SER A 34 -63.38 97.28 15.90
C SER A 34 -62.43 96.59 16.92
N ILE A 35 -62.25 95.27 16.86
CA ILE A 35 -61.31 94.53 17.72
C ILE A 35 -59.86 95.00 17.47
N VAL A 36 -59.19 95.50 18.50
CA VAL A 36 -57.77 95.80 18.45
C VAL A 36 -57.08 94.70 19.27
N GLY A 37 -56.00 94.17 18.70
CA GLY A 37 -55.17 93.12 19.25
C GLY A 37 -54.15 93.71 20.20
N ARG A 38 -54.30 93.38 21.49
CA ARG A 38 -53.25 93.53 22.48
C ARG A 38 -52.62 92.12 22.64
N PRO A 39 -51.34 91.90 22.26
CA PRO A 39 -50.63 90.63 22.46
C PRO A 39 -50.61 90.16 23.92
N ARG A 40 -50.63 88.83 24.10
CA ARG A 40 -50.35 88.15 25.35
C ARG A 40 -48.82 88.05 25.45
N HIS A 41 -48.20 88.98 26.20
CA HIS A 41 -46.78 89.26 26.40
C HIS A 41 -46.34 90.49 25.61
N GLN A 42 -45.73 90.25 24.44
CA GLN A 42 -44.95 91.22 23.67
C GLN A 42 -45.29 91.13 22.18
N GLY A 43 -44.55 91.88 21.36
CA GLY A 43 -44.64 91.86 19.90
C GLY A 43 -44.27 90.50 19.28
N VAL A 44 -44.68 90.31 18.03
CA VAL A 44 -44.51 89.10 17.21
C VAL A 44 -43.95 89.43 15.82
N MET A 45 -43.70 90.72 15.56
CA MET A 45 -42.97 91.25 14.41
C MET A 45 -42.11 92.48 14.74
N VAL A 46 -42.17 92.98 15.99
CA VAL A 46 -41.36 94.05 16.57
C VAL A 46 -39.85 93.97 16.19
N GLY A 47 -39.29 95.09 15.72
CA GLY A 47 -37.92 95.18 15.22
C GLY A 47 -37.79 94.81 13.74
N MET A 48 -38.90 94.54 13.05
CA MET A 48 -38.97 94.27 11.61
C MET A 48 -40.26 94.84 11.03
N GLY A 49 -41.39 94.55 11.67
CA GLY A 49 -42.72 94.94 11.22
C GLY A 49 -43.15 96.34 11.67
N GLN A 50 -44.25 96.83 11.08
CA GLN A 50 -44.68 98.22 11.18
C GLN A 50 -45.40 98.54 12.51
N LYS A 51 -46.38 97.71 12.91
CA LYS A 51 -46.98 97.77 14.24
C LYS A 51 -47.62 96.42 14.60
N ASP A 52 -47.20 95.81 15.71
CA ASP A 52 -47.71 94.54 16.26
C ASP A 52 -49.11 94.68 16.89
N SER A 53 -49.57 95.93 17.13
CA SER A 53 -50.96 96.25 17.43
C SER A 53 -51.79 96.09 16.15
N TYR A 54 -52.27 94.86 15.93
CA TYR A 54 -53.12 94.46 14.81
C TYR A 54 -54.54 94.99 15.07
N VAL A 55 -55.18 95.57 14.04
CA VAL A 55 -56.49 96.20 14.13
C VAL A 55 -57.46 95.46 13.20
N GLY A 56 -58.64 95.10 13.72
CA GLY A 56 -59.75 94.49 13.00
C GLY A 56 -59.40 93.10 12.45
N ASP A 57 -59.63 92.93 11.15
CA ASP A 57 -59.33 91.77 10.30
C ASP A 57 -57.87 91.31 10.38
N GLU A 58 -56.93 92.22 10.72
CA GLU A 58 -55.53 91.88 10.98
C GLU A 58 -55.42 90.98 12.23
N ALA A 59 -56.18 91.32 13.29
CA ALA A 59 -56.13 90.67 14.59
C ALA A 59 -56.92 89.34 14.57
N GLN A 60 -57.97 89.27 13.75
CA GLN A 60 -58.85 88.11 13.53
C GLN A 60 -58.10 86.84 13.07
N SER A 61 -56.93 86.97 12.41
CA SER A 61 -56.13 85.85 11.93
C SER A 61 -55.13 85.34 13.01
N LYS A 62 -54.87 86.11 14.07
CA LYS A 62 -53.74 85.89 14.98
C LYS A 62 -54.16 84.98 16.15
N ARG A 63 -54.36 83.70 15.83
CA ARG A 63 -54.72 82.57 16.70
C ARG A 63 -54.00 82.58 18.06
N GLY A 64 -54.74 82.55 19.16
CA GLY A 64 -54.30 82.26 20.52
C GLY A 64 -53.29 83.22 21.19
N ILE A 65 -52.72 84.19 20.47
CA ILE A 65 -51.62 85.05 20.97
C ILE A 65 -52.09 86.46 21.32
N LEU A 66 -53.31 86.86 20.94
CA LEU A 66 -53.91 88.14 21.31
C LEU A 66 -54.99 87.90 22.36
N THR A 67 -55.20 88.87 23.24
CA THR A 67 -56.46 89.05 23.94
C THR A 67 -57.04 90.34 23.34
N LEU A 68 -58.11 90.18 22.56
CA LEU A 68 -58.76 91.23 21.76
C LEU A 68 -59.67 92.07 22.66
N LYS A 69 -59.86 93.36 22.33
CA LYS A 69 -60.94 94.18 22.86
C LYS A 69 -61.43 95.22 21.85
N TYR A 70 -62.68 95.65 22.02
CA TYR A 70 -63.33 96.71 21.25
C TYR A 70 -63.11 98.05 22.00
N PRO A 71 -62.71 99.16 21.33
CA PRO A 71 -62.66 100.51 21.93
C PRO A 71 -64.04 101.20 21.98
N ILE A 72 -65.02 100.67 21.26
CA ILE A 72 -66.42 101.10 21.25
C ILE A 72 -67.25 99.87 21.57
N GLU A 73 -67.83 99.86 22.77
CA GLU A 73 -68.56 98.74 23.34
C GLU A 73 -70.06 99.12 23.30
N HIS A 74 -70.54 99.81 24.34
CA HIS A 74 -71.94 99.98 24.74
C HIS A 74 -72.72 100.99 23.86
N GLY A 75 -72.38 101.07 22.58
CA GLY A 75 -72.81 102.12 21.66
C GLY A 75 -72.07 103.44 21.89
N ILE A 76 -71.03 103.43 22.72
CA ILE A 76 -70.18 104.56 23.08
C ILE A 76 -68.72 104.08 23.12
N ILE A 77 -67.79 105.00 22.87
CA ILE A 77 -66.34 104.80 22.90
C ILE A 77 -65.93 104.74 24.38
N THR A 78 -65.40 103.60 24.81
CA THR A 78 -64.92 103.29 26.15
C THR A 78 -63.38 103.35 26.23
N ASN A 79 -62.69 103.42 25.09
CA ASN A 79 -61.26 103.65 24.99
C ASN A 79 -61.03 104.49 23.73
N TRP A 80 -60.37 105.64 23.88
CA TRP A 80 -60.05 106.55 22.78
C TRP A 80 -58.73 106.17 22.12
N ASP A 81 -57.77 105.66 22.88
CA ASP A 81 -56.41 105.27 22.47
C ASP A 81 -56.42 104.29 21.29
N ASP A 82 -57.32 103.31 21.33
CA ASP A 82 -57.50 102.31 20.27
C ASP A 82 -58.55 102.76 19.26
N MET A 83 -59.48 103.67 19.59
CA MET A 83 -60.43 104.25 18.62
C MET A 83 -59.69 105.19 17.65
N GLU A 84 -58.68 105.91 18.15
CA GLU A 84 -57.76 106.74 17.36
C GLU A 84 -56.70 105.87 16.64
N LYS A 85 -56.76 104.53 16.76
CA LYS A 85 -56.14 103.60 15.81
C LYS A 85 -57.20 103.09 14.80
N ILE A 86 -58.47 102.93 15.20
CA ILE A 86 -59.58 102.52 14.32
C ILE A 86 -59.79 103.51 13.18
N TRP A 87 -59.84 104.82 13.45
CA TRP A 87 -59.96 105.86 12.42
C TRP A 87 -58.70 105.93 11.54
N HIS A 88 -57.52 105.66 12.13
CA HIS A 88 -56.24 105.62 11.42
C HIS A 88 -56.19 104.41 10.47
N HIS A 89 -56.66 103.23 10.91
CA HIS A 89 -56.84 102.02 10.13
C HIS A 89 -57.92 102.20 9.05
N THR A 90 -58.98 102.97 9.31
CA THR A 90 -60.02 103.31 8.34
C THR A 90 -59.41 104.05 7.14
N PHE A 91 -58.67 105.15 7.36
CA PHE A 91 -58.05 105.94 6.29
C PHE A 91 -56.85 105.21 5.67
N TYR A 92 -55.84 104.89 6.48
CA TYR A 92 -54.52 104.48 5.99
C TYR A 92 -54.40 102.96 5.77
N ASN A 93 -55.48 102.19 5.99
CA ASN A 93 -55.62 100.78 5.57
C ASN A 93 -56.87 100.60 4.69
N GLU A 94 -58.08 100.59 5.28
CA GLU A 94 -59.29 100.02 4.66
C GLU A 94 -59.87 100.82 3.48
N LEU A 95 -59.90 102.16 3.58
CA LEU A 95 -60.35 103.03 2.50
C LEU A 95 -59.19 103.36 1.54
N ARG A 96 -57.95 103.33 2.05
CA ARG A 96 -56.70 103.58 1.32
C ARG A 96 -56.56 105.05 0.92
N VAL A 97 -56.77 106.03 1.82
CA VAL A 97 -56.73 107.46 1.48
C VAL A 97 -56.03 108.28 2.56
N ALA A 98 -55.53 109.47 2.20
CA ALA A 98 -55.01 110.47 3.11
C ALA A 98 -56.19 111.37 3.55
N PRO A 99 -56.46 111.56 4.85
CA PRO A 99 -57.64 112.33 5.32
C PRO A 99 -57.55 113.86 5.12
N GLU A 100 -56.41 114.41 4.68
CA GLU A 100 -56.26 115.84 4.35
C GLU A 100 -56.97 116.18 3.02
N GLU A 101 -57.04 115.22 2.08
CA GLU A 101 -57.65 115.42 0.77
C GLU A 101 -59.18 115.29 0.82
N HIS A 102 -59.71 114.36 1.64
CA HIS A 102 -61.13 113.94 1.55
C HIS A 102 -61.85 114.28 2.86
N PRO A 103 -62.89 115.15 2.86
CA PRO A 103 -63.81 115.35 4.00
C PRO A 103 -64.44 114.03 4.51
N THR A 104 -64.72 113.93 5.82
CA THR A 104 -65.29 112.75 6.45
C THR A 104 -66.56 113.12 7.23
N LEU A 105 -67.68 112.45 6.94
CA LEU A 105 -68.92 112.47 7.72
C LEU A 105 -68.83 111.32 8.74
N LEU A 106 -69.07 111.60 10.01
CA LEU A 106 -69.13 110.62 11.11
C LEU A 106 -70.55 110.56 11.68
N THR A 107 -70.92 109.43 12.28
CA THR A 107 -72.19 109.22 12.94
C THR A 107 -72.06 109.42 14.46
N GLU A 108 -73.03 110.10 15.08
CA GLU A 108 -73.22 110.17 16.53
C GLU A 108 -74.18 109.04 16.95
N ALA A 109 -73.95 108.49 18.14
CA ALA A 109 -74.79 107.46 18.77
C ALA A 109 -75.98 108.11 19.51
N PRO A 110 -77.15 107.44 19.57
CA PRO A 110 -78.30 107.92 20.35
C PRO A 110 -78.04 107.77 21.86
N LEU A 111 -78.29 108.84 22.62
CA LEU A 111 -77.96 109.02 24.04
C LEU A 111 -76.45 109.21 24.26
N ASN A 112 -75.72 109.77 23.29
CA ASN A 112 -74.27 110.03 23.43
C ASN A 112 -73.99 111.09 24.51
N PRO A 113 -72.87 110.98 25.28
CA PRO A 113 -72.29 112.11 26.02
C PRO A 113 -72.04 113.30 25.07
N LYS A 114 -72.05 114.54 25.56
CA LYS A 114 -71.71 115.68 24.71
C LYS A 114 -70.19 115.71 24.51
N ALA A 115 -69.38 115.56 25.58
CA ALA A 115 -67.92 115.42 25.54
C ALA A 115 -67.38 114.38 24.53
N ASN A 116 -68.20 113.39 24.17
CA ASN A 116 -67.97 112.40 23.11
C ASN A 116 -67.95 113.08 21.72
N ARG A 117 -68.96 113.91 21.36
CA ARG A 117 -68.98 114.59 20.06
C ARG A 117 -67.93 115.71 19.99
N GLU A 118 -67.60 116.39 21.10
CA GLU A 118 -66.51 117.36 21.18
C GLU A 118 -65.15 116.68 20.92
N LYS A 119 -64.84 115.59 21.66
CA LYS A 119 -63.61 114.81 21.46
C LYS A 119 -63.57 114.15 20.06
N MET A 120 -64.72 113.75 19.49
CA MET A 120 -64.81 113.20 18.13
C MET A 120 -64.71 114.28 17.04
N THR A 121 -64.84 115.57 17.39
CA THR A 121 -64.55 116.69 16.48
C THR A 121 -63.05 117.02 16.58
N GLN A 122 -62.50 117.05 17.81
CA GLN A 122 -61.08 117.22 18.15
C GLN A 122 -60.18 116.30 17.32
N ILE A 123 -60.39 114.97 17.41
CA ILE A 123 -59.60 113.96 16.71
C ILE A 123 -59.62 114.11 15.19
N MET A 124 -60.76 114.53 14.61
CA MET A 124 -60.93 114.64 13.17
C MET A 124 -60.00 115.70 12.59
N PHE A 125 -59.84 116.83 13.30
CA PHE A 125 -58.95 117.90 12.88
C PHE A 125 -57.52 117.71 13.39
N GLU A 126 -57.32 117.25 14.64
CA GLU A 126 -56.00 117.26 15.28
C GLU A 126 -55.27 115.92 15.14
N THR A 127 -55.96 114.77 15.17
CA THR A 127 -55.34 113.46 15.00
C THR A 127 -55.41 113.06 13.49
N PHE A 128 -56.30 113.67 12.69
CA PHE A 128 -56.60 113.25 11.32
C PHE A 128 -56.63 114.38 10.28
N ASN A 129 -56.32 115.63 10.63
CA ASN A 129 -56.04 116.72 9.68
C ASN A 129 -57.25 117.27 8.88
N VAL A 130 -58.44 116.68 9.00
CA VAL A 130 -59.54 116.67 8.02
C VAL A 130 -59.94 118.08 7.50
N PRO A 131 -60.18 118.29 6.19
CA PRO A 131 -60.54 119.61 5.66
C PRO A 131 -61.94 120.09 6.09
N ALA A 132 -62.92 119.17 6.13
CA ALA A 132 -64.27 119.40 6.60
C ALA A 132 -64.89 118.12 7.16
N MET A 133 -65.88 118.29 8.05
CA MET A 133 -66.64 117.21 8.65
C MET A 133 -68.11 117.61 8.87
N TYR A 134 -68.97 116.60 9.08
CA TYR A 134 -70.35 116.72 9.49
C TYR A 134 -70.64 115.56 10.45
N VAL A 135 -71.51 115.77 11.45
CA VAL A 135 -71.97 114.76 12.39
C VAL A 135 -73.50 114.80 12.54
N ALA A 136 -74.13 113.63 12.41
CA ALA A 136 -75.56 113.38 12.55
C ALA A 136 -75.79 112.07 13.29
N ILE A 137 -76.97 111.90 13.88
CA ILE A 137 -77.31 110.74 14.71
C ILE A 137 -77.76 109.60 13.79
N GLN A 138 -77.28 108.38 14.06
CA GLN A 138 -77.55 107.13 13.32
C GLN A 138 -79.04 106.89 13.04
N ALA A 139 -79.87 107.14 14.06
CA ALA A 139 -81.31 106.98 14.07
C ALA A 139 -82.01 107.77 12.95
N VAL A 140 -81.73 109.07 12.82
CA VAL A 140 -82.37 109.91 11.82
C VAL A 140 -81.86 109.58 10.40
N LEU A 141 -80.57 109.22 10.24
CA LEU A 141 -79.98 108.83 8.95
C LEU A 141 -80.66 107.57 8.37
N SER A 142 -80.91 106.57 9.22
CA SER A 142 -81.67 105.36 8.88
C SER A 142 -83.17 105.67 8.65
N LEU A 143 -83.71 106.71 9.30
CA LEU A 143 -85.11 107.12 9.17
C LEU A 143 -85.32 107.86 7.84
N TYR A 144 -84.38 108.74 7.46
CA TYR A 144 -84.34 109.44 6.18
C TYR A 144 -84.13 108.45 5.02
N ALA A 145 -83.36 107.38 5.23
CA ALA A 145 -83.22 106.27 4.27
C ALA A 145 -84.52 105.46 4.11
N SER A 146 -85.37 105.40 5.14
CA SER A 146 -86.71 104.81 5.10
C SER A 146 -87.75 105.82 4.54
N GLY A 147 -87.32 107.03 4.17
CA GLY A 147 -88.14 108.11 3.62
C GLY A 147 -89.07 108.76 4.65
N ARG A 148 -88.72 108.68 5.94
CA ARG A 148 -89.49 109.22 7.06
C ARG A 148 -88.75 110.41 7.67
N THR A 149 -89.51 111.43 8.03
CA THR A 149 -89.13 112.54 8.90
C THR A 149 -89.45 112.18 10.36
N THR A 150 -90.61 111.54 10.61
CA THR A 150 -91.12 111.07 11.90
C THR A 150 -91.23 109.54 11.86
N GLY A 151 -90.96 108.88 12.99
CA GLY A 151 -91.11 107.45 13.17
C GLY A 151 -90.29 106.95 14.36
N ILE A 152 -90.22 105.63 14.55
CA ILE A 152 -89.45 104.98 15.60
C ILE A 152 -88.59 103.90 14.96
N VAL A 153 -87.28 104.13 14.94
CA VAL A 153 -86.32 103.14 14.49
C VAL A 153 -85.88 102.32 15.71
N LEU A 154 -85.89 100.99 15.56
CA LEU A 154 -85.14 100.05 16.38
C LEU A 154 -83.82 99.85 15.65
N ASP A 155 -82.69 100.03 16.35
CA ASP A 155 -81.38 99.49 15.96
C ASP A 155 -81.08 98.34 16.92
N SER A 156 -80.27 97.38 16.47
CA SER A 156 -79.93 96.11 17.08
C SER A 156 -78.56 95.74 16.50
N GLY A 157 -77.54 96.46 17.01
CA GLY A 157 -76.18 96.46 16.53
C GLY A 157 -75.32 95.41 17.23
N ASP A 158 -74.00 95.56 17.14
CA ASP A 158 -73.05 94.56 17.68
C ASP A 158 -72.96 94.66 19.21
N GLY A 159 -73.01 95.87 19.78
CA GLY A 159 -72.81 96.12 21.21
C GLY A 159 -73.99 96.74 21.99
N VAL A 160 -75.12 97.04 21.34
CA VAL A 160 -76.39 97.49 21.95
C VAL A 160 -77.58 97.22 21.01
N THR A 161 -78.77 96.98 21.57
CA THR A 161 -80.06 97.14 20.92
C THR A 161 -80.76 98.36 21.55
N HIS A 162 -81.45 99.20 20.76
CA HIS A 162 -82.07 100.44 21.22
C HIS A 162 -83.12 100.95 20.23
N ASN A 163 -84.22 101.45 20.79
CA ASN A 163 -85.33 102.11 20.10
C ASN A 163 -85.14 103.61 20.27
N VAL A 164 -85.23 104.36 19.16
CA VAL A 164 -85.17 105.82 19.14
C VAL A 164 -86.46 106.33 18.46
N PRO A 165 -87.35 107.05 19.18
CA PRO A 165 -88.51 107.71 18.57
C PRO A 165 -88.08 109.11 18.08
N ILE A 166 -88.52 109.47 16.86
CA ILE A 166 -88.21 110.71 16.17
C ILE A 166 -89.53 111.38 15.81
N TYR A 167 -89.63 112.69 16.06
CA TYR A 167 -90.65 113.60 15.54
C TYR A 167 -89.85 114.62 14.70
N GLU A 168 -90.28 114.81 13.45
CA GLU A 168 -89.70 115.56 12.32
C GLU A 168 -88.20 115.86 12.44
N GLY A 169 -87.40 114.80 12.32
CA GLY A 169 -85.94 114.84 12.21
C GLY A 169 -85.18 114.96 13.52
N TYR A 170 -85.85 115.04 14.67
CA TYR A 170 -85.23 115.15 16.00
C TYR A 170 -85.63 113.96 16.86
N ALA A 171 -84.64 113.25 17.43
CA ALA A 171 -84.83 112.11 18.32
C ALA A 171 -85.21 112.62 19.72
N LEU A 172 -86.37 112.17 20.23
CA LEU A 172 -86.93 112.59 21.52
C LEU A 172 -86.17 111.85 22.64
N PRO A 173 -85.34 112.55 23.45
CA PRO A 173 -84.34 111.90 24.30
C PRO A 173 -84.91 111.18 25.53
N HIS A 174 -86.07 111.61 26.04
CA HIS A 174 -86.73 111.07 27.22
C HIS A 174 -87.52 109.78 26.91
N ALA A 175 -87.47 109.30 25.66
CA ALA A 175 -88.26 108.20 25.14
C ALA A 175 -87.42 107.17 24.37
N ILE A 176 -86.08 107.31 24.39
CA ILE A 176 -85.16 106.32 23.85
C ILE A 176 -85.06 105.20 24.90
N MET A 177 -85.27 103.95 24.48
CA MET A 177 -85.18 102.75 25.32
C MET A 177 -84.02 101.91 24.77
N ARG A 178 -83.30 101.21 25.64
CA ARG A 178 -82.12 100.40 25.32
C ARG A 178 -82.27 99.03 25.97
N LEU A 179 -81.64 98.03 25.35
CA LEU A 179 -81.51 96.66 25.80
C LEU A 179 -80.05 96.28 25.49
N ASP A 180 -79.30 95.85 26.50
CA ASP A 180 -77.86 95.57 26.40
C ASP A 180 -77.57 94.17 25.81
N LEU A 181 -78.61 93.48 25.30
CA LEU A 181 -78.49 92.30 24.46
C LEU A 181 -78.24 92.80 23.04
N ALA A 182 -77.20 92.28 22.39
CA ALA A 182 -76.76 92.74 21.09
C ALA A 182 -76.34 91.59 20.18
N GLY A 183 -75.87 91.94 18.98
CA GLY A 183 -75.45 91.04 17.93
C GLY A 183 -74.29 90.13 18.34
N ARG A 184 -73.42 90.60 19.24
CA ARG A 184 -72.35 89.84 19.89
C ARG A 184 -72.93 88.68 20.71
N ASP A 185 -73.69 88.97 21.77
CA ASP A 185 -74.13 88.03 22.81
C ASP A 185 -75.06 86.96 22.23
N LEU A 186 -75.77 87.29 21.14
CA LEU A 186 -76.55 86.35 20.35
C LEU A 186 -75.68 85.37 19.53
N THR A 187 -74.40 85.67 19.26
CA THR A 187 -73.44 84.74 18.64
C THR A 187 -72.93 83.79 19.73
N ASP A 188 -72.56 84.30 20.91
CA ASP A 188 -72.15 83.53 22.09
C ASP A 188 -73.29 82.63 22.59
N TYR A 189 -74.54 83.10 22.47
CA TYR A 189 -75.74 82.31 22.71
C TYR A 189 -75.93 81.23 21.63
N LEU A 190 -75.65 81.55 20.35
CA LEU A 190 -75.70 80.57 19.26
C LEU A 190 -74.63 79.48 19.47
N MET A 191 -73.41 79.87 19.87
CA MET A 191 -72.33 79.01 20.33
C MET A 191 -72.77 78.11 21.50
N LYS A 192 -73.48 78.65 22.51
CA LYS A 192 -74.10 77.87 23.60
C LYS A 192 -75.08 76.81 23.08
N ILE A 193 -76.08 77.19 22.29
CA ILE A 193 -77.15 76.27 21.87
C ILE A 193 -76.68 75.25 20.80
N LEU A 194 -75.54 75.51 20.16
CA LEU A 194 -74.80 74.56 19.34
C LEU A 194 -73.89 73.68 20.22
N THR A 195 -73.34 74.18 21.34
CA THR A 195 -72.65 73.36 22.35
C THR A 195 -73.65 72.36 22.98
N GLU A 196 -74.94 72.74 23.13
CA GLU A 196 -76.04 71.88 23.56
C GLU A 196 -76.38 70.76 22.54
N ARG A 197 -75.84 70.79 21.31
CA ARG A 197 -75.91 69.68 20.36
C ARG A 197 -74.69 68.76 20.48
N GLY A 198 -73.61 69.18 21.15
CA GLY A 198 -72.32 68.51 21.16
C GLY A 198 -71.46 68.88 19.95
N TYR A 199 -71.66 70.08 19.37
CA TYR A 199 -70.79 70.64 18.35
C TYR A 199 -69.80 71.55 19.07
N SER A 200 -68.51 71.44 18.74
CA SER A 200 -67.45 72.26 19.32
C SER A 200 -67.25 73.46 18.37
N PHE A 201 -67.17 74.67 18.94
CA PHE A 201 -66.80 75.93 18.31
C PHE A 201 -66.09 76.67 19.45
N VAL A 202 -64.77 76.90 19.38
CA VAL A 202 -63.97 77.31 20.55
C VAL A 202 -63.10 78.55 20.27
N THR A 203 -62.53 78.66 19.07
CA THR A 203 -61.59 79.73 18.72
C THR A 203 -62.31 80.93 18.06
N THR A 204 -61.58 82.04 17.93
CA THR A 204 -61.87 83.21 17.10
C THR A 204 -62.06 82.86 15.60
N ALA A 205 -61.52 81.72 15.13
CA ALA A 205 -61.74 81.22 13.77
C ALA A 205 -63.13 80.55 13.68
N GLU A 206 -63.50 79.71 14.66
CA GLU A 206 -64.84 79.12 14.75
C GLU A 206 -65.92 80.18 15.02
N ARG A 207 -65.60 81.27 15.72
CA ARG A 207 -66.46 82.45 15.93
C ARG A 207 -67.08 82.98 14.61
N GLU A 208 -66.29 83.02 13.54
CA GLU A 208 -66.73 83.48 12.22
C GLU A 208 -67.78 82.53 11.62
N ILE A 209 -67.60 81.21 11.75
CA ILE A 209 -68.55 80.20 11.28
C ILE A 209 -69.89 80.31 12.04
N VAL A 210 -69.82 80.52 13.37
CA VAL A 210 -71.01 80.72 14.21
C VAL A 210 -71.78 82.00 13.77
N ARG A 211 -71.10 83.10 13.42
CA ARG A 211 -71.79 84.26 12.83
C ARG A 211 -72.28 83.95 11.40
N ASP A 212 -71.50 83.21 10.59
CA ASP A 212 -71.83 82.85 9.20
C ASP A 212 -73.15 82.06 9.09
N ILE A 213 -73.32 81.08 9.99
CA ILE A 213 -74.55 80.31 10.26
C ILE A 213 -75.70 81.25 10.70
N LYS A 214 -75.42 82.19 11.63
CA LYS A 214 -76.38 83.11 12.22
C LYS A 214 -77.05 84.00 11.15
N GLU A 215 -76.24 84.55 10.24
CA GLU A 215 -76.70 85.39 9.13
C GLU A 215 -77.65 84.63 8.18
N LYS A 216 -77.27 83.40 7.81
CA LYS A 216 -77.82 82.74 6.62
C LYS A 216 -78.90 81.70 6.94
N LEU A 217 -79.10 81.33 8.21
CA LEU A 217 -80.04 80.27 8.60
C LEU A 217 -81.09 80.69 9.63
N CYS A 218 -80.91 81.78 10.38
CA CYS A 218 -81.75 82.11 11.53
C CYS A 218 -83.00 82.91 11.13
N TYR A 219 -84.11 82.69 11.86
CA TYR A 219 -85.43 83.26 11.65
C TYR A 219 -86.16 83.35 13.00
N VAL A 220 -87.05 84.33 13.15
CA VAL A 220 -87.94 84.45 14.30
C VAL A 220 -89.19 83.60 14.01
N ALA A 221 -89.69 82.89 15.02
CA ALA A 221 -90.94 82.15 14.99
C ALA A 221 -92.10 83.13 15.27
N LEU A 222 -93.25 82.99 14.59
CA LEU A 222 -94.42 83.88 14.74
C LEU A 222 -95.11 83.68 16.10
N ASP A 223 -95.02 82.47 16.65
CA ASP A 223 -95.10 82.15 18.07
C ASP A 223 -94.17 80.94 18.26
N PHE A 224 -93.53 80.82 19.44
CA PHE A 224 -92.43 79.90 19.69
C PHE A 224 -92.86 78.44 19.55
N GLU A 225 -94.03 78.11 20.12
CA GLU A 225 -94.59 76.76 20.18
C GLU A 225 -94.98 76.19 18.81
N ASN A 226 -95.14 77.02 17.76
CA ASN A 226 -95.39 76.57 16.38
C ASN A 226 -94.16 75.82 15.87
N GLU A 227 -93.00 76.48 15.94
CA GLU A 227 -91.74 75.97 15.44
C GLU A 227 -91.15 74.95 16.43
N MET A 228 -91.40 75.08 17.74
CA MET A 228 -90.93 74.14 18.76
C MET A 228 -91.68 72.79 18.67
N ALA A 229 -93.00 72.81 18.40
CA ALA A 229 -93.78 71.61 18.15
C ALA A 229 -93.39 70.95 16.81
N THR A 230 -93.14 71.76 15.76
CA THR A 230 -92.66 71.29 14.47
C THR A 230 -91.23 70.71 14.61
N ALA A 231 -90.35 71.30 15.43
CA ALA A 231 -88.99 70.83 15.68
C ALA A 231 -88.95 69.53 16.48
N ALA A 232 -89.98 69.28 17.30
CA ALA A 232 -90.16 68.07 18.10
C ALA A 232 -90.80 66.93 17.28
N SER A 233 -91.21 67.16 16.03
CA SER A 233 -91.95 66.20 15.23
C SER A 233 -91.52 66.09 13.75
N SER A 234 -90.71 67.02 13.23
CA SER A 234 -90.34 67.11 11.83
C SER A 234 -88.88 67.56 11.69
N SER A 235 -88.13 66.91 10.79
CA SER A 235 -86.77 67.26 10.42
C SER A 235 -86.72 68.36 9.33
N SER A 236 -87.89 68.85 8.88
CA SER A 236 -88.08 69.89 7.87
C SER A 236 -87.24 71.17 8.11
N LEU A 237 -87.14 71.62 9.37
CA LEU A 237 -86.40 72.81 9.77
C LEU A 237 -84.92 72.54 10.15
N GLU A 238 -84.45 71.29 10.14
CA GLU A 238 -83.03 70.92 10.31
C GLU A 238 -82.37 71.05 8.92
N LYS A 239 -81.38 71.94 8.78
CA LYS A 239 -80.65 72.19 7.53
C LYS A 239 -79.18 71.79 7.74
N SER A 240 -78.51 71.31 6.69
CA SER A 240 -77.10 70.94 6.69
C SER A 240 -76.25 72.16 6.28
N TYR A 241 -75.02 72.25 6.78
CA TYR A 241 -74.04 73.31 6.57
C TYR A 241 -72.63 72.68 6.62
N GLU A 242 -71.73 73.03 5.70
CA GLU A 242 -70.35 72.54 5.63
C GLU A 242 -69.45 73.47 6.46
N LEU A 243 -68.57 72.90 7.29
CA LEU A 243 -67.35 73.54 7.77
C LEU A 243 -66.36 73.69 6.59
N PRO A 244 -65.40 74.65 6.62
CA PRO A 244 -64.56 74.99 5.46
C PRO A 244 -63.55 73.92 4.98
N ASP A 245 -63.47 72.76 5.65
CA ASP A 245 -62.70 71.59 5.22
C ASP A 245 -63.62 70.46 4.71
N GLY A 246 -64.95 70.68 4.66
CA GLY A 246 -65.93 69.76 4.08
C GLY A 246 -66.61 68.84 5.09
N GLN A 247 -66.50 69.10 6.40
CA GLN A 247 -67.21 68.36 7.43
C GLN A 247 -68.58 69.01 7.64
N VAL A 248 -69.65 68.26 7.37
CA VAL A 248 -71.04 68.74 7.43
C VAL A 248 -71.54 68.67 8.88
N ILE A 249 -72.18 69.76 9.34
CA ILE A 249 -72.91 69.90 10.59
C ILE A 249 -74.38 70.19 10.20
N THR A 250 -75.35 69.93 11.10
CA THR A 250 -76.77 70.18 10.88
C THR A 250 -77.31 71.12 11.96
N ILE A 251 -78.09 72.15 11.57
CA ILE A 251 -78.58 73.24 12.40
C ILE A 251 -80.12 73.28 12.26
N GLY A 252 -80.87 73.31 13.36
CA GLY A 252 -82.32 73.19 13.38
C GLY A 252 -82.98 74.26 14.21
N ASN A 253 -83.58 73.88 15.34
CA ASN A 253 -84.30 74.78 16.25
C ASN A 253 -83.45 75.93 16.82
N GLU A 254 -82.11 75.79 16.79
CA GLU A 254 -81.09 76.78 17.07
C GLU A 254 -81.28 78.06 16.22
N ARG A 255 -81.83 77.88 15.02
CA ARG A 255 -82.18 78.91 14.05
C ARG A 255 -83.29 79.84 14.54
N PHE A 256 -84.11 79.43 15.52
CA PHE A 256 -85.13 80.28 16.14
C PHE A 256 -84.87 80.48 17.64
N ARG A 257 -84.30 79.49 18.36
CA ARG A 257 -83.85 79.64 19.75
C ARG A 257 -82.85 80.81 19.93
N CYS A 258 -81.98 81.05 18.94
CA CYS A 258 -81.13 82.26 18.86
C CYS A 258 -81.98 83.54 18.71
N PRO A 259 -82.61 83.89 17.56
CA PRO A 259 -83.51 85.06 17.42
C PRO A 259 -84.57 85.29 18.51
N GLU A 260 -85.22 84.24 19.03
CA GLU A 260 -86.24 84.31 20.08
C GLU A 260 -85.73 84.98 21.37
N THR A 261 -84.41 84.96 21.60
CA THR A 261 -83.75 85.64 22.72
C THR A 261 -83.92 87.18 22.64
N LEU A 262 -84.28 87.76 21.48
CA LEU A 262 -84.65 89.19 21.35
C LEU A 262 -86.02 89.50 21.99
N PHE A 263 -86.93 88.52 21.99
CA PHE A 263 -88.27 88.64 22.54
C PHE A 263 -88.26 88.08 23.98
N GLN A 264 -87.35 87.14 24.28
CA GLN A 264 -87.20 86.50 25.56
C GLN A 264 -85.75 86.64 26.08
N PRO A 265 -85.28 87.83 26.54
CA PRO A 265 -83.98 88.01 27.22
C PRO A 265 -83.66 86.99 28.33
N SER A 266 -84.68 86.49 29.02
CA SER A 266 -84.67 85.37 29.96
C SER A 266 -84.08 84.05 29.38
N PHE A 267 -83.99 83.90 28.05
CA PHE A 267 -83.32 82.78 27.37
C PHE A 267 -81.79 82.83 27.59
N ILE A 268 -81.18 84.02 27.70
CA ILE A 268 -79.74 84.21 27.90
C ILE A 268 -79.43 84.55 29.38
N GLY A 269 -80.47 84.62 30.24
CA GLY A 269 -80.33 84.96 31.65
C GLY A 269 -79.99 86.44 31.88
N MET A 270 -80.39 87.30 30.94
CA MET A 270 -80.43 88.73 31.11
C MET A 270 -81.89 89.01 31.51
N GLU A 271 -82.16 89.23 32.80
CA GLU A 271 -83.48 89.52 33.30
C GLU A 271 -83.87 90.94 32.87
N SER A 272 -84.66 91.01 31.80
CA SER A 272 -84.99 92.20 31.04
C SER A 272 -86.22 91.94 30.16
N ALA A 273 -86.78 93.02 29.60
CA ALA A 273 -87.96 93.04 28.75
C ALA A 273 -87.51 92.97 27.28
N GLY A 274 -88.30 92.31 26.43
CA GLY A 274 -88.02 92.02 25.02
C GLY A 274 -88.26 93.21 24.09
N ILE A 275 -87.76 93.12 22.84
CA ILE A 275 -87.76 94.23 21.87
C ILE A 275 -89.13 94.85 21.56
N HIS A 276 -90.22 94.08 21.70
CA HIS A 276 -91.61 94.51 21.57
C HIS A 276 -92.02 95.40 22.76
N GLU A 277 -91.57 95.08 23.97
CA GLU A 277 -91.86 95.82 25.19
C GLU A 277 -91.06 97.12 25.25
N THR A 278 -89.81 97.12 24.78
CA THR A 278 -88.97 98.31 24.67
C THR A 278 -89.54 99.25 23.59
N THR A 279 -90.00 98.70 22.46
CA THR A 279 -90.66 99.42 21.38
C THR A 279 -91.96 100.05 21.89
N TYR A 280 -92.79 99.27 22.60
CA TYR A 280 -94.01 99.75 23.25
C TYR A 280 -93.70 100.86 24.27
N ASN A 281 -92.71 100.65 25.15
CA ASN A 281 -92.25 101.65 26.13
C ASN A 281 -91.60 102.89 25.52
N SER A 282 -91.04 102.82 24.32
CA SER A 282 -90.45 103.97 23.64
C SER A 282 -91.58 104.84 23.05
N ILE A 283 -92.61 104.22 22.44
CA ILE A 283 -93.79 104.91 21.93
C ILE A 283 -94.59 105.50 23.12
N MET A 284 -94.83 104.68 24.16
CA MET A 284 -95.58 105.05 25.37
C MET A 284 -94.70 105.83 26.40
N LYS A 285 -93.74 106.61 25.90
CA LYS A 285 -93.06 107.72 26.57
C LYS A 285 -93.08 109.00 25.70
N CYS A 286 -93.61 108.93 24.46
CA CYS A 286 -93.93 110.07 23.59
C CYS A 286 -95.45 110.30 23.66
N ASP A 287 -95.93 111.43 23.16
CA ASP A 287 -97.29 111.94 23.37
C ASP A 287 -98.28 111.58 22.24
N ILE A 288 -99.56 111.87 22.48
CA ILE A 288 -100.74 111.29 21.85
C ILE A 288 -100.80 111.39 20.31
N ASP A 289 -100.35 112.52 19.77
CA ASP A 289 -100.22 112.86 18.35
C ASP A 289 -99.00 112.11 17.78
N ILE A 290 -97.87 112.11 18.51
CA ILE A 290 -96.63 111.44 18.14
C ILE A 290 -96.87 109.93 18.05
N ARG A 291 -97.43 109.34 19.13
CA ARG A 291 -97.80 107.92 19.28
C ARG A 291 -98.56 107.37 18.08
N LYS A 292 -99.61 108.12 17.67
CA LYS A 292 -100.43 107.91 16.48
C LYS A 292 -99.65 107.56 15.20
N ASP A 293 -98.49 108.21 14.94
CA ASP A 293 -97.67 107.99 13.74
C ASP A 293 -96.28 107.41 14.02
N LEU A 294 -95.88 107.24 15.29
CA LEU A 294 -94.82 106.29 15.68
C LEU A 294 -95.33 104.85 15.47
N TYR A 295 -96.59 104.57 15.81
CA TYR A 295 -97.25 103.30 15.48
C TYR A 295 -97.46 103.12 13.96
N ALA A 296 -97.36 104.18 13.15
CA ALA A 296 -97.49 104.10 11.70
C ALA A 296 -96.14 103.94 10.99
N ASN A 297 -95.03 104.18 11.70
CA ASN A 297 -93.70 104.37 11.15
C ASN A 297 -92.64 103.74 12.07
N ASN A 298 -92.85 102.48 12.47
CA ASN A 298 -91.81 101.70 13.14
C ASN A 298 -90.88 101.13 12.05
N VAL A 299 -89.56 101.30 12.23
CA VAL A 299 -88.53 100.93 11.28
C VAL A 299 -87.62 99.89 11.96
N MET A 300 -87.50 98.71 11.33
CA MET A 300 -86.52 97.69 11.68
C MET A 300 -85.19 98.07 11.02
N SER A 301 -84.17 98.38 11.83
CA SER A 301 -82.81 98.69 11.39
C SER A 301 -81.81 98.02 12.36
N GLY A 302 -80.54 98.35 12.22
CA GLY A 302 -79.42 97.64 12.84
C GLY A 302 -79.04 96.39 12.04
N GLY A 303 -78.09 95.61 12.57
CA GLY A 303 -77.57 94.43 11.87
C GLY A 303 -78.42 93.18 12.12
N THR A 304 -79.01 93.07 13.31
CA THR A 304 -79.63 91.85 13.80
C THR A 304 -81.09 91.72 13.32
N THR A 305 -81.74 92.79 12.81
CA THR A 305 -83.12 92.76 12.32
C THR A 305 -83.24 92.20 10.88
N MET A 306 -82.22 91.48 10.40
CA MET A 306 -82.16 90.85 9.08
C MET A 306 -82.88 89.49 9.06
N TYR A 307 -83.24 88.93 10.22
CA TYR A 307 -83.90 87.62 10.35
C TYR A 307 -85.36 87.70 9.84
N PRO A 308 -85.82 86.78 8.96
CA PRO A 308 -87.25 86.63 8.60
C PRO A 308 -88.14 86.40 9.84
N GLY A 309 -89.40 86.84 9.78
CA GLY A 309 -90.40 86.63 10.84
C GLY A 309 -90.42 87.71 11.93
N ILE A 310 -89.44 88.63 11.93
CA ILE A 310 -89.22 89.57 13.03
C ILE A 310 -90.25 90.71 13.04
N ALA A 311 -90.63 91.27 11.88
CA ALA A 311 -91.55 92.41 11.80
C ALA A 311 -92.99 91.92 12.03
N ASP A 312 -93.25 90.74 11.49
CA ASP A 312 -94.37 89.82 11.58
C ASP A 312 -94.70 89.54 13.06
N ARG A 313 -93.69 89.05 13.81
CA ARG A 313 -93.76 88.81 15.25
C ARG A 313 -93.89 90.12 16.06
N MET A 314 -93.23 91.21 15.64
CA MET A 314 -93.30 92.49 16.33
C MET A 314 -94.70 93.13 16.22
N GLN A 315 -95.36 93.03 15.06
CA GLN A 315 -96.74 93.49 14.85
C GLN A 315 -97.76 92.71 15.70
N LYS A 316 -97.53 91.41 15.91
CA LYS A 316 -98.30 90.56 16.81
C LYS A 316 -98.27 91.10 18.25
N GLU A 317 -97.10 91.10 18.91
CA GLU A 317 -97.04 91.42 20.34
C GLU A 317 -97.39 92.89 20.63
N ILE A 318 -97.10 93.82 19.70
CA ILE A 318 -97.46 95.23 19.88
C ILE A 318 -98.98 95.47 19.67
N THR A 319 -99.72 94.62 18.93
CA THR A 319 -101.20 94.66 18.92
C THR A 319 -101.82 93.91 20.13
N ALA A 320 -101.05 93.14 20.89
CA ALA A 320 -101.47 92.60 22.19
C ALA A 320 -101.18 93.63 23.30
N LEU A 321 -100.03 94.31 23.25
CA LEU A 321 -99.64 95.31 24.25
C LEU A 321 -100.42 96.63 24.08
N ALA A 322 -100.57 97.14 22.85
CA ALA A 322 -101.17 98.45 22.61
C ALA A 322 -102.68 98.31 22.38
N PRO A 323 -103.52 99.15 23.03
CA PRO A 323 -104.96 99.29 22.71
C PRO A 323 -105.23 99.44 21.21
N SER A 324 -106.07 98.57 20.67
CA SER A 324 -106.27 98.32 19.24
C SER A 324 -107.06 99.43 18.51
N THR A 325 -107.21 100.60 19.13
CA THR A 325 -107.67 101.88 18.57
C THR A 325 -106.67 102.42 17.54
N MET A 326 -105.38 102.16 17.76
CA MET A 326 -104.29 102.27 16.80
C MET A 326 -103.80 100.83 16.54
N LYS A 327 -103.26 100.56 15.35
CA LYS A 327 -102.79 99.25 14.93
C LYS A 327 -101.44 99.47 14.26
N ILE A 328 -100.38 98.90 14.85
CA ILE A 328 -98.98 99.03 14.50
C ILE A 328 -98.69 98.65 13.02
N LYS A 329 -98.06 99.56 12.28
CA LYS A 329 -97.50 99.32 10.95
C LYS A 329 -95.98 99.40 11.10
N ILE A 330 -95.27 98.38 10.60
CA ILE A 330 -93.82 98.30 10.61
C ILE A 330 -93.36 98.32 9.15
N ILE A 331 -92.28 99.06 8.88
CA ILE A 331 -91.50 99.02 7.65
C ILE A 331 -90.19 98.31 8.03
N ALA A 332 -89.68 97.44 7.16
CA ALA A 332 -88.40 96.78 7.33
C ALA A 332 -87.58 96.96 6.04
N PRO A 333 -86.89 98.11 5.85
CA PRO A 333 -86.11 98.45 4.64
C PRO A 333 -85.19 97.32 4.12
N PRO A 334 -85.04 97.13 2.79
CA PRO A 334 -84.31 95.98 2.22
C PRO A 334 -82.77 96.05 2.33
N GLU A 335 -82.22 97.24 2.56
CA GLU A 335 -80.79 97.55 2.63
C GLU A 335 -80.34 97.76 4.09
N ARG A 336 -81.21 97.43 5.06
CA ARG A 336 -81.16 97.85 6.47
C ARG A 336 -79.79 97.78 7.17
N LYS A 337 -78.95 96.81 6.81
CA LYS A 337 -77.55 96.67 7.23
C LYS A 337 -76.67 97.89 6.92
N TYR A 338 -77.01 98.68 5.90
CA TYR A 338 -76.25 99.84 5.40
C TYR A 338 -77.05 101.15 5.43
N SER A 339 -78.35 101.11 5.78
CA SER A 339 -79.30 102.24 5.79
C SER A 339 -78.76 103.52 6.48
N VAL A 340 -78.16 103.33 7.66
CA VAL A 340 -77.47 104.31 8.49
C VAL A 340 -76.32 105.05 7.76
N TRP A 341 -75.60 104.35 6.87
CA TRP A 341 -74.49 104.89 6.08
C TRP A 341 -75.06 105.55 4.81
N ILE A 342 -76.05 104.92 4.15
CA ILE A 342 -76.75 105.41 2.96
C ILE A 342 -77.39 106.80 3.22
N GLY A 343 -77.98 106.99 4.41
CA GLY A 343 -78.49 108.28 4.87
C GLY A 343 -77.43 109.37 4.99
N GLY A 344 -76.16 109.00 5.23
CA GLY A 344 -75.02 109.89 5.22
C GLY A 344 -74.49 110.12 3.81
N SER A 345 -74.49 109.08 2.96
CA SER A 345 -74.06 109.12 1.55
C SER A 345 -74.86 110.16 0.73
N ILE A 346 -76.18 110.27 0.98
CA ILE A 346 -77.06 111.30 0.42
C ILE A 346 -76.59 112.72 0.82
N LEU A 347 -76.27 112.94 2.11
CA LEU A 347 -75.84 114.24 2.65
C LEU A 347 -74.36 114.56 2.32
N ALA A 348 -73.65 113.61 1.71
CA ALA A 348 -72.28 113.72 1.21
C ALA A 348 -72.25 113.74 -0.33
N SER A 349 -73.40 113.80 -0.99
CA SER A 349 -73.55 113.90 -2.44
C SER A 349 -74.53 115.01 -2.88
N LEU A 350 -75.42 115.48 -1.98
CA LEU A 350 -76.19 116.71 -2.17
C LEU A 350 -75.25 117.91 -1.96
N SER A 351 -74.78 118.51 -3.06
CA SER A 351 -73.86 119.65 -3.10
C SER A 351 -74.37 120.90 -2.35
N THR A 352 -75.68 121.12 -2.30
CA THR A 352 -76.34 122.19 -1.57
C THR A 352 -76.25 122.03 -0.04
N PHE A 353 -75.88 120.85 0.47
CA PHE A 353 -75.73 120.55 1.88
C PHE A 353 -74.36 121.01 2.44
N GLN A 354 -73.43 121.44 1.55
CA GLN A 354 -72.06 121.93 1.83
C GLN A 354 -71.95 122.90 3.02
N GLN A 355 -72.98 123.74 3.19
CA GLN A 355 -73.05 124.82 4.17
C GLN A 355 -73.17 124.29 5.61
N MET A 356 -73.66 123.05 5.78
CA MET A 356 -73.88 122.37 7.05
C MET A 356 -72.60 121.67 7.54
N TRP A 357 -71.65 121.36 6.63
CA TRP A 357 -70.35 120.79 6.97
C TRP A 357 -69.49 121.89 7.63
N ILE A 358 -68.79 121.53 8.71
CA ILE A 358 -67.84 122.37 9.42
C ILE A 358 -66.51 122.17 8.70
N THR A 359 -65.95 123.23 8.12
CA THR A 359 -64.59 123.27 7.61
C THR A 359 -63.61 123.47 8.79
N LYS A 360 -62.35 123.03 8.68
CA LYS A 360 -61.35 123.18 9.74
C LYS A 360 -61.07 124.63 10.20
N GLN A 361 -61.45 125.65 9.40
CA GLN A 361 -61.33 127.06 9.78
C GLN A 361 -62.51 127.57 10.63
N GLU A 362 -63.60 126.81 10.76
CA GLU A 362 -64.70 127.15 11.66
C GLU A 362 -64.43 126.59 13.08
N TYR A 363 -63.40 125.73 13.23
CA TYR A 363 -62.86 125.30 14.51
C TYR A 363 -61.99 126.42 15.14
N ASP A 364 -61.54 127.40 14.35
CA ASP A 364 -60.58 128.45 14.71
C ASP A 364 -61.17 129.49 15.69
N GLU A 365 -62.48 129.78 15.58
CA GLU A 365 -63.21 130.62 16.55
C GLU A 365 -63.66 129.75 17.74
N ALA A 366 -64.36 128.66 17.41
CA ALA A 366 -65.26 127.97 18.33
C ALA A 366 -64.64 126.76 19.02
N GLY A 367 -63.46 126.29 18.57
CA GLY A 367 -62.87 125.00 18.95
C GLY A 367 -63.86 123.84 18.72
N PRO A 368 -63.87 122.79 19.57
CA PRO A 368 -64.84 121.70 19.45
C PRO A 368 -66.29 122.07 19.84
N SER A 369 -66.60 123.32 20.23
CA SER A 369 -67.98 123.76 20.44
C SER A 369 -68.72 123.97 19.10
N ILE A 370 -68.00 123.99 17.97
CA ILE A 370 -68.51 124.24 16.61
C ILE A 370 -69.68 123.33 16.19
N VAL A 371 -69.66 122.05 16.60
CA VAL A 371 -70.72 121.08 16.32
C VAL A 371 -72.03 121.36 17.09
N HIS A 372 -72.03 122.24 18.11
CA HIS A 372 -73.26 122.70 18.77
C HIS A 372 -73.83 123.95 18.06
N ARG A 373 -73.07 124.54 17.13
CA ARG A 373 -73.53 125.64 16.28
C ARG A 373 -74.11 125.09 14.96
N LYS A 374 -73.64 123.91 14.51
CA LYS A 374 -73.75 123.48 13.11
C LYS A 374 -74.03 121.99 12.86
N CYS A 375 -74.32 121.17 13.88
CA CYS A 375 -74.47 119.72 13.71
C CYS A 375 -75.57 119.12 14.59
N PHE A 376 -76.49 118.38 13.96
CA PHE A 376 -77.64 117.73 14.61
C PHE A 376 -77.19 116.43 15.32
N NH2 A 377 -76.00 115.93 15.02
HN1 NH2 A 377 -75.58 115.21 15.64
HN2 NH2 A 377 -75.44 116.29 14.26
C ACE B 1 -87.53 52.72 50.35
O ACE B 1 -86.21 52.69 50.83
CH3 ACE B 1 -87.65 53.77 49.25
H1 ACE B 1 -88.68 53.83 48.89
H2 ACE B 1 -87.03 53.50 48.39
H3 ACE B 1 -87.35 54.76 49.58
N ASP B 2 -88.31 53.16 51.49
CA ASP B 2 -88.85 52.09 52.39
C ASP B 2 -87.87 50.96 52.78
N GLU B 3 -87.60 50.84 54.09
CA GLU B 3 -86.51 50.05 54.69
C GLU B 3 -86.48 48.54 54.34
N ASP B 4 -87.62 47.91 54.01
CA ASP B 4 -87.73 46.50 53.59
C ASP B 4 -87.68 46.31 52.06
N GLU B 5 -87.59 47.38 51.25
CA GLU B 5 -87.48 47.29 49.79
C GLU B 5 -86.02 47.00 49.43
N THR B 6 -85.79 46.46 48.22
CA THR B 6 -84.49 46.00 47.73
C THR B 6 -83.50 47.18 47.60
N THR B 7 -82.23 46.95 47.98
CA THR B 7 -81.18 47.97 48.05
C THR B 7 -80.88 48.54 46.66
N ALA B 8 -81.44 49.72 46.38
CA ALA B 8 -81.41 50.48 45.12
C ALA B 8 -80.01 50.66 44.54
N LEU B 9 -79.91 50.74 43.21
CA LEU B 9 -78.67 50.89 42.47
C LEU B 9 -78.49 52.38 42.17
N VAL B 10 -77.25 52.85 42.22
CA VAL B 10 -76.87 54.21 41.87
C VAL B 10 -75.78 54.10 40.79
N CYS B 11 -76.00 54.71 39.63
CA CYS B 11 -75.04 54.83 38.54
C CYS B 11 -74.83 56.32 38.27
N ASP B 12 -73.57 56.75 38.15
CA ASP B 12 -73.20 58.05 37.59
C ASP B 12 -72.32 57.82 36.35
N ASN B 13 -72.60 58.59 35.30
CA ASN B 13 -72.02 58.50 33.96
C ASN B 13 -70.83 59.47 33.80
N GLY B 14 -70.83 60.60 34.53
CA GLY B 14 -69.91 61.74 34.42
C GLY B 14 -69.60 62.18 32.98
N SER B 15 -68.33 62.49 32.70
CA SER B 15 -67.80 62.81 31.38
C SER B 15 -67.03 61.58 30.81
N GLY B 16 -67.49 60.36 31.06
CA GLY B 16 -66.97 59.15 30.43
C GLY B 16 -66.35 58.11 31.38
N LEU B 17 -66.49 58.29 32.69
CA LEU B 17 -66.10 57.31 33.70
C LEU B 17 -67.39 56.93 34.43
N VAL B 18 -67.79 55.66 34.30
CA VAL B 18 -68.93 55.11 35.00
C VAL B 18 -68.45 54.79 36.42
N LYS B 19 -69.26 55.14 37.41
CA LYS B 19 -69.15 54.70 38.78
C LYS B 19 -70.54 54.18 39.11
N ALA B 20 -70.62 52.93 39.58
CA ALA B 20 -71.86 52.24 39.89
C ALA B 20 -71.71 51.50 41.22
N GLY B 21 -72.78 51.47 42.01
CA GLY B 21 -72.84 50.74 43.26
C GLY B 21 -74.26 50.62 43.78
N PHE B 22 -74.40 50.04 44.97
CA PHE B 22 -75.66 49.92 45.68
C PHE B 22 -75.80 51.13 46.63
N ALA B 23 -77.03 51.58 46.89
CA ALA B 23 -77.36 52.54 47.93
C ALA B 23 -77.03 51.90 49.30
N GLY B 24 -75.98 52.41 49.94
CA GLY B 24 -75.35 51.84 51.13
C GLY B 24 -73.87 51.50 50.92
N ASP B 25 -73.36 51.52 49.69
CA ASP B 25 -71.93 51.50 49.40
C ASP B 25 -71.40 52.92 49.61
N ASP B 26 -70.21 53.03 50.23
CA ASP B 26 -69.42 54.24 50.44
C ASP B 26 -68.56 54.47 49.18
N ALA B 27 -67.48 53.70 48.97
CA ALA B 27 -66.80 53.55 47.69
C ALA B 27 -67.69 52.70 46.76
N PRO B 28 -67.81 53.02 45.45
CA PRO B 28 -68.61 52.27 44.45
C PRO B 28 -68.39 50.73 44.44
N ARG B 29 -69.26 50.01 43.74
CA ARG B 29 -69.17 48.55 43.52
C ARG B 29 -68.52 48.24 42.15
N ALA B 30 -68.32 49.25 41.30
CA ALA B 30 -67.61 49.15 40.03
C ALA B 30 -67.28 50.57 39.56
N VAL B 31 -66.07 50.78 39.05
CA VAL B 31 -65.67 51.96 38.30
C VAL B 31 -64.94 51.45 37.04
N PHE B 32 -65.37 51.88 35.86
CA PHE B 32 -64.89 51.43 34.56
C PHE B 32 -65.10 52.55 33.51
N PRO B 33 -64.41 52.54 32.35
CA PRO B 33 -64.62 53.56 31.32
C PRO B 33 -65.96 53.36 30.58
N SER B 34 -66.65 54.46 30.28
CA SER B 34 -67.80 54.48 29.38
C SER B 34 -67.21 54.49 27.96
N ILE B 35 -67.03 53.30 27.39
CA ILE B 35 -66.39 53.08 26.11
C ILE B 35 -66.98 51.77 25.54
N VAL B 36 -67.10 51.68 24.21
CA VAL B 36 -67.33 50.44 23.49
C VAL B 36 -66.26 50.35 22.41
N GLY B 37 -65.63 49.19 22.29
CA GLY B 37 -64.77 48.79 21.21
C GLY B 37 -65.59 48.01 20.18
N ARG B 38 -65.67 48.53 18.95
CA ARG B 38 -66.18 47.81 17.79
C ARG B 38 -64.95 47.43 16.92
N PRO B 39 -64.85 46.20 16.38
CA PRO B 39 -63.73 45.73 15.54
C PRO B 39 -63.26 46.67 14.41
N ARG B 40 -61.94 46.72 14.22
CA ARG B 40 -61.27 47.21 13.02
C ARG B 40 -61.17 46.08 11.95
N HIS B 41 -61.56 44.84 12.31
CA HIS B 41 -61.79 43.70 11.41
C HIS B 41 -62.68 42.63 12.08
N GLN B 42 -62.08 41.58 12.65
CA GLN B 42 -62.76 40.41 13.21
C GLN B 42 -63.03 40.58 14.73
N GLY B 43 -63.86 39.68 15.28
CA GLY B 43 -64.17 39.55 16.71
C GLY B 43 -62.99 38.99 17.53
N VAL B 44 -63.17 38.81 18.85
CA VAL B 44 -62.07 38.57 19.79
C VAL B 44 -62.35 37.35 20.68
N MET B 45 -63.33 37.46 21.59
CA MET B 45 -63.56 36.46 22.64
C MET B 45 -64.48 35.33 22.15
N VAL B 46 -65.38 35.66 21.22
CA VAL B 46 -66.29 34.82 20.46
C VAL B 46 -66.43 35.47 19.06
N GLY B 47 -67.28 34.92 18.20
CA GLY B 47 -67.49 35.40 16.85
C GLY B 47 -68.43 36.61 16.75
N MET B 48 -68.76 36.97 15.51
CA MET B 48 -69.81 37.93 15.15
C MET B 48 -71.14 37.16 15.15
N GLY B 49 -72.24 37.83 15.46
CA GLY B 49 -73.53 37.24 15.80
C GLY B 49 -73.49 36.50 17.15
N GLN B 50 -72.53 36.84 18.01
CA GLN B 50 -72.21 36.17 19.27
C GLN B 50 -71.79 37.24 20.27
N LYS B 51 -70.67 37.92 20.00
CA LYS B 51 -70.28 39.18 20.63
C LYS B 51 -69.41 39.99 19.69
N ASP B 52 -70.08 40.83 18.91
CA ASP B 52 -69.63 41.65 17.80
C ASP B 52 -69.01 42.99 18.26
N SER B 53 -69.14 43.35 19.55
CA SER B 53 -68.57 44.54 20.15
C SER B 53 -68.36 44.30 21.66
N TYR B 54 -67.36 44.97 22.24
CA TYR B 54 -66.83 44.73 23.58
C TYR B 54 -66.84 46.06 24.35
N VAL B 55 -67.32 46.05 25.59
CA VAL B 55 -67.67 47.23 26.38
C VAL B 55 -66.66 47.39 27.51
N GLY B 56 -66.40 48.65 27.92
CA GLY B 56 -65.68 48.99 29.14
C GLY B 56 -64.34 48.28 29.29
N ASP B 57 -64.25 47.46 30.33
CA ASP B 57 -63.13 46.63 30.77
C ASP B 57 -62.64 45.68 29.66
N GLU B 58 -63.56 45.16 28.83
CA GLU B 58 -63.24 44.26 27.73
C GLU B 58 -62.45 44.95 26.61
N ALA B 59 -62.75 46.22 26.34
CA ALA B 59 -62.19 47.00 25.24
C ALA B 59 -60.76 47.48 25.51
N GLN B 60 -60.36 47.56 26.78
CA GLN B 60 -59.03 47.97 27.20
C GLN B 60 -58.15 46.72 27.46
N SER B 61 -58.76 45.58 27.84
CA SER B 61 -58.08 44.31 28.08
C SER B 61 -57.50 43.70 26.78
N LYS B 62 -58.19 43.86 25.66
CA LYS B 62 -57.81 43.37 24.34
C LYS B 62 -57.77 44.59 23.40
N ARG B 63 -56.56 44.95 22.97
CA ARG B 63 -56.19 46.27 22.47
C ARG B 63 -56.06 46.29 20.93
N GLY B 64 -56.04 47.50 20.34
CA GLY B 64 -55.56 47.79 18.99
C GLY B 64 -56.50 47.37 17.84
N ILE B 65 -57.00 46.12 17.87
CA ILE B 65 -57.91 45.58 16.87
C ILE B 65 -59.37 46.03 17.10
N LEU B 66 -59.69 46.62 18.25
CA LEU B 66 -60.97 47.28 18.52
C LEU B 66 -60.74 48.79 18.38
N THR B 67 -61.58 49.44 17.57
CA THR B 67 -61.70 50.89 17.46
C THR B 67 -62.75 51.30 18.52
N LEU B 68 -62.35 52.20 19.43
CA LEU B 68 -63.15 52.63 20.56
C LEU B 68 -64.05 53.79 20.12
N LYS B 69 -65.35 53.72 20.41
CA LYS B 69 -66.25 54.88 20.38
C LYS B 69 -66.64 55.15 21.83
N TYR B 70 -66.49 56.42 22.19
CA TYR B 70 -66.80 57.02 23.47
C TYR B 70 -68.22 57.60 23.29
N PRO B 71 -69.24 57.12 24.03
CA PRO B 71 -70.64 57.52 23.80
C PRO B 71 -71.01 58.89 24.38
N ILE B 72 -70.12 59.53 25.14
CA ILE B 72 -70.38 60.67 26.01
C ILE B 72 -69.16 61.63 26.08
N GLU B 73 -68.50 61.95 24.94
CA GLU B 73 -67.26 62.74 24.92
C GLU B 73 -67.42 64.16 25.49
N HIS B 74 -68.59 64.75 25.27
CA HIS B 74 -68.89 66.16 25.52
C HIS B 74 -69.51 66.40 26.91
N GLY B 75 -69.71 65.33 27.71
CA GLY B 75 -70.47 65.36 28.95
C GLY B 75 -71.99 65.24 28.72
N ILE B 76 -72.40 65.11 27.46
CA ILE B 76 -73.75 64.78 26.99
C ILE B 76 -73.56 63.61 26.01
N ILE B 77 -74.57 62.75 25.87
CA ILE B 77 -74.50 61.51 25.11
C ILE B 77 -74.57 61.86 23.61
N THR B 78 -73.49 61.58 22.88
CA THR B 78 -73.32 61.86 21.46
C THR B 78 -73.64 60.62 20.61
N ASN B 79 -73.67 59.44 21.22
CA ASN B 79 -73.87 58.14 20.62
C ASN B 79 -74.63 57.29 21.65
N TRP B 80 -75.94 57.15 21.41
CA TRP B 80 -76.86 56.44 22.28
C TRP B 80 -76.78 54.91 22.10
N ASP B 81 -76.47 54.40 20.89
CA ASP B 81 -76.47 52.96 20.61
C ASP B 81 -75.32 52.28 21.36
N ASP B 82 -74.16 52.94 21.55
CA ASP B 82 -73.09 52.43 22.42
C ASP B 82 -73.30 52.80 23.89
N MET B 83 -74.01 53.90 24.22
CA MET B 83 -74.35 54.26 25.60
C MET B 83 -75.24 53.18 26.27
N GLU B 84 -76.19 52.65 25.50
CA GLU B 84 -77.05 51.51 25.82
C GLU B 84 -76.26 50.25 26.22
N LYS B 85 -75.14 49.99 25.53
CA LYS B 85 -74.26 48.87 25.81
C LYS B 85 -73.45 49.08 27.11
N ILE B 86 -73.18 50.33 27.52
CA ILE B 86 -72.54 50.67 28.80
C ILE B 86 -73.48 50.30 29.95
N TRP B 87 -74.74 50.75 29.91
CA TRP B 87 -75.74 50.47 30.94
C TRP B 87 -76.04 48.97 31.04
N HIS B 88 -76.13 48.27 29.90
CA HIS B 88 -76.27 46.82 29.82
C HIS B 88 -75.09 46.06 30.49
N HIS B 89 -73.86 46.56 30.30
CA HIS B 89 -72.66 46.03 30.97
C HIS B 89 -72.66 46.35 32.47
N THR B 90 -73.10 47.57 32.85
CA THR B 90 -73.15 48.08 34.23
C THR B 90 -73.93 47.15 35.16
N PHE B 91 -75.16 46.76 34.76
CA PHE B 91 -76.04 45.89 35.55
C PHE B 91 -75.47 44.48 35.61
N TYR B 92 -75.37 43.81 34.45
CA TYR B 92 -75.24 42.36 34.41
C TYR B 92 -73.82 41.85 34.71
N ASN B 93 -72.78 42.64 34.41
CA ASN B 93 -71.40 42.16 34.48
C ASN B 93 -70.67 42.75 35.69
N GLU B 94 -70.96 44.00 36.08
CA GLU B 94 -70.17 44.73 37.07
C GLU B 94 -70.93 44.98 38.39
N LEU B 95 -72.23 45.33 38.37
CA LEU B 95 -73.07 45.33 39.58
C LEU B 95 -73.54 43.90 39.93
N ARG B 96 -73.61 43.01 38.93
CA ARG B 96 -73.82 41.56 39.00
C ARG B 96 -75.30 41.15 39.16
N VAL B 97 -76.25 42.06 38.92
CA VAL B 97 -77.69 41.91 39.13
C VAL B 97 -78.44 42.16 37.82
N ALA B 98 -79.77 41.92 37.79
CA ALA B 98 -80.61 42.32 36.66
C ALA B 98 -81.15 43.75 36.90
N PRO B 99 -81.40 44.56 35.85
CA PRO B 99 -81.96 45.91 36.01
C PRO B 99 -83.43 45.91 36.46
N GLU B 100 -84.20 44.92 35.97
CA GLU B 100 -85.61 44.69 36.20
C GLU B 100 -85.97 44.38 37.67
N GLU B 101 -84.97 44.03 38.50
CA GLU B 101 -85.13 43.69 39.90
C GLU B 101 -85.14 44.92 40.83
N HIS B 102 -84.37 46.00 40.52
CA HIS B 102 -83.97 47.01 41.52
C HIS B 102 -84.27 48.45 41.06
N PRO B 103 -84.77 49.35 41.95
CA PRO B 103 -84.79 50.81 41.71
C PRO B 103 -83.40 51.36 41.34
N THR B 104 -83.30 52.17 40.29
CA THR B 104 -82.04 52.63 39.71
C THR B 104 -82.00 54.16 39.64
N LEU B 105 -81.10 54.81 40.38
CA LEU B 105 -80.82 56.24 40.30
C LEU B 105 -79.75 56.47 39.21
N LEU B 106 -80.03 57.38 38.26
CA LEU B 106 -79.10 57.88 37.26
C LEU B 106 -78.76 59.36 37.56
N THR B 107 -77.75 59.90 36.87
CA THR B 107 -77.32 61.29 36.93
C THR B 107 -77.50 62.01 35.59
N GLU B 108 -77.97 63.27 35.63
CA GLU B 108 -77.93 64.26 34.56
C GLU B 108 -76.69 65.15 34.82
N ALA B 109 -76.05 65.59 33.75
CA ALA B 109 -74.89 66.49 33.68
C ALA B 109 -75.36 67.94 33.42
N PRO B 110 -74.52 68.96 33.69
CA PRO B 110 -74.86 70.37 33.40
C PRO B 110 -74.85 70.66 31.89
N LEU B 111 -75.70 71.62 31.46
CA LEU B 111 -75.88 72.09 30.08
C LEU B 111 -76.67 71.11 29.18
N ASN B 112 -77.07 69.95 29.73
CA ASN B 112 -77.73 68.86 29.01
C ASN B 112 -79.11 69.31 28.50
N PRO B 113 -79.42 69.17 27.19
CA PRO B 113 -80.78 69.25 26.64
C PRO B 113 -81.76 68.37 27.41
N LYS B 114 -83.05 68.74 27.47
CA LYS B 114 -84.05 67.84 28.05
C LYS B 114 -84.29 66.62 27.16
N ALA B 115 -84.06 66.71 25.84
CA ALA B 115 -84.16 65.65 24.83
C ALA B 115 -83.32 64.36 25.05
N ASN B 116 -82.38 64.37 26.01
CA ASN B 116 -81.69 63.17 26.49
C ASN B 116 -82.36 62.60 27.75
N ARG B 117 -83.16 63.41 28.46
CA ARG B 117 -83.72 63.09 29.77
C ARG B 117 -85.01 62.29 29.62
N GLU B 118 -85.81 62.45 28.54
CA GLU B 118 -86.89 61.51 28.24
C GLU B 118 -86.29 60.15 27.81
N LYS B 119 -85.23 60.18 26.99
CA LYS B 119 -84.53 58.99 26.48
C LYS B 119 -83.99 58.08 27.59
N MET B 120 -83.30 58.65 28.59
CA MET B 120 -82.76 57.89 29.73
C MET B 120 -83.85 57.43 30.72
N THR B 121 -85.06 57.99 30.61
CA THR B 121 -86.22 57.55 31.39
C THR B 121 -86.83 56.33 30.67
N GLN B 122 -87.12 56.44 29.36
CA GLN B 122 -87.76 55.36 28.60
C GLN B 122 -86.91 54.09 28.54
N ILE B 123 -85.66 54.08 28.07
CA ILE B 123 -84.94 52.81 27.86
C ILE B 123 -84.65 52.04 29.17
N MET B 124 -84.71 52.72 30.33
CA MET B 124 -84.72 52.07 31.64
C MET B 124 -86.05 51.34 31.85
N PHE B 125 -87.17 52.02 31.63
CA PHE B 125 -88.52 51.47 31.77
C PHE B 125 -88.94 50.47 30.68
N GLU B 126 -88.39 50.58 29.46
CA GLU B 126 -88.75 49.74 28.32
C GLU B 126 -87.70 48.65 28.10
N THR B 127 -86.48 49.01 27.67
CA THR B 127 -85.45 48.08 27.16
C THR B 127 -84.85 47.24 28.31
N PHE B 128 -84.75 47.80 29.51
CA PHE B 128 -84.21 47.15 30.70
C PHE B 128 -85.31 46.78 31.73
N ASN B 129 -86.55 47.24 31.51
CA ASN B 129 -87.78 47.01 32.30
C ASN B 129 -87.62 47.30 33.82
N VAL B 130 -86.84 48.34 34.16
CA VAL B 130 -86.58 48.81 35.53
C VAL B 130 -87.91 49.24 36.19
N PRO B 131 -88.19 48.86 37.46
CA PRO B 131 -89.48 49.14 38.10
C PRO B 131 -89.66 50.62 38.52
N ALA B 132 -88.58 51.28 38.97
CA ALA B 132 -88.57 52.67 39.40
C ALA B 132 -87.21 53.31 39.16
N MET B 133 -87.18 54.61 38.84
CA MET B 133 -85.97 55.37 38.54
C MET B 133 -86.04 56.84 39.00
N TYR B 134 -84.92 57.55 38.89
CA TYR B 134 -84.78 58.98 39.12
C TYR B 134 -83.57 59.50 38.36
N VAL B 135 -83.52 60.82 38.10
CA VAL B 135 -82.41 61.53 37.47
C VAL B 135 -82.05 62.75 38.36
N ALA B 136 -80.99 62.62 39.17
CA ALA B 136 -80.40 63.72 39.96
C ALA B 136 -79.34 64.45 39.12
N ILE B 137 -78.89 65.65 39.50
CA ILE B 137 -77.79 66.35 38.84
C ILE B 137 -76.51 65.98 39.62
N GLN B 138 -75.52 65.36 38.97
CA GLN B 138 -74.25 64.93 39.62
C GLN B 138 -73.47 66.05 40.33
N ALA B 139 -73.44 67.26 39.75
CA ALA B 139 -72.78 68.43 40.30
C ALA B 139 -73.44 68.88 41.62
N VAL B 140 -74.78 68.82 41.70
CA VAL B 140 -75.56 69.10 42.90
C VAL B 140 -75.29 68.01 43.96
N LEU B 141 -75.22 66.73 43.59
CA LEU B 141 -74.84 65.64 44.50
C LEU B 141 -73.44 65.85 45.09
N SER B 142 -72.49 66.30 44.27
CA SER B 142 -71.10 66.56 44.65
C SER B 142 -70.97 67.86 45.47
N LEU B 143 -71.81 68.87 45.21
CA LEU B 143 -71.96 70.08 46.04
C LEU B 143 -72.47 69.69 47.42
N TYR B 144 -73.55 68.89 47.46
CA TYR B 144 -74.18 68.38 48.68
C TYR B 144 -73.19 67.48 49.47
N ALA B 145 -72.29 66.77 48.80
CA ALA B 145 -71.21 65.97 49.41
C ALA B 145 -70.09 66.83 50.03
N SER B 146 -70.02 68.13 49.73
CA SER B 146 -69.16 69.10 50.42
C SER B 146 -69.89 69.69 51.64
N GLY B 147 -71.15 69.27 51.91
CA GLY B 147 -72.05 69.84 52.88
C GLY B 147 -72.45 71.26 52.46
N ARG B 148 -72.90 71.43 51.21
CA ARG B 148 -73.27 72.71 50.62
C ARG B 148 -74.51 72.59 49.77
N THR B 149 -75.46 73.50 49.99
CA THR B 149 -76.65 73.76 49.21
C THR B 149 -76.38 74.86 48.16
N THR B 150 -75.57 75.87 48.52
CA THR B 150 -75.07 76.95 47.68
C THR B 150 -73.54 76.81 47.54
N GLY B 151 -73.02 77.08 46.34
CA GLY B 151 -71.61 77.18 46.03
C GLY B 151 -71.40 77.04 44.52
N ILE B 152 -70.15 77.18 44.05
CA ILE B 152 -69.79 76.94 42.66
C ILE B 152 -68.92 75.69 42.62
N VAL B 153 -69.42 74.66 41.94
CA VAL B 153 -68.72 73.42 41.64
C VAL B 153 -67.82 73.71 40.43
N LEU B 154 -66.52 73.43 40.57
CA LEU B 154 -65.64 73.13 39.45
C LEU B 154 -65.53 71.61 39.44
N ASP B 155 -66.21 70.94 38.50
CA ASP B 155 -66.08 69.50 38.27
C ASP B 155 -65.14 69.31 37.09
N SER B 156 -64.22 68.34 37.17
CA SER B 156 -63.20 68.07 36.19
C SER B 156 -62.95 66.55 36.15
N GLY B 157 -63.46 65.90 35.10
CA GLY B 157 -63.31 64.47 34.86
C GLY B 157 -62.16 64.21 33.91
N ASP B 158 -62.33 63.22 33.01
CA ASP B 158 -61.39 62.93 31.94
C ASP B 158 -61.86 63.61 30.63
N GLY B 159 -63.17 63.69 30.37
CA GLY B 159 -63.71 64.10 29.07
C GLY B 159 -63.90 65.61 28.88
N VAL B 160 -64.47 66.29 29.88
CA VAL B 160 -64.72 67.72 29.93
C VAL B 160 -64.65 68.18 31.39
N THR B 161 -64.42 69.48 31.59
CA THR B 161 -64.44 70.19 32.87
C THR B 161 -65.65 71.14 32.83
N HIS B 162 -66.43 71.23 33.91
CA HIS B 162 -67.64 72.04 34.04
C HIS B 162 -67.51 72.97 35.25
N ASN B 163 -67.96 74.23 35.08
CA ASN B 163 -68.29 75.14 36.17
C ASN B 163 -69.81 75.12 36.33
N VAL B 164 -70.29 74.84 37.54
CA VAL B 164 -71.70 74.87 37.90
C VAL B 164 -71.89 75.74 39.16
N PRO B 165 -72.16 77.07 39.01
CA PRO B 165 -72.72 77.92 40.07
C PRO B 165 -74.10 77.39 40.50
N ILE B 166 -74.29 77.17 41.80
CA ILE B 166 -75.52 76.72 42.42
C ILE B 166 -75.83 77.66 43.58
N TYR B 167 -77.09 78.09 43.70
CA TYR B 167 -77.64 78.74 44.89
C TYR B 167 -78.82 77.86 45.33
N GLU B 168 -78.81 77.47 46.61
CA GLU B 168 -79.70 76.52 47.31
C GLU B 168 -80.32 75.44 46.42
N GLY B 169 -79.45 74.62 45.81
CA GLY B 169 -79.77 73.44 45.01
C GLY B 169 -80.05 73.70 43.53
N TYR B 170 -80.28 74.95 43.11
CA TYR B 170 -80.65 75.32 41.75
C TYR B 170 -79.46 75.97 41.05
N ALA B 171 -79.15 75.51 39.82
CA ALA B 171 -77.98 75.91 39.06
C ALA B 171 -78.40 76.94 37.99
N LEU B 172 -77.70 78.09 37.93
CA LEU B 172 -78.02 79.24 37.09
C LEU B 172 -77.66 78.94 35.61
N PRO B 173 -78.64 78.86 34.67
CA PRO B 173 -78.49 78.16 33.38
C PRO B 173 -77.61 78.85 32.32
N HIS B 174 -77.28 80.13 32.51
CA HIS B 174 -76.41 80.93 31.66
C HIS B 174 -75.01 81.07 32.29
N ALA B 175 -74.94 81.01 33.64
CA ALA B 175 -73.76 81.22 34.45
C ALA B 175 -72.83 80.00 34.42
N ILE B 176 -73.41 78.80 34.24
CA ILE B 176 -72.73 77.53 33.96
C ILE B 176 -71.82 77.67 32.71
N MET B 177 -70.67 77.00 32.75
CA MET B 177 -69.64 77.03 31.72
C MET B 177 -68.92 75.68 31.67
N ARG B 178 -68.23 75.41 30.56
CA ARG B 178 -67.48 74.19 30.28
C ARG B 178 -66.13 74.61 29.71
N LEU B 179 -65.09 73.82 30.01
CA LEU B 179 -63.86 73.75 29.24
C LEU B 179 -63.84 72.35 28.63
N ASP B 180 -63.59 72.27 27.32
CA ASP B 180 -63.45 71.03 26.55
C ASP B 180 -62.17 70.27 26.94
N LEU B 181 -61.22 70.97 27.56
CA LEU B 181 -60.01 70.46 28.22
C LEU B 181 -60.40 69.71 29.49
N ALA B 182 -59.87 68.49 29.66
CA ALA B 182 -59.94 67.74 30.90
C ALA B 182 -58.81 66.70 31.02
N GLY B 183 -58.96 65.75 31.95
CA GLY B 183 -57.99 64.73 32.31
C GLY B 183 -57.47 63.85 31.16
N ARG B 184 -58.24 63.70 30.07
CA ARG B 184 -57.86 63.05 28.81
C ARG B 184 -56.64 63.74 28.20
N ASP B 185 -56.76 65.06 28.02
CA ASP B 185 -55.82 65.91 27.29
C ASP B 185 -54.60 66.20 28.17
N LEU B 186 -54.77 66.15 29.50
CA LEU B 186 -53.66 66.10 30.45
C LEU B 186 -52.82 64.82 30.29
N THR B 187 -53.44 63.68 29.94
CA THR B 187 -52.74 62.41 29.70
C THR B 187 -51.99 62.52 28.35
N ASP B 188 -52.64 63.10 27.31
CA ASP B 188 -52.08 63.34 25.98
C ASP B 188 -50.81 64.21 26.03
N TYR B 189 -50.88 65.33 26.74
CA TYR B 189 -49.75 66.24 26.94
C TYR B 189 -48.62 65.56 27.73
N LEU B 190 -48.96 64.76 28.77
CA LEU B 190 -48.00 63.96 29.54
C LEU B 190 -47.29 62.92 28.67
N MET B 191 -48.04 62.19 27.81
CA MET B 191 -47.52 61.25 26.81
C MET B 191 -46.53 61.95 25.86
N LYS B 192 -46.87 63.15 25.38
CA LYS B 192 -46.05 63.95 24.47
C LYS B 192 -44.75 64.48 25.10
N ILE B 193 -44.79 65.03 26.32
CA ILE B 193 -43.57 65.49 26.99
C ILE B 193 -42.68 64.31 27.44
N LEU B 194 -43.27 63.15 27.79
CA LEU B 194 -42.51 61.92 28.02
C LEU B 194 -41.81 61.40 26.75
N THR B 195 -42.35 61.67 25.56
CA THR B 195 -41.72 61.38 24.27
C THR B 195 -40.44 62.25 24.07
N GLU B 196 -40.38 63.45 24.68
CA GLU B 196 -39.22 64.34 24.63
C GLU B 196 -38.11 63.94 25.62
N ARG B 197 -38.39 63.04 26.58
CA ARG B 197 -37.34 62.30 27.30
C ARG B 197 -37.20 60.87 26.74
N GLY B 198 -37.76 60.61 25.55
CA GLY B 198 -37.56 59.40 24.75
C GLY B 198 -38.62 58.31 24.93
N TYR B 199 -39.49 58.39 25.94
CA TYR B 199 -40.45 57.34 26.27
C TYR B 199 -41.75 57.66 25.52
N SER B 200 -41.80 57.20 24.27
CA SER B 200 -42.81 57.54 23.28
C SER B 200 -44.11 56.74 23.50
N PHE B 201 -44.81 57.04 24.60
CA PHE B 201 -46.03 56.38 25.03
C PHE B 201 -47.18 56.68 24.04
N VAL B 202 -47.65 55.67 23.31
CA VAL B 202 -48.45 55.81 22.09
C VAL B 202 -49.60 54.80 21.97
N THR B 203 -49.42 53.56 22.46
CA THR B 203 -50.36 52.45 22.31
C THR B 203 -51.56 52.56 23.28
N THR B 204 -52.54 51.66 23.11
CA THR B 204 -53.71 51.48 23.97
C THR B 204 -53.25 51.20 25.42
N ALA B 205 -52.28 50.29 25.59
CA ALA B 205 -51.74 49.85 26.87
C ALA B 205 -50.93 50.96 27.57
N GLU B 206 -50.22 51.81 26.81
CA GLU B 206 -49.43 52.89 27.36
C GLU B 206 -50.30 54.06 27.82
N ARG B 207 -51.50 54.26 27.25
CA ARG B 207 -52.47 55.19 27.83
C ARG B 207 -52.93 54.71 29.23
N GLU B 208 -53.03 53.38 29.46
CA GLU B 208 -53.37 52.82 30.77
C GLU B 208 -52.27 53.15 31.80
N ILE B 209 -51.00 53.03 31.39
CA ILE B 209 -49.81 53.32 32.19
C ILE B 209 -49.66 54.84 32.42
N VAL B 210 -49.76 55.70 31.39
CA VAL B 210 -49.58 57.14 31.59
C VAL B 210 -50.77 57.79 32.34
N ARG B 211 -51.98 57.20 32.28
CA ARG B 211 -53.07 57.53 33.19
C ARG B 211 -52.71 57.16 34.64
N ASP B 212 -52.04 56.03 34.87
CA ASP B 212 -51.60 55.53 36.17
C ASP B 212 -50.47 56.40 36.77
N ILE B 213 -49.49 56.81 35.95
CA ILE B 213 -48.42 57.75 36.29
C ILE B 213 -48.98 59.09 36.84
N LYS B 214 -49.96 59.71 36.16
CA LYS B 214 -50.50 61.00 36.58
C LYS B 214 -51.45 60.93 37.79
N GLU B 215 -51.94 59.74 38.16
CA GLU B 215 -52.62 59.53 39.44
C GLU B 215 -51.62 59.63 40.59
N LYS B 216 -50.44 59.01 40.41
CA LYS B 216 -49.49 58.74 41.48
C LYS B 216 -48.41 59.81 41.62
N LEU B 217 -48.03 60.52 40.54
CA LEU B 217 -46.81 61.34 40.52
C LEU B 217 -47.04 62.81 40.18
N CYS B 218 -48.20 63.21 39.65
CA CYS B 218 -48.44 64.59 39.20
C CYS B 218 -49.01 65.48 40.33
N TYR B 219 -48.74 66.79 40.24
CA TYR B 219 -49.15 67.82 41.19
C TYR B 219 -49.32 69.16 40.44
N VAL B 220 -49.76 70.21 41.12
CA VAL B 220 -49.81 71.58 40.60
C VAL B 220 -48.69 72.35 41.30
N ALA B 221 -48.00 73.22 40.55
CA ALA B 221 -46.98 74.12 41.05
C ALA B 221 -47.67 75.29 41.77
N LEU B 222 -47.26 75.61 43.01
CA LEU B 222 -47.81 76.72 43.78
C LEU B 222 -47.34 78.08 43.21
N ASP B 223 -46.17 78.10 42.57
CA ASP B 223 -45.70 79.15 41.70
C ASP B 223 -44.99 78.49 40.53
N PHE B 224 -45.54 78.60 39.32
CA PHE B 224 -45.13 77.86 38.14
C PHE B 224 -43.64 78.02 37.79
N GLU B 225 -43.15 79.26 37.66
CA GLU B 225 -41.79 79.49 37.21
C GLU B 225 -40.80 79.46 38.38
N ASN B 226 -41.24 79.60 39.65
CA ASN B 226 -40.41 79.25 40.81
C ASN B 226 -40.21 77.72 40.87
N GLU B 227 -41.27 76.93 40.57
CA GLU B 227 -41.22 75.48 40.48
C GLU B 227 -40.31 75.06 39.30
N MET B 228 -40.42 75.72 38.15
CA MET B 228 -39.55 75.54 36.98
C MET B 228 -38.08 75.84 37.30
N ALA B 229 -37.80 76.96 37.99
CA ALA B 229 -36.46 77.35 38.44
C ALA B 229 -35.86 76.33 39.43
N THR B 230 -36.69 75.81 40.36
CA THR B 230 -36.32 74.76 41.30
C THR B 230 -36.07 73.43 40.55
N ALA B 231 -37.00 73.03 39.67
CA ALA B 231 -36.99 71.79 38.89
C ALA B 231 -35.78 71.71 37.95
N ALA B 232 -35.34 72.85 37.41
CA ALA B 232 -34.16 72.99 36.54
C ALA B 232 -32.82 72.69 37.25
N SER B 233 -32.81 72.47 38.57
CA SER B 233 -31.67 72.02 39.33
C SER B 233 -32.01 70.97 40.40
N SER B 234 -33.22 70.40 40.37
CA SER B 234 -33.67 69.39 41.31
C SER B 234 -33.69 68.04 40.58
N SER B 235 -32.53 67.36 40.59
CA SER B 235 -32.41 65.94 40.27
C SER B 235 -33.18 65.07 41.29
N SER B 236 -33.34 65.60 42.52
CA SER B 236 -34.22 65.15 43.58
C SER B 236 -35.72 65.08 43.20
N LEU B 237 -36.16 65.78 42.15
CA LEU B 237 -37.54 65.80 41.66
C LEU B 237 -37.92 64.49 40.92
N GLU B 238 -36.93 63.84 40.28
CA GLU B 238 -37.08 62.60 39.52
C GLU B 238 -37.45 61.47 40.48
N LYS B 239 -38.63 60.88 40.31
CA LYS B 239 -39.17 59.80 41.12
C LYS B 239 -39.36 58.58 40.21
N SER B 240 -38.92 57.42 40.70
CA SER B 240 -38.89 56.16 39.98
C SER B 240 -40.30 55.55 39.88
N TYR B 241 -40.58 54.89 38.76
CA TYR B 241 -41.79 54.13 38.48
C TYR B 241 -41.29 52.82 37.84
N GLU B 242 -41.71 51.68 38.37
CA GLU B 242 -41.48 50.36 37.80
C GLU B 242 -42.69 50.04 36.90
N LEU B 243 -42.43 49.72 35.64
CA LEU B 243 -43.43 49.30 34.66
C LEU B 243 -43.91 47.84 34.96
N PRO B 244 -45.10 47.42 34.49
CA PRO B 244 -45.70 46.08 34.75
C PRO B 244 -44.81 44.83 34.58
N ASP B 245 -43.78 44.92 33.75
CA ASP B 245 -42.83 43.88 33.35
C ASP B 245 -41.50 44.03 34.11
N GLY B 246 -41.38 45.00 35.03
CA GLY B 246 -40.25 45.19 35.93
C GLY B 246 -39.20 46.18 35.43
N GLN B 247 -39.46 46.92 34.35
CA GLN B 247 -38.51 47.91 33.82
C GLN B 247 -38.73 49.23 34.58
N VAL B 248 -37.67 49.73 35.23
CA VAL B 248 -37.70 50.94 36.05
C VAL B 248 -37.37 52.15 35.16
N ILE B 249 -38.22 53.18 35.26
CA ILE B 249 -38.11 54.48 34.62
C ILE B 249 -38.16 55.57 35.71
N THR B 250 -37.98 56.84 35.35
CA THR B 250 -38.13 58.01 36.23
C THR B 250 -38.98 59.07 35.54
N ILE B 251 -39.81 59.77 36.34
CA ILE B 251 -40.67 60.89 35.95
C ILE B 251 -40.32 62.03 36.93
N GLY B 252 -40.17 63.28 36.47
CA GLY B 252 -39.72 64.40 37.30
C GLY B 252 -40.37 65.71 36.88
N ASN B 253 -39.83 66.35 35.84
CA ASN B 253 -40.20 67.68 35.37
C ASN B 253 -41.62 67.75 34.76
N GLU B 254 -42.15 66.60 34.34
CA GLU B 254 -43.47 66.41 33.74
C GLU B 254 -44.59 66.41 34.81
N ARG B 255 -44.21 66.29 36.09
CA ARG B 255 -45.13 66.07 37.19
C ARG B 255 -45.97 67.33 37.50
N PHE B 256 -45.35 68.52 37.44
CA PHE B 256 -46.08 69.79 37.57
C PHE B 256 -46.54 70.27 36.18
N ARG B 257 -45.72 70.07 35.12
CA ARG B 257 -46.05 70.33 33.72
C ARG B 257 -47.02 69.28 33.14
N CYS B 258 -48.11 69.03 33.87
CA CYS B 258 -49.26 68.25 33.45
C CYS B 258 -50.50 69.01 33.98
N PRO B 259 -50.95 68.88 35.25
CA PRO B 259 -52.02 69.70 35.87
C PRO B 259 -51.97 71.23 35.65
N GLU B 260 -50.78 71.85 35.50
CA GLU B 260 -50.61 73.25 35.14
C GLU B 260 -51.39 73.69 33.89
N THR B 261 -51.63 72.78 32.93
CA THR B 261 -52.38 73.03 31.69
C THR B 261 -53.82 73.52 31.94
N LEU B 262 -54.37 73.26 33.13
CA LEU B 262 -55.68 73.76 33.56
C LEU B 262 -55.66 75.29 33.79
N PHE B 263 -54.53 75.84 34.26
CA PHE B 263 -54.37 77.27 34.54
C PHE B 263 -53.82 78.00 33.29
N GLN B 264 -53.35 77.26 32.28
CA GLN B 264 -52.84 77.79 31.02
C GLN B 264 -53.03 76.78 29.87
N PRO B 265 -54.25 76.66 29.27
CA PRO B 265 -54.58 75.76 28.13
C PRO B 265 -53.66 75.82 26.89
N SER B 266 -52.86 76.88 26.74
CA SER B 266 -51.89 77.15 25.67
C SER B 266 -50.97 75.97 25.30
N PHE B 267 -50.62 75.11 26.26
CA PHE B 267 -49.73 73.95 26.13
C PHE B 267 -50.29 72.87 25.18
N ILE B 268 -51.62 72.85 24.96
CA ILE B 268 -52.30 71.96 24.01
C ILE B 268 -52.93 72.77 22.85
N GLY B 269 -52.46 74.01 22.65
CA GLY B 269 -52.82 74.89 21.54
C GLY B 269 -54.13 75.67 21.70
N MET B 270 -54.78 75.60 22.87
CA MET B 270 -56.06 76.24 23.11
C MET B 270 -55.87 77.73 23.41
N GLU B 271 -56.62 78.55 22.65
CA GLU B 271 -56.76 80.00 22.75
C GLU B 271 -57.49 80.46 24.04
N SER B 272 -58.23 79.52 24.64
CA SER B 272 -59.10 79.57 25.80
C SER B 272 -58.40 79.99 27.11
N ALA B 273 -59.21 80.49 28.03
CA ALA B 273 -58.85 80.94 29.37
C ALA B 273 -58.82 79.74 30.34
N GLY B 274 -58.10 79.87 31.46
CA GLY B 274 -57.84 78.82 32.46
C GLY B 274 -59.00 78.56 33.43
N ILE B 275 -58.88 77.50 34.26
CA ILE B 275 -59.88 77.09 35.25
C ILE B 275 -60.28 78.20 36.25
N HIS B 276 -59.34 79.05 36.66
CA HIS B 276 -59.58 80.17 37.56
C HIS B 276 -60.33 81.31 36.85
N GLU B 277 -59.95 81.62 35.60
CA GLU B 277 -60.57 82.64 34.74
C GLU B 277 -62.02 82.25 34.40
N THR B 278 -62.24 81.02 33.93
CA THR B 278 -63.56 80.46 33.64
C THR B 278 -64.47 80.40 34.89
N THR B 279 -63.95 79.98 36.05
CA THR B 279 -64.63 80.02 37.34
C THR B 279 -65.00 81.47 37.72
N TYR B 280 -64.04 82.41 37.58
CA TYR B 280 -64.22 83.84 37.82
C TYR B 280 -65.32 84.45 36.92
N ASN B 281 -65.27 84.18 35.60
CA ASN B 281 -66.27 84.66 34.63
C ASN B 281 -67.65 84.03 34.87
N SER B 282 -67.70 82.76 35.28
CA SER B 282 -68.91 82.05 35.71
C SER B 282 -69.54 82.72 36.94
N ILE B 283 -68.74 83.10 37.96
CA ILE B 283 -69.18 83.87 39.13
C ILE B 283 -69.63 85.29 38.70
N MET B 284 -68.91 85.94 37.75
CA MET B 284 -69.21 87.29 37.26
C MET B 284 -70.52 87.37 36.44
N LYS B 285 -71.04 86.24 35.95
CA LYS B 285 -72.35 86.14 35.27
C LYS B 285 -73.50 86.01 36.29
N CYS B 286 -73.19 85.71 37.56
CA CYS B 286 -74.15 85.69 38.65
C CYS B 286 -74.16 87.09 39.27
N ASP B 287 -75.26 87.48 39.91
CA ASP B 287 -75.55 88.83 40.40
C ASP B 287 -74.71 89.20 41.62
N ILE B 288 -74.48 90.51 41.79
CA ILE B 288 -73.61 91.18 42.77
C ILE B 288 -73.58 90.49 44.14
N ASP B 289 -74.75 90.46 44.77
CA ASP B 289 -75.01 90.01 46.13
C ASP B 289 -75.01 88.48 46.30
N ILE B 290 -74.78 87.71 45.23
CA ILE B 290 -74.60 86.25 45.29
C ILE B 290 -73.19 85.84 44.82
N ARG B 291 -72.41 86.75 44.20
CA ARG B 291 -71.02 86.50 43.76
C ARG B 291 -70.12 86.17 44.97
N LYS B 292 -70.32 86.94 46.05
CA LYS B 292 -69.74 86.78 47.39
C LYS B 292 -69.79 85.34 47.92
N ASP B 293 -70.92 84.67 47.72
CA ASP B 293 -71.26 83.39 48.34
C ASP B 293 -70.70 82.23 47.53
N LEU B 294 -70.45 82.45 46.23
CA LEU B 294 -69.77 81.51 45.34
C LEU B 294 -68.25 81.62 45.55
N TYR B 295 -67.69 82.83 45.73
CA TYR B 295 -66.29 83.05 46.11
C TYR B 295 -65.95 82.41 47.47
N ALA B 296 -66.92 82.41 48.40
CA ALA B 296 -66.79 81.85 49.73
C ALA B 296 -67.14 80.35 49.78
N ASN B 297 -67.53 79.72 48.66
CA ASN B 297 -67.96 78.32 48.57
C ASN B 297 -67.60 77.73 47.21
N ASN B 298 -66.33 77.82 46.78
CA ASN B 298 -65.91 77.14 45.55
C ASN B 298 -65.62 75.69 45.92
N VAL B 299 -66.45 74.77 45.44
CA VAL B 299 -66.35 73.34 45.63
C VAL B 299 -65.51 72.78 44.47
N MET B 300 -64.43 72.08 44.80
CA MET B 300 -63.66 71.23 43.90
C MET B 300 -64.38 69.88 43.80
N SER B 301 -64.51 69.32 42.60
CA SER B 301 -65.15 68.04 42.30
C SER B 301 -64.42 67.36 41.13
N GLY B 302 -64.51 66.03 41.05
CA GLY B 302 -63.96 65.24 39.97
C GLY B 302 -62.48 64.89 40.20
N GLY B 303 -61.98 63.85 39.51
CA GLY B 303 -60.65 63.28 39.73
C GLY B 303 -59.47 64.21 39.39
N THR B 304 -59.69 65.20 38.51
CA THR B 304 -58.68 66.17 38.10
C THR B 304 -58.54 67.31 39.15
N THR B 305 -59.22 67.22 40.31
CA THR B 305 -59.09 68.14 41.45
C THR B 305 -58.51 67.42 42.70
N MET B 306 -57.79 66.31 42.50
CA MET B 306 -57.12 65.56 43.56
C MET B 306 -55.61 65.85 43.63
N TYR B 307 -55.05 66.56 42.64
CA TYR B 307 -53.61 66.80 42.53
C TYR B 307 -53.13 67.79 43.62
N PRO B 308 -52.08 67.47 44.42
CA PRO B 308 -51.52 68.36 45.44
C PRO B 308 -51.19 69.76 44.89
N GLY B 309 -51.46 70.81 45.67
CA GLY B 309 -51.15 72.20 45.32
C GLY B 309 -52.27 72.93 44.58
N ILE B 310 -53.34 72.23 44.14
CA ILE B 310 -54.36 72.81 43.27
C ILE B 310 -55.28 73.80 44.01
N ALA B 311 -55.63 73.54 45.28
CA ALA B 311 -56.50 74.41 46.07
C ALA B 311 -55.74 75.65 46.55
N ASP B 312 -54.48 75.41 46.93
CA ASP B 312 -53.41 76.33 47.31
C ASP B 312 -53.16 77.35 46.20
N ARG B 313 -53.03 76.85 44.96
CA ARG B 313 -52.89 77.64 43.74
C ARG B 313 -54.20 78.38 43.42
N MET B 314 -55.36 77.71 43.46
CA MET B 314 -56.68 78.31 43.18
C MET B 314 -57.02 79.49 44.10
N GLN B 315 -56.60 79.42 45.37
CA GLN B 315 -56.68 80.51 46.34
C GLN B 315 -55.88 81.74 45.87
N LYS B 316 -54.60 81.54 45.54
CA LYS B 316 -53.67 82.54 44.97
C LYS B 316 -54.19 83.16 43.67
N GLU B 317 -54.71 82.35 42.75
CA GLU B 317 -55.20 82.77 41.45
C GLU B 317 -56.48 83.61 41.59
N ILE B 318 -57.48 83.12 42.33
CA ILE B 318 -58.78 83.80 42.48
C ILE B 318 -58.63 85.08 43.35
N THR B 319 -57.70 85.15 44.31
CA THR B 319 -57.44 86.39 45.08
C THR B 319 -56.82 87.52 44.24
N ALA B 320 -56.22 87.22 43.07
CA ALA B 320 -55.72 88.24 42.15
C ALA B 320 -56.87 88.78 41.28
N LEU B 321 -57.82 87.91 40.89
CA LEU B 321 -58.94 88.27 40.02
C LEU B 321 -60.09 88.90 40.81
N ALA B 322 -60.40 88.40 42.01
CA ALA B 322 -61.56 88.78 42.81
C ALA B 322 -61.26 90.06 43.62
N PRO B 323 -62.06 91.15 43.47
CA PRO B 323 -61.90 92.40 44.24
C PRO B 323 -61.75 92.20 45.76
N SER B 324 -60.68 92.77 46.34
CA SER B 324 -60.14 92.61 47.70
C SER B 324 -61.12 92.75 48.90
N THR B 325 -62.39 93.13 48.68
CA THR B 325 -63.48 93.00 49.65
C THR B 325 -63.76 91.49 49.92
N MET B 326 -63.74 90.66 48.87
CA MET B 326 -64.03 89.23 48.88
C MET B 326 -62.99 88.45 49.70
N LYS B 327 -63.41 87.37 50.35
CA LYS B 327 -62.58 86.51 51.20
C LYS B 327 -62.83 85.09 50.70
N ILE B 328 -61.90 84.61 49.86
CA ILE B 328 -62.08 83.46 48.98
C ILE B 328 -61.90 82.17 49.79
N LYS B 329 -62.79 81.20 49.61
CA LYS B 329 -62.69 79.89 50.23
C LYS B 329 -62.91 78.83 49.16
N ILE B 330 -61.86 78.02 48.96
CA ILE B 330 -61.91 76.77 48.22
C ILE B 330 -62.26 75.72 49.28
N ILE B 331 -63.25 74.88 48.97
CA ILE B 331 -63.76 73.79 49.79
C ILE B 331 -63.89 72.55 48.88
N ALA B 332 -64.14 71.38 49.47
CA ALA B 332 -64.25 70.13 48.73
C ALA B 332 -64.95 69.06 49.58
N PRO B 333 -65.63 68.07 48.96
CA PRO B 333 -65.87 66.74 49.54
C PRO B 333 -64.51 66.08 49.92
N PRO B 334 -64.47 65.18 50.93
CA PRO B 334 -63.22 64.60 51.45
C PRO B 334 -62.48 63.80 50.38
N GLU B 335 -63.09 62.74 49.86
CA GLU B 335 -62.77 62.15 48.57
C GLU B 335 -63.73 62.84 47.58
N ARG B 336 -63.24 63.12 46.37
CA ARG B 336 -63.98 63.78 45.29
C ARG B 336 -63.76 63.17 43.90
N LYS B 337 -63.15 61.99 43.77
CA LYS B 337 -63.25 61.18 42.55
C LYS B 337 -64.70 60.69 42.36
N TYR B 338 -65.38 60.40 43.48
CA TYR B 338 -66.67 59.70 43.57
C TYR B 338 -67.68 60.43 44.45
N SER B 339 -67.47 61.73 44.74
CA SER B 339 -68.41 62.62 45.43
C SER B 339 -69.77 62.72 44.71
N VAL B 340 -69.69 62.75 43.37
CA VAL B 340 -70.77 62.66 42.39
C VAL B 340 -71.62 61.39 42.50
N TRP B 341 -71.07 60.31 43.09
CA TRP B 341 -71.71 59.02 43.21
C TRP B 341 -72.17 58.80 44.67
N ILE B 342 -71.31 59.04 45.66
CA ILE B 342 -71.62 58.77 47.08
C ILE B 342 -72.78 59.66 47.59
N GLY B 343 -72.92 60.89 47.08
CA GLY B 343 -74.07 61.76 47.36
C GLY B 343 -75.39 61.20 46.81
N GLY B 344 -75.31 60.34 45.78
CA GLY B 344 -76.43 59.59 45.21
C GLY B 344 -76.78 58.37 46.07
N SER B 345 -75.76 57.72 46.67
CA SER B 345 -75.93 56.64 47.66
C SER B 345 -76.72 57.16 48.87
N ILE B 346 -76.44 58.39 49.34
CA ILE B 346 -77.21 59.08 50.38
C ILE B 346 -78.64 59.40 49.89
N LEU B 347 -78.82 59.98 48.70
CA LEU B 347 -80.14 60.33 48.13
C LEU B 347 -81.06 59.09 48.00
N ALA B 348 -80.48 57.98 47.56
CA ALA B 348 -81.14 56.69 47.35
C ALA B 348 -81.24 55.85 48.65
N SER B 349 -80.87 56.39 49.82
CA SER B 349 -81.03 55.75 51.12
C SER B 349 -81.78 56.66 52.13
N LEU B 350 -82.33 57.78 51.66
CA LEU B 350 -83.39 58.51 52.35
C LEU B 350 -84.71 57.85 51.92
N SER B 351 -85.18 56.83 52.65
CA SER B 351 -86.42 56.09 52.41
C SER B 351 -87.67 56.97 52.21
N THR B 352 -87.71 58.13 52.87
CA THR B 352 -88.71 59.19 52.72
C THR B 352 -88.70 59.88 51.34
N PHE B 353 -87.71 59.57 50.48
CA PHE B 353 -87.66 59.98 49.06
C PHE B 353 -88.58 59.07 48.19
N GLN B 354 -89.26 58.08 48.77
CA GLN B 354 -90.28 57.17 48.20
C GLN B 354 -91.21 57.81 47.16
N GLN B 355 -91.71 59.02 47.43
CA GLN B 355 -92.63 59.76 46.57
C GLN B 355 -91.94 60.36 45.33
N MET B 356 -90.63 60.62 45.41
CA MET B 356 -89.86 61.35 44.40
C MET B 356 -89.24 60.39 43.36
N TRP B 357 -89.21 59.08 43.64
CA TRP B 357 -88.91 58.04 42.65
C TRP B 357 -90.03 58.00 41.61
N ILE B 358 -89.69 57.88 40.32
CA ILE B 358 -90.65 57.75 39.22
C ILE B 358 -90.83 56.24 39.07
N THR B 359 -92.07 55.75 39.12
CA THR B 359 -92.43 54.35 38.87
C THR B 359 -92.77 54.16 37.37
N LYS B 360 -92.75 52.89 36.90
CA LYS B 360 -93.24 52.51 35.56
C LYS B 360 -94.73 52.89 35.37
N GLN B 361 -95.54 52.76 36.43
CA GLN B 361 -96.96 53.12 36.50
C GLN B 361 -97.20 54.57 36.04
N GLU B 362 -96.50 55.53 36.66
CA GLU B 362 -96.59 56.97 36.37
C GLU B 362 -96.03 57.32 34.98
N TYR B 363 -95.14 56.49 34.44
CA TYR B 363 -94.63 56.58 33.07
C TYR B 363 -95.72 56.08 32.11
N ASP B 364 -96.31 54.90 32.32
CA ASP B 364 -97.35 54.33 31.45
C ASP B 364 -98.63 55.20 31.38
N GLU B 365 -98.93 55.95 32.45
CA GLU B 365 -100.04 56.90 32.53
C GLU B 365 -99.75 58.25 31.83
N ALA B 366 -98.49 58.54 31.45
CA ALA B 366 -98.07 59.88 31.01
C ALA B 366 -97.04 59.93 29.88
N GLY B 367 -96.49 58.79 29.47
CA GLY B 367 -95.32 58.63 28.62
C GLY B 367 -94.03 59.17 29.27
N PRO B 368 -92.92 59.27 28.50
CA PRO B 368 -91.65 59.89 28.94
C PRO B 368 -91.71 61.32 29.52
N SER B 369 -92.86 62.01 29.41
CA SER B 369 -93.14 63.34 29.96
C SER B 369 -93.16 63.37 31.51
N ILE B 370 -93.16 62.20 32.17
CA ILE B 370 -93.20 62.07 33.63
C ILE B 370 -91.97 62.68 34.33
N VAL B 371 -90.77 62.50 33.76
CA VAL B 371 -89.47 62.75 34.39
C VAL B 371 -89.30 64.17 34.95
N HIS B 372 -89.78 65.17 34.21
CA HIS B 372 -89.63 66.59 34.53
C HIS B 372 -90.59 67.04 35.64
N ARG B 373 -91.52 66.17 36.04
CA ARG B 373 -92.47 66.40 37.11
C ARG B 373 -91.90 65.89 38.46
N LYS B 374 -90.67 65.35 38.48
CA LYS B 374 -89.94 64.93 39.69
C LYS B 374 -88.46 65.36 39.69
N CYS B 375 -87.79 65.40 38.53
CA CYS B 375 -86.35 65.63 38.44
C CYS B 375 -86.07 67.13 38.26
N PHE B 376 -85.35 67.73 39.22
CA PHE B 376 -85.03 69.16 39.27
C PHE B 376 -83.90 69.53 38.29
N NH2 B 377 -83.12 68.56 37.82
HN1 NH2 B 377 -82.29 68.83 37.31
HN2 NH2 B 377 -83.25 67.64 38.18
C ACE C 1 -8.93 91.04 0.83
O ACE C 1 -8.12 91.90 1.59
CH3 ACE C 1 -8.38 91.00 -0.59
H1 ACE C 1 -8.34 92.00 -1.03
H2 ACE C 1 -8.99 90.37 -1.24
H3 ACE C 1 -7.37 90.59 -0.60
N ASP C 2 -10.26 91.65 0.83
CA ASP C 2 -11.03 91.38 2.06
C ASP C 2 -12.06 90.26 1.81
N GLU C 3 -11.62 89.24 1.08
CA GLU C 3 -12.33 88.01 0.78
C GLU C 3 -12.20 87.03 1.97
N ASP C 4 -13.06 86.01 2.03
CA ASP C 4 -13.10 84.99 3.07
C ASP C 4 -13.37 83.62 2.44
N GLU C 5 -12.84 82.55 3.04
CA GLU C 5 -12.99 81.15 2.66
C GLU C 5 -13.54 80.29 3.82
N THR C 6 -14.02 80.89 4.93
CA THR C 6 -14.57 80.20 6.11
C THR C 6 -15.93 79.53 5.77
N THR C 7 -15.87 78.50 4.93
CA THR C 7 -16.97 77.77 4.32
C THR C 7 -17.55 76.81 5.39
N ALA C 8 -18.54 77.32 6.13
CA ALA C 8 -19.24 76.70 7.26
C ALA C 8 -19.63 75.23 7.07
N LEU C 9 -19.58 74.47 8.16
CA LEU C 9 -19.84 73.04 8.22
C LEU C 9 -21.34 72.85 8.47
N VAL C 10 -21.95 71.84 7.82
CA VAL C 10 -23.38 71.62 7.83
C VAL C 10 -23.61 70.15 8.16
N CYS C 11 -24.35 69.87 9.24
CA CYS C 11 -24.74 68.52 9.66
C CYS C 11 -26.27 68.48 9.78
N ASP C 12 -26.89 67.35 9.40
CA ASP C 12 -28.26 67.00 9.79
C ASP C 12 -28.20 65.72 10.65
N ASN C 13 -29.01 65.73 11.69
CA ASN C 13 -29.31 64.66 12.65
C ASN C 13 -29.99 63.46 11.96
N GLY C 14 -30.92 63.70 11.03
CA GLY C 14 -31.82 62.70 10.47
C GLY C 14 -32.71 62.05 11.54
N SER C 15 -32.79 60.73 11.51
CA SER C 15 -33.40 59.88 12.54
C SER C 15 -32.44 58.73 12.87
N GLY C 16 -31.97 58.00 11.84
CA GLY C 16 -30.92 56.98 11.99
C GLY C 16 -29.74 57.16 11.02
N LEU C 17 -29.83 58.05 10.02
CA LEU C 17 -28.74 58.36 9.09
C LEU C 17 -28.44 59.87 9.12
N VAL C 18 -27.18 60.18 9.42
CA VAL C 18 -26.57 61.51 9.44
C VAL C 18 -26.23 61.89 7.98
N LYS C 19 -26.25 63.19 7.66
CA LYS C 19 -25.60 63.75 6.48
C LYS C 19 -24.69 64.85 7.02
N ALA C 20 -23.48 64.97 6.48
CA ALA C 20 -22.50 66.01 6.82
C ALA C 20 -21.74 66.45 5.58
N GLY C 21 -21.49 67.76 5.42
CA GLY C 21 -20.69 68.34 4.34
C GLY C 21 -20.42 69.83 4.60
N PHE C 22 -19.90 70.55 3.61
CA PHE C 22 -19.62 71.98 3.67
C PHE C 22 -20.80 72.76 3.05
N ALA C 23 -21.06 73.96 3.56
CA ALA C 23 -22.06 74.89 3.07
C ALA C 23 -21.67 75.40 1.68
N GLY C 24 -22.51 75.10 0.68
CA GLY C 24 -22.24 75.39 -0.73
C GLY C 24 -22.03 74.11 -1.54
N ASP C 25 -21.76 72.96 -0.90
CA ASP C 25 -21.93 71.65 -1.51
C ASP C 25 -23.45 71.40 -1.51
N ASP C 26 -24.05 71.15 -2.69
CA ASP C 26 -25.49 70.88 -2.85
C ASP C 26 -25.84 69.41 -2.53
N ALA C 27 -24.85 68.59 -2.15
CA ALA C 27 -25.02 67.25 -1.61
C ALA C 27 -23.88 66.98 -0.60
N PRO C 28 -24.11 66.19 0.47
CA PRO C 28 -23.16 66.00 1.58
C PRO C 28 -21.91 65.20 1.19
N ARG C 29 -20.86 65.30 2.02
CA ARG C 29 -19.57 64.65 1.85
C ARG C 29 -19.52 63.31 2.58
N ALA C 30 -20.39 63.10 3.59
CA ALA C 30 -20.48 61.88 4.35
C ALA C 30 -21.95 61.66 4.69
N VAL C 31 -22.44 60.45 4.44
CA VAL C 31 -23.77 59.98 4.77
C VAL C 31 -23.52 58.61 5.39
N PHE C 32 -23.93 58.41 6.64
CA PHE C 32 -23.58 57.25 7.45
C PHE C 32 -24.66 57.00 8.50
N PRO C 33 -24.87 55.74 8.95
CA PRO C 33 -25.79 55.44 10.05
C PRO C 33 -25.23 55.96 11.38
N SER C 34 -26.08 56.49 12.27
CA SER C 34 -25.72 57.03 13.58
C SER C 34 -25.52 55.88 14.61
N ILE C 35 -24.86 54.79 14.20
CA ILE C 35 -24.45 53.68 15.04
C ILE C 35 -23.06 53.97 15.64
N VAL C 36 -22.84 53.50 16.87
CA VAL C 36 -21.56 53.50 17.58
C VAL C 36 -21.27 52.06 17.98
N GLY C 37 -20.08 51.57 17.60
CA GLY C 37 -19.50 50.29 17.96
C GLY C 37 -18.83 50.38 19.32
N ARG C 38 -19.30 49.56 20.27
CA ARG C 38 -18.65 49.29 21.55
C ARG C 38 -17.84 47.99 21.37
N PRO C 39 -16.66 47.84 22.01
CA PRO C 39 -15.88 46.58 22.08
C PRO C 39 -16.66 45.31 22.46
N ARG C 40 -16.19 44.19 21.91
CA ARG C 40 -16.36 42.82 22.38
C ARG C 40 -14.99 42.14 22.16
N HIS C 41 -14.87 40.87 22.56
CA HIS C 41 -13.64 40.08 22.55
C HIS C 41 -13.89 38.69 21.98
N GLN C 42 -14.85 38.59 21.06
CA GLN C 42 -15.28 37.36 20.40
C GLN C 42 -14.89 37.38 18.91
N GLY C 43 -14.08 38.36 18.51
CA GLY C 43 -13.37 38.39 17.24
C GLY C 43 -11.89 38.24 17.59
N VAL C 44 -11.15 37.50 16.78
CA VAL C 44 -9.81 37.00 17.06
C VAL C 44 -8.71 38.08 17.16
N MET C 45 -8.98 39.30 16.67
CA MET C 45 -8.01 40.38 16.54
C MET C 45 -7.79 41.07 17.90
N VAL C 46 -6.77 40.62 18.62
CA VAL C 46 -6.30 41.18 19.89
C VAL C 46 -5.70 42.57 19.62
N GLY C 47 -6.09 43.57 20.43
CA GLY C 47 -5.61 44.94 20.34
C GLY C 47 -6.14 45.69 19.11
N MET C 48 -7.46 45.70 18.92
CA MET C 48 -8.18 46.37 17.82
C MET C 48 -7.95 47.90 17.79
N GLY C 49 -7.73 48.42 16.57
CA GLY C 49 -7.87 49.82 16.18
C GLY C 49 -6.96 50.80 16.92
N GLN C 50 -7.49 51.85 17.54
CA GLN C 50 -6.74 52.81 18.35
C GLN C 50 -7.69 53.68 19.18
N LYS C 51 -8.81 53.11 19.63
CA LYS C 51 -9.88 53.81 20.34
C LYS C 51 -10.87 52.78 20.88
N ASP C 52 -11.80 53.26 21.71
CA ASP C 52 -12.76 52.48 22.50
C ASP C 52 -14.19 52.69 21.96
N SER C 53 -14.37 53.52 20.93
CA SER C 53 -15.64 53.79 20.27
C SER C 53 -15.39 53.99 18.77
N TYR C 54 -16.21 53.36 17.92
CA TYR C 54 -16.07 53.28 16.47
C TYR C 54 -17.41 53.71 15.87
N VAL C 55 -17.45 54.71 14.99
CA VAL C 55 -18.68 55.36 14.53
C VAL C 55 -18.93 54.93 13.07
N GLY C 56 -20.20 54.80 12.68
CA GLY C 56 -20.64 54.53 11.30
C GLY C 56 -20.01 53.26 10.72
N ASP C 57 -19.34 53.42 9.57
CA ASP C 57 -18.59 52.46 8.74
C ASP C 57 -17.76 51.46 9.57
N GLU C 58 -17.06 51.96 10.59
CA GLU C 58 -16.15 51.19 11.44
C GLU C 58 -16.90 50.21 12.36
N ALA C 59 -18.15 50.51 12.73
CA ALA C 59 -18.93 49.76 13.72
C ALA C 59 -19.59 48.51 13.12
N GLN C 60 -19.82 48.50 11.80
CA GLN C 60 -20.51 47.46 11.05
C GLN C 60 -19.56 46.61 10.20
N SER C 61 -18.39 47.14 9.81
CA SER C 61 -17.45 46.46 8.92
C SER C 61 -16.49 45.52 9.67
N LYS C 62 -16.52 45.41 11.01
CA LYS C 62 -15.61 44.61 11.82
C LYS C 62 -16.34 43.88 12.95
N ARG C 63 -16.88 42.69 12.66
CA ARG C 63 -17.65 41.85 13.57
C ARG C 63 -16.80 41.20 14.67
N GLY C 64 -17.43 40.86 15.80
CA GLY C 64 -16.89 40.05 16.90
C GLY C 64 -16.05 40.86 17.89
N ILE C 65 -15.18 41.74 17.37
CA ILE C 65 -14.39 42.68 18.16
C ILE C 65 -15.21 43.96 18.51
N LEU C 66 -16.39 44.14 17.89
CA LEU C 66 -17.32 45.23 18.15
C LEU C 66 -18.75 44.70 18.23
N THR C 67 -19.64 45.47 18.87
CA THR C 67 -21.09 45.38 18.79
C THR C 67 -21.64 46.81 18.65
N LEU C 68 -22.38 47.07 17.56
CA LEU C 68 -22.99 48.37 17.27
C LEU C 68 -24.35 48.51 17.97
N LYS C 69 -24.70 49.73 18.37
CA LYS C 69 -25.98 50.22 18.89
C LYS C 69 -26.09 51.68 18.39
N TYR C 70 -27.28 52.27 18.32
CA TYR C 70 -27.42 53.70 18.05
C TYR C 70 -27.64 54.36 19.44
N PRO C 71 -26.86 55.37 19.87
CA PRO C 71 -27.18 56.18 21.08
C PRO C 71 -28.28 57.24 20.81
N ILE C 72 -28.88 57.18 19.62
CA ILE C 72 -29.84 58.11 19.05
C ILE C 72 -30.86 57.29 18.22
N GLU C 73 -31.19 56.07 18.67
CA GLU C 73 -31.92 55.00 17.96
C GLU C 73 -33.32 55.37 17.39
N HIS C 74 -33.88 56.51 17.83
CA HIS C 74 -35.16 57.09 17.42
C HIS C 74 -35.00 58.57 17.03
N GLY C 75 -33.78 59.06 16.82
CA GLY C 75 -33.48 60.43 16.37
C GLY C 75 -33.39 61.47 17.49
N ILE C 76 -33.86 61.17 18.70
CA ILE C 76 -33.63 61.93 19.93
C ILE C 76 -32.39 61.32 20.62
N ILE C 77 -31.57 62.15 21.27
CA ILE C 77 -30.31 61.77 21.90
C ILE C 77 -30.64 61.11 23.26
N THR C 78 -30.07 59.93 23.54
CA THR C 78 -30.24 59.22 24.81
C THR C 78 -28.97 59.32 25.69
N ASN C 79 -27.80 59.57 25.08
CA ASN C 79 -26.54 59.85 25.77
C ASN C 79 -25.82 60.96 25.01
N TRP C 80 -25.42 62.00 25.73
CA TRP C 80 -24.78 63.20 25.20
C TRP C 80 -23.26 63.04 25.14
N ASP C 81 -22.67 62.15 25.97
CA ASP C 81 -21.26 61.78 25.89
C ASP C 81 -21.03 61.00 24.57
N ASP C 82 -21.95 60.11 24.19
CA ASP C 82 -21.95 59.39 22.92
C ASP C 82 -22.13 60.33 21.72
N MET C 83 -23.02 61.32 21.84
CA MET C 83 -23.27 62.31 20.79
C MET C 83 -22.03 63.18 20.53
N GLU C 84 -21.23 63.47 21.56
CA GLU C 84 -19.89 64.06 21.44
C GLU C 84 -18.98 63.20 20.55
N LYS C 85 -18.92 61.87 20.75
CA LYS C 85 -18.09 60.96 19.94
C LYS C 85 -18.54 60.94 18.46
N ILE C 86 -19.86 61.01 18.22
CA ILE C 86 -20.44 61.13 16.88
C ILE C 86 -20.00 62.47 16.25
N TRP C 87 -20.21 63.61 16.93
CA TRP C 87 -19.77 64.93 16.47
C TRP C 87 -18.25 65.02 16.25
N HIS C 88 -17.45 64.45 17.16
CA HIS C 88 -15.98 64.36 17.10
C HIS C 88 -15.51 63.69 15.81
N HIS C 89 -16.05 62.51 15.50
CA HIS C 89 -15.76 61.75 14.28
C HIS C 89 -16.30 62.46 13.01
N THR C 90 -17.46 63.13 13.12
CA THR C 90 -18.06 63.90 12.03
C THR C 90 -17.14 65.07 11.64
N PHE C 91 -16.58 65.80 12.61
CA PHE C 91 -15.66 66.91 12.40
C PHE C 91 -14.27 66.40 11.99
N TYR C 92 -13.57 65.72 12.90
CA TYR C 92 -12.14 65.48 12.79
C TYR C 92 -11.79 64.29 11.87
N ASN C 93 -12.78 63.62 11.26
CA ASN C 93 -12.59 62.54 10.29
C ASN C 93 -13.41 62.77 9.02
N GLU C 94 -14.75 62.79 9.08
CA GLU C 94 -15.60 62.70 7.87
C GLU C 94 -15.79 64.04 7.14
N LEU C 95 -15.95 65.16 7.87
CA LEU C 95 -15.83 66.51 7.32
C LEU C 95 -14.33 66.88 7.16
N ARG C 96 -13.46 66.19 7.91
CA ARG C 96 -12.00 66.23 7.91
C ARG C 96 -11.44 67.61 8.32
N VAL C 97 -11.96 68.22 9.38
CA VAL C 97 -11.65 69.58 9.81
C VAL C 97 -11.52 69.66 11.33
N ALA C 98 -10.91 70.76 11.80
CA ALA C 98 -10.97 71.19 13.18
C ALA C 98 -12.15 72.18 13.28
N PRO C 99 -13.16 71.96 14.15
CA PRO C 99 -14.33 72.84 14.27
C PRO C 99 -14.02 74.23 14.86
N GLU C 100 -12.86 74.41 15.51
CA GLU C 100 -12.33 75.70 15.97
C GLU C 100 -12.10 76.71 14.83
N GLU C 101 -11.91 76.25 13.57
CA GLU C 101 -11.72 77.12 12.41
C GLU C 101 -13.09 77.57 11.83
N HIS C 102 -14.11 76.71 11.77
CA HIS C 102 -15.28 76.89 10.89
C HIS C 102 -16.61 76.85 11.68
N PRO C 103 -17.55 77.80 11.47
CA PRO C 103 -18.93 77.74 11.99
C PRO C 103 -19.66 76.43 11.63
N THR C 104 -20.58 75.95 12.49
CA THR C 104 -21.33 74.71 12.27
C THR C 104 -22.83 74.95 12.36
N LEU C 105 -23.58 74.69 11.27
CA LEU C 105 -25.04 74.64 11.28
C LEU C 105 -25.46 73.19 11.61
N LEU C 106 -26.35 73.04 12.58
CA LEU C 106 -27.05 71.81 12.93
C LEU C 106 -28.53 71.95 12.54
N THR C 107 -29.24 70.83 12.43
CA THR C 107 -30.70 70.80 12.36
C THR C 107 -31.29 70.55 13.77
N GLU C 108 -32.61 70.63 13.88
CA GLU C 108 -33.42 70.31 15.05
C GLU C 108 -34.56 69.37 14.61
N ALA C 109 -34.89 68.38 15.44
CA ALA C 109 -35.94 67.39 15.20
C ALA C 109 -37.18 67.74 16.04
N PRO C 110 -38.41 67.41 15.60
CA PRO C 110 -39.63 67.61 16.39
C PRO C 110 -39.69 66.57 17.53
N LEU C 111 -39.99 67.02 18.75
CA LEU C 111 -40.02 66.24 19.99
C LEU C 111 -38.60 66.03 20.55
N ASN C 112 -37.67 66.94 20.23
CA ASN C 112 -36.40 67.08 20.92
C ASN C 112 -36.64 67.64 22.33
N PRO C 113 -35.85 67.26 23.36
CA PRO C 113 -35.90 67.88 24.70
C PRO C 113 -35.77 69.41 24.61
N LYS C 114 -36.52 70.18 25.39
CA LYS C 114 -36.52 71.65 25.27
C LYS C 114 -35.14 72.28 25.53
N ALA C 115 -34.36 71.70 26.45
CA ALA C 115 -32.98 72.09 26.74
C ALA C 115 -31.95 71.46 25.78
N ASN C 116 -32.39 70.73 24.74
CA ASN C 116 -31.52 70.11 23.72
C ASN C 116 -30.81 71.19 22.90
N ARG C 117 -31.47 72.35 22.70
CA ARG C 117 -30.89 73.53 22.07
C ARG C 117 -29.67 74.01 22.88
N GLU C 118 -29.88 74.42 24.14
CA GLU C 118 -28.84 74.84 25.10
C GLU C 118 -27.71 73.82 25.24
N LYS C 119 -28.01 72.53 25.41
CA LYS C 119 -27.00 71.48 25.61
C LYS C 119 -26.16 71.22 24.34
N MET C 120 -26.76 71.32 23.15
CA MET C 120 -26.04 71.21 21.88
C MET C 120 -25.21 72.48 21.63
N THR C 121 -25.74 73.65 21.96
CA THR C 121 -25.08 74.95 21.84
C THR C 121 -23.86 75.01 22.78
N GLN C 122 -24.00 74.52 24.02
CA GLN C 122 -22.95 74.32 25.01
C GLN C 122 -21.78 73.50 24.45
N ILE C 123 -22.01 72.25 24.05
CA ILE C 123 -20.97 71.34 23.53
C ILE C 123 -20.26 71.89 22.28
N MET C 124 -20.96 72.70 21.46
CA MET C 124 -20.38 73.36 20.30
C MET C 124 -19.42 74.51 20.70
N PHE C 125 -19.75 75.31 21.72
CA PHE C 125 -18.96 76.49 22.11
C PHE C 125 -18.00 76.24 23.28
N GLU C 126 -18.34 75.36 24.23
CA GLU C 126 -17.57 75.05 25.44
C GLU C 126 -16.76 73.75 25.27
N THR C 127 -16.70 73.16 24.07
CA THR C 127 -15.91 71.95 23.81
C THR C 127 -15.32 71.98 22.39
N PHE C 128 -16.15 72.07 21.34
CA PHE C 128 -15.67 72.09 19.94
C PHE C 128 -15.34 73.51 19.45
N ASN C 129 -15.33 74.49 20.37
CA ASN C 129 -14.72 75.83 20.26
C ASN C 129 -15.31 76.72 19.16
N VAL C 130 -16.50 76.36 18.63
CA VAL C 130 -16.95 76.77 17.31
C VAL C 130 -17.08 78.32 17.17
N PRO C 131 -16.58 78.95 16.10
CA PRO C 131 -16.74 80.38 15.83
C PRO C 131 -18.20 80.88 15.90
N ALA C 132 -19.13 80.17 15.23
CA ALA C 132 -20.56 80.47 15.18
C ALA C 132 -21.34 79.18 14.96
N MET C 133 -22.66 79.19 15.19
CA MET C 133 -23.54 78.05 14.97
C MET C 133 -24.98 78.48 14.71
N TYR C 134 -25.83 77.53 14.28
CA TYR C 134 -27.26 77.72 14.06
C TYR C 134 -27.99 76.38 14.22
N VAL C 135 -29.31 76.46 14.46
CA VAL C 135 -30.24 75.37 14.70
C VAL C 135 -31.53 75.70 13.92
N ALA C 136 -32.07 74.78 13.13
CA ALA C 136 -33.35 74.93 12.43
C ALA C 136 -34.09 73.59 12.33
N ILE C 137 -35.40 73.61 12.61
CA ILE C 137 -36.33 72.48 12.60
C ILE C 137 -36.45 71.85 11.18
N GLN C 138 -36.15 70.54 11.09
CA GLN C 138 -36.11 69.70 9.89
C GLN C 138 -37.30 69.89 8.93
N ALA C 139 -38.53 69.88 9.47
CA ALA C 139 -39.77 69.94 8.70
C ALA C 139 -39.92 71.27 7.96
N VAL C 140 -39.58 72.39 8.61
CA VAL C 140 -39.63 73.73 8.03
C VAL C 140 -38.58 73.86 6.93
N LEU C 141 -37.35 73.35 7.15
CA LEU C 141 -36.26 73.35 6.17
C LEU C 141 -36.64 72.63 4.86
N SER C 142 -37.32 71.47 4.97
CA SER C 142 -37.81 70.70 3.83
C SER C 142 -38.97 71.43 3.10
N LEU C 143 -39.89 72.04 3.85
CA LEU C 143 -41.04 72.81 3.34
C LEU C 143 -40.59 74.10 2.62
N TYR C 144 -39.62 74.83 3.18
CA TYR C 144 -39.13 76.10 2.65
C TYR C 144 -38.27 75.84 1.39
N ALA C 145 -37.50 74.73 1.35
CA ALA C 145 -36.80 74.27 0.14
C ALA C 145 -37.78 73.81 -0.95
N SER C 146 -38.92 73.23 -0.57
CA SER C 146 -40.04 72.90 -1.46
C SER C 146 -40.81 74.18 -1.90
N GLY C 147 -40.55 75.34 -1.30
CA GLY C 147 -41.04 76.65 -1.68
C GLY C 147 -42.41 76.98 -1.07
N ARG C 148 -42.69 76.49 0.15
CA ARG C 148 -43.93 76.70 0.89
C ARG C 148 -43.66 77.39 2.23
N THR C 149 -44.72 77.92 2.86
CA THR C 149 -44.74 78.44 4.23
C THR C 149 -45.77 77.73 5.12
N THR C 150 -46.77 77.07 4.52
CA THR C 150 -47.85 76.37 5.19
C THR C 150 -48.00 75.02 4.46
N GLY C 151 -48.41 73.97 5.20
CA GLY C 151 -48.59 72.62 4.67
C GLY C 151 -48.34 71.60 5.77
N ILE C 152 -48.30 70.31 5.41
CA ILE C 152 -48.04 69.20 6.32
C ILE C 152 -46.94 68.32 5.73
N VAL C 153 -45.84 68.19 6.47
CA VAL C 153 -44.71 67.34 6.12
C VAL C 153 -45.01 65.95 6.69
N LEU C 154 -44.97 64.91 5.84
CA LEU C 154 -44.75 63.53 6.25
C LEU C 154 -43.24 63.32 6.06
N ASP C 155 -42.55 62.89 7.12
CA ASP C 155 -41.13 62.54 7.09
C ASP C 155 -41.01 61.07 7.50
N SER C 156 -40.21 60.28 6.79
CA SER C 156 -40.02 58.85 7.01
C SER C 156 -38.54 58.57 6.78
N GLY C 157 -37.80 58.23 7.84
CA GLY C 157 -36.37 57.98 7.86
C GLY C 157 -36.07 56.53 8.24
N ASP C 158 -34.91 56.29 8.87
CA ASP C 158 -34.48 54.95 9.26
C ASP C 158 -35.16 54.54 10.57
N GLY C 159 -35.03 55.36 11.62
CA GLY C 159 -35.47 55.02 12.97
C GLY C 159 -36.78 55.68 13.42
N VAL C 160 -37.49 56.41 12.54
CA VAL C 160 -38.79 57.03 12.86
C VAL C 160 -39.49 57.46 11.56
N THR C 161 -40.82 57.64 11.65
CA THR C 161 -41.66 58.42 10.74
C THR C 161 -42.36 59.50 11.60
N HIS C 162 -42.51 60.74 11.07
CA HIS C 162 -43.17 61.88 11.71
C HIS C 162 -44.19 62.52 10.75
N ASN C 163 -45.28 63.07 11.29
CA ASN C 163 -46.25 63.92 10.63
C ASN C 163 -46.18 65.29 11.32
N VAL C 164 -45.86 66.36 10.58
CA VAL C 164 -45.65 67.70 11.11
C VAL C 164 -46.45 68.75 10.28
N PRO C 165 -47.68 69.13 10.69
CA PRO C 165 -48.38 70.32 10.18
C PRO C 165 -47.61 71.62 10.49
N ILE C 166 -47.47 72.51 9.50
CA ILE C 166 -46.78 73.79 9.55
C ILE C 166 -47.77 74.89 9.07
N TYR C 167 -47.67 76.09 9.67
CA TYR C 167 -48.48 77.25 9.38
C TYR C 167 -47.60 78.50 9.59
N GLU C 168 -47.40 79.33 8.54
CA GLU C 168 -46.63 80.59 8.57
C GLU C 168 -45.13 80.36 8.89
N GLY C 169 -44.61 79.16 8.65
CA GLY C 169 -43.25 78.74 8.99
C GLY C 169 -43.09 78.13 10.38
N TYR C 170 -44.15 78.07 11.18
CA TYR C 170 -44.16 77.60 12.56
C TYR C 170 -44.94 76.28 12.59
N ALA C 171 -44.47 75.28 13.36
CA ALA C 171 -45.14 74.00 13.50
C ALA C 171 -46.31 74.12 14.48
N LEU C 172 -47.45 73.50 14.15
CA LEU C 172 -48.65 73.51 14.97
C LEU C 172 -48.53 72.37 16.02
N PRO C 173 -48.31 72.68 17.33
CA PRO C 173 -47.85 71.70 18.32
C PRO C 173 -48.94 70.72 18.78
N HIS C 174 -50.21 71.14 18.68
CA HIS C 174 -51.39 70.37 19.04
C HIS C 174 -51.68 69.21 18.08
N ALA C 175 -50.96 69.10 16.96
CA ALA C 175 -51.24 68.21 15.85
C ALA C 175 -50.00 67.51 15.25
N ILE C 176 -48.82 67.57 15.89
CA ILE C 176 -47.65 66.78 15.48
C ILE C 176 -47.89 65.32 15.91
N MET C 177 -47.53 64.35 15.05
CA MET C 177 -47.70 62.91 15.27
C MET C 177 -46.43 62.16 14.81
N ARG C 178 -46.26 60.95 15.33
CA ARG C 178 -45.11 60.06 15.17
C ARG C 178 -45.64 58.67 14.83
N LEU C 179 -44.84 57.90 14.11
CA LEU C 179 -45.04 56.49 13.78
C LEU C 179 -43.65 55.86 13.83
N ASP C 180 -43.43 54.86 14.69
CA ASP C 180 -42.09 54.28 14.89
C ASP C 180 -41.73 53.26 13.81
N LEU C 181 -42.68 52.90 12.93
CA LEU C 181 -42.45 52.07 11.75
C LEU C 181 -41.71 52.93 10.72
N ALA C 182 -40.56 52.46 10.25
CA ALA C 182 -39.60 53.22 9.47
C ALA C 182 -38.70 52.32 8.63
N GLY C 183 -37.68 52.90 7.99
CA GLY C 183 -36.77 52.24 7.04
C GLY C 183 -35.97 51.07 7.63
N ARG C 184 -35.70 51.09 8.94
CA ARG C 184 -35.02 50.06 9.71
C ARG C 184 -35.88 48.78 9.77
N ASP C 185 -37.09 48.87 10.34
CA ASP C 185 -38.05 47.79 10.51
C ASP C 185 -38.58 47.28 9.17
N LEU C 186 -38.63 48.14 8.14
CA LEU C 186 -38.88 47.75 6.76
C LEU C 186 -37.74 46.88 6.18
N THR C 187 -36.48 47.07 6.59
CA THR C 187 -35.35 46.25 6.14
C THR C 187 -35.41 44.86 6.83
N ASP C 188 -35.84 44.80 8.10
CA ASP C 188 -36.08 43.54 8.82
C ASP C 188 -37.31 42.78 8.26
N TYR C 189 -38.39 43.50 7.93
CA TYR C 189 -39.58 42.93 7.29
C TYR C 189 -39.28 42.34 5.90
N LEU C 190 -38.38 43.00 5.15
CA LEU C 190 -37.85 42.51 3.88
C LEU C 190 -36.99 41.24 4.09
N MET C 191 -36.16 41.21 5.14
CA MET C 191 -35.36 40.04 5.55
C MET C 191 -36.26 38.82 5.84
N LYS C 192 -37.38 39.04 6.53
CA LYS C 192 -38.33 37.99 6.94
C LYS C 192 -39.04 37.32 5.76
N ILE C 193 -39.55 38.07 4.77
CA ILE C 193 -40.20 37.49 3.58
C ILE C 193 -39.17 36.79 2.65
N LEU C 194 -37.89 37.19 2.70
CA LEU C 194 -36.79 36.46 2.08
C LEU C 194 -36.44 35.17 2.86
N THR C 195 -36.73 35.12 4.17
CA THR C 195 -36.59 33.91 4.99
C THR C 195 -37.77 32.95 4.69
N GLU C 196 -38.97 33.46 4.32
CA GLU C 196 -40.08 32.62 3.81
C GLU C 196 -39.72 31.97 2.46
N ARG C 197 -38.87 32.62 1.66
CA ARG C 197 -38.31 32.11 0.40
C ARG C 197 -37.05 31.23 0.63
N GLY C 198 -36.60 31.06 1.89
CA GLY C 198 -35.52 30.18 2.28
C GLY C 198 -34.11 30.76 2.19
N TYR C 199 -33.96 32.10 2.08
CA TYR C 199 -32.65 32.76 2.02
C TYR C 199 -32.19 33.10 3.46
N SER C 200 -30.98 32.64 3.84
CA SER C 200 -30.43 32.74 5.19
C SER C 200 -29.33 33.83 5.26
N PHE C 201 -29.71 35.11 5.14
CA PHE C 201 -28.84 36.27 5.28
C PHE C 201 -28.92 36.70 6.76
N VAL C 202 -27.81 36.67 7.50
CA VAL C 202 -27.82 36.64 8.96
C VAL C 202 -26.78 37.55 9.63
N THR C 203 -25.58 37.73 9.04
CA THR C 203 -24.50 38.54 9.61
C THR C 203 -24.78 40.05 9.44
N THR C 204 -24.07 40.90 10.20
CA THR C 204 -24.11 42.36 10.15
C THR C 204 -23.81 42.93 8.75
N ALA C 205 -22.98 42.23 7.95
CA ALA C 205 -22.66 42.59 6.58
C ALA C 205 -23.78 42.15 5.59
N GLU C 206 -24.52 41.08 5.89
CA GLU C 206 -25.67 40.63 5.09
C GLU C 206 -26.94 41.46 5.40
N ARG C 207 -26.94 42.29 6.46
CA ARG C 207 -28.00 43.30 6.67
C ARG C 207 -27.87 44.37 5.57
N GLU C 208 -26.64 44.75 5.19
CA GLU C 208 -26.37 45.80 4.21
C GLU C 208 -26.73 45.39 2.78
N ILE C 209 -26.69 44.08 2.46
CA ILE C 209 -27.25 43.51 1.23
C ILE C 209 -28.76 43.80 1.16
N VAL C 210 -29.51 43.40 2.19
CA VAL C 210 -30.96 43.55 2.25
C VAL C 210 -31.39 45.02 2.40
N ARG C 211 -30.59 45.86 3.08
CA ARG C 211 -30.76 47.32 3.12
C ARG C 211 -30.71 47.90 1.70
N ASP C 212 -29.65 47.58 0.96
CA ASP C 212 -29.36 48.08 -0.38
C ASP C 212 -30.35 47.59 -1.44
N ILE C 213 -30.80 46.33 -1.35
CA ILE C 213 -31.90 45.74 -2.11
C ILE C 213 -33.21 46.56 -1.96
N LYS C 214 -33.52 47.00 -0.73
CA LYS C 214 -34.71 47.79 -0.42
C LYS C 214 -34.68 49.14 -1.15
N GLU C 215 -33.59 49.90 -1.04
CA GLU C 215 -33.48 51.23 -1.64
C GLU C 215 -33.46 51.17 -3.18
N LYS C 216 -32.83 50.15 -3.77
CA LYS C 216 -32.65 50.07 -5.21
C LYS C 216 -33.81 49.36 -5.93
N LEU C 217 -34.65 48.58 -5.23
CA LEU C 217 -35.64 47.72 -5.87
C LEU C 217 -37.07 47.86 -5.34
N CYS C 218 -37.33 48.37 -4.13
CA CYS C 218 -38.69 48.45 -3.58
C CYS C 218 -39.49 49.63 -4.16
N TYR C 219 -40.81 49.47 -4.23
CA TYR C 219 -41.80 50.41 -4.73
C TYR C 219 -43.14 50.16 -4.04
N VAL C 220 -44.05 51.11 -4.07
CA VAL C 220 -45.39 50.96 -3.52
C VAL C 220 -46.29 50.54 -4.69
N ALA C 221 -47.12 49.51 -4.47
CA ALA C 221 -48.18 49.11 -5.37
C ALA C 221 -49.33 50.12 -5.25
N LEU C 222 -49.84 50.63 -6.38
CA LEU C 222 -50.88 51.65 -6.40
C LEU C 222 -52.24 51.05 -5.99
N ASP C 223 -52.53 49.84 -6.48
CA ASP C 223 -53.55 48.91 -5.99
C ASP C 223 -52.80 47.57 -5.93
N PHE C 224 -52.83 46.88 -4.78
CA PHE C 224 -51.93 45.76 -4.46
C PHE C 224 -51.93 44.63 -5.50
N GLU C 225 -53.12 44.14 -5.88
CA GLU C 225 -53.33 43.04 -6.81
C GLU C 225 -52.90 43.36 -8.26
N ASN C 226 -52.58 44.61 -8.61
CA ASN C 226 -51.99 45.00 -9.89
C ASN C 226 -50.60 44.35 -10.05
N GLU C 227 -49.81 44.39 -8.98
CA GLU C 227 -48.45 43.87 -8.96
C GLU C 227 -48.44 42.35 -8.81
N MET C 228 -49.44 41.78 -8.11
CA MET C 228 -49.68 40.34 -8.10
C MET C 228 -50.06 39.83 -9.50
N ALA C 229 -50.94 40.55 -10.21
CA ALA C 229 -51.35 40.24 -11.58
C ALA C 229 -50.16 40.36 -12.56
N THR C 230 -49.33 41.39 -12.42
CA THR C 230 -48.14 41.61 -13.25
C THR C 230 -47.03 40.58 -12.96
N ALA C 231 -46.92 40.07 -11.72
CA ALA C 231 -45.99 39.01 -11.33
C ALA C 231 -46.50 37.65 -11.83
N ALA C 232 -47.81 37.41 -11.73
CA ALA C 232 -48.49 36.17 -12.15
C ALA C 232 -48.67 36.07 -13.67
N SER C 233 -48.26 37.08 -14.45
CA SER C 233 -48.37 37.11 -15.90
C SER C 233 -47.11 37.60 -16.62
N SER C 234 -46.05 37.99 -15.90
CA SER C 234 -44.81 38.43 -16.52
C SER C 234 -43.61 38.16 -15.61
N SER C 235 -42.50 37.72 -16.21
CA SER C 235 -41.18 37.61 -15.57
C SER C 235 -40.51 38.99 -15.41
N SER C 236 -41.20 40.09 -15.75
CA SER C 236 -40.64 41.44 -15.80
C SER C 236 -40.60 42.11 -14.41
N LEU C 237 -41.35 41.59 -13.43
CA LEU C 237 -41.46 42.18 -12.09
C LEU C 237 -40.29 41.73 -11.18
N GLU C 238 -39.78 40.51 -11.38
CA GLU C 238 -38.64 39.90 -10.67
C GLU C 238 -37.34 40.46 -11.26
N LYS C 239 -36.45 40.95 -10.40
CA LYS C 239 -35.17 41.62 -10.70
C LYS C 239 -34.03 40.79 -10.11
N SER C 240 -32.92 40.63 -10.85
CA SER C 240 -31.70 40.03 -10.35
C SER C 240 -30.85 41.14 -9.70
N TYR C 241 -30.31 40.87 -8.51
CA TYR C 241 -29.32 41.65 -7.78
C TYR C 241 -28.10 40.73 -7.61
N GLU C 242 -26.88 41.20 -7.92
CA GLU C 242 -25.63 40.47 -7.66
C GLU C 242 -25.17 40.86 -6.24
N LEU C 243 -24.88 39.87 -5.39
CA LEU C 243 -24.25 40.07 -4.09
C LEU C 243 -22.76 40.45 -4.24
N PRO C 244 -22.11 41.10 -3.25
CA PRO C 244 -20.66 41.37 -3.24
C PRO C 244 -19.72 40.21 -3.62
N ASP C 245 -20.10 38.95 -3.34
CA ASP C 245 -19.38 37.71 -3.62
C ASP C 245 -19.94 36.99 -4.87
N GLY C 246 -20.76 37.67 -5.69
CA GLY C 246 -21.08 37.32 -7.08
C GLY C 246 -22.33 36.46 -7.28
N GLN C 247 -23.04 36.11 -6.21
CA GLN C 247 -24.24 35.29 -6.25
C GLN C 247 -25.41 36.19 -6.71
N VAL C 248 -26.20 35.74 -7.68
CA VAL C 248 -27.31 36.49 -8.25
C VAL C 248 -28.63 36.05 -7.59
N ILE C 249 -29.27 36.98 -6.86
CA ILE C 249 -30.50 36.75 -6.11
C ILE C 249 -31.63 37.45 -6.88
N THR C 250 -32.74 36.73 -7.11
CA THR C 250 -33.94 37.18 -7.81
C THR C 250 -34.92 37.72 -6.74
N ILE C 251 -35.20 39.02 -6.76
CA ILE C 251 -36.07 39.75 -5.84
C ILE C 251 -37.20 40.38 -6.69
N GLY C 252 -38.46 40.20 -6.31
CA GLY C 252 -39.59 40.66 -7.10
C GLY C 252 -40.84 40.86 -6.26
N ASN C 253 -41.50 39.75 -5.92
CA ASN C 253 -42.68 39.67 -5.04
C ASN C 253 -42.57 40.50 -3.74
N GLU C 254 -41.34 40.57 -3.23
CA GLU C 254 -40.93 41.28 -2.02
C GLU C 254 -40.86 42.79 -2.25
N ARG C 255 -40.64 43.25 -3.49
CA ARG C 255 -40.39 44.65 -3.85
C ARG C 255 -41.61 45.53 -3.60
N PHE C 256 -42.83 44.96 -3.64
CA PHE C 256 -44.07 45.68 -3.37
C PHE C 256 -44.68 45.23 -2.03
N ARG C 257 -44.55 43.94 -1.64
CA ARG C 257 -45.02 43.45 -0.34
C ARG C 257 -44.30 44.10 0.85
N CYS C 258 -43.02 44.48 0.73
CA CYS C 258 -42.26 45.19 1.77
C CYS C 258 -42.87 46.58 2.11
N PRO C 259 -42.80 47.66 1.28
CA PRO C 259 -43.38 48.98 1.58
C PRO C 259 -44.85 49.02 2.05
N GLU C 260 -45.70 48.10 1.58
CA GLU C 260 -47.13 47.99 1.89
C GLU C 260 -47.46 48.04 3.39
N THR C 261 -46.60 47.49 4.26
CA THR C 261 -46.83 47.53 5.71
C THR C 261 -46.77 48.95 6.29
N LEU C 262 -46.24 49.96 5.58
CA LEU C 262 -46.27 51.36 6.00
C LEU C 262 -47.68 51.97 5.79
N PHE C 263 -48.45 51.42 4.83
CA PHE C 263 -49.82 51.85 4.54
C PHE C 263 -50.82 51.12 5.46
N GLN C 264 -50.55 49.90 5.94
CA GLN C 264 -51.30 49.24 7.02
C GLN C 264 -50.36 48.44 7.95
N PRO C 265 -49.85 49.03 9.06
CA PRO C 265 -48.99 48.40 10.09
C PRO C 265 -49.43 47.04 10.68
N SER C 266 -50.64 46.55 10.40
CA SER C 266 -51.09 45.21 10.72
C SER C 266 -50.28 44.12 9.99
N PHE C 267 -49.64 44.43 8.84
CA PHE C 267 -48.81 43.49 8.07
C PHE C 267 -47.45 43.18 8.75
N ILE C 268 -47.05 43.99 9.76
CA ILE C 268 -45.88 43.82 10.62
C ILE C 268 -46.31 43.70 12.10
N GLY C 269 -47.63 43.65 12.35
CA GLY C 269 -48.27 43.33 13.64
C GLY C 269 -48.23 44.42 14.73
N MET C 270 -48.04 45.70 14.40
CA MET C 270 -47.91 46.78 15.39
C MET C 270 -49.28 47.40 15.76
N GLU C 271 -49.39 47.91 17.00
CA GLU C 271 -50.42 48.89 17.40
C GLU C 271 -49.92 50.21 16.81
N SER C 272 -50.51 50.63 15.69
CA SER C 272 -50.14 51.76 14.84
C SER C 272 -51.24 51.92 13.77
N ALA C 273 -51.37 53.12 13.21
CA ALA C 273 -52.18 53.42 12.03
C ALA C 273 -51.22 53.75 10.88
N GLY C 274 -51.67 53.63 9.63
CA GLY C 274 -50.86 53.85 8.43
C GLY C 274 -50.57 55.32 8.15
N ILE C 275 -49.57 55.61 7.33
CA ILE C 275 -49.11 56.98 7.01
C ILE C 275 -50.21 57.94 6.52
N HIS C 276 -51.21 57.47 5.76
CA HIS C 276 -52.34 58.27 5.31
C HIS C 276 -53.34 58.52 6.44
N GLU C 277 -53.54 57.55 7.33
CA GLU C 277 -54.37 57.68 8.53
C GLU C 277 -53.76 58.69 9.50
N THR C 278 -52.44 58.64 9.74
CA THR C 278 -51.75 59.58 10.63
C THR C 278 -51.69 60.99 10.03
N THR C 279 -51.51 61.12 8.70
CA THR C 279 -51.57 62.38 7.95
C THR C 279 -52.98 63.00 8.07
N TYR C 280 -54.04 62.21 7.82
CA TYR C 280 -55.43 62.63 7.97
C TYR C 280 -55.75 63.06 9.42
N ASN C 281 -55.34 62.27 10.42
CA ASN C 281 -55.60 62.55 11.84
C ASN C 281 -54.89 63.80 12.36
N SER C 282 -53.66 64.08 11.87
CA SER C 282 -52.94 65.32 12.18
C SER C 282 -53.57 66.54 11.47
N ILE C 283 -54.03 66.43 10.21
CA ILE C 283 -54.80 67.48 9.52
C ILE C 283 -56.12 67.75 10.28
N MET C 284 -56.89 66.69 10.58
CA MET C 284 -58.16 66.71 11.31
C MET C 284 -58.06 67.35 12.71
N LYS C 285 -56.91 67.20 13.38
CA LYS C 285 -56.65 67.77 14.71
C LYS C 285 -56.23 69.26 14.62
N CYS C 286 -55.94 69.79 13.43
CA CYS C 286 -55.74 71.22 13.22
C CYS C 286 -57.10 71.89 13.02
N ASP C 287 -57.12 73.19 13.32
CA ASP C 287 -58.24 74.12 13.32
C ASP C 287 -58.94 74.21 11.94
N ILE C 288 -60.26 74.40 11.95
CA ILE C 288 -61.20 74.35 10.82
C ILE C 288 -60.73 74.93 9.46
N ASP C 289 -60.24 76.16 9.47
CA ASP C 289 -59.88 76.97 8.33
C ASP C 289 -58.48 76.62 7.80
N ILE C 290 -57.62 75.98 8.61
CA ILE C 290 -56.26 75.61 8.23
C ILE C 290 -56.30 74.33 7.37
N ARG C 291 -57.21 73.39 7.70
CA ARG C 291 -57.23 72.02 7.18
C ARG C 291 -57.25 71.92 5.64
N LYS C 292 -58.02 72.81 4.98
CA LYS C 292 -58.08 72.96 3.53
C LYS C 292 -56.72 73.20 2.85
N ASP C 293 -55.83 73.93 3.53
CA ASP C 293 -54.53 74.37 3.00
C ASP C 293 -53.45 73.31 3.26
N LEU C 294 -53.66 72.45 4.28
CA LEU C 294 -52.82 71.30 4.58
C LEU C 294 -53.15 70.14 3.62
N TYR C 295 -54.42 69.97 3.22
CA TYR C 295 -54.84 69.00 2.20
C TYR C 295 -54.27 69.32 0.81
N ALA C 296 -53.99 70.60 0.53
CA ALA C 296 -53.42 71.09 -0.72
C ALA C 296 -51.87 71.08 -0.71
N ASN C 297 -51.22 70.86 0.45
CA ASN C 297 -49.78 70.95 0.63
C ASN C 297 -49.29 69.85 1.57
N ASN C 298 -49.60 68.58 1.28
CA ASN C 298 -48.93 67.46 1.96
C ASN C 298 -47.63 67.23 1.18
N VAL C 299 -46.48 67.37 1.84
CA VAL C 299 -45.17 67.26 1.22
C VAL C 299 -44.42 66.07 1.83
N MET C 300 -43.78 65.29 0.95
CA MET C 300 -42.91 64.18 1.31
C MET C 300 -41.52 64.74 1.66
N SER C 301 -40.98 64.30 2.79
CA SER C 301 -39.63 64.52 3.30
C SER C 301 -39.12 63.17 3.81
N GLY C 302 -37.84 63.08 4.19
CA GLY C 302 -37.25 61.88 4.75
C GLY C 302 -36.84 60.84 3.69
N GLY C 303 -35.83 60.04 4.03
CA GLY C 303 -35.09 59.17 3.12
C GLY C 303 -35.86 57.97 2.55
N THR C 304 -37.01 57.61 3.12
CA THR C 304 -37.83 56.48 2.71
C THR C 304 -39.23 56.91 2.28
N THR C 305 -39.38 58.16 1.80
CA THR C 305 -40.47 58.55 0.89
C THR C 305 -40.00 58.44 -0.59
N MET C 306 -38.88 57.76 -0.85
CA MET C 306 -38.23 57.67 -2.15
C MET C 306 -38.84 56.60 -3.07
N TYR C 307 -39.72 55.72 -2.55
CA TYR C 307 -40.29 54.59 -3.29
C TYR C 307 -41.22 55.08 -4.41
N PRO C 308 -41.07 54.64 -5.68
CA PRO C 308 -42.06 54.88 -6.75
C PRO C 308 -43.47 54.41 -6.34
N GLY C 309 -44.49 55.14 -6.78
CA GLY C 309 -45.90 54.82 -6.54
C GLY C 309 -46.44 55.35 -5.20
N ILE C 310 -45.60 55.86 -4.29
CA ILE C 310 -45.98 56.24 -2.93
C ILE C 310 -46.94 57.43 -2.90
N ALA C 311 -46.71 58.42 -3.77
CA ALA C 311 -47.48 59.66 -3.83
C ALA C 311 -48.81 59.41 -4.56
N ASP C 312 -48.73 58.59 -5.61
CA ASP C 312 -49.76 58.12 -6.52
C ASP C 312 -50.77 57.25 -5.75
N ARG C 313 -50.26 56.36 -4.87
CA ARG C 313 -51.02 55.60 -3.89
C ARG C 313 -51.65 56.54 -2.84
N MET C 314 -50.89 57.47 -2.28
CA MET C 314 -51.36 58.44 -1.27
C MET C 314 -52.53 59.31 -1.77
N GLN C 315 -52.53 59.71 -3.05
CA GLN C 315 -53.63 60.44 -3.70
C GLN C 315 -54.96 59.65 -3.71
N LYS C 316 -54.92 58.32 -3.81
CA LYS C 316 -56.08 57.43 -3.71
C LYS C 316 -56.45 57.18 -2.24
N GLU C 317 -55.46 56.90 -1.38
CA GLU C 317 -55.64 56.55 0.02
C GLU C 317 -56.22 57.73 0.84
N ILE C 318 -55.76 58.96 0.59
CA ILE C 318 -56.27 60.15 1.29
C ILE C 318 -57.67 60.55 0.78
N THR C 319 -58.04 60.28 -0.48
CA THR C 319 -59.39 60.59 -0.99
C THR C 319 -60.45 59.55 -0.56
N ALA C 320 -60.04 58.46 0.11
CA ALA C 320 -60.90 57.55 0.85
C ALA C 320 -61.10 58.02 2.31
N LEU C 321 -60.43 59.09 2.75
CA LEU C 321 -60.50 59.63 4.12
C LEU C 321 -60.99 61.09 4.13
N ALA C 322 -60.37 61.97 3.33
CA ALA C 322 -60.62 63.40 3.36
C ALA C 322 -61.91 63.75 2.58
N PRO C 323 -62.78 64.66 3.10
CA PRO C 323 -64.00 65.14 2.43
C PRO C 323 -63.81 65.52 0.94
N SER C 324 -64.59 64.89 0.05
CA SER C 324 -64.37 64.86 -1.40
C SER C 324 -64.54 66.22 -2.11
N THR C 325 -64.94 67.28 -1.39
CA THR C 325 -64.91 68.66 -1.85
C THR C 325 -63.46 69.21 -1.90
N MET C 326 -62.54 68.69 -1.06
CA MET C 326 -61.18 69.19 -0.89
C MET C 326 -60.28 68.78 -2.06
N LYS C 327 -59.34 69.66 -2.42
CA LYS C 327 -58.51 69.58 -3.62
C LYS C 327 -57.17 68.93 -3.25
N ILE C 328 -57.22 67.65 -2.84
CA ILE C 328 -56.13 66.82 -2.29
C ILE C 328 -54.87 66.83 -3.17
N LYS C 329 -53.72 67.25 -2.63
CA LYS C 329 -52.44 67.33 -3.33
C LYS C 329 -51.29 66.82 -2.43
N ILE C 330 -50.69 65.71 -2.86
CA ILE C 330 -49.45 65.17 -2.34
C ILE C 330 -48.32 65.72 -3.25
N ILE C 331 -47.30 66.33 -2.65
CA ILE C 331 -46.12 66.88 -3.31
C ILE C 331 -44.97 65.90 -3.00
N ALA C 332 -44.41 65.25 -4.03
CA ALA C 332 -43.16 64.51 -3.95
C ALA C 332 -42.08 65.36 -4.63
N PRO C 333 -41.17 66.02 -3.88
CA PRO C 333 -40.08 66.81 -4.48
C PRO C 333 -38.98 65.89 -5.08
N PRO C 334 -38.15 66.38 -6.03
CA PRO C 334 -37.07 65.62 -6.68
C PRO C 334 -36.14 64.87 -5.70
N GLU C 335 -35.48 65.64 -4.81
CA GLU C 335 -34.73 65.11 -3.68
C GLU C 335 -35.68 65.12 -2.46
N ARG C 336 -35.36 64.30 -1.46
CA ARG C 336 -36.06 64.17 -0.19
C ARG C 336 -35.25 63.43 0.89
N LYS C 337 -34.08 62.86 0.57
CA LYS C 337 -33.21 62.22 1.57
C LYS C 337 -32.20 63.23 2.13
N TYR C 338 -31.84 64.24 1.32
CA TYR C 338 -30.88 65.29 1.65
C TYR C 338 -31.57 66.65 1.81
N SER C 339 -32.85 66.79 1.45
CA SER C 339 -33.62 68.05 1.36
C SER C 339 -33.42 69.06 2.52
N VAL C 340 -33.49 68.58 3.77
CA VAL C 340 -33.31 69.38 4.99
C VAL C 340 -31.85 69.87 5.16
N TRP C 341 -30.88 69.03 4.78
CA TRP C 341 -29.45 69.32 4.83
C TRP C 341 -29.09 70.31 3.71
N ILE C 342 -29.69 70.14 2.51
CA ILE C 342 -29.58 71.06 1.38
C ILE C 342 -30.13 72.46 1.77
N GLY C 343 -31.29 72.50 2.45
CA GLY C 343 -31.87 73.73 3.00
C GLY C 343 -30.93 74.41 4.01
N GLY C 344 -30.29 73.61 4.88
CA GLY C 344 -29.25 74.03 5.80
C GLY C 344 -27.98 74.56 5.10
N SER C 345 -27.50 73.85 4.05
CA SER C 345 -26.37 74.24 3.20
C SER C 345 -26.59 75.61 2.55
N ILE C 346 -27.77 75.85 1.97
CA ILE C 346 -28.18 77.12 1.35
C ILE C 346 -28.19 78.27 2.37
N LEU C 347 -28.70 78.04 3.58
CA LEU C 347 -28.81 79.04 4.65
C LEU C 347 -27.41 79.39 5.23
N ALA C 348 -26.49 78.43 5.25
CA ALA C 348 -25.12 78.58 5.71
C ALA C 348 -24.17 79.14 4.64
N SER C 349 -24.68 79.47 3.44
CA SER C 349 -23.91 80.01 2.30
C SER C 349 -24.50 81.34 1.76
N LEU C 350 -25.39 81.95 2.54
CA LEU C 350 -25.69 83.38 2.50
C LEU C 350 -24.57 84.15 3.26
N SER C 351 -24.56 85.48 3.24
CA SER C 351 -23.58 86.29 3.98
C SER C 351 -24.23 87.59 4.47
N THR C 352 -25.45 87.50 5.00
CA THR C 352 -26.31 88.64 5.31
C THR C 352 -25.83 89.41 6.56
N PHE C 353 -25.35 88.72 7.60
CA PHE C 353 -25.19 89.28 8.94
C PHE C 353 -23.71 89.44 9.35
N GLN C 354 -22.78 89.58 8.39
CA GLN C 354 -21.31 89.62 8.55
C GLN C 354 -20.74 90.83 9.34
N GLN C 355 -21.58 91.49 10.15
CA GLN C 355 -21.26 92.56 11.10
C GLN C 355 -22.06 92.41 12.41
N MET C 356 -23.02 91.47 12.49
CA MET C 356 -23.98 91.33 13.59
C MET C 356 -24.57 89.90 13.61
N TRP C 357 -23.71 88.90 13.79
CA TRP C 357 -24.07 87.48 13.85
C TRP C 357 -23.37 86.81 15.03
N ILE C 358 -23.84 85.59 15.31
CA ILE C 358 -23.42 84.67 16.36
C ILE C 358 -21.90 84.54 16.44
N THR C 359 -21.38 84.68 17.66
CA THR C 359 -19.98 84.52 18.02
C THR C 359 -19.93 83.80 19.37
N LYS C 360 -18.72 83.41 19.80
CA LYS C 360 -18.46 82.99 21.18
C LYS C 360 -18.77 84.13 22.19
N GLN C 361 -18.67 85.41 21.80
CA GLN C 361 -19.10 86.54 22.64
C GLN C 361 -20.61 86.50 22.87
N GLU C 362 -21.45 86.32 21.82
CA GLU C 362 -22.91 86.21 21.98
C GLU C 362 -23.33 85.05 22.93
N TYR C 363 -22.52 83.99 23.02
CA TYR C 363 -22.70 82.92 24.00
C TYR C 363 -22.25 83.37 25.40
N ASP C 364 -21.02 83.91 25.54
CA ASP C 364 -20.46 84.32 26.84
C ASP C 364 -21.17 85.53 27.45
N GLU C 365 -21.79 86.38 26.62
CA GLU C 365 -22.53 87.59 26.97
C GLU C 365 -23.96 87.23 27.43
N ALA C 366 -24.68 86.39 26.67
CA ALA C 366 -26.13 86.22 26.79
C ALA C 366 -26.62 84.78 26.57
N GLY C 367 -25.71 83.81 26.46
CA GLY C 367 -25.97 82.39 26.29
C GLY C 367 -26.74 82.03 25.00
N PRO C 368 -27.28 80.79 24.91
CA PRO C 368 -28.17 80.35 23.83
C PRO C 368 -29.47 81.18 23.62
N SER C 369 -29.71 82.28 24.37
CA SER C 369 -30.95 83.05 24.31
C SER C 369 -31.14 83.73 22.95
N ILE C 370 -30.04 84.07 22.25
CA ILE C 370 -30.08 84.65 20.91
C ILE C 370 -30.44 83.60 19.85
N VAL C 371 -30.07 82.33 20.06
CA VAL C 371 -30.37 81.21 19.16
C VAL C 371 -31.89 80.97 19.19
N HIS C 372 -32.49 80.90 20.39
CA HIS C 372 -33.93 80.81 20.61
C HIS C 372 -34.71 81.98 19.98
N ARG C 373 -34.14 83.19 19.97
CA ARG C 373 -34.68 84.38 19.31
C ARG C 373 -34.39 84.44 17.79
N LYS C 374 -33.67 83.47 17.20
CA LYS C 374 -33.28 83.46 15.78
C LYS C 374 -33.75 82.20 15.03
N CYS C 375 -34.30 81.19 15.73
CA CYS C 375 -34.77 79.92 15.16
C CYS C 375 -36.19 80.09 14.58
N PHE C 376 -36.55 79.24 13.60
CA PHE C 376 -37.86 79.14 12.96
C PHE C 376 -38.92 78.63 13.96
N NH2 C 377 -39.46 79.51 14.79
HN1 NH2 C 377 -40.14 79.20 15.46
HN2 NH2 C 377 -39.03 80.44 14.83
C ACE D 1 -69.43 -4.81 16.70
O ACE D 1 -69.86 -5.64 17.75
CH3 ACE D 1 -69.11 -5.68 15.49
H1 ACE D 1 -68.74 -5.06 14.66
H2 ACE D 1 -69.99 -6.21 15.15
H3 ACE D 1 -68.34 -6.41 15.72
N ASP D 2 -68.22 -4.17 17.20
CA ASP D 2 -68.52 -3.00 18.02
C ASP D 2 -68.26 -1.76 17.16
N GLU D 3 -68.92 -0.64 17.48
CA GLU D 3 -68.92 0.59 16.70
C GLU D 3 -68.56 1.78 17.59
N ASP D 4 -67.30 2.22 17.52
CA ASP D 4 -66.77 3.55 17.82
C ASP D 4 -65.70 3.82 16.76
N GLU D 5 -65.35 5.09 16.53
CA GLU D 5 -64.68 5.55 15.31
C GLU D 5 -63.17 5.25 15.31
N THR D 6 -62.63 5.33 14.09
CA THR D 6 -61.34 4.87 13.58
C THR D 6 -60.15 5.43 14.38
N THR D 7 -59.22 4.55 14.77
CA THR D 7 -57.91 4.88 15.34
C THR D 7 -57.06 5.56 14.24
N ALA D 8 -56.61 6.78 14.49
CA ALA D 8 -55.93 7.62 13.50
C ALA D 8 -54.42 7.31 13.43
N LEU D 9 -53.83 7.68 12.30
CA LEU D 9 -52.40 7.76 12.04
C LEU D 9 -51.97 9.16 12.50
N VAL D 10 -50.91 9.23 13.32
CA VAL D 10 -50.44 10.45 13.97
C VAL D 10 -48.98 10.62 13.56
N CYS D 11 -48.65 11.75 12.93
CA CYS D 11 -47.34 12.05 12.37
C CYS D 11 -46.96 13.49 12.74
N ASP D 12 -45.68 13.71 13.04
CA ASP D 12 -45.09 15.02 13.23
C ASP D 12 -43.84 15.11 12.35
N ASN D 13 -43.78 16.19 11.56
CA ASN D 13 -42.69 16.58 10.68
C ASN D 13 -41.49 17.10 11.48
N GLY D 14 -41.73 17.55 12.73
CA GLY D 14 -40.77 18.17 13.62
C GLY D 14 -40.09 19.37 12.99
N SER D 15 -38.77 19.43 13.21
CA SER D 15 -37.86 20.46 12.70
C SER D 15 -36.68 19.73 12.03
N GLY D 16 -37.01 18.79 11.12
CA GLY D 16 -36.08 17.99 10.34
C GLY D 16 -36.06 16.49 10.70
N LEU D 17 -36.58 16.14 11.89
CA LEU D 17 -36.71 14.78 12.39
C LEU D 17 -38.20 14.41 12.33
N VAL D 18 -38.55 13.29 11.68
CA VAL D 18 -39.91 12.77 11.61
C VAL D 18 -40.15 11.94 12.90
N LYS D 19 -41.36 12.03 13.46
CA LYS D 19 -41.89 11.09 14.44
C LYS D 19 -43.26 10.65 13.90
N ALA D 20 -43.60 9.37 13.95
CA ALA D 20 -44.91 8.88 13.53
C ALA D 20 -45.37 7.68 14.35
N GLY D 21 -46.68 7.46 14.42
CA GLY D 21 -47.31 6.34 15.11
C GLY D 21 -48.82 6.41 14.97
N PHE D 22 -49.56 5.84 15.93
CA PHE D 22 -51.02 5.75 15.88
C PHE D 22 -51.62 6.34 17.16
N ALA D 23 -52.89 6.75 17.10
CA ALA D 23 -53.62 7.36 18.20
C ALA D 23 -53.86 6.36 19.34
N GLY D 24 -53.62 6.80 20.57
CA GLY D 24 -53.70 6.00 21.79
C GLY D 24 -52.33 5.51 22.28
N ASP D 25 -51.29 5.59 21.43
CA ASP D 25 -49.89 5.36 21.79
C ASP D 25 -49.36 6.71 22.30
N ASP D 26 -48.97 6.80 23.58
CA ASP D 26 -48.40 8.01 24.20
C ASP D 26 -46.90 8.20 23.85
N ALA D 27 -46.34 7.42 22.92
CA ALA D 27 -44.97 7.48 22.44
C ALA D 27 -44.94 7.11 20.94
N PRO D 28 -44.01 7.64 20.12
CA PRO D 28 -44.00 7.42 18.67
C PRO D 28 -43.53 6.01 18.30
N ARG D 29 -44.10 5.48 17.22
CA ARG D 29 -43.94 4.10 16.76
C ARG D 29 -42.76 3.97 15.78
N ALA D 30 -42.34 5.08 15.17
CA ALA D 30 -41.19 5.22 14.27
C ALA D 30 -40.64 6.64 14.40
N VAL D 31 -39.32 6.80 14.35
CA VAL D 31 -38.59 8.07 14.38
C VAL D 31 -37.41 7.94 13.39
N PHE D 32 -37.24 8.89 12.47
CA PHE D 32 -36.11 8.91 11.51
C PHE D 32 -35.81 10.35 11.05
N PRO D 33 -34.56 10.68 10.63
CA PRO D 33 -34.24 11.99 10.05
C PRO D 33 -34.75 12.06 8.60
N SER D 34 -35.32 13.19 8.17
CA SER D 34 -35.91 13.38 6.84
C SER D 34 -34.89 13.50 5.69
N ILE D 35 -33.80 12.72 5.69
CA ILE D 35 -32.77 12.72 4.65
C ILE D 35 -33.26 12.01 3.38
N VAL D 36 -33.21 12.72 2.25
CA VAL D 36 -33.18 12.16 0.90
C VAL D 36 -31.69 12.26 0.49
N GLY D 37 -31.13 11.17 -0.02
CA GLY D 37 -29.80 11.09 -0.59
C GLY D 37 -29.91 11.14 -2.10
N ARG D 38 -29.45 12.24 -2.70
CA ARG D 38 -29.37 12.45 -4.15
C ARG D 38 -27.88 12.29 -4.55
N PRO D 39 -27.53 11.63 -5.68
CA PRO D 39 -26.17 11.44 -6.21
C PRO D 39 -25.25 12.68 -6.30
N ARG D 40 -23.93 12.44 -6.25
CA ARG D 40 -22.86 13.40 -6.46
C ARG D 40 -21.68 12.78 -7.23
N HIS D 41 -20.65 13.58 -7.50
CA HIS D 41 -19.42 13.32 -8.25
C HIS D 41 -18.68 12.02 -7.87
N GLN D 42 -18.87 10.97 -8.68
CA GLN D 42 -18.18 9.69 -8.52
C GLN D 42 -18.11 8.95 -9.87
N GLY D 43 -17.43 9.57 -10.85
CA GLY D 43 -17.12 8.99 -12.15
C GLY D 43 -18.36 8.67 -12.98
N VAL D 44 -18.54 7.39 -13.34
CA VAL D 44 -19.74 6.87 -13.99
C VAL D 44 -20.77 6.40 -12.94
N MET D 45 -20.33 6.13 -11.69
CA MET D 45 -21.10 5.41 -10.67
C MET D 45 -22.26 6.27 -10.12
N VAL D 46 -22.15 7.59 -10.24
CA VAL D 46 -23.20 8.60 -10.01
C VAL D 46 -24.48 8.30 -10.84
N GLY D 47 -24.31 7.80 -12.07
CA GLY D 47 -25.37 7.50 -13.01
C GLY D 47 -25.85 6.05 -12.94
N MET D 48 -25.20 5.20 -12.13
CA MET D 48 -25.56 3.80 -11.91
C MET D 48 -26.50 3.68 -10.69
N GLY D 49 -27.37 4.68 -10.51
CA GLY D 49 -28.40 4.75 -9.47
C GLY D 49 -29.41 3.61 -9.63
N GLN D 50 -29.66 2.88 -8.53
CA GLN D 50 -30.68 1.82 -8.47
C GLN D 50 -31.99 2.43 -7.93
N LYS D 51 -31.90 3.65 -7.38
CA LYS D 51 -32.92 4.67 -7.19
C LYS D 51 -32.20 5.99 -7.52
N ASP D 52 -32.95 7.03 -7.85
CA ASP D 52 -32.48 8.41 -8.08
C ASP D 52 -32.34 9.09 -6.70
N SER D 53 -33.34 8.90 -5.84
CA SER D 53 -33.56 9.62 -4.60
C SER D 53 -33.79 8.55 -3.52
N TYR D 54 -32.68 8.05 -2.95
CA TYR D 54 -32.69 7.11 -1.84
C TYR D 54 -33.10 7.87 -0.58
N VAL D 55 -33.84 7.25 0.33
CA VAL D 55 -34.47 7.90 1.48
C VAL D 55 -34.15 7.14 2.77
N GLY D 56 -33.95 7.87 3.87
CA GLY D 56 -33.75 7.37 5.23
C GLY D 56 -32.59 6.38 5.30
N ASP D 57 -32.92 5.12 5.66
CA ASP D 57 -32.08 3.93 5.74
C ASP D 57 -31.18 3.76 4.51
N GLU D 58 -31.76 3.90 3.32
CA GLU D 58 -31.08 3.69 2.04
C GLU D 58 -30.22 4.92 1.65
N ALA D 59 -30.50 6.11 2.21
CA ALA D 59 -29.76 7.34 1.91
C ALA D 59 -28.44 7.39 2.68
N GLN D 60 -28.44 7.03 3.97
CA GLN D 60 -27.25 7.05 4.84
C GLN D 60 -26.32 5.83 4.63
N SER D 61 -26.67 4.91 3.74
CA SER D 61 -25.94 3.66 3.51
C SER D 61 -24.85 3.78 2.42
N LYS D 62 -25.01 4.65 1.42
CA LYS D 62 -24.30 4.50 0.14
C LYS D 62 -23.05 5.37 0.08
N ARG D 63 -21.94 4.76 0.51
CA ARG D 63 -20.58 5.27 0.65
C ARG D 63 -20.11 6.14 -0.53
N GLY D 64 -19.99 7.45 -0.30
CA GLY D 64 -19.47 8.46 -1.21
C GLY D 64 -20.39 8.86 -2.36
N ILE D 65 -21.37 8.02 -2.74
CA ILE D 65 -22.14 8.18 -3.98
C ILE D 65 -23.11 9.39 -3.89
N LEU D 66 -23.64 9.67 -2.69
CA LEU D 66 -24.76 10.57 -2.47
C LEU D 66 -24.33 11.84 -1.71
N THR D 67 -25.23 12.81 -1.66
CA THR D 67 -25.26 13.98 -0.79
C THR D 67 -26.68 14.03 -0.20
N LEU D 68 -26.78 14.25 1.11
CA LEU D 68 -28.02 14.20 1.87
C LEU D 68 -28.61 15.61 1.93
N LYS D 69 -29.92 15.71 1.70
CA LYS D 69 -30.73 16.91 1.88
C LYS D 69 -32.02 16.55 2.61
N TYR D 70 -32.49 17.47 3.46
CA TYR D 70 -33.78 17.44 4.14
C TYR D 70 -34.70 18.27 3.22
N PRO D 71 -35.98 17.90 2.97
CA PRO D 71 -36.90 18.77 2.22
C PRO D 71 -37.32 20.00 3.04
N ILE D 72 -37.42 19.86 4.37
CA ILE D 72 -37.87 20.84 5.34
C ILE D 72 -36.64 21.40 6.12
N GLU D 73 -35.54 21.67 5.40
CA GLU D 73 -34.19 21.93 5.93
C GLU D 73 -34.06 23.16 6.86
N HIS D 74 -34.99 24.12 6.78
CA HIS D 74 -34.92 25.40 7.49
C HIS D 74 -36.28 25.87 8.02
N GLY D 75 -37.16 24.91 8.33
CA GLY D 75 -38.56 25.11 8.74
C GLY D 75 -39.50 25.27 7.54
N ILE D 76 -39.00 25.89 6.47
CA ILE D 76 -39.59 26.03 5.14
C ILE D 76 -39.36 24.70 4.38
N ILE D 77 -40.33 24.28 3.57
CA ILE D 77 -40.22 23.13 2.68
C ILE D 77 -39.62 23.67 1.36
N THR D 78 -38.51 23.07 0.92
CA THR D 78 -37.69 23.52 -0.21
C THR D 78 -38.00 22.74 -1.51
N ASN D 79 -38.70 21.60 -1.44
CA ASN D 79 -39.15 20.82 -2.59
C ASN D 79 -40.33 19.96 -2.14
N TRP D 80 -41.34 19.83 -3.02
CA TRP D 80 -42.57 19.10 -2.73
C TRP D 80 -42.42 17.60 -2.98
N ASP D 81 -41.86 17.18 -4.13
CA ASP D 81 -41.83 15.76 -4.51
C ASP D 81 -40.89 14.98 -3.55
N ASP D 82 -39.87 15.62 -2.96
CA ASP D 82 -39.06 15.06 -1.87
C ASP D 82 -39.81 15.00 -0.53
N MET D 83 -40.69 15.96 -0.23
CA MET D 83 -41.57 15.90 0.95
C MET D 83 -42.57 14.73 0.81
N GLU D 84 -43.05 14.50 -0.42
CA GLU D 84 -43.83 13.35 -0.86
C GLU D 84 -43.03 12.04 -0.58
N LYS D 85 -41.74 11.97 -0.95
CA LYS D 85 -40.84 10.83 -0.68
C LYS D 85 -40.65 10.53 0.83
N ILE D 86 -40.51 11.55 1.69
CA ILE D 86 -40.34 11.36 3.14
C ILE D 86 -41.63 10.77 3.77
N TRP D 87 -42.81 11.32 3.44
CA TRP D 87 -44.08 10.77 3.91
C TRP D 87 -44.36 9.38 3.32
N HIS D 88 -43.95 9.13 2.08
CA HIS D 88 -44.02 7.80 1.47
C HIS D 88 -43.15 6.76 2.21
N HIS D 89 -41.95 7.14 2.66
CA HIS D 89 -41.08 6.24 3.44
C HIS D 89 -41.63 6.04 4.87
N THR D 90 -42.28 7.07 5.46
CA THR D 90 -42.92 7.03 6.77
C THR D 90 -44.06 6.00 6.77
N PHE D 91 -44.94 6.07 5.76
CA PHE D 91 -46.15 5.25 5.67
C PHE D 91 -45.81 3.91 5.02
N TYR D 92 -45.38 3.89 3.75
CA TYR D 92 -45.26 2.67 2.94
C TYR D 92 -43.89 1.97 3.10
N ASN D 93 -43.05 2.34 4.08
CA ASN D 93 -41.82 1.61 4.46
C ASN D 93 -41.65 1.41 5.98
N GLU D 94 -41.77 2.46 6.80
CA GLU D 94 -41.59 2.35 8.27
C GLU D 94 -42.86 1.75 8.92
N LEU D 95 -43.98 2.50 8.94
CA LEU D 95 -45.19 2.10 9.67
C LEU D 95 -45.96 0.97 8.95
N ARG D 96 -45.86 0.91 7.62
CA ARG D 96 -46.25 -0.21 6.76
C ARG D 96 -47.77 -0.30 6.54
N VAL D 97 -48.47 0.82 6.77
CA VAL D 97 -49.85 1.04 6.41
C VAL D 97 -49.85 1.91 5.15
N ALA D 98 -50.88 1.72 4.34
CA ALA D 98 -51.31 2.67 3.32
C ALA D 98 -52.44 3.46 4.03
N PRO D 99 -52.39 4.80 4.12
CA PRO D 99 -53.30 5.58 4.99
C PRO D 99 -54.69 5.83 4.36
N GLU D 100 -55.11 4.99 3.42
CA GLU D 100 -56.26 5.14 2.55
C GLU D 100 -57.59 4.88 3.31
N GLU D 101 -57.52 4.15 4.43
CA GLU D 101 -58.57 4.02 5.43
C GLU D 101 -58.45 5.09 6.55
N HIS D 102 -57.25 5.66 6.77
CA HIS D 102 -56.84 6.16 8.10
C HIS D 102 -56.84 7.70 8.17
N PRO D 103 -57.56 8.32 9.14
CA PRO D 103 -57.39 9.75 9.50
C PRO D 103 -55.91 10.05 9.84
N THR D 104 -55.29 11.01 9.17
CA THR D 104 -53.85 11.27 9.24
C THR D 104 -53.62 12.68 9.81
N LEU D 105 -53.22 12.78 11.09
CA LEU D 105 -52.90 14.04 11.75
C LEU D 105 -51.42 14.37 11.47
N LEU D 106 -51.19 15.54 10.88
CA LEU D 106 -49.90 16.17 10.65
C LEU D 106 -49.74 17.36 11.61
N THR D 107 -48.51 17.85 11.74
CA THR D 107 -48.17 19.11 12.38
C THR D 107 -47.83 20.19 11.32
N GLU D 108 -48.11 21.45 11.67
CA GLU D 108 -47.71 22.70 11.03
C GLU D 108 -46.18 22.77 10.99
N ALA D 109 -45.57 22.92 9.80
CA ALA D 109 -44.11 22.98 9.62
C ALA D 109 -43.57 24.30 10.23
N PRO D 110 -42.44 24.28 10.98
CA PRO D 110 -41.91 25.42 11.78
C PRO D 110 -42.00 26.83 11.15
N LEU D 111 -43.12 27.52 11.43
CA LEU D 111 -43.48 28.90 11.11
C LEU D 111 -44.08 29.12 9.71
N ASN D 112 -43.90 28.17 8.79
CA ASN D 112 -44.11 28.13 7.31
C ASN D 112 -45.06 29.16 6.66
N PRO D 113 -44.80 29.64 5.41
CA PRO D 113 -45.71 30.54 4.68
C PRO D 113 -47.05 29.83 4.41
N LYS D 114 -48.15 30.37 4.98
CA LYS D 114 -49.39 29.63 5.26
C LYS D 114 -50.11 29.13 4.00
N ALA D 115 -49.89 29.79 2.86
CA ALA D 115 -50.40 29.49 1.53
C ALA D 115 -49.37 28.63 0.76
N ASN D 116 -48.85 27.59 1.42
CA ASN D 116 -48.20 26.44 0.79
C ASN D 116 -48.75 25.12 1.39
N ARG D 117 -49.69 25.24 2.32
CA ARG D 117 -50.22 24.12 3.11
C ARG D 117 -51.32 23.38 2.33
N GLU D 118 -51.81 23.98 1.24
CA GLU D 118 -52.64 23.45 0.18
C GLU D 118 -52.03 22.17 -0.41
N LYS D 119 -50.72 22.18 -0.73
CA LYS D 119 -50.04 20.99 -1.26
C LYS D 119 -49.86 19.94 -0.15
N MET D 120 -49.64 20.34 1.12
CA MET D 120 -49.59 19.40 2.27
C MET D 120 -50.93 18.67 2.46
N THR D 121 -52.04 19.40 2.27
CA THR D 121 -53.42 18.92 2.32
C THR D 121 -53.69 17.96 1.14
N GLN D 122 -53.29 18.37 -0.08
CA GLN D 122 -53.39 17.61 -1.33
C GLN D 122 -52.70 16.24 -1.27
N ILE D 123 -51.46 16.17 -0.76
CA ILE D 123 -50.66 14.93 -0.73
C ILE D 123 -51.34 13.82 0.08
N MET D 124 -52.09 14.21 1.12
CA MET D 124 -52.92 13.29 1.88
C MET D 124 -54.11 12.87 1.00
N PHE D 125 -54.93 13.84 0.57
CA PHE D 125 -56.24 13.59 -0.03
C PHE D 125 -56.20 12.98 -1.45
N GLU D 126 -55.18 13.28 -2.26
CA GLU D 126 -55.06 12.87 -3.66
C GLU D 126 -53.90 11.86 -3.86
N THR D 127 -52.68 12.13 -3.37
CA THR D 127 -51.53 11.25 -3.65
C THR D 127 -51.66 9.94 -2.82
N PHE D 128 -51.79 10.04 -1.49
CA PHE D 128 -51.90 8.88 -0.59
C PHE D 128 -53.36 8.52 -0.26
N ASN D 129 -54.32 9.23 -0.85
CA ASN D 129 -55.75 8.86 -0.96
C ASN D 129 -56.60 8.99 0.33
N VAL D 130 -56.00 9.46 1.42
CA VAL D 130 -56.49 9.68 2.79
C VAL D 130 -57.95 10.20 2.88
N PRO D 131 -58.79 9.70 3.83
CA PRO D 131 -60.17 10.17 4.01
C PRO D 131 -60.32 11.47 4.83
N ALA D 132 -59.40 11.76 5.76
CA ALA D 132 -59.42 12.94 6.63
C ALA D 132 -58.02 13.34 7.10
N MET D 133 -57.76 14.64 7.29
CA MET D 133 -56.48 15.16 7.78
C MET D 133 -56.63 16.45 8.62
N TYR D 134 -55.55 16.82 9.31
CA TYR D 134 -55.42 18.04 10.10
C TYR D 134 -53.94 18.45 10.18
N VAL D 135 -53.66 19.76 10.34
CA VAL D 135 -52.33 20.36 10.48
C VAL D 135 -52.34 21.12 11.83
N ALA D 136 -51.79 20.49 12.88
CA ALA D 136 -51.79 20.98 14.27
C ALA D 136 -50.56 21.85 14.59
N ILE D 137 -50.68 22.84 15.48
CA ILE D 137 -49.65 23.82 15.81
C ILE D 137 -48.72 23.22 16.89
N GLN D 138 -47.44 23.00 16.52
CA GLN D 138 -46.41 22.31 17.29
C GLN D 138 -46.16 22.89 18.70
N ALA D 139 -46.04 24.22 18.77
CA ALA D 139 -45.65 24.94 19.97
C ALA D 139 -46.79 24.94 21.01
N VAL D 140 -48.05 25.04 20.56
CA VAL D 140 -49.23 24.95 21.42
C VAL D 140 -49.31 23.55 22.09
N LEU D 141 -48.99 22.48 21.36
CA LEU D 141 -48.95 21.11 21.90
C LEU D 141 -47.80 20.95 22.91
N SER D 142 -46.63 21.57 22.68
CA SER D 142 -45.53 21.59 23.64
C SER D 142 -45.89 22.36 24.92
N LEU D 143 -46.58 23.51 24.77
CA LEU D 143 -47.10 24.34 25.86
C LEU D 143 -48.15 23.56 26.68
N TYR D 144 -49.11 22.91 26.00
CA TYR D 144 -50.21 22.17 26.62
C TYR D 144 -49.72 20.84 27.25
N ALA D 145 -48.64 20.24 26.72
CA ALA D 145 -48.02 19.04 27.30
C ALA D 145 -47.26 19.38 28.59
N SER D 146 -46.71 20.59 28.67
CA SER D 146 -46.16 21.20 29.89
C SER D 146 -47.29 21.73 30.81
N GLY D 147 -48.57 21.57 30.43
CA GLY D 147 -49.74 21.92 31.22
C GLY D 147 -49.99 23.42 31.32
N ARG D 148 -49.39 24.23 30.42
CA ARG D 148 -49.56 25.68 30.38
C ARG D 148 -50.47 26.02 29.20
N THR D 149 -51.16 27.16 29.26
CA THR D 149 -51.96 27.70 28.16
C THR D 149 -51.47 29.11 27.74
N THR D 150 -50.56 29.71 28.52
CA THR D 150 -49.90 30.99 28.28
C THR D 150 -48.44 30.79 28.70
N GLY D 151 -47.48 31.39 27.99
CA GLY D 151 -46.06 31.26 28.27
C GLY D 151 -45.25 31.45 27.00
N ILE D 152 -43.97 31.07 27.05
CA ILE D 152 -43.06 31.10 25.92
C ILE D 152 -42.49 29.70 25.73
N VAL D 153 -42.59 29.18 24.50
CA VAL D 153 -41.99 27.92 24.10
C VAL D 153 -40.66 28.32 23.44
N LEU D 154 -39.55 27.80 23.96
CA LEU D 154 -38.28 27.71 23.25
C LEU D 154 -38.28 26.30 22.68
N ASP D 155 -38.39 26.18 21.35
CA ASP D 155 -38.08 24.94 20.64
C ASP D 155 -36.66 25.09 20.07
N SER D 156 -35.93 23.99 20.00
CA SER D 156 -34.59 23.89 19.46
C SER D 156 -34.55 22.55 18.74
N GLY D 157 -34.61 22.60 17.40
CA GLY D 157 -34.69 21.45 16.52
C GLY D 157 -33.32 21.07 16.00
N ASP D 158 -33.30 20.22 14.96
CA ASP D 158 -32.06 19.90 14.23
C ASP D 158 -31.82 21.00 13.18
N GLY D 159 -32.85 21.44 12.45
CA GLY D 159 -32.73 22.42 11.38
C GLY D 159 -32.94 23.90 11.75
N VAL D 160 -33.54 24.23 12.91
CA VAL D 160 -33.74 25.62 13.38
C VAL D 160 -34.01 25.62 14.91
N THR D 161 -33.86 26.78 15.57
CA THR D 161 -34.26 27.05 16.95
C THR D 161 -35.23 28.26 16.92
N HIS D 162 -36.34 28.21 17.68
CA HIS D 162 -37.44 29.16 17.65
C HIS D 162 -37.90 29.49 19.07
N ASN D 163 -38.18 30.76 19.34
CA ASN D 163 -38.90 31.21 20.53
C ASN D 163 -40.26 31.72 20.08
N VAL D 164 -41.34 31.14 20.61
CA VAL D 164 -42.73 31.48 20.32
C VAL D 164 -43.44 31.85 21.63
N PRO D 165 -43.83 33.12 21.85
CA PRO D 165 -44.73 33.51 22.95
C PRO D 165 -46.19 33.14 22.59
N ILE D 166 -46.95 32.62 23.55
CA ILE D 166 -48.31 32.13 23.39
C ILE D 166 -49.15 32.67 24.55
N TYR D 167 -50.38 33.09 24.26
CA TYR D 167 -51.30 33.76 25.17
C TYR D 167 -52.70 33.19 24.92
N GLU D 168 -53.23 32.44 25.89
CA GLU D 168 -54.55 31.78 25.92
C GLU D 168 -54.67 30.61 24.92
N GLY D 169 -53.55 30.11 24.40
CA GLY D 169 -53.43 29.09 23.35
C GLY D 169 -53.09 29.69 21.97
N TYR D 170 -53.11 31.02 21.84
CA TYR D 170 -52.94 31.74 20.59
C TYR D 170 -51.51 32.31 20.56
N ALA D 171 -50.73 32.00 19.52
CA ALA D 171 -49.33 32.38 19.37
C ALA D 171 -49.25 33.83 18.85
N LEU D 172 -48.39 34.65 19.46
CA LEU D 172 -48.32 36.09 19.20
C LEU D 172 -47.18 36.35 18.20
N PRO D 173 -47.46 36.75 16.94
CA PRO D 173 -46.50 36.68 15.83
C PRO D 173 -45.44 37.80 15.84
N HIS D 174 -45.77 38.98 16.35
CA HIS D 174 -44.95 40.20 16.39
C HIS D 174 -43.74 40.10 17.32
N ALA D 175 -43.63 39.00 18.08
CA ALA D 175 -42.64 38.71 19.11
C ALA D 175 -42.03 37.30 19.00
N ILE D 176 -42.31 36.56 17.91
CA ILE D 176 -41.62 35.31 17.60
C ILE D 176 -40.20 35.68 17.13
N MET D 177 -39.19 35.03 17.74
CA MET D 177 -37.79 35.16 17.35
C MET D 177 -37.31 33.81 16.85
N ARG D 178 -36.50 33.82 15.79
CA ARG D 178 -35.85 32.66 15.18
C ARG D 178 -34.35 32.80 15.42
N LEU D 179 -33.69 31.66 15.68
CA LEU D 179 -32.26 31.48 15.77
C LEU D 179 -31.89 30.35 14.80
N ASP D 180 -31.06 30.67 13.80
CA ASP D 180 -30.68 29.77 12.70
C ASP D 180 -29.57 28.80 13.10
N LEU D 181 -29.08 28.85 14.35
CA LEU D 181 -28.18 27.87 14.93
C LEU D 181 -29.06 26.77 15.55
N ALA D 182 -28.77 25.50 15.24
CA ALA D 182 -29.58 24.37 15.66
C ALA D 182 -28.77 23.10 15.92
N GLY D 183 -29.49 22.01 16.21
CA GLY D 183 -28.98 20.71 16.62
C GLY D 183 -28.13 20.00 15.56
N ARG D 184 -28.33 20.33 14.28
CA ARG D 184 -27.56 19.84 13.15
C ARG D 184 -26.15 20.45 13.20
N ASP D 185 -26.05 21.78 13.36
CA ASP D 185 -24.79 22.51 13.43
C ASP D 185 -24.01 22.11 14.68
N LEU D 186 -24.71 21.78 15.78
CA LEU D 186 -24.15 21.15 16.97
C LEU D 186 -23.56 19.75 16.69
N THR D 187 -24.05 19.01 15.68
CA THR D 187 -23.55 17.68 15.32
C THR D 187 -22.23 17.86 14.54
N ASP D 188 -22.19 18.78 13.57
CA ASP D 188 -20.99 19.08 12.78
C ASP D 188 -19.92 19.77 13.64
N TYR D 189 -20.32 20.60 14.61
CA TYR D 189 -19.43 21.16 15.63
C TYR D 189 -18.85 20.07 16.54
N LEU D 190 -19.66 19.07 16.94
CA LEU D 190 -19.23 17.90 17.71
C LEU D 190 -18.11 17.11 16.98
N MET D 191 -18.15 17.01 15.64
CA MET D 191 -17.05 16.44 14.84
C MET D 191 -15.76 17.27 14.99
N LYS D 192 -15.87 18.60 14.94
CA LYS D 192 -14.71 19.50 14.97
C LYS D 192 -14.00 19.50 16.32
N ILE D 193 -14.74 19.50 17.44
CA ILE D 193 -14.18 19.54 18.78
C ILE D 193 -13.62 18.16 19.21
N LEU D 194 -14.11 17.06 18.62
CA LEU D 194 -13.53 15.73 18.75
C LEU D 194 -12.25 15.61 17.90
N THR D 195 -12.16 16.31 16.77
CA THR D 195 -10.95 16.39 15.94
C THR D 195 -9.82 17.18 16.66
N GLU D 196 -10.14 18.05 17.64
CA GLU D 196 -9.17 18.69 18.53
C GLU D 196 -8.59 17.67 19.55
N ARG D 197 -9.25 16.53 19.78
CA ARG D 197 -8.72 15.40 20.54
C ARG D 197 -8.08 14.35 19.59
N GLY D 198 -8.09 14.61 18.27
CA GLY D 198 -7.58 13.73 17.22
C GLY D 198 -8.60 12.67 16.74
N TYR D 199 -9.80 12.62 17.33
CA TYR D 199 -10.85 11.68 17.01
C TYR D 199 -11.68 12.24 15.85
N SER D 200 -11.14 12.12 14.63
CA SER D 200 -11.80 12.50 13.39
C SER D 200 -12.96 11.52 13.11
N PHE D 201 -14.10 12.09 12.71
CA PHE D 201 -15.31 11.43 12.28
C PHE D 201 -15.84 12.35 11.17
N VAL D 202 -16.12 11.83 9.97
CA VAL D 202 -16.48 12.64 8.82
C VAL D 202 -17.52 11.97 7.91
N THR D 203 -17.46 10.64 7.77
CA THR D 203 -18.29 9.89 6.82
C THR D 203 -19.74 9.73 7.34
N THR D 204 -20.66 9.42 6.43
CA THR D 204 -22.09 9.25 6.64
C THR D 204 -22.41 8.17 7.71
N ALA D 205 -21.52 7.17 7.87
CA ALA D 205 -21.61 6.12 8.88
C ALA D 205 -21.05 6.61 10.23
N GLU D 206 -19.88 7.27 10.23
CA GLU D 206 -19.24 7.84 11.41
C GLU D 206 -20.10 8.95 12.05
N ARG D 207 -20.84 9.71 11.23
CA ARG D 207 -21.75 10.76 11.68
C ARG D 207 -22.88 10.24 12.58
N GLU D 208 -23.31 8.98 12.45
CA GLU D 208 -24.32 8.40 13.34
C GLU D 208 -23.70 8.00 14.69
N ILE D 209 -22.37 7.83 14.79
CA ILE D 209 -21.64 7.64 16.05
C ILE D 209 -21.56 9.01 16.77
N VAL D 210 -21.31 10.09 16.02
CA VAL D 210 -21.36 11.48 16.49
C VAL D 210 -22.79 11.84 16.97
N ARG D 211 -23.82 11.43 16.22
CA ARG D 211 -25.23 11.54 16.60
C ARG D 211 -25.54 10.76 17.90
N ASP D 212 -24.96 9.57 18.09
CA ASP D 212 -25.12 8.74 19.29
C ASP D 212 -24.55 9.44 20.52
N ILE D 213 -23.32 10.00 20.40
CA ILE D 213 -22.66 10.83 21.40
C ILE D 213 -23.51 12.09 21.75
N LYS D 214 -24.10 12.76 20.76
CA LYS D 214 -25.06 13.86 20.85
C LYS D 214 -26.30 13.48 21.68
N GLU D 215 -27.05 12.45 21.28
CA GLU D 215 -28.33 12.07 21.90
C GLU D 215 -28.17 11.49 23.32
N LYS D 216 -27.01 10.89 23.67
CA LYS D 216 -26.80 10.18 24.94
C LYS D 216 -25.85 10.88 25.94
N LEU D 217 -24.65 11.31 25.51
CA LEU D 217 -23.54 11.52 26.45
C LEU D 217 -23.35 12.99 26.84
N CYS D 218 -23.97 13.91 26.09
CA CYS D 218 -23.79 15.35 26.21
C CYS D 218 -24.76 15.95 27.23
N TYR D 219 -24.32 16.97 27.98
CA TYR D 219 -25.07 17.70 29.00
C TYR D 219 -24.57 19.15 29.02
N VAL D 220 -25.39 20.10 29.47
CA VAL D 220 -24.98 21.48 29.62
C VAL D 220 -24.21 21.62 30.93
N ALA D 221 -23.11 22.35 30.86
CA ALA D 221 -22.28 22.80 31.96
C ALA D 221 -23.06 23.85 32.76
N LEU D 222 -23.11 23.73 34.10
CA LEU D 222 -23.92 24.63 34.95
C LEU D 222 -23.40 26.07 34.95
N ASP D 223 -22.09 26.23 34.76
CA ASP D 223 -21.42 27.35 34.09
C ASP D 223 -20.22 26.75 33.35
N PHE D 224 -19.73 27.41 32.30
CA PHE D 224 -18.84 26.84 31.29
C PHE D 224 -17.47 26.46 31.86
N GLU D 225 -16.66 27.45 32.25
CA GLU D 225 -15.32 27.20 32.81
C GLU D 225 -15.40 26.66 34.26
N ASN D 226 -16.59 26.63 34.88
CA ASN D 226 -16.86 25.91 36.14
C ASN D 226 -16.86 24.40 35.86
N GLU D 227 -17.52 23.95 34.79
CA GLU D 227 -17.57 22.54 34.40
C GLU D 227 -16.21 22.09 33.83
N MET D 228 -15.41 23.01 33.25
CA MET D 228 -14.02 22.76 32.86
C MET D 228 -13.12 22.54 34.08
N ALA D 229 -13.35 23.27 35.18
CA ALA D 229 -12.66 23.10 36.45
C ALA D 229 -13.13 21.84 37.20
N THR D 230 -14.40 21.46 37.02
CA THR D 230 -14.98 20.23 37.56
C THR D 230 -14.39 19.01 36.82
N ALA D 231 -14.12 19.11 35.51
CA ALA D 231 -13.39 18.11 34.72
C ALA D 231 -11.95 17.95 35.22
N ALA D 232 -11.29 19.08 35.52
CA ALA D 232 -9.91 19.15 36.04
C ALA D 232 -9.77 18.63 37.49
N SER D 233 -10.88 18.21 38.11
CA SER D 233 -10.95 17.64 39.44
C SER D 233 -11.90 16.42 39.49
N SER D 234 -12.26 15.83 38.34
CA SER D 234 -13.10 14.64 38.27
C SER D 234 -12.78 13.84 37.01
N SER D 235 -12.22 12.65 37.21
CA SER D 235 -11.97 11.63 36.18
C SER D 235 -13.27 11.03 35.61
N SER D 236 -14.43 11.32 36.21
CA SER D 236 -15.74 10.82 35.80
C SER D 236 -16.48 11.82 34.88
N LEU D 237 -15.88 12.98 34.56
CA LEU D 237 -16.39 13.85 33.49
C LEU D 237 -15.95 13.27 32.14
N GLU D 238 -14.71 12.76 32.07
CA GLU D 238 -14.17 11.94 30.99
C GLU D 238 -14.84 10.56 31.05
N LYS D 239 -15.20 10.00 29.90
CA LYS D 239 -16.03 8.80 29.82
C LYS D 239 -15.66 8.01 28.56
N SER D 240 -14.99 6.85 28.72
CA SER D 240 -14.68 5.86 27.69
C SER D 240 -15.92 5.45 26.88
N TYR D 241 -15.82 5.35 25.57
CA TYR D 241 -16.89 5.01 24.64
C TYR D 241 -16.34 4.00 23.64
N GLU D 242 -16.74 2.75 23.82
CA GLU D 242 -16.52 1.60 22.96
C GLU D 242 -17.28 1.80 21.63
N LEU D 243 -16.54 1.81 20.52
CA LEU D 243 -17.01 1.96 19.16
C LEU D 243 -17.45 0.58 18.58
N PRO D 244 -18.30 0.54 17.53
CA PRO D 244 -18.81 -0.69 16.89
C PRO D 244 -17.80 -1.80 16.52
N ASP D 245 -16.53 -1.47 16.32
CA ASP D 245 -15.44 -2.38 15.97
C ASP D 245 -14.69 -2.87 17.22
N GLY D 246 -15.07 -2.39 18.42
CA GLY D 246 -14.49 -2.73 19.70
C GLY D 246 -13.35 -1.83 20.16
N GLN D 247 -12.97 -0.79 19.40
CA GLN D 247 -11.99 0.20 19.85
C GLN D 247 -12.68 1.23 20.77
N VAL D 248 -11.91 1.98 21.57
CA VAL D 248 -12.41 2.84 22.64
C VAL D 248 -11.82 4.23 22.48
N ILE D 249 -12.65 5.27 22.67
CA ILE D 249 -12.28 6.69 22.66
C ILE D 249 -12.90 7.37 23.90
N THR D 250 -12.26 8.40 24.47
CA THR D 250 -12.77 9.11 25.65
C THR D 250 -13.55 10.35 25.16
N ILE D 251 -14.76 10.56 25.70
CA ILE D 251 -15.58 11.74 25.41
C ILE D 251 -15.57 12.58 26.70
N GLY D 252 -14.82 13.70 26.69
CA GLY D 252 -14.55 14.57 27.84
C GLY D 252 -15.36 15.86 27.79
N ASN D 253 -14.71 17.01 28.02
CA ASN D 253 -15.25 18.39 28.05
C ASN D 253 -16.14 18.75 26.85
N GLU D 254 -15.93 18.06 25.73
CA GLU D 254 -16.71 18.08 24.50
C GLU D 254 -18.18 17.69 24.73
N ARG D 255 -18.49 16.91 25.79
CA ARG D 255 -19.82 16.61 26.30
C ARG D 255 -20.65 17.87 26.61
N PHE D 256 -20.00 18.98 26.98
CA PHE D 256 -20.67 20.24 27.27
C PHE D 256 -20.32 21.33 26.25
N ARG D 257 -19.14 21.34 25.62
CA ARG D 257 -18.83 22.28 24.53
C ARG D 257 -19.83 22.22 23.36
N CYS D 258 -20.28 21.01 22.98
CA CYS D 258 -21.39 20.79 22.04
C CYS D 258 -22.69 21.55 22.47
N PRO D 259 -23.40 21.17 23.55
CA PRO D 259 -24.53 21.94 24.13
C PRO D 259 -24.30 23.45 24.37
N GLU D 260 -23.13 23.83 24.92
CA GLU D 260 -22.78 25.18 25.35
C GLU D 260 -22.84 26.21 24.21
N THR D 261 -22.62 25.80 22.96
CA THR D 261 -22.59 26.71 21.82
C THR D 261 -23.97 27.36 21.52
N LEU D 262 -25.06 26.84 22.12
CA LEU D 262 -26.40 27.45 22.12
C LEU D 262 -26.44 28.69 23.02
N PHE D 263 -25.64 28.70 24.10
CA PHE D 263 -25.53 29.80 25.05
C PHE D 263 -24.41 30.76 24.64
N GLN D 264 -23.41 30.32 23.87
CA GLN D 264 -22.37 31.17 23.30
C GLN D 264 -22.16 30.87 21.81
N PRO D 265 -23.04 31.37 20.89
CA PRO D 265 -22.92 31.24 19.43
C PRO D 265 -21.55 31.53 18.80
N SER D 266 -20.74 32.41 19.42
CA SER D 266 -19.36 32.69 19.01
C SER D 266 -18.42 31.47 19.10
N PHE D 267 -18.78 30.42 19.85
CA PHE D 267 -17.97 29.20 20.02
C PHE D 267 -18.03 28.31 18.77
N ILE D 268 -19.10 28.38 17.98
CA ILE D 268 -19.25 27.74 16.67
C ILE D 268 -19.04 28.78 15.54
N GLY D 269 -18.97 30.08 15.86
CA GLY D 269 -18.70 31.15 14.92
C GLY D 269 -19.95 31.71 14.24
N MET D 270 -21.09 31.77 14.96
CA MET D 270 -22.28 32.48 14.53
C MET D 270 -22.32 33.84 15.25
N GLU D 271 -22.77 34.90 14.55
CA GLU D 271 -22.89 36.29 15.02
C GLU D 271 -24.24 36.54 15.73
N SER D 272 -25.09 35.51 15.80
CA SER D 272 -26.44 35.52 16.34
C SER D 272 -26.42 35.62 17.89
N ALA D 273 -27.60 35.88 18.48
CA ALA D 273 -27.81 35.88 19.92
C ALA D 273 -27.96 34.44 20.42
N GLY D 274 -27.56 34.16 21.66
CA GLY D 274 -27.72 32.84 22.29
C GLY D 274 -29.18 32.58 22.68
N ILE D 275 -29.52 31.32 23.00
CA ILE D 275 -30.89 30.90 23.38
C ILE D 275 -31.53 31.73 24.51
N HIS D 276 -30.75 32.10 25.53
CA HIS D 276 -31.13 32.95 26.66
C HIS D 276 -31.44 34.39 26.21
N GLU D 277 -30.58 34.96 25.34
CA GLU D 277 -30.75 36.28 24.75
C GLU D 277 -31.95 36.27 23.78
N THR D 278 -32.11 35.24 22.94
CA THR D 278 -33.18 35.12 21.95
C THR D 278 -34.55 34.98 22.66
N THR D 279 -34.59 34.26 23.79
CA THR D 279 -35.74 34.15 24.68
C THR D 279 -36.07 35.53 25.30
N TYR D 280 -35.07 36.23 25.85
CA TYR D 280 -35.20 37.58 26.42
C TYR D 280 -35.71 38.61 25.38
N ASN D 281 -35.10 38.60 24.19
CA ASN D 281 -35.50 39.39 23.01
C ASN D 281 -36.95 39.11 22.60
N SER D 282 -37.38 37.83 22.62
CA SER D 282 -38.74 37.42 22.32
C SER D 282 -39.73 37.92 23.38
N ILE D 283 -39.44 37.76 24.69
CA ILE D 283 -40.29 38.25 25.79
C ILE D 283 -40.44 39.78 25.72
N MET D 284 -39.33 40.51 25.59
CA MET D 284 -39.32 41.98 25.63
C MET D 284 -39.90 42.64 24.36
N LYS D 285 -40.01 41.91 23.25
CA LYS D 285 -40.71 42.39 22.05
C LYS D 285 -42.24 42.18 22.17
N CYS D 286 -42.70 41.34 23.11
CA CYS D 286 -44.11 41.00 23.32
C CYS D 286 -44.77 42.02 24.26
N ASP D 287 -46.11 42.10 24.22
CA ASP D 287 -47.01 42.94 25.00
C ASP D 287 -46.65 43.06 26.49
N ILE D 288 -46.57 44.30 26.97
CA ILE D 288 -46.08 44.70 28.30
C ILE D 288 -46.75 43.97 29.48
N ASP D 289 -48.08 43.77 29.42
CA ASP D 289 -48.88 43.22 30.51
C ASP D 289 -48.54 41.75 30.78
N ILE D 290 -48.39 40.94 29.73
CA ILE D 290 -48.17 39.50 29.84
C ILE D 290 -46.68 39.11 29.97
N ARG D 291 -45.70 40.05 29.87
CA ARG D 291 -44.26 39.73 29.90
C ARG D 291 -43.81 39.02 31.19
N LYS D 292 -44.43 39.40 32.31
CA LYS D 292 -44.33 38.78 33.64
C LYS D 292 -44.52 37.25 33.56
N ASP D 293 -45.64 36.87 32.96
CA ASP D 293 -46.14 35.50 32.91
C ASP D 293 -45.51 34.72 31.74
N LEU D 294 -44.80 35.39 30.81
CA LEU D 294 -43.92 34.72 29.85
C LEU D 294 -42.62 34.29 30.57
N TYR D 295 -42.04 35.19 31.39
CA TYR D 295 -40.88 34.90 32.25
C TYR D 295 -41.15 33.77 33.26
N ALA D 296 -42.41 33.60 33.68
CA ALA D 296 -42.82 32.57 34.62
C ALA D 296 -43.11 31.21 33.93
N ASN D 297 -43.09 31.14 32.60
CA ASN D 297 -43.57 29.99 31.83
C ASN D 297 -42.70 29.75 30.58
N ASN D 298 -41.38 29.59 30.78
CA ASN D 298 -40.45 29.24 29.71
C ASN D 298 -40.47 27.72 29.58
N VAL D 299 -41.18 27.21 28.59
CA VAL D 299 -41.30 25.79 28.28
C VAL D 299 -40.14 25.46 27.31
N MET D 300 -39.24 24.59 27.75
CA MET D 300 -38.14 24.08 26.95
C MET D 300 -38.67 22.87 26.16
N SER D 301 -38.66 22.94 24.83
CA SER D 301 -39.12 21.87 23.94
C SER D 301 -38.09 21.62 22.83
N GLY D 302 -38.42 20.73 21.90
CA GLY D 302 -37.57 20.35 20.79
C GLY D 302 -36.55 19.28 21.18
N GLY D 303 -35.69 18.92 20.23
CA GLY D 303 -34.73 17.82 20.37
C GLY D 303 -33.41 18.25 21.00
N THR D 304 -33.03 19.52 20.82
CA THR D 304 -31.72 20.03 21.19
C THR D 304 -31.76 20.67 22.59
N THR D 305 -32.93 20.71 23.26
CA THR D 305 -33.02 21.01 24.69
C THR D 305 -32.99 19.73 25.54
N MET D 306 -32.74 18.55 24.95
CA MET D 306 -32.80 17.26 25.66
C MET D 306 -31.63 17.09 26.66
N TYR D 307 -30.54 17.84 26.49
CA TYR D 307 -29.34 17.86 27.33
C TYR D 307 -29.68 18.23 28.80
N PRO D 308 -29.27 17.44 29.83
CA PRO D 308 -29.35 17.83 31.25
C PRO D 308 -28.65 19.16 31.55
N GLY D 309 -29.08 19.90 32.58
CA GLY D 309 -28.48 21.15 33.03
C GLY D 309 -28.97 22.39 32.29
N ILE D 310 -29.66 22.24 31.14
CA ILE D 310 -30.03 23.37 30.26
C ILE D 310 -31.13 24.26 30.86
N ALA D 311 -32.10 23.69 31.57
CA ALA D 311 -33.24 24.44 32.13
C ALA D 311 -32.78 25.21 33.37
N ASP D 312 -31.93 24.56 34.15
CA ASP D 312 -31.17 24.99 35.32
C ASP D 312 -30.29 26.19 34.95
N ARG D 313 -29.49 26.02 33.89
CA ARG D 313 -28.65 27.05 33.28
C ARG D 313 -29.48 28.23 32.75
N MET D 314 -30.64 27.99 32.10
CA MET D 314 -31.53 29.02 31.58
C MET D 314 -32.18 29.89 32.68
N GLN D 315 -32.19 29.44 33.94
CA GLN D 315 -32.65 30.23 35.07
C GLN D 315 -31.59 31.30 35.41
N LYS D 316 -30.29 30.93 35.38
CA LYS D 316 -29.14 31.82 35.58
C LYS D 316 -29.06 32.89 34.48
N GLU D 317 -29.06 32.46 33.20
CA GLU D 317 -28.82 33.38 32.09
C GLU D 317 -29.99 34.33 31.81
N ILE D 318 -31.22 34.02 32.28
CA ILE D 318 -32.35 34.95 32.19
C ILE D 318 -32.35 35.87 33.43
N THR D 319 -32.01 35.41 34.65
CA THR D 319 -31.89 36.29 35.83
C THR D 319 -30.72 37.30 35.75
N ALA D 320 -29.77 37.07 34.83
CA ALA D 320 -28.70 38.01 34.47
C ALA D 320 -29.21 39.15 33.56
N LEU D 321 -30.37 39.00 32.93
CA LEU D 321 -30.95 39.94 31.97
C LEU D 321 -32.28 40.55 32.48
N ALA D 322 -33.11 39.75 33.15
CA ALA D 322 -34.49 40.07 33.50
C ALA D 322 -34.60 40.67 34.93
N PRO D 323 -35.54 41.62 35.18
CA PRO D 323 -35.83 42.18 36.51
C PRO D 323 -36.07 41.13 37.61
N SER D 324 -35.47 41.33 38.79
CA SER D 324 -35.55 40.42 39.94
C SER D 324 -36.93 40.39 40.63
N THR D 325 -37.81 41.35 40.31
CA THR D 325 -39.20 41.45 40.76
C THR D 325 -40.14 40.54 39.93
N MET D 326 -39.70 40.08 38.76
CA MET D 326 -40.39 39.11 37.91
C MET D 326 -39.94 37.71 38.33
N LYS D 327 -40.89 36.79 38.45
CA LYS D 327 -40.72 35.47 39.05
C LYS D 327 -40.27 34.48 37.97
N ILE D 328 -39.01 34.62 37.50
CA ILE D 328 -38.36 33.86 36.42
C ILE D 328 -38.43 32.33 36.64
N LYS D 329 -39.10 31.58 35.76
CA LYS D 329 -39.30 30.13 35.87
C LYS D 329 -39.15 29.44 34.50
N ILE D 330 -38.50 28.27 34.52
CA ILE D 330 -38.22 27.39 33.39
C ILE D 330 -38.85 26.02 33.71
N ILE D 331 -39.45 25.36 32.71
CA ILE D 331 -40.13 24.07 32.77
C ILE D 331 -39.66 23.22 31.58
N ALA D 332 -39.57 21.89 31.74
CA ALA D 332 -39.15 20.96 30.69
C ALA D 332 -39.92 19.62 30.81
N PRO D 333 -40.70 19.18 29.79
CA PRO D 333 -41.24 17.81 29.67
C PRO D 333 -40.15 16.69 29.72
N PRO D 334 -40.54 15.39 29.88
CA PRO D 334 -39.63 14.24 29.91
C PRO D 334 -38.97 13.99 28.54
N GLU D 335 -39.53 13.15 27.66
CA GLU D 335 -39.08 13.04 26.26
C GLU D 335 -39.69 14.24 25.50
N ARG D 336 -39.10 15.43 25.73
CA ARG D 336 -39.45 16.70 25.11
C ARG D 336 -39.17 16.69 23.61
N LYS D 337 -38.27 15.80 23.14
CA LYS D 337 -37.99 15.51 21.74
C LYS D 337 -39.19 14.89 20.99
N TYR D 338 -40.16 14.27 21.70
CA TYR D 338 -41.39 13.71 21.10
C TYR D 338 -42.65 14.45 21.54
N SER D 339 -42.63 15.26 22.61
CA SER D 339 -43.81 15.79 23.32
C SER D 339 -44.87 16.49 22.42
N VAL D 340 -44.38 17.16 21.37
CA VAL D 340 -45.16 17.75 20.28
C VAL D 340 -46.07 16.74 19.55
N TRP D 341 -45.59 15.52 19.32
CA TRP D 341 -46.31 14.43 18.65
C TRP D 341 -47.30 13.80 19.65
N ILE D 342 -46.86 13.58 20.91
CA ILE D 342 -47.62 12.90 21.97
C ILE D 342 -48.99 13.56 22.20
N GLY D 343 -49.05 14.89 22.21
CA GLY D 343 -50.30 15.66 22.34
C GLY D 343 -51.34 15.40 21.23
N GLY D 344 -50.87 15.05 20.02
CA GLY D 344 -51.72 14.75 18.88
C GLY D 344 -52.33 13.35 18.93
N SER D 345 -51.75 12.42 19.70
CA SER D 345 -52.27 11.06 19.88
C SER D 345 -53.55 11.10 20.75
N ILE D 346 -53.60 12.04 21.69
CA ILE D 346 -54.67 12.18 22.68
C ILE D 346 -55.87 12.86 22.03
N LEU D 347 -55.64 13.92 21.23
CA LEU D 347 -56.68 14.61 20.47
C LEU D 347 -57.37 13.68 19.45
N ALA D 348 -56.62 12.75 18.88
CA ALA D 348 -57.09 11.75 17.92
C ALA D 348 -57.71 10.50 18.57
N SER D 349 -58.11 10.55 19.85
CA SER D 349 -58.73 9.45 20.59
C SER D 349 -59.90 9.91 21.48
N LEU D 350 -60.67 10.91 21.03
CA LEU D 350 -61.78 11.54 21.78
C LEU D 350 -63.07 11.55 20.95
N SER D 351 -63.86 10.47 21.00
CA SER D 351 -65.07 10.23 20.20
C SER D 351 -66.35 10.92 20.71
N THR D 352 -66.24 12.20 21.10
CA THR D 352 -67.38 13.00 21.55
C THR D 352 -67.96 13.80 20.35
N PHE D 353 -67.10 14.26 19.44
CA PHE D 353 -67.39 15.03 18.24
C PHE D 353 -66.15 14.92 17.35
N GLN D 354 -66.31 15.01 16.02
CA GLN D 354 -65.25 14.74 15.04
C GLN D 354 -64.71 16.02 14.39
N GLN D 355 -65.27 17.17 14.76
CA GLN D 355 -65.38 18.30 13.85
C GLN D 355 -64.08 19.12 13.66
N MET D 356 -62.97 18.80 14.37
CA MET D 356 -61.69 19.45 14.08
C MET D 356 -61.11 19.01 12.72
N TRP D 357 -61.35 17.76 12.31
CA TRP D 357 -60.82 17.17 11.08
C TRP D 357 -61.41 17.86 9.84
N ILE D 358 -60.61 17.92 8.77
CA ILE D 358 -61.10 18.14 7.41
C ILE D 358 -61.27 16.73 6.83
N THR D 359 -62.42 16.44 6.23
CA THR D 359 -62.79 15.19 5.60
C THR D 359 -62.86 15.36 4.07
N LYS D 360 -63.06 14.27 3.31
CA LYS D 360 -63.29 14.26 1.85
C LYS D 360 -64.30 15.32 1.40
N GLN D 361 -65.51 15.30 1.97
CA GLN D 361 -66.65 16.07 1.45
C GLN D 361 -66.52 17.59 1.67
N GLU D 362 -65.57 18.04 2.49
CA GLU D 362 -65.21 19.44 2.65
C GLU D 362 -64.14 19.83 1.60
N TYR D 363 -63.33 18.88 1.14
CA TYR D 363 -62.33 19.03 0.07
C TYR D 363 -63.06 19.00 -1.29
N ASP D 364 -64.09 18.15 -1.44
CA ASP D 364 -64.97 18.08 -2.63
C ASP D 364 -65.62 19.43 -2.99
N GLU D 365 -65.85 20.30 -1.99
CA GLU D 365 -66.34 21.67 -2.19
C GLU D 365 -65.15 22.65 -2.34
N ALA D 366 -64.28 22.73 -1.32
CA ALA D 366 -63.35 23.85 -1.16
C ALA D 366 -61.96 23.62 -1.77
N GLY D 367 -61.66 22.39 -2.23
CA GLY D 367 -60.37 21.97 -2.78
C GLY D 367 -59.20 22.08 -1.78
N PRO D 368 -57.93 22.12 -2.26
CA PRO D 368 -56.73 22.31 -1.43
C PRO D 368 -56.77 23.45 -0.39
N SER D 369 -57.46 24.55 -0.70
CA SER D 369 -57.59 25.75 0.13
C SER D 369 -58.54 25.57 1.35
N ILE D 370 -59.09 24.37 1.58
CA ILE D 370 -59.92 24.01 2.72
C ILE D 370 -59.20 24.21 4.06
N VAL D 371 -57.87 24.01 4.06
CA VAL D 371 -56.94 24.04 5.19
C VAL D 371 -57.13 25.24 6.14
N HIS D 372 -57.40 26.43 5.58
CA HIS D 372 -57.47 27.69 6.33
C HIS D 372 -58.78 27.84 7.12
N ARG D 373 -59.79 26.99 6.84
CA ARG D 373 -61.06 27.03 7.56
C ARG D 373 -60.99 26.27 8.90
N LYS D 374 -60.00 25.39 9.09
CA LYS D 374 -59.92 24.48 10.24
C LYS D 374 -58.52 24.44 10.89
N CYS D 375 -57.43 24.53 10.11
CA CYS D 375 -56.06 24.44 10.59
C CYS D 375 -55.49 25.86 10.66
N PHE D 376 -55.29 26.33 11.90
CA PHE D 376 -54.90 27.69 12.28
C PHE D 376 -53.50 28.09 11.76
N NH2 D 377 -53.12 29.35 11.93
HN1 NH2 D 377 -52.21 29.62 11.59
HN2 NH2 D 377 -53.77 30.02 12.30
C ACE E 1 24.97 44.75 23.29
O ACE E 1 25.58 44.69 22.03
CH3 ACE E 1 25.79 45.71 24.17
H1 ACE E 1 25.81 46.70 23.73
H2 ACE E 1 26.82 45.37 24.27
H3 ACE E 1 25.36 45.80 25.17
N ASP E 2 25.01 43.44 23.89
CA ASP E 2 24.30 42.33 23.18
C ASP E 2 25.20 41.62 22.15
N GLU E 3 26.51 41.52 22.46
CA GLU E 3 27.56 41.05 21.56
C GLU E 3 27.97 39.56 21.78
N ASP E 4 27.60 38.93 22.91
CA ASP E 4 27.94 37.54 23.26
C ASP E 4 27.27 36.51 22.32
N GLU E 5 27.94 35.37 22.09
CA GLU E 5 27.44 34.26 21.26
C GLU E 5 26.28 33.56 21.98
N THR E 6 25.07 33.73 21.46
CA THR E 6 23.80 33.10 21.82
C THR E 6 22.87 33.26 20.60
N THR E 7 21.81 32.45 20.50
CA THR E 7 20.81 32.56 19.46
C THR E 7 19.44 32.13 20.01
N ALA E 8 18.37 32.36 19.25
CA ALA E 8 17.04 31.83 19.52
C ALA E 8 16.84 30.64 18.57
N LEU E 9 16.27 29.56 19.09
CA LEU E 9 15.98 28.32 18.38
C LEU E 9 14.55 28.45 17.83
N VAL E 10 14.31 28.00 16.60
CA VAL E 10 12.99 27.97 15.98
C VAL E 10 12.75 26.53 15.54
N CYS E 11 11.65 25.93 15.97
CA CYS E 11 11.21 24.58 15.65
C CYS E 11 9.75 24.67 15.22
N ASP E 12 9.40 24.00 14.11
CA ASP E 12 8.05 23.85 13.61
C ASP E 12 7.80 22.34 13.50
N ASN E 13 6.66 21.90 14.04
CA ASN E 13 6.26 20.50 14.18
C ASN E 13 5.44 20.04 12.96
N GLY E 14 4.93 20.98 12.14
CA GLY E 14 4.06 20.78 10.99
C GLY E 14 2.81 19.95 11.29
N SER E 15 2.33 19.20 10.30
CA SER E 15 1.31 18.18 10.49
C SER E 15 1.95 16.81 10.82
N GLY E 16 3.26 16.74 11.06
CA GLY E 16 4.02 15.50 11.21
C GLY E 16 5.41 15.55 10.55
N LEU E 17 5.79 16.67 9.93
CA LEU E 17 7.11 16.91 9.39
C LEU E 17 7.72 18.03 10.24
N VAL E 18 8.79 17.68 10.96
CA VAL E 18 9.52 18.52 11.89
C VAL E 18 10.59 19.25 11.04
N LYS E 19 10.71 20.56 11.24
CA LYS E 19 11.78 21.40 10.71
C LYS E 19 12.23 22.33 11.82
N ALA E 20 13.54 22.46 12.01
CA ALA E 20 14.16 23.25 13.07
C ALA E 20 15.46 23.91 12.63
N GLY E 21 15.89 24.90 13.41
CA GLY E 21 17.12 25.64 13.20
C GLY E 21 17.23 26.77 14.21
N PHE E 22 18.12 27.74 13.93
CA PHE E 22 18.36 28.91 14.76
C PHE E 22 17.87 30.14 13.97
N ALA E 23 17.40 31.16 14.68
CA ALA E 23 16.89 32.41 14.14
C ALA E 23 17.99 33.20 13.42
N GLY E 24 17.67 33.68 12.21
CA GLY E 24 18.56 34.44 11.34
C GLY E 24 19.14 33.57 10.22
N ASP E 25 19.16 32.25 10.39
CA ASP E 25 19.42 31.29 9.29
C ASP E 25 18.14 31.18 8.45
N ASP E 26 18.27 31.14 7.13
CA ASP E 26 17.15 31.00 6.20
C ASP E 26 16.89 29.52 5.88
N ALA E 27 17.79 28.60 6.24
CA ALA E 27 17.59 27.16 6.05
C ALA E 27 17.18 26.50 7.37
N PRO E 28 16.11 25.67 7.41
CA PRO E 28 15.90 24.73 8.51
C PRO E 28 16.95 23.62 8.41
N ARG E 29 17.98 23.75 9.25
CA ARG E 29 19.23 22.98 9.26
C ARG E 29 19.10 21.63 10.00
N ALA E 30 17.89 21.23 10.38
CA ALA E 30 17.53 19.89 10.83
C ALA E 30 16.06 19.68 10.46
N VAL E 31 15.75 18.63 9.71
CA VAL E 31 14.42 18.28 9.20
C VAL E 31 14.29 16.76 9.22
N PHE E 32 13.20 16.22 9.78
CA PHE E 32 12.91 14.78 9.80
C PHE E 32 11.39 14.56 10.01
N PRO E 33 10.84 13.38 9.62
CA PRO E 33 9.44 13.05 9.90
C PRO E 33 9.25 12.65 11.37
N SER E 34 8.05 12.88 11.93
CA SER E 34 7.67 12.45 13.26
C SER E 34 7.53 10.91 13.29
N ILE E 35 8.60 10.19 13.62
CA ILE E 35 8.65 8.75 13.80
C ILE E 35 9.61 8.40 14.93
N VAL E 36 9.22 7.48 15.82
CA VAL E 36 9.99 6.93 16.93
C VAL E 36 9.76 5.40 16.94
N GLY E 37 10.80 4.62 17.24
CA GLY E 37 10.73 3.17 17.36
C GLY E 37 11.72 2.59 18.38
N ARG E 38 11.57 1.30 18.67
CA ARG E 38 12.46 0.44 19.45
C ARG E 38 12.49 -0.95 18.79
N PRO E 39 13.55 -1.78 19.01
CA PRO E 39 13.60 -3.19 18.62
C PRO E 39 12.37 -4.02 19.06
N ARG E 40 12.02 -5.02 18.24
CA ARG E 40 11.00 -6.03 18.52
C ARG E 40 11.47 -7.06 19.57
N HIS E 41 12.78 -7.07 19.90
CA HIS E 41 13.45 -7.80 20.99
C HIS E 41 14.98 -7.59 20.96
N GLN E 42 15.55 -7.16 19.83
CA GLN E 42 16.98 -7.11 19.54
C GLN E 42 17.70 -5.95 20.26
N GLY E 43 17.70 -5.95 21.61
CA GLY E 43 18.32 -4.93 22.45
C GLY E 43 19.86 -4.89 22.38
N VAL E 44 20.48 -5.91 21.78
CA VAL E 44 21.92 -6.02 21.52
C VAL E 44 22.41 -5.06 20.39
N MET E 45 21.48 -4.37 19.71
CA MET E 45 21.70 -3.44 18.60
C MET E 45 22.01 -2.02 19.12
N VAL E 46 22.56 -1.90 20.32
CA VAL E 46 22.90 -0.66 21.02
C VAL E 46 24.42 -0.59 21.17
N GLY E 47 24.91 0.52 21.72
CA GLY E 47 26.31 0.75 22.07
C GLY E 47 26.40 1.30 23.49
N MET E 48 27.56 1.85 23.84
CA MET E 48 27.83 2.50 25.12
C MET E 48 27.22 3.92 25.08
N GLY E 49 25.91 3.99 25.30
CA GLY E 49 25.13 5.21 25.38
C GLY E 49 23.69 4.99 24.90
N GLN E 50 22.84 5.99 25.12
CA GLN E 50 21.40 5.90 24.97
C GLN E 50 20.99 5.83 23.50
N LYS E 51 20.18 4.83 23.16
CA LYS E 51 19.47 4.72 21.89
C LYS E 51 18.14 3.97 22.08
N ASP E 52 17.55 4.18 23.26
CA ASP E 52 16.33 3.58 23.83
C ASP E 52 15.06 4.07 23.12
N SER E 53 15.22 5.03 22.21
CA SER E 53 14.25 5.58 21.29
C SER E 53 15.06 5.85 20.01
N TYR E 54 14.86 5.05 18.96
CA TYR E 54 15.41 5.29 17.62
C TYR E 54 14.40 6.23 16.96
N VAL E 55 14.83 7.45 16.63
CA VAL E 55 14.00 8.53 16.14
C VAL E 55 14.37 8.78 14.67
N GLY E 56 13.40 9.23 13.86
CA GLY E 56 13.59 9.87 12.55
C GLY E 56 14.49 9.12 11.57
N ASP E 57 15.67 9.70 11.34
CA ASP E 57 16.75 9.21 10.47
C ASP E 57 17.23 7.81 10.91
N GLU E 58 17.46 7.62 12.21
CA GLU E 58 17.96 6.38 12.80
C GLU E 58 16.86 5.30 12.89
N ALA E 59 15.57 5.67 12.83
CA ALA E 59 14.47 4.73 12.75
C ALA E 59 14.31 4.14 11.34
N GLN E 60 14.78 4.86 10.31
CA GLN E 60 14.65 4.47 8.92
C GLN E 60 15.96 3.88 8.36
N SER E 61 17.12 4.21 8.96
CA SER E 61 18.44 3.85 8.43
C SER E 61 18.79 2.35 8.62
N LYS E 62 18.23 1.68 9.63
CA LYS E 62 18.38 0.25 9.89
C LYS E 62 16.99 -0.27 10.26
N ARG E 63 16.41 -1.02 9.32
CA ARG E 63 14.99 -1.30 9.21
C ARG E 63 14.62 -2.64 9.87
N GLY E 64 13.33 -3.00 9.85
CA GLY E 64 12.77 -4.34 10.05
C GLY E 64 12.78 -4.87 11.47
N ILE E 65 13.89 -4.65 12.20
CA ILE E 65 14.08 -5.06 13.58
C ILE E 65 13.19 -4.26 14.55
N LEU E 66 12.76 -3.05 14.17
CA LEU E 66 12.05 -2.11 15.02
C LEU E 66 10.53 -2.30 14.91
N THR E 67 9.80 -2.01 16.00
CA THR E 67 8.42 -1.56 15.97
C THR E 67 8.47 -0.02 15.90
N LEU E 68 7.59 0.60 15.10
CA LEU E 68 7.57 2.03 14.78
C LEU E 68 6.18 2.60 15.14
N LYS E 69 6.13 3.86 15.57
CA LYS E 69 4.93 4.69 15.73
C LYS E 69 5.24 6.09 15.18
N TYR E 70 4.25 6.79 14.60
CA TYR E 70 4.35 8.20 14.22
C TYR E 70 3.62 9.03 15.32
N PRO E 71 4.30 9.75 16.24
CA PRO E 71 3.70 10.62 17.28
C PRO E 71 2.57 11.56 16.81
N ILE E 72 2.83 12.47 15.86
CA ILE E 72 1.84 13.40 15.32
C ILE E 72 1.61 13.04 13.86
N GLU E 73 0.59 12.21 13.62
CA GLU E 73 0.08 11.85 12.29
C GLU E 73 -0.69 13.03 11.66
N HIS E 74 -1.25 13.93 12.49
CA HIS E 74 -2.24 14.93 12.10
C HIS E 74 -1.94 16.35 12.61
N GLY E 75 -0.80 16.59 13.26
CA GLY E 75 -0.39 17.90 13.81
C GLY E 75 -1.08 18.33 15.11
N ILE E 76 -2.17 17.65 15.47
CA ILE E 76 -2.86 17.75 16.75
C ILE E 76 -1.98 16.93 17.70
N ILE E 77 -1.39 17.57 18.71
CA ILE E 77 -0.36 17.00 19.55
C ILE E 77 -1.06 16.17 20.65
N THR E 78 -1.63 15.04 20.24
CA THR E 78 -2.29 14.03 21.06
C THR E 78 -1.25 13.20 21.82
N ASN E 79 -0.18 12.80 21.12
CA ASN E 79 0.99 12.11 21.67
C ASN E 79 1.88 13.13 22.40
N TRP E 80 2.44 12.69 23.53
CA TRP E 80 3.38 13.43 24.37
C TRP E 80 4.51 12.51 24.82
N ASP E 81 4.09 11.29 25.19
CA ASP E 81 4.80 10.05 25.54
C ASP E 81 6.02 9.73 24.68
N ASP E 82 6.02 10.09 23.38
CA ASP E 82 7.17 9.99 22.48
C ASP E 82 7.45 11.25 21.66
N MET E 83 6.56 12.26 21.69
CA MET E 83 6.77 13.55 21.04
C MET E 83 7.94 14.32 21.69
N GLU E 84 8.15 14.16 23.00
CA GLU E 84 9.34 14.67 23.71
C GLU E 84 10.68 14.17 23.11
N LYS E 85 10.75 12.94 22.58
CA LYS E 85 11.97 12.42 21.95
C LYS E 85 12.20 13.02 20.55
N ILE E 86 11.16 13.58 19.89
CA ILE E 86 11.30 14.34 18.66
C ILE E 86 12.07 15.63 18.97
N TRP E 87 11.63 16.38 19.98
CA TRP E 87 12.28 17.60 20.47
C TRP E 87 13.70 17.32 20.99
N HIS E 88 13.89 16.27 21.80
CA HIS E 88 15.20 15.85 22.32
C HIS E 88 16.21 15.54 21.20
N HIS E 89 15.80 14.74 20.20
CA HIS E 89 16.62 14.37 19.05
C HIS E 89 16.95 15.60 18.18
N THR E 90 15.96 16.49 17.98
CA THR E 90 16.13 17.78 17.31
C THR E 90 17.22 18.64 17.98
N PHE E 91 17.16 18.81 19.31
CA PHE E 91 18.06 19.71 20.04
C PHE E 91 19.46 19.09 20.24
N TYR E 92 19.56 17.97 20.97
CA TYR E 92 20.83 17.48 21.49
C TYR E 92 21.60 16.62 20.47
N ASN E 93 20.90 15.84 19.62
CA ASN E 93 21.56 14.92 18.67
C ASN E 93 21.76 15.55 17.30
N GLU E 94 20.76 16.28 16.77
CA GLU E 94 20.81 16.85 15.42
C GLU E 94 21.44 18.26 15.44
N LEU E 95 20.86 19.25 16.15
CA LEU E 95 21.40 20.62 16.18
C LEU E 95 22.73 20.69 16.97
N ARG E 96 22.83 19.92 18.05
CA ARG E 96 24.01 19.64 18.88
C ARG E 96 24.37 20.83 19.77
N VAL E 97 23.33 21.36 20.42
CA VAL E 97 23.32 22.41 21.43
C VAL E 97 22.41 21.93 22.57
N ALA E 98 22.48 22.57 23.74
CA ALA E 98 21.50 22.38 24.79
C ALA E 98 20.34 23.37 24.54
N PRO E 99 19.05 22.95 24.59
CA PRO E 99 17.90 23.86 24.44
C PRO E 99 17.77 24.85 25.62
N GLU E 100 18.38 24.47 26.74
CA GLU E 100 18.75 25.18 27.94
C GLU E 100 19.57 26.47 27.68
N GLU E 101 20.22 26.61 26.51
CA GLU E 101 20.90 27.82 26.09
C GLU E 101 19.88 28.83 25.49
N HIS E 102 19.05 28.38 24.53
CA HIS E 102 18.43 29.25 23.54
C HIS E 102 16.96 29.51 23.87
N PRO E 103 16.48 30.77 23.87
CA PRO E 103 15.06 31.12 23.72
C PRO E 103 14.42 30.36 22.55
N THR E 104 13.47 29.44 22.79
CA THR E 104 12.97 28.53 21.78
C THR E 104 11.53 28.94 21.38
N LEU E 105 11.35 29.28 20.10
CA LEU E 105 10.05 29.38 19.44
C LEU E 105 9.69 27.97 18.96
N LEU E 106 8.68 27.37 19.60
CA LEU E 106 8.09 26.12 19.20
C LEU E 106 6.77 26.49 18.50
N THR E 107 6.80 26.46 17.17
CA THR E 107 5.71 26.83 16.29
C THR E 107 4.77 25.62 16.19
N GLU E 108 3.47 25.83 16.47
CA GLU E 108 2.43 24.82 16.47
C GLU E 108 1.75 24.78 15.08
N ALA E 109 0.99 23.69 14.86
CA ALA E 109 -0.07 23.60 13.87
C ALA E 109 -1.40 23.94 14.56
N PRO E 110 -2.38 24.55 13.85
CA PRO E 110 -3.67 24.95 14.42
C PRO E 110 -4.59 23.75 14.73
N LEU E 111 -5.65 24.02 15.49
CA LEU E 111 -6.68 23.07 15.97
C LEU E 111 -6.25 22.31 17.23
N ASN E 112 -5.11 22.67 17.82
CA ASN E 112 -4.69 22.18 19.14
C ASN E 112 -5.50 22.90 20.24
N PRO E 113 -6.16 22.20 21.18
CA PRO E 113 -6.99 22.79 22.24
C PRO E 113 -6.14 23.38 23.38
N LYS E 114 -6.69 24.37 24.13
CA LYS E 114 -6.07 25.20 25.18
C LYS E 114 -4.78 24.64 25.81
N ALA E 115 -4.96 23.59 26.62
CA ALA E 115 -3.94 22.92 27.44
C ALA E 115 -2.74 22.34 26.67
N ASN E 116 -2.85 22.12 25.35
CA ASN E 116 -1.73 21.63 24.54
C ASN E 116 -0.61 22.67 24.38
N ARG E 117 -0.94 23.97 24.41
CA ARG E 117 0.06 25.04 24.46
C ARG E 117 0.69 25.11 25.85
N GLU E 118 -0.13 24.93 26.88
CA GLU E 118 0.28 24.94 28.28
C GLU E 118 1.24 23.76 28.57
N LYS E 119 0.97 22.57 28.01
CA LYS E 119 1.88 21.42 28.00
C LYS E 119 3.21 21.72 27.28
N MET E 120 3.18 22.44 26.14
CA MET E 120 4.40 22.85 25.43
C MET E 120 5.24 23.77 26.33
N THR E 121 4.57 24.73 26.99
CA THR E 121 5.17 25.71 27.90
C THR E 121 5.83 24.99 29.10
N GLN E 122 5.15 23.98 29.69
CA GLN E 122 5.64 23.12 30.77
C GLN E 122 6.93 22.38 30.35
N ILE E 123 6.85 21.61 29.26
CA ILE E 123 7.92 20.77 28.72
C ILE E 123 9.14 21.61 28.30
N MET E 124 8.96 22.84 27.79
CA MET E 124 10.07 23.73 27.47
C MET E 124 10.75 24.23 28.76
N PHE E 125 10.00 24.83 29.70
CA PHE E 125 10.57 25.45 30.89
C PHE E 125 11.09 24.45 31.95
N GLU E 126 10.46 23.27 32.09
CA GLU E 126 10.66 22.34 33.20
C GLU E 126 10.77 20.88 32.71
N THR E 127 11.23 20.67 31.47
CA THR E 127 11.72 19.38 31.00
C THR E 127 12.95 19.57 30.08
N PHE E 128 13.00 20.66 29.31
CA PHE E 128 14.12 21.04 28.45
C PHE E 128 14.81 22.34 28.89
N ASN E 129 14.47 22.87 30.08
CA ASN E 129 15.12 23.97 30.81
C ASN E 129 15.27 25.28 30.02
N VAL E 130 14.43 25.49 29.01
CA VAL E 130 14.49 26.62 28.06
C VAL E 130 14.32 27.95 28.84
N PRO E 131 15.18 28.97 28.64
CA PRO E 131 15.12 30.21 29.44
C PRO E 131 13.95 31.14 29.08
N ALA E 132 13.46 31.08 27.84
CA ALA E 132 12.36 31.88 27.32
C ALA E 132 11.66 31.13 26.19
N MET E 133 10.33 31.14 26.17
CA MET E 133 9.47 30.32 25.33
C MET E 133 8.52 31.20 24.50
N TYR E 134 8.15 30.75 23.30
CA TYR E 134 7.17 31.41 22.45
C TYR E 134 6.45 30.38 21.58
N VAL E 135 5.21 30.68 21.20
CA VAL E 135 4.35 29.89 20.31
C VAL E 135 3.74 30.85 19.28
N ALA E 136 3.73 30.41 18.02
CA ALA E 136 3.07 31.01 16.87
C ALA E 136 2.54 29.88 15.96
N ILE E 137 1.55 30.17 15.10
CA ILE E 137 0.93 29.22 14.19
C ILE E 137 1.70 29.26 12.85
N GLN E 138 2.23 28.11 12.41
CA GLN E 138 2.97 27.89 11.15
C GLN E 138 2.37 28.58 9.91
N ALA E 139 1.05 28.51 9.73
CA ALA E 139 0.32 29.10 8.61
C ALA E 139 0.37 30.63 8.61
N VAL E 140 0.36 31.27 9.79
CA VAL E 140 0.44 32.73 9.92
C VAL E 140 1.86 33.20 9.55
N LEU E 141 2.90 32.47 9.98
CA LEU E 141 4.30 32.74 9.60
C LEU E 141 4.53 32.51 8.09
N SER E 142 3.94 31.44 7.53
CA SER E 142 4.00 31.11 6.11
C SER E 142 3.25 32.15 5.26
N LEU E 143 2.10 32.67 5.73
CA LEU E 143 1.32 33.69 5.05
C LEU E 143 2.10 35.01 4.95
N TYR E 144 2.78 35.41 6.04
CA TYR E 144 3.65 36.58 6.07
C TYR E 144 4.84 36.42 5.11
N ALA E 145 5.51 35.26 5.12
CA ALA E 145 6.62 34.92 4.23
C ALA E 145 6.20 34.78 2.75
N SER E 146 4.94 34.42 2.48
CA SER E 146 4.34 34.44 1.15
C SER E 146 4.06 35.89 0.68
N GLY E 147 3.81 36.81 1.63
CA GLY E 147 3.53 38.23 1.42
C GLY E 147 2.03 38.52 1.39
N ARG E 148 1.29 38.04 2.39
CA ARG E 148 -0.12 38.30 2.68
C ARG E 148 -0.31 38.44 4.20
N THR E 149 -1.48 38.92 4.65
CA THR E 149 -1.86 39.13 6.05
C THR E 149 -3.30 38.66 6.29
N THR E 150 -4.19 39.09 5.40
CA THR E 150 -5.52 38.53 5.21
C THR E 150 -5.42 37.61 3.97
N GLY E 151 -6.19 36.53 3.91
CA GLY E 151 -6.19 35.56 2.81
C GLY E 151 -6.43 34.15 3.35
N ILE E 152 -6.17 33.13 2.52
CA ILE E 152 -6.38 31.72 2.89
C ILE E 152 -5.18 30.87 2.44
N VAL E 153 -4.48 30.31 3.43
CA VAL E 153 -3.42 29.34 3.25
C VAL E 153 -4.12 27.99 3.06
N LEU E 154 -3.75 27.27 2.00
CA LEU E 154 -3.84 25.82 1.93
C LEU E 154 -2.43 25.34 2.30
N ASP E 155 -2.33 24.36 3.19
CA ASP E 155 -1.11 23.64 3.53
C ASP E 155 -1.43 22.15 3.40
N SER E 156 -0.52 21.40 2.78
CA SER E 156 -0.65 20.00 2.42
C SER E 156 0.71 19.36 2.69
N GLY E 157 0.95 18.98 3.95
CA GLY E 157 2.14 18.26 4.39
C GLY E 157 1.95 16.75 4.26
N ASP E 158 2.93 15.97 4.74
CA ASP E 158 2.86 14.51 4.73
C ASP E 158 1.87 13.94 5.77
N GLY E 159 1.46 14.71 6.79
CA GLY E 159 0.57 14.24 7.86
C GLY E 159 -0.90 14.61 7.66
N VAL E 160 -1.20 15.88 7.35
CA VAL E 160 -2.56 16.39 7.12
C VAL E 160 -2.50 17.50 6.07
N THR E 161 -3.63 17.70 5.37
CA THR E 161 -3.88 18.81 4.47
C THR E 161 -4.96 19.69 5.12
N HIS E 162 -4.75 21.00 5.21
CA HIS E 162 -5.60 21.95 5.91
C HIS E 162 -5.68 23.32 5.22
N ASN E 163 -6.86 23.94 5.35
CA ASN E 163 -7.18 25.28 4.91
C ASN E 163 -7.29 26.16 6.14
N VAL E 164 -6.49 27.22 6.19
CA VAL E 164 -6.47 28.20 7.27
C VAL E 164 -6.85 29.58 6.66
N PRO E 165 -8.10 30.05 6.81
CA PRO E 165 -8.50 31.41 6.45
C PRO E 165 -8.07 32.39 7.56
N ILE E 166 -7.46 33.52 7.16
CA ILE E 166 -6.77 34.48 8.02
C ILE E 166 -7.33 35.89 7.72
N TYR E 167 -7.55 36.65 8.79
CA TYR E 167 -8.16 37.98 8.86
C TYR E 167 -7.14 38.86 9.61
N GLU E 168 -6.38 39.67 8.85
CA GLU E 168 -5.23 40.50 9.23
C GLU E 168 -4.32 39.83 10.30
N GLY E 169 -3.73 38.70 9.92
CA GLY E 169 -2.75 37.94 10.71
C GLY E 169 -3.37 36.92 11.66
N TYR E 170 -4.64 37.07 12.03
CA TYR E 170 -5.34 36.18 12.96
C TYR E 170 -6.19 35.20 12.14
N ALA E 171 -6.02 33.90 12.40
CA ALA E 171 -6.77 32.80 11.78
C ALA E 171 -8.21 32.75 12.33
N LEU E 172 -9.20 32.50 11.48
CA LEU E 172 -10.61 32.38 11.85
C LEU E 172 -10.88 30.88 12.13
N PRO E 173 -11.00 30.44 13.40
CA PRO E 173 -10.89 29.02 13.77
C PRO E 173 -12.11 28.17 13.36
N HIS E 174 -13.31 28.75 13.39
CA HIS E 174 -14.56 28.12 13.00
C HIS E 174 -14.55 27.69 11.52
N ALA E 175 -13.85 28.46 10.67
CA ALA E 175 -13.74 28.28 9.23
C ALA E 175 -12.51 27.45 8.82
N ILE E 176 -11.59 27.08 9.73
CA ILE E 176 -10.48 26.16 9.43
C ILE E 176 -11.07 24.78 9.09
N MET E 177 -10.62 24.19 7.99
CA MET E 177 -11.05 22.88 7.49
C MET E 177 -9.81 22.07 7.13
N ARG E 178 -9.98 20.75 7.02
CA ARG E 178 -8.92 19.82 6.68
C ARG E 178 -9.47 18.68 5.84
N LEU E 179 -8.62 18.16 4.96
CA LEU E 179 -8.76 16.88 4.32
C LEU E 179 -7.71 16.02 5.03
N ASP E 180 -8.13 14.94 5.69
CA ASP E 180 -7.25 14.09 6.51
C ASP E 180 -6.25 13.27 5.67
N LEU E 181 -6.43 13.26 4.33
CA LEU E 181 -5.57 12.67 3.33
C LEU E 181 -4.35 13.59 3.16
N ALA E 182 -3.15 13.01 3.17
CA ALA E 182 -1.89 13.72 3.14
C ALA E 182 -0.82 13.00 2.31
N GLY E 183 0.40 13.54 2.29
CA GLY E 183 1.55 13.01 1.56
C GLY E 183 1.97 11.58 1.98
N ARG E 184 1.69 11.17 3.23
CA ARG E 184 1.78 9.78 3.74
C ARG E 184 0.87 8.84 2.93
N ASP E 185 -0.32 9.33 2.62
CA ASP E 185 -1.43 8.57 2.04
C ASP E 185 -1.33 8.62 0.52
N LEU E 186 -0.73 9.69 -0.05
CA LEU E 186 -0.11 9.69 -1.37
C LEU E 186 0.97 8.60 -1.46
N THR E 187 1.88 8.47 -0.48
CA THR E 187 2.92 7.44 -0.47
C THR E 187 2.30 6.01 -0.43
N ASP E 188 1.27 5.79 0.42
CA ASP E 188 0.45 4.56 0.49
C ASP E 188 -0.25 4.23 -0.84
N TYR E 189 -0.86 5.25 -1.49
CA TYR E 189 -1.52 5.12 -2.78
C TYR E 189 -0.50 4.91 -3.92
N LEU E 190 0.61 5.66 -3.93
CA LEU E 190 1.72 5.57 -4.89
C LEU E 190 2.26 4.13 -4.98
N MET E 191 2.41 3.46 -3.84
CA MET E 191 2.77 2.03 -3.73
C MET E 191 1.78 1.10 -4.45
N LYS E 192 0.47 1.41 -4.43
CA LYS E 192 -0.57 0.59 -5.06
C LYS E 192 -0.65 0.84 -6.57
N ILE E 193 -0.39 2.06 -7.07
CA ILE E 193 -0.37 2.33 -8.51
C ILE E 193 1.00 1.96 -9.12
N LEU E 194 2.08 1.92 -8.32
CA LEU E 194 3.31 1.20 -8.67
C LEU E 194 3.05 -0.32 -8.80
N THR E 195 2.16 -0.88 -7.97
CA THR E 195 1.75 -2.28 -8.08
C THR E 195 0.83 -2.52 -9.32
N GLU E 196 0.17 -1.51 -9.91
CA GLU E 196 -0.52 -1.64 -11.21
C GLU E 196 0.47 -1.95 -12.37
N ARG E 197 1.78 -1.72 -12.18
CA ARG E 197 2.85 -2.13 -13.10
C ARG E 197 3.48 -3.47 -12.67
N GLY E 198 3.11 -4.00 -11.50
CA GLY E 198 3.78 -5.11 -10.85
C GLY E 198 5.12 -4.74 -10.19
N TYR E 199 5.45 -3.44 -10.02
CA TYR E 199 6.65 -3.00 -9.31
C TYR E 199 6.38 -3.23 -7.81
N SER E 200 7.14 -4.14 -7.20
CA SER E 200 6.90 -4.58 -5.83
C SER E 200 7.75 -3.69 -4.91
N PHE E 201 7.10 -3.06 -3.93
CA PHE E 201 7.70 -2.22 -2.89
C PHE E 201 6.88 -2.46 -1.61
N VAL E 202 7.52 -2.71 -0.47
CA VAL E 202 6.86 -3.06 0.79
C VAL E 202 7.65 -2.59 2.05
N THR E 203 8.98 -2.55 1.98
CA THR E 203 9.86 -2.37 3.13
C THR E 203 9.93 -0.90 3.60
N THR E 204 10.52 -0.73 4.79
CA THR E 204 10.84 0.55 5.41
C THR E 204 11.94 1.27 4.60
N ALA E 205 12.79 0.51 3.88
CA ALA E 205 13.83 1.01 2.98
C ALA E 205 13.22 1.53 1.67
N GLU E 206 12.37 0.73 0.99
CA GLU E 206 11.68 1.10 -0.24
C GLU E 206 10.67 2.24 -0.02
N ARG E 207 10.16 2.41 1.21
CA ARG E 207 9.32 3.53 1.60
C ARG E 207 9.97 4.89 1.28
N GLU E 208 11.28 5.06 1.56
CA GLU E 208 11.98 6.32 1.26
C GLU E 208 12.30 6.46 -0.24
N ILE E 209 12.41 5.34 -0.98
CA ILE E 209 12.56 5.35 -2.44
C ILE E 209 11.24 5.83 -3.09
N VAL E 210 10.10 5.26 -2.67
CA VAL E 210 8.75 5.69 -3.07
C VAL E 210 8.47 7.16 -2.66
N ARG E 211 8.93 7.61 -1.49
CA ARG E 211 8.81 8.99 -1.04
C ARG E 211 9.69 9.94 -1.87
N ASP E 212 10.86 9.50 -2.34
CA ASP E 212 11.72 10.26 -3.25
C ASP E 212 11.09 10.33 -4.66
N ILE E 213 10.54 9.21 -5.17
CA ILE E 213 9.77 9.11 -6.42
C ILE E 213 8.56 10.07 -6.41
N LYS E 214 7.82 10.12 -5.28
CA LYS E 214 6.75 11.08 -5.00
C LYS E 214 7.20 12.53 -5.25
N GLU E 215 8.35 12.94 -4.72
CA GLU E 215 8.78 14.33 -4.73
C GLU E 215 9.61 14.67 -6.00
N LYS E 216 10.32 13.71 -6.60
CA LYS E 216 11.15 13.95 -7.79
C LYS E 216 10.37 13.86 -9.11
N LEU E 217 9.27 13.09 -9.22
CA LEU E 217 8.69 12.72 -10.52
C LEU E 217 7.22 13.10 -10.72
N CYS E 218 6.45 13.37 -9.66
CA CYS E 218 5.00 13.62 -9.76
C CYS E 218 4.69 15.09 -10.08
N TYR E 219 3.48 15.39 -10.56
CA TYR E 219 2.99 16.71 -10.95
C TYR E 219 1.46 16.64 -10.98
N VAL E 220 0.73 17.77 -10.86
CA VAL E 220 -0.72 17.77 -10.94
C VAL E 220 -1.10 18.02 -12.41
N ALA E 221 -2.10 17.27 -12.88
CA ALA E 221 -2.73 17.44 -14.18
C ALA E 221 -3.72 18.60 -14.12
N LEU E 222 -3.74 19.43 -15.16
CA LEU E 222 -4.72 20.48 -15.35
C LEU E 222 -6.02 19.82 -15.85
N ASP E 223 -6.00 19.29 -17.07
CA ASP E 223 -7.08 18.48 -17.64
C ASP E 223 -6.60 17.03 -17.55
N PHE E 224 -7.12 16.26 -16.59
CA PHE E 224 -6.73 14.87 -16.28
C PHE E 224 -6.77 13.92 -17.50
N GLU E 225 -7.83 14.01 -18.30
CA GLU E 225 -8.07 13.12 -19.44
C GLU E 225 -7.13 13.45 -20.63
N ASN E 226 -6.63 14.70 -20.74
CA ASN E 226 -5.63 15.07 -21.74
C ASN E 226 -4.25 14.50 -21.40
N GLU E 227 -3.92 14.39 -20.10
CA GLU E 227 -2.71 13.72 -19.61
C GLU E 227 -2.83 12.19 -19.84
N MET E 228 -4.01 11.60 -19.59
CA MET E 228 -4.30 10.19 -19.89
C MET E 228 -4.21 9.89 -21.39
N ALA E 229 -4.71 10.78 -22.25
CA ALA E 229 -4.61 10.68 -23.71
C ALA E 229 -3.15 10.75 -24.18
N THR E 230 -2.33 11.61 -23.56
CA THR E 230 -0.91 11.74 -23.83
C THR E 230 -0.15 10.49 -23.34
N ALA E 231 -0.47 9.96 -22.16
CA ALA E 231 0.14 8.75 -21.58
C ALA E 231 -0.18 7.50 -22.41
N ALA E 232 -1.38 7.47 -23.00
CA ALA E 232 -1.86 6.42 -23.89
C ALA E 232 -1.34 6.57 -25.34
N SER E 233 -0.51 7.58 -25.65
CA SER E 233 0.01 7.81 -27.00
C SER E 233 1.49 8.21 -27.08
N SER E 234 2.13 8.60 -25.97
CA SER E 234 3.48 9.10 -25.91
C SER E 234 4.17 8.66 -24.62
N SER E 235 5.30 7.95 -24.73
CA SER E 235 6.20 7.58 -23.65
C SER E 235 7.11 8.76 -23.21
N SER E 236 6.76 10.01 -23.52
CA SER E 236 7.39 11.22 -23.00
C SER E 236 6.85 11.57 -21.59
N LEU E 237 5.61 11.14 -21.28
CA LEU E 237 4.97 11.32 -19.98
C LEU E 237 5.53 10.28 -18.98
N GLU E 238 5.90 9.09 -19.49
CA GLU E 238 6.58 8.02 -18.80
C GLU E 238 8.04 8.43 -18.52
N LYS E 239 8.48 8.32 -17.26
CA LYS E 239 9.80 8.77 -16.81
C LYS E 239 10.47 7.74 -15.90
N SER E 240 11.72 7.42 -16.21
CA SER E 240 12.57 6.42 -15.60
C SER E 240 13.11 6.79 -14.20
N TYR E 241 13.32 5.78 -13.35
CA TYR E 241 13.99 5.85 -12.05
C TYR E 241 14.90 4.61 -11.94
N GLU E 242 16.15 4.78 -11.51
CA GLU E 242 17.08 3.68 -11.22
C GLU E 242 16.93 3.37 -9.74
N LEU E 243 16.61 2.12 -9.38
CA LEU E 243 16.69 1.65 -8.00
C LEU E 243 18.18 1.37 -7.68
N PRO E 244 18.66 1.55 -6.42
CA PRO E 244 20.08 1.60 -5.98
C PRO E 244 21.18 0.69 -6.56
N ASP E 245 20.89 -0.32 -7.39
CA ASP E 245 21.87 -1.19 -8.05
C ASP E 245 21.60 -1.40 -9.55
N GLY E 246 20.96 -0.42 -10.20
CA GLY E 246 20.84 -0.37 -11.66
C GLY E 246 19.59 -1.05 -12.22
N GLN E 247 18.67 -1.47 -11.34
CA GLN E 247 17.38 -2.05 -11.72
C GLN E 247 16.45 -0.85 -12.01
N VAL E 248 16.12 -0.62 -13.28
CA VAL E 248 15.38 0.55 -13.74
C VAL E 248 13.87 0.24 -13.71
N ILE E 249 13.08 1.21 -13.23
CA ILE E 249 11.62 1.26 -13.31
C ILE E 249 11.22 2.57 -14.01
N THR E 250 9.96 2.71 -14.46
CA THR E 250 9.42 3.87 -15.19
C THR E 250 7.96 4.11 -14.77
N ILE E 251 7.60 5.36 -14.39
CA ILE E 251 6.22 5.75 -14.07
C ILE E 251 5.81 6.91 -14.99
N GLY E 252 4.51 7.03 -15.28
CA GLY E 252 3.95 8.07 -16.13
C GLY E 252 2.56 8.38 -15.61
N ASN E 253 1.61 7.50 -15.94
CA ASN E 253 0.21 7.43 -15.47
C ASN E 253 0.03 7.81 -13.98
N GLU E 254 0.93 7.29 -13.14
CA GLU E 254 0.99 7.43 -11.70
C GLU E 254 1.46 8.81 -11.23
N ARG E 255 2.22 9.53 -12.06
CA ARG E 255 2.84 10.82 -11.73
C ARG E 255 1.81 11.90 -11.45
N PHE E 256 0.60 11.78 -12.03
CA PHE E 256 -0.50 12.71 -11.83
C PHE E 256 -1.69 12.05 -11.13
N ARG E 257 -1.94 10.75 -11.35
CA ARG E 257 -2.95 9.97 -10.61
C ARG E 257 -2.69 9.95 -9.09
N CYS E 258 -1.41 9.98 -8.66
CA CYS E 258 -1.03 10.19 -7.26
C CYS E 258 -1.45 11.59 -6.73
N PRO E 259 -0.88 12.75 -7.14
CA PRO E 259 -1.37 14.10 -6.78
C PRO E 259 -2.89 14.38 -6.91
N GLU E 260 -3.60 13.73 -7.84
CA GLU E 260 -5.06 13.84 -8.01
C GLU E 260 -5.87 13.35 -6.79
N THR E 261 -5.28 12.54 -5.89
CA THR E 261 -5.87 12.10 -4.63
C THR E 261 -6.32 13.23 -3.69
N LEU E 262 -5.73 14.43 -3.81
CA LEU E 262 -6.13 15.62 -3.05
C LEU E 262 -7.42 16.23 -3.63
N PHE E 263 -7.67 16.07 -4.94
CA PHE E 263 -8.86 16.55 -5.63
C PHE E 263 -9.95 15.46 -5.60
N GLN E 264 -9.57 14.17 -5.62
CA GLN E 264 -10.47 13.03 -5.55
C GLN E 264 -10.14 12.15 -4.32
N PRO E 265 -10.50 12.55 -3.07
CA PRO E 265 -10.29 11.75 -1.84
C PRO E 265 -10.76 10.29 -1.91
N SER E 266 -11.85 10.07 -2.65
CA SER E 266 -12.41 8.78 -3.04
C SER E 266 -11.43 7.81 -3.76
N PHE E 267 -10.26 8.28 -4.24
CA PHE E 267 -9.14 7.43 -4.68
C PHE E 267 -8.48 6.65 -3.52
N ILE E 268 -8.62 7.15 -2.27
CA ILE E 268 -8.23 6.48 -1.02
C ILE E 268 -9.51 5.89 -0.36
N GLY E 269 -10.68 6.07 -0.98
CA GLY E 269 -11.97 5.56 -0.53
C GLY E 269 -12.75 6.51 0.38
N MET E 270 -12.21 7.71 0.68
CA MET E 270 -12.84 8.69 1.56
C MET E 270 -14.04 9.37 0.89
N GLU E 271 -15.10 9.64 1.68
CA GLU E 271 -16.32 10.33 1.28
C GLU E 271 -16.13 11.86 1.15
N SER E 272 -14.97 12.37 1.56
CA SER E 272 -14.59 13.76 1.65
C SER E 272 -14.69 14.51 0.32
N ALA E 273 -14.76 15.84 0.42
CA ALA E 273 -14.70 16.80 -0.68
C ALA E 273 -13.21 17.09 -0.95
N GLY E 274 -12.85 17.42 -2.20
CA GLY E 274 -11.48 17.69 -2.62
C GLY E 274 -10.91 19.01 -2.06
N ILE E 275 -9.60 19.25 -2.22
CA ILE E 275 -8.94 20.47 -1.72
C ILE E 275 -9.55 21.78 -2.25
N HIS E 276 -10.05 21.79 -3.50
CA HIS E 276 -10.79 22.88 -4.14
C HIS E 276 -12.14 23.13 -3.45
N GLU E 277 -12.90 22.06 -3.19
CA GLU E 277 -14.17 22.09 -2.50
C GLU E 277 -13.99 22.52 -1.03
N THR E 278 -12.97 21.99 -0.34
CA THR E 278 -12.65 22.26 1.06
C THR E 278 -12.20 23.73 1.23
N THR E 279 -11.43 24.27 0.26
CA THR E 279 -11.05 25.68 0.19
C THR E 279 -12.31 26.55 0.02
N TYR E 280 -13.20 26.21 -0.90
CA TYR E 280 -14.45 26.92 -1.17
C TYR E 280 -15.40 26.91 0.05
N ASN E 281 -15.55 25.73 0.70
CA ASN E 281 -16.37 25.53 1.90
C ASN E 281 -15.83 26.27 3.13
N SER E 282 -14.50 26.47 3.21
CA SER E 282 -13.85 27.30 4.24
C SER E 282 -14.20 28.79 4.02
N ILE E 283 -14.12 29.29 2.78
CA ILE E 283 -14.37 30.69 2.42
C ILE E 283 -15.88 31.02 2.53
N MET E 284 -16.77 30.09 2.17
CA MET E 284 -18.22 30.28 2.20
C MET E 284 -18.85 30.18 3.60
N LYS E 285 -18.04 30.06 4.67
CA LYS E 285 -18.45 30.27 6.06
C LYS E 285 -17.73 31.46 6.71
N CYS E 286 -17.16 32.35 5.90
CA CYS E 286 -16.70 33.68 6.30
C CYS E 286 -17.71 34.74 5.81
N ASP E 287 -17.71 35.89 6.50
CA ASP E 287 -18.45 37.14 6.27
C ASP E 287 -18.43 37.59 4.81
N ILE E 288 -19.58 38.03 4.27
CA ILE E 288 -19.81 38.33 2.86
C ILE E 288 -18.87 39.41 2.26
N ASP E 289 -18.36 40.35 3.08
CA ASP E 289 -17.53 41.47 2.63
C ASP E 289 -16.05 41.07 2.42
N ILE E 290 -15.65 39.82 2.72
CA ILE E 290 -14.29 39.33 2.53
C ILE E 290 -14.19 38.08 1.62
N ARG E 291 -15.33 37.50 1.21
CA ARG E 291 -15.33 36.27 0.39
C ARG E 291 -14.69 36.51 -0.99
N LYS E 292 -14.95 37.68 -1.59
CA LYS E 292 -14.30 38.22 -2.79
C LYS E 292 -12.76 38.18 -2.69
N ASP E 293 -12.20 38.71 -1.60
CA ASP E 293 -10.77 38.86 -1.34
C ASP E 293 -10.15 37.55 -0.86
N LEU E 294 -10.93 36.63 -0.29
CA LEU E 294 -10.50 35.28 0.06
C LEU E 294 -10.37 34.40 -1.19
N TYR E 295 -11.21 34.60 -2.22
CA TYR E 295 -11.05 33.97 -3.54
C TYR E 295 -9.85 34.58 -4.29
N ALA E 296 -9.52 35.84 -4.03
CA ALA E 296 -8.44 36.58 -4.66
C ALA E 296 -7.13 36.51 -3.85
N ASN E 297 -7.03 35.63 -2.83
CA ASN E 297 -5.87 35.50 -1.94
C ASN E 297 -5.71 34.06 -1.43
N ASN E 298 -5.86 33.06 -2.29
CA ASN E 298 -5.60 31.66 -1.93
C ASN E 298 -4.11 31.38 -2.16
N VAL E 299 -3.39 31.07 -1.08
CA VAL E 299 -1.95 30.88 -1.03
C VAL E 299 -1.69 29.36 -0.90
N MET E 300 -0.91 28.81 -1.83
CA MET E 300 -0.47 27.42 -1.81
C MET E 300 0.80 27.32 -0.95
N SER E 301 0.74 26.50 0.10
CA SER E 301 1.84 26.18 1.02
C SER E 301 1.81 24.66 1.34
N GLY E 302 2.72 24.19 2.19
CA GLY E 302 2.93 22.77 2.49
C GLY E 302 3.90 22.10 1.50
N GLY E 303 4.05 20.78 1.59
CA GLY E 303 5.01 20.01 0.80
C GLY E 303 4.42 19.53 -0.51
N THR E 304 3.14 19.12 -0.50
CA THR E 304 2.49 18.46 -1.63
C THR E 304 1.97 19.50 -2.64
N THR E 305 2.11 20.81 -2.38
CA THR E 305 1.79 21.87 -3.32
C THR E 305 3.03 22.32 -4.12
N MET E 306 4.19 21.66 -3.97
CA MET E 306 5.42 21.95 -4.72
C MET E 306 5.30 21.53 -6.20
N TYR E 307 4.28 20.74 -6.54
CA TYR E 307 4.05 20.19 -7.87
C TYR E 307 3.63 21.27 -8.89
N PRO E 308 4.14 21.21 -10.14
CA PRO E 308 3.57 21.94 -11.29
C PRO E 308 2.08 21.62 -11.47
N GLY E 309 1.32 22.58 -12.02
CA GLY E 309 -0.07 22.44 -12.41
C GLY E 309 -1.08 22.62 -11.27
N ILE E 310 -0.67 22.62 -9.99
CA ILE E 310 -1.61 22.58 -8.87
C ILE E 310 -2.31 23.94 -8.63
N ALA E 311 -1.62 25.07 -8.86
CA ALA E 311 -2.20 26.40 -8.64
C ALA E 311 -3.17 26.74 -9.78
N ASP E 312 -2.75 26.33 -10.98
CA ASP E 312 -3.36 26.40 -12.30
C ASP E 312 -4.66 25.57 -12.30
N ARG E 313 -4.58 24.33 -11.80
CA ARG E 313 -5.69 23.42 -11.54
C ARG E 313 -6.63 23.97 -10.46
N MET E 314 -6.12 24.43 -9.30
CA MET E 314 -6.93 25.04 -8.25
C MET E 314 -7.72 26.25 -8.77
N GLN E 315 -7.11 27.10 -9.61
CA GLN E 315 -7.80 28.14 -10.39
C GLN E 315 -8.89 27.55 -11.30
N LYS E 316 -8.57 26.51 -12.09
CA LYS E 316 -9.53 25.88 -13.00
C LYS E 316 -10.69 25.16 -12.29
N GLU E 317 -10.49 24.62 -11.09
CA GLU E 317 -11.54 24.04 -10.26
C GLU E 317 -12.37 25.18 -9.63
N ILE E 318 -11.73 26.13 -8.93
CA ILE E 318 -12.39 27.26 -8.26
C ILE E 318 -13.21 28.14 -9.22
N THR E 319 -12.79 28.35 -10.48
CA THR E 319 -13.56 29.05 -11.51
C THR E 319 -14.87 28.32 -11.95
N ALA E 320 -15.13 27.09 -11.49
CA ALA E 320 -16.41 26.40 -11.65
C ALA E 320 -17.26 26.49 -10.37
N LEU E 321 -16.68 26.89 -9.22
CA LEU E 321 -17.35 26.97 -7.92
C LEU E 321 -17.68 28.43 -7.58
N ALA E 322 -16.72 29.35 -7.77
CA ALA E 322 -16.83 30.77 -7.48
C ALA E 322 -17.36 31.51 -8.72
N PRO E 323 -18.34 32.43 -8.59
CA PRO E 323 -18.92 33.24 -9.69
C PRO E 323 -17.92 33.95 -10.62
N SER E 324 -18.32 34.12 -11.88
CA SER E 324 -17.51 34.66 -12.98
C SER E 324 -17.20 36.17 -12.86
N THR E 325 -17.75 36.90 -11.89
CA THR E 325 -17.39 38.29 -11.58
C THR E 325 -16.28 38.35 -10.49
N MET E 326 -15.83 37.21 -9.95
CA MET E 326 -14.75 37.13 -8.97
C MET E 326 -13.40 37.06 -9.72
N LYS E 327 -12.46 37.90 -9.29
CA LYS E 327 -11.10 37.93 -9.82
C LYS E 327 -10.28 36.90 -9.00
N ILE E 328 -10.36 35.62 -9.40
CA ILE E 328 -9.65 34.49 -8.80
C ILE E 328 -8.13 34.71 -9.00
N LYS E 329 -7.40 34.90 -7.89
CA LYS E 329 -6.04 35.43 -7.85
C LYS E 329 -5.30 34.52 -6.85
N ILE E 330 -5.03 33.28 -7.28
CA ILE E 330 -4.31 32.25 -6.54
C ILE E 330 -2.80 32.57 -6.63
N ILE E 331 -2.02 32.27 -5.59
CA ILE E 331 -0.57 32.40 -5.59
C ILE E 331 0.08 31.09 -5.12
N ALA E 332 1.24 30.78 -5.70
CA ALA E 332 2.14 29.72 -5.27
C ALA E 332 3.57 30.27 -5.27
N PRO E 333 4.06 30.85 -4.14
CA PRO E 333 5.47 31.27 -3.95
C PRO E 333 6.51 30.18 -4.33
N PRO E 334 7.80 30.52 -4.58
CA PRO E 334 8.80 29.54 -5.02
C PRO E 334 9.18 28.54 -3.90
N GLU E 335 9.59 29.07 -2.76
CA GLU E 335 9.64 28.35 -1.49
C GLU E 335 8.24 28.52 -0.87
N ARG E 336 7.62 27.42 -0.46
CA ARG E 336 6.25 27.33 0.05
C ARG E 336 6.08 26.25 1.12
N LYS E 337 7.16 25.59 1.56
CA LYS E 337 7.15 24.35 2.34
C LYS E 337 7.86 24.49 3.70
N TYR E 338 8.82 25.41 3.77
CA TYR E 338 9.60 25.82 4.93
C TYR E 338 9.31 27.29 5.26
N SER E 339 8.56 28.03 4.42
CA SER E 339 8.02 29.37 4.68
C SER E 339 7.36 29.53 6.07
N VAL E 340 6.73 28.43 6.54
CA VAL E 340 6.26 28.14 7.89
C VAL E 340 7.30 28.38 9.00
N TRP E 341 8.55 27.95 8.76
CA TRP E 341 9.66 28.02 9.69
C TRP E 341 10.48 29.29 9.41
N ILE E 342 10.72 29.63 8.12
CA ILE E 342 11.51 30.79 7.70
C ILE E 342 10.90 32.11 8.23
N GLY E 343 9.57 32.22 8.23
CA GLY E 343 8.86 33.35 8.84
C GLY E 343 9.04 33.40 10.37
N GLY E 344 9.23 32.24 11.01
CA GLY E 344 9.53 32.12 12.44
C GLY E 344 10.96 32.57 12.75
N SER E 345 11.94 32.14 11.96
CA SER E 345 13.35 32.58 12.00
C SER E 345 13.48 34.11 11.90
N ILE E 346 12.79 34.71 10.92
CA ILE E 346 12.77 36.15 10.70
C ILE E 346 12.09 36.87 11.87
N LEU E 347 10.91 36.42 12.32
CA LEU E 347 10.19 37.00 13.47
C LEU E 347 11.03 36.97 14.75
N ALA E 348 11.72 35.86 15.01
CA ALA E 348 12.57 35.66 16.18
C ALA E 348 13.84 36.52 16.15
N SER E 349 14.27 36.99 14.98
CA SER E 349 15.41 37.89 14.82
C SER E 349 14.95 39.32 14.48
N LEU E 350 13.63 39.58 14.45
CA LEU E 350 13.04 40.87 14.09
C LEU E 350 13.02 41.73 15.34
N SER E 351 13.90 42.73 15.31
CA SER E 351 14.29 43.60 16.41
C SER E 351 13.30 44.77 16.61
N THR E 352 13.31 45.32 17.84
CA THR E 352 12.48 46.39 18.38
C THR E 352 11.37 45.82 19.28
N PHE E 353 11.81 45.19 20.38
CA PHE E 353 11.06 44.62 21.50
C PHE E 353 10.80 43.12 21.34
N GLN E 354 10.46 42.46 22.44
CA GLN E 354 10.32 41.01 22.57
C GLN E 354 9.10 40.61 23.41
N GLN E 355 8.13 41.52 23.56
CA GLN E 355 7.04 41.44 24.55
C GLN E 355 6.11 40.22 24.39
N MET E 356 6.11 39.59 23.22
CA MET E 356 5.30 38.42 22.90
C MET E 356 5.97 37.12 23.41
N TRP E 357 7.30 37.14 23.60
CA TRP E 357 8.09 36.00 24.08
C TRP E 357 7.97 35.92 25.61
N ILE E 358 7.79 34.73 26.16
CA ILE E 358 7.55 34.46 27.58
C ILE E 358 8.90 34.11 28.22
N THR E 359 9.25 34.76 29.32
CA THR E 359 10.37 34.41 30.17
C THR E 359 9.89 33.46 31.29
N LYS E 360 10.83 32.75 31.95
CA LYS E 360 10.55 31.91 33.12
C LYS E 360 9.83 32.69 34.23
N GLN E 361 10.23 33.94 34.50
CA GLN E 361 9.64 34.78 35.55
C GLN E 361 8.14 35.07 35.37
N GLU E 362 7.66 35.17 34.12
CA GLU E 362 6.25 35.38 33.81
C GLU E 362 5.46 34.06 33.96
N TYR E 363 6.10 32.92 33.63
CA TYR E 363 5.58 31.58 33.91
C TYR E 363 5.56 31.32 35.43
N ASP E 364 6.55 31.81 36.20
CA ASP E 364 6.64 31.64 37.66
C ASP E 364 5.70 32.61 38.43
N GLU E 365 4.98 33.52 37.73
CA GLU E 365 3.79 34.21 38.25
C GLU E 365 2.56 33.34 37.94
N ALA E 366 2.36 33.09 36.64
CA ALA E 366 1.09 32.67 36.08
C ALA E 366 0.86 31.16 36.12
N GLY E 367 1.95 30.39 36.18
CA GLY E 367 2.03 29.01 35.74
C GLY E 367 1.92 28.91 34.19
N PRO E 368 1.69 27.69 33.66
CA PRO E 368 1.46 27.41 32.22
C PRO E 368 0.41 28.30 31.51
N SER E 369 -0.50 28.92 32.26
CA SER E 369 -1.53 29.90 31.88
C SER E 369 -0.99 31.09 31.06
N ILE E 370 0.29 31.43 31.23
CA ILE E 370 0.99 32.55 30.61
C ILE E 370 0.84 32.61 29.07
N VAL E 371 0.84 31.44 28.41
CA VAL E 371 0.84 31.30 26.97
C VAL E 371 -0.38 31.95 26.29
N HIS E 372 -1.55 31.96 26.95
CA HIS E 372 -2.78 32.53 26.43
C HIS E 372 -2.87 34.04 26.69
N ARG E 373 -1.95 34.59 27.49
CA ARG E 373 -1.81 36.02 27.76
C ARG E 373 -0.76 36.64 26.80
N LYS E 374 -0.02 35.82 26.03
CA LYS E 374 1.22 36.18 25.36
C LYS E 374 1.28 35.71 23.90
N CYS E 375 0.76 34.52 23.59
CA CYS E 375 0.75 33.93 22.25
C CYS E 375 -0.72 33.95 21.76
N PHE E 376 -0.96 34.64 20.64
CA PHE E 376 -2.25 34.92 20.03
C PHE E 376 -3.08 33.65 19.77
N NH2 E 377 -4.37 33.69 20.02
HN1 NH2 E 377 -4.91 32.85 19.88
HN2 NH2 E 377 -4.81 34.52 20.41
C ACE F 1 -29.54 -28.50 -28.49
O ACE F 1 -28.19 -28.24 -28.19
CH3 ACE F 1 -30.02 -27.52 -29.56
H1 ACE F 1 -29.44 -27.60 -30.47
H2 ACE F 1 -29.96 -26.49 -29.22
H3 ACE F 1 -31.06 -27.71 -29.82
N ASP F 2 -29.58 -29.84 -29.03
CA ASP F 2 -29.16 -30.88 -28.05
C ASP F 2 -27.69 -31.30 -28.28
N GLU F 3 -27.24 -31.16 -29.53
CA GLU F 3 -25.85 -31.31 -29.99
C GLU F 3 -25.15 -29.93 -30.01
N ASP F 4 -25.89 -28.82 -30.02
CA ASP F 4 -25.38 -27.44 -29.95
C ASP F 4 -25.14 -27.06 -28.47
N GLU F 5 -24.40 -27.91 -27.73
CA GLU F 5 -24.06 -27.73 -26.32
C GLU F 5 -22.72 -26.97 -26.26
N THR F 6 -22.56 -26.11 -25.25
CA THR F 6 -21.35 -25.36 -24.98
C THR F 6 -21.20 -25.06 -23.47
N THR F 7 -20.94 -26.09 -22.66
CA THR F 7 -20.43 -26.00 -21.30
C THR F 7 -19.09 -25.23 -21.32
N ALA F 8 -19.05 -24.07 -20.66
CA ALA F 8 -17.92 -23.15 -20.63
C ALA F 8 -16.68 -23.76 -19.92
N LEU F 9 -15.51 -23.17 -20.18
CA LEU F 9 -14.24 -23.50 -19.54
C LEU F 9 -13.94 -22.39 -18.53
N VAL F 10 -13.44 -22.69 -17.34
CA VAL F 10 -13.12 -21.68 -16.32
C VAL F 10 -11.70 -21.93 -15.78
N CYS F 11 -10.91 -20.86 -15.70
CA CYS F 11 -9.53 -20.82 -15.21
C CYS F 11 -9.44 -19.82 -14.06
N ASP F 12 -8.52 -20.06 -13.11
CA ASP F 12 -8.16 -19.13 -12.04
C ASP F 12 -6.64 -19.14 -11.82
N ASN F 13 -6.04 -17.97 -11.52
CA ASN F 13 -4.64 -17.75 -11.17
C ASN F 13 -4.61 -16.51 -10.27
N GLY F 14 -3.96 -16.59 -9.10
CA GLY F 14 -3.87 -15.48 -8.14
C GLY F 14 -2.45 -15.05 -7.80
N SER F 15 -1.51 -16.00 -7.89
CA SER F 15 -0.37 -16.04 -7.00
C SER F 15 0.71 -17.02 -7.46
N GLY F 16 0.63 -17.53 -8.71
CA GLY F 16 1.62 -18.44 -9.27
C GLY F 16 1.10 -19.86 -9.52
N LEU F 17 -0.06 -20.25 -8.99
CA LEU F 17 -0.70 -21.54 -9.26
C LEU F 17 -1.90 -21.30 -10.19
N VAL F 18 -1.98 -22.06 -11.29
CA VAL F 18 -3.11 -22.12 -12.21
C VAL F 18 -4.00 -23.28 -11.74
N LYS F 19 -5.32 -23.06 -11.78
CA LYS F 19 -6.36 -24.06 -11.62
C LYS F 19 -7.33 -23.87 -12.80
N ALA F 20 -7.77 -24.92 -13.49
CA ALA F 20 -8.71 -24.85 -14.61
C ALA F 20 -9.56 -26.11 -14.79
N GLY F 21 -10.76 -26.00 -15.37
CA GLY F 21 -11.66 -27.10 -15.68
C GLY F 21 -12.89 -26.58 -16.43
N PHE F 22 -13.92 -27.42 -16.60
CA PHE F 22 -15.19 -27.03 -17.21
C PHE F 22 -16.08 -26.37 -16.15
N ALA F 23 -17.04 -25.57 -16.60
CA ALA F 23 -18.08 -24.95 -15.81
C ALA F 23 -19.07 -26.00 -15.31
N GLY F 24 -19.10 -26.24 -14.00
CA GLY F 24 -19.96 -27.23 -13.37
C GLY F 24 -19.18 -28.42 -12.80
N ASP F 25 -17.88 -28.55 -13.13
CA ASP F 25 -16.95 -29.52 -12.56
C ASP F 25 -16.69 -29.12 -11.10
N ASP F 26 -16.81 -30.09 -10.18
CA ASP F 26 -16.60 -29.89 -8.73
C ASP F 26 -15.12 -29.72 -8.37
N ALA F 27 -14.24 -30.40 -9.11
CA ALA F 27 -12.78 -30.35 -8.98
C ALA F 27 -12.18 -30.04 -10.36
N PRO F 28 -11.06 -29.30 -10.45
CA PRO F 28 -10.46 -28.91 -11.73
C PRO F 28 -9.89 -30.08 -12.54
N ARG F 29 -9.72 -29.84 -13.85
CA ARG F 29 -9.15 -30.77 -14.82
C ARG F 29 -7.67 -30.43 -15.11
N ALA F 30 -7.14 -29.35 -14.52
CA ALA F 30 -5.74 -28.95 -14.60
C ALA F 30 -5.41 -28.15 -13.33
N VAL F 31 -4.38 -28.56 -12.59
CA VAL F 31 -3.77 -27.76 -11.53
C VAL F 31 -2.27 -27.85 -11.82
N PHE F 32 -1.61 -26.73 -12.07
CA PHE F 32 -0.20 -26.69 -12.45
C PHE F 32 0.43 -25.33 -12.04
N PRO F 33 1.76 -25.25 -11.88
CA PRO F 33 2.43 -23.97 -11.56
C PRO F 33 2.47 -23.08 -12.81
N SER F 34 2.22 -21.78 -12.64
CA SER F 34 2.16 -20.79 -13.70
C SER F 34 3.62 -20.41 -14.07
N ILE F 35 4.33 -21.32 -14.74
CA ILE F 35 5.74 -21.21 -15.11
C ILE F 35 5.98 -21.64 -16.56
N VAL F 36 7.06 -21.13 -17.15
CA VAL F 36 7.65 -21.53 -18.42
C VAL F 36 9.14 -21.78 -18.17
N GLY F 37 9.70 -22.81 -18.80
CA GLY F 37 11.10 -23.19 -18.75
C GLY F 37 11.81 -22.68 -20.00
N ARG F 38 12.79 -21.81 -19.82
CA ARG F 38 13.65 -21.26 -20.87
C ARG F 38 15.08 -21.83 -20.67
N PRO F 39 15.81 -22.26 -21.72
CA PRO F 39 17.25 -22.60 -21.64
C PRO F 39 18.16 -21.43 -21.22
N ARG F 40 19.46 -21.71 -21.00
CA ARG F 40 20.49 -20.68 -20.88
C ARG F 40 21.10 -20.40 -22.26
N HIS F 41 21.66 -21.42 -22.92
CA HIS F 41 22.41 -21.31 -24.19
C HIS F 41 22.56 -22.68 -24.86
N GLN F 42 21.60 -23.60 -24.65
CA GLN F 42 21.72 -25.02 -24.98
C GLN F 42 20.35 -25.63 -25.32
N GLY F 43 20.35 -26.78 -26.00
CA GLY F 43 19.15 -27.50 -26.40
C GLY F 43 18.72 -28.52 -25.34
N VAL F 44 17.40 -28.75 -25.24
CA VAL F 44 16.77 -29.71 -24.31
C VAL F 44 16.42 -31.03 -25.03
N MET F 45 16.88 -31.19 -26.27
CA MET F 45 16.89 -32.38 -27.09
C MET F 45 18.34 -32.54 -27.58
N VAL F 46 18.79 -33.76 -27.88
CA VAL F 46 20.09 -34.00 -28.50
C VAL F 46 19.86 -33.93 -30.03
N GLY F 47 19.71 -32.71 -30.53
CA GLY F 47 19.23 -32.35 -31.85
C GLY F 47 18.26 -31.19 -31.68
N MET F 48 17.34 -30.99 -32.63
CA MET F 48 16.31 -29.95 -32.54
C MET F 48 15.12 -30.45 -31.70
N GLY F 49 14.53 -29.54 -30.93
CA GLY F 49 13.22 -29.71 -30.31
C GLY F 49 12.16 -29.13 -31.25
N GLN F 50 10.95 -29.70 -31.24
CA GLN F 50 9.87 -29.33 -32.16
C GLN F 50 9.08 -28.09 -31.65
N LYS F 51 9.38 -27.57 -30.46
CA LYS F 51 8.91 -26.30 -29.93
C LYS F 51 9.93 -25.72 -28.94
N ASP F 52 9.80 -24.42 -28.66
CA ASP F 52 10.59 -23.61 -27.71
C ASP F 52 9.92 -23.63 -26.32
N SER F 53 8.59 -23.63 -26.28
CA SER F 53 7.76 -23.29 -25.14
C SER F 53 7.50 -24.54 -24.29
N TYR F 54 8.39 -24.86 -23.34
CA TYR F 54 8.20 -25.93 -22.36
C TYR F 54 7.57 -25.26 -21.13
N VAL F 55 6.27 -25.50 -20.92
CA VAL F 55 5.41 -24.81 -19.97
C VAL F 55 4.97 -25.78 -18.87
N GLY F 56 4.62 -25.25 -17.69
CA GLY F 56 3.96 -25.96 -16.61
C GLY F 56 4.85 -27.02 -15.97
N ASP F 57 4.40 -28.29 -15.94
CA ASP F 57 5.18 -29.42 -15.43
C ASP F 57 6.08 -29.98 -16.54
N GLU F 58 5.77 -29.78 -17.83
CA GLU F 58 6.71 -30.02 -18.93
C GLU F 58 7.98 -29.15 -18.79
N ALA F 59 7.87 -27.92 -18.24
CA ALA F 59 8.98 -27.01 -17.96
C ALA F 59 10.01 -27.57 -16.96
N GLN F 60 9.59 -28.53 -16.12
CA GLN F 60 10.46 -29.21 -15.16
C GLN F 60 10.85 -30.62 -15.66
N SER F 61 10.34 -31.07 -16.80
CA SER F 61 10.69 -32.34 -17.40
C SER F 61 11.94 -32.12 -18.26
N LYS F 62 12.89 -33.06 -18.19
CA LYS F 62 14.19 -33.08 -18.87
C LYS F 62 15.15 -32.18 -18.06
N ARG F 63 15.61 -32.70 -16.93
CA ARG F 63 16.31 -32.02 -15.84
C ARG F 63 17.59 -31.30 -16.29
N GLY F 64 18.03 -30.30 -15.52
CA GLY F 64 19.33 -29.65 -15.63
C GLY F 64 19.49 -28.60 -16.74
N ILE F 65 18.60 -28.56 -17.74
CA ILE F 65 18.79 -27.71 -18.92
C ILE F 65 18.18 -26.31 -18.71
N LEU F 66 16.92 -26.27 -18.26
CA LEU F 66 16.09 -25.09 -18.30
C LEU F 66 16.22 -24.32 -16.98
N THR F 67 15.95 -23.01 -17.03
CA THR F 67 15.64 -22.21 -15.87
C THR F 67 14.14 -21.85 -15.99
N LEU F 68 13.42 -21.94 -14.86
CA LEU F 68 12.00 -21.70 -14.78
C LEU F 68 11.81 -20.21 -14.49
N LYS F 69 10.79 -19.59 -15.09
CA LYS F 69 10.30 -18.28 -14.75
C LYS F 69 8.78 -18.33 -14.62
N TYR F 70 8.24 -17.54 -13.69
CA TYR F 70 6.84 -17.17 -13.65
C TYR F 70 6.68 -15.92 -14.54
N PRO F 71 5.60 -15.78 -15.32
CA PRO F 71 5.22 -14.50 -15.93
C PRO F 71 4.44 -13.59 -14.95
N ILE F 72 3.78 -14.18 -13.93
CA ILE F 72 2.90 -13.53 -12.96
C ILE F 72 3.54 -13.54 -11.57
N GLU F 73 4.85 -13.27 -11.49
CA GLU F 73 5.78 -13.46 -10.37
C GLU F 73 5.24 -13.21 -8.95
N HIS F 74 4.50 -12.10 -8.76
CA HIS F 74 3.98 -11.64 -7.48
C HIS F 74 2.48 -11.32 -7.53
N GLY F 75 1.75 -11.99 -8.42
CA GLY F 75 0.30 -11.93 -8.58
C GLY F 75 -0.16 -10.94 -9.66
N ILE F 76 0.73 -10.05 -10.10
CA ILE F 76 0.55 -9.13 -11.22
C ILE F 76 1.47 -9.63 -12.33
N ILE F 77 1.00 -9.57 -13.57
CA ILE F 77 1.64 -10.11 -14.77
C ILE F 77 2.63 -9.05 -15.27
N THR F 78 3.93 -9.34 -15.16
CA THR F 78 5.03 -8.42 -15.48
C THR F 78 5.59 -8.73 -16.88
N ASN F 79 5.73 -10.01 -17.21
CA ASN F 79 6.07 -10.54 -18.53
C ASN F 79 4.74 -11.03 -19.12
N TRP F 80 4.49 -10.77 -20.41
CA TRP F 80 3.30 -11.24 -21.12
C TRP F 80 3.64 -12.26 -22.20
N ASP F 81 4.85 -12.22 -22.76
CA ASP F 81 5.37 -13.11 -23.81
C ASP F 81 5.40 -14.59 -23.39
N ASP F 82 5.51 -14.89 -22.09
CA ASP F 82 5.35 -16.22 -21.50
C ASP F 82 4.02 -16.35 -20.73
N MET F 83 3.22 -15.29 -20.53
CA MET F 83 1.89 -15.39 -19.91
C MET F 83 0.88 -15.96 -20.92
N GLU F 84 0.96 -15.51 -22.18
CA GLU F 84 0.22 -16.03 -23.32
C GLU F 84 0.50 -17.54 -23.50
N LYS F 85 1.71 -18.01 -23.15
CA LYS F 85 2.08 -19.43 -23.18
C LYS F 85 1.42 -20.25 -22.05
N ILE F 86 0.94 -19.64 -20.94
CA ILE F 86 0.30 -20.36 -19.83
C ILE F 86 -1.09 -20.84 -20.28
N TRP F 87 -1.92 -19.93 -20.82
CA TRP F 87 -3.26 -20.24 -21.33
C TRP F 87 -3.21 -21.21 -22.52
N HIS F 88 -2.19 -21.05 -23.38
CA HIS F 88 -1.90 -21.93 -24.50
C HIS F 88 -1.70 -23.39 -24.04
N HIS F 89 -0.87 -23.60 -23.01
CA HIS F 89 -0.62 -24.92 -22.45
C HIS F 89 -1.83 -25.42 -21.61
N THR F 90 -2.57 -24.51 -20.94
CA THR F 90 -3.79 -24.83 -20.20
C THR F 90 -4.83 -25.48 -21.14
N PHE F 91 -5.21 -24.77 -22.22
CA PHE F 91 -6.16 -25.23 -23.23
C PHE F 91 -5.62 -26.46 -23.96
N TYR F 92 -4.49 -26.31 -24.66
CA TYR F 92 -4.13 -27.20 -25.75
C TYR F 92 -3.23 -28.36 -25.30
N ASN F 93 -2.92 -28.49 -24.00
CA ASN F 93 -2.17 -29.62 -23.43
C ASN F 93 -2.85 -30.20 -22.19
N GLU F 94 -3.18 -29.41 -21.15
CA GLU F 94 -3.63 -29.99 -19.88
C GLU F 94 -5.14 -30.26 -19.85
N LEU F 95 -5.95 -29.33 -20.34
CA LEU F 95 -7.39 -29.54 -20.54
C LEU F 95 -7.58 -30.40 -21.81
N ARG F 96 -6.85 -30.09 -22.88
CA ARG F 96 -6.86 -30.69 -24.21
C ARG F 96 -8.00 -30.15 -25.10
N VAL F 97 -8.71 -29.12 -24.64
CA VAL F 97 -9.88 -28.54 -25.29
C VAL F 97 -9.39 -27.42 -26.23
N ALA F 98 -9.89 -27.44 -27.47
CA ALA F 98 -9.90 -26.31 -28.37
C ALA F 98 -11.24 -25.56 -28.13
N PRO F 99 -11.22 -24.23 -27.85
CA PRO F 99 -12.40 -23.48 -27.41
C PRO F 99 -13.15 -22.67 -28.50
N GLU F 100 -13.21 -23.08 -29.79
CA GLU F 100 -13.81 -22.30 -30.90
C GLU F 100 -15.22 -21.76 -30.63
N GLU F 101 -16.04 -22.54 -29.93
CA GLU F 101 -17.42 -22.28 -29.57
C GLU F 101 -17.62 -22.20 -28.05
N HIS F 102 -16.56 -22.32 -27.22
CA HIS F 102 -16.66 -22.39 -25.74
C HIS F 102 -16.41 -21.02 -25.10
N PRO F 103 -17.38 -20.46 -24.34
CA PRO F 103 -17.14 -19.29 -23.51
C PRO F 103 -16.18 -19.58 -22.33
N THR F 104 -15.55 -18.53 -21.76
CA THR F 104 -14.63 -18.69 -20.64
C THR F 104 -14.65 -17.53 -19.65
N LEU F 105 -14.62 -17.87 -18.35
CA LEU F 105 -14.46 -16.96 -17.23
C LEU F 105 -13.01 -17.06 -16.74
N LEU F 106 -12.36 -15.90 -16.60
CA LEU F 106 -11.07 -15.69 -15.94
C LEU F 106 -11.29 -14.88 -14.66
N THR F 107 -10.27 -14.80 -13.80
CA THR F 107 -10.26 -14.01 -12.57
C THR F 107 -9.27 -12.84 -12.69
N GLU F 108 -9.64 -11.66 -12.17
CA GLU F 108 -8.70 -10.60 -11.82
C GLU F 108 -8.22 -10.93 -10.40
N ALA F 109 -6.92 -11.22 -10.29
CA ALA F 109 -6.19 -11.41 -9.04
C ALA F 109 -5.89 -10.03 -8.42
N PRO F 110 -5.87 -9.89 -7.08
CA PRO F 110 -5.64 -8.62 -6.35
C PRO F 110 -4.44 -7.79 -6.85
N LEU F 111 -4.62 -6.47 -6.91
CA LEU F 111 -3.62 -5.42 -7.12
C LEU F 111 -3.18 -5.23 -8.59
N ASN F 112 -3.67 -6.08 -9.50
CA ASN F 112 -3.51 -5.97 -10.96
C ASN F 112 -4.09 -4.67 -11.53
N PRO F 113 -3.56 -4.16 -12.66
CA PRO F 113 -4.05 -2.93 -13.29
C PRO F 113 -5.48 -3.08 -13.81
N LYS F 114 -6.24 -1.99 -13.88
CA LYS F 114 -7.58 -2.03 -14.49
C LYS F 114 -7.49 -2.27 -16.02
N ALA F 115 -6.33 -2.00 -16.63
CA ALA F 115 -6.00 -2.35 -18.01
C ALA F 115 -5.83 -3.87 -18.26
N ASN F 116 -5.66 -4.70 -17.21
CA ASN F 116 -5.55 -6.18 -17.33
C ASN F 116 -6.82 -6.78 -17.93
N ARG F 117 -7.98 -6.20 -17.58
CA ARG F 117 -9.32 -6.65 -17.95
C ARG F 117 -9.51 -6.60 -19.47
N GLU F 118 -9.19 -5.46 -20.09
CA GLU F 118 -9.31 -5.21 -21.52
C GLU F 118 -8.29 -6.08 -22.32
N LYS F 119 -7.07 -6.26 -21.78
CA LYS F 119 -6.02 -7.13 -22.36
C LYS F 119 -6.43 -8.62 -22.32
N MET F 120 -7.08 -9.07 -21.23
CA MET F 120 -7.60 -10.43 -21.06
C MET F 120 -8.67 -10.78 -22.11
N THR F 121 -9.50 -9.80 -22.50
CA THR F 121 -10.52 -9.96 -23.52
C THR F 121 -9.89 -10.14 -24.90
N GLN F 122 -8.92 -9.28 -25.27
CA GLN F 122 -8.22 -9.29 -26.56
C GLN F 122 -7.58 -10.64 -26.89
N ILE F 123 -6.82 -11.21 -25.95
CA ILE F 123 -6.11 -12.47 -26.19
C ILE F 123 -7.07 -13.67 -26.29
N MET F 124 -8.15 -13.69 -25.52
CA MET F 124 -9.13 -14.78 -25.57
C MET F 124 -9.82 -14.82 -26.94
N PHE F 125 -10.20 -13.65 -27.47
CA PHE F 125 -10.74 -13.52 -28.82
C PHE F 125 -9.68 -13.83 -29.89
N GLU F 126 -8.68 -12.96 -30.09
CA GLU F 126 -7.88 -13.01 -31.31
C GLU F 126 -6.72 -14.04 -31.22
N THR F 127 -6.18 -14.35 -30.03
CA THR F 127 -5.02 -15.25 -29.90
C THR F 127 -5.47 -16.71 -29.63
N PHE F 128 -6.62 -16.94 -28.98
CA PHE F 128 -7.07 -18.28 -28.58
C PHE F 128 -8.39 -18.71 -29.24
N ASN F 129 -9.17 -17.76 -29.78
CA ASN F 129 -10.30 -17.98 -30.71
C ASN F 129 -11.63 -18.31 -30.02
N VAL F 130 -11.79 -17.82 -28.78
CA VAL F 130 -12.98 -17.92 -27.96
C VAL F 130 -14.10 -16.98 -28.51
N PRO F 131 -15.39 -17.35 -28.50
CA PRO F 131 -16.49 -16.51 -29.01
C PRO F 131 -17.08 -15.50 -27.99
N ALA F 132 -16.78 -15.63 -26.69
CA ALA F 132 -17.29 -14.79 -25.60
C ALA F 132 -16.44 -15.03 -24.35
N MET F 133 -16.12 -14.00 -23.55
CA MET F 133 -15.31 -14.14 -22.35
C MET F 133 -15.81 -13.26 -21.20
N TYR F 134 -15.39 -13.54 -19.96
CA TYR F 134 -15.75 -12.79 -18.76
C TYR F 134 -14.53 -12.68 -17.83
N VAL F 135 -14.39 -11.56 -17.12
CA VAL F 135 -13.42 -11.37 -16.04
C VAL F 135 -14.22 -11.19 -14.75
N ALA F 136 -14.06 -12.08 -13.77
CA ALA F 136 -14.60 -11.97 -12.42
C ALA F 136 -13.51 -11.43 -11.47
N ILE F 137 -13.87 -11.09 -10.22
CA ILE F 137 -12.92 -10.72 -9.18
C ILE F 137 -12.76 -11.96 -8.29
N GLN F 138 -11.52 -12.44 -8.15
CA GLN F 138 -11.10 -13.70 -7.52
C GLN F 138 -11.71 -13.97 -6.12
N ALA F 139 -11.63 -12.97 -5.25
CA ALA F 139 -12.02 -13.08 -3.84
C ALA F 139 -13.55 -13.00 -3.66
N VAL F 140 -14.27 -12.37 -4.59
CA VAL F 140 -15.72 -12.19 -4.52
C VAL F 140 -16.42 -13.52 -4.84
N LEU F 141 -15.86 -14.30 -5.79
CA LEU F 141 -16.27 -15.67 -6.08
C LEU F 141 -16.13 -16.58 -4.85
N SER F 142 -14.99 -16.49 -4.14
CA SER F 142 -14.73 -17.25 -2.91
C SER F 142 -15.70 -16.84 -1.77
N LEU F 143 -16.01 -15.55 -1.66
CA LEU F 143 -16.90 -15.02 -0.61
C LEU F 143 -18.36 -15.42 -0.87
N TYR F 144 -18.84 -15.29 -2.12
CA TYR F 144 -20.18 -15.73 -2.52
C TYR F 144 -20.28 -17.26 -2.43
N ALA F 145 -19.23 -18.02 -2.76
CA ALA F 145 -19.12 -19.47 -2.55
C ALA F 145 -19.00 -19.86 -1.06
N SER F 146 -18.71 -18.91 -0.15
CA SER F 146 -18.80 -19.11 1.30
C SER F 146 -20.20 -18.70 1.82
N GLY F 147 -21.10 -18.24 0.93
CA GLY F 147 -22.46 -17.82 1.26
C GLY F 147 -22.50 -16.45 1.94
N ARG F 148 -21.59 -15.55 1.57
CA ARG F 148 -21.52 -14.17 2.05
C ARG F 148 -21.69 -13.17 0.89
N THR F 149 -21.59 -11.89 1.22
CA THR F 149 -21.65 -10.72 0.34
C THR F 149 -20.64 -9.65 0.83
N THR F 150 -20.46 -9.57 2.16
CA THR F 150 -19.48 -8.75 2.87
C THR F 150 -18.64 -9.72 3.72
N GLY F 151 -17.36 -9.41 3.96
CA GLY F 151 -16.43 -10.23 4.73
C GLY F 151 -14.99 -9.97 4.30
N ILE F 152 -14.05 -10.86 4.66
CA ILE F 152 -12.64 -10.77 4.31
C ILE F 152 -12.15 -12.14 3.85
N VAL F 153 -11.39 -12.17 2.75
CA VAL F 153 -10.88 -13.37 2.11
C VAL F 153 -9.35 -13.22 2.04
N LEU F 154 -8.64 -14.36 2.02
CA LEU F 154 -7.21 -14.42 1.75
C LEU F 154 -6.94 -15.59 0.80
N ASP F 155 -6.08 -15.39 -0.20
CA ASP F 155 -5.46 -16.46 -1.01
C ASP F 155 -4.04 -16.52 -0.46
N SER F 156 -3.75 -17.46 0.46
CA SER F 156 -2.38 -17.78 0.83
C SER F 156 -1.90 -18.77 -0.24
N GLY F 157 -1.32 -18.19 -1.29
CA GLY F 157 -1.24 -18.75 -2.62
C GLY F 157 -0.03 -19.65 -2.82
N ASP F 158 0.58 -19.57 -4.01
CA ASP F 158 1.86 -20.24 -4.29
C ASP F 158 3.02 -19.31 -3.94
N GLY F 159 2.97 -18.01 -4.28
CA GLY F 159 4.10 -17.09 -4.04
C GLY F 159 3.83 -15.87 -3.18
N VAL F 160 2.58 -15.61 -2.79
CA VAL F 160 2.17 -14.45 -2.01
C VAL F 160 0.98 -14.87 -1.15
N THR F 161 0.77 -14.22 0.00
CA THR F 161 -0.49 -14.27 0.72
C THR F 161 -1.16 -12.90 0.54
N HIS F 162 -2.25 -12.88 -0.22
CA HIS F 162 -3.14 -11.74 -0.44
C HIS F 162 -4.19 -11.75 0.67
N ASN F 163 -4.57 -10.57 1.16
CA ASN F 163 -5.60 -10.33 2.17
C ASN F 163 -6.54 -9.31 1.53
N VAL F 164 -7.82 -9.65 1.32
CA VAL F 164 -8.79 -8.91 0.51
C VAL F 164 -10.10 -8.71 1.31
N PRO F 165 -10.37 -7.51 1.89
CA PRO F 165 -11.65 -7.19 2.54
C PRO F 165 -12.70 -6.79 1.47
N ILE F 166 -13.97 -7.12 1.71
CA ILE F 166 -15.09 -7.01 0.78
C ILE F 166 -16.31 -6.45 1.52
N TYR F 167 -17.06 -5.55 0.87
CA TYR F 167 -18.31 -4.97 1.34
C TYR F 167 -19.26 -4.87 0.14
N GLU F 168 -20.44 -5.52 0.22
CA GLU F 168 -21.51 -5.50 -0.80
C GLU F 168 -21.03 -6.05 -2.17
N GLY F 169 -20.22 -7.11 -2.13
CA GLY F 169 -19.57 -7.74 -3.28
C GLY F 169 -18.36 -6.97 -3.84
N TYR F 170 -18.12 -5.72 -3.42
CA TYR F 170 -17.02 -4.89 -3.90
C TYR F 170 -15.82 -5.13 -2.96
N ALA F 171 -14.70 -5.62 -3.52
CA ALA F 171 -13.45 -5.85 -2.82
C ALA F 171 -12.71 -4.51 -2.71
N LEU F 172 -12.51 -4.03 -1.48
CA LEU F 172 -12.20 -2.65 -1.12
C LEU F 172 -10.69 -2.31 -1.35
N PRO F 173 -10.31 -1.53 -2.39
CA PRO F 173 -8.90 -1.30 -2.78
C PRO F 173 -7.99 -0.70 -1.70
N HIS F 174 -8.54 0.17 -0.84
CA HIS F 174 -7.81 0.98 0.12
C HIS F 174 -7.28 0.17 1.31
N ALA F 175 -7.74 -1.08 1.44
CA ALA F 175 -7.59 -1.96 2.57
C ALA F 175 -7.03 -3.34 2.22
N ILE F 176 -6.71 -3.62 0.94
CA ILE F 176 -6.03 -4.85 0.51
C ILE F 176 -4.56 -4.80 1.04
N MET F 177 -4.04 -5.95 1.48
CA MET F 177 -2.66 -6.11 1.96
C MET F 177 -2.08 -7.44 1.47
N ARG F 178 -0.77 -7.49 1.28
CA ARG F 178 -0.05 -8.63 0.74
C ARG F 178 1.14 -8.87 1.68
N LEU F 179 1.31 -10.11 2.14
CA LEU F 179 2.56 -10.60 2.70
C LEU F 179 3.17 -11.47 1.59
N ASP F 180 4.42 -11.19 1.27
CA ASP F 180 5.13 -11.75 0.12
C ASP F 180 5.88 -13.03 0.54
N LEU F 181 5.09 -14.02 0.96
CA LEU F 181 5.51 -15.33 1.44
C LEU F 181 4.29 -16.25 1.30
N ALA F 182 4.41 -17.36 0.57
CA ALA F 182 3.49 -18.48 0.57
C ALA F 182 4.18 -19.79 0.16
N GLY F 183 3.46 -20.63 -0.59
CA GLY F 183 3.73 -22.02 -0.86
C GLY F 183 5.12 -22.36 -1.43
N ARG F 184 5.54 -21.72 -2.52
CA ARG F 184 6.80 -21.95 -3.22
C ARG F 184 7.99 -21.57 -2.31
N ASP F 185 7.83 -20.45 -1.59
CA ASP F 185 8.87 -19.79 -0.80
C ASP F 185 9.06 -20.62 0.48
N LEU F 186 7.96 -21.16 1.04
CA LEU F 186 7.98 -22.20 2.07
C LEU F 186 8.60 -23.52 1.58
N THR F 187 8.64 -23.82 0.28
CA THR F 187 9.30 -25.05 -0.22
C THR F 187 10.83 -24.83 -0.25
N ASP F 188 11.31 -23.60 -0.49
CA ASP F 188 12.74 -23.25 -0.39
C ASP F 188 13.19 -23.24 1.09
N TYR F 189 12.36 -22.71 1.99
CA TYR F 189 12.59 -22.77 3.44
C TYR F 189 12.62 -24.24 3.94
N LEU F 190 11.72 -25.10 3.45
CA LEU F 190 11.75 -26.54 3.76
C LEU F 190 13.05 -27.21 3.27
N MET F 191 13.51 -26.92 2.03
CA MET F 191 14.79 -27.37 1.46
C MET F 191 15.97 -26.95 2.34
N LYS F 192 15.98 -25.69 2.81
CA LYS F 192 17.02 -25.16 3.71
C LYS F 192 17.01 -25.85 5.08
N ILE F 193 15.84 -26.15 5.66
CA ILE F 193 15.71 -26.96 6.88
C ILE F 193 16.27 -28.38 6.66
N LEU F 194 15.95 -29.03 5.53
CA LEU F 194 16.45 -30.35 5.14
C LEU F 194 17.96 -30.35 4.93
N THR F 195 18.51 -29.27 4.32
CA THR F 195 19.94 -29.04 4.12
C THR F 195 20.66 -28.96 5.47
N GLU F 196 20.06 -28.29 6.48
CA GLU F 196 20.57 -28.19 7.85
C GLU F 196 20.62 -29.55 8.58
N ARG F 197 19.89 -30.57 8.10
CA ARG F 197 19.94 -31.93 8.64
C ARG F 197 20.98 -32.80 7.91
N GLY F 198 21.59 -32.30 6.83
CA GLY F 198 22.62 -32.98 6.07
C GLY F 198 22.09 -33.74 4.83
N TYR F 199 20.81 -33.58 4.47
CA TYR F 199 20.27 -34.07 3.21
C TYR F 199 20.71 -33.08 2.12
N SER F 200 21.45 -33.56 1.12
CA SER F 200 22.26 -32.75 0.21
C SER F 200 21.44 -32.29 -1.01
N PHE F 201 20.21 -31.81 -0.80
CA PHE F 201 19.22 -31.60 -1.87
C PHE F 201 19.36 -30.20 -2.50
N VAL F 202 19.24 -30.12 -3.84
CA VAL F 202 19.38 -28.89 -4.63
C VAL F 202 18.47 -28.83 -5.88
N THR F 203 18.11 -29.97 -6.47
CA THR F 203 17.49 -30.05 -7.79
C THR F 203 15.97 -29.79 -7.74
N THR F 204 15.37 -29.67 -8.92
CA THR F 204 13.95 -29.65 -9.24
C THR F 204 13.25 -30.95 -8.81
N ALA F 205 13.90 -32.10 -8.97
CA ALA F 205 13.36 -33.41 -8.60
C ALA F 205 13.22 -33.55 -7.08
N GLU F 206 14.23 -33.10 -6.32
CA GLU F 206 14.20 -33.05 -4.86
C GLU F 206 13.19 -32.00 -4.40
N ARG F 207 13.17 -30.81 -5.04
CA ARG F 207 12.21 -29.74 -4.76
C ARG F 207 10.76 -30.16 -5.03
N GLU F 208 10.49 -31.02 -6.02
CA GLU F 208 9.16 -31.59 -6.33
C GLU F 208 8.72 -32.53 -5.20
N ILE F 209 9.60 -33.46 -4.80
CA ILE F 209 9.45 -34.38 -3.65
C ILE F 209 9.15 -33.59 -2.37
N VAL F 210 9.98 -32.59 -2.07
CA VAL F 210 9.83 -31.67 -0.94
C VAL F 210 8.52 -30.85 -1.02
N ARG F 211 8.03 -30.48 -2.21
CA ARG F 211 6.76 -29.75 -2.39
C ARG F 211 5.56 -30.67 -2.15
N ASP F 212 5.68 -31.96 -2.50
CA ASP F 212 4.68 -33.00 -2.28
C ASP F 212 4.62 -33.39 -0.79
N ILE F 213 5.78 -33.55 -0.14
CA ILE F 213 5.98 -33.71 1.31
C ILE F 213 5.32 -32.57 2.10
N LYS F 214 5.57 -31.31 1.68
CA LYS F 214 5.00 -30.10 2.25
C LYS F 214 3.46 -30.13 2.33
N GLU F 215 2.77 -30.51 1.25
CA GLU F 215 1.30 -30.56 1.18
C GLU F 215 0.73 -31.85 1.81
N LYS F 216 1.58 -32.77 2.31
CA LYS F 216 1.17 -34.04 2.93
C LYS F 216 1.50 -34.11 4.43
N LEU F 217 2.67 -33.61 4.86
CA LEU F 217 3.25 -33.95 6.16
C LEU F 217 3.46 -32.73 7.08
N CYS F 218 3.43 -31.49 6.57
CA CYS F 218 3.73 -30.28 7.35
C CYS F 218 2.42 -29.65 7.88
N TYR F 219 2.50 -28.94 9.01
CA TYR F 219 1.34 -28.39 9.72
C TYR F 219 1.72 -27.11 10.48
N VAL F 220 0.73 -26.31 10.89
CA VAL F 220 0.93 -25.17 11.78
C VAL F 220 0.60 -25.68 13.19
N ALA F 221 1.48 -25.40 14.14
CA ALA F 221 1.27 -25.66 15.57
C ALA F 221 0.50 -24.47 16.18
N LEU F 222 -0.11 -24.67 17.36
CA LEU F 222 -0.89 -23.64 18.06
C LEU F 222 0.02 -22.56 18.69
N ASP F 223 1.25 -22.96 19.05
CA ASP F 223 2.41 -22.17 19.42
C ASP F 223 3.62 -23.04 19.05
N PHE F 224 4.82 -22.45 18.94
CA PHE F 224 6.05 -23.15 18.63
C PHE F 224 6.64 -23.82 19.89
N GLU F 225 6.61 -23.13 21.05
CA GLU F 225 7.22 -23.61 22.29
C GLU F 225 6.42 -24.81 22.86
N ASN F 226 5.08 -24.78 22.72
CA ASN F 226 4.13 -25.89 22.87
C ASN F 226 4.60 -27.16 22.14
N GLU F 227 4.84 -27.00 20.83
CA GLU F 227 5.10 -28.11 19.93
C GLU F 227 6.54 -28.62 20.11
N MET F 228 7.48 -27.76 20.49
CA MET F 228 8.86 -28.08 20.84
C MET F 228 8.92 -28.86 22.18
N ALA F 229 8.12 -28.46 23.18
CA ALA F 229 8.00 -29.16 24.46
C ALA F 229 7.30 -30.52 24.29
N THR F 230 6.31 -30.59 23.39
CA THR F 230 5.61 -31.81 23.00
C THR F 230 6.55 -32.74 22.19
N ALA F 231 7.37 -32.20 21.27
CA ALA F 231 8.32 -32.93 20.44
C ALA F 231 9.40 -33.68 21.22
N ALA F 232 9.68 -33.24 22.45
CA ALA F 232 10.62 -33.87 23.38
C ALA F 232 10.05 -35.13 24.07
N SER F 233 8.79 -35.50 23.80
CA SER F 233 8.18 -36.73 24.30
C SER F 233 7.18 -37.39 23.33
N SER F 234 6.64 -36.65 22.34
CA SER F 234 5.74 -37.14 21.31
C SER F 234 6.52 -37.99 20.29
N SER F 235 6.78 -39.26 20.65
CA SER F 235 7.50 -40.28 19.89
C SER F 235 6.72 -40.78 18.65
N SER F 236 5.83 -39.96 18.09
CA SER F 236 5.10 -40.19 16.85
C SER F 236 5.00 -38.90 16.01
N LEU F 237 5.80 -37.88 16.33
CA LEU F 237 5.95 -36.62 15.60
C LEU F 237 6.54 -36.85 14.20
N GLU F 238 7.58 -37.69 14.12
CA GLU F 238 8.33 -38.11 12.93
C GLU F 238 7.42 -38.71 11.85
N LYS F 239 7.58 -38.28 10.60
CA LYS F 239 6.90 -38.80 9.42
C LYS F 239 7.95 -39.08 8.34
N SER F 240 7.91 -40.29 7.77
CA SER F 240 8.79 -40.77 6.72
C SER F 240 8.19 -40.48 5.33
N TYR F 241 9.01 -40.61 4.29
CA TYR F 241 8.65 -40.51 2.88
C TYR F 241 9.65 -41.37 2.08
N GLU F 242 9.18 -42.08 1.05
CA GLU F 242 10.00 -42.83 0.10
C GLU F 242 10.12 -41.95 -1.16
N LEU F 243 11.34 -41.75 -1.65
CA LEU F 243 11.65 -41.05 -2.90
C LEU F 243 11.33 -41.99 -4.09
N PRO F 244 11.00 -41.48 -5.28
CA PRO F 244 10.48 -42.28 -6.41
C PRO F 244 11.49 -43.25 -7.09
N ASP F 245 12.71 -43.39 -6.55
CA ASP F 245 13.74 -44.38 -6.86
C ASP F 245 13.87 -45.43 -5.73
N GLY F 246 13.13 -45.30 -4.63
CA GLY F 246 13.12 -46.22 -3.49
C GLY F 246 14.00 -45.82 -2.30
N GLN F 247 14.68 -44.66 -2.33
CA GLN F 247 15.42 -44.15 -1.17
C GLN F 247 14.42 -43.54 -0.16
N VAL F 248 14.76 -43.48 1.13
CA VAL F 248 13.83 -43.12 2.21
C VAL F 248 14.42 -41.98 3.07
N ILE F 249 13.58 -41.04 3.49
CA ILE F 249 13.89 -39.90 4.37
C ILE F 249 12.82 -39.75 5.46
N THR F 250 13.03 -38.85 6.43
CA THR F 250 12.12 -38.54 7.54
C THR F 250 12.21 -37.04 7.91
N ILE F 251 11.11 -36.48 8.45
CA ILE F 251 10.98 -35.15 9.06
C ILE F 251 10.07 -35.24 10.29
N GLY F 252 10.37 -34.45 11.34
CA GLY F 252 9.65 -34.45 12.61
C GLY F 252 9.32 -33.04 13.04
N ASN F 253 10.29 -32.36 13.66
CA ASN F 253 10.19 -30.97 14.13
C ASN F 253 10.16 -30.00 12.94
N GLU F 254 10.78 -30.43 11.85
CA GLU F 254 10.89 -29.82 10.54
C GLU F 254 9.51 -29.69 9.85
N ARG F 255 8.51 -30.44 10.32
CA ARG F 255 7.13 -30.43 9.82
C ARG F 255 6.34 -29.21 10.30
N PHE F 256 6.64 -28.66 11.49
CA PHE F 256 5.96 -27.46 12.02
C PHE F 256 6.87 -26.23 11.91
N ARG F 257 8.19 -26.42 12.09
CA ARG F 257 9.23 -25.40 11.90
C ARG F 257 9.16 -24.69 10.54
N CYS F 258 8.77 -25.43 9.49
CA CYS F 258 8.52 -24.92 8.15
C CYS F 258 7.31 -23.94 8.09
N PRO F 259 6.01 -24.35 8.16
CA PRO F 259 4.87 -23.41 8.15
C PRO F 259 4.90 -22.21 9.12
N GLU F 260 5.45 -22.36 10.32
CA GLU F 260 5.52 -21.35 11.40
C GLU F 260 5.97 -19.94 10.96
N THR F 261 6.92 -19.84 10.00
CA THR F 261 7.43 -18.55 9.52
C THR F 261 6.37 -17.65 8.83
N LEU F 262 5.21 -18.20 8.43
CA LEU F 262 4.10 -17.45 7.84
C LEU F 262 3.40 -16.55 8.90
N PHE F 263 3.47 -16.95 10.18
CA PHE F 263 2.94 -16.18 11.30
C PHE F 263 3.98 -15.23 11.87
N GLN F 264 5.28 -15.36 11.55
CA GLN F 264 6.25 -14.30 11.82
C GLN F 264 7.43 -14.34 10.83
N PRO F 265 7.36 -13.62 9.68
CA PRO F 265 8.43 -13.49 8.67
C PRO F 265 9.85 -13.15 9.18
N SER F 266 9.99 -12.65 10.41
CA SER F 266 11.25 -12.46 11.13
C SER F 266 12.04 -13.77 11.31
N PHE F 267 11.40 -14.96 11.21
CA PHE F 267 12.06 -16.27 11.19
C PHE F 267 12.97 -16.46 9.96
N ILE F 268 12.64 -15.84 8.82
CA ILE F 268 13.45 -15.85 7.59
C ILE F 268 14.12 -14.48 7.34
N GLY F 269 14.09 -13.59 8.35
CA GLY F 269 14.77 -12.30 8.32
C GLY F 269 14.09 -11.22 7.46
N MET F 270 12.79 -11.35 7.20
CA MET F 270 12.01 -10.36 6.42
C MET F 270 11.49 -9.28 7.38
N GLU F 271 11.40 -8.01 6.94
CA GLU F 271 10.97 -6.87 7.76
C GLU F 271 9.52 -6.99 8.29
N SER F 272 8.68 -7.74 7.58
CA SER F 272 7.24 -7.71 7.60
C SER F 272 6.59 -8.30 8.87
N ALA F 273 5.26 -8.18 8.93
CA ALA F 273 4.33 -8.66 9.95
C ALA F 273 3.76 -10.01 9.47
N GLY F 274 3.23 -10.82 10.38
CA GLY F 274 2.58 -12.10 10.11
C GLY F 274 1.21 -11.97 9.45
N ILE F 275 0.68 -13.07 8.89
CA ILE F 275 -0.61 -13.11 8.19
C ILE F 275 -1.80 -12.60 9.04
N HIS F 276 -1.78 -12.84 10.35
CA HIS F 276 -2.78 -12.38 11.32
C HIS F 276 -2.72 -10.85 11.51
N GLU F 277 -1.50 -10.29 11.58
CA GLU F 277 -1.23 -8.85 11.67
C GLU F 277 -1.62 -8.16 10.35
N THR F 278 -1.41 -8.82 9.21
CA THR F 278 -1.70 -8.31 7.87
C THR F 278 -3.23 -8.34 7.65
N THR F 279 -3.92 -9.43 8.04
CA THR F 279 -5.38 -9.53 8.10
C THR F 279 -5.98 -8.45 9.03
N TYR F 280 -5.43 -8.27 10.23
CA TYR F 280 -5.88 -7.27 11.20
C TYR F 280 -5.67 -5.83 10.69
N ASN F 281 -4.51 -5.50 10.11
CA ASN F 281 -4.23 -4.20 9.49
C ASN F 281 -5.13 -3.92 8.28
N SER F 282 -5.45 -4.97 7.49
CA SER F 282 -6.40 -4.95 6.39
C SER F 282 -7.83 -4.66 6.89
N ILE F 283 -8.27 -5.29 8.00
CA ILE F 283 -9.54 -4.98 8.69
C ILE F 283 -9.54 -3.53 9.22
N MET F 284 -8.43 -3.08 9.83
CA MET F 284 -8.27 -1.78 10.48
C MET F 284 -8.14 -0.61 9.49
N LYS F 285 -8.02 -0.88 8.19
CA LYS F 285 -8.10 0.11 7.11
C LYS F 285 -9.56 0.30 6.63
N CYS F 286 -10.50 -0.58 7.00
CA CYS F 286 -11.91 -0.49 6.64
C CYS F 286 -12.67 0.26 7.75
N ASP F 287 -13.76 0.94 7.36
CA ASP F 287 -14.68 1.75 8.15
C ASP F 287 -15.27 1.01 9.37
N ILE F 288 -15.64 1.77 10.41
CA ILE F 288 -15.95 1.30 11.76
C ILE F 288 -17.12 0.29 11.80
N ASP F 289 -18.17 0.53 11.00
CA ASP F 289 -19.36 -0.31 10.89
C ASP F 289 -19.08 -1.55 10.02
N ILE F 290 -17.99 -1.58 9.26
CA ILE F 290 -17.62 -2.71 8.40
C ILE F 290 -16.78 -3.69 9.25
N ARG F 291 -15.80 -3.20 10.04
CA ARG F 291 -14.80 -3.99 10.79
C ARG F 291 -15.41 -5.15 11.61
N LYS F 292 -16.52 -4.87 12.29
CA LYS F 292 -17.33 -5.81 13.06
C LYS F 292 -17.70 -7.12 12.31
N ASP F 293 -18.08 -7.04 11.02
CA ASP F 293 -18.46 -8.23 10.22
C ASP F 293 -17.23 -8.91 9.62
N LEU F 294 -16.09 -8.21 9.48
CA LEU F 294 -14.88 -8.78 8.90
C LEU F 294 -14.21 -9.76 9.89
N TYR F 295 -14.31 -9.49 11.20
CA TYR F 295 -13.84 -10.39 12.25
C TYR F 295 -14.57 -11.75 12.26
N ALA F 296 -15.83 -11.76 11.85
CA ALA F 296 -16.73 -12.91 11.88
C ALA F 296 -16.77 -13.67 10.54
N ASN F 297 -16.11 -13.16 9.49
CA ASN F 297 -16.24 -13.64 8.11
C ASN F 297 -14.87 -13.66 7.42
N ASN F 298 -13.83 -14.15 8.11
CA ASN F 298 -12.49 -14.31 7.54
C ASN F 298 -12.44 -15.70 6.86
N VAL F 299 -12.63 -15.71 5.54
CA VAL F 299 -12.54 -16.87 4.67
C VAL F 299 -11.05 -17.13 4.38
N MET F 300 -10.58 -18.35 4.67
CA MET F 300 -9.25 -18.85 4.34
C MET F 300 -9.35 -19.56 2.97
N SER F 301 -8.51 -19.16 2.00
CA SER F 301 -8.38 -19.73 0.67
C SER F 301 -6.90 -19.74 0.24
N GLY F 302 -6.63 -20.25 -0.96
CA GLY F 302 -5.30 -20.44 -1.53
C GLY F 302 -4.63 -21.74 -1.04
N GLY F 303 -3.60 -22.19 -1.75
CA GLY F 303 -2.91 -23.48 -1.59
C GLY F 303 -2.30 -23.73 -0.21
N THR F 304 -1.79 -22.69 0.44
CA THR F 304 -1.04 -22.79 1.69
C THR F 304 -2.00 -22.87 2.91
N THR F 305 -3.31 -22.57 2.78
CA THR F 305 -4.28 -22.73 3.88
C THR F 305 -4.67 -24.21 4.18
N MET F 306 -4.04 -25.16 3.48
CA MET F 306 -4.29 -26.59 3.61
C MET F 306 -3.47 -27.24 4.73
N TYR F 307 -2.56 -26.52 5.39
CA TYR F 307 -1.84 -27.01 6.58
C TYR F 307 -2.84 -27.16 7.75
N PRO F 308 -2.89 -28.32 8.46
CA PRO F 308 -3.61 -28.47 9.73
C PRO F 308 -3.21 -27.40 10.76
N GLY F 309 -4.16 -26.97 11.60
CA GLY F 309 -3.95 -26.02 12.68
C GLY F 309 -3.92 -24.54 12.28
N ILE F 310 -3.88 -24.19 10.98
CA ILE F 310 -3.71 -22.81 10.52
C ILE F 310 -4.93 -21.91 10.82
N ALA F 311 -6.16 -22.44 10.73
CA ALA F 311 -7.37 -21.67 11.00
C ALA F 311 -7.57 -21.51 12.52
N ASP F 312 -7.23 -22.58 13.24
CA ASP F 312 -7.26 -22.80 14.67
C ASP F 312 -6.23 -21.89 15.35
N ARG F 313 -5.03 -21.77 14.75
CA ARG F 313 -3.99 -20.80 15.07
C ARG F 313 -4.49 -19.36 14.80
N MET F 314 -5.04 -19.05 13.61
CA MET F 314 -5.59 -17.73 13.28
C MET F 314 -6.66 -17.24 14.27
N GLN F 315 -7.49 -18.15 14.78
CA GLN F 315 -8.47 -17.91 15.85
C GLN F 315 -7.78 -17.50 17.18
N LYS F 316 -6.66 -18.15 17.52
CA LYS F 316 -5.78 -17.84 18.66
C LYS F 316 -5.02 -16.50 18.45
N GLU F 317 -4.56 -16.23 17.23
CA GLU F 317 -3.68 -15.10 16.94
C GLU F 317 -4.46 -13.80 16.74
N ILE F 318 -5.64 -13.81 16.10
CA ILE F 318 -6.43 -12.59 15.90
C ILE F 318 -7.02 -12.13 17.24
N THR F 319 -7.37 -13.04 18.16
CA THR F 319 -7.82 -12.72 19.53
C THR F 319 -6.68 -12.20 20.45
N ALA F 320 -5.41 -12.22 20.00
CA ALA F 320 -4.29 -11.58 20.68
C ALA F 320 -4.05 -10.15 20.15
N LEU F 321 -4.73 -9.75 19.07
CA LEU F 321 -4.64 -8.42 18.47
C LEU F 321 -5.97 -7.65 18.64
N ALA F 322 -7.11 -8.32 18.43
CA ALA F 322 -8.43 -7.73 18.34
C ALA F 322 -9.09 -7.57 19.73
N PRO F 323 -10.00 -6.58 19.91
CA PRO F 323 -10.81 -6.40 21.12
C PRO F 323 -11.54 -7.67 21.60
N SER F 324 -11.46 -7.96 22.91
CA SER F 324 -11.98 -9.16 23.57
C SER F 324 -13.51 -9.34 23.44
N THR F 325 -14.24 -8.25 23.14
CA THR F 325 -15.69 -8.21 22.96
C THR F 325 -16.12 -8.67 21.53
N MET F 326 -15.18 -8.79 20.58
CA MET F 326 -15.49 -9.12 19.18
C MET F 326 -15.43 -10.64 18.99
N LYS F 327 -16.50 -11.21 18.43
CA LYS F 327 -16.71 -12.65 18.30
C LYS F 327 -16.00 -13.17 17.04
N ILE F 328 -14.66 -13.27 17.07
CA ILE F 328 -13.78 -13.59 15.94
C ILE F 328 -14.09 -15.00 15.37
N LYS F 329 -14.30 -15.14 14.06
CA LYS F 329 -14.52 -16.41 13.37
C LYS F 329 -13.76 -16.48 12.04
N ILE F 330 -12.88 -17.48 11.95
CA ILE F 330 -12.13 -17.88 10.76
C ILE F 330 -12.95 -19.02 10.12
N ILE F 331 -13.23 -18.91 8.83
CA ILE F 331 -14.05 -19.81 8.03
C ILE F 331 -13.09 -20.52 7.06
N ALA F 332 -12.99 -21.85 7.12
CA ALA F 332 -12.02 -22.63 6.37
C ALA F 332 -12.64 -23.94 5.84
N PRO F 333 -13.31 -23.95 4.67
CA PRO F 333 -13.95 -25.16 4.12
C PRO F 333 -12.91 -26.17 3.58
N PRO F 334 -13.25 -27.45 3.31
CA PRO F 334 -12.30 -28.45 2.81
C PRO F 334 -11.77 -28.20 1.37
N GLU F 335 -12.54 -27.56 0.49
CA GLU F 335 -12.20 -27.24 -0.88
C GLU F 335 -11.45 -25.90 -1.00
N ARG F 336 -11.07 -25.29 0.14
CA ARG F 336 -10.52 -23.94 0.34
C ARG F 336 -9.51 -23.45 -0.72
N LYS F 337 -8.54 -24.27 -1.11
CA LYS F 337 -7.51 -23.94 -2.11
C LYS F 337 -8.08 -23.71 -3.52
N TYR F 338 -9.34 -24.10 -3.76
CA TYR F 338 -10.04 -24.04 -5.03
C TYR F 338 -11.33 -23.20 -4.95
N SER F 339 -11.74 -22.66 -3.79
CA SER F 339 -13.04 -21.98 -3.60
C SER F 339 -13.25 -20.76 -4.54
N VAL F 340 -12.15 -20.07 -4.85
CA VAL F 340 -11.98 -19.03 -5.86
C VAL F 340 -12.42 -19.47 -7.28
N TRP F 341 -12.07 -20.70 -7.67
CA TRP F 341 -12.35 -21.27 -8.98
C TRP F 341 -13.74 -21.94 -8.96
N ILE F 342 -14.12 -22.59 -7.86
CA ILE F 342 -15.43 -23.23 -7.64
C ILE F 342 -16.56 -22.18 -7.72
N GLY F 343 -16.34 -20.97 -7.17
CA GLY F 343 -17.29 -19.87 -7.29
C GLY F 343 -17.48 -19.39 -8.75
N GLY F 344 -16.43 -19.49 -9.58
CA GLY F 344 -16.46 -19.10 -10.98
C GLY F 344 -17.09 -20.16 -11.88
N SER F 345 -16.60 -21.40 -11.80
CA SER F 345 -17.04 -22.55 -12.59
C SER F 345 -18.55 -22.87 -12.44
N ILE F 346 -19.09 -22.77 -11.21
CA ILE F 346 -20.50 -22.98 -10.92
C ILE F 346 -21.35 -21.81 -11.46
N LEU F 347 -20.90 -20.55 -11.32
CA LEU F 347 -21.57 -19.35 -11.84
C LEU F 347 -21.68 -19.36 -13.39
N ALA F 348 -20.76 -20.06 -14.05
CA ALA F 348 -20.74 -20.29 -15.49
C ALA F 348 -21.60 -21.50 -15.92
N SER F 349 -22.11 -22.31 -14.99
CA SER F 349 -22.99 -23.45 -15.33
C SER F 349 -24.48 -23.05 -15.27
N LEU F 350 -24.79 -21.80 -14.87
CA LEU F 350 -26.16 -21.30 -14.72
C LEU F 350 -26.63 -20.69 -16.04
N SER F 351 -27.61 -21.35 -16.67
CA SER F 351 -28.09 -21.10 -18.03
C SER F 351 -28.98 -19.85 -18.17
N THR F 352 -29.11 -19.02 -17.12
CA THR F 352 -29.87 -17.76 -17.11
C THR F 352 -29.13 -16.61 -17.83
N PHE F 353 -27.91 -16.86 -18.31
CA PHE F 353 -26.95 -15.93 -18.92
C PHE F 353 -27.48 -15.08 -20.09
N GLN F 354 -28.55 -15.51 -20.79
CA GLN F 354 -29.09 -14.92 -22.02
C GLN F 354 -29.80 -13.55 -21.84
N GLN F 355 -29.32 -12.74 -20.89
CA GLN F 355 -29.62 -11.33 -20.65
C GLN F 355 -28.34 -10.56 -20.27
N MET F 356 -27.36 -11.23 -19.65
CA MET F 356 -26.02 -10.69 -19.36
C MET F 356 -25.05 -11.00 -20.53
N TRP F 357 -25.60 -11.52 -21.63
CA TRP F 357 -24.97 -12.19 -22.76
C TRP F 357 -23.84 -11.37 -23.40
N ILE F 358 -22.81 -12.06 -23.86
CA ILE F 358 -21.60 -11.52 -24.49
C ILE F 358 -21.44 -12.26 -25.82
N THR F 359 -21.08 -11.57 -26.90
CA THR F 359 -20.74 -12.13 -28.18
C THR F 359 -19.60 -11.34 -28.84
N LYS F 360 -18.85 -11.98 -29.75
CA LYS F 360 -17.86 -11.36 -30.63
C LYS F 360 -18.48 -10.27 -31.52
N GLN F 361 -19.77 -10.36 -31.85
CA GLN F 361 -20.48 -9.39 -32.69
C GLN F 361 -20.65 -8.01 -32.02
N GLU F 362 -20.50 -7.92 -30.69
CA GLU F 362 -20.45 -6.67 -29.94
C GLU F 362 -19.00 -6.18 -29.84
N TYR F 363 -18.03 -7.10 -29.71
CA TYR F 363 -16.61 -6.77 -29.68
C TYR F 363 -16.15 -6.21 -31.03
N ASP F 364 -16.63 -6.76 -32.15
CA ASP F 364 -16.42 -6.26 -33.52
C ASP F 364 -17.44 -5.16 -33.86
N GLU F 365 -17.80 -4.34 -32.86
CA GLU F 365 -18.66 -3.16 -32.89
C GLU F 365 -18.08 -2.10 -31.93
N ALA F 366 -17.94 -2.42 -30.64
CA ALA F 366 -17.52 -1.53 -29.56
C ALA F 366 -16.33 -2.04 -28.73
N GLY F 367 -15.57 -2.99 -29.27
CA GLY F 367 -14.26 -3.42 -28.78
C GLY F 367 -14.30 -4.26 -27.48
N PRO F 368 -13.14 -4.46 -26.81
CA PRO F 368 -13.07 -5.14 -25.51
C PRO F 368 -14.05 -4.59 -24.44
N SER F 369 -14.17 -3.26 -24.33
CA SER F 369 -14.81 -2.61 -23.20
C SER F 369 -16.36 -2.78 -23.15
N ILE F 370 -17.06 -3.08 -24.26
CA ILE F 370 -18.52 -3.39 -24.20
C ILE F 370 -18.78 -4.69 -23.41
N VAL F 371 -17.85 -5.67 -23.45
CA VAL F 371 -17.85 -6.86 -22.60
C VAL F 371 -17.69 -6.46 -21.12
N HIS F 372 -16.90 -5.42 -20.83
CA HIS F 372 -16.68 -4.91 -19.48
C HIS F 372 -17.80 -4.01 -18.98
N ARG F 373 -18.80 -3.68 -19.80
CA ARG F 373 -20.09 -3.14 -19.32
C ARG F 373 -21.02 -4.29 -18.88
N LYS F 374 -20.80 -5.52 -19.35
CA LYS F 374 -21.51 -6.72 -18.89
C LYS F 374 -20.80 -7.25 -17.62
N CYS F 375 -19.46 -7.23 -17.57
CA CYS F 375 -18.68 -7.68 -16.41
C CYS F 375 -18.70 -6.65 -15.26
N PHE F 376 -18.68 -5.34 -15.57
CA PHE F 376 -18.49 -4.26 -14.60
C PHE F 376 -19.46 -3.10 -14.87
N NH2 F 377 -20.62 -3.39 -15.42
HN1 NH2 F 377 -21.27 -2.65 -15.65
HN2 NH2 F 377 -20.85 -4.36 -15.63
C ACE G 1 54.07 -16.83 34.97
O ACE G 1 53.69 -15.88 34.00
CH3 ACE G 1 53.63 -16.32 36.34
H1 ACE G 1 52.54 -16.24 36.39
H2 ACE G 1 54.05 -15.35 36.57
H3 ACE G 1 53.93 -17.01 37.13
N ASP G 2 55.53 -16.91 34.95
CA ASP G 2 56.18 -17.32 33.69
C ASP G 2 55.73 -18.71 33.20
N GLU G 3 55.55 -19.66 34.13
CA GLU G 3 55.11 -21.03 33.86
C GLU G 3 53.58 -21.12 33.81
N ASP G 4 52.87 -20.26 34.55
CA ASP G 4 51.42 -20.30 34.81
C ASP G 4 50.56 -19.69 33.69
N GLU G 5 51.15 -19.19 32.59
CA GLU G 5 50.42 -18.65 31.43
C GLU G 5 50.30 -19.74 30.35
N THR G 6 49.49 -19.47 29.33
CA THR G 6 49.00 -20.41 28.34
C THR G 6 49.08 -19.81 26.92
N THR G 7 48.59 -20.55 25.92
CA THR G 7 48.09 -20.01 24.68
C THR G 7 46.88 -20.87 24.27
N ALA G 8 46.20 -20.47 23.20
CA ALA G 8 45.11 -21.24 22.63
C ALA G 8 45.66 -22.16 21.53
N LEU G 9 45.08 -23.35 21.41
CA LEU G 9 45.12 -24.20 20.22
C LEU G 9 44.13 -23.60 19.21
N VAL G 10 44.43 -23.64 17.92
CA VAL G 10 43.56 -23.13 16.87
C VAL G 10 43.33 -24.33 15.94
N CYS G 11 42.09 -24.81 15.83
CA CYS G 11 41.71 -26.01 15.08
C CYS G 11 40.54 -25.69 14.16
N ASP G 12 40.73 -25.71 12.84
CA ASP G 12 39.69 -25.45 11.85
C ASP G 12 39.14 -26.79 11.33
N ASN G 13 37.82 -26.88 11.26
CA ASN G 13 37.06 -27.97 10.66
C ASN G 13 36.62 -27.48 9.27
N GLY G 14 37.26 -27.96 8.20
CA GLY G 14 36.85 -27.71 6.83
C GLY G 14 36.08 -28.91 6.29
N SER G 15 35.49 -28.76 5.09
CA SER G 15 34.62 -29.70 4.38
C SER G 15 35.37 -30.96 3.89
N GLY G 16 36.08 -31.65 4.78
CA GLY G 16 36.89 -32.85 4.55
C GLY G 16 38.32 -32.72 5.12
N LEU G 17 38.86 -31.49 5.25
CA LEU G 17 40.22 -31.24 5.70
C LEU G 17 40.21 -30.43 7.00
N VAL G 18 40.69 -31.03 8.10
CA VAL G 18 40.90 -30.38 9.39
C VAL G 18 42.34 -29.83 9.37
N LYS G 19 42.58 -28.66 9.98
CA LYS G 19 43.90 -28.07 10.15
C LYS G 19 44.02 -27.59 11.60
N ALA G 20 45.22 -27.65 12.18
CA ALA G 20 45.46 -27.18 13.55
C ALA G 20 46.89 -26.71 13.79
N GLY G 21 47.07 -25.83 14.78
CA GLY G 21 48.35 -25.34 15.30
C GLY G 21 48.10 -24.63 16.63
N PHE G 22 49.11 -23.92 17.15
CA PHE G 22 48.99 -23.11 18.36
C PHE G 22 48.91 -21.63 17.95
N ALA G 23 48.21 -20.82 18.75
CA ALA G 23 48.19 -19.37 18.58
C ALA G 23 49.56 -18.80 18.97
N GLY G 24 50.17 -18.07 18.04
CA GLY G 24 51.57 -17.64 18.07
C GLY G 24 52.38 -18.28 16.94
N ASP G 25 51.91 -19.38 16.34
CA ASP G 25 52.49 -19.91 15.10
C ASP G 25 51.86 -19.12 13.95
N ASP G 26 52.67 -18.64 13.00
CA ASP G 26 52.21 -17.96 11.77
C ASP G 26 51.85 -18.98 10.66
N ALA G 27 51.76 -20.27 10.98
CA ALA G 27 51.37 -21.37 10.09
C ALA G 27 50.87 -22.55 10.93
N PRO G 28 49.94 -23.41 10.42
CA PRO G 28 49.49 -24.60 11.13
C PRO G 28 50.56 -25.71 11.16
N ARG G 29 50.32 -26.76 11.95
CA ARG G 29 51.20 -27.92 12.15
C ARG G 29 50.50 -29.22 11.71
N ALA G 30 49.19 -29.33 11.97
CA ALA G 30 48.33 -30.43 11.56
C ALA G 30 47.58 -29.97 10.30
N VAL G 31 47.47 -30.87 9.32
CA VAL G 31 46.71 -30.72 8.07
C VAL G 31 46.06 -32.09 7.81
N PHE G 32 45.33 -32.60 8.82
CA PHE G 32 44.85 -33.98 8.85
C PHE G 32 43.53 -34.13 8.07
N PRO G 33 43.43 -35.06 7.12
CA PRO G 33 42.20 -35.28 6.36
C PRO G 33 41.21 -36.12 7.18
N SER G 34 39.92 -35.76 7.15
CA SER G 34 38.83 -36.44 7.86
C SER G 34 38.39 -37.69 7.08
N ILE G 35 39.29 -38.67 6.92
CA ILE G 35 39.12 -39.89 6.12
C ILE G 35 39.20 -41.10 7.04
N VAL G 36 38.21 -41.99 6.97
CA VAL G 36 38.11 -43.23 7.72
C VAL G 36 37.90 -44.36 6.69
N GLY G 37 38.78 -45.36 6.68
CA GLY G 37 38.70 -46.53 5.83
C GLY G 37 38.29 -47.75 6.65
N ARG G 38 37.31 -48.52 6.17
CA ARG G 38 36.99 -49.85 6.69
C ARG G 38 37.51 -50.86 5.62
N PRO G 39 38.35 -51.86 5.98
CA PRO G 39 38.85 -52.85 5.02
C PRO G 39 37.77 -53.91 4.68
N ARG G 40 37.72 -54.35 3.42
CA ARG G 40 36.63 -55.18 2.89
C ARG G 40 36.89 -56.70 2.93
N HIS G 41 38.10 -57.18 3.27
CA HIS G 41 38.53 -58.57 3.00
C HIS G 41 39.27 -59.27 4.15
N GLN G 42 38.97 -58.87 5.39
CA GLN G 42 39.54 -59.45 6.61
C GLN G 42 38.81 -60.78 6.91
N GLY G 43 39.57 -61.85 7.14
CA GLY G 43 39.11 -63.21 7.34
C GLY G 43 39.37 -64.09 6.11
N VAL G 44 39.37 -63.48 4.92
CA VAL G 44 39.37 -64.19 3.63
C VAL G 44 40.78 -64.67 3.26
N MET G 45 41.82 -63.88 3.59
CA MET G 45 43.21 -64.11 3.23
C MET G 45 44.11 -63.82 4.45
N VAL G 46 44.15 -62.54 4.84
CA VAL G 46 44.59 -62.10 6.15
C VAL G 46 43.36 -62.28 7.07
N GLY G 47 43.58 -62.54 8.36
CA GLY G 47 42.54 -62.69 9.39
C GLY G 47 41.90 -61.35 9.77
N MET G 48 41.40 -61.24 11.01
CA MET G 48 41.03 -59.96 11.59
C MET G 48 42.29 -59.39 12.27
N GLY G 49 42.42 -58.07 12.26
CA GLY G 49 43.57 -57.33 12.79
C GLY G 49 43.29 -56.75 14.16
N GLN G 50 44.14 -55.80 14.58
CA GLN G 50 44.08 -55.10 15.86
C GLN G 50 43.25 -53.78 15.74
N LYS G 51 42.39 -53.68 14.71
CA LYS G 51 41.57 -52.51 14.42
C LYS G 51 40.25 -52.92 13.76
N ASP G 52 39.25 -52.04 13.88
CA ASP G 52 38.00 -51.98 13.15
C ASP G 52 38.23 -51.20 11.83
N SER G 53 38.94 -50.06 11.91
CA SER G 53 39.03 -49.02 10.90
C SER G 53 40.47 -48.51 10.83
N TYR G 54 40.83 -47.87 9.71
CA TYR G 54 42.05 -47.11 9.53
C TYR G 54 41.65 -45.64 9.37
N VAL G 55 42.45 -44.70 9.89
CA VAL G 55 42.16 -43.26 9.87
C VAL G 55 43.30 -42.46 9.19
N GLY G 56 42.91 -41.47 8.37
CA GLY G 56 43.75 -40.48 7.69
C GLY G 56 44.95 -41.10 6.97
N ASP G 57 46.15 -40.92 7.55
CA ASP G 57 47.45 -41.48 7.15
C ASP G 57 47.38 -42.97 6.80
N GLU G 58 46.70 -43.72 7.67
CA GLU G 58 46.52 -45.17 7.62
C GLU G 58 45.53 -45.60 6.51
N ALA G 59 44.79 -44.66 5.92
CA ALA G 59 43.72 -44.92 4.95
C ALA G 59 43.96 -44.20 3.62
N GLN G 60 45.15 -43.64 3.42
CA GLN G 60 45.58 -42.94 2.21
C GLN G 60 46.99 -43.40 1.82
N SER G 61 48.00 -43.16 2.68
CA SER G 61 49.39 -43.53 2.43
C SER G 61 49.57 -45.05 2.59
N LYS G 62 48.82 -45.69 3.50
CA LYS G 62 48.65 -47.12 3.54
C LYS G 62 47.25 -47.40 2.93
N ARG G 63 47.17 -48.37 2.02
CA ARG G 63 45.93 -48.83 1.38
C ARG G 63 45.47 -50.09 2.15
N GLY G 64 44.33 -50.67 1.76
CA GLY G 64 43.87 -51.91 2.37
C GLY G 64 42.58 -52.48 1.78
N ILE G 65 42.20 -52.09 0.55
CA ILE G 65 40.96 -52.49 -0.15
C ILE G 65 39.77 -51.82 0.60
N LEU G 66 39.87 -50.50 0.76
CA LEU G 66 39.14 -49.77 1.79
C LEU G 66 37.84 -49.19 1.23
N THR G 67 36.75 -49.37 1.99
CA THR G 67 35.54 -48.59 1.86
C THR G 67 35.83 -47.29 2.65
N LEU G 68 36.26 -46.24 1.93
CA LEU G 68 36.59 -44.93 2.49
C LEU G 68 35.29 -44.13 2.66
N LYS G 69 35.05 -43.62 3.87
CA LYS G 69 34.00 -42.67 4.20
C LYS G 69 34.55 -41.56 5.11
N TYR G 70 33.84 -40.44 5.15
CA TYR G 70 34.30 -39.18 5.67
C TYR G 70 33.24 -38.76 6.71
N PRO G 71 33.55 -38.71 8.03
CA PRO G 71 32.62 -38.29 9.11
C PRO G 71 31.88 -36.97 8.87
N ILE G 72 32.52 -36.03 8.17
CA ILE G 72 31.94 -34.84 7.57
C ILE G 72 32.37 -34.81 6.10
N GLU G 73 31.45 -34.41 5.22
CA GLU G 73 31.66 -34.14 3.80
C GLU G 73 31.52 -32.61 3.55
N HIS G 74 30.86 -31.92 4.48
CA HIS G 74 30.30 -30.58 4.35
C HIS G 74 30.49 -29.75 5.62
N GLY G 75 30.33 -30.38 6.79
CA GLY G 75 30.48 -29.75 8.10
C GLY G 75 29.30 -30.01 9.05
N ILE G 76 28.22 -30.64 8.57
CA ILE G 76 27.07 -31.05 9.39
C ILE G 76 27.38 -32.48 9.86
N ILE G 77 27.42 -32.67 11.18
CA ILE G 77 27.93 -33.86 11.84
C ILE G 77 26.71 -34.72 12.20
N THR G 78 26.77 -36.01 11.84
CA THR G 78 25.72 -37.00 12.02
C THR G 78 26.31 -38.32 12.55
N ASN G 79 27.50 -38.71 12.08
CA ASN G 79 28.40 -39.63 12.79
C ASN G 79 29.18 -38.73 13.76
N TRP G 80 29.24 -39.16 15.02
CA TRP G 80 30.11 -38.60 16.07
C TRP G 80 31.21 -39.59 16.45
N ASP G 81 30.93 -40.86 16.15
CA ASP G 81 31.51 -42.13 16.51
C ASP G 81 32.91 -42.32 15.89
N ASP G 82 33.15 -41.70 14.75
CA ASP G 82 34.44 -41.64 14.05
C ASP G 82 34.91 -40.19 13.85
N MET G 83 34.02 -39.20 14.04
CA MET G 83 34.36 -37.78 14.05
C MET G 83 35.22 -37.45 15.27
N GLU G 84 34.91 -38.07 16.43
CA GLU G 84 35.74 -38.15 17.63
C GLU G 84 37.19 -38.53 17.27
N LYS G 85 37.39 -39.71 16.68
CA LYS G 85 38.67 -40.27 16.22
C LYS G 85 39.53 -39.29 15.40
N ILE G 86 38.92 -38.57 14.44
CA ILE G 86 39.59 -37.56 13.61
C ILE G 86 40.08 -36.37 14.46
N TRP G 87 39.26 -35.89 15.40
CA TRP G 87 39.63 -34.81 16.32
C TRP G 87 40.63 -35.31 17.38
N HIS G 88 40.44 -36.52 17.90
CA HIS G 88 41.30 -37.20 18.87
C HIS G 88 42.72 -37.35 18.32
N HIS G 89 42.85 -37.82 17.07
CA HIS G 89 44.10 -37.85 16.33
C HIS G 89 44.70 -36.44 16.11
N THR G 90 43.87 -35.45 15.75
CA THR G 90 44.32 -34.08 15.54
C THR G 90 44.90 -33.45 16.82
N PHE G 91 44.34 -33.77 18.00
CA PHE G 91 44.87 -33.36 19.30
C PHE G 91 46.03 -34.27 19.74
N TYR G 92 45.77 -35.56 19.98
CA TYR G 92 46.68 -36.46 20.69
C TYR G 92 47.65 -37.18 19.74
N ASN G 93 47.72 -36.80 18.46
CA ASN G 93 48.77 -37.18 17.51
C ASN G 93 49.40 -35.94 16.88
N GLU G 94 48.65 -35.14 16.09
CA GLU G 94 49.24 -34.07 15.27
C GLU G 94 49.79 -32.88 16.09
N LEU G 95 49.09 -32.46 17.16
CA LEU G 95 49.49 -31.29 17.97
C LEU G 95 50.48 -31.65 19.09
N ARG G 96 50.48 -32.91 19.56
CA ARG G 96 51.48 -33.49 20.47
C ARG G 96 51.41 -32.96 21.92
N VAL G 97 50.24 -32.49 22.36
CA VAL G 97 49.95 -32.08 23.73
C VAL G 97 48.67 -32.79 24.19
N ALA G 98 48.40 -32.70 25.49
CA ALA G 98 47.14 -33.06 26.12
C ALA G 98 46.28 -31.79 26.16
N PRO G 99 45.14 -31.69 25.42
CA PRO G 99 44.22 -30.53 25.44
C PRO G 99 43.71 -30.08 26.81
N GLU G 100 43.72 -30.94 27.84
CA GLU G 100 43.27 -30.72 29.20
C GLU G 100 43.69 -29.39 29.87
N GLU G 101 44.89 -28.88 29.55
CA GLU G 101 45.40 -27.59 30.07
C GLU G 101 45.17 -26.42 29.09
N HIS G 102 44.80 -26.68 27.82
CA HIS G 102 45.00 -25.76 26.69
C HIS G 102 43.66 -25.33 26.10
N PRO G 103 43.25 -24.04 26.21
CA PRO G 103 42.07 -23.50 25.51
C PRO G 103 42.09 -23.74 23.98
N THR G 104 40.93 -23.88 23.34
CA THR G 104 40.84 -24.18 21.90
C THR G 104 39.96 -23.14 21.18
N LEU G 105 40.47 -22.52 20.11
CA LEU G 105 39.67 -21.77 19.14
C LEU G 105 39.25 -22.77 18.06
N LEU G 106 37.95 -22.85 17.81
CA LEU G 106 37.34 -23.70 16.81
C LEU G 106 36.72 -22.83 15.72
N THR G 107 36.86 -23.24 14.47
CA THR G 107 36.32 -22.55 13.30
C THR G 107 35.50 -23.54 12.47
N GLU G 108 34.20 -23.21 12.28
CA GLU G 108 33.20 -24.03 11.61
C GLU G 108 33.20 -23.78 10.10
N ALA G 109 32.73 -24.79 9.35
CA ALA G 109 32.28 -24.68 7.98
C ALA G 109 30.82 -24.20 8.00
N PRO G 110 30.42 -23.16 7.22
CA PRO G 110 29.07 -22.58 7.23
C PRO G 110 27.91 -23.59 7.07
N LEU G 111 26.92 -23.48 7.95
CA LEU G 111 25.65 -24.20 8.05
C LEU G 111 25.77 -25.46 8.91
N ASN G 112 25.09 -25.47 10.06
CA ASN G 112 24.95 -26.60 10.98
C ASN G 112 23.69 -26.41 11.84
N PRO G 113 23.05 -27.49 12.35
CA PRO G 113 21.90 -27.41 13.26
C PRO G 113 22.38 -27.15 14.71
N LYS G 114 21.54 -26.52 15.54
CA LYS G 114 21.80 -26.18 16.94
C LYS G 114 22.50 -27.29 17.76
N ALA G 115 21.94 -28.49 17.70
CA ALA G 115 22.37 -29.68 18.42
C ALA G 115 23.80 -30.15 18.04
N ASN G 116 24.30 -29.79 16.85
CA ASN G 116 25.69 -30.05 16.47
C ASN G 116 26.66 -29.21 17.28
N ARG G 117 26.43 -27.88 17.39
CA ARG G 117 27.25 -26.99 18.19
C ARG G 117 27.25 -27.38 19.67
N GLU G 118 26.09 -27.76 20.21
CA GLU G 118 25.92 -28.22 21.58
C GLU G 118 26.65 -29.56 21.81
N LYS G 119 26.48 -30.56 20.92
CA LYS G 119 27.17 -31.85 21.02
C LYS G 119 28.69 -31.74 20.78
N MET G 120 29.13 -30.76 19.98
CA MET G 120 30.55 -30.43 19.76
C MET G 120 31.13 -29.75 21.02
N THR G 121 30.38 -28.86 21.67
CA THR G 121 30.76 -28.22 22.93
C THR G 121 30.84 -29.28 24.05
N GLN G 122 29.91 -30.25 24.08
CA GLN G 122 29.96 -31.42 24.95
C GLN G 122 31.23 -32.26 24.71
N ILE G 123 31.55 -32.65 23.47
CA ILE G 123 32.77 -33.39 23.12
C ILE G 123 34.05 -32.66 23.56
N MET G 124 34.11 -31.34 23.41
CA MET G 124 35.26 -30.53 23.80
C MET G 124 35.48 -30.51 25.32
N PHE G 125 34.41 -30.50 26.13
CA PHE G 125 34.49 -30.43 27.59
C PHE G 125 34.37 -31.80 28.30
N GLU G 126 33.75 -32.81 27.68
CA GLU G 126 33.51 -34.14 28.25
C GLU G 126 34.26 -35.26 27.51
N THR G 127 35.01 -34.98 26.44
CA THR G 127 35.76 -35.99 25.69
C THR G 127 37.21 -35.54 25.38
N PHE G 128 37.49 -34.22 25.34
CA PHE G 128 38.85 -33.67 25.23
C PHE G 128 39.21 -32.78 26.43
N ASN G 129 38.22 -32.35 27.21
CA ASN G 129 38.32 -31.83 28.58
C ASN G 129 39.02 -30.46 28.70
N VAL G 130 38.96 -29.64 27.65
CA VAL G 130 39.59 -28.31 27.58
C VAL G 130 39.08 -27.37 28.72
N PRO G 131 39.88 -26.41 29.23
CA PRO G 131 39.43 -25.50 30.28
C PRO G 131 38.46 -24.42 29.76
N ALA G 132 38.63 -24.01 28.49
CA ALA G 132 37.82 -23.02 27.82
C ALA G 132 37.87 -23.22 26.30
N MET G 133 36.90 -22.66 25.59
CA MET G 133 36.82 -22.68 24.13
C MET G 133 36.24 -21.38 23.56
N TYR G 134 36.42 -21.21 22.25
CA TYR G 134 35.89 -20.13 21.43
C TYR G 134 35.47 -20.77 20.10
N VAL G 135 34.39 -20.28 19.47
CA VAL G 135 33.81 -20.80 18.24
C VAL G 135 33.58 -19.61 17.28
N ALA G 136 33.96 -19.77 16.01
CA ALA G 136 33.69 -18.84 14.91
C ALA G 136 33.41 -19.63 13.62
N ILE G 137 33.13 -18.95 12.51
CA ILE G 137 32.95 -19.56 11.18
C ILE G 137 34.17 -19.14 10.35
N GLN G 138 34.75 -20.09 9.61
CA GLN G 138 35.98 -19.91 8.83
C GLN G 138 35.90 -18.78 7.79
N ALA G 139 34.74 -18.64 7.12
CA ALA G 139 34.45 -17.60 6.13
C ALA G 139 34.57 -16.17 6.68
N VAL G 140 34.13 -15.95 7.93
CA VAL G 140 34.13 -14.66 8.61
C VAL G 140 35.58 -14.30 9.04
N LEU G 141 36.37 -15.27 9.51
CA LEU G 141 37.77 -15.02 9.88
C LEU G 141 38.63 -14.86 8.61
N SER G 142 38.31 -15.56 7.53
CA SER G 142 38.92 -15.38 6.20
C SER G 142 38.60 -13.97 5.65
N LEU G 143 37.37 -13.47 5.86
CA LEU G 143 36.93 -12.11 5.54
C LEU G 143 37.70 -11.06 6.37
N TYR G 144 37.83 -11.27 7.70
CA TYR G 144 38.63 -10.43 8.60
C TYR G 144 40.10 -10.37 8.18
N ALA G 145 40.72 -11.52 7.86
CA ALA G 145 42.11 -11.63 7.40
C ALA G 145 42.31 -10.99 6.01
N SER G 146 41.29 -11.06 5.13
CA SER G 146 41.22 -10.33 3.87
C SER G 146 41.08 -8.80 4.07
N GLY G 147 40.75 -8.32 5.27
CA GLY G 147 40.61 -6.92 5.62
C GLY G 147 39.21 -6.38 5.36
N ARG G 148 38.18 -7.20 5.59
CA ARG G 148 36.78 -6.84 5.45
C ARG G 148 36.03 -7.23 6.72
N THR G 149 34.87 -6.62 6.95
CA THR G 149 33.87 -7.02 7.93
C THR G 149 32.51 -7.23 7.22
N THR G 150 32.25 -6.48 6.14
CA THR G 150 31.10 -6.60 5.25
C THR G 150 31.61 -7.06 3.86
N GLY G 151 30.85 -7.89 3.14
CA GLY G 151 31.20 -8.39 1.82
C GLY G 151 30.49 -9.71 1.54
N ILE G 152 30.91 -10.44 0.50
CA ILE G 152 30.40 -11.76 0.17
C ILE G 152 31.58 -12.69 -0.07
N VAL G 153 31.64 -13.77 0.71
CA VAL G 153 32.66 -14.80 0.64
C VAL G 153 32.08 -15.91 -0.23
N LEU G 154 32.79 -16.26 -1.31
CA LEU G 154 32.70 -17.57 -1.94
C LEU G 154 33.85 -18.39 -1.33
N ASP G 155 33.61 -19.67 -1.11
CA ASP G 155 34.59 -20.67 -0.70
C ASP G 155 34.47 -21.90 -1.62
N SER G 156 35.50 -22.74 -1.66
CA SER G 156 35.56 -24.01 -2.36
C SER G 156 36.52 -24.90 -1.59
N GLY G 157 35.95 -25.87 -0.86
CA GLY G 157 36.68 -26.80 -0.03
C GLY G 157 37.00 -28.07 -0.81
N ASP G 158 36.99 -29.19 -0.08
CA ASP G 158 37.23 -30.53 -0.61
C ASP G 158 35.88 -31.15 -1.05
N GLY G 159 34.84 -31.08 -0.20
CA GLY G 159 33.52 -31.68 -0.44
C GLY G 159 32.34 -30.72 -0.73
N VAL G 160 32.45 -29.39 -0.53
CA VAL G 160 31.44 -28.39 -0.91
C VAL G 160 32.09 -27.06 -1.36
N THR G 161 31.35 -26.25 -2.11
CA THR G 161 31.68 -24.86 -2.46
C THR G 161 30.61 -23.97 -1.83
N HIS G 162 30.94 -23.25 -0.75
CA HIS G 162 30.05 -22.37 0.01
C HIS G 162 29.98 -20.97 -0.61
N ASN G 163 28.88 -20.27 -0.34
CA ASN G 163 28.67 -18.85 -0.60
C ASN G 163 28.00 -18.26 0.65
N VAL G 164 28.58 -17.19 1.21
CA VAL G 164 28.12 -16.54 2.44
C VAL G 164 28.13 -15.00 2.24
N PRO G 165 26.97 -14.32 2.09
CA PRO G 165 26.89 -12.85 2.15
C PRO G 165 26.92 -12.39 3.62
N ILE G 166 27.77 -11.39 3.93
CA ILE G 166 28.11 -10.95 5.29
C ILE G 166 28.00 -9.42 5.39
N TYR G 167 27.43 -8.94 6.51
CA TYR G 167 27.38 -7.54 6.91
C TYR G 167 27.87 -7.49 8.37
N GLU G 168 29.01 -6.84 8.60
CA GLU G 168 29.60 -6.52 9.90
C GLU G 168 29.94 -7.77 10.72
N GLY G 169 30.47 -8.79 10.04
CA GLY G 169 30.82 -10.10 10.58
C GLY G 169 29.63 -11.06 10.71
N TYR G 170 28.39 -10.57 10.61
CA TYR G 170 27.17 -11.36 10.70
C TYR G 170 26.78 -11.76 9.28
N ALA G 171 26.56 -13.07 9.06
CA ALA G 171 26.14 -13.62 7.78
C ALA G 171 24.62 -13.43 7.65
N LEU G 172 24.15 -12.94 6.50
CA LEU G 172 22.73 -12.77 6.21
C LEU G 172 22.15 -14.17 5.90
N PRO G 173 21.33 -14.77 6.79
CA PRO G 173 21.04 -16.22 6.78
C PRO G 173 20.10 -16.64 5.65
N HIS G 174 19.30 -15.70 5.14
CA HIS G 174 18.32 -15.86 4.09
C HIS G 174 18.96 -16.07 2.69
N ALA G 175 20.29 -15.98 2.59
CA ALA G 175 21.07 -15.94 1.36
C ALA G 175 22.40 -16.70 1.44
N ILE G 176 22.62 -17.54 2.47
CA ILE G 176 23.74 -18.48 2.51
C ILE G 176 23.37 -19.68 1.61
N MET G 177 24.35 -20.24 0.88
CA MET G 177 24.19 -21.47 0.12
C MET G 177 25.51 -22.24 0.00
N ARG G 178 25.45 -23.44 -0.57
CA ARG G 178 26.61 -24.20 -1.02
C ARG G 178 26.24 -25.02 -2.26
N LEU G 179 27.19 -25.26 -3.16
CA LEU G 179 27.13 -26.21 -4.26
C LEU G 179 27.87 -27.48 -3.81
N ASP G 180 27.37 -28.65 -4.22
CA ASP G 180 27.91 -30.00 -3.99
C ASP G 180 29.10 -30.30 -4.92
N LEU G 181 29.29 -29.48 -5.95
CA LEU G 181 30.49 -29.45 -6.79
C LEU G 181 31.60 -28.77 -5.95
N ALA G 182 32.73 -29.45 -5.84
CA ALA G 182 33.87 -29.08 -5.02
C ALA G 182 35.13 -29.82 -5.48
N GLY G 183 36.17 -29.74 -4.65
CA GLY G 183 37.52 -30.26 -4.90
C GLY G 183 37.60 -31.73 -5.31
N ARG G 184 36.86 -32.63 -4.65
CA ARG G 184 36.83 -34.06 -4.96
C ARG G 184 36.16 -34.36 -6.29
N ASP G 185 35.01 -33.74 -6.58
CA ASP G 185 34.27 -33.89 -7.85
C ASP G 185 35.12 -33.36 -9.01
N LEU G 186 35.84 -32.24 -8.79
CA LEU G 186 36.90 -31.75 -9.67
C LEU G 186 38.10 -32.71 -9.82
N THR G 187 38.50 -33.48 -8.80
CA THR G 187 39.63 -34.41 -8.86
C THR G 187 39.23 -35.64 -9.71
N ASP G 188 38.07 -36.25 -9.44
CA ASP G 188 37.54 -37.38 -10.21
C ASP G 188 37.15 -36.97 -11.64
N TYR G 189 36.74 -35.71 -11.87
CA TYR G 189 36.55 -35.15 -13.22
C TYR G 189 37.89 -34.97 -13.94
N LEU G 190 38.94 -34.50 -13.24
CA LEU G 190 40.31 -34.38 -13.77
C LEU G 190 40.86 -35.75 -14.22
N MET G 191 40.58 -36.83 -13.47
CA MET G 191 40.91 -38.21 -13.83
C MET G 191 40.15 -38.64 -15.09
N LYS G 192 38.85 -38.32 -15.19
CA LYS G 192 37.99 -38.66 -16.33
C LYS G 192 38.44 -38.04 -17.66
N ILE G 193 38.95 -36.80 -17.63
CA ILE G 193 39.42 -36.11 -18.84
C ILE G 193 40.89 -36.49 -19.16
N LEU G 194 41.67 -36.89 -18.15
CA LEU G 194 42.98 -37.54 -18.36
C LEU G 194 42.81 -38.95 -18.98
N THR G 195 41.71 -39.65 -18.67
CA THR G 195 41.37 -40.94 -19.25
C THR G 195 40.95 -40.77 -20.73
N GLU G 196 40.35 -39.63 -21.10
CA GLU G 196 40.06 -39.21 -22.48
C GLU G 196 41.35 -38.94 -23.29
N ARG G 197 42.44 -38.51 -22.64
CA ARG G 197 43.78 -38.44 -23.23
C ARG G 197 44.46 -39.85 -23.31
N GLY G 198 43.97 -40.81 -22.52
CA GLY G 198 44.41 -42.21 -22.52
C GLY G 198 45.13 -42.65 -21.24
N TYR G 199 45.30 -41.78 -20.24
CA TYR G 199 45.85 -42.15 -18.93
C TYR G 199 44.67 -42.51 -18.03
N SER G 200 44.38 -43.81 -17.84
CA SER G 200 43.38 -44.25 -16.87
C SER G 200 43.93 -44.05 -15.44
N PHE G 201 43.03 -43.71 -14.51
CA PHE G 201 43.29 -43.43 -13.10
C PHE G 201 42.00 -43.78 -12.33
N VAL G 202 42.06 -44.61 -11.27
CA VAL G 202 40.88 -45.17 -10.60
C VAL G 202 41.01 -45.39 -9.06
N THR G 203 42.22 -45.59 -8.52
CA THR G 203 42.51 -45.93 -7.12
C THR G 203 42.71 -44.66 -6.25
N THR G 204 43.14 -44.85 -5.00
CA THR G 204 43.53 -43.80 -4.05
C THR G 204 44.88 -43.18 -4.45
N ALA G 205 45.85 -44.01 -4.90
CA ALA G 205 47.21 -43.59 -5.23
C ALA G 205 47.26 -42.72 -6.50
N GLU G 206 46.33 -42.96 -7.42
CA GLU G 206 46.16 -42.18 -8.64
C GLU G 206 45.39 -40.87 -8.35
N ARG G 207 44.51 -40.84 -7.33
CA ARG G 207 43.91 -39.60 -6.83
C ARG G 207 44.90 -38.74 -6.03
N GLU G 208 45.87 -39.34 -5.31
CA GLU G 208 47.04 -38.68 -4.71
C GLU G 208 47.82 -37.87 -5.76
N ILE G 209 48.19 -38.56 -6.85
CA ILE G 209 48.85 -38.02 -8.05
C ILE G 209 48.04 -36.88 -8.68
N VAL G 210 46.76 -37.14 -9.00
CA VAL G 210 45.89 -36.18 -9.69
C VAL G 210 45.46 -35.00 -8.77
N ARG G 211 45.42 -35.17 -7.44
CA ARG G 211 45.27 -34.08 -6.46
C ARG G 211 46.47 -33.13 -6.54
N ASP G 212 47.69 -33.67 -6.68
CA ASP G 212 48.90 -32.86 -6.81
C ASP G 212 48.90 -32.06 -8.13
N ILE G 213 48.52 -32.68 -9.25
CA ILE G 213 48.39 -32.03 -10.57
C ILE G 213 47.34 -30.89 -10.56
N LYS G 214 46.22 -31.11 -9.84
CA LYS G 214 45.15 -30.14 -9.58
C LYS G 214 45.66 -28.89 -8.83
N GLU G 215 46.75 -29.00 -8.05
CA GLU G 215 47.43 -27.85 -7.47
C GLU G 215 48.39 -27.24 -8.51
N LYS G 216 49.34 -28.02 -9.04
CA LYS G 216 50.51 -27.47 -9.73
C LYS G 216 50.19 -26.90 -11.13
N LEU G 217 49.18 -27.43 -11.82
CA LEU G 217 49.03 -27.21 -13.27
C LEU G 217 47.65 -26.68 -13.69
N CYS G 218 46.63 -26.68 -12.82
CA CYS G 218 45.26 -26.29 -13.14
C CYS G 218 44.99 -24.80 -12.83
N TYR G 219 44.11 -24.19 -13.61
CA TYR G 219 43.81 -22.76 -13.66
C TYR G 219 42.41 -22.56 -14.25
N VAL G 220 41.79 -21.40 -14.10
CA VAL G 220 40.54 -21.05 -14.76
C VAL G 220 40.90 -20.26 -16.03
N ALA G 221 40.21 -20.54 -17.13
CA ALA G 221 40.35 -19.83 -18.40
C ALA G 221 39.59 -18.50 -18.30
N LEU G 222 40.15 -17.40 -18.86
CA LEU G 222 39.52 -16.07 -18.86
C LEU G 222 38.25 -16.06 -19.72
N ASP G 223 38.25 -16.87 -20.79
CA ASP G 223 37.12 -17.53 -21.43
C ASP G 223 37.72 -18.81 -22.03
N PHE G 224 36.87 -19.82 -22.26
CA PHE G 224 37.30 -21.14 -22.74
C PHE G 224 37.80 -21.10 -24.20
N GLU G 225 37.20 -20.25 -25.04
CA GLU G 225 37.46 -20.18 -26.48
C GLU G 225 38.86 -19.58 -26.72
N ASN G 226 39.24 -18.55 -25.95
CA ASN G 226 40.59 -17.98 -25.92
C ASN G 226 41.69 -19.02 -25.61
N GLU G 227 41.53 -19.82 -24.55
CA GLU G 227 42.50 -20.84 -24.15
C GLU G 227 42.53 -22.00 -25.15
N MET G 228 41.36 -22.41 -25.70
CA MET G 228 41.26 -23.44 -26.74
C MET G 228 41.87 -22.97 -28.07
N ALA G 229 41.70 -21.69 -28.43
CA ALA G 229 42.32 -21.07 -29.62
C ALA G 229 43.85 -20.95 -29.45
N THR G 230 44.33 -20.66 -28.24
CA THR G 230 45.75 -20.60 -27.92
C THR G 230 46.35 -22.03 -27.89
N ALA G 231 45.59 -23.06 -27.45
CA ALA G 231 46.00 -24.47 -27.51
C ALA G 231 46.05 -25.00 -28.94
N ALA G 232 45.15 -24.50 -29.81
CA ALA G 232 45.06 -24.84 -31.22
C ALA G 232 46.09 -24.08 -32.09
N SER G 233 46.88 -23.18 -31.51
CA SER G 233 47.90 -22.38 -32.20
C SER G 233 49.27 -22.39 -31.50
N SER G 234 49.39 -23.04 -30.34
CA SER G 234 50.61 -23.11 -29.56
C SER G 234 50.62 -24.39 -28.72
N SER G 235 51.71 -25.16 -28.79
CA SER G 235 51.97 -26.32 -27.94
C SER G 235 52.45 -25.92 -26.53
N SER G 236 52.47 -24.62 -26.21
CA SER G 236 52.91 -24.07 -24.93
C SER G 236 51.95 -24.41 -23.76
N LEU G 237 50.74 -24.90 -24.06
CA LEU G 237 49.71 -25.25 -23.09
C LEU G 237 49.99 -26.59 -22.38
N GLU G 238 50.70 -27.51 -23.05
CA GLU G 238 51.04 -28.86 -22.58
C GLU G 238 52.14 -28.75 -21.51
N LYS G 239 52.01 -29.51 -20.41
CA LYS G 239 52.87 -29.48 -19.23
C LYS G 239 53.16 -30.92 -18.78
N SER G 240 54.44 -31.27 -18.66
CA SER G 240 54.95 -32.55 -18.21
C SER G 240 55.06 -32.57 -16.66
N TYR G 241 54.80 -33.73 -16.04
CA TYR G 241 54.91 -34.00 -14.60
C TYR G 241 55.50 -35.39 -14.39
N GLU G 242 56.22 -35.63 -13.29
CA GLU G 242 56.75 -36.94 -12.88
C GLU G 242 55.70 -37.60 -11.98
N LEU G 243 55.48 -38.90 -12.13
CA LEU G 243 54.75 -39.73 -11.20
C LEU G 243 55.70 -40.20 -10.07
N PRO G 244 55.20 -40.50 -8.85
CA PRO G 244 56.00 -40.92 -7.69
C PRO G 244 57.10 -41.98 -7.94
N ASP G 245 56.90 -42.88 -8.90
CA ASP G 245 57.81 -43.97 -9.27
C ASP G 245 58.83 -43.60 -10.36
N GLY G 246 58.76 -42.40 -10.95
CA GLY G 246 59.66 -41.96 -12.01
C GLY G 246 59.10 -42.02 -13.43
N GLN G 247 57.88 -42.51 -13.66
CA GLN G 247 57.22 -42.36 -14.96
C GLN G 247 56.85 -40.88 -15.19
N VAL G 248 56.75 -40.46 -16.45
CA VAL G 248 56.42 -39.09 -16.84
C VAL G 248 55.06 -39.13 -17.56
N ILE G 249 54.23 -38.13 -17.31
CA ILE G 249 52.94 -37.88 -17.96
C ILE G 249 52.88 -36.41 -18.39
N THR G 250 52.06 -36.06 -19.39
CA THR G 250 51.91 -34.70 -19.93
C THR G 250 50.42 -34.35 -20.07
N ILE G 251 50.00 -33.18 -19.57
CA ILE G 251 48.62 -32.68 -19.48
C ILE G 251 48.55 -31.25 -20.06
N GLY G 252 47.48 -30.91 -20.79
CA GLY G 252 47.34 -29.65 -21.53
C GLY G 252 45.99 -28.98 -21.33
N ASN G 253 45.07 -29.16 -22.27
CA ASN G 253 43.72 -28.57 -22.30
C ASN G 253 42.90 -28.83 -21.02
N GLU G 254 43.07 -30.03 -20.47
CA GLU G 254 42.53 -30.52 -19.21
C GLU G 254 42.82 -29.62 -18.00
N ARG G 255 43.95 -28.89 -18.04
CA ARG G 255 44.40 -27.96 -17.01
C ARG G 255 43.40 -26.81 -16.80
N PHE G 256 42.86 -26.24 -17.88
CA PHE G 256 41.83 -25.20 -17.78
C PHE G 256 40.43 -25.82 -17.77
N ARG G 257 40.22 -26.89 -18.56
CA ARG G 257 38.91 -27.51 -18.77
C ARG G 257 38.35 -28.21 -17.53
N CYS G 258 39.18 -28.67 -16.59
CA CYS G 258 38.74 -29.16 -15.28
C CYS G 258 38.08 -28.03 -14.46
N PRO G 259 38.82 -26.99 -13.96
CA PRO G 259 38.25 -25.80 -13.28
C PRO G 259 37.07 -25.09 -13.97
N GLU G 260 37.00 -25.09 -15.31
CA GLU G 260 35.93 -24.52 -16.13
C GLU G 260 34.50 -24.94 -15.70
N THR G 261 34.34 -26.17 -15.19
CA THR G 261 33.04 -26.74 -14.82
C THR G 261 32.39 -26.06 -13.59
N LEU G 262 33.07 -25.12 -12.91
CA LEU G 262 32.48 -24.28 -11.85
C LEU G 262 31.46 -23.26 -12.40
N PHE G 263 31.60 -22.85 -13.66
CA PHE G 263 30.79 -21.80 -14.28
C PHE G 263 29.59 -22.41 -15.01
N GLN G 264 29.73 -23.62 -15.55
CA GLN G 264 28.64 -24.41 -16.12
C GLN G 264 28.68 -25.85 -15.57
N PRO G 265 28.22 -26.12 -14.32
CA PRO G 265 28.08 -27.48 -13.72
C PRO G 265 27.36 -28.54 -14.58
N SER G 266 26.58 -28.12 -15.58
CA SER G 266 26.03 -28.95 -16.65
C SER G 266 27.09 -29.74 -17.45
N PHE G 267 28.37 -29.32 -17.44
CA PHE G 267 29.54 -30.01 -18.01
C PHE G 267 29.94 -31.27 -17.22
N ILE G 268 29.29 -31.51 -16.06
CA ILE G 268 29.30 -32.74 -15.26
C ILE G 268 27.86 -33.22 -14.97
N GLY G 269 26.88 -32.66 -15.72
CA GLY G 269 25.46 -33.01 -15.70
C GLY G 269 24.69 -32.54 -14.46
N MET G 270 25.25 -31.65 -13.63
CA MET G 270 24.61 -31.18 -12.41
C MET G 270 23.77 -29.93 -12.74
N GLU G 271 22.50 -29.92 -12.30
CA GLU G 271 21.49 -28.88 -12.54
C GLU G 271 21.80 -27.52 -11.86
N SER G 272 22.79 -27.50 -10.95
CA SER G 272 23.27 -26.34 -10.22
C SER G 272 23.69 -25.17 -11.14
N ALA G 273 23.28 -23.96 -10.75
CA ALA G 273 23.75 -22.70 -11.32
C ALA G 273 25.23 -22.51 -10.96
N GLY G 274 25.99 -21.85 -11.85
CA GLY G 274 27.42 -21.59 -11.70
C GLY G 274 27.75 -20.65 -10.54
N ILE G 275 29.03 -20.64 -10.12
CA ILE G 275 29.54 -19.86 -8.98
C ILE G 275 29.25 -18.34 -9.07
N HIS G 276 29.19 -17.78 -10.27
CA HIS G 276 28.84 -16.38 -10.56
C HIS G 276 27.33 -16.14 -10.36
N GLU G 277 26.47 -17.00 -10.94
CA GLU G 277 25.00 -16.91 -10.88
C GLU G 277 24.53 -17.02 -9.42
N THR G 278 25.06 -18.00 -8.68
CA THR G 278 24.80 -18.20 -7.26
C THR G 278 25.26 -17.01 -6.39
N THR G 279 26.47 -16.47 -6.63
CA THR G 279 26.99 -15.29 -5.92
C THR G 279 26.15 -14.04 -6.21
N TYR G 280 25.79 -13.82 -7.49
CA TYR G 280 24.92 -12.71 -7.94
C TYR G 280 23.53 -12.80 -7.29
N ASN G 281 22.91 -13.99 -7.28
CA ASN G 281 21.62 -14.30 -6.67
C ASN G 281 21.61 -13.98 -5.16
N SER G 282 22.68 -14.31 -4.44
CA SER G 282 22.82 -14.04 -3.02
C SER G 282 22.90 -12.52 -2.71
N ILE G 283 23.67 -11.74 -3.49
CA ILE G 283 23.77 -10.28 -3.34
C ILE G 283 22.41 -9.63 -3.66
N MET G 284 21.75 -10.06 -4.74
CA MET G 284 20.48 -9.54 -5.28
C MET G 284 19.26 -9.58 -4.32
N LYS G 285 19.36 -10.26 -3.18
CA LYS G 285 18.35 -10.25 -2.13
C LYS G 285 18.87 -9.70 -0.79
N CYS G 286 20.09 -9.15 -0.76
CA CYS G 286 20.61 -8.32 0.33
C CYS G 286 20.19 -6.86 0.07
N ASP G 287 20.11 -6.05 1.14
CA ASP G 287 19.52 -4.72 1.20
C ASP G 287 20.13 -3.71 0.22
N ILE G 288 19.25 -2.89 -0.38
CA ILE G 288 19.53 -1.87 -1.38
C ILE G 288 20.58 -0.82 -0.99
N ASP G 289 20.86 -0.62 0.32
CA ASP G 289 21.85 0.35 0.80
C ASP G 289 23.24 -0.31 0.92
N ILE G 290 23.36 -1.63 1.04
CA ILE G 290 24.66 -2.31 1.21
C ILE G 290 25.15 -2.95 -0.09
N ARG G 291 24.26 -3.20 -1.08
CA ARG G 291 24.56 -3.89 -2.35
C ARG G 291 25.83 -3.39 -3.09
N LYS G 292 25.98 -2.07 -3.25
CA LYS G 292 27.14 -1.41 -3.85
C LYS G 292 28.49 -1.91 -3.31
N ASP G 293 28.65 -1.95 -1.98
CA ASP G 293 29.89 -2.35 -1.31
C ASP G 293 29.98 -3.86 -1.05
N LEU G 294 28.88 -4.62 -1.21
CA LEU G 294 28.92 -6.08 -1.34
C LEU G 294 29.49 -6.48 -2.72
N TYR G 295 29.06 -5.83 -3.80
CA TYR G 295 29.57 -6.04 -5.17
C TYR G 295 31.05 -5.65 -5.31
N ALA G 296 31.52 -4.73 -4.45
CA ALA G 296 32.92 -4.31 -4.35
C ALA G 296 33.75 -5.26 -3.46
N ASN G 297 33.15 -6.29 -2.85
CA ASN G 297 33.79 -7.18 -1.88
C ASN G 297 33.38 -8.64 -2.07
N ASN G 298 33.50 -9.16 -3.30
CA ASN G 298 33.41 -10.59 -3.60
C ASN G 298 34.79 -11.18 -3.27
N VAL G 299 34.91 -11.82 -2.12
CA VAL G 299 36.15 -12.37 -1.59
C VAL G 299 36.19 -13.86 -1.96
N MET G 300 37.22 -14.26 -2.69
CA MET G 300 37.54 -15.66 -2.92
C MET G 300 38.34 -16.16 -1.70
N SER G 301 37.63 -16.78 -0.76
CA SER G 301 38.19 -17.66 0.26
C SER G 301 38.28 -19.06 -0.39
N GLY G 302 38.99 -20.00 0.24
CA GLY G 302 38.90 -21.44 -0.02
C GLY G 302 40.18 -22.07 -0.56
N GLY G 303 40.16 -23.39 -0.70
CA GLY G 303 41.28 -24.21 -1.14
C GLY G 303 41.24 -24.53 -2.63
N THR G 304 40.04 -24.71 -3.21
CA THR G 304 39.88 -25.03 -4.62
C THR G 304 39.63 -23.75 -5.46
N THR G 305 39.45 -22.58 -4.82
CA THR G 305 39.45 -21.26 -5.45
C THR G 305 40.91 -20.74 -5.66
N MET G 306 41.95 -21.54 -5.41
CA MET G 306 43.35 -21.13 -5.52
C MET G 306 43.90 -21.25 -6.95
N TYR G 307 43.06 -21.66 -7.91
CA TYR G 307 43.33 -21.65 -9.35
C TYR G 307 43.58 -20.21 -9.85
N PRO G 308 44.66 -19.93 -10.64
CA PRO G 308 44.82 -18.66 -11.38
C PRO G 308 43.61 -18.35 -12.29
N GLY G 309 43.29 -17.07 -12.51
CA GLY G 309 42.22 -16.63 -13.41
C GLY G 309 40.82 -16.65 -12.79
N ILE G 310 40.67 -17.19 -11.57
CA ILE G 310 39.41 -17.37 -10.85
C ILE G 310 38.63 -16.06 -10.63
N ALA G 311 39.32 -14.99 -10.25
CA ALA G 311 38.71 -13.71 -9.88
C ALA G 311 38.40 -12.90 -11.14
N ASP G 312 39.37 -12.95 -12.05
CA ASP G 312 39.48 -12.37 -13.37
C ASP G 312 38.32 -12.84 -14.25
N ARG G 313 38.08 -14.15 -14.29
CA ARG G 313 36.93 -14.78 -14.93
C ARG G 313 35.62 -14.45 -14.21
N MET G 314 35.58 -14.54 -12.86
CA MET G 314 34.39 -14.22 -12.05
C MET G 314 33.87 -12.79 -12.28
N GLN G 315 34.78 -11.83 -12.55
CA GLN G 315 34.40 -10.46 -12.88
C GLN G 315 33.73 -10.38 -14.26
N LYS G 316 34.21 -11.14 -15.26
CA LYS G 316 33.60 -11.23 -16.60
C LYS G 316 32.18 -11.81 -16.50
N GLU G 317 32.07 -12.93 -15.79
CA GLU G 317 30.86 -13.72 -15.59
C GLU G 317 29.77 -12.92 -14.85
N ILE G 318 30.11 -12.15 -13.81
CA ILE G 318 29.14 -11.32 -13.08
C ILE G 318 28.85 -10.01 -13.85
N THR G 319 29.79 -9.42 -14.63
CA THR G 319 29.50 -8.22 -15.45
C THR G 319 28.72 -8.54 -16.74
N ALA G 320 28.44 -9.82 -17.03
CA ALA G 320 27.47 -10.26 -18.02
C ALA G 320 26.05 -10.40 -17.41
N LEU G 321 25.91 -10.23 -16.09
CA LEU G 321 24.65 -10.36 -15.36
C LEU G 321 24.25 -9.03 -14.71
N ALA G 322 25.19 -8.39 -14.00
CA ALA G 322 24.93 -7.25 -13.14
C ALA G 322 24.89 -5.92 -13.95
N PRO G 323 23.89 -5.03 -13.72
CA PRO G 323 23.79 -3.69 -14.32
C PRO G 323 25.08 -2.84 -14.28
N SER G 324 25.45 -2.25 -15.42
CA SER G 324 26.70 -1.52 -15.66
C SER G 324 26.96 -0.26 -14.80
N THR G 325 25.96 0.24 -14.05
CA THR G 325 26.15 1.29 -13.05
C THR G 325 26.94 0.74 -11.84
N MET G 326 26.82 -0.56 -11.52
CA MET G 326 27.60 -1.25 -10.49
C MET G 326 29.03 -1.51 -10.98
N LYS G 327 29.97 -1.52 -10.04
CA LYS G 327 31.41 -1.60 -10.27
C LYS G 327 31.91 -2.84 -9.53
N ILE G 328 31.74 -4.02 -10.17
CA ILE G 328 32.02 -5.33 -9.59
C ILE G 328 33.55 -5.49 -9.40
N LYS G 329 34.00 -5.66 -8.16
CA LYS G 329 35.37 -6.08 -7.84
C LYS G 329 35.27 -7.54 -7.38
N ILE G 330 36.23 -8.37 -7.79
CA ILE G 330 36.49 -9.69 -7.21
C ILE G 330 37.88 -9.61 -6.58
N ILE G 331 37.97 -9.96 -5.29
CA ILE G 331 39.14 -9.88 -4.44
C ILE G 331 39.59 -11.33 -4.22
N ALA G 332 40.88 -11.62 -4.40
CA ALA G 332 41.46 -12.94 -4.21
C ALA G 332 42.88 -12.81 -3.64
N PRO G 333 43.06 -12.69 -2.30
CA PRO G 333 44.39 -12.58 -1.68
C PRO G 333 45.24 -13.87 -1.90
N PRO G 334 46.58 -13.82 -1.76
CA PRO G 334 47.46 -15.00 -1.87
C PRO G 334 47.05 -16.14 -0.91
N GLU G 335 46.83 -15.77 0.35
CA GLU G 335 46.28 -16.61 1.38
C GLU G 335 44.76 -16.51 1.28
N ARG G 336 44.11 -17.66 1.37
CA ARG G 336 42.67 -17.83 1.29
C ARG G 336 42.20 -19.15 1.91
N LYS G 337 43.11 -20.01 2.41
CA LYS G 337 42.78 -21.33 2.93
C LYS G 337 43.19 -21.53 4.39
N TYR G 338 44.24 -20.84 4.87
CA TYR G 338 44.64 -20.84 6.28
C TYR G 338 44.47 -19.43 6.87
N SER G 339 43.83 -18.53 6.11
CA SER G 339 43.50 -17.14 6.42
C SER G 339 42.65 -17.03 7.70
N VAL G 340 41.67 -17.94 7.82
CA VAL G 340 40.91 -18.28 9.01
C VAL G 340 41.80 -18.58 10.21
N TRP G 341 42.75 -19.49 10.00
CA TRP G 341 43.58 -20.13 11.01
C TRP G 341 44.63 -19.13 11.52
N ILE G 342 45.35 -18.45 10.61
CA ILE G 342 46.35 -17.43 10.93
C ILE G 342 45.64 -16.22 11.58
N GLY G 343 44.43 -15.89 11.11
CA GLY G 343 43.50 -14.94 11.72
C GLY G 343 43.18 -15.27 13.19
N GLY G 344 42.92 -16.55 13.47
CA GLY G 344 42.71 -17.09 14.81
C GLY G 344 43.97 -17.00 15.69
N SER G 345 45.15 -17.26 15.14
CA SER G 345 46.45 -17.17 15.82
C SER G 345 46.76 -15.73 16.27
N ILE G 346 46.41 -14.72 15.44
CA ILE G 346 46.55 -13.30 15.73
C ILE G 346 45.55 -12.85 16.82
N LEU G 347 44.30 -13.33 16.73
CA LEU G 347 43.18 -12.89 17.56
C LEU G 347 43.27 -13.38 19.02
N ALA G 348 43.79 -14.60 19.23
CA ALA G 348 43.77 -15.38 20.47
C ALA G 348 43.94 -14.61 21.80
N SER G 349 45.08 -13.92 21.93
CA SER G 349 45.58 -13.32 23.18
C SER G 349 44.94 -11.96 23.51
N LEU G 350 44.08 -11.42 22.64
CA LEU G 350 43.31 -10.21 22.87
C LEU G 350 42.09 -10.59 23.72
N SER G 351 41.77 -9.80 24.75
CA SER G 351 40.93 -10.21 25.87
C SER G 351 39.98 -9.09 26.35
N THR G 352 39.24 -8.48 25.42
CA THR G 352 38.39 -7.32 25.68
C THR G 352 37.03 -7.71 26.29
N PHE G 353 36.33 -8.72 25.75
CA PHE G 353 34.98 -9.10 26.16
C PHE G 353 34.89 -10.62 26.38
N GLN G 354 34.37 -11.03 27.55
CA GLN G 354 34.14 -12.42 27.94
C GLN G 354 32.91 -13.04 27.25
N GLN G 355 32.29 -12.33 26.29
CA GLN G 355 30.96 -12.64 25.79
C GLN G 355 30.98 -13.72 24.70
N MET G 356 32.14 -14.06 24.12
CA MET G 356 32.29 -15.09 23.07
C MET G 356 33.08 -16.32 23.56
N TRP G 357 33.92 -16.14 24.60
CA TRP G 357 34.79 -17.17 25.16
C TRP G 357 33.98 -17.98 26.17
N ILE G 358 33.85 -19.30 25.96
CA ILE G 358 33.12 -20.24 26.81
C ILE G 358 34.16 -20.89 27.75
N THR G 359 34.01 -20.74 29.06
CA THR G 359 34.82 -21.46 30.05
C THR G 359 34.03 -22.68 30.55
N LYS G 360 34.73 -23.73 31.02
CA LYS G 360 34.15 -24.93 31.63
C LYS G 360 33.20 -24.62 32.81
N GLN G 361 33.51 -23.57 33.59
CA GLN G 361 32.71 -23.14 34.74
C GLN G 361 31.31 -22.62 34.35
N GLU G 362 31.14 -22.11 33.12
CA GLU G 362 29.86 -21.69 32.58
C GLU G 362 29.12 -22.86 31.92
N TYR G 363 29.84 -23.90 31.46
CA TYR G 363 29.28 -25.15 30.96
C TYR G 363 28.68 -25.94 32.14
N ASP G 364 29.36 -25.94 33.30
CA ASP G 364 28.92 -26.53 34.56
C ASP G 364 27.83 -25.69 35.27
N GLU G 365 27.04 -24.94 34.49
CA GLU G 365 25.80 -24.27 34.85
C GLU G 365 24.82 -24.41 33.68
N ALA G 366 25.21 -23.87 32.52
CA ALA G 366 24.35 -23.73 31.35
C ALA G 366 24.32 -24.97 30.44
N GLY G 367 25.17 -25.96 30.70
CA GLY G 367 25.35 -27.16 29.89
C GLY G 367 25.86 -26.87 28.47
N PRO G 368 25.69 -27.83 27.53
CA PRO G 368 25.97 -27.67 26.09
C PRO G 368 25.45 -26.37 25.44
N SER G 369 24.30 -25.87 25.90
CA SER G 369 23.58 -24.73 25.38
C SER G 369 24.23 -23.37 25.69
N ILE G 370 25.37 -23.34 26.42
CA ILE G 370 26.26 -22.18 26.61
C ILE G 370 26.67 -21.51 25.28
N VAL G 371 26.83 -22.33 24.24
CA VAL G 371 27.19 -21.96 22.87
C VAL G 371 26.11 -21.08 22.18
N HIS G 372 24.87 -21.05 22.71
CA HIS G 372 23.80 -20.16 22.24
C HIS G 372 23.78 -18.87 23.06
N ARG G 373 24.15 -18.90 24.35
CA ARG G 373 24.21 -17.69 25.19
C ARG G 373 25.32 -16.76 24.68
N LYS G 374 26.48 -17.32 24.34
CA LYS G 374 27.67 -16.60 23.90
C LYS G 374 27.56 -16.05 22.46
N CYS G 375 26.45 -16.33 21.74
CA CYS G 375 26.11 -15.66 20.48
C CYS G 375 25.67 -14.20 20.71
N PHE G 376 25.39 -13.83 21.98
CA PHE G 376 25.02 -12.50 22.43
C PHE G 376 26.14 -11.98 23.36
N NH2 G 377 27.36 -12.49 23.21
HN1 NH2 G 377 28.08 -12.22 23.83
HN2 NH2 G 377 27.54 -13.19 22.50
C ACE H 1 14.07 -49.81 -54.61
O ACE H 1 13.84 -49.48 -55.95
CH3 ACE H 1 12.71 -49.85 -53.90
H1 ACE H 1 12.03 -50.55 -54.38
H2 ACE H 1 12.25 -48.87 -53.92
H3 ACE H 1 12.81 -50.14 -52.86
N ASP H 2 14.66 -51.13 -54.70
CA ASP H 2 15.90 -51.35 -53.92
C ASP H 2 16.59 -52.56 -54.57
N GLU H 3 17.46 -52.29 -55.54
CA GLU H 3 18.13 -53.27 -56.42
C GLU H 3 19.53 -53.62 -55.84
N ASP H 4 20.56 -53.82 -56.67
CA ASP H 4 21.97 -54.01 -56.25
C ASP H 4 22.55 -52.68 -55.72
N GLU H 5 22.11 -52.27 -54.53
CA GLU H 5 22.70 -51.20 -53.71
C GLU H 5 23.91 -51.81 -52.95
N THR H 6 24.74 -50.94 -52.42
CA THR H 6 25.93 -51.22 -51.64
C THR H 6 25.54 -51.95 -50.33
N THR H 7 26.13 -53.13 -50.10
CA THR H 7 25.90 -53.98 -48.94
C THR H 7 26.73 -53.47 -47.75
N ALA H 8 26.48 -52.20 -47.37
CA ALA H 8 27.22 -51.32 -46.46
C ALA H 8 27.93 -51.99 -45.28
N LEU H 9 29.19 -51.59 -45.06
CA LEU H 9 30.12 -52.28 -44.19
C LEU H 9 29.90 -51.78 -42.76
N VAL H 10 29.35 -52.63 -41.90
CA VAL H 10 29.12 -52.33 -40.50
C VAL H 10 30.32 -52.93 -39.74
N CYS H 11 30.95 -52.16 -38.85
CA CYS H 11 32.09 -52.56 -38.05
C CYS H 11 31.90 -52.04 -36.62
N ASP H 12 32.21 -52.88 -35.62
CA ASP H 12 32.18 -52.55 -34.20
C ASP H 12 33.53 -52.84 -33.52
N ASN H 13 33.91 -51.95 -32.60
CA ASN H 13 35.13 -51.90 -31.82
C ASN H 13 34.88 -50.97 -30.63
N GLY H 14 35.51 -51.20 -29.48
CA GLY H 14 35.34 -50.35 -28.28
C GLY H 14 35.79 -51.03 -26.99
N SER H 15 36.13 -52.32 -27.13
CA SER H 15 37.17 -53.03 -26.42
C SER H 15 37.72 -53.98 -27.51
N GLY H 16 38.78 -54.75 -27.23
CA GLY H 16 39.60 -55.46 -28.21
C GLY H 16 38.98 -56.68 -28.90
N LEU H 17 37.65 -56.76 -29.01
CA LEU H 17 36.91 -57.73 -29.79
C LEU H 17 36.28 -56.97 -30.98
N VAL H 18 36.92 -57.09 -32.14
CA VAL H 18 36.52 -56.52 -33.42
C VAL H 18 35.39 -57.38 -34.00
N LYS H 19 34.42 -56.76 -34.68
CA LYS H 19 33.25 -57.40 -35.27
C LYS H 19 33.00 -56.65 -36.58
N ALA H 20 32.88 -57.34 -37.71
CA ALA H 20 32.63 -56.75 -39.02
C ALA H 20 31.87 -57.69 -39.95
N GLY H 21 31.22 -57.12 -40.97
CA GLY H 21 30.43 -57.82 -41.97
C GLY H 21 29.72 -56.81 -42.89
N PHE H 22 28.69 -57.28 -43.58
CA PHE H 22 27.93 -56.56 -44.60
C PHE H 22 26.48 -56.37 -44.09
N ALA H 23 25.83 -55.28 -44.49
CA ALA H 23 24.45 -54.93 -44.15
C ALA H 23 23.42 -56.03 -44.50
N GLY H 24 22.58 -56.39 -43.54
CA GLY H 24 21.47 -57.33 -43.67
C GLY H 24 21.83 -58.78 -43.30
N ASP H 25 23.13 -59.10 -43.18
CA ASP H 25 23.65 -60.41 -42.81
C ASP H 25 24.03 -60.32 -41.34
N ASP H 26 23.33 -61.05 -40.46
CA ASP H 26 23.44 -60.95 -39.00
C ASP H 26 24.69 -61.66 -38.45
N ALA H 27 25.41 -62.44 -39.27
CA ALA H 27 26.65 -63.10 -38.89
C ALA H 27 27.83 -62.13 -39.14
N PRO H 28 28.77 -61.96 -38.20
CA PRO H 28 30.02 -61.25 -38.49
C PRO H 28 30.88 -62.15 -39.39
N ARG H 29 31.33 -61.60 -40.52
CA ARG H 29 32.15 -62.26 -41.52
C ARG H 29 33.64 -61.97 -41.28
N ALA H 30 33.96 -61.08 -40.34
CA ALA H 30 35.25 -60.94 -39.73
C ALA H 30 35.02 -60.69 -38.24
N VAL H 31 35.65 -61.50 -37.40
CA VAL H 31 35.68 -61.39 -35.96
C VAL H 31 37.02 -61.98 -35.54
N PHE H 32 37.82 -61.22 -34.80
CA PHE H 32 39.18 -61.54 -34.38
C PHE H 32 39.52 -60.66 -33.17
N PRO H 33 40.51 -61.06 -32.33
CA PRO H 33 41.00 -60.19 -31.26
C PRO H 33 41.86 -59.07 -31.87
N SER H 34 41.77 -57.85 -31.32
CA SER H 34 42.44 -56.65 -31.82
C SER H 34 43.95 -56.62 -31.46
N ILE H 35 44.63 -57.77 -31.46
CA ILE H 35 46.05 -57.90 -31.19
C ILE H 35 46.85 -57.40 -32.41
N VAL H 36 47.89 -56.61 -32.16
CA VAL H 36 48.84 -56.11 -33.14
C VAL H 36 50.23 -56.46 -32.60
N GLY H 37 50.95 -57.31 -33.33
CA GLY H 37 52.29 -57.77 -32.99
C GLY H 37 53.29 -56.97 -33.81
N ARG H 38 53.97 -56.03 -33.14
CA ARG H 38 55.06 -55.24 -33.70
C ARG H 38 56.34 -56.07 -33.54
N PRO H 39 57.21 -56.21 -34.57
CA PRO H 39 58.51 -56.89 -34.47
C PRO H 39 59.41 -56.33 -33.35
N ARG H 40 60.29 -57.17 -32.77
CA ARG H 40 61.24 -56.73 -31.74
C ARG H 40 62.43 -55.98 -32.37
N HIS H 41 62.97 -56.46 -33.50
CA HIS H 41 64.27 -56.00 -34.01
C HIS H 41 64.52 -56.24 -35.51
N GLN H 42 63.46 -56.46 -36.31
CA GLN H 42 63.57 -56.97 -37.69
C GLN H 42 62.32 -56.59 -38.49
N GLY H 43 62.45 -56.52 -39.83
CA GLY H 43 61.33 -56.29 -40.74
C GLY H 43 61.37 -57.17 -42.00
N VAL H 44 62.38 -58.05 -42.14
CA VAL H 44 62.69 -58.75 -43.39
C VAL H 44 61.92 -60.08 -43.57
N MET H 45 61.29 -60.59 -42.50
CA MET H 45 60.66 -61.91 -42.45
C MET H 45 59.27 -61.95 -43.13
N VAL H 46 58.70 -60.78 -43.46
CA VAL H 46 57.37 -60.53 -44.01
C VAL H 46 57.14 -61.13 -45.41
N GLY H 47 55.98 -60.84 -46.01
CA GLY H 47 55.68 -61.07 -47.43
C GLY H 47 55.71 -59.74 -48.18
N MET H 48 54.92 -59.61 -49.24
CA MET H 48 54.67 -58.33 -49.93
C MET H 48 53.66 -57.57 -49.06
N GLY H 49 54.10 -56.52 -48.35
CA GLY H 49 53.36 -55.86 -47.28
C GLY H 49 52.91 -54.44 -47.62
N GLN H 50 52.01 -53.89 -46.80
CA GLN H 50 51.53 -52.51 -46.81
C GLN H 50 51.26 -52.03 -45.37
N LYS H 51 51.86 -52.69 -44.38
CA LYS H 51 51.92 -52.27 -42.98
C LYS H 51 53.18 -52.90 -42.36
N ASP H 52 53.76 -52.25 -41.33
CA ASP H 52 55.02 -52.63 -40.68
C ASP H 52 54.89 -53.87 -39.79
N SER H 53 53.67 -54.22 -39.37
CA SER H 53 53.43 -55.14 -38.28
C SER H 53 52.26 -56.09 -38.57
N TYR H 54 52.33 -57.29 -37.98
CA TYR H 54 51.36 -58.37 -38.08
C TYR H 54 50.19 -58.08 -37.12
N VAL H 55 48.95 -58.38 -37.52
CA VAL H 55 47.75 -58.14 -36.71
C VAL H 55 46.88 -59.39 -36.68
N GLY H 56 46.08 -59.53 -35.62
CA GLY H 56 45.06 -60.57 -35.45
C GLY H 56 45.67 -61.97 -35.53
N ASP H 57 45.18 -62.71 -36.52
CA ASP H 57 45.56 -64.05 -36.99
C ASP H 57 47.08 -64.19 -37.13
N GLU H 58 47.73 -63.18 -37.74
CA GLU H 58 49.16 -63.15 -38.01
C GLU H 58 49.98 -62.97 -36.73
N ALA H 59 49.47 -62.25 -35.71
CA ALA H 59 50.22 -61.98 -34.48
C ALA H 59 50.46 -63.25 -33.65
N GLN H 60 49.46 -64.15 -33.64
CA GLN H 60 49.50 -65.43 -32.95
C GLN H 60 50.26 -66.50 -33.74
N SER H 61 50.36 -66.34 -35.07
CA SER H 61 51.03 -67.23 -36.00
C SER H 61 52.55 -66.96 -36.03
N LYS H 62 52.99 -65.72 -35.78
CA LYS H 62 54.37 -65.26 -36.03
C LYS H 62 55.06 -64.84 -34.71
N ARG H 63 54.74 -65.55 -33.63
CA ARG H 63 55.17 -65.39 -32.23
C ARG H 63 56.71 -65.36 -31.98
N GLY H 64 57.12 -65.16 -30.71
CA GLY H 64 58.50 -65.06 -30.26
C GLY H 64 59.16 -63.72 -30.62
N ILE H 65 59.27 -63.43 -31.92
CA ILE H 65 60.00 -62.30 -32.50
C ILE H 65 59.24 -60.95 -32.38
N LEU H 66 58.02 -60.94 -31.83
CA LEU H 66 57.16 -59.76 -31.74
C LEU H 66 57.06 -59.26 -30.29
N THR H 67 56.46 -58.08 -30.15
CA THR H 67 55.98 -57.40 -28.95
C THR H 67 54.57 -56.86 -29.29
N LEU H 68 53.63 -56.93 -28.35
CA LEU H 68 52.20 -56.85 -28.62
C LEU H 68 51.62 -55.50 -28.16
N LYS H 69 50.69 -54.94 -28.95
CA LYS H 69 49.85 -53.80 -28.66
C LYS H 69 48.39 -54.16 -28.93
N TYR H 70 47.46 -53.46 -28.27
CA TYR H 70 46.02 -53.52 -28.51
C TYR H 70 45.58 -52.05 -28.71
N PRO H 71 45.20 -51.61 -29.93
CA PRO H 71 45.05 -50.19 -30.25
C PRO H 71 43.77 -49.51 -29.74
N ILE H 72 42.76 -50.24 -29.25
CA ILE H 72 41.46 -49.71 -28.79
C ILE H 72 40.92 -50.47 -27.58
N GLU H 73 41.80 -51.07 -26.75
CA GLU H 73 41.39 -51.98 -25.67
C GLU H 73 40.51 -51.32 -24.59
N HIS H 74 40.80 -50.06 -24.24
CA HIS H 74 40.11 -49.27 -23.22
C HIS H 74 38.91 -48.49 -23.79
N GLY H 75 38.62 -48.66 -25.08
CA GLY H 75 37.62 -47.92 -25.84
C GLY H 75 38.18 -46.63 -26.42
N ILE H 76 39.16 -46.03 -25.74
CA ILE H 76 40.01 -44.95 -26.24
C ILE H 76 41.02 -45.59 -27.20
N ILE H 77 41.26 -44.95 -28.35
CA ILE H 77 42.23 -45.42 -29.33
C ILE H 77 43.60 -44.91 -28.86
N THR H 78 44.49 -45.83 -28.50
CA THR H 78 45.79 -45.56 -27.88
C THR H 78 46.91 -45.43 -28.94
N ASN H 79 46.69 -45.93 -30.15
CA ASN H 79 47.60 -45.82 -31.29
C ASN H 79 46.79 -45.98 -32.58
N TRP H 80 46.85 -44.96 -33.44
CA TRP H 80 46.11 -44.86 -34.69
C TRP H 80 46.78 -45.67 -35.82
N ASP H 81 48.13 -45.70 -35.86
CA ASP H 81 48.89 -46.39 -36.92
C ASP H 81 48.70 -47.91 -36.82
N ASP H 82 48.34 -48.47 -35.65
CA ASP H 82 47.96 -49.86 -35.46
C ASP H 82 46.45 -50.08 -35.53
N MET H 83 45.61 -49.08 -35.20
CA MET H 83 44.15 -49.19 -35.34
C MET H 83 43.75 -49.27 -36.82
N GLU H 84 44.46 -48.54 -37.69
CA GLU H 84 44.32 -48.60 -39.14
C GLU H 84 44.65 -50.00 -39.68
N LYS H 85 45.64 -50.69 -39.11
CA LYS H 85 46.05 -52.02 -39.54
C LYS H 85 44.97 -53.08 -39.31
N ILE H 86 44.14 -52.90 -38.27
CA ILE H 86 43.00 -53.75 -37.93
C ILE H 86 41.90 -53.58 -39.00
N TRP H 87 41.53 -52.33 -39.33
CA TRP H 87 40.55 -52.00 -40.37
C TRP H 87 41.03 -52.46 -41.78
N HIS H 88 42.30 -52.24 -42.09
CA HIS H 88 42.98 -52.66 -43.33
C HIS H 88 42.98 -54.19 -43.51
N HIS H 89 43.18 -54.94 -42.42
CA HIS H 89 43.14 -56.40 -42.42
C HIS H 89 41.69 -56.91 -42.54
N THR H 90 40.73 -56.23 -41.89
CA THR H 90 39.31 -56.53 -41.95
C THR H 90 38.81 -56.46 -43.42
N PHE H 91 38.91 -55.29 -44.06
CA PHE H 91 38.41 -55.03 -45.40
C PHE H 91 39.07 -55.91 -46.46
N TYR H 92 40.39 -55.81 -46.60
CA TYR H 92 41.12 -56.30 -47.76
C TYR H 92 41.60 -57.76 -47.60
N ASN H 93 41.19 -58.46 -46.54
CA ASN H 93 41.68 -59.81 -46.25
C ASN H 93 40.65 -60.75 -45.61
N GLU H 94 39.90 -60.29 -44.61
CA GLU H 94 39.03 -61.17 -43.83
C GLU H 94 37.56 -61.03 -44.25
N LEU H 95 37.10 -59.83 -44.63
CA LEU H 95 35.88 -59.66 -45.41
C LEU H 95 36.18 -59.89 -46.90
N ARG H 96 37.44 -59.65 -47.31
CA ARG H 96 38.06 -59.85 -48.61
C ARG H 96 37.30 -59.11 -49.74
N VAL H 97 37.11 -57.81 -49.55
CA VAL H 97 36.50 -56.85 -50.47
C VAL H 97 37.39 -55.61 -50.54
N ALA H 98 36.89 -54.51 -51.10
CA ALA H 98 37.53 -53.22 -51.22
C ALA H 98 36.46 -52.16 -50.83
N PRO H 99 36.70 -51.25 -49.86
CA PRO H 99 35.68 -50.35 -49.32
C PRO H 99 35.44 -49.05 -50.12
N GLU H 100 36.21 -48.76 -51.18
CA GLU H 100 36.28 -47.47 -51.88
C GLU H 100 34.95 -47.03 -52.55
N GLU H 101 34.01 -47.98 -52.74
CA GLU H 101 32.66 -47.75 -53.25
C GLU H 101 31.58 -48.13 -52.20
N HIS H 102 31.96 -48.53 -50.97
CA HIS H 102 31.02 -49.04 -49.96
C HIS H 102 30.92 -48.09 -48.76
N PRO H 103 29.72 -47.56 -48.43
CA PRO H 103 29.46 -46.84 -47.17
C PRO H 103 29.86 -47.67 -45.93
N THR H 104 30.55 -47.05 -44.96
CA THR H 104 31.04 -47.73 -43.77
C THR H 104 30.40 -47.09 -42.51
N LEU H 105 29.74 -47.92 -41.70
CA LEU H 105 29.18 -47.58 -40.40
C LEU H 105 30.19 -48.14 -39.37
N LEU H 106 30.88 -47.25 -38.68
CA LEU H 106 31.82 -47.59 -37.60
C LEU H 106 31.15 -47.15 -36.28
N THR H 107 31.32 -47.93 -35.20
CA THR H 107 30.80 -47.53 -33.89
C THR H 107 31.74 -46.52 -33.19
N GLU H 108 31.12 -45.57 -32.49
CA GLU H 108 31.73 -44.75 -31.46
C GLU H 108 31.74 -45.59 -30.18
N ALA H 109 32.95 -45.84 -29.67
CA ALA H 109 33.21 -46.58 -28.45
C ALA H 109 33.04 -45.65 -27.23
N PRO H 110 32.46 -46.11 -26.10
CA PRO H 110 32.29 -45.36 -24.85
C PRO H 110 33.56 -44.64 -24.35
N LEU H 111 33.38 -43.45 -23.77
CA LEU H 111 34.37 -42.61 -23.09
C LEU H 111 35.22 -41.72 -24.02
N ASN H 112 35.06 -41.82 -25.35
CA ASN H 112 35.85 -41.02 -26.31
C ASN H 112 35.37 -39.57 -26.42
N PRO H 113 36.26 -38.61 -26.71
CA PRO H 113 35.87 -37.26 -27.12
C PRO H 113 35.36 -37.26 -28.57
N LYS H 114 34.56 -36.24 -28.91
CA LYS H 114 34.16 -35.96 -30.30
C LYS H 114 35.36 -35.76 -31.25
N ALA H 115 36.50 -35.30 -30.71
CA ALA H 115 37.76 -35.09 -31.40
C ALA H 115 38.37 -36.38 -31.97
N ASN H 116 38.06 -37.57 -31.41
CA ASN H 116 38.56 -38.86 -31.90
C ASN H 116 37.79 -39.32 -33.14
N ARG H 117 36.54 -38.84 -33.33
CA ARG H 117 35.70 -39.11 -34.49
C ARG H 117 36.34 -38.59 -35.78
N GLU H 118 36.96 -37.40 -35.70
CA GLU H 118 37.60 -36.72 -36.81
C GLU H 118 38.74 -37.56 -37.39
N LYS H 119 39.49 -38.22 -36.51
CA LYS H 119 40.69 -38.96 -36.87
C LYS H 119 40.27 -40.34 -37.45
N MET H 120 39.14 -40.91 -36.99
CA MET H 120 38.44 -42.04 -37.62
C MET H 120 37.91 -41.64 -39.02
N THR H 121 37.27 -40.46 -39.12
CA THR H 121 36.69 -39.91 -40.34
C THR H 121 37.78 -39.67 -41.41
N GLN H 122 38.91 -39.06 -41.03
CA GLN H 122 40.13 -38.88 -41.84
C GLN H 122 40.62 -40.21 -42.45
N ILE H 123 40.94 -41.21 -41.62
CA ILE H 123 41.42 -42.52 -42.05
C ILE H 123 40.41 -43.22 -43.01
N MET H 124 39.11 -43.19 -42.69
CA MET H 124 38.08 -43.78 -43.53
C MET H 124 37.99 -43.14 -44.92
N PHE H 125 37.98 -41.80 -44.98
CA PHE H 125 37.85 -41.06 -46.24
C PHE H 125 39.17 -40.92 -47.00
N GLU H 126 40.35 -40.95 -46.34
CA GLU H 126 41.62 -40.51 -46.90
C GLU H 126 42.81 -41.47 -46.68
N THR H 127 42.63 -42.60 -45.98
CA THR H 127 43.47 -43.80 -46.18
C THR H 127 42.68 -44.74 -47.12
N PHE H 128 41.44 -45.10 -46.72
CA PHE H 128 40.69 -46.19 -47.35
C PHE H 128 39.72 -45.72 -48.45
N ASN H 129 39.49 -44.41 -48.57
CA ASN H 129 38.68 -43.78 -49.63
C ASN H 129 37.20 -44.19 -49.65
N VAL H 130 36.63 -44.50 -48.47
CA VAL H 130 35.20 -44.75 -48.25
C VAL H 130 34.36 -43.55 -48.77
N PRO H 131 33.30 -43.74 -49.57
CA PRO H 131 32.54 -42.62 -50.15
C PRO H 131 31.54 -41.97 -49.18
N ALA H 132 31.07 -42.74 -48.18
CA ALA H 132 30.07 -42.34 -47.18
C ALA H 132 30.37 -42.97 -45.82
N MET H 133 30.33 -42.17 -44.75
CA MET H 133 30.77 -42.56 -43.41
C MET H 133 29.75 -42.13 -42.36
N TYR H 134 29.52 -42.97 -41.34
CA TYR H 134 28.64 -42.74 -40.21
C TYR H 134 29.27 -43.31 -38.94
N VAL H 135 29.17 -42.53 -37.86
CA VAL H 135 29.60 -42.83 -36.50
C VAL H 135 28.33 -43.01 -35.65
N ALA H 136 27.99 -44.27 -35.33
CA ALA H 136 26.84 -44.65 -34.50
C ALA H 136 27.32 -45.04 -33.09
N ILE H 137 26.49 -44.93 -32.06
CA ILE H 137 26.88 -45.21 -30.67
C ILE H 137 26.70 -46.72 -30.39
N GLN H 138 27.78 -47.40 -29.98
CA GLN H 138 27.88 -48.83 -29.66
C GLN H 138 26.73 -49.38 -28.79
N ALA H 139 26.55 -48.78 -27.61
CA ALA H 139 25.60 -49.22 -26.60
C ALA H 139 24.13 -49.00 -27.01
N VAL H 140 23.83 -47.94 -27.77
CA VAL H 140 22.48 -47.60 -28.21
C VAL H 140 21.97 -48.65 -29.23
N LEU H 141 22.85 -49.18 -30.09
CA LEU H 141 22.54 -50.27 -31.02
C LEU H 141 22.26 -51.58 -30.27
N SER H 142 22.98 -51.85 -29.17
CA SER H 142 22.70 -52.97 -28.25
C SER H 142 21.35 -52.77 -27.54
N LEU H 143 21.05 -51.54 -27.08
CA LEU H 143 19.79 -51.17 -26.41
C LEU H 143 18.58 -51.29 -27.35
N TYR H 144 18.69 -50.87 -28.62
CA TYR H 144 17.66 -51.03 -29.63
C TYR H 144 17.49 -52.52 -30.04
N ALA H 145 18.57 -53.31 -30.04
CA ALA H 145 18.50 -54.77 -30.27
C ALA H 145 17.90 -55.51 -29.07
N SER H 146 18.12 -55.01 -27.84
CA SER H 146 17.45 -55.43 -26.61
C SER H 146 15.95 -55.03 -26.62
N GLY H 147 15.58 -54.04 -27.45
CA GLY H 147 14.22 -53.59 -27.67
C GLY H 147 13.79 -52.55 -26.64
N ARG H 148 14.72 -51.72 -26.18
CA ARG H 148 14.48 -50.56 -25.30
C ARG H 148 14.88 -49.30 -26.05
N THR H 149 14.57 -48.15 -25.46
CA THR H 149 15.06 -46.83 -25.81
C THR H 149 15.71 -46.15 -24.58
N THR H 150 15.35 -46.56 -23.36
CA THR H 150 15.87 -46.07 -22.08
C THR H 150 16.29 -47.31 -21.25
N GLY H 151 17.43 -47.28 -20.55
CA GLY H 151 17.94 -48.38 -19.75
C GLY H 151 19.43 -48.18 -19.41
N ILE H 152 20.13 -49.26 -19.04
CA ILE H 152 21.57 -49.25 -18.76
C ILE H 152 22.26 -50.46 -19.40
N VAL H 153 23.07 -50.19 -20.43
CA VAL H 153 23.85 -51.18 -21.15
C VAL H 153 25.15 -51.40 -20.37
N LEU H 154 25.41 -52.66 -20.05
CA LEU H 154 26.67 -53.20 -19.56
C LEU H 154 27.24 -54.02 -20.73
N ASP H 155 28.49 -53.75 -21.11
CA ASP H 155 29.31 -54.60 -21.97
C ASP H 155 30.63 -54.82 -21.24
N SER H 156 31.05 -56.09 -21.11
CA SER H 156 32.33 -56.50 -20.55
C SER H 156 33.16 -57.03 -21.72
N GLY H 157 34.22 -56.30 -22.04
CA GLY H 157 35.00 -56.40 -23.26
C GLY H 157 36.14 -57.40 -23.18
N ASP H 158 37.36 -56.99 -23.56
CA ASP H 158 38.60 -57.77 -23.50
C ASP H 158 39.43 -57.29 -22.29
N GLY H 159 39.58 -55.98 -22.12
CA GLY H 159 40.44 -55.36 -21.11
C GLY H 159 39.69 -54.44 -20.14
N VAL H 160 38.47 -54.03 -20.47
CA VAL H 160 37.64 -53.12 -19.70
C VAL H 160 36.18 -53.59 -19.71
N THR H 161 35.39 -53.15 -18.73
CA THR H 161 33.95 -53.28 -18.68
C THR H 161 33.37 -51.86 -18.58
N HIS H 162 32.42 -51.53 -19.46
CA HIS H 162 31.77 -50.22 -19.56
C HIS H 162 30.33 -50.35 -19.04
N ASN H 163 29.87 -49.39 -18.22
CA ASN H 163 28.46 -49.15 -17.93
C ASN H 163 28.04 -47.87 -18.66
N VAL H 164 27.04 -47.95 -19.54
CA VAL H 164 26.50 -46.84 -20.33
C VAL H 164 24.99 -46.71 -20.06
N PRO H 165 24.55 -45.84 -19.10
CA PRO H 165 23.12 -45.53 -18.90
C PRO H 165 22.61 -44.60 -20.01
N ILE H 166 21.41 -44.88 -20.52
CA ILE H 166 20.80 -44.25 -21.69
C ILE H 166 19.34 -43.87 -21.38
N TYR H 167 18.92 -42.70 -21.89
CA TYR H 167 17.56 -42.17 -21.86
C TYR H 167 17.21 -41.80 -23.30
N GLU H 168 16.24 -42.51 -23.89
CA GLU H 168 15.67 -42.32 -25.23
C GLU H 168 16.71 -42.29 -26.37
N GLY H 169 17.67 -43.20 -26.27
CA GLY H 169 18.77 -43.39 -27.22
C GLY H 169 19.97 -42.47 -26.96
N TYR H 170 19.87 -41.55 -26.00
CA TYR H 170 20.90 -40.59 -25.65
C TYR H 170 21.54 -41.08 -24.35
N ALA H 171 22.88 -41.28 -24.35
CA ALA H 171 23.63 -41.69 -23.18
C ALA H 171 23.73 -40.52 -22.19
N LEU H 172 23.54 -40.80 -20.89
CA LEU H 172 23.65 -39.83 -19.79
C LEU H 172 25.13 -39.78 -19.38
N PRO H 173 25.92 -38.76 -19.77
CA PRO H 173 27.39 -38.82 -19.71
C PRO H 173 27.96 -38.72 -18.30
N HIS H 174 27.22 -38.01 -17.43
CA HIS H 174 27.44 -37.82 -16.00
C HIS H 174 27.32 -39.10 -15.16
N ALA H 175 26.87 -40.20 -15.76
CA ALA H 175 26.66 -41.49 -15.11
C ALA H 175 27.42 -42.64 -15.79
N ILE H 176 28.19 -42.39 -16.86
CA ILE H 176 29.02 -43.42 -17.51
C ILE H 176 30.22 -43.73 -16.60
N MET H 177 30.46 -45.02 -16.36
CA MET H 177 31.52 -45.56 -15.51
C MET H 177 32.21 -46.70 -16.26
N ARG H 178 33.48 -46.94 -15.96
CA ARG H 178 34.28 -48.00 -16.54
C ARG H 178 35.07 -48.63 -15.40
N LEU H 179 35.12 -49.96 -15.36
CA LEU H 179 35.97 -50.75 -14.49
C LEU H 179 36.95 -51.41 -15.45
N ASP H 180 38.24 -51.12 -15.33
CA ASP H 180 39.26 -51.54 -16.29
C ASP H 180 39.76 -52.97 -15.96
N LEU H 181 38.80 -53.89 -15.94
CA LEU H 181 38.95 -55.33 -15.86
C LEU H 181 37.91 -55.96 -16.79
N ALA H 182 38.33 -57.00 -17.51
CA ALA H 182 37.50 -57.95 -18.25
C ALA H 182 38.38 -59.18 -18.55
N GLY H 183 38.11 -59.84 -19.67
CA GLY H 183 38.71 -61.07 -20.18
C GLY H 183 40.21 -61.30 -19.97
N ARG H 184 41.09 -60.32 -20.20
CA ARG H 184 42.55 -60.46 -20.13
C ARG H 184 43.11 -60.77 -18.72
N ASP H 185 43.10 -59.83 -17.75
CA ASP H 185 43.59 -60.11 -16.37
C ASP H 185 42.74 -61.20 -15.67
N LEU H 186 41.51 -61.46 -16.15
CA LEU H 186 40.69 -62.62 -15.77
C LEU H 186 41.31 -63.96 -16.24
N THR H 187 41.95 -63.99 -17.41
CA THR H 187 42.63 -65.18 -17.94
C THR H 187 43.99 -65.37 -17.23
N ASP H 188 44.65 -64.28 -16.80
CA ASP H 188 45.82 -64.34 -15.91
C ASP H 188 45.45 -64.78 -14.50
N TYR H 189 44.26 -64.38 -14.01
CA TYR H 189 43.67 -64.91 -12.79
C TYR H 189 43.38 -66.41 -12.91
N LEU H 190 42.85 -66.88 -14.06
CA LEU H 190 42.71 -68.31 -14.35
C LEU H 190 44.06 -69.04 -14.28
N MET H 191 45.10 -68.49 -14.92
CA MET H 191 46.47 -69.02 -14.88
C MET H 191 47.02 -69.05 -13.46
N LYS H 192 46.81 -67.99 -12.65
CA LYS H 192 47.15 -67.95 -11.23
C LYS H 192 46.46 -69.08 -10.41
N ILE H 193 45.15 -69.32 -10.57
CA ILE H 193 44.46 -70.39 -9.82
C ILE H 193 44.75 -71.79 -10.41
N LEU H 194 45.08 -71.92 -11.70
CA LEU H 194 45.53 -73.18 -12.30
C LEU H 194 47.02 -73.48 -11.98
N THR H 195 47.82 -72.50 -11.55
CA THR H 195 49.17 -72.72 -11.02
C THR H 195 49.10 -73.43 -9.63
N GLU H 196 47.94 -73.35 -8.92
CA GLU H 196 47.67 -74.13 -7.71
C GLU H 196 47.46 -75.62 -8.02
N ARG H 197 47.01 -75.94 -9.25
CA ARG H 197 46.81 -77.31 -9.73
C ARG H 197 48.10 -77.80 -10.40
N GLY H 198 48.87 -76.90 -11.02
CA GLY H 198 50.19 -77.19 -11.59
C GLY H 198 50.18 -77.41 -13.11
N TYR H 199 49.24 -76.76 -13.84
CA TYR H 199 49.25 -76.72 -15.30
C TYR H 199 50.10 -75.52 -15.74
N SER H 200 50.98 -75.72 -16.74
CA SER H 200 51.85 -74.70 -17.31
C SER H 200 51.17 -74.17 -18.59
N PHE H 201 51.25 -72.84 -18.78
CA PHE H 201 50.93 -72.12 -20.00
C PHE H 201 51.95 -70.97 -20.02
N VAL H 202 52.81 -70.85 -21.03
CA VAL H 202 53.92 -69.89 -21.04
C VAL H 202 54.15 -69.21 -22.41
N THR H 203 53.90 -69.92 -23.51
CA THR H 203 54.08 -69.41 -24.87
C THR H 203 52.88 -68.53 -25.30
N THR H 204 53.08 -67.77 -26.37
CA THR H 204 52.05 -67.02 -27.08
C THR H 204 50.99 -67.99 -27.69
N ALA H 205 51.40 -69.23 -28.02
CA ALA H 205 50.54 -70.27 -28.57
C ALA H 205 49.56 -70.81 -27.50
N GLU H 206 50.05 -71.09 -26.29
CA GLU H 206 49.25 -71.54 -25.14
C GLU H 206 48.32 -70.43 -24.61
N ARG H 207 48.67 -69.15 -24.84
CA ARG H 207 47.89 -68.01 -24.36
C ARG H 207 46.54 -67.86 -25.09
N GLU H 208 46.40 -68.43 -26.30
CA GLU H 208 45.13 -68.52 -27.03
C GLU H 208 44.30 -69.67 -26.43
N ILE H 209 44.94 -70.82 -26.22
CA ILE H 209 44.36 -72.06 -25.69
C ILE H 209 43.74 -71.85 -24.30
N VAL H 210 44.49 -71.23 -23.37
CA VAL H 210 44.04 -70.96 -22.00
C VAL H 210 42.86 -69.96 -21.99
N ARG H 211 42.76 -69.08 -23.01
CA ARG H 211 41.61 -68.19 -23.17
C ARG H 211 40.43 -68.98 -23.78
N ASP H 212 40.65 -69.82 -24.82
CA ASP H 212 39.60 -70.67 -25.42
C ASP H 212 39.01 -71.71 -24.42
N ILE H 213 39.83 -72.19 -23.46
CA ILE H 213 39.43 -72.90 -22.23
C ILE H 213 38.48 -72.02 -21.37
N LYS H 214 38.95 -70.82 -20.98
CA LYS H 214 38.21 -69.79 -20.24
C LYS H 214 36.87 -69.40 -20.91
N GLU H 215 36.80 -69.39 -22.24
CA GLU H 215 35.58 -69.16 -23.02
C GLU H 215 34.62 -70.35 -22.84
N LYS H 216 35.09 -71.57 -23.16
CA LYS H 216 34.23 -72.74 -23.34
C LYS H 216 33.76 -73.40 -22.04
N LEU H 217 34.54 -73.34 -20.95
CA LEU H 217 34.31 -74.20 -19.79
C LEU H 217 33.88 -73.45 -18.53
N CYS H 218 34.03 -72.13 -18.47
CA CYS H 218 33.68 -71.34 -17.28
C CYS H 218 32.18 -71.02 -17.25
N TYR H 219 31.67 -70.68 -16.07
CA TYR H 219 30.29 -70.27 -15.79
C TYR H 219 30.31 -69.46 -14.49
N VAL H 220 29.29 -68.66 -14.22
CA VAL H 220 29.17 -67.91 -12.98
C VAL H 220 28.25 -68.70 -12.04
N ALA H 221 28.64 -68.77 -10.77
CA ALA H 221 27.87 -69.38 -9.68
C ALA H 221 26.74 -68.43 -9.26
N LEU H 222 25.58 -68.97 -8.89
CA LEU H 222 24.41 -68.18 -8.47
C LEU H 222 24.59 -67.59 -7.06
N ASP H 223 25.30 -68.31 -6.18
CA ASP H 223 25.92 -67.87 -4.93
C ASP H 223 27.20 -68.71 -4.82
N PHE H 224 28.37 -68.06 -4.77
CA PHE H 224 29.69 -68.70 -4.84
C PHE H 224 29.91 -69.84 -3.83
N GLU H 225 29.64 -69.59 -2.55
CA GLU H 225 29.82 -70.55 -1.47
C GLU H 225 28.76 -71.66 -1.51
N ASN H 226 27.60 -71.42 -2.13
CA ASN H 226 26.55 -72.42 -2.30
C ASN H 226 26.93 -73.36 -3.45
N GLU H 227 27.45 -72.82 -4.57
CA GLU H 227 28.02 -73.59 -5.68
C GLU H 227 29.23 -74.42 -5.21
N MET H 228 30.16 -73.83 -4.45
CA MET H 228 31.34 -74.54 -3.93
C MET H 228 30.99 -75.60 -2.87
N ALA H 229 29.86 -75.47 -2.16
CA ALA H 229 29.36 -76.48 -1.25
C ALA H 229 28.65 -77.61 -2.03
N THR H 230 27.74 -77.26 -2.96
CA THR H 230 26.97 -78.24 -3.74
C THR H 230 27.80 -78.90 -4.85
N ALA H 231 29.01 -78.38 -5.16
CA ALA H 231 30.07 -78.98 -5.97
C ALA H 231 30.34 -80.46 -5.66
N ALA H 232 30.26 -80.83 -4.37
CA ALA H 232 30.37 -82.19 -3.84
C ALA H 232 29.18 -83.12 -4.20
N SER H 233 28.23 -82.65 -5.00
CA SER H 233 27.14 -83.42 -5.60
C SER H 233 26.81 -82.95 -7.03
N SER H 234 27.63 -82.06 -7.61
CA SER H 234 27.47 -81.50 -8.94
C SER H 234 28.11 -82.48 -9.93
N SER H 235 27.36 -83.54 -10.26
CA SER H 235 27.78 -84.61 -11.16
C SER H 235 27.95 -84.02 -12.58
N SER H 236 29.20 -83.98 -13.07
CA SER H 236 29.66 -83.37 -14.32
C SER H 236 30.26 -81.95 -14.14
N LEU H 237 30.69 -81.59 -12.92
CA LEU H 237 31.53 -80.44 -12.61
C LEU H 237 32.82 -80.41 -13.45
N GLU H 238 33.55 -81.53 -13.49
CA GLU H 238 34.83 -81.73 -14.16
C GLU H 238 34.63 -81.71 -15.67
N LYS H 239 35.45 -80.93 -16.38
CA LYS H 239 35.47 -80.80 -17.83
C LYS H 239 36.91 -80.91 -18.31
N SER H 240 37.19 -81.91 -19.15
CA SER H 240 38.48 -82.14 -19.77
C SER H 240 38.50 -81.44 -21.14
N TYR H 241 39.61 -80.77 -21.45
CA TYR H 241 39.90 -80.10 -22.71
C TYR H 241 41.11 -80.82 -23.32
N GLU H 242 40.97 -81.38 -24.52
CA GLU H 242 42.08 -81.92 -25.30
C GLU H 242 42.81 -80.76 -25.98
N LEU H 243 44.14 -80.72 -25.83
CA LEU H 243 45.05 -79.80 -26.47
C LEU H 243 45.35 -80.31 -27.90
N PRO H 244 45.73 -79.44 -28.86
CA PRO H 244 45.79 -79.80 -30.29
C PRO H 244 46.91 -80.77 -30.70
N ASP H 245 47.76 -81.17 -29.75
CA ASP H 245 48.78 -82.20 -29.84
C ASP H 245 48.31 -83.51 -29.17
N GLY H 246 47.10 -83.57 -28.61
CA GLY H 246 46.47 -84.74 -28.01
C GLY H 246 46.74 -84.92 -26.50
N GLN H 247 47.37 -83.95 -25.83
CA GLN H 247 47.46 -83.92 -24.36
C GLN H 247 46.16 -83.31 -23.78
N VAL H 248 45.93 -83.42 -22.47
CA VAL H 248 44.64 -83.10 -21.84
C VAL H 248 44.82 -82.22 -20.58
N ILE H 249 44.11 -81.09 -20.55
CA ILE H 249 43.87 -80.26 -19.36
C ILE H 249 42.50 -80.68 -18.81
N THR H 250 42.25 -80.56 -17.51
CA THR H 250 40.94 -80.73 -16.88
C THR H 250 40.74 -79.60 -15.88
N ILE H 251 39.49 -79.13 -15.73
CA ILE H 251 39.11 -78.02 -14.87
C ILE H 251 37.78 -78.37 -14.18
N GLY H 252 37.67 -78.08 -12.88
CA GLY H 252 36.51 -78.31 -12.03
C GLY H 252 36.10 -76.99 -11.37
N ASN H 253 36.48 -76.80 -10.10
CA ASN H 253 36.13 -75.66 -9.23
C ASN H 253 36.52 -74.28 -9.83
N GLU H 254 37.64 -74.25 -10.54
CA GLU H 254 38.23 -73.08 -11.22
C GLU H 254 37.41 -72.63 -12.44
N ARG H 255 36.39 -73.39 -12.85
CA ARG H 255 35.41 -72.98 -13.87
C ARG H 255 34.55 -71.80 -13.38
N PHE H 256 34.28 -71.70 -12.06
CA PHE H 256 33.41 -70.68 -11.47
C PHE H 256 34.13 -69.79 -10.47
N ARG H 257 35.21 -70.28 -9.83
CA ARG H 257 36.10 -69.47 -9.00
C ARG H 257 36.87 -68.38 -9.79
N CYS H 258 37.09 -68.59 -11.10
CA CYS H 258 37.68 -67.61 -12.03
C CYS H 258 36.84 -66.31 -12.15
N PRO H 259 35.59 -66.30 -12.67
CA PRO H 259 34.70 -65.12 -12.72
C PRO H 259 34.55 -64.21 -11.49
N GLU H 260 34.74 -64.69 -10.25
CA GLU H 260 34.52 -63.92 -9.03
C GLU H 260 35.45 -62.68 -8.88
N THR H 261 36.55 -62.58 -9.64
CA THR H 261 37.34 -61.36 -9.76
C THR H 261 36.59 -60.21 -10.50
N LEU H 262 35.51 -60.51 -11.23
CA LEU H 262 34.67 -59.50 -11.89
C LEU H 262 33.65 -58.91 -10.88
N PHE H 263 33.29 -59.70 -9.86
CA PHE H 263 32.38 -59.30 -8.78
C PHE H 263 33.16 -58.72 -7.60
N GLN H 264 34.41 -59.14 -7.34
CA GLN H 264 35.35 -58.57 -6.36
C GLN H 264 36.77 -58.44 -6.94
N PRO H 265 37.10 -57.35 -7.68
CA PRO H 265 38.43 -57.01 -8.22
C PRO H 265 39.66 -57.15 -7.29
N SER H 266 39.47 -57.21 -5.97
CA SER H 266 40.48 -57.47 -4.96
C SER H 266 41.24 -58.81 -5.15
N PHE H 267 40.67 -59.78 -5.87
CA PHE H 267 41.32 -61.03 -6.26
C PHE H 267 42.51 -60.85 -7.23
N ILE H 268 42.65 -59.67 -7.86
CA ILE H 268 43.82 -59.25 -8.64
C ILE H 268 44.46 -57.97 -8.05
N GLY H 269 44.05 -57.57 -6.84
CA GLY H 269 44.65 -56.49 -6.06
C GLY H 269 43.97 -55.12 -6.20
N MET H 270 42.89 -55.00 -7.00
CA MET H 270 42.18 -53.74 -7.18
C MET H 270 41.31 -53.44 -5.94
N GLU H 271 41.40 -52.21 -5.40
CA GLU H 271 40.47 -51.67 -4.40
C GLU H 271 39.20 -51.08 -5.06
N SER H 272 39.09 -51.22 -6.40
CA SER H 272 37.96 -50.85 -7.22
C SER H 272 36.76 -51.77 -6.92
N ALA H 273 35.55 -51.22 -7.08
CA ALA H 273 34.27 -51.88 -6.83
C ALA H 273 33.93 -52.83 -7.98
N GLY H 274 33.18 -53.91 -7.71
CA GLY H 274 32.76 -54.92 -8.69
C GLY H 274 31.78 -54.38 -9.75
N ILE H 275 31.50 -55.17 -10.79
CA ILE H 275 30.58 -54.82 -11.88
C ILE H 275 29.17 -54.41 -11.39
N HIS H 276 28.63 -55.10 -10.38
CA HIS H 276 27.32 -54.82 -9.79
C HIS H 276 27.35 -53.56 -8.91
N GLU H 277 28.47 -53.34 -8.20
CA GLU H 277 28.75 -52.09 -7.47
C GLU H 277 28.88 -50.92 -8.48
N THR H 278 29.63 -51.09 -9.58
CA THR H 278 29.84 -50.11 -10.64
C THR H 278 28.50 -49.73 -11.32
N THR H 279 27.64 -50.72 -11.60
CA THR H 279 26.29 -50.54 -12.13
C THR H 279 25.41 -49.73 -11.15
N TYR H 280 25.43 -50.09 -9.86
CA TYR H 280 24.68 -49.42 -8.80
C TYR H 280 25.13 -47.96 -8.61
N ASN H 281 26.45 -47.71 -8.63
CA ASN H 281 27.06 -46.36 -8.56
C ASN H 281 26.69 -45.52 -9.80
N SER H 282 26.74 -46.13 -11.00
CA SER H 282 26.33 -45.56 -12.28
C SER H 282 24.85 -45.14 -12.25
N ILE H 283 23.92 -46.05 -11.89
CA ILE H 283 22.49 -45.78 -11.76
C ILE H 283 22.19 -44.65 -10.77
N MET H 284 22.88 -44.58 -9.63
CA MET H 284 22.64 -43.55 -8.61
C MET H 284 23.02 -42.11 -9.02
N LYS H 285 23.84 -41.92 -10.08
CA LYS H 285 24.09 -40.60 -10.68
C LYS H 285 23.08 -40.27 -11.80
N CYS H 286 22.19 -41.20 -12.18
CA CYS H 286 21.08 -40.96 -13.10
C CYS H 286 19.86 -40.51 -12.29
N ASP H 287 18.99 -39.73 -12.92
CA ASP H 287 17.78 -39.05 -12.45
C ASP H 287 16.82 -39.92 -11.63
N ILE H 288 16.44 -39.40 -10.46
CA ILE H 288 15.72 -40.04 -9.35
C ILE H 288 14.42 -40.74 -9.83
N ASP H 289 13.48 -39.91 -10.30
CA ASP H 289 12.12 -40.21 -10.74
C ASP H 289 11.96 -41.36 -11.74
N ILE H 290 13.03 -41.75 -12.45
CA ILE H 290 13.06 -42.77 -13.51
C ILE H 290 13.96 -43.99 -13.21
N ARG H 291 14.74 -44.03 -12.11
CA ARG H 291 15.75 -45.08 -11.80
C ARG H 291 15.23 -46.54 -11.89
N LYS H 292 13.93 -46.74 -11.66
CA LYS H 292 13.16 -47.97 -11.85
C LYS H 292 13.39 -48.65 -13.20
N ASP H 293 13.26 -47.90 -14.31
CA ASP H 293 13.37 -48.43 -15.68
C ASP H 293 14.83 -48.45 -16.15
N LEU H 294 15.79 -48.15 -15.26
CA LEU H 294 17.22 -48.46 -15.42
C LEU H 294 17.50 -49.80 -14.71
N TYR H 295 17.00 -49.97 -13.47
CA TYR H 295 17.06 -51.22 -12.69
C TYR H 295 16.32 -52.38 -13.39
N ALA H 296 15.23 -52.09 -14.10
CA ALA H 296 14.42 -53.06 -14.84
C ALA H 296 14.89 -53.24 -16.29
N ASN H 297 15.94 -52.54 -16.73
CA ASN H 297 16.46 -52.58 -18.10
C ASN H 297 17.99 -52.56 -18.10
N ASN H 298 18.61 -53.41 -17.27
CA ASN H 298 20.06 -53.60 -17.32
C ASN H 298 20.33 -54.60 -18.47
N VAL H 299 20.80 -54.08 -19.61
CA VAL H 299 21.09 -54.86 -20.80
C VAL H 299 22.53 -55.36 -20.68
N MET H 300 22.75 -56.67 -20.78
CA MET H 300 24.07 -57.29 -20.83
C MET H 300 24.39 -57.67 -22.27
N SER H 301 25.39 -57.01 -22.85
CA SER H 301 26.01 -57.30 -24.14
C SER H 301 27.30 -58.13 -23.85
N GLY H 302 28.30 -58.06 -24.73
CA GLY H 302 29.71 -58.24 -24.41
C GLY H 302 30.27 -59.66 -24.49
N GLY H 303 31.60 -59.72 -24.56
CA GLY H 303 32.36 -60.95 -24.76
C GLY H 303 32.65 -61.69 -23.46
N THR H 304 32.97 -60.95 -22.39
CA THR H 304 33.26 -61.54 -21.08
C THR H 304 31.94 -61.77 -20.31
N THR H 305 30.86 -61.04 -20.63
CA THR H 305 29.52 -61.20 -20.09
C THR H 305 28.69 -62.29 -20.82
N MET H 306 29.34 -63.22 -21.52
CA MET H 306 28.71 -64.34 -22.23
C MET H 306 28.27 -65.49 -21.32
N TYR H 307 28.81 -65.60 -20.09
CA TYR H 307 28.76 -66.83 -19.29
C TYR H 307 27.35 -67.21 -18.77
N PRO H 308 26.99 -68.51 -18.70
CA PRO H 308 25.82 -68.99 -17.95
C PRO H 308 25.85 -68.52 -16.48
N GLY H 309 24.70 -68.12 -15.93
CA GLY H 309 24.54 -67.68 -14.54
C GLY H 309 24.87 -66.20 -14.30
N ILE H 310 25.48 -65.49 -15.27
CA ILE H 310 26.02 -64.15 -15.05
C ILE H 310 24.92 -63.08 -14.94
N ALA H 311 23.79 -63.25 -15.64
CA ALA H 311 22.68 -62.29 -15.66
C ALA H 311 21.76 -62.53 -14.46
N ASP H 312 21.60 -63.80 -14.14
CA ASP H 312 20.89 -64.44 -13.05
C ASP H 312 21.52 -64.01 -11.72
N ARG H 313 22.85 -64.17 -11.61
CA ARG H 313 23.69 -63.67 -10.53
C ARG H 313 23.64 -62.13 -10.42
N MET H 314 23.64 -61.40 -11.54
CA MET H 314 23.56 -59.93 -11.54
C MET H 314 22.22 -59.45 -10.95
N GLN H 315 21.12 -60.17 -11.19
CA GLN H 315 19.81 -59.93 -10.58
C GLN H 315 19.90 -60.17 -9.05
N LYS H 316 20.44 -61.33 -8.65
CA LYS H 316 20.69 -61.77 -7.27
C LYS H 316 21.66 -60.83 -6.49
N GLU H 317 22.64 -60.24 -7.15
CA GLU H 317 23.64 -59.34 -6.57
C GLU H 317 23.05 -57.93 -6.45
N ILE H 318 22.38 -57.40 -7.48
CA ILE H 318 21.77 -56.07 -7.46
C ILE H 318 20.59 -56.01 -6.46
N THR H 319 19.83 -57.10 -6.26
CA THR H 319 18.77 -57.19 -5.25
C THR H 319 19.28 -57.20 -3.80
N ALA H 320 20.59 -57.39 -3.57
CA ALA H 320 21.21 -57.24 -2.24
C ALA H 320 21.69 -55.80 -2.00
N LEU H 321 21.75 -54.97 -3.06
CA LEU H 321 22.22 -53.58 -3.01
C LEU H 321 21.05 -52.58 -3.14
N ALA H 322 20.12 -52.84 -4.08
CA ALA H 322 19.07 -51.91 -4.48
C ALA H 322 17.90 -51.87 -3.48
N PRO H 323 17.18 -50.72 -3.35
CA PRO H 323 15.97 -50.61 -2.53
C PRO H 323 14.89 -51.68 -2.79
N SER H 324 14.23 -52.13 -1.71
CA SER H 324 13.25 -53.21 -1.67
C SER H 324 12.09 -53.14 -2.67
N THR H 325 11.69 -51.93 -3.08
CA THR H 325 10.56 -51.63 -3.95
C THR H 325 10.97 -51.64 -5.45
N MET H 326 12.27 -51.72 -5.76
CA MET H 326 12.78 -51.71 -7.13
C MET H 326 12.78 -53.14 -7.69
N LYS H 327 11.88 -53.42 -8.63
CA LYS H 327 11.76 -54.70 -9.33
C LYS H 327 12.88 -54.83 -10.37
N ILE H 328 14.01 -55.43 -9.97
CA ILE H 328 15.24 -55.57 -10.75
C ILE H 328 15.03 -56.60 -11.89
N LYS H 329 15.33 -56.21 -13.13
CA LYS H 329 15.32 -57.07 -14.32
C LYS H 329 16.59 -56.78 -15.15
N ILE H 330 17.37 -57.83 -15.41
CA ILE H 330 18.47 -57.83 -16.35
C ILE H 330 17.93 -58.53 -17.60
N ILE H 331 18.44 -58.17 -18.79
CA ILE H 331 18.11 -58.76 -20.07
C ILE H 331 19.42 -58.92 -20.87
N ALA H 332 19.54 -60.00 -21.65
CA ALA H 332 20.71 -60.28 -22.47
C ALA H 332 20.31 -61.24 -23.59
N PRO H 333 20.56 -60.92 -24.89
CA PRO H 333 20.42 -61.87 -26.00
C PRO H 333 21.28 -63.15 -25.83
N PRO H 334 21.01 -64.23 -26.60
CA PRO H 334 21.95 -65.36 -26.73
C PRO H 334 23.21 -64.98 -27.53
N GLU H 335 23.11 -64.20 -28.61
CA GLU H 335 24.22 -63.73 -29.46
C GLU H 335 24.89 -62.47 -28.88
N ARG H 336 24.72 -62.21 -27.57
CA ARG H 336 25.03 -60.96 -26.87
C ARG H 336 26.40 -60.34 -27.15
N LYS H 337 27.45 -61.14 -27.36
CA LYS H 337 28.79 -60.70 -27.77
C LYS H 337 28.82 -59.95 -29.11
N TYR H 338 27.75 -60.03 -29.92
CA TYR H 338 27.58 -59.37 -31.20
C TYR H 338 26.37 -58.42 -31.21
N SER H 339 25.70 -58.17 -30.06
CA SER H 339 24.39 -57.48 -29.98
C SER H 339 24.31 -56.13 -30.73
N VAL H 340 25.32 -55.28 -30.52
CA VAL H 340 25.56 -54.01 -31.20
C VAL H 340 25.65 -54.20 -32.72
N TRP H 341 26.50 -55.14 -33.16
CA TRP H 341 26.85 -55.35 -34.55
C TRP H 341 25.65 -55.91 -35.33
N ILE H 342 24.91 -56.87 -34.74
CA ILE H 342 23.65 -57.41 -35.26
C ILE H 342 22.64 -56.26 -35.47
N GLY H 343 22.44 -55.41 -34.45
CA GLY H 343 21.57 -54.23 -34.52
C GLY H 343 21.96 -53.24 -35.64
N GLY H 344 23.26 -53.00 -35.82
CA GLY H 344 23.82 -52.16 -36.87
C GLY H 344 23.62 -52.74 -38.28
N SER H 345 23.85 -54.05 -38.46
CA SER H 345 23.62 -54.78 -39.70
C SER H 345 22.14 -54.74 -40.12
N ILE H 346 21.21 -54.90 -39.16
CA ILE H 346 19.77 -54.77 -39.35
C ILE H 346 19.41 -53.34 -39.79
N LEU H 347 19.90 -52.31 -39.07
CA LEU H 347 19.58 -50.91 -39.32
C LEU H 347 20.14 -50.40 -40.67
N ALA H 348 21.23 -51.00 -41.17
CA ALA H 348 21.87 -50.68 -42.44
C ALA H 348 21.17 -51.29 -43.67
N SER H 349 20.12 -52.12 -43.49
CA SER H 349 19.46 -52.86 -44.58
C SER H 349 18.38 -52.05 -45.34
N LEU H 350 18.13 -50.79 -44.94
CA LEU H 350 17.32 -49.82 -45.68
C LEU H 350 18.18 -48.55 -45.76
N SER H 351 18.34 -47.98 -46.96
CA SER H 351 19.37 -46.99 -47.26
C SER H 351 18.83 -45.56 -47.32
N THR H 352 19.70 -44.60 -46.96
CA THR H 352 19.62 -43.15 -47.09
C THR H 352 19.12 -42.45 -45.81
N PHE H 353 20.03 -41.69 -45.16
CA PHE H 353 19.71 -40.78 -44.04
C PHE H 353 20.72 -39.61 -44.07
N GLN H 354 20.42 -38.55 -44.82
CA GLN H 354 21.34 -37.49 -45.22
C GLN H 354 21.88 -36.64 -44.04
N GLN H 355 21.23 -36.66 -42.87
CA GLN H 355 21.71 -35.93 -41.69
C GLN H 355 22.68 -36.78 -40.86
N MET H 356 22.62 -38.12 -40.94
CA MET H 356 23.42 -39.01 -40.10
C MET H 356 24.75 -39.31 -40.78
N TRP H 357 24.73 -39.54 -42.10
CA TRP H 357 25.88 -39.94 -42.91
C TRP H 357 26.56 -38.72 -43.51
N ILE H 358 27.89 -38.74 -43.52
CA ILE H 358 28.77 -37.80 -44.21
C ILE H 358 29.04 -38.44 -45.59
N THR H 359 28.89 -37.70 -46.68
CA THR H 359 29.49 -38.00 -47.97
C THR H 359 30.77 -37.14 -48.11
N LYS H 360 31.76 -37.57 -48.91
CA LYS H 360 33.04 -36.88 -49.11
C LYS H 360 32.89 -35.38 -49.50
N GLN H 361 31.86 -35.02 -50.28
CA GLN H 361 31.63 -33.64 -50.72
C GLN H 361 31.34 -32.67 -49.56
N GLU H 362 30.87 -33.18 -48.42
CA GLU H 362 30.53 -32.41 -47.22
C GLU H 362 31.72 -32.39 -46.22
N TYR H 363 32.63 -33.35 -46.33
CA TYR H 363 33.94 -33.34 -45.68
C TYR H 363 34.81 -32.29 -46.41
N ASP H 364 34.77 -32.24 -47.75
CA ASP H 364 35.49 -31.32 -48.63
C ASP H 364 34.79 -29.92 -48.63
N GLU H 365 34.39 -29.47 -47.44
CA GLU H 365 33.91 -28.16 -47.05
C GLU H 365 34.29 -27.96 -45.56
N ALA H 366 33.69 -28.79 -44.71
CA ALA H 366 33.69 -28.67 -43.26
C ALA H 366 34.85 -29.43 -42.58
N GLY H 367 35.69 -30.10 -43.36
CA GLY H 367 36.76 -30.99 -42.93
C GLY H 367 36.23 -32.27 -42.24
N PRO H 368 37.11 -33.08 -41.61
CA PRO H 368 36.74 -34.20 -40.73
C PRO H 368 35.69 -33.87 -39.66
N SER H 369 35.69 -32.62 -39.18
CA SER H 369 34.80 -32.00 -38.22
C SER H 369 33.32 -31.91 -38.68
N ILE H 370 33.00 -32.31 -39.93
CA ILE H 370 31.65 -32.60 -40.43
C ILE H 370 30.87 -33.58 -39.52
N VAL H 371 31.60 -34.53 -38.91
CA VAL H 371 31.16 -35.55 -37.97
C VAL H 371 30.62 -34.96 -36.64
N HIS H 372 30.74 -33.63 -36.42
CA HIS H 372 30.14 -32.93 -35.29
C HIS H 372 28.77 -32.34 -35.70
N ARG H 373 28.60 -31.95 -36.98
CA ARG H 373 27.38 -31.34 -37.51
C ARG H 373 26.29 -32.41 -37.74
N LYS H 374 26.69 -33.59 -38.22
CA LYS H 374 25.82 -34.64 -38.70
C LYS H 374 25.22 -35.46 -37.53
N CYS H 375 25.99 -36.45 -37.05
CA CYS H 375 25.62 -37.35 -35.96
C CYS H 375 25.83 -36.61 -34.63
N PHE H 376 24.76 -35.97 -34.12
CA PHE H 376 24.69 -35.15 -32.91
C PHE H 376 25.37 -35.77 -31.70
N NH2 H 377 24.97 -36.98 -31.30
HN1 NH2 H 377 25.42 -37.43 -30.52
HN2 NH2 H 377 24.20 -37.42 -31.78
C ACE I 1 75.39 -84.62 20.25
O ACE I 1 76.78 -84.67 20.10
CH3 ACE I 1 74.77 -85.77 19.46
H1 ACE I 1 75.03 -85.70 18.40
H2 ACE I 1 73.68 -85.77 19.54
H3 ACE I 1 75.12 -86.73 19.82
N ASP I 2 74.94 -83.36 19.67
CA ASP I 2 75.42 -82.11 20.33
C ASP I 2 75.10 -82.12 21.84
N GLU I 3 75.97 -81.50 22.65
CA GLU I 3 75.90 -81.45 24.10
C GLU I 3 75.70 -80.01 24.62
N ASP I 4 75.11 -79.12 23.79
CA ASP I 4 74.69 -77.76 24.15
C ASP I 4 73.18 -77.77 24.50
N GLU I 5 72.51 -76.60 24.48
CA GLU I 5 71.09 -76.43 24.76
C GLU I 5 70.21 -77.10 23.67
N THR I 6 68.98 -77.45 24.05
CA THR I 6 68.03 -78.14 23.19
C THR I 6 67.29 -77.09 22.33
N THR I 7 67.02 -77.42 21.07
CA THR I 7 66.47 -76.51 20.08
C THR I 7 65.58 -77.27 19.07
N ALA I 8 65.07 -76.54 18.07
CA ALA I 8 64.28 -77.08 16.97
C ALA I 8 65.20 -77.51 15.81
N LEU I 9 64.69 -78.38 14.94
CA LEU I 9 65.27 -78.71 13.64
C LEU I 9 64.77 -77.67 12.62
N VAL I 10 65.60 -77.38 11.62
CA VAL I 10 65.29 -76.46 10.53
C VAL I 10 65.35 -77.29 9.26
N CYS I 11 64.20 -77.50 8.61
CA CYS I 11 64.11 -78.06 7.27
C CYS I 11 63.80 -76.87 6.34
N ASP I 12 64.40 -76.84 5.14
CA ASP I 12 63.90 -76.04 4.02
C ASP I 12 63.63 -76.99 2.87
N ASN I 13 62.45 -76.83 2.26
CA ASN I 13 61.97 -77.59 1.10
C ASN I 13 62.61 -77.04 -0.20
N GLY I 14 63.00 -75.76 -0.19
CA GLY I 14 63.77 -75.07 -1.23
C GLY I 14 63.06 -75.02 -2.58
N SER I 15 63.85 -75.19 -3.66
CA SER I 15 63.38 -75.60 -4.97
C SER I 15 64.49 -76.50 -5.53
N GLY I 16 64.37 -77.81 -5.28
CA GLY I 16 65.27 -78.85 -5.76
C GLY I 16 66.42 -79.19 -4.82
N LEU I 17 66.57 -78.48 -3.69
CA LEU I 17 67.69 -78.62 -2.76
C LEU I 17 67.17 -78.48 -1.32
N VAL I 18 67.23 -79.58 -0.56
CA VAL I 18 66.84 -79.68 0.83
C VAL I 18 68.05 -79.24 1.69
N LYS I 19 67.79 -78.71 2.88
CA LYS I 19 68.75 -78.16 3.82
C LYS I 19 68.29 -78.58 5.22
N ALA I 20 69.22 -79.03 6.08
CA ALA I 20 68.95 -79.57 7.41
C ALA I 20 70.05 -79.19 8.42
N GLY I 21 69.66 -79.02 9.68
CA GLY I 21 70.51 -78.64 10.81
C GLY I 21 69.60 -78.19 11.97
N PHE I 22 70.22 -77.78 13.08
CA PHE I 22 69.55 -77.34 14.29
C PHE I 22 69.42 -75.81 14.26
N ALA I 23 68.35 -75.29 14.87
CA ALA I 23 68.04 -73.87 14.93
C ALA I 23 69.02 -73.15 15.87
N GLY I 24 69.95 -72.43 15.27
CA GLY I 24 71.10 -71.82 15.91
C GLY I 24 72.35 -71.93 15.03
N ASP I 25 72.42 -72.99 14.21
CA ASP I 25 73.49 -73.27 13.25
C ASP I 25 73.46 -72.20 12.14
N ASP I 26 74.58 -71.51 11.89
CA ASP I 26 74.75 -70.47 10.86
C ASP I 26 74.74 -71.02 9.43
N ALA I 27 74.94 -72.33 9.25
CA ALA I 27 74.94 -73.01 7.96
C ALA I 27 74.33 -74.41 8.14
N PRO I 28 73.66 -74.97 7.13
CA PRO I 28 73.08 -76.32 7.23
C PRO I 28 74.18 -77.39 7.29
N ARG I 29 74.00 -78.35 8.19
CA ARG I 29 74.92 -79.45 8.47
C ARG I 29 74.78 -80.55 7.41
N ALA I 30 73.57 -80.68 6.84
CA ALA I 30 73.24 -81.62 5.79
C ALA I 30 72.49 -80.85 4.70
N VAL I 31 72.88 -81.04 3.45
CA VAL I 31 72.21 -80.56 2.26
C VAL I 31 72.23 -81.72 1.27
N PHE I 32 71.10 -82.00 0.63
CA PHE I 32 70.97 -83.04 -0.38
C PHE I 32 70.02 -82.52 -1.47
N PRO I 33 70.21 -82.89 -2.76
CA PRO I 33 69.26 -82.52 -3.81
C PRO I 33 67.97 -83.33 -3.63
N SER I 34 66.83 -82.70 -3.85
CA SER I 34 65.53 -83.27 -3.52
C SER I 34 65.07 -84.21 -4.65
N ILE I 35 65.77 -85.34 -4.82
CA ILE I 35 65.51 -86.39 -5.80
C ILE I 35 65.06 -87.64 -5.03
N VAL I 36 64.05 -88.33 -5.56
CA VAL I 36 63.78 -89.75 -5.31
C VAL I 36 63.98 -90.44 -6.67
N GLY I 37 64.60 -91.61 -6.64
CA GLY I 37 64.78 -92.50 -7.76
C GLY I 37 63.87 -93.71 -7.56
N ARG I 38 62.88 -93.88 -8.43
CA ARG I 38 62.05 -95.08 -8.49
C ARG I 38 62.68 -95.96 -9.61
N PRO I 39 62.86 -97.28 -9.46
CA PRO I 39 63.42 -98.18 -10.50
C PRO I 39 62.71 -98.12 -11.88
N ARG I 40 63.45 -98.44 -12.95
CA ARG I 40 62.88 -98.86 -14.24
C ARG I 40 62.62 -100.39 -14.25
N HIS I 41 63.08 -101.13 -13.24
CA HIS I 41 62.77 -102.54 -13.00
C HIS I 41 62.86 -102.88 -11.50
N GLN I 42 63.93 -103.53 -11.07
CA GLN I 42 64.13 -104.02 -9.71
C GLN I 42 64.98 -103.04 -8.88
N GLY I 43 64.85 -103.18 -7.55
CA GLY I 43 65.72 -102.56 -6.57
C GLY I 43 67.08 -103.25 -6.51
N VAL I 44 68.17 -102.49 -6.34
CA VAL I 44 69.51 -103.03 -6.14
C VAL I 44 69.62 -103.44 -4.67
N MET I 45 69.37 -104.73 -4.40
CA MET I 45 69.40 -105.38 -3.09
C MET I 45 70.86 -105.64 -2.66
N VAL I 46 71.65 -104.57 -2.53
CA VAL I 46 73.05 -104.57 -2.12
C VAL I 46 73.16 -103.55 -0.98
N GLY I 47 73.01 -104.03 0.25
CA GLY I 47 72.99 -103.28 1.49
C GLY I 47 72.21 -104.08 2.54
N MET I 48 72.17 -103.59 3.78
CA MET I 48 71.34 -104.16 4.84
C MET I 48 69.92 -103.53 4.81
N GLY I 49 69.84 -102.23 4.48
CA GLY I 49 68.59 -101.54 4.18
C GLY I 49 68.33 -101.67 2.68
N GLN I 50 67.31 -102.45 2.31
CA GLN I 50 66.89 -102.75 0.94
C GLN I 50 66.10 -101.57 0.37
N LYS I 51 65.82 -101.58 -0.95
CA LYS I 51 65.36 -100.40 -1.67
C LYS I 51 64.28 -100.69 -2.71
N ASP I 52 63.03 -100.36 -2.36
CA ASP I 52 61.88 -100.17 -3.25
C ASP I 52 62.07 -98.91 -4.11
N SER I 53 62.69 -97.89 -3.53
CA SER I 53 63.08 -96.63 -4.14
C SER I 53 64.34 -96.09 -3.43
N TYR I 54 65.09 -95.25 -4.13
CA TYR I 54 66.32 -94.60 -3.71
C TYR I 54 65.97 -93.13 -3.46
N VAL I 55 66.63 -92.46 -2.51
CA VAL I 55 66.43 -91.05 -2.17
C VAL I 55 67.82 -90.38 -2.16
N GLY I 56 67.86 -89.06 -2.40
CA GLY I 56 69.01 -88.17 -2.16
C GLY I 56 70.33 -88.62 -2.81
N ASP I 57 71.28 -89.02 -1.96
CA ASP I 57 72.62 -89.52 -2.28
C ASP I 57 72.54 -90.78 -3.15
N GLU I 58 71.64 -91.69 -2.80
CA GLU I 58 71.50 -92.99 -3.43
C GLU I 58 70.78 -92.86 -4.79
N ALA I 59 69.90 -91.86 -4.92
CA ALA I 59 69.24 -91.48 -6.16
C ALA I 59 70.20 -90.82 -7.17
N GLN I 60 71.35 -90.30 -6.71
CA GLN I 60 72.44 -89.86 -7.57
C GLN I 60 73.41 -91.03 -7.86
N SER I 61 73.59 -91.96 -6.92
CA SER I 61 74.63 -93.00 -7.00
C SER I 61 74.17 -94.25 -7.78
N LYS I 62 72.88 -94.62 -7.77
CA LYS I 62 72.38 -95.77 -8.54
C LYS I 62 72.15 -95.31 -9.99
N ARG I 63 73.14 -95.55 -10.85
CA ARG I 63 73.13 -95.18 -12.27
C ARG I 63 72.24 -96.15 -13.09
N GLY I 64 71.62 -95.61 -14.15
CA GLY I 64 70.88 -96.26 -15.23
C GLY I 64 69.57 -96.99 -14.88
N ILE I 65 69.49 -97.62 -13.71
CA ILE I 65 68.46 -98.58 -13.34
C ILE I 65 67.09 -97.94 -12.97
N LEU I 66 66.94 -96.62 -13.10
CA LEU I 66 65.95 -95.81 -12.40
C LEU I 66 65.31 -94.72 -13.27
N THR I 67 64.23 -94.15 -12.75
CA THR I 67 63.58 -92.94 -13.21
C THR I 67 63.51 -92.01 -11.98
N LEU I 68 63.99 -90.78 -12.13
CA LEU I 68 64.05 -89.80 -11.06
C LEU I 68 62.76 -88.99 -11.08
N LYS I 69 62.24 -88.71 -9.90
CA LYS I 69 61.21 -87.73 -9.64
C LYS I 69 61.67 -86.87 -8.47
N TYR I 70 61.48 -85.57 -8.63
CA TYR I 70 61.74 -84.55 -7.63
C TYR I 70 60.32 -84.16 -7.18
N PRO I 71 59.99 -84.08 -5.87
CA PRO I 71 58.63 -83.71 -5.47
C PRO I 71 58.38 -82.19 -5.54
N ILE I 72 59.41 -81.38 -5.26
CA ILE I 72 59.41 -79.91 -5.27
C ILE I 72 60.04 -79.42 -6.61
N GLU I 73 59.80 -80.16 -7.69
CA GLU I 73 60.31 -80.03 -9.06
C GLU I 73 60.09 -78.63 -9.66
N HIS I 74 58.89 -78.10 -9.43
CA HIS I 74 58.34 -76.85 -9.95
C HIS I 74 58.15 -75.86 -8.79
N GLY I 75 58.97 -75.99 -7.74
CA GLY I 75 59.01 -75.08 -6.59
C GLY I 75 57.80 -75.15 -5.65
N ILE I 76 56.88 -76.07 -5.91
CA ILE I 76 55.66 -76.30 -5.16
C ILE I 76 55.37 -77.81 -5.22
N ILE I 77 54.81 -78.34 -4.13
CA ILE I 77 54.62 -79.76 -3.87
C ILE I 77 53.28 -80.18 -4.53
N THR I 78 53.33 -80.58 -5.80
CA THR I 78 52.19 -81.13 -6.56
C THR I 78 52.18 -82.67 -6.45
N ASN I 79 53.38 -83.27 -6.42
CA ASN I 79 53.71 -84.65 -6.06
C ASN I 79 53.72 -84.70 -4.52
N TRP I 80 53.27 -85.81 -3.95
CA TRP I 80 53.32 -86.06 -2.50
C TRP I 80 53.91 -87.45 -2.18
N ASP I 81 53.96 -88.33 -3.19
CA ASP I 81 54.36 -89.72 -3.16
C ASP I 81 55.88 -89.89 -3.39
N ASP I 82 56.64 -88.80 -3.64
CA ASP I 82 58.10 -88.73 -3.42
C ASP I 82 58.44 -87.73 -2.30
N MET I 83 57.49 -86.87 -1.88
CA MET I 83 57.73 -85.82 -0.87
C MET I 83 57.82 -86.41 0.55
N GLU I 84 57.03 -87.45 0.84
CA GLU I 84 57.07 -88.17 2.11
C GLU I 84 58.45 -88.80 2.33
N LYS I 85 59.02 -89.42 1.28
CA LYS I 85 60.37 -89.99 1.21
C LYS I 85 61.48 -88.96 1.48
N ILE I 86 61.37 -87.74 0.93
CA ILE I 86 62.28 -86.63 1.18
C ILE I 86 62.30 -86.23 2.68
N TRP I 87 61.13 -86.02 3.30
CA TRP I 87 61.04 -85.69 4.72
C TRP I 87 61.48 -86.87 5.60
N HIS I 88 61.03 -88.10 5.29
CA HIS I 88 61.44 -89.33 5.97
C HIS I 88 62.97 -89.56 5.94
N HIS I 89 63.61 -89.32 4.80
CA HIS I 89 65.07 -89.36 4.61
C HIS I 89 65.77 -88.21 5.37
N THR I 90 65.20 -87.00 5.39
CA THR I 90 65.75 -85.84 6.12
C THR I 90 65.86 -86.14 7.62
N PHE I 91 64.84 -86.79 8.19
CA PHE I 91 64.87 -87.26 9.57
C PHE I 91 65.83 -88.45 9.67
N TYR I 92 65.48 -89.60 9.07
CA TYR I 92 66.07 -90.88 9.45
C TYR I 92 67.35 -91.26 8.68
N ASN I 93 67.81 -90.47 7.71
CA ASN I 93 69.10 -90.63 7.02
C ASN I 93 70.05 -89.44 7.16
N GLU I 94 69.56 -88.20 7.20
CA GLU I 94 70.43 -87.03 7.39
C GLU I 94 70.59 -86.73 8.89
N LEU I 95 69.54 -86.26 9.58
CA LEU I 95 69.59 -85.79 10.97
C LEU I 95 69.74 -86.93 12.00
N ARG I 96 69.17 -88.10 11.69
CA ARG I 96 69.22 -89.40 12.35
C ARG I 96 68.17 -89.59 13.45
N VAL I 97 67.81 -88.51 14.13
CA VAL I 97 66.79 -88.44 15.17
C VAL I 97 65.37 -88.46 14.55
N ALA I 98 64.37 -88.77 15.38
CA ALA I 98 62.97 -88.84 14.99
C ALA I 98 62.33 -87.43 15.08
N PRO I 99 61.32 -87.11 14.23
CA PRO I 99 60.59 -85.85 14.31
C PRO I 99 59.66 -85.78 15.55
N GLU I 100 59.35 -86.94 16.12
CA GLU I 100 58.58 -87.13 17.35
C GLU I 100 59.32 -86.57 18.60
N GLU I 101 60.65 -86.47 18.53
CA GLU I 101 61.49 -85.86 19.55
C GLU I 101 61.51 -84.33 19.34
N HIS I 102 62.14 -83.87 18.25
CA HIS I 102 62.58 -82.49 18.05
C HIS I 102 61.60 -81.79 17.09
N PRO I 103 60.92 -80.70 17.53
CA PRO I 103 60.12 -79.83 16.65
C PRO I 103 60.87 -79.36 15.39
N THR I 104 60.18 -79.37 14.25
CA THR I 104 60.75 -79.08 12.93
C THR I 104 60.09 -77.80 12.39
N LEU I 105 60.89 -76.80 11.98
CA LEU I 105 60.45 -75.67 11.16
C LEU I 105 60.46 -76.14 9.69
N LEU I 106 59.42 -75.78 8.93
CA LEU I 106 59.29 -76.00 7.49
C LEU I 106 59.12 -74.64 6.80
N THR I 107 59.41 -74.59 5.49
CA THR I 107 59.35 -73.40 4.66
C THR I 107 58.26 -73.58 3.58
N GLU I 108 57.57 -72.50 3.23
CA GLU I 108 56.62 -72.42 2.12
C GLU I 108 57.19 -71.46 1.06
N ALA I 109 56.90 -71.76 -0.20
CA ALA I 109 57.27 -70.95 -1.35
C ALA I 109 56.17 -69.88 -1.56
N PRO I 110 56.52 -68.57 -1.65
CA PRO I 110 55.57 -67.48 -1.95
C PRO I 110 54.66 -67.75 -3.16
N LEU I 111 53.36 -67.50 -3.00
CA LEU I 111 52.29 -67.63 -4.01
C LEU I 111 51.74 -69.08 -4.07
N ASN I 112 51.89 -69.84 -2.98
CA ASN I 112 51.37 -71.20 -2.81
C ASN I 112 49.86 -71.18 -2.47
N PRO I 113 49.10 -72.25 -2.82
CA PRO I 113 47.69 -72.35 -2.43
C PRO I 113 47.54 -72.70 -0.95
N LYS I 114 46.40 -72.32 -0.34
CA LYS I 114 45.99 -72.62 1.02
C LYS I 114 46.16 -74.12 1.37
N ALA I 115 45.70 -74.97 0.45
CA ALA I 115 45.75 -76.42 0.51
C ALA I 115 47.17 -77.03 0.55
N ASN I 116 48.24 -76.26 0.28
CA ASN I 116 49.62 -76.72 0.47
C ASN I 116 50.04 -76.46 1.92
N ARG I 117 49.60 -75.36 2.55
CA ARG I 117 49.93 -74.98 3.94
C ARG I 117 49.33 -76.00 4.91
N GLU I 118 48.05 -76.33 4.67
CA GLU I 118 47.24 -77.29 5.40
C GLU I 118 47.89 -78.68 5.40
N LYS I 119 48.27 -79.18 4.21
CA LYS I 119 48.79 -80.53 4.02
C LYS I 119 50.26 -80.67 4.43
N MET I 120 51.03 -79.56 4.44
CA MET I 120 52.37 -79.50 5.02
C MET I 120 52.31 -79.62 6.54
N THR I 121 51.23 -79.12 7.15
CA THR I 121 50.97 -79.20 8.59
C THR I 121 50.37 -80.59 8.92
N GLN I 122 49.47 -81.11 8.07
CA GLN I 122 48.70 -82.35 8.22
C GLN I 122 49.58 -83.58 8.48
N ILE I 123 50.30 -84.06 7.44
CA ILE I 123 51.07 -85.30 7.54
C ILE I 123 52.32 -85.15 8.43
N MET I 124 52.72 -83.92 8.77
CA MET I 124 53.76 -83.66 9.76
C MET I 124 53.25 -83.96 11.19
N PHE I 125 52.02 -83.56 11.53
CA PHE I 125 51.43 -83.79 12.85
C PHE I 125 50.77 -85.18 12.99
N GLU I 126 50.44 -85.83 11.86
CA GLU I 126 49.88 -87.18 11.80
C GLU I 126 51.03 -88.16 11.54
N THR I 127 51.40 -88.39 10.28
CA THR I 127 52.33 -89.42 9.80
C THR I 127 53.74 -89.34 10.42
N PHE I 128 54.24 -88.13 10.70
CA PHE I 128 55.52 -87.89 11.38
C PHE I 128 55.31 -87.40 12.83
N ASN I 129 54.06 -87.35 13.32
CA ASN I 129 53.61 -87.23 14.72
C ASN I 129 53.98 -85.91 15.45
N VAL I 130 54.82 -85.05 14.85
CA VAL I 130 55.61 -83.93 15.38
C VAL I 130 55.02 -83.20 16.62
N PRO I 131 55.79 -82.92 17.70
CA PRO I 131 55.24 -82.24 18.88
C PRO I 131 54.98 -80.74 18.65
N ALA I 132 55.73 -80.09 17.75
CA ALA I 132 55.50 -78.72 17.31
C ALA I 132 56.15 -78.46 15.95
N MET I 133 55.65 -77.45 15.23
CA MET I 133 56.19 -76.96 13.95
C MET I 133 55.80 -75.50 13.66
N TYR I 134 56.35 -74.94 12.59
CA TYR I 134 56.07 -73.60 12.07
C TYR I 134 56.32 -73.63 10.56
N VAL I 135 55.46 -72.96 9.78
CA VAL I 135 55.55 -72.78 8.33
C VAL I 135 55.85 -71.29 8.10
N ALA I 136 56.97 -70.98 7.44
CA ALA I 136 57.44 -69.63 7.17
C ALA I 136 57.67 -69.40 5.67
N ILE I 137 57.43 -68.16 5.20
CA ILE I 137 57.57 -67.74 3.80
C ILE I 137 59.07 -67.46 3.53
N GLN I 138 59.67 -68.23 2.61
CA GLN I 138 61.09 -68.20 2.21
C GLN I 138 61.67 -66.80 1.98
N ALA I 139 60.95 -65.95 1.23
CA ALA I 139 61.43 -64.62 0.83
C ALA I 139 61.60 -63.65 2.03
N VAL I 140 60.71 -63.71 3.02
CA VAL I 140 60.73 -62.86 4.21
C VAL I 140 61.99 -63.16 5.06
N LEU I 141 62.34 -64.44 5.21
CA LEU I 141 63.54 -64.92 5.91
C LEU I 141 64.84 -64.39 5.27
N SER I 142 64.89 -64.34 3.93
CA SER I 142 66.04 -63.79 3.19
C SER I 142 66.06 -62.24 3.28
N LEU I 143 64.89 -61.58 3.18
CA LEU I 143 64.72 -60.13 3.29
C LEU I 143 65.14 -59.62 4.69
N TYR I 144 64.70 -60.32 5.76
CA TYR I 144 65.00 -59.97 7.14
C TYR I 144 66.45 -60.34 7.50
N ALA I 145 67.03 -61.41 6.91
CA ALA I 145 68.46 -61.73 7.07
C ALA I 145 69.35 -60.70 6.35
N SER I 146 68.88 -60.14 5.23
CA SER I 146 69.49 -58.99 4.54
C SER I 146 69.09 -57.63 5.19
N GLY I 147 68.27 -57.67 6.26
CA GLY I 147 67.95 -56.55 7.15
C GLY I 147 66.90 -55.59 6.64
N ARG I 148 66.07 -55.98 5.66
CA ARG I 148 65.03 -55.16 5.07
C ARG I 148 63.66 -55.59 5.61
N THR I 149 62.63 -54.77 5.34
CA THR I 149 61.23 -55.03 5.59
C THR I 149 60.39 -54.71 4.35
N THR I 150 60.81 -53.73 3.54
CA THR I 150 60.25 -53.40 2.23
C THR I 150 61.36 -53.68 1.21
N GLY I 151 61.02 -54.14 0.02
CA GLY I 151 61.98 -54.47 -1.02
C GLY I 151 61.41 -55.56 -1.92
N ILE I 152 62.25 -56.06 -2.82
CA ILE I 152 61.93 -57.13 -3.73
C ILE I 152 63.05 -58.16 -3.68
N VAL I 153 62.70 -59.39 -3.27
CA VAL I 153 63.60 -60.53 -3.20
C VAL I 153 63.49 -61.22 -4.57
N LEU I 154 64.63 -61.38 -5.25
CA LEU I 154 64.75 -62.20 -6.44
C LEU I 154 65.40 -63.49 -5.96
N ASP I 155 64.64 -64.59 -5.91
CA ASP I 155 65.15 -65.93 -5.60
C ASP I 155 65.25 -66.75 -6.89
N SER I 156 66.25 -67.61 -6.99
CA SER I 156 66.51 -68.49 -8.13
C SER I 156 67.23 -69.75 -7.62
N GLY I 157 66.51 -70.88 -7.53
CA GLY I 157 67.06 -72.19 -7.21
C GLY I 157 67.26 -73.03 -8.48
N ASP I 158 67.32 -74.35 -8.32
CA ASP I 158 67.32 -75.32 -9.42
C ASP I 158 65.89 -75.79 -9.74
N GLY I 159 64.86 -75.36 -9.00
CA GLY I 159 63.46 -75.68 -9.28
C GLY I 159 62.70 -74.53 -9.98
N VAL I 160 62.76 -73.31 -9.43
CA VAL I 160 62.10 -72.10 -9.97
C VAL I 160 62.93 -70.83 -9.67
N THR I 161 62.52 -69.72 -10.32
CA THR I 161 62.92 -68.35 -10.03
C THR I 161 61.66 -67.57 -9.63
N HIS I 162 61.72 -66.83 -8.50
CA HIS I 162 60.66 -66.00 -7.95
C HIS I 162 61.13 -64.55 -7.89
N ASN I 163 60.26 -63.61 -8.27
CA ASN I 163 60.39 -62.17 -7.99
C ASN I 163 59.28 -61.87 -6.98
N VAL I 164 59.64 -61.55 -5.73
CA VAL I 164 58.71 -61.42 -4.60
C VAL I 164 58.79 -59.98 -4.03
N PRO I 165 57.84 -59.08 -4.35
CA PRO I 165 57.79 -57.73 -3.79
C PRO I 165 57.09 -57.73 -2.41
N ILE I 166 57.69 -57.02 -1.44
CA ILE I 166 57.30 -56.95 -0.04
C ILE I 166 57.31 -55.47 0.40
N TYR I 167 56.36 -55.07 1.26
CA TYR I 167 56.21 -53.75 1.87
C TYR I 167 55.92 -53.95 3.35
N GLU I 168 56.82 -53.52 4.24
CA GLU I 168 56.69 -53.52 5.70
C GLU I 168 56.57 -54.95 6.29
N GLY I 169 57.12 -55.95 5.59
CA GLY I 169 57.06 -57.38 5.92
C GLY I 169 55.88 -58.11 5.26
N TYR I 170 54.93 -57.37 4.69
CA TYR I 170 53.73 -57.91 4.06
C TYR I 170 54.00 -57.98 2.55
N ALA I 171 53.83 -59.17 1.94
CA ALA I 171 54.04 -59.41 0.52
C ALA I 171 52.83 -58.93 -0.28
N LEU I 172 53.05 -58.26 -1.42
CA LEU I 172 52.00 -57.83 -2.36
C LEU I 172 51.75 -59.00 -3.33
N PRO I 173 50.63 -59.76 -3.21
CA PRO I 173 50.52 -61.11 -3.78
C PRO I 173 50.22 -61.12 -5.29
N HIS I 174 49.52 -60.11 -5.82
CA HIS I 174 49.11 -60.03 -7.21
C HIS I 174 50.33 -59.86 -8.15
N ALA I 175 51.34 -59.13 -7.66
CA ALA I 175 52.55 -58.74 -8.38
C ALA I 175 53.76 -59.66 -8.10
N ILE I 176 53.59 -60.78 -7.37
CA ILE I 176 54.59 -61.86 -7.33
C ILE I 176 54.59 -62.51 -8.73
N MET I 177 55.77 -62.55 -9.36
CA MET I 177 55.99 -63.10 -10.69
C MET I 177 57.04 -64.20 -10.53
N ARG I 178 56.61 -65.46 -10.66
CA ARG I 178 57.47 -66.63 -10.74
C ARG I 178 57.64 -66.92 -12.23
N LEU I 179 58.85 -67.26 -12.64
CA LEU I 179 59.11 -68.00 -13.88
C LEU I 179 59.82 -69.27 -13.46
N ASP I 180 59.34 -70.41 -13.96
CA ASP I 180 59.83 -71.74 -13.61
C ASP I 180 61.09 -72.11 -14.41
N LEU I 181 61.81 -71.10 -14.91
CA LEU I 181 63.18 -71.16 -15.42
C LEU I 181 64.09 -71.23 -14.19
N ALA I 182 65.07 -72.14 -14.19
CA ALA I 182 65.87 -72.42 -13.00
C ALA I 182 67.29 -72.86 -13.32
N GLY I 183 68.08 -73.04 -12.26
CA GLY I 183 69.47 -73.51 -12.28
C GLY I 183 69.64 -74.90 -12.92
N ARG I 184 68.59 -75.71 -12.95
CA ARG I 184 68.45 -76.99 -13.66
C ARG I 184 68.67 -76.82 -15.16
N ASP I 185 68.00 -75.82 -15.73
CA ASP I 185 67.91 -75.53 -17.17
C ASP I 185 69.21 -74.89 -17.65
N LEU I 186 69.84 -74.09 -16.78
CA LEU I 186 71.21 -73.62 -16.93
C LEU I 186 72.22 -74.79 -16.94
N THR I 187 71.97 -75.89 -16.21
CA THR I 187 72.84 -77.07 -16.20
C THR I 187 72.59 -77.89 -17.49
N ASP I 188 71.33 -77.99 -17.94
CA ASP I 188 70.93 -78.65 -19.19
C ASP I 188 71.59 -77.99 -20.43
N TYR I 189 71.64 -76.65 -20.44
CA TYR I 189 72.28 -75.84 -21.46
C TYR I 189 73.82 -75.90 -21.32
N LEU I 190 74.36 -75.82 -20.09
CA LEU I 190 75.81 -75.91 -19.82
C LEU I 190 76.44 -77.20 -20.37
N MET I 191 75.73 -78.33 -20.29
CA MET I 191 76.15 -79.60 -20.88
C MET I 191 76.21 -79.54 -22.42
N LYS I 192 75.36 -78.75 -23.08
CA LYS I 192 75.24 -78.69 -24.54
C LYS I 192 76.28 -77.75 -25.16
N ILE I 193 76.53 -76.58 -24.55
CA ILE I 193 77.55 -75.63 -24.99
C ILE I 193 78.98 -76.18 -24.72
N LEU I 194 79.11 -77.14 -23.81
CA LEU I 194 80.30 -77.96 -23.62
C LEU I 194 80.40 -79.05 -24.72
N THR I 195 79.29 -79.59 -25.20
CA THR I 195 79.26 -80.63 -26.24
C THR I 195 79.59 -80.06 -27.65
N GLU I 196 79.60 -78.72 -27.79
CA GLU I 196 80.17 -78.00 -28.93
C GLU I 196 81.70 -78.12 -28.97
N ARG I 197 82.37 -78.32 -27.82
CA ARG I 197 83.83 -78.46 -27.72
C ARG I 197 84.29 -79.90 -27.97
N GLY I 198 83.36 -80.82 -28.28
CA GLY I 198 83.66 -82.22 -28.59
C GLY I 198 83.49 -83.15 -27.39
N TYR I 199 83.18 -82.61 -26.20
CA TYR I 199 82.85 -83.38 -24.99
C TYR I 199 81.42 -83.96 -25.12
N SER I 200 80.95 -84.73 -24.14
CA SER I 200 79.55 -85.13 -24.03
C SER I 200 79.32 -85.44 -22.55
N PHE I 201 78.20 -84.98 -21.98
CA PHE I 201 77.80 -85.14 -20.59
C PHE I 201 76.29 -85.41 -20.66
N VAL I 202 75.83 -86.57 -20.17
CA VAL I 202 74.55 -87.15 -20.60
C VAL I 202 73.66 -87.61 -19.43
N THR I 203 74.23 -88.18 -18.37
CA THR I 203 73.50 -88.87 -17.32
C THR I 203 73.44 -88.01 -16.05
N THR I 204 72.86 -88.56 -14.97
CA THR I 204 72.81 -87.93 -13.64
C THR I 204 74.22 -87.78 -13.02
N ALA I 205 75.20 -88.61 -13.42
CA ALA I 205 76.56 -88.55 -12.89
C ALA I 205 77.34 -87.36 -13.48
N GLU I 206 77.43 -87.25 -14.81
CA GLU I 206 78.13 -86.15 -15.48
C GLU I 206 77.41 -84.81 -15.26
N ARG I 207 76.08 -84.84 -15.06
CA ARG I 207 75.30 -83.72 -14.59
C ARG I 207 75.82 -83.15 -13.26
N GLU I 208 76.31 -83.97 -12.32
CA GLU I 208 76.86 -83.47 -11.04
C GLU I 208 78.27 -82.91 -11.21
N ILE I 209 79.04 -83.38 -12.18
CA ILE I 209 80.32 -82.79 -12.57
C ILE I 209 80.06 -81.39 -13.18
N VAL I 210 79.07 -81.29 -14.08
CA VAL I 210 78.67 -80.04 -14.69
C VAL I 210 77.90 -79.12 -13.70
N ARG I 211 77.20 -79.65 -12.69
CA ARG I 211 76.65 -78.89 -11.56
C ARG I 211 77.79 -78.34 -10.68
N ASP I 212 78.93 -79.02 -10.62
CA ASP I 212 80.15 -78.52 -9.98
C ASP I 212 80.76 -77.38 -10.81
N ILE I 213 80.96 -77.56 -12.13
CA ILE I 213 81.39 -76.51 -13.07
C ILE I 213 80.50 -75.25 -13.00
N LYS I 214 79.18 -75.42 -12.82
CA LYS I 214 78.19 -74.37 -12.58
C LYS I 214 78.48 -73.56 -11.30
N GLU I 215 78.95 -74.20 -10.22
CA GLU I 215 79.30 -73.52 -8.98
C GLU I 215 80.72 -72.92 -9.05
N LYS I 216 81.70 -73.67 -9.56
CA LYS I 216 83.11 -73.36 -9.34
C LYS I 216 83.75 -72.56 -10.50
N LEU I 217 83.11 -72.40 -11.67
CA LEU I 217 83.73 -71.79 -12.85
C LEU I 217 82.88 -70.74 -13.60
N CYS I 218 81.57 -70.69 -13.37
CA CYS I 218 80.65 -69.79 -14.09
C CYS I 218 80.57 -68.40 -13.42
N TYR I 219 80.31 -67.35 -14.22
CA TYR I 219 80.20 -65.95 -13.81
C TYR I 219 79.35 -65.20 -14.84
N VAL I 220 78.74 -64.06 -14.48
CA VAL I 220 77.95 -63.27 -15.42
C VAL I 220 78.89 -62.30 -16.14
N ALA I 221 78.75 -62.24 -17.47
CA ALA I 221 79.42 -61.27 -18.35
C ALA I 221 78.73 -59.91 -18.20
N LEU I 222 79.50 -58.82 -18.25
CA LEU I 222 78.97 -57.46 -18.11
C LEU I 222 78.23 -57.00 -19.38
N ASP I 223 78.78 -57.29 -20.57
CA ASP I 223 78.15 -57.05 -21.88
C ASP I 223 78.47 -58.22 -22.79
N PHE I 224 77.46 -59.08 -23.01
CA PHE I 224 77.55 -60.39 -23.67
C PHE I 224 78.36 -60.42 -24.99
N GLU I 225 77.97 -59.63 -26.00
CA GLU I 225 78.59 -59.62 -27.34
C GLU I 225 80.05 -59.15 -27.29
N ASN I 226 80.36 -58.19 -26.41
CA ASN I 226 81.70 -57.65 -26.19
C ASN I 226 82.58 -58.71 -25.50
N GLU I 227 82.05 -59.34 -24.43
CA GLU I 227 82.68 -60.47 -23.73
C GLU I 227 82.91 -61.67 -24.66
N MET I 228 81.94 -61.97 -25.54
CA MET I 228 82.00 -63.06 -26.53
C MET I 228 83.08 -62.80 -27.58
N ALA I 229 83.19 -61.55 -28.08
CA ALA I 229 84.21 -61.12 -29.03
C ALA I 229 85.60 -61.06 -28.39
N THR I 230 85.67 -60.66 -27.11
CA THR I 230 86.89 -60.65 -26.30
C THR I 230 87.34 -62.08 -26.00
N ALA I 231 86.41 -62.98 -25.61
CA ALA I 231 86.66 -64.39 -25.31
C ALA I 231 87.23 -65.16 -26.51
N ALA I 232 86.67 -64.91 -27.70
CA ALA I 232 87.11 -65.44 -28.99
C ALA I 232 88.50 -64.94 -29.43
N SER I 233 89.12 -64.03 -28.67
CA SER I 233 90.43 -63.43 -28.90
C SER I 233 91.27 -63.47 -27.60
N SER I 234 90.88 -64.28 -26.61
CA SER I 234 91.47 -64.29 -25.28
C SER I 234 91.53 -65.71 -24.72
N SER I 235 92.70 -66.36 -24.89
CA SER I 235 93.07 -67.62 -24.23
C SER I 235 93.12 -67.46 -22.68
N SER I 236 93.16 -66.23 -22.16
CA SER I 236 93.06 -65.93 -20.73
C SER I 236 91.63 -66.13 -20.20
N LEU I 237 90.61 -66.22 -21.07
CA LEU I 237 89.21 -66.47 -20.71
C LEU I 237 89.02 -67.95 -20.34
N GLU I 238 89.71 -68.85 -21.05
CA GLU I 238 89.67 -70.31 -20.94
C GLU I 238 90.20 -70.76 -19.57
N LYS I 239 89.52 -71.70 -18.91
CA LYS I 239 89.87 -72.24 -17.60
C LYS I 239 89.74 -73.75 -17.62
N SER I 240 90.76 -74.46 -17.12
CA SER I 240 90.76 -75.91 -16.98
C SER I 240 89.97 -76.24 -15.70
N TYR I 241 89.03 -77.18 -15.83
CA TYR I 241 88.45 -77.94 -14.74
C TYR I 241 89.18 -79.29 -14.76
N GLU I 242 89.55 -79.80 -13.59
CA GLU I 242 90.11 -81.12 -13.40
C GLU I 242 88.93 -82.03 -13.05
N LEU I 243 88.75 -83.12 -13.80
CA LEU I 243 87.76 -84.15 -13.52
C LEU I 243 88.23 -85.01 -12.31
N PRO I 244 87.31 -85.58 -11.49
CA PRO I 244 87.65 -86.52 -10.39
C PRO I 244 88.59 -87.68 -10.77
N ASP I 245 88.58 -88.09 -12.04
CA ASP I 245 89.39 -89.12 -12.68
C ASP I 245 90.87 -88.70 -12.82
N GLY I 246 91.19 -87.42 -12.65
CA GLY I 246 92.53 -86.84 -12.83
C GLY I 246 92.85 -86.60 -14.30
N GLN I 247 91.91 -85.97 -15.03
CA GLN I 247 92.02 -85.55 -16.42
C GLN I 247 91.40 -84.16 -16.56
N VAL I 248 92.01 -83.31 -17.39
CA VAL I 248 91.64 -81.90 -17.58
C VAL I 248 90.62 -81.73 -18.72
N ILE I 249 89.66 -80.83 -18.54
CA ILE I 249 88.75 -80.32 -19.57
C ILE I 249 88.69 -78.79 -19.45
N THR I 250 88.81 -78.06 -20.56
CA THR I 250 88.89 -76.60 -20.58
C THR I 250 87.51 -76.02 -20.94
N ILE I 251 87.02 -75.09 -20.11
CA ILE I 251 85.73 -74.42 -20.16
C ILE I 251 86.02 -72.95 -20.53
N GLY I 252 85.42 -72.41 -21.60
CA GLY I 252 85.65 -71.05 -22.08
C GLY I 252 84.39 -70.22 -21.95
N ASN I 253 83.85 -69.75 -23.08
CA ASN I 253 82.66 -68.88 -23.23
C ASN I 253 81.43 -69.39 -22.45
N GLU I 254 81.35 -70.72 -22.31
CA GLU I 254 80.41 -71.53 -21.57
C GLU I 254 80.21 -71.05 -20.13
N ARG I 255 81.27 -70.49 -19.52
CA ARG I 255 81.32 -69.89 -18.19
C ARG I 255 80.37 -68.69 -18.02
N PHE I 256 80.00 -67.99 -19.10
CA PHE I 256 79.04 -66.88 -19.08
C PHE I 256 77.80 -67.16 -19.92
N ARG I 257 77.90 -67.97 -21.00
CA ARG I 257 76.75 -68.42 -21.80
C ARG I 257 75.68 -69.14 -20.94
N CYS I 258 76.12 -69.99 -19.99
CA CYS I 258 75.29 -70.57 -18.92
C CYS I 258 74.56 -69.48 -18.09
N PRO I 259 75.21 -68.69 -17.20
CA PRO I 259 74.60 -67.54 -16.47
C PRO I 259 73.71 -66.57 -17.27
N GLU I 260 74.10 -66.20 -18.50
CA GLU I 260 73.35 -65.29 -19.39
C GLU I 260 71.92 -65.78 -19.70
N THR I 261 71.65 -67.09 -19.59
CA THR I 261 70.34 -67.70 -19.78
C THR I 261 69.28 -67.16 -18.79
N LEU I 262 69.67 -66.53 -17.67
CA LEU I 262 68.74 -65.85 -16.75
C LEU I 262 68.23 -64.52 -17.33
N PHE I 263 69.07 -63.83 -18.11
CA PHE I 263 68.77 -62.55 -18.74
C PHE I 263 68.19 -62.79 -20.15
N GLN I 264 68.48 -63.95 -20.74
CA GLN I 264 68.10 -64.36 -22.09
C GLN I 264 67.50 -65.78 -22.08
N PRO I 265 66.22 -65.97 -21.65
CA PRO I 265 65.48 -67.26 -21.72
C PRO I 265 65.43 -67.90 -23.13
N SER I 266 65.64 -67.11 -24.18
CA SER I 266 65.78 -67.48 -25.58
C SER I 266 66.77 -68.62 -25.85
N PHE I 267 67.86 -68.73 -25.05
CA PHE I 267 68.88 -69.76 -25.18
C PHE I 267 68.39 -71.18 -24.87
N ILE I 268 67.35 -71.34 -24.03
CA ILE I 268 66.76 -72.65 -23.71
C ILE I 268 65.43 -72.86 -24.51
N GLY I 269 65.05 -71.88 -25.33
CA GLY I 269 63.93 -71.93 -26.25
C GLY I 269 62.61 -71.44 -25.65
N MET I 270 62.64 -70.32 -24.90
CA MET I 270 61.46 -69.65 -24.36
C MET I 270 61.26 -68.30 -25.08
N GLU I 271 60.00 -67.87 -25.24
CA GLU I 271 59.62 -66.53 -25.72
C GLU I 271 59.72 -65.47 -24.60
N SER I 272 59.83 -65.94 -23.36
CA SER I 272 59.76 -65.29 -22.06
C SER I 272 60.78 -64.15 -21.83
N ALA I 273 60.53 -63.36 -20.79
CA ALA I 273 61.34 -62.24 -20.31
C ALA I 273 62.33 -62.73 -19.24
N GLY I 274 63.47 -62.04 -19.11
CA GLY I 274 64.58 -62.35 -18.20
C GLY I 274 64.38 -61.85 -16.76
N ILE I 275 65.33 -62.16 -15.86
CA ILE I 275 65.32 -61.82 -14.43
C ILE I 275 65.14 -60.30 -14.14
N HIS I 276 65.87 -59.45 -14.87
CA HIS I 276 65.84 -57.98 -14.78
C HIS I 276 64.48 -57.42 -15.22
N GLU I 277 63.94 -57.95 -16.32
CA GLU I 277 62.62 -57.60 -16.87
C GLU I 277 61.52 -57.99 -15.87
N THR I 278 61.52 -59.24 -15.40
CA THR I 278 60.49 -59.79 -14.52
C THR I 278 60.52 -59.15 -13.11
N THR I 279 61.69 -58.76 -12.59
CA THR I 279 61.86 -57.90 -11.42
C THR I 279 61.17 -56.54 -11.65
N TYR I 280 61.51 -55.83 -12.73
CA TYR I 280 60.96 -54.50 -12.99
C TYR I 280 59.45 -54.54 -13.28
N ASN I 281 58.97 -55.55 -14.02
CA ASN I 281 57.55 -55.82 -14.26
C ASN I 281 56.76 -56.07 -12.96
N SER I 282 57.35 -56.83 -12.03
CA SER I 282 56.85 -57.06 -10.68
C SER I 282 56.73 -55.73 -9.89
N ILE I 283 57.78 -54.90 -9.90
CA ILE I 283 57.80 -53.56 -9.27
C ILE I 283 56.73 -52.63 -9.90
N MET I 284 56.51 -52.71 -11.23
CA MET I 284 55.57 -51.84 -11.93
C MET I 284 54.08 -52.24 -11.78
N LYS I 285 53.76 -53.51 -11.47
CA LYS I 285 52.38 -53.94 -11.16
C LYS I 285 52.11 -53.82 -9.64
N CYS I 286 53.12 -53.51 -8.80
CA CYS I 286 52.96 -53.15 -7.39
C CYS I 286 52.41 -51.73 -7.23
N ASP I 287 52.18 -51.30 -5.97
CA ASP I 287 51.92 -49.90 -5.61
C ASP I 287 53.11 -48.97 -5.99
N ILE I 288 52.83 -47.69 -6.13
CA ILE I 288 53.58 -46.71 -6.89
C ILE I 288 54.57 -45.91 -6.02
N ASP I 289 54.14 -45.35 -4.88
CA ASP I 289 55.01 -44.50 -4.03
C ASP I 289 56.13 -45.33 -3.38
N ILE I 290 55.89 -46.62 -3.12
CA ILE I 290 56.87 -47.57 -2.58
C ILE I 290 57.99 -47.93 -3.60
N ARG I 291 57.81 -47.65 -4.91
CA ARG I 291 58.74 -48.10 -5.96
C ARG I 291 60.16 -47.57 -5.78
N LYS I 292 60.31 -46.32 -5.32
CA LYS I 292 61.62 -45.73 -5.06
C LYS I 292 62.35 -46.38 -3.85
N ASP I 293 61.65 -47.10 -2.96
CA ASP I 293 62.24 -47.96 -1.93
C ASP I 293 62.48 -49.38 -2.51
N LEU I 294 61.56 -49.92 -3.33
CA LEU I 294 61.74 -51.19 -4.06
C LEU I 294 62.96 -51.17 -5.00
N TYR I 295 63.24 -50.03 -5.66
CA TYR I 295 64.44 -49.81 -6.48
C TYR I 295 65.71 -49.83 -5.62
N ALA I 296 65.62 -49.37 -4.37
CA ALA I 296 66.75 -49.20 -3.45
C ALA I 296 67.00 -50.46 -2.59
N ASN I 297 66.14 -51.48 -2.73
CA ASN I 297 66.06 -52.64 -1.86
C ASN I 297 65.73 -53.92 -2.63
N ASN I 298 66.40 -54.14 -3.78
CA ASN I 298 66.33 -55.42 -4.50
C ASN I 298 67.43 -56.33 -3.92
N VAL I 299 67.02 -57.42 -3.27
CA VAL I 299 67.89 -58.39 -2.62
C VAL I 299 67.94 -59.66 -3.50
N MET I 300 69.15 -60.15 -3.79
CA MET I 300 69.38 -61.42 -4.49
C MET I 300 69.36 -62.56 -3.45
N SER I 301 68.59 -63.61 -3.72
CA SER I 301 68.38 -64.81 -2.90
C SER I 301 68.54 -66.05 -3.83
N GLY I 302 68.55 -67.25 -3.25
CA GLY I 302 68.64 -68.52 -3.97
C GLY I 302 70.07 -68.84 -4.43
N GLY I 303 70.25 -70.01 -5.05
CA GLY I 303 71.56 -70.55 -5.40
C GLY I 303 72.09 -70.09 -6.75
N THR I 304 71.22 -69.88 -7.74
CA THR I 304 71.57 -69.54 -9.11
C THR I 304 71.91 -68.03 -9.23
N THR I 305 71.69 -67.23 -8.17
CA THR I 305 72.15 -65.84 -8.11
C THR I 305 73.58 -65.73 -7.53
N MET I 306 74.29 -66.84 -7.28
CA MET I 306 75.62 -66.85 -6.66
C MET I 306 76.73 -66.27 -7.56
N TYR I 307 76.52 -66.23 -8.88
CA TYR I 307 77.52 -65.88 -9.89
C TYR I 307 78.14 -64.48 -9.67
N PRO I 308 79.49 -64.32 -9.69
CA PRO I 308 80.10 -62.98 -9.67
C PRO I 308 79.80 -62.24 -10.98
N GLY I 309 79.67 -60.91 -10.91
CA GLY I 309 79.25 -60.05 -12.00
C GLY I 309 77.74 -59.80 -12.05
N ILE I 310 76.91 -60.55 -11.29
CA ILE I 310 75.46 -60.54 -11.44
C ILE I 310 74.81 -59.26 -10.88
N ALA I 311 75.32 -58.69 -9.78
CA ALA I 311 74.72 -57.51 -9.13
C ALA I 311 75.08 -56.27 -9.95
N ASP I 312 76.34 -56.22 -10.36
CA ASP I 312 77.02 -55.38 -11.34
C ASP I 312 76.19 -55.30 -12.64
N ARG I 313 75.91 -56.47 -13.24
CA ARG I 313 75.10 -56.63 -14.44
C ARG I 313 73.64 -56.21 -14.20
N MET I 314 72.97 -56.73 -13.17
CA MET I 314 71.56 -56.44 -12.86
C MET I 314 71.25 -54.94 -12.79
N GLN I 315 72.17 -54.16 -12.23
CA GLN I 315 72.08 -52.71 -12.11
C GLN I 315 72.09 -52.01 -13.50
N LYS I 316 73.02 -52.37 -14.39
CA LYS I 316 73.13 -51.76 -15.72
C LYS I 316 71.99 -52.19 -16.67
N GLU I 317 71.44 -53.40 -16.48
CA GLU I 317 70.31 -53.89 -17.26
C GLU I 317 69.00 -53.26 -16.75
N ILE I 318 68.83 -53.10 -15.42
CA ILE I 318 67.67 -52.41 -14.84
C ILE I 318 67.66 -50.91 -15.20
N THR I 319 68.80 -50.23 -15.26
CA THR I 319 68.86 -48.81 -15.68
C THR I 319 68.70 -48.60 -17.21
N ALA I 320 68.44 -49.67 -17.98
CA ALA I 320 67.96 -49.62 -19.36
C ALA I 320 66.43 -49.81 -19.41
N LEU I 321 65.78 -50.16 -18.29
CA LEU I 321 64.32 -50.28 -18.13
C LEU I 321 63.81 -49.10 -17.27
N ALA I 322 64.52 -48.78 -16.18
CA ALA I 322 64.17 -47.77 -15.20
C ALA I 322 64.72 -46.39 -15.63
N PRO I 323 64.05 -45.27 -15.25
CA PRO I 323 64.57 -43.91 -15.48
C PRO I 323 65.93 -43.68 -14.79
N SER I 324 66.85 -42.99 -15.48
CA SER I 324 68.23 -42.76 -15.06
C SER I 324 68.38 -41.79 -13.88
N THR I 325 67.30 -41.15 -13.44
CA THR I 325 67.23 -40.27 -12.27
C THR I 325 66.91 -41.08 -10.97
N MET I 326 66.61 -42.37 -11.07
CA MET I 326 66.21 -43.20 -9.93
C MET I 326 67.43 -43.74 -9.19
N LYS I 327 67.33 -43.80 -7.86
CA LYS I 327 68.36 -44.35 -6.98
C LYS I 327 68.13 -45.87 -6.87
N ILE I 328 68.64 -46.62 -7.84
CA ILE I 328 68.68 -48.08 -7.78
C ILE I 328 69.78 -48.48 -6.76
N LYS I 329 69.53 -49.49 -5.93
CA LYS I 329 70.50 -50.09 -5.00
C LYS I 329 70.17 -51.59 -4.93
N ILE I 330 71.02 -52.41 -5.55
CA ILE I 330 70.93 -53.87 -5.57
C ILE I 330 71.80 -54.37 -4.40
N ILE I 331 71.34 -55.41 -3.69
CA ILE I 331 72.04 -56.05 -2.59
C ILE I 331 72.22 -57.53 -2.96
N ALA I 332 73.44 -58.04 -2.82
CA ALA I 332 73.77 -59.46 -2.94
C ALA I 332 74.54 -59.85 -1.68
N PRO I 333 73.93 -60.58 -0.70
CA PRO I 333 74.63 -61.18 0.45
C PRO I 333 75.86 -62.02 0.03
N PRO I 334 76.90 -62.20 0.90
CA PRO I 334 78.19 -62.77 0.50
C PRO I 334 78.07 -64.19 -0.06
N GLU I 335 77.64 -65.14 0.78
CA GLU I 335 76.96 -66.37 0.35
C GLU I 335 75.46 -65.99 0.35
N ARG I 336 74.66 -66.68 -0.47
CA ARG I 336 73.23 -66.46 -0.60
C ARG I 336 72.43 -67.75 -0.86
N LYS I 337 73.07 -68.91 -1.11
CA LYS I 337 72.40 -70.12 -1.60
C LYS I 337 71.59 -70.85 -0.50
N TYR I 338 71.82 -70.49 0.77
CA TYR I 338 71.18 -71.06 1.95
C TYR I 338 70.39 -70.00 2.76
N SER I 339 70.37 -68.73 2.32
CA SER I 339 69.76 -67.56 2.97
C SER I 339 68.40 -67.79 3.67
N VAL I 340 67.46 -68.39 2.92
CA VAL I 340 66.10 -68.74 3.34
C VAL I 340 66.06 -69.70 4.56
N TRP I 341 67.03 -70.60 4.68
CA TRP I 341 67.14 -71.57 5.76
C TRP I 341 67.89 -70.94 6.94
N ILE I 342 68.94 -70.16 6.67
CA ILE I 342 69.76 -69.46 7.68
C ILE I 342 68.89 -68.47 8.49
N GLY I 343 67.99 -67.73 7.82
CA GLY I 343 67.02 -66.85 8.49
C GLY I 343 66.03 -67.64 9.36
N GLY I 344 65.58 -68.80 8.86
CA GLY I 344 64.72 -69.75 9.56
C GLY I 344 65.39 -70.34 10.81
N SER I 345 66.67 -70.70 10.72
CA SER I 345 67.49 -71.22 11.83
C SER I 345 67.53 -70.24 13.02
N ILE I 346 67.87 -68.97 12.74
CA ILE I 346 67.99 -67.93 13.76
C ILE I 346 66.60 -67.56 14.35
N LEU I 347 65.55 -67.49 13.53
CA LEU I 347 64.18 -67.23 13.99
C LEU I 347 63.66 -68.37 14.89
N ALA I 348 63.98 -69.63 14.56
CA ALA I 348 63.58 -70.80 15.33
C ALA I 348 64.36 -70.95 16.64
N SER I 349 65.59 -70.39 16.74
CA SER I 349 66.45 -70.47 17.93
C SER I 349 65.95 -69.58 19.08
N LEU I 350 65.03 -68.65 18.79
CA LEU I 350 64.51 -67.67 19.73
C LEU I 350 63.52 -68.34 20.70
N SER I 351 63.89 -68.40 21.99
CA SER I 351 63.04 -68.82 23.09
C SER I 351 62.30 -67.57 23.63
N THR I 352 61.48 -66.95 22.76
CA THR I 352 60.60 -65.81 22.97
C THR I 352 59.20 -66.30 23.45
N PHE I 353 58.19 -66.34 22.57
CA PHE I 353 56.80 -66.76 22.85
C PHE I 353 56.28 -67.58 21.67
N GLN I 354 55.32 -68.50 21.88
CA GLN I 354 54.85 -69.46 20.86
C GLN I 354 53.75 -68.85 19.96
N GLN I 355 54.04 -67.68 19.36
CA GLN I 355 53.06 -66.85 18.66
C GLN I 355 52.68 -67.42 17.29
N MET I 356 53.66 -67.85 16.49
CA MET I 356 53.45 -68.43 15.14
C MET I 356 53.70 -69.95 15.12
N TRP I 357 54.23 -70.46 16.22
CA TRP I 357 54.68 -71.82 16.43
C TRP I 357 53.48 -72.65 16.87
N ILE I 358 53.14 -73.69 16.10
CA ILE I 358 52.01 -74.55 16.35
C ILE I 358 52.56 -75.70 17.20
N THR I 359 52.08 -75.86 18.43
CA THR I 359 52.26 -77.08 19.21
C THR I 359 51.15 -78.06 18.79
N LYS I 360 51.39 -79.39 18.85
CA LYS I 360 50.44 -80.38 18.34
C LYS I 360 49.05 -80.30 18.97
N GLN I 361 48.92 -79.84 20.22
CA GLN I 361 47.61 -79.71 20.88
C GLN I 361 46.73 -78.65 20.20
N GLU I 362 47.33 -77.67 19.51
CA GLU I 362 46.63 -76.69 18.69
C GLU I 362 46.25 -77.27 17.30
N TYR I 363 46.79 -78.43 16.90
CA TYR I 363 46.32 -79.24 15.77
C TYR I 363 45.22 -80.19 16.30
N ASP I 364 45.46 -80.88 17.42
CA ASP I 364 44.52 -81.81 18.06
C ASP I 364 43.16 -81.15 18.40
N GLU I 365 43.15 -79.84 18.72
CA GLU I 365 41.96 -79.02 18.98
C GLU I 365 41.27 -78.52 17.69
N ALA I 366 42.05 -78.20 16.63
CA ALA I 366 41.60 -77.32 15.53
C ALA I 366 42.00 -77.74 14.11
N GLY I 367 42.74 -78.85 13.95
CA GLY I 367 43.14 -79.47 12.69
C GLY I 367 43.99 -78.57 11.77
N PRO I 368 44.12 -78.92 10.46
CA PRO I 368 44.88 -78.18 9.44
C PRO I 368 44.59 -76.67 9.30
N SER I 369 43.50 -76.15 9.90
CA SER I 369 43.16 -74.73 9.92
C SER I 369 44.12 -73.90 10.78
N ILE I 370 44.87 -74.52 11.71
CA ILE I 370 45.76 -73.84 12.67
C ILE I 370 46.89 -73.03 11.99
N VAL I 371 47.36 -73.45 10.81
CA VAL I 371 48.35 -72.75 10.00
C VAL I 371 47.80 -71.37 9.55
N HIS I 372 46.50 -71.29 9.26
CA HIS I 372 45.78 -70.07 8.89
C HIS I 372 45.26 -69.33 10.14
N ARG I 373 45.79 -69.66 11.34
CA ARG I 373 45.65 -68.88 12.56
C ARG I 373 47.04 -68.31 12.93
N LYS I 374 48.09 -69.16 12.96
CA LYS I 374 49.38 -68.81 13.55
C LYS I 374 50.44 -68.38 12.51
N CYS I 375 50.46 -68.96 11.30
CA CYS I 375 51.51 -68.67 10.32
C CYS I 375 51.05 -67.53 9.40
N PHE I 376 51.73 -66.37 9.53
CA PHE I 376 51.55 -65.15 8.74
C PHE I 376 51.96 -65.32 7.27
N NH2 I 377 51.95 -64.26 6.47
HN1 NH2 I 377 52.25 -64.39 5.52
HN2 NH2 I 377 51.74 -63.33 6.82
C ACE J 1 78.45 -64.75 -63.84
O ACE J 1 79.57 -63.92 -63.66
CH3 ACE J 1 77.65 -64.76 -62.54
H1 ACE J 1 78.25 -65.15 -61.71
H2 ACE J 1 76.77 -65.37 -62.64
H3 ACE J 1 77.33 -63.74 -62.28
N ASP J 2 78.97 -66.07 -64.09
CA ASP J 2 79.35 -66.26 -65.51
C ASP J 2 78.25 -67.09 -66.16
N GLU J 3 78.08 -67.01 -67.49
CA GLU J 3 76.85 -67.42 -68.18
C GLU J 3 76.83 -68.89 -68.65
N ASP J 4 77.94 -69.63 -68.59
CA ASP J 4 78.02 -71.03 -69.05
C ASP J 4 77.39 -72.00 -68.03
N GLU J 5 76.64 -72.99 -68.57
CA GLU J 5 76.04 -74.12 -67.86
C GLU J 5 77.18 -75.10 -67.51
N THR J 6 77.38 -75.43 -66.23
CA THR J 6 78.58 -76.10 -65.72
C THR J 6 78.28 -77.15 -64.63
N THR J 7 79.32 -77.87 -64.21
CA THR J 7 79.32 -78.99 -63.26
C THR J 7 79.60 -78.46 -61.84
N ALA J 8 79.26 -79.25 -60.82
CA ALA J 8 79.65 -79.04 -59.42
C ALA J 8 79.96 -80.39 -58.78
N LEU J 9 80.82 -80.40 -57.77
CA LEU J 9 81.10 -81.55 -56.91
C LEU J 9 80.21 -81.45 -55.67
N VAL J 10 79.82 -82.60 -55.11
CA VAL J 10 78.93 -82.68 -53.97
C VAL J 10 79.60 -83.57 -52.92
N CYS J 11 79.75 -83.04 -51.72
CA CYS J 11 80.39 -83.66 -50.57
C CYS J 11 79.39 -83.63 -49.41
N ASP J 12 79.43 -84.65 -48.56
CA ASP J 12 78.80 -84.66 -47.25
C ASP J 12 79.87 -85.08 -46.24
N ASN J 13 79.97 -84.31 -45.16
CA ASN J 13 80.82 -84.56 -43.98
C ASN J 13 80.38 -85.85 -43.26
N GLY J 14 79.08 -86.16 -43.34
CA GLY J 14 78.47 -87.38 -42.85
C GLY J 14 78.21 -87.36 -41.36
N SER J 15 78.13 -88.57 -40.80
CA SER J 15 77.98 -88.87 -39.39
C SER J 15 78.93 -90.04 -39.07
N GLY J 16 80.12 -90.00 -39.70
CA GLY J 16 81.25 -90.92 -39.63
C GLY J 16 81.61 -91.53 -40.98
N LEU J 17 80.63 -91.72 -41.88
CA LEU J 17 80.80 -92.26 -43.23
C LEU J 17 80.74 -91.08 -44.24
N VAL J 18 81.72 -90.97 -45.15
CA VAL J 18 81.85 -89.96 -46.19
C VAL J 18 80.95 -90.34 -47.39
N LYS J 19 80.45 -89.36 -48.14
CA LYS J 19 79.76 -89.51 -49.43
C LYS J 19 80.29 -88.42 -50.37
N ALA J 20 80.71 -88.78 -51.59
CA ALA J 20 81.26 -87.88 -52.60
C ALA J 20 80.89 -88.32 -54.03
N GLY J 21 80.79 -87.37 -54.94
CA GLY J 21 80.40 -87.58 -56.33
C GLY J 21 80.22 -86.23 -57.03
N PHE J 22 79.63 -86.27 -58.23
CA PHE J 22 79.33 -85.09 -59.04
C PHE J 22 77.84 -84.74 -58.87
N ALA J 23 77.49 -83.47 -59.07
CA ALA J 23 76.12 -82.99 -59.02
C ALA J 23 75.37 -83.47 -60.27
N GLY J 24 74.31 -84.25 -60.06
CA GLY J 24 73.54 -84.91 -61.11
C GLY J 24 73.67 -86.43 -61.06
N ASP J 25 74.54 -86.97 -60.18
CA ASP J 25 74.66 -88.40 -59.90
C ASP J 25 73.53 -88.77 -58.93
N ASP J 26 72.77 -89.83 -59.22
CA ASP J 26 71.65 -90.32 -58.39
C ASP J 26 72.14 -91.07 -57.13
N ALA J 27 73.41 -91.46 -57.09
CA ALA J 27 74.09 -92.08 -55.97
C ALA J 27 75.56 -91.63 -55.97
N PRO J 28 76.21 -91.44 -54.81
CA PRO J 28 77.62 -91.04 -54.73
C PRO J 28 78.56 -92.10 -55.31
N ARG J 29 79.67 -91.62 -55.89
CA ARG J 29 80.65 -92.43 -56.62
C ARG J 29 81.68 -93.03 -55.66
N ALA J 30 81.98 -92.34 -54.55
CA ALA J 30 82.89 -92.77 -53.51
C ALA J 30 82.16 -92.62 -52.17
N VAL J 31 82.11 -93.70 -51.40
CA VAL J 31 81.54 -93.81 -50.08
C VAL J 31 82.54 -94.64 -49.29
N PHE J 32 83.02 -94.14 -48.15
CA PHE J 32 84.07 -94.77 -47.32
C PHE J 32 83.99 -94.23 -45.88
N PRO J 33 84.53 -94.94 -44.86
CA PRO J 33 84.57 -94.42 -43.48
C PRO J 33 85.55 -93.25 -43.36
N SER J 34 85.19 -92.20 -42.59
CA SER J 34 86.01 -91.00 -42.40
C SER J 34 87.05 -91.34 -41.31
N ILE J 35 88.04 -92.13 -41.71
CA ILE J 35 89.18 -92.58 -40.95
C ILE J 35 90.43 -92.17 -41.74
N VAL J 36 91.40 -91.61 -41.03
CA VAL J 36 92.77 -91.43 -41.47
C VAL J 36 93.54 -92.51 -40.70
N GLY J 37 94.16 -93.43 -41.42
CA GLY J 37 95.05 -94.42 -40.89
C GLY J 37 96.47 -93.87 -40.92
N ARG J 38 97.00 -93.40 -39.78
CA ARG J 38 98.37 -92.89 -39.71
C ARG J 38 99.34 -94.06 -39.46
N PRO J 39 100.53 -94.11 -40.12
CA PRO J 39 101.54 -95.18 -40.03
C PRO J 39 101.90 -95.72 -38.62
N ARG J 40 102.43 -96.94 -38.62
CA ARG J 40 103.16 -97.58 -37.53
C ARG J 40 104.47 -98.19 -38.06
N HIS J 41 104.39 -98.93 -39.17
CA HIS J 41 105.48 -99.73 -39.74
C HIS J 41 105.21 -100.05 -41.22
N GLN J 42 104.34 -99.28 -41.87
CA GLN J 42 103.88 -99.46 -43.23
C GLN J 42 104.72 -98.55 -44.14
N GLY J 43 104.97 -98.99 -45.38
CA GLY J 43 105.52 -98.16 -46.45
C GLY J 43 104.41 -97.30 -47.05
N VAL J 44 104.74 -96.08 -47.51
CA VAL J 44 103.81 -95.15 -48.13
C VAL J 44 103.53 -95.55 -49.60
N MET J 45 102.33 -95.24 -50.10
CA MET J 45 101.87 -95.51 -51.47
C MET J 45 101.27 -94.25 -52.12
N VAL J 46 101.56 -93.07 -51.57
CA VAL J 46 101.05 -91.79 -52.03
C VAL J 46 101.99 -91.21 -53.11
N GLY J 47 101.48 -90.25 -53.88
CA GLY J 47 102.28 -89.34 -54.69
C GLY J 47 103.08 -88.37 -53.81
N MET J 48 104.24 -87.94 -54.29
CA MET J 48 105.13 -87.00 -53.60
C MET J 48 104.44 -85.64 -53.42
N GLY J 49 104.28 -85.21 -52.17
CA GLY J 49 103.65 -83.94 -51.82
C GLY J 49 102.16 -84.06 -51.47
N GLN J 50 101.59 -85.27 -51.38
CA GLN J 50 100.21 -85.49 -50.95
C GLN J 50 100.08 -85.34 -49.41
N LYS J 51 100.21 -86.43 -48.66
CA LYS J 51 99.95 -86.53 -47.23
C LYS J 51 100.84 -87.59 -46.58
N ASP J 52 100.78 -87.64 -45.25
CA ASP J 52 101.47 -88.50 -44.31
C ASP J 52 100.74 -89.85 -44.15
N SER J 53 99.43 -89.89 -44.39
CA SER J 53 98.53 -90.95 -43.94
C SER J 53 97.58 -91.43 -45.04
N TYR J 54 97.09 -92.67 -44.89
CA TYR J 54 96.16 -93.36 -45.78
C TYR J 54 94.73 -93.08 -45.27
N VAL J 55 93.71 -93.18 -46.14
CA VAL J 55 92.32 -92.85 -45.84
C VAL J 55 91.42 -94.03 -46.22
N GLY J 56 90.32 -94.22 -45.48
CA GLY J 56 89.22 -95.14 -45.76
C GLY J 56 89.67 -96.61 -45.81
N ASP J 57 89.11 -97.38 -46.74
CA ASP J 57 89.38 -98.79 -47.05
C ASP J 57 90.88 -99.10 -47.35
N GLU J 58 91.67 -98.08 -47.70
CA GLU J 58 93.13 -98.15 -47.85
C GLU J 58 93.80 -98.28 -46.47
N ALA J 59 93.24 -97.64 -45.42
CA ALA J 59 93.66 -97.79 -44.03
C ALA J 59 93.25 -99.17 -43.49
N GLN J 60 92.08 -99.68 -43.90
CA GLN J 60 91.59 -101.03 -43.53
C GLN J 60 92.40 -102.15 -44.23
N SER J 61 93.04 -101.84 -45.37
CA SER J 61 93.88 -102.78 -46.13
C SER J 61 95.27 -102.97 -45.50
N LYS J 62 95.69 -102.15 -44.54
CA LYS J 62 96.98 -102.30 -43.85
C LYS J 62 96.80 -103.37 -42.76
N ARG J 63 96.96 -104.63 -43.15
CA ARG J 63 96.59 -105.82 -42.35
C ARG J 63 97.48 -106.06 -41.12
N GLY J 64 98.56 -105.28 -40.93
CA GLY J 64 99.29 -105.17 -39.68
C GLY J 64 99.01 -103.78 -39.10
N ILE J 65 98.83 -103.69 -37.78
CA ILE J 65 98.38 -102.54 -36.97
C ILE J 65 98.76 -101.13 -37.48
N LEU J 66 97.78 -100.23 -37.55
CA LEU J 66 97.85 -98.86 -38.06
C LEU J 66 97.18 -97.95 -37.01
N THR J 67 97.52 -96.66 -36.96
CA THR J 67 96.98 -95.71 -35.98
C THR J 67 95.79 -94.99 -36.66
N LEU J 68 94.59 -95.56 -36.59
CA LEU J 68 93.37 -94.98 -37.15
C LEU J 68 92.85 -93.86 -36.25
N LYS J 69 92.77 -92.64 -36.79
CA LYS J 69 92.06 -91.51 -36.21
C LYS J 69 90.91 -91.13 -37.14
N TYR J 70 89.73 -90.86 -36.56
CA TYR J 70 88.61 -90.22 -37.25
C TYR J 70 88.77 -88.70 -36.99
N PRO J 71 88.52 -87.80 -37.96
CA PRO J 71 88.39 -86.36 -37.69
C PRO J 71 87.01 -86.01 -37.08
N ILE J 72 86.03 -86.91 -37.19
CA ILE J 72 84.66 -86.82 -36.71
C ILE J 72 84.43 -88.05 -35.82
N GLU J 73 84.55 -87.87 -34.50
CA GLU J 73 84.48 -88.96 -33.51
C GLU J 73 83.02 -89.42 -33.30
N HIS J 74 82.10 -88.44 -33.41
CA HIS J 74 80.69 -88.51 -33.14
C HIS J 74 79.95 -87.63 -34.16
N GLY J 75 79.36 -86.52 -33.70
CA GLY J 75 78.60 -85.58 -34.52
C GLY J 75 79.30 -84.24 -34.72
N ILE J 76 80.50 -84.06 -34.14
CA ILE J 76 81.34 -82.88 -34.30
C ILE J 76 82.64 -83.35 -34.96
N ILE J 77 83.16 -82.54 -35.89
CA ILE J 77 84.50 -82.67 -36.45
C ILE J 77 85.42 -81.91 -35.48
N THR J 78 86.38 -82.63 -34.88
CA THR J 78 87.25 -82.18 -33.81
C THR J 78 88.59 -81.71 -34.41
N ASN J 79 89.33 -82.62 -35.06
CA ASN J 79 90.66 -82.36 -35.60
C ASN J 79 90.53 -82.14 -37.11
N TRP J 80 90.98 -80.96 -37.53
CA TRP J 80 90.89 -80.48 -38.91
C TRP J 80 92.16 -80.79 -39.70
N ASP J 81 93.27 -81.17 -39.05
CA ASP J 81 94.46 -81.73 -39.75
C ASP J 81 94.07 -83.09 -40.37
N ASP J 82 93.21 -83.88 -39.72
CA ASP J 82 92.69 -85.15 -40.26
C ASP J 82 91.58 -84.91 -41.29
N MET J 83 90.70 -83.91 -41.10
CA MET J 83 89.60 -83.63 -42.04
C MET J 83 90.13 -83.13 -43.40
N GLU J 84 91.22 -82.36 -43.41
CA GLU J 84 91.89 -81.88 -44.61
C GLU J 84 92.42 -83.07 -45.44
N LYS J 85 92.94 -84.13 -44.80
CA LYS J 85 93.38 -85.36 -45.47
C LYS J 85 92.22 -86.13 -46.13
N ILE J 86 91.04 -86.18 -45.48
CA ILE J 86 89.83 -86.78 -46.05
C ILE J 86 89.45 -86.03 -47.35
N TRP J 87 89.46 -84.70 -47.34
CA TRP J 87 89.18 -83.86 -48.51
C TRP J 87 90.26 -84.02 -49.60
N HIS J 88 91.54 -84.01 -49.23
CA HIS J 88 92.67 -84.24 -50.15
C HIS J 88 92.53 -85.58 -50.87
N HIS J 89 92.25 -86.66 -50.11
CA HIS J 89 92.02 -88.00 -50.66
C HIS J 89 90.76 -88.06 -51.54
N THR J 90 89.67 -87.43 -51.09
CA THR J 90 88.38 -87.37 -51.80
C THR J 90 88.54 -86.78 -53.22
N PHE J 91 89.14 -85.60 -53.33
CA PHE J 91 89.18 -84.85 -54.58
C PHE J 91 90.33 -85.35 -55.47
N TYR J 92 91.59 -85.26 -55.01
CA TYR J 92 92.77 -85.47 -55.85
C TYR J 92 93.11 -86.96 -56.01
N ASN J 93 92.44 -87.88 -55.29
CA ASN J 93 92.74 -89.31 -55.31
C ASN J 93 91.55 -90.22 -55.61
N GLU J 94 90.31 -89.90 -55.17
CA GLU J 94 89.14 -90.75 -55.40
C GLU J 94 88.17 -90.21 -56.48
N LEU J 95 87.87 -88.91 -56.48
CA LEU J 95 87.16 -88.28 -57.60
C LEU J 95 88.11 -88.10 -58.79
N ARG J 96 89.40 -87.82 -58.51
CA ARG J 96 90.53 -87.86 -59.45
C ARG J 96 90.50 -86.62 -60.36
N VAL J 97 90.16 -85.47 -59.76
CA VAL J 97 90.02 -84.14 -60.34
C VAL J 97 90.72 -83.15 -59.39
N ALA J 98 90.99 -81.92 -59.84
CA ALA J 98 91.55 -80.88 -58.97
C ALA J 98 90.38 -80.03 -58.44
N PRO J 99 90.14 -79.94 -57.10
CA PRO J 99 88.99 -79.22 -56.55
C PRO J 99 88.98 -77.70 -56.82
N GLU J 100 90.11 -77.08 -57.16
CA GLU J 100 90.18 -75.69 -57.63
C GLU J 100 89.51 -75.49 -59.02
N GLU J 101 89.21 -76.55 -59.77
CA GLU J 101 88.47 -76.48 -61.03
C GLU J 101 86.94 -76.30 -60.78
N HIS J 102 86.42 -76.86 -59.68
CA HIS J 102 85.00 -77.18 -59.56
C HIS J 102 84.31 -76.38 -58.43
N PRO J 103 83.12 -75.77 -58.68
CA PRO J 103 82.18 -75.41 -57.61
C PRO J 103 81.84 -76.60 -56.71
N THR J 104 81.76 -76.41 -55.39
CA THR J 104 81.64 -77.50 -54.42
C THR J 104 80.49 -77.22 -53.45
N LEU J 105 79.52 -78.14 -53.34
CA LEU J 105 78.50 -78.12 -52.30
C LEU J 105 78.98 -79.05 -51.18
N LEU J 106 79.04 -78.54 -49.95
CA LEU J 106 79.38 -79.28 -48.73
C LEU J 106 78.11 -79.37 -47.88
N THR J 107 77.82 -80.56 -47.34
CA THR J 107 76.67 -80.80 -46.46
C THR J 107 77.21 -81.01 -45.02
N GLU J 108 76.76 -80.20 -44.05
CA GLU J 108 77.19 -80.26 -42.65
C GLU J 108 76.06 -80.81 -41.74
N ALA J 109 76.46 -81.23 -40.54
CA ALA J 109 75.61 -81.83 -39.53
C ALA J 109 74.99 -80.74 -38.61
N PRO J 110 73.68 -80.82 -38.28
CA PRO J 110 73.04 -80.03 -37.23
C PRO J 110 73.78 -80.06 -35.87
N LEU J 111 73.79 -78.93 -35.16
CA LEU J 111 74.43 -78.70 -33.86
C LEU J 111 75.93 -78.34 -33.95
N ASN J 112 76.51 -78.31 -35.15
CA ASN J 112 77.91 -77.90 -35.37
C ASN J 112 78.05 -76.38 -35.11
N PRO J 113 78.98 -75.95 -34.22
CA PRO J 113 79.28 -74.53 -33.92
C PRO J 113 79.60 -73.64 -35.14
N LYS J 114 79.45 -72.32 -34.93
CA LYS J 114 79.96 -71.26 -35.81
C LYS J 114 81.45 -71.44 -36.12
N ALA J 115 82.24 -71.66 -35.06
CA ALA J 115 83.69 -71.77 -35.04
C ALA J 115 84.26 -72.92 -35.88
N ASN J 116 83.41 -73.79 -36.44
CA ASN J 116 83.76 -74.82 -37.41
C ASN J 116 83.14 -74.55 -38.78
N ARG J 117 82.00 -73.84 -38.85
CA ARG J 117 81.36 -73.40 -40.10
C ARG J 117 82.26 -72.41 -40.85
N GLU J 118 82.94 -71.52 -40.12
CA GLU J 118 83.97 -70.62 -40.64
C GLU J 118 85.16 -71.41 -41.22
N LYS J 119 85.64 -72.45 -40.51
CA LYS J 119 86.74 -73.32 -40.98
C LYS J 119 86.41 -74.06 -42.29
N MET J 120 85.15 -74.49 -42.46
CA MET J 120 84.70 -75.22 -43.64
C MET J 120 84.53 -74.30 -44.85
N THR J 121 84.23 -73.01 -44.62
CA THR J 121 84.19 -71.99 -45.65
C THR J 121 85.64 -71.64 -46.03
N GLN J 122 86.48 -71.34 -45.03
CA GLN J 122 87.90 -71.00 -45.14
C GLN J 122 88.74 -72.00 -45.93
N ILE J 123 88.83 -73.26 -45.45
CA ILE J 123 89.75 -74.27 -45.99
C ILE J 123 89.43 -74.63 -47.46
N MET J 124 88.16 -74.56 -47.87
CA MET J 124 87.80 -74.79 -49.27
C MET J 124 88.24 -73.63 -50.18
N PHE J 125 88.15 -72.38 -49.71
CA PHE J 125 88.54 -71.20 -50.49
C PHE J 125 90.05 -70.92 -50.44
N GLU J 126 90.73 -71.16 -49.31
CA GLU J 126 92.14 -70.79 -49.12
C GLU J 126 93.07 -71.97 -49.43
N THR J 127 92.80 -73.18 -48.92
CA THR J 127 93.72 -74.32 -49.10
C THR J 127 93.44 -75.01 -50.45
N PHE J 128 92.17 -75.33 -50.74
CA PHE J 128 91.80 -76.10 -51.94
C PHE J 128 91.40 -75.19 -53.11
N ASN J 129 91.30 -73.87 -52.89
CA ASN J 129 91.22 -72.84 -53.93
C ASN J 129 89.93 -72.90 -54.78
N VAL J 130 88.85 -73.46 -54.21
CA VAL J 130 87.54 -73.62 -54.80
C VAL J 130 86.97 -72.24 -55.23
N PRO J 131 86.46 -72.06 -56.47
CA PRO J 131 86.03 -70.74 -56.97
C PRO J 131 84.71 -70.25 -56.34
N ALA J 132 83.80 -71.16 -55.99
CA ALA J 132 82.53 -70.85 -55.36
C ALA J 132 82.03 -72.07 -54.59
N MET J 133 81.52 -71.91 -53.37
CA MET J 133 81.07 -72.99 -52.50
C MET J 133 79.71 -72.72 -51.84
N TYR J 134 79.01 -73.80 -51.48
CA TYR J 134 77.71 -73.81 -50.82
C TYR J 134 77.82 -74.66 -49.56
N VAL J 135 77.18 -74.24 -48.48
CA VAL J 135 77.06 -74.97 -47.22
C VAL J 135 75.57 -75.33 -47.08
N ALA J 136 75.24 -76.62 -47.16
CA ALA J 136 73.93 -77.20 -46.95
C ALA J 136 73.93 -77.98 -45.62
N ILE J 137 72.74 -78.38 -45.12
CA ILE J 137 72.58 -79.11 -43.86
C ILE J 137 71.82 -80.40 -44.15
N GLN J 138 72.30 -81.53 -43.60
CA GLN J 138 71.83 -82.91 -43.83
C GLN J 138 70.31 -83.09 -43.68
N ALA J 139 69.74 -82.55 -42.58
CA ALA J 139 68.32 -82.67 -42.26
C ALA J 139 67.44 -81.79 -43.18
N VAL J 140 67.98 -80.65 -43.68
CA VAL J 140 67.29 -79.76 -44.60
C VAL J 140 67.26 -80.41 -46.00
N LEU J 141 68.39 -80.97 -46.45
CA LEU J 141 68.46 -81.69 -47.73
C LEU J 141 67.60 -82.96 -47.71
N SER J 142 67.65 -83.74 -46.63
CA SER J 142 66.90 -84.98 -46.53
C SER J 142 65.38 -84.72 -46.36
N LEU J 143 64.94 -83.69 -45.62
CA LEU J 143 63.52 -83.37 -45.45
C LEU J 143 62.93 -82.77 -46.73
N TYR J 144 63.69 -81.92 -47.45
CA TYR J 144 63.27 -81.40 -48.75
C TYR J 144 63.19 -82.54 -49.78
N ALA J 145 64.16 -83.47 -49.80
CA ALA J 145 64.15 -84.66 -50.65
C ALA J 145 63.05 -85.67 -50.25
N SER J 146 62.59 -85.64 -48.99
CA SER J 146 61.43 -86.41 -48.51
C SER J 146 60.11 -85.81 -49.05
N GLY J 147 60.11 -84.53 -49.46
CA GLY J 147 58.97 -83.80 -50.00
C GLY J 147 58.19 -83.10 -48.89
N ARG J 148 58.88 -82.37 -48.02
CA ARG J 148 58.35 -81.62 -46.89
C ARG J 148 59.16 -80.34 -46.68
N THR J 149 58.62 -79.44 -45.88
CA THR J 149 59.25 -78.27 -45.30
C THR J 149 59.10 -78.29 -43.75
N THR J 150 58.01 -78.90 -43.23
CA THR J 150 57.79 -79.24 -41.83
C THR J 150 57.83 -80.78 -41.71
N GLY J 151 58.52 -81.29 -40.69
CA GLY J 151 58.59 -82.69 -40.32
C GLY J 151 59.75 -82.93 -39.36
N ILE J 152 59.96 -84.17 -38.94
CA ILE J 152 61.06 -84.58 -38.08
C ILE J 152 61.84 -85.66 -38.82
N VAL J 153 63.17 -85.45 -38.92
CA VAL J 153 64.13 -86.37 -39.51
C VAL J 153 64.82 -87.10 -38.36
N LEU J 154 65.03 -88.41 -38.52
CA LEU J 154 65.94 -89.23 -37.74
C LEU J 154 67.12 -89.57 -38.66
N ASP J 155 68.37 -89.32 -38.25
CA ASP J 155 69.58 -90.03 -38.73
C ASP J 155 69.96 -91.04 -37.63
N SER J 156 70.64 -92.11 -38.02
CA SER J 156 71.34 -93.05 -37.16
C SER J 156 72.54 -93.52 -37.99
N GLY J 157 73.68 -92.88 -37.76
CA GLY J 157 74.86 -92.90 -38.61
C GLY J 157 75.86 -93.98 -38.19
N ASP J 158 77.15 -93.61 -38.18
CA ASP J 158 78.25 -94.44 -37.70
C ASP J 158 78.25 -94.38 -36.16
N GLY J 159 78.46 -93.19 -35.57
CA GLY J 159 78.61 -93.04 -34.11
C GLY J 159 77.53 -92.21 -33.41
N VAL J 160 76.55 -91.67 -34.15
CA VAL J 160 75.52 -90.77 -33.63
C VAL J 160 74.15 -91.06 -34.25
N THR J 161 73.11 -90.87 -33.44
CA THR J 161 71.71 -90.83 -33.85
C THR J 161 71.22 -89.41 -33.54
N HIS J 162 70.58 -88.74 -34.52
CA HIS J 162 70.07 -87.38 -34.43
C HIS J 162 68.55 -87.43 -34.61
N ASN J 163 67.79 -86.79 -33.73
CA ASN J 163 66.40 -86.40 -33.97
C ASN J 163 66.40 -84.89 -34.25
N VAL J 164 65.93 -84.47 -35.43
CA VAL J 164 65.95 -83.08 -35.89
C VAL J 164 64.53 -82.67 -36.33
N PRO J 165 63.73 -81.99 -35.48
CA PRO J 165 62.42 -81.43 -35.85
C PRO J 165 62.58 -80.08 -36.58
N ILE J 166 61.85 -79.90 -37.68
CA ILE J 166 61.85 -78.75 -38.55
C ILE J 166 60.40 -78.29 -38.76
N TYR J 167 60.18 -76.98 -38.77
CA TYR J 167 58.90 -76.32 -38.95
C TYR J 167 59.12 -75.24 -40.00
N GLU J 168 58.66 -75.51 -41.23
CA GLU J 168 58.74 -74.72 -42.46
C GLU J 168 60.17 -74.21 -42.74
N GLY J 169 61.10 -75.17 -42.84
CA GLY J 169 62.51 -74.99 -43.18
C GLY J 169 63.41 -74.61 -41.98
N TYR J 170 62.82 -74.09 -40.90
CA TYR J 170 63.53 -73.70 -39.68
C TYR J 170 63.61 -74.92 -38.76
N ALA J 171 64.83 -75.38 -38.46
CA ALA J 171 65.10 -76.45 -37.50
C ALA J 171 65.08 -75.84 -36.10
N LEU J 172 64.18 -76.32 -35.23
CA LEU J 172 63.88 -75.75 -33.91
C LEU J 172 64.98 -76.19 -32.90
N PRO J 173 65.96 -75.30 -32.56
CA PRO J 173 67.23 -75.69 -31.91
C PRO J 173 67.07 -76.44 -30.58
N HIS J 174 66.14 -75.97 -29.75
CA HIS J 174 65.91 -76.41 -28.37
C HIS J 174 65.23 -77.79 -28.28
N ALA J 175 64.81 -78.34 -29.42
CA ALA J 175 64.10 -79.60 -29.60
C ALA J 175 64.91 -80.63 -30.39
N ILE J 176 66.12 -80.29 -30.87
CA ILE J 176 67.04 -81.23 -31.52
C ILE J 176 67.72 -82.02 -30.39
N MET J 177 67.85 -83.33 -30.58
CA MET J 177 68.42 -84.27 -29.63
C MET J 177 69.39 -85.18 -30.39
N ARG J 178 70.67 -85.18 -30.00
CA ARG J 178 71.69 -86.07 -30.51
C ARG J 178 71.94 -87.09 -29.41
N LEU J 179 71.84 -88.37 -29.75
CA LEU J 179 72.12 -89.53 -28.93
C LEU J 179 73.34 -90.20 -29.57
N ASP J 180 74.48 -90.14 -28.89
CA ASP J 180 75.74 -90.74 -29.32
C ASP J 180 75.69 -92.23 -28.94
N LEU J 181 76.06 -93.10 -29.90
CA LEU J 181 75.84 -94.54 -30.04
C LEU J 181 75.07 -94.73 -31.36
N ALA J 182 75.65 -95.44 -32.34
CA ALA J 182 74.96 -95.87 -33.56
C ALA J 182 75.59 -97.12 -34.18
N GLY J 183 75.59 -97.16 -35.52
CA GLY J 183 75.89 -98.31 -36.36
C GLY J 183 77.30 -98.88 -36.24
N ARG J 184 78.30 -98.10 -35.85
CA ARG J 184 79.69 -98.49 -35.65
C ARG J 184 79.79 -99.41 -34.44
N ASP J 185 79.32 -98.88 -33.31
CA ASP J 185 79.51 -99.37 -31.95
C ASP J 185 78.61 -100.61 -31.75
N LEU J 186 77.51 -100.67 -32.51
CA LEU J 186 76.69 -101.86 -32.74
C LEU J 186 77.44 -102.96 -33.54
N THR J 187 78.49 -102.67 -34.32
CA THR J 187 79.29 -103.68 -35.03
C THR J 187 80.26 -104.33 -34.03
N ASP J 188 80.76 -103.58 -33.03
CA ASP J 188 81.50 -104.11 -31.89
C ASP J 188 80.59 -104.94 -30.99
N TYR J 189 79.33 -104.53 -30.84
CA TYR J 189 78.31 -105.34 -30.16
C TYR J 189 77.97 -106.61 -30.98
N LEU J 190 77.99 -106.55 -32.32
CA LEU J 190 77.82 -107.70 -33.20
C LEU J 190 79.03 -108.66 -33.09
N MET J 191 80.26 -108.14 -33.00
CA MET J 191 81.49 -108.90 -32.73
C MET J 191 81.43 -109.58 -31.35
N LYS J 192 80.94 -108.86 -30.32
CA LYS J 192 80.67 -109.37 -28.98
C LYS J 192 79.69 -110.58 -29.04
N ILE J 193 78.51 -110.42 -29.62
CA ILE J 193 77.51 -111.50 -29.66
C ILE J 193 77.90 -112.66 -30.62
N LEU J 194 78.87 -112.46 -31.52
CA LEU J 194 79.49 -113.52 -32.32
C LEU J 194 80.62 -114.21 -31.53
N THR J 195 81.38 -113.51 -30.67
CA THR J 195 82.31 -114.14 -29.74
C THR J 195 81.56 -114.88 -28.61
N GLU J 196 80.32 -114.49 -28.26
CA GLU J 196 79.35 -115.29 -27.49
C GLU J 196 78.85 -116.55 -28.27
N ARG J 197 79.33 -116.80 -29.50
CA ARG J 197 79.15 -118.02 -30.28
C ARG J 197 80.51 -118.65 -30.65
N GLY J 198 81.63 -118.12 -30.10
CA GLY J 198 82.97 -118.68 -30.26
C GLY J 198 83.70 -118.27 -31.55
N TYR J 199 83.16 -117.36 -32.39
CA TYR J 199 83.76 -117.02 -33.69
C TYR J 199 85.11 -116.26 -33.58
N SER J 200 85.43 -115.72 -32.40
CA SER J 200 86.78 -115.33 -31.98
C SER J 200 87.36 -114.06 -32.63
N PHE J 201 86.54 -113.32 -33.41
CA PHE J 201 86.88 -112.08 -34.11
C PHE J 201 87.28 -110.97 -33.13
N VAL J 202 88.31 -110.17 -33.44
CA VAL J 202 88.96 -109.26 -32.50
C VAL J 202 89.45 -107.94 -33.11
N THR J 203 89.90 -107.88 -34.38
CA THR J 203 90.60 -106.71 -34.94
C THR J 203 89.62 -105.81 -35.74
N THR J 204 90.16 -104.86 -36.51
CA THR J 204 89.43 -103.95 -37.39
C THR J 204 89.05 -104.66 -38.71
N ALA J 205 89.75 -105.74 -39.11
CA ALA J 205 89.54 -106.43 -40.38
C ALA J 205 88.21 -107.22 -40.37
N GLU J 206 87.93 -107.95 -39.30
CA GLU J 206 86.69 -108.69 -39.08
C GLU J 206 85.51 -107.72 -38.86
N ARG J 207 85.75 -106.51 -38.34
CA ARG J 207 84.70 -105.51 -38.16
C ARG J 207 84.06 -105.05 -39.48
N GLU J 208 84.81 -104.95 -40.59
CA GLU J 208 84.24 -104.63 -41.90
C GLU J 208 83.52 -105.85 -42.52
N ILE J 209 83.94 -107.08 -42.20
CA ILE J 209 83.25 -108.31 -42.62
C ILE J 209 81.94 -108.44 -41.82
N VAL J 210 82.00 -108.23 -40.49
CA VAL J 210 80.86 -108.14 -39.61
C VAL J 210 79.95 -106.93 -39.94
N ARG J 211 80.48 -105.85 -40.53
CA ARG J 211 79.70 -104.74 -41.08
C ARG J 211 78.89 -105.21 -42.30
N ASP J 212 79.44 -106.10 -43.14
CA ASP J 212 78.68 -106.73 -44.22
C ASP J 212 77.58 -107.65 -43.66
N ILE J 213 77.88 -108.52 -42.66
CA ILE J 213 76.90 -109.33 -41.92
C ILE J 213 75.74 -108.48 -41.37
N LYS J 214 76.07 -107.32 -40.80
CA LYS J 214 75.15 -106.32 -40.26
C LYS J 214 74.25 -105.73 -41.36
N GLU J 215 74.83 -105.22 -42.45
CA GLU J 215 74.11 -104.62 -43.57
C GLU J 215 73.34 -105.66 -44.42
N LYS J 216 73.77 -106.93 -44.45
CA LYS J 216 73.16 -107.99 -45.25
C LYS J 216 72.02 -108.72 -44.51
N LEU J 217 72.24 -109.21 -43.28
CA LEU J 217 71.44 -110.31 -42.70
C LEU J 217 70.62 -109.95 -41.45
N CYS J 218 70.89 -108.80 -40.83
CA CYS J 218 70.29 -108.41 -39.55
C CYS J 218 69.00 -107.61 -39.76
N TYR J 219 68.14 -107.55 -38.74
CA TYR J 219 66.83 -106.91 -38.74
C TYR J 219 66.43 -106.50 -37.33
N VAL J 220 65.49 -105.56 -37.20
CA VAL J 220 64.86 -105.21 -35.94
C VAL J 220 63.63 -106.12 -35.85
N ALA J 221 63.45 -106.78 -34.69
CA ALA J 221 62.29 -107.63 -34.41
C ALA J 221 61.11 -106.72 -34.00
N LEU J 222 59.87 -107.17 -34.21
CA LEU J 222 58.66 -106.43 -33.88
C LEU J 222 58.48 -106.28 -32.35
N ASP J 223 58.96 -107.25 -31.59
CA ASP J 223 59.36 -107.10 -30.19
C ASP J 223 60.51 -108.07 -29.90
N PHE J 224 61.25 -107.85 -28.83
CA PHE J 224 62.37 -108.68 -28.41
C PHE J 224 61.84 -110.03 -27.88
N GLU J 225 60.81 -109.98 -27.01
CA GLU J 225 60.25 -111.13 -26.32
C GLU J 225 59.63 -112.15 -27.31
N ASN J 226 59.10 -111.65 -28.44
CA ASN J 226 58.55 -112.44 -29.54
C ASN J 226 59.64 -113.30 -30.19
N GLU J 227 60.70 -112.63 -30.65
CA GLU J 227 61.77 -113.20 -31.44
C GLU J 227 62.72 -114.02 -30.55
N MET J 228 63.00 -113.56 -29.32
CA MET J 228 63.86 -114.24 -28.35
C MET J 228 63.18 -115.52 -27.82
N ALA J 229 61.85 -115.54 -27.64
CA ALA J 229 61.12 -116.76 -27.30
C ALA J 229 61.12 -117.76 -28.48
N THR J 230 60.88 -117.27 -29.70
CA THR J 230 60.83 -118.06 -30.93
C THR J 230 62.21 -118.66 -31.25
N ALA J 231 63.28 -117.85 -31.26
CA ALA J 231 64.63 -118.26 -31.59
C ALA J 231 65.40 -118.89 -30.40
N ALA J 232 64.70 -119.18 -29.30
CA ALA J 232 65.14 -120.09 -28.24
C ALA J 232 64.42 -121.44 -28.36
N SER J 233 63.31 -121.51 -29.11
CA SER J 233 62.42 -122.66 -29.20
C SER J 233 62.43 -123.31 -30.60
N SER J 234 63.21 -122.79 -31.55
CA SER J 234 63.26 -123.25 -32.92
C SER J 234 64.63 -122.95 -33.55
N SER J 235 64.89 -123.60 -34.69
CA SER J 235 66.07 -123.52 -35.53
C SER J 235 65.58 -123.47 -36.98
N SER J 236 65.03 -122.31 -37.35
CA SER J 236 64.51 -121.91 -38.66
C SER J 236 64.34 -120.38 -38.73
N LEU J 237 65.26 -119.63 -38.09
CA LEU J 237 65.23 -118.16 -38.01
C LEU J 237 66.63 -117.54 -38.20
N GLU J 238 67.68 -118.36 -38.04
CA GLU J 238 69.05 -118.14 -38.42
C GLU J 238 69.19 -118.14 -39.96
N LYS J 239 70.27 -117.53 -40.46
CA LYS J 239 70.67 -117.59 -41.85
C LYS J 239 72.19 -117.49 -41.91
N SER J 240 72.81 -118.30 -42.79
CA SER J 240 74.24 -118.37 -42.98
C SER J 240 74.81 -117.11 -43.66
N TYR J 241 76.08 -116.80 -43.39
CA TYR J 241 76.90 -115.87 -44.13
C TYR J 241 78.02 -116.71 -44.73
N GLU J 242 77.85 -117.07 -46.00
CA GLU J 242 78.74 -117.83 -46.84
C GLU J 242 79.78 -116.85 -47.40
N LEU J 243 81.00 -116.87 -46.85
CA LEU J 243 82.13 -116.08 -47.36
C LEU J 243 82.66 -116.72 -48.67
N PRO J 244 83.19 -115.92 -49.63
CA PRO J 244 83.84 -116.40 -50.86
C PRO J 244 84.90 -117.51 -50.66
N ASP J 245 85.62 -117.44 -49.53
CA ASP J 245 86.65 -118.34 -49.03
C ASP J 245 86.10 -119.73 -48.66
N GLY J 246 84.78 -119.91 -48.65
CA GLY J 246 84.09 -121.14 -48.29
C GLY J 246 83.74 -121.22 -46.79
N GLN J 247 84.09 -120.18 -46.02
CA GLN J 247 83.82 -120.06 -44.59
C GLN J 247 82.35 -119.69 -44.36
N VAL J 248 81.51 -120.72 -44.18
CA VAL J 248 80.11 -120.60 -43.82
C VAL J 248 80.02 -120.28 -42.31
N ILE J 249 79.90 -119.00 -41.99
CA ILE J 249 79.52 -118.47 -40.69
C ILE J 249 77.97 -118.53 -40.65
N THR J 250 77.34 -118.68 -39.48
CA THR J 250 75.88 -118.71 -39.34
C THR J 250 75.44 -117.85 -38.15
N ILE J 251 74.49 -116.93 -38.41
CA ILE J 251 74.03 -115.88 -37.54
C ILE J 251 72.61 -116.29 -37.11
N GLY J 252 72.39 -116.45 -35.81
CA GLY J 252 71.10 -116.86 -35.24
C GLY J 252 70.39 -115.65 -34.63
N ASN J 253 70.14 -115.71 -33.32
CA ASN J 253 69.62 -114.63 -32.45
C ASN J 253 70.33 -113.28 -32.66
N GLU J 254 71.62 -113.38 -32.98
CA GLU J 254 72.58 -112.35 -33.36
C GLU J 254 72.11 -111.45 -34.52
N ARG J 255 71.15 -111.91 -35.34
CA ARG J 255 70.48 -111.14 -36.39
C ARG J 255 69.61 -109.99 -35.83
N PHE J 256 69.16 -110.07 -34.57
CA PHE J 256 68.36 -109.03 -33.92
C PHE J 256 68.97 -108.55 -32.60
N ARG J 257 69.75 -109.38 -31.88
CA ARG J 257 70.41 -108.98 -30.62
C ARG J 257 71.41 -107.82 -30.80
N CYS J 258 72.00 -107.67 -32.00
CA CYS J 258 72.72 -106.45 -32.39
C CYS J 258 71.71 -105.27 -32.53
N PRO J 259 70.86 -105.15 -33.57
CA PRO J 259 69.87 -104.06 -33.74
C PRO J 259 69.06 -103.62 -32.50
N GLU J 260 68.59 -104.57 -31.68
CA GLU J 260 67.81 -104.29 -30.47
C GLU J 260 68.57 -103.47 -29.42
N THR J 261 69.92 -103.49 -29.43
CA THR J 261 70.76 -102.69 -28.53
C THR J 261 70.62 -101.16 -28.76
N LEU J 262 70.04 -100.71 -29.89
CA LEU J 262 69.70 -99.30 -30.13
C LEU J 262 68.31 -98.96 -29.55
N PHE J 263 67.39 -99.95 -29.51
CA PHE J 263 66.07 -99.84 -28.87
C PHE J 263 66.18 -99.98 -27.34
N GLN J 264 67.20 -100.69 -26.85
CA GLN J 264 67.59 -100.77 -25.45
C GLN J 264 69.11 -100.56 -25.29
N PRO J 265 69.60 -99.29 -25.21
CA PRO J 265 70.98 -98.92 -24.84
C PRO J 265 71.49 -99.57 -23.53
N SER J 266 70.57 -99.92 -22.64
CA SER J 266 70.73 -100.76 -21.46
C SER J 266 71.44 -102.10 -21.74
N PHE J 267 71.30 -102.68 -22.94
CA PHE J 267 72.01 -103.89 -23.37
C PHE J 267 73.53 -103.65 -23.63
N ILE J 268 73.96 -102.38 -23.70
CA ILE J 268 75.37 -101.97 -23.76
C ILE J 268 75.70 -101.09 -22.52
N GLY J 269 74.85 -101.12 -21.49
CA GLY J 269 75.09 -100.51 -20.19
C GLY J 269 74.86 -99.00 -20.12
N MET J 270 74.34 -98.38 -21.19
CA MET J 270 74.07 -96.96 -21.26
C MET J 270 72.80 -96.62 -20.46
N GLU J 271 72.84 -95.50 -19.72
CA GLU J 271 71.69 -94.95 -19.00
C GLU J 271 70.76 -94.16 -19.93
N SER J 272 71.27 -93.76 -21.10
CA SER J 272 70.65 -92.95 -22.13
C SER J 272 69.32 -93.53 -22.62
N ALA J 273 68.31 -92.67 -22.80
CA ALA J 273 66.98 -93.02 -23.28
C ALA J 273 67.03 -93.57 -24.72
N GLY J 274 66.16 -94.54 -25.03
CA GLY J 274 66.07 -95.17 -26.36
C GLY J 274 65.63 -94.19 -27.45
N ILE J 275 65.80 -94.55 -28.72
CA ILE J 275 65.51 -93.69 -29.87
C ILE J 275 64.03 -93.27 -29.93
N HIS J 276 63.12 -94.18 -29.56
CA HIS J 276 61.68 -93.96 -29.45
C HIS J 276 61.34 -92.97 -28.31
N GLU J 277 61.98 -93.11 -27.14
CA GLU J 277 61.89 -92.19 -26.01
C GLU J 277 62.38 -90.77 -26.44
N THR J 278 63.56 -90.71 -27.08
CA THR J 278 64.19 -89.48 -27.57
C THR J 278 63.35 -88.79 -28.68
N THR J 279 62.76 -89.55 -29.61
CA THR J 279 61.85 -89.04 -30.65
C THR J 279 60.59 -88.40 -30.04
N TYR J 280 59.98 -89.04 -29.04
CA TYR J 280 58.88 -88.50 -28.23
C TYR J 280 59.29 -87.18 -27.55
N ASN J 281 60.42 -87.18 -26.82
CA ASN J 281 60.93 -86.03 -26.06
C ASN J 281 61.24 -84.82 -26.96
N SER J 282 61.74 -85.08 -28.17
CA SER J 282 62.04 -84.11 -29.22
C SER J 282 60.76 -83.43 -29.75
N ILE J 283 59.72 -84.21 -30.11
CA ILE J 283 58.44 -83.68 -30.62
C ILE J 283 57.68 -82.91 -29.51
N MET J 284 57.75 -83.41 -28.27
CA MET J 284 57.17 -82.79 -27.08
C MET J 284 57.80 -81.43 -26.72
N LYS J 285 59.06 -81.19 -27.11
CA LYS J 285 59.80 -79.95 -26.89
C LYS J 285 59.43 -78.85 -27.91
N CYS J 286 58.69 -79.18 -28.97
CA CYS J 286 58.15 -78.23 -29.95
C CYS J 286 56.75 -77.82 -29.43
N ASP J 287 56.34 -76.56 -29.65
CA ASP J 287 55.10 -75.89 -29.22
C ASP J 287 53.81 -76.66 -29.54
N ILE J 288 52.76 -76.42 -28.75
CA ILE J 288 51.43 -77.04 -28.75
C ILE J 288 50.79 -77.33 -30.12
N ASP J 289 50.93 -76.42 -31.07
CA ASP J 289 50.29 -76.43 -32.38
C ASP J 289 51.21 -77.06 -33.44
N ILE J 290 52.51 -77.23 -33.17
CA ILE J 290 53.48 -77.77 -34.14
C ILE J 290 53.42 -79.31 -34.10
N ARG J 291 53.26 -79.89 -32.90
CA ARG J 291 53.51 -81.32 -32.61
C ARG J 291 52.75 -82.29 -33.52
N LYS J 292 51.48 -81.97 -33.81
CA LYS J 292 50.57 -82.68 -34.73
C LYS J 292 51.21 -83.07 -36.09
N ASP J 293 51.90 -82.12 -36.74
CA ASP J 293 52.36 -82.29 -38.13
C ASP J 293 53.77 -82.88 -38.15
N LEU J 294 54.46 -82.92 -36.99
CA LEU J 294 55.69 -83.70 -36.82
C LEU J 294 55.33 -85.19 -36.66
N TYR J 295 54.27 -85.52 -35.91
CA TYR J 295 53.74 -86.90 -35.76
C TYR J 295 53.37 -87.50 -37.13
N ALA J 296 52.79 -86.67 -38.00
CA ALA J 296 52.39 -87.03 -39.36
C ALA J 296 53.55 -87.00 -40.38
N ASN J 297 54.78 -86.65 -39.97
CA ASN J 297 55.94 -86.47 -40.86
C ASN J 297 57.23 -86.94 -40.19
N ASN J 298 57.23 -88.18 -39.68
CA ASN J 298 58.39 -88.84 -39.09
C ASN J 298 59.18 -89.52 -40.21
N VAL J 299 60.27 -88.89 -40.67
CA VAL J 299 61.11 -89.35 -41.77
C VAL J 299 62.30 -90.11 -41.16
N MET J 300 62.34 -91.43 -41.41
CA MET J 300 63.47 -92.29 -41.07
C MET J 300 64.48 -92.16 -42.21
N SER J 301 65.66 -91.63 -41.93
CA SER J 301 66.79 -91.45 -42.84
C SER J 301 68.04 -92.01 -42.15
N GLY J 302 69.22 -91.94 -42.78
CA GLY J 302 70.48 -92.38 -42.18
C GLY J 302 70.91 -93.78 -42.60
N GLY J 303 71.91 -94.34 -41.90
CA GLY J 303 72.57 -95.59 -42.29
C GLY J 303 72.05 -96.82 -41.52
N THR J 304 71.90 -96.71 -40.20
CA THR J 304 71.54 -97.82 -39.32
C THR J 304 70.02 -98.08 -39.36
N THR J 305 69.23 -97.15 -39.93
CA THR J 305 67.81 -97.28 -40.21
C THR J 305 67.53 -98.14 -41.46
N MET J 306 68.55 -98.74 -42.08
CA MET J 306 68.39 -99.65 -43.22
C MET J 306 67.80 -101.01 -42.82
N TYR J 307 67.87 -101.41 -41.54
CA TYR J 307 67.36 -102.69 -41.02
C TYR J 307 65.85 -102.91 -41.32
N PRO J 308 65.43 -104.07 -41.88
CA PRO J 308 64.02 -104.48 -41.92
C PRO J 308 63.38 -104.48 -40.52
N GLY J 309 62.07 -104.20 -40.45
CA GLY J 309 61.30 -104.21 -39.21
C GLY J 309 61.37 -102.91 -38.39
N ILE J 310 62.28 -101.97 -38.73
CA ILE J 310 62.50 -100.77 -37.91
C ILE J 310 61.39 -99.72 -38.08
N ALA J 311 60.73 -99.64 -39.26
CA ALA J 311 59.66 -98.68 -39.52
C ALA J 311 58.38 -99.14 -38.79
N ASP J 312 58.15 -100.45 -38.89
CA ASP J 312 57.14 -101.30 -38.30
C ASP J 312 57.21 -101.22 -36.76
N ARG J 313 58.41 -101.45 -36.22
CA ARG J 313 58.73 -101.32 -34.80
C ARG J 313 58.56 -99.87 -34.32
N MET J 314 59.03 -98.86 -35.07
CA MET J 314 58.87 -97.46 -34.70
C MET J 314 57.39 -97.04 -34.67
N GLN J 315 56.56 -97.52 -35.61
CA GLN J 315 55.11 -97.35 -35.60
C GLN J 315 54.47 -97.92 -34.30
N LYS J 316 54.93 -99.08 -33.84
CA LYS J 316 54.54 -99.69 -32.57
C LYS J 316 55.00 -98.83 -31.37
N GLU J 317 56.30 -98.54 -31.24
CA GLU J 317 56.83 -97.83 -30.06
C GLU J 317 56.31 -96.39 -29.96
N ILE J 318 56.08 -95.70 -31.08
CA ILE J 318 55.57 -94.34 -31.10
C ILE J 318 54.06 -94.29 -30.75
N THR J 319 53.25 -95.30 -31.11
CA THR J 319 51.85 -95.37 -30.67
C THR J 319 51.69 -95.85 -29.21
N ALA J 320 52.80 -96.22 -28.54
CA ALA J 320 52.87 -96.43 -27.09
C ALA J 320 53.36 -95.15 -26.36
N LEU J 321 53.62 -94.04 -27.08
CA LEU J 321 54.14 -92.79 -26.53
C LEU J 321 53.32 -91.55 -26.98
N ALA J 322 52.92 -91.48 -28.25
CA ALA J 322 52.15 -90.39 -28.81
C ALA J 322 50.64 -90.67 -28.62
N PRO J 323 49.81 -89.65 -28.26
CA PRO J 323 48.34 -89.76 -28.15
C PRO J 323 47.66 -90.41 -29.35
N SER J 324 46.67 -91.27 -29.09
CA SER J 324 45.94 -92.06 -30.07
C SER J 324 44.94 -91.24 -30.92
N THR J 325 44.69 -89.97 -30.56
CA THR J 325 43.90 -89.02 -31.33
C THR J 325 44.77 -88.29 -32.39
N MET J 326 46.11 -88.40 -32.31
CA MET J 326 47.03 -87.84 -33.28
C MET J 326 47.25 -88.84 -34.43
N LYS J 327 47.58 -88.29 -35.59
CA LYS J 327 47.75 -89.03 -36.84
C LYS J 327 49.25 -89.30 -36.97
N ILE J 328 49.63 -90.57 -37.15
CA ILE J 328 51.02 -90.98 -37.32
C ILE J 328 51.18 -91.33 -38.80
N LYS J 329 52.23 -90.81 -39.45
CA LYS J 329 52.68 -91.18 -40.78
C LYS J 329 54.21 -91.27 -40.69
N ILE J 330 54.73 -92.51 -40.59
CA ILE J 330 56.16 -92.82 -40.60
C ILE J 330 56.55 -93.01 -42.08
N ILE J 331 57.60 -92.33 -42.54
CA ILE J 331 58.14 -92.40 -43.89
C ILE J 331 59.54 -93.02 -43.79
N ALA J 332 59.85 -93.99 -44.64
CA ALA J 332 61.18 -94.57 -44.80
C ALA J 332 61.44 -94.76 -46.31
N PRO J 333 62.27 -93.92 -46.97
CA PRO J 333 62.67 -94.09 -48.37
C PRO J 333 63.28 -95.49 -48.68
N PRO J 334 63.01 -96.09 -49.86
CA PRO J 334 63.47 -97.45 -50.28
C PRO J 334 64.93 -97.78 -49.94
N GLU J 335 65.88 -97.05 -50.52
CA GLU J 335 67.22 -96.82 -49.99
C GLU J 335 67.10 -95.46 -49.28
N ARG J 336 67.89 -95.23 -48.22
CA ARG J 336 67.83 -94.05 -47.37
C ARG J 336 69.20 -93.53 -46.92
N LYS J 337 70.32 -94.23 -47.15
CA LYS J 337 71.62 -93.80 -46.62
C LYS J 337 72.28 -92.74 -47.53
N TYR J 338 71.84 -92.65 -48.78
CA TYR J 338 72.31 -91.65 -49.74
C TYR J 338 71.38 -90.42 -49.76
N SER J 339 70.20 -90.47 -49.12
CA SER J 339 69.12 -89.49 -49.24
C SER J 339 69.50 -88.07 -48.79
N VAL J 340 70.48 -87.95 -47.88
CA VAL J 340 71.07 -86.69 -47.42
C VAL J 340 71.89 -86.02 -48.55
N TRP J 341 72.66 -86.83 -49.29
CA TRP J 341 73.60 -86.39 -50.31
C TRP J 341 72.87 -86.21 -51.66
N ILE J 342 71.87 -87.05 -51.96
CA ILE J 342 71.01 -86.96 -53.15
C ILE J 342 70.31 -85.60 -53.24
N GLY J 343 69.80 -85.06 -52.10
CA GLY J 343 69.21 -83.73 -52.05
C GLY J 343 70.23 -82.62 -52.39
N GLY J 344 71.51 -82.86 -52.07
CA GLY J 344 72.65 -82.03 -52.43
C GLY J 344 73.01 -82.14 -53.90
N SER J 345 72.94 -83.35 -54.49
CA SER J 345 73.11 -83.61 -55.92
C SER J 345 72.05 -82.88 -56.74
N ILE J 346 70.79 -82.84 -56.28
CA ILE J 346 69.73 -82.04 -56.89
C ILE J 346 70.03 -80.53 -56.77
N LEU J 347 70.32 -80.04 -55.56
CA LEU J 347 70.54 -78.63 -55.25
C LEU J 347 71.79 -78.06 -55.96
N ALA J 348 72.81 -78.89 -56.18
CA ALA J 348 74.02 -78.53 -56.91
C ALA J 348 73.88 -78.72 -58.44
N SER J 349 72.72 -79.18 -58.95
CA SER J 349 72.45 -79.36 -60.37
C SER J 349 71.22 -78.54 -60.80
N LEU J 350 71.16 -77.28 -60.34
CA LEU J 350 70.18 -76.29 -60.75
C LEU J 350 70.91 -75.25 -61.60
N SER J 351 70.49 -75.12 -62.85
CA SER J 351 71.03 -74.24 -63.89
C SER J 351 70.50 -72.80 -63.75
N THR J 352 70.56 -72.25 -62.54
CA THR J 352 69.95 -71.00 -62.09
C THR J 352 71.05 -70.08 -61.53
N PHE J 353 70.81 -68.76 -61.54
CA PHE J 353 71.76 -67.74 -61.08
C PHE J 353 71.84 -67.74 -59.54
N GLN J 354 73.05 -67.53 -59.01
CA GLN J 354 73.39 -67.72 -57.61
C GLN J 354 72.84 -66.65 -56.66
N GLN J 355 72.70 -67.04 -55.39
CA GLN J 355 72.40 -66.15 -54.29
C GLN J 355 73.02 -66.67 -52.97
N MET J 356 72.72 -67.93 -52.62
CA MET J 356 73.12 -68.57 -51.36
C MET J 356 74.46 -69.31 -51.52
N TRP J 357 74.88 -69.58 -52.76
CA TRP J 357 76.24 -69.99 -53.10
C TRP J 357 77.17 -68.78 -52.85
N ILE J 358 78.31 -69.02 -52.21
CA ILE J 358 79.31 -68.03 -51.84
C ILE J 358 80.36 -68.09 -52.94
N THR J 359 80.70 -66.96 -53.55
CA THR J 359 81.81 -66.83 -54.50
C THR J 359 83.12 -66.56 -53.71
N LYS J 360 84.27 -66.80 -54.36
CA LYS J 360 85.58 -66.38 -53.85
C LYS J 360 85.66 -64.85 -53.66
N GLN J 361 84.98 -64.08 -54.52
CA GLN J 361 84.88 -62.62 -54.49
C GLN J 361 84.29 -62.14 -53.14
N GLU J 362 83.10 -62.65 -52.78
CA GLU J 362 82.42 -62.32 -51.54
C GLU J 362 83.20 -62.78 -50.28
N TYR J 363 84.00 -63.84 -50.40
CA TYR J 363 84.90 -64.30 -49.34
C TYR J 363 86.06 -63.32 -49.16
N ASP J 364 86.73 -62.92 -50.25
CA ASP J 364 87.92 -62.05 -50.23
C ASP J 364 87.57 -60.61 -49.80
N GLU J 365 86.29 -60.21 -49.90
CA GLU J 365 85.76 -58.93 -49.43
C GLU J 365 85.28 -59.02 -47.96
N ALA J 366 84.50 -60.04 -47.59
CA ALA J 366 83.79 -60.12 -46.30
C ALA J 366 84.42 -61.08 -45.28
N GLY J 367 85.41 -61.88 -45.68
CA GLY J 367 86.13 -62.87 -44.88
C GLY J 367 85.30 -64.09 -44.49
N PRO J 368 85.84 -65.00 -43.63
CA PRO J 368 85.17 -66.21 -43.12
C PRO J 368 83.73 -66.09 -42.58
N SER J 369 83.28 -64.88 -42.19
CA SER J 369 81.95 -64.63 -41.66
C SER J 369 80.86 -64.55 -42.76
N ILE J 370 81.22 -64.63 -44.06
CA ILE J 370 80.32 -64.57 -45.21
C ILE J 370 79.20 -65.63 -45.16
N VAL J 371 79.53 -66.85 -44.73
CA VAL J 371 78.64 -68.02 -44.62
C VAL J 371 77.39 -67.74 -43.77
N HIS J 372 77.54 -66.96 -42.68
CA HIS J 372 76.47 -66.63 -41.74
C HIS J 372 75.58 -65.49 -42.26
N ARG J 373 75.78 -65.05 -43.51
CA ARG J 373 74.87 -64.18 -44.25
C ARG J 373 74.14 -65.00 -45.33
N LYS J 374 74.58 -66.23 -45.61
CA LYS J 374 74.15 -67.02 -46.77
C LYS J 374 73.36 -68.29 -46.35
N CYS J 375 73.64 -68.85 -45.18
CA CYS J 375 72.98 -70.04 -44.64
C CYS J 375 73.14 -70.06 -43.11
N PHE J 376 72.54 -71.06 -42.43
CA PHE J 376 72.55 -71.18 -40.97
C PHE J 376 73.88 -71.80 -40.48
N NH2 J 377 74.49 -72.68 -41.27
HN1 NH2 J 377 75.35 -73.12 -40.98
HN2 NH2 J 377 74.10 -72.89 -42.18
C ACE K 1 -24.01 80.48 9.10
O ACE K 1 -23.42 81.06 10.24
CH3 ACE K 1 -24.85 79.30 9.59
H1 ACE K 1 -25.62 79.63 10.29
H2 ACE K 1 -24.23 78.56 10.10
H3 ACE K 1 -25.37 78.80 8.77
N MET K 2 -24.88 81.48 8.52
CA MET K 2 -24.28 82.80 8.14
C MET K 2 -25.38 83.88 8.00
N ALA K 3 -26.63 83.46 8.21
CA ALA K 3 -27.88 84.18 8.11
C ALA K 3 -29.00 83.33 8.72
N SER K 4 -30.17 83.93 8.97
CA SER K 4 -31.42 83.23 9.31
C SER K 4 -32.29 83.02 8.04
N GLY K 5 -31.76 83.37 6.86
CA GLY K 5 -32.51 83.83 5.72
C GLY K 5 -32.13 85.30 5.46
N VAL K 6 -32.40 85.80 4.25
CA VAL K 6 -32.04 87.14 3.80
C VAL K 6 -32.99 88.20 4.39
N THR K 7 -32.59 89.47 4.36
CA THR K 7 -33.38 90.57 4.92
C THR K 7 -34.19 91.26 3.80
N VAL K 8 -34.86 92.38 4.13
CA VAL K 8 -35.75 93.14 3.27
C VAL K 8 -35.34 94.60 3.41
N ASN K 9 -34.88 95.22 2.32
CA ASN K 9 -34.38 96.60 2.30
C ASN K 9 -35.59 97.48 1.96
N ASP K 10 -35.93 98.47 2.81
CA ASP K 10 -37.10 99.37 2.74
C ASP K 10 -37.36 100.13 1.42
N GLU K 11 -36.52 99.97 0.39
CA GLU K 11 -36.76 100.37 -0.99
C GLU K 11 -38.09 99.80 -1.54
N VAL K 12 -38.40 98.53 -1.21
CA VAL K 12 -39.70 97.91 -1.48
C VAL K 12 -40.85 98.64 -0.76
N ILE K 13 -40.66 99.02 0.52
CA ILE K 13 -41.64 99.69 1.35
C ILE K 13 -41.90 101.14 0.88
N LYS K 14 -40.95 101.80 0.18
CA LYS K 14 -41.17 103.11 -0.46
C LYS K 14 -42.23 103.01 -1.56
N VAL K 15 -41.96 102.21 -2.60
CA VAL K 15 -42.80 102.11 -3.80
C VAL K 15 -44.12 101.36 -3.52
N PHE K 16 -44.18 100.56 -2.45
CA PHE K 16 -45.42 100.02 -1.88
C PHE K 16 -46.32 101.17 -1.41
N ASN K 17 -45.83 102.08 -0.57
CA ASN K 17 -46.67 103.07 0.12
C ASN K 17 -47.32 104.10 -0.81
N ASP K 18 -46.71 104.40 -1.96
CA ASP K 18 -47.26 105.35 -2.95
C ASP K 18 -48.48 104.75 -3.71
N MET K 19 -48.44 103.43 -4.00
CA MET K 19 -49.59 102.73 -4.59
C MET K 19 -50.52 102.15 -3.52
N LYS K 20 -50.12 102.12 -2.23
CA LYS K 20 -50.93 101.59 -1.15
C LYS K 20 -52.13 102.52 -0.90
N VAL K 21 -51.90 103.83 -0.78
CA VAL K 21 -52.97 104.82 -0.69
C VAL K 21 -53.34 105.27 -2.11
N ARG K 22 -54.64 105.42 -2.31
CA ARG K 22 -55.27 106.21 -3.36
C ARG K 22 -55.21 107.67 -2.93
N LYS K 23 -55.12 108.56 -3.92
CA LYS K 23 -54.82 109.98 -3.75
C LYS K 23 -55.61 110.82 -4.76
N SER K 24 -55.46 112.15 -4.67
CA SER K 24 -55.83 113.20 -5.63
C SER K 24 -55.80 112.77 -7.11
N SER K 25 -57.00 112.55 -7.67
CA SER K 25 -57.21 111.74 -8.87
C SER K 25 -56.70 112.39 -10.17
N THR K 26 -56.66 113.73 -10.23
CA THR K 26 -56.30 114.58 -11.36
C THR K 26 -54.97 114.22 -12.06
N GLN K 27 -54.03 113.52 -11.40
CA GLN K 27 -53.01 112.74 -12.13
C GLN K 27 -52.37 111.59 -11.36
N GLU K 28 -52.31 111.61 -10.01
CA GLU K 28 -51.55 110.63 -9.22
C GLU K 28 -52.13 109.20 -9.38
N GLU K 29 -53.46 109.07 -9.41
CA GLU K 29 -54.17 107.81 -9.67
C GLU K 29 -53.84 107.25 -11.08
N ILE K 30 -53.81 108.16 -12.06
CA ILE K 30 -53.61 107.86 -13.48
C ILE K 30 -52.12 107.60 -13.78
N LYS K 31 -51.24 107.49 -12.77
CA LYS K 31 -49.81 107.21 -12.90
C LYS K 31 -49.26 106.23 -11.84
N LYS K 32 -49.70 106.32 -10.57
CA LYS K 32 -49.09 105.57 -9.47
C LYS K 32 -49.75 104.22 -9.21
N ARG K 33 -51.00 104.01 -9.64
CA ARG K 33 -51.75 102.74 -9.45
C ARG K 33 -51.32 101.67 -10.48
N LYS K 34 -50.00 101.58 -10.78
CA LYS K 34 -49.43 100.58 -11.66
C LYS K 34 -49.60 99.17 -11.06
N LYS K 35 -50.13 98.27 -11.87
CA LYS K 35 -50.61 96.96 -11.46
C LYS K 35 -49.47 95.94 -11.57
N ALA K 36 -49.26 95.17 -10.49
CA ALA K 36 -48.25 94.13 -10.33
C ALA K 36 -46.87 94.74 -10.11
N VAL K 37 -46.64 95.32 -8.93
CA VAL K 37 -45.30 95.70 -8.49
C VAL K 37 -44.64 94.41 -7.94
N LEU K 38 -43.54 93.99 -8.58
CA LEU K 38 -42.77 92.80 -8.24
C LEU K 38 -41.64 93.22 -7.29
N PHE K 39 -41.28 92.31 -6.38
CA PHE K 39 -40.19 92.47 -5.41
C PHE K 39 -39.36 91.20 -5.48
N CYS K 40 -38.03 91.34 -5.51
CA CYS K 40 -37.06 90.30 -5.86
C CYS K 40 -35.84 90.34 -4.94
N LEU K 41 -35.10 89.23 -4.89
CA LEU K 41 -33.78 89.08 -4.31
C LEU K 41 -32.76 89.92 -5.12
N SER K 42 -31.87 90.63 -4.44
CA SER K 42 -30.88 91.55 -5.00
C SER K 42 -29.89 90.93 -6.00
N ASP K 43 -29.05 91.77 -6.60
CA ASP K 43 -27.83 91.45 -7.33
C ASP K 43 -26.88 90.68 -6.38
N ASP K 44 -26.70 91.17 -5.15
CA ASP K 44 -25.77 90.64 -4.14
C ASP K 44 -26.32 89.38 -3.45
N LYS K 45 -27.65 89.25 -3.27
CA LYS K 45 -28.37 88.14 -2.67
C LYS K 45 -28.39 88.14 -1.12
N ARG K 46 -28.16 89.29 -0.47
CA ARG K 46 -28.31 89.39 0.99
C ARG K 46 -29.68 89.98 1.39
N GLN K 47 -30.44 90.54 0.43
CA GLN K 47 -31.61 91.37 0.69
C GLN K 47 -32.64 91.26 -0.45
N ILE K 48 -33.91 91.53 -0.14
CA ILE K 48 -34.99 91.73 -1.11
C ILE K 48 -35.07 93.24 -1.42
N ILE K 49 -35.33 93.56 -2.69
CA ILE K 49 -35.43 94.88 -3.32
C ILE K 49 -36.59 94.91 -4.35
N VAL K 50 -36.68 96.00 -5.13
CA VAL K 50 -37.66 96.23 -6.19
C VAL K 50 -37.10 95.65 -7.50
N GLU K 51 -37.96 94.93 -8.23
CA GLU K 51 -37.67 94.29 -9.51
C GLU K 51 -38.12 95.20 -10.65
N GLU K 52 -37.37 95.20 -11.77
CA GLU K 52 -37.69 95.90 -13.00
C GLU K 52 -38.40 94.91 -13.95
N ALA K 53 -39.54 94.40 -13.49
CA ALA K 53 -40.52 93.69 -14.30
C ALA K 53 -41.37 94.75 -15.01
N LYS K 54 -41.97 94.42 -16.15
CA LYS K 54 -42.83 95.33 -16.89
C LYS K 54 -44.20 95.39 -16.17
N GLN K 55 -44.30 96.36 -15.25
CA GLN K 55 -45.44 96.66 -14.40
C GLN K 55 -46.34 97.58 -15.23
N ILE K 56 -47.58 97.14 -15.51
CA ILE K 56 -48.58 97.81 -16.35
C ILE K 56 -48.95 99.14 -15.68
N LEU K 57 -49.00 100.24 -16.44
CA LEU K 57 -49.33 101.57 -15.93
C LEU K 57 -50.85 101.80 -16.11
N VAL K 58 -51.27 103.07 -16.22
CA VAL K 58 -52.66 103.50 -16.28
C VAL K 58 -52.84 104.38 -17.53
N GLY K 59 -52.44 103.83 -18.68
CA GLY K 59 -52.83 104.26 -20.02
C GLY K 59 -53.15 103.01 -20.85
N ASP K 60 -52.19 102.08 -20.82
CA ASP K 60 -52.07 100.74 -21.41
C ASP K 60 -53.34 99.89 -21.35
N ILE K 61 -54.03 99.94 -20.21
CA ILE K 61 -55.29 99.25 -19.90
C ILE K 61 -56.48 99.86 -20.68
N GLY K 62 -56.36 101.11 -21.14
CA GLY K 62 -57.32 101.76 -22.02
C GLY K 62 -56.99 101.52 -23.51
N ASP K 63 -55.71 101.30 -23.85
CA ASP K 63 -55.24 101.15 -25.23
C ASP K 63 -55.34 99.68 -25.69
N THR K 64 -54.76 98.73 -24.95
CA THR K 64 -54.52 97.37 -25.43
C THR K 64 -54.62 96.25 -24.37
N VAL K 65 -54.33 96.54 -23.09
CA VAL K 65 -54.14 95.52 -22.06
C VAL K 65 -55.49 95.03 -21.50
N GLU K 66 -56.01 93.98 -22.15
CA GLU K 66 -57.24 93.20 -21.92
C GLU K 66 -57.72 93.06 -20.46
N ASP K 67 -56.81 92.75 -19.55
CA ASP K 67 -56.83 93.19 -18.15
C ASP K 67 -55.35 93.21 -17.70
N PRO K 68 -54.98 94.03 -16.69
CA PRO K 68 -53.58 94.15 -16.26
C PRO K 68 -53.04 92.91 -15.52
N TYR K 69 -53.89 92.10 -14.89
CA TYR K 69 -53.48 90.89 -14.19
C TYR K 69 -53.13 89.82 -15.25
N THR K 70 -53.98 89.65 -16.26
CA THR K 70 -53.81 88.66 -17.31
C THR K 70 -52.69 89.10 -18.28
N SER K 71 -52.30 90.39 -18.32
CA SER K 71 -51.08 90.86 -18.99
C SER K 71 -49.81 90.60 -18.14
N PHE K 72 -49.87 90.78 -16.81
CA PHE K 72 -48.83 90.37 -15.85
C PHE K 72 -48.47 88.89 -15.98
N VAL K 73 -49.49 88.02 -16.10
CA VAL K 73 -49.40 86.59 -16.38
C VAL K 73 -48.57 86.22 -17.62
N LYS K 74 -48.44 87.11 -18.62
CA LYS K 74 -47.65 86.86 -19.84
C LYS K 74 -46.14 87.04 -19.57
N LEU K 75 -45.74 87.60 -18.42
CA LEU K 75 -44.42 88.18 -18.16
C LEU K 75 -43.69 87.52 -16.97
N LEU K 76 -44.24 86.43 -16.42
CA LEU K 76 -43.67 85.71 -15.28
C LEU K 76 -42.57 84.73 -15.73
N PRO K 77 -41.46 84.57 -14.98
CA PRO K 77 -40.49 83.49 -15.18
C PRO K 77 -41.07 82.16 -14.69
N LEU K 78 -40.73 81.08 -15.40
CA LEU K 78 -41.20 79.71 -15.15
C LEU K 78 -40.17 78.92 -14.31
N ASN K 79 -39.09 79.60 -13.91
CA ASN K 79 -37.77 79.06 -13.62
C ASN K 79 -37.02 79.85 -12.55
N ASP K 80 -37.68 80.81 -11.90
CA ASP K 80 -37.22 81.58 -10.74
C ASP K 80 -38.45 81.92 -9.89
N CYS K 81 -38.28 82.07 -8.58
CA CYS K 81 -39.33 82.47 -7.64
C CYS K 81 -39.24 83.99 -7.44
N ARG K 82 -40.36 84.65 -7.13
CA ARG K 82 -40.40 86.08 -6.86
C ARG K 82 -41.65 86.46 -6.05
N TYR K 83 -41.70 87.66 -5.49
CA TYR K 83 -42.91 88.19 -4.87
C TYR K 83 -43.59 89.12 -5.86
N ALA K 84 -44.91 89.24 -5.73
CA ALA K 84 -45.70 90.32 -6.31
C ALA K 84 -46.59 90.91 -5.22
N LEU K 85 -47.05 92.13 -5.46
CA LEU K 85 -48.07 92.81 -4.66
C LEU K 85 -49.04 93.38 -5.69
N TYR K 86 -50.34 93.22 -5.45
CA TYR K 86 -51.39 93.49 -6.41
C TYR K 86 -52.54 94.28 -5.78
N ASP K 87 -53.04 95.26 -6.52
CA ASP K 87 -54.14 96.18 -6.21
C ASP K 87 -55.37 95.65 -6.96
N ALA K 88 -56.15 94.78 -6.32
CA ALA K 88 -57.24 94.03 -6.90
C ALA K 88 -58.51 94.88 -6.82
N THR K 89 -59.03 95.27 -7.97
CA THR K 89 -60.18 96.16 -8.12
C THR K 89 -61.36 95.28 -8.58
N TYR K 90 -62.43 95.21 -7.77
CA TYR K 90 -63.46 94.19 -7.91
C TYR K 90 -64.83 94.72 -7.49
N GLU K 91 -65.87 94.03 -7.97
CA GLU K 91 -67.26 94.20 -7.65
C GLU K 91 -67.61 92.92 -6.89
N THR K 92 -68.27 93.04 -5.75
CA THR K 92 -68.75 91.92 -4.95
C THR K 92 -70.27 92.06 -4.79
N LYS K 93 -70.89 91.11 -4.10
CA LYS K 93 -72.34 90.88 -4.05
C LYS K 93 -73.15 92.03 -3.43
N GLU K 94 -72.49 93.00 -2.79
CA GLU K 94 -73.08 94.10 -2.04
C GLU K 94 -72.33 95.43 -2.19
N SER K 95 -71.25 95.52 -2.98
CA SER K 95 -70.35 96.69 -3.01
C SER K 95 -69.29 96.56 -4.12
N LYS K 96 -68.59 97.67 -4.40
CA LYS K 96 -67.30 97.70 -5.07
C LYS K 96 -66.23 97.52 -3.97
N LYS K 97 -65.06 96.97 -4.32
CA LYS K 97 -63.90 96.86 -3.45
C LYS K 97 -62.59 97.01 -4.25
N GLU K 98 -61.49 97.29 -3.54
CA GLU K 98 -60.26 97.85 -4.10
C GLU K 98 -59.07 97.52 -3.18
N ASP K 99 -58.81 96.23 -2.94
CA ASP K 99 -57.93 95.72 -1.88
C ASP K 99 -56.53 95.34 -2.39
N LEU K 100 -55.57 95.31 -1.46
CA LEU K 100 -54.18 94.95 -1.69
C LEU K 100 -53.95 93.48 -1.27
N VAL K 101 -53.29 92.71 -2.13
CA VAL K 101 -52.95 91.30 -2.00
C VAL K 101 -51.43 91.14 -2.13
N PHE K 102 -50.81 90.29 -1.28
CA PHE K 102 -49.40 89.89 -1.38
C PHE K 102 -49.36 88.49 -2.02
N ILE K 103 -48.44 88.25 -2.96
CA ILE K 103 -48.36 87.04 -3.77
C ILE K 103 -46.93 86.50 -3.65
N PHE K 104 -46.74 85.24 -3.24
CA PHE K 104 -45.48 84.52 -3.34
C PHE K 104 -45.63 83.59 -4.55
N TRP K 105 -44.92 83.90 -5.64
CA TRP K 105 -44.82 83.07 -6.84
C TRP K 105 -43.53 82.24 -6.70
N ALA K 106 -43.66 80.91 -6.72
CA ALA K 106 -42.55 79.97 -6.67
C ALA K 106 -42.83 78.77 -7.58
N PRO K 107 -42.56 78.85 -8.91
CA PRO K 107 -42.89 77.78 -9.85
C PRO K 107 -42.09 76.51 -9.54
N GLU K 108 -42.70 75.32 -9.64
CA GLU K 108 -42.12 74.08 -9.12
C GLU K 108 -40.74 73.72 -9.70
N SER K 109 -40.48 74.11 -10.95
CA SER K 109 -39.23 73.93 -11.69
C SER K 109 -38.18 75.01 -11.35
N ALA K 110 -38.50 76.02 -10.51
CA ALA K 110 -37.52 76.99 -10.04
C ALA K 110 -36.55 76.33 -9.04
N PRO K 111 -35.24 76.66 -9.06
CA PRO K 111 -34.20 76.12 -8.15
C PRO K 111 -34.59 76.13 -6.66
N LEU K 112 -34.22 75.07 -5.93
CA LEU K 112 -34.43 74.94 -4.49
C LEU K 112 -33.78 76.08 -3.69
N LYS K 113 -32.68 76.66 -4.20
CA LYS K 113 -31.98 77.82 -3.63
C LYS K 113 -32.45 79.17 -4.21
N SER K 114 -33.51 79.20 -5.03
CA SER K 114 -34.36 80.39 -5.16
C SER K 114 -35.50 80.19 -4.13
N LYS K 115 -36.19 79.04 -4.15
CA LYS K 115 -37.27 78.63 -3.25
C LYS K 115 -36.98 78.89 -1.75
N MET K 116 -35.91 78.28 -1.22
CA MET K 116 -35.48 78.34 0.18
C MET K 116 -35.21 79.79 0.67
N ILE K 117 -34.57 80.60 -0.18
CA ILE K 117 -34.23 81.99 0.14
C ILE K 117 -35.51 82.82 0.18
N TYR K 118 -36.30 82.82 -0.91
CA TYR K 118 -37.55 83.58 -1.03
C TYR K 118 -38.62 83.14 -0.01
N ALA K 119 -38.63 81.85 0.38
CA ALA K 119 -39.49 81.34 1.45
C ALA K 119 -39.07 81.92 2.81
N SER K 120 -37.76 81.96 3.12
CA SER K 120 -37.23 82.50 4.38
C SER K 120 -37.58 83.99 4.57
N SER K 121 -37.41 84.82 3.53
CA SER K 121 -37.60 86.26 3.60
C SER K 121 -39.04 86.70 3.32
N LYS K 122 -39.94 85.77 2.92
CA LYS K 122 -41.39 85.95 2.90
C LYS K 122 -41.85 86.39 4.28
N ASP K 123 -41.32 85.71 5.31
CA ASP K 123 -41.58 85.95 6.72
C ASP K 123 -40.94 87.22 7.29
N ALA K 124 -40.31 88.05 6.47
CA ALA K 124 -39.94 89.43 6.78
C ALA K 124 -40.89 90.37 6.05
N ILE K 125 -40.94 90.33 4.69
CA ILE K 125 -41.73 91.22 3.82
C ILE K 125 -43.22 91.25 4.18
N LYS K 126 -43.80 90.09 4.52
CA LYS K 126 -45.19 89.88 4.99
C LYS K 126 -45.58 90.79 6.17
N LYS K 127 -44.62 91.10 7.05
CA LYS K 127 -44.82 91.80 8.31
C LYS K 127 -44.33 93.26 8.21
N LYS K 128 -43.57 93.59 7.16
CA LYS K 128 -43.17 94.95 6.78
C LYS K 128 -44.32 95.71 6.08
N PHE K 129 -45.40 95.02 5.71
CA PHE K 129 -46.64 95.60 5.22
C PHE K 129 -47.70 95.50 6.33
N THR K 130 -48.72 96.35 6.28
CA THR K 130 -49.88 96.38 7.17
C THR K 130 -51.02 96.96 6.33
N GLY K 131 -52.23 96.42 6.41
CA GLY K 131 -53.33 96.75 5.50
C GLY K 131 -53.27 96.03 4.15
N ILE K 132 -52.60 94.87 4.12
CA ILE K 132 -52.73 93.86 3.06
C ILE K 132 -53.88 92.98 3.59
N LYS K 133 -54.94 92.85 2.80
CA LYS K 133 -56.17 92.20 3.24
C LYS K 133 -56.15 90.70 2.92
N HIS K 134 -55.39 90.29 1.89
CA HIS K 134 -55.38 88.94 1.34
C HIS K 134 -53.94 88.52 0.98
N GLU K 135 -53.68 87.23 0.91
CA GLU K 135 -52.38 86.64 0.63
C GLU K 135 -52.55 85.34 -0.15
N TRP K 136 -51.56 84.95 -0.97
CA TRP K 136 -51.48 83.60 -1.54
C TRP K 136 -50.05 83.08 -1.75
N GLN K 137 -49.96 81.77 -1.53
CA GLN K 137 -48.90 80.83 -1.85
C GLN K 137 -49.26 80.26 -3.23
N VAL K 138 -48.38 80.41 -4.22
CA VAL K 138 -48.66 80.11 -5.64
C VAL K 138 -47.48 79.30 -6.22
N ASN K 139 -47.74 78.13 -6.81
CA ASN K 139 -46.69 77.19 -7.25
C ASN K 139 -46.91 76.58 -8.64
N GLY K 140 -48.16 76.42 -9.06
CA GLY K 140 -48.53 75.94 -10.39
C GLY K 140 -48.69 77.11 -11.34
N LEU K 141 -48.37 76.92 -12.62
CA LEU K 141 -48.61 77.91 -13.67
C LEU K 141 -50.11 78.20 -13.80
N ASP K 142 -50.94 77.16 -13.77
CA ASP K 142 -52.39 77.19 -13.74
C ASP K 142 -53.01 77.89 -12.52
N ASP K 143 -52.26 78.05 -11.42
CA ASP K 143 -52.69 78.78 -10.22
C ASP K 143 -52.75 80.28 -10.54
N ILE K 144 -51.64 80.82 -11.07
CA ILE K 144 -51.46 82.25 -11.30
C ILE K 144 -52.09 82.70 -12.63
N LYS K 145 -52.32 81.76 -13.55
CA LYS K 145 -52.85 81.87 -14.92
C LYS K 145 -54.08 82.77 -15.13
N ASP K 146 -54.95 82.89 -14.14
CA ASP K 146 -56.22 83.60 -14.25
C ASP K 146 -56.56 84.30 -12.93
N ARG K 147 -57.23 85.46 -13.01
CA ARG K 147 -57.62 86.27 -11.86
C ARG K 147 -58.72 85.60 -11.01
N SER K 148 -59.43 84.59 -11.53
CA SER K 148 -60.47 83.86 -10.80
C SER K 148 -59.87 83.09 -9.60
N THR K 149 -58.63 82.63 -9.71
CA THR K 149 -57.91 81.93 -8.66
C THR K 149 -57.38 82.94 -7.61
N LEU K 150 -57.06 84.18 -8.00
CA LEU K 150 -56.78 85.30 -7.11
C LEU K 150 -58.07 85.66 -6.34
N GLY K 151 -59.20 85.74 -7.06
CA GLY K 151 -60.53 85.98 -6.53
C GLY K 151 -61.02 84.93 -5.52
N GLU K 152 -60.57 83.68 -5.64
CA GLU K 152 -60.78 82.61 -4.65
C GLU K 152 -60.09 82.94 -3.30
N LYS K 153 -58.93 83.63 -3.32
CA LYS K 153 -58.22 84.12 -2.14
C LYS K 153 -58.87 85.41 -1.59
N LEU K 154 -59.71 86.07 -2.39
CA LEU K 154 -60.65 87.11 -1.95
C LEU K 154 -61.98 86.45 -1.48
N GLY K 155 -61.94 85.17 -1.11
CA GLY K 155 -63.05 84.38 -0.56
C GLY K 155 -64.02 83.87 -1.62
N GLY K 156 -63.71 84.00 -2.92
CA GLY K 156 -64.51 83.56 -4.07
C GLY K 156 -65.81 84.36 -4.27
N ASN K 157 -66.09 85.34 -3.41
CA ASN K 157 -67.35 86.08 -3.31
C ASN K 157 -67.38 87.29 -4.26
N VAL K 158 -66.27 87.59 -4.94
CA VAL K 158 -66.04 88.72 -5.84
C VAL K 158 -66.58 88.44 -7.26
N VAL K 159 -67.71 87.73 -7.33
CA VAL K 159 -68.23 87.06 -8.52
C VAL K 159 -68.62 88.00 -9.68
N VAL K 160 -68.90 89.28 -9.38
CA VAL K 160 -69.49 90.22 -10.33
C VAL K 160 -68.40 90.75 -11.30
N SER K 161 -67.23 91.13 -10.77
CA SER K 161 -66.07 91.51 -11.57
C SER K 161 -64.84 91.49 -10.68
N LEU K 162 -63.68 91.17 -11.27
CA LEU K 162 -62.35 91.41 -10.75
C LEU K 162 -61.52 91.86 -11.94
N GLU K 163 -60.99 93.09 -11.89
CA GLU K 163 -60.23 93.80 -12.92
C GLU K 163 -61.10 94.14 -14.15
N GLY K 164 -62.42 94.24 -13.97
CA GLY K 164 -63.40 94.56 -15.01
C GLY K 164 -63.95 93.32 -15.73
N LYS K 165 -63.33 92.15 -15.57
CA LYS K 165 -63.78 90.89 -16.15
C LYS K 165 -64.65 90.16 -15.10
N PRO K 166 -65.85 89.63 -15.46
CA PRO K 166 -66.61 88.67 -14.64
C PRO K 166 -65.77 87.46 -14.19
N LEU K 167 -66.03 86.92 -12.99
CA LEU K 167 -65.23 85.87 -12.36
C LEU K 167 -65.63 84.48 -12.91
N NH2 K 168 -65.49 84.31 -14.22
HN1 NH2 K 168 -65.70 83.41 -14.64
HN2 NH2 K 168 -65.15 85.11 -14.75
C ACE L 1 -63.03 10.93 13.11
O ACE L 1 -64.34 10.94 12.63
CH3 ACE L 1 -62.11 10.14 12.18
H1 ACE L 1 -62.12 10.54 11.17
H2 ACE L 1 -62.39 9.08 12.12
H3 ACE L 1 -61.07 10.19 12.54
N MET L 2 -63.10 10.30 14.41
CA MET L 2 -63.40 11.23 15.52
C MET L 2 -62.15 12.02 15.96
N ALA L 3 -62.33 13.11 16.73
CA ALA L 3 -61.34 13.94 17.41
C ALA L 3 -61.96 15.31 17.70
N SER L 4 -61.82 15.79 18.93
CA SER L 4 -62.06 17.17 19.34
C SER L 4 -61.39 17.43 20.70
N GLY L 5 -61.17 18.72 21.03
CA GLY L 5 -61.01 19.17 22.40
C GLY L 5 -62.42 19.25 22.98
N VAL L 6 -62.70 18.46 24.02
CA VAL L 6 -64.04 18.01 24.38
C VAL L 6 -65.02 19.11 24.85
N THR L 7 -66.30 18.76 24.88
CA THR L 7 -67.42 19.60 25.28
C THR L 7 -67.53 19.68 26.82
N VAL L 8 -68.12 20.77 27.31
CA VAL L 8 -68.80 20.80 28.60
C VAL L 8 -70.24 20.30 28.38
N ASN L 9 -70.78 19.59 29.38
CA ASN L 9 -72.20 19.29 29.46
C ASN L 9 -72.90 20.59 29.93
N ASP L 10 -73.87 21.11 29.17
CA ASP L 10 -74.65 22.31 29.48
C ASP L 10 -75.44 22.30 30.80
N GLU L 11 -75.51 21.17 31.51
CA GLU L 11 -75.96 21.10 32.90
C GLU L 11 -75.09 22.00 33.82
N VAL L 12 -73.77 22.04 33.58
CA VAL L 12 -72.82 22.83 34.37
C VAL L 12 -72.90 24.35 34.02
N ILE L 13 -73.52 24.70 32.89
CA ILE L 13 -73.79 26.09 32.53
C ILE L 13 -74.88 26.67 33.46
N LYS L 14 -75.78 25.85 34.04
CA LYS L 14 -76.75 26.32 35.03
C LYS L 14 -76.08 26.66 36.38
N VAL L 15 -75.14 25.82 36.85
CA VAL L 15 -74.40 26.07 38.11
C VAL L 15 -73.48 27.30 37.95
N PHE L 16 -72.86 27.46 36.76
CA PHE L 16 -72.15 28.69 36.36
C PHE L 16 -73.10 29.90 36.40
N ASN L 17 -74.30 29.82 35.82
CA ASN L 17 -75.25 30.95 35.78
C ASN L 17 -75.79 31.36 37.17
N ASP L 18 -75.89 30.45 38.13
CA ASP L 18 -76.25 30.80 39.53
C ASP L 18 -75.09 31.56 40.22
N MET L 19 -73.86 31.17 39.93
CA MET L 19 -72.67 31.91 40.33
C MET L 19 -72.56 33.24 39.56
N LYS L 20 -72.90 33.28 38.26
CA LYS L 20 -72.78 34.44 37.37
C LYS L 20 -73.44 35.74 37.90
N VAL L 21 -74.68 35.64 38.40
CA VAL L 21 -75.45 36.79 38.90
C VAL L 21 -75.73 36.66 40.40
N ARG L 22 -75.57 37.79 41.09
CA ARG L 22 -76.00 38.06 42.46
C ARG L 22 -77.51 38.37 42.39
N LYS L 23 -78.24 38.00 43.44
CA LYS L 23 -79.67 38.11 43.60
C LYS L 23 -79.94 38.75 44.98
N SER L 24 -81.02 38.33 45.66
CA SER L 24 -81.46 38.62 47.03
C SER L 24 -80.31 38.74 48.05
N SER L 25 -79.79 39.94 48.28
CA SER L 25 -78.61 40.17 49.10
C SER L 25 -78.91 40.16 50.62
N THR L 26 -80.19 40.05 50.98
CA THR L 26 -80.75 39.79 52.28
C THR L 26 -80.51 38.35 52.78
N GLN L 27 -80.34 37.36 51.90
CA GLN L 27 -80.27 35.94 52.26
C GLN L 27 -79.41 35.11 51.32
N GLU L 28 -79.66 35.22 50.02
CA GLU L 28 -79.16 34.29 49.01
C GLU L 28 -77.66 34.50 48.78
N GLU L 29 -77.21 35.76 48.80
CA GLU L 29 -75.81 36.15 48.75
C GLU L 29 -75.08 35.96 50.10
N ILE L 30 -75.75 35.39 51.10
CA ILE L 30 -75.18 34.96 52.37
C ILE L 30 -75.08 33.43 52.33
N LYS L 31 -76.21 32.70 52.24
CA LYS L 31 -76.27 31.26 52.52
C LYS L 31 -76.94 30.41 51.42
N LYS L 32 -76.97 30.87 50.15
CA LYS L 32 -77.47 30.05 49.02
C LYS L 32 -76.55 30.06 47.79
N ARG L 33 -75.71 31.10 47.61
CA ARG L 33 -74.68 31.18 46.57
C ARG L 33 -73.41 30.46 47.09
N LYS L 34 -72.70 29.81 46.17
CA LYS L 34 -71.53 28.97 46.40
C LYS L 34 -70.31 29.83 46.02
N LYS L 35 -69.24 29.80 46.83
CA LYS L 35 -68.04 30.59 46.56
C LYS L 35 -67.10 29.91 45.55
N ALA L 36 -67.26 28.58 45.33
CA ALA L 36 -66.50 27.79 44.36
C ALA L 36 -67.25 26.52 43.93
N VAL L 37 -66.81 25.94 42.81
CA VAL L 37 -67.19 24.63 42.25
C VAL L 37 -65.94 24.01 41.60
N LEU L 38 -65.87 22.67 41.52
CA LEU L 38 -64.82 21.87 40.87
C LEU L 38 -65.45 21.18 39.64
N PHE L 39 -64.63 20.83 38.64
CA PHE L 39 -65.02 20.16 37.42
C PHE L 39 -64.01 19.05 37.11
N CYS L 40 -64.50 17.95 36.53
CA CYS L 40 -63.75 16.76 36.15
C CYS L 40 -64.15 16.35 34.73
N LEU L 41 -63.23 15.76 33.98
CA LEU L 41 -63.43 15.08 32.71
C LEU L 41 -64.01 13.68 33.02
N SER L 42 -65.12 13.32 32.37
CA SER L 42 -65.98 12.15 32.54
C SER L 42 -65.25 10.79 32.63
N ASP L 43 -65.94 9.77 33.16
CA ASP L 43 -65.54 8.38 33.38
C ASP L 43 -64.85 7.74 32.17
N ASP L 44 -65.47 7.91 30.99
CA ASP L 44 -64.99 7.46 29.68
C ASP L 44 -63.96 8.45 29.09
N LYS L 45 -64.07 9.73 29.47
CA LYS L 45 -63.20 10.87 29.23
C LYS L 45 -63.59 11.71 28.00
N ARG L 46 -64.84 11.57 27.53
CA ARG L 46 -65.37 12.26 26.35
C ARG L 46 -66.00 13.64 26.65
N GLN L 47 -66.30 14.03 27.91
CA GLN L 47 -66.83 15.37 28.21
C GLN L 47 -66.43 15.86 29.61
N ILE L 48 -66.50 17.17 29.82
CA ILE L 48 -66.30 17.82 31.13
C ILE L 48 -67.66 17.90 31.84
N ILE L 49 -67.68 17.46 33.10
CA ILE L 49 -68.78 17.52 34.04
C ILE L 49 -68.33 18.35 35.26
N VAL L 50 -69.28 18.67 36.15
CA VAL L 50 -69.04 19.28 37.45
C VAL L 50 -68.75 18.14 38.45
N GLU L 51 -67.97 18.43 39.50
CA GLU L 51 -67.64 17.53 40.59
C GLU L 51 -67.97 18.25 41.91
N GLU L 52 -68.67 17.56 42.82
CA GLU L 52 -69.00 18.03 44.16
C GLU L 52 -67.78 17.69 45.04
N ALA L 53 -67.23 18.67 45.75
CA ALA L 53 -65.87 18.63 46.26
C ALA L 53 -65.79 19.08 47.72
N LYS L 54 -65.07 20.17 48.00
CA LYS L 54 -64.93 20.79 49.30
C LYS L 54 -65.12 22.28 49.05
N GLN L 55 -66.32 22.79 49.28
CA GLN L 55 -66.73 24.16 49.00
C GLN L 55 -67.42 24.71 50.26
N ILE L 56 -67.72 26.01 50.26
CA ILE L 56 -68.54 26.70 51.24
C ILE L 56 -69.42 27.74 50.53
N LEU L 57 -70.42 28.24 51.25
CA LEU L 57 -71.26 29.37 50.88
C LEU L 57 -70.54 30.67 51.26
N VAL L 58 -71.09 31.83 50.88
CA VAL L 58 -70.49 33.15 51.12
C VAL L 58 -70.43 33.48 52.63
N GLY L 59 -71.47 33.13 53.37
CA GLY L 59 -71.65 33.46 54.77
C GLY L 59 -70.88 32.57 55.75
N ASP L 60 -70.37 31.41 55.31
CA ASP L 60 -69.65 30.43 56.14
C ASP L 60 -68.27 30.95 56.62
N ILE L 61 -67.80 32.02 55.96
CA ILE L 61 -66.69 32.88 56.38
C ILE L 61 -67.04 33.66 57.66
N GLY L 62 -68.33 33.89 57.94
CA GLY L 62 -68.81 34.53 59.16
C GLY L 62 -68.96 33.52 60.30
N ASP L 63 -69.29 32.26 59.99
CA ASP L 63 -69.43 31.18 60.96
C ASP L 63 -68.06 30.78 61.55
N THR L 64 -67.05 30.53 60.71
CA THR L 64 -65.72 30.10 61.17
C THR L 64 -64.57 30.25 60.15
N VAL L 65 -64.82 30.11 58.84
CA VAL L 65 -63.78 29.71 57.89
C VAL L 65 -62.91 30.92 57.45
N GLU L 66 -61.57 30.72 57.47
CA GLU L 66 -60.50 31.65 57.12
C GLU L 66 -60.70 32.37 55.76
N ASP L 67 -61.09 31.63 54.72
CA ASP L 67 -61.10 32.06 53.32
C ASP L 67 -61.88 31.00 52.51
N PRO L 68 -62.36 31.30 51.28
CA PRO L 68 -63.12 30.36 50.46
C PRO L 68 -62.24 29.24 49.86
N TYR L 69 -61.01 29.57 49.44
CA TYR L 69 -60.03 28.66 48.86
C TYR L 69 -59.65 27.56 49.87
N THR L 70 -59.60 27.92 51.17
CA THR L 70 -59.33 27.06 52.30
C THR L 70 -60.18 25.80 52.41
N SER L 71 -61.42 25.79 51.92
CA SER L 71 -62.23 24.58 51.81
C SER L 71 -61.66 23.69 50.68
N PHE L 72 -61.51 24.31 49.51
CA PHE L 72 -61.13 23.79 48.22
C PHE L 72 -59.75 23.10 48.17
N VAL L 73 -58.67 23.83 48.52
CA VAL L 73 -57.28 23.43 48.25
C VAL L 73 -56.76 22.23 49.06
N LYS L 74 -57.55 21.73 50.02
CA LYS L 74 -57.10 20.73 50.98
C LYS L 74 -57.26 19.29 50.44
N LEU L 75 -57.98 19.09 49.32
CA LEU L 75 -58.19 17.80 48.66
C LEU L 75 -58.23 17.93 47.13
N LEU L 76 -57.39 18.76 46.52
CA LEU L 76 -57.26 18.80 45.05
C LEU L 76 -56.30 17.68 44.61
N PRO L 77 -56.56 16.95 43.50
CA PRO L 77 -55.74 15.81 43.08
C PRO L 77 -54.41 16.30 42.46
N LEU L 78 -53.28 15.89 43.05
CA LEU L 78 -51.93 16.30 42.61
C LEU L 78 -51.41 15.47 41.42
N ASN L 79 -52.23 14.53 40.92
CA ASN L 79 -51.86 13.56 39.89
C ASN L 79 -52.93 13.43 38.78
N ASP L 80 -53.94 14.30 38.75
CA ASP L 80 -54.88 14.47 37.65
C ASP L 80 -55.30 15.94 37.62
N CYS L 81 -55.62 16.47 36.44
CA CYS L 81 -56.04 17.84 36.23
C CYS L 81 -57.54 17.97 36.53
N ARG L 82 -57.98 19.22 36.77
CA ARG L 82 -59.35 19.63 37.04
C ARG L 82 -59.53 21.04 36.46
N TYR L 83 -60.77 21.53 36.43
CA TYR L 83 -60.99 22.97 36.44
C TYR L 83 -61.64 23.31 37.77
N ALA L 84 -61.64 24.60 38.10
CA ALA L 84 -62.42 25.18 39.16
C ALA L 84 -62.96 26.54 38.72
N LEU L 85 -63.91 27.06 39.50
CA LEU L 85 -64.56 28.34 39.33
C LEU L 85 -64.67 28.94 40.74
N TYR L 86 -64.51 30.25 40.87
CA TYR L 86 -64.71 31.01 42.10
C TYR L 86 -65.31 32.37 41.75
N ASP L 87 -66.01 32.99 42.71
CA ASP L 87 -66.60 34.32 42.61
C ASP L 87 -66.10 35.13 43.80
N ALA L 88 -65.44 36.24 43.51
CA ALA L 88 -64.63 37.00 44.44
C ALA L 88 -65.47 37.95 45.29
N THR L 89 -64.88 38.42 46.39
CA THR L 89 -65.35 39.51 47.22
C THR L 89 -64.10 40.29 47.64
N TYR L 90 -63.71 41.30 46.85
CA TYR L 90 -62.50 42.10 47.04
C TYR L 90 -62.80 43.59 47.01
N GLU L 91 -61.84 44.42 47.46
CA GLU L 91 -61.87 45.87 47.42
C GLU L 91 -60.52 46.35 46.89
N THR L 92 -60.57 47.23 45.89
CA THR L 92 -59.46 47.74 45.12
C THR L 92 -59.23 49.22 45.52
N LYS L 93 -58.72 50.04 44.59
CA LYS L 93 -58.37 51.45 44.78
C LYS L 93 -59.50 52.40 44.31
N GLU L 94 -60.53 51.86 43.64
CA GLU L 94 -61.67 52.61 43.11
C GLU L 94 -63.02 52.11 43.63
N SER L 95 -63.12 50.83 44.02
CA SER L 95 -64.38 50.15 44.25
C SER L 95 -64.18 48.97 45.21
N LYS L 96 -65.30 48.55 45.81
CA LYS L 96 -65.55 47.18 46.27
C LYS L 96 -65.96 46.40 45.01
N LYS L 97 -65.79 45.07 44.92
CA LYS L 97 -65.96 44.37 43.65
C LYS L 97 -66.11 42.86 43.86
N GLU L 98 -67.06 42.25 43.12
CA GLU L 98 -67.21 40.81 43.00
C GLU L 98 -67.08 40.45 41.52
N ASP L 99 -66.11 39.60 41.17
CA ASP L 99 -65.81 39.14 39.81
C ASP L 99 -65.60 37.63 39.79
N LEU L 100 -65.97 37.01 38.67
CA LEU L 100 -65.92 35.58 38.43
C LEU L 100 -64.58 35.20 37.80
N VAL L 101 -64.00 34.11 38.30
CA VAL L 101 -62.67 33.61 37.97
C VAL L 101 -62.82 32.15 37.53
N PHE L 102 -62.22 31.79 36.39
CA PHE L 102 -62.04 30.41 35.92
C PHE L 102 -60.62 30.00 36.34
N ILE L 103 -60.46 28.75 36.76
CA ILE L 103 -59.21 28.20 37.25
C ILE L 103 -58.94 26.92 36.45
N PHE L 104 -57.77 26.80 35.82
CA PHE L 104 -57.27 25.55 35.25
C PHE L 104 -56.25 25.00 36.26
N TRP L 105 -56.57 23.86 36.88
CA TRP L 105 -55.72 23.11 37.80
C TRP L 105 -55.05 22.02 36.96
N ALA L 106 -53.74 22.15 36.71
CA ALA L 106 -52.95 21.22 35.91
C ALA L 106 -51.63 20.85 36.60
N PRO L 107 -51.63 19.98 37.64
CA PRO L 107 -50.45 19.63 38.44
C PRO L 107 -49.23 19.21 37.59
N GLU L 108 -48.01 19.66 37.92
CA GLU L 108 -46.78 19.25 37.23
C GLU L 108 -46.64 17.71 37.13
N SER L 109 -47.09 16.99 38.16
CA SER L 109 -47.10 15.53 38.28
C SER L 109 -48.37 14.85 37.73
N ALA L 110 -49.29 15.59 37.08
CA ALA L 110 -50.42 14.99 36.36
C ALA L 110 -49.99 14.53 34.95
N PRO L 111 -50.57 13.44 34.39
CA PRO L 111 -50.27 12.91 33.04
C PRO L 111 -50.34 13.93 31.91
N LEU L 112 -49.61 13.66 30.82
CA LEU L 112 -49.58 14.49 29.60
C LEU L 112 -50.98 14.55 28.94
N LYS L 113 -51.72 13.43 28.90
CA LYS L 113 -53.08 13.39 28.39
C LYS L 113 -54.12 13.98 29.36
N SER L 114 -53.85 13.99 30.67
CA SER L 114 -54.67 14.71 31.65
C SER L 114 -54.55 16.23 31.39
N LYS L 115 -53.33 16.72 31.12
CA LYS L 115 -53.09 18.12 30.76
C LYS L 115 -53.69 18.46 29.38
N MET L 116 -53.41 17.65 28.36
CA MET L 116 -53.77 17.90 26.96
C MET L 116 -55.28 18.04 26.73
N ILE L 117 -56.10 17.14 27.31
CA ILE L 117 -57.55 17.16 27.10
C ILE L 117 -58.13 18.41 27.78
N TYR L 118 -57.81 18.62 29.07
CA TYR L 118 -58.34 19.76 29.82
C TYR L 118 -57.81 21.12 29.29
N ALA L 119 -56.62 21.16 28.66
CA ALA L 119 -56.06 22.36 28.04
C ALA L 119 -56.70 22.66 26.67
N SER L 120 -57.29 21.67 25.99
CA SER L 120 -57.93 21.84 24.68
C SER L 120 -59.45 21.99 24.80
N SER L 121 -60.10 21.45 25.84
CA SER L 121 -61.48 21.78 26.17
C SER L 121 -61.57 23.07 27.02
N LYS L 122 -60.43 23.69 27.36
CA LYS L 122 -60.30 24.88 28.21
C LYS L 122 -61.16 26.05 27.72
N ASP L 123 -61.10 26.34 26.42
CA ASP L 123 -61.88 27.40 25.79
C ASP L 123 -63.20 26.88 25.21
N ALA L 124 -63.53 25.59 25.43
CA ALA L 124 -64.89 25.08 25.23
C ALA L 124 -65.72 25.36 26.50
N ILE L 125 -65.13 25.24 27.70
CA ILE L 125 -65.73 25.70 28.95
C ILE L 125 -65.69 27.24 29.03
N LYS L 126 -64.52 27.88 28.84
CA LYS L 126 -64.35 29.30 29.18
C LYS L 126 -65.15 30.25 28.26
N LYS L 127 -65.34 29.94 26.97
CA LYS L 127 -66.11 30.79 26.06
C LYS L 127 -67.64 30.57 26.20
N LYS L 128 -68.07 29.43 26.75
CA LYS L 128 -69.46 29.17 27.13
C LYS L 128 -69.79 29.87 28.47
N PHE L 129 -68.79 29.98 29.36
CA PHE L 129 -68.82 30.74 30.61
C PHE L 129 -68.64 32.25 30.30
N THR L 130 -69.62 32.80 29.59
CA THR L 130 -69.82 34.17 29.11
C THR L 130 -69.83 35.27 30.22
N GLY L 131 -68.88 35.27 31.15
CA GLY L 131 -68.78 36.27 32.23
C GLY L 131 -67.55 36.12 33.12
N ILE L 132 -66.54 35.33 32.73
CA ILE L 132 -65.31 35.13 33.48
C ILE L 132 -64.39 36.34 33.24
N LYS L 133 -63.90 36.99 34.31
CA LYS L 133 -62.99 38.13 34.24
C LYS L 133 -61.51 37.68 34.27
N HIS L 134 -61.20 36.53 34.91
CA HIS L 134 -59.83 36.02 35.05
C HIS L 134 -59.79 34.54 34.69
N GLU L 135 -58.78 34.11 33.92
CA GLU L 135 -58.33 32.72 33.82
C GLU L 135 -57.09 32.63 34.73
N TRP L 136 -57.15 31.80 35.76
CA TRP L 136 -56.03 31.47 36.63
C TRP L 136 -55.45 30.13 36.15
N GLN L 137 -54.27 30.20 35.54
CA GLN L 137 -53.38 29.06 35.30
C GLN L 137 -52.77 28.65 36.66
N VAL L 138 -52.99 27.41 37.09
CA VAL L 138 -52.58 26.85 38.37
C VAL L 138 -51.92 25.48 38.08
N ASN L 139 -50.70 25.26 38.59
CA ASN L 139 -49.85 24.10 38.28
C ASN L 139 -49.24 23.45 39.53
N GLY L 140 -49.26 24.13 40.68
CA GLY L 140 -48.93 23.55 41.99
C GLY L 140 -49.96 24.00 43.04
N LEU L 141 -49.76 23.60 44.30
CA LEU L 141 -50.54 24.15 45.42
C LEU L 141 -50.06 25.57 45.75
N ASP L 142 -48.78 25.88 45.52
CA ASP L 142 -48.10 27.17 45.79
C ASP L 142 -48.49 28.29 44.83
N ASP L 143 -49.47 28.02 43.98
CA ASP L 143 -50.25 28.98 43.20
C ASP L 143 -51.48 29.47 43.97
N ILE L 144 -52.00 28.70 44.95
CA ILE L 144 -53.39 28.76 45.39
C ILE L 144 -53.61 28.52 46.90
N LYS L 145 -52.60 28.02 47.63
CA LYS L 145 -52.70 27.56 49.04
C LYS L 145 -52.97 28.65 50.10
N ASP L 146 -53.07 29.93 49.71
CA ASP L 146 -53.31 31.08 50.57
C ASP L 146 -54.10 32.15 49.81
N ARG L 147 -54.80 33.00 50.58
CA ARG L 147 -55.51 34.21 50.20
C ARG L 147 -54.62 35.19 49.41
N SER L 148 -53.47 35.53 50.00
CA SER L 148 -52.58 36.61 49.61
C SER L 148 -51.89 36.27 48.28
N THR L 149 -51.44 35.01 48.15
CA THR L 149 -50.82 34.38 46.99
C THR L 149 -51.62 34.60 45.68
N LEU L 150 -52.96 34.54 45.75
CA LEU L 150 -53.83 34.64 44.58
C LEU L 150 -54.02 36.08 44.10
N GLY L 151 -53.63 37.09 44.91
CA GLY L 151 -53.65 38.50 44.54
C GLY L 151 -52.71 38.83 43.36
N GLU L 152 -51.62 38.05 43.22
CA GLU L 152 -50.63 38.10 42.15
C GLU L 152 -51.24 37.72 40.77
N LYS L 153 -52.31 36.91 40.74
CA LYS L 153 -52.99 36.46 39.53
C LYS L 153 -54.22 37.34 39.22
N LEU L 154 -54.72 38.13 40.19
CA LEU L 154 -55.79 39.13 40.04
C LEU L 154 -55.14 40.50 39.70
N GLY L 155 -54.05 40.49 38.94
CA GLY L 155 -53.28 41.65 38.48
C GLY L 155 -52.58 42.46 39.58
N GLY L 156 -52.68 42.07 40.86
CA GLY L 156 -52.15 42.80 42.00
C GLY L 156 -52.99 44.01 42.43
N ASN L 157 -54.18 44.24 41.84
CA ASN L 157 -54.99 45.44 42.10
C ASN L 157 -56.01 45.26 43.22
N VAL L 158 -56.14 44.05 43.79
CA VAL L 158 -56.93 43.79 44.98
C VAL L 158 -56.05 44.12 46.20
N VAL L 159 -56.53 44.99 47.11
CA VAL L 159 -55.70 45.65 48.11
C VAL L 159 -56.39 45.79 49.48
N VAL L 160 -57.53 46.48 49.53
CA VAL L 160 -58.23 46.85 50.76
C VAL L 160 -58.95 45.62 51.36
N SER L 161 -59.42 44.71 50.50
CA SER L 161 -60.03 43.45 50.90
C SER L 161 -59.79 42.44 49.77
N LEU L 162 -59.60 41.18 50.13
CA LEU L 162 -59.65 39.98 49.32
C LEU L 162 -60.23 38.90 50.23
N GLU L 163 -61.54 38.70 50.15
CA GLU L 163 -62.30 37.61 50.76
C GLU L 163 -62.56 37.82 52.26
N GLY L 164 -62.63 39.09 52.68
CA GLY L 164 -62.80 39.52 54.07
C GLY L 164 -61.47 39.76 54.79
N LYS L 165 -60.35 39.41 54.16
CA LYS L 165 -59.00 39.65 54.65
C LYS L 165 -58.43 40.86 53.88
N PRO L 166 -57.71 41.80 54.53
CA PRO L 166 -56.97 42.86 53.82
C PRO L 166 -55.68 42.28 53.21
N LEU L 167 -55.32 42.73 52.01
CA LEU L 167 -54.03 42.40 51.37
C LEU L 167 -53.01 43.44 51.87
N NH2 L 168 -53.40 44.71 51.88
HN1 NH2 L 168 -52.75 45.40 52.22
HN2 NH2 L 168 -54.31 44.95 51.52
C ACE M 1 13.77 37.11 20.55
O ACE M 1 13.58 37.59 21.87
CH3 ACE M 1 14.94 36.13 20.56
H1 ACE M 1 15.84 36.59 20.95
H2 ACE M 1 15.14 35.77 19.56
H3 ACE M 1 14.71 35.26 21.19
N MET M 2 14.12 38.25 19.72
CA MET M 2 13.21 39.42 19.79
C MET M 2 11.70 39.09 19.62
N ALA M 3 11.09 39.47 18.50
CA ALA M 3 9.68 39.24 18.14
C ALA M 3 8.74 40.25 18.79
N SER M 4 8.61 41.44 18.20
CA SER M 4 7.52 42.39 18.47
C SER M 4 7.13 43.21 17.23
N GLY M 5 7.51 42.76 16.02
CA GLY M 5 7.34 43.48 14.76
C GLY M 5 8.52 44.43 14.51
N VAL M 6 8.26 45.52 13.80
CA VAL M 6 9.15 46.66 13.58
C VAL M 6 8.32 47.92 13.83
N THR M 7 8.95 49.00 14.30
CA THR M 7 8.27 50.18 14.83
C THR M 7 8.38 51.36 13.83
N VAL M 8 7.45 52.32 13.92
CA VAL M 8 7.46 53.53 13.10
C VAL M 8 8.32 54.61 13.77
N ASN M 9 9.05 55.39 12.97
CA ASN M 9 9.77 56.57 13.44
C ASN M 9 8.79 57.77 13.43
N ASP M 10 9.04 58.76 14.29
CA ASP M 10 8.14 59.88 14.61
C ASP M 10 7.70 60.73 13.40
N GLU M 11 8.59 60.85 12.40
CA GLU M 11 8.40 61.60 11.16
C GLU M 11 7.16 61.16 10.34
N VAL M 12 6.83 59.86 10.34
CA VAL M 12 5.76 59.32 9.52
C VAL M 12 4.37 59.76 10.04
N ILE M 13 4.27 60.09 11.34
CA ILE M 13 3.04 60.60 11.95
C ILE M 13 2.90 62.10 11.65
N LYS M 14 4.01 62.86 11.58
CA LYS M 14 4.04 64.28 11.26
C LYS M 14 3.38 64.61 9.91
N VAL M 15 3.77 63.91 8.84
CA VAL M 15 3.20 64.05 7.49
C VAL M 15 1.73 63.56 7.44
N PHE M 16 1.39 62.51 8.21
CA PHE M 16 0.03 61.99 8.34
C PHE M 16 -0.92 63.01 8.99
N ASN M 17 -0.47 63.79 9.98
CA ASN M 17 -1.28 64.83 10.64
C ASN M 17 -1.66 65.96 9.66
N ASP M 18 -0.74 66.32 8.75
CA ASP M 18 -0.96 67.31 7.68
C ASP M 18 -1.80 66.75 6.51
N MET M 19 -2.13 65.45 6.54
CA MET M 19 -3.01 64.81 5.56
C MET M 19 -4.37 64.50 6.19
N LYS M 20 -4.46 64.02 7.45
CA LYS M 20 -5.70 63.45 8.00
C LYS M 20 -6.80 64.47 8.34
N VAL M 21 -6.56 65.77 8.18
CA VAL M 21 -7.49 66.87 8.28
C VAL M 21 -7.11 67.91 7.20
N ARG M 22 -8.07 68.78 6.86
CA ARG M 22 -7.85 70.07 6.21
C ARG M 22 -7.58 71.11 7.29
N LYS M 23 -6.92 72.19 6.88
CA LYS M 23 -6.66 73.40 7.65
C LYS M 23 -6.91 74.58 6.70
N SER M 24 -6.76 75.82 7.20
CA SER M 24 -6.69 77.07 6.43
C SER M 24 -5.84 76.99 5.15
N SER M 25 -6.40 77.48 4.02
CA SER M 25 -5.87 77.40 2.66
C SER M 25 -4.53 78.13 2.46
N THR M 26 -4.26 79.15 3.30
CA THR M 26 -3.24 80.20 3.30
C THR M 26 -1.79 79.88 2.82
N GLN M 27 -1.41 78.60 2.70
CA GLN M 27 -0.14 78.06 2.18
C GLN M 27 -0.14 76.55 2.43
N GLU M 28 -0.57 76.17 3.65
CA GLU M 28 -0.62 74.84 4.23
C GLU M 28 -1.09 73.76 3.25
N GLU M 29 -2.32 73.92 2.75
CA GLU M 29 -3.00 72.99 1.88
C GLU M 29 -2.54 73.07 0.41
N ILE M 30 -1.55 73.90 0.06
CA ILE M 30 -1.12 74.18 -1.31
C ILE M 30 0.31 73.67 -1.53
N LYS M 31 1.34 74.42 -1.13
CA LYS M 31 2.76 74.14 -1.42
C LYS M 31 3.48 73.58 -0.18
N LYS M 32 2.74 72.87 0.69
CA LYS M 32 3.30 72.15 1.83
C LYS M 32 2.56 70.81 2.05
N ARG M 33 1.25 70.75 1.78
CA ARG M 33 0.47 69.52 1.75
C ARG M 33 0.86 68.70 0.52
N LYS M 34 1.61 67.62 0.75
CA LYS M 34 1.93 66.57 -0.20
C LYS M 34 0.94 65.44 0.07
N LYS M 35 0.05 65.15 -0.89
CA LYS M 35 -1.08 64.25 -0.70
C LYS M 35 -0.75 62.76 -0.95
N ALA M 36 0.54 62.41 -1.01
CA ALA M 36 1.05 61.05 -1.11
C ALA M 36 2.46 60.98 -0.54
N VAL M 37 2.83 59.85 0.07
CA VAL M 37 4.18 59.51 0.52
C VAL M 37 4.37 57.99 0.49
N LEU M 38 5.61 57.52 0.28
CA LEU M 38 6.06 56.14 0.40
C LEU M 38 6.92 56.07 1.67
N PHE M 39 6.79 54.98 2.43
CA PHE M 39 7.63 54.68 3.59
C PHE M 39 8.40 53.38 3.30
N CYS M 40 9.61 53.30 3.83
CA CYS M 40 10.59 52.24 3.67
C CYS M 40 11.07 51.81 5.06
N LEU M 41 11.43 50.54 5.20
CA LEU M 41 12.09 49.95 6.35
C LEU M 41 13.60 50.24 6.24
N SER M 42 14.20 50.80 7.31
CA SER M 42 15.62 51.08 7.54
C SER M 42 16.57 49.93 7.13
N ASP M 43 17.86 50.17 6.87
CA ASP M 43 18.79 49.12 6.40
C ASP M 43 19.61 48.47 7.53
N ASP M 44 19.32 48.82 8.79
CA ASP M 44 19.51 47.93 9.94
C ASP M 44 18.21 47.09 10.15
N LYS M 45 17.11 47.43 9.45
CA LYS M 45 15.89 46.64 9.22
C LYS M 45 15.01 46.57 10.47
N ARG M 46 14.85 47.74 11.13
CA ARG M 46 14.29 47.89 12.47
C ARG M 46 13.20 48.95 12.58
N GLN M 47 13.20 49.99 11.73
CA GLN M 47 12.26 51.09 11.79
C GLN M 47 11.74 51.48 10.40
N ILE M 48 10.47 51.90 10.35
CA ILE M 48 9.80 52.40 9.16
C ILE M 48 9.99 53.93 9.15
N ILE M 49 10.54 54.43 8.06
CA ILE M 49 10.91 55.81 7.77
C ILE M 49 10.38 56.22 6.38
N VAL M 50 10.40 57.51 6.06
CA VAL M 50 10.11 58.09 4.74
C VAL M 50 11.22 57.71 3.71
N GLU M 51 10.86 57.58 2.43
CA GLU M 51 11.78 57.43 1.30
C GLU M 51 11.21 58.15 0.06
N GLU M 52 12.09 58.57 -0.85
CA GLU M 52 11.88 59.62 -1.86
C GLU M 52 11.43 59.03 -3.21
N ALA M 53 10.32 58.28 -3.19
CA ALA M 53 9.51 58.02 -4.38
C ALA M 53 8.60 59.24 -4.55
N LYS M 54 8.69 59.88 -5.73
CA LYS M 54 8.26 61.25 -6.03
C LYS M 54 6.84 61.61 -5.58
N GLN M 55 6.75 62.43 -4.51
CA GLN M 55 5.52 63.03 -4.00
C GLN M 55 5.32 64.37 -4.71
N ILE M 56 4.08 64.85 -4.72
CA ILE M 56 3.62 66.04 -5.43
C ILE M 56 2.88 66.89 -4.38
N LEU M 57 3.13 68.20 -4.32
CA LEU M 57 2.36 69.13 -3.49
C LEU M 57 1.12 69.55 -4.28
N VAL M 58 0.01 69.87 -3.60
CA VAL M 58 -1.26 70.29 -4.17
C VAL M 58 -1.14 71.54 -5.09
N GLY M 59 -0.08 72.35 -4.93
CA GLY M 59 0.25 73.46 -5.80
C GLY M 59 1.05 73.12 -7.06
N ASP M 60 1.75 71.96 -7.12
CA ASP M 60 2.72 71.63 -8.19
C ASP M 60 2.06 71.28 -9.54
N ILE M 61 0.75 71.06 -9.52
CA ILE M 61 -0.10 70.93 -10.71
C ILE M 61 -0.39 72.32 -11.33
N GLY M 62 -0.04 73.41 -10.65
CA GLY M 62 -0.01 74.76 -11.21
C GLY M 62 1.31 75.05 -11.92
N ASP M 63 2.40 74.40 -11.49
CA ASP M 63 3.74 74.54 -12.07
C ASP M 63 3.84 73.69 -13.35
N THR M 64 3.61 72.36 -13.25
CA THR M 64 3.94 71.44 -14.33
C THR M 64 3.27 70.05 -14.27
N VAL M 65 2.94 69.53 -13.08
CA VAL M 65 2.74 68.08 -12.92
C VAL M 65 1.34 67.64 -13.40
N GLU M 66 1.28 66.44 -14.03
CA GLU M 66 0.16 65.73 -14.65
C GLU M 66 -1.19 65.78 -13.89
N ASP M 67 -1.11 65.69 -12.56
CA ASP M 67 -2.15 65.55 -11.54
C ASP M 67 -1.37 65.36 -10.22
N PRO M 68 -2.01 65.49 -9.04
CA PRO M 68 -1.30 65.42 -7.77
C PRO M 68 -0.98 63.99 -7.28
N TYR M 69 -1.13 62.92 -8.09
CA TYR M 69 -0.83 61.55 -7.68
C TYR M 69 -0.11 60.67 -8.71
N THR M 70 -0.53 60.64 -9.99
CA THR M 70 -0.24 59.51 -10.89
C THR M 70 1.25 59.41 -11.33
N SER M 71 2.10 60.40 -11.04
CA SER M 71 3.55 60.28 -11.18
C SER M 71 4.17 59.31 -10.14
N PHE M 72 3.54 59.15 -8.96
CA PHE M 72 3.98 58.30 -7.86
C PHE M 72 3.87 56.81 -8.23
N VAL M 73 2.69 56.39 -8.74
CA VAL M 73 2.38 55.00 -9.09
C VAL M 73 3.20 54.47 -10.29
N LYS M 74 3.80 55.38 -11.08
CA LYS M 74 4.70 55.07 -12.17
C LYS M 74 6.17 54.96 -11.70
N LEU M 75 6.47 55.18 -10.41
CA LEU M 75 7.82 55.29 -9.84
C LEU M 75 7.98 54.48 -8.54
N LEU M 76 7.18 53.42 -8.33
CA LEU M 76 7.29 52.51 -7.18
C LEU M 76 8.39 51.44 -7.45
N PRO M 77 9.09 50.93 -6.41
CA PRO M 77 10.18 49.96 -6.59
C PRO M 77 9.64 48.55 -6.88
N LEU M 78 9.91 47.99 -8.05
CA LEU M 78 9.29 46.76 -8.57
C LEU M 78 9.80 45.48 -7.89
N ASN M 79 10.86 45.57 -7.08
CA ASN M 79 11.52 44.45 -6.41
C ASN M 79 11.74 44.69 -4.91
N ASP M 80 10.98 45.60 -4.28
CA ASP M 80 10.93 45.75 -2.82
C ASP M 80 9.49 46.03 -2.38
N CYS M 81 9.13 45.57 -1.18
CA CYS M 81 7.80 45.80 -0.58
C CYS M 81 7.89 47.11 0.21
N ARG M 82 6.80 47.89 0.29
CA ARG M 82 6.75 49.21 0.90
C ARG M 82 5.35 49.46 1.49
N TYR M 83 5.24 50.46 2.35
CA TYR M 83 3.95 51.06 2.70
C TYR M 83 3.87 52.39 1.93
N ALA M 84 2.67 52.81 1.53
CA ALA M 84 2.37 54.14 1.04
C ALA M 84 1.12 54.68 1.74
N LEU M 85 1.04 56.01 1.80
CA LEU M 85 -0.04 56.79 2.37
C LEU M 85 -0.49 57.71 1.25
N TYR M 86 -1.80 57.89 1.09
CA TYR M 86 -2.42 58.62 -0.02
C TYR M 86 -3.68 59.31 0.50
N ASP M 87 -3.94 60.53 0.02
CA ASP M 87 -5.15 61.29 0.27
C ASP M 87 -5.85 61.48 -1.08
N ALA M 88 -6.96 60.76 -1.30
CA ALA M 88 -7.66 60.63 -2.56
C ALA M 88 -8.63 61.79 -2.73
N THR M 89 -8.68 62.37 -3.93
CA THR M 89 -9.58 63.48 -4.26
C THR M 89 -10.36 63.05 -5.52
N TYR M 90 -11.69 62.99 -5.40
CA TYR M 90 -12.55 62.44 -6.42
C TYR M 90 -13.90 63.15 -6.46
N GLU M 91 -14.50 63.17 -7.66
CA GLU M 91 -15.84 63.65 -7.94
C GLU M 91 -16.68 62.38 -8.01
N THR M 92 -17.84 62.36 -7.34
CA THR M 92 -18.81 61.28 -7.43
C THR M 92 -20.04 61.80 -8.17
N LYS M 93 -20.87 60.88 -8.67
CA LYS M 93 -22.20 61.12 -9.25
C LYS M 93 -23.25 61.68 -8.25
N GLU M 94 -22.84 62.50 -7.29
CA GLU M 94 -23.67 63.17 -6.27
C GLU M 94 -22.91 64.39 -5.73
N SER M 95 -21.68 64.19 -5.23
CA SER M 95 -20.88 65.26 -4.60
C SER M 95 -19.38 65.00 -4.75
N LYS M 96 -18.59 65.82 -4.07
CA LYS M 96 -17.14 65.78 -3.99
C LYS M 96 -16.74 64.85 -2.84
N LYS M 97 -15.57 64.22 -2.92
CA LYS M 97 -15.01 63.43 -1.83
C LYS M 97 -13.51 63.61 -1.72
N GLU M 98 -13.03 63.57 -0.48
CA GLU M 98 -11.65 63.70 -0.04
C GLU M 98 -11.48 62.61 1.04
N ASP M 99 -10.75 61.52 0.76
CA ASP M 99 -10.61 60.34 1.64
C ASP M 99 -9.16 59.85 1.71
N LEU M 100 -8.68 59.53 2.91
CA LEU M 100 -7.31 59.08 3.14
C LEU M 100 -7.25 57.55 3.08
N VAL M 101 -6.22 57.04 2.39
CA VAL M 101 -5.96 55.66 2.08
C VAL M 101 -4.59 55.27 2.63
N PHE M 102 -4.48 54.05 3.15
CA PHE M 102 -3.21 53.35 3.45
C PHE M 102 -3.02 52.29 2.34
N ILE M 103 -1.79 52.13 1.84
CA ILE M 103 -1.45 51.25 0.73
C ILE M 103 -0.33 50.31 1.19
N PHE M 104 -0.50 49.01 0.95
CA PHE M 104 0.51 47.97 1.12
C PHE M 104 1.00 47.60 -0.29
N TRP M 105 2.24 47.96 -0.62
CA TRP M 105 2.91 47.61 -1.87
C TRP M 105 3.79 46.39 -1.54
N ALA M 106 3.52 45.24 -2.17
CA ALA M 106 4.31 44.03 -1.98
C ALA M 106 4.42 43.23 -3.28
N PRO M 107 5.28 43.64 -4.26
CA PRO M 107 5.51 42.93 -5.52
C PRO M 107 5.84 41.45 -5.32
N GLU M 108 5.28 40.55 -6.14
CA GLU M 108 5.54 39.10 -6.00
C GLU M 108 6.99 38.69 -6.31
N SER M 109 7.76 39.59 -6.93
CA SER M 109 9.18 39.47 -7.22
C SER M 109 10.04 40.32 -6.26
N ALA M 110 9.47 40.81 -5.14
CA ALA M 110 10.21 41.41 -4.04
C ALA M 110 10.58 40.29 -3.04
N PRO M 111 11.74 40.36 -2.36
CA PRO M 111 12.23 39.35 -1.40
C PRO M 111 11.20 38.88 -0.36
N LEU M 112 11.17 37.56 -0.09
CA LEU M 112 10.30 36.93 0.91
C LEU M 112 10.59 37.46 2.34
N LYS M 113 11.82 37.90 2.57
CA LYS M 113 12.28 38.51 3.82
C LYS M 113 11.85 39.98 3.92
N SER M 114 11.61 40.68 2.79
CA SER M 114 10.99 42.02 2.81
C SER M 114 9.49 41.82 3.10
N LYS M 115 8.82 40.96 2.30
CA LYS M 115 7.43 40.52 2.44
C LYS M 115 7.02 40.18 3.89
N MET M 116 7.83 39.35 4.55
CA MET M 116 7.67 38.92 5.94
C MET M 116 7.62 40.09 6.94
N ILE M 117 8.53 41.06 6.84
CA ILE M 117 8.67 42.13 7.83
C ILE M 117 7.54 43.17 7.66
N TYR M 118 7.22 43.57 6.42
CA TYR M 118 6.11 44.48 6.14
C TYR M 118 4.73 43.80 6.33
N ALA M 119 4.65 42.46 6.37
CA ALA M 119 3.44 41.74 6.75
C ALA M 119 3.26 41.78 8.28
N SER M 120 4.31 41.41 9.04
CA SER M 120 4.30 41.33 10.51
C SER M 120 4.39 42.70 11.23
N SER M 121 4.17 43.81 10.51
CA SER M 121 4.11 45.16 11.07
C SER M 121 2.94 46.00 10.51
N LYS M 122 2.07 45.42 9.67
CA LYS M 122 1.01 46.16 8.97
C LYS M 122 -0.12 46.61 9.92
N ASP M 123 -0.24 45.98 11.10
CA ASP M 123 -1.03 46.46 12.22
C ASP M 123 -0.40 47.75 12.78
N ALA M 124 0.87 47.67 13.22
CA ALA M 124 1.63 48.68 13.94
C ALA M 124 1.58 50.12 13.39
N ILE M 125 1.42 50.28 12.08
CA ILE M 125 1.30 51.55 11.39
C ILE M 125 -0.18 52.01 11.31
N LYS M 126 -1.14 51.11 11.04
CA LYS M 126 -2.59 51.38 11.11
C LYS M 126 -3.05 51.62 12.56
N LYS M 127 -2.34 51.04 13.53
CA LYS M 127 -2.41 51.24 14.98
C LYS M 127 -1.95 52.66 15.37
N LYS M 128 -1.45 53.48 14.43
CA LYS M 128 -1.33 54.93 14.56
C LYS M 128 -2.31 55.63 13.60
N PHE M 129 -2.38 55.21 12.33
CA PHE M 129 -3.12 55.88 11.27
C PHE M 129 -4.61 55.46 11.27
N THR M 130 -5.38 56.01 12.22
CA THR M 130 -6.83 55.88 12.31
C THR M 130 -7.47 57.05 11.55
N GLY M 131 -8.68 56.87 11.00
CA GLY M 131 -9.35 57.87 10.16
C GLY M 131 -8.99 57.76 8.68
N ILE M 132 -8.47 56.61 8.24
CA ILE M 132 -8.44 56.19 6.84
C ILE M 132 -9.81 55.57 6.51
N LYS M 133 -10.27 55.70 5.25
CA LYS M 133 -11.54 55.15 4.79
C LYS M 133 -11.32 53.84 4.02
N HIS M 134 -10.14 53.65 3.42
CA HIS M 134 -9.79 52.53 2.57
C HIS M 134 -8.37 52.04 2.85
N GLU M 135 -8.13 50.76 2.57
CA GLU M 135 -6.83 50.11 2.52
C GLU M 135 -6.70 49.45 1.16
N TRP M 136 -5.52 49.55 0.53
CA TRP M 136 -5.20 48.93 -0.75
C TRP M 136 -4.09 47.89 -0.55
N GLN M 137 -4.36 46.62 -0.88
CA GLN M 137 -3.36 45.59 -1.13
C GLN M 137 -2.96 45.73 -2.61
N VAL M 138 -1.66 45.84 -2.89
CA VAL M 138 -1.11 46.04 -4.23
C VAL M 138 0.08 45.08 -4.39
N ASN M 139 0.00 44.13 -5.35
CA ASN M 139 1.02 43.09 -5.54
C ASN M 139 1.68 43.11 -6.92
N GLY M 140 1.37 44.12 -7.73
CA GLY M 140 2.01 44.41 -9.00
C GLY M 140 1.63 45.84 -9.38
N LEU M 141 2.14 46.33 -10.52
CA LEU M 141 1.74 47.62 -11.07
C LEU M 141 0.26 47.61 -11.46
N ASP M 142 -0.25 46.48 -11.94
CA ASP M 142 -1.61 46.25 -12.46
C ASP M 142 -2.70 46.22 -11.38
N ASP M 143 -2.33 46.45 -10.12
CA ASP M 143 -3.25 46.75 -9.01
C ASP M 143 -3.33 48.27 -8.75
N ILE M 144 -2.49 49.12 -9.38
CA ILE M 144 -2.28 50.54 -9.04
C ILE M 144 -2.08 51.49 -10.23
N LYS M 145 -1.46 51.05 -11.33
CA LYS M 145 -1.17 51.87 -12.52
C LYS M 145 -2.48 52.25 -13.25
N ASP M 146 -3.40 51.28 -13.36
CA ASP M 146 -4.69 51.38 -14.01
C ASP M 146 -5.63 51.89 -12.92
N ARG M 147 -5.71 53.21 -12.77
CA ARG M 147 -6.49 53.91 -11.74
C ARG M 147 -8.01 53.58 -11.74
N SER M 148 -8.50 52.83 -12.72
CA SER M 148 -9.78 52.13 -12.72
C SER M 148 -9.88 51.08 -11.59
N THR M 149 -8.82 50.28 -11.33
CA THR M 149 -8.81 49.33 -10.20
C THR M 149 -8.45 50.02 -8.88
N LEU M 150 -7.98 51.28 -8.91
CA LEU M 150 -7.96 52.14 -7.73
C LEU M 150 -9.37 52.69 -7.47
N GLY M 151 -10.15 52.96 -8.52
CA GLY M 151 -11.58 53.28 -8.43
C GLY M 151 -12.42 52.15 -7.83
N GLU M 152 -12.08 50.88 -8.12
CA GLU M 152 -12.66 49.68 -7.51
C GLU M 152 -12.33 49.63 -6.00
N LYS M 153 -11.08 49.96 -5.65
CA LYS M 153 -10.56 49.99 -4.28
C LYS M 153 -10.90 51.32 -3.56
N LEU M 154 -11.78 52.13 -4.16
CA LEU M 154 -12.46 53.30 -3.61
C LEU M 154 -13.99 53.12 -3.77
N GLY M 155 -14.46 51.87 -3.75
CA GLY M 155 -15.87 51.50 -3.69
C GLY M 155 -16.63 51.49 -5.03
N GLY M 156 -15.98 51.77 -6.16
CA GLY M 156 -16.49 51.68 -7.52
C GLY M 156 -17.53 52.75 -7.92
N ASN M 157 -18.47 53.04 -7.03
CA ASN M 157 -19.67 53.89 -7.16
C ASN M 157 -19.38 55.40 -7.28
N VAL M 158 -18.11 55.77 -7.53
CA VAL M 158 -17.62 57.14 -7.62
C VAL M 158 -17.82 57.62 -9.07
N VAL M 159 -17.19 56.91 -10.03
CA VAL M 159 -17.34 56.90 -11.48
C VAL M 159 -16.86 58.17 -12.21
N VAL M 160 -17.15 59.38 -11.72
CA VAL M 160 -17.03 60.61 -12.51
C VAL M 160 -15.58 61.03 -12.75
N SER M 161 -14.82 61.38 -11.69
CA SER M 161 -13.43 61.84 -11.80
C SER M 161 -12.63 61.37 -10.58
N LEU M 162 -11.36 61.02 -10.80
CA LEU M 162 -10.45 60.37 -9.86
C LEU M 162 -9.09 61.05 -10.06
N GLU M 163 -8.73 62.00 -9.19
CA GLU M 163 -7.52 62.83 -9.22
C GLU M 163 -7.57 63.88 -10.33
N GLY M 164 -8.71 64.58 -10.45
CA GLY M 164 -8.94 65.71 -11.35
C GLY M 164 -9.19 65.29 -12.81
N LYS M 165 -8.37 64.36 -13.32
CA LYS M 165 -8.48 63.75 -14.65
C LYS M 165 -9.74 62.84 -14.66
N PRO M 166 -10.76 63.10 -15.53
CA PRO M 166 -12.00 62.31 -15.65
C PRO M 166 -11.80 60.78 -15.70
N LEU M 167 -12.77 60.03 -15.17
CA LEU M 167 -12.81 58.57 -15.17
C LEU M 167 -14.05 58.13 -15.95
N NH2 M 168 -15.17 58.83 -15.84
HN1 NH2 M 168 -15.98 58.52 -16.34
HN2 NH2 M 168 -15.26 59.54 -15.11
C ACE N 1 -22.23 -19.42 -19.67
O ACE N 1 -21.35 -20.46 -19.40
CH3 ACE N 1 -23.67 -19.95 -19.53
H1 ACE N 1 -23.87 -20.27 -18.50
H2 ACE N 1 -23.84 -20.80 -20.19
H3 ACE N 1 -24.40 -19.19 -19.79
N MET N 2 -22.00 -18.37 -18.69
CA MET N 2 -20.59 -17.92 -18.53
C MET N 2 -20.39 -17.14 -17.22
N ALA N 3 -21.39 -16.36 -16.82
CA ALA N 3 -21.42 -15.64 -15.56
C ALA N 3 -22.86 -15.15 -15.36
N SER N 4 -23.64 -15.87 -14.55
CA SER N 4 -25.03 -15.53 -14.32
C SER N 4 -25.45 -16.01 -12.93
N GLY N 5 -26.39 -15.30 -12.29
CA GLY N 5 -27.08 -15.73 -11.10
C GLY N 5 -28.42 -16.36 -11.48
N VAL N 6 -28.98 -17.19 -10.58
CA VAL N 6 -30.32 -17.75 -10.74
C VAL N 6 -31.38 -16.64 -10.50
N THR N 7 -32.46 -16.68 -11.25
CA THR N 7 -33.51 -15.66 -11.26
C THR N 7 -34.41 -15.81 -10.02
N VAL N 8 -34.76 -14.68 -9.41
CA VAL N 8 -35.72 -14.58 -8.32
C VAL N 8 -37.09 -14.56 -8.98
N ASN N 9 -37.91 -15.59 -8.73
CA ASN N 9 -39.27 -15.71 -9.24
C ASN N 9 -40.15 -14.74 -8.45
N ASP N 10 -40.92 -13.88 -9.13
CA ASP N 10 -41.86 -12.91 -8.57
C ASP N 10 -42.99 -13.47 -7.69
N GLU N 11 -43.09 -14.79 -7.51
CA GLU N 11 -43.81 -15.42 -6.40
C GLU N 11 -43.22 -14.99 -5.04
N VAL N 12 -41.89 -14.95 -4.94
CA VAL N 12 -41.09 -14.51 -3.79
C VAL N 12 -41.37 -13.02 -3.47
N ILE N 13 -41.57 -12.20 -4.51
CA ILE N 13 -41.86 -10.78 -4.42
C ILE N 13 -43.33 -10.53 -4.00
N LYS N 14 -44.27 -11.46 -4.22
CA LYS N 14 -45.66 -11.31 -3.80
C LYS N 14 -45.79 -11.53 -2.28
N VAL N 15 -45.27 -12.67 -1.76
CA VAL N 15 -45.29 -13.00 -0.33
C VAL N 15 -44.51 -11.98 0.51
N PHE N 16 -43.44 -11.40 -0.06
CA PHE N 16 -42.73 -10.24 0.47
C PHE N 16 -43.68 -9.05 0.65
N ASN N 17 -44.35 -8.60 -0.42
CA ASN N 17 -45.21 -7.42 -0.38
C ASN N 17 -46.48 -7.65 0.47
N ASP N 18 -46.93 -8.90 0.59
CA ASP N 18 -47.97 -9.30 1.54
C ASP N 18 -47.51 -9.15 3.01
N MET N 19 -46.30 -9.62 3.35
CA MET N 19 -45.72 -9.47 4.69
C MET N 19 -45.28 -8.03 4.97
N LYS N 20 -44.93 -7.27 3.91
CA LYS N 20 -44.51 -5.89 4.00
C LYS N 20 -45.62 -4.96 4.50
N VAL N 21 -46.88 -5.12 4.09
CA VAL N 21 -47.96 -4.19 4.43
C VAL N 21 -49.15 -4.89 5.09
N ARG N 22 -49.83 -4.16 5.97
CA ARG N 22 -51.00 -4.55 6.76
C ARG N 22 -52.19 -4.98 5.89
N LYS N 23 -53.10 -5.74 6.52
CA LYS N 23 -54.35 -6.23 5.95
C LYS N 23 -55.52 -5.59 6.72
N SER N 24 -56.75 -5.95 6.33
CA SER N 24 -57.98 -5.62 7.04
C SER N 24 -57.94 -6.17 8.47
N SER N 25 -57.97 -5.27 9.46
CA SER N 25 -57.92 -5.53 10.90
C SER N 25 -59.19 -6.27 11.39
N THR N 26 -60.25 -6.29 10.57
CA THR N 26 -61.57 -6.84 10.84
C THR N 26 -61.52 -8.39 10.89
N GLN N 27 -60.57 -9.04 10.20
CA GLN N 27 -60.33 -10.48 10.27
C GLN N 27 -58.98 -10.90 9.67
N GLU N 28 -58.57 -10.29 8.54
CA GLU N 28 -57.50 -10.78 7.68
C GLU N 28 -56.11 -10.76 8.32
N GLU N 29 -55.85 -9.86 9.28
CA GLU N 29 -54.60 -9.80 10.04
C GLU N 29 -54.40 -11.05 10.92
N ILE N 30 -55.50 -11.64 11.41
CA ILE N 30 -55.51 -12.63 12.50
C ILE N 30 -55.24 -14.06 11.98
N LYS N 31 -55.34 -14.31 10.66
CA LYS N 31 -55.22 -15.66 10.11
C LYS N 31 -54.70 -15.70 8.65
N LYS N 32 -54.18 -14.60 8.09
CA LYS N 32 -53.63 -14.55 6.72
C LYS N 32 -52.19 -14.01 6.67
N ARG N 33 -51.70 -13.38 7.75
CA ARG N 33 -50.33 -12.89 7.89
C ARG N 33 -49.41 -14.07 8.17
N LYS N 34 -48.33 -14.18 7.39
CA LYS N 34 -47.18 -15.02 7.70
C LYS N 34 -46.22 -14.13 8.49
N LYS N 35 -45.58 -14.68 9.52
CA LYS N 35 -44.52 -14.01 10.25
C LYS N 35 -43.16 -14.37 9.64
N ALA N 36 -42.99 -15.54 9.01
CA ALA N 36 -41.79 -15.93 8.28
C ALA N 36 -42.14 -16.78 7.06
N VAL N 37 -41.20 -16.87 6.11
CA VAL N 37 -41.24 -17.68 4.89
C VAL N 37 -39.80 -18.07 4.52
N LEU N 38 -39.63 -19.24 3.90
CA LEU N 38 -38.39 -19.81 3.39
C LEU N 38 -38.51 -19.88 1.85
N PHE N 39 -37.40 -19.62 1.15
CA PHE N 39 -37.29 -19.62 -0.31
C PHE N 39 -36.17 -20.60 -0.71
N CYS N 40 -36.43 -21.39 -1.76
CA CYS N 40 -35.61 -22.50 -2.24
C CYS N 40 -35.23 -22.26 -3.71
N LEU N 41 -34.01 -22.66 -4.07
CA LEU N 41 -33.50 -22.87 -5.42
C LEU N 41 -34.16 -24.15 -6.00
N SER N 42 -34.58 -24.11 -7.28
CA SER N 42 -35.12 -25.25 -8.02
C SER N 42 -34.20 -26.50 -8.03
N ASP N 43 -34.78 -27.64 -8.40
CA ASP N 43 -34.15 -28.94 -8.61
C ASP N 43 -33.19 -28.82 -9.82
N ASP N 44 -33.70 -28.25 -10.91
CA ASP N 44 -33.08 -28.09 -12.22
C ASP N 44 -32.03 -26.96 -12.22
N LYS N 45 -32.28 -25.88 -11.48
CA LYS N 45 -31.39 -24.80 -11.06
C LYS N 45 -31.40 -23.51 -11.89
N ARG N 46 -32.56 -23.10 -12.43
CA ARG N 46 -32.68 -21.76 -13.04
C ARG N 46 -33.03 -20.69 -12.00
N GLN N 47 -33.78 -21.03 -10.95
CA GLN N 47 -34.60 -20.05 -10.22
C GLN N 47 -34.68 -20.30 -8.71
N ILE N 48 -34.81 -19.21 -7.94
CA ILE N 48 -35.22 -19.19 -6.55
C ILE N 48 -36.75 -19.01 -6.56
N ILE N 49 -37.45 -19.91 -5.88
CA ILE N 49 -38.89 -20.02 -5.69
C ILE N 49 -39.21 -20.06 -4.19
N VAL N 50 -40.49 -20.12 -3.83
CA VAL N 50 -40.97 -20.19 -2.45
C VAL N 50 -41.16 -21.68 -2.10
N GLU N 51 -40.99 -22.02 -0.82
CA GLU N 51 -41.26 -23.34 -0.24
C GLU N 51 -42.78 -23.48 0.03
N GLU N 52 -43.26 -24.74 0.04
CA GLU N 52 -44.67 -25.11 0.18
C GLU N 52 -45.16 -24.85 1.60
N ALA N 53 -44.52 -25.52 2.55
CA ALA N 53 -44.58 -25.32 3.99
C ALA N 53 -43.46 -24.35 4.37
N LYS N 54 -43.06 -24.36 5.66
CA LYS N 54 -41.98 -23.54 6.23
C LYS N 54 -42.39 -22.05 6.32
N GLN N 55 -43.65 -21.75 6.01
CA GLN N 55 -44.37 -20.52 6.23
C GLN N 55 -45.18 -20.77 7.50
N ILE N 56 -45.18 -19.81 8.43
CA ILE N 56 -45.89 -19.87 9.70
C ILE N 56 -46.55 -18.51 9.96
N LEU N 57 -47.74 -18.54 10.56
CA LEU N 57 -48.71 -17.47 10.60
C LEU N 57 -49.05 -17.01 12.02
N VAL N 58 -49.70 -15.84 12.09
CA VAL N 58 -50.27 -15.19 13.28
C VAL N 58 -51.32 -16.06 14.01
N GLY N 59 -51.91 -17.04 13.31
CA GLY N 59 -52.81 -18.02 13.87
C GLY N 59 -52.06 -18.99 14.78
N ASP N 60 -51.15 -19.74 14.16
CA ASP N 60 -50.30 -20.82 14.68
C ASP N 60 -49.77 -20.56 16.08
N ILE N 61 -49.27 -19.34 16.33
CA ILE N 61 -48.66 -18.85 17.57
C ILE N 61 -49.68 -18.73 18.72
N GLY N 62 -50.97 -18.63 18.42
CA GLY N 62 -52.07 -18.70 19.38
C GLY N 62 -52.76 -20.07 19.37
N ASP N 63 -52.76 -20.76 18.22
CA ASP N 63 -53.49 -22.02 18.02
C ASP N 63 -52.69 -23.22 18.55
N THR N 64 -51.34 -23.22 18.53
CA THR N 64 -50.48 -24.34 18.94
C THR N 64 -49.00 -23.99 19.26
N VAL N 65 -48.37 -23.09 18.49
CA VAL N 65 -46.92 -22.95 18.38
C VAL N 65 -46.37 -21.97 19.44
N GLU N 66 -45.14 -22.21 19.92
CA GLU N 66 -44.44 -21.44 20.94
C GLU N 66 -44.09 -20.01 20.47
N ASP N 67 -43.50 -19.92 19.27
CA ASP N 67 -43.23 -18.70 18.51
C ASP N 67 -42.94 -19.14 17.06
N PRO N 68 -43.09 -18.26 16.06
CA PRO N 68 -42.97 -18.62 14.66
C PRO N 68 -41.52 -18.93 14.27
N TYR N 69 -40.54 -18.20 14.83
CA TYR N 69 -39.14 -18.38 14.47
C TYR N 69 -38.59 -19.68 15.08
N THR N 70 -38.97 -20.04 16.31
CA THR N 70 -38.74 -21.35 16.90
C THR N 70 -39.25 -22.50 15.99
N SER N 71 -40.46 -22.36 15.41
CA SER N 71 -41.02 -23.30 14.43
C SER N 71 -40.37 -23.25 13.04
N PHE N 72 -39.78 -22.11 12.65
CA PHE N 72 -39.03 -21.96 11.40
C PHE N 72 -37.75 -22.79 11.46
N VAL N 73 -37.02 -22.73 12.58
CA VAL N 73 -35.77 -23.46 12.79
C VAL N 73 -36.02 -24.96 13.05
N LYS N 74 -37.25 -25.35 13.46
CA LYS N 74 -37.70 -26.75 13.43
C LYS N 74 -37.93 -27.28 12.00
N LEU N 75 -37.77 -26.45 10.95
CA LEU N 75 -38.00 -26.80 9.54
C LEU N 75 -36.85 -26.40 8.58
N LEU N 76 -35.71 -25.88 9.07
CA LEU N 76 -34.60 -25.46 8.20
C LEU N 76 -33.74 -26.67 7.76
N PRO N 77 -33.22 -26.69 6.51
CA PRO N 77 -32.29 -27.74 6.06
C PRO N 77 -30.90 -27.48 6.65
N LEU N 78 -30.32 -28.51 7.29
CA LEU N 78 -29.07 -28.40 8.04
C LEU N 78 -27.83 -28.37 7.13
N ASN N 79 -27.94 -28.96 5.94
CA ASN N 79 -26.85 -29.17 4.97
C ASN N 79 -27.24 -28.64 3.58
N ASP N 80 -28.11 -27.63 3.51
CA ASP N 80 -28.38 -26.87 2.29
C ASP N 80 -28.64 -25.40 2.65
N CYS N 81 -28.40 -24.51 1.69
CA CYS N 81 -28.65 -23.09 1.80
C CYS N 81 -30.12 -22.81 1.43
N ARG N 82 -30.66 -21.70 1.92
CA ARG N 82 -31.97 -21.14 1.63
C ARG N 82 -31.88 -19.62 1.70
N TYR N 83 -32.89 -18.92 1.18
CA TYR N 83 -33.18 -17.56 1.64
C TYR N 83 -34.44 -17.62 2.50
N ALA N 84 -34.61 -16.61 3.35
CA ALA N 84 -35.73 -16.48 4.27
C ALA N 84 -36.15 -15.02 4.40
N LEU N 85 -37.40 -14.80 4.80
CA LEU N 85 -37.96 -13.50 5.14
C LEU N 85 -38.66 -13.66 6.48
N TYR N 86 -38.66 -12.60 7.29
CA TYR N 86 -39.23 -12.56 8.63
C TYR N 86 -39.80 -11.16 8.82
N ASP N 87 -41.11 -11.07 9.09
CA ASP N 87 -41.80 -9.88 9.60
C ASP N 87 -41.83 -10.15 11.10
N ALA N 88 -41.01 -9.48 11.91
CA ALA N 88 -40.89 -9.75 13.35
C ALA N 88 -42.02 -9.08 14.12
N THR N 89 -42.12 -9.31 15.42
CA THR N 89 -42.86 -8.48 16.35
C THR N 89 -41.86 -8.15 17.46
N TYR N 90 -41.52 -6.88 17.70
CA TYR N 90 -40.60 -6.50 18.77
C TYR N 90 -41.19 -5.42 19.65
N GLU N 91 -40.92 -5.51 20.95
CA GLU N 91 -41.17 -4.49 21.95
C GLU N 91 -39.79 -3.83 22.15
N THR N 92 -39.75 -2.51 22.24
CA THR N 92 -38.56 -1.76 22.60
C THR N 92 -38.96 -0.54 23.43
N LYS N 93 -37.98 0.17 24.00
CA LYS N 93 -38.17 1.24 24.98
C LYS N 93 -38.97 2.45 24.48
N GLU N 94 -38.96 2.75 23.18
CA GLU N 94 -39.73 3.83 22.56
C GLU N 94 -41.18 3.38 22.30
N SER N 95 -41.37 2.19 21.70
CA SER N 95 -42.64 1.62 21.29
C SER N 95 -42.37 0.20 20.76
N LYS N 96 -43.45 -0.53 20.43
CA LYS N 96 -43.43 -1.80 19.70
C LYS N 96 -43.68 -1.53 18.20
N LYS N 97 -42.98 -2.26 17.33
CA LYS N 97 -43.12 -2.31 15.88
C LYS N 97 -42.84 -3.75 15.40
N GLU N 98 -42.65 -3.95 14.09
CA GLU N 98 -42.68 -5.27 13.44
C GLU N 98 -41.63 -5.41 12.33
N ASP N 99 -40.53 -4.66 12.42
CA ASP N 99 -39.51 -4.43 11.39
C ASP N 99 -39.06 -5.69 10.63
N LEU N 100 -39.16 -5.61 9.30
CA LEU N 100 -39.08 -6.73 8.39
C LEU N 100 -37.61 -7.01 8.05
N VAL N 101 -37.25 -8.29 8.13
CA VAL N 101 -35.93 -8.84 7.98
C VAL N 101 -35.88 -9.63 6.66
N PHE N 102 -34.77 -9.52 5.93
CA PHE N 102 -34.35 -10.48 4.90
C PHE N 102 -33.17 -11.28 5.48
N ILE N 103 -33.16 -12.59 5.24
CA ILE N 103 -32.29 -13.56 5.88
C ILE N 103 -31.66 -14.44 4.78
N PHE N 104 -30.33 -14.54 4.76
CA PHE N 104 -29.61 -15.57 4.02
C PHE N 104 -29.28 -16.68 5.03
N TRP N 105 -29.80 -17.89 4.80
CA TRP N 105 -29.45 -19.11 5.52
C TRP N 105 -28.38 -19.83 4.68
N ALA N 106 -27.13 -19.84 5.16
CA ALA N 106 -26.02 -20.49 4.49
C ALA N 106 -25.23 -21.35 5.49
N PRO N 107 -25.76 -22.51 5.95
CA PRO N 107 -25.13 -23.33 6.99
C PRO N 107 -23.83 -23.95 6.43
N GLU N 108 -22.74 -23.89 7.21
CA GLU N 108 -21.39 -24.10 6.66
C GLU N 108 -21.13 -25.48 6.03
N SER N 109 -21.93 -26.49 6.40
CA SER N 109 -21.90 -27.86 5.88
C SER N 109 -22.75 -28.03 4.60
N ALA N 110 -23.39 -26.96 4.09
CA ALA N 110 -23.94 -26.92 2.74
C ALA N 110 -22.77 -26.73 1.76
N PRO N 111 -22.61 -27.57 0.71
CA PRO N 111 -21.55 -27.47 -0.31
C PRO N 111 -21.42 -26.08 -0.95
N LEU N 112 -20.18 -25.66 -1.26
CA LEU N 112 -19.85 -24.33 -1.77
C LEU N 112 -20.61 -23.93 -3.05
N LYS N 113 -20.99 -24.90 -3.90
CA LYS N 113 -21.80 -24.64 -5.09
C LYS N 113 -23.23 -24.19 -4.74
N SER N 114 -23.85 -24.70 -3.67
CA SER N 114 -25.18 -24.23 -3.25
C SER N 114 -25.04 -22.83 -2.62
N LYS N 115 -24.02 -22.63 -1.77
CA LYS N 115 -23.63 -21.33 -1.24
C LYS N 115 -23.47 -20.27 -2.34
N MET N 116 -22.70 -20.60 -3.41
CA MET N 116 -22.49 -19.74 -4.58
C MET N 116 -23.78 -19.44 -5.34
N ILE N 117 -24.60 -20.46 -5.65
CA ILE N 117 -25.81 -20.30 -6.46
C ILE N 117 -26.84 -19.43 -5.71
N TYR N 118 -27.09 -19.66 -4.41
CA TYR N 118 -27.96 -18.79 -3.62
C TYR N 118 -27.34 -17.39 -3.47
N ALA N 119 -26.04 -17.27 -3.17
CA ALA N 119 -25.33 -15.99 -3.07
C ALA N 119 -25.40 -15.18 -4.37
N SER N 120 -25.22 -15.80 -5.54
CA SER N 120 -25.30 -15.15 -6.86
C SER N 120 -26.66 -14.48 -7.16
N SER N 121 -27.71 -14.81 -6.41
CA SER N 121 -29.04 -14.23 -6.55
C SER N 121 -29.26 -13.08 -5.53
N LYS N 122 -28.40 -12.96 -4.51
CA LYS N 122 -28.46 -12.09 -3.31
C LYS N 122 -28.98 -10.68 -3.59
N ASP N 123 -28.28 -10.01 -4.50
CA ASP N 123 -28.40 -8.58 -4.69
C ASP N 123 -29.48 -8.27 -5.75
N ALA N 124 -29.96 -9.31 -6.47
CA ALA N 124 -31.12 -9.26 -7.35
C ALA N 124 -32.43 -9.40 -6.56
N ILE N 125 -32.49 -10.24 -5.50
CA ILE N 125 -33.67 -10.37 -4.63
C ILE N 125 -33.80 -9.11 -3.74
N LYS N 126 -32.69 -8.67 -3.14
CA LYS N 126 -32.59 -7.49 -2.29
C LYS N 126 -33.11 -6.20 -2.96
N LYS N 127 -32.73 -5.95 -4.23
CA LYS N 127 -33.09 -4.70 -4.90
C LYS N 127 -34.56 -4.64 -5.31
N LYS N 128 -35.23 -5.80 -5.50
CA LYS N 128 -36.68 -5.87 -5.72
C LYS N 128 -37.44 -5.79 -4.38
N PHE N 129 -36.84 -6.26 -3.28
CA PHE N 129 -37.38 -6.21 -1.92
C PHE N 129 -37.19 -4.80 -1.29
N THR N 130 -37.81 -3.77 -1.87
CA THR N 130 -37.87 -2.42 -1.28
C THR N 130 -38.93 -2.39 -0.15
N GLY N 131 -38.48 -2.54 1.09
CA GLY N 131 -39.31 -2.57 2.30
C GLY N 131 -38.75 -3.46 3.41
N ILE N 132 -37.44 -3.65 3.46
CA ILE N 132 -36.71 -4.38 4.51
C ILE N 132 -36.17 -3.32 5.49
N LYS N 133 -36.05 -3.66 6.77
CA LYS N 133 -35.42 -2.89 7.83
C LYS N 133 -34.16 -3.57 8.40
N HIS N 134 -34.02 -4.89 8.27
CA HIS N 134 -32.90 -5.69 8.79
C HIS N 134 -32.40 -6.69 7.74
N GLU N 135 -31.09 -6.97 7.71
CA GLU N 135 -30.50 -8.00 6.85
C GLU N 135 -29.63 -8.92 7.71
N TRP N 136 -29.99 -10.21 7.81
CA TRP N 136 -29.27 -11.21 8.59
C TRP N 136 -28.45 -12.12 7.65
N GLN N 137 -27.14 -12.16 7.87
CA GLN N 137 -26.25 -13.25 7.46
C GLN N 137 -26.35 -14.33 8.55
N VAL N 138 -26.55 -15.61 8.20
CA VAL N 138 -26.72 -16.73 9.12
C VAL N 138 -25.96 -17.94 8.57
N ASN N 139 -25.23 -18.68 9.44
CA ASN N 139 -24.21 -19.66 9.06
C ASN N 139 -24.18 -20.95 9.89
N GLY N 140 -24.98 -21.07 10.95
CA GLY N 140 -25.15 -22.28 11.72
C GLY N 140 -26.51 -22.29 12.44
N LEU N 141 -26.89 -23.42 13.03
CA LEU N 141 -28.12 -23.54 13.82
C LEU N 141 -28.01 -22.70 15.09
N ASP N 142 -26.84 -22.70 15.72
CA ASP N 142 -26.51 -22.01 16.96
C ASP N 142 -26.18 -20.52 16.74
N ASP N 143 -26.58 -19.96 15.59
CA ASP N 143 -26.66 -18.53 15.31
C ASP N 143 -28.08 -18.17 14.85
N ILE N 144 -29.06 -19.10 14.98
CA ILE N 144 -30.45 -18.93 14.58
C ILE N 144 -31.49 -19.51 15.56
N LYS N 145 -31.15 -20.56 16.34
CA LYS N 145 -32.07 -21.29 17.23
C LYS N 145 -32.61 -20.48 18.42
N ASP N 146 -31.91 -19.42 18.82
CA ASP N 146 -32.13 -18.76 20.09
C ASP N 146 -32.67 -17.34 19.87
N ARG N 147 -33.88 -17.03 20.38
CA ARG N 147 -34.56 -15.75 20.13
C ARG N 147 -33.80 -14.55 20.76
N SER N 148 -33.03 -14.77 21.84
CA SER N 148 -32.17 -13.76 22.45
C SER N 148 -30.94 -13.46 21.55
N THR N 149 -30.38 -14.47 20.89
CA THR N 149 -29.34 -14.35 19.87
C THR N 149 -29.91 -13.66 18.60
N LEU N 150 -31.19 -13.86 18.27
CA LEU N 150 -31.89 -13.11 17.21
C LEU N 150 -32.13 -11.63 17.61
N GLY N 151 -32.07 -11.31 18.91
CA GLY N 151 -32.05 -9.95 19.42
C GLY N 151 -30.74 -9.21 19.08
N GLU N 152 -29.60 -9.92 19.06
CA GLU N 152 -28.31 -9.41 18.58
C GLU N 152 -28.37 -9.20 17.05
N LYS N 153 -29.00 -10.12 16.31
CA LYS N 153 -29.16 -10.05 14.85
C LYS N 153 -29.94 -8.80 14.37
N LEU N 154 -30.88 -8.31 15.18
CA LEU N 154 -31.64 -7.08 14.95
C LEU N 154 -30.88 -5.82 15.45
N GLY N 155 -29.60 -5.96 15.80
CA GLY N 155 -28.71 -4.87 16.19
C GLY N 155 -28.72 -4.58 17.70
N GLY N 156 -29.24 -5.50 18.52
CA GLY N 156 -29.21 -5.46 19.99
C GLY N 156 -30.20 -4.49 20.64
N ASN N 157 -30.43 -3.33 20.00
CA ASN N 157 -31.20 -2.17 20.44
C ASN N 157 -32.69 -2.42 20.77
N VAL N 158 -33.20 -3.61 20.47
CA VAL N 158 -34.53 -4.10 20.82
C VAL N 158 -34.70 -4.16 22.35
N VAL N 159 -33.73 -4.80 23.04
CA VAL N 159 -33.49 -4.93 24.48
C VAL N 159 -34.64 -5.49 25.37
N VAL N 160 -35.92 -5.36 24.98
CA VAL N 160 -37.07 -5.78 25.78
C VAL N 160 -37.55 -7.16 25.32
N SER N 161 -38.14 -7.29 24.12
CA SER N 161 -38.76 -8.52 23.65
C SER N 161 -38.72 -8.64 22.13
N LEU N 162 -38.59 -9.88 21.65
CA LEU N 162 -38.80 -10.32 20.28
C LEU N 162 -39.82 -11.46 20.34
N GLU N 163 -40.88 -11.38 19.52
CA GLU N 163 -41.86 -12.43 19.24
C GLU N 163 -42.60 -12.88 20.52
N GLY N 164 -42.83 -11.92 21.42
CA GLY N 164 -43.46 -12.07 22.73
C GLY N 164 -42.58 -12.77 23.78
N LYS N 165 -41.30 -13.02 23.49
CA LYS N 165 -40.34 -13.64 24.40
C LYS N 165 -39.40 -12.53 24.89
N PRO N 166 -39.18 -12.34 26.21
CA PRO N 166 -38.18 -11.43 26.77
C PRO N 166 -36.75 -11.70 26.25
N LEU N 167 -35.96 -10.65 26.07
CA LEU N 167 -34.54 -10.74 25.77
C LEU N 167 -33.78 -10.58 27.10
N NH2 N 168 -32.69 -11.32 27.30
HN1 NH2 N 168 -32.21 -11.21 28.18
HN2 NH2 N 168 -32.40 -12.00 26.62
C ACE O 1 41.54 -14.85 25.70
O ACE O 1 41.15 -15.45 26.91
CH3 ACE O 1 42.98 -14.37 25.88
H1 ACE O 1 43.29 -13.73 25.07
H2 ACE O 1 43.67 -15.22 25.93
H3 ACE O 1 43.11 -13.81 26.81
N MET O 2 40.66 -13.69 25.54
CA MET O 2 39.25 -14.06 25.29
C MET O 2 38.93 -14.21 23.79
N ALA O 3 39.94 -14.06 22.91
CA ALA O 3 39.84 -14.00 21.45
C ALA O 3 38.90 -12.85 21.02
N SER O 4 39.17 -11.65 21.55
CA SER O 4 38.26 -10.51 21.55
C SER O 4 39.07 -9.25 21.23
N GLY O 5 38.79 -8.63 20.08
CA GLY O 5 39.54 -7.55 19.43
C GLY O 5 39.79 -6.27 20.26
N VAL O 6 40.83 -5.52 19.89
CA VAL O 6 41.41 -4.36 20.60
C VAL O 6 40.45 -3.18 20.83
N THR O 7 40.67 -2.41 21.90
CA THR O 7 39.82 -1.30 22.33
C THR O 7 40.39 0.07 21.90
N VAL O 8 39.52 0.97 21.45
CA VAL O 8 39.73 2.41 21.50
C VAL O 8 39.66 2.85 22.98
N ASN O 9 40.72 3.51 23.47
CA ASN O 9 40.97 3.85 24.88
C ASN O 9 39.97 4.88 25.47
N ASP O 10 40.43 6.13 25.67
CA ASP O 10 39.77 7.31 26.23
C ASP O 10 40.25 8.59 25.51
N GLU O 11 41.57 8.74 25.32
CA GLU O 11 42.23 9.76 24.50
C GLU O 11 41.58 9.94 23.11
N VAL O 12 41.33 8.81 22.42
CA VAL O 12 40.63 8.73 21.14
C VAL O 12 39.16 9.21 21.23
N ILE O 13 38.51 9.03 22.39
CA ILE O 13 37.11 9.34 22.62
C ILE O 13 36.95 10.86 22.85
N LYS O 14 37.95 11.50 23.46
CA LYS O 14 38.01 12.94 23.72
C LYS O 14 38.12 13.73 22.40
N VAL O 15 39.08 13.37 21.54
CA VAL O 15 39.27 14.01 20.22
C VAL O 15 38.11 13.67 19.26
N PHE O 16 37.50 12.48 19.38
CA PHE O 16 36.26 12.10 18.68
C PHE O 16 35.10 13.07 19.01
N ASN O 17 34.82 13.29 20.31
CA ASN O 17 33.65 14.07 20.73
C ASN O 17 33.85 15.58 20.48
N ASP O 18 35.10 16.07 20.50
CA ASP O 18 35.49 17.41 20.04
C ASP O 18 35.17 17.61 18.53
N MET O 19 35.28 16.55 17.73
CA MET O 19 34.94 16.56 16.30
C MET O 19 33.41 16.44 16.06
N LYS O 20 32.62 16.14 17.11
CA LYS O 20 31.24 15.70 16.97
C LYS O 20 30.22 16.81 17.25
N VAL O 21 30.58 17.79 18.09
CA VAL O 21 29.68 18.85 18.55
C VAL O 21 30.09 20.20 17.95
N ARG O 22 29.12 21.12 17.93
CA ARG O 22 29.33 22.50 17.53
C ARG O 22 30.04 23.29 18.64
N LYS O 23 30.50 24.49 18.28
CA LYS O 23 31.49 25.29 18.97
C LYS O 23 31.10 26.77 18.91
N SER O 24 31.91 27.65 19.53
CA SER O 24 31.89 29.11 19.35
C SER O 24 32.23 29.46 17.90
N SER O 25 31.40 30.28 17.25
CA SER O 25 31.54 30.75 15.88
C SER O 25 32.65 31.82 15.74
N THR O 26 33.00 32.53 16.82
CA THR O 26 34.01 33.60 16.82
C THR O 26 35.44 33.03 16.71
N GLN O 27 35.65 31.77 17.13
CA GLN O 27 36.97 31.14 17.20
C GLN O 27 36.92 29.64 16.95
N GLU O 28 36.18 28.93 17.80
CA GLU O 28 36.28 27.49 17.96
C GLU O 28 35.73 26.67 16.78
N GLU O 29 34.72 27.17 16.05
CA GLU O 29 34.22 26.53 14.83
C GLU O 29 35.20 26.72 13.65
N ILE O 30 36.03 27.76 13.70
CA ILE O 30 36.84 28.21 12.57
C ILE O 30 38.16 27.42 12.59
N LYS O 31 39.13 27.84 13.41
CA LYS O 31 40.47 27.24 13.43
C LYS O 31 40.58 26.10 14.47
N LYS O 32 39.46 25.57 15.01
CA LYS O 32 39.46 24.32 15.78
C LYS O 32 38.21 23.43 15.67
N ARG O 33 37.48 23.49 14.55
CA ARG O 33 36.83 22.30 13.99
C ARG O 33 37.96 21.67 13.17
N LYS O 34 38.39 20.48 13.58
CA LYS O 34 39.23 19.59 12.79
C LYS O 34 38.18 18.68 12.17
N LYS O 35 38.05 18.67 10.83
CA LYS O 35 36.95 17.98 10.16
C LYS O 35 37.25 16.51 9.85
N ALA O 36 38.32 15.96 10.43
CA ALA O 36 38.73 14.58 10.36
C ALA O 36 39.72 14.30 11.51
N VAL O 37 39.97 13.02 11.78
CA VAL O 37 41.03 12.49 12.63
C VAL O 37 41.35 11.07 12.12
N LEU O 38 42.54 10.55 12.41
CA LEU O 38 43.02 9.23 12.05
C LEU O 38 43.44 8.52 13.35
N PHE O 39 43.19 7.21 13.44
CA PHE O 39 43.60 6.35 14.54
C PHE O 39 44.33 5.13 13.98
N CYS O 40 45.28 4.61 14.78
CA CYS O 40 46.19 3.53 14.50
C CYS O 40 46.26 2.60 15.73
N LEU O 41 46.79 1.39 15.55
CA LEU O 41 47.10 0.40 16.58
C LEU O 41 48.37 0.85 17.34
N SER O 42 48.41 0.65 18.66
CA SER O 42 49.54 1.01 19.52
C SER O 42 50.74 0.05 19.38
N ASP O 43 51.88 0.41 19.99
CA ASP O 43 53.10 -0.40 20.09
C ASP O 43 52.86 -1.66 20.95
N ASP O 44 52.02 -1.54 21.98
CA ASP O 44 51.59 -2.64 22.85
C ASP O 44 50.70 -3.59 22.04
N LYS O 45 49.80 -3.06 21.20
CA LYS O 45 48.96 -3.71 20.19
C LYS O 45 47.64 -4.25 20.76
N ARG O 46 47.25 -3.84 21.97
CA ARG O 46 45.97 -4.19 22.59
C ARG O 46 45.00 -2.99 22.58
N GLN O 47 45.39 -1.83 22.04
CA GLN O 47 44.56 -0.63 21.96
C GLN O 47 44.76 0.14 20.65
N ILE O 48 43.79 1.00 20.33
CA ILE O 48 43.79 1.93 19.21
C ILE O 48 43.97 3.34 19.81
N ILE O 49 44.94 4.09 19.27
CA ILE O 49 45.41 5.42 19.65
C ILE O 49 45.24 6.39 18.46
N VAL O 50 45.26 7.71 18.71
CA VAL O 50 45.37 8.76 17.69
C VAL O 50 46.77 8.76 17.04
N GLU O 51 46.83 9.20 15.78
CA GLU O 51 47.99 9.16 14.90
C GLU O 51 48.03 10.42 14.02
N GLU O 52 49.18 10.64 13.35
CA GLU O 52 49.47 11.70 12.40
C GLU O 52 48.59 11.51 11.15
N ALA O 53 48.04 12.62 10.67
CA ALA O 53 47.35 12.72 9.40
C ALA O 53 47.50 14.14 8.89
N LYS O 54 47.21 14.37 7.61
CA LYS O 54 47.04 15.71 7.06
C LYS O 54 45.60 16.15 7.37
N GLN O 55 45.38 16.37 8.67
CA GLN O 55 44.19 16.95 9.28
C GLN O 55 44.27 18.46 9.10
N ILE O 56 43.18 19.08 8.64
CA ILE O 56 43.09 20.47 8.24
C ILE O 56 41.87 21.06 8.99
N LEU O 57 41.97 22.33 9.37
CA LEU O 57 40.95 23.04 10.14
C LEU O 57 39.97 23.71 9.15
N VAL O 58 38.72 23.93 9.57
CA VAL O 58 37.68 24.64 8.81
C VAL O 58 38.14 26.04 8.34
N GLY O 59 38.87 26.77 9.19
CA GLY O 59 39.43 28.07 8.91
C GLY O 59 40.44 28.07 7.77
N ASP O 60 41.23 26.99 7.61
CA ASP O 60 42.31 26.84 6.62
C ASP O 60 41.80 26.84 5.17
N ILE O 61 40.50 26.55 5.01
CA ILE O 61 39.76 26.55 3.74
C ILE O 61 39.29 27.99 3.42
N GLY O 62 39.44 28.93 4.37
CA GLY O 62 39.38 30.36 4.17
C GLY O 62 40.78 30.93 3.89
N ASP O 63 41.82 30.39 4.55
CA ASP O 63 43.23 30.77 4.33
C ASP O 63 43.68 30.51 2.88
N THR O 64 43.74 29.24 2.43
CA THR O 64 44.23 28.90 1.09
C THR O 64 43.90 27.46 0.60
N VAL O 65 43.41 26.53 1.44
CA VAL O 65 43.37 25.10 1.11
C VAL O 65 42.04 24.75 0.39
N GLU O 66 42.06 23.78 -0.54
CA GLU O 66 40.92 23.34 -1.35
C GLU O 66 39.70 22.91 -0.51
N ASP O 67 39.89 21.91 0.35
CA ASP O 67 38.94 21.42 1.37
C ASP O 67 39.77 20.66 2.43
N PRO O 68 39.18 20.29 3.59
CA PRO O 68 39.93 19.71 4.71
C PRO O 68 40.13 18.19 4.62
N TYR O 69 39.59 17.51 3.59
CA TYR O 69 39.55 16.05 3.53
C TYR O 69 40.00 15.49 2.18
N THR O 70 39.91 16.27 1.08
CA THR O 70 40.46 16.03 -0.26
C THR O 70 41.86 15.38 -0.26
N SER O 71 42.79 15.98 0.48
CA SER O 71 44.19 15.62 0.58
C SER O 71 44.44 14.52 1.62
N PHE O 72 43.58 14.41 2.64
CA PHE O 72 43.58 13.35 3.66
C PHE O 72 43.32 11.99 2.99
N VAL O 73 42.29 11.90 2.15
CA VAL O 73 41.88 10.67 1.44
C VAL O 73 42.83 10.28 0.30
N LYS O 74 43.74 11.19 -0.10
CA LYS O 74 44.80 10.97 -1.07
C LYS O 74 46.13 10.58 -0.39
N LEU O 75 46.23 10.70 0.94
CA LEU O 75 47.45 10.49 1.74
C LEU O 75 47.21 9.49 2.88
N LEU O 76 46.29 8.54 2.68
CA LEU O 76 46.08 7.43 3.60
C LEU O 76 47.22 6.39 3.41
N PRO O 77 47.86 5.87 4.48
CA PRO O 77 48.84 4.77 4.41
C PRO O 77 48.29 3.55 3.65
N LEU O 78 48.97 3.13 2.57
CA LEU O 78 48.54 1.99 1.74
C LEU O 78 49.11 0.65 2.27
N ASN O 79 50.03 0.70 3.24
CA ASN O 79 50.78 -0.45 3.76
C ASN O 79 50.58 -0.66 5.26
N ASP O 80 49.57 -0.02 5.83
CA ASP O 80 48.94 -0.33 7.11
C ASP O 80 47.44 -0.06 6.94
N CYS O 81 46.60 -0.64 7.78
CA CYS O 81 45.18 -0.30 7.87
C CYS O 81 45.06 0.90 8.82
N ARG O 82 43.95 1.64 8.74
CA ARG O 82 43.70 2.79 9.60
C ARG O 82 42.21 2.84 9.93
N TYR O 83 41.89 3.59 10.98
CA TYR O 83 40.54 4.07 11.20
C TYR O 83 40.59 5.58 10.96
N ALA O 84 39.60 6.13 10.27
CA ALA O 84 39.43 7.56 10.07
C ALA O 84 38.03 7.96 10.54
N LEU O 85 37.90 9.20 10.97
CA LEU O 85 36.63 9.90 11.06
C LEU O 85 36.64 11.04 10.04
N TYR O 86 35.45 11.53 9.72
CA TYR O 86 35.19 12.66 8.84
C TYR O 86 33.91 13.34 9.37
N ASP O 87 34.00 14.64 9.70
CA ASP O 87 32.87 15.53 9.98
C ASP O 87 32.56 16.18 8.62
N ALA O 88 31.42 15.78 8.03
CA ALA O 88 31.03 15.99 6.65
C ALA O 88 29.98 17.10 6.60
N THR O 89 30.32 18.23 5.99
CA THR O 89 29.38 19.34 5.78
C THR O 89 28.78 19.17 4.37
N TYR O 90 27.45 18.99 4.29
CA TYR O 90 26.73 18.66 3.07
C TYR O 90 25.38 19.37 2.95
N GLU O 91 25.02 19.71 1.71
CA GLU O 91 23.78 20.32 1.26
C GLU O 91 23.00 19.19 0.54
N THR O 92 21.73 19.01 0.87
CA THR O 92 20.83 18.06 0.22
C THR O 92 19.79 18.82 -0.60
N LYS O 93 18.87 18.08 -1.23
CA LYS O 93 17.70 18.60 -1.93
C LYS O 93 16.64 19.23 -0.98
N GLU O 94 16.89 19.28 0.34
CA GLU O 94 15.97 19.79 1.35
C GLU O 94 16.62 20.48 2.56
N SER O 95 17.85 20.14 2.98
CA SER O 95 18.49 20.63 4.20
C SER O 95 20.03 20.67 4.12
N LYS O 96 20.66 21.44 5.01
CA LYS O 96 22.11 21.51 5.24
C LYS O 96 22.39 20.70 6.51
N LYS O 97 23.39 19.81 6.50
CA LYS O 97 23.68 18.91 7.61
C LYS O 97 25.20 18.66 7.82
N GLU O 98 25.51 18.05 8.97
CA GLU O 98 26.82 17.82 9.58
C GLU O 98 26.90 16.41 10.22
N ASP O 99 26.37 15.38 9.55
CA ASP O 99 26.30 14.01 10.05
C ASP O 99 27.67 13.35 9.81
N LEU O 100 28.45 13.17 10.88
CA LEU O 100 29.82 12.70 10.83
C LEU O 100 29.90 11.17 10.61
N VAL O 101 31.00 10.76 9.98
CA VAL O 101 31.26 9.45 9.42
C VAL O 101 32.36 8.72 10.23
N PHE O 102 32.28 7.38 10.34
CA PHE O 102 33.36 6.48 10.74
C PHE O 102 33.78 5.64 9.54
N ILE O 103 35.09 5.60 9.26
CA ILE O 103 35.72 4.86 8.17
C ILE O 103 36.66 3.81 8.77
N PHE O 104 36.47 2.55 8.34
CA PHE O 104 37.43 1.46 8.44
C PHE O 104 38.16 1.43 7.08
N TRP O 105 39.47 1.74 7.08
CA TRP O 105 40.35 1.73 5.91
C TRP O 105 41.22 0.46 6.02
N ALA O 106 41.14 -0.45 5.05
CA ALA O 106 41.93 -1.67 4.99
C ALA O 106 42.48 -1.92 3.58
N PRO O 107 43.62 -1.31 3.18
CA PRO O 107 44.15 -1.41 1.82
C PRO O 107 44.86 -2.76 1.58
N GLU O 108 44.86 -3.23 0.33
CA GLU O 108 45.30 -4.57 -0.05
C GLU O 108 46.79 -4.87 0.15
N SER O 109 47.62 -3.83 0.31
CA SER O 109 49.06 -3.98 0.52
C SER O 109 49.43 -3.81 2.02
N ALA O 110 48.43 -3.70 2.91
CA ALA O 110 48.64 -3.76 4.35
C ALA O 110 48.77 -5.24 4.81
N PRO O 111 49.65 -5.57 5.78
CA PRO O 111 49.81 -6.90 6.37
C PRO O 111 48.49 -7.56 6.81
N LEU O 112 48.37 -8.89 6.64
CA LEU O 112 47.19 -9.67 7.04
C LEU O 112 46.91 -9.58 8.56
N LYS O 113 47.98 -9.40 9.36
CA LYS O 113 47.92 -9.21 10.81
C LYS O 113 47.93 -7.72 11.22
N SER O 114 47.76 -6.79 10.27
CA SER O 114 47.15 -5.49 10.54
C SER O 114 45.65 -5.69 10.22
N LYS O 115 45.32 -6.11 8.98
CA LYS O 115 43.98 -6.37 8.45
C LYS O 115 43.02 -7.07 9.42
N MET O 116 43.45 -8.22 9.97
CA MET O 116 42.72 -9.00 10.98
C MET O 116 42.35 -8.20 12.23
N ILE O 117 43.26 -7.37 12.74
CA ILE O 117 43.09 -6.62 13.98
C ILE O 117 42.12 -5.45 13.74
N TYR O 118 42.30 -4.68 12.67
CA TYR O 118 41.43 -3.54 12.33
C TYR O 118 40.05 -4.01 11.79
N ALA O 119 39.91 -5.27 11.37
CA ALA O 119 38.62 -5.85 10.99
C ALA O 119 37.82 -6.35 12.22
N SER O 120 38.51 -6.80 13.28
CA SER O 120 37.90 -7.42 14.46
C SER O 120 37.76 -6.45 15.66
N SER O 121 38.41 -5.28 15.64
CA SER O 121 38.19 -4.21 16.61
C SER O 121 37.16 -3.17 16.11
N LYS O 122 36.66 -3.34 14.86
CA LYS O 122 35.65 -2.53 14.17
C LYS O 122 34.47 -2.17 15.09
N ASP O 123 33.82 -3.22 15.61
CA ASP O 123 32.60 -3.14 16.42
C ASP O 123 32.85 -2.47 17.79
N ALA O 124 34.08 -2.62 18.32
CA ALA O 124 34.55 -2.04 19.57
C ALA O 124 34.88 -0.55 19.43
N ILE O 125 34.98 -0.02 18.20
CA ILE O 125 34.93 1.42 17.93
C ILE O 125 33.48 1.82 17.68
N LYS O 126 32.79 1.15 16.74
CA LYS O 126 31.42 1.35 16.30
C LYS O 126 30.43 1.65 17.46
N LYS O 127 30.39 0.76 18.45
CA LYS O 127 29.48 0.82 19.59
C LYS O 127 30.04 1.65 20.77
N LYS O 128 31.32 2.04 20.75
CA LYS O 128 31.92 2.91 21.75
C LYS O 128 31.74 4.39 21.32
N PHE O 129 31.81 4.66 20.02
CA PHE O 129 31.77 6.00 19.41
C PHE O 129 30.30 6.41 19.16
N THR O 130 29.49 6.47 20.23
CA THR O 130 28.08 6.84 20.19
C THR O 130 27.91 8.30 19.69
N GLY O 131 27.31 8.47 18.50
CA GLY O 131 27.13 9.74 17.81
C GLY O 131 27.91 9.86 16.50
N ILE O 132 28.38 8.74 15.93
CA ILE O 132 28.59 8.59 14.49
C ILE O 132 27.20 8.36 13.86
N LYS O 133 26.97 8.84 12.63
CA LYS O 133 25.73 8.59 11.89
C LYS O 133 26.00 7.60 10.74
N HIS O 134 26.83 8.02 9.77
CA HIS O 134 27.16 7.25 8.57
C HIS O 134 28.44 6.45 8.82
N GLU O 135 28.61 5.29 8.17
CA GLU O 135 29.63 4.32 8.54
C GLU O 135 30.06 3.50 7.32
N TRP O 136 31.37 3.46 7.01
CA TRP O 136 31.93 2.93 5.77
C TRP O 136 33.03 1.89 6.03
N GLN O 137 33.14 0.92 5.12
CA GLN O 137 34.34 0.10 4.87
C GLN O 137 34.95 0.65 3.55
N VAL O 138 36.27 0.82 3.51
CA VAL O 138 37.03 1.39 2.40
C VAL O 138 38.26 0.48 2.20
N ASN O 139 38.48 -0.02 0.97
CA ASN O 139 39.50 -1.04 0.68
C ASN O 139 40.46 -0.64 -0.44
N GLY O 140 40.09 0.30 -1.30
CA GLY O 140 40.94 0.94 -2.29
C GLY O 140 40.75 2.45 -2.26
N LEU O 141 41.66 3.22 -2.88
CA LEU O 141 41.57 4.68 -2.96
C LEU O 141 40.32 5.12 -3.75
N ASP O 142 39.94 4.36 -4.77
CA ASP O 142 38.74 4.55 -5.60
C ASP O 142 37.42 4.29 -4.87
N ASP O 143 37.47 3.94 -3.59
CA ASP O 143 36.33 3.91 -2.67
C ASP O 143 36.20 5.23 -1.89
N ILE O 144 37.12 6.21 -2.06
CA ILE O 144 37.18 7.42 -1.22
C ILE O 144 37.73 8.70 -1.90
N LYS O 145 38.61 8.60 -2.93
CA LYS O 145 39.49 9.66 -3.46
C LYS O 145 38.86 11.02 -3.90
N ASP O 146 37.54 11.07 -4.09
CA ASP O 146 36.78 12.23 -4.54
C ASP O 146 35.52 12.37 -3.67
N ARG O 147 35.16 13.62 -3.38
CA ARG O 147 33.92 14.12 -2.76
C ARG O 147 32.62 13.41 -3.19
N SER O 148 32.51 12.99 -4.46
CA SER O 148 31.32 12.35 -5.00
C SER O 148 31.21 10.92 -4.42
N THR O 149 32.34 10.24 -4.24
CA THR O 149 32.43 8.91 -3.66
C THR O 149 32.27 8.97 -2.12
N LEU O 150 32.56 10.12 -1.49
CA LEU O 150 32.20 10.40 -0.10
C LEU O 150 30.67 10.56 0.03
N GLY O 151 30.07 11.38 -0.84
CA GLY O 151 28.65 11.71 -0.82
C GLY O 151 27.74 10.55 -1.21
N GLU O 152 28.20 9.68 -2.12
CA GLU O 152 27.66 8.38 -2.52
C GLU O 152 27.26 7.51 -1.31
N LYS O 153 28.22 7.28 -0.42
CA LYS O 153 28.06 6.47 0.79
C LYS O 153 27.45 7.26 1.96
N LEU O 154 27.08 8.53 1.76
CA LEU O 154 26.46 9.40 2.75
C LEU O 154 24.95 9.46 2.43
N GLY O 155 24.59 9.82 1.19
CA GLY O 155 23.20 9.93 0.76
C GLY O 155 22.99 9.95 -0.75
N GLY O 156 24.04 9.97 -1.57
CA GLY O 156 23.99 9.88 -3.04
C GLY O 156 23.05 10.91 -3.67
N ASN O 157 22.03 10.45 -4.39
CA ASN O 157 21.02 11.22 -5.15
C ASN O 157 20.01 12.00 -4.27
N VAL O 158 20.42 12.36 -3.05
CA VAL O 158 19.77 13.26 -2.12
C VAL O 158 20.71 14.45 -1.81
N VAL O 159 22.04 14.29 -1.97
CA VAL O 159 23.07 15.30 -1.72
C VAL O 159 23.32 16.06 -3.03
N VAL O 160 23.51 17.39 -2.95
CA VAL O 160 23.77 18.25 -4.11
C VAL O 160 25.15 18.93 -4.01
N SER O 161 25.64 19.19 -2.79
CA SER O 161 26.94 19.78 -2.52
C SER O 161 27.50 19.21 -1.22
N LEU O 162 28.83 19.08 -1.16
CA LEU O 162 29.61 18.50 -0.08
C LEU O 162 30.97 19.21 -0.12
N GLU O 163 31.47 19.67 1.03
CA GLU O 163 32.81 20.27 1.22
C GLU O 163 33.03 21.62 0.51
N GLY O 164 31.93 22.32 0.22
CA GLY O 164 31.92 23.57 -0.56
C GLY O 164 32.24 23.32 -2.03
N LYS O 165 31.94 22.12 -2.53
CA LYS O 165 32.12 21.68 -3.90
C LYS O 165 30.77 21.10 -4.39
N PRO O 166 30.36 21.29 -5.67
CA PRO O 166 29.22 20.59 -6.28
C PRO O 166 29.40 19.06 -6.26
N LEU O 167 28.32 18.32 -6.00
CA LEU O 167 28.19 16.91 -6.38
C LEU O 167 27.15 16.84 -7.52
N NH2 O 168 26.10 17.66 -7.47
HN1 NH2 O 168 25.42 17.58 -8.22
HN2 NH2 O 168 25.93 18.24 -6.67
C ACE P 1 23.47 -48.26 -46.48
O ACE P 1 23.30 -48.76 -45.17
CH3 ACE P 1 23.00 -49.30 -47.50
H1 ACE P 1 21.95 -49.57 -47.35
H2 ACE P 1 23.58 -50.22 -47.43
H3 ACE P 1 23.11 -48.93 -48.52
N MET P 2 22.62 -47.10 -46.54
CA MET P 2 23.08 -45.91 -45.80
C MET P 2 22.09 -45.63 -44.67
N ALA P 3 21.99 -46.61 -43.78
CA ALA P 3 21.10 -46.82 -42.62
C ALA P 3 20.01 -45.77 -42.38
N SER P 4 18.85 -45.95 -43.03
CA SER P 4 17.66 -45.13 -42.91
C SER P 4 16.87 -45.48 -41.63
N GLY P 5 16.77 -46.77 -41.30
CA GLY P 5 15.80 -47.26 -40.32
C GLY P 5 14.43 -47.36 -41.01
N VAL P 6 13.37 -46.86 -40.36
CA VAL P 6 12.01 -46.76 -40.91
C VAL P 6 11.41 -45.40 -40.48
N THR P 7 10.24 -45.08 -41.02
CA THR P 7 9.46 -43.89 -40.69
C THR P 7 8.02 -44.30 -40.38
N VAL P 8 7.12 -43.31 -40.29
CA VAL P 8 5.72 -43.47 -39.93
C VAL P 8 4.89 -42.56 -40.84
N ASN P 9 3.84 -43.14 -41.45
CA ASN P 9 2.91 -42.44 -42.34
C ASN P 9 1.97 -41.53 -41.53
N ASP P 10 1.43 -40.50 -42.18
CA ASP P 10 0.89 -39.32 -41.51
C ASP P 10 -0.59 -39.41 -41.11
N GLU P 11 -1.26 -40.55 -41.31
CA GLU P 11 -2.60 -40.84 -40.79
C GLU P 11 -2.58 -41.01 -39.26
N VAL P 12 -1.44 -41.40 -38.65
CA VAL P 12 -1.28 -41.56 -37.20
C VAL P 12 -1.63 -40.27 -36.40
N ILE P 13 -1.27 -39.11 -36.97
CA ILE P 13 -1.55 -37.78 -36.44
C ILE P 13 -3.04 -37.43 -36.57
N LYS P 14 -3.78 -38.07 -37.47
CA LYS P 14 -5.19 -37.79 -37.74
C LYS P 14 -6.07 -38.57 -36.75
N VAL P 15 -5.75 -39.84 -36.46
CA VAL P 15 -6.36 -40.57 -35.34
C VAL P 15 -5.92 -39.97 -33.99
N PHE P 16 -4.68 -39.46 -33.89
CA PHE P 16 -4.20 -38.66 -32.74
C PHE P 16 -5.02 -37.38 -32.54
N ASN P 17 -5.49 -36.72 -33.61
CA ASN P 17 -6.33 -35.51 -33.52
C ASN P 17 -7.66 -35.82 -32.82
N ASP P 18 -8.40 -36.84 -33.29
CA ASP P 18 -9.63 -37.39 -32.68
C ASP P 18 -9.39 -37.85 -31.23
N MET P 19 -8.28 -38.56 -31.02
CA MET P 19 -7.87 -39.06 -29.71
C MET P 19 -7.45 -37.95 -28.74
N LYS P 20 -6.84 -36.83 -29.18
CA LYS P 20 -6.33 -35.79 -28.29
C LYS P 20 -7.45 -34.90 -27.77
N VAL P 21 -8.26 -34.35 -28.69
CA VAL P 21 -9.17 -33.22 -28.47
C VAL P 21 -10.30 -33.56 -27.47
N ARG P 22 -10.97 -32.52 -27.00
CA ARG P 22 -12.13 -32.56 -26.12
C ARG P 22 -13.15 -31.54 -26.60
N LYS P 23 -14.41 -31.77 -26.24
CA LYS P 23 -15.54 -30.85 -26.36
C LYS P 23 -16.35 -30.95 -25.05
N SER P 24 -17.69 -30.94 -25.08
CA SER P 24 -18.51 -31.02 -23.87
C SER P 24 -18.39 -32.40 -23.20
N SER P 25 -18.34 -32.40 -21.87
CA SER P 25 -18.33 -33.60 -21.03
C SER P 25 -19.67 -34.38 -21.07
N THR P 26 -20.76 -33.82 -21.63
CA THR P 26 -22.11 -34.37 -21.52
C THR P 26 -22.28 -35.70 -22.29
N GLN P 27 -21.77 -35.80 -23.53
CA GLN P 27 -21.94 -36.99 -24.38
C GLN P 27 -20.83 -37.22 -25.41
N GLU P 28 -20.09 -36.17 -25.82
CA GLU P 28 -18.92 -36.26 -26.71
C GLU P 28 -17.86 -37.20 -26.12
N GLU P 29 -17.58 -36.95 -24.84
CA GLU P 29 -16.72 -37.70 -23.94
C GLU P 29 -17.40 -38.98 -23.41
N ILE P 30 -18.48 -39.47 -24.03
CA ILE P 30 -19.19 -40.70 -23.67
C ILE P 30 -19.41 -41.58 -24.91
N LYS P 31 -19.68 -41.02 -26.09
CA LYS P 31 -20.11 -41.78 -27.28
C LYS P 31 -19.34 -41.49 -28.57
N LYS P 32 -18.49 -40.45 -28.61
CA LYS P 32 -17.81 -40.00 -29.84
C LYS P 32 -16.28 -40.11 -29.71
N ARG P 33 -15.73 -39.75 -28.54
CA ARG P 33 -14.31 -39.84 -28.18
C ARG P 33 -13.86 -41.30 -27.99
N LYS P 34 -12.54 -41.53 -28.13
CA LYS P 34 -11.88 -42.82 -28.05
C LYS P 34 -10.75 -42.79 -27.02
N LYS P 35 -10.32 -43.98 -26.60
CA LYS P 35 -9.32 -44.22 -25.55
C LYS P 35 -8.15 -45.09 -26.02
N ALA P 36 -8.20 -45.70 -27.21
CA ALA P 36 -7.08 -46.48 -27.78
C ALA P 36 -7.10 -46.50 -29.32
N VAL P 37 -5.90 -46.60 -29.92
CA VAL P 37 -5.61 -46.89 -31.32
C VAL P 37 -4.23 -47.58 -31.42
N LEU P 38 -3.99 -48.40 -32.45
CA LEU P 38 -2.83 -49.29 -32.63
C LEU P 38 -2.14 -49.04 -33.98
N PHE P 39 -0.82 -49.24 -34.03
CA PHE P 39 0.05 -49.07 -35.20
C PHE P 39 0.83 -50.38 -35.46
N CYS P 40 1.27 -50.59 -36.71
CA CYS P 40 2.02 -51.75 -37.21
C CYS P 40 3.03 -51.28 -38.26
N LEU P 41 4.13 -52.00 -38.45
CA LEU P 41 5.07 -51.85 -39.56
C LEU P 41 4.47 -52.52 -40.82
N SER P 42 4.49 -51.83 -41.97
CA SER P 42 4.01 -52.22 -43.30
C SER P 42 4.56 -53.57 -43.77
N ASP P 43 3.94 -54.28 -44.72
CA ASP P 43 4.42 -55.60 -45.19
C ASP P 43 5.34 -55.51 -46.41
N ASP P 44 5.81 -54.31 -46.75
CA ASP P 44 7.09 -54.11 -47.45
C ASP P 44 8.20 -53.92 -46.38
N LYS P 45 7.85 -53.31 -45.23
CA LYS P 45 8.58 -53.20 -43.97
C LYS P 45 9.41 -51.92 -43.82
N ARG P 46 9.18 -50.90 -44.68
CA ARG P 46 9.89 -49.62 -44.65
C ARG P 46 9.14 -48.52 -43.89
N GLN P 47 7.84 -48.68 -43.61
CA GLN P 47 6.97 -47.65 -43.06
C GLN P 47 6.09 -48.21 -41.94
N ILE P 48 5.86 -47.45 -40.88
CA ILE P 48 4.85 -47.74 -39.88
C ILE P 48 3.55 -47.06 -40.31
N ILE P 49 2.43 -47.78 -40.15
CA ILE P 49 1.07 -47.41 -40.50
C ILE P 49 0.17 -47.60 -39.28
N VAL P 50 -1.02 -46.98 -39.30
CA VAL P 50 -2.16 -47.35 -38.45
C VAL P 50 -2.71 -48.72 -38.90
N GLU P 51 -3.01 -49.57 -37.92
CA GLU P 51 -3.70 -50.84 -38.11
C GLU P 51 -5.13 -50.63 -37.56
N GLU P 52 -6.16 -51.20 -38.21
CA GLU P 52 -7.41 -51.46 -37.52
C GLU P 52 -7.23 -52.89 -37.02
N ALA P 53 -7.10 -52.96 -35.70
CA ALA P 53 -7.02 -54.13 -34.87
C ALA P 53 -7.39 -53.67 -33.46
N LYS P 54 -8.55 -53.01 -33.37
CA LYS P 54 -9.30 -52.50 -32.22
C LYS P 54 -8.99 -51.04 -31.84
N GLN P 55 -9.81 -50.14 -32.38
CA GLN P 55 -10.14 -48.84 -31.79
C GLN P 55 -10.99 -49.12 -30.53
N ILE P 56 -10.89 -48.29 -29.49
CA ILE P 56 -11.69 -48.42 -28.26
C ILE P 56 -12.28 -47.03 -27.94
N LEU P 57 -13.58 -46.98 -27.68
CA LEU P 57 -14.41 -45.80 -27.39
C LEU P 57 -14.33 -45.49 -25.88
N VAL P 58 -14.72 -44.27 -25.47
CA VAL P 58 -14.97 -43.98 -24.05
C VAL P 58 -16.28 -44.68 -23.57
N GLY P 59 -17.18 -45.01 -24.50
CA GLY P 59 -18.45 -45.68 -24.21
C GLY P 59 -18.26 -47.16 -23.82
N ASP P 60 -17.29 -47.83 -24.44
CA ASP P 60 -16.90 -49.24 -24.24
C ASP P 60 -16.70 -49.64 -22.77
N ILE P 61 -16.29 -48.67 -21.94
CA ILE P 61 -16.09 -48.75 -20.48
C ILE P 61 -17.42 -49.01 -19.73
N GLY P 62 -18.57 -48.69 -20.35
CA GLY P 62 -19.90 -49.01 -19.86
C GLY P 62 -20.65 -49.97 -20.80
N ASP P 63 -20.37 -49.90 -22.10
CA ASP P 63 -21.08 -50.69 -23.13
C ASP P 63 -20.55 -52.14 -23.21
N THR P 64 -19.28 -52.42 -22.89
CA THR P 64 -18.71 -53.77 -23.11
C THR P 64 -17.56 -54.25 -22.19
N VAL P 65 -16.67 -53.39 -21.67
CA VAL P 65 -15.42 -53.81 -21.03
C VAL P 65 -15.18 -53.16 -19.66
N GLU P 66 -14.42 -53.89 -18.83
CA GLU P 66 -14.10 -53.68 -17.42
C GLU P 66 -13.27 -52.40 -17.15
N ASP P 67 -12.55 -51.91 -18.17
CA ASP P 67 -11.89 -50.61 -18.29
C ASP P 67 -11.62 -50.43 -19.80
N PRO P 68 -11.13 -49.26 -20.28
CA PRO P 68 -10.79 -49.09 -21.70
C PRO P 68 -9.55 -49.89 -22.17
N TYR P 69 -8.59 -50.26 -21.31
CA TYR P 69 -7.39 -51.00 -21.74
C TYR P 69 -7.64 -52.52 -21.82
N THR P 70 -8.61 -53.04 -21.06
CA THR P 70 -8.94 -54.47 -20.87
C THR P 70 -9.11 -55.25 -22.20
N SER P 71 -9.58 -54.58 -23.27
CA SER P 71 -9.76 -55.18 -24.59
C SER P 71 -8.40 -55.33 -25.33
N PHE P 72 -7.39 -54.51 -24.99
CA PHE P 72 -6.13 -54.37 -25.74
C PHE P 72 -5.16 -55.52 -25.39
N VAL P 73 -4.94 -55.77 -24.09
CA VAL P 73 -4.23 -56.94 -23.51
C VAL P 73 -5.06 -58.25 -23.61
N LYS P 74 -5.81 -58.41 -24.71
CA LYS P 74 -6.31 -59.69 -25.19
C LYS P 74 -5.63 -60.08 -26.50
N LEU P 75 -5.12 -59.12 -27.30
CA LEU P 75 -4.71 -59.34 -28.69
C LEU P 75 -3.42 -58.61 -29.09
N LEU P 76 -2.64 -58.05 -28.14
CA LEU P 76 -1.33 -57.47 -28.43
C LEU P 76 -0.35 -58.59 -28.86
N PRO P 77 0.27 -58.55 -30.07
CA PRO P 77 1.22 -59.56 -30.55
C PRO P 77 2.35 -59.86 -29.55
N LEU P 78 2.48 -61.11 -29.10
CA LEU P 78 3.50 -61.51 -28.12
C LEU P 78 4.88 -61.76 -28.77
N ASN P 79 4.92 -61.75 -30.12
CA ASN P 79 6.07 -62.07 -30.95
C ASN P 79 6.29 -61.04 -32.07
N ASP P 80 5.67 -59.87 -31.97
CA ASP P 80 6.00 -58.65 -32.73
C ASP P 80 6.04 -57.51 -31.71
N CYS P 81 7.00 -56.60 -31.85
CA CYS P 81 7.03 -55.35 -31.10
C CYS P 81 6.08 -54.39 -31.81
N ARG P 82 5.37 -53.54 -31.07
CA ARG P 82 4.33 -52.66 -31.58
C ARG P 82 4.41 -51.31 -30.87
N TYR P 83 3.58 -50.37 -31.32
CA TYR P 83 3.26 -49.18 -30.58
C TYR P 83 1.83 -48.74 -30.82
N ALA P 84 1.30 -47.98 -29.84
CA ALA P 84 -0.08 -47.56 -29.71
C ALA P 84 -0.15 -46.20 -29.04
N LEU P 85 -1.29 -45.53 -29.15
CA LEU P 85 -1.60 -44.24 -28.54
C LEU P 85 -2.83 -44.48 -27.65
N TYR P 86 -2.75 -44.06 -26.39
CA TYR P 86 -3.72 -44.30 -25.34
C TYR P 86 -4.01 -42.98 -24.60
N ASP P 87 -5.13 -42.91 -23.89
CA ASP P 87 -5.64 -41.74 -23.16
C ASP P 87 -6.01 -42.24 -21.76
N ALA P 88 -5.04 -42.20 -20.83
CA ALA P 88 -5.12 -42.75 -19.49
C ALA P 88 -5.96 -41.83 -18.60
N THR P 89 -6.82 -42.43 -17.78
CA THR P 89 -7.98 -41.84 -17.15
C THR P 89 -7.81 -41.98 -15.63
N TYR P 90 -7.57 -40.89 -14.91
CA TYR P 90 -7.16 -40.96 -13.51
C TYR P 90 -7.96 -40.00 -12.59
N GLU P 91 -8.08 -40.43 -11.34
CA GLU P 91 -9.04 -39.92 -10.36
C GLU P 91 -8.21 -39.66 -9.10
N THR P 92 -7.69 -38.43 -9.00
CA THR P 92 -6.82 -38.01 -7.92
C THR P 92 -7.67 -37.30 -6.86
N LYS P 93 -7.12 -37.12 -5.65
CA LYS P 93 -7.78 -36.45 -4.53
C LYS P 93 -7.99 -34.92 -4.76
N GLU P 94 -7.50 -34.33 -5.87
CA GLU P 94 -7.64 -32.90 -6.19
C GLU P 94 -8.02 -32.58 -7.64
N SER P 95 -7.99 -33.54 -8.58
CA SER P 95 -8.26 -33.27 -9.99
C SER P 95 -8.83 -34.50 -10.72
N LYS P 96 -9.72 -34.25 -11.68
CA LYS P 96 -10.22 -35.24 -12.63
C LYS P 96 -9.41 -35.04 -13.92
N LYS P 97 -8.25 -35.68 -14.02
CA LYS P 97 -7.32 -35.57 -15.14
C LYS P 97 -7.41 -36.82 -16.02
N GLU P 98 -7.26 -36.64 -17.33
CA GLU P 98 -6.91 -37.70 -18.26
C GLU P 98 -5.75 -37.18 -19.11
N ASP P 99 -4.71 -37.98 -19.35
CA ASP P 99 -3.54 -37.61 -20.17
C ASP P 99 -3.25 -38.66 -21.23
N LEU P 100 -2.63 -38.21 -22.32
CA LEU P 100 -2.25 -39.04 -23.47
C LEU P 100 -0.91 -39.71 -23.19
N VAL P 101 -0.89 -41.01 -23.47
CA VAL P 101 0.23 -41.92 -23.30
C VAL P 101 0.56 -42.48 -24.70
N PHE P 102 1.84 -42.51 -25.05
CA PHE P 102 2.34 -43.31 -26.15
C PHE P 102 2.86 -44.63 -25.55
N ILE P 103 2.37 -45.78 -26.02
CA ILE P 103 2.76 -47.10 -25.54
C ILE P 103 3.73 -47.67 -26.59
N PHE P 104 4.94 -48.06 -26.15
CA PHE P 104 5.91 -48.85 -26.89
C PHE P 104 5.93 -50.24 -26.24
N TRP P 105 5.63 -51.26 -27.04
CA TRP P 105 5.49 -52.66 -26.67
C TRP P 105 6.62 -53.43 -27.36
N ALA P 106 7.51 -54.07 -26.59
CA ALA P 106 8.63 -54.86 -27.12
C ALA P 106 8.91 -56.16 -26.32
N PRO P 107 8.06 -57.21 -26.46
CA PRO P 107 8.24 -58.55 -25.84
C PRO P 107 9.60 -59.19 -26.11
N GLU P 108 10.12 -59.96 -25.14
CA GLU P 108 11.44 -60.59 -25.18
C GLU P 108 11.53 -61.81 -26.11
N SER P 109 10.42 -62.24 -26.72
CA SER P 109 10.33 -63.32 -27.69
C SER P 109 9.82 -62.83 -29.05
N ALA P 110 9.84 -61.51 -29.30
CA ALA P 110 9.71 -60.94 -30.64
C ALA P 110 11.13 -60.91 -31.26
N PRO P 111 11.34 -61.46 -32.49
CA PRO P 111 12.65 -61.47 -33.18
C PRO P 111 13.36 -60.11 -33.22
N LEU P 112 14.68 -60.10 -33.05
CA LEU P 112 15.51 -58.89 -32.86
C LEU P 112 15.39 -57.83 -33.97
N LYS P 113 14.96 -58.21 -35.18
CA LYS P 113 14.66 -57.31 -36.29
C LYS P 113 13.38 -56.49 -36.04
N SER P 114 12.34 -57.06 -35.40
CA SER P 114 11.16 -56.33 -34.94
C SER P 114 11.59 -55.34 -33.84
N LYS P 115 12.35 -55.82 -32.84
CA LYS P 115 12.90 -55.00 -31.76
C LYS P 115 13.67 -53.77 -32.26
N MET P 116 14.66 -53.97 -33.13
CA MET P 116 15.53 -52.92 -33.67
C MET P 116 14.75 -51.84 -34.45
N ILE P 117 13.82 -52.26 -35.32
CA ILE P 117 13.15 -51.37 -36.27
C ILE P 117 12.00 -50.59 -35.58
N TYR P 118 11.20 -51.24 -34.72
CA TYR P 118 10.15 -50.53 -33.97
C TYR P 118 10.78 -49.65 -32.86
N ALA P 119 11.97 -50.00 -32.32
CA ALA P 119 12.68 -49.15 -31.36
C ALA P 119 13.26 -47.90 -32.01
N SER P 120 13.95 -48.03 -33.16
CA SER P 120 14.54 -46.89 -33.88
C SER P 120 13.52 -45.93 -34.52
N SER P 121 12.21 -46.26 -34.52
CA SER P 121 11.13 -45.39 -34.96
C SER P 121 10.21 -44.93 -33.81
N LYS P 122 10.45 -45.40 -32.58
CA LYS P 122 9.72 -45.08 -31.34
C LYS P 122 9.76 -43.57 -31.05
N ASP P 123 10.89 -42.93 -31.37
CA ASP P 123 11.13 -41.51 -31.18
C ASP P 123 10.64 -40.67 -32.39
N ALA P 124 10.44 -41.28 -33.56
CA ALA P 124 9.98 -40.60 -34.77
C ALA P 124 8.49 -40.23 -34.64
N ILE P 125 7.66 -41.18 -34.19
CA ILE P 125 6.24 -40.95 -33.91
C ILE P 125 6.03 -40.05 -32.67
N LYS P 126 6.95 -40.07 -31.70
CA LYS P 126 6.94 -39.24 -30.48
C LYS P 126 6.92 -37.73 -30.81
N LYS P 127 7.47 -37.36 -31.97
CA LYS P 127 7.62 -36.01 -32.45
C LYS P 127 6.72 -35.74 -33.69
N LYS P 128 5.89 -36.71 -34.10
CA LYS P 128 4.75 -36.49 -34.99
C LYS P 128 3.51 -36.12 -34.16
N PHE P 129 3.43 -36.59 -32.91
CA PHE P 129 2.43 -36.21 -31.91
C PHE P 129 2.94 -34.99 -31.14
N THR P 130 2.05 -34.27 -30.45
CA THR P 130 2.39 -33.16 -29.55
C THR P 130 1.34 -33.03 -28.43
N GLY P 131 1.78 -33.07 -27.17
CA GLY P 131 0.93 -33.12 -25.98
C GLY P 131 0.80 -34.54 -25.41
N ILE P 132 1.81 -35.39 -25.65
CA ILE P 132 2.01 -36.65 -24.94
C ILE P 132 2.79 -36.26 -23.67
N LYS P 133 2.32 -36.63 -22.48
CA LYS P 133 3.00 -36.28 -21.22
C LYS P 133 3.87 -37.44 -20.71
N HIS P 134 3.47 -38.68 -20.98
CA HIS P 134 4.05 -39.92 -20.48
C HIS P 134 4.19 -40.91 -21.62
N GLU P 135 5.08 -41.88 -21.50
CA GLU P 135 5.23 -42.94 -22.49
C GLU P 135 5.66 -44.23 -21.80
N TRP P 136 4.93 -45.32 -22.06
CA TRP P 136 5.18 -46.61 -21.46
C TRP P 136 6.16 -47.37 -22.37
N GLN P 137 7.34 -47.67 -21.84
CA GLN P 137 8.32 -48.58 -22.42
C GLN P 137 8.01 -49.95 -21.78
N VAL P 138 7.18 -50.77 -22.44
CA VAL P 138 6.68 -52.04 -21.93
C VAL P 138 7.48 -53.18 -22.58
N ASN P 139 8.19 -53.96 -21.77
CA ASN P 139 9.04 -55.07 -22.21
C ASN P 139 8.59 -56.38 -21.56
N GLY P 140 7.59 -57.02 -22.18
CA GLY P 140 6.93 -58.25 -21.77
C GLY P 140 5.44 -58.00 -21.49
N LEU P 141 4.68 -59.06 -21.20
CA LEU P 141 3.42 -58.96 -20.44
C LEU P 141 3.77 -58.68 -18.96
N ASP P 142 4.87 -59.32 -18.56
CA ASP P 142 5.83 -59.31 -17.46
C ASP P 142 6.37 -57.90 -17.06
N ASP P 143 5.63 -56.86 -17.45
CA ASP P 143 5.94 -55.43 -17.37
C ASP P 143 4.68 -54.55 -17.28
N ILE P 144 3.47 -55.13 -17.45
CA ILE P 144 2.21 -54.40 -17.55
C ILE P 144 0.99 -55.18 -17.00
N LYS P 145 1.00 -56.52 -17.04
CA LYS P 145 -0.18 -57.40 -16.93
C LYS P 145 -1.10 -57.29 -15.69
N ASP P 146 -0.67 -56.62 -14.61
CA ASP P 146 -1.45 -56.41 -13.39
C ASP P 146 -2.02 -54.99 -13.44
N ARG P 147 -3.26 -54.78 -12.96
CA ARG P 147 -4.00 -53.51 -13.10
C ARG P 147 -3.29 -52.28 -12.51
N SER P 148 -2.46 -52.46 -11.47
CA SER P 148 -1.67 -51.39 -10.87
C SER P 148 -0.46 -51.05 -11.75
N THR P 149 0.17 -52.07 -12.35
CA THR P 149 1.39 -52.01 -13.15
C THR P 149 1.13 -51.42 -14.55
N LEU P 150 -0.15 -51.24 -14.92
CA LEU P 150 -0.59 -50.38 -16.00
C LEU P 150 -0.22 -48.91 -15.74
N GLY P 151 -0.37 -48.46 -14.49
CA GLY P 151 -0.16 -47.09 -14.07
C GLY P 151 1.27 -46.79 -13.61
N GLU P 152 2.10 -47.81 -13.35
CA GLU P 152 3.45 -47.66 -12.82
C GLU P 152 4.43 -46.99 -13.82
N LYS P 153 4.14 -47.10 -15.12
CA LYS P 153 4.92 -46.46 -16.19
C LYS P 153 4.34 -45.06 -16.50
N LEU P 154 3.19 -44.66 -15.91
CA LEU P 154 2.71 -43.28 -15.87
C LEU P 154 3.36 -42.63 -14.63
N GLY P 155 3.05 -43.14 -13.44
CA GLY P 155 3.62 -42.73 -12.16
C GLY P 155 3.00 -41.45 -11.59
N GLY P 156 3.76 -40.71 -10.77
CA GLY P 156 3.31 -39.49 -10.11
C GLY P 156 2.71 -39.80 -8.74
N ASN P 157 3.32 -39.29 -7.66
CA ASN P 157 3.04 -39.60 -6.24
C ASN P 157 1.70 -39.00 -5.72
N VAL P 158 0.71 -38.87 -6.60
CA VAL P 158 -0.59 -38.21 -6.42
C VAL P 158 -1.77 -39.08 -6.91
N VAL P 159 -1.49 -40.15 -7.68
CA VAL P 159 -2.39 -41.12 -8.33
C VAL P 159 -3.79 -41.37 -7.74
N VAL P 160 -3.92 -42.29 -6.78
CA VAL P 160 -5.13 -42.68 -6.03
C VAL P 160 -6.00 -43.68 -6.81
N SER P 161 -6.35 -43.38 -8.06
CA SER P 161 -7.18 -44.21 -8.92
C SER P 161 -6.81 -43.95 -10.39
N LEU P 162 -6.80 -45.01 -11.20
CA LEU P 162 -6.37 -45.08 -12.60
C LEU P 162 -7.27 -46.09 -13.31
N GLU P 163 -7.90 -45.69 -14.42
CA GLU P 163 -8.83 -46.43 -15.28
C GLU P 163 -10.11 -46.85 -14.54
N GLY P 164 -10.47 -46.10 -13.50
CA GLY P 164 -11.58 -46.40 -12.59
C GLY P 164 -11.25 -47.48 -11.55
N LYS P 165 -9.96 -47.80 -11.34
CA LYS P 165 -9.48 -48.81 -10.40
C LYS P 165 -8.47 -48.17 -9.43
N PRO P 166 -8.48 -48.51 -8.11
CA PRO P 166 -7.51 -48.03 -7.12
C PRO P 166 -6.03 -48.19 -7.52
N LEU P 167 -5.25 -47.11 -7.34
CA LEU P 167 -3.82 -47.02 -7.60
C LEU P 167 -3.21 -46.27 -6.41
N NH2 P 168 -3.19 -46.91 -5.25
HN1 NH2 P 168 -2.83 -46.43 -4.44
HN2 NH2 P 168 -3.54 -47.85 -5.20
C ACE Q 1 59.83 -72.96 20.57
O ACE Q 1 59.06 -73.46 21.65
CH3 ACE Q 1 61.03 -73.88 20.35
H1 ACE Q 1 60.71 -74.89 20.11
H2 ACE Q 1 61.67 -73.94 21.23
H3 ACE Q 1 61.64 -73.54 19.52
N MET Q 2 60.30 -71.67 21.03
CA MET Q 2 59.24 -70.65 20.99
C MET Q 2 59.01 -70.10 19.58
N ALA Q 3 60.06 -69.56 18.94
CA ALA Q 3 60.17 -69.33 17.50
C ALA Q 3 59.42 -68.09 16.96
N SER Q 4 59.01 -67.17 17.84
CA SER Q 4 58.51 -65.85 17.45
C SER Q 4 59.70 -64.88 17.39
N GLY Q 5 59.46 -63.73 16.75
CA GLY Q 5 60.29 -62.54 16.90
C GLY Q 5 60.25 -61.97 18.33
N VAL Q 6 61.29 -61.20 18.67
CA VAL Q 6 61.58 -60.67 20.00
C VAL Q 6 60.59 -59.56 20.40
N THR Q 7 60.10 -59.61 21.64
CA THR Q 7 59.06 -58.73 22.16
C THR Q 7 59.69 -57.48 22.78
N VAL Q 8 59.20 -56.29 22.42
CA VAL Q 8 59.67 -55.01 22.91
C VAL Q 8 59.00 -54.72 24.28
N ASN Q 9 59.78 -54.25 25.27
CA ASN Q 9 59.36 -53.96 26.65
C ASN Q 9 58.39 -52.76 26.79
N ASP Q 10 58.05 -52.38 28.03
CA ASP Q 10 57.14 -51.30 28.38
C ASP Q 10 57.93 -49.96 28.48
N GLU Q 11 59.14 -49.96 29.06
CA GLU Q 11 59.98 -48.78 29.32
C GLU Q 11 60.37 -48.07 28.01
N VAL Q 12 60.51 -48.86 26.95
CA VAL Q 12 60.62 -48.43 25.56
C VAL Q 12 59.41 -47.56 25.11
N ILE Q 13 58.19 -47.88 25.57
CA ILE Q 13 56.98 -47.11 25.27
C ILE Q 13 56.96 -45.84 26.15
N LYS Q 14 57.41 -45.92 27.42
CA LYS Q 14 57.55 -44.75 28.30
C LYS Q 14 58.49 -43.70 27.68
N VAL Q 15 59.66 -44.14 27.20
CA VAL Q 15 60.64 -43.34 26.47
C VAL Q 15 60.08 -42.77 25.14
N PHE Q 16 59.27 -43.55 24.39
CA PHE Q 16 58.56 -43.02 23.22
C PHE Q 16 57.54 -41.95 23.63
N ASN Q 17 56.72 -42.21 24.65
CA ASN Q 17 55.64 -41.33 25.07
C ASN Q 17 56.20 -40.02 25.64
N ASP Q 18 57.35 -40.09 26.32
CA ASP Q 18 58.18 -38.97 26.76
C ASP Q 18 58.65 -38.09 25.58
N MET Q 19 59.11 -38.70 24.49
CA MET Q 19 59.47 -38.01 23.25
C MET Q 19 58.24 -37.43 22.53
N LYS Q 20 57.14 -38.19 22.50
CA LYS Q 20 55.90 -37.85 21.81
C LYS Q 20 55.29 -36.55 22.35
N VAL Q 21 55.08 -36.45 23.67
CA VAL Q 21 54.47 -35.28 24.29
C VAL Q 21 55.48 -34.12 24.27
N ARG Q 22 55.02 -32.97 23.75
CA ARG Q 22 55.72 -31.71 23.92
C ARG Q 22 55.37 -31.20 25.32
N LYS Q 23 56.37 -30.62 25.99
CA LYS Q 23 56.36 -30.32 27.41
C LYS Q 23 56.00 -28.84 27.67
N SER Q 24 56.29 -28.33 28.88
CA SER Q 24 56.33 -26.91 29.21
C SER Q 24 57.32 -26.18 28.28
N SER Q 25 56.85 -25.15 27.59
CA SER Q 25 57.60 -24.40 26.60
C SER Q 25 58.62 -23.40 27.21
N THR Q 26 58.65 -23.30 28.53
CA THR Q 26 59.55 -22.50 29.36
C THR Q 26 60.93 -23.16 29.49
N GLN Q 27 61.00 -24.39 30.03
CA GLN Q 27 62.25 -25.11 30.33
C GLN Q 27 62.25 -26.60 30.01
N GLU Q 28 61.09 -27.28 30.07
CA GLU Q 28 61.02 -28.72 29.82
C GLU Q 28 61.23 -29.04 28.33
N GLU Q 29 60.68 -28.21 27.43
CA GLU Q 29 60.82 -28.34 25.98
C GLU Q 29 62.25 -28.08 25.51
N ILE Q 30 63.05 -27.40 26.35
CA ILE Q 30 64.48 -27.26 26.12
C ILE Q 30 65.14 -28.54 26.70
N LYS Q 31 65.25 -28.65 28.03
CA LYS Q 31 66.20 -29.56 28.67
C LYS Q 31 65.61 -30.95 29.01
N LYS Q 32 64.38 -31.28 28.60
CA LYS Q 32 63.72 -32.54 28.95
C LYS Q 32 63.05 -33.26 27.77
N ARG Q 33 62.92 -32.64 26.58
CA ARG Q 33 62.44 -33.34 25.38
C ARG Q 33 63.68 -33.94 24.69
N LYS Q 34 63.66 -35.25 24.44
CA LYS Q 34 64.73 -35.99 23.77
C LYS Q 34 64.55 -35.83 22.26
N LYS Q 35 65.63 -35.59 21.51
CA LYS Q 35 65.61 -35.41 20.07
C LYS Q 35 65.75 -36.76 19.35
N ALA Q 36 66.54 -37.69 19.92
CA ALA Q 36 66.71 -39.05 19.46
C ALA Q 36 67.29 -39.90 20.59
N VAL Q 37 67.03 -41.20 20.51
CA VAL Q 37 67.51 -42.26 21.38
C VAL Q 37 67.75 -43.50 20.50
N LEU Q 38 68.68 -44.37 20.92
CA LEU Q 38 69.06 -45.61 20.29
C LEU Q 38 68.56 -46.75 21.18
N PHE Q 39 67.98 -47.79 20.60
CA PHE Q 39 67.49 -48.98 21.31
C PHE Q 39 68.34 -50.19 20.88
N CYS Q 40 68.43 -51.18 21.78
CA CYS Q 40 69.23 -52.38 21.66
C CYS Q 40 68.33 -53.61 21.87
N LEU Q 41 68.80 -54.77 21.41
CA LEU Q 41 68.33 -56.10 21.77
C LEU Q 41 68.97 -56.45 23.12
N SER Q 42 68.24 -57.09 24.04
CA SER Q 42 68.78 -57.65 25.28
C SER Q 42 69.71 -58.82 24.89
N ASP Q 43 70.95 -58.89 25.42
CA ASP Q 43 71.95 -59.85 24.94
C ASP Q 43 71.62 -61.34 25.25
N ASP Q 44 70.56 -61.61 26.03
CA ASP Q 44 69.93 -62.93 26.14
C ASP Q 44 69.26 -63.33 24.80
N LYS Q 45 68.82 -62.31 24.04
CA LYS Q 45 68.35 -62.26 22.66
C LYS Q 45 66.84 -62.44 22.53
N ARG Q 46 66.08 -62.15 23.59
CA ARG Q 46 64.63 -62.38 23.64
C ARG Q 46 63.78 -61.10 23.55
N GLN Q 47 64.31 -59.91 23.86
CA GLN Q 47 63.53 -58.68 23.97
C GLN Q 47 64.29 -57.43 23.53
N ILE Q 48 63.57 -56.36 23.15
CA ILE Q 48 64.15 -55.07 22.76
C ILE Q 48 63.99 -54.12 23.97
N ILE Q 49 65.07 -53.38 24.25
CA ILE Q 49 65.28 -52.48 25.37
C ILE Q 49 65.72 -51.10 24.84
N VAL Q 50 65.57 -50.07 25.68
CA VAL Q 50 66.25 -48.79 25.55
C VAL Q 50 67.59 -48.99 26.29
N GLU Q 51 68.66 -48.41 25.77
CA GLU Q 51 70.03 -48.58 26.23
C GLU Q 51 70.70 -47.21 26.16
N GLU Q 52 71.90 -47.11 26.75
CA GLU Q 52 72.74 -45.92 26.69
C GLU Q 52 73.52 -45.94 25.36
N ALA Q 53 73.92 -44.74 24.93
CA ALA Q 53 74.45 -44.38 23.62
C ALA Q 53 74.50 -42.85 23.58
N LYS Q 54 75.05 -42.24 22.51
CA LYS Q 54 75.09 -40.78 22.40
C LYS Q 54 73.70 -40.25 22.02
N GLN Q 55 72.80 -40.15 23.02
CA GLN Q 55 71.47 -39.52 22.97
C GLN Q 55 71.62 -38.02 22.67
N ILE Q 56 70.52 -37.34 22.31
CA ILE Q 56 70.46 -35.88 22.28
C ILE Q 56 69.12 -35.41 22.86
N LEU Q 57 69.14 -34.25 23.52
CA LEU Q 57 67.95 -33.47 23.84
C LEU Q 57 67.75 -32.39 22.75
N VAL Q 58 66.59 -31.71 22.79
CA VAL Q 58 66.37 -30.41 22.14
C VAL Q 58 67.23 -29.31 22.82
N GLY Q 59 67.68 -29.57 24.04
CA GLY Q 59 68.37 -28.63 24.90
C GLY Q 59 69.85 -28.46 24.60
N ASP Q 60 70.47 -29.44 23.94
CA ASP Q 60 71.92 -29.54 23.67
C ASP Q 60 72.34 -28.59 22.54
N ILE Q 61 71.36 -28.11 21.77
CA ILE Q 61 71.49 -27.17 20.66
C ILE Q 61 71.87 -25.78 21.18
N GLY Q 62 71.41 -25.43 22.39
CA GLY Q 62 71.70 -24.17 23.04
C GLY Q 62 73.04 -24.18 23.79
N ASP Q 63 73.55 -25.37 24.14
CA ASP Q 63 74.78 -25.53 24.92
C ASP Q 63 75.98 -25.80 23.99
N THR Q 64 75.82 -26.60 22.92
CA THR Q 64 76.96 -27.13 22.18
C THR Q 64 76.72 -27.45 20.68
N VAL Q 65 75.67 -28.22 20.32
CA VAL Q 65 75.65 -28.91 19.02
C VAL Q 65 74.99 -28.04 17.93
N GLU Q 66 75.75 -27.72 16.88
CA GLU Q 66 75.40 -26.97 15.66
C GLU Q 66 74.05 -27.36 15.01
N ASP Q 67 73.73 -28.65 15.00
CA ASP Q 67 72.37 -29.22 15.03
C ASP Q 67 72.49 -30.63 15.62
N PRO Q 68 71.52 -31.10 16.43
CA PRO Q 68 71.76 -32.19 17.40
C PRO Q 68 71.85 -33.58 16.77
N TYR Q 69 70.94 -33.97 15.86
CA TYR Q 69 70.89 -35.32 15.30
C TYR Q 69 72.11 -35.63 14.40
N THR Q 70 72.75 -34.62 13.78
CA THR Q 70 74.01 -34.74 13.04
C THR Q 70 75.17 -35.39 13.87
N SER Q 71 75.10 -35.33 15.21
CA SER Q 71 76.04 -35.93 16.14
C SER Q 71 75.67 -37.40 16.48
N PHE Q 72 74.42 -37.83 16.28
CA PHE Q 72 73.90 -39.17 16.63
C PHE Q 72 74.49 -40.22 15.66
N VAL Q 73 74.30 -39.96 14.37
CA VAL Q 73 74.69 -40.75 13.19
C VAL Q 73 76.21 -40.85 12.95
N LYS Q 74 77.01 -40.60 13.99
CA LYS Q 74 78.46 -40.61 14.03
C LYS Q 74 78.96 -41.60 15.09
N LEU Q 75 78.10 -42.05 16.02
CA LEU Q 75 78.42 -42.92 17.15
C LEU Q 75 77.39 -44.05 17.24
N LEU Q 76 76.91 -44.51 16.08
CA LEU Q 76 76.09 -45.71 15.93
C LEU Q 76 77.05 -46.89 15.66
N PRO Q 77 76.70 -48.14 16.02
CA PRO Q 77 77.55 -49.30 15.72
C PRO Q 77 77.47 -49.62 14.21
N LEU Q 78 78.61 -49.53 13.51
CA LEU Q 78 78.69 -49.70 12.06
C LEU Q 78 78.71 -51.20 11.65
N ASN Q 79 78.69 -52.10 12.65
CA ASN Q 79 78.75 -53.56 12.54
C ASN Q 79 77.80 -54.25 13.51
N ASP Q 80 76.74 -53.57 13.95
CA ASP Q 80 75.59 -54.14 14.65
C ASP Q 80 74.34 -53.34 14.25
N CYS Q 81 73.17 -53.96 14.31
CA CYS Q 81 71.89 -53.33 13.98
C CYS Q 81 71.33 -52.71 15.27
N ARG Q 82 70.48 -51.70 15.13
CA ARG Q 82 69.78 -51.01 16.23
C ARG Q 82 68.43 -50.53 15.70
N TYR Q 83 67.55 -50.10 16.61
CA TYR Q 83 66.43 -49.22 16.28
C TYR Q 83 66.76 -47.85 16.88
N ALA Q 84 66.22 -46.79 16.30
CA ALA Q 84 66.30 -45.43 16.79
C ALA Q 84 64.96 -44.71 16.60
N LEU Q 85 64.69 -43.76 17.49
CA LEU Q 85 63.60 -42.80 17.38
C LEU Q 85 64.24 -41.46 17.00
N TYR Q 86 63.47 -40.58 16.37
CA TYR Q 86 63.88 -39.23 16.01
C TYR Q 86 62.65 -38.31 16.00
N ASP Q 87 62.78 -37.11 16.58
CA ASP Q 87 61.80 -36.03 16.54
C ASP Q 87 62.26 -35.07 15.42
N ALA Q 88 61.45 -34.90 14.36
CA ALA Q 88 61.95 -34.48 13.05
C ALA Q 88 62.16 -32.97 12.85
N THR Q 89 61.80 -32.11 13.81
CA THR Q 89 61.59 -30.64 13.76
C THR Q 89 61.94 -29.96 12.41
N TYR Q 90 60.92 -29.70 11.57
CA TYR Q 90 61.06 -29.33 10.17
C TYR Q 90 60.02 -28.30 9.74
N GLU Q 91 60.09 -27.85 8.49
CA GLU Q 91 59.14 -26.97 7.86
C GLU Q 91 58.81 -27.48 6.45
N THR Q 92 57.78 -26.91 5.83
CA THR Q 92 57.36 -27.15 4.47
C THR Q 92 56.71 -25.86 3.94
N LYS Q 93 56.26 -25.88 2.68
CA LYS Q 93 55.82 -24.73 1.88
C LYS Q 93 54.56 -24.00 2.40
N GLU Q 94 53.93 -24.51 3.46
CA GLU Q 94 52.73 -23.96 4.11
C GLU Q 94 52.66 -24.18 5.63
N SER Q 95 53.63 -24.87 6.24
CA SER Q 95 53.48 -25.45 7.57
C SER Q 95 54.86 -25.62 8.23
N LYS Q 96 54.91 -25.61 9.57
CA LYS Q 96 56.07 -25.86 10.41
C LYS Q 96 55.68 -27.07 11.27
N LYS Q 97 56.50 -28.14 11.26
CA LYS Q 97 56.11 -29.50 11.64
C LYS Q 97 57.12 -30.17 12.56
N GLU Q 98 56.62 -31.06 13.42
CA GLU Q 98 57.34 -31.79 14.46
C GLU Q 98 56.69 -33.17 14.57
N ASP Q 99 56.83 -33.97 13.52
CA ASP Q 99 56.18 -35.27 13.38
C ASP Q 99 57.27 -36.32 13.64
N LEU Q 100 56.92 -37.39 14.35
CA LEU Q 100 57.88 -38.30 14.96
C LEU Q 100 58.28 -39.42 13.98
N VAL Q 101 59.57 -39.77 13.98
CA VAL Q 101 60.21 -40.74 13.11
C VAL Q 101 60.61 -41.98 13.95
N PHE Q 102 60.51 -43.17 13.35
CA PHE Q 102 61.04 -44.43 13.85
C PHE Q 102 61.96 -45.03 12.78
N ILE Q 103 63.16 -45.46 13.18
CA ILE Q 103 64.26 -45.84 12.30
C ILE Q 103 64.69 -47.26 12.68
N PHE Q 104 64.80 -48.17 11.70
CA PHE Q 104 65.59 -49.39 11.80
C PHE Q 104 66.95 -49.10 11.14
N TRP Q 105 68.02 -49.15 11.94
CA TRP Q 105 69.42 -49.05 11.53
C TRP Q 105 69.91 -50.49 11.39
N ALA Q 106 70.29 -50.92 10.18
CA ALA Q 106 70.76 -52.27 9.94
C ALA Q 106 71.89 -52.30 8.89
N PRO Q 107 73.13 -51.86 9.24
CA PRO Q 107 74.30 -51.76 8.34
C PRO Q 107 74.52 -52.98 7.44
N GLU Q 108 74.79 -52.77 6.14
CA GLU Q 108 75.10 -53.81 5.14
C GLU Q 108 76.12 -54.86 5.63
N SER Q 109 77.12 -54.43 6.43
CA SER Q 109 78.18 -55.26 6.99
C SER Q 109 77.79 -55.94 8.33
N ALA Q 110 76.74 -55.49 9.04
CA ALA Q 110 76.36 -56.01 10.37
C ALA Q 110 75.85 -57.46 10.28
N PRO Q 111 76.15 -58.36 11.26
CA PRO Q 111 75.79 -59.79 11.25
C PRO Q 111 74.36 -60.12 10.82
N LEU Q 112 74.18 -61.15 9.97
CA LEU Q 112 72.89 -61.52 9.41
C LEU Q 112 71.91 -62.06 10.48
N LYS Q 113 72.45 -62.58 11.60
CA LYS Q 113 71.64 -62.96 12.76
C LYS Q 113 71.29 -61.75 13.65
N SER Q 114 72.08 -60.66 13.65
CA SER Q 114 71.67 -59.39 14.27
C SER Q 114 70.50 -58.82 13.45
N LYS Q 115 70.66 -58.77 12.12
CA LYS Q 115 69.62 -58.38 11.15
C LYS Q 115 68.31 -59.16 11.36
N MET Q 116 68.36 -60.50 11.34
CA MET Q 116 67.21 -61.37 11.50
C MET Q 116 66.49 -61.19 12.85
N ILE Q 117 67.23 -61.17 13.97
CA ILE Q 117 66.64 -61.04 15.30
C ILE Q 117 66.07 -59.63 15.49
N TYR Q 118 66.80 -58.55 15.12
CA TYR Q 118 66.26 -57.19 15.24
C TYR Q 118 65.05 -56.98 14.31
N ALA Q 119 65.13 -57.38 13.03
CA ALA Q 119 64.06 -57.22 12.03
C ALA Q 119 62.76 -57.94 12.42
N SER Q 120 62.84 -59.03 13.18
CA SER Q 120 61.69 -59.82 13.66
C SER Q 120 60.70 -59.02 14.52
N SER Q 121 61.12 -57.86 15.04
CA SER Q 121 60.33 -57.00 15.91
C SER Q 121 59.84 -55.73 15.20
N LYS Q 122 60.14 -55.51 13.90
CA LYS Q 122 59.77 -54.32 13.12
C LYS Q 122 58.25 -54.10 13.05
N ASP Q 123 57.46 -55.18 13.15
CA ASP Q 123 56.00 -55.08 13.20
C ASP Q 123 55.49 -54.99 14.66
N ALA Q 124 56.19 -55.66 15.59
CA ALA Q 124 55.87 -55.67 17.02
C ALA Q 124 56.23 -54.35 17.74
N ILE Q 125 57.12 -53.54 17.15
CA ILE Q 125 57.51 -52.21 17.63
C ILE Q 125 56.68 -51.12 16.93
N LYS Q 126 56.15 -51.37 15.72
CA LYS Q 126 55.21 -50.50 15.02
C LYS Q 126 53.89 -50.48 15.79
N LYS Q 127 53.41 -51.67 16.19
CA LYS Q 127 52.29 -51.92 17.08
C LYS Q 127 52.60 -51.55 18.56
N LYS Q 128 53.19 -50.37 18.77
CA LYS Q 128 53.45 -49.73 20.05
C LYS Q 128 53.21 -48.21 19.96
N PHE Q 129 53.76 -47.58 18.92
CA PHE Q 129 54.10 -46.16 18.93
C PHE Q 129 53.10 -45.34 18.09
N THR Q 130 51.88 -45.16 18.60
CA THR Q 130 50.83 -44.34 18.01
C THR Q 130 51.26 -42.85 18.03
N GLY Q 131 51.68 -42.32 16.88
CA GLY Q 131 52.17 -40.95 16.71
C GLY Q 131 53.38 -40.87 15.78
N ILE Q 132 54.00 -42.01 15.41
CA ILE Q 132 55.03 -42.09 14.38
C ILE Q 132 54.38 -41.84 13.01
N LYS Q 133 54.88 -40.85 12.28
CA LYS Q 133 54.38 -40.47 10.95
C LYS Q 133 55.39 -40.86 9.86
N HIS Q 134 56.64 -41.20 10.23
CA HIS Q 134 57.74 -41.48 9.31
C HIS Q 134 58.43 -42.76 9.81
N GLU Q 135 58.54 -43.80 8.98
CA GLU Q 135 59.03 -45.11 9.39
C GLU Q 135 60.04 -45.60 8.34
N TRP Q 136 61.30 -45.76 8.74
CA TRP Q 136 62.44 -45.97 7.85
C TRP Q 136 63.13 -47.31 8.10
N GLN Q 137 63.61 -47.93 7.02
CA GLN Q 137 64.71 -48.88 7.03
C GLN Q 137 65.91 -48.10 6.46
N VAL Q 138 67.01 -47.96 7.22
CA VAL Q 138 68.21 -47.24 6.83
C VAL Q 138 69.38 -48.22 7.01
N ASN Q 139 69.71 -48.92 5.93
CA ASN Q 139 70.59 -50.09 5.96
C ASN Q 139 72.06 -49.76 5.64
N GLY Q 140 72.38 -48.54 5.25
CA GLY Q 140 73.75 -48.11 4.95
C GLY Q 140 74.22 -47.00 5.90
N LEU Q 141 75.53 -46.76 5.92
CA LEU Q 141 76.19 -45.89 6.89
C LEU Q 141 76.07 -44.42 6.44
N ASP Q 142 76.47 -44.14 5.21
CA ASP Q 142 76.49 -42.79 4.62
C ASP Q 142 75.07 -42.30 4.33
N ASP Q 143 74.16 -43.24 4.04
CA ASP Q 143 72.70 -43.18 3.93
C ASP Q 143 71.97 -42.49 5.12
N ILE Q 144 72.68 -42.22 6.23
CA ILE Q 144 72.19 -41.51 7.42
C ILE Q 144 73.17 -40.45 7.95
N LYS Q 145 74.37 -40.27 7.36
CA LYS Q 145 75.44 -39.42 7.95
C LYS Q 145 75.11 -37.92 7.93
N ASP Q 146 74.24 -37.50 7.02
CA ASP Q 146 73.82 -36.12 6.78
C ASP Q 146 72.34 -35.98 7.20
N ARG Q 147 71.93 -34.73 7.44
CA ARG Q 147 70.59 -34.31 7.84
C ARG Q 147 69.69 -34.09 6.61
N SER Q 148 70.21 -33.67 5.45
CA SER Q 148 69.42 -33.39 4.25
C SER Q 148 68.83 -34.70 3.66
N THR Q 149 69.62 -35.78 3.70
CA THR Q 149 69.30 -37.15 3.30
C THR Q 149 68.15 -37.77 4.14
N LEU Q 150 67.81 -37.17 5.30
CA LEU Q 150 66.71 -37.59 6.16
C LEU Q 150 65.39 -36.92 5.75
N GLY Q 151 65.45 -35.71 5.18
CA GLY Q 151 64.29 -34.93 4.77
C GLY Q 151 63.55 -35.58 3.62
N GLU Q 152 64.30 -36.17 2.68
CA GLU Q 152 63.81 -37.06 1.63
C GLU Q 152 62.97 -38.26 2.15
N LYS Q 153 63.22 -38.67 3.40
CA LYS Q 153 62.58 -39.82 4.04
C LYS Q 153 61.48 -39.38 5.03
N LEU Q 154 61.34 -38.08 5.30
CA LEU Q 154 60.07 -37.51 5.77
C LEU Q 154 59.16 -37.34 4.54
N GLY Q 155 59.75 -36.92 3.41
CA GLY Q 155 59.19 -36.93 2.08
C GLY Q 155 59.99 -35.95 1.22
N GLY Q 156 60.35 -36.35 0.00
CA GLY Q 156 61.12 -35.52 -0.94
C GLY Q 156 60.39 -34.25 -1.42
N ASN Q 157 59.07 -34.20 -1.20
CA ASN Q 157 58.18 -33.11 -1.58
C ASN Q 157 58.00 -32.10 -0.42
N VAL Q 158 58.58 -32.38 0.77
CA VAL Q 158 58.45 -31.54 1.97
C VAL Q 158 59.24 -30.23 1.79
N VAL Q 159 60.57 -30.36 1.62
CA VAL Q 159 61.61 -29.33 1.45
C VAL Q 159 61.52 -28.17 2.49
N VAL Q 160 62.16 -27.02 2.22
CA VAL Q 160 62.13 -25.79 3.01
C VAL Q 160 63.20 -25.81 4.11
N SER Q 161 62.94 -26.44 5.24
CA SER Q 161 63.81 -26.40 6.42
C SER Q 161 63.64 -27.69 7.24
N LEU Q 162 64.72 -28.13 7.90
CA LEU Q 162 64.81 -29.38 8.66
C LEU Q 162 65.93 -29.28 9.69
N GLU Q 163 65.66 -29.66 10.95
CA GLU Q 163 66.61 -29.93 12.04
C GLU Q 163 67.25 -28.66 12.64
N GLY Q 164 67.11 -27.54 11.93
CA GLY Q 164 67.70 -26.23 12.21
C GLY Q 164 68.36 -25.62 10.96
N LYS Q 165 68.42 -26.34 9.83
CA LYS Q 165 69.07 -25.94 8.59
C LYS Q 165 68.06 -25.93 7.42
N PRO Q 166 68.31 -25.18 6.33
CA PRO Q 166 67.44 -25.19 5.14
C PRO Q 166 67.57 -26.52 4.36
N LEU Q 167 66.43 -27.05 3.91
CA LEU Q 167 66.32 -28.26 3.10
C LEU Q 167 66.02 -27.75 1.68
N NH2 Q 168 67.08 -27.48 0.92
HN1 NH2 Q 168 66.94 -27.14 -0.01
HN2 NH2 Q 168 68.01 -27.61 1.32
C ACE R 1 76.78 -73.16 -58.69
O ACE R 1 77.87 -72.41 -58.22
CH3 ACE R 1 77.30 -74.43 -59.37
H1 ACE R 1 77.80 -75.07 -58.65
H2 ACE R 1 78.00 -74.20 -60.17
H3 ACE R 1 76.47 -75.01 -59.80
N MET R 2 76.14 -72.31 -59.67
CA MET R 2 75.44 -71.14 -59.11
C MET R 2 74.20 -71.51 -58.25
N ALA R 3 73.27 -72.22 -58.88
CA ALA R 3 72.07 -72.84 -58.32
C ALA R 3 71.20 -71.87 -57.48
N SER R 4 71.09 -72.13 -56.17
CA SER R 4 70.52 -71.27 -55.14
C SER R 4 68.99 -71.35 -54.97
N GLY R 5 68.23 -71.75 -56.00
CA GLY R 5 66.79 -71.96 -55.95
C GLY R 5 66.13 -71.62 -57.30
N VAL R 6 64.81 -71.78 -57.38
CA VAL R 6 63.97 -71.45 -58.53
C VAL R 6 62.99 -70.33 -58.10
N THR R 7 62.43 -69.59 -59.05
CA THR R 7 61.63 -68.38 -58.79
C THR R 7 60.29 -68.42 -59.56
N VAL R 8 59.34 -67.54 -59.23
CA VAL R 8 58.06 -67.45 -59.90
C VAL R 8 58.16 -66.58 -61.16
N ASN R 9 57.27 -66.83 -62.12
CA ASN R 9 56.78 -65.80 -63.01
C ASN R 9 55.56 -65.21 -62.30
N ASP R 10 55.53 -63.89 -62.05
CA ASP R 10 54.43 -63.14 -61.42
C ASP R 10 53.05 -63.32 -62.09
N GLU R 11 53.04 -63.90 -63.29
CA GLU R 11 51.94 -64.52 -64.02
C GLU R 11 50.97 -65.33 -63.14
N VAL R 12 51.51 -66.14 -62.20
CA VAL R 12 50.74 -66.97 -61.28
C VAL R 12 49.90 -66.15 -60.26
N ILE R 13 50.34 -64.91 -59.97
CA ILE R 13 49.74 -64.04 -58.96
C ILE R 13 48.45 -63.40 -59.50
N LYS R 14 48.26 -63.35 -60.83
CA LYS R 14 47.06 -62.78 -61.47
C LYS R 14 45.79 -63.59 -61.13
N VAL R 15 45.93 -64.90 -60.91
CA VAL R 15 44.83 -65.79 -60.51
C VAL R 15 44.57 -65.60 -59.01
N PHE R 16 45.64 -65.56 -58.19
CA PHE R 16 45.56 -65.29 -56.74
C PHE R 16 44.89 -63.93 -56.45
N ASN R 17 45.29 -62.88 -57.18
CA ASN R 17 44.76 -61.52 -57.01
C ASN R 17 43.31 -61.36 -57.49
N ASP R 18 42.83 -62.23 -58.39
CA ASP R 18 41.41 -62.30 -58.77
C ASP R 18 40.58 -62.99 -57.67
N MET R 19 41.19 -63.95 -56.96
CA MET R 19 40.55 -64.77 -55.93
C MET R 19 40.56 -64.07 -54.57
N LYS R 20 41.70 -63.52 -54.11
CA LYS R 20 41.94 -63.09 -52.74
C LYS R 20 41.12 -61.87 -52.26
N VAL R 21 40.38 -61.24 -53.17
CA VAL R 21 39.40 -60.18 -52.98
C VAL R 21 38.25 -60.49 -53.93
N ARG R 22 37.01 -60.35 -53.46
CA ARG R 22 35.81 -60.51 -54.26
C ARG R 22 35.39 -59.17 -54.88
N LYS R 23 34.63 -59.27 -55.96
CA LYS R 23 34.00 -58.21 -56.72
C LYS R 23 32.50 -58.55 -56.87
N SER R 24 31.77 -57.77 -57.67
CA SER R 24 30.37 -57.99 -58.04
C SER R 24 30.22 -59.28 -58.88
N SER R 25 29.00 -59.82 -58.93
CA SER R 25 28.65 -61.01 -59.70
C SER R 25 28.46 -60.68 -61.20
N THR R 26 28.10 -59.43 -61.51
CA THR R 26 27.66 -58.90 -62.81
C THR R 26 26.56 -59.84 -63.41
N GLN R 27 26.71 -60.23 -64.68
CA GLN R 27 26.07 -61.38 -65.32
C GLN R 27 27.11 -62.20 -66.10
N GLU R 28 28.41 -61.99 -65.84
CA GLU R 28 29.52 -62.69 -66.49
C GLU R 28 30.65 -63.00 -65.50
N GLU R 29 30.90 -62.13 -64.52
CA GLU R 29 31.89 -62.30 -63.45
C GLU R 29 31.59 -63.53 -62.58
N ILE R 30 30.31 -63.87 -62.38
CA ILE R 30 29.81 -65.13 -61.86
C ILE R 30 30.41 -66.38 -62.55
N LYS R 31 30.50 -66.37 -63.89
CA LYS R 31 31.13 -67.44 -64.67
C LYS R 31 32.67 -67.29 -64.68
N LYS R 32 33.22 -66.06 -64.66
CA LYS R 32 34.68 -65.85 -64.60
C LYS R 32 35.30 -66.17 -63.21
N ARG R 33 34.50 -66.43 -62.16
CA ARG R 33 34.99 -66.82 -60.84
C ARG R 33 35.48 -68.26 -60.92
N LYS R 34 36.74 -68.51 -60.57
CA LYS R 34 37.31 -69.82 -60.26
C LYS R 34 37.91 -69.68 -58.86
N LYS R 35 37.95 -70.78 -58.11
CA LYS R 35 38.29 -70.76 -56.69
C LYS R 35 39.38 -71.77 -56.30
N ALA R 36 40.00 -72.42 -57.29
CA ALA R 36 41.18 -73.25 -57.11
C ALA R 36 41.97 -73.24 -58.40
N VAL R 37 43.30 -73.23 -58.29
CA VAL R 37 44.26 -73.23 -59.38
C VAL R 37 45.43 -74.14 -59.00
N LEU R 38 45.99 -74.84 -60.00
CA LEU R 38 47.20 -75.65 -59.91
C LEU R 38 48.28 -74.88 -60.70
N PHE R 39 49.51 -74.92 -60.19
CA PHE R 39 50.69 -74.33 -60.77
C PHE R 39 51.73 -75.45 -60.92
N CYS R 40 52.58 -75.32 -61.94
CA CYS R 40 53.60 -76.27 -62.33
C CYS R 40 54.93 -75.52 -62.41
N LEU R 41 56.03 -76.23 -62.19
CA LEU R 41 57.39 -75.77 -62.46
C LEU R 41 57.66 -76.01 -63.98
N SER R 42 58.25 -75.05 -64.67
CA SER R 42 58.45 -74.91 -66.13
C SER R 42 59.01 -76.15 -66.85
N ASP R 43 58.89 -76.20 -68.19
CA ASP R 43 59.40 -77.21 -69.11
C ASP R 43 60.84 -77.65 -68.83
N ASP R 44 61.75 -76.68 -68.64
CA ASP R 44 63.16 -76.87 -68.27
C ASP R 44 63.32 -77.10 -66.75
N LYS R 45 62.38 -76.60 -65.94
CA LYS R 45 62.19 -76.76 -64.51
C LYS R 45 62.87 -75.67 -63.66
N ARG R 46 63.06 -74.45 -64.21
CA ARG R 46 63.71 -73.33 -63.53
C ARG R 46 62.75 -72.26 -63.01
N GLN R 47 61.52 -72.14 -63.54
CA GLN R 47 60.58 -71.07 -63.21
C GLN R 47 59.18 -71.65 -62.90
N ILE R 48 58.41 -71.05 -61.98
CA ILE R 48 57.03 -71.48 -61.72
C ILE R 48 56.12 -70.85 -62.80
N ILE R 49 55.17 -71.64 -63.32
CA ILE R 49 54.16 -71.31 -64.31
C ILE R 49 52.78 -71.78 -63.79
N VAL R 50 51.71 -71.43 -64.51
CA VAL R 50 50.36 -71.93 -64.31
C VAL R 50 50.12 -73.07 -65.32
N GLU R 51 49.17 -73.96 -65.01
CA GLU R 51 48.85 -75.13 -65.81
C GLU R 51 47.33 -75.27 -65.82
N GLU R 52 46.72 -75.52 -66.98
CA GLU R 52 45.28 -75.77 -67.13
C GLU R 52 45.03 -77.25 -66.78
N ALA R 53 45.09 -77.50 -65.47
CA ALA R 53 44.65 -78.72 -64.81
C ALA R 53 43.14 -78.63 -64.58
N LYS R 54 42.58 -79.45 -63.68
CA LYS R 54 41.16 -79.46 -63.39
C LYS R 54 40.72 -78.27 -62.49
N GLN R 55 40.89 -77.04 -63.01
CA GLN R 55 40.24 -75.81 -62.54
C GLN R 55 38.74 -75.93 -62.86
N ILE R 56 37.87 -75.47 -61.96
CA ILE R 56 36.43 -75.37 -62.14
C ILE R 56 36.04 -73.93 -61.77
N LEU R 57 35.03 -73.41 -62.43
CA LEU R 57 34.46 -72.11 -62.17
C LEU R 57 33.33 -72.27 -61.13
N VAL R 58 33.06 -71.22 -60.34
CA VAL R 58 31.88 -71.13 -59.46
C VAL R 58 30.60 -71.01 -60.33
N GLY R 59 30.78 -70.65 -61.61
CA GLY R 59 29.78 -70.68 -62.66
C GLY R 59 29.31 -72.08 -63.04
N ASP R 60 30.16 -73.10 -62.89
CA ASP R 60 29.92 -74.48 -63.36
C ASP R 60 28.98 -75.23 -62.40
N ILE R 61 28.78 -74.71 -61.18
CA ILE R 61 28.00 -75.35 -60.10
C ILE R 61 26.55 -75.61 -60.55
N GLY R 62 25.95 -74.62 -61.22
CA GLY R 62 24.58 -74.71 -61.73
C GLY R 62 24.49 -75.48 -63.05
N ASP R 63 25.62 -75.70 -63.74
CA ASP R 63 25.68 -76.40 -65.01
C ASP R 63 25.85 -77.90 -64.75
N THR R 64 26.90 -78.32 -64.02
CA THR R 64 27.29 -79.73 -63.92
C THR R 64 28.21 -80.09 -62.72
N VAL R 65 28.43 -79.22 -61.73
CA VAL R 65 29.50 -79.37 -60.73
C VAL R 65 28.94 -79.39 -59.29
N GLU R 66 28.96 -80.58 -58.66
CA GLU R 66 28.41 -80.90 -57.33
C GLU R 66 28.93 -80.00 -56.19
N ASP R 67 30.21 -79.58 -56.26
CA ASP R 67 30.79 -78.49 -55.48
C ASP R 67 31.98 -77.93 -56.27
N PRO R 68 32.37 -76.65 -56.07
CA PRO R 68 33.44 -75.98 -56.82
C PRO R 68 34.88 -76.37 -56.43
N TYR R 69 35.09 -77.52 -55.76
CA TYR R 69 36.41 -78.08 -55.49
C TYR R 69 36.48 -79.61 -55.70
N THR R 70 35.34 -80.31 -55.58
CA THR R 70 35.12 -81.76 -55.59
C THR R 70 36.02 -82.62 -56.49
N SER R 71 36.26 -82.17 -57.73
CA SER R 71 36.96 -82.89 -58.78
C SER R 71 38.41 -82.41 -58.99
N PHE R 72 38.87 -81.35 -58.31
CA PHE R 72 40.25 -80.86 -58.38
C PHE R 72 41.16 -81.88 -57.69
N VAL R 73 40.79 -82.21 -56.44
CA VAL R 73 41.33 -83.23 -55.54
C VAL R 73 41.11 -84.69 -56.02
N LYS R 74 40.78 -84.88 -57.31
CA LYS R 74 40.59 -86.15 -58.01
C LYS R 74 41.33 -86.17 -59.35
N LEU R 75 41.96 -85.06 -59.77
CA LEU R 75 42.66 -84.89 -61.04
C LEU R 75 43.96 -84.08 -60.83
N LEU R 76 44.63 -84.34 -59.70
CA LEU R 76 45.99 -83.90 -59.41
C LEU R 76 46.96 -84.97 -59.99
N PRO R 77 48.11 -84.60 -60.58
CA PRO R 77 49.16 -85.54 -61.04
C PRO R 77 49.54 -86.59 -59.98
N LEU R 78 49.19 -87.86 -60.23
CA LEU R 78 49.30 -88.99 -59.29
C LEU R 78 50.75 -89.31 -58.89
N ASN R 79 51.72 -88.98 -59.74
CA ASN R 79 53.15 -89.31 -59.62
C ASN R 79 54.03 -88.10 -59.91
N ASP R 80 53.58 -86.88 -59.63
CA ASP R 80 54.40 -85.66 -59.67
C ASP R 80 53.92 -84.67 -58.61
N CYS R 81 54.81 -83.79 -58.15
CA CYS R 81 54.52 -82.72 -57.19
C CYS R 81 53.90 -81.52 -57.92
N ARG R 82 53.09 -80.72 -57.23
CA ARG R 82 52.49 -79.49 -57.73
C ARG R 82 52.36 -78.46 -56.62
N TYR R 83 52.24 -77.18 -56.98
CA TYR R 83 51.78 -76.12 -56.07
C TYR R 83 50.33 -75.85 -56.47
N ALA R 84 49.49 -75.47 -55.51
CA ALA R 84 48.10 -75.03 -55.73
C ALA R 84 47.74 -73.89 -54.78
N LEU R 85 46.66 -73.19 -55.10
CA LEU R 85 46.09 -72.08 -54.34
C LEU R 85 44.56 -72.26 -54.39
N TYR R 86 43.88 -72.20 -53.24
CA TYR R 86 42.47 -72.53 -53.06
C TYR R 86 41.82 -71.44 -52.18
N ASP R 87 40.59 -71.05 -52.52
CA ASP R 87 39.76 -70.08 -51.81
C ASP R 87 38.58 -70.85 -51.22
N ALA R 88 38.58 -71.07 -49.90
CA ALA R 88 37.66 -71.91 -49.16
C ALA R 88 36.47 -71.07 -48.69
N THR R 89 35.24 -71.52 -48.98
CA THR R 89 34.00 -70.94 -48.49
C THR R 89 33.50 -71.89 -47.39
N TYR R 90 33.30 -71.40 -46.16
CA TYR R 90 33.01 -72.24 -44.99
C TYR R 90 32.22 -71.50 -43.90
N GLU R 91 31.79 -72.23 -42.87
CA GLU R 91 31.15 -71.70 -41.67
C GLU R 91 31.75 -72.40 -40.44
N THR R 92 31.92 -71.67 -39.33
CA THR R 92 32.79 -72.02 -38.21
C THR R 92 32.10 -71.72 -36.87
N LYS R 93 32.71 -72.18 -35.76
CA LYS R 93 32.21 -72.19 -34.38
C LYS R 93 31.49 -70.92 -33.90
N GLU R 94 31.93 -69.74 -34.37
CA GLU R 94 31.45 -68.42 -33.94
C GLU R 94 31.27 -67.41 -35.10
N SER R 95 31.32 -67.85 -36.37
CA SER R 95 31.20 -66.99 -37.56
C SER R 95 30.95 -67.80 -38.84
N LYS R 96 30.56 -67.12 -39.93
CA LYS R 96 30.56 -67.62 -41.31
C LYS R 96 31.75 -66.92 -42.00
N LYS R 97 32.56 -67.61 -42.81
CA LYS R 97 33.87 -67.08 -43.22
C LYS R 97 34.29 -67.54 -44.63
N GLU R 98 35.22 -66.82 -45.26
CA GLU R 98 35.90 -67.20 -46.51
C GLU R 98 37.40 -66.92 -46.32
N ASP R 99 38.27 -67.89 -46.66
CA ASP R 99 39.73 -67.86 -46.45
C ASP R 99 40.49 -68.51 -47.60
N LEU R 100 41.77 -68.16 -47.76
CA LEU R 100 42.64 -68.63 -48.82
C LEU R 100 43.76 -69.49 -48.25
N VAL R 101 44.04 -70.58 -48.98
CA VAL R 101 44.90 -71.70 -48.67
C VAL R 101 45.99 -71.79 -49.76
N PHE R 102 47.26 -71.98 -49.40
CA PHE R 102 48.29 -72.46 -50.33
C PHE R 102 48.44 -73.97 -50.09
N ILE R 103 48.63 -74.72 -51.18
CA ILE R 103 48.71 -76.17 -51.19
C ILE R 103 50.05 -76.53 -51.84
N PHE R 104 50.84 -77.36 -51.15
CA PHE R 104 51.97 -78.11 -51.70
C PHE R 104 51.48 -79.56 -51.80
N TRP R 105 51.31 -80.03 -53.03
CA TRP R 105 50.95 -81.41 -53.38
C TRP R 105 52.28 -82.17 -53.57
N ALA R 106 52.53 -83.18 -52.74
CA ALA R 106 53.77 -83.95 -52.72
C ALA R 106 53.51 -85.45 -52.53
N PRO R 107 52.97 -86.18 -53.54
CA PRO R 107 52.69 -87.61 -53.44
C PRO R 107 54.02 -88.39 -53.42
N GLU R 108 54.11 -89.43 -52.58
CA GLU R 108 55.37 -90.04 -52.17
C GLU R 108 56.24 -90.59 -53.30
N SER R 109 55.59 -91.08 -54.35
CA SER R 109 56.13 -91.67 -55.56
C SER R 109 56.61 -90.62 -56.60
N ALA R 110 56.45 -89.31 -56.34
CA ALA R 110 56.90 -88.25 -57.23
C ALA R 110 58.44 -88.22 -57.33
N PRO R 111 59.04 -88.08 -58.54
CA PRO R 111 60.50 -88.05 -58.77
C PRO R 111 61.29 -87.13 -57.83
N LEU R 112 62.42 -87.61 -57.30
CA LEU R 112 63.23 -86.95 -56.26
C LEU R 112 63.73 -85.55 -56.64
N LYS R 113 64.05 -85.30 -57.93
CA LYS R 113 64.43 -83.98 -58.41
C LYS R 113 63.22 -83.03 -58.47
N SER R 114 61.98 -83.54 -58.60
CA SER R 114 60.78 -82.73 -58.51
C SER R 114 60.48 -82.46 -57.03
N LYS R 115 60.42 -83.54 -56.22
CA LYS R 115 60.16 -83.54 -54.78
C LYS R 115 61.01 -82.54 -53.98
N MET R 116 62.32 -82.51 -54.27
CA MET R 116 63.27 -81.59 -53.67
C MET R 116 63.04 -80.13 -54.12
N ILE R 117 62.83 -79.88 -55.42
CA ILE R 117 62.73 -78.51 -55.94
C ILE R 117 61.36 -77.91 -55.59
N TYR R 118 60.25 -78.66 -55.68
CA TYR R 118 58.92 -78.18 -55.32
C TYR R 118 58.83 -77.90 -53.80
N ALA R 119 59.54 -78.66 -52.95
CA ALA R 119 59.66 -78.38 -51.52
C ALA R 119 60.42 -77.06 -51.28
N SER R 120 61.59 -76.88 -51.89
CA SER R 120 62.43 -75.68 -51.74
C SER R 120 61.95 -74.48 -52.59
N SER R 121 60.69 -74.47 -53.05
CA SER R 121 60.08 -73.37 -53.77
C SER R 121 58.63 -73.07 -53.37
N LYS R 122 58.05 -73.85 -52.45
CA LYS R 122 56.80 -73.61 -51.73
C LYS R 122 56.80 -72.17 -51.15
N ASP R 123 57.73 -71.94 -50.23
CA ASP R 123 57.87 -70.71 -49.44
C ASP R 123 58.47 -69.55 -50.25
N ALA R 124 58.89 -69.79 -51.51
CA ALA R 124 59.33 -68.78 -52.46
C ALA R 124 58.12 -68.13 -53.15
N ILE R 125 57.13 -68.91 -53.61
CA ILE R 125 55.88 -68.37 -54.13
C ILE R 125 55.02 -67.83 -52.97
N LYS R 126 55.01 -68.50 -51.81
CA LYS R 126 54.33 -68.05 -50.60
C LYS R 126 54.97 -66.83 -49.90
N LYS R 127 56.09 -66.30 -50.42
CA LYS R 127 56.63 -64.99 -50.05
C LYS R 127 56.00 -63.87 -50.92
N LYS R 128 55.43 -64.19 -52.09
CA LYS R 128 54.78 -63.23 -52.99
C LYS R 128 53.27 -63.22 -52.75
N PHE R 129 52.67 -64.36 -52.37
CA PHE R 129 51.24 -64.52 -52.10
C PHE R 129 50.92 -64.13 -50.64
N THR R 130 50.84 -62.82 -50.34
CA THR R 130 50.43 -62.32 -49.03
C THR R 130 48.90 -62.38 -48.93
N GLY R 131 48.38 -62.80 -47.76
CA GLY R 131 46.95 -62.87 -47.49
C GLY R 131 46.37 -64.27 -47.70
N ILE R 132 47.22 -65.29 -47.89
CA ILE R 132 46.89 -66.68 -47.66
C ILE R 132 47.04 -66.91 -46.15
N LYS R 133 46.03 -67.51 -45.53
CA LYS R 133 45.94 -67.65 -44.08
C LYS R 133 46.31 -69.06 -43.63
N HIS R 134 46.23 -70.08 -44.51
CA HIS R 134 46.43 -71.49 -44.17
C HIS R 134 47.33 -72.17 -45.21
N GLU R 135 48.13 -73.14 -44.77
CA GLU R 135 49.10 -73.89 -45.56
C GLU R 135 48.71 -75.37 -45.50
N TRP R 136 48.66 -76.06 -46.64
CA TRP R 136 48.53 -77.52 -46.71
C TRP R 136 49.82 -78.09 -47.30
N GLN R 137 50.53 -78.91 -46.52
CA GLN R 137 51.37 -80.01 -47.03
C GLN R 137 50.40 -81.18 -47.25
N VAL R 138 50.39 -81.77 -48.44
CA VAL R 138 49.50 -82.85 -48.84
C VAL R 138 50.38 -83.98 -49.37
N ASN R 139 50.64 -85.00 -48.53
CA ASN R 139 51.58 -86.08 -48.82
C ASN R 139 50.79 -87.38 -49.03
N GLY R 140 49.99 -87.40 -50.10
CA GLY R 140 49.18 -88.54 -50.54
C GLY R 140 47.73 -88.12 -50.82
N LEU R 141 46.94 -89.02 -51.40
CA LEU R 141 45.51 -88.78 -51.70
C LEU R 141 44.65 -88.94 -50.44
N ASP R 142 45.13 -89.72 -49.46
CA ASP R 142 44.60 -89.93 -48.11
C ASP R 142 44.56 -88.61 -47.31
N ASP R 143 45.43 -87.67 -47.64
CA ASP R 143 45.54 -86.35 -47.02
C ASP R 143 44.53 -85.33 -47.58
N ILE R 144 43.76 -85.66 -48.64
CA ILE R 144 42.91 -84.72 -49.39
C ILE R 144 41.63 -85.40 -49.94
N LYS R 145 41.30 -86.60 -49.45
CA LYS R 145 40.31 -87.49 -50.05
C LYS R 145 38.85 -87.03 -49.93
N ASP R 146 38.49 -86.33 -48.84
CA ASP R 146 37.11 -86.07 -48.40
C ASP R 146 36.73 -84.59 -48.65
N ARG R 147 35.88 -84.02 -47.78
CA ARG R 147 35.88 -82.60 -47.41
C ARG R 147 36.54 -82.43 -46.02
N SER R 148 36.42 -83.41 -45.12
CA SER R 148 36.96 -83.40 -43.75
C SER R 148 38.50 -83.31 -43.69
N THR R 149 39.23 -84.03 -44.55
CA THR R 149 40.69 -83.95 -44.68
C THR R 149 41.19 -82.61 -45.27
N LEU R 150 40.28 -81.80 -45.84
CA LEU R 150 40.53 -80.42 -46.24
C LEU R 150 40.36 -79.55 -44.99
N GLY R 151 39.22 -79.68 -44.29
CA GLY R 151 38.82 -78.85 -43.14
C GLY R 151 39.67 -79.05 -41.88
N GLU R 152 40.28 -80.23 -41.71
CA GLU R 152 41.28 -80.54 -40.70
C GLU R 152 42.52 -79.63 -40.83
N LYS R 153 42.94 -79.35 -42.07
CA LYS R 153 44.04 -78.45 -42.40
C LYS R 153 43.54 -76.99 -42.53
N LEU R 154 42.30 -76.70 -42.09
CA LEU R 154 41.76 -75.37 -41.83
C LEU R 154 41.46 -75.23 -40.32
N GLY R 155 42.18 -75.96 -39.47
CA GLY R 155 42.10 -75.88 -38.01
C GLY R 155 40.88 -76.59 -37.39
N GLY R 156 40.11 -77.33 -38.19
CA GLY R 156 39.03 -78.23 -37.78
C GLY R 156 37.75 -77.56 -37.27
N ASN R 157 37.77 -76.27 -36.92
CA ASN R 157 36.67 -75.52 -36.30
C ASN R 157 35.54 -75.19 -37.30
N VAL R 158 35.80 -75.44 -38.58
CA VAL R 158 35.00 -75.21 -39.78
C VAL R 158 33.82 -76.21 -39.95
N VAL R 159 33.27 -76.73 -38.84
CA VAL R 159 32.32 -77.85 -38.83
C VAL R 159 30.94 -77.53 -39.41
N VAL R 160 30.52 -76.25 -39.36
CA VAL R 160 29.13 -75.84 -39.61
C VAL R 160 28.82 -75.94 -41.11
N SER R 161 29.78 -75.64 -41.99
CA SER R 161 29.74 -75.93 -43.41
C SER R 161 31.11 -75.74 -44.06
N LEU R 162 31.36 -76.42 -45.18
CA LEU R 162 32.51 -76.28 -46.06
C LEU R 162 31.99 -76.49 -47.48
N GLU R 163 32.08 -75.47 -48.34
CA GLU R 163 31.63 -75.44 -49.74
C GLU R 163 30.12 -75.70 -49.91
N GLY R 164 29.34 -75.33 -48.89
CA GLY R 164 27.89 -75.54 -48.83
C GLY R 164 27.47 -76.92 -48.32
N LYS R 165 28.43 -77.79 -47.98
CA LYS R 165 28.17 -79.09 -47.36
C LYS R 165 28.33 -78.90 -45.83
N PRO R 166 27.32 -79.20 -45.00
CA PRO R 166 27.49 -79.41 -43.54
C PRO R 166 28.57 -80.49 -43.29
N LEU R 167 29.64 -80.17 -42.57
CA LEU R 167 30.86 -80.99 -42.51
C LEU R 167 30.73 -82.03 -41.38
N NH2 R 168 29.62 -82.73 -41.35
HN1 NH2 R 168 29.46 -83.41 -40.62
HN2 NH2 R 168 28.95 -82.57 -42.10
C ACE A 1 -62.28 114.91 -13.50
O ACE A 1 -61.74 114.31 -12.33
CH3 ACE A 1 -63.41 114.04 -14.04
H1 ACE A 1 -63.05 113.04 -14.29
H2 ACE A 1 -63.85 114.49 -14.92
H3 ACE A 1 -64.20 113.94 -13.30
N ASP A 2 -61.20 114.97 -14.48
CA ASP A 2 -59.92 115.64 -14.11
C ASP A 2 -60.03 116.79 -13.09
N GLU A 3 -60.86 117.82 -13.37
CA GLU A 3 -61.04 118.99 -12.52
C GLU A 3 -62.05 118.76 -11.36
N ASP A 4 -62.98 117.79 -11.48
CA ASP A 4 -64.00 117.46 -10.48
C ASP A 4 -63.41 117.00 -9.14
N GLU A 5 -63.92 117.59 -8.05
CA GLU A 5 -63.58 117.30 -6.65
C GLU A 5 -64.03 115.88 -6.27
N THR A 6 -63.18 115.15 -5.54
CA THR A 6 -63.43 113.81 -5.03
C THR A 6 -64.45 113.88 -3.88
N THR A 7 -65.55 113.14 -4.01
CA THR A 7 -66.66 113.11 -3.08
C THR A 7 -66.26 112.53 -1.70
N ALA A 8 -66.91 113.06 -0.65
CA ALA A 8 -66.52 112.88 0.74
C ALA A 8 -66.72 111.43 1.22
N LEU A 9 -65.97 111.07 2.28
CA LEU A 9 -66.01 109.76 2.90
C LEU A 9 -67.22 109.70 3.85
N VAL A 10 -67.99 108.62 3.75
CA VAL A 10 -69.08 108.31 4.65
C VAL A 10 -68.47 107.25 5.58
N CYS A 11 -68.40 107.51 6.89
CA CYS A 11 -67.75 106.66 7.87
C CYS A 11 -68.69 106.49 9.06
N ASP A 12 -69.35 105.33 9.17
CA ASP A 12 -70.13 105.01 10.36
C ASP A 12 -69.19 104.31 11.36
N ASN A 13 -69.15 104.87 12.57
CA ASN A 13 -68.44 104.34 13.74
C ASN A 13 -69.20 103.14 14.33
N GLY A 14 -70.51 103.08 14.11
CA GLY A 14 -71.40 101.98 14.42
C GLY A 14 -71.64 101.77 15.91
N SER A 15 -71.98 100.52 16.22
CA SER A 15 -72.25 99.97 17.54
C SER A 15 -71.33 98.75 17.71
N GLY A 16 -70.02 98.97 17.45
CA GLY A 16 -68.94 98.00 17.56
C GLY A 16 -68.36 97.56 16.20
N LEU A 17 -68.98 98.02 15.10
CA LEU A 17 -68.72 97.61 13.72
C LEU A 17 -68.57 98.86 12.86
N VAL A 18 -67.34 99.15 12.43
CA VAL A 18 -66.94 100.30 11.62
C VAL A 18 -67.30 99.97 10.16
N LYS A 19 -67.84 100.94 9.43
CA LYS A 19 -68.30 100.81 8.04
C LYS A 19 -67.93 102.12 7.35
N ALA A 20 -67.15 102.10 6.27
CA ALA A 20 -66.78 103.31 5.55
C ALA A 20 -66.73 103.10 4.04
N GLY A 21 -66.98 104.15 3.26
CA GLY A 21 -66.86 104.18 1.81
C GLY A 21 -66.85 105.62 1.31
N PHE A 22 -66.74 105.82 0.00
CA PHE A 22 -66.85 107.15 -0.62
C PHE A 22 -68.33 107.40 -0.94
N ALA A 23 -68.80 108.65 -0.83
CA ALA A 23 -70.15 109.03 -1.20
C ALA A 23 -70.29 108.95 -2.73
N GLY A 24 -71.21 108.12 -3.22
CA GLY A 24 -71.30 107.75 -4.62
C GLY A 24 -70.76 106.34 -4.93
N ASP A 25 -70.18 105.63 -3.93
CA ASP A 25 -70.05 104.17 -3.97
C ASP A 25 -71.46 103.57 -3.72
N ASP A 26 -71.62 102.28 -4.00
CA ASP A 26 -72.89 101.55 -3.90
C ASP A 26 -73.23 101.28 -2.41
N ALA A 27 -72.24 100.82 -1.63
CA ALA A 27 -72.33 100.49 -0.22
C ALA A 27 -70.97 100.72 0.46
N PRO A 28 -70.82 100.48 1.78
CA PRO A 28 -69.53 100.53 2.49
C PRO A 28 -68.41 99.73 1.79
N ARG A 29 -67.35 100.46 1.41
CA ARG A 29 -66.20 99.99 0.64
C ARG A 29 -65.27 99.12 1.51
N ALA A 30 -65.28 99.36 2.82
CA ALA A 30 -64.64 98.56 3.84
C ALA A 30 -65.54 98.56 5.07
N VAL A 31 -65.65 97.39 5.70
CA VAL A 31 -66.33 97.14 6.96
C VAL A 31 -65.35 96.29 7.76
N PHE A 32 -65.14 96.59 9.05
CA PHE A 32 -64.33 95.79 9.95
C PHE A 32 -64.90 95.87 11.38
N PRO A 33 -64.89 94.77 12.17
CA PRO A 33 -65.29 94.82 13.58
C PRO A 33 -64.21 95.54 14.38
N SER A 34 -64.57 96.43 15.30
CA SER A 34 -63.62 97.36 15.95
C SER A 34 -62.66 96.71 16.96
N ILE A 35 -62.48 95.38 16.95
CA ILE A 35 -61.52 94.64 17.76
C ILE A 35 -60.06 95.07 17.47
N VAL A 36 -59.40 95.70 18.45
CA VAL A 36 -57.96 95.92 18.44
C VAL A 36 -57.38 94.80 19.32
N GLY A 37 -56.36 94.12 18.79
CA GLY A 37 -55.69 93.00 19.41
C GLY A 37 -54.43 93.48 20.12
N ARG A 38 -54.43 93.39 21.45
CA ARG A 38 -53.23 93.57 22.26
C ARG A 38 -52.66 92.15 22.50
N PRO A 39 -51.37 91.87 22.18
CA PRO A 39 -50.70 90.60 22.46
C PRO A 39 -50.82 90.09 23.91
N ARG A 40 -50.83 88.76 24.06
CA ARG A 40 -50.59 88.06 25.32
C ARG A 40 -49.05 87.94 25.44
N HIS A 41 -48.43 88.95 26.06
CA HIS A 41 -47.00 89.26 26.19
C HIS A 41 -46.61 90.42 25.26
N GLN A 42 -45.46 90.33 24.60
CA GLN A 42 -44.87 91.35 23.74
C GLN A 42 -45.27 91.12 22.27
N GLY A 43 -44.60 91.86 21.36
CA GLY A 43 -44.75 91.75 19.91
C GLY A 43 -44.29 90.41 19.32
N VAL A 44 -44.77 90.13 18.11
CA VAL A 44 -44.66 88.87 17.38
C VAL A 44 -44.13 89.08 15.95
N MET A 45 -43.94 90.34 15.55
CA MET A 45 -43.30 90.76 14.32
C MET A 45 -42.34 91.94 14.50
N VAL A 46 -42.38 92.64 15.65
CA VAL A 46 -41.55 93.76 16.09
C VAL A 46 -40.05 93.64 15.70
N GLY A 47 -39.47 94.73 15.19
CA GLY A 47 -38.11 94.74 14.64
C GLY A 47 -38.06 94.38 13.15
N MET A 48 -39.23 94.26 12.53
CA MET A 48 -39.49 94.03 11.11
C MET A 48 -40.94 94.48 10.83
N GLY A 49 -41.83 94.21 11.79
CA GLY A 49 -43.23 94.61 11.91
C GLY A 49 -43.42 96.13 11.94
N GLN A 50 -44.40 96.62 11.18
CA GLN A 50 -44.73 98.05 11.10
C GLN A 50 -45.55 98.50 12.33
N LYS A 51 -46.50 97.69 12.82
CA LYS A 51 -47.16 97.85 14.11
C LYS A 51 -47.78 96.51 14.54
N ASP A 52 -47.31 95.95 15.67
CA ASP A 52 -47.73 94.64 16.22
C ASP A 52 -49.05 94.72 16.99
N SER A 53 -49.57 95.92 17.25
CA SER A 53 -50.95 96.14 17.66
C SER A 53 -51.83 95.93 16.41
N TYR A 54 -52.44 94.75 16.28
CA TYR A 54 -53.24 94.36 15.14
C TYR A 54 -54.65 94.95 15.31
N VAL A 55 -55.26 95.39 14.19
CA VAL A 55 -56.56 96.07 14.17
C VAL A 55 -57.51 95.30 13.24
N GLY A 56 -58.70 94.94 13.73
CA GLY A 56 -59.80 94.37 12.96
C GLY A 56 -59.45 92.98 12.42
N ASP A 57 -59.68 92.80 11.13
CA ASP A 57 -59.37 91.68 10.24
C ASP A 57 -57.92 91.16 10.40
N GLU A 58 -56.95 92.03 10.74
CA GLU A 58 -55.58 91.65 11.06
C GLU A 58 -55.53 90.80 12.35
N ALA A 59 -56.25 91.24 13.40
CA ALA A 59 -56.24 90.64 14.73
C ALA A 59 -57.15 89.41 14.80
N GLN A 60 -58.17 89.37 13.93
CA GLN A 60 -59.08 88.25 13.71
C GLN A 60 -58.35 87.03 13.11
N SER A 61 -57.28 87.28 12.35
CA SER A 61 -56.51 86.26 11.64
C SER A 61 -55.41 85.64 12.54
N LYS A 62 -54.84 86.42 13.47
CA LYS A 62 -53.70 86.00 14.29
C LYS A 62 -54.18 85.35 15.60
N ARG A 63 -54.60 84.10 15.43
CA ARG A 63 -55.04 83.07 16.38
C ARG A 63 -54.24 83.03 17.71
N GLY A 64 -54.92 82.79 18.83
CA GLY A 64 -54.38 82.38 20.12
C GLY A 64 -53.57 83.42 20.91
N ILE A 65 -52.74 84.21 20.22
CA ILE A 65 -51.69 85.02 20.81
C ILE A 65 -52.16 86.43 21.22
N LEU A 66 -53.38 86.84 20.84
CA LEU A 66 -53.91 88.18 21.11
C LEU A 66 -55.06 88.13 22.13
N THR A 67 -55.29 89.25 22.79
CA THR A 67 -56.46 89.58 23.58
C THR A 67 -57.16 90.71 22.79
N LEU A 68 -58.31 90.39 22.20
CA LEU A 68 -59.07 91.28 21.32
C LEU A 68 -60.12 92.01 22.18
N LYS A 69 -60.21 93.34 22.06
CA LYS A 69 -61.33 94.10 22.60
C LYS A 69 -61.65 95.34 21.75
N TYR A 70 -62.87 95.84 21.94
CA TYR A 70 -63.47 96.93 21.19
C TYR A 70 -63.22 98.23 21.97
N PRO A 71 -62.73 99.32 21.33
CA PRO A 71 -62.64 100.65 21.94
C PRO A 71 -63.98 101.42 21.91
N ILE A 72 -64.98 100.89 21.19
CA ILE A 72 -66.36 101.37 21.12
C ILE A 72 -67.25 100.14 21.38
N GLU A 73 -67.76 100.05 22.61
CA GLU A 73 -68.58 98.93 23.09
C GLU A 73 -70.05 99.32 22.93
N HIS A 74 -70.53 100.21 23.81
CA HIS A 74 -71.94 100.46 24.10
C HIS A 74 -72.57 101.49 23.13
N GLY A 75 -71.97 101.65 21.95
CA GLY A 75 -72.21 102.77 21.03
C GLY A 75 -71.47 104.06 21.46
N ILE A 76 -70.73 104.00 22.56
CA ILE A 76 -69.85 105.04 23.09
C ILE A 76 -68.47 104.43 23.31
N ILE A 77 -67.46 105.30 23.22
CA ILE A 77 -66.04 104.98 23.20
C ILE A 77 -65.58 104.83 24.66
N THR A 78 -65.00 103.66 24.95
CA THR A 78 -64.48 103.22 26.23
C THR A 78 -62.94 103.34 26.29
N ASN A 79 -62.27 103.49 25.14
CA ASN A 79 -60.85 103.75 25.04
C ASN A 79 -60.58 104.60 23.80
N TRP A 80 -60.09 105.84 23.98
CA TRP A 80 -59.79 106.76 22.89
C TRP A 80 -58.46 106.43 22.23
N ASP A 81 -57.48 105.91 22.99
CA ASP A 81 -56.14 105.54 22.54
C ASP A 81 -56.16 104.55 21.38
N ASP A 82 -57.07 103.57 21.43
CA ASP A 82 -57.29 102.56 20.40
C ASP A 82 -58.37 102.99 19.40
N MET A 83 -59.34 103.85 19.76
CA MET A 83 -60.29 104.40 18.78
C MET A 83 -59.58 105.34 17.79
N GLU A 84 -58.57 106.10 18.24
CA GLU A 84 -57.68 106.90 17.42
C GLU A 84 -56.63 106.04 16.66
N LYS A 85 -56.62 104.70 16.84
CA LYS A 85 -55.99 103.77 15.89
C LYS A 85 -57.03 103.26 14.87
N ILE A 86 -58.31 103.06 15.27
CA ILE A 86 -59.42 102.65 14.40
C ILE A 86 -59.57 103.63 13.22
N TRP A 87 -59.70 104.94 13.47
CA TRP A 87 -59.84 105.96 12.43
C TRP A 87 -58.58 106.06 11.55
N HIS A 88 -57.38 105.87 12.13
CA HIS A 88 -56.10 105.85 11.41
C HIS A 88 -56.02 104.66 10.44
N HIS A 89 -56.45 103.48 10.89
CA HIS A 89 -56.55 102.26 10.09
C HIS A 89 -57.67 102.38 9.03
N THR A 90 -58.79 103.04 9.35
CA THR A 90 -59.91 103.30 8.44
C THR A 90 -59.43 104.12 7.23
N PHE A 91 -58.73 105.25 7.44
CA PHE A 91 -58.27 106.12 6.36
C PHE A 91 -57.09 105.50 5.62
N TYR A 92 -55.96 105.28 6.31
CA TYR A 92 -54.68 105.02 5.68
C TYR A 92 -54.51 103.55 5.25
N ASN A 93 -55.38 102.63 5.69
CA ASN A 93 -55.37 101.22 5.31
C ASN A 93 -56.66 100.84 4.57
N GLU A 94 -57.83 100.85 5.22
CA GLU A 94 -59.05 100.23 4.69
C GLU A 94 -59.69 101.01 3.53
N LEU A 95 -59.83 102.34 3.65
CA LEU A 95 -60.29 103.20 2.56
C LEU A 95 -59.16 103.48 1.55
N ARG A 96 -57.90 103.43 2.02
CA ARG A 96 -56.67 103.56 1.24
C ARG A 96 -56.37 105.02 0.84
N VAL A 97 -56.67 106.04 1.66
CA VAL A 97 -56.50 107.46 1.29
C VAL A 97 -55.85 108.28 2.41
N ALA A 98 -55.47 109.54 2.12
CA ALA A 98 -55.03 110.50 3.12
C ALA A 98 -56.25 111.31 3.62
N PRO A 99 -56.47 111.48 4.94
CA PRO A 99 -57.63 112.20 5.46
C PRO A 99 -57.64 113.73 5.22
N GLU A 100 -56.50 114.34 4.86
CA GLU A 100 -56.41 115.76 4.45
C GLU A 100 -57.08 116.00 3.07
N GLU A 101 -57.13 114.99 2.20
CA GLU A 101 -57.71 115.10 0.86
C GLU A 101 -59.26 115.09 0.94
N HIS A 102 -59.86 114.08 1.58
CA HIS A 102 -61.29 113.78 1.45
C HIS A 102 -61.98 114.15 2.77
N PRO A 103 -62.99 115.06 2.77
CA PRO A 103 -63.87 115.33 3.92
C PRO A 103 -64.52 114.04 4.47
N THR A 104 -64.78 113.96 5.79
CA THR A 104 -65.35 112.77 6.42
C THR A 104 -66.68 113.12 7.12
N LEU A 105 -67.76 112.43 6.77
CA LEU A 105 -69.03 112.45 7.48
C LEU A 105 -68.99 111.29 8.50
N LEU A 106 -69.35 111.58 9.75
CA LEU A 106 -69.36 110.66 10.87
C LEU A 106 -70.77 110.52 11.45
N THR A 107 -70.96 109.47 12.25
CA THR A 107 -72.20 109.14 12.92
C THR A 107 -72.05 109.35 14.45
N GLU A 108 -73.05 110.02 15.07
CA GLU A 108 -73.24 110.09 16.52
C GLU A 108 -74.23 108.99 16.92
N ALA A 109 -74.05 108.43 18.12
CA ALA A 109 -74.93 107.45 18.74
C ALA A 109 -76.11 108.14 19.46
N PRO A 110 -77.29 107.47 19.57
CA PRO A 110 -78.42 107.98 20.34
C PRO A 110 -78.17 107.83 21.85
N LEU A 111 -78.46 108.89 22.62
CA LEU A 111 -78.19 109.05 24.05
C LEU A 111 -76.69 109.28 24.34
N ASN A 112 -75.94 109.90 23.41
CA ASN A 112 -74.51 110.11 23.57
C ASN A 112 -74.20 111.21 24.62
N PRO A 113 -73.06 111.13 25.36
CA PRO A 113 -72.45 112.27 26.05
C PRO A 113 -72.20 113.44 25.09
N LYS A 114 -71.93 114.65 25.58
CA LYS A 114 -71.63 115.78 24.71
C LYS A 114 -70.10 115.83 24.47
N ALA A 115 -69.28 115.67 25.52
CA ALA A 115 -67.82 115.48 25.45
C ALA A 115 -67.35 114.42 24.43
N ASN A 116 -68.20 113.40 24.19
CA ASN A 116 -68.12 112.41 23.11
C ASN A 116 -68.00 113.06 21.73
N ARG A 117 -68.97 113.89 21.31
CA ARG A 117 -68.96 114.53 20.00
C ARG A 117 -67.87 115.61 19.90
N GLU A 118 -67.54 116.31 21.00
CA GLU A 118 -66.50 117.33 21.06
C GLU A 118 -65.11 116.68 20.89
N LYS A 119 -64.80 115.62 21.64
CA LYS A 119 -63.56 114.85 21.49
C LYS A 119 -63.49 114.13 20.12
N MET A 120 -64.63 113.72 19.53
CA MET A 120 -64.69 113.14 18.18
C MET A 120 -64.58 114.19 17.06
N THR A 121 -64.76 115.49 17.38
CA THR A 121 -64.51 116.59 16.44
C THR A 121 -63.01 116.93 16.49
N GLN A 122 -62.44 117.07 17.71
CA GLN A 122 -61.02 117.29 17.97
C GLN A 122 -60.10 116.39 17.13
N ILE A 123 -60.24 115.07 17.28
CA ILE A 123 -59.41 114.05 16.64
C ILE A 123 -59.39 114.14 15.10
N MET A 124 -60.50 114.57 14.49
CA MET A 124 -60.61 114.71 13.05
C MET A 124 -59.73 115.84 12.52
N PHE A 125 -59.44 116.85 13.35
CA PHE A 125 -58.61 118.00 13.00
C PHE A 125 -57.17 117.85 13.56
N GLU A 126 -56.95 117.38 14.80
CA GLU A 126 -55.58 117.27 15.32
C GLU A 126 -54.89 116.00 14.79
N THR A 127 -55.56 114.84 14.93
CA THR A 127 -54.99 113.53 14.67
C THR A 127 -55.10 113.15 13.18
N PHE A 128 -56.05 113.76 12.43
CA PHE A 128 -56.35 113.40 11.03
C PHE A 128 -56.41 114.57 10.06
N ASN A 129 -56.50 115.82 10.55
CA ASN A 129 -56.27 117.06 9.77
C ASN A 129 -57.36 117.39 8.74
N VAL A 130 -58.53 116.73 8.81
CA VAL A 130 -59.62 116.71 7.81
C VAL A 130 -60.01 118.11 7.30
N PRO A 131 -60.28 118.33 6.00
CA PRO A 131 -60.61 119.67 5.49
C PRO A 131 -62.01 120.16 5.93
N ALA A 132 -62.98 119.24 5.97
CA ALA A 132 -64.33 119.46 6.49
C ALA A 132 -64.92 118.17 7.04
N MET A 133 -65.89 118.29 7.96
CA MET A 133 -66.62 117.20 8.55
C MET A 133 -68.09 117.55 8.84
N TYR A 134 -68.91 116.53 9.04
CA TYR A 134 -70.31 116.61 9.44
C TYR A 134 -70.59 115.45 10.41
N VAL A 135 -71.47 115.66 11.40
CA VAL A 135 -71.92 114.67 12.36
C VAL A 135 -73.45 114.70 12.45
N ALA A 136 -74.08 113.53 12.34
CA ALA A 136 -75.52 113.30 12.48
C ALA A 136 -75.78 112.01 13.25
N ILE A 137 -76.96 111.88 13.86
CA ILE A 137 -77.33 110.75 14.70
C ILE A 137 -77.78 109.59 13.78
N GLN A 138 -77.31 108.38 14.07
CA GLN A 138 -77.57 107.13 13.33
C GLN A 138 -79.06 106.87 13.05
N ALA A 139 -79.88 107.15 14.06
CA ALA A 139 -81.33 106.97 14.08
C ALA A 139 -82.04 107.77 12.98
N VAL A 140 -81.74 109.07 12.85
CA VAL A 140 -82.36 109.93 11.83
C VAL A 140 -81.83 109.58 10.43
N LEU A 141 -80.54 109.23 10.29
CA LEU A 141 -79.93 108.80 9.03
C LEU A 141 -80.56 107.50 8.50
N SER A 142 -80.83 106.54 9.40
CA SER A 142 -81.56 105.31 9.09
C SER A 142 -83.05 105.58 8.77
N LEU A 143 -83.64 106.62 9.35
CA LEU A 143 -85.05 107.00 9.18
C LEU A 143 -85.23 107.72 7.83
N TYR A 144 -84.34 108.66 7.50
CA TYR A 144 -84.29 109.37 6.21
C TYR A 144 -84.05 108.38 5.06
N ALA A 145 -83.21 107.36 5.28
CA ALA A 145 -82.94 106.28 4.33
C ALA A 145 -84.10 105.26 4.22
N SER A 146 -85.13 105.34 5.07
CA SER A 146 -86.39 104.61 4.93
C SER A 146 -87.48 105.57 4.39
N GLY A 147 -87.12 106.81 4.03
CA GLY A 147 -88.01 107.83 3.50
C GLY A 147 -88.98 108.40 4.54
N ARG A 148 -88.57 108.47 5.81
CA ARG A 148 -89.35 109.02 6.92
C ARG A 148 -88.63 110.23 7.51
N THR A 149 -89.41 111.22 7.92
CA THR A 149 -89.03 112.36 8.74
C THR A 149 -89.39 112.09 10.23
N THR A 150 -90.55 111.46 10.45
CA THR A 150 -91.08 111.00 11.74
C THR A 150 -91.20 109.46 11.70
N GLY A 151 -90.96 108.82 12.84
CA GLY A 151 -91.12 107.39 13.04
C GLY A 151 -90.29 106.91 14.23
N ILE A 152 -90.32 105.61 14.53
CA ILE A 152 -89.52 104.99 15.57
C ILE A 152 -88.65 103.93 14.91
N VAL A 153 -87.32 104.11 14.97
CA VAL A 153 -86.37 103.13 14.50
C VAL A 153 -85.93 102.28 15.71
N LEU A 154 -85.95 100.96 15.51
CA LEU A 154 -85.20 100.00 16.31
C LEU A 154 -83.86 99.84 15.58
N ASP A 155 -82.75 99.90 16.31
CA ASP A 155 -81.45 99.36 15.89
C ASP A 155 -81.09 98.27 16.91
N SER A 156 -80.36 97.26 16.45
CA SER A 156 -79.96 96.05 17.12
C SER A 156 -78.63 95.69 16.47
N GLY A 157 -77.54 96.15 17.09
CA GLY A 157 -76.19 96.14 16.56
C GLY A 157 -75.36 95.02 17.17
N ASP A 158 -74.04 95.16 17.11
CA ASP A 158 -73.09 94.19 17.66
C ASP A 158 -72.97 94.38 19.19
N GLY A 159 -72.91 95.64 19.66
CA GLY A 159 -72.69 95.99 21.07
C GLY A 159 -73.88 96.61 21.84
N VAL A 160 -75.01 96.94 21.19
CA VAL A 160 -76.25 97.46 21.81
C VAL A 160 -77.47 97.16 20.92
N THR A 161 -78.66 97.07 21.53
CA THR A 161 -79.96 97.27 20.89
C THR A 161 -80.57 98.56 21.50
N HIS A 162 -81.29 99.37 20.71
CA HIS A 162 -81.92 100.61 21.15
C HIS A 162 -83.06 101.03 20.22
N ASN A 163 -84.12 101.54 20.82
CA ASN A 163 -85.38 101.98 20.21
C ASN A 163 -85.34 103.51 20.31
N VAL A 164 -85.30 104.21 19.18
CA VAL A 164 -85.21 105.67 19.12
C VAL A 164 -86.48 106.19 18.42
N PRO A 165 -87.37 106.94 19.10
CA PRO A 165 -88.49 107.65 18.48
C PRO A 165 -87.99 109.00 17.93
N ILE A 166 -88.46 109.38 16.75
CA ILE A 166 -88.16 110.63 16.04
C ILE A 166 -89.48 111.29 15.65
N TYR A 167 -89.56 112.61 15.84
CA TYR A 167 -90.62 113.50 15.35
C TYR A 167 -89.87 114.56 14.52
N GLU A 168 -90.31 114.76 13.27
CA GLU A 168 -89.74 115.52 12.15
C GLU A 168 -88.24 115.88 12.29
N GLY A 169 -87.42 114.84 12.16
CA GLY A 169 -85.97 114.91 12.09
C GLY A 169 -85.23 114.96 13.44
N TYR A 170 -85.94 115.03 14.57
CA TYR A 170 -85.35 115.14 15.90
C TYR A 170 -85.73 113.94 16.76
N ALA A 171 -84.72 113.25 17.33
CA ALA A 171 -84.91 112.09 18.20
C ALA A 171 -85.32 112.58 19.61
N LEU A 172 -86.46 112.12 20.10
CA LEU A 172 -87.05 112.54 21.38
C LEU A 172 -86.24 111.86 22.52
N PRO A 173 -85.46 112.60 23.31
CA PRO A 173 -84.42 112.01 24.18
C PRO A 173 -84.98 111.28 25.40
N HIS A 174 -86.12 111.72 25.93
CA HIS A 174 -86.79 111.16 27.12
C HIS A 174 -87.55 109.86 26.82
N ALA A 175 -87.50 109.39 25.57
CA ALA A 175 -88.29 108.27 25.05
C ALA A 175 -87.43 107.25 24.31
N ILE A 176 -86.10 107.39 24.32
CA ILE A 176 -85.17 106.39 23.78
C ILE A 176 -85.02 105.32 24.87
N MET A 177 -85.29 104.07 24.51
CA MET A 177 -85.11 102.90 25.36
C MET A 177 -83.91 102.15 24.78
N ARG A 178 -83.02 101.65 25.64
CA ARG A 178 -81.90 100.79 25.27
C ARG A 178 -82.17 99.40 25.86
N LEU A 179 -81.64 98.38 25.19
CA LEU A 179 -81.61 97.01 25.61
C LEU A 179 -80.18 96.52 25.37
N ASP A 180 -79.46 96.20 26.45
CA ASP A 180 -78.02 95.90 26.46
C ASP A 180 -77.71 94.44 26.10
N LEU A 181 -78.67 93.75 25.47
CA LEU A 181 -78.53 92.49 24.76
C LEU A 181 -78.29 92.85 23.29
N ALA A 182 -77.23 92.30 22.67
CA ALA A 182 -76.82 92.65 21.33
C ALA A 182 -76.38 91.43 20.50
N GLY A 183 -75.96 91.73 19.27
CA GLY A 183 -75.58 90.78 18.24
C GLY A 183 -74.38 89.91 18.62
N ARG A 184 -73.47 90.42 19.46
CA ARG A 184 -72.39 89.68 20.10
C ARG A 184 -72.95 88.53 20.94
N ASP A 185 -73.73 88.86 21.97
CA ASP A 185 -74.24 87.98 23.02
C ASP A 185 -75.14 86.88 22.44
N LEU A 186 -75.82 87.20 21.33
CA LEU A 186 -76.60 86.25 20.54
C LEU A 186 -75.72 85.26 19.73
N THR A 187 -74.46 85.59 19.42
CA THR A 187 -73.50 84.68 18.77
C THR A 187 -72.93 83.74 19.85
N ASP A 188 -72.56 84.26 21.02
CA ASP A 188 -72.11 83.50 22.19
C ASP A 188 -73.23 82.58 22.72
N TYR A 189 -74.48 83.02 22.63
CA TYR A 189 -75.66 82.21 22.89
C TYR A 189 -75.81 81.11 21.82
N LEU A 190 -75.66 81.45 20.53
CA LEU A 190 -75.67 80.51 19.40
C LEU A 190 -74.60 79.42 19.56
N MET A 191 -73.36 79.80 19.92
CA MET A 191 -72.24 78.95 20.29
C MET A 191 -72.62 77.98 21.42
N LYS A 192 -73.24 78.48 22.50
CA LYS A 192 -73.83 77.70 23.59
C LYS A 192 -74.84 76.65 23.08
N ILE A 193 -75.92 77.06 22.39
CA ILE A 193 -77.00 76.16 21.98
C ILE A 193 -76.60 75.15 20.89
N LEU A 194 -75.51 75.42 20.14
CA LEU A 194 -74.87 74.46 19.24
C LEU A 194 -73.99 73.48 20.03
N THR A 195 -73.33 73.92 21.11
CA THR A 195 -72.57 73.04 22.01
C THR A 195 -73.53 72.13 22.80
N GLU A 196 -74.75 72.60 23.12
CA GLU A 196 -75.85 71.79 23.66
C GLU A 196 -76.32 70.67 22.70
N ARG A 197 -75.98 70.71 21.40
CA ARG A 197 -76.23 69.61 20.46
C ARG A 197 -75.05 68.62 20.41
N GLY A 198 -73.89 68.94 20.99
CA GLY A 198 -72.69 68.09 20.92
C GLY A 198 -71.76 68.42 19.74
N TYR A 199 -71.95 69.57 19.09
CA TYR A 199 -70.96 70.19 18.20
C TYR A 199 -70.00 71.03 19.07
N SER A 200 -68.93 71.58 18.48
CA SER A 200 -67.89 72.33 19.17
C SER A 200 -67.41 73.43 18.22
N PHE A 201 -67.20 74.64 18.74
CA PHE A 201 -66.67 75.83 18.08
C PHE A 201 -66.10 76.66 19.23
N VAL A 202 -64.77 76.85 19.34
CA VAL A 202 -64.13 77.36 20.56
C VAL A 202 -63.13 78.51 20.29
N THR A 203 -62.49 78.55 19.12
CA THR A 203 -61.54 79.60 18.74
C THR A 203 -62.26 80.79 18.07
N THR A 204 -61.57 81.93 18.00
CA THR A 204 -61.91 83.15 17.25
C THR A 204 -62.10 82.88 15.74
N ALA A 205 -61.50 81.81 15.20
CA ALA A 205 -61.69 81.37 13.82
C ALA A 205 -63.01 80.60 13.68
N GLU A 206 -63.33 79.74 14.64
CA GLU A 206 -64.57 78.98 14.70
C GLU A 206 -65.78 79.90 15.01
N ARG A 207 -65.58 81.01 15.72
CA ARG A 207 -66.56 82.09 15.93
C ARG A 207 -67.17 82.60 14.62
N GLU A 208 -66.39 82.67 13.53
CA GLU A 208 -66.85 83.17 12.24
C GLU A 208 -67.85 82.21 11.56
N ILE A 209 -67.73 80.89 11.83
CA ILE A 209 -68.72 79.90 11.40
C ILE A 209 -70.02 80.08 12.21
N VAL A 210 -69.92 80.29 13.54
CA VAL A 210 -71.07 80.57 14.40
C VAL A 210 -71.83 81.83 13.93
N ARG A 211 -71.11 82.90 13.57
CA ARG A 211 -71.75 84.11 13.06
C ARG A 211 -72.28 83.92 11.62
N ASP A 212 -71.64 83.10 10.77
CA ASP A 212 -72.14 82.82 9.41
C ASP A 212 -73.41 81.96 9.43
N ILE A 213 -73.49 80.96 10.34
CA ILE A 213 -74.69 80.20 10.69
C ILE A 213 -75.85 81.14 11.06
N LYS A 214 -75.54 82.18 11.84
CA LYS A 214 -76.47 83.23 12.29
C LYS A 214 -76.96 84.08 11.10
N GLU A 215 -76.04 84.59 10.27
CA GLU A 215 -76.34 85.41 9.09
C GLU A 215 -77.12 84.63 8.01
N LYS A 216 -76.82 83.34 7.80
CA LYS A 216 -77.43 82.54 6.75
C LYS A 216 -78.78 81.90 7.15
N LEU A 217 -78.89 81.32 8.37
CA LEU A 217 -79.90 80.29 8.63
C LEU A 217 -80.93 80.68 9.70
N CYS A 218 -80.71 81.72 10.51
CA CYS A 218 -81.58 82.02 11.65
C CYS A 218 -82.81 82.87 11.23
N TYR A 219 -83.95 82.66 11.91
CA TYR A 219 -85.24 83.32 11.66
C TYR A 219 -86.03 83.46 12.96
N VAL A 220 -86.89 84.48 13.09
CA VAL A 220 -87.79 84.65 14.22
C VAL A 220 -89.04 83.78 13.95
N ALA A 221 -89.56 83.15 15.02
CA ALA A 221 -90.78 82.36 15.01
C ALA A 221 -91.99 83.30 15.15
N LEU A 222 -93.11 83.01 14.50
CA LEU A 222 -94.34 83.82 14.58
C LEU A 222 -95.07 83.59 15.94
N ASP A 223 -94.87 82.42 16.55
CA ASP A 223 -94.99 82.15 17.97
C ASP A 223 -94.03 81.00 18.26
N PHE A 224 -93.48 80.92 19.48
CA PHE A 224 -92.42 79.98 19.84
C PHE A 224 -92.94 78.53 19.80
N GLU A 225 -94.13 78.29 20.38
CA GLU A 225 -94.74 76.96 20.50
C GLU A 225 -95.13 76.37 19.13
N ASN A 226 -95.30 77.20 18.08
CA ASN A 226 -95.54 76.77 16.71
C ASN A 226 -94.30 76.02 16.19
N GLU A 227 -93.15 76.70 16.19
CA GLU A 227 -91.90 76.18 15.65
C GLU A 227 -91.30 75.12 16.57
N MET A 228 -91.45 75.26 17.89
CA MET A 228 -90.96 74.32 18.88
C MET A 228 -91.68 72.96 18.76
N ALA A 229 -93.01 72.96 18.63
CA ALA A 229 -93.80 71.73 18.45
C ALA A 229 -93.53 71.06 17.10
N THR A 230 -93.43 71.87 16.03
CA THR A 230 -93.14 71.43 14.65
C THR A 230 -91.72 70.87 14.54
N ALA A 231 -90.73 71.47 15.22
CA ALA A 231 -89.34 71.00 15.26
C ALA A 231 -89.19 69.74 16.11
N ALA A 232 -89.92 69.66 17.23
CA ALA A 232 -89.86 68.53 18.17
C ALA A 232 -90.51 67.26 17.60
N SER A 233 -91.37 67.38 16.58
CA SER A 233 -92.07 66.27 15.96
C SER A 233 -91.66 66.02 14.50
N SER A 234 -90.88 66.91 13.87
CA SER A 234 -90.49 66.76 12.47
C SER A 234 -89.12 67.41 12.22
N SER A 235 -88.28 66.76 11.40
CA SER A 235 -86.98 67.24 10.93
C SER A 235 -87.07 68.37 9.88
N SER A 236 -88.29 68.82 9.58
CA SER A 236 -88.77 69.87 8.67
C SER A 236 -87.92 71.14 8.46
N LEU A 237 -87.04 71.47 9.42
CA LEU A 237 -86.31 72.72 9.53
C LEU A 237 -84.81 72.56 9.82
N GLU A 238 -84.30 71.31 9.78
CA GLU A 238 -82.89 70.97 9.98
C GLU A 238 -82.18 71.05 8.60
N LYS A 239 -81.21 71.95 8.45
CA LYS A 239 -80.32 72.06 7.28
C LYS A 239 -78.97 71.48 7.70
N SER A 240 -78.22 70.91 6.74
CA SER A 240 -76.77 70.67 6.89
C SER A 240 -76.03 72.02 6.91
N TYR A 241 -74.84 72.10 7.49
CA TYR A 241 -73.93 73.22 7.36
C TYR A 241 -72.56 72.65 6.97
N GLU A 242 -72.04 73.18 5.88
CA GLU A 242 -70.89 72.72 5.13
C GLU A 242 -69.67 73.53 5.62
N LEU A 243 -68.79 72.90 6.40
CA LEU A 243 -67.57 73.51 6.95
C LEU A 243 -66.53 73.80 5.85
N PRO A 244 -65.57 74.73 6.09
CA PRO A 244 -64.59 75.14 5.07
C PRO A 244 -63.57 74.06 4.63
N ASP A 245 -63.49 72.92 5.30
CA ASP A 245 -62.73 71.75 4.85
C ASP A 245 -63.67 70.64 4.31
N GLY A 246 -64.98 70.90 4.22
CA GLY A 246 -65.96 70.04 3.56
C GLY A 246 -66.71 69.09 4.48
N GLN A 247 -66.43 69.11 5.79
CA GLN A 247 -67.15 68.30 6.79
C GLN A 247 -68.56 68.88 7.04
N VAL A 248 -69.49 68.01 7.45
CA VAL A 248 -70.91 68.33 7.61
C VAL A 248 -71.22 68.47 9.11
N ILE A 249 -71.81 69.61 9.47
CA ILE A 249 -72.53 69.92 10.72
C ILE A 249 -74.03 69.97 10.32
N THR A 250 -74.96 70.01 11.28
CA THR A 250 -76.40 70.14 11.06
C THR A 250 -76.98 71.23 11.99
N ILE A 251 -77.91 72.05 11.47
CA ILE A 251 -78.46 73.25 12.08
C ILE A 251 -80.00 73.23 11.92
N GLY A 252 -80.77 73.11 13.01
CA GLY A 252 -82.23 73.08 13.01
C GLY A 252 -82.85 74.08 13.99
N ASN A 253 -83.53 73.59 15.04
CA ASN A 253 -84.24 74.36 16.08
C ASN A 253 -83.47 75.56 16.69
N GLU A 254 -82.14 75.47 16.71
CA GLU A 254 -81.19 76.53 17.09
C GLU A 254 -81.38 77.82 16.25
N ARG A 255 -81.90 77.69 15.02
CA ARG A 255 -82.24 78.76 14.09
C ARG A 255 -83.31 79.73 14.62
N PHE A 256 -84.15 79.31 15.57
CA PHE A 256 -85.15 80.17 16.21
C PHE A 256 -84.83 80.37 17.69
N ARG A 257 -84.17 79.42 18.39
CA ARG A 257 -83.70 79.61 19.79
C ARG A 257 -82.80 80.84 19.93
N CYS A 258 -81.90 81.07 18.96
CA CYS A 258 -81.07 82.28 18.87
C CYS A 258 -81.94 83.56 18.69
N PRO A 259 -82.58 83.86 17.53
CA PRO A 259 -83.50 85.00 17.34
C PRO A 259 -84.55 85.29 18.42
N GLU A 260 -85.20 84.26 18.99
CA GLU A 260 -86.27 84.41 20.00
C GLU A 260 -85.76 85.08 21.29
N THR A 261 -84.45 85.01 21.56
CA THR A 261 -83.79 85.65 22.71
C THR A 261 -83.96 87.19 22.69
N LEU A 262 -84.29 87.82 21.55
CA LEU A 262 -84.61 89.25 21.43
C LEU A 262 -85.99 89.57 22.04
N PHE A 263 -86.92 88.62 22.01
CA PHE A 263 -88.25 88.74 22.60
C PHE A 263 -88.24 88.18 24.03
N GLN A 264 -87.31 87.25 24.32
CA GLN A 264 -87.18 86.58 25.60
C GLN A 264 -85.72 86.65 26.12
N PRO A 265 -85.23 87.79 26.68
CA PRO A 265 -83.92 87.89 27.38
C PRO A 265 -83.64 86.82 28.47
N SER A 266 -84.71 86.25 29.04
CA SER A 266 -84.72 85.09 29.92
C SER A 266 -84.18 83.79 29.27
N PHE A 267 -84.01 83.76 27.94
CA PHE A 267 -83.35 82.64 27.25
C PHE A 267 -81.83 82.67 27.48
N ILE A 268 -81.22 83.85 27.68
CA ILE A 268 -79.77 84.07 27.80
C ILE A 268 -79.36 84.40 29.25
N GLY A 269 -80.30 84.58 30.17
CA GLY A 269 -79.99 84.92 31.57
C GLY A 269 -79.75 86.43 31.75
N MET A 270 -80.37 87.26 30.91
CA MET A 270 -80.29 88.71 30.94
C MET A 270 -81.66 89.29 31.36
N GLU A 271 -82.33 88.66 32.33
CA GLU A 271 -83.67 88.91 32.89
C GLU A 271 -84.19 90.36 32.73
N SER A 272 -84.86 90.61 31.60
CA SER A 272 -85.25 91.93 31.13
C SER A 272 -86.47 91.77 30.20
N ALA A 273 -86.88 92.88 29.60
CA ALA A 273 -88.01 93.01 28.68
C ALA A 273 -87.50 92.89 27.23
N GLY A 274 -88.29 92.28 26.35
CA GLY A 274 -87.94 92.03 24.96
C GLY A 274 -88.10 93.26 24.06
N ILE A 275 -87.58 93.19 22.82
CA ILE A 275 -87.58 94.27 21.83
C ILE A 275 -88.98 94.88 21.53
N HIS A 276 -90.04 94.08 21.65
CA HIS A 276 -91.44 94.46 21.48
C HIS A 276 -91.92 95.31 22.66
N GLU A 277 -91.53 94.94 23.88
CA GLU A 277 -91.85 95.67 25.11
C GLU A 277 -91.08 97.00 25.14
N THR A 278 -89.78 97.01 24.76
CA THR A 278 -88.99 98.24 24.74
C THR A 278 -89.46 99.19 23.61
N THR A 279 -89.93 98.67 22.46
CA THR A 279 -90.56 99.46 21.39
C THR A 279 -91.89 100.05 21.88
N TYR A 280 -92.71 99.26 22.58
CA TYR A 280 -93.94 99.70 23.23
C TYR A 280 -93.64 100.77 24.31
N ASN A 281 -92.66 100.53 25.18
CA ASN A 281 -92.23 101.48 26.23
C ASN A 281 -91.60 102.75 25.66
N SER A 282 -91.02 102.72 24.46
CA SER A 282 -90.50 103.90 23.78
C SER A 282 -91.67 104.77 23.26
N ILE A 283 -92.65 104.14 22.59
CA ILE A 283 -93.85 104.81 22.10
C ILE A 283 -94.67 105.35 23.28
N MET A 284 -94.85 104.56 24.34
CA MET A 284 -95.55 104.91 25.58
C MET A 284 -94.67 105.73 26.55
N LYS A 285 -93.73 106.51 26.00
CA LYS A 285 -93.05 107.65 26.63
C LYS A 285 -93.19 108.91 25.75
N CYS A 286 -93.77 108.80 24.55
CA CYS A 286 -94.13 109.91 23.66
C CYS A 286 -95.64 110.14 23.78
N ASP A 287 -96.11 111.31 23.37
CA ASP A 287 -97.44 111.85 23.64
C ASP A 287 -98.51 111.44 22.62
N ILE A 288 -99.75 111.85 22.87
CA ILE A 288 -100.99 111.30 22.32
C ILE A 288 -101.12 111.31 20.79
N ASP A 289 -100.61 112.37 20.13
CA ASP A 289 -100.54 112.51 18.68
C ASP A 289 -99.37 111.62 18.21
N ILE A 290 -98.17 111.83 18.79
CA ILE A 290 -96.89 111.19 18.45
C ILE A 290 -97.04 109.67 18.37
N ARG A 291 -97.64 109.06 19.41
CA ARG A 291 -97.96 107.64 19.50
C ARG A 291 -98.66 107.07 18.27
N LYS A 292 -99.68 107.78 17.75
CA LYS A 292 -100.50 107.32 16.63
C LYS A 292 -99.71 107.30 15.30
N ASP A 293 -98.68 108.14 15.16
CA ASP A 293 -97.80 108.22 13.98
C ASP A 293 -96.49 107.44 14.17
N LEU A 294 -96.03 107.21 15.41
CA LEU A 294 -94.94 106.28 15.70
C LEU A 294 -95.41 104.83 15.46
N TYR A 295 -96.65 104.48 15.86
CA TYR A 295 -97.30 103.22 15.50
C TYR A 295 -97.56 103.11 13.98
N ALA A 296 -97.53 104.20 13.22
CA ALA A 296 -97.72 104.19 11.77
C ALA A 296 -96.39 104.13 11.01
N ASN A 297 -95.24 104.29 11.69
CA ASN A 297 -93.91 104.42 11.11
C ASN A 297 -92.84 103.77 11.99
N ASN A 298 -93.00 102.51 12.38
CA ASN A 298 -91.94 101.78 13.06
C ASN A 298 -91.00 101.21 11.98
N VAL A 299 -89.72 101.54 12.04
CA VAL A 299 -88.70 101.09 11.12
C VAL A 299 -87.85 100.04 11.87
N MET A 300 -87.68 98.86 11.27
CA MET A 300 -86.65 97.91 11.70
C MET A 300 -85.35 98.32 10.98
N SER A 301 -84.27 98.46 11.72
CA SER A 301 -82.92 98.67 11.25
C SER A 301 -81.96 97.93 12.19
N GLY A 302 -80.65 98.08 12.01
CA GLY A 302 -79.62 97.35 12.74
C GLY A 302 -79.40 95.95 12.19
N GLY A 303 -78.18 95.42 12.33
CA GLY A 303 -77.75 94.17 11.71
C GLY A 303 -78.45 92.92 12.26
N THR A 304 -78.80 92.92 13.55
CA THR A 304 -79.42 91.77 14.22
C THR A 304 -80.92 91.66 13.88
N THR A 305 -81.58 92.69 13.32
CA THR A 305 -82.98 92.55 12.90
C THR A 305 -83.13 91.81 11.56
N MET A 306 -82.03 91.43 10.88
CA MET A 306 -82.04 90.91 9.51
C MET A 306 -82.60 89.48 9.39
N TYR A 307 -83.07 88.89 10.50
CA TYR A 307 -83.77 87.61 10.57
C TYR A 307 -85.18 87.75 9.95
N PRO A 308 -85.61 86.84 9.04
CA PRO A 308 -87.02 86.72 8.61
C PRO A 308 -87.99 86.53 9.78
N GLY A 309 -89.27 86.93 9.63
CA GLY A 309 -90.34 86.72 10.60
C GLY A 309 -90.42 87.76 11.72
N ILE A 310 -89.46 88.71 11.79
CA ILE A 310 -89.33 89.62 12.92
C ILE A 310 -90.37 90.75 12.91
N ALA A 311 -90.75 91.28 11.74
CA ALA A 311 -91.67 92.41 11.63
C ALA A 311 -93.10 91.91 11.87
N ASP A 312 -93.36 90.74 11.30
CA ASP A 312 -94.49 89.83 11.41
C ASP A 312 -94.78 89.54 12.89
N ARG A 313 -93.76 89.06 13.62
CA ARG A 313 -93.82 88.79 15.05
C ARG A 313 -93.96 90.08 15.89
N MET A 314 -93.29 91.18 15.50
CA MET A 314 -93.40 92.46 16.20
C MET A 314 -94.80 93.06 16.08
N GLN A 315 -95.43 92.98 14.90
CA GLN A 315 -96.83 93.39 14.68
C GLN A 315 -97.83 92.58 15.50
N LYS A 316 -97.58 91.28 15.71
CA LYS A 316 -98.37 90.39 16.57
C LYS A 316 -98.36 90.92 18.01
N GLU A 317 -97.21 90.92 18.69
CA GLU A 317 -97.18 91.22 20.12
C GLU A 317 -97.47 92.70 20.41
N ILE A 318 -97.15 93.62 19.49
CA ILE A 318 -97.48 95.04 19.67
C ILE A 318 -99.00 95.29 19.46
N THR A 319 -99.77 94.46 18.73
CA THR A 319 -101.24 94.53 18.75
C THR A 319 -101.87 93.82 19.97
N ALA A 320 -101.09 93.09 20.77
CA ALA A 320 -101.51 92.59 22.08
C ALA A 320 -101.17 93.62 23.16
N LEU A 321 -99.98 94.24 23.10
CA LEU A 321 -99.54 95.25 24.07
C LEU A 321 -100.29 96.58 23.90
N ALA A 322 -100.49 97.05 22.66
CA ALA A 322 -101.13 98.32 22.38
C ALA A 322 -102.64 98.12 22.20
N PRO A 323 -103.50 98.89 22.89
CA PRO A 323 -104.94 98.99 22.60
C PRO A 323 -105.23 99.26 21.11
N SER A 324 -106.18 98.50 20.54
CA SER A 324 -106.43 98.39 19.11
C SER A 324 -107.15 99.63 18.50
N THR A 325 -107.12 100.77 19.19
CA THR A 325 -107.52 102.12 18.77
C THR A 325 -106.65 102.65 17.61
N MET A 326 -105.45 102.11 17.47
CA MET A 326 -104.58 102.15 16.30
C MET A 326 -104.01 100.74 16.13
N LYS A 327 -103.42 100.45 14.97
CA LYS A 327 -102.88 99.15 14.63
C LYS A 327 -101.51 99.40 14.00
N ILE A 328 -100.46 98.86 14.64
CA ILE A 328 -99.04 99.00 14.35
C ILE A 328 -98.70 98.62 12.89
N LYS A 329 -98.07 99.55 12.15
CA LYS A 329 -97.49 99.31 10.85
C LYS A 329 -95.96 99.36 11.03
N ILE A 330 -95.26 98.32 10.56
CA ILE A 330 -93.82 98.21 10.60
C ILE A 330 -93.31 98.19 9.15
N ILE A 331 -92.29 98.99 8.87
CA ILE A 331 -91.50 98.96 7.64
C ILE A 331 -90.21 98.21 8.05
N ALA A 332 -89.82 97.19 7.28
CA ALA A 332 -88.59 96.43 7.48
C ALA A 332 -87.85 96.32 6.14
N PRO A 333 -87.12 97.37 5.70
CA PRO A 333 -86.50 97.45 4.36
C PRO A 333 -85.51 96.28 4.06
N PRO A 334 -85.30 95.87 2.80
CA PRO A 334 -84.39 94.76 2.44
C PRO A 334 -82.89 95.12 2.54
N GLU A 335 -82.52 96.37 2.24
CA GLU A 335 -81.18 96.94 2.22
C GLU A 335 -80.85 97.65 3.55
N ARG A 336 -81.72 97.53 4.56
CA ARG A 336 -81.67 98.20 5.86
C ARG A 336 -80.32 98.07 6.60
N LYS A 337 -79.57 97.00 6.35
CA LYS A 337 -78.22 96.74 6.86
C LYS A 337 -77.20 97.86 6.55
N TYR A 338 -77.46 98.70 5.55
CA TYR A 338 -76.61 99.83 5.14
C TYR A 338 -77.34 101.18 5.18
N SER A 339 -78.59 101.23 5.68
CA SER A 339 -79.45 102.42 5.71
C SER A 339 -78.78 103.67 6.30
N VAL A 340 -78.14 103.50 7.47
CA VAL A 340 -77.35 104.50 8.19
C VAL A 340 -76.20 105.10 7.36
N TRP A 341 -75.58 104.32 6.46
CA TRP A 341 -74.51 104.76 5.57
C TRP A 341 -75.14 105.50 4.37
N ILE A 342 -76.17 104.90 3.74
CA ILE A 342 -76.92 105.46 2.60
C ILE A 342 -77.47 106.87 2.92
N GLY A 343 -78.04 107.07 4.12
CA GLY A 343 -78.52 108.35 4.62
C GLY A 343 -77.42 109.41 4.78
N GLY A 344 -76.17 109.00 5.05
CA GLY A 344 -75.01 109.87 5.06
C GLY A 344 -74.46 110.14 3.66
N SER A 345 -74.48 109.13 2.77
CA SER A 345 -74.01 109.18 1.38
C SER A 345 -74.77 110.24 0.56
N ILE A 346 -76.09 110.35 0.75
CA ILE A 346 -76.95 111.39 0.17
C ILE A 346 -76.50 112.81 0.63
N LEU A 347 -76.24 113.00 1.92
CA LEU A 347 -75.82 114.29 2.50
C LEU A 347 -74.35 114.64 2.22
N ALA A 348 -73.60 113.68 1.65
CA ALA A 348 -72.22 113.80 1.20
C ALA A 348 -72.12 113.84 -0.34
N SER A 349 -73.25 113.95 -1.04
CA SER A 349 -73.33 114.08 -2.50
C SER A 349 -74.27 115.21 -2.96
N LEU A 350 -75.25 115.60 -2.14
CA LEU A 350 -76.04 116.82 -2.34
C LEU A 350 -75.17 118.04 -2.01
N SER A 351 -74.62 118.69 -3.04
CA SER A 351 -73.75 119.86 -2.95
C SER A 351 -74.39 121.07 -2.24
N THR A 352 -75.72 121.18 -2.27
CA THR A 352 -76.52 122.15 -1.53
C THR A 352 -76.39 122.02 0.00
N PHE A 353 -75.94 120.87 0.50
CA PHE A 353 -75.77 120.60 1.93
C PHE A 353 -74.41 121.08 2.46
N GLN A 354 -73.49 121.55 1.59
CA GLN A 354 -72.13 122.05 1.87
C GLN A 354 -72.04 123.00 3.08
N GLN A 355 -73.07 123.84 3.27
CA GLN A 355 -73.14 124.90 4.27
C GLN A 355 -73.21 124.33 5.71
N MET A 356 -73.70 123.09 5.84
CA MET A 356 -73.91 122.38 7.10
C MET A 356 -72.65 121.63 7.55
N TRP A 357 -71.68 121.39 6.65
CA TRP A 357 -70.40 120.80 6.97
C TRP A 357 -69.51 121.86 7.64
N ILE A 358 -68.81 121.48 8.72
CA ILE A 358 -67.86 122.31 9.46
C ILE A 358 -66.52 122.13 8.71
N THR A 359 -65.98 123.21 8.17
CA THR A 359 -64.61 123.29 7.65
C THR A 359 -63.63 123.44 8.83
N LYS A 360 -62.37 123.01 8.69
CA LYS A 360 -61.38 123.15 9.77
C LYS A 360 -61.05 124.60 10.15
N GLN A 361 -61.46 125.59 9.35
CA GLN A 361 -61.32 127.02 9.68
C GLN A 361 -62.51 127.55 10.52
N GLU A 362 -63.60 126.81 10.67
CA GLU A 362 -64.67 127.15 11.61
C GLU A 362 -64.37 126.60 13.02
N TYR A 363 -63.36 125.70 13.14
CA TYR A 363 -62.79 125.25 14.41
C TYR A 363 -61.87 126.34 15.00
N ASP A 364 -61.45 127.34 14.21
CA ASP A 364 -60.47 128.38 14.54
C ASP A 364 -61.01 129.40 15.57
N GLU A 365 -62.31 129.74 15.47
CA GLU A 365 -63.01 130.56 16.46
C GLU A 365 -63.44 129.69 17.66
N ALA A 366 -64.13 128.59 17.34
CA ALA A 366 -65.03 127.91 18.27
C ALA A 366 -64.40 126.68 18.95
N GLY A 367 -63.25 126.20 18.46
CA GLY A 367 -62.66 124.90 18.84
C GLY A 367 -63.68 123.75 18.66
N PRO A 368 -63.68 122.71 19.52
CA PRO A 368 -64.66 121.62 19.43
C PRO A 368 -66.10 121.99 19.85
N SER A 369 -66.39 123.25 20.23
CA SER A 369 -67.77 123.70 20.47
C SER A 369 -68.53 123.90 19.14
N ILE A 370 -67.84 123.95 17.99
CA ILE A 370 -68.37 124.20 16.64
C ILE A 370 -69.57 123.30 16.25
N VAL A 371 -69.53 122.02 16.64
CA VAL A 371 -70.58 121.05 16.35
C VAL A 371 -71.89 121.31 17.13
N HIS A 372 -71.88 122.16 18.18
CA HIS A 372 -73.11 122.62 18.85
C HIS A 372 -73.69 123.85 18.16
N ARG A 373 -72.94 124.50 17.27
CA ARG A 373 -73.40 125.64 16.47
C ARG A 373 -74.04 125.13 15.16
N LYS A 374 -73.61 123.96 14.66
CA LYS A 374 -73.76 123.57 13.26
C LYS A 374 -73.98 122.08 12.99
N CYS A 375 -74.30 121.24 13.98
CA CYS A 375 -74.42 119.78 13.78
C CYS A 375 -75.48 119.11 14.66
N PHE A 376 -76.36 118.32 14.03
CA PHE A 376 -77.49 117.62 14.66
C PHE A 376 -77.02 116.31 15.31
N NH2 A 377 -75.81 115.83 15.02
HN1 NH2 A 377 -75.39 115.12 15.62
HN2 NH2 A 377 -75.26 116.23 14.26
C ACE B 1 -87.65 52.49 50.05
O ACE B 1 -86.29 52.34 50.41
CH3 ACE B 1 -87.74 53.57 48.96
H1 ACE B 1 -88.80 53.73 48.69
H2 ACE B 1 -87.22 53.24 48.06
H3 ACE B 1 -87.32 54.51 49.27
N ASP B 2 -88.30 53.01 51.24
CA ASP B 2 -88.86 52.00 52.17
C ASP B 2 -87.91 50.83 52.52
N GLU B 3 -87.41 50.84 53.76
CA GLU B 3 -86.24 50.12 54.27
C GLU B 3 -86.26 48.57 54.15
N ASP B 4 -87.44 47.93 54.04
CA ASP B 4 -87.59 46.47 53.88
C ASP B 4 -87.47 46.02 52.41
N GLU B 5 -87.51 46.93 51.43
CA GLU B 5 -87.38 46.61 50.00
C GLU B 5 -85.89 46.61 49.60
N THR B 6 -85.62 46.12 48.39
CA THR B 6 -84.31 45.85 47.82
C THR B 6 -83.41 47.12 47.77
N THR B 7 -82.12 46.92 48.03
CA THR B 7 -81.08 47.93 48.05
C THR B 7 -80.91 48.54 46.64
N ALA B 8 -81.43 49.77 46.45
CA ALA B 8 -81.48 50.50 45.18
C ALA B 8 -80.10 50.69 44.55
N LEU B 9 -80.02 50.70 43.22
CA LEU B 9 -78.79 50.87 42.46
C LEU B 9 -78.62 52.36 42.16
N VAL B 10 -77.38 52.85 42.20
CA VAL B 10 -76.99 54.20 41.83
C VAL B 10 -75.90 54.06 40.77
N CYS B 11 -76.09 54.62 39.58
CA CYS B 11 -75.11 54.70 38.51
C CYS B 11 -74.90 56.18 38.19
N ASP B 12 -73.65 56.65 38.21
CA ASP B 12 -73.26 57.93 37.59
C ASP B 12 -72.45 57.62 36.33
N ASN B 13 -72.75 58.37 35.28
CA ASN B 13 -72.24 58.24 33.92
C ASN B 13 -70.96 59.08 33.71
N GLY B 14 -70.87 60.25 34.37
CA GLY B 14 -69.82 61.26 34.23
C GLY B 14 -69.45 61.68 32.79
N SER B 15 -68.31 62.39 32.64
CA SER B 15 -67.69 62.70 31.36
C SER B 15 -66.61 61.64 31.07
N GLY B 16 -67.03 60.39 30.86
CA GLY B 16 -66.19 59.31 30.33
C GLY B 16 -65.87 58.17 31.31
N LEU B 17 -66.20 58.30 32.60
CA LEU B 17 -65.92 57.31 33.65
C LEU B 17 -67.22 57.01 34.39
N VAL B 18 -67.64 55.73 34.36
CA VAL B 18 -68.80 55.21 35.04
C VAL B 18 -68.36 54.86 36.46
N LYS B 19 -69.21 55.16 37.43
CA LYS B 19 -69.13 54.69 38.81
C LYS B 19 -70.55 54.27 39.16
N ALA B 20 -70.71 53.04 39.64
CA ALA B 20 -72.00 52.46 39.98
C ALA B 20 -71.87 51.61 41.24
N GLY B 21 -72.93 51.57 42.06
CA GLY B 21 -73.03 50.73 43.23
C GLY B 21 -74.43 50.70 43.81
N PHE B 22 -74.57 50.03 44.95
CA PHE B 22 -75.81 49.92 45.70
C PHE B 22 -75.92 51.12 46.66
N ALA B 23 -77.14 51.57 46.95
CA ALA B 23 -77.45 52.56 47.98
C ALA B 23 -77.08 51.96 49.35
N GLY B 24 -76.01 52.50 49.96
CA GLY B 24 -75.38 51.97 51.16
C GLY B 24 -73.93 51.54 50.94
N ASP B 25 -73.45 51.45 49.67
CA ASP B 25 -72.02 51.34 49.35
C ASP B 25 -71.40 52.74 49.53
N ASP B 26 -70.28 52.84 50.23
CA ASP B 26 -69.47 54.05 50.47
C ASP B 26 -68.61 54.34 49.23
N ALA B 27 -67.70 53.42 48.87
CA ALA B 27 -67.00 53.37 47.60
C ALA B 27 -67.87 52.55 46.62
N PRO B 28 -67.95 52.89 45.32
CA PRO B 28 -68.69 52.14 44.27
C PRO B 28 -68.52 50.61 44.27
N ARG B 29 -69.47 49.91 43.64
CA ARG B 29 -69.45 48.47 43.44
C ARG B 29 -68.63 48.12 42.18
N ALA B 30 -68.43 49.09 41.28
CA ALA B 30 -67.56 49.02 40.13
C ALA B 30 -67.28 50.43 39.65
N VAL B 31 -66.07 50.65 39.11
CA VAL B 31 -65.68 51.84 38.37
C VAL B 31 -65.00 51.31 37.11
N PHE B 32 -65.31 51.89 35.96
CA PHE B 32 -64.85 51.45 34.64
C PHE B 32 -65.00 52.60 33.64
N PRO B 33 -64.24 52.62 32.51
CA PRO B 33 -64.39 53.65 31.48
C PRO B 33 -65.70 53.44 30.70
N SER B 34 -66.36 54.56 30.36
CA SER B 34 -67.52 54.60 29.49
C SER B 34 -66.93 54.51 28.07
N ILE B 35 -66.75 53.28 27.57
CA ILE B 35 -66.05 52.98 26.32
C ILE B 35 -66.66 51.70 25.73
N VAL B 36 -66.71 51.62 24.40
CA VAL B 36 -66.96 50.39 23.66
C VAL B 36 -65.81 50.27 22.66
N GLY B 37 -65.25 49.07 22.54
CA GLY B 37 -64.35 48.68 21.46
C GLY B 37 -65.21 48.18 20.31
N ARG B 38 -65.21 48.92 19.19
CA ARG B 38 -65.80 48.52 17.92
C ARG B 38 -64.64 47.87 17.11
N PRO B 39 -64.76 46.64 16.57
CA PRO B 39 -63.73 45.99 15.75
C PRO B 39 -63.17 46.84 14.58
N ARG B 40 -61.87 46.69 14.33
CA ARG B 40 -61.19 47.12 13.10
C ARG B 40 -61.13 45.93 12.10
N HIS B 41 -61.53 44.72 12.53
CA HIS B 41 -61.67 43.52 11.70
C HIS B 41 -62.75 42.59 12.33
N GLN B 42 -62.40 41.35 12.68
CA GLN B 42 -63.26 40.34 13.29
C GLN B 42 -63.22 40.45 14.84
N GLY B 43 -63.84 39.46 15.52
CA GLY B 43 -63.99 39.38 16.97
C GLY B 43 -62.73 38.86 17.70
N VAL B 44 -62.87 38.50 18.99
CA VAL B 44 -61.78 38.25 19.93
C VAL B 44 -62.03 36.95 20.73
N MET B 45 -62.65 37.05 21.93
CA MET B 45 -62.89 35.91 22.83
C MET B 45 -63.96 34.97 22.25
N VAL B 46 -64.95 35.57 21.60
CA VAL B 46 -65.91 34.98 20.70
C VAL B 46 -65.98 35.89 19.45
N GLY B 47 -66.58 35.40 18.37
CA GLY B 47 -66.61 36.03 17.06
C GLY B 47 -67.70 37.07 16.89
N MET B 48 -68.06 37.32 15.62
CA MET B 48 -69.19 38.16 15.23
C MET B 48 -70.44 37.27 15.20
N GLY B 49 -71.60 37.86 15.47
CA GLY B 49 -72.85 37.19 15.81
C GLY B 49 -72.79 36.51 17.20
N GLN B 50 -71.87 36.95 18.07
CA GLN B 50 -71.51 36.28 19.32
C GLN B 50 -71.21 37.35 20.36
N LYS B 51 -70.12 38.11 20.14
CA LYS B 51 -69.80 39.33 20.85
C LYS B 51 -68.97 40.23 19.95
N ASP B 52 -69.71 40.96 19.10
CA ASP B 52 -69.30 41.82 18.00
C ASP B 52 -68.79 43.19 18.47
N SER B 53 -68.83 43.49 19.76
CA SER B 53 -68.20 44.64 20.39
C SER B 53 -67.95 44.31 21.87
N TYR B 54 -66.86 44.85 22.44
CA TYR B 54 -66.40 44.59 23.80
C TYR B 54 -66.51 45.91 24.57
N VAL B 55 -67.04 45.86 25.79
CA VAL B 55 -67.65 46.99 26.48
C VAL B 55 -66.91 47.22 27.79
N GLY B 56 -66.61 48.48 28.12
CA GLY B 56 -65.81 48.84 29.27
C GLY B 56 -64.38 48.35 29.11
N ASP B 57 -63.83 47.84 30.21
CA ASP B 57 -62.45 47.40 30.43
C ASP B 57 -62.06 46.20 29.55
N GLU B 58 -63.04 45.47 28.98
CA GLU B 58 -62.85 44.38 28.00
C GLU B 58 -62.07 44.85 26.76
N ALA B 59 -62.30 46.11 26.34
CA ALA B 59 -61.68 46.71 25.17
C ALA B 59 -60.32 47.37 25.49
N GLN B 60 -60.03 47.61 26.77
CA GLN B 60 -58.72 48.05 27.24
C GLN B 60 -57.82 46.83 27.44
N SER B 61 -58.39 45.70 27.92
CA SER B 61 -57.76 44.41 28.08
C SER B 61 -57.26 43.81 26.74
N LYS B 62 -58.05 43.97 25.67
CA LYS B 62 -57.78 43.44 24.33
C LYS B 62 -57.63 44.63 23.36
N ARG B 63 -56.38 44.94 23.01
CA ARG B 63 -55.95 46.18 22.40
C ARG B 63 -55.94 46.11 20.86
N GLY B 64 -55.87 47.27 20.20
CA GLY B 64 -55.42 47.47 18.82
C GLY B 64 -56.35 47.00 17.70
N ILE B 65 -56.87 45.77 17.80
CA ILE B 65 -57.79 45.18 16.83
C ILE B 65 -59.24 45.66 17.05
N LEU B 66 -59.51 46.33 18.17
CA LEU B 66 -60.71 47.11 18.44
C LEU B 66 -60.28 48.58 18.39
N THR B 67 -61.06 49.42 17.71
CA THR B 67 -60.95 50.88 17.77
C THR B 67 -61.96 51.30 18.85
N LEU B 68 -61.51 52.05 19.87
CA LEU B 68 -62.34 52.46 21.00
C LEU B 68 -63.20 53.66 20.59
N LYS B 69 -64.50 53.61 20.89
CA LYS B 69 -65.43 54.71 20.72
C LYS B 69 -65.95 55.08 22.12
N TYR B 70 -66.03 56.38 22.36
CA TYR B 70 -66.47 57.03 23.59
C TYR B 70 -67.95 57.42 23.34
N PRO B 71 -68.90 57.08 24.24
CA PRO B 71 -70.34 57.32 24.04
C PRO B 71 -70.84 58.72 24.50
N ILE B 72 -70.03 59.42 25.29
CA ILE B 72 -70.39 60.50 26.22
C ILE B 72 -69.44 61.71 26.01
N GLU B 73 -69.08 61.97 24.75
CA GLU B 73 -67.89 62.71 24.33
C GLU B 73 -67.84 64.19 24.75
N HIS B 74 -68.98 64.78 25.11
CA HIS B 74 -69.12 66.19 25.48
C HIS B 74 -69.57 66.37 26.95
N GLY B 75 -69.69 65.27 27.70
CA GLY B 75 -70.41 65.23 28.98
C GLY B 75 -71.94 65.14 28.81
N ILE B 76 -72.40 65.06 27.55
CA ILE B 76 -73.73 64.68 27.13
C ILE B 76 -73.54 63.50 26.16
N ILE B 77 -74.58 62.68 26.01
CA ILE B 77 -74.56 61.45 25.23
C ILE B 77 -74.67 61.83 23.74
N THR B 78 -73.52 61.89 23.08
CA THR B 78 -73.33 62.17 21.66
C THR B 78 -73.56 60.90 20.82
N ASN B 79 -73.25 59.72 21.39
CA ASN B 79 -73.03 58.47 20.68
C ASN B 79 -73.80 57.39 21.46
N TRP B 80 -75.13 57.50 21.35
CA TRP B 80 -76.16 56.82 22.13
C TRP B 80 -76.12 55.29 22.11
N ASP B 81 -75.84 54.65 20.96
CA ASP B 81 -75.94 53.19 20.82
C ASP B 81 -74.83 52.50 21.62
N ASP B 82 -73.69 53.16 21.87
CA ASP B 82 -72.64 52.63 22.74
C ASP B 82 -72.96 52.92 24.21
N MET B 83 -73.60 54.06 24.52
CA MET B 83 -74.05 54.38 25.88
C MET B 83 -75.04 53.33 26.41
N GLU B 84 -75.95 52.89 25.54
CA GLU B 84 -76.90 51.80 25.79
C GLU B 84 -76.20 50.46 26.12
N LYS B 85 -75.03 50.20 25.54
CA LYS B 85 -74.20 49.03 25.88
C LYS B 85 -73.51 49.21 27.25
N ILE B 86 -73.17 50.45 27.66
CA ILE B 86 -72.56 50.74 28.97
C ILE B 86 -73.53 50.38 30.09
N TRP B 87 -74.80 50.80 30.03
CA TRP B 87 -75.81 50.49 31.04
C TRP B 87 -76.11 48.99 31.13
N HIS B 88 -76.15 48.31 29.97
CA HIS B 88 -76.28 46.86 29.86
C HIS B 88 -75.10 46.12 30.53
N HIS B 89 -73.88 46.63 30.34
CA HIS B 89 -72.66 46.15 31.00
C HIS B 89 -72.67 46.44 32.51
N THR B 90 -73.15 47.63 32.91
CA THR B 90 -73.26 48.09 34.30
C THR B 90 -74.10 47.12 35.13
N PHE B 91 -75.33 46.79 34.69
CA PHE B 91 -76.25 45.89 35.39
C PHE B 91 -75.64 44.48 35.46
N TYR B 92 -75.46 43.85 34.30
CA TYR B 92 -75.25 42.41 34.23
C TYR B 92 -73.83 41.97 34.57
N ASN B 93 -72.79 42.79 34.32
CA ASN B 93 -71.41 42.33 34.40
C ASN B 93 -70.66 42.92 35.60
N GLU B 94 -71.03 44.13 36.08
CA GLU B 94 -70.24 44.85 37.08
C GLU B 94 -71.01 45.16 38.38
N LEU B 95 -72.30 45.49 38.32
CA LEU B 95 -73.19 45.46 39.50
C LEU B 95 -73.64 44.01 39.81
N ARG B 96 -73.65 43.14 38.78
CA ARG B 96 -73.84 41.69 38.84
C ARG B 96 -75.30 41.29 39.13
N VAL B 97 -76.27 42.01 38.57
CA VAL B 97 -77.72 41.86 38.80
C VAL B 97 -78.49 41.96 37.47
N ALA B 98 -79.79 41.64 37.47
CA ALA B 98 -80.68 41.95 36.35
C ALA B 98 -81.25 43.38 36.57
N PRO B 99 -81.76 44.08 35.53
CA PRO B 99 -82.21 45.47 35.67
C PRO B 99 -83.59 45.62 36.34
N GLU B 100 -84.57 44.79 35.94
CA GLU B 100 -85.98 44.96 36.24
C GLU B 100 -86.37 44.57 37.68
N GLU B 101 -85.40 44.14 38.51
CA GLU B 101 -85.61 43.83 39.91
C GLU B 101 -85.46 45.08 40.80
N HIS B 102 -84.57 46.03 40.48
CA HIS B 102 -84.08 47.04 41.43
C HIS B 102 -84.41 48.48 40.99
N PRO B 103 -84.86 49.37 41.91
CA PRO B 103 -84.87 50.83 41.70
C PRO B 103 -83.47 51.35 41.31
N THR B 104 -83.38 52.17 40.26
CA THR B 104 -82.12 52.60 39.66
C THR B 104 -82.06 54.13 39.58
N LEU B 105 -81.18 54.78 40.36
CA LEU B 105 -80.90 56.21 40.30
C LEU B 105 -79.82 56.46 39.23
N LEU B 106 -80.07 57.38 38.29
CA LEU B 106 -79.14 57.85 37.28
C LEU B 106 -78.77 59.32 37.55
N THR B 107 -77.70 59.80 36.92
CA THR B 107 -77.29 61.21 36.93
C THR B 107 -77.54 61.87 35.57
N GLU B 108 -78.04 63.12 35.59
CA GLU B 108 -78.02 64.09 34.51
C GLU B 108 -76.80 65.00 34.76
N ALA B 109 -76.16 65.43 33.67
CA ALA B 109 -75.05 66.36 33.62
C ALA B 109 -75.56 67.79 33.34
N PRO B 110 -74.82 68.85 33.72
CA PRO B 110 -75.17 70.24 33.43
C PRO B 110 -75.06 70.56 31.93
N LEU B 111 -75.94 71.46 31.46
CA LEU B 111 -76.10 71.93 30.08
C LEU B 111 -76.86 70.95 29.17
N ASN B 112 -77.31 69.81 29.72
CA ASN B 112 -77.91 68.71 28.98
C ASN B 112 -79.33 69.04 28.48
N PRO B 113 -79.64 68.89 27.17
CA PRO B 113 -81.00 68.91 26.62
C PRO B 113 -81.97 67.97 27.36
N LYS B 114 -83.24 68.37 27.49
CA LYS B 114 -84.29 67.52 28.10
C LYS B 114 -84.65 66.31 27.23
N ALA B 115 -84.46 66.40 25.89
CA ALA B 115 -84.51 65.29 24.93
C ALA B 115 -83.67 64.06 25.33
N ASN B 116 -82.48 64.28 25.92
CA ASN B 116 -81.66 63.19 26.45
C ASN B 116 -82.24 62.63 27.77
N ARG B 117 -83.01 63.43 28.52
CA ARG B 117 -83.64 63.02 29.76
C ARG B 117 -84.97 62.28 29.48
N GLU B 118 -85.69 62.60 28.40
CA GLU B 118 -86.80 61.79 27.89
C GLU B 118 -86.28 60.40 27.46
N LYS B 119 -85.20 60.37 26.64
CA LYS B 119 -84.52 59.16 26.19
C LYS B 119 -84.10 58.20 27.32
N MET B 120 -83.37 58.71 28.34
CA MET B 120 -82.86 57.89 29.44
C MET B 120 -83.98 57.37 30.37
N THR B 121 -85.19 57.95 30.31
CA THR B 121 -86.34 57.51 31.08
C THR B 121 -87.00 56.34 30.35
N GLN B 122 -87.27 56.46 29.04
CA GLN B 122 -87.96 55.41 28.27
C GLN B 122 -87.14 54.12 28.14
N ILE B 123 -85.85 54.16 27.77
CA ILE B 123 -85.07 52.91 27.59
C ILE B 123 -84.90 52.12 28.91
N MET B 124 -84.96 52.80 30.06
CA MET B 124 -84.94 52.16 31.37
C MET B 124 -86.29 51.46 31.60
N PHE B 125 -87.41 52.17 31.40
CA PHE B 125 -88.75 51.62 31.60
C PHE B 125 -89.17 50.58 30.55
N GLU B 126 -88.60 50.59 29.34
CA GLU B 126 -88.96 49.72 28.23
C GLU B 126 -87.86 48.67 27.98
N THR B 127 -86.68 49.07 27.49
CA THR B 127 -85.61 48.18 27.01
C THR B 127 -84.97 47.36 28.15
N PHE B 128 -84.94 47.93 29.37
CA PHE B 128 -84.41 47.30 30.57
C PHE B 128 -85.51 46.98 31.60
N ASN B 129 -86.78 47.34 31.32
CA ASN B 129 -88.00 47.05 32.08
C ASN B 129 -87.93 47.46 33.58
N VAL B 130 -87.13 48.48 33.90
CA VAL B 130 -86.84 48.96 35.27
C VAL B 130 -88.13 49.41 35.98
N PRO B 131 -88.40 49.00 37.25
CA PRO B 131 -89.68 49.27 37.91
C PRO B 131 -89.80 50.72 38.41
N ALA B 132 -88.69 51.31 38.86
CA ALA B 132 -88.61 52.67 39.33
C ALA B 132 -87.22 53.28 39.09
N MET B 133 -87.17 54.58 38.82
CA MET B 133 -85.95 55.33 38.51
C MET B 133 -86.01 56.78 38.99
N TYR B 134 -84.88 57.49 38.88
CA TYR B 134 -84.75 58.93 39.11
C TYR B 134 -83.54 59.45 38.34
N VAL B 135 -83.51 60.77 38.06
CA VAL B 135 -82.44 61.48 37.37
C VAL B 135 -82.03 62.70 38.22
N ALA B 136 -80.98 62.57 39.05
CA ALA B 136 -80.42 63.67 39.86
C ALA B 136 -79.31 64.40 39.07
N ILE B 137 -78.93 65.63 39.47
CA ILE B 137 -77.82 66.36 38.84
C ILE B 137 -76.56 66.02 39.64
N GLN B 138 -75.56 65.36 39.01
CA GLN B 138 -74.30 64.94 39.63
C GLN B 138 -73.50 66.04 40.36
N ALA B 139 -73.44 67.25 39.80
CA ALA B 139 -72.73 68.40 40.36
C ALA B 139 -73.36 68.84 41.70
N VAL B 140 -74.71 68.81 41.78
CA VAL B 140 -75.49 69.10 42.98
C VAL B 140 -75.26 67.99 44.03
N LEU B 141 -75.18 66.70 43.63
CA LEU B 141 -74.83 65.61 44.55
C LEU B 141 -73.42 65.78 45.14
N SER B 142 -72.48 66.28 44.34
CA SER B 142 -71.08 66.53 44.71
C SER B 142 -70.94 67.81 45.56
N LEU B 143 -71.77 68.83 45.31
CA LEU B 143 -71.91 70.04 46.13
C LEU B 143 -72.45 69.64 47.52
N TYR B 144 -73.52 68.84 47.55
CA TYR B 144 -74.16 68.34 48.77
C TYR B 144 -73.22 67.40 49.54
N ALA B 145 -72.36 66.64 48.85
CA ALA B 145 -71.32 65.80 49.46
C ALA B 145 -70.20 66.63 50.15
N SER B 146 -70.03 67.91 49.77
CA SER B 146 -69.13 68.85 50.44
C SER B 146 -69.86 69.57 51.60
N GLY B 147 -71.12 69.21 51.89
CA GLY B 147 -71.98 69.83 52.89
C GLY B 147 -72.39 71.24 52.47
N ARG B 148 -72.82 71.41 51.22
CA ARG B 148 -73.24 72.67 50.63
C ARG B 148 -74.47 72.52 49.75
N THR B 149 -75.45 73.39 49.98
CA THR B 149 -76.65 73.61 49.19
C THR B 149 -76.43 74.76 48.18
N THR B 150 -75.59 75.74 48.55
CA THR B 150 -75.17 76.92 47.79
C THR B 150 -73.64 76.87 47.64
N GLY B 151 -73.12 77.30 46.49
CA GLY B 151 -71.70 77.42 46.20
C GLY B 151 -71.43 77.33 44.71
N ILE B 152 -70.18 77.10 44.30
CA ILE B 152 -69.80 76.89 42.90
C ILE B 152 -68.95 75.63 42.81
N VAL B 153 -69.46 74.64 42.07
CA VAL B 153 -68.80 73.39 41.76
C VAL B 153 -67.87 73.68 40.57
N LEU B 154 -66.59 73.35 40.70
CA LEU B 154 -65.69 73.10 39.57
C LEU B 154 -65.58 71.57 39.51
N ASP B 155 -66.27 70.94 38.55
CA ASP B 155 -66.17 69.51 38.27
C ASP B 155 -65.25 69.32 37.04
N SER B 156 -64.43 68.26 37.05
CA SER B 156 -63.37 67.99 36.11
C SER B 156 -63.12 66.48 36.05
N GLY B 157 -63.65 65.82 35.00
CA GLY B 157 -63.58 64.38 34.80
C GLY B 157 -62.41 63.99 33.87
N ASP B 158 -62.72 63.19 32.84
CA ASP B 158 -61.80 62.79 31.77
C ASP B 158 -62.12 63.62 30.53
N GLY B 159 -63.39 63.70 30.13
CA GLY B 159 -63.82 64.24 28.84
C GLY B 159 -64.12 65.74 28.78
N VAL B 160 -64.65 66.37 29.85
CA VAL B 160 -64.95 67.79 29.95
C VAL B 160 -64.86 68.25 31.43
N THR B 161 -64.60 69.56 31.62
CA THR B 161 -64.60 70.27 32.90
C THR B 161 -65.78 71.28 32.87
N HIS B 162 -66.58 71.35 33.94
CA HIS B 162 -67.75 72.22 34.11
C HIS B 162 -67.58 73.10 35.35
N ASN B 163 -67.99 74.36 35.25
CA ASN B 163 -68.31 75.22 36.38
C ASN B 163 -69.84 75.22 36.53
N VAL B 164 -70.34 74.94 37.74
CA VAL B 164 -71.76 75.00 38.07
C VAL B 164 -71.92 75.87 39.34
N PRO B 165 -72.19 77.19 39.21
CA PRO B 165 -72.70 78.02 40.30
C PRO B 165 -74.10 77.53 40.72
N ILE B 166 -74.35 77.41 42.02
CA ILE B 166 -75.59 76.91 42.62
C ILE B 166 -75.97 77.84 43.78
N TYR B 167 -77.25 78.16 43.90
CA TYR B 167 -77.85 78.77 45.08
C TYR B 167 -79.06 77.89 45.46
N GLU B 168 -79.04 77.38 46.70
CA GLU B 168 -79.91 76.38 47.34
C GLU B 168 -80.49 75.33 46.37
N GLY B 169 -79.58 74.59 45.73
CA GLY B 169 -79.86 73.46 44.85
C GLY B 169 -80.15 73.81 43.38
N TYR B 170 -80.40 75.08 43.05
CA TYR B 170 -80.74 75.56 41.71
C TYR B 170 -79.53 76.32 41.14
N ALA B 171 -79.20 76.07 39.87
CA ALA B 171 -78.07 76.67 39.16
C ALA B 171 -78.58 77.68 38.12
N LEU B 172 -77.85 78.79 37.95
CA LEU B 172 -78.16 79.87 37.01
C LEU B 172 -77.65 79.45 35.60
N PRO B 173 -78.54 79.21 34.61
CA PRO B 173 -78.21 78.43 33.39
C PRO B 173 -77.34 79.14 32.33
N HIS B 174 -77.04 80.42 32.52
CA HIS B 174 -76.12 81.23 31.72
C HIS B 174 -74.75 81.34 32.40
N ALA B 175 -74.72 81.21 33.73
CA ALA B 175 -73.54 81.34 34.58
C ALA B 175 -72.75 80.05 34.62
N ILE B 176 -73.39 78.89 34.37
CA ILE B 176 -72.76 77.60 34.08
C ILE B 176 -71.84 77.77 32.85
N MET B 177 -70.61 77.28 32.97
CA MET B 177 -69.56 77.36 31.96
C MET B 177 -68.82 76.03 31.90
N ARG B 178 -68.11 75.77 30.81
CA ARG B 178 -67.46 74.50 30.52
C ARG B 178 -66.19 74.80 29.72
N LEU B 179 -65.18 73.95 29.87
CA LEU B 179 -64.04 73.81 28.96
C LEU B 179 -64.08 72.40 28.41
N ASP B 180 -63.78 72.24 27.11
CA ASP B 180 -63.65 70.95 26.42
C ASP B 180 -62.43 70.16 26.94
N LEU B 181 -61.49 70.83 27.62
CA LEU B 181 -60.34 70.30 28.35
C LEU B 181 -60.78 69.51 29.60
N ALA B 182 -60.21 68.32 29.81
CA ALA B 182 -60.21 67.63 31.10
C ALA B 182 -59.08 66.61 31.22
N GLY B 183 -59.24 65.63 32.11
CA GLY B 183 -58.25 64.63 32.50
C GLY B 183 -57.62 63.84 31.35
N ARG B 184 -58.34 63.68 30.23
CA ARG B 184 -57.92 63.09 28.96
C ARG B 184 -56.65 63.78 28.44
N ASP B 185 -56.74 65.08 28.23
CA ASP B 185 -55.77 65.90 27.48
C ASP B 185 -54.54 66.15 28.35
N LEU B 186 -54.71 66.16 29.68
CA LEU B 186 -53.62 66.14 30.65
C LEU B 186 -52.78 64.86 30.53
N THR B 187 -53.41 63.72 30.22
CA THR B 187 -52.75 62.43 30.06
C THR B 187 -52.07 62.38 28.66
N ASP B 188 -52.71 62.93 27.63
CA ASP B 188 -52.15 63.11 26.28
C ASP B 188 -50.89 63.99 26.31
N TYR B 189 -50.98 65.17 26.95
CA TYR B 189 -49.86 66.10 27.14
C TYR B 189 -48.70 65.44 27.90
N LEU B 190 -49.01 64.65 28.94
CA LEU B 190 -48.03 63.85 29.67
C LEU B 190 -47.35 62.81 28.76
N MET B 191 -48.13 62.03 27.98
CA MET B 191 -47.65 61.10 26.95
C MET B 191 -46.71 61.79 25.94
N LYS B 192 -47.08 63.00 25.48
CA LYS B 192 -46.27 63.81 24.57
C LYS B 192 -44.96 64.32 25.18
N ILE B 193 -44.97 64.94 26.38
CA ILE B 193 -43.73 65.42 27.00
C ILE B 193 -42.83 64.26 27.49
N LEU B 194 -43.39 63.08 27.80
CA LEU B 194 -42.61 61.88 28.07
C LEU B 194 -41.91 61.36 26.79
N THR B 195 -42.42 61.67 25.59
CA THR B 195 -41.76 61.37 24.31
C THR B 195 -40.54 62.32 24.11
N GLU B 196 -40.52 63.48 24.77
CA GLU B 196 -39.38 64.39 24.85
C GLU B 196 -38.39 63.99 25.97
N ARG B 197 -38.59 62.84 26.62
CA ARG B 197 -37.55 62.06 27.30
C ARG B 197 -37.50 60.63 26.72
N GLY B 198 -37.93 60.47 25.47
CA GLY B 198 -37.77 59.28 24.65
C GLY B 198 -38.89 58.24 24.73
N TYR B 199 -39.79 58.33 25.72
CA TYR B 199 -40.81 57.32 25.99
C TYR B 199 -42.06 57.67 25.15
N SER B 200 -42.13 57.11 23.93
CA SER B 200 -43.19 57.36 22.95
C SER B 200 -44.44 56.52 23.28
N PHE B 201 -45.10 56.84 24.39
CA PHE B 201 -46.31 56.20 24.87
C PHE B 201 -47.48 56.51 23.93
N VAL B 202 -48.02 55.50 23.23
CA VAL B 202 -48.89 55.64 22.06
C VAL B 202 -50.05 54.63 22.00
N THR B 203 -49.86 53.42 22.55
CA THR B 203 -50.78 52.29 22.40
C THR B 203 -51.97 52.37 23.39
N THR B 204 -52.93 51.45 23.20
CA THR B 204 -54.10 51.25 24.05
C THR B 204 -53.66 50.93 25.51
N ALA B 205 -52.57 50.16 25.67
CA ALA B 205 -52.04 49.72 26.97
C ALA B 205 -51.28 50.84 27.69
N GLU B 206 -50.60 51.72 26.95
CA GLU B 206 -49.80 52.79 27.53
C GLU B 206 -50.65 53.95 28.09
N ARG B 207 -51.92 54.10 27.68
CA ARG B 207 -52.85 55.00 28.37
C ARG B 207 -53.21 54.50 29.79
N GLU B 208 -53.06 53.20 30.10
CA GLU B 208 -53.21 52.67 31.47
C GLU B 208 -52.04 53.15 32.33
N ILE B 209 -50.81 52.92 31.83
CA ILE B 209 -49.54 53.29 32.43
C ILE B 209 -49.48 54.80 32.68
N VAL B 210 -49.65 55.63 31.64
CA VAL B 210 -49.52 57.08 31.79
C VAL B 210 -50.74 57.73 32.49
N ARG B 211 -51.90 57.06 32.62
CA ARG B 211 -52.94 57.49 33.56
C ARG B 211 -52.48 57.23 35.01
N ASP B 212 -51.92 56.04 35.29
CA ASP B 212 -51.47 55.64 36.62
C ASP B 212 -50.25 56.47 37.08
N ILE B 213 -49.31 56.79 36.18
CA ILE B 213 -48.19 57.73 36.43
C ILE B 213 -48.68 59.05 37.05
N LYS B 214 -49.72 59.68 36.48
CA LYS B 214 -50.23 60.96 37.00
C LYS B 214 -51.23 60.81 38.15
N GLU B 215 -51.77 59.63 38.44
CA GLU B 215 -52.50 59.39 39.68
C GLU B 215 -51.47 59.23 40.83
N LYS B 216 -50.32 58.60 40.55
CA LYS B 216 -49.26 58.39 41.53
C LYS B 216 -48.35 59.63 41.76
N LEU B 217 -47.96 60.37 40.71
CA LEU B 217 -46.78 61.24 40.77
C LEU B 217 -47.02 62.73 40.45
N CYS B 218 -48.15 63.12 39.86
CA CYS B 218 -48.38 64.51 39.40
C CYS B 218 -48.96 65.42 40.50
N TYR B 219 -48.73 66.73 40.38
CA TYR B 219 -49.15 67.79 41.29
C TYR B 219 -49.34 69.11 40.51
N VAL B 220 -49.78 70.17 41.18
CA VAL B 220 -49.83 71.54 40.67
C VAL B 220 -48.71 72.31 41.38
N ALA B 221 -48.04 73.20 40.64
CA ALA B 221 -47.02 74.10 41.17
C ALA B 221 -47.70 75.25 41.93
N LEU B 222 -47.26 75.54 43.16
CA LEU B 222 -47.79 76.64 43.97
C LEU B 222 -47.31 78.01 43.44
N ASP B 223 -46.19 78.02 42.73
CA ASP B 223 -45.75 79.10 41.86
C ASP B 223 -45.09 78.46 40.66
N PHE B 224 -45.65 78.67 39.45
CA PHE B 224 -45.25 78.01 38.22
C PHE B 224 -43.76 78.16 37.91
N GLU B 225 -43.23 79.39 37.93
CA GLU B 225 -41.86 79.65 37.54
C GLU B 225 -40.88 79.49 38.72
N ASN B 226 -41.33 79.63 39.99
CA ASN B 226 -40.50 79.23 41.14
C ASN B 226 -40.29 77.70 41.15
N GLU B 227 -41.35 76.93 40.82
CA GLU B 227 -41.31 75.48 40.66
C GLU B 227 -40.41 75.12 39.46
N MET B 228 -40.53 75.83 38.33
CA MET B 228 -39.69 75.66 37.14
C MET B 228 -38.21 75.94 37.44
N ALA B 229 -37.90 77.01 38.18
CA ALA B 229 -36.56 77.40 38.59
C ALA B 229 -35.94 76.35 39.53
N THR B 230 -36.74 75.80 40.45
CA THR B 230 -36.34 74.71 41.34
C THR B 230 -36.15 73.40 40.53
N ALA B 231 -37.11 73.04 39.66
CA ALA B 231 -37.15 71.81 38.87
C ALA B 231 -36.03 71.72 37.83
N ALA B 232 -35.60 72.87 37.29
CA ALA B 232 -34.47 73.03 36.37
C ALA B 232 -33.11 72.78 37.05
N SER B 233 -33.07 72.57 38.37
CA SER B 233 -31.88 72.28 39.16
C SER B 233 -32.12 71.23 40.26
N SER B 234 -33.19 70.42 40.16
CA SER B 234 -33.57 69.42 41.14
C SER B 234 -33.55 68.05 40.46
N SER B 235 -32.41 67.35 40.56
CA SER B 235 -32.28 65.93 40.30
C SER B 235 -33.07 65.09 41.33
N SER B 236 -33.23 65.65 42.55
CA SER B 236 -34.09 65.19 43.62
C SER B 236 -35.60 65.11 43.24
N LEU B 237 -36.05 65.82 42.20
CA LEU B 237 -37.42 65.82 41.70
C LEU B 237 -37.77 64.52 40.97
N GLU B 238 -36.79 63.83 40.37
CA GLU B 238 -36.97 62.61 39.58
C GLU B 238 -37.37 61.47 40.53
N LYS B 239 -38.56 60.92 40.35
CA LYS B 239 -39.15 59.85 41.13
C LYS B 239 -39.38 58.65 40.19
N SER B 240 -39.06 57.46 40.68
CA SER B 240 -39.05 56.22 39.92
C SER B 240 -40.48 55.68 39.74
N TYR B 241 -40.69 54.94 38.64
CA TYR B 241 -41.89 54.20 38.32
C TYR B 241 -41.41 52.86 37.73
N GLU B 242 -41.87 51.73 38.27
CA GLU B 242 -41.62 50.40 37.73
C GLU B 242 -42.82 50.07 36.82
N LEU B 243 -42.55 49.73 35.56
CA LEU B 243 -43.53 49.28 34.58
C LEU B 243 -43.94 47.81 34.88
N PRO B 244 -45.14 47.34 34.43
CA PRO B 244 -45.71 45.99 34.71
C PRO B 244 -44.79 44.76 34.53
N ASP B 245 -43.78 44.86 33.68
CA ASP B 245 -42.79 43.86 33.29
C ASP B 245 -41.46 44.03 34.07
N GLY B 246 -41.38 45.00 35.00
CA GLY B 246 -40.25 45.23 35.88
C GLY B 246 -39.22 46.24 35.35
N GLN B 247 -39.53 46.98 34.27
CA GLN B 247 -38.62 47.99 33.74
C GLN B 247 -38.86 49.31 34.50
N VAL B 248 -37.81 49.83 35.14
CA VAL B 248 -37.87 51.05 35.95
C VAL B 248 -37.49 52.24 35.07
N ILE B 249 -38.35 53.26 35.09
CA ILE B 249 -38.17 54.59 34.49
C ILE B 249 -38.23 55.64 35.62
N THR B 250 -37.93 56.90 35.32
CA THR B 250 -38.06 58.04 36.22
C THR B 250 -38.87 59.15 35.55
N ILE B 251 -39.68 59.86 36.34
CA ILE B 251 -40.55 60.97 35.97
C ILE B 251 -40.19 62.12 36.94
N GLY B 252 -40.05 63.36 36.48
CA GLY B 252 -39.60 64.49 37.29
C GLY B 252 -40.35 65.76 36.95
N ASN B 253 -39.92 66.45 35.88
CA ASN B 253 -40.42 67.75 35.43
C ASN B 253 -41.86 67.70 34.92
N GLU B 254 -42.28 66.54 34.40
CA GLU B 254 -43.60 66.26 33.85
C GLU B 254 -44.68 66.18 34.95
N ARG B 255 -44.24 66.07 36.21
CA ARG B 255 -45.11 65.90 37.36
C ARG B 255 -45.91 67.16 37.67
N PHE B 256 -45.30 68.35 37.63
CA PHE B 256 -46.01 69.63 37.77
C PHE B 256 -46.52 70.08 36.40
N ARG B 257 -45.72 69.90 35.33
CA ARG B 257 -46.08 70.20 33.94
C ARG B 257 -47.03 69.12 33.36
N CYS B 258 -48.14 68.87 34.06
CA CYS B 258 -49.27 68.07 33.62
C CYS B 258 -50.54 68.78 34.10
N PRO B 259 -50.99 68.67 35.38
CA PRO B 259 -52.10 69.46 35.97
C PRO B 259 -52.09 70.98 35.72
N GLU B 260 -50.91 71.59 35.60
CA GLU B 260 -50.69 72.99 35.21
C GLU B 260 -51.44 73.44 33.94
N THR B 261 -51.72 72.52 33.01
CA THR B 261 -52.51 72.75 31.79
C THR B 261 -53.97 73.15 32.10
N LEU B 262 -54.47 72.94 33.34
CA LEU B 262 -55.76 73.47 33.79
C LEU B 262 -55.73 74.99 33.99
N PHE B 263 -54.57 75.55 34.37
CA PHE B 263 -54.38 76.98 34.63
C PHE B 263 -53.83 77.68 33.38
N GLN B 264 -53.34 76.93 32.39
CA GLN B 264 -52.84 77.41 31.11
C GLN B 264 -53.10 76.38 29.98
N PRO B 265 -54.34 76.29 29.43
CA PRO B 265 -54.72 75.43 28.29
C PRO B 265 -53.85 75.55 27.02
N SER B 266 -53.10 76.64 26.88
CA SER B 266 -52.14 76.94 25.82
C SER B 266 -51.03 75.88 25.65
N PHE B 267 -50.78 75.05 26.68
CA PHE B 267 -49.90 73.89 26.65
C PHE B 267 -50.36 72.82 25.64
N ILE B 268 -51.67 72.74 25.34
CA ILE B 268 -52.27 71.82 24.36
C ILE B 268 -52.86 72.60 23.17
N GLY B 269 -52.42 73.85 22.97
CA GLY B 269 -52.74 74.67 21.81
C GLY B 269 -54.14 75.28 21.82
N MET B 270 -54.85 75.26 22.95
CA MET B 270 -56.15 75.90 23.10
C MET B 270 -55.97 77.41 23.34
N GLU B 271 -56.74 78.21 22.61
CA GLU B 271 -56.84 79.67 22.73
C GLU B 271 -57.56 80.11 24.04
N SER B 272 -58.28 79.16 24.64
CA SER B 272 -59.14 79.22 25.82
C SER B 272 -58.43 79.66 27.12
N ALA B 273 -59.26 80.05 28.09
CA ALA B 273 -58.88 80.51 29.43
C ALA B 273 -58.89 79.33 30.42
N GLY B 274 -58.12 79.44 31.50
CA GLY B 274 -57.90 78.43 32.53
C GLY B 274 -59.06 78.29 33.54
N ILE B 275 -58.96 77.26 34.40
CA ILE B 275 -59.96 76.92 35.42
C ILE B 275 -60.31 78.08 36.39
N HIS B 276 -59.33 78.88 36.79
CA HIS B 276 -59.51 80.05 37.68
C HIS B 276 -60.23 81.19 36.96
N GLU B 277 -59.88 81.45 35.69
CA GLU B 277 -60.47 82.48 34.84
C GLU B 277 -61.94 82.16 34.52
N THR B 278 -62.20 80.92 34.08
CA THR B 278 -63.53 80.40 33.81
C THR B 278 -64.42 80.39 35.08
N THR B 279 -63.88 79.98 36.24
CA THR B 279 -64.56 80.03 37.55
C THR B 279 -64.88 81.49 37.92
N TYR B 280 -63.91 82.40 37.79
CA TYR B 280 -64.06 83.84 38.01
C TYR B 280 -65.16 84.46 37.12
N ASN B 281 -65.14 84.17 35.81
CA ASN B 281 -66.12 84.62 34.82
C ASN B 281 -67.52 84.04 35.08
N SER B 282 -67.60 82.75 35.44
CA SER B 282 -68.80 82.05 35.89
C SER B 282 -69.45 82.74 37.11
N ILE B 283 -68.66 83.08 38.15
CA ILE B 283 -69.10 83.82 39.33
C ILE B 283 -69.61 85.22 38.93
N MET B 284 -68.89 85.93 38.03
CA MET B 284 -69.20 87.29 37.58
C MET B 284 -70.54 87.42 36.82
N LYS B 285 -71.09 86.31 36.31
CA LYS B 285 -72.39 86.27 35.66
C LYS B 285 -73.55 86.07 36.64
N CYS B 286 -73.28 85.73 37.91
CA CYS B 286 -74.29 85.62 38.97
C CYS B 286 -74.33 86.98 39.69
N ASP B 287 -75.50 87.38 40.23
CA ASP B 287 -75.79 88.67 40.84
C ASP B 287 -74.78 89.13 41.90
N ILE B 288 -74.54 90.45 41.94
CA ILE B 288 -73.52 91.19 42.68
C ILE B 288 -73.26 90.65 44.09
N ASP B 289 -74.32 90.51 44.89
CA ASP B 289 -74.22 90.14 46.30
C ASP B 289 -74.09 88.62 46.49
N ILE B 290 -74.66 87.77 45.62
CA ILE B 290 -74.50 86.30 45.75
C ILE B 290 -73.11 85.83 45.29
N ARG B 291 -72.32 86.70 44.62
CA ARG B 291 -70.94 86.41 44.21
C ARG B 291 -70.02 86.15 45.41
N LYS B 292 -70.29 86.81 46.55
CA LYS B 292 -69.59 86.65 47.83
C LYS B 292 -69.62 85.18 48.29
N ASP B 293 -70.80 84.55 48.14
CA ASP B 293 -71.14 83.23 48.65
C ASP B 293 -70.59 82.14 47.71
N LEU B 294 -70.42 82.44 46.42
CA LEU B 294 -69.74 81.56 45.47
C LEU B 294 -68.22 81.59 45.70
N TYR B 295 -67.62 82.78 45.87
CA TYR B 295 -66.21 82.93 46.24
C TYR B 295 -65.86 82.27 47.59
N ALA B 296 -66.80 82.28 48.55
CA ALA B 296 -66.64 81.71 49.88
C ALA B 296 -67.02 80.21 49.95
N ASN B 297 -67.48 79.60 48.86
CA ASN B 297 -67.97 78.21 48.78
C ASN B 297 -67.64 77.60 47.42
N ASN B 298 -66.39 77.71 46.95
CA ASN B 298 -65.98 77.05 45.70
C ASN B 298 -65.65 75.60 46.05
N VAL B 299 -66.50 74.67 45.60
CA VAL B 299 -66.37 73.23 45.80
C VAL B 299 -65.57 72.67 44.62
N MET B 300 -64.48 71.97 44.91
CA MET B 300 -63.71 71.16 43.96
C MET B 300 -64.43 69.80 43.83
N SER B 301 -64.55 69.28 42.61
CA SER B 301 -65.22 68.03 42.28
C SER B 301 -64.52 67.36 41.10
N GLY B 302 -64.64 66.03 41.00
CA GLY B 302 -64.08 65.24 39.90
C GLY B 302 -62.60 64.91 40.12
N GLY B 303 -62.14 63.82 39.51
CA GLY B 303 -60.81 63.25 39.76
C GLY B 303 -59.62 64.12 39.32
N THR B 304 -59.84 65.12 38.46
CA THR B 304 -58.81 66.07 38.04
C THR B 304 -58.63 67.21 39.08
N THR B 305 -59.37 67.19 40.21
CA THR B 305 -59.15 68.09 41.36
C THR B 305 -58.56 67.32 42.57
N MET B 306 -57.87 66.19 42.32
CA MET B 306 -57.19 65.38 43.36
C MET B 306 -55.66 65.57 43.36
N TYR B 307 -55.09 66.39 42.46
CA TYR B 307 -53.64 66.61 42.38
C TYR B 307 -53.23 67.60 43.49
N PRO B 308 -52.20 67.30 44.32
CA PRO B 308 -51.68 68.22 45.37
C PRO B 308 -51.35 69.63 44.83
N GLY B 309 -51.55 70.66 45.66
CA GLY B 309 -51.22 72.05 45.34
C GLY B 309 -52.32 72.83 44.61
N ILE B 310 -53.39 72.17 44.14
CA ILE B 310 -54.41 72.77 43.28
C ILE B 310 -55.30 73.78 44.03
N ALA B 311 -55.60 73.55 45.32
CA ALA B 311 -56.47 74.42 46.12
C ALA B 311 -55.68 75.64 46.59
N ASP B 312 -54.43 75.40 46.97
CA ASP B 312 -53.35 76.30 47.36
C ASP B 312 -53.09 77.32 46.24
N ARG B 313 -52.97 76.82 45.00
CA ARG B 313 -52.84 77.60 43.79
C ARG B 313 -54.15 78.35 43.48
N MET B 314 -55.32 77.69 43.51
CA MET B 314 -56.63 78.30 43.22
C MET B 314 -56.97 79.49 44.14
N GLN B 315 -56.57 79.43 45.42
CA GLN B 315 -56.65 80.52 46.38
C GLN B 315 -55.87 81.76 45.88
N LYS B 316 -54.59 81.56 45.55
CA LYS B 316 -53.66 82.55 45.01
C LYS B 316 -54.13 83.14 43.67
N GLU B 317 -54.66 82.30 42.77
CA GLU B 317 -55.12 82.68 41.44
C GLU B 317 -56.39 83.54 41.54
N ILE B 318 -57.41 83.07 42.28
CA ILE B 318 -58.69 83.77 42.40
C ILE B 318 -58.54 85.07 43.22
N THR B 319 -57.64 85.16 44.20
CA THR B 319 -57.38 86.41 44.94
C THR B 319 -56.71 87.52 44.09
N ALA B 320 -56.10 87.18 42.95
CA ALA B 320 -55.57 88.17 42.00
C ALA B 320 -56.69 88.72 41.10
N LEU B 321 -57.68 87.87 40.77
CA LEU B 321 -58.78 88.22 39.88
C LEU B 321 -59.95 88.88 40.66
N ALA B 322 -60.30 88.35 41.84
CA ALA B 322 -61.47 88.74 42.61
C ALA B 322 -61.17 90.01 43.43
N PRO B 323 -61.97 91.10 43.31
CA PRO B 323 -61.83 92.34 44.10
C PRO B 323 -61.64 92.12 45.61
N SER B 324 -60.55 92.65 46.17
CA SER B 324 -59.98 92.44 47.52
C SER B 324 -60.93 92.58 48.74
N THR B 325 -62.18 93.02 48.56
CA THR B 325 -63.25 92.91 49.54
C THR B 325 -63.59 91.42 49.81
N MET B 326 -63.60 90.58 48.76
CA MET B 326 -63.96 89.16 48.78
C MET B 326 -62.93 88.34 49.57
N LYS B 327 -63.37 87.25 50.20
CA LYS B 327 -62.58 86.42 51.11
C LYS B 327 -62.75 84.97 50.65
N ILE B 328 -61.88 84.57 49.73
CA ILE B 328 -62.01 83.39 48.89
C ILE B 328 -61.79 82.11 49.73
N LYS B 329 -62.67 81.12 49.60
CA LYS B 329 -62.53 79.82 50.22
C LYS B 329 -62.79 78.73 49.19
N ILE B 330 -61.78 77.88 48.99
CA ILE B 330 -61.90 76.62 48.28
C ILE B 330 -62.27 75.59 49.37
N ILE B 331 -63.24 74.74 49.05
CA ILE B 331 -63.74 73.63 49.85
C ILE B 331 -63.87 72.40 48.93
N ALA B 332 -64.13 71.22 49.49
CA ALA B 332 -64.24 69.98 48.76
C ALA B 332 -64.93 68.90 49.61
N PRO B 333 -65.55 67.88 48.97
CA PRO B 333 -65.81 66.59 49.62
C PRO B 333 -64.46 65.86 49.84
N PRO B 334 -64.38 64.90 50.79
CA PRO B 334 -63.11 64.31 51.26
C PRO B 334 -62.33 63.60 50.14
N GLU B 335 -62.92 62.54 49.57
CA GLU B 335 -62.56 62.07 48.23
C GLU B 335 -63.55 62.79 47.28
N ARG B 336 -63.11 63.01 46.05
CA ARG B 336 -63.85 63.67 45.00
C ARG B 336 -63.70 63.03 43.61
N LYS B 337 -63.03 61.87 43.49
CA LYS B 337 -63.17 60.98 42.33
C LYS B 337 -64.62 60.46 42.20
N TYR B 338 -65.32 60.31 43.34
CA TYR B 338 -66.61 59.64 43.47
C TYR B 338 -67.66 60.46 44.23
N SER B 339 -67.40 61.74 44.51
CA SER B 339 -68.33 62.65 45.21
C SER B 339 -69.67 62.84 44.48
N VAL B 340 -69.60 62.86 43.14
CA VAL B 340 -70.70 62.86 42.18
C VAL B 340 -71.62 61.62 42.29
N TRP B 341 -71.13 60.52 42.88
CA TRP B 341 -71.84 59.27 43.02
C TRP B 341 -72.22 59.03 44.50
N ILE B 342 -71.31 59.29 45.46
CA ILE B 342 -71.54 59.00 46.89
C ILE B 342 -72.74 59.78 47.47
N GLY B 343 -72.96 61.02 47.02
CA GLY B 343 -74.15 61.81 47.36
C GLY B 343 -75.45 61.22 46.79
N GLY B 344 -75.33 60.42 45.73
CA GLY B 344 -76.40 59.64 45.13
C GLY B 344 -76.72 58.39 45.96
N SER B 345 -75.69 57.71 46.51
CA SER B 345 -75.84 56.62 47.49
C SER B 345 -76.64 57.09 48.72
N ILE B 346 -76.36 58.30 49.23
CA ILE B 346 -77.12 58.97 50.28
C ILE B 346 -78.56 59.29 49.83
N LEU B 347 -78.75 59.92 48.64
CA LEU B 347 -80.08 60.26 48.11
C LEU B 347 -81.00 59.03 47.93
N ALA B 348 -80.41 57.93 47.47
CA ALA B 348 -81.08 56.65 47.24
C ALA B 348 -81.22 55.79 48.51
N SER B 349 -80.79 56.29 49.69
CA SER B 349 -80.98 55.66 51.00
C SER B 349 -81.71 56.57 51.99
N LEU B 350 -82.21 57.73 51.52
CA LEU B 350 -83.28 58.45 52.19
C LEU B 350 -84.59 57.79 51.73
N SER B 351 -85.05 56.74 52.42
CA SER B 351 -86.28 56.00 52.13
C SER B 351 -87.54 56.87 52.06
N THR B 352 -87.54 58.01 52.77
CA THR B 352 -88.55 59.07 52.72
C THR B 352 -88.59 59.82 51.36
N PHE B 353 -87.64 59.54 50.44
CA PHE B 353 -87.64 60.01 49.05
C PHE B 353 -88.59 59.16 48.17
N GLN B 354 -89.26 58.15 48.74
CA GLN B 354 -90.30 57.25 48.18
C GLN B 354 -91.24 57.89 47.13
N GLN B 355 -91.74 59.10 47.39
CA GLN B 355 -92.66 59.82 46.51
C GLN B 355 -91.97 60.44 45.29
N MET B 356 -90.65 60.69 45.37
CA MET B 356 -89.88 61.40 44.35
C MET B 356 -89.26 60.44 43.32
N TRP B 357 -89.16 59.14 43.65
CA TRP B 357 -88.90 58.06 42.70
C TRP B 357 -90.02 58.00 41.66
N ILE B 358 -89.69 57.84 40.38
CA ILE B 358 -90.65 57.74 39.26
C ILE B 358 -90.85 56.23 39.05
N THR B 359 -92.09 55.76 39.05
CA THR B 359 -92.47 54.37 38.80
C THR B 359 -92.92 54.19 37.33
N LYS B 360 -92.99 52.93 36.84
CA LYS B 360 -93.52 52.57 35.53
C LYS B 360 -94.98 53.05 35.36
N GLN B 361 -95.81 52.95 36.42
CA GLN B 361 -97.21 53.39 36.46
C GLN B 361 -97.36 54.86 36.03
N GLU B 362 -96.58 55.75 36.65
CA GLU B 362 -96.57 57.19 36.40
C GLU B 362 -95.95 57.55 35.03
N TYR B 363 -95.16 56.63 34.43
CA TYR B 363 -94.66 56.73 33.07
C TYR B 363 -95.76 56.25 32.10
N ASP B 364 -96.38 55.08 32.30
CA ASP B 364 -97.45 54.53 31.44
C ASP B 364 -98.67 55.46 31.34
N GLU B 365 -98.95 56.26 32.38
CA GLU B 365 -99.99 57.28 32.41
C GLU B 365 -99.59 58.60 31.73
N ALA B 366 -98.32 58.81 31.32
CA ALA B 366 -97.83 60.12 30.87
C ALA B 366 -96.74 60.12 29.78
N GLY B 367 -96.23 58.94 29.41
CA GLY B 367 -95.02 58.74 28.61
C GLY B 367 -93.77 59.36 29.26
N PRO B 368 -92.69 59.61 28.49
CA PRO B 368 -91.48 60.34 28.93
C PRO B 368 -91.67 61.72 29.61
N SER B 369 -92.88 62.29 29.68
CA SER B 369 -93.15 63.60 30.25
C SER B 369 -93.06 63.61 31.80
N ILE B 370 -93.13 62.43 32.44
CA ILE B 370 -93.18 62.29 33.89
C ILE B 370 -91.92 62.80 34.60
N VAL B 371 -90.73 62.59 33.99
CA VAL B 371 -89.42 62.88 34.57
C VAL B 371 -89.26 64.37 34.93
N HIS B 372 -89.88 65.26 34.14
CA HIS B 372 -89.80 66.70 34.33
C HIS B 372 -90.78 67.20 35.40
N ARG B 373 -91.64 66.32 35.93
CA ARG B 373 -92.52 66.59 37.05
C ARG B 373 -91.91 66.06 38.36
N LYS B 374 -90.69 65.49 38.35
CA LYS B 374 -89.98 64.99 39.54
C LYS B 374 -88.49 65.40 39.59
N CYS B 375 -87.79 65.48 38.45
CA CYS B 375 -86.35 65.72 38.38
C CYS B 375 -86.09 67.21 38.12
N PHE B 376 -85.45 67.88 39.09
CA PHE B 376 -85.18 69.32 39.08
C PHE B 376 -84.04 69.68 38.13
N NH2 B 377 -83.23 68.72 37.69
HN1 NH2 B 377 -82.39 68.97 37.19
HN2 NH2 B 377 -83.36 67.79 38.07
C ACE C 1 -8.59 90.31 -0.09
O ACE C 1 -7.72 91.31 0.40
CH3 ACE C 1 -8.05 89.79 -1.42
H1 ACE C 1 -7.95 90.59 -2.15
H2 ACE C 1 -8.70 89.02 -1.83
H3 ACE C 1 -7.07 89.35 -1.27
N ASP C 2 -9.86 90.98 -0.31
CA ASP C 2 -10.73 91.01 0.90
C ASP C 2 -11.86 89.98 0.77
N GLU C 3 -11.53 88.84 0.16
CA GLU C 3 -12.34 87.63 0.09
C GLU C 3 -11.77 86.62 1.10
N ASP C 4 -12.60 85.66 1.53
CA ASP C 4 -12.34 84.71 2.62
C ASP C 4 -12.92 83.34 2.24
N GLU C 5 -12.49 82.29 2.94
CA GLU C 5 -12.84 80.89 2.71
C GLU C 5 -13.50 80.24 3.95
N THR C 6 -13.94 81.01 4.96
CA THR C 6 -14.63 80.52 6.17
C THR C 6 -16.03 79.94 5.82
N THR C 7 -16.02 78.81 5.11
CA THR C 7 -17.15 78.12 4.52
C THR C 7 -17.69 77.17 5.59
N ALA C 8 -18.84 77.52 6.17
CA ALA C 8 -19.49 76.84 7.29
C ALA C 8 -19.77 75.35 7.04
N LEU C 9 -19.82 74.56 8.12
CA LEU C 9 -20.12 73.13 8.13
C LEU C 9 -21.62 72.97 8.37
N VAL C 10 -22.23 71.94 7.79
CA VAL C 10 -23.63 71.60 7.99
C VAL C 10 -23.69 70.10 8.29
N CYS C 11 -24.34 69.73 9.39
CA CYS C 11 -24.65 68.36 9.79
C CYS C 11 -26.15 68.30 10.06
N ASP C 12 -26.88 67.31 9.51
CA ASP C 12 -28.26 67.02 9.91
C ASP C 12 -28.23 65.80 10.85
N ASN C 13 -29.00 65.91 11.94
CA ASN C 13 -29.34 64.88 12.93
C ASN C 13 -30.00 63.65 12.28
N GLY C 14 -30.94 63.89 11.35
CA GLY C 14 -31.73 62.87 10.68
C GLY C 14 -32.69 62.16 11.64
N SER C 15 -32.59 60.84 11.65
CA SER C 15 -33.38 59.89 12.45
C SER C 15 -32.50 58.68 12.80
N GLY C 16 -31.89 58.07 11.78
CA GLY C 16 -30.85 57.06 11.91
C GLY C 16 -29.69 57.24 10.92
N LEU C 17 -29.84 58.12 9.91
CA LEU C 17 -28.80 58.44 8.93
C LEU C 17 -28.56 59.95 8.94
N VAL C 18 -27.34 60.33 9.34
CA VAL C 18 -26.77 61.67 9.32
C VAL C 18 -26.28 61.95 7.89
N LYS C 19 -26.36 63.22 7.48
CA LYS C 19 -25.70 63.77 6.30
C LYS C 19 -24.80 64.89 6.83
N ALA C 20 -23.58 65.03 6.32
CA ALA C 20 -22.64 66.07 6.69
C ALA C 20 -21.86 66.55 5.46
N GLY C 21 -21.63 67.86 5.33
CA GLY C 21 -20.82 68.47 4.28
C GLY C 21 -20.52 69.94 4.60
N PHE C 22 -20.05 70.71 3.62
CA PHE C 22 -19.79 72.14 3.75
C PHE C 22 -20.97 72.90 3.13
N ALA C 23 -21.24 74.09 3.66
CA ALA C 23 -22.27 75.01 3.21
C ALA C 23 -21.86 75.60 1.86
N GLY C 24 -22.66 75.32 0.82
CA GLY C 24 -22.35 75.66 -0.56
C GLY C 24 -22.11 74.42 -1.42
N ASP C 25 -21.84 73.25 -0.80
CA ASP C 25 -21.92 71.95 -1.48
C ASP C 25 -23.42 71.63 -1.55
N ASP C 26 -23.98 71.38 -2.74
CA ASP C 26 -25.41 71.06 -2.93
C ASP C 26 -25.75 69.61 -2.55
N ALA C 27 -24.76 68.82 -2.15
CA ALA C 27 -24.88 67.47 -1.65
C ALA C 27 -23.87 67.27 -0.50
N PRO C 28 -24.15 66.37 0.47
CA PRO C 28 -23.24 66.13 1.59
C PRO C 28 -21.99 65.35 1.15
N ARG C 29 -20.89 65.51 1.90
CA ARG C 29 -19.60 64.86 1.69
C ARG C 29 -19.54 63.49 2.38
N ALA C 30 -20.38 63.28 3.41
CA ALA C 30 -20.48 62.05 4.17
C ALA C 30 -21.95 61.80 4.50
N VAL C 31 -22.43 60.58 4.28
CA VAL C 31 -23.74 60.09 4.68
C VAL C 31 -23.47 58.71 5.28
N PHE C 32 -23.91 58.47 6.51
CA PHE C 32 -23.58 57.28 7.29
C PHE C 32 -24.69 57.00 8.31
N PRO C 33 -24.88 55.74 8.75
CA PRO C 33 -25.79 55.41 9.86
C PRO C 33 -25.17 55.88 11.18
N SER C 34 -25.97 56.46 12.09
CA SER C 34 -25.51 56.95 13.38
C SER C 34 -25.41 55.81 14.41
N ILE C 35 -24.70 54.72 14.05
CA ILE C 35 -24.33 53.62 14.92
C ILE C 35 -22.96 53.93 15.57
N VAL C 36 -22.80 53.52 16.83
CA VAL C 36 -21.56 53.50 17.57
C VAL C 36 -21.31 52.02 17.94
N GLY C 37 -20.15 51.51 17.52
CA GLY C 37 -19.60 50.20 17.82
C GLY C 37 -18.76 50.26 19.10
N ARG C 38 -19.07 49.38 20.05
CA ARG C 38 -18.37 49.17 21.31
C ARG C 38 -17.43 47.95 21.15
N PRO C 39 -16.20 47.97 21.72
CA PRO C 39 -15.31 46.81 21.85
C PRO C 39 -15.96 45.51 22.37
N ARG C 40 -15.52 44.38 21.80
CA ARG C 40 -15.79 43.01 22.22
C ARG C 40 -14.52 42.17 21.98
N HIS C 41 -14.58 40.90 22.40
CA HIS C 41 -13.46 39.95 22.41
C HIS C 41 -13.90 38.59 21.85
N GLN C 42 -14.87 38.60 20.93
CA GLN C 42 -15.38 37.42 20.22
C GLN C 42 -14.80 37.37 18.79
N GLY C 43 -13.99 38.35 18.41
CA GLY C 43 -13.20 38.39 17.20
C GLY C 43 -11.74 38.28 17.62
N VAL C 44 -10.92 37.65 16.77
CA VAL C 44 -9.59 37.17 17.13
C VAL C 44 -8.48 38.25 17.15
N MET C 45 -8.76 39.46 16.66
CA MET C 45 -7.77 40.53 16.48
C MET C 45 -7.53 41.28 17.80
N VAL C 46 -6.34 41.12 18.38
CA VAL C 46 -5.94 41.71 19.65
C VAL C 46 -5.36 43.11 19.38
N GLY C 47 -5.76 44.10 20.19
CA GLY C 47 -5.26 45.47 20.15
C GLY C 47 -5.81 46.26 18.95
N MET C 48 -7.13 46.30 18.79
CA MET C 48 -7.84 47.02 17.73
C MET C 48 -7.74 48.53 17.96
N GLY C 49 -7.18 49.26 16.98
CA GLY C 49 -7.19 50.71 16.88
C GLY C 49 -6.49 51.46 18.03
N GLN C 50 -6.99 52.67 18.31
CA GLN C 50 -6.55 53.58 19.36
C GLN C 50 -7.76 54.32 19.92
N LYS C 51 -8.93 53.68 19.94
CA LYS C 51 -10.17 54.23 20.46
C LYS C 51 -11.14 53.12 20.86
N ASP C 52 -12.09 53.49 21.72
CA ASP C 52 -13.07 52.67 22.42
C ASP C 52 -14.49 52.90 21.85
N SER C 53 -14.62 53.64 20.74
CA SER C 53 -15.86 53.99 20.08
C SER C 53 -15.61 54.09 18.57
N TYR C 54 -16.30 53.27 17.79
CA TYR C 54 -16.17 53.18 16.33
C TYR C 54 -17.51 53.63 15.75
N VAL C 55 -17.51 54.65 14.90
CA VAL C 55 -18.69 55.36 14.44
C VAL C 55 -18.97 54.94 12.99
N GLY C 56 -20.25 54.81 12.62
CA GLY C 56 -20.69 54.56 11.25
C GLY C 56 -20.11 53.30 10.62
N ASP C 57 -19.46 53.45 9.46
CA ASP C 57 -18.86 52.40 8.63
C ASP C 57 -17.68 51.68 9.33
N GLU C 58 -17.07 52.28 10.36
CA GLU C 58 -16.11 51.61 11.23
C GLU C 58 -16.76 50.51 12.09
N ALA C 59 -18.02 50.69 12.49
CA ALA C 59 -18.70 49.85 13.48
C ALA C 59 -19.19 48.53 12.87
N GLN C 60 -19.75 48.58 11.67
CA GLN C 60 -20.40 47.48 10.97
C GLN C 60 -19.45 46.63 10.13
N SER C 61 -18.26 47.15 9.80
CA SER C 61 -17.27 46.47 8.95
C SER C 61 -16.41 45.47 9.73
N LYS C 62 -16.50 45.39 11.07
CA LYS C 62 -15.59 44.61 11.91
C LYS C 62 -16.34 43.87 13.03
N ARG C 63 -16.99 42.74 12.70
CA ARG C 63 -17.74 41.91 13.63
C ARG C 63 -16.82 41.20 14.65
N GLY C 64 -17.38 40.84 15.80
CA GLY C 64 -16.76 40.01 16.84
C GLY C 64 -15.88 40.81 17.78
N ILE C 65 -14.99 41.65 17.23
CA ILE C 65 -14.21 42.63 17.99
C ILE C 65 -15.05 43.87 18.30
N LEU C 66 -16.24 44.02 17.70
CA LEU C 66 -17.22 45.07 17.97
C LEU C 66 -18.62 44.47 18.11
N THR C 67 -19.50 45.18 18.83
CA THR C 67 -20.96 45.09 18.80
C THR C 67 -21.48 46.54 18.83
N LEU C 68 -22.67 46.82 18.30
CA LEU C 68 -23.10 48.18 17.96
C LEU C 68 -24.56 48.47 18.35
N LYS C 69 -24.84 49.73 18.62
CA LYS C 69 -26.15 50.33 18.83
C LYS C 69 -26.13 51.78 18.32
N TYR C 70 -27.29 52.43 18.19
CA TYR C 70 -27.37 53.87 17.94
C TYR C 70 -27.51 54.52 19.34
N PRO C 71 -26.77 55.59 19.69
CA PRO C 71 -27.05 56.40 20.91
C PRO C 71 -28.20 57.40 20.68
N ILE C 72 -28.85 57.32 19.52
CA ILE C 72 -29.85 58.18 18.94
C ILE C 72 -30.86 57.29 18.18
N GLU C 73 -31.17 56.12 18.77
CA GLU C 73 -31.97 54.99 18.25
C GLU C 73 -33.35 55.36 17.67
N HIS C 74 -33.89 56.51 18.06
CA HIS C 74 -35.17 57.08 17.64
C HIS C 74 -35.03 58.56 17.22
N GLY C 75 -33.82 59.03 16.89
CA GLY C 75 -33.57 60.38 16.40
C GLY C 75 -33.43 61.45 17.50
N ILE C 76 -33.94 61.19 18.70
CA ILE C 76 -33.68 61.93 19.93
C ILE C 76 -32.44 61.28 20.59
N ILE C 77 -31.58 62.10 21.21
CA ILE C 77 -30.34 61.68 21.86
C ILE C 77 -30.69 60.97 23.19
N THR C 78 -29.99 59.87 23.48
CA THR C 78 -30.15 59.08 24.71
C THR C 78 -28.85 59.05 25.54
N ASN C 79 -27.71 59.45 24.95
CA ASN C 79 -26.45 59.70 25.62
C ASN C 79 -25.75 60.82 24.85
N TRP C 80 -25.36 61.89 25.56
CA TRP C 80 -24.69 63.05 25.00
C TRP C 80 -23.18 62.80 24.85
N ASP C 81 -22.59 61.93 25.67
CA ASP C 81 -21.17 61.56 25.58
C ASP C 81 -20.94 60.76 24.27
N ASP C 82 -21.85 59.85 23.90
CA ASP C 82 -21.81 59.13 22.63
C ASP C 82 -22.09 60.04 21.42
N MET C 83 -22.97 61.05 21.59
CA MET C 83 -23.26 62.04 20.56
C MET C 83 -22.07 62.99 20.33
N GLU C 84 -21.27 63.26 21.37
CA GLU C 84 -19.94 63.87 21.25
C GLU C 84 -19.05 63.04 20.31
N LYS C 85 -18.90 61.72 20.52
CA LYS C 85 -18.08 60.84 19.68
C LYS C 85 -18.50 60.86 18.21
N ILE C 86 -19.82 60.91 17.95
CA ILE C 86 -20.40 61.09 16.61
C ILE C 86 -19.96 62.43 16.01
N TRP C 87 -20.22 63.56 16.68
CA TRP C 87 -19.81 64.90 16.23
C TRP C 87 -18.28 65.02 16.05
N HIS C 88 -17.50 64.49 17.00
CA HIS C 88 -16.04 64.44 17.03
C HIS C 88 -15.50 63.74 15.77
N HIS C 89 -16.00 62.53 15.48
CA HIS C 89 -15.63 61.76 14.29
C HIS C 89 -16.14 62.43 12.99
N THR C 90 -17.32 63.05 13.02
CA THR C 90 -17.90 63.77 11.88
C THR C 90 -17.01 64.95 11.47
N PHE C 91 -16.53 65.76 12.44
CA PHE C 91 -15.64 66.88 12.19
C PHE C 91 -14.25 66.38 11.77
N TYR C 92 -13.54 65.68 12.67
CA TYR C 92 -12.10 65.46 12.55
C TYR C 92 -11.74 64.29 11.61
N ASN C 93 -12.71 63.56 11.05
CA ASN C 93 -12.51 62.48 10.08
C ASN C 93 -13.34 62.66 8.82
N GLU C 94 -14.68 62.63 8.91
CA GLU C 94 -15.54 62.52 7.72
C GLU C 94 -15.72 63.87 6.97
N LEU C 95 -15.84 65.00 7.70
CA LEU C 95 -15.74 66.34 7.13
C LEU C 95 -14.27 66.76 7.00
N ARG C 96 -13.37 66.11 7.75
CA ARG C 96 -11.91 66.23 7.78
C ARG C 96 -11.44 67.66 8.14
N VAL C 97 -11.99 68.28 9.17
CA VAL C 97 -11.74 69.65 9.60
C VAL C 97 -11.75 69.77 11.13
N ALA C 98 -11.28 70.89 11.67
CA ALA C 98 -11.36 71.22 13.09
C ALA C 98 -12.58 72.16 13.28
N PRO C 99 -13.52 71.91 14.22
CA PRO C 99 -14.73 72.75 14.38
C PRO C 99 -14.44 74.17 14.88
N GLU C 100 -13.35 74.36 15.64
CA GLU C 100 -12.75 75.63 16.07
C GLU C 100 -12.57 76.67 14.94
N GLU C 101 -12.38 76.21 13.70
CA GLU C 101 -12.13 77.04 12.52
C GLU C 101 -13.45 77.54 11.90
N HIS C 102 -14.52 76.73 11.89
CA HIS C 102 -15.65 76.89 10.96
C HIS C 102 -16.98 77.00 11.72
N PRO C 103 -17.86 77.99 11.41
CA PRO C 103 -19.26 77.99 11.86
C PRO C 103 -20.01 76.68 11.52
N THR C 104 -20.88 76.19 12.40
CA THR C 104 -21.55 74.90 12.23
C THR C 104 -23.07 75.05 12.34
N LEU C 105 -23.84 74.77 11.27
CA LEU C 105 -25.30 74.72 11.32
C LEU C 105 -25.71 73.28 11.67
N LEU C 106 -26.62 73.14 12.65
CA LEU C 106 -27.27 71.91 13.03
C LEU C 106 -28.76 72.00 12.63
N THR C 107 -29.41 70.85 12.46
CA THR C 107 -30.86 70.75 12.38
C THR C 107 -31.45 70.50 13.79
N GLU C 108 -32.75 70.73 13.94
CA GLU C 108 -33.58 70.42 15.10
C GLU C 108 -34.71 69.49 14.64
N ALA C 109 -35.08 68.51 15.47
CA ALA C 109 -36.08 67.48 15.19
C ALA C 109 -37.33 67.75 16.04
N PRO C 110 -38.54 67.34 15.60
CA PRO C 110 -39.76 67.45 16.40
C PRO C 110 -39.73 66.45 17.56
N LEU C 111 -40.09 66.91 18.77
CA LEU C 111 -40.09 66.15 20.02
C LEU C 111 -38.68 66.05 20.64
N ASN C 112 -37.77 66.95 20.25
CA ASN C 112 -36.47 67.12 20.92
C ASN C 112 -36.68 67.66 22.35
N PRO C 113 -35.95 67.18 23.38
CA PRO C 113 -36.01 67.75 24.75
C PRO C 113 -35.79 69.27 24.71
N LYS C 114 -36.61 70.08 25.40
CA LYS C 114 -36.58 71.54 25.23
C LYS C 114 -35.24 72.21 25.61
N ALA C 115 -34.44 71.56 26.47
CA ALA C 115 -33.09 71.98 26.82
C ALA C 115 -32.00 71.43 25.86
N ASN C 116 -32.38 70.64 24.85
CA ASN C 116 -31.49 70.04 23.84
C ASN C 116 -30.88 71.15 22.97
N ARG C 117 -31.56 72.29 22.82
CA ARG C 117 -31.05 73.49 22.17
C ARG C 117 -29.80 74.01 22.91
N GLU C 118 -29.94 74.42 24.18
CA GLU C 118 -28.83 74.94 24.99
C GLU C 118 -27.73 73.91 25.22
N LYS C 119 -28.06 72.64 25.43
CA LYS C 119 -27.06 71.59 25.66
C LYS C 119 -26.26 71.24 24.40
N MET C 120 -26.86 71.38 23.20
CA MET C 120 -26.14 71.27 21.94
C MET C 120 -25.34 72.55 21.65
N THR C 121 -25.88 73.73 22.00
CA THR C 121 -25.20 75.03 21.86
C THR C 121 -23.95 75.08 22.78
N GLN C 122 -24.10 74.62 24.03
CA GLN C 122 -23.07 74.39 25.02
C GLN C 122 -21.91 73.56 24.47
N ILE C 123 -22.16 72.28 24.10
CA ILE C 123 -21.14 71.37 23.56
C ILE C 123 -20.44 71.94 22.30
N MET C 124 -21.17 72.67 21.45
CA MET C 124 -20.60 73.34 20.29
C MET C 124 -19.64 74.50 20.66
N PHE C 125 -19.94 75.31 21.68
CA PHE C 125 -19.11 76.47 22.07
C PHE C 125 -18.12 76.16 23.21
N GLU C 126 -18.45 75.25 24.14
CA GLU C 126 -17.67 74.93 25.35
C GLU C 126 -16.90 73.61 25.20
N THR C 127 -16.89 72.97 24.02
CA THR C 127 -16.13 71.74 23.76
C THR C 127 -15.57 71.75 22.33
N PHE C 128 -16.41 72.01 21.33
CA PHE C 128 -15.99 72.09 19.91
C PHE C 128 -15.74 73.54 19.46
N ASN C 129 -15.61 74.47 20.41
CA ASN C 129 -14.91 75.76 20.30
C ASN C 129 -15.50 76.76 19.27
N VAL C 130 -16.71 76.51 18.76
CA VAL C 130 -17.15 76.97 17.44
C VAL C 130 -17.22 78.52 17.31
N PRO C 131 -16.77 79.12 16.19
CA PRO C 131 -16.93 80.56 15.91
C PRO C 131 -18.38 81.07 15.99
N ALA C 132 -19.32 80.31 15.41
CA ALA C 132 -20.76 80.57 15.35
C ALA C 132 -21.50 79.27 15.08
N MET C 133 -22.82 79.25 15.29
CA MET C 133 -23.67 78.08 15.04
C MET C 133 -25.11 78.51 14.77
N TYR C 134 -25.95 77.60 14.28
CA TYR C 134 -27.37 77.81 14.05
C TYR C 134 -28.14 76.50 14.22
N VAL C 135 -29.45 76.59 14.50
CA VAL C 135 -30.38 75.50 14.72
C VAL C 135 -31.69 75.83 13.99
N ALA C 136 -32.22 74.92 13.16
CA ALA C 136 -33.54 75.05 12.51
C ALA C 136 -34.26 73.71 12.41
N ILE C 137 -35.57 73.71 12.64
CA ILE C 137 -36.48 72.56 12.61
C ILE C 137 -36.57 71.96 11.19
N GLN C 138 -36.28 70.65 11.08
CA GLN C 138 -36.19 69.84 9.85
C GLN C 138 -37.37 70.04 8.88
N ALA C 139 -38.60 70.00 9.41
CA ALA C 139 -39.84 70.05 8.65
C ALA C 139 -40.00 71.37 7.88
N VAL C 140 -39.68 72.50 8.53
CA VAL C 140 -39.71 73.83 7.94
C VAL C 140 -38.63 73.92 6.84
N LEU C 141 -37.41 73.44 7.09
CA LEU C 141 -36.31 73.42 6.10
C LEU C 141 -36.69 72.65 4.81
N SER C 142 -37.40 71.52 4.95
CA SER C 142 -37.86 70.71 3.82
C SER C 142 -38.99 71.43 3.05
N LEU C 143 -39.95 72.02 3.78
CA LEU C 143 -41.08 72.78 3.26
C LEU C 143 -40.64 74.08 2.55
N TYR C 144 -39.67 74.81 3.11
CA TYR C 144 -39.21 76.10 2.58
C TYR C 144 -38.31 75.89 1.35
N ALA C 145 -37.52 74.80 1.31
CA ALA C 145 -36.76 74.38 0.12
C ALA C 145 -37.68 73.91 -1.01
N SER C 146 -38.85 73.35 -0.67
CA SER C 146 -39.95 73.04 -1.59
C SER C 146 -40.77 74.31 -1.94
N GLY C 147 -40.43 75.48 -1.36
CA GLY C 147 -40.93 76.81 -1.71
C GLY C 147 -42.31 77.13 -1.13
N ARG C 148 -42.63 76.59 0.06
CA ARG C 148 -43.90 76.81 0.78
C ARG C 148 -43.68 77.59 2.08
N THR C 149 -44.78 77.87 2.79
CA THR C 149 -44.87 78.52 4.10
C THR C 149 -45.82 77.75 5.05
N THR C 150 -46.83 77.09 4.49
CA THR C 150 -47.84 76.27 5.15
C THR C 150 -47.82 74.91 4.44
N GLY C 151 -48.12 73.83 5.17
CA GLY C 151 -48.25 72.49 4.63
C GLY C 151 -48.14 71.46 5.73
N ILE C 152 -48.19 70.17 5.39
CA ILE C 152 -47.99 69.07 6.32
C ILE C 152 -46.89 68.19 5.76
N VAL C 153 -45.78 68.11 6.49
CA VAL C 153 -44.63 67.31 6.14
C VAL C 153 -44.91 65.90 6.70
N LEU C 154 -44.87 64.88 5.84
CA LEU C 154 -44.72 63.49 6.22
C LEU C 154 -43.22 63.22 6.02
N ASP C 155 -42.49 63.07 7.12
CA ASP C 155 -41.08 62.68 7.11
C ASP C 155 -41.04 61.21 7.50
N SER C 156 -40.44 60.34 6.68
CA SER C 156 -40.27 58.92 6.94
C SER C 156 -38.79 58.62 6.80
N GLY C 157 -38.12 58.37 7.93
CA GLY C 157 -36.69 58.25 8.07
C GLY C 157 -36.25 56.79 8.15
N ASP C 158 -35.20 56.53 8.92
CA ASP C 158 -34.75 55.17 9.21
C ASP C 158 -35.45 54.71 10.50
N GLY C 159 -35.20 55.36 11.64
CA GLY C 159 -35.68 54.91 12.94
C GLY C 159 -37.06 55.42 13.36
N VAL C 160 -37.66 56.38 12.64
CA VAL C 160 -38.94 56.98 12.98
C VAL C 160 -39.56 57.64 11.73
N THR C 161 -40.90 57.71 11.69
CA THR C 161 -41.69 58.52 10.78
C THR C 161 -42.40 59.60 11.63
N HIS C 162 -42.55 60.82 11.10
CA HIS C 162 -43.19 61.97 11.72
C HIS C 162 -44.13 62.65 10.74
N ASN C 163 -45.33 63.03 11.22
CA ASN C 163 -46.32 63.83 10.51
C ASN C 163 -46.35 65.19 11.23
N VAL C 164 -45.98 66.27 10.53
CA VAL C 164 -45.76 67.60 11.09
C VAL C 164 -46.51 68.68 10.27
N PRO C 165 -47.75 69.07 10.64
CA PRO C 165 -48.44 70.27 10.13
C PRO C 165 -47.68 71.58 10.47
N ILE C 166 -47.51 72.47 9.49
CA ILE C 166 -46.85 73.77 9.56
C ILE C 166 -47.86 74.84 9.06
N TYR C 167 -47.85 76.03 9.67
CA TYR C 167 -48.60 77.21 9.25
C TYR C 167 -47.74 78.47 9.46
N GLU C 168 -47.54 79.28 8.41
CA GLU C 168 -46.87 80.60 8.44
C GLU C 168 -45.41 80.50 8.93
N GLY C 169 -44.74 79.38 8.64
CA GLY C 169 -43.37 79.06 9.02
C GLY C 169 -43.22 78.33 10.37
N TYR C 170 -44.30 78.14 11.13
CA TYR C 170 -44.28 77.58 12.48
C TYR C 170 -45.04 76.25 12.50
N ALA C 171 -44.52 75.26 13.25
CA ALA C 171 -45.13 73.94 13.42
C ALA C 171 -46.29 74.05 14.42
N LEU C 172 -47.46 73.50 14.05
CA LEU C 172 -48.68 73.55 14.85
C LEU C 172 -48.61 72.46 15.95
N PRO C 173 -48.44 72.80 17.24
CA PRO C 173 -48.05 71.83 18.28
C PRO C 173 -49.19 70.89 18.72
N HIS C 174 -50.45 71.30 18.53
CA HIS C 174 -51.65 70.54 18.84
C HIS C 174 -51.87 69.34 17.89
N ALA C 175 -51.06 69.21 16.82
CA ALA C 175 -51.31 68.30 15.71
C ALA C 175 -50.08 67.56 15.17
N ILE C 176 -48.92 67.60 15.85
CA ILE C 176 -47.74 66.80 15.46
C ILE C 176 -47.98 65.35 15.91
N MET C 177 -47.63 64.37 15.06
CA MET C 177 -47.80 62.94 15.26
C MET C 177 -46.54 62.18 14.81
N ARG C 178 -46.34 60.98 15.37
CA ARG C 178 -45.19 60.11 15.19
C ARG C 178 -45.69 58.71 14.81
N LEU C 179 -44.86 57.95 14.09
CA LEU C 179 -45.04 56.55 13.75
C LEU C 179 -43.66 55.88 13.86
N ASP C 180 -43.51 54.85 14.68
CA ASP C 180 -42.21 54.19 14.94
C ASP C 180 -41.89 53.10 13.91
N LEU C 181 -42.74 52.90 12.91
CA LEU C 181 -42.43 52.10 11.73
C LEU C 181 -41.81 53.07 10.71
N ALA C 182 -40.67 52.68 10.14
CA ALA C 182 -39.87 53.46 9.22
C ALA C 182 -38.88 52.56 8.46
N GLY C 183 -37.90 53.19 7.78
CA GLY C 183 -36.95 52.57 6.87
C GLY C 183 -36.01 51.54 7.50
N ARG C 184 -35.88 51.51 8.82
CA ARG C 184 -35.11 50.55 9.59
C ARG C 184 -35.84 49.20 9.58
N ASP C 185 -37.01 49.12 10.24
CA ASP C 185 -37.81 47.90 10.42
C ASP C 185 -38.39 47.40 9.09
N LEU C 186 -38.51 48.27 8.07
CA LEU C 186 -38.73 47.87 6.69
C LEU C 186 -37.57 47.03 6.11
N THR C 187 -36.32 47.20 6.57
CA THR C 187 -35.19 46.36 6.16
C THR C 187 -35.34 44.96 6.77
N ASP C 188 -35.73 44.88 8.06
CA ASP C 188 -35.97 43.62 8.76
C ASP C 188 -37.20 42.89 8.19
N TYR C 189 -38.25 43.65 7.82
CA TYR C 189 -39.42 43.11 7.14
C TYR C 189 -39.05 42.54 5.76
N LEU C 190 -38.18 43.24 5.00
CA LEU C 190 -37.61 42.75 3.74
C LEU C 190 -36.78 41.45 3.94
N MET C 191 -35.99 41.36 5.03
CA MET C 191 -35.27 40.16 5.45
C MET C 191 -36.26 39.00 5.72
N LYS C 192 -37.35 39.27 6.46
CA LYS C 192 -38.35 38.29 6.85
C LYS C 192 -39.17 37.73 5.68
N ILE C 193 -39.56 38.55 4.70
CA ILE C 193 -40.30 38.07 3.51
C ILE C 193 -39.34 37.35 2.52
N LEU C 194 -38.04 37.69 2.51
CA LEU C 194 -37.01 36.89 1.85
C LEU C 194 -36.80 35.55 2.61
N THR C 195 -37.01 35.50 3.93
CA THR C 195 -36.96 34.27 4.72
C THR C 195 -38.22 33.41 4.45
N GLU C 196 -39.40 34.00 4.13
CA GLU C 196 -40.58 33.26 3.65
C GLU C 196 -40.30 32.57 2.30
N ARG C 197 -39.44 33.16 1.46
CA ARG C 197 -38.95 32.58 0.21
C ARG C 197 -37.67 31.71 0.41
N GLY C 198 -37.22 31.49 1.66
CA GLY C 198 -36.20 30.53 2.02
C GLY C 198 -34.75 31.03 2.00
N TYR C 199 -34.49 32.33 1.84
CA TYR C 199 -33.12 32.86 1.80
C TYR C 199 -32.60 33.09 3.23
N SER C 200 -31.43 32.52 3.53
CA SER C 200 -30.70 32.64 4.77
C SER C 200 -29.64 33.75 4.65
N PHE C 201 -29.82 34.86 5.37
CA PHE C 201 -28.91 36.00 5.48
C PHE C 201 -28.92 36.38 6.97
N VAL C 202 -27.76 36.51 7.62
CA VAL C 202 -27.69 36.51 9.08
C VAL C 202 -26.68 37.50 9.69
N THR C 203 -25.53 37.74 9.04
CA THR C 203 -24.48 38.60 9.60
C THR C 203 -24.86 40.10 9.54
N THR C 204 -24.17 40.93 10.34
CA THR C 204 -24.21 42.39 10.36
C THR C 204 -23.83 43.00 9.00
N ALA C 205 -23.02 42.28 8.20
CA ALA C 205 -22.66 42.64 6.84
C ALA C 205 -23.76 42.25 5.84
N GLU C 206 -24.48 41.14 6.04
CA GLU C 206 -25.61 40.72 5.20
C GLU C 206 -26.89 41.54 5.50
N ARG C 207 -26.91 42.42 6.53
CA ARG C 207 -27.98 43.40 6.74
C ARG C 207 -27.92 44.46 5.63
N GLU C 208 -26.70 44.85 5.23
CA GLU C 208 -26.44 45.94 4.29
C GLU C 208 -26.86 45.57 2.86
N ILE C 209 -26.82 44.28 2.51
CA ILE C 209 -27.38 43.70 1.29
C ILE C 209 -28.87 44.07 1.19
N VAL C 210 -29.63 43.76 2.25
CA VAL C 210 -31.06 44.02 2.34
C VAL C 210 -31.36 45.53 2.43
N ARG C 211 -30.50 46.32 3.09
CA ARG C 211 -30.59 47.78 3.14
C ARG C 211 -30.45 48.38 1.72
N ASP C 212 -29.49 47.87 0.96
CA ASP C 212 -29.17 48.32 -0.39
C ASP C 212 -30.23 47.87 -1.42
N ILE C 213 -30.76 46.65 -1.30
CA ILE C 213 -31.90 46.14 -2.08
C ILE C 213 -33.17 46.99 -1.85
N LYS C 214 -33.46 47.32 -0.59
CA LYS C 214 -34.57 48.19 -0.15
C LYS C 214 -34.57 49.54 -0.89
N GLU C 215 -33.40 50.16 -1.02
CA GLU C 215 -33.26 51.46 -1.67
C GLU C 215 -33.25 51.34 -3.20
N LYS C 216 -32.63 50.30 -3.78
CA LYS C 216 -32.43 50.19 -5.22
C LYS C 216 -33.55 49.43 -5.95
N LEU C 217 -34.41 48.69 -5.25
CA LEU C 217 -35.38 47.78 -5.86
C LEU C 217 -36.82 47.87 -5.35
N CYS C 218 -37.10 48.37 -4.12
CA CYS C 218 -38.48 48.38 -3.60
C CYS C 218 -39.29 49.59 -4.08
N TYR C 219 -40.61 49.45 -4.13
CA TYR C 219 -41.60 50.43 -4.57
C TYR C 219 -42.91 50.21 -3.81
N VAL C 220 -43.80 51.19 -3.81
CA VAL C 220 -45.15 51.05 -3.29
C VAL C 220 -46.04 50.60 -4.47
N ALA C 221 -46.89 49.59 -4.23
CA ALA C 221 -47.93 49.16 -5.16
C ALA C 221 -49.06 50.19 -5.15
N LEU C 222 -49.65 50.51 -6.31
CA LEU C 222 -50.80 51.40 -6.39
C LEU C 222 -52.06 50.69 -5.87
N ASP C 223 -52.20 49.39 -6.16
CA ASP C 223 -53.12 48.42 -5.57
C ASP C 223 -52.33 47.11 -5.52
N PHE C 224 -52.43 46.33 -4.43
CA PHE C 224 -51.60 45.16 -4.16
C PHE C 224 -51.76 44.06 -5.23
N GLU C 225 -53.02 43.78 -5.61
CA GLU C 225 -53.42 42.75 -6.57
C GLU C 225 -52.95 43.07 -8.01
N ASN C 226 -52.64 44.34 -8.31
CA ASN C 226 -52.08 44.78 -9.60
C ASN C 226 -50.68 44.18 -9.79
N GLU C 227 -49.85 44.26 -8.74
CA GLU C 227 -48.47 43.82 -8.75
C GLU C 227 -48.40 42.29 -8.63
N MET C 228 -49.33 41.67 -7.87
CA MET C 228 -49.50 40.20 -7.82
C MET C 228 -49.88 39.65 -9.21
N ALA C 229 -50.80 40.32 -9.92
CA ALA C 229 -51.19 39.97 -11.29
C ALA C 229 -50.04 40.19 -12.29
N THR C 230 -49.27 41.29 -12.15
CA THR C 230 -48.12 41.60 -13.00
C THR C 230 -46.98 40.57 -12.80
N ALA C 231 -46.76 40.08 -11.57
CA ALA C 231 -45.79 39.04 -11.26
C ALA C 231 -46.28 37.67 -11.75
N ALA C 232 -47.55 37.34 -11.52
CA ALA C 232 -48.19 36.08 -11.90
C ALA C 232 -48.44 35.94 -13.42
N SER C 233 -47.97 36.90 -14.24
CA SER C 233 -48.09 36.87 -15.69
C SER C 233 -46.81 37.27 -16.43
N SER C 234 -45.78 37.83 -15.79
CA SER C 234 -44.61 38.33 -16.49
C SER C 234 -43.35 38.44 -15.62
N SER C 235 -42.17 38.33 -16.25
CA SER C 235 -40.85 38.60 -15.67
C SER C 235 -40.56 40.12 -15.58
N SER C 236 -41.60 40.97 -15.62
CA SER C 236 -41.52 42.42 -15.55
C SER C 236 -41.13 42.86 -14.14
N LEU C 237 -41.72 42.22 -13.11
CA LEU C 237 -41.63 42.64 -11.72
C LEU C 237 -40.35 42.16 -11.03
N GLU C 238 -39.99 40.88 -11.16
CA GLU C 238 -38.94 40.22 -10.36
C GLU C 238 -37.56 40.43 -11.01
N LYS C 239 -36.62 41.10 -10.34
CA LYS C 239 -35.33 41.55 -10.88
C LYS C 239 -34.17 40.96 -10.06
N SER C 240 -33.00 40.82 -10.68
CA SER C 240 -31.78 40.30 -10.06
C SER C 240 -31.07 41.41 -9.28
N TYR C 241 -30.39 41.03 -8.19
CA TYR C 241 -29.37 41.77 -7.47
C TYR C 241 -28.14 40.84 -7.40
N GLU C 242 -26.92 41.35 -7.56
CA GLU C 242 -25.67 40.61 -7.37
C GLU C 242 -25.19 40.93 -5.95
N LEU C 243 -24.97 39.92 -5.11
CA LEU C 243 -24.36 40.06 -3.78
C LEU C 243 -22.85 40.38 -3.92
N PRO C 244 -22.20 41.04 -2.93
CA PRO C 244 -20.75 41.34 -2.95
C PRO C 244 -19.79 40.20 -3.34
N ASP C 245 -20.15 38.94 -3.07
CA ASP C 245 -19.43 37.72 -3.39
C ASP C 245 -19.90 37.09 -4.73
N GLY C 246 -20.73 37.79 -5.52
CA GLY C 246 -21.03 37.53 -6.92
C GLY C 246 -22.28 36.68 -7.18
N GLN C 247 -22.94 36.21 -6.12
CA GLN C 247 -24.12 35.37 -6.22
C GLN C 247 -25.32 36.25 -6.59
N VAL C 248 -25.99 35.91 -7.69
CA VAL C 248 -27.18 36.61 -8.17
C VAL C 248 -28.43 36.05 -7.48
N ILE C 249 -29.20 36.94 -6.84
CA ILE C 249 -30.44 36.65 -6.14
C ILE C 249 -31.54 37.40 -6.90
N THR C 250 -32.67 36.74 -7.20
CA THR C 250 -33.86 37.37 -7.76
C THR C 250 -34.65 37.93 -6.59
N ILE C 251 -34.84 39.26 -6.57
CA ILE C 251 -35.69 39.99 -5.64
C ILE C 251 -37.00 40.19 -6.40
N GLY C 252 -38.08 39.63 -5.84
CA GLY C 252 -39.31 39.34 -6.50
C GLY C 252 -40.46 40.21 -5.99
N ASN C 253 -41.58 39.56 -5.72
CA ASN C 253 -42.79 40.05 -5.05
C ASN C 253 -42.53 40.88 -3.78
N GLU C 254 -41.42 40.59 -3.06
CA GLU C 254 -40.79 41.40 -2.01
C GLU C 254 -40.69 42.90 -2.32
N ARG C 255 -40.47 43.26 -3.59
CA ARG C 255 -40.30 44.62 -4.08
C ARG C 255 -41.50 45.53 -3.79
N PHE C 256 -42.73 44.99 -3.70
CA PHE C 256 -43.91 45.74 -3.28
C PHE C 256 -44.39 45.28 -1.90
N ARG C 257 -44.33 43.97 -1.60
CA ARG C 257 -44.65 43.36 -0.31
C ARG C 257 -43.91 43.98 0.89
N CYS C 258 -42.68 44.51 0.71
CA CYS C 258 -41.96 45.31 1.71
C CYS C 258 -42.67 46.66 2.04
N PRO C 259 -42.59 47.76 1.25
CA PRO C 259 -43.22 49.06 1.58
C PRO C 259 -44.71 49.07 1.96
N GLU C 260 -45.52 48.11 1.48
CA GLU C 260 -46.95 47.98 1.73
C GLU C 260 -47.32 48.01 3.25
N THR C 261 -46.46 47.48 4.12
CA THR C 261 -46.68 47.47 5.56
C THR C 261 -46.63 48.88 6.21
N LEU C 262 -46.17 49.92 5.51
CA LEU C 262 -46.16 51.30 6.00
C LEU C 262 -47.58 51.92 5.88
N PHE C 263 -48.39 51.43 4.93
CA PHE C 263 -49.77 51.86 4.73
C PHE C 263 -50.69 51.17 5.74
N GLN C 264 -50.48 49.91 6.12
CA GLN C 264 -51.19 49.26 7.23
C GLN C 264 -50.20 48.51 8.13
N PRO C 265 -49.61 49.14 9.19
CA PRO C 265 -48.69 48.54 10.18
C PRO C 265 -49.08 47.19 10.82
N SER C 266 -50.34 46.78 10.73
CA SER C 266 -50.83 45.45 11.04
C SER C 266 -50.14 44.32 10.23
N PHE C 267 -49.63 44.63 9.02
CA PHE C 267 -48.84 43.70 8.20
C PHE C 267 -47.49 43.31 8.84
N ILE C 268 -46.95 44.14 9.76
CA ILE C 268 -45.76 43.87 10.58
C ILE C 268 -46.18 43.69 12.06
N GLY C 269 -47.49 43.60 12.32
CA GLY C 269 -48.09 43.21 13.60
C GLY C 269 -48.12 44.29 14.68
N MET C 270 -47.94 45.58 14.34
CA MET C 270 -47.85 46.67 15.31
C MET C 270 -49.22 47.29 15.63
N GLU C 271 -49.40 47.80 16.86
CA GLU C 271 -50.43 48.79 17.20
C GLU C 271 -49.86 50.11 16.65
N SER C 272 -50.31 50.51 15.46
CA SER C 272 -49.92 51.72 14.76
C SER C 272 -50.94 51.98 13.65
N ALA C 273 -51.28 53.26 13.44
CA ALA C 273 -52.12 53.73 12.34
C ALA C 273 -51.23 53.93 11.10
N GLY C 274 -51.80 53.77 9.91
CA GLY C 274 -51.12 53.93 8.62
C GLY C 274 -50.71 55.37 8.31
N ILE C 275 -49.71 55.59 7.44
CA ILE C 275 -49.24 56.93 7.06
C ILE C 275 -50.31 57.88 6.51
N HIS C 276 -51.31 57.35 5.79
CA HIS C 276 -52.47 58.10 5.30
C HIS C 276 -53.46 58.40 6.45
N GLU C 277 -53.65 57.43 7.36
CA GLU C 277 -54.43 57.57 8.59
C GLU C 277 -53.84 58.69 9.49
N THR C 278 -52.52 58.70 9.74
CA THR C 278 -51.85 59.69 10.59
C THR C 278 -51.78 61.08 9.91
N THR C 279 -51.66 61.13 8.58
CA THR C 279 -51.75 62.37 7.78
C THR C 279 -53.15 62.98 7.95
N TYR C 280 -54.21 62.19 7.72
CA TYR C 280 -55.60 62.60 7.91
C TYR C 280 -55.87 63.06 9.36
N ASN C 281 -55.42 62.28 10.37
CA ASN C 281 -55.67 62.56 11.79
C ASN C 281 -54.97 63.84 12.29
N SER C 282 -53.75 64.12 11.83
CA SER C 282 -53.06 65.38 12.14
C SER C 282 -53.71 66.57 11.41
N ILE C 283 -54.14 66.44 10.14
CA ILE C 283 -54.95 67.46 9.45
C ILE C 283 -56.28 67.69 10.18
N MET C 284 -57.02 66.61 10.51
CA MET C 284 -58.31 66.64 11.24
C MET C 284 -58.21 67.29 12.63
N LYS C 285 -57.02 67.27 13.26
CA LYS C 285 -56.78 67.89 14.55
C LYS C 285 -56.35 69.37 14.41
N CYS C 286 -56.08 69.85 13.18
CA CYS C 286 -55.89 71.27 12.93
C CYS C 286 -57.26 71.93 12.77
N ASP C 287 -57.30 73.24 13.04
CA ASP C 287 -58.43 74.16 13.04
C ASP C 287 -59.18 74.13 11.69
N ILE C 288 -60.50 74.30 11.73
CA ILE C 288 -61.47 74.21 10.63
C ILE C 288 -61.02 74.75 9.25
N ASP C 289 -60.46 75.96 9.25
CA ASP C 289 -60.09 76.76 8.09
C ASP C 289 -58.63 76.49 7.69
N ILE C 290 -57.81 75.88 8.54
CA ILE C 290 -56.42 75.51 8.24
C ILE C 290 -56.40 74.24 7.36
N ARG C 291 -57.31 73.28 7.60
CA ARG C 291 -57.27 71.93 7.04
C ARG C 291 -57.25 71.90 5.50
N LYS C 292 -57.98 72.81 4.86
CA LYS C 292 -58.03 73.00 3.39
C LYS C 292 -56.66 73.27 2.76
N ASP C 293 -55.79 73.97 3.49
CA ASP C 293 -54.48 74.44 3.05
C ASP C 293 -53.43 73.32 3.18
N LEU C 294 -53.63 72.43 4.15
CA LEU C 294 -52.79 71.27 4.44
C LEU C 294 -53.11 70.12 3.49
N TYR C 295 -54.39 69.92 3.10
CA TYR C 295 -54.80 68.88 2.15
C TYR C 295 -54.19 69.08 0.75
N ALA C 296 -53.90 70.35 0.39
CA ALA C 296 -53.30 70.74 -0.89
C ALA C 296 -51.77 70.84 -0.81
N ASN C 297 -51.16 70.64 0.37
CA ASN C 297 -49.73 70.84 0.62
C ASN C 297 -49.20 69.75 1.55
N ASN C 298 -49.51 68.48 1.29
CA ASN C 298 -48.81 67.38 1.98
C ASN C 298 -47.52 67.16 1.20
N VAL C 299 -46.36 67.22 1.88
CA VAL C 299 -45.05 67.14 1.27
C VAL C 299 -44.29 65.95 1.88
N MET C 300 -43.65 65.16 1.01
CA MET C 300 -42.80 64.03 1.37
C MET C 300 -41.39 64.55 1.72
N SER C 301 -40.86 64.08 2.84
CA SER C 301 -39.54 64.36 3.39
C SER C 301 -38.97 63.04 3.95
N GLY C 302 -37.73 63.06 4.44
CA GLY C 302 -37.12 61.94 5.15
C GLY C 302 -36.47 60.90 4.24
N GLY C 303 -35.68 60.05 4.89
CA GLY C 303 -34.78 59.05 4.32
C GLY C 303 -35.41 57.97 3.43
N THR C 304 -36.71 57.67 3.57
CA THR C 304 -37.33 56.50 2.95
C THR C 304 -38.57 56.83 2.08
N THR C 305 -38.96 58.10 1.88
CA THR C 305 -40.09 58.47 0.98
C THR C 305 -39.73 58.41 -0.53
N MET C 306 -38.64 57.71 -0.88
CA MET C 306 -38.07 57.61 -2.23
C MET C 306 -38.59 56.39 -3.01
N TYR C 307 -39.50 55.59 -2.44
CA TYR C 307 -40.13 54.45 -3.12
C TYR C 307 -41.05 54.95 -4.25
N PRO C 308 -40.91 54.50 -5.52
CA PRO C 308 -41.88 54.78 -6.59
C PRO C 308 -43.32 54.40 -6.20
N GLY C 309 -44.31 55.14 -6.67
CA GLY C 309 -45.73 54.87 -6.44
C GLY C 309 -46.28 55.41 -5.11
N ILE C 310 -45.43 55.91 -4.21
CA ILE C 310 -45.82 56.31 -2.84
C ILE C 310 -46.79 57.51 -2.83
N ALA C 311 -46.61 58.47 -3.73
CA ALA C 311 -47.42 59.69 -3.80
C ALA C 311 -48.73 59.40 -4.53
N ASP C 312 -48.62 58.60 -5.59
CA ASP C 312 -49.63 58.10 -6.52
C ASP C 312 -50.63 57.22 -5.78
N ARG C 313 -50.13 56.36 -4.86
CA ARG C 313 -50.90 55.58 -3.91
C ARG C 313 -51.58 56.51 -2.89
N MET C 314 -50.82 57.43 -2.25
CA MET C 314 -51.32 58.38 -1.25
C MET C 314 -52.47 59.26 -1.78
N GLN C 315 -52.46 59.65 -3.06
CA GLN C 315 -53.54 60.40 -3.72
C GLN C 315 -54.87 59.62 -3.76
N LYS C 316 -54.83 58.28 -3.81
CA LYS C 316 -56.00 57.41 -3.78
C LYS C 316 -56.40 57.12 -2.31
N GLU C 317 -55.42 56.91 -1.42
CA GLU C 317 -55.63 56.61 0.00
C GLU C 317 -56.28 57.78 0.75
N ILE C 318 -55.83 59.02 0.51
CA ILE C 318 -56.32 60.21 1.21
C ILE C 318 -57.70 60.66 0.69
N THR C 319 -58.08 60.33 -0.56
CA THR C 319 -59.41 60.63 -1.10
C THR C 319 -60.49 59.63 -0.59
N ALA C 320 -60.10 58.59 0.14
CA ALA C 320 -60.99 57.72 0.92
C ALA C 320 -61.14 58.21 2.37
N LEU C 321 -60.50 59.34 2.74
CA LEU C 321 -60.48 59.89 4.10
C LEU C 321 -60.93 61.36 4.13
N ALA C 322 -60.30 62.21 3.31
CA ALA C 322 -60.52 63.66 3.28
C ALA C 322 -61.85 63.97 2.54
N PRO C 323 -62.71 64.89 3.06
CA PRO C 323 -63.97 65.32 2.42
C PRO C 323 -63.82 65.67 0.93
N SER C 324 -64.62 65.04 0.07
CA SER C 324 -64.41 64.89 -1.37
C SER C 324 -64.48 66.18 -2.21
N THR C 325 -64.77 67.33 -1.58
CA THR C 325 -64.65 68.65 -2.20
C THR C 325 -63.20 69.17 -2.13
N MET C 326 -62.35 68.65 -1.22
CA MET C 326 -60.98 69.10 -1.01
C MET C 326 -60.05 68.71 -2.17
N LYS C 327 -59.07 69.57 -2.45
CA LYS C 327 -58.22 69.54 -3.63
C LYS C 327 -56.91 68.84 -3.25
N ILE C 328 -56.97 67.53 -2.97
CA ILE C 328 -55.89 66.70 -2.42
C ILE C 328 -54.63 66.72 -3.30
N LYS C 329 -53.48 67.13 -2.75
CA LYS C 329 -52.19 67.20 -3.43
C LYS C 329 -51.06 66.71 -2.51
N ILE C 330 -50.43 65.61 -2.91
CA ILE C 330 -49.26 65.01 -2.26
C ILE C 330 -48.05 65.44 -3.12
N ILE C 331 -47.20 66.32 -2.60
CA ILE C 331 -46.01 66.84 -3.25
C ILE C 331 -44.84 65.89 -2.92
N ALA C 332 -44.23 65.30 -3.95
CA ALA C 332 -43.03 64.47 -3.80
C ALA C 332 -41.88 65.19 -4.53
N PRO C 333 -41.04 65.99 -3.82
CA PRO C 333 -40.00 66.80 -4.46
C PRO C 333 -38.82 65.93 -5.00
N PRO C 334 -37.99 66.47 -5.94
CA PRO C 334 -36.84 65.79 -6.57
C PRO C 334 -35.91 65.05 -5.59
N GLU C 335 -35.27 65.78 -4.68
CA GLU C 335 -34.63 65.22 -3.50
C GLU C 335 -35.62 65.45 -2.34
N ARG C 336 -35.46 64.64 -1.29
CA ARG C 336 -36.37 64.54 -0.14
C ARG C 336 -35.70 63.89 1.07
N LYS C 337 -34.58 63.17 0.89
CA LYS C 337 -33.86 62.49 1.98
C LYS C 337 -32.67 63.34 2.47
N TYR C 338 -32.14 64.21 1.59
CA TYR C 338 -31.08 65.17 1.89
C TYR C 338 -31.65 66.59 2.00
N SER C 339 -32.93 66.82 1.66
CA SER C 339 -33.62 68.11 1.55
C SER C 339 -33.36 69.10 2.69
N VAL C 340 -33.47 68.62 3.94
CA VAL C 340 -33.27 69.39 5.16
C VAL C 340 -31.81 69.84 5.33
N TRP C 341 -30.85 69.00 4.91
CA TRP C 341 -29.42 69.32 4.93
C TRP C 341 -29.10 70.30 3.79
N ILE C 342 -29.69 70.12 2.60
CA ILE C 342 -29.55 71.01 1.44
C ILE C 342 -30.10 72.41 1.77
N GLY C 343 -31.25 72.50 2.46
CA GLY C 343 -31.83 73.74 2.98
C GLY C 343 -30.90 74.41 4.01
N GLY C 344 -30.26 73.59 4.85
CA GLY C 344 -29.21 74.00 5.79
C GLY C 344 -27.95 74.52 5.09
N SER C 345 -27.46 73.82 4.05
CA SER C 345 -26.34 74.22 3.19
C SER C 345 -26.55 75.61 2.59
N ILE C 346 -27.72 75.86 1.99
CA ILE C 346 -28.10 77.16 1.43
C ILE C 346 -28.12 78.26 2.51
N LEU C 347 -28.78 77.98 3.65
CA LEU C 347 -28.96 78.92 4.76
C LEU C 347 -27.64 79.27 5.46
N ALA C 348 -26.69 78.33 5.50
CA ALA C 348 -25.35 78.49 6.04
C ALA C 348 -24.36 79.13 5.05
N SER C 349 -24.77 79.51 3.83
CA SER C 349 -23.92 80.10 2.80
C SER C 349 -24.42 81.45 2.27
N LEU C 350 -25.48 82.01 2.86
CA LEU C 350 -25.90 83.39 2.64
C LEU C 350 -25.08 84.26 3.62
N SER C 351 -24.10 85.03 3.12
CA SER C 351 -23.22 85.90 3.91
C SER C 351 -23.94 87.19 4.39
N THR C 352 -25.13 87.04 5.00
CA THR C 352 -26.08 88.10 5.30
C THR C 352 -25.60 88.97 6.47
N PHE C 353 -25.55 88.42 7.69
CA PHE C 353 -25.43 89.19 8.92
C PHE C 353 -23.97 89.30 9.39
N GLN C 354 -22.99 89.31 8.48
CA GLN C 354 -21.54 89.22 8.72
C GLN C 354 -20.93 90.21 9.75
N GLN C 355 -21.65 91.27 10.14
CA GLN C 355 -21.22 92.28 11.11
C GLN C 355 -22.06 92.23 12.41
N MET C 356 -23.09 91.39 12.50
CA MET C 356 -24.06 91.33 13.62
C MET C 356 -24.74 89.95 13.73
N TRP C 357 -23.98 88.88 13.48
CA TRP C 357 -24.45 87.49 13.57
C TRP C 357 -24.08 86.91 14.94
N ILE C 358 -24.42 85.62 15.14
CA ILE C 358 -23.92 84.75 16.19
C ILE C 358 -22.38 84.73 16.12
N THR C 359 -21.76 84.81 17.29
CA THR C 359 -20.33 84.75 17.55
C THR C 359 -20.18 83.95 18.86
N LYS C 360 -18.95 83.77 19.34
CA LYS C 360 -18.67 83.34 20.71
C LYS C 360 -19.20 84.37 21.74
N GLN C 361 -19.25 85.67 21.40
CA GLN C 361 -19.72 86.74 22.29
C GLN C 361 -21.25 86.68 22.46
N GLU C 362 -22.00 86.26 21.43
CA GLU C 362 -23.44 85.98 21.52
C GLU C 362 -23.73 84.76 22.43
N TYR C 363 -22.74 83.93 22.76
CA TYR C 363 -22.86 82.91 23.81
C TYR C 363 -22.37 83.51 25.14
N ASP C 364 -21.15 84.04 25.20
CA ASP C 364 -20.48 84.42 26.46
C ASP C 364 -21.14 85.62 27.15
N GLU C 365 -21.67 86.57 26.39
CA GLU C 365 -22.32 87.79 26.91
C GLU C 365 -23.85 87.60 27.02
N ALA C 366 -24.45 86.76 26.15
CA ALA C 366 -25.90 86.74 25.89
C ALA C 366 -26.57 85.36 25.94
N GLY C 367 -25.78 84.29 26.05
CA GLY C 367 -26.19 82.90 26.14
C GLY C 367 -27.01 82.36 24.96
N PRO C 368 -27.49 81.09 25.02
CA PRO C 368 -28.47 80.50 24.10
C PRO C 368 -29.81 81.28 23.89
N SER C 369 -30.02 82.43 24.56
CA SER C 369 -31.25 83.21 24.52
C SER C 369 -31.54 83.77 23.13
N ILE C 370 -30.48 84.00 22.33
CA ILE C 370 -30.54 84.59 21.02
C ILE C 370 -30.64 83.49 19.94
N VAL C 371 -30.14 82.27 20.22
CA VAL C 371 -30.33 81.09 19.36
C VAL C 371 -31.82 80.73 19.34
N HIS C 372 -32.44 80.60 20.53
CA HIS C 372 -33.88 80.36 20.74
C HIS C 372 -34.80 81.35 20.01
N ARG C 373 -34.34 82.60 19.83
CA ARG C 373 -35.04 83.69 19.14
C ARG C 373 -34.75 83.73 17.63
N LYS C 374 -33.62 83.16 17.15
CA LYS C 374 -33.25 83.14 15.74
C LYS C 374 -33.73 81.82 15.07
N CYS C 375 -34.07 80.77 15.84
CA CYS C 375 -34.68 79.53 15.37
C CYS C 375 -36.17 79.73 14.99
N PHE C 376 -36.68 78.98 14.01
CA PHE C 376 -38.08 79.03 13.53
C PHE C 376 -39.06 78.38 14.54
N NH2 C 377 -39.10 78.88 15.76
HN1 NH2 C 377 -39.79 78.53 16.42
HN2 NH2 C 377 -38.47 79.65 15.98
C ACE D 1 -69.63 -4.96 16.67
O ACE D 1 -69.84 -5.66 17.88
CH3 ACE D 1 -69.58 -5.96 15.52
H1 ACE D 1 -69.39 -5.46 14.57
H2 ACE D 1 -70.53 -6.48 15.43
H3 ACE D 1 -68.80 -6.70 15.67
N ASP D 2 -68.33 -4.33 16.82
CA ASP D 2 -68.42 -3.07 17.58
C ASP D 2 -68.37 -1.93 16.56
N GLU D 3 -68.98 -0.79 16.91
CA GLU D 3 -69.20 0.36 16.02
C GLU D 3 -68.72 1.63 16.74
N ASP D 4 -67.44 1.98 16.53
CA ASP D 4 -66.79 3.24 16.87
C ASP D 4 -65.78 3.55 15.74
N GLU D 5 -65.24 4.77 15.70
CA GLU D 5 -64.39 5.27 14.63
C GLU D 5 -62.93 4.82 14.80
N THR D 6 -62.12 5.17 13.80
CA THR D 6 -60.84 4.60 13.47
C THR D 6 -59.74 5.10 14.43
N THR D 7 -58.82 4.21 14.79
CA THR D 7 -57.56 4.55 15.45
C THR D 7 -56.66 5.16 14.37
N ALA D 8 -56.43 6.47 14.45
CA ALA D 8 -55.78 7.30 13.44
C ALA D 8 -54.25 7.09 13.39
N LEU D 9 -53.67 7.49 12.26
CA LEU D 9 -52.25 7.62 11.99
C LEU D 9 -51.86 9.04 12.42
N VAL D 10 -50.81 9.19 13.22
CA VAL D 10 -50.36 10.46 13.78
C VAL D 10 -48.89 10.63 13.41
N CYS D 11 -48.52 11.79 12.86
CA CYS D 11 -47.20 12.11 12.36
C CYS D 11 -46.84 13.55 12.74
N ASP D 12 -45.56 13.80 13.06
CA ASP D 12 -44.99 15.13 13.21
C ASP D 12 -43.69 15.22 12.38
N ASN D 13 -43.56 16.31 11.63
CA ASN D 13 -42.41 16.66 10.78
C ASN D 13 -41.26 17.25 11.62
N GLY D 14 -41.55 17.76 12.82
CA GLY D 14 -40.62 18.32 13.79
C GLY D 14 -39.76 19.46 13.24
N SER D 15 -38.44 19.28 13.38
CA SER D 15 -37.37 20.02 12.73
C SER D 15 -36.32 18.98 12.35
N GLY D 16 -36.35 18.51 11.09
CA GLY D 16 -35.44 17.53 10.52
C GLY D 16 -35.78 16.07 10.88
N LEU D 17 -36.23 15.80 12.12
CA LEU D 17 -36.56 14.47 12.62
C LEU D 17 -38.08 14.24 12.42
N VAL D 18 -38.44 13.15 11.75
CA VAL D 18 -39.82 12.67 11.64
C VAL D 18 -40.09 11.82 12.89
N LYS D 19 -41.30 11.94 13.46
CA LYS D 19 -41.85 11.05 14.46
C LYS D 19 -43.24 10.64 13.94
N ALA D 20 -43.59 9.36 13.98
CA ALA D 20 -44.90 8.88 13.57
C ALA D 20 -45.31 7.62 14.36
N GLY D 21 -46.62 7.35 14.43
CA GLY D 21 -47.21 6.23 15.14
C GLY D 21 -48.73 6.27 15.02
N PHE D 22 -49.45 5.59 15.92
CA PHE D 22 -50.91 5.52 15.90
C PHE D 22 -51.45 6.18 17.17
N ALA D 23 -52.70 6.66 17.08
CA ALA D 23 -53.43 7.30 18.17
C ALA D 23 -53.70 6.30 19.30
N GLY D 24 -53.46 6.71 20.54
CA GLY D 24 -53.59 5.88 21.74
C GLY D 24 -52.26 5.22 22.15
N ASP D 25 -51.23 5.28 21.30
CA ASP D 25 -49.85 4.99 21.67
C ASP D 25 -49.35 6.30 22.33
N ASP D 26 -48.92 6.28 23.60
CA ASP D 26 -48.46 7.47 24.34
C ASP D 26 -47.03 7.90 23.92
N ALA D 27 -46.35 7.15 23.04
CA ALA D 27 -45.02 7.44 22.51
C ALA D 27 -44.99 7.08 21.00
N PRO D 28 -44.18 7.76 20.17
CA PRO D 28 -44.13 7.49 18.72
C PRO D 28 -43.46 6.15 18.42
N ARG D 29 -43.92 5.53 17.32
CA ARG D 29 -43.62 4.16 16.95
C ARG D 29 -42.41 4.12 16.02
N ALA D 30 -42.35 5.04 15.05
CA ALA D 30 -41.29 5.21 14.05
C ALA D 30 -40.67 6.60 14.27
N VAL D 31 -39.34 6.67 14.35
CA VAL D 31 -38.56 7.89 14.48
C VAL D 31 -37.34 7.73 13.57
N PHE D 32 -37.16 8.66 12.61
CA PHE D 32 -36.06 8.67 11.64
C PHE D 32 -35.76 10.10 11.19
N PRO D 33 -34.53 10.44 10.72
CA PRO D 33 -34.23 11.74 10.12
C PRO D 33 -34.77 11.81 8.69
N SER D 34 -35.36 12.94 8.27
CA SER D 34 -35.91 13.14 6.92
C SER D 34 -34.81 13.38 5.85
N ILE D 35 -33.70 12.63 5.88
CA ILE D 35 -32.65 12.71 4.88
C ILE D 35 -33.12 12.11 3.54
N VAL D 36 -33.02 12.89 2.47
CA VAL D 36 -33.01 12.42 1.10
C VAL D 36 -31.57 12.61 0.63
N GLY D 37 -30.96 11.54 0.10
CA GLY D 37 -29.66 11.54 -0.51
C GLY D 37 -29.85 11.61 -2.02
N ARG D 38 -29.58 12.79 -2.59
CA ARG D 38 -29.49 13.00 -4.04
C ARG D 38 -28.01 12.86 -4.45
N PRO D 39 -27.68 12.38 -5.68
CA PRO D 39 -26.31 12.16 -6.17
C PRO D 39 -25.31 13.33 -6.06
N ARG D 40 -24.02 13.00 -6.11
CA ARG D 40 -22.89 13.89 -6.33
C ARG D 40 -21.80 13.19 -7.17
N HIS D 41 -20.77 13.95 -7.56
CA HIS D 41 -19.64 13.58 -8.40
C HIS D 41 -18.80 12.43 -7.83
N GLN D 42 -18.93 11.25 -8.46
CA GLN D 42 -18.15 10.06 -8.18
C GLN D 42 -17.94 9.27 -9.47
N GLY D 43 -17.17 9.86 -10.39
CA GLY D 43 -16.78 9.28 -11.67
C GLY D 43 -17.98 8.94 -12.54
N VAL D 44 -18.18 7.64 -12.80
CA VAL D 44 -19.35 7.11 -13.52
C VAL D 44 -20.41 6.59 -12.51
N MET D 45 -20.03 6.32 -11.25
CA MET D 45 -20.86 5.58 -10.29
C MET D 45 -22.08 6.41 -9.81
N VAL D 46 -21.98 7.73 -9.97
CA VAL D 46 -23.05 8.73 -9.90
C VAL D 46 -24.26 8.38 -10.81
N GLY D 47 -24.00 7.74 -11.96
CA GLY D 47 -24.97 7.32 -12.95
C GLY D 47 -25.20 5.81 -12.98
N MET D 48 -24.62 5.06 -12.02
CA MET D 48 -24.83 3.62 -11.82
C MET D 48 -25.58 3.38 -10.51
N GLY D 49 -26.33 4.40 -10.06
CA GLY D 49 -27.25 4.33 -8.93
C GLY D 49 -28.40 3.37 -9.24
N GLN D 50 -28.78 2.55 -8.25
CA GLN D 50 -29.85 1.56 -8.38
C GLN D 50 -31.22 2.19 -8.07
N LYS D 51 -31.20 3.42 -7.55
CA LYS D 51 -32.24 4.42 -7.40
C LYS D 51 -31.51 5.77 -7.53
N ASP D 52 -32.25 6.89 -7.60
CA ASP D 52 -31.71 8.25 -7.71
C ASP D 52 -31.81 8.91 -6.31
N SER D 53 -33.03 9.05 -5.78
CA SER D 53 -33.38 9.84 -4.61
C SER D 53 -33.69 8.88 -3.48
N TYR D 54 -32.63 8.38 -2.85
CA TYR D 54 -32.66 7.46 -1.73
C TYR D 54 -33.07 8.24 -0.48
N VAL D 55 -33.92 7.68 0.39
CA VAL D 55 -34.51 8.36 1.54
C VAL D 55 -34.32 7.48 2.80
N GLY D 56 -34.08 8.12 3.96
CA GLY D 56 -33.90 7.50 5.26
C GLY D 56 -32.72 6.53 5.29
N ASP D 57 -33.00 5.27 5.64
CA ASP D 57 -32.08 4.13 5.74
C ASP D 57 -31.29 3.91 4.44
N GLU D 58 -31.98 4.04 3.30
CA GLU D 58 -31.41 3.91 1.97
C GLU D 58 -30.45 5.07 1.66
N ALA D 59 -30.64 6.27 2.23
CA ALA D 59 -29.86 7.47 1.94
C ALA D 59 -28.50 7.43 2.65
N GLN D 60 -28.48 7.20 3.97
CA GLN D 60 -27.28 7.15 4.81
C GLN D 60 -26.36 5.95 4.53
N SER D 61 -26.82 5.00 3.71
CA SER D 61 -26.09 3.78 3.37
C SER D 61 -25.08 3.96 2.23
N LYS D 62 -25.39 4.78 1.21
CA LYS D 62 -24.68 4.69 -0.07
C LYS D 62 -23.43 5.58 -0.02
N ARG D 63 -22.31 4.95 0.37
CA ARG D 63 -21.01 5.57 0.61
C ARG D 63 -20.48 6.37 -0.59
N GLY D 64 -20.18 7.65 -0.39
CA GLY D 64 -19.60 8.60 -1.33
C GLY D 64 -20.55 9.14 -2.40
N ILE D 65 -21.52 8.34 -2.86
CA ILE D 65 -22.32 8.61 -4.07
C ILE D 65 -23.23 9.84 -3.90
N LEU D 66 -23.71 10.11 -2.68
CA LEU D 66 -24.82 11.03 -2.43
C LEU D 66 -24.38 12.27 -1.63
N THR D 67 -25.27 13.27 -1.56
CA THR D 67 -25.22 14.41 -0.67
C THR D 67 -26.60 14.55 -0.01
N LEU D 68 -26.66 14.37 1.31
CA LEU D 68 -27.91 14.38 2.08
C LEU D 68 -28.45 15.81 2.20
N LYS D 69 -29.78 15.96 2.08
CA LYS D 69 -30.56 17.17 2.28
C LYS D 69 -31.79 16.75 3.08
N TYR D 70 -32.32 17.64 3.92
CA TYR D 70 -33.55 17.44 4.68
C TYR D 70 -34.61 18.35 4.04
N PRO D 71 -35.59 17.86 3.22
CA PRO D 71 -36.56 18.69 2.45
C PRO D 71 -37.27 19.84 3.21
N ILE D 72 -37.46 19.70 4.53
CA ILE D 72 -38.02 20.69 5.44
C ILE D 72 -37.05 21.85 5.78
N GLU D 73 -35.75 21.72 5.50
CA GLU D 73 -34.58 22.35 6.18
C GLU D 73 -34.89 23.21 7.42
N HIS D 74 -35.16 24.50 7.23
CA HIS D 74 -35.34 25.51 8.29
C HIS D 74 -36.81 25.71 8.69
N GLY D 75 -37.74 24.84 8.27
CA GLY D 75 -39.18 24.97 8.47
C GLY D 75 -39.91 25.53 7.25
N ILE D 76 -39.15 26.05 6.28
CA ILE D 76 -39.59 26.40 4.93
C ILE D 76 -39.25 25.16 4.10
N ILE D 77 -40.27 24.48 3.56
CA ILE D 77 -40.12 23.27 2.73
C ILE D 77 -39.47 23.69 1.40
N THR D 78 -38.32 23.07 1.09
CA THR D 78 -37.40 23.49 0.04
C THR D 78 -37.63 22.75 -1.29
N ASN D 79 -38.48 21.71 -1.31
CA ASN D 79 -38.93 20.99 -2.49
C ASN D 79 -40.19 20.20 -2.08
N TRP D 80 -41.15 20.07 -2.98
CA TRP D 80 -42.36 19.29 -2.75
C TRP D 80 -42.15 17.81 -3.03
N ASP D 81 -41.59 17.44 -4.19
CA ASP D 81 -41.55 16.03 -4.63
C ASP D 81 -40.68 15.18 -3.68
N ASP D 82 -39.72 15.78 -2.97
CA ASP D 82 -38.94 15.14 -1.90
C ASP D 82 -39.70 15.12 -0.57
N MET D 83 -40.58 16.09 -0.28
CA MET D 83 -41.46 16.05 0.90
C MET D 83 -42.48 14.91 0.76
N GLU D 84 -42.93 14.64 -0.47
CA GLU D 84 -43.66 13.44 -0.91
C GLU D 84 -42.88 12.16 -0.52
N LYS D 85 -41.56 12.10 -0.79
CA LYS D 85 -40.69 10.95 -0.46
C LYS D 85 -40.51 10.72 1.05
N ILE D 86 -40.53 11.75 1.90
CA ILE D 86 -40.40 11.63 3.36
C ILE D 86 -41.64 10.91 3.91
N TRP D 87 -42.82 11.41 3.58
CA TRP D 87 -44.10 10.84 4.03
C TRP D 87 -44.34 9.47 3.40
N HIS D 88 -43.91 9.26 2.15
CA HIS D 88 -43.98 7.95 1.49
C HIS D 88 -43.11 6.91 2.22
N HIS D 89 -41.87 7.25 2.63
CA HIS D 89 -41.01 6.34 3.40
C HIS D 89 -41.54 6.11 4.82
N THR D 90 -42.15 7.14 5.44
CA THR D 90 -42.79 7.05 6.75
C THR D 90 -43.93 6.01 6.72
N PHE D 91 -44.85 6.13 5.75
CA PHE D 91 -46.07 5.34 5.68
C PHE D 91 -45.80 3.96 5.05
N TYR D 92 -45.13 3.90 3.89
CA TYR D 92 -45.05 2.69 3.07
C TYR D 92 -43.72 1.94 3.23
N ASN D 93 -42.86 2.31 4.20
CA ASN D 93 -41.63 1.57 4.56
C ASN D 93 -41.44 1.42 6.08
N GLU D 94 -41.59 2.50 6.87
CA GLU D 94 -41.43 2.44 8.33
C GLU D 94 -42.68 1.84 9.00
N LEU D 95 -43.85 2.48 8.86
CA LEU D 95 -45.08 2.08 9.55
C LEU D 95 -45.80 0.93 8.83
N ARG D 96 -45.77 0.94 7.50
CA ARG D 96 -46.16 -0.16 6.60
C ARG D 96 -47.67 -0.25 6.36
N VAL D 97 -48.35 0.90 6.36
CA VAL D 97 -49.78 1.05 6.13
C VAL D 97 -49.97 1.99 4.93
N ALA D 98 -50.96 1.70 4.09
CA ALA D 98 -51.53 2.65 3.15
C ALA D 98 -52.70 3.31 3.91
N PRO D 99 -52.73 4.65 4.09
CA PRO D 99 -53.72 5.32 4.95
C PRO D 99 -55.10 5.51 4.26
N GLU D 100 -55.57 4.50 3.52
CA GLU D 100 -56.86 4.48 2.81
C GLU D 100 -58.01 4.36 3.83
N GLU D 101 -57.80 3.57 4.89
CA GLU D 101 -58.68 3.42 6.04
C GLU D 101 -58.47 4.58 7.06
N HIS D 102 -57.25 5.12 7.16
CA HIS D 102 -56.77 5.73 8.42
C HIS D 102 -56.71 7.27 8.30
N PRO D 103 -57.43 8.03 9.15
CA PRO D 103 -57.21 9.48 9.35
C PRO D 103 -55.73 9.79 9.67
N THR D 104 -55.14 10.80 9.03
CA THR D 104 -53.72 11.12 9.11
C THR D 104 -53.57 12.52 9.73
N LEU D 105 -53.17 12.62 11.01
CA LEU D 105 -52.90 13.90 11.67
C LEU D 105 -51.43 14.27 11.42
N LEU D 106 -51.20 15.46 10.86
CA LEU D 106 -49.91 16.09 10.63
C LEU D 106 -49.75 17.29 11.58
N THR D 107 -48.53 17.82 11.66
CA THR D 107 -48.22 19.12 12.25
C THR D 107 -48.03 20.19 11.17
N GLU D 108 -48.38 21.44 11.53
CA GLU D 108 -48.09 22.71 10.88
C GLU D 108 -46.56 22.92 11.01
N ALA D 109 -45.84 22.97 9.89
CA ALA D 109 -44.38 23.05 9.83
C ALA D 109 -43.90 24.40 10.40
N PRO D 110 -42.71 24.48 11.08
CA PRO D 110 -42.21 25.66 11.79
C PRO D 110 -42.39 27.02 11.09
N LEU D 111 -43.51 27.70 11.39
CA LEU D 111 -43.91 29.06 11.04
C LEU D 111 -44.57 29.23 9.66
N ASN D 112 -44.19 28.38 8.69
CA ASN D 112 -44.40 28.34 7.22
C ASN D 112 -45.40 29.34 6.54
N PRO D 113 -45.10 29.88 5.33
CA PRO D 113 -45.99 30.80 4.59
C PRO D 113 -47.26 30.08 4.13
N LYS D 114 -48.40 30.46 4.72
CA LYS D 114 -49.58 29.61 4.96
C LYS D 114 -50.27 28.99 3.73
N ALA D 115 -50.05 29.53 2.53
CA ALA D 115 -50.65 29.05 1.28
C ALA D 115 -50.02 27.74 0.78
N ASN D 116 -48.76 27.44 1.17
CA ASN D 116 -48.06 26.21 0.72
C ASN D 116 -48.72 24.93 1.29
N ARG D 117 -49.47 25.08 2.40
CA ARG D 117 -50.17 24.04 3.14
C ARG D 117 -51.30 23.40 2.32
N GLU D 118 -51.79 24.09 1.30
CA GLU D 118 -52.83 23.63 0.39
C GLU D 118 -52.29 22.44 -0.46
N LYS D 119 -51.00 22.50 -0.86
CA LYS D 119 -50.35 21.38 -1.55
C LYS D 119 -49.98 20.26 -0.55
N MET D 120 -49.82 20.54 0.76
CA MET D 120 -49.67 19.50 1.80
C MET D 120 -51.00 18.73 1.99
N THR D 121 -52.12 19.44 1.86
CA THR D 121 -53.47 18.92 2.02
C THR D 121 -53.82 18.00 0.84
N GLN D 122 -53.47 18.40 -0.40
CA GLN D 122 -53.52 17.61 -1.63
C GLN D 122 -52.87 16.22 -1.51
N ILE D 123 -51.60 16.18 -1.07
CA ILE D 123 -50.76 14.97 -1.01
C ILE D 123 -51.41 13.86 -0.15
N MET D 124 -52.13 14.26 0.90
CA MET D 124 -52.88 13.33 1.73
C MET D 124 -54.10 12.81 0.96
N PHE D 125 -54.98 13.70 0.50
CA PHE D 125 -56.29 13.36 -0.02
C PHE D 125 -56.28 12.68 -1.40
N GLU D 126 -55.35 13.05 -2.27
CA GLU D 126 -55.25 12.56 -3.64
C GLU D 126 -54.16 11.47 -3.74
N THR D 127 -52.91 11.78 -3.37
CA THR D 127 -51.76 10.89 -3.64
C THR D 127 -51.77 9.68 -2.69
N PHE D 128 -51.79 9.91 -1.36
CA PHE D 128 -51.79 8.82 -0.36
C PHE D 128 -53.20 8.31 -0.04
N ASN D 129 -54.24 8.97 -0.55
CA ASN D 129 -55.64 8.51 -0.61
C ASN D 129 -56.47 8.72 0.65
N VAL D 130 -55.90 9.33 1.69
CA VAL D 130 -56.39 9.65 3.04
C VAL D 130 -57.88 10.07 3.11
N PRO D 131 -58.69 9.54 4.06
CA PRO D 131 -60.10 9.94 4.24
C PRO D 131 -60.27 11.30 4.95
N ALA D 132 -59.42 11.60 5.94
CA ALA D 132 -59.46 12.80 6.77
C ALA D 132 -58.07 13.19 7.24
N MET D 133 -57.79 14.50 7.36
CA MET D 133 -56.50 15.03 7.82
C MET D 133 -56.65 16.29 8.68
N TYR D 134 -55.58 16.65 9.41
CA TYR D 134 -55.47 17.84 10.25
C TYR D 134 -54.00 18.28 10.29
N VAL D 135 -53.76 19.58 10.48
CA VAL D 135 -52.44 20.24 10.49
C VAL D 135 -52.36 21.05 11.80
N ALA D 136 -51.80 20.44 12.86
CA ALA D 136 -51.81 20.96 14.24
C ALA D 136 -50.56 21.81 14.57
N ILE D 137 -50.70 22.76 15.50
CA ILE D 137 -49.64 23.70 15.89
C ILE D 137 -48.71 23.04 16.92
N GLN D 138 -47.43 22.85 16.55
CA GLN D 138 -46.40 22.17 17.32
C GLN D 138 -46.19 22.77 18.73
N ALA D 139 -45.93 24.08 18.78
CA ALA D 139 -45.57 24.80 20.01
C ALA D 139 -46.71 24.80 21.04
N VAL D 140 -47.96 24.95 20.59
CA VAL D 140 -49.16 24.91 21.45
C VAL D 140 -49.32 23.51 22.08
N LEU D 141 -49.04 22.43 21.35
CA LEU D 141 -49.06 21.05 21.88
C LEU D 141 -47.95 20.84 22.93
N SER D 142 -46.75 21.37 22.71
CA SER D 142 -45.68 21.35 23.73
C SER D 142 -45.98 22.25 24.94
N LEU D 143 -46.66 23.39 24.75
CA LEU D 143 -47.13 24.28 25.82
C LEU D 143 -48.22 23.58 26.65
N TYR D 144 -49.19 22.93 26.00
CA TYR D 144 -50.30 22.19 26.62
C TYR D 144 -49.78 20.89 27.27
N ALA D 145 -48.71 20.28 26.76
CA ALA D 145 -48.03 19.13 27.37
C ALA D 145 -47.30 19.53 28.67
N SER D 146 -46.77 20.76 28.74
CA SER D 146 -46.28 21.39 29.97
C SER D 146 -47.44 21.88 30.87
N GLY D 147 -48.70 21.75 30.43
CA GLY D 147 -49.91 22.09 31.16
C GLY D 147 -50.16 23.59 31.26
N ARG D 148 -49.57 24.39 30.36
CA ARG D 148 -49.68 25.84 30.34
C ARG D 148 -50.52 26.24 29.12
N THR D 149 -51.33 27.29 29.24
CA THR D 149 -52.14 27.87 28.17
C THR D 149 -51.53 29.18 27.66
N THR D 150 -50.70 29.84 28.48
CA THR D 150 -50.04 31.11 28.26
C THR D 150 -48.58 30.92 28.69
N GLY D 151 -47.62 31.47 27.95
CA GLY D 151 -46.20 31.32 28.21
C GLY D 151 -45.40 31.47 26.92
N ILE D 152 -44.13 31.08 26.96
CA ILE D 152 -43.22 31.12 25.82
C ILE D 152 -42.60 29.73 25.65
N VAL D 153 -42.65 29.21 24.43
CA VAL D 153 -42.03 27.96 24.06
C VAL D 153 -40.70 28.36 23.40
N LEU D 154 -39.59 27.82 23.91
CA LEU D 154 -38.34 27.70 23.19
C LEU D 154 -38.41 26.29 22.55
N ASP D 155 -38.10 26.18 21.26
CA ASP D 155 -37.96 24.91 20.53
C ASP D 155 -36.65 24.92 19.75
N SER D 156 -36.05 23.75 19.54
CA SER D 156 -34.70 23.57 19.02
C SER D 156 -34.54 22.12 18.54
N GLY D 157 -34.34 21.92 17.23
CA GLY D 157 -34.09 20.63 16.61
C GLY D 157 -33.00 20.73 15.55
N ASP D 158 -32.81 19.68 14.76
CA ASP D 158 -31.84 19.58 13.66
C ASP D 158 -32.38 20.27 12.37
N GLY D 159 -33.13 21.36 12.53
CA GLY D 159 -33.62 22.23 11.46
C GLY D 159 -33.34 23.69 11.78
N VAL D 160 -33.77 24.16 12.96
CA VAL D 160 -33.71 25.55 13.42
C VAL D 160 -33.95 25.57 14.95
N THR D 161 -33.82 26.73 15.60
CA THR D 161 -34.25 27.04 16.96
C THR D 161 -35.25 28.21 16.90
N HIS D 162 -36.40 28.14 17.56
CA HIS D 162 -37.44 29.18 17.60
C HIS D 162 -37.79 29.53 19.06
N ASN D 163 -38.16 30.78 19.31
CA ASN D 163 -38.92 31.22 20.50
C ASN D 163 -40.29 31.70 20.00
N VAL D 164 -41.39 31.15 20.57
CA VAL D 164 -42.77 31.49 20.26
C VAL D 164 -43.51 31.87 21.56
N PRO D 165 -43.91 33.15 21.79
CA PRO D 165 -44.81 33.54 22.88
C PRO D 165 -46.27 33.23 22.53
N ILE D 166 -47.04 32.71 23.51
CA ILE D 166 -48.40 32.19 23.38
C ILE D 166 -49.25 32.77 24.54
N TYR D 167 -50.51 33.10 24.28
CA TYR D 167 -51.44 33.75 25.19
C TYR D 167 -52.84 33.16 24.96
N GLU D 168 -53.41 32.53 26.00
CA GLU D 168 -54.69 31.81 26.08
C GLU D 168 -54.70 30.45 25.33
N GLY D 169 -53.77 30.27 24.41
CA GLY D 169 -53.61 29.16 23.46
C GLY D 169 -53.25 29.68 22.06
N TYR D 170 -53.39 31.00 21.83
CA TYR D 170 -53.18 31.67 20.56
C TYR D 170 -51.74 32.21 20.55
N ALA D 171 -50.99 32.01 19.46
CA ALA D 171 -49.59 32.44 19.32
C ALA D 171 -49.56 33.92 18.89
N LEU D 172 -48.66 34.70 19.49
CA LEU D 172 -48.52 36.13 19.23
C LEU D 172 -47.38 36.33 18.22
N PRO D 173 -47.63 36.85 16.99
CA PRO D 173 -46.69 36.79 15.87
C PRO D 173 -45.55 37.81 15.91
N HIS D 174 -45.80 39.03 16.43
CA HIS D 174 -44.94 40.22 16.40
C HIS D 174 -43.66 40.10 17.24
N ALA D 175 -43.52 38.98 17.96
CA ALA D 175 -42.51 38.70 18.97
C ALA D 175 -41.91 37.28 18.85
N ILE D 176 -42.22 36.54 17.78
CA ILE D 176 -41.61 35.25 17.46
C ILE D 176 -40.20 35.54 16.90
N MET D 177 -39.18 34.91 17.47
CA MET D 177 -37.79 35.01 17.02
C MET D 177 -37.37 33.64 16.48
N ARG D 178 -36.74 33.62 15.31
CA ARG D 178 -36.03 32.49 14.72
C ARG D 178 -34.55 32.70 15.04
N LEU D 179 -33.86 31.62 15.44
CA LEU D 179 -32.42 31.52 15.59
C LEU D 179 -31.97 30.38 14.67
N ASP D 180 -31.17 30.71 13.65
CA ASP D 180 -30.71 29.80 12.58
C ASP D 180 -29.72 28.71 13.03
N LEU D 181 -29.28 28.72 14.29
CA LEU D 181 -28.44 27.66 14.87
C LEU D 181 -29.37 26.46 15.17
N ALA D 182 -29.18 25.35 14.47
CA ALA D 182 -29.88 24.10 14.70
C ALA D 182 -29.01 23.16 15.53
N GLY D 183 -29.63 22.10 16.07
CA GLY D 183 -28.96 20.98 16.73
C GLY D 183 -28.06 20.17 15.78
N ARG D 184 -28.20 20.40 14.47
CA ARG D 184 -27.43 19.78 13.41
C ARG D 184 -26.08 20.48 13.26
N ASP D 185 -26.02 21.80 13.47
CA ASP D 185 -24.77 22.58 13.52
C ASP D 185 -23.97 22.20 14.77
N LEU D 186 -24.66 21.90 15.88
CA LEU D 186 -24.06 21.32 17.09
C LEU D 186 -23.45 19.94 16.83
N THR D 187 -24.03 19.16 15.91
CA THR D 187 -23.56 17.82 15.54
C THR D 187 -22.30 17.95 14.67
N ASP D 188 -22.25 18.94 13.75
CA ASP D 188 -21.08 19.24 12.93
C ASP D 188 -19.92 19.81 13.77
N TYR D 189 -20.24 20.72 14.72
CA TYR D 189 -19.31 21.23 15.71
C TYR D 189 -18.73 20.13 16.61
N LEU D 190 -19.55 19.13 16.99
CA LEU D 190 -19.13 17.94 17.75
C LEU D 190 -18.02 17.16 17.04
N MET D 191 -18.01 17.11 15.68
CA MET D 191 -16.93 16.50 14.91
C MET D 191 -15.63 17.33 15.03
N LYS D 192 -15.73 18.67 14.98
CA LYS D 192 -14.56 19.57 15.02
C LYS D 192 -13.81 19.43 16.34
N ILE D 193 -14.54 19.46 17.46
CA ILE D 193 -14.00 19.44 18.81
C ILE D 193 -13.52 18.02 19.21
N LEU D 194 -14.03 16.95 18.59
CA LEU D 194 -13.48 15.60 18.71
C LEU D 194 -12.18 15.48 17.88
N THR D 195 -12.11 16.14 16.71
CA THR D 195 -10.91 16.21 15.87
C THR D 195 -9.80 17.03 16.56
N GLU D 196 -10.13 17.95 17.50
CA GLU D 196 -9.16 18.65 18.35
C GLU D 196 -8.55 17.68 19.40
N ARG D 197 -9.24 16.60 19.78
CA ARG D 197 -8.71 15.53 20.63
C ARG D 197 -7.99 14.46 19.78
N GLY D 198 -8.01 14.60 18.45
CA GLY D 198 -7.41 13.69 17.47
C GLY D 198 -8.38 12.64 16.94
N TYR D 199 -9.63 12.61 17.41
CA TYR D 199 -10.64 11.63 17.04
C TYR D 199 -11.44 12.17 15.84
N SER D 200 -10.87 12.04 14.63
CA SER D 200 -11.53 12.36 13.38
C SER D 200 -12.68 11.37 13.13
N PHE D 201 -13.81 11.90 12.67
CA PHE D 201 -15.04 11.26 12.26
C PHE D 201 -15.59 12.17 11.17
N VAL D 202 -15.97 11.64 9.99
CA VAL D 202 -16.32 12.48 8.84
C VAL D 202 -17.42 11.87 7.97
N THR D 203 -17.41 10.55 7.78
CA THR D 203 -18.27 9.84 6.85
C THR D 203 -19.73 9.79 7.35
N THR D 204 -20.64 9.52 6.41
CA THR D 204 -22.08 9.42 6.59
C THR D 204 -22.47 8.33 7.63
N ALA D 205 -21.64 7.31 7.81
CA ALA D 205 -21.82 6.25 8.81
C ALA D 205 -21.28 6.70 10.18
N GLU D 206 -20.11 7.34 10.23
CA GLU D 206 -19.51 7.87 11.46
C GLU D 206 -20.37 8.99 12.09
N ARG D 207 -21.07 9.78 11.27
CA ARG D 207 -21.96 10.83 11.73
C ARG D 207 -23.16 10.32 12.55
N GLU D 208 -23.56 9.05 12.43
CA GLU D 208 -24.58 8.44 13.29
C GLU D 208 -23.97 8.07 14.66
N ILE D 209 -22.65 7.86 14.76
CA ILE D 209 -21.93 7.65 16.02
C ILE D 209 -21.72 9.00 16.71
N VAL D 210 -21.52 10.09 15.95
CA VAL D 210 -21.48 11.47 16.45
C VAL D 210 -22.89 11.87 16.96
N ARG D 211 -23.95 11.49 16.22
CA ARG D 211 -25.36 11.59 16.64
C ARG D 211 -25.62 10.81 17.94
N ASP D 212 -25.07 9.59 18.07
CA ASP D 212 -25.18 8.74 19.26
C ASP D 212 -24.54 9.39 20.51
N ILE D 213 -23.29 9.86 20.37
CA ILE D 213 -22.56 10.67 21.38
C ILE D 213 -23.39 11.88 21.84
N LYS D 214 -23.97 12.63 20.88
CA LYS D 214 -24.92 13.73 21.07
C LYS D 214 -26.19 13.30 21.85
N GLU D 215 -26.89 12.27 21.38
CA GLU D 215 -28.19 11.83 21.90
C GLU D 215 -28.10 11.15 23.29
N LYS D 216 -26.91 10.68 23.72
CA LYS D 216 -26.73 9.98 25.00
C LYS D 216 -25.83 10.71 26.00
N LEU D 217 -24.63 11.16 25.60
CA LEU D 217 -23.54 11.45 26.56
C LEU D 217 -23.43 12.94 26.93
N CYS D 218 -24.02 13.81 26.10
CA CYS D 218 -23.86 15.26 26.16
C CYS D 218 -24.89 15.91 27.10
N TYR D 219 -24.49 17.01 27.73
CA TYR D 219 -25.20 17.74 28.78
C TYR D 219 -24.70 19.18 28.80
N VAL D 220 -25.50 20.13 29.28
CA VAL D 220 -25.09 21.52 29.42
C VAL D 220 -24.29 21.64 30.73
N ALA D 221 -23.20 22.40 30.68
CA ALA D 221 -22.37 22.81 31.80
C ALA D 221 -23.14 23.89 32.58
N LEU D 222 -23.27 23.75 33.90
CA LEU D 222 -24.10 24.64 34.74
C LEU D 222 -23.54 26.08 34.80
N ASP D 223 -22.22 26.22 34.65
CA ASP D 223 -21.53 27.34 34.02
C ASP D 223 -20.30 26.74 33.31
N PHE D 224 -19.78 27.40 32.28
CA PHE D 224 -18.85 26.83 31.30
C PHE D 224 -17.51 26.44 31.93
N GLU D 225 -16.70 27.41 32.37
CA GLU D 225 -15.39 27.14 32.97
C GLU D 225 -15.54 26.58 34.42
N ASN D 226 -16.75 26.57 35.00
CA ASN D 226 -17.07 25.84 36.23
C ASN D 226 -17.04 24.33 35.94
N GLU D 227 -17.67 23.88 34.84
CA GLU D 227 -17.68 22.48 34.44
C GLU D 227 -16.30 22.06 33.89
N MET D 228 -15.50 23.00 33.35
CA MET D 228 -14.10 22.76 32.97
C MET D 228 -13.21 22.54 34.21
N ALA D 229 -13.45 23.29 35.30
CA ALA D 229 -12.78 23.11 36.58
C ALA D 229 -13.23 21.82 37.30
N THR D 230 -14.50 21.42 37.10
CA THR D 230 -15.05 20.17 37.59
C THR D 230 -14.45 18.98 36.82
N ALA D 231 -14.16 19.14 35.51
CA ALA D 231 -13.44 18.15 34.68
C ALA D 231 -11.99 17.97 35.17
N ALA D 232 -11.32 19.08 35.49
CA ALA D 232 -9.96 19.14 36.01
C ALA D 232 -9.80 18.55 37.43
N SER D 233 -10.91 18.15 38.06
CA SER D 233 -10.98 17.56 39.38
C SER D 233 -11.94 16.34 39.41
N SER D 234 -12.27 15.74 38.26
CA SER D 234 -13.14 14.57 38.18
C SER D 234 -12.83 13.72 36.95
N SER D 235 -12.28 12.52 37.18
CA SER D 235 -12.14 11.45 36.21
C SER D 235 -13.50 10.86 35.76
N SER D 236 -14.59 11.21 36.45
CA SER D 236 -15.95 10.79 36.15
C SER D 236 -16.70 11.84 35.31
N LEU D 237 -16.05 12.92 34.87
CA LEU D 237 -16.58 13.77 33.80
C LEU D 237 -16.30 13.10 32.45
N GLU D 238 -15.07 12.59 32.27
CA GLU D 238 -14.56 11.82 31.14
C GLU D 238 -15.33 10.49 31.02
N LYS D 239 -15.71 10.08 29.82
CA LYS D 239 -16.46 8.87 29.55
C LYS D 239 -15.78 8.10 28.43
N SER D 240 -15.29 6.88 28.73
CA SER D 240 -14.83 5.88 27.78
C SER D 240 -16.03 5.40 26.93
N TYR D 241 -15.86 5.28 25.63
CA TYR D 241 -16.89 4.96 24.66
C TYR D 241 -16.28 3.99 23.66
N GLU D 242 -16.80 2.76 23.59
CA GLU D 242 -16.37 1.73 22.66
C GLU D 242 -17.18 1.88 21.37
N LEU D 243 -16.49 1.92 20.23
CA LEU D 243 -17.03 2.08 18.89
C LEU D 243 -17.45 0.70 18.33
N PRO D 244 -18.34 0.61 17.31
CA PRO D 244 -18.86 -0.63 16.71
C PRO D 244 -17.89 -1.77 16.32
N ASP D 245 -16.58 -1.49 16.22
CA ASP D 245 -15.51 -2.43 15.89
C ASP D 245 -14.74 -2.87 17.15
N GLY D 246 -15.08 -2.34 18.33
CA GLY D 246 -14.47 -2.62 19.61
C GLY D 246 -13.31 -1.69 19.99
N GLN D 247 -13.05 -0.61 19.24
CA GLN D 247 -12.02 0.36 19.62
C GLN D 247 -12.62 1.44 20.54
N VAL D 248 -11.91 1.76 21.61
CA VAL D 248 -12.36 2.68 22.66
C VAL D 248 -11.73 4.06 22.42
N ILE D 249 -12.55 5.09 22.61
CA ILE D 249 -12.20 6.51 22.66
C ILE D 249 -12.78 7.09 23.98
N THR D 250 -12.39 8.31 24.36
CA THR D 250 -12.92 8.99 25.54
C THR D 250 -13.58 10.30 25.10
N ILE D 251 -14.81 10.58 25.58
CA ILE D 251 -15.55 11.81 25.32
C ILE D 251 -15.51 12.64 26.62
N GLY D 252 -14.80 13.77 26.61
CA GLY D 252 -14.51 14.61 27.77
C GLY D 252 -15.34 15.88 27.80
N ASN D 253 -14.70 17.05 27.99
CA ASN D 253 -15.26 18.42 28.04
C ASN D 253 -16.16 18.77 26.83
N GLU D 254 -15.94 18.07 25.71
CA GLU D 254 -16.71 18.07 24.48
C GLU D 254 -18.17 17.65 24.69
N ARG D 255 -18.45 16.87 25.75
CA ARG D 255 -19.79 16.55 26.26
C ARG D 255 -20.62 17.80 26.58
N PHE D 256 -19.97 18.94 26.87
CA PHE D 256 -20.64 20.20 27.14
C PHE D 256 -20.31 21.30 26.13
N ARG D 257 -19.10 21.34 25.51
CA ARG D 257 -18.79 22.29 24.42
C ARG D 257 -19.80 22.25 23.25
N CYS D 258 -20.27 21.05 22.88
CA CYS D 258 -21.36 20.83 21.92
C CYS D 258 -22.66 21.58 22.34
N PRO D 259 -23.39 21.19 23.41
CA PRO D 259 -24.50 21.98 23.99
C PRO D 259 -24.26 23.47 24.27
N GLU D 260 -23.06 23.84 24.75
CA GLU D 260 -22.69 25.18 25.21
C GLU D 260 -22.85 26.27 24.13
N THR D 261 -22.64 25.96 22.85
CA THR D 261 -22.68 26.95 21.78
C THR D 261 -24.10 27.53 21.53
N LEU D 262 -25.13 27.01 22.20
CA LEU D 262 -26.47 27.60 22.29
C LEU D 262 -26.45 28.84 23.21
N PHE D 263 -25.63 28.81 24.26
CA PHE D 263 -25.47 29.85 25.27
C PHE D 263 -24.27 30.77 24.95
N GLN D 264 -23.37 30.35 24.05
CA GLN D 264 -22.25 31.14 23.53
C GLN D 264 -22.08 30.92 22.01
N PRO D 265 -22.95 31.49 21.13
CA PRO D 265 -22.86 31.41 19.66
C PRO D 265 -21.48 31.64 19.02
N SER D 266 -20.61 32.47 19.61
CA SER D 266 -19.25 32.69 19.11
C SER D 266 -18.35 31.44 19.17
N PHE D 267 -18.72 30.40 19.94
CA PHE D 267 -17.94 29.17 20.10
C PHE D 267 -18.01 28.29 18.83
N ILE D 268 -19.14 28.30 18.10
CA ILE D 268 -19.28 27.70 16.77
C ILE D 268 -19.03 28.74 15.65
N GLY D 269 -19.01 30.03 15.99
CA GLY D 269 -18.78 31.13 15.06
C GLY D 269 -20.06 31.69 14.44
N MET D 270 -21.15 31.77 15.21
CA MET D 270 -22.39 32.45 14.84
C MET D 270 -22.41 33.83 15.52
N GLU D 271 -22.90 34.85 14.79
CA GLU D 271 -22.99 36.26 15.23
C GLU D 271 -24.34 36.54 15.94
N SER D 272 -25.29 35.60 15.86
CA SER D 272 -26.63 35.66 16.42
C SER D 272 -26.62 35.68 17.96
N ALA D 273 -27.77 36.04 18.55
CA ALA D 273 -28.00 35.95 19.99
C ALA D 273 -28.12 34.48 20.43
N GLY D 274 -27.67 34.17 21.65
CA GLY D 274 -27.83 32.85 22.26
C GLY D 274 -29.28 32.59 22.68
N ILE D 275 -29.62 31.36 23.05
CA ILE D 275 -30.99 30.94 23.36
C ILE D 275 -31.65 31.76 24.49
N HIS D 276 -30.88 32.11 25.52
CA HIS D 276 -31.24 32.98 26.65
C HIS D 276 -31.50 34.42 26.18
N GLU D 277 -30.63 34.95 25.32
CA GLU D 277 -30.73 36.30 24.75
C GLU D 277 -31.91 36.36 23.77
N THR D 278 -32.10 35.33 22.93
CA THR D 278 -33.19 35.21 21.97
C THR D 278 -34.55 35.11 22.70
N THR D 279 -34.60 34.35 23.80
CA THR D 279 -35.75 34.26 24.70
C THR D 279 -36.08 35.63 25.30
N TYR D 280 -35.07 36.32 25.86
CA TYR D 280 -35.19 37.67 26.43
C TYR D 280 -35.66 38.70 25.39
N ASN D 281 -35.07 38.69 24.19
CA ASN D 281 -35.47 39.52 23.05
C ASN D 281 -36.89 39.19 22.56
N SER D 282 -37.31 37.92 22.58
CA SER D 282 -38.68 37.50 22.26
C SER D 282 -39.68 38.03 23.31
N ILE D 283 -39.41 37.83 24.61
CA ILE D 283 -40.28 38.30 25.70
C ILE D 283 -40.42 39.84 25.67
N MET D 284 -39.30 40.55 25.53
CA MET D 284 -39.26 42.01 25.58
C MET D 284 -39.80 42.69 24.30
N LYS D 285 -39.95 41.96 23.19
CA LYS D 285 -40.66 42.44 21.99
C LYS D 285 -42.18 42.24 22.12
N CYS D 286 -42.64 41.41 23.07
CA CYS D 286 -44.05 41.12 23.31
C CYS D 286 -44.64 42.16 24.28
N ASP D 287 -45.97 42.30 24.29
CA ASP D 287 -46.79 43.26 25.02
C ASP D 287 -46.46 43.36 26.51
N ILE D 288 -46.40 44.59 27.03
CA ILE D 288 -45.88 44.98 28.34
C ILE D 288 -46.59 44.34 29.56
N ASP D 289 -47.85 43.90 29.43
CA ASP D 289 -48.62 43.28 30.50
C ASP D 289 -48.18 41.81 30.66
N ILE D 290 -48.23 41.02 29.59
CA ILE D 290 -48.04 39.57 29.60
C ILE D 290 -46.57 39.15 29.78
N ARG D 291 -45.58 40.06 29.66
CA ARG D 291 -44.13 39.75 29.82
C ARG D 291 -43.82 39.06 31.15
N LYS D 292 -44.53 39.47 32.21
CA LYS D 292 -44.57 38.83 33.52
C LYS D 292 -44.77 37.31 33.45
N ASP D 293 -45.85 36.90 32.79
CA ASP D 293 -46.28 35.50 32.73
C ASP D 293 -45.61 34.73 31.58
N LEU D 294 -44.93 35.42 30.65
CA LEU D 294 -43.98 34.79 29.72
C LEU D 294 -42.72 34.37 30.49
N TYR D 295 -42.18 35.25 31.36
CA TYR D 295 -41.04 34.96 32.24
C TYR D 295 -41.34 33.84 33.25
N ALA D 296 -42.60 33.66 33.64
CA ALA D 296 -43.04 32.63 34.58
C ALA D 296 -43.29 31.28 33.88
N ASN D 297 -43.34 31.23 32.54
CA ASN D 297 -43.80 30.07 31.78
C ASN D 297 -42.93 29.86 30.54
N ASN D 298 -41.61 29.71 30.72
CA ASN D 298 -40.65 29.38 29.65
C ASN D 298 -40.61 27.85 29.56
N VAL D 299 -41.26 27.31 28.53
CA VAL D 299 -41.35 25.88 28.26
C VAL D 299 -40.18 25.52 27.32
N MET D 300 -39.32 24.62 27.76
CA MET D 300 -38.19 24.08 27.00
C MET D 300 -38.70 22.86 26.22
N SER D 301 -39.00 23.06 24.93
CA SER D 301 -39.41 22.05 23.97
C SER D 301 -38.23 21.78 23.01
N GLY D 302 -38.35 20.75 22.18
CA GLY D 302 -37.41 20.44 21.12
C GLY D 302 -36.29 19.53 21.58
N GLY D 303 -35.82 18.65 20.70
CA GLY D 303 -34.83 17.60 20.99
C GLY D 303 -33.43 18.11 21.38
N THR D 304 -33.08 19.36 21.08
CA THR D 304 -31.80 19.94 21.48
C THR D 304 -31.90 20.56 22.90
N THR D 305 -33.10 20.61 23.52
CA THR D 305 -33.24 20.90 24.95
C THR D 305 -33.32 19.60 25.79
N MET D 306 -33.05 18.43 25.18
CA MET D 306 -33.06 17.14 25.86
C MET D 306 -31.82 16.97 26.77
N TYR D 307 -30.77 17.78 26.58
CA TYR D 307 -29.54 17.82 27.37
C TYR D 307 -29.82 18.19 28.85
N PRO D 308 -29.37 17.41 29.85
CA PRO D 308 -29.41 17.79 31.28
C PRO D 308 -28.73 19.16 31.56
N GLY D 309 -29.22 19.90 32.55
CA GLY D 309 -28.65 21.15 33.04
C GLY D 309 -29.08 22.39 32.26
N ILE D 310 -29.76 22.24 31.10
CA ILE D 310 -30.11 23.35 30.21
C ILE D 310 -31.16 24.30 30.83
N ALA D 311 -32.09 23.78 31.63
CA ALA D 311 -33.19 24.56 32.21
C ALA D 311 -32.66 25.42 33.37
N ASP D 312 -31.78 24.82 34.16
CA ASP D 312 -31.08 25.35 35.33
C ASP D 312 -30.12 26.45 34.88
N ARG D 313 -29.35 26.18 33.81
CA ARG D 313 -28.50 27.13 33.11
C ARG D 313 -29.30 28.32 32.55
N MET D 314 -30.47 28.08 31.93
CA MET D 314 -31.38 29.13 31.43
C MET D 314 -31.90 30.03 32.56
N GLN D 315 -32.19 29.48 33.74
CA GLN D 315 -32.66 30.22 34.92
C GLN D 315 -31.60 31.23 35.38
N LYS D 316 -30.31 30.84 35.38
CA LYS D 316 -29.16 31.70 35.65
C LYS D 316 -29.04 32.84 34.61
N GLU D 317 -29.04 32.52 33.31
CA GLU D 317 -28.84 33.55 32.27
C GLU D 317 -30.02 34.52 32.18
N ILE D 318 -31.26 34.07 32.40
CA ILE D 318 -32.44 34.94 32.37
C ILE D 318 -32.50 35.79 33.66
N THR D 319 -32.09 35.30 34.84
CA THR D 319 -32.00 36.15 36.05
C THR D 319 -30.83 37.17 35.99
N ALA D 320 -29.87 37.00 35.07
CA ALA D 320 -28.83 38.00 34.79
C ALA D 320 -29.31 39.09 33.81
N LEU D 321 -30.38 38.82 33.04
CA LEU D 321 -30.93 39.72 32.03
C LEU D 321 -32.23 40.40 32.52
N ALA D 322 -33.13 39.65 33.16
CA ALA D 322 -34.49 40.07 33.48
C ALA D 322 -34.59 40.65 34.91
N PRO D 323 -35.49 41.64 35.15
CA PRO D 323 -35.77 42.21 36.48
C PRO D 323 -36.03 41.18 37.60
N SER D 324 -35.41 41.37 38.76
CA SER D 324 -35.51 40.50 39.93
C SER D 324 -36.91 40.47 40.58
N THR D 325 -37.78 41.43 40.25
CA THR D 325 -39.17 41.52 40.67
C THR D 325 -40.08 40.59 39.84
N MET D 326 -39.63 40.10 38.67
CA MET D 326 -40.33 39.13 37.85
C MET D 326 -39.93 37.72 38.32
N LYS D 327 -40.93 36.84 38.49
CA LYS D 327 -40.78 35.50 39.03
C LYS D 327 -40.34 34.54 37.90
N ILE D 328 -39.06 34.62 37.50
CA ILE D 328 -38.42 33.84 36.42
C ILE D 328 -38.56 32.32 36.67
N LYS D 329 -39.26 31.60 35.78
CA LYS D 329 -39.45 30.15 35.85
C LYS D 329 -39.25 29.50 34.49
N ILE D 330 -38.50 28.40 34.48
CA ILE D 330 -38.26 27.52 33.34
C ILE D 330 -38.92 26.18 33.69
N ILE D 331 -39.58 25.55 32.71
CA ILE D 331 -40.25 24.26 32.81
C ILE D 331 -39.81 23.43 31.59
N ALA D 332 -39.73 22.11 31.75
CA ALA D 332 -39.37 21.17 30.68
C ALA D 332 -40.24 19.91 30.82
N PRO D 333 -41.04 19.52 29.80
CA PRO D 333 -41.63 18.18 29.66
C PRO D 333 -40.59 17.04 29.84
N PRO D 334 -40.97 15.85 30.36
CA PRO D 334 -40.04 14.81 30.80
C PRO D 334 -39.22 14.23 29.63
N GLU D 335 -39.90 13.79 28.58
CA GLU D 335 -39.35 13.61 27.23
C GLU D 335 -39.76 14.91 26.51
N ARG D 336 -38.88 15.46 25.67
CA ARG D 336 -39.14 16.70 24.93
C ARG D 336 -38.65 16.69 23.48
N LYS D 337 -38.14 15.56 22.94
CA LYS D 337 -37.84 15.43 21.52
C LYS D 337 -39.11 15.01 20.74
N TYR D 338 -40.06 14.31 21.39
CA TYR D 338 -41.30 13.79 20.81
C TYR D 338 -42.52 14.65 21.20
N SER D 339 -42.46 15.39 22.32
CA SER D 339 -43.57 16.02 23.08
C SER D 339 -44.86 16.43 22.34
N VAL D 340 -44.71 17.17 21.23
CA VAL D 340 -45.74 17.57 20.28
C VAL D 340 -46.65 16.40 19.83
N TRP D 341 -46.02 15.30 19.43
CA TRP D 341 -46.64 14.11 18.88
C TRP D 341 -47.52 13.41 19.94
N ILE D 342 -47.09 13.42 21.21
CA ILE D 342 -47.78 12.87 22.36
C ILE D 342 -49.12 13.61 22.58
N GLY D 343 -49.18 14.92 22.28
CA GLY D 343 -50.41 15.68 22.30
C GLY D 343 -51.34 15.33 21.14
N GLY D 344 -50.78 15.10 19.95
CA GLY D 344 -51.48 14.72 18.73
C GLY D 344 -52.15 13.35 18.80
N SER D 345 -51.54 12.38 19.51
CA SER D 345 -52.09 11.04 19.75
C SER D 345 -53.41 11.10 20.54
N ILE D 346 -53.49 12.01 21.51
CA ILE D 346 -54.55 12.08 22.52
C ILE D 346 -55.75 12.88 22.01
N LEU D 347 -55.54 13.86 21.11
CA LEU D 347 -56.64 14.52 20.41
C LEU D 347 -57.30 13.55 19.41
N ALA D 348 -56.51 12.65 18.82
CA ALA D 348 -56.94 11.67 17.82
C ALA D 348 -57.50 10.37 18.43
N SER D 349 -57.86 10.34 19.71
CA SER D 349 -58.38 9.15 20.40
C SER D 349 -59.60 9.46 21.31
N LEU D 350 -60.38 10.50 20.93
CA LEU D 350 -61.57 10.96 21.65
C LEU D 350 -62.81 10.81 20.77
N SER D 351 -63.52 9.67 20.84
CA SER D 351 -64.77 9.44 20.12
C SER D 351 -65.97 10.15 20.77
N THR D 352 -65.92 11.49 20.79
CA THR D 352 -66.94 12.38 21.36
C THR D 352 -67.59 13.21 20.24
N PHE D 353 -66.80 13.71 19.29
CA PHE D 353 -67.19 14.56 18.17
C PHE D 353 -66.00 14.54 17.18
N GLN D 354 -66.24 14.81 15.90
CA GLN D 354 -65.30 14.57 14.79
C GLN D 354 -64.97 15.85 13.99
N GLN D 355 -65.53 17.00 14.41
CA GLN D 355 -65.58 18.20 13.58
C GLN D 355 -64.23 18.91 13.37
N MET D 356 -63.16 18.58 14.13
CA MET D 356 -61.86 19.24 13.94
C MET D 356 -61.22 18.86 12.60
N TRP D 357 -61.37 17.60 12.16
CA TRP D 357 -60.80 17.05 10.94
C TRP D 357 -61.34 17.75 9.69
N ILE D 358 -60.49 17.85 8.66
CA ILE D 358 -60.90 18.10 7.29
C ILE D 358 -61.13 16.71 6.69
N THR D 359 -62.25 16.50 6.01
CA THR D 359 -62.69 15.23 5.43
C THR D 359 -62.80 15.35 3.89
N LYS D 360 -62.95 14.20 3.19
CA LYS D 360 -63.18 14.10 1.74
C LYS D 360 -64.22 15.12 1.21
N GLN D 361 -65.41 15.15 1.82
CA GLN D 361 -66.56 15.87 1.28
C GLN D 361 -66.50 17.39 1.54
N GLU D 362 -65.57 17.85 2.39
CA GLU D 362 -65.26 19.27 2.55
C GLU D 362 -64.23 19.71 1.48
N TYR D 363 -63.32 18.81 1.09
CA TYR D 363 -62.35 19.03 0.00
C TYR D 363 -63.07 19.03 -1.36
N ASP D 364 -64.15 18.23 -1.49
CA ASP D 364 -65.03 18.10 -2.68
C ASP D 364 -65.72 19.43 -3.05
N GLU D 365 -65.94 20.31 -2.06
CA GLU D 365 -66.43 21.69 -2.25
C GLU D 365 -65.25 22.65 -2.39
N ALA D 366 -64.36 22.67 -1.39
CA ALA D 366 -63.44 23.78 -1.14
C ALA D 366 -62.05 23.60 -1.79
N GLY D 367 -61.74 22.40 -2.31
CA GLY D 367 -60.45 22.02 -2.87
C GLY D 367 -59.29 22.08 -1.86
N PRO D 368 -58.03 22.18 -2.33
CA PRO D 368 -56.82 22.39 -1.51
C PRO D 368 -56.93 23.46 -0.41
N SER D 369 -57.63 24.56 -0.69
CA SER D 369 -57.77 25.76 0.13
C SER D 369 -58.68 25.58 1.36
N ILE D 370 -59.23 24.37 1.60
CA ILE D 370 -60.03 23.98 2.76
C ILE D 370 -59.28 24.17 4.09
N VAL D 371 -57.96 23.97 4.08
CA VAL D 371 -57.05 23.95 5.22
C VAL D 371 -57.14 25.22 6.09
N HIS D 372 -57.45 26.37 5.48
CA HIS D 372 -57.52 27.67 6.16
C HIS D 372 -58.78 27.81 7.03
N ARG D 373 -59.81 26.98 6.79
CA ARG D 373 -61.06 27.03 7.53
C ARG D 373 -61.01 26.22 8.83
N LYS D 374 -60.04 25.31 9.00
CA LYS D 374 -60.00 24.35 10.11
C LYS D 374 -58.63 24.32 10.82
N CYS D 375 -57.53 24.56 10.10
CA CYS D 375 -56.17 24.48 10.61
C CYS D 375 -55.53 25.87 10.56
N PHE D 376 -55.28 26.48 11.73
CA PHE D 376 -54.60 27.78 11.86
C PHE D 376 -53.11 27.70 11.45
N NH2 D 377 -52.56 26.50 11.37
HN1 NH2 D 377 -51.65 26.34 10.92
HN2 NH2 D 377 -53.09 25.69 11.66
C ACE E 1 24.71 44.80 24.00
O ACE E 1 25.62 44.88 22.95
CH3 ACE E 1 25.08 45.87 25.03
H1 ACE E 1 25.02 46.86 24.58
H2 ACE E 1 26.10 45.73 25.40
H3 ACE E 1 24.40 45.84 25.88
N ASP E 2 24.87 43.49 24.62
CA ASP E 2 24.23 42.34 23.95
C ASP E 2 24.96 41.86 22.68
N GLU E 3 26.30 41.82 22.71
CA GLU E 3 27.15 41.46 21.57
C GLU E 3 27.49 39.95 21.51
N ASP E 4 27.35 39.21 22.63
CA ASP E 4 27.78 37.82 22.81
C ASP E 4 27.04 36.81 21.91
N GLU E 5 27.66 35.62 21.75
CA GLU E 5 27.07 34.46 21.09
C GLU E 5 25.96 33.86 21.98
N THR E 6 24.74 34.34 21.79
CA THR E 6 23.49 33.79 22.29
C THR E 6 22.46 34.01 21.17
N THR E 7 21.61 33.02 20.90
CA THR E 7 20.68 33.00 19.78
C THR E 7 19.39 32.29 20.20
N ALA E 8 18.30 32.55 19.47
CA ALA E 8 17.02 31.91 19.69
C ALA E 8 16.91 30.70 18.74
N LEU E 9 16.38 29.60 19.27
CA LEU E 9 16.11 28.36 18.57
C LEU E 9 14.67 28.47 18.02
N VAL E 10 14.44 28.03 16.77
CA VAL E 10 13.12 27.98 16.15
C VAL E 10 12.89 26.53 15.70
N CYS E 11 11.86 25.90 16.27
CA CYS E 11 11.41 24.54 16.00
C CYS E 11 9.97 24.61 15.48
N ASP E 12 9.61 23.73 14.55
CA ASP E 12 8.26 23.62 13.97
C ASP E 12 7.85 22.14 13.94
N ASN E 13 6.68 21.87 14.53
CA ASN E 13 6.12 20.52 14.72
C ASN E 13 5.29 20.10 13.49
N GLY E 14 4.78 21.08 12.73
CA GLY E 14 4.16 20.98 11.41
C GLY E 14 2.93 20.09 11.22
N SER E 15 2.57 19.92 9.95
CA SER E 15 1.59 19.00 9.40
C SER E 15 2.24 17.61 9.16
N GLY E 16 2.94 17.09 10.19
CA GLY E 16 3.57 15.77 10.25
C GLY E 16 5.10 15.78 10.00
N LEU E 17 5.64 16.83 9.38
CA LEU E 17 7.07 17.00 9.13
C LEU E 17 7.63 17.98 10.17
N VAL E 18 8.64 17.52 10.91
CA VAL E 18 9.39 18.28 11.90
C VAL E 18 10.54 18.98 11.13
N LYS E 19 10.76 20.26 11.44
CA LYS E 19 11.84 21.09 10.93
C LYS E 19 12.27 22.10 11.99
N ALA E 20 13.58 22.33 12.16
CA ALA E 20 14.14 23.24 13.15
C ALA E 20 15.45 23.90 12.68
N GLY E 21 15.90 24.90 13.45
CA GLY E 21 17.12 25.66 13.24
C GLY E 21 17.25 26.79 14.26
N PHE E 22 18.16 27.74 14.00
CA PHE E 22 18.39 28.91 14.83
C PHE E 22 17.86 30.14 14.06
N ALA E 23 17.41 31.16 14.79
CA ALA E 23 16.78 32.36 14.27
C ALA E 23 17.78 33.25 13.50
N GLY E 24 17.43 33.62 12.28
CA GLY E 24 18.20 34.47 11.38
C GLY E 24 18.81 33.69 10.22
N ASP E 25 18.88 32.35 10.34
CA ASP E 25 19.22 31.45 9.24
C ASP E 25 17.93 31.27 8.41
N ASP E 26 18.07 31.29 7.09
CA ASP E 26 16.94 31.21 6.14
C ASP E 26 16.72 29.76 5.67
N ALA E 27 17.57 28.80 6.05
CA ALA E 27 17.38 27.38 5.78
C ALA E 27 17.14 26.62 7.10
N PRO E 28 16.30 25.57 7.11
CA PRO E 28 16.24 24.64 8.26
C PRO E 28 17.47 23.72 8.22
N ARG E 29 17.89 23.26 9.39
CA ARG E 29 19.16 22.57 9.63
C ARG E 29 19.01 21.31 10.49
N ALA E 30 17.77 20.90 10.75
CA ALA E 30 17.36 19.64 11.33
C ALA E 30 15.98 19.41 10.73
N VAL E 31 15.79 18.35 9.93
CA VAL E 31 14.53 18.00 9.29
C VAL E 31 14.43 16.48 9.32
N PHE E 32 13.29 15.96 9.79
CA PHE E 32 12.96 14.53 9.77
C PHE E 32 11.44 14.35 9.90
N PRO E 33 10.86 13.20 9.44
CA PRO E 33 9.44 12.90 9.65
C PRO E 33 9.18 12.50 11.11
N SER E 34 7.94 12.66 11.60
CA SER E 34 7.51 12.25 12.92
C SER E 34 7.47 10.70 12.97
N ILE E 35 8.56 10.06 13.43
CA ILE E 35 8.67 8.61 13.59
C ILE E 35 9.62 8.31 14.75
N VAL E 36 9.21 7.40 15.65
CA VAL E 36 9.96 6.90 16.80
C VAL E 36 9.75 5.38 16.87
N GLY E 37 10.80 4.61 17.21
CA GLY E 37 10.72 3.17 17.33
C GLY E 37 11.71 2.58 18.35
N ARG E 38 11.50 1.31 18.69
CA ARG E 38 12.35 0.45 19.54
C ARG E 38 12.42 -0.94 18.90
N PRO E 39 13.48 -1.76 19.14
CA PRO E 39 13.56 -3.17 18.73
C PRO E 39 12.34 -4.03 19.10
N ARG E 40 11.98 -4.99 18.25
CA ARG E 40 10.98 -6.03 18.48
C ARG E 40 11.48 -7.07 19.52
N HIS E 41 12.79 -7.10 19.79
CA HIS E 41 13.49 -7.86 20.85
C HIS E 41 15.01 -7.60 20.84
N GLN E 42 15.57 -7.12 19.72
CA GLN E 42 17.00 -7.04 19.42
C GLN E 42 17.71 -5.89 20.19
N GLY E 43 17.74 -5.96 21.53
CA GLY E 43 18.37 -4.97 22.40
C GLY E 43 19.90 -4.91 22.31
N VAL E 44 20.55 -5.97 21.79
CA VAL E 44 22.00 -6.10 21.58
C VAL E 44 22.57 -5.13 20.50
N MET E 45 21.70 -4.34 19.85
CA MET E 45 22.00 -3.37 18.79
C MET E 45 22.34 -1.98 19.36
N VAL E 46 22.41 -1.84 20.69
CA VAL E 46 22.69 -0.60 21.42
C VAL E 46 24.23 -0.38 21.51
N GLY E 47 24.62 0.84 21.87
CA GLY E 47 25.99 1.27 22.11
C GLY E 47 26.13 1.89 23.50
N MET E 48 27.29 2.47 23.79
CA MET E 48 27.62 3.12 25.06
C MET E 48 27.10 4.56 25.01
N GLY E 49 25.82 4.73 25.35
CA GLY E 49 25.09 5.99 25.35
C GLY E 49 23.65 5.73 24.92
N GLN E 50 22.76 6.70 25.20
CA GLN E 50 21.32 6.54 25.11
C GLN E 50 20.87 6.45 23.64
N LYS E 51 20.13 5.39 23.33
CA LYS E 51 19.46 5.12 22.06
C LYS E 51 18.24 4.22 22.30
N ASP E 52 17.60 4.43 23.45
CA ASP E 52 16.46 3.74 24.04
C ASP E 52 15.16 3.99 23.25
N SER E 53 15.22 4.93 22.30
CA SER E 53 14.24 5.23 21.29
C SER E 53 15.06 5.65 20.06
N TYR E 54 14.93 4.92 18.96
CA TYR E 54 15.50 5.27 17.65
C TYR E 54 14.44 6.20 17.03
N VAL E 55 14.86 7.41 16.65
CA VAL E 55 13.99 8.50 16.20
C VAL E 55 14.35 8.81 14.74
N GLY E 56 13.36 9.24 13.96
CA GLY E 56 13.51 9.94 12.68
C GLY E 56 14.33 9.19 11.63
N ASP E 57 15.51 9.73 11.35
CA ASP E 57 16.55 9.25 10.45
C ASP E 57 17.09 7.89 10.94
N GLU E 58 17.42 7.75 12.23
CA GLU E 58 17.95 6.53 12.84
C GLU E 58 16.89 5.43 12.97
N ALA E 59 15.60 5.77 12.91
CA ALA E 59 14.49 4.81 12.87
C ALA E 59 14.30 4.21 11.46
N GLN E 60 14.93 4.81 10.44
CA GLN E 60 14.83 4.40 9.04
C GLN E 60 16.18 3.90 8.51
N SER E 61 17.29 4.15 9.22
CA SER E 61 18.65 3.83 8.79
C SER E 61 18.96 2.32 8.88
N LYS E 62 18.37 1.61 9.84
CA LYS E 62 18.40 0.15 9.99
C LYS E 62 16.97 -0.25 10.33
N ARG E 63 16.38 -1.05 9.44
CA ARG E 63 14.94 -1.28 9.34
C ARG E 63 14.57 -2.66 9.91
N GLY E 64 13.26 -2.97 9.90
CA GLY E 64 12.66 -4.30 10.09
C GLY E 64 12.69 -4.82 11.53
N ILE E 65 13.81 -4.58 12.23
CA ILE E 65 14.04 -4.98 13.61
C ILE E 65 13.20 -4.16 14.59
N LEU E 66 12.81 -2.93 14.25
CA LEU E 66 12.09 -2.00 15.10
C LEU E 66 10.57 -2.16 14.93
N THR E 67 9.82 -1.97 16.01
CA THR E 67 8.42 -1.53 15.98
C THR E 67 8.48 0.01 15.93
N LEU E 68 7.70 0.62 15.03
CA LEU E 68 7.69 2.04 14.72
C LEU E 68 6.29 2.59 15.03
N LYS E 69 6.20 3.81 15.57
CA LYS E 69 4.99 4.62 15.64
C LYS E 69 5.33 6.03 15.14
N TYR E 70 4.31 6.79 14.76
CA TYR E 70 4.37 8.21 14.45
C TYR E 70 3.89 8.93 15.73
N PRO E 71 4.75 9.65 16.49
CA PRO E 71 4.40 10.44 17.68
C PRO E 71 3.17 11.35 17.49
N ILE E 72 3.30 12.37 16.65
CA ILE E 72 2.18 13.14 16.12
C ILE E 72 1.96 12.68 14.68
N GLU E 73 0.70 12.73 14.24
CA GLU E 73 0.23 12.28 12.93
C GLU E 73 -0.32 13.57 12.29
N HIS E 74 -1.53 13.97 12.67
CA HIS E 74 -2.32 15.02 12.02
C HIS E 74 -2.03 16.42 12.60
N GLY E 75 -0.84 16.65 13.17
CA GLY E 75 -0.40 17.91 13.78
C GLY E 75 -1.02 18.22 15.15
N ILE E 76 -2.02 17.42 15.57
CA ILE E 76 -2.64 17.47 16.89
C ILE E 76 -1.68 16.71 17.83
N ILE E 77 -1.25 17.38 18.90
CA ILE E 77 -0.24 16.87 19.83
C ILE E 77 -0.99 16.11 20.94
N THR E 78 -1.50 14.93 20.60
CA THR E 78 -2.10 13.95 21.48
C THR E 78 -1.01 13.29 22.36
N ASN E 79 0.08 12.89 21.69
CA ASN E 79 1.28 12.24 22.21
C ASN E 79 2.22 13.29 22.80
N TRP E 80 2.86 12.92 23.90
CA TRP E 80 3.89 13.68 24.62
C TRP E 80 5.05 12.73 24.94
N ASP E 81 4.66 11.50 25.30
CA ASP E 81 5.36 10.22 25.46
C ASP E 81 6.53 10.00 24.49
N ASP E 82 6.34 10.32 23.20
CA ASP E 82 7.36 10.18 22.14
C ASP E 82 7.71 11.51 21.46
N MET E 83 6.85 12.53 21.59
CA MET E 83 7.07 13.86 21.01
C MET E 83 8.19 14.60 21.76
N GLU E 84 8.37 14.31 23.06
CA GLU E 84 9.58 14.67 23.80
C GLU E 84 10.84 14.06 23.16
N LYS E 85 10.80 12.81 22.65
CA LYS E 85 11.95 12.19 21.99
C LYS E 85 12.20 12.80 20.59
N ILE E 86 11.16 13.30 19.89
CA ILE E 86 11.29 14.10 18.67
C ILE E 86 12.05 15.40 18.97
N TRP E 87 11.62 16.14 20.00
CA TRP E 87 12.27 17.37 20.47
C TRP E 87 13.70 17.10 20.97
N HIS E 88 13.92 16.04 21.75
CA HIS E 88 15.22 15.61 22.27
C HIS E 88 16.22 15.29 21.15
N HIS E 89 15.77 14.56 20.12
CA HIS E 89 16.57 14.22 18.95
C HIS E 89 16.87 15.45 18.08
N THR E 90 15.90 16.36 17.94
CA THR E 90 16.05 17.65 17.26
C THR E 90 17.15 18.50 17.94
N PHE E 91 17.08 18.66 19.27
CA PHE E 91 17.96 19.55 20.02
C PHE E 91 19.35 18.93 20.24
N TYR E 92 19.44 17.76 20.89
CA TYR E 92 20.70 17.26 21.43
C TYR E 92 21.45 16.35 20.45
N ASN E 93 20.75 15.67 19.52
CA ASN E 93 21.41 14.77 18.54
C ASN E 93 21.65 15.47 17.20
N GLU E 94 20.64 16.20 16.66
CA GLU E 94 20.72 16.81 15.33
C GLU E 94 21.33 18.23 15.40
N LEU E 95 20.69 19.18 16.10
CA LEU E 95 21.20 20.56 16.22
C LEU E 95 22.48 20.61 17.08
N ARG E 96 22.55 19.75 18.10
CA ARG E 96 23.71 19.40 18.93
C ARG E 96 23.97 20.44 20.02
N VAL E 97 22.92 21.08 20.53
CA VAL E 97 22.99 22.18 21.51
C VAL E 97 22.01 21.96 22.66
N ALA E 98 22.25 22.67 23.76
CA ALA E 98 21.36 22.72 24.91
C ALA E 98 20.29 23.81 24.64
N PRO E 99 18.97 23.47 24.60
CA PRO E 99 17.89 24.46 24.47
C PRO E 99 17.72 25.30 25.76
N GLU E 100 18.29 24.80 26.86
CA GLU E 100 18.52 25.34 28.18
C GLU E 100 19.24 26.70 28.18
N GLU E 101 20.08 26.95 27.16
CA GLU E 101 20.78 28.21 26.93
C GLU E 101 19.96 29.17 26.03
N HIS E 102 19.14 28.63 25.11
CA HIS E 102 18.67 29.34 23.91
C HIS E 102 17.14 29.55 23.98
N PRO E 103 16.62 30.80 24.00
CA PRO E 103 15.19 31.09 23.89
C PRO E 103 14.52 30.36 22.71
N THR E 104 13.53 29.49 22.97
CA THR E 104 13.01 28.56 21.98
C THR E 104 11.58 28.97 21.56
N LEU E 105 11.41 29.27 20.27
CA LEU E 105 10.12 29.33 19.60
C LEU E 105 9.80 27.89 19.16
N LEU E 106 8.72 27.34 19.72
CA LEU E 106 8.14 26.06 19.35
C LEU E 106 6.84 26.40 18.62
N THR E 107 6.88 26.33 17.28
CA THR E 107 5.79 26.70 16.39
C THR E 107 4.78 25.53 16.38
N GLU E 108 3.50 25.83 16.62
CA GLU E 108 2.42 24.87 16.66
C GLU E 108 1.79 24.76 15.27
N ALA E 109 1.10 23.63 15.05
CA ALA E 109 0.08 23.44 14.02
C ALA E 109 -1.29 23.78 14.67
N PRO E 110 -2.23 24.42 13.94
CA PRO E 110 -3.53 24.82 14.48
C PRO E 110 -4.47 23.62 14.74
N LEU E 111 -5.53 23.87 15.51
CA LEU E 111 -6.56 22.93 15.97
C LEU E 111 -6.19 22.19 17.27
N ASN E 112 -5.06 22.56 17.90
CA ASN E 112 -4.65 22.05 19.21
C ASN E 112 -5.42 22.81 20.33
N PRO E 113 -6.11 22.12 21.27
CA PRO E 113 -6.85 22.72 22.40
C PRO E 113 -6.01 23.59 23.35
N LYS E 114 -6.67 24.40 24.21
CA LYS E 114 -6.10 25.26 25.27
C LYS E 114 -4.82 24.70 25.94
N ALA E 115 -5.00 23.58 26.66
CA ALA E 115 -4.00 22.93 27.50
C ALA E 115 -2.84 22.28 26.72
N ASN E 116 -2.95 22.14 25.39
CA ASN E 116 -1.83 21.62 24.57
C ASN E 116 -0.73 22.67 24.43
N ARG E 117 -1.08 23.97 24.41
CA ARG E 117 -0.08 25.04 24.47
C ARG E 117 0.59 25.08 25.84
N GLU E 118 -0.22 24.95 26.90
CA GLU E 118 0.24 24.92 28.30
C GLU E 118 1.19 23.73 28.54
N LYS E 119 0.87 22.54 28.00
CA LYS E 119 1.75 21.37 27.99
C LYS E 119 3.05 21.59 27.19
N MET E 120 3.00 22.29 26.04
CA MET E 120 4.20 22.66 25.29
C MET E 120 5.08 23.63 26.09
N THR E 121 4.45 24.58 26.79
CA THR E 121 5.10 25.56 27.66
C THR E 121 5.79 24.84 28.84
N GLN E 122 5.10 23.87 29.49
CA GLN E 122 5.60 22.97 30.53
C GLN E 122 6.85 22.20 30.07
N ILE E 123 6.73 21.38 29.02
CA ILE E 123 7.82 20.54 28.51
C ILE E 123 9.04 21.38 28.07
N MET E 124 8.84 22.58 27.49
CA MET E 124 9.93 23.49 27.18
C MET E 124 10.62 24.02 28.45
N PHE E 125 9.87 24.59 29.41
CA PHE E 125 10.45 25.22 30.60
C PHE E 125 10.91 24.22 31.68
N GLU E 126 10.32 23.01 31.75
CA GLU E 126 10.44 22.07 32.86
C GLU E 126 10.84 20.65 32.41
N THR E 127 11.19 20.45 31.14
CA THR E 127 11.74 19.19 30.63
C THR E 127 12.91 19.45 29.65
N PHE E 128 13.04 20.69 29.12
CA PHE E 128 14.12 21.14 28.26
C PHE E 128 14.74 22.45 28.76
N ASN E 129 14.35 22.91 29.95
CA ASN E 129 15.01 23.94 30.77
C ASN E 129 15.10 25.34 30.10
N VAL E 130 14.31 25.58 29.04
CA VAL E 130 14.32 26.76 28.18
C VAL E 130 14.27 28.09 28.99
N PRO E 131 15.10 29.11 28.70
CA PRO E 131 15.13 30.36 29.49
C PRO E 131 13.96 31.30 29.19
N ALA E 132 13.45 31.27 27.95
CA ALA E 132 12.32 32.04 27.47
C ALA E 132 11.68 31.28 26.29
N MET E 133 10.35 31.12 26.30
CA MET E 133 9.58 30.27 25.41
C MET E 133 8.60 31.13 24.58
N TYR E 134 8.23 30.68 23.39
CA TYR E 134 7.25 31.32 22.53
C TYR E 134 6.54 30.27 21.65
N VAL E 135 5.30 30.57 21.25
CA VAL E 135 4.47 29.81 20.32
C VAL E 135 3.88 30.79 19.30
N ALA E 136 3.85 30.38 18.03
CA ALA E 136 3.17 30.99 16.91
C ALA E 136 2.63 29.88 16.00
N ILE E 137 1.66 30.18 15.14
CA ILE E 137 1.00 29.22 14.25
C ILE E 137 1.74 29.24 12.91
N GLN E 138 2.27 28.08 12.49
CA GLN E 138 2.98 27.80 11.23
C GLN E 138 2.40 28.47 9.97
N ALA E 139 1.07 28.39 9.78
CA ALA E 139 0.34 28.98 8.66
C ALA E 139 0.41 30.51 8.63
N VAL E 140 0.41 31.18 9.80
CA VAL E 140 0.49 32.64 9.90
C VAL E 140 1.90 33.12 9.52
N LEU E 141 2.94 32.38 9.93
CA LEU E 141 4.34 32.66 9.61
C LEU E 141 4.60 32.45 8.11
N SER E 142 4.00 31.42 7.52
CA SER E 142 4.03 31.12 6.09
C SER E 142 3.28 32.19 5.27
N LEU E 143 2.12 32.67 5.76
CA LEU E 143 1.33 33.71 5.11
C LEU E 143 2.10 35.04 5.05
N TYR E 144 2.78 35.41 6.14
CA TYR E 144 3.66 36.58 6.20
C TYR E 144 4.85 36.44 5.24
N ALA E 145 5.53 35.27 5.21
CA ALA E 145 6.64 34.98 4.30
C ALA E 145 6.21 34.91 2.82
N SER E 146 4.94 34.59 2.55
CA SER E 146 4.33 34.64 1.22
C SER E 146 3.98 36.09 0.82
N GLY E 147 3.97 37.05 1.77
CA GLY E 147 3.63 38.45 1.54
C GLY E 147 2.12 38.67 1.50
N ARG E 148 1.38 38.07 2.44
CA ARG E 148 -0.04 38.28 2.70
C ARG E 148 -0.24 38.45 4.22
N THR E 149 -1.43 38.90 4.64
CA THR E 149 -1.82 39.13 6.04
C THR E 149 -3.27 38.69 6.25
N THR E 150 -4.13 39.00 5.28
CA THR E 150 -5.47 38.47 5.12
C THR E 150 -5.39 37.56 3.87
N GLY E 151 -6.10 36.42 3.86
CA GLY E 151 -6.09 35.46 2.78
C GLY E 151 -6.39 34.06 3.32
N ILE E 152 -6.15 33.02 2.51
CA ILE E 152 -6.37 31.63 2.87
C ILE E 152 -5.19 30.76 2.44
N VAL E 153 -4.46 30.22 3.43
CA VAL E 153 -3.38 29.26 3.24
C VAL E 153 -4.04 27.88 3.09
N LEU E 154 -3.63 27.14 2.07
CA LEU E 154 -3.72 25.69 2.03
C LEU E 154 -2.32 25.21 2.45
N ASP E 155 -2.24 24.24 3.36
CA ASP E 155 -1.03 23.48 3.72
C ASP E 155 -1.43 22.02 3.52
N SER E 156 -0.64 21.29 2.73
CA SER E 156 -0.81 19.89 2.41
C SER E 156 0.52 19.22 2.74
N GLY E 157 0.65 18.76 3.99
CA GLY E 157 1.83 18.10 4.52
C GLY E 157 1.80 16.59 4.30
N ASP E 158 2.69 15.87 4.98
CA ASP E 158 2.71 14.39 4.93
C ASP E 158 1.72 13.78 5.94
N GLY E 159 1.29 14.49 7.00
CA GLY E 159 0.38 13.96 8.03
C GLY E 159 -1.05 14.50 8.02
N VAL E 160 -1.31 15.69 7.45
CA VAL E 160 -2.64 16.28 7.28
C VAL E 160 -2.59 17.34 6.16
N THR E 161 -3.71 17.56 5.46
CA THR E 161 -3.93 18.71 4.60
C THR E 161 -5.01 19.58 5.26
N HIS E 162 -4.78 20.90 5.34
CA HIS E 162 -5.63 21.85 6.02
C HIS E 162 -5.68 23.23 5.35
N ASN E 163 -6.85 23.85 5.43
CA ASN E 163 -7.17 25.17 4.93
C ASN E 163 -7.31 26.09 6.14
N VAL E 164 -6.52 27.18 6.17
CA VAL E 164 -6.49 28.15 7.26
C VAL E 164 -6.87 29.52 6.66
N PRO E 165 -8.12 29.99 6.80
CA PRO E 165 -8.50 31.37 6.45
C PRO E 165 -8.05 32.34 7.57
N ILE E 166 -7.43 33.45 7.17
CA ILE E 166 -6.71 34.40 8.02
C ILE E 166 -7.20 35.83 7.70
N TYR E 167 -7.37 36.62 8.77
CA TYR E 167 -7.97 37.94 8.86
C TYR E 167 -6.97 38.83 9.63
N GLU E 168 -6.22 39.67 8.90
CA GLU E 168 -5.06 40.50 9.27
C GLU E 168 -4.13 39.83 10.32
N GLY E 169 -3.65 38.63 9.98
CA GLY E 169 -2.68 37.84 10.74
C GLY E 169 -3.31 36.79 11.67
N TYR E 170 -4.60 36.91 12.00
CA TYR E 170 -5.30 36.06 12.94
C TYR E 170 -6.19 35.09 12.16
N ALA E 171 -6.09 33.79 12.45
CA ALA E 171 -6.85 32.72 11.80
C ALA E 171 -8.28 32.67 12.37
N LEU E 172 -9.27 32.37 11.52
CA LEU E 172 -10.68 32.29 11.89
C LEU E 172 -11.01 30.81 12.16
N PRO E 173 -11.16 30.36 13.43
CA PRO E 173 -11.08 28.93 13.80
C PRO E 173 -12.30 28.09 13.41
N HIS E 174 -13.48 28.69 13.30
CA HIS E 174 -14.71 28.02 12.89
C HIS E 174 -14.62 27.56 11.41
N ALA E 175 -13.96 28.37 10.58
CA ALA E 175 -13.78 28.20 9.16
C ALA E 175 -12.49 27.43 8.79
N ILE E 176 -11.61 27.08 9.76
CA ILE E 176 -10.49 26.16 9.50
C ILE E 176 -11.10 24.78 9.18
N MET E 177 -10.64 24.18 8.09
CA MET E 177 -11.07 22.88 7.57
C MET E 177 -9.83 22.04 7.26
N ARG E 178 -10.01 20.71 7.24
CA ARG E 178 -8.97 19.76 6.89
C ARG E 178 -9.55 18.67 6.00
N LEU E 179 -8.72 18.21 5.08
CA LEU E 179 -8.88 16.96 4.36
C LEU E 179 -7.79 16.09 5.01
N ASP E 180 -8.18 15.02 5.68
CA ASP E 180 -7.25 14.19 6.46
C ASP E 180 -6.26 13.41 5.59
N LEU E 181 -6.51 13.34 4.28
CA LEU E 181 -5.63 12.78 3.25
C LEU E 181 -4.36 13.64 3.13
N ALA E 182 -3.19 13.01 3.14
CA ALA E 182 -1.90 13.67 3.17
C ALA E 182 -0.84 12.91 2.39
N GLY E 183 0.40 13.44 2.37
CA GLY E 183 1.55 12.88 1.68
C GLY E 183 1.91 11.43 2.09
N ARG E 184 1.53 11.02 3.31
CA ARG E 184 1.51 9.65 3.84
C ARG E 184 0.71 8.70 2.92
N ASP E 185 -0.46 9.15 2.49
CA ASP E 185 -1.47 8.36 1.80
C ASP E 185 -1.22 8.42 0.30
N LEU E 186 -0.59 9.51 -0.18
CA LEU E 186 0.07 9.56 -1.49
C LEU E 186 1.12 8.45 -1.57
N THR E 187 1.97 8.26 -0.54
CA THR E 187 2.98 7.20 -0.52
C THR E 187 2.32 5.79 -0.52
N ASP E 188 1.27 5.59 0.31
CA ASP E 188 0.48 4.35 0.40
C ASP E 188 -0.19 3.98 -0.94
N TYR E 189 -0.78 4.98 -1.59
CA TYR E 189 -1.43 4.88 -2.89
C TYR E 189 -0.40 4.71 -4.01
N LEU E 190 0.72 5.47 -3.99
CA LEU E 190 1.84 5.39 -4.93
C LEU E 190 2.43 3.97 -4.99
N MET E 191 2.60 3.31 -3.83
CA MET E 191 3.01 1.90 -3.74
C MET E 191 2.02 0.95 -4.46
N LYS E 192 0.72 1.17 -4.30
CA LYS E 192 -0.33 0.34 -4.89
C LYS E 192 -0.47 0.54 -6.41
N ILE E 193 -0.26 1.76 -6.93
CA ILE E 193 -0.28 2.01 -8.38
C ILE E 193 1.09 1.73 -9.04
N LEU E 194 2.18 1.65 -8.27
CA LEU E 194 3.45 1.05 -8.71
C LEU E 194 3.26 -0.48 -8.84
N THR E 195 2.50 -1.10 -7.92
CA THR E 195 2.14 -2.52 -7.95
C THR E 195 1.16 -2.83 -9.11
N GLU E 196 0.37 -1.85 -9.61
CA GLU E 196 -0.41 -1.98 -10.85
C GLU E 196 0.51 -2.08 -12.10
N ARG E 197 1.78 -1.67 -12.01
CA ARG E 197 2.81 -1.92 -13.04
C ARG E 197 3.68 -3.13 -12.68
N GLY E 198 3.37 -3.87 -11.61
CA GLY E 198 4.10 -5.05 -11.16
C GLY E 198 5.34 -4.75 -10.32
N TYR E 199 5.70 -3.47 -10.11
CA TYR E 199 6.84 -3.07 -9.29
C TYR E 199 6.42 -3.15 -7.83
N SER E 200 7.08 -4.02 -7.06
CA SER E 200 6.73 -4.26 -5.67
C SER E 200 7.59 -3.34 -4.80
N PHE E 201 6.95 -2.58 -3.90
CA PHE E 201 7.59 -1.72 -2.93
C PHE E 201 6.74 -1.80 -1.65
N VAL E 202 7.34 -2.19 -0.53
CA VAL E 202 6.65 -2.55 0.70
C VAL E 202 7.45 -2.19 1.97
N THR E 203 8.79 -2.22 1.91
CA THR E 203 9.66 -2.15 3.08
C THR E 203 9.81 -0.71 3.61
N THR E 204 10.37 -0.60 4.81
CA THR E 204 10.78 0.64 5.44
C THR E 204 11.97 1.26 4.67
N ALA E 205 12.79 0.42 4.01
CA ALA E 205 13.90 0.83 3.16
C ALA E 205 13.39 1.48 1.87
N GLU E 206 12.46 0.83 1.16
CA GLU E 206 11.81 1.33 -0.06
C GLU E 206 10.90 2.54 0.22
N ARG E 207 10.41 2.73 1.45
CA ARG E 207 9.52 3.82 1.85
C ARG E 207 10.08 5.22 1.51
N GLU E 208 11.35 5.50 1.84
CA GLU E 208 11.99 6.79 1.52
C GLU E 208 12.28 6.91 0.01
N ILE E 209 12.49 5.79 -0.70
CA ILE E 209 12.75 5.77 -2.14
C ILE E 209 11.45 6.09 -2.90
N VAL E 210 10.31 5.47 -2.53
CA VAL E 210 8.99 5.80 -3.07
C VAL E 210 8.57 7.23 -2.68
N ARG E 211 8.91 7.70 -1.47
CA ARG E 211 8.69 9.06 -1.03
C ARG E 211 9.60 10.08 -1.77
N ASP E 212 10.80 9.68 -2.21
CA ASP E 212 11.65 10.50 -3.08
C ASP E 212 11.09 10.56 -4.52
N ILE E 213 10.59 9.43 -5.05
CA ILE E 213 9.87 9.32 -6.33
C ILE E 213 8.60 10.20 -6.33
N LYS E 214 7.85 10.18 -5.21
CA LYS E 214 6.68 11.01 -4.90
C LYS E 214 6.98 12.51 -5.09
N GLU E 215 8.18 12.96 -4.74
CA GLU E 215 8.59 14.36 -4.76
C GLU E 215 9.34 14.71 -6.07
N LYS E 216 10.20 13.82 -6.59
CA LYS E 216 11.04 14.08 -7.76
C LYS E 216 10.28 14.05 -9.10
N LEU E 217 9.32 13.13 -9.30
CA LEU E 217 8.81 12.80 -10.64
C LEU E 217 7.34 13.16 -10.89
N CYS E 218 6.61 13.58 -9.85
CA CYS E 218 5.16 13.77 -9.86
C CYS E 218 4.77 15.24 -10.10
N TYR E 219 3.51 15.48 -10.46
CA TYR E 219 2.93 16.76 -10.89
C TYR E 219 1.40 16.66 -10.82
N VAL E 220 0.67 17.77 -10.69
CA VAL E 220 -0.78 17.76 -10.76
C VAL E 220 -1.16 18.02 -12.22
N ALA E 221 -2.04 17.18 -12.76
CA ALA E 221 -2.63 17.31 -14.09
C ALA E 221 -3.65 18.45 -14.05
N LEU E 222 -3.67 19.31 -15.07
CA LEU E 222 -4.65 20.38 -15.23
C LEU E 222 -6.01 19.74 -15.59
N ASP E 223 -6.01 18.93 -16.66
CA ASP E 223 -7.09 18.03 -17.04
C ASP E 223 -6.45 16.64 -16.96
N PHE E 224 -7.15 15.69 -16.37
CA PHE E 224 -6.71 14.30 -16.20
C PHE E 224 -6.81 13.58 -17.56
N GLU E 225 -7.82 13.96 -18.35
CA GLU E 225 -8.18 13.51 -19.68
C GLU E 225 -7.06 13.76 -20.70
N ASN E 226 -6.52 14.99 -20.75
CA ASN E 226 -5.48 15.40 -21.68
C ASN E 226 -4.12 14.75 -21.38
N GLU E 227 -3.79 14.56 -20.09
CA GLU E 227 -2.60 13.84 -19.66
C GLU E 227 -2.74 12.32 -19.96
N MET E 228 -3.92 11.72 -19.74
CA MET E 228 -4.24 10.34 -20.11
C MET E 228 -4.15 10.10 -21.63
N ALA E 229 -4.62 11.06 -22.44
CA ALA E 229 -4.54 11.02 -23.91
C ALA E 229 -3.07 11.14 -24.39
N THR E 230 -2.26 11.95 -23.70
CA THR E 230 -0.83 12.10 -23.98
C THR E 230 -0.07 10.82 -23.58
N ALA E 231 -0.41 10.20 -22.44
CA ALA E 231 0.18 8.94 -21.97
C ALA E 231 -0.18 7.76 -22.89
N ALA E 232 -1.41 7.76 -23.42
CA ALA E 232 -1.94 6.76 -24.34
C ALA E 232 -1.44 6.93 -25.79
N SER E 233 -0.55 7.90 -26.07
CA SER E 233 0.00 8.13 -27.40
C SER E 233 1.49 8.51 -27.45
N SER E 234 2.13 8.78 -26.30
CA SER E 234 3.48 9.33 -26.27
C SER E 234 4.26 8.86 -25.02
N SER E 235 5.52 8.47 -25.23
CA SER E 235 6.52 8.17 -24.19
C SER E 235 7.13 9.44 -23.57
N SER E 236 6.62 10.64 -23.92
CA SER E 236 6.90 11.91 -23.28
C SER E 236 6.56 11.89 -21.78
N LEU E 237 5.43 11.28 -21.41
CA LEU E 237 4.87 11.28 -20.06
C LEU E 237 5.52 10.19 -19.17
N GLU E 238 5.98 9.08 -19.75
CA GLU E 238 6.62 7.95 -19.06
C GLU E 238 8.07 8.35 -18.68
N LYS E 239 8.40 8.38 -17.38
CA LYS E 239 9.66 8.87 -16.82
C LYS E 239 10.28 7.83 -15.86
N SER E 240 11.60 7.70 -15.91
CA SER E 240 12.41 6.64 -15.33
C SER E 240 13.07 7.04 -14.00
N TYR E 241 13.47 6.03 -13.21
CA TYR E 241 14.21 6.11 -11.96
C TYR E 241 15.13 4.86 -11.89
N GLU E 242 16.37 4.99 -11.40
CA GLU E 242 17.27 3.87 -11.09
C GLU E 242 17.09 3.60 -9.60
N LEU E 243 16.77 2.36 -9.21
CA LEU E 243 16.76 1.93 -7.81
C LEU E 243 18.21 1.58 -7.41
N PRO E 244 18.64 1.81 -6.13
CA PRO E 244 20.03 1.77 -5.63
C PRO E 244 21.07 0.70 -6.06
N ASP E 245 20.72 -0.32 -6.85
CA ASP E 245 21.61 -1.36 -7.34
C ASP E 245 21.52 -1.56 -8.86
N GLY E 246 20.94 -0.59 -9.57
CA GLY E 246 20.94 -0.50 -11.03
C GLY E 246 19.68 -1.03 -11.71
N GLN E 247 18.64 -1.39 -10.93
CA GLN E 247 17.35 -1.83 -11.46
C GLN E 247 16.58 -0.55 -11.84
N VAL E 248 16.27 -0.40 -13.13
CA VAL E 248 15.56 0.76 -13.66
C VAL E 248 14.05 0.45 -13.57
N ILE E 249 13.27 1.44 -13.11
CA ILE E 249 11.81 1.44 -13.11
C ILE E 249 11.34 2.72 -13.83
N THR E 250 10.14 2.70 -14.41
CA THR E 250 9.55 3.78 -15.19
C THR E 250 8.05 3.91 -14.85
N ILE E 251 7.59 5.12 -14.53
CA ILE E 251 6.22 5.48 -14.20
C ILE E 251 5.70 6.54 -15.18
N GLY E 252 4.40 6.49 -15.47
CA GLY E 252 3.72 7.41 -16.35
C GLY E 252 2.57 8.03 -15.59
N ASN E 253 1.36 7.47 -15.78
CA ASN E 253 0.09 7.98 -15.24
C ASN E 253 0.07 8.14 -13.71
N GLU E 254 0.92 7.37 -13.01
CA GLU E 254 1.17 7.36 -11.58
C GLU E 254 1.68 8.72 -11.09
N ARG E 255 2.43 9.43 -11.94
CA ARG E 255 3.00 10.75 -11.69
C ARG E 255 1.94 11.84 -11.45
N PHE E 256 0.70 11.63 -11.91
CA PHE E 256 -0.43 12.53 -11.64
C PHE E 256 -1.57 11.82 -10.88
N ARG E 257 -1.82 10.53 -11.14
CA ARG E 257 -2.79 9.68 -10.43
C ARG E 257 -2.57 9.66 -8.90
N CYS E 258 -1.30 9.72 -8.45
CA CYS E 258 -0.92 9.95 -7.05
C CYS E 258 -1.29 11.39 -6.58
N PRO E 259 -0.69 12.50 -7.06
CA PRO E 259 -1.15 13.89 -6.77
C PRO E 259 -2.66 14.20 -6.87
N GLU E 260 -3.41 13.55 -7.76
CA GLU E 260 -4.85 13.70 -7.98
C GLU E 260 -5.69 13.31 -6.74
N THR E 261 -5.15 12.48 -5.83
CA THR E 261 -5.78 12.04 -4.58
C THR E 261 -6.27 13.19 -3.67
N LEU E 262 -5.66 14.39 -3.75
CA LEU E 262 -6.11 15.57 -3.01
C LEU E 262 -7.40 16.19 -3.61
N PHE E 263 -7.66 15.95 -4.91
CA PHE E 263 -8.84 16.43 -5.62
C PHE E 263 -9.91 15.32 -5.61
N GLN E 264 -9.50 14.04 -5.63
CA GLN E 264 -10.38 12.88 -5.56
C GLN E 264 -10.07 12.05 -4.28
N PRO E 265 -10.46 12.48 -3.05
CA PRO E 265 -10.28 11.71 -1.80
C PRO E 265 -10.77 10.25 -1.82
N SER E 266 -11.80 9.99 -2.63
CA SER E 266 -12.36 8.70 -2.96
C SER E 266 -11.35 7.69 -3.57
N PHE E 267 -10.17 8.12 -4.03
CA PHE E 267 -9.04 7.27 -4.43
C PHE E 267 -8.39 6.57 -3.22
N ILE E 268 -8.49 7.15 -2.02
CA ILE E 268 -8.09 6.59 -0.72
C ILE E 268 -9.35 6.03 0.00
N GLY E 269 -10.53 6.17 -0.60
CA GLY E 269 -11.82 5.66 -0.11
C GLY E 269 -12.59 6.65 0.77
N MET E 270 -12.09 7.88 0.93
CA MET E 270 -12.70 8.90 1.78
C MET E 270 -13.92 9.54 1.09
N GLU E 271 -14.96 9.84 1.87
CA GLU E 271 -16.20 10.47 1.44
C GLU E 271 -16.07 12.00 1.28
N SER E 272 -14.92 12.56 1.67
CA SER E 272 -14.54 13.96 1.66
C SER E 272 -14.70 14.62 0.27
N ALA E 273 -14.81 15.94 0.28
CA ALA E 273 -14.66 16.80 -0.88
C ALA E 273 -13.16 17.09 -1.04
N GLY E 274 -12.70 17.40 -2.25
CA GLY E 274 -11.28 17.66 -2.54
C GLY E 274 -10.81 19.04 -2.06
N ILE E 275 -9.50 19.31 -2.18
CA ILE E 275 -8.86 20.56 -1.74
C ILE E 275 -9.49 21.85 -2.32
N HIS E 276 -10.00 21.80 -3.56
CA HIS E 276 -10.70 22.89 -4.27
C HIS E 276 -12.04 23.22 -3.58
N GLU E 277 -12.86 22.20 -3.32
CA GLU E 277 -14.14 22.31 -2.66
C GLU E 277 -13.95 22.67 -1.18
N THR E 278 -12.94 22.11 -0.50
CA THR E 278 -12.66 22.38 0.91
C THR E 278 -12.17 23.83 1.09
N THR E 279 -11.41 24.38 0.12
CA THR E 279 -11.01 25.80 0.09
C THR E 279 -12.24 26.70 -0.09
N TYR E 280 -13.13 26.38 -1.05
CA TYR E 280 -14.43 27.03 -1.27
C TYR E 280 -15.32 27.00 -0.02
N ASN E 281 -15.50 25.82 0.58
CA ASN E 281 -16.32 25.59 1.78
C ASN E 281 -15.77 26.33 3.02
N SER E 282 -14.45 26.48 3.14
CA SER E 282 -13.79 27.28 4.17
C SER E 282 -14.09 28.79 3.99
N ILE E 283 -14.01 29.32 2.75
CA ILE E 283 -14.30 30.73 2.41
C ILE E 283 -15.80 31.05 2.61
N MET E 284 -16.70 30.15 2.23
CA MET E 284 -18.15 30.36 2.26
C MET E 284 -18.78 30.28 3.67
N LYS E 285 -17.99 30.18 4.74
CA LYS E 285 -18.42 30.37 6.13
C LYS E 285 -17.71 31.57 6.80
N CYS E 286 -17.07 32.43 6.00
CA CYS E 286 -16.59 33.75 6.40
C CYS E 286 -17.58 34.82 5.90
N ASP E 287 -17.62 35.97 6.61
CA ASP E 287 -18.40 37.19 6.38
C ASP E 287 -18.35 37.69 4.93
N ILE E 288 -19.50 38.13 4.39
CA ILE E 288 -19.72 38.47 2.98
C ILE E 288 -18.77 39.54 2.40
N ASP E 289 -18.25 40.46 3.23
CA ASP E 289 -17.39 41.58 2.81
C ASP E 289 -15.91 41.17 2.64
N ILE E 290 -15.52 39.95 3.06
CA ILE E 290 -14.15 39.44 2.89
C ILE E 290 -14.09 38.22 1.95
N ARG E 291 -15.23 37.59 1.60
CA ARG E 291 -15.30 36.43 0.70
C ARG E 291 -14.67 36.72 -0.68
N LYS E 292 -14.91 37.93 -1.22
CA LYS E 292 -14.38 38.45 -2.49
C LYS E 292 -12.83 38.32 -2.59
N ASP E 293 -12.10 38.84 -1.59
CA ASP E 293 -10.64 38.87 -1.60
C ASP E 293 -10.01 37.78 -0.70
N LEU E 294 -10.83 36.84 -0.20
CA LEU E 294 -10.38 35.52 0.22
C LEU E 294 -10.24 34.63 -1.04
N TYR E 295 -11.20 34.70 -1.97
CA TYR E 295 -11.11 34.07 -3.30
C TYR E 295 -9.94 34.62 -4.13
N ALA E 296 -9.58 35.90 -3.94
CA ALA E 296 -8.46 36.55 -4.61
C ALA E 296 -7.14 36.41 -3.82
N ASN E 297 -7.05 35.52 -2.80
CA ASN E 297 -5.86 35.35 -1.96
C ASN E 297 -5.70 33.91 -1.44
N ASN E 298 -5.83 32.90 -2.30
CA ASN E 298 -5.54 31.51 -1.93
C ASN E 298 -4.02 31.28 -2.12
N VAL E 299 -3.33 30.94 -1.02
CA VAL E 299 -1.89 30.78 -0.97
C VAL E 299 -1.58 29.28 -0.84
N MET E 300 -0.83 28.73 -1.80
CA MET E 300 -0.38 27.35 -1.80
C MET E 300 0.86 27.23 -0.89
N SER E 301 0.78 26.37 0.14
CA SER E 301 1.85 26.05 1.07
C SER E 301 1.81 24.55 1.43
N GLY E 302 2.61 24.13 2.41
CA GLY E 302 2.84 22.72 2.75
C GLY E 302 3.77 22.03 1.75
N GLY E 303 3.86 20.70 1.80
CA GLY E 303 4.80 19.94 0.98
C GLY E 303 4.21 19.61 -0.41
N THR E 304 2.98 19.12 -0.44
CA THR E 304 2.38 18.49 -1.63
C THR E 304 1.92 19.55 -2.66
N THR E 305 2.02 20.85 -2.35
CA THR E 305 1.75 21.91 -3.32
C THR E 305 3.02 22.34 -4.09
N MET E 306 4.18 21.68 -3.88
CA MET E 306 5.41 21.95 -4.64
C MET E 306 5.30 21.49 -6.10
N TYR E 307 4.30 20.66 -6.43
CA TYR E 307 4.03 20.12 -7.76
C TYR E 307 3.65 21.20 -8.79
N PRO E 308 4.18 21.13 -10.03
CA PRO E 308 3.65 21.87 -11.18
C PRO E 308 2.14 21.60 -11.38
N GLY E 309 1.42 22.59 -11.91
CA GLY E 309 0.03 22.49 -12.31
C GLY E 309 -0.99 22.68 -11.18
N ILE E 310 -0.60 22.66 -9.90
CA ILE E 310 -1.57 22.62 -8.81
C ILE E 310 -2.27 23.98 -8.57
N ALA E 311 -1.61 25.11 -8.82
CA ALA E 311 -2.21 26.44 -8.60
C ALA E 311 -3.18 26.76 -9.74
N ASP E 312 -2.74 26.40 -10.95
CA ASP E 312 -3.33 26.43 -12.28
C ASP E 312 -4.62 25.61 -12.29
N ARG E 313 -4.51 24.36 -11.79
CA ARG E 313 -5.60 23.43 -11.51
C ARG E 313 -6.57 23.99 -10.48
N MET E 314 -6.09 24.43 -9.29
CA MET E 314 -6.93 25.01 -8.24
C MET E 314 -7.77 26.20 -8.74
N GLN E 315 -7.17 27.08 -9.55
CA GLN E 315 -7.84 28.17 -10.26
C GLN E 315 -8.95 27.66 -11.20
N LYS E 316 -8.67 26.61 -11.97
CA LYS E 316 -9.58 26.02 -12.96
C LYS E 316 -10.76 25.32 -12.27
N GLU E 317 -10.56 24.67 -11.11
CA GLU E 317 -11.66 24.10 -10.33
C GLU E 317 -12.47 25.22 -9.66
N ILE E 318 -11.81 26.17 -8.97
CA ILE E 318 -12.46 27.23 -8.18
C ILE E 318 -13.29 28.20 -9.04
N THR E 319 -12.89 28.50 -10.28
CA THR E 319 -13.68 29.31 -11.23
C THR E 319 -15.04 28.68 -11.62
N ALA E 320 -15.24 27.38 -11.39
CA ALA E 320 -16.52 26.69 -11.58
C ALA E 320 -17.34 26.63 -10.28
N LEU E 321 -16.72 26.94 -9.11
CA LEU E 321 -17.39 26.95 -7.81
C LEU E 321 -17.77 28.39 -7.41
N ALA E 322 -16.84 29.33 -7.61
CA ALA E 322 -16.98 30.74 -7.25
C ALA E 322 -17.52 31.52 -8.46
N PRO E 323 -18.51 32.44 -8.28
CA PRO E 323 -19.07 33.28 -9.35
C PRO E 323 -18.07 33.99 -10.28
N SER E 324 -18.46 34.12 -11.56
CA SER E 324 -17.65 34.60 -12.67
C SER E 324 -17.29 36.11 -12.61
N THR E 325 -17.76 36.85 -11.60
CA THR E 325 -17.37 38.24 -11.32
C THR E 325 -16.25 38.28 -10.24
N MET E 326 -15.82 37.14 -9.68
CA MET E 326 -14.71 37.05 -8.75
C MET E 326 -13.40 37.02 -9.53
N LYS E 327 -12.40 37.79 -9.07
CA LYS E 327 -11.06 37.80 -9.63
C LYS E 327 -10.25 36.75 -8.85
N ILE E 328 -10.42 35.47 -9.19
CA ILE E 328 -9.73 34.32 -8.59
C ILE E 328 -8.21 34.48 -8.81
N LYS E 329 -7.47 34.75 -7.74
CA LYS E 329 -6.09 35.21 -7.73
C LYS E 329 -5.35 34.30 -6.75
N ILE E 330 -5.11 33.06 -7.18
CA ILE E 330 -4.36 32.03 -6.47
C ILE E 330 -2.86 32.37 -6.61
N ILE E 331 -2.05 32.11 -5.58
CA ILE E 331 -0.61 32.29 -5.58
C ILE E 331 0.09 31.02 -5.08
N ALA E 332 1.32 30.80 -5.57
CA ALA E 332 2.23 29.77 -5.11
C ALA E 332 3.65 30.36 -5.11
N PRO E 333 4.25 30.70 -3.94
CA PRO E 333 5.63 31.22 -3.88
C PRO E 333 6.67 30.13 -4.25
N PRO E 334 7.95 30.49 -4.53
CA PRO E 334 8.96 29.54 -5.03
C PRO E 334 9.44 28.56 -3.95
N GLU E 335 9.68 29.05 -2.73
CA GLU E 335 9.67 28.25 -1.51
C GLU E 335 8.23 28.38 -0.96
N ARG E 336 7.69 27.29 -0.42
CA ARG E 336 6.31 27.20 0.08
C ARG E 336 6.12 26.10 1.14
N LYS E 337 7.16 25.31 1.47
CA LYS E 337 7.09 24.15 2.38
C LYS E 337 7.82 24.43 3.70
N TYR E 338 8.83 25.30 3.69
CA TYR E 338 9.61 25.72 4.85
C TYR E 338 9.32 27.17 5.23
N SER E 339 8.52 27.90 4.44
CA SER E 339 8.02 29.25 4.73
C SER E 339 7.37 29.39 6.14
N VAL E 340 6.77 28.30 6.62
CA VAL E 340 6.29 28.04 7.98
C VAL E 340 7.35 28.27 9.07
N TRP E 341 8.58 27.82 8.82
CA TRP E 341 9.70 27.91 9.76
C TRP E 341 10.48 29.20 9.50
N ILE E 342 10.70 29.57 8.23
CA ILE E 342 11.45 30.78 7.82
C ILE E 342 10.79 32.05 8.39
N GLY E 343 9.45 32.12 8.40
CA GLY E 343 8.72 33.23 9.01
C GLY E 343 8.89 33.29 10.53
N GLY E 344 9.12 32.14 11.18
CA GLY E 344 9.45 32.04 12.60
C GLY E 344 10.87 32.51 12.88
N SER E 345 11.84 32.08 12.07
CA SER E 345 13.24 32.51 12.08
C SER E 345 13.37 34.04 12.01
N ILE E 346 12.66 34.67 11.07
CA ILE E 346 12.69 36.11 10.87
C ILE E 346 11.94 36.83 12.02
N LEU E 347 10.80 36.33 12.50
CA LEU E 347 10.08 36.92 13.65
C LEU E 347 10.92 36.89 14.93
N ALA E 348 11.73 35.84 15.11
CA ALA E 348 12.62 35.65 16.24
C ALA E 348 13.95 36.44 16.12
N SER E 349 14.27 37.03 14.96
CA SER E 349 15.52 37.77 14.70
C SER E 349 15.33 39.20 14.18
N LEU E 350 14.09 39.62 13.91
CA LEU E 350 13.73 40.99 13.55
C LEU E 350 13.80 41.85 14.81
N SER E 351 14.63 42.90 14.78
CA SER E 351 14.97 43.70 15.94
C SER E 351 13.86 44.69 16.32
N THR E 352 13.76 44.94 17.64
CA THR E 352 12.89 45.85 18.39
C THR E 352 11.76 45.11 19.09
N PHE E 353 12.01 44.79 20.38
CA PHE E 353 11.06 44.34 21.39
C PHE E 353 10.79 42.82 21.34
N GLN E 354 10.60 42.21 22.52
CA GLN E 354 10.41 40.78 22.69
C GLN E 354 9.16 40.47 23.51
N GLN E 355 8.20 41.41 23.55
CA GLN E 355 7.07 41.41 24.48
C GLN E 355 6.07 40.26 24.26
N MET E 356 6.13 39.58 23.10
CA MET E 356 5.30 38.42 22.80
C MET E 356 5.96 37.12 23.34
N TRP E 357 7.28 37.11 23.55
CA TRP E 357 8.05 35.97 24.05
C TRP E 357 7.91 35.90 25.58
N ILE E 358 7.76 34.71 26.15
CA ILE E 358 7.52 34.47 27.57
C ILE E 358 8.87 34.16 28.23
N THR E 359 9.26 34.92 29.25
CA THR E 359 10.43 34.66 30.08
C THR E 359 10.09 33.63 31.18
N LYS E 360 11.09 32.99 31.79
CA LYS E 360 10.93 32.08 32.94
C LYS E 360 10.20 32.73 34.12
N GLN E 361 10.39 34.05 34.36
CA GLN E 361 9.68 34.84 35.36
C GLN E 361 8.17 34.79 35.13
N GLU E 362 7.73 35.14 33.92
CA GLU E 362 6.33 35.15 33.50
C GLU E 362 5.71 33.75 33.57
N TYR E 363 6.49 32.68 33.33
CA TYR E 363 6.04 31.31 33.53
C TYR E 363 5.86 31.00 35.03
N ASP E 364 6.87 31.24 35.86
CA ASP E 364 6.87 30.91 37.29
C ASP E 364 5.85 31.74 38.09
N GLU E 365 5.56 32.96 37.63
CA GLU E 365 4.62 33.90 38.22
C GLU E 365 3.16 33.57 37.87
N ALA E 366 2.88 33.27 36.59
CA ALA E 366 1.51 33.11 36.07
C ALA E 366 1.09 31.65 35.87
N GLY E 367 2.03 30.71 35.91
CA GLY E 367 1.89 29.30 35.56
C GLY E 367 1.83 29.05 34.04
N PRO E 368 1.70 27.78 33.58
CA PRO E 368 1.54 27.39 32.15
C PRO E 368 0.52 28.19 31.34
N SER E 369 -0.56 28.58 32.02
CA SER E 369 -1.63 29.52 31.66
C SER E 369 -1.14 30.90 31.16
N ILE E 370 0.16 31.23 31.28
CA ILE E 370 0.82 32.40 30.71
C ILE E 370 0.63 32.49 29.18
N VAL E 371 0.70 31.33 28.48
CA VAL E 371 0.76 31.23 27.03
C VAL E 371 -0.46 31.88 26.33
N HIS E 372 -1.62 31.86 26.97
CA HIS E 372 -2.86 32.45 26.44
C HIS E 372 -2.91 33.97 26.60
N ARG E 373 -2.02 34.53 27.41
CA ARG E 373 -1.90 35.95 27.71
C ARG E 373 -0.77 36.57 26.86
N LYS E 374 -0.07 35.75 26.04
CA LYS E 374 1.20 36.07 25.38
C LYS E 374 1.23 35.60 23.92
N CYS E 375 0.74 34.39 23.61
CA CYS E 375 0.71 33.82 22.27
C CYS E 375 -0.74 33.80 21.79
N PHE E 376 -1.01 34.47 20.66
CA PHE E 376 -2.32 34.67 20.03
C PHE E 376 -3.06 33.35 19.79
N NH2 E 377 -4.25 33.18 20.36
HN1 NH2 E 377 -4.74 32.31 20.23
HN2 NH2 E 377 -4.63 33.89 20.97
C ACE F 1 -29.27 -28.30 -27.87
O ACE F 1 -27.90 -28.04 -27.71
CH3 ACE F 1 -29.88 -27.21 -28.76
H1 ACE F 1 -29.44 -27.21 -29.76
H2 ACE F 1 -29.74 -26.22 -28.34
H3 ACE F 1 -30.95 -27.37 -28.89
N ASP F 2 -29.39 -29.58 -28.54
CA ASP F 2 -28.92 -30.72 -27.71
C ASP F 2 -27.48 -31.12 -28.04
N GLU F 3 -27.04 -30.80 -29.25
CA GLU F 3 -25.64 -30.91 -29.72
C GLU F 3 -25.03 -29.51 -30.01
N ASP F 4 -25.79 -28.42 -29.81
CA ASP F 4 -25.33 -27.02 -29.96
C ASP F 4 -24.75 -26.48 -28.62
N GLU F 5 -24.87 -27.26 -27.53
CA GLU F 5 -24.48 -26.88 -26.16
C GLU F 5 -22.94 -26.82 -26.04
N THR F 6 -22.47 -25.85 -25.26
CA THR F 6 -21.07 -25.47 -25.11
C THR F 6 -20.84 -25.00 -23.66
N THR F 7 -20.24 -25.86 -22.84
CA THR F 7 -19.91 -25.60 -21.44
C THR F 7 -18.73 -24.61 -21.40
N ALA F 8 -18.84 -23.50 -20.65
CA ALA F 8 -17.77 -22.52 -20.54
C ALA F 8 -16.55 -23.07 -19.77
N LEU F 9 -15.35 -22.64 -20.14
CA LEU F 9 -14.08 -23.02 -19.51
C LEU F 9 -13.74 -21.95 -18.48
N VAL F 10 -13.28 -22.32 -17.29
CA VAL F 10 -12.99 -21.38 -16.20
C VAL F 10 -11.57 -21.62 -15.69
N CYS F 11 -10.80 -20.54 -15.53
CA CYS F 11 -9.42 -20.52 -15.07
C CYS F 11 -9.27 -19.44 -13.99
N ASP F 12 -8.52 -19.71 -12.92
CA ASP F 12 -8.08 -18.75 -11.90
C ASP F 12 -6.54 -18.82 -11.78
N ASN F 13 -5.89 -17.66 -11.64
CA ASN F 13 -4.45 -17.45 -11.43
C ASN F 13 -4.32 -16.07 -10.77
N GLY F 14 -3.14 -15.70 -10.26
CA GLY F 14 -2.94 -14.46 -9.50
C GLY F 14 -2.13 -14.62 -8.22
N SER F 15 -1.69 -15.84 -7.94
CA SER F 15 -0.88 -16.19 -6.78
C SER F 15 0.22 -17.19 -7.11
N GLY F 16 0.50 -17.36 -8.41
CA GLY F 16 1.49 -18.26 -8.99
C GLY F 16 0.95 -19.67 -9.22
N LEU F 17 -0.18 -20.03 -8.63
CA LEU F 17 -0.88 -21.31 -8.80
C LEU F 17 -2.02 -21.08 -9.80
N VAL F 18 -2.09 -21.92 -10.85
CA VAL F 18 -3.19 -22.00 -11.80
C VAL F 18 -4.19 -23.03 -11.25
N LYS F 19 -5.48 -22.73 -11.35
CA LYS F 19 -6.60 -23.63 -11.10
C LYS F 19 -7.52 -23.51 -12.34
N ALA F 20 -7.89 -24.59 -13.04
CA ALA F 20 -8.68 -24.57 -14.28
C ALA F 20 -9.56 -25.82 -14.51
N GLY F 21 -10.67 -25.69 -15.26
CA GLY F 21 -11.58 -26.78 -15.63
C GLY F 21 -12.83 -26.27 -16.36
N PHE F 22 -13.86 -27.12 -16.52
CA PHE F 22 -15.12 -26.79 -17.19
C PHE F 22 -16.13 -26.25 -16.16
N ALA F 23 -17.05 -25.39 -16.60
CA ALA F 23 -18.13 -24.81 -15.83
C ALA F 23 -19.17 -25.86 -15.41
N GLY F 24 -19.12 -26.27 -14.15
CA GLY F 24 -20.01 -27.24 -13.54
C GLY F 24 -19.26 -28.42 -12.90
N ASP F 25 -17.96 -28.57 -13.21
CA ASP F 25 -17.05 -29.55 -12.60
C ASP F 25 -16.89 -29.25 -11.10
N ASP F 26 -16.96 -30.29 -10.27
CA ASP F 26 -16.73 -30.22 -8.81
C ASP F 26 -15.25 -30.05 -8.48
N ALA F 27 -14.36 -30.62 -9.29
CA ALA F 27 -12.91 -30.57 -9.13
C ALA F 27 -12.27 -30.14 -10.46
N PRO F 28 -11.18 -29.34 -10.44
CA PRO F 28 -10.52 -28.85 -11.65
C PRO F 28 -9.89 -29.96 -12.51
N ARG F 29 -9.62 -29.64 -13.77
CA ARG F 29 -9.06 -30.55 -14.77
C ARG F 29 -7.59 -30.22 -15.07
N ALA F 30 -7.09 -29.08 -14.57
CA ALA F 30 -5.70 -28.67 -14.65
C ALA F 30 -5.40 -27.83 -13.40
N VAL F 31 -4.40 -28.23 -12.62
CA VAL F 31 -3.85 -27.48 -11.48
C VAL F 31 -2.33 -27.62 -11.63
N PHE F 32 -1.62 -26.51 -11.80
CA PHE F 32 -0.17 -26.50 -12.03
C PHE F 32 0.41 -25.14 -11.60
N PRO F 33 1.73 -25.03 -11.34
CA PRO F 33 2.37 -23.74 -11.08
C PRO F 33 2.47 -22.95 -12.39
N SER F 34 2.19 -21.64 -12.35
CA SER F 34 2.21 -20.74 -13.48
C SER F 34 3.67 -20.44 -13.84
N ILE F 35 4.35 -21.35 -14.54
CA ILE F 35 5.76 -21.27 -14.89
C ILE F 35 6.01 -21.68 -16.35
N VAL F 36 7.07 -21.13 -16.93
CA VAL F 36 7.67 -21.50 -18.21
C VAL F 36 9.15 -21.79 -17.93
N GLY F 37 9.70 -22.78 -18.64
CA GLY F 37 11.10 -23.15 -18.61
C GLY F 37 11.77 -22.61 -19.87
N ARG F 38 12.72 -21.70 -19.70
CA ARG F 38 13.61 -21.21 -20.75
C ARG F 38 15.01 -21.85 -20.49
N PRO F 39 15.79 -22.29 -21.51
CA PRO F 39 17.20 -22.70 -21.37
C PRO F 39 18.13 -21.58 -20.83
N ARG F 40 19.42 -21.90 -20.63
CA ARG F 40 20.48 -20.90 -20.45
C ARG F 40 21.10 -20.56 -21.82
N HIS F 41 21.66 -21.55 -22.51
CA HIS F 41 22.43 -21.41 -23.75
C HIS F 41 22.51 -22.77 -24.49
N GLN F 42 21.43 -23.54 -24.48
CA GLN F 42 21.34 -24.89 -25.01
C GLN F 42 19.90 -25.25 -25.38
N GLY F 43 19.66 -26.51 -25.77
CA GLY F 43 18.34 -27.07 -26.04
C GLY F 43 18.14 -28.32 -25.18
N VAL F 44 16.88 -28.61 -24.85
CA VAL F 44 16.45 -29.74 -24.02
C VAL F 44 16.12 -30.95 -24.94
N MET F 45 16.97 -31.18 -25.94
CA MET F 45 16.83 -32.18 -27.00
C MET F 45 18.22 -32.41 -27.58
N VAL F 46 18.49 -33.62 -28.10
CA VAL F 46 19.64 -33.88 -28.95
C VAL F 46 19.19 -33.56 -30.39
N GLY F 47 19.80 -32.51 -30.95
CA GLY F 47 19.38 -31.89 -32.20
C GLY F 47 18.34 -30.81 -31.88
N MET F 48 17.43 -30.56 -32.82
CA MET F 48 16.40 -29.53 -32.66
C MET F 48 15.19 -30.09 -31.90
N GLY F 49 14.74 -29.33 -30.89
CA GLY F 49 13.45 -29.48 -30.23
C GLY F 49 12.31 -29.02 -31.15
N GLN F 50 11.10 -29.54 -30.92
CA GLN F 50 9.96 -29.34 -31.81
C GLN F 50 9.10 -28.13 -31.38
N LYS F 51 9.40 -27.52 -30.22
CA LYS F 51 8.88 -26.25 -29.73
C LYS F 51 9.88 -25.66 -28.74
N ASP F 52 9.76 -24.35 -28.45
CA ASP F 52 10.55 -23.58 -27.47
C ASP F 52 9.84 -23.63 -26.10
N SER F 53 8.50 -23.59 -26.10
CA SER F 53 7.65 -23.25 -24.97
C SER F 53 7.36 -24.49 -24.10
N TYR F 54 8.27 -24.82 -23.18
CA TYR F 54 8.07 -25.86 -22.15
C TYR F 54 7.48 -25.15 -20.93
N VAL F 55 6.26 -25.57 -20.51
CA VAL F 55 5.39 -24.86 -19.59
C VAL F 55 5.01 -25.80 -18.45
N GLY F 56 4.87 -25.26 -17.22
CA GLY F 56 4.33 -25.95 -16.06
C GLY F 56 5.13 -27.19 -15.65
N ASP F 57 4.49 -28.34 -15.75
CA ASP F 57 5.00 -29.68 -15.48
C ASP F 57 5.93 -30.13 -16.62
N GLU F 58 5.65 -29.76 -17.89
CA GLU F 58 6.56 -30.02 -19.02
C GLU F 58 7.77 -29.06 -19.00
N ALA F 59 7.75 -27.98 -18.20
CA ALA F 59 8.90 -27.11 -17.96
C ALA F 59 9.86 -27.69 -16.93
N GLN F 60 9.35 -28.54 -16.03
CA GLN F 60 10.15 -29.21 -15.00
C GLN F 60 10.58 -30.61 -15.45
N SER F 61 9.91 -31.21 -16.44
CA SER F 61 10.28 -32.48 -17.06
C SER F 61 11.53 -32.26 -17.94
N LYS F 62 12.42 -33.26 -17.98
CA LYS F 62 13.69 -33.29 -18.72
C LYS F 62 14.69 -32.38 -17.99
N ARG F 63 15.15 -32.85 -16.82
CA ARG F 63 15.67 -32.06 -15.70
C ARG F 63 16.88 -31.16 -16.03
N GLY F 64 16.99 -30.04 -15.31
CA GLY F 64 18.19 -29.23 -15.14
C GLY F 64 18.58 -28.28 -16.28
N ILE F 65 18.09 -28.50 -17.50
CA ILE F 65 18.42 -27.70 -18.67
C ILE F 65 17.70 -26.33 -18.64
N LEU F 66 16.43 -26.34 -18.24
CA LEU F 66 15.54 -25.21 -18.27
C LEU F 66 15.58 -24.51 -16.91
N THR F 67 15.81 -23.19 -16.92
CA THR F 67 15.67 -22.33 -15.76
C THR F 67 14.20 -21.85 -15.76
N LEU F 68 13.45 -22.24 -14.74
CA LEU F 68 12.03 -21.92 -14.54
C LEU F 68 11.88 -20.41 -14.27
N LYS F 69 10.84 -19.80 -14.84
CA LYS F 69 10.44 -18.41 -14.68
C LYS F 69 8.93 -18.42 -14.45
N TYR F 70 8.42 -17.59 -13.54
CA TYR F 70 7.00 -17.28 -13.44
C TYR F 70 6.75 -16.04 -14.31
N PRO F 71 5.61 -15.91 -15.02
CA PRO F 71 5.22 -14.68 -15.72
C PRO F 71 4.41 -13.73 -14.82
N ILE F 72 4.11 -14.11 -13.57
CA ILE F 72 3.15 -13.49 -12.65
C ILE F 72 3.71 -13.53 -11.21
N GLU F 73 5.01 -13.24 -11.07
CA GLU F 73 5.89 -13.45 -9.91
C GLU F 73 5.28 -13.15 -8.53
N HIS F 74 4.60 -12.00 -8.37
CA HIS F 74 3.92 -11.60 -7.14
C HIS F 74 2.44 -11.24 -7.38
N GLY F 75 1.83 -11.92 -8.36
CA GLY F 75 0.39 -11.91 -8.60
C GLY F 75 -0.09 -10.89 -9.64
N ILE F 76 0.80 -10.01 -10.10
CA ILE F 76 0.62 -9.09 -11.21
C ILE F 76 1.59 -9.58 -12.29
N ILE F 77 1.14 -9.58 -13.55
CA ILE F 77 1.81 -10.23 -14.67
C ILE F 77 2.92 -9.29 -15.20
N THR F 78 4.16 -9.78 -15.11
CA THR F 78 5.40 -9.08 -15.44
C THR F 78 5.91 -9.44 -16.85
N ASN F 79 5.68 -10.70 -17.29
CA ASN F 79 6.28 -11.32 -18.47
C ASN F 79 5.14 -12.01 -19.23
N TRP F 80 4.29 -11.17 -19.85
CA TRP F 80 3.12 -11.53 -20.66
C TRP F 80 3.42 -12.55 -21.77
N ASP F 81 4.60 -12.44 -22.38
CA ASP F 81 5.22 -13.34 -23.36
C ASP F 81 5.17 -14.81 -22.94
N ASP F 82 5.31 -15.06 -21.64
CA ASP F 82 5.28 -16.39 -21.00
C ASP F 82 4.00 -16.58 -20.18
N MET F 83 3.11 -15.59 -20.06
CA MET F 83 1.78 -15.70 -19.43
C MET F 83 0.81 -16.34 -20.42
N GLU F 84 0.86 -15.91 -21.68
CA GLU F 84 0.04 -16.40 -22.79
C GLU F 84 0.35 -17.90 -23.03
N LYS F 85 1.60 -18.32 -22.74
CA LYS F 85 2.04 -19.71 -22.74
C LYS F 85 1.40 -20.56 -21.62
N ILE F 86 1.00 -19.98 -20.48
CA ILE F 86 0.33 -20.69 -19.39
C ILE F 86 -1.09 -21.07 -19.85
N TRP F 87 -1.85 -20.11 -20.41
CA TRP F 87 -3.19 -20.33 -20.96
C TRP F 87 -3.16 -21.33 -22.13
N HIS F 88 -2.15 -21.18 -23.02
CA HIS F 88 -1.87 -22.09 -24.13
C HIS F 88 -1.67 -23.55 -23.68
N HIS F 89 -0.84 -23.79 -22.66
CA HIS F 89 -0.61 -25.11 -22.08
C HIS F 89 -1.86 -25.63 -21.33
N THR F 90 -2.62 -24.73 -20.68
CA THR F 90 -3.89 -25.04 -20.02
C THR F 90 -4.88 -25.61 -21.05
N PHE F 91 -5.24 -24.83 -22.08
CA PHE F 91 -6.20 -25.19 -23.12
C PHE F 91 -5.71 -26.39 -23.95
N TYR F 92 -4.55 -26.26 -24.61
CA TYR F 92 -4.18 -27.17 -25.71
C TYR F 92 -3.31 -28.35 -25.26
N ASN F 93 -2.98 -28.51 -23.96
CA ASN F 93 -2.18 -29.63 -23.44
C ASN F 93 -2.81 -30.32 -22.23
N GLU F 94 -3.29 -29.58 -21.23
CA GLU F 94 -3.80 -30.18 -19.99
C GLU F 94 -5.32 -30.41 -20.04
N LEU F 95 -6.10 -29.39 -20.43
CA LEU F 95 -7.54 -29.54 -20.65
C LEU F 95 -7.76 -30.34 -21.94
N ARG F 96 -6.96 -30.05 -22.98
CA ARG F 96 -6.97 -30.67 -24.30
C ARG F 96 -8.24 -30.30 -25.05
N VAL F 97 -8.60 -29.02 -25.00
CA VAL F 97 -9.77 -28.43 -25.64
C VAL F 97 -9.23 -27.42 -26.66
N ALA F 98 -9.98 -27.24 -27.76
CA ALA F 98 -9.82 -26.14 -28.70
C ALA F 98 -10.85 -25.08 -28.24
N PRO F 99 -10.44 -23.94 -27.63
CA PRO F 99 -11.34 -22.91 -27.11
C PRO F 99 -12.04 -22.05 -28.18
N GLU F 100 -11.74 -22.28 -29.47
CA GLU F 100 -12.39 -21.78 -30.68
C GLU F 100 -13.93 -21.63 -30.56
N GLU F 101 -14.59 -22.65 -30.01
CA GLU F 101 -16.03 -22.79 -29.89
C GLU F 101 -16.54 -22.57 -28.45
N HIS F 102 -15.67 -22.28 -27.47
CA HIS F 102 -16.01 -22.31 -26.03
C HIS F 102 -15.88 -20.94 -25.36
N PRO F 103 -16.93 -20.45 -24.66
CA PRO F 103 -16.81 -19.25 -23.83
C PRO F 103 -15.89 -19.49 -22.62
N THR F 104 -15.24 -18.43 -22.09
CA THR F 104 -14.30 -18.60 -20.98
C THR F 104 -14.32 -17.47 -19.92
N LEU F 105 -14.23 -17.86 -18.64
CA LEU F 105 -14.18 -16.98 -17.49
C LEU F 105 -12.75 -16.99 -16.95
N LEU F 106 -12.19 -15.79 -16.75
CA LEU F 106 -10.92 -15.51 -16.09
C LEU F 106 -11.19 -14.73 -14.79
N THR F 107 -10.14 -14.47 -14.01
CA THR F 107 -10.19 -13.74 -12.76
C THR F 107 -9.21 -12.55 -12.81
N GLU F 108 -9.65 -11.38 -12.29
CA GLU F 108 -8.75 -10.33 -11.85
C GLU F 108 -8.35 -10.67 -10.42
N ALA F 109 -7.05 -10.85 -10.21
CA ALA F 109 -6.41 -11.03 -8.91
C ALA F 109 -6.01 -9.66 -8.32
N PRO F 110 -5.99 -9.52 -6.97
CA PRO F 110 -5.66 -8.28 -6.25
C PRO F 110 -4.43 -7.50 -6.76
N LEU F 111 -4.55 -6.18 -6.84
CA LEU F 111 -3.50 -5.20 -7.09
C LEU F 111 -3.06 -5.11 -8.57
N ASN F 112 -3.65 -5.91 -9.45
CA ASN F 112 -3.47 -5.84 -10.91
C ASN F 112 -4.08 -4.56 -11.48
N PRO F 113 -3.58 -4.04 -12.63
CA PRO F 113 -4.06 -2.80 -13.24
C PRO F 113 -5.51 -2.94 -13.74
N LYS F 114 -6.26 -1.84 -13.87
CA LYS F 114 -7.63 -1.91 -14.41
C LYS F 114 -7.64 -2.20 -15.93
N ALA F 115 -6.53 -1.97 -16.64
CA ALA F 115 -6.34 -2.33 -18.05
C ALA F 115 -6.18 -3.85 -18.28
N ASN F 116 -5.86 -4.61 -17.21
CA ASN F 116 -5.70 -6.08 -17.18
C ASN F 116 -6.92 -6.80 -17.78
N ARG F 117 -8.10 -6.29 -17.41
CA ARG F 117 -9.43 -6.69 -17.84
C ARG F 117 -9.57 -6.67 -19.37
N GLU F 118 -9.22 -5.53 -20.01
CA GLU F 118 -9.41 -5.31 -21.44
C GLU F 118 -8.34 -6.06 -22.26
N LYS F 119 -7.09 -6.14 -21.75
CA LYS F 119 -6.00 -6.95 -22.32
C LYS F 119 -6.35 -8.45 -22.30
N MET F 120 -6.96 -8.95 -21.22
CA MET F 120 -7.44 -10.32 -21.06
C MET F 120 -8.50 -10.66 -22.11
N THR F 121 -9.41 -9.71 -22.42
CA THR F 121 -10.43 -9.86 -23.45
C THR F 121 -9.81 -9.94 -24.85
N GLN F 122 -8.86 -9.05 -25.17
CA GLN F 122 -8.20 -8.98 -26.48
C GLN F 122 -7.44 -10.28 -26.80
N ILE F 123 -6.64 -10.83 -25.88
CA ILE F 123 -5.88 -12.06 -26.15
C ILE F 123 -6.78 -13.30 -26.34
N MET F 124 -7.95 -13.34 -25.68
CA MET F 124 -8.88 -14.44 -25.84
C MET F 124 -9.56 -14.40 -27.22
N PHE F 125 -9.92 -13.20 -27.70
CA PHE F 125 -10.55 -13.04 -29.02
C PHE F 125 -9.53 -13.15 -30.17
N GLU F 126 -8.35 -12.53 -30.08
CA GLU F 126 -7.41 -12.48 -31.19
C GLU F 126 -6.46 -13.70 -31.22
N THR F 127 -6.10 -14.28 -30.07
CA THR F 127 -5.01 -15.27 -29.99
C THR F 127 -5.55 -16.69 -29.69
N PHE F 128 -6.81 -16.81 -29.23
CA PHE F 128 -7.42 -18.08 -28.81
C PHE F 128 -8.79 -18.32 -29.44
N ASN F 129 -9.23 -17.45 -30.37
CA ASN F 129 -10.40 -17.62 -31.25
C ASN F 129 -11.78 -17.50 -30.58
N VAL F 130 -11.82 -17.30 -29.26
CA VAL F 130 -12.96 -17.40 -28.35
C VAL F 130 -14.23 -16.62 -28.83
N PRO F 131 -15.45 -17.18 -28.69
CA PRO F 131 -16.70 -16.49 -29.09
C PRO F 131 -17.22 -15.45 -28.07
N ALA F 132 -16.90 -15.59 -26.78
CA ALA F 132 -17.30 -14.70 -25.69
C ALA F 132 -16.41 -14.96 -24.48
N MET F 133 -16.07 -13.94 -23.67
CA MET F 133 -15.26 -14.09 -22.47
C MET F 133 -15.77 -13.23 -21.32
N TYR F 134 -15.36 -13.54 -20.08
CA TYR F 134 -15.74 -12.85 -18.85
C TYR F 134 -14.53 -12.72 -17.92
N VAL F 135 -14.45 -11.63 -17.16
CA VAL F 135 -13.48 -11.42 -16.09
C VAL F 135 -14.27 -11.21 -14.81
N ALA F 136 -14.08 -12.08 -13.81
CA ALA F 136 -14.62 -11.98 -12.46
C ALA F 136 -13.55 -11.39 -11.52
N ILE F 137 -13.89 -11.08 -10.27
CA ILE F 137 -12.92 -10.71 -9.23
C ILE F 137 -12.68 -11.97 -8.37
N GLN F 138 -11.43 -12.43 -8.32
CA GLN F 138 -10.92 -13.63 -7.64
C GLN F 138 -11.53 -13.93 -6.27
N ALA F 139 -11.38 -12.99 -5.33
CA ALA F 139 -11.78 -13.16 -3.95
C ALA F 139 -13.31 -13.15 -3.75
N VAL F 140 -14.06 -12.52 -4.65
CA VAL F 140 -15.53 -12.41 -4.53
C VAL F 140 -16.18 -13.76 -4.85
N LEU F 141 -15.60 -14.54 -5.77
CA LEU F 141 -16.00 -15.91 -6.07
C LEU F 141 -15.83 -16.82 -4.84
N SER F 142 -14.76 -16.64 -4.07
CA SER F 142 -14.48 -17.38 -2.83
C SER F 142 -15.47 -16.99 -1.71
N LEU F 143 -15.82 -15.70 -1.60
CA LEU F 143 -16.75 -15.19 -0.59
C LEU F 143 -18.19 -15.64 -0.89
N TYR F 144 -18.61 -15.59 -2.16
CA TYR F 144 -19.93 -16.04 -2.59
C TYR F 144 -20.02 -17.58 -2.46
N ALA F 145 -18.94 -18.31 -2.74
CA ALA F 145 -18.81 -19.75 -2.49
C ALA F 145 -18.81 -20.11 -0.99
N SER F 146 -18.57 -19.14 -0.10
CA SER F 146 -18.72 -19.31 1.35
C SER F 146 -20.15 -18.92 1.80
N GLY F 147 -21.03 -18.48 0.90
CA GLY F 147 -22.41 -18.10 1.19
C GLY F 147 -22.51 -16.73 1.85
N ARG F 148 -21.60 -15.82 1.49
CA ARG F 148 -21.54 -14.43 1.95
C ARG F 148 -21.64 -13.47 0.75
N THR F 149 -21.55 -12.18 1.05
CA THR F 149 -21.48 -11.08 0.09
C THR F 149 -20.61 -9.92 0.64
N THR F 150 -20.56 -9.76 1.98
CA THR F 150 -19.61 -8.94 2.75
C THR F 150 -18.75 -9.92 3.59
N GLY F 151 -17.47 -9.61 3.84
CA GLY F 151 -16.53 -10.41 4.62
C GLY F 151 -15.09 -10.14 4.18
N ILE F 152 -14.13 -10.97 4.57
CA ILE F 152 -12.71 -10.87 4.20
C ILE F 152 -12.20 -12.23 3.75
N VAL F 153 -11.39 -12.22 2.69
CA VAL F 153 -10.86 -13.40 2.01
C VAL F 153 -9.33 -13.26 1.96
N LEU F 154 -8.63 -14.40 1.87
CA LEU F 154 -7.23 -14.48 1.48
C LEU F 154 -7.02 -15.69 0.58
N ASP F 155 -6.25 -15.54 -0.52
CA ASP F 155 -5.63 -16.65 -1.24
C ASP F 155 -4.17 -16.62 -0.77
N SER F 156 -3.76 -17.62 0.02
CA SER F 156 -2.37 -17.88 0.37
C SER F 156 -1.91 -18.99 -0.60
N GLY F 157 -1.39 -18.56 -1.75
CA GLY F 157 -1.26 -19.36 -2.96
C GLY F 157 0.07 -20.10 -3.02
N ASP F 158 0.80 -19.86 -4.10
CA ASP F 158 2.11 -20.46 -4.37
C ASP F 158 3.20 -19.47 -3.92
N GLY F 159 3.04 -18.15 -4.12
CA GLY F 159 4.09 -17.18 -3.76
C GLY F 159 3.64 -15.92 -3.02
N VAL F 160 2.36 -15.74 -2.76
CA VAL F 160 1.80 -14.55 -2.13
C VAL F 160 0.62 -14.95 -1.25
N THR F 161 0.41 -14.20 -0.15
CA THR F 161 -0.80 -14.19 0.63
C THR F 161 -1.38 -12.77 0.46
N HIS F 162 -2.41 -12.63 -0.38
CA HIS F 162 -3.19 -11.41 -0.56
C HIS F 162 -4.32 -11.45 0.47
N ASN F 163 -4.62 -10.32 1.10
CA ASN F 163 -5.67 -10.14 2.11
C ASN F 163 -6.66 -9.16 1.47
N VAL F 164 -7.92 -9.59 1.27
CA VAL F 164 -8.92 -8.91 0.43
C VAL F 164 -10.24 -8.72 1.21
N PRO F 165 -10.50 -7.54 1.83
CA PRO F 165 -11.78 -7.22 2.49
C PRO F 165 -12.84 -6.81 1.47
N ILE F 166 -14.10 -7.23 1.67
CA ILE F 166 -15.22 -7.15 0.72
C ILE F 166 -16.49 -6.69 1.45
N TYR F 167 -17.34 -5.92 0.76
CA TYR F 167 -18.63 -5.38 1.21
C TYR F 167 -19.59 -5.44 0.01
N GLU F 168 -20.83 -5.92 0.19
CA GLU F 168 -21.79 -6.48 -0.80
C GLU F 168 -21.27 -6.60 -2.25
N GLY F 169 -20.38 -7.57 -2.45
CA GLY F 169 -19.77 -7.96 -3.71
C GLY F 169 -18.51 -7.17 -4.09
N TYR F 170 -18.28 -5.97 -3.55
CA TYR F 170 -17.18 -5.11 -3.95
C TYR F 170 -16.00 -5.32 -2.99
N ALA F 171 -14.83 -5.73 -3.52
CA ALA F 171 -13.58 -5.86 -2.79
C ALA F 171 -12.97 -4.46 -2.64
N LEU F 172 -12.66 -4.04 -1.41
CA LEU F 172 -12.38 -2.65 -1.02
C LEU F 172 -10.88 -2.32 -1.26
N PRO F 173 -10.51 -1.46 -2.25
CA PRO F 173 -9.11 -1.17 -2.62
C PRO F 173 -8.23 -0.60 -1.49
N HIS F 174 -8.80 0.30 -0.66
CA HIS F 174 -8.10 1.14 0.33
C HIS F 174 -7.55 0.36 1.53
N ALA F 175 -7.83 -0.94 1.58
CA ALA F 175 -7.60 -1.87 2.66
C ALA F 175 -6.95 -3.18 2.22
N ILE F 176 -6.58 -3.35 0.94
CA ILE F 176 -5.87 -4.56 0.46
C ILE F 176 -4.41 -4.50 0.95
N MET F 177 -3.90 -5.62 1.45
CA MET F 177 -2.53 -5.83 1.93
C MET F 177 -2.04 -7.20 1.46
N ARG F 178 -0.73 -7.35 1.25
CA ARG F 178 -0.11 -8.55 0.70
C ARG F 178 1.12 -8.86 1.56
N LEU F 179 1.30 -10.12 1.95
CA LEU F 179 2.55 -10.65 2.45
C LEU F 179 3.10 -11.54 1.33
N ASP F 180 4.37 -11.33 0.99
CA ASP F 180 5.06 -11.95 -0.15
C ASP F 180 5.80 -13.19 0.36
N LEU F 181 5.01 -14.19 0.76
CA LEU F 181 5.42 -15.49 1.27
C LEU F 181 4.19 -16.40 1.11
N ALA F 182 4.34 -17.52 0.40
CA ALA F 182 3.41 -18.65 0.41
C ALA F 182 4.13 -19.97 0.08
N GLY F 183 3.42 -20.90 -0.58
CA GLY F 183 3.74 -22.32 -0.68
C GLY F 183 5.09 -22.71 -1.31
N ARG F 184 5.59 -21.98 -2.32
CA ARG F 184 6.86 -22.27 -2.98
C ARG F 184 8.02 -21.77 -2.10
N ASP F 185 7.86 -20.62 -1.46
CA ASP F 185 8.92 -19.94 -0.69
C ASP F 185 9.02 -20.62 0.69
N LEU F 186 7.91 -21.17 1.19
CA LEU F 186 7.90 -22.17 2.26
C LEU F 186 8.61 -23.47 1.86
N THR F 187 8.62 -23.86 0.57
CA THR F 187 9.41 -25.01 0.08
C THR F 187 10.91 -24.62 0.06
N ASP F 188 11.29 -23.36 -0.26
CA ASP F 188 12.67 -22.85 -0.17
C ASP F 188 13.20 -22.89 1.28
N TYR F 189 12.35 -22.47 2.24
CA TYR F 189 12.63 -22.57 3.67
C TYR F 189 12.75 -24.04 4.11
N LEU F 190 11.86 -24.94 3.64
CA LEU F 190 11.94 -26.38 3.91
C LEU F 190 13.22 -27.00 3.35
N MET F 191 13.61 -26.66 2.12
CA MET F 191 14.88 -27.06 1.50
C MET F 191 16.09 -26.66 2.36
N LYS F 192 16.08 -25.44 2.92
CA LYS F 192 17.12 -24.95 3.83
C LYS F 192 17.12 -25.67 5.19
N ILE F 193 15.94 -26.02 5.74
CA ILE F 193 15.81 -26.87 6.93
C ILE F 193 16.40 -28.27 6.65
N LEU F 194 16.09 -28.87 5.48
CA LEU F 194 16.60 -30.16 5.06
C LEU F 194 18.11 -30.12 4.78
N THR F 195 18.63 -29.00 4.26
CA THR F 195 20.06 -28.76 4.09
C THR F 195 20.75 -28.64 5.46
N GLU F 196 20.11 -28.03 6.47
CA GLU F 196 20.58 -27.97 7.86
C GLU F 196 20.53 -29.36 8.54
N ARG F 197 19.70 -30.27 8.03
CA ARG F 197 19.68 -31.69 8.43
C ARG F 197 20.56 -32.55 7.49
N GLY F 198 21.36 -31.94 6.60
CA GLY F 198 22.41 -32.59 5.82
C GLY F 198 21.98 -33.20 4.48
N TYR F 199 20.74 -33.03 4.03
CA TYR F 199 20.25 -33.56 2.75
C TYR F 199 20.64 -32.54 1.66
N SER F 200 21.42 -32.95 0.65
CA SER F 200 21.97 -32.13 -0.45
C SER F 200 20.96 -31.58 -1.49
N PHE F 201 19.66 -31.58 -1.19
CA PHE F 201 18.58 -31.33 -2.15
C PHE F 201 18.63 -29.95 -2.82
N VAL F 202 18.70 -29.91 -4.17
CA VAL F 202 18.90 -28.69 -4.95
C VAL F 202 18.09 -28.67 -6.27
N THR F 203 18.06 -29.78 -7.01
CA THR F 203 17.57 -29.90 -8.38
C THR F 203 16.03 -29.91 -8.42
N THR F 204 15.45 -29.75 -9.62
CA THR F 204 14.01 -29.78 -9.93
C THR F 204 13.33 -31.06 -9.39
N ALA F 205 13.99 -32.22 -9.47
CA ALA F 205 13.43 -33.50 -9.05
C ALA F 205 13.34 -33.57 -7.51
N GLU F 206 14.39 -33.12 -6.80
CA GLU F 206 14.44 -33.05 -5.35
C GLU F 206 13.47 -31.97 -4.83
N ARG F 207 13.46 -30.81 -5.49
CA ARG F 207 12.62 -29.66 -5.20
C ARG F 207 11.12 -29.95 -5.39
N GLU F 208 10.75 -30.83 -6.33
CA GLU F 208 9.39 -31.31 -6.54
C GLU F 208 8.96 -32.20 -5.37
N ILE F 209 9.80 -33.18 -5.00
CA ILE F 209 9.63 -34.08 -3.86
C ILE F 209 9.43 -33.30 -2.55
N VAL F 210 10.29 -32.31 -2.28
CA VAL F 210 10.19 -31.44 -1.11
C VAL F 210 8.93 -30.55 -1.15
N ARG F 211 8.43 -30.14 -2.32
CA ARG F 211 7.17 -29.42 -2.46
C ARG F 211 5.97 -30.32 -2.12
N ASP F 212 6.03 -31.58 -2.59
CA ASP F 212 5.06 -32.65 -2.34
C ASP F 212 5.00 -33.03 -0.85
N ILE F 213 6.16 -33.25 -0.21
CA ILE F 213 6.37 -33.46 1.23
C ILE F 213 5.72 -32.34 2.07
N LYS F 214 5.97 -31.07 1.69
CA LYS F 214 5.43 -29.89 2.34
C LYS F 214 3.89 -29.89 2.38
N GLU F 215 3.24 -30.13 1.24
CA GLU F 215 1.78 -30.14 1.12
C GLU F 215 1.13 -31.44 1.67
N LYS F 216 1.92 -32.40 2.18
CA LYS F 216 1.42 -33.67 2.71
C LYS F 216 1.71 -33.85 4.22
N LEU F 217 2.88 -33.43 4.73
CA LEU F 217 3.35 -33.83 6.05
C LEU F 217 3.50 -32.66 7.04
N CYS F 218 3.45 -31.41 6.59
CA CYS F 218 3.67 -30.22 7.42
C CYS F 218 2.33 -29.68 7.95
N TYR F 219 2.36 -28.95 9.07
CA TYR F 219 1.20 -28.43 9.80
C TYR F 219 1.59 -27.16 10.55
N VAL F 220 0.62 -26.36 10.98
CA VAL F 220 0.83 -25.22 11.84
C VAL F 220 0.50 -25.68 13.27
N ALA F 221 1.34 -25.29 14.24
CA ALA F 221 1.14 -25.51 15.66
C ALA F 221 0.41 -24.28 16.25
N LEU F 222 -0.13 -24.41 17.47
CA LEU F 222 -0.88 -23.34 18.15
C LEU F 222 0.09 -22.27 18.72
N ASP F 223 1.29 -22.69 19.08
CA ASP F 223 2.51 -21.95 19.37
C ASP F 223 3.68 -22.89 18.96
N PHE F 224 4.86 -22.34 18.73
CA PHE F 224 6.06 -23.06 18.31
C PHE F 224 6.75 -23.73 19.51
N GLU F 225 6.92 -23.03 20.65
CA GLU F 225 7.66 -23.56 21.80
C GLU F 225 6.81 -24.59 22.56
N ASN F 226 5.48 -24.48 22.53
CA ASN F 226 4.48 -25.52 22.86
C ASN F 226 4.79 -26.84 22.13
N GLU F 227 4.97 -26.74 20.81
CA GLU F 227 5.18 -27.88 19.92
C GLU F 227 6.59 -28.46 20.11
N MET F 228 7.58 -27.61 20.46
CA MET F 228 8.95 -28.00 20.82
C MET F 228 8.98 -28.79 22.15
N ALA F 229 8.20 -28.33 23.15
CA ALA F 229 8.03 -29.01 24.43
C ALA F 229 7.28 -30.35 24.27
N THR F 230 6.29 -30.39 23.35
CA THR F 230 5.55 -31.60 23.00
C THR F 230 6.44 -32.57 22.20
N ALA F 231 7.25 -32.08 21.24
CA ALA F 231 8.19 -32.84 20.41
C ALA F 231 9.25 -33.58 21.23
N ALA F 232 9.62 -33.04 22.40
CA ALA F 232 10.53 -33.62 23.38
C ALA F 232 9.95 -34.85 24.13
N SER F 233 8.71 -35.27 23.84
CA SER F 233 8.12 -36.51 24.34
C SER F 233 7.17 -37.22 23.35
N SER F 234 6.63 -36.52 22.35
CA SER F 234 5.73 -37.04 21.32
C SER F 234 6.52 -37.94 20.33
N SER F 235 6.76 -39.19 20.73
CA SER F 235 7.48 -40.22 19.99
C SER F 235 6.71 -40.77 18.76
N SER F 236 5.84 -39.96 18.16
CA SER F 236 5.10 -40.24 16.94
C SER F 236 5.02 -39.01 16.03
N LEU F 237 5.85 -38.00 16.29
CA LEU F 237 6.00 -36.76 15.53
C LEU F 237 6.51 -37.03 14.11
N GLU F 238 7.53 -37.90 13.99
CA GLU F 238 8.22 -38.34 12.78
C GLU F 238 7.29 -38.89 11.70
N LYS F 239 7.48 -38.47 10.45
CA LYS F 239 6.79 -38.93 9.26
C LYS F 239 7.84 -39.20 8.19
N SER F 240 7.79 -40.40 7.60
CA SER F 240 8.66 -40.87 6.54
C SER F 240 8.09 -40.53 5.16
N TYR F 241 8.95 -40.61 4.14
CA TYR F 241 8.63 -40.44 2.73
C TYR F 241 9.62 -41.31 1.93
N GLU F 242 9.18 -41.94 0.84
CA GLU F 242 10.01 -42.67 -0.11
C GLU F 242 10.10 -41.81 -1.39
N LEU F 243 11.32 -41.56 -1.87
CA LEU F 243 11.61 -40.93 -3.16
C LEU F 243 11.34 -41.97 -4.28
N PRO F 244 10.87 -41.58 -5.48
CA PRO F 244 10.38 -42.51 -6.52
C PRO F 244 11.45 -43.36 -7.25
N ASP F 245 12.59 -43.62 -6.61
CA ASP F 245 13.66 -44.55 -6.93
C ASP F 245 13.93 -45.50 -5.75
N GLY F 246 13.22 -45.36 -4.62
CA GLY F 246 13.27 -46.23 -3.46
C GLY F 246 14.14 -45.72 -2.30
N GLN F 247 14.70 -44.51 -2.36
CA GLN F 247 15.42 -43.92 -1.21
C GLN F 247 14.38 -43.42 -0.20
N VAL F 248 14.51 -43.79 1.08
CA VAL F 248 13.58 -43.44 2.15
C VAL F 248 14.25 -42.39 3.05
N ILE F 249 13.49 -41.33 3.38
CA ILE F 249 13.85 -40.24 4.26
C ILE F 249 12.77 -40.06 5.34
N THR F 250 13.01 -39.18 6.32
CA THR F 250 12.10 -38.82 7.42
C THR F 250 12.26 -37.33 7.78
N ILE F 251 11.18 -36.74 8.32
CA ILE F 251 11.09 -35.42 8.95
C ILE F 251 10.18 -35.51 10.19
N GLY F 252 10.43 -34.70 11.21
CA GLY F 252 9.69 -34.68 12.47
C GLY F 252 9.43 -33.26 12.91
N ASN F 253 10.42 -32.66 13.57
CA ASN F 253 10.41 -31.29 14.11
C ASN F 253 10.37 -30.24 12.99
N GLU F 254 10.90 -30.62 11.83
CA GLU F 254 10.97 -29.90 10.58
C GLU F 254 9.56 -29.66 9.99
N ARG F 255 8.57 -30.49 10.36
CA ARG F 255 7.21 -30.47 9.85
C ARG F 255 6.41 -29.25 10.32
N PHE F 256 6.52 -28.85 11.60
CA PHE F 256 5.83 -27.66 12.13
C PHE F 256 6.70 -26.41 11.99
N ARG F 257 8.03 -26.59 12.07
CA ARG F 257 9.05 -25.55 11.88
C ARG F 257 8.93 -24.87 10.50
N CYS F 258 8.62 -25.64 9.46
CA CYS F 258 8.38 -25.16 8.09
C CYS F 258 7.27 -24.08 8.00
N PRO F 259 5.94 -24.36 8.15
CA PRO F 259 4.88 -23.34 8.07
C PRO F 259 5.02 -22.07 8.93
N GLU F 260 5.50 -22.19 10.19
CA GLU F 260 5.58 -21.15 11.22
C GLU F 260 6.09 -19.76 10.77
N THR F 261 7.04 -19.70 9.82
CA THR F 261 7.55 -18.43 9.27
C THR F 261 6.46 -17.56 8.58
N LEU F 262 5.31 -18.12 8.21
CA LEU F 262 4.15 -17.40 7.68
C LEU F 262 3.47 -16.53 8.76
N PHE F 263 3.58 -16.93 10.03
CA PHE F 263 3.06 -16.18 11.17
C PHE F 263 4.11 -15.21 11.73
N GLN F 264 5.39 -15.30 11.34
CA GLN F 264 6.37 -14.25 11.60
C GLN F 264 7.57 -14.31 10.64
N PRO F 265 7.54 -13.62 9.47
CA PRO F 265 8.63 -13.52 8.47
C PRO F 265 10.05 -13.16 8.97
N SER F 266 10.20 -12.73 10.24
CA SER F 266 11.47 -12.52 10.94
C SER F 266 12.31 -13.81 11.00
N PHE F 267 11.67 -15.00 10.91
CA PHE F 267 12.29 -16.32 10.73
C PHE F 267 13.09 -16.45 9.42
N ILE F 268 12.87 -15.58 8.42
CA ILE F 268 13.56 -15.57 7.13
C ILE F 268 14.15 -14.18 6.82
N GLY F 269 14.30 -13.32 7.85
CA GLY F 269 14.98 -12.03 7.78
C GLY F 269 14.21 -10.90 7.08
N MET F 270 12.94 -11.11 6.74
CA MET F 270 12.09 -10.14 6.04
C MET F 270 11.57 -9.13 7.08
N GLU F 271 11.41 -7.84 6.70
CA GLU F 271 10.96 -6.77 7.61
C GLU F 271 9.52 -6.96 8.13
N SER F 272 8.70 -7.64 7.33
CA SER F 272 7.26 -7.79 7.43
C SER F 272 6.68 -8.35 8.76
N ALA F 273 5.37 -8.23 8.89
CA ALA F 273 4.52 -8.78 9.94
C ALA F 273 3.94 -10.12 9.43
N GLY F 274 3.33 -10.91 10.31
CA GLY F 274 2.67 -12.19 9.98
C GLY F 274 1.33 -12.01 9.29
N ILE F 275 0.76 -13.11 8.75
CA ILE F 275 -0.53 -13.12 8.05
C ILE F 275 -1.70 -12.58 8.89
N HIS F 276 -1.71 -12.86 10.20
CA HIS F 276 -2.70 -12.40 11.18
C HIS F 276 -2.63 -10.87 11.37
N GLU F 277 -1.41 -10.31 11.47
CA GLU F 277 -1.14 -8.88 11.57
C GLU F 277 -1.53 -8.17 10.26
N THR F 278 -1.30 -8.81 9.11
CA THR F 278 -1.63 -8.29 7.78
C THR F 278 -3.16 -8.33 7.56
N THR F 279 -3.85 -9.42 7.95
CA THR F 279 -5.31 -9.55 8.00
C THR F 279 -5.92 -8.45 8.91
N TYR F 280 -5.37 -8.28 10.13
CA TYR F 280 -5.82 -7.30 11.11
C TYR F 280 -5.67 -5.85 10.60
N ASN F 281 -4.50 -5.47 10.07
CA ASN F 281 -4.25 -4.15 9.50
C ASN F 281 -5.13 -3.85 8.27
N SER F 282 -5.42 -4.88 7.46
CA SER F 282 -6.37 -4.87 6.35
C SER F 282 -7.80 -4.56 6.86
N ILE F 283 -8.30 -5.25 7.90
CA ILE F 283 -9.58 -4.98 8.55
C ILE F 283 -9.66 -3.54 9.11
N MET F 284 -8.59 -3.09 9.76
CA MET F 284 -8.50 -1.80 10.45
C MET F 284 -8.46 -0.58 9.49
N LYS F 285 -8.17 -0.80 8.19
CA LYS F 285 -8.28 0.22 7.15
C LYS F 285 -9.69 0.32 6.55
N CYS F 286 -10.60 -0.61 6.89
CA CYS F 286 -12.01 -0.55 6.50
C CYS F 286 -12.80 0.19 7.59
N ASP F 287 -13.91 0.80 7.21
CA ASP F 287 -14.80 1.64 8.02
C ASP F 287 -15.39 0.92 9.23
N ILE F 288 -15.72 1.69 10.28
CA ILE F 288 -16.05 1.24 11.65
C ILE F 288 -17.24 0.26 11.69
N ASP F 289 -18.29 0.52 10.92
CA ASP F 289 -19.50 -0.30 10.83
C ASP F 289 -19.27 -1.55 9.95
N ILE F 290 -18.15 -1.65 9.21
CA ILE F 290 -17.81 -2.81 8.39
C ILE F 290 -16.97 -3.80 9.23
N ARG F 291 -15.97 -3.30 9.99
CA ARG F 291 -14.90 -4.09 10.65
C ARG F 291 -15.41 -5.33 11.43
N LYS F 292 -16.51 -5.15 12.17
CA LYS F 292 -17.27 -6.18 12.88
C LYS F 292 -17.63 -7.43 12.03
N ASP F 293 -18.00 -7.27 10.75
CA ASP F 293 -18.39 -8.40 9.87
C ASP F 293 -17.16 -9.08 9.27
N LEU F 294 -16.02 -8.39 9.21
CA LEU F 294 -14.77 -8.91 8.65
C LEU F 294 -14.11 -9.84 9.69
N TYR F 295 -14.16 -9.47 10.97
CA TYR F 295 -13.74 -10.31 12.10
C TYR F 295 -14.53 -11.64 12.17
N ALA F 296 -15.81 -11.61 11.80
CA ALA F 296 -16.73 -12.74 11.85
C ALA F 296 -16.71 -13.59 10.55
N ASN F 297 -16.02 -13.16 9.49
CA ASN F 297 -16.11 -13.77 8.15
C ASN F 297 -14.74 -13.73 7.47
N ASN F 298 -13.68 -14.22 8.13
CA ASN F 298 -12.36 -14.36 7.50
C ASN F 298 -12.32 -15.75 6.82
N VAL F 299 -12.56 -15.75 5.51
CA VAL F 299 -12.49 -16.89 4.62
C VAL F 299 -11.01 -17.17 4.30
N MET F 300 -10.54 -18.39 4.59
CA MET F 300 -9.21 -18.88 4.28
C MET F 300 -9.29 -19.64 2.94
N SER F 301 -8.50 -19.24 1.94
CA SER F 301 -8.39 -19.85 0.62
C SER F 301 -6.93 -19.87 0.15
N GLY F 302 -6.70 -20.39 -1.05
CA GLY F 302 -5.37 -20.60 -1.66
C GLY F 302 -4.68 -21.86 -1.13
N GLY F 303 -3.66 -22.31 -1.85
CA GLY F 303 -2.97 -23.59 -1.67
C GLY F 303 -2.39 -23.88 -0.29
N THR F 304 -1.89 -22.85 0.40
CA THR F 304 -1.14 -22.98 1.64
C THR F 304 -2.08 -23.12 2.86
N THR F 305 -3.37 -22.78 2.76
CA THR F 305 -4.34 -22.89 3.89
C THR F 305 -4.76 -24.35 4.22
N MET F 306 -4.14 -25.32 3.56
CA MET F 306 -4.41 -26.76 3.69
C MET F 306 -3.59 -27.40 4.83
N TYR F 307 -2.69 -26.67 5.48
CA TYR F 307 -1.99 -27.14 6.69
C TYR F 307 -2.99 -27.28 7.85
N PRO F 308 -3.02 -28.42 8.60
CA PRO F 308 -3.72 -28.54 9.87
C PRO F 308 -3.30 -27.44 10.87
N GLY F 309 -4.22 -27.00 11.73
CA GLY F 309 -3.99 -26.03 12.79
C GLY F 309 -3.99 -24.56 12.36
N ILE F 310 -3.98 -24.23 11.06
CA ILE F 310 -3.77 -22.86 10.59
C ILE F 310 -4.98 -21.94 10.84
N ALA F 311 -6.22 -22.46 10.80
CA ALA F 311 -7.44 -21.68 11.06
C ALA F 311 -7.63 -21.50 12.57
N ASP F 312 -7.27 -22.55 13.31
CA ASP F 312 -7.29 -22.75 14.75
C ASP F 312 -6.25 -21.83 15.40
N ARG F 313 -5.08 -21.72 14.77
CA ARG F 313 -4.02 -20.75 15.05
C ARG F 313 -4.50 -19.33 14.77
N MET F 314 -5.03 -19.04 13.57
CA MET F 314 -5.58 -17.71 13.21
C MET F 314 -6.65 -17.20 14.19
N GLN F 315 -7.49 -18.09 14.71
CA GLN F 315 -8.45 -17.83 15.77
C GLN F 315 -7.74 -17.39 17.08
N LYS F 316 -6.68 -18.09 17.49
CA LYS F 316 -5.80 -17.74 18.63
C LYS F 316 -5.04 -16.42 18.39
N GLU F 317 -4.50 -16.19 17.18
CA GLU F 317 -3.65 -15.05 16.89
C GLU F 317 -4.45 -13.75 16.73
N ILE F 318 -5.62 -13.78 16.08
CA ILE F 318 -6.43 -12.58 15.90
C ILE F 318 -7.07 -12.15 17.24
N THR F 319 -7.38 -13.09 18.15
CA THR F 319 -7.83 -12.76 19.51
C THR F 319 -6.70 -12.25 20.43
N ALA F 320 -5.43 -12.26 19.98
CA ALA F 320 -4.32 -11.60 20.65
C ALA F 320 -4.09 -10.18 20.09
N LEU F 321 -4.80 -9.79 19.02
CA LEU F 321 -4.70 -8.47 18.40
C LEU F 321 -6.01 -7.67 18.54
N ALA F 322 -7.16 -8.33 18.31
CA ALA F 322 -8.47 -7.71 18.21
C ALA F 322 -9.14 -7.59 19.60
N PRO F 323 -10.05 -6.60 19.79
CA PRO F 323 -10.88 -6.43 21.00
C PRO F 323 -11.60 -7.72 21.45
N SER F 324 -11.61 -7.97 22.77
CA SER F 324 -12.18 -9.15 23.41
C SER F 324 -13.71 -9.24 23.24
N THR F 325 -14.37 -8.12 22.95
CA THR F 325 -15.79 -7.97 22.66
C THR F 325 -16.15 -8.40 21.21
N MET F 326 -15.18 -8.48 20.29
CA MET F 326 -15.40 -8.89 18.91
C MET F 326 -15.29 -10.42 18.80
N LYS F 327 -16.38 -11.07 18.37
CA LYS F 327 -16.56 -12.52 18.34
C LYS F 327 -15.93 -13.13 17.07
N ILE F 328 -14.59 -13.12 17.00
CA ILE F 328 -13.76 -13.52 15.85
C ILE F 328 -14.09 -14.91 15.30
N LYS F 329 -14.31 -15.07 13.98
CA LYS F 329 -14.50 -16.35 13.29
C LYS F 329 -13.75 -16.42 11.96
N ILE F 330 -12.91 -17.47 11.84
CA ILE F 330 -12.16 -17.86 10.67
C ILE F 330 -12.96 -19.01 10.02
N ILE F 331 -13.21 -18.91 8.72
CA ILE F 331 -14.04 -19.81 7.93
C ILE F 331 -13.10 -20.54 6.97
N ALA F 332 -13.04 -21.88 7.04
CA ALA F 332 -12.07 -22.70 6.33
C ALA F 332 -12.68 -24.02 5.87
N PRO F 333 -13.38 -24.07 4.71
CA PRO F 333 -14.02 -25.32 4.19
C PRO F 333 -12.98 -26.34 3.66
N PRO F 334 -13.34 -27.61 3.37
CA PRO F 334 -12.38 -28.61 2.89
C PRO F 334 -11.85 -28.38 1.46
N GLU F 335 -12.63 -27.77 0.57
CA GLU F 335 -12.28 -27.45 -0.82
C GLU F 335 -11.54 -26.10 -0.95
N ARG F 336 -11.19 -25.47 0.20
CA ARG F 336 -10.68 -24.12 0.39
C ARG F 336 -9.72 -23.57 -0.69
N LYS F 337 -8.70 -24.35 -1.06
CA LYS F 337 -7.65 -23.96 -2.01
C LYS F 337 -8.17 -23.69 -3.44
N TYR F 338 -9.38 -24.14 -3.75
CA TYR F 338 -10.03 -24.04 -5.06
C TYR F 338 -11.32 -23.23 -4.99
N SER F 339 -11.75 -22.67 -3.84
CA SER F 339 -13.03 -21.97 -3.68
C SER F 339 -13.21 -20.74 -4.61
N VAL F 340 -12.09 -20.11 -4.99
CA VAL F 340 -11.94 -19.05 -5.99
C VAL F 340 -12.37 -19.52 -7.41
N TRP F 341 -12.04 -20.77 -7.76
CA TRP F 341 -12.31 -21.37 -9.06
C TRP F 341 -13.67 -22.10 -9.04
N ILE F 342 -14.00 -22.78 -7.93
CA ILE F 342 -15.30 -23.43 -7.71
C ILE F 342 -16.44 -22.40 -7.78
N GLY F 343 -16.23 -21.19 -7.22
CA GLY F 343 -17.20 -20.11 -7.34
C GLY F 343 -17.44 -19.65 -8.79
N GLY F 344 -16.38 -19.60 -9.61
CA GLY F 344 -16.45 -19.17 -11.00
C GLY F 344 -17.06 -20.24 -11.91
N SER F 345 -16.59 -21.50 -11.80
CA SER F 345 -17.06 -22.62 -12.60
C SER F 345 -18.54 -22.98 -12.34
N ILE F 346 -19.03 -22.84 -11.10
CA ILE F 346 -20.44 -23.03 -10.76
C ILE F 346 -21.28 -21.82 -11.22
N LEU F 347 -20.81 -20.57 -11.06
CA LEU F 347 -21.47 -19.36 -11.60
C LEU F 347 -21.62 -19.42 -13.13
N ALA F 348 -20.63 -19.99 -13.82
CA ALA F 348 -20.63 -20.19 -15.26
C ALA F 348 -21.51 -21.36 -15.72
N SER F 349 -21.98 -22.23 -14.81
CA SER F 349 -22.89 -23.32 -15.15
C SER F 349 -24.36 -22.85 -15.15
N LEU F 350 -24.64 -21.60 -14.74
CA LEU F 350 -25.97 -21.03 -14.67
C LEU F 350 -26.30 -20.35 -16.01
N SER F 351 -27.21 -20.97 -16.77
CA SER F 351 -27.61 -20.61 -18.13
C SER F 351 -28.41 -19.30 -18.24
N THR F 352 -28.75 -18.66 -17.11
CA THR F 352 -29.38 -17.34 -16.98
C THR F 352 -28.54 -16.19 -17.61
N PHE F 353 -27.26 -16.46 -17.90
CA PHE F 353 -26.33 -15.65 -18.69
C PHE F 353 -26.88 -15.15 -20.03
N GLN F 354 -27.88 -15.82 -20.61
CA GLN F 354 -28.57 -15.41 -21.84
C GLN F 354 -29.42 -14.11 -21.70
N GLN F 355 -29.30 -13.39 -20.58
CA GLN F 355 -29.77 -12.01 -20.37
C GLN F 355 -28.65 -11.08 -19.85
N MET F 356 -27.41 -11.58 -19.74
CA MET F 356 -26.17 -10.84 -19.49
C MET F 356 -25.19 -11.08 -20.66
N TRP F 357 -25.73 -11.54 -21.80
CA TRP F 357 -25.03 -12.22 -22.89
C TRP F 357 -23.94 -11.34 -23.53
N ILE F 358 -22.82 -11.96 -23.88
CA ILE F 358 -21.66 -11.35 -24.53
C ILE F 358 -21.52 -12.10 -25.87
N THR F 359 -21.20 -11.38 -26.94
CA THR F 359 -20.93 -11.96 -28.25
C THR F 359 -19.78 -11.20 -28.93
N LYS F 360 -19.05 -11.89 -29.83
CA LYS F 360 -18.09 -11.32 -30.79
C LYS F 360 -18.73 -10.23 -31.67
N GLN F 361 -20.06 -10.27 -31.89
CA GLN F 361 -20.80 -9.28 -32.67
C GLN F 361 -20.91 -7.91 -31.98
N GLU F 362 -20.70 -7.84 -30.65
CA GLU F 362 -20.60 -6.59 -29.89
C GLU F 362 -19.13 -6.18 -29.81
N TYR F 363 -18.21 -7.14 -29.67
CA TYR F 363 -16.76 -6.88 -29.70
C TYR F 363 -16.33 -6.25 -31.04
N ASP F 364 -16.87 -6.73 -32.16
CA ASP F 364 -16.68 -6.17 -33.50
C ASP F 364 -17.66 -5.01 -33.77
N GLU F 365 -18.00 -4.25 -32.72
CA GLU F 365 -18.81 -3.03 -32.67
C GLU F 365 -18.15 -2.01 -31.73
N ALA F 366 -17.90 -2.40 -30.46
CA ALA F 366 -17.36 -1.54 -29.40
C ALA F 366 -16.24 -2.17 -28.56
N GLY F 367 -15.57 -3.21 -29.10
CA GLY F 367 -14.36 -3.82 -28.56
C GLY F 367 -14.55 -4.49 -27.19
N PRO F 368 -13.48 -4.62 -26.37
CA PRO F 368 -13.58 -5.07 -24.97
C PRO F 368 -14.57 -4.26 -24.11
N SER F 369 -14.73 -2.97 -24.41
CA SER F 369 -15.37 -2.03 -23.49
C SER F 369 -16.88 -2.28 -23.35
N ILE F 370 -17.57 -2.81 -24.36
CA ILE F 370 -18.98 -3.23 -24.26
C ILE F 370 -19.11 -4.54 -23.44
N VAL F 371 -18.15 -5.47 -23.58
CA VAL F 371 -18.03 -6.70 -22.79
C VAL F 371 -17.86 -6.39 -21.30
N HIS F 372 -17.08 -5.35 -20.96
CA HIS F 372 -16.84 -4.94 -19.57
C HIS F 372 -17.98 -4.13 -18.94
N ARG F 373 -19.06 -3.85 -19.69
CA ARG F 373 -20.33 -3.40 -19.11
C ARG F 373 -21.16 -4.61 -18.65
N LYS F 374 -20.92 -5.80 -19.22
CA LYS F 374 -21.56 -7.05 -18.81
C LYS F 374 -20.77 -7.66 -17.64
N CYS F 375 -19.44 -7.48 -17.60
CA CYS F 375 -18.59 -7.93 -16.49
C CYS F 375 -18.68 -6.98 -15.30
N PHE F 376 -18.74 -5.66 -15.52
CA PHE F 376 -18.58 -4.63 -14.48
C PHE F 376 -19.62 -3.52 -14.59
N NH2 F 377 -20.77 -3.79 -15.20
HN1 NH2 F 377 -21.45 -3.05 -15.31
HN2 NH2 F 377 -20.94 -4.71 -15.57
C ACE G 1 54.51 -17.28 35.22
O ACE G 1 53.98 -16.25 34.42
CH3 ACE G 1 54.27 -16.95 36.69
H1 ACE G 1 53.20 -16.91 36.91
H2 ACE G 1 54.71 -15.99 36.96
H3 ACE G 1 54.69 -17.71 37.33
N ASP G 2 55.95 -17.32 34.97
CA ASP G 2 56.39 -17.61 33.58
C ASP G 2 55.92 -18.96 33.01
N GLU G 3 55.84 -19.99 33.87
CA GLU G 3 55.36 -21.34 33.53
C GLU G 3 53.82 -21.38 33.46
N ASP G 4 53.16 -20.61 34.34
CA ASP G 4 51.74 -20.66 34.71
C ASP G 4 50.77 -20.00 33.71
N GLU G 5 51.16 -19.74 32.46
CA GLU G 5 50.30 -19.18 31.41
C GLU G 5 50.33 -20.10 30.17
N THR G 6 49.42 -19.81 29.25
CA THR G 6 48.94 -20.68 28.20
C THR G 6 49.06 -19.98 26.83
N THR G 7 48.58 -20.66 25.80
CA THR G 7 48.01 -20.03 24.62
C THR G 7 46.83 -20.91 24.20
N ALA G 8 46.15 -20.52 23.12
CA ALA G 8 45.07 -21.30 22.55
C ALA G 8 45.62 -22.24 21.46
N LEU G 9 44.94 -23.37 21.25
CA LEU G 9 45.01 -24.20 20.06
C LEU G 9 44.00 -23.60 19.06
N VAL G 10 44.32 -23.56 17.77
CA VAL G 10 43.41 -23.05 16.74
C VAL G 10 43.17 -24.24 15.81
N CYS G 11 41.93 -24.75 15.72
CA CYS G 11 41.57 -25.97 15.01
C CYS G 11 40.42 -25.67 14.04
N ASP G 12 40.63 -25.86 12.74
CA ASP G 12 39.63 -25.56 11.70
C ASP G 12 39.06 -26.87 11.14
N ASN G 13 37.73 -26.97 11.16
CA ASN G 13 36.96 -28.07 10.57
C ASN G 13 36.61 -27.64 9.15
N GLY G 14 37.40 -28.05 8.16
CA GLY G 14 37.08 -27.88 6.75
C GLY G 14 36.28 -29.08 6.24
N SER G 15 35.65 -28.94 5.08
CA SER G 15 34.80 -29.91 4.38
C SER G 15 35.52 -31.20 3.90
N GLY G 16 36.39 -31.79 4.73
CA GLY G 16 37.15 -33.00 4.46
C GLY G 16 38.57 -32.91 5.00
N LEU G 17 39.18 -31.71 5.02
CA LEU G 17 40.52 -31.48 5.54
C LEU G 17 40.42 -30.64 6.83
N VAL G 18 40.83 -31.22 7.96
CA VAL G 18 40.98 -30.57 9.25
C VAL G 18 42.44 -30.05 9.31
N LYS G 19 42.65 -28.87 9.87
CA LYS G 19 43.97 -28.25 10.09
C LYS G 19 43.99 -27.65 11.50
N ALA G 20 45.15 -27.61 12.15
CA ALA G 20 45.33 -26.97 13.45
C ALA G 20 46.77 -26.45 13.69
N GLY G 21 46.96 -25.68 14.76
CA GLY G 21 48.26 -25.24 15.27
C GLY G 21 48.02 -24.52 16.61
N PHE G 22 49.03 -23.83 17.12
CA PHE G 22 48.93 -23.04 18.35
C PHE G 22 48.78 -21.56 17.95
N ALA G 23 48.08 -20.78 18.77
CA ALA G 23 47.93 -19.34 18.56
C ALA G 23 49.24 -18.64 18.93
N GLY G 24 49.80 -17.91 17.97
CA GLY G 24 51.16 -17.38 17.98
C GLY G 24 52.00 -17.97 16.85
N ASP G 25 51.61 -19.10 16.26
CA ASP G 25 52.27 -19.66 15.08
C ASP G 25 51.67 -18.95 13.86
N ASP G 26 52.51 -18.42 12.96
CA ASP G 26 52.08 -17.81 11.69
C ASP G 26 51.90 -18.86 10.58
N ALA G 27 51.90 -20.15 10.90
CA ALA G 27 51.56 -21.28 10.03
C ALA G 27 51.04 -22.45 10.88
N PRO G 28 50.09 -23.27 10.38
CA PRO G 28 49.57 -24.43 11.12
C PRO G 28 50.61 -25.56 11.19
N ARG G 29 50.44 -26.47 12.17
CA ARG G 29 51.33 -27.61 12.43
C ARG G 29 50.61 -28.97 12.25
N ALA G 30 49.28 -28.99 12.31
CA ALA G 30 48.45 -30.15 12.06
C ALA G 30 47.72 -29.90 10.75
N VAL G 31 47.71 -30.90 9.88
CA VAL G 31 46.88 -31.05 8.69
C VAL G 31 46.48 -32.53 8.73
N PHE G 32 45.17 -32.82 8.68
CA PHE G 32 44.65 -34.19 8.81
C PHE G 32 43.38 -34.38 7.96
N PRO G 33 43.41 -35.23 6.91
CA PRO G 33 42.21 -35.65 6.17
C PRO G 33 41.19 -36.39 7.07
N SER G 34 39.92 -36.01 7.01
CA SER G 34 38.81 -36.63 7.72
C SER G 34 38.30 -37.87 6.93
N ILE G 35 39.20 -38.81 6.61
CA ILE G 35 38.94 -40.02 5.83
C ILE G 35 39.03 -41.22 6.81
N VAL G 36 38.08 -42.14 6.73
CA VAL G 36 38.04 -43.38 7.51
C VAL G 36 37.85 -44.52 6.51
N GLY G 37 38.80 -45.46 6.48
CA GLY G 37 38.79 -46.63 5.62
C GLY G 37 38.34 -47.86 6.42
N ARG G 38 37.31 -48.56 5.93
CA ARG G 38 36.90 -49.87 6.42
C ARG G 38 37.46 -50.87 5.38
N PRO G 39 38.24 -51.90 5.77
CA PRO G 39 38.82 -52.87 4.83
C PRO G 39 37.78 -53.89 4.35
N ARG G 40 37.83 -54.28 3.07
CA ARG G 40 36.81 -55.15 2.47
C ARG G 40 37.14 -56.65 2.62
N HIS G 41 38.38 -57.05 2.96
CA HIS G 41 38.88 -58.43 2.77
C HIS G 41 39.71 -58.98 3.94
N GLN G 42 39.37 -58.60 5.18
CA GLN G 42 39.93 -59.21 6.38
C GLN G 42 39.17 -60.52 6.65
N GLY G 43 39.88 -61.60 6.94
CA GLY G 43 39.38 -62.95 7.20
C GLY G 43 39.57 -63.89 6.02
N VAL G 44 39.53 -63.36 4.80
CA VAL G 44 39.45 -64.12 3.54
C VAL G 44 40.83 -64.66 3.10
N MET G 45 41.92 -63.94 3.45
CA MET G 45 43.30 -64.22 3.06
C MET G 45 44.22 -63.89 4.23
N VAL G 46 44.32 -62.59 4.53
CA VAL G 46 44.83 -62.06 5.79
C VAL G 46 43.64 -62.14 6.77
N GLY G 47 43.92 -62.42 8.04
CA GLY G 47 42.92 -62.55 9.11
C GLY G 47 42.27 -61.22 9.50
N MET G 48 41.68 -61.20 10.71
CA MET G 48 41.22 -59.97 11.35
C MET G 48 42.44 -59.35 12.06
N GLY G 49 42.54 -58.02 12.03
CA GLY G 49 43.67 -57.25 12.52
C GLY G 49 43.48 -56.81 13.98
N GLN G 50 44.08 -55.67 14.32
CA GLN G 50 43.97 -55.03 15.63
C GLN G 50 43.01 -53.82 15.58
N LYS G 51 42.28 -53.63 14.47
CA LYS G 51 41.28 -52.59 14.28
C LYS G 51 40.11 -53.14 13.46
N ASP G 52 38.99 -52.43 13.54
CA ASP G 52 37.81 -52.46 12.68
C ASP G 52 38.05 -51.50 11.49
N SER G 53 38.62 -50.32 11.74
CA SER G 53 38.68 -49.18 10.85
C SER G 53 40.07 -48.52 10.91
N TYR G 54 40.55 -48.04 9.77
CA TYR G 54 41.82 -47.35 9.59
C TYR G 54 41.49 -45.87 9.31
N VAL G 55 42.20 -44.93 9.94
CA VAL G 55 41.86 -43.49 9.94
C VAL G 55 42.96 -42.63 9.30
N GLY G 56 42.56 -41.60 8.53
CA GLY G 56 43.37 -40.56 7.91
C GLY G 56 44.57 -41.10 7.13
N ASP G 57 45.76 -41.08 7.77
CA ASP G 57 47.02 -41.66 7.28
C ASP G 57 46.87 -43.10 6.82
N GLU G 58 46.23 -43.92 7.66
CA GLU G 58 46.05 -45.36 7.50
C GLU G 58 45.00 -45.67 6.42
N ALA G 59 44.17 -44.69 6.04
CA ALA G 59 43.15 -44.81 5.02
C ALA G 59 43.68 -44.45 3.62
N GLN G 60 44.93 -44.00 3.48
CA GLN G 60 45.54 -43.50 2.24
C GLN G 60 46.91 -44.14 1.97
N SER G 61 47.81 -44.13 2.96
CA SER G 61 49.23 -44.46 2.75
C SER G 61 49.48 -45.98 2.73
N LYS G 62 49.00 -46.73 3.73
CA LYS G 62 49.30 -48.14 3.90
C LYS G 62 48.05 -48.89 3.39
N ARG G 63 47.99 -49.09 2.05
CA ARG G 63 46.83 -49.54 1.28
C ARG G 63 46.25 -50.88 1.78
N GLY G 64 44.96 -50.92 2.12
CA GLY G 64 44.32 -52.09 2.74
C GLY G 64 43.11 -52.65 1.97
N ILE G 65 42.81 -52.17 0.75
CA ILE G 65 41.65 -52.56 -0.07
C ILE G 65 40.36 -52.03 0.61
N LEU G 66 40.30 -50.70 0.74
CA LEU G 66 39.43 -50.01 1.69
C LEU G 66 38.22 -49.43 0.98
N THR G 67 37.06 -49.52 1.66
CA THR G 67 35.89 -48.70 1.38
C THR G 67 36.08 -47.45 2.26
N LEU G 68 36.27 -46.29 1.63
CA LEU G 68 36.50 -45.02 2.30
C LEU G 68 35.16 -44.29 2.50
N LYS G 69 34.89 -43.80 3.71
CA LYS G 69 33.87 -42.81 4.02
C LYS G 69 34.41 -41.80 5.03
N TYR G 70 33.69 -40.69 5.21
CA TYR G 70 34.20 -39.47 5.84
C TYR G 70 33.11 -39.04 6.86
N PRO G 71 33.43 -38.87 8.16
CA PRO G 71 32.48 -38.42 9.19
C PRO G 71 31.73 -37.11 8.89
N ILE G 72 32.38 -36.20 8.15
CA ILE G 72 31.83 -35.01 7.53
C ILE G 72 32.32 -34.99 6.08
N GLU G 73 31.50 -34.44 5.19
CA GLU G 73 31.81 -34.12 3.80
C GLU G 73 31.37 -32.68 3.47
N HIS G 74 30.74 -32.01 4.44
CA HIS G 74 30.13 -30.68 4.34
C HIS G 74 30.40 -29.88 5.60
N GLY G 75 30.14 -30.49 6.78
CA GLY G 75 30.41 -29.92 8.09
C GLY G 75 29.28 -30.14 9.09
N ILE G 76 28.13 -30.68 8.65
CA ILE G 76 27.03 -31.07 9.53
C ILE G 76 27.33 -32.51 9.96
N ILE G 77 27.49 -32.71 11.26
CA ILE G 77 27.95 -33.92 11.89
C ILE G 77 26.69 -34.75 12.28
N THR G 78 26.76 -36.04 12.01
CA THR G 78 25.70 -37.03 12.22
C THR G 78 26.31 -38.34 12.72
N ASN G 79 27.45 -38.75 12.13
CA ASN G 79 28.40 -39.69 12.74
C ASN G 79 29.26 -38.85 13.68
N TRP G 80 29.30 -39.23 14.95
CA TRP G 80 30.24 -38.72 15.95
C TRP G 80 31.28 -39.80 16.23
N ASP G 81 30.84 -41.06 16.13
CA ASP G 81 31.42 -42.38 16.21
C ASP G 81 32.83 -42.50 15.62
N ASP G 82 33.09 -41.84 14.49
CA ASP G 82 34.38 -41.78 13.81
C ASP G 82 34.89 -40.34 13.65
N MET G 83 34.02 -39.32 13.76
CA MET G 83 34.41 -37.89 13.82
C MET G 83 35.29 -37.62 15.03
N GLU G 84 34.90 -38.19 16.18
CA GLU G 84 35.60 -38.17 17.45
C GLU G 84 37.00 -38.80 17.35
N LYS G 85 37.17 -39.85 16.53
CA LYS G 85 38.46 -40.48 16.23
C LYS G 85 39.37 -39.52 15.43
N ILE G 86 38.84 -38.87 14.36
CA ILE G 86 39.57 -37.90 13.55
C ILE G 86 40.00 -36.68 14.38
N TRP G 87 39.11 -36.16 15.23
CA TRP G 87 39.38 -35.08 16.17
C TRP G 87 40.38 -35.49 17.27
N HIS G 88 40.25 -36.70 17.85
CA HIS G 88 41.16 -37.20 18.89
C HIS G 88 42.60 -37.33 18.34
N HIS G 89 42.74 -37.83 17.10
CA HIS G 89 44.02 -37.86 16.38
C HIS G 89 44.57 -36.43 16.14
N THR G 90 43.72 -35.48 15.74
CA THR G 90 44.09 -34.08 15.50
C THR G 90 44.70 -33.43 16.77
N PHE G 91 44.16 -33.70 17.97
CA PHE G 91 44.75 -33.22 19.22
C PHE G 91 45.94 -34.11 19.63
N TYR G 92 45.68 -35.38 19.95
CA TYR G 92 46.58 -36.26 20.68
C TYR G 92 47.62 -36.96 19.77
N ASN G 93 47.68 -36.61 18.46
CA ASN G 93 48.73 -37.01 17.53
C ASN G 93 49.32 -35.78 16.82
N GLU G 94 48.52 -34.90 16.20
CA GLU G 94 49.05 -33.82 15.34
C GLU G 94 49.40 -32.53 16.10
N LEU G 95 48.98 -32.34 17.36
CA LEU G 95 49.33 -31.19 18.19
C LEU G 95 50.21 -31.59 19.40
N ARG G 96 50.08 -32.83 19.90
CA ARG G 96 51.02 -33.51 20.82
C ARG G 96 50.91 -33.09 22.30
N VAL G 97 50.01 -32.16 22.63
CA VAL G 97 49.56 -31.86 23.98
C VAL G 97 48.31 -32.72 24.25
N ALA G 98 47.96 -32.90 25.52
CA ALA G 98 46.60 -33.21 25.94
C ALA G 98 45.92 -31.83 26.04
N PRO G 99 44.67 -31.62 25.56
CA PRO G 99 43.97 -30.33 25.67
C PRO G 99 43.73 -29.74 27.09
N GLU G 100 44.15 -30.41 28.16
CA GLU G 100 43.79 -30.17 29.57
C GLU G 100 44.09 -28.74 30.04
N GLU G 101 45.27 -28.22 29.69
CA GLU G 101 45.72 -26.85 30.01
C GLU G 101 45.34 -25.84 28.91
N HIS G 102 44.96 -26.29 27.71
CA HIS G 102 45.01 -25.47 26.48
C HIS G 102 43.60 -25.15 25.97
N PRO G 103 43.13 -23.88 26.06
CA PRO G 103 41.92 -23.43 25.36
C PRO G 103 41.95 -23.71 23.84
N THR G 104 40.80 -23.96 23.22
CA THR G 104 40.72 -24.25 21.79
C THR G 104 39.84 -23.20 21.09
N LEU G 105 40.34 -22.56 20.03
CA LEU G 105 39.52 -21.81 19.07
C LEU G 105 39.09 -22.83 18.00
N LEU G 106 37.78 -22.99 17.83
CA LEU G 106 37.18 -23.84 16.81
C LEU G 106 36.65 -22.94 15.70
N THR G 107 36.91 -23.31 14.45
CA THR G 107 36.41 -22.61 13.27
C THR G 107 35.56 -23.58 12.43
N GLU G 108 34.26 -23.25 12.32
CA GLU G 108 33.21 -24.05 11.72
C GLU G 108 33.10 -23.78 10.21
N ALA G 109 32.58 -24.78 9.51
CA ALA G 109 32.07 -24.69 8.15
C ALA G 109 30.68 -24.02 8.19
N PRO G 110 30.37 -23.03 7.31
CA PRO G 110 29.07 -22.35 7.23
C PRO G 110 27.85 -23.30 7.15
N LEU G 111 26.99 -23.25 8.18
CA LEU G 111 25.73 -23.97 8.39
C LEU G 111 25.92 -25.26 9.20
N ASN G 112 25.35 -25.30 10.40
CA ASN G 112 25.14 -26.50 11.21
C ASN G 112 23.88 -26.32 12.07
N PRO G 113 23.17 -27.39 12.49
CA PRO G 113 22.02 -27.31 13.40
C PRO G 113 22.46 -27.14 14.87
N LYS G 114 21.57 -26.59 15.72
CA LYS G 114 21.70 -26.42 17.18
C LYS G 114 22.47 -27.55 17.89
N ALA G 115 21.97 -28.77 17.73
CA ALA G 115 22.45 -30.02 18.34
C ALA G 115 23.91 -30.36 18.01
N ASN G 116 24.44 -29.88 16.86
CA ASN G 116 25.83 -30.07 16.50
C ASN G 116 26.75 -29.20 17.36
N ARG G 117 26.37 -27.93 17.62
CA ARG G 117 27.12 -27.05 18.53
C ARG G 117 27.04 -27.55 19.96
N GLU G 118 25.86 -28.02 20.41
CA GLU G 118 25.64 -28.58 21.74
C GLU G 118 26.53 -29.83 21.96
N LYS G 119 26.47 -30.83 21.06
CA LYS G 119 27.25 -32.06 21.15
C LYS G 119 28.76 -31.81 20.91
N MET G 120 29.15 -30.83 20.08
CA MET G 120 30.53 -30.40 19.89
C MET G 120 31.09 -29.77 21.18
N THR G 121 30.30 -28.90 21.84
CA THR G 121 30.68 -28.24 23.10
C THR G 121 30.81 -29.30 24.23
N GLN G 122 29.88 -30.26 24.29
CA GLN G 122 29.93 -31.44 25.17
C GLN G 122 31.25 -32.22 24.99
N ILE G 123 31.50 -32.71 23.77
CA ILE G 123 32.71 -33.43 23.36
C ILE G 123 34.01 -32.71 23.75
N MET G 124 34.07 -31.40 23.53
CA MET G 124 35.27 -30.60 23.80
C MET G 124 35.58 -30.52 25.30
N PHE G 125 34.56 -30.38 26.16
CA PHE G 125 34.72 -30.27 27.61
C PHE G 125 34.74 -31.63 28.34
N GLU G 126 34.15 -32.69 27.76
CA GLU G 126 33.95 -33.97 28.42
C GLU G 126 34.69 -35.14 27.76
N THR G 127 35.22 -35.00 26.53
CA THR G 127 35.78 -36.10 25.75
C THR G 127 37.16 -35.78 25.12
N PHE G 128 37.54 -34.49 25.10
CA PHE G 128 38.88 -34.02 24.73
C PHE G 128 39.51 -33.25 25.88
N ASN G 129 38.68 -32.45 26.58
CA ASN G 129 38.82 -31.97 27.95
C ASN G 129 39.46 -30.58 28.08
N VAL G 130 39.07 -29.63 27.22
CA VAL G 130 39.55 -28.25 27.23
C VAL G 130 39.10 -27.50 28.52
N PRO G 131 39.87 -26.51 29.03
CA PRO G 131 39.44 -25.65 30.14
C PRO G 131 38.47 -24.54 29.67
N ALA G 132 38.61 -24.10 28.42
CA ALA G 132 37.83 -23.06 27.77
C ALA G 132 37.86 -23.26 26.26
N MET G 133 36.93 -22.62 25.54
CA MET G 133 36.85 -22.62 24.08
C MET G 133 36.25 -21.32 23.53
N TYR G 134 36.34 -21.18 22.22
CA TYR G 134 35.81 -20.10 21.39
C TYR G 134 35.36 -20.76 20.09
N VAL G 135 34.27 -20.27 19.48
CA VAL G 135 33.66 -20.83 18.28
C VAL G 135 33.44 -19.67 17.29
N ALA G 136 33.84 -19.84 16.01
CA ALA G 136 33.65 -18.89 14.92
C ALA G 136 33.43 -19.65 13.60
N ILE G 137 33.04 -18.95 12.52
CA ILE G 137 32.84 -19.54 11.20
C ILE G 137 34.06 -19.14 10.35
N GLN G 138 34.64 -20.11 9.62
CA GLN G 138 35.87 -19.97 8.83
C GLN G 138 35.77 -18.93 7.71
N ALA G 139 34.56 -18.70 7.16
CA ALA G 139 34.29 -17.67 6.15
C ALA G 139 34.42 -16.25 6.73
N VAL G 140 33.98 -16.05 7.98
CA VAL G 140 33.97 -14.76 8.67
C VAL G 140 35.40 -14.39 9.10
N LEU G 141 36.19 -15.34 9.63
CA LEU G 141 37.59 -15.05 10.00
C LEU G 141 38.47 -14.87 8.75
N SER G 142 38.15 -15.55 7.64
CA SER G 142 38.78 -15.32 6.33
C SER G 142 38.44 -13.89 5.82
N LEU G 143 37.21 -13.41 6.02
CA LEU G 143 36.77 -12.06 5.68
C LEU G 143 37.54 -11.01 6.51
N TYR G 144 37.68 -11.23 7.83
CA TYR G 144 38.49 -10.39 8.72
C TYR G 144 39.98 -10.35 8.31
N ALA G 145 40.57 -11.51 7.96
CA ALA G 145 41.96 -11.63 7.51
C ALA G 145 42.18 -11.02 6.11
N SER G 146 41.15 -11.05 5.25
CA SER G 146 41.09 -10.33 3.98
C SER G 146 40.94 -8.79 4.18
N GLY G 147 40.62 -8.34 5.40
CA GLY G 147 40.51 -6.93 5.78
C GLY G 147 39.11 -6.36 5.55
N ARG G 148 38.08 -7.20 5.60
CA ARG G 148 36.67 -6.82 5.46
C ARG G 148 35.91 -7.20 6.73
N THR G 149 34.75 -6.59 6.93
CA THR G 149 33.72 -7.05 7.87
C THR G 149 32.38 -7.23 7.14
N THR G 150 32.15 -6.48 6.05
CA THR G 150 31.03 -6.64 5.13
C THR G 150 31.62 -7.13 3.79
N GLY G 151 30.88 -8.00 3.07
CA GLY G 151 31.26 -8.54 1.78
C GLY G 151 30.56 -9.88 1.53
N ILE G 152 30.96 -10.60 0.48
CA ILE G 152 30.47 -11.92 0.16
C ILE G 152 31.67 -12.84 -0.06
N VAL G 153 31.73 -13.89 0.74
CA VAL G 153 32.77 -14.89 0.74
C VAL G 153 32.22 -16.05 -0.09
N LEU G 154 32.86 -16.32 -1.23
CA LEU G 154 32.78 -17.59 -1.94
C LEU G 154 33.99 -18.39 -1.44
N ASP G 155 33.77 -19.68 -1.17
CA ASP G 155 34.78 -20.68 -0.83
C ASP G 155 35.03 -21.55 -2.08
N SER G 156 35.93 -22.53 -2.01
CA SER G 156 35.75 -23.84 -2.62
C SER G 156 36.63 -24.81 -1.83
N GLY G 157 36.01 -25.71 -1.06
CA GLY G 157 36.68 -26.64 -0.17
C GLY G 157 37.08 -27.92 -0.89
N ASP G 158 37.00 -29.02 -0.14
CA ASP G 158 37.35 -30.36 -0.58
C ASP G 158 36.05 -31.11 -0.95
N GLY G 159 35.14 -31.30 0.02
CA GLY G 159 33.88 -32.01 -0.16
C GLY G 159 32.69 -31.14 -0.56
N VAL G 160 32.67 -29.84 -0.21
CA VAL G 160 31.68 -28.84 -0.65
C VAL G 160 32.38 -27.48 -0.84
N THR G 161 31.72 -26.62 -1.61
CA THR G 161 32.04 -25.22 -1.85
C THR G 161 30.94 -24.39 -1.15
N HIS G 162 31.30 -23.52 -0.19
CA HIS G 162 30.35 -22.63 0.50
C HIS G 162 30.25 -21.25 -0.17
N ASN G 163 29.15 -20.52 0.11
CA ASN G 163 28.86 -19.17 -0.35
C ASN G 163 28.14 -18.44 0.80
N VAL G 164 28.70 -17.34 1.32
CA VAL G 164 28.22 -16.62 2.50
C VAL G 164 28.25 -15.09 2.27
N PRO G 165 27.10 -14.40 2.08
CA PRO G 165 27.01 -12.93 2.15
C PRO G 165 26.99 -12.46 3.61
N ILE G 166 27.80 -11.45 3.94
CA ILE G 166 28.14 -11.01 5.28
C ILE G 166 28.04 -9.47 5.37
N TYR G 167 27.52 -8.99 6.50
CA TYR G 167 27.43 -7.58 6.90
C TYR G 167 27.88 -7.50 8.35
N GLU G 168 28.97 -6.76 8.63
CA GLU G 168 29.53 -6.47 9.95
C GLU G 168 29.91 -7.75 10.74
N GLY G 169 30.44 -8.74 10.03
CA GLY G 169 30.83 -10.06 10.52
C GLY G 169 29.69 -11.08 10.58
N TYR G 170 28.43 -10.61 10.55
CA TYR G 170 27.24 -11.44 10.65
C TYR G 170 26.75 -11.79 9.25
N ALA G 171 26.51 -13.09 9.01
CA ALA G 171 26.06 -13.62 7.75
C ALA G 171 24.55 -13.38 7.60
N LEU G 172 24.12 -12.93 6.42
CA LEU G 172 22.70 -12.78 6.08
C LEU G 172 22.13 -14.19 5.81
N PRO G 173 21.25 -14.72 6.68
CA PRO G 173 20.99 -16.16 6.76
C PRO G 173 20.12 -16.72 5.63
N HIS G 174 19.28 -15.88 5.03
CA HIS G 174 18.35 -16.21 3.96
C HIS G 174 19.06 -16.31 2.58
N ALA G 175 20.37 -16.07 2.55
CA ALA G 175 21.20 -15.97 1.36
C ALA G 175 22.53 -16.74 1.48
N ILE G 176 22.69 -17.61 2.49
CA ILE G 176 23.82 -18.55 2.56
C ILE G 176 23.47 -19.75 1.67
N MET G 177 24.45 -20.31 0.96
CA MET G 177 24.31 -21.56 0.21
C MET G 177 25.64 -22.34 0.16
N ARG G 178 25.58 -23.55 -0.42
CA ARG G 178 26.73 -24.40 -0.73
C ARG G 178 26.43 -25.16 -2.03
N LEU G 179 27.47 -25.50 -2.78
CA LEU G 179 27.45 -26.41 -3.93
C LEU G 179 28.25 -27.65 -3.54
N ASP G 180 27.79 -28.85 -3.91
CA ASP G 180 28.46 -30.14 -3.73
C ASP G 180 29.58 -30.35 -4.76
N LEU G 181 29.61 -29.52 -5.81
CA LEU G 181 30.75 -29.42 -6.73
C LEU G 181 31.86 -28.68 -5.96
N ALA G 182 33.00 -29.35 -5.78
CA ALA G 182 34.12 -28.95 -4.96
C ALA G 182 35.36 -29.73 -5.37
N GLY G 183 36.43 -29.59 -4.59
CA GLY G 183 37.75 -30.14 -4.85
C GLY G 183 37.81 -31.64 -5.18
N ARG G 184 37.01 -32.46 -4.49
CA ARG G 184 36.93 -33.91 -4.66
C ARG G 184 36.27 -34.29 -5.99
N ASP G 185 35.09 -33.74 -6.31
CA ASP G 185 34.42 -33.99 -7.61
C ASP G 185 35.29 -33.46 -8.78
N LEU G 186 35.98 -32.34 -8.56
CA LEU G 186 37.01 -31.83 -9.48
C LEU G 186 38.24 -32.75 -9.62
N THR G 187 38.61 -33.57 -8.63
CA THR G 187 39.74 -34.50 -8.74
C THR G 187 39.32 -35.72 -9.59
N ASP G 188 38.14 -36.31 -9.34
CA ASP G 188 37.58 -37.41 -10.13
C ASP G 188 37.20 -36.95 -11.54
N TYR G 189 36.74 -35.71 -11.72
CA TYR G 189 36.56 -35.11 -13.05
C TYR G 189 37.91 -34.92 -13.77
N LEU G 190 38.98 -34.51 -13.06
CA LEU G 190 40.34 -34.42 -13.59
C LEU G 190 40.84 -35.79 -14.10
N MET G 191 40.60 -36.89 -13.36
CA MET G 191 40.90 -38.25 -13.82
C MET G 191 40.07 -38.69 -15.04
N LYS G 192 38.78 -38.31 -15.11
CA LYS G 192 37.90 -38.58 -16.26
C LYS G 192 38.39 -37.92 -17.55
N ILE G 193 38.92 -36.68 -17.47
CA ILE G 193 39.42 -35.94 -18.63
C ILE G 193 40.91 -36.24 -18.90
N LEU G 194 41.62 -36.89 -17.97
CA LEU G 194 42.89 -37.53 -18.27
C LEU G 194 42.64 -38.86 -19.02
N THR G 195 41.52 -39.55 -18.75
CA THR G 195 41.10 -40.73 -19.51
C THR G 195 40.65 -40.34 -20.95
N GLU G 196 40.19 -39.09 -21.18
CA GLU G 196 39.95 -38.51 -22.51
C GLU G 196 41.24 -38.45 -23.36
N ARG G 197 42.38 -38.21 -22.71
CA ARG G 197 43.74 -38.26 -23.28
C ARG G 197 44.29 -39.71 -23.37
N GLY G 198 43.63 -40.69 -22.73
CA GLY G 198 44.04 -42.09 -22.69
C GLY G 198 44.93 -42.44 -21.51
N TYR G 199 45.16 -41.53 -20.55
CA TYR G 199 45.82 -41.79 -19.28
C TYR G 199 44.70 -42.19 -18.29
N SER G 200 44.40 -43.49 -18.16
CA SER G 200 43.44 -43.96 -17.16
C SER G 200 44.06 -43.82 -15.76
N PHE G 201 43.22 -43.43 -14.80
CA PHE G 201 43.52 -43.21 -13.38
C PHE G 201 42.23 -43.53 -12.62
N VAL G 202 42.26 -44.38 -11.57
CA VAL G 202 41.06 -44.90 -10.93
C VAL G 202 41.16 -45.08 -9.39
N THR G 203 42.35 -45.35 -8.83
CA THR G 203 42.56 -45.73 -7.44
C THR G 203 42.81 -44.52 -6.51
N THR G 204 42.92 -44.79 -5.22
CA THR G 204 43.31 -43.88 -4.14
C THR G 204 44.73 -43.31 -4.39
N ALA G 205 45.67 -44.16 -4.83
CA ALA G 205 47.07 -43.80 -5.10
C ALA G 205 47.19 -42.91 -6.35
N GLU G 206 46.34 -43.12 -7.35
CA GLU G 206 46.29 -42.27 -8.54
C GLU G 206 45.63 -40.91 -8.20
N ARG G 207 44.58 -40.90 -7.35
CA ARG G 207 44.01 -39.66 -6.81
C ARG G 207 44.99 -38.85 -5.96
N GLU G 208 45.91 -39.51 -5.24
CA GLU G 208 46.97 -38.92 -4.41
C GLU G 208 47.82 -37.93 -5.23
N ILE G 209 48.14 -38.34 -6.47
CA ILE G 209 48.99 -37.67 -7.43
C ILE G 209 48.15 -36.67 -8.25
N VAL G 210 47.00 -37.08 -8.80
CA VAL G 210 46.14 -36.23 -9.63
C VAL G 210 45.58 -35.03 -8.83
N ARG G 211 45.37 -35.17 -7.51
CA ARG G 211 45.06 -34.10 -6.58
C ARG G 211 46.22 -33.10 -6.41
N ASP G 212 47.48 -33.49 -6.68
CA ASP G 212 48.63 -32.57 -6.70
C ASP G 212 48.72 -31.84 -8.06
N ILE G 213 48.46 -32.54 -9.18
CA ILE G 213 48.35 -31.98 -10.54
C ILE G 213 47.29 -30.85 -10.60
N LYS G 214 46.19 -31.05 -9.87
CA LYS G 214 45.11 -30.10 -9.61
C LYS G 214 45.62 -28.79 -8.96
N GLU G 215 46.69 -28.84 -8.15
CA GLU G 215 47.32 -27.65 -7.59
C GLU G 215 48.33 -27.08 -8.61
N LYS G 216 49.26 -27.90 -9.11
CA LYS G 216 50.43 -27.42 -9.84
C LYS G 216 50.13 -26.95 -11.27
N LEU G 217 49.17 -27.56 -11.96
CA LEU G 217 49.03 -27.41 -13.40
C LEU G 217 47.66 -26.90 -13.87
N CYS G 218 46.62 -26.93 -13.03
CA CYS G 218 45.27 -26.49 -13.40
C CYS G 218 45.04 -24.99 -13.11
N TYR G 219 44.16 -24.35 -13.89
CA TYR G 219 43.85 -22.92 -13.85
C TYR G 219 42.46 -22.68 -14.42
N VAL G 220 41.79 -21.57 -14.09
CA VAL G 220 40.54 -21.17 -14.71
C VAL G 220 40.88 -20.39 -15.99
N ALA G 221 40.11 -20.63 -17.05
CA ALA G 221 40.23 -19.97 -18.34
C ALA G 221 39.54 -18.60 -18.28
N LEU G 222 40.10 -17.57 -18.92
CA LEU G 222 39.50 -16.22 -18.99
C LEU G 222 38.28 -16.22 -19.93
N ASP G 223 38.32 -17.07 -20.95
CA ASP G 223 37.21 -17.74 -21.64
C ASP G 223 37.77 -19.10 -22.07
N PHE G 224 36.94 -20.14 -22.15
CA PHE G 224 37.33 -21.49 -22.54
C PHE G 224 37.80 -21.54 -24.02
N GLU G 225 37.06 -20.87 -24.92
CA GLU G 225 37.33 -20.95 -26.35
C GLU G 225 38.58 -20.12 -26.72
N ASN G 226 38.85 -19.02 -26.00
CA ASN G 226 40.12 -18.28 -26.01
C ASN G 226 41.34 -19.17 -25.67
N GLU G 227 41.25 -20.00 -24.62
CA GLU G 227 42.32 -20.94 -24.24
C GLU G 227 42.46 -22.05 -25.28
N MET G 228 41.33 -22.57 -25.80
CA MET G 228 41.28 -23.57 -26.87
C MET G 228 41.89 -23.05 -28.18
N ALA G 229 41.64 -21.78 -28.53
CA ALA G 229 42.25 -21.09 -29.66
C ALA G 229 43.76 -20.88 -29.45
N THR G 230 44.19 -20.54 -28.23
CA THR G 230 45.60 -20.35 -27.88
C THR G 230 46.34 -21.71 -27.88
N ALA G 231 45.68 -22.80 -27.46
CA ALA G 231 46.19 -24.17 -27.48
C ALA G 231 46.28 -24.71 -28.92
N ALA G 232 45.31 -24.37 -29.77
CA ALA G 232 45.25 -24.75 -31.18
C ALA G 232 46.24 -23.96 -32.06
N SER G 233 46.94 -22.96 -31.50
CA SER G 233 47.92 -22.15 -32.20
C SER G 233 49.29 -22.13 -31.48
N SER G 234 49.42 -22.84 -30.35
CA SER G 234 50.66 -22.97 -29.61
C SER G 234 50.66 -24.27 -28.81
N SER G 235 51.64 -25.14 -29.06
CA SER G 235 51.91 -26.36 -28.30
C SER G 235 52.54 -26.07 -26.90
N SER G 236 52.62 -24.80 -26.49
CA SER G 236 53.21 -24.36 -25.23
C SER G 236 52.28 -24.63 -24.02
N LEU G 237 51.01 -24.99 -24.25
CA LEU G 237 50.00 -25.26 -23.23
C LEU G 237 50.24 -26.58 -22.47
N GLU G 238 50.94 -27.55 -23.10
CA GLU G 238 51.26 -28.88 -22.56
C GLU G 238 52.33 -28.76 -21.47
N LYS G 239 52.14 -29.44 -20.34
CA LYS G 239 52.98 -29.40 -19.14
C LYS G 239 53.25 -30.82 -18.66
N SER G 240 54.52 -31.17 -18.43
CA SER G 240 55.02 -32.45 -17.97
C SER G 240 55.01 -32.54 -16.43
N TYR G 241 54.82 -33.74 -15.86
CA TYR G 241 54.89 -34.02 -14.43
C TYR G 241 55.45 -35.44 -14.19
N GLU G 242 56.04 -35.71 -13.02
CA GLU G 242 56.47 -37.04 -12.59
C GLU G 242 55.28 -37.72 -11.89
N LEU G 243 55.02 -38.99 -12.22
CA LEU G 243 54.29 -39.93 -11.35
C LEU G 243 55.31 -40.49 -10.34
N PRO G 244 54.96 -40.72 -9.05
CA PRO G 244 55.87 -41.13 -7.96
C PRO G 244 56.89 -42.24 -8.19
N ASP G 245 56.71 -43.09 -9.20
CA ASP G 245 57.65 -44.14 -9.58
C ASP G 245 58.70 -43.66 -10.60
N GLY G 246 58.56 -42.44 -11.11
CA GLY G 246 59.43 -41.81 -12.09
C GLY G 246 58.88 -41.79 -13.51
N GLN G 247 57.63 -42.23 -13.77
CA GLN G 247 57.04 -42.12 -15.11
C GLN G 247 56.70 -40.65 -15.41
N VAL G 248 56.98 -40.18 -16.63
CA VAL G 248 56.72 -38.80 -17.05
C VAL G 248 55.37 -38.79 -17.81
N ILE G 249 54.38 -38.09 -17.24
CA ILE G 249 53.07 -37.80 -17.84
C ILE G 249 53.06 -36.34 -18.29
N THR G 250 52.21 -35.97 -19.27
CA THR G 250 52.06 -34.61 -19.79
C THR G 250 50.57 -34.29 -19.97
N ILE G 251 50.12 -33.08 -19.60
CA ILE G 251 48.74 -32.60 -19.56
C ILE G 251 48.66 -31.18 -20.17
N GLY G 252 47.59 -30.85 -20.91
CA GLY G 252 47.43 -29.63 -21.70
C GLY G 252 46.07 -28.99 -21.51
N ASN G 253 45.11 -29.23 -22.42
CA ASN G 253 43.76 -28.62 -22.42
C ASN G 253 42.91 -29.00 -21.19
N GLU G 254 43.22 -30.14 -20.58
CA GLU G 254 42.60 -30.68 -19.37
C GLU G 254 42.82 -29.75 -18.16
N ARG G 255 43.91 -28.98 -18.19
CA ARG G 255 44.33 -28.00 -17.19
C ARG G 255 43.29 -26.90 -16.96
N PHE G 256 42.51 -26.53 -17.98
CA PHE G 256 41.44 -25.52 -17.87
C PHE G 256 40.05 -26.18 -17.95
N ARG G 257 39.86 -27.25 -18.73
CA ARG G 257 38.63 -28.06 -18.79
C ARG G 257 38.15 -28.53 -17.40
N CYS G 258 39.07 -28.95 -16.51
CA CYS G 258 38.75 -29.29 -15.12
C CYS G 258 38.11 -28.10 -14.36
N PRO G 259 38.83 -27.02 -13.96
CA PRO G 259 38.27 -25.84 -13.28
C PRO G 259 37.03 -25.17 -13.91
N GLU G 260 36.91 -25.16 -15.25
CA GLU G 260 35.84 -24.53 -16.04
C GLU G 260 34.41 -24.91 -15.59
N THR G 261 34.22 -26.15 -15.13
CA THR G 261 32.92 -26.71 -14.75
C THR G 261 32.28 -26.04 -13.51
N LEU G 262 33.00 -25.14 -12.80
CA LEU G 262 32.45 -24.27 -11.76
C LEU G 262 31.54 -23.17 -12.35
N PHE G 263 31.82 -22.73 -13.58
CA PHE G 263 31.08 -21.69 -14.29
C PHE G 263 30.04 -22.33 -15.22
N GLN G 264 30.32 -23.55 -15.68
CA GLN G 264 29.46 -24.38 -16.51
C GLN G 264 29.11 -25.73 -15.83
N PRO G 265 28.36 -25.79 -14.68
CA PRO G 265 27.95 -27.05 -14.02
C PRO G 265 27.28 -28.12 -14.92
N SER G 266 26.67 -27.73 -16.04
CA SER G 266 26.17 -28.63 -17.07
C SER G 266 27.28 -29.44 -17.80
N PHE G 267 28.57 -29.08 -17.67
CA PHE G 267 29.72 -29.86 -18.16
C PHE G 267 29.98 -31.13 -17.31
N ILE G 268 29.26 -31.29 -16.18
CA ILE G 268 29.14 -32.51 -15.37
C ILE G 268 27.66 -32.90 -15.18
N GLY G 269 26.76 -32.33 -16.00
CA GLY G 269 25.35 -32.69 -16.10
C GLY G 269 24.45 -32.16 -14.97
N MET G 270 24.90 -31.18 -14.17
CA MET G 270 24.16 -30.68 -13.01
C MET G 270 23.31 -29.45 -13.39
N GLU G 271 22.11 -29.32 -12.77
CA GLU G 271 21.14 -28.22 -12.95
C GLU G 271 21.69 -26.85 -12.50
N SER G 272 22.48 -26.93 -11.43
CA SER G 272 23.03 -25.89 -10.57
C SER G 272 23.45 -24.59 -11.28
N ALA G 273 23.25 -23.46 -10.59
CA ALA G 273 23.81 -22.17 -10.93
C ALA G 273 25.33 -22.22 -10.73
N GLY G 274 26.09 -21.62 -11.66
CA GLY G 274 27.55 -21.49 -11.57
C GLY G 274 27.96 -20.56 -10.44
N ILE G 275 29.26 -20.52 -10.11
CA ILE G 275 29.81 -19.77 -8.97
C ILE G 275 29.58 -18.24 -9.05
N HIS G 276 29.31 -17.69 -10.24
CA HIS G 276 28.92 -16.31 -10.50
C HIS G 276 27.41 -16.12 -10.27
N GLU G 277 26.56 -17.00 -10.86
CA GLU G 277 25.10 -16.98 -10.77
C GLU G 277 24.67 -17.07 -9.29
N THR G 278 25.26 -18.00 -8.53
CA THR G 278 25.03 -18.21 -7.09
C THR G 278 25.39 -16.97 -6.26
N THR G 279 26.62 -16.46 -6.39
CA THR G 279 27.13 -15.28 -5.72
C THR G 279 26.28 -14.03 -6.03
N TYR G 280 25.92 -13.81 -7.30
CA TYR G 280 25.03 -12.74 -7.73
C TYR G 280 23.61 -12.88 -7.14
N ASN G 281 23.02 -14.09 -7.19
CA ASN G 281 21.71 -14.44 -6.63
C ASN G 281 21.63 -14.17 -5.12
N SER G 282 22.70 -14.50 -4.39
CA SER G 282 22.84 -14.26 -2.95
C SER G 282 22.88 -12.75 -2.62
N ILE G 283 23.61 -11.93 -3.40
CA ILE G 283 23.66 -10.48 -3.20
C ILE G 283 22.29 -9.84 -3.52
N MET G 284 21.63 -10.25 -4.61
CA MET G 284 20.37 -9.69 -5.14
C MET G 284 19.14 -9.75 -4.20
N LYS G 285 19.23 -10.48 -3.07
CA LYS G 285 18.21 -10.54 -2.02
C LYS G 285 18.70 -9.94 -0.68
N CYS G 286 19.89 -9.32 -0.65
CA CYS G 286 20.39 -8.50 0.46
C CYS G 286 19.98 -7.04 0.22
N ASP G 287 20.04 -6.20 1.26
CA ASP G 287 19.49 -4.84 1.30
C ASP G 287 20.13 -3.88 0.29
N ILE G 288 19.26 -3.03 -0.29
CA ILE G 288 19.54 -1.99 -1.27
C ILE G 288 20.62 -0.97 -0.84
N ASP G 289 20.84 -0.77 0.46
CA ASP G 289 21.87 0.13 1.00
C ASP G 289 23.20 -0.61 1.25
N ILE G 290 23.30 -1.92 0.97
CA ILE G 290 24.55 -2.69 1.12
C ILE G 290 24.99 -3.40 -0.17
N ARG G 291 24.09 -3.61 -1.16
CA ARG G 291 24.39 -4.33 -2.42
C ARG G 291 25.65 -3.82 -3.17
N LYS G 292 25.85 -2.50 -3.25
CA LYS G 292 27.05 -1.85 -3.81
C LYS G 292 28.37 -2.40 -3.22
N ASP G 293 28.51 -2.38 -1.88
CA ASP G 293 29.74 -2.80 -1.19
C ASP G 293 29.84 -4.33 -1.05
N LEU G 294 28.75 -5.09 -1.29
CA LEU G 294 28.80 -6.55 -1.47
C LEU G 294 29.35 -6.89 -2.87
N TYR G 295 28.96 -6.15 -3.92
CA TYR G 295 29.50 -6.27 -5.28
C TYR G 295 30.98 -5.84 -5.34
N ALA G 296 31.42 -4.96 -4.44
CA ALA G 296 32.79 -4.50 -4.31
C ALA G 296 33.66 -5.44 -3.46
N ASN G 297 33.10 -6.50 -2.87
CA ASN G 297 33.77 -7.39 -1.91
C ASN G 297 33.39 -8.85 -2.13
N ASN G 298 33.52 -9.31 -3.39
CA ASN G 298 33.46 -10.73 -3.76
C ASN G 298 34.83 -11.32 -3.41
N VAL G 299 34.96 -11.88 -2.22
CA VAL G 299 36.20 -12.39 -1.64
C VAL G 299 36.29 -13.87 -2.02
N MET G 300 37.35 -14.23 -2.77
CA MET G 300 37.69 -15.60 -3.13
C MET G 300 38.50 -16.15 -1.97
N SER G 301 37.80 -16.74 -1.00
CA SER G 301 38.34 -17.56 0.08
C SER G 301 38.35 -19.00 -0.42
N GLY G 302 38.96 -19.93 0.33
CA GLY G 302 38.85 -21.37 0.12
C GLY G 302 40.15 -21.99 -0.39
N GLY G 303 40.11 -23.30 -0.69
CA GLY G 303 41.24 -24.10 -1.11
C GLY G 303 41.28 -24.31 -2.63
N THR G 304 40.17 -24.77 -3.22
CA THR G 304 40.05 -25.08 -4.65
C THR G 304 39.95 -23.80 -5.50
N THR G 305 39.58 -22.65 -4.91
CA THR G 305 39.65 -21.29 -5.46
C THR G 305 41.09 -20.74 -5.53
N MET G 306 42.14 -21.53 -5.26
CA MET G 306 43.55 -21.13 -5.42
C MET G 306 44.07 -21.32 -6.86
N TYR G 307 43.19 -21.66 -7.82
CA TYR G 307 43.48 -21.70 -9.25
C TYR G 307 43.74 -20.27 -9.77
N PRO G 308 44.75 -20.01 -10.64
CA PRO G 308 44.87 -18.78 -11.42
C PRO G 308 43.61 -18.51 -12.29
N GLY G 309 43.32 -17.25 -12.63
CA GLY G 309 42.22 -16.86 -13.51
C GLY G 309 40.84 -16.76 -12.83
N ILE G 310 40.72 -17.26 -11.58
CA ILE G 310 39.47 -17.40 -10.83
C ILE G 310 38.75 -16.06 -10.59
N ALA G 311 39.50 -14.99 -10.27
CA ALA G 311 38.92 -13.69 -9.93
C ALA G 311 38.61 -12.93 -11.23
N ASP G 312 39.54 -13.04 -12.16
CA ASP G 312 39.62 -12.51 -13.51
C ASP G 312 38.40 -12.92 -14.32
N ARG G 313 38.10 -14.22 -14.35
CA ARG G 313 36.94 -14.81 -15.00
C ARG G 313 35.64 -14.45 -14.26
N MET G 314 35.62 -14.49 -12.92
CA MET G 314 34.45 -14.15 -12.10
C MET G 314 33.95 -12.72 -12.36
N GLN G 315 34.87 -11.77 -12.58
CA GLN G 315 34.54 -10.38 -12.86
C GLN G 315 33.88 -10.23 -14.24
N LYS G 316 34.21 -11.08 -15.23
CA LYS G 316 33.59 -11.11 -16.55
C LYS G 316 32.16 -11.68 -16.43
N GLU G 317 32.07 -12.86 -15.81
CA GLU G 317 30.86 -13.66 -15.64
C GLU G 317 29.78 -12.91 -14.83
N ILE G 318 30.16 -12.12 -13.81
CA ILE G 318 29.22 -11.29 -13.06
C ILE G 318 28.87 -10.00 -13.83
N THR G 319 29.76 -9.39 -14.64
CA THR G 319 29.41 -8.19 -15.44
C THR G 319 28.62 -8.52 -16.73
N ALA G 320 28.37 -9.81 -17.00
CA ALA G 320 27.42 -10.30 -17.99
C ALA G 320 26.00 -10.46 -17.38
N LEU G 321 25.87 -10.30 -16.06
CA LEU G 321 24.62 -10.39 -15.32
C LEU G 321 24.25 -9.04 -14.67
N ALA G 322 25.22 -8.41 -13.97
CA ALA G 322 24.98 -7.26 -13.11
C ALA G 322 24.82 -5.95 -13.90
N PRO G 323 23.84 -5.08 -13.55
CA PRO G 323 23.67 -3.72 -14.09
C PRO G 323 24.96 -2.89 -14.14
N SER G 324 25.26 -2.29 -15.29
CA SER G 324 26.52 -1.59 -15.59
C SER G 324 26.82 -0.36 -14.72
N THR G 325 25.85 0.18 -13.96
CA THR G 325 26.06 1.24 -12.98
C THR G 325 26.86 0.71 -11.77
N MET G 326 26.72 -0.58 -11.40
CA MET G 326 27.50 -1.24 -10.35
C MET G 326 28.94 -1.46 -10.83
N LYS G 327 29.90 -1.50 -9.89
CA LYS G 327 31.32 -1.62 -10.16
C LYS G 327 31.80 -2.85 -9.37
N ILE G 328 31.97 -3.98 -10.07
CA ILE G 328 32.30 -5.26 -9.48
C ILE G 328 33.82 -5.31 -9.24
N LYS G 329 34.26 -5.52 -7.99
CA LYS G 329 35.62 -5.95 -7.68
C LYS G 329 35.52 -7.45 -7.32
N ILE G 330 36.54 -8.24 -7.68
CA ILE G 330 36.73 -9.60 -7.18
C ILE G 330 38.09 -9.58 -6.48
N ILE G 331 38.11 -10.01 -5.21
CA ILE G 331 39.21 -9.86 -4.27
C ILE G 331 39.76 -11.26 -4.00
N ALA G 332 41.07 -11.48 -4.17
CA ALA G 332 41.68 -12.81 -4.05
C ALA G 332 43.11 -12.76 -3.49
N PRO G 333 43.32 -12.62 -2.16
CA PRO G 333 44.64 -12.74 -1.51
C PRO G 333 45.31 -14.12 -1.81
N PRO G 334 46.64 -14.27 -1.75
CA PRO G 334 47.28 -15.59 -1.81
C PRO G 334 46.95 -16.47 -0.60
N GLU G 335 46.89 -15.89 0.61
CA GLU G 335 46.46 -16.52 1.85
C GLU G 335 44.92 -16.51 1.85
N ARG G 336 44.30 -17.56 1.30
CA ARG G 336 42.85 -17.67 1.14
C ARG G 336 42.25 -18.96 1.74
N LYS G 337 43.08 -19.97 2.05
CA LYS G 337 42.65 -21.23 2.66
C LYS G 337 42.99 -21.29 4.16
N TYR G 338 44.06 -20.61 4.61
CA TYR G 338 44.51 -20.58 6.00
C TYR G 338 44.38 -19.17 6.58
N SER G 339 43.66 -18.28 5.88
CA SER G 339 43.26 -16.93 6.26
C SER G 339 42.52 -16.91 7.61
N VAL G 340 41.52 -17.80 7.74
CA VAL G 340 40.79 -18.16 8.95
C VAL G 340 41.72 -18.43 10.14
N TRP G 341 42.68 -19.31 9.88
CA TRP G 341 43.52 -19.96 10.87
C TRP G 341 44.60 -18.98 11.38
N ILE G 342 45.31 -18.30 10.46
CA ILE G 342 46.33 -17.31 10.79
C ILE G 342 45.65 -16.08 11.45
N GLY G 343 44.44 -15.73 11.01
CA GLY G 343 43.55 -14.75 11.64
C GLY G 343 43.22 -15.11 13.09
N GLY G 344 42.83 -16.37 13.35
CA GLY G 344 42.57 -16.92 14.67
C GLY G 344 43.81 -16.93 15.58
N SER G 345 44.98 -17.23 15.01
CA SER G 345 46.27 -17.23 15.72
C SER G 345 46.65 -15.83 16.23
N ILE G 346 46.32 -14.77 15.48
CA ILE G 346 46.52 -13.38 15.86
C ILE G 346 45.51 -12.93 16.94
N LEU G 347 44.30 -13.50 16.95
CA LEU G 347 43.16 -12.98 17.71
C LEU G 347 43.18 -13.46 19.18
N ALA G 348 43.64 -14.70 19.42
CA ALA G 348 43.51 -15.47 20.66
C ALA G 348 43.70 -14.71 22.00
N SER G 349 44.86 -14.06 22.13
CA SER G 349 45.36 -13.43 23.35
C SER G 349 44.84 -11.98 23.55
N LEU G 350 44.04 -11.45 22.62
CA LEU G 350 43.30 -10.21 22.76
C LEU G 350 42.04 -10.55 23.58
N SER G 351 41.68 -9.72 24.57
CA SER G 351 40.89 -10.14 25.72
C SER G 351 39.96 -9.05 26.25
N THR G 352 39.24 -8.35 25.37
CA THR G 352 38.41 -7.20 25.73
C THR G 352 37.07 -7.61 26.38
N PHE G 353 36.34 -8.59 25.83
CA PHE G 353 34.98 -8.92 26.22
C PHE G 353 34.85 -10.43 26.46
N GLN G 354 34.30 -10.83 27.62
CA GLN G 354 34.10 -12.22 28.05
C GLN G 354 32.89 -12.89 27.36
N GLN G 355 32.28 -12.23 26.37
CA GLN G 355 30.95 -12.56 25.87
C GLN G 355 31.00 -13.63 24.77
N MET G 356 32.18 -14.01 24.27
CA MET G 356 32.36 -15.01 23.21
C MET G 356 33.20 -16.20 23.68
N TRP G 357 34.06 -16.01 24.70
CA TRP G 357 34.94 -17.04 25.25
C TRP G 357 34.12 -17.88 26.24
N ILE G 358 33.98 -19.18 25.99
CA ILE G 358 33.19 -20.14 26.75
C ILE G 358 34.18 -20.84 27.71
N THR G 359 34.07 -20.65 29.02
CA THR G 359 34.87 -21.39 30.00
C THR G 359 34.08 -22.60 30.51
N LYS G 360 34.79 -23.64 31.01
CA LYS G 360 34.21 -24.83 31.64
C LYS G 360 33.29 -24.47 32.83
N GLN G 361 33.63 -23.42 33.59
CA GLN G 361 32.86 -22.98 34.77
C GLN G 361 31.45 -22.48 34.41
N GLU G 362 31.25 -21.98 33.18
CA GLU G 362 29.96 -21.51 32.68
C GLU G 362 29.19 -22.67 32.00
N TYR G 363 29.91 -23.69 31.50
CA TYR G 363 29.32 -24.97 31.06
C TYR G 363 28.74 -25.70 32.29
N ASP G 364 29.44 -25.66 33.43
CA ASP G 364 29.01 -26.26 34.70
C ASP G 364 27.94 -25.40 35.43
N GLU G 365 27.40 -24.37 34.75
CA GLU G 365 26.32 -23.50 35.20
C GLU G 365 25.12 -23.53 34.24
N ALA G 366 25.36 -23.65 32.92
CA ALA G 366 24.35 -23.57 31.87
C ALA G 366 24.38 -24.68 30.80
N GLY G 367 25.25 -25.69 30.98
CA GLY G 367 25.35 -26.90 30.16
C GLY G 367 25.81 -26.65 28.70
N PRO G 368 25.65 -27.65 27.80
CA PRO G 368 25.91 -27.55 26.35
C PRO G 368 25.34 -26.33 25.62
N SER G 369 24.29 -25.69 26.16
CA SER G 369 23.62 -24.53 25.61
C SER G 369 24.39 -23.22 25.85
N ILE G 370 25.53 -23.24 26.58
CA ILE G 370 26.44 -22.10 26.81
C ILE G 370 26.89 -21.40 25.51
N VAL G 371 27.10 -22.19 24.44
CA VAL G 371 27.48 -21.73 23.11
C VAL G 371 26.42 -20.82 22.47
N HIS G 372 25.14 -20.96 22.88
CA HIS G 372 24.02 -20.15 22.37
C HIS G 372 23.88 -18.85 23.17
N ARG G 373 24.31 -18.81 24.43
CA ARG G 373 24.38 -17.58 25.23
C ARG G 373 25.48 -16.66 24.67
N LYS G 374 26.63 -17.25 24.34
CA LYS G 374 27.85 -16.55 23.93
C LYS G 374 27.79 -16.07 22.46
N CYS G 375 26.73 -16.42 21.72
CA CYS G 375 26.44 -15.90 20.37
C CYS G 375 26.15 -14.38 20.38
N PHE G 376 25.75 -13.85 21.53
CA PHE G 376 25.41 -12.45 21.77
C PHE G 376 26.54 -11.76 22.55
N NH2 G 377 27.74 -12.35 22.60
HN1 NH2 G 377 28.48 -11.93 23.12
HN2 NH2 G 377 27.88 -13.25 22.14
C ACE H 1 13.53 -51.75 -53.72
O ACE H 1 12.29 -52.42 -53.83
CH3 ACE H 1 13.28 -50.24 -53.58
H1 ACE H 1 12.71 -49.98 -52.68
H2 ACE H 1 12.72 -49.87 -54.44
H3 ACE H 1 14.21 -49.68 -53.53
N ASP H 2 14.09 -52.33 -52.52
CA ASP H 2 15.52 -52.01 -52.27
C ASP H 2 16.39 -53.08 -52.95
N GLU H 3 16.42 -53.07 -54.29
CA GLU H 3 17.29 -53.91 -55.13
C GLU H 3 18.70 -53.28 -55.16
N ASP H 4 19.70 -54.06 -55.61
CA ASP H 4 21.17 -53.92 -55.62
C ASP H 4 21.79 -52.52 -55.38
N GLU H 5 21.66 -52.01 -54.14
CA GLU H 5 22.32 -50.83 -53.61
C GLU H 5 23.70 -51.25 -53.07
N THR H 6 24.52 -50.28 -52.66
CA THR H 6 25.81 -50.45 -52.00
C THR H 6 25.63 -51.15 -50.63
N THR H 7 26.10 -52.40 -50.53
CA THR H 7 25.97 -53.29 -49.38
C THR H 7 26.89 -52.83 -48.23
N ALA H 8 26.49 -51.75 -47.56
CA ALA H 8 27.18 -51.04 -46.49
C ALA H 8 27.86 -51.94 -45.45
N LEU H 9 29.12 -51.62 -45.14
CA LEU H 9 29.98 -52.39 -44.24
C LEU H 9 29.77 -51.85 -42.82
N VAL H 10 29.40 -52.72 -41.88
CA VAL H 10 29.19 -52.38 -40.48
C VAL H 10 30.39 -52.99 -39.75
N CYS H 11 31.06 -52.21 -38.90
CA CYS H 11 32.19 -52.63 -38.08
C CYS H 11 32.01 -52.09 -36.65
N ASP H 12 32.32 -52.92 -35.64
CA ASP H 12 32.25 -52.57 -34.22
C ASP H 12 33.55 -52.92 -33.48
N ASN H 13 33.94 -52.04 -32.56
CA ASN H 13 35.14 -52.05 -31.73
C ASN H 13 34.87 -51.20 -30.47
N GLY H 14 34.91 -51.80 -29.26
CA GLY H 14 34.69 -51.12 -27.96
C GLY H 14 35.80 -51.37 -26.93
N SER H 15 36.68 -52.33 -27.23
CA SER H 15 37.83 -52.84 -26.51
C SER H 15 38.46 -53.79 -27.55
N GLY H 16 39.20 -54.80 -27.10
CA GLY H 16 39.98 -55.73 -27.91
C GLY H 16 39.21 -56.74 -28.79
N LEU H 17 37.90 -56.57 -29.08
CA LEU H 17 37.10 -57.49 -29.89
C LEU H 17 36.46 -56.76 -31.08
N VAL H 18 37.02 -57.02 -32.27
CA VAL H 18 36.59 -56.54 -33.58
C VAL H 18 35.43 -57.45 -34.05
N LYS H 19 34.45 -56.86 -34.73
CA LYS H 19 33.29 -57.51 -35.33
C LYS H 19 33.03 -56.73 -36.62
N ALA H 20 32.95 -57.39 -37.78
CA ALA H 20 32.67 -56.76 -39.07
C ALA H 20 31.94 -57.69 -40.04
N GLY H 21 31.28 -57.09 -41.04
CA GLY H 21 30.55 -57.78 -42.09
C GLY H 21 29.76 -56.76 -42.92
N PHE H 22 28.78 -57.26 -43.69
CA PHE H 22 27.91 -56.49 -44.57
C PHE H 22 26.54 -56.30 -43.91
N ALA H 23 25.80 -55.28 -44.32
CA ALA H 23 24.43 -54.97 -43.91
C ALA H 23 23.44 -56.10 -44.26
N GLY H 24 22.55 -56.42 -43.31
CA GLY H 24 21.49 -57.42 -43.41
C GLY H 24 21.94 -58.85 -43.05
N ASP H 25 23.25 -59.06 -42.91
CA ASP H 25 23.90 -60.34 -42.60
C ASP H 25 24.01 -60.42 -41.06
N ASP H 26 23.33 -61.38 -40.40
CA ASP H 26 23.27 -61.44 -38.93
C ASP H 26 24.53 -62.07 -38.32
N ALA H 27 25.32 -62.79 -39.12
CA ALA H 27 26.61 -63.35 -38.71
C ALA H 27 27.72 -62.37 -39.12
N PRO H 28 28.71 -62.07 -38.25
CA PRO H 28 29.90 -61.32 -38.67
C PRO H 28 30.79 -62.21 -39.55
N ARG H 29 31.33 -61.61 -40.61
CA ARG H 29 32.20 -62.25 -41.60
C ARG H 29 33.68 -62.02 -41.27
N ALA H 30 33.97 -61.14 -40.30
CA ALA H 30 35.28 -60.98 -39.69
C ALA H 30 35.04 -60.75 -38.20
N VAL H 31 35.68 -61.57 -37.36
CA VAL H 31 35.68 -61.48 -35.92
C VAL H 31 37.02 -62.08 -35.48
N PHE H 32 37.83 -61.32 -34.74
CA PHE H 32 39.18 -61.66 -34.30
C PHE H 32 39.54 -60.70 -33.15
N PRO H 33 40.54 -61.03 -32.29
CA PRO H 33 41.01 -60.11 -31.25
C PRO H 33 41.83 -58.97 -31.87
N SER H 34 41.69 -57.75 -31.36
CA SER H 34 42.35 -56.54 -31.88
C SER H 34 43.82 -56.45 -31.41
N ILE H 35 44.56 -57.56 -31.50
CA ILE H 35 45.98 -57.67 -31.15
C ILE H 35 46.81 -57.27 -32.37
N VAL H 36 47.88 -56.50 -32.12
CA VAL H 36 48.90 -56.10 -33.09
C VAL H 36 50.25 -56.49 -32.50
N GLY H 37 51.06 -57.21 -33.27
CA GLY H 37 52.41 -57.62 -32.92
C GLY H 37 53.39 -56.79 -33.73
N ARG H 38 54.10 -55.87 -33.06
CA ARG H 38 55.18 -55.07 -33.63
C ARG H 38 56.49 -55.87 -33.46
N PRO H 39 57.40 -55.93 -34.47
CA PRO H 39 58.71 -56.61 -34.37
C PRO H 39 59.57 -56.22 -33.15
N ARG H 40 60.43 -57.15 -32.69
CA ARG H 40 61.46 -56.87 -31.69
C ARG H 40 62.70 -56.22 -32.34
N HIS H 41 63.23 -56.79 -33.44
CA HIS H 41 64.56 -56.43 -33.95
C HIS H 41 64.74 -56.58 -35.47
N GLN H 42 63.80 -57.21 -36.17
CA GLN H 42 63.98 -57.73 -37.52
C GLN H 42 62.65 -57.71 -38.30
N GLY H 43 62.70 -57.40 -39.60
CA GLY H 43 61.54 -57.38 -40.50
C GLY H 43 61.64 -58.38 -41.66
N VAL H 44 62.73 -59.17 -41.72
CA VAL H 44 63.12 -59.99 -42.88
C VAL H 44 62.22 -61.22 -43.18
N MET H 45 61.20 -61.47 -42.34
CA MET H 45 60.28 -62.59 -42.48
C MET H 45 59.09 -62.31 -43.42
N VAL H 46 58.78 -61.03 -43.70
CA VAL H 46 57.60 -60.59 -44.44
C VAL H 46 57.61 -61.06 -45.91
N GLY H 47 56.44 -61.02 -46.57
CA GLY H 47 56.27 -61.14 -48.00
C GLY H 47 56.08 -59.75 -48.61
N MET H 48 55.34 -59.66 -49.71
CA MET H 48 54.91 -58.39 -50.33
C MET H 48 53.87 -57.73 -49.41
N GLY H 49 54.30 -56.81 -48.54
CA GLY H 49 53.50 -56.23 -47.46
C GLY H 49 53.12 -54.77 -47.70
N GLN H 50 52.22 -54.26 -46.86
CA GLN H 50 51.77 -52.87 -46.81
C GLN H 50 51.48 -52.44 -45.35
N LYS H 51 52.14 -53.08 -44.37
CA LYS H 51 52.24 -52.60 -43.00
C LYS H 51 53.52 -53.21 -42.38
N ASP H 52 54.08 -52.53 -41.38
CA ASP H 52 55.30 -52.89 -40.64
C ASP H 52 55.06 -54.06 -39.67
N SER H 53 53.81 -54.28 -39.26
CA SER H 53 53.45 -55.14 -38.14
C SER H 53 52.27 -56.04 -38.46
N TYR H 54 52.28 -57.24 -37.86
CA TYR H 54 51.29 -58.29 -38.03
C TYR H 54 50.16 -58.06 -37.02
N VAL H 55 48.91 -58.36 -37.39
CA VAL H 55 47.72 -58.16 -36.57
C VAL H 55 46.89 -59.44 -36.52
N GLY H 56 46.08 -59.62 -35.48
CA GLY H 56 45.09 -60.68 -35.35
C GLY H 56 45.68 -62.08 -35.50
N ASP H 57 45.18 -62.79 -36.51
CA ASP H 57 45.57 -64.11 -37.02
C ASP H 57 47.09 -64.21 -37.23
N GLU H 58 47.68 -63.17 -37.83
CA GLU H 58 49.10 -63.10 -38.16
C GLU H 58 49.94 -62.86 -36.89
N ALA H 59 49.44 -62.10 -35.91
CA ALA H 59 50.18 -61.77 -34.68
C ALA H 59 50.39 -62.98 -33.77
N GLN H 60 49.40 -63.87 -33.72
CA GLN H 60 49.44 -65.13 -32.98
C GLN H 60 50.20 -66.23 -33.75
N SER H 61 50.26 -66.13 -35.09
CA SER H 61 50.93 -67.07 -35.97
C SER H 61 52.45 -66.83 -35.99
N LYS H 62 52.91 -65.57 -36.11
CA LYS H 62 54.32 -65.24 -36.34
C LYS H 62 55.00 -64.85 -35.00
N ARG H 63 54.82 -65.71 -33.99
CA ARG H 63 55.23 -65.58 -32.59
C ARG H 63 56.76 -65.47 -32.34
N GLY H 64 57.16 -65.26 -31.07
CA GLY H 64 58.53 -65.08 -30.59
C GLY H 64 59.17 -63.73 -30.93
N ILE H 65 59.21 -63.39 -32.22
CA ILE H 65 59.96 -62.25 -32.77
C ILE H 65 59.24 -60.90 -32.62
N LEU H 66 58.02 -60.88 -32.05
CA LEU H 66 57.17 -59.70 -31.91
C LEU H 66 57.05 -59.29 -30.42
N THR H 67 56.46 -58.12 -30.21
CA THR H 67 55.99 -57.53 -28.96
C THR H 67 54.57 -56.97 -29.24
N LEU H 68 53.63 -57.18 -28.31
CA LEU H 68 52.19 -57.12 -28.54
C LEU H 68 51.60 -55.80 -28.00
N LYS H 69 50.70 -55.19 -28.77
CA LYS H 69 50.00 -53.95 -28.49
C LYS H 69 48.53 -54.09 -28.91
N TYR H 70 47.64 -53.30 -28.32
CA TYR H 70 46.20 -53.32 -28.55
C TYR H 70 45.78 -51.86 -28.76
N PRO H 71 45.32 -51.44 -29.96
CA PRO H 71 45.20 -50.01 -30.31
C PRO H 71 43.96 -49.28 -29.75
N ILE H 72 42.93 -50.00 -29.27
CA ILE H 72 41.64 -49.44 -28.84
C ILE H 72 41.13 -50.10 -27.55
N GLU H 73 42.01 -50.73 -26.77
CA GLU H 73 41.62 -51.66 -25.70
C GLU H 73 40.79 -51.05 -24.55
N HIS H 74 40.94 -49.74 -24.29
CA HIS H 74 40.20 -49.00 -23.25
C HIS H 74 38.92 -48.35 -23.80
N GLY H 75 38.65 -48.55 -25.09
CA GLY H 75 37.63 -47.84 -25.87
C GLY H 75 38.22 -46.56 -26.49
N ILE H 76 39.19 -45.96 -25.80
CA ILE H 76 40.02 -44.86 -26.29
C ILE H 76 41.06 -45.48 -27.25
N ILE H 77 41.28 -44.85 -28.41
CA ILE H 77 42.29 -45.24 -29.38
C ILE H 77 43.63 -44.66 -28.90
N THR H 78 44.57 -45.54 -28.53
CA THR H 78 45.85 -45.21 -27.92
C THR H 78 46.98 -45.19 -28.97
N ASN H 79 46.74 -45.73 -30.18
CA ASN H 79 47.61 -45.64 -31.34
C ASN H 79 46.74 -45.83 -32.60
N TRP H 80 46.79 -44.84 -33.50
CA TRP H 80 45.98 -44.76 -34.71
C TRP H 80 46.55 -45.63 -35.84
N ASP H 81 47.89 -45.74 -35.95
CA ASP H 81 48.55 -46.45 -37.06
C ASP H 81 48.37 -47.99 -36.88
N ASP H 82 48.24 -48.51 -35.65
CA ASP H 82 47.91 -49.91 -35.38
C ASP H 82 46.40 -50.17 -35.48
N MET H 83 45.55 -49.16 -35.22
CA MET H 83 44.10 -49.27 -35.42
C MET H 83 43.76 -49.38 -36.91
N GLU H 84 44.48 -48.61 -37.75
CA GLU H 84 44.39 -48.68 -39.20
C GLU H 84 44.80 -50.06 -39.73
N LYS H 85 45.85 -50.69 -39.16
CA LYS H 85 46.31 -52.02 -39.57
C LYS H 85 45.27 -53.12 -39.32
N ILE H 86 44.50 -53.02 -38.22
CA ILE H 86 43.37 -53.86 -37.87
C ILE H 86 42.26 -53.73 -38.93
N TRP H 87 41.80 -52.50 -39.22
CA TRP H 87 40.79 -52.22 -40.24
C TRP H 87 41.24 -52.67 -41.64
N HIS H 88 42.49 -52.35 -42.02
CA HIS H 88 43.13 -52.74 -43.28
C HIS H 88 43.19 -54.27 -43.48
N HIS H 89 43.45 -55.01 -42.39
CA HIS H 89 43.44 -56.47 -42.37
C HIS H 89 42.00 -57.01 -42.47
N THR H 90 41.07 -56.40 -41.71
CA THR H 90 39.64 -56.74 -41.72
C THR H 90 39.07 -56.64 -43.16
N PHE H 91 39.24 -55.47 -43.80
CA PHE H 91 38.66 -55.15 -45.10
C PHE H 91 39.26 -55.99 -46.23
N TYR H 92 40.58 -55.88 -46.45
CA TYR H 92 41.21 -56.36 -47.68
C TYR H 92 41.66 -57.83 -47.59
N ASN H 93 41.37 -58.52 -46.49
CA ASN H 93 41.84 -59.89 -46.22
C ASN H 93 40.74 -60.79 -45.67
N GLU H 94 39.98 -60.35 -44.66
CA GLU H 94 39.04 -61.21 -43.93
C GLU H 94 37.58 -61.02 -44.38
N LEU H 95 37.17 -59.81 -44.77
CA LEU H 95 35.95 -59.58 -45.54
C LEU H 95 36.24 -59.72 -47.05
N ARG H 96 37.49 -59.49 -47.45
CA ARG H 96 38.09 -59.59 -48.78
C ARG H 96 37.29 -58.84 -49.87
N VAL H 97 37.00 -57.56 -49.60
CA VAL H 97 36.31 -56.59 -50.46
C VAL H 97 36.99 -55.21 -50.34
N ALA H 98 36.53 -54.25 -51.16
CA ALA H 98 37.04 -52.89 -51.27
C ALA H 98 36.12 -51.88 -50.54
N PRO H 99 36.52 -51.27 -49.40
CA PRO H 99 35.89 -50.08 -48.79
C PRO H 99 35.54 -48.94 -49.76
N GLU H 100 36.35 -48.77 -50.82
CA GLU H 100 36.14 -47.87 -51.96
C GLU H 100 34.74 -47.94 -52.61
N GLU H 101 34.07 -49.10 -52.55
CA GLU H 101 32.76 -49.34 -53.14
C GLU H 101 31.60 -49.05 -52.14
N HIS H 102 31.82 -49.16 -50.81
CA HIS H 102 30.73 -49.38 -49.84
C HIS H 102 30.72 -48.33 -48.72
N PRO H 103 29.55 -47.73 -48.37
CA PRO H 103 29.36 -46.92 -47.15
C PRO H 103 29.79 -47.70 -45.90
N THR H 104 30.50 -47.05 -44.96
CA THR H 104 31.02 -47.74 -43.77
C THR H 104 30.45 -47.10 -42.49
N LEU H 105 29.79 -47.93 -41.67
CA LEU H 105 29.23 -47.58 -40.38
C LEU H 105 30.21 -48.15 -39.34
N LEU H 106 30.83 -47.25 -38.57
CA LEU H 106 31.75 -47.58 -37.47
C LEU H 106 31.10 -47.13 -36.17
N THR H 107 31.33 -47.84 -35.06
CA THR H 107 30.81 -47.49 -33.75
C THR H 107 31.78 -46.53 -33.01
N GLU H 108 31.19 -45.58 -32.28
CA GLU H 108 31.84 -44.78 -31.26
C GLU H 108 31.78 -45.59 -29.96
N ALA H 109 32.96 -45.91 -29.42
CA ALA H 109 33.14 -46.64 -28.18
C ALA H 109 33.10 -45.64 -27.00
N PRO H 110 32.50 -46.00 -25.83
CA PRO H 110 32.42 -45.15 -24.63
C PRO H 110 33.74 -44.50 -24.21
N LEU H 111 33.63 -43.26 -23.69
CA LEU H 111 34.67 -42.44 -23.05
C LEU H 111 35.47 -41.56 -24.01
N ASN H 112 35.33 -41.72 -25.33
CA ASN H 112 36.06 -40.92 -26.33
C ASN H 112 35.52 -39.49 -26.43
N PRO H 113 36.38 -38.47 -26.67
CA PRO H 113 35.92 -37.13 -27.06
C PRO H 113 35.50 -37.12 -28.53
N LYS H 114 34.66 -36.16 -28.92
CA LYS H 114 34.23 -35.95 -30.31
C LYS H 114 35.40 -35.73 -31.30
N ALA H 115 36.52 -35.19 -30.80
CA ALA H 115 37.76 -34.96 -31.52
C ALA H 115 38.42 -36.25 -32.05
N ASN H 116 38.12 -37.42 -31.47
CA ASN H 116 38.65 -38.71 -31.92
C ASN H 116 37.90 -39.19 -33.17
N ARG H 117 36.64 -38.76 -33.36
CA ARG H 117 35.79 -39.14 -34.50
C ARG H 117 36.36 -38.60 -35.82
N GLU H 118 36.95 -37.41 -35.78
CA GLU H 118 37.58 -36.71 -36.89
C GLU H 118 38.73 -37.54 -37.48
N LYS H 119 39.48 -38.22 -36.60
CA LYS H 119 40.69 -38.93 -36.97
C LYS H 119 40.32 -40.32 -37.54
N MET H 120 39.15 -40.86 -37.16
CA MET H 120 38.50 -41.99 -37.86
C MET H 120 37.93 -41.53 -39.22
N THR H 121 37.31 -40.34 -39.28
CA THR H 121 36.68 -39.79 -40.49
C THR H 121 37.75 -39.51 -41.57
N GLN H 122 38.91 -38.96 -41.17
CA GLN H 122 40.16 -38.84 -41.94
C GLN H 122 40.56 -40.18 -42.58
N ILE H 123 40.91 -41.19 -41.77
CA ILE H 123 41.33 -42.53 -42.21
C ILE H 123 40.30 -43.19 -43.15
N MET H 124 39.00 -43.07 -42.85
CA MET H 124 37.91 -43.63 -43.66
C MET H 124 37.88 -43.05 -45.08
N PHE H 125 37.95 -41.73 -45.22
CA PHE H 125 37.89 -41.07 -46.53
C PHE H 125 39.27 -41.01 -47.22
N GLU H 126 40.37 -40.92 -46.47
CA GLU H 126 41.69 -40.50 -46.99
C GLU H 126 42.82 -41.49 -46.71
N THR H 127 42.54 -42.66 -46.10
CA THR H 127 43.30 -43.89 -46.32
C THR H 127 42.44 -44.80 -47.21
N PHE H 128 41.23 -45.18 -46.75
CA PHE H 128 40.47 -46.31 -47.32
C PHE H 128 39.51 -45.89 -48.44
N ASN H 129 39.27 -44.58 -48.64
CA ASN H 129 38.53 -44.00 -49.77
C ASN H 129 37.03 -44.33 -49.77
N VAL H 130 36.46 -44.59 -48.58
CA VAL H 130 35.05 -44.86 -48.33
C VAL H 130 34.15 -43.72 -48.89
N PRO H 131 33.09 -44.01 -49.68
CA PRO H 131 32.25 -42.98 -50.28
C PRO H 131 31.27 -42.30 -49.30
N ALA H 132 30.86 -42.98 -48.23
CA ALA H 132 29.92 -42.48 -47.22
C ALA H 132 30.27 -43.05 -45.84
N MET H 133 30.32 -42.19 -44.81
CA MET H 133 30.81 -42.51 -43.47
C MET H 133 29.77 -42.10 -42.42
N TYR H 134 29.56 -42.93 -41.40
CA TYR H 134 28.65 -42.69 -40.27
C TYR H 134 29.26 -43.24 -38.98
N VAL H 135 29.22 -42.42 -37.91
CA VAL H 135 29.61 -42.78 -36.56
C VAL H 135 28.31 -43.00 -35.75
N ALA H 136 28.02 -44.26 -35.41
CA ALA H 136 26.89 -44.65 -34.57
C ALA H 136 27.38 -44.90 -33.13
N ILE H 137 26.49 -44.86 -32.12
CA ILE H 137 26.84 -45.12 -30.72
C ILE H 137 26.66 -46.62 -30.46
N GLN H 138 27.73 -47.28 -29.96
CA GLN H 138 27.85 -48.71 -29.67
C GLN H 138 26.70 -49.29 -28.83
N ALA H 139 26.46 -48.64 -27.68
CA ALA H 139 25.50 -49.10 -26.67
C ALA H 139 24.05 -48.98 -27.12
N VAL H 140 23.70 -47.90 -27.83
CA VAL H 140 22.34 -47.59 -28.30
C VAL H 140 21.84 -48.64 -29.32
N LEU H 141 22.72 -49.12 -30.20
CA LEU H 141 22.43 -50.21 -31.15
C LEU H 141 22.14 -51.53 -30.42
N SER H 142 22.85 -51.82 -29.32
CA SER H 142 22.63 -53.01 -28.49
C SER H 142 21.37 -52.83 -27.62
N LEU H 143 21.07 -51.60 -27.17
CA LEU H 143 19.86 -51.24 -26.41
C LEU H 143 18.61 -51.37 -27.29
N TYR H 144 18.63 -50.82 -28.52
CA TYR H 144 17.55 -50.93 -29.50
C TYR H 144 17.37 -52.40 -29.95
N ALA H 145 18.46 -53.19 -30.05
CA ALA H 145 18.39 -54.63 -30.32
C ALA H 145 17.83 -55.43 -29.13
N SER H 146 18.09 -54.99 -27.90
CA SER H 146 17.45 -55.50 -26.67
C SER H 146 15.94 -55.14 -26.63
N GLY H 147 15.52 -54.13 -27.38
CA GLY H 147 14.14 -53.67 -27.51
C GLY H 147 13.79 -52.64 -26.44
N ARG H 148 14.70 -51.71 -26.16
CA ARG H 148 14.54 -50.61 -25.23
C ARG H 148 14.98 -49.30 -25.90
N THR H 149 14.50 -48.19 -25.37
CA THR H 149 14.92 -46.82 -25.67
C THR H 149 15.63 -46.22 -24.43
N THR H 150 15.24 -46.64 -23.22
CA THR H 150 15.84 -46.28 -21.93
C THR H 150 16.29 -47.57 -21.23
N GLY H 151 17.47 -47.56 -20.59
CA GLY H 151 18.01 -48.68 -19.84
C GLY H 151 19.48 -48.43 -19.50
N ILE H 152 20.18 -49.45 -19.00
CA ILE H 152 21.62 -49.40 -18.75
C ILE H 152 22.29 -50.58 -19.43
N VAL H 153 23.09 -50.28 -20.46
CA VAL H 153 23.88 -51.25 -21.20
C VAL H 153 25.19 -51.46 -20.44
N LEU H 154 25.51 -52.73 -20.22
CA LEU H 154 26.76 -53.23 -19.69
C LEU H 154 27.43 -54.02 -20.84
N ASP H 155 28.62 -53.58 -21.26
CA ASP H 155 29.56 -54.36 -22.07
C ASP H 155 30.73 -54.74 -21.15
N SER H 156 31.39 -55.85 -21.45
CA SER H 156 32.54 -56.41 -20.78
C SER H 156 33.43 -56.93 -21.92
N GLY H 157 34.48 -56.18 -22.21
CA GLY H 157 35.27 -56.26 -23.42
C GLY H 157 36.37 -57.29 -23.32
N ASP H 158 37.62 -56.84 -23.48
CA ASP H 158 38.84 -57.65 -23.41
C ASP H 158 39.73 -57.12 -22.27
N GLY H 159 39.90 -55.80 -22.20
CA GLY H 159 40.71 -55.12 -21.19
C GLY H 159 39.90 -54.28 -20.20
N VAL H 160 38.66 -53.90 -20.55
CA VAL H 160 37.80 -53.00 -19.78
C VAL H 160 36.34 -53.49 -19.82
N THR H 161 35.55 -53.10 -18.83
CA THR H 161 34.09 -53.27 -18.77
C THR H 161 33.48 -51.87 -18.65
N HIS H 162 32.46 -51.58 -19.49
CA HIS H 162 31.79 -50.29 -19.62
C HIS H 162 30.34 -50.41 -19.10
N ASN H 163 29.93 -49.52 -18.20
CA ASN H 163 28.51 -49.26 -17.90
C ASN H 163 28.10 -47.97 -18.61
N VAL H 164 27.05 -48.04 -19.43
CA VAL H 164 26.49 -46.93 -20.20
C VAL H 164 24.99 -46.82 -19.86
N PRO H 165 24.56 -45.92 -18.93
CA PRO H 165 23.15 -45.64 -18.68
C PRO H 165 22.60 -44.70 -19.78
N ILE H 166 21.42 -45.02 -20.32
CA ILE H 166 20.80 -44.35 -21.44
C ILE H 166 19.35 -43.98 -21.09
N TYR H 167 18.94 -42.77 -21.46
CA TYR H 167 17.57 -42.31 -21.50
C TYR H 167 17.26 -41.98 -22.97
N GLU H 168 16.27 -42.68 -23.53
CA GLU H 168 15.61 -42.47 -24.82
C GLU H 168 16.58 -42.26 -25.99
N GLY H 169 17.46 -43.24 -26.19
CA GLY H 169 18.43 -43.31 -27.27
C GLY H 169 19.76 -42.57 -27.00
N TYR H 170 19.87 -41.88 -25.85
CA TYR H 170 21.00 -40.99 -25.53
C TYR H 170 21.64 -41.39 -24.20
N ALA H 171 22.96 -41.61 -24.20
CA ALA H 171 23.75 -42.01 -23.03
C ALA H 171 24.01 -40.80 -22.13
N LEU H 172 23.76 -40.95 -20.82
CA LEU H 172 23.88 -39.92 -19.80
C LEU H 172 25.35 -39.87 -19.35
N PRO H 173 26.16 -38.87 -19.78
CA PRO H 173 27.63 -38.96 -19.76
C PRO H 173 28.25 -38.85 -18.37
N HIS H 174 27.61 -38.08 -17.48
CA HIS H 174 27.96 -37.87 -16.08
C HIS H 174 27.69 -39.11 -15.19
N ALA H 175 27.08 -40.15 -15.77
CA ALA H 175 26.75 -41.40 -15.11
C ALA H 175 27.44 -42.61 -15.76
N ILE H 176 28.15 -42.45 -16.89
CA ILE H 176 28.99 -43.49 -17.50
C ILE H 176 30.20 -43.75 -16.56
N MET H 177 30.48 -45.03 -16.34
CA MET H 177 31.54 -45.57 -15.51
C MET H 177 32.21 -46.72 -16.27
N ARG H 178 33.51 -46.92 -16.06
CA ARG H 178 34.29 -47.98 -16.65
C ARG H 178 35.10 -48.60 -15.51
N LEU H 179 35.15 -49.94 -15.47
CA LEU H 179 36.00 -50.72 -14.59
C LEU H 179 37.02 -51.34 -15.54
N ASP H 180 38.31 -51.02 -15.38
CA ASP H 180 39.36 -51.40 -16.35
C ASP H 180 39.86 -52.82 -16.06
N LEU H 181 38.91 -53.76 -16.06
CA LEU H 181 39.06 -55.18 -15.96
C LEU H 181 38.07 -55.81 -16.94
N ALA H 182 38.50 -56.84 -17.66
CA ALA H 182 37.70 -57.81 -18.40
C ALA H 182 38.62 -59.00 -18.72
N GLY H 183 38.32 -59.70 -19.81
CA GLY H 183 39.01 -60.84 -20.42
C GLY H 183 40.47 -61.13 -20.03
N ARG H 184 41.40 -60.21 -20.30
CA ARG H 184 42.85 -60.37 -20.08
C ARG H 184 43.27 -60.67 -18.64
N ASP H 185 43.19 -59.73 -17.67
CA ASP H 185 43.59 -59.99 -16.27
C ASP H 185 42.72 -61.08 -15.60
N LEU H 186 41.53 -61.37 -16.14
CA LEU H 186 40.69 -62.52 -15.77
C LEU H 186 41.33 -63.86 -16.24
N THR H 187 41.98 -63.89 -17.41
CA THR H 187 42.66 -65.07 -17.94
C THR H 187 44.01 -65.27 -17.20
N ASP H 188 44.65 -64.18 -16.76
CA ASP H 188 45.86 -64.24 -15.91
C ASP H 188 45.49 -64.65 -14.47
N TYR H 189 44.30 -64.27 -13.99
CA TYR H 189 43.72 -64.82 -12.76
C TYR H 189 43.42 -66.32 -12.90
N LEU H 190 42.90 -66.78 -14.05
CA LEU H 190 42.75 -68.22 -14.35
C LEU H 190 44.11 -68.95 -14.27
N MET H 191 45.16 -68.36 -14.87
CA MET H 191 46.53 -68.89 -14.81
C MET H 191 47.07 -68.93 -13.37
N LYS H 192 46.78 -67.92 -12.53
CA LYS H 192 47.13 -67.93 -11.11
C LYS H 192 46.42 -69.07 -10.33
N ILE H 193 45.13 -69.35 -10.57
CA ILE H 193 44.44 -70.44 -9.86
C ILE H 193 44.73 -71.82 -10.51
N LEU H 194 45.11 -71.88 -11.79
CA LEU H 194 45.61 -73.11 -12.42
C LEU H 194 47.09 -73.38 -12.08
N THR H 195 47.84 -72.40 -11.53
CA THR H 195 49.18 -72.61 -10.98
C THR H 195 49.09 -73.46 -9.68
N GLU H 196 47.93 -73.43 -8.97
CA GLU H 196 47.65 -74.31 -7.84
C GLU H 196 47.48 -75.78 -8.25
N ARG H 197 47.16 -76.04 -9.52
CA ARG H 197 47.04 -77.36 -10.11
C ARG H 197 48.34 -77.74 -10.87
N GLY H 198 49.28 -76.80 -11.03
CA GLY H 198 50.59 -77.03 -11.66
C GLY H 198 50.55 -77.08 -13.19
N TYR H 199 49.52 -76.52 -13.85
CA TYR H 199 49.42 -76.44 -15.31
C TYR H 199 50.20 -75.22 -15.83
N SER H 200 50.99 -75.43 -16.90
CA SER H 200 51.84 -74.43 -17.53
C SER H 200 51.21 -74.00 -18.86
N PHE H 201 51.21 -72.69 -19.13
CA PHE H 201 50.90 -72.04 -20.39
C PHE H 201 51.90 -70.89 -20.43
N VAL H 202 52.82 -70.84 -21.40
CA VAL H 202 54.00 -69.95 -21.35
C VAL H 202 54.34 -69.31 -22.70
N THR H 203 54.04 -69.97 -23.82
CA THR H 203 54.22 -69.43 -25.17
C THR H 203 53.02 -68.55 -25.57
N THR H 204 53.18 -67.79 -26.66
CA THR H 204 52.12 -67.01 -27.31
C THR H 204 51.02 -67.95 -27.86
N ALA H 205 51.38 -69.19 -28.22
CA ALA H 205 50.48 -70.23 -28.72
C ALA H 205 49.57 -70.77 -27.60
N GLU H 206 50.13 -71.01 -26.41
CA GLU H 206 49.40 -71.50 -25.23
C GLU H 206 48.51 -70.41 -24.60
N ARG H 207 48.72 -69.12 -24.92
CA ARG H 207 47.89 -68.02 -24.41
C ARG H 207 46.49 -68.00 -25.05
N GLU H 208 46.34 -68.50 -26.29
CA GLU H 208 45.05 -68.68 -26.96
C GLU H 208 44.28 -69.80 -26.26
N ILE H 209 44.95 -70.92 -25.99
CA ILE H 209 44.45 -72.13 -25.33
C ILE H 209 43.81 -71.81 -23.96
N VAL H 210 44.54 -71.13 -23.07
CA VAL H 210 44.05 -70.83 -21.72
C VAL H 210 42.93 -69.77 -21.74
N ARG H 211 42.88 -68.89 -22.74
CA ARG H 211 41.74 -67.98 -22.93
C ARG H 211 40.55 -68.79 -23.47
N ASP H 212 40.74 -69.69 -24.43
CA ASP H 212 39.69 -70.56 -24.99
C ASP H 212 39.08 -71.52 -23.93
N ILE H 213 39.89 -71.99 -22.96
CA ILE H 213 39.45 -72.63 -21.70
C ILE H 213 38.50 -71.71 -20.92
N LYS H 214 38.95 -70.48 -20.63
CA LYS H 214 38.22 -69.39 -19.99
C LYS H 214 36.92 -69.03 -20.73
N GLU H 215 36.85 -69.17 -22.05
CA GLU H 215 35.66 -68.93 -22.88
C GLU H 215 34.67 -70.10 -22.71
N LYS H 216 35.16 -71.34 -22.85
CA LYS H 216 34.33 -72.54 -22.96
C LYS H 216 33.79 -73.05 -21.61
N LEU H 217 34.66 -73.19 -20.61
CA LEU H 217 34.40 -74.07 -19.47
C LEU H 217 33.98 -73.31 -18.22
N CYS H 218 34.14 -71.98 -18.21
CA CYS H 218 33.80 -71.12 -17.08
C CYS H 218 32.32 -70.74 -17.12
N TYR H 219 31.76 -70.47 -15.95
CA TYR H 219 30.38 -70.06 -15.69
C TYR H 219 30.37 -69.35 -14.34
N VAL H 220 29.35 -68.54 -14.05
CA VAL H 220 29.23 -67.82 -12.79
C VAL H 220 28.27 -68.62 -11.89
N ALA H 221 28.61 -68.72 -10.61
CA ALA H 221 27.78 -69.35 -9.58
C ALA H 221 26.63 -68.42 -9.18
N LEU H 222 25.47 -68.99 -8.84
CA LEU H 222 24.31 -68.23 -8.37
C LEU H 222 24.51 -67.71 -6.93
N ASP H 223 25.18 -68.51 -6.09
CA ASP H 223 25.79 -68.16 -4.81
C ASP H 223 27.07 -68.99 -4.72
N PHE H 224 28.23 -68.31 -4.70
CA PHE H 224 29.58 -68.89 -4.75
C PHE H 224 29.81 -70.03 -3.74
N GLU H 225 29.52 -69.79 -2.45
CA GLU H 225 29.78 -70.73 -1.38
C GLU H 225 28.74 -71.88 -1.37
N ASN H 226 27.59 -71.71 -2.05
CA ASN H 226 26.61 -72.78 -2.22
C ASN H 226 27.03 -73.68 -3.39
N GLU H 227 27.51 -73.11 -4.50
CA GLU H 227 28.10 -73.82 -5.63
C GLU H 227 29.31 -74.66 -5.19
N MET H 228 30.19 -74.08 -4.35
CA MET H 228 31.39 -74.72 -3.80
C MET H 228 31.06 -75.83 -2.78
N ALA H 229 29.93 -75.72 -2.08
CA ALA H 229 29.46 -76.74 -1.14
C ALA H 229 28.75 -77.88 -1.88
N THR H 230 27.83 -77.56 -2.80
CA THR H 230 27.07 -78.54 -3.57
C THR H 230 27.92 -79.24 -4.65
N ALA H 231 29.12 -78.72 -4.96
CA ALA H 231 30.17 -79.31 -5.79
C ALA H 231 30.42 -80.80 -5.53
N ALA H 232 30.47 -81.17 -4.24
CA ALA H 232 30.70 -82.53 -3.75
C ALA H 232 29.47 -83.45 -3.88
N SER H 233 28.39 -83.00 -4.54
CA SER H 233 27.21 -83.78 -4.90
C SER H 233 26.63 -83.33 -6.25
N SER H 234 27.42 -82.62 -7.06
CA SER H 234 27.02 -82.08 -8.35
C SER H 234 27.29 -83.13 -9.44
N SER H 235 26.60 -83.02 -10.57
CA SER H 235 26.60 -83.99 -11.68
C SER H 235 27.82 -83.75 -12.59
N SER H 236 29.02 -83.90 -12.01
CA SER H 236 30.35 -83.72 -12.59
C SER H 236 30.65 -82.22 -12.75
N LEU H 237 31.43 -81.67 -11.81
CA LEU H 237 31.92 -80.29 -11.83
C LEU H 237 33.15 -80.19 -12.75
N GLU H 238 34.00 -81.22 -12.76
CA GLU H 238 35.16 -81.46 -13.62
C GLU H 238 34.78 -81.34 -15.10
N LYS H 239 35.48 -80.52 -15.89
CA LYS H 239 35.36 -80.49 -17.36
C LYS H 239 36.75 -80.35 -17.98
N SER H 240 36.91 -80.90 -19.18
CA SER H 240 38.19 -81.11 -19.85
C SER H 240 38.42 -80.09 -20.98
N TYR H 241 39.67 -79.98 -21.43
CA TYR H 241 40.07 -79.31 -22.66
C TYR H 241 41.15 -80.17 -23.32
N GLU H 242 40.83 -80.68 -24.50
CA GLU H 242 41.59 -81.53 -25.36
C GLU H 242 42.52 -80.63 -26.19
N LEU H 243 43.83 -80.74 -25.95
CA LEU H 243 44.88 -79.93 -26.57
C LEU H 243 45.19 -80.47 -27.97
N PRO H 244 45.64 -79.61 -28.92
CA PRO H 244 45.78 -79.97 -30.34
C PRO H 244 46.94 -80.93 -30.68
N ASP H 245 47.79 -81.24 -29.71
CA ASP H 245 48.86 -82.24 -29.75
C ASP H 245 48.39 -83.57 -29.12
N GLY H 246 47.14 -83.63 -28.62
CA GLY H 246 46.47 -84.84 -28.16
C GLY H 246 46.49 -85.04 -26.63
N GLN H 247 47.07 -84.11 -25.87
CA GLN H 247 47.05 -84.10 -24.41
C GLN H 247 45.73 -83.49 -23.91
N VAL H 248 45.45 -83.54 -22.60
CA VAL H 248 44.21 -83.09 -21.99
C VAL H 248 44.51 -82.28 -20.71
N ILE H 249 43.91 -81.08 -20.59
CA ILE H 249 43.75 -80.32 -19.35
C ILE H 249 42.38 -80.74 -18.77
N THR H 250 42.20 -80.72 -17.46
CA THR H 250 40.90 -80.80 -16.80
C THR H 250 40.84 -79.77 -15.66
N ILE H 251 39.69 -79.11 -15.52
CA ILE H 251 39.44 -77.99 -14.63
C ILE H 251 38.20 -78.30 -13.79
N GLY H 252 38.29 -78.12 -12.47
CA GLY H 252 37.24 -78.39 -11.49
C GLY H 252 36.64 -77.11 -10.97
N ASN H 253 36.81 -76.83 -9.67
CA ASN H 253 36.32 -75.67 -8.91
C ASN H 253 36.76 -74.33 -9.55
N GLU H 254 37.92 -74.34 -10.22
CA GLU H 254 38.54 -73.23 -10.95
C GLU H 254 37.72 -72.77 -12.17
N ARG H 255 36.69 -73.54 -12.60
CA ARG H 255 35.75 -73.12 -13.63
C ARG H 255 34.94 -71.88 -13.20
N PHE H 256 34.33 -71.90 -12.01
CA PHE H 256 33.50 -70.80 -11.53
C PHE H 256 34.25 -69.91 -10.53
N ARG H 257 35.30 -70.42 -9.87
CA ARG H 257 36.20 -69.63 -9.01
C ARG H 257 36.99 -68.56 -9.78
N CYS H 258 37.15 -68.69 -11.11
CA CYS H 258 37.73 -67.66 -11.98
C CYS H 258 36.83 -66.40 -12.11
N PRO H 259 35.63 -66.41 -12.73
CA PRO H 259 34.72 -65.26 -12.87
C PRO H 259 34.43 -64.33 -11.68
N GLU H 260 34.53 -64.79 -10.42
CA GLU H 260 34.19 -64.02 -9.22
C GLU H 260 35.04 -62.73 -9.04
N THR H 261 36.23 -62.64 -9.65
CA THR H 261 37.04 -61.42 -9.66
C THR H 261 36.39 -60.26 -10.46
N LEU H 262 35.29 -60.49 -11.19
CA LEU H 262 34.48 -59.44 -11.81
C LEU H 262 33.48 -58.85 -10.79
N PHE H 263 33.16 -59.58 -9.71
CA PHE H 263 32.28 -59.14 -8.62
C PHE H 263 33.11 -58.69 -7.40
N GLN H 264 34.38 -59.12 -7.29
CA GLN H 264 35.37 -58.65 -6.31
C GLN H 264 36.77 -58.51 -6.95
N PRO H 265 37.06 -57.42 -7.71
CA PRO H 265 38.39 -57.09 -8.29
C PRO H 265 39.62 -57.22 -7.37
N SER H 266 39.43 -57.22 -6.04
CA SER H 266 40.43 -57.45 -5.01
C SER H 266 41.13 -58.82 -5.09
N PHE H 267 40.57 -59.80 -5.80
CA PHE H 267 41.21 -61.10 -6.05
C PHE H 267 42.41 -61.00 -7.03
N ILE H 268 42.51 -59.91 -7.82
CA ILE H 268 43.68 -59.53 -8.61
C ILE H 268 44.34 -58.25 -8.03
N GLY H 269 43.94 -57.84 -6.82
CA GLY H 269 44.56 -56.77 -6.05
C GLY H 269 44.00 -55.37 -6.32
N MET H 270 42.91 -55.22 -7.09
CA MET H 270 42.29 -53.91 -7.33
C MET H 270 41.36 -53.57 -6.17
N GLU H 271 41.45 -52.34 -5.64
CA GLU H 271 40.52 -51.80 -4.63
C GLU H 271 39.17 -51.39 -5.25
N SER H 272 39.09 -51.43 -6.58
CA SER H 272 37.95 -51.11 -7.43
C SER H 272 36.72 -51.99 -7.10
N ALA H 273 35.53 -51.41 -7.30
CA ALA H 273 34.25 -52.03 -7.02
C ALA H 273 33.87 -52.99 -8.16
N GLY H 274 33.09 -54.04 -7.86
CA GLY H 274 32.65 -55.05 -8.81
C GLY H 274 31.66 -54.53 -9.86
N ILE H 275 31.38 -55.33 -10.90
CA ILE H 275 30.44 -55.01 -11.98
C ILE H 275 29.05 -54.59 -11.46
N HIS H 276 28.50 -55.29 -10.47
CA HIS H 276 27.22 -54.97 -9.82
C HIS H 276 27.27 -53.66 -9.04
N GLU H 277 28.35 -53.42 -8.28
CA GLU H 277 28.63 -52.18 -7.58
C GLU H 277 28.75 -51.01 -8.58
N THR H 278 29.52 -51.17 -9.66
CA THR H 278 29.75 -50.15 -10.69
C THR H 278 28.44 -49.78 -11.42
N THR H 279 27.59 -50.78 -11.71
CA THR H 279 26.28 -50.60 -12.33
C THR H 279 25.34 -49.81 -11.40
N TYR H 280 25.31 -50.19 -10.11
CA TYR H 280 24.54 -49.55 -9.05
C TYR H 280 24.96 -48.08 -8.83
N ASN H 281 26.28 -47.83 -8.78
CA ASN H 281 26.88 -46.48 -8.72
C ASN H 281 26.55 -45.63 -9.95
N SER H 282 26.63 -46.24 -11.16
CA SER H 282 26.27 -45.64 -12.44
C SER H 282 24.79 -45.23 -12.47
N ILE H 283 23.85 -46.11 -12.06
CA ILE H 283 22.42 -45.80 -11.93
C ILE H 283 22.17 -44.64 -10.95
N MET H 284 22.88 -44.58 -9.81
CA MET H 284 22.66 -43.55 -8.79
C MET H 284 23.08 -42.12 -9.20
N LYS H 285 23.94 -41.95 -10.22
CA LYS H 285 24.24 -40.63 -10.80
C LYS H 285 23.26 -40.24 -11.93
N CYS H 286 22.26 -41.07 -12.25
CA CYS H 286 21.17 -40.76 -13.18
C CYS H 286 19.95 -40.25 -12.39
N ASP H 287 19.06 -39.51 -13.06
CA ASP H 287 17.85 -38.84 -12.54
C ASP H 287 16.85 -39.80 -11.87
N ILE H 288 16.40 -39.40 -10.68
CA ILE H 288 15.49 -40.06 -9.72
C ILE H 288 14.24 -40.62 -10.41
N ASP H 289 13.67 -39.82 -11.32
CA ASP H 289 12.44 -40.08 -12.09
C ASP H 289 12.47 -41.41 -12.83
N ILE H 290 13.62 -41.74 -13.45
CA ILE H 290 13.75 -42.80 -14.44
C ILE H 290 14.62 -43.98 -13.97
N ARG H 291 15.23 -43.94 -12.76
CA ARG H 291 16.09 -45.02 -12.23
C ARG H 291 15.41 -46.41 -12.22
N LYS H 292 14.08 -46.42 -12.09
CA LYS H 292 13.18 -47.57 -12.19
C LYS H 292 13.41 -48.42 -13.46
N ASP H 293 13.31 -47.79 -14.64
CA ASP H 293 13.48 -48.44 -15.95
C ASP H 293 14.98 -48.50 -16.34
N LEU H 294 15.91 -48.10 -15.45
CA LEU H 294 17.32 -48.50 -15.56
C LEU H 294 17.51 -49.82 -14.78
N TYR H 295 17.01 -49.92 -13.54
CA TYR H 295 17.01 -51.13 -12.72
C TYR H 295 16.27 -52.32 -13.38
N ALA H 296 15.19 -52.03 -14.13
CA ALA H 296 14.38 -53.02 -14.82
C ALA H 296 14.90 -53.35 -16.23
N ASN H 297 15.98 -52.69 -16.70
CA ASN H 297 16.50 -52.82 -18.06
C ASN H 297 18.03 -52.78 -18.06
N ASN H 298 18.68 -53.59 -17.22
CA ASN H 298 20.13 -53.77 -17.29
C ASN H 298 20.40 -54.77 -18.43
N VAL H 299 20.77 -54.22 -19.59
CA VAL H 299 21.08 -54.97 -20.80
C VAL H 299 22.54 -55.44 -20.68
N MET H 300 22.75 -56.74 -20.62
CA MET H 300 24.06 -57.37 -20.68
C MET H 300 24.35 -57.67 -22.16
N SER H 301 25.27 -56.89 -22.73
CA SER H 301 25.85 -57.05 -24.06
C SER H 301 27.15 -57.89 -23.90
N GLY H 302 28.10 -57.65 -24.79
CA GLY H 302 29.52 -57.87 -24.54
C GLY H 302 30.08 -59.29 -24.63
N GLY H 303 31.42 -59.37 -24.59
CA GLY H 303 32.20 -60.57 -24.88
C GLY H 303 32.52 -61.38 -23.62
N THR H 304 33.01 -60.72 -22.57
CA THR H 304 33.33 -61.35 -21.30
C THR H 304 32.03 -61.59 -20.48
N THR H 305 30.93 -60.86 -20.75
CA THR H 305 29.62 -61.03 -20.13
C THR H 305 28.78 -62.16 -20.77
N MET H 306 29.39 -63.09 -21.51
CA MET H 306 28.71 -64.20 -22.19
C MET H 306 28.32 -65.36 -21.26
N TYR H 307 28.91 -65.45 -20.06
CA TYR H 307 28.89 -66.66 -19.22
C TYR H 307 27.48 -67.08 -18.71
N PRO H 308 27.16 -68.39 -18.64
CA PRO H 308 26.01 -68.90 -17.90
C PRO H 308 26.03 -68.45 -16.42
N GLY H 309 24.85 -68.16 -15.86
CA GLY H 309 24.66 -67.75 -14.47
C GLY H 309 24.94 -66.27 -14.20
N ILE H 310 25.56 -65.53 -15.14
CA ILE H 310 26.04 -64.17 -14.89
C ILE H 310 24.91 -63.14 -14.81
N ALA H 311 23.81 -63.34 -15.55
CA ALA H 311 22.68 -62.40 -15.58
C ALA H 311 21.76 -62.65 -14.37
N ASP H 312 21.61 -63.93 -14.07
CA ASP H 312 20.93 -64.59 -12.96
C ASP H 312 21.56 -64.12 -11.65
N ARG H 313 22.89 -64.21 -11.56
CA ARG H 313 23.72 -63.70 -10.47
C ARG H 313 23.62 -62.17 -10.36
N MET H 314 23.67 -61.43 -11.48
CA MET H 314 23.56 -59.96 -11.49
C MET H 314 22.21 -59.48 -10.92
N GLN H 315 21.13 -60.24 -11.14
CA GLN H 315 19.82 -60.03 -10.54
C GLN H 315 19.91 -60.25 -9.01
N LYS H 316 20.45 -61.40 -8.60
CA LYS H 316 20.69 -61.84 -7.22
C LYS H 316 21.63 -60.89 -6.42
N GLU H 317 22.60 -60.25 -7.08
CA GLU H 317 23.56 -59.31 -6.52
C GLU H 317 22.93 -57.92 -6.42
N ILE H 318 22.31 -57.39 -7.49
CA ILE H 318 21.69 -56.06 -7.49
C ILE H 318 20.49 -56.00 -6.51
N THR H 319 19.73 -57.08 -6.33
CA THR H 319 18.67 -57.18 -5.32
C THR H 319 19.17 -57.14 -3.86
N ALA H 320 20.47 -57.33 -3.60
CA ALA H 320 21.05 -57.16 -2.27
C ALA H 320 21.47 -55.69 -2.02
N LEU H 321 21.77 -54.94 -3.09
CA LEU H 321 22.23 -53.56 -3.03
C LEU H 321 21.06 -52.57 -3.16
N ALA H 322 20.09 -52.86 -4.04
CA ALA H 322 19.06 -51.92 -4.47
C ALA H 322 17.89 -51.86 -3.46
N PRO H 323 17.20 -50.70 -3.37
CA PRO H 323 15.95 -50.55 -2.60
C PRO H 323 14.88 -51.61 -2.92
N SER H 324 14.23 -52.13 -1.87
CA SER H 324 13.26 -53.22 -1.89
C SER H 324 12.04 -53.04 -2.83
N THR H 325 11.69 -51.79 -3.17
CA THR H 325 10.54 -51.44 -4.00
C THR H 325 10.89 -51.39 -5.51
N MET H 326 12.16 -51.58 -5.90
CA MET H 326 12.60 -51.53 -7.29
C MET H 326 12.60 -52.97 -7.87
N LYS H 327 11.81 -53.19 -8.91
CA LYS H 327 11.64 -54.48 -9.58
C LYS H 327 12.83 -54.73 -10.55
N ILE H 328 13.93 -55.27 -10.01
CA ILE H 328 15.21 -55.49 -10.71
C ILE H 328 15.06 -56.54 -11.82
N LYS H 329 15.41 -56.17 -13.07
CA LYS H 329 15.43 -57.05 -14.23
C LYS H 329 16.68 -56.79 -15.07
N ILE H 330 17.45 -57.86 -15.31
CA ILE H 330 18.58 -57.92 -16.22
C ILE H 330 18.03 -58.66 -17.47
N ILE H 331 18.55 -58.32 -18.65
CA ILE H 331 18.17 -58.90 -19.94
C ILE H 331 19.43 -59.01 -20.82
N ALA H 332 19.43 -59.95 -21.77
CA ALA H 332 20.50 -60.12 -22.75
C ALA H 332 19.97 -60.91 -23.95
N PRO H 333 20.28 -60.53 -25.20
CA PRO H 333 20.18 -61.41 -26.38
C PRO H 333 21.02 -62.71 -26.21
N PRO H 334 20.72 -63.80 -26.95
CA PRO H 334 21.58 -64.99 -26.98
C PRO H 334 22.96 -64.72 -27.61
N GLU H 335 23.02 -64.01 -28.75
CA GLU H 335 24.22 -63.63 -29.48
C GLU H 335 24.84 -62.33 -28.90
N ARG H 336 24.67 -62.06 -27.59
CA ARG H 336 25.02 -60.81 -26.89
C ARG H 336 26.37 -60.18 -27.27
N LYS H 337 27.41 -61.01 -27.47
CA LYS H 337 28.75 -60.63 -27.96
C LYS H 337 28.75 -59.91 -29.32
N TYR H 338 27.69 -60.03 -30.11
CA TYR H 338 27.52 -59.43 -31.43
C TYR H 338 26.34 -58.44 -31.46
N SER H 339 25.57 -58.27 -30.38
CA SER H 339 24.26 -57.59 -30.38
C SER H 339 24.23 -56.13 -30.89
N VAL H 340 25.30 -55.36 -30.63
CA VAL H 340 25.53 -54.04 -31.22
C VAL H 340 25.62 -54.13 -32.76
N TRP H 341 26.45 -55.06 -33.23
CA TRP H 341 26.79 -55.25 -34.64
C TRP H 341 25.59 -55.80 -35.42
N ILE H 342 24.85 -56.77 -34.83
CA ILE H 342 23.59 -57.30 -35.36
C ILE H 342 22.54 -56.17 -35.50
N GLY H 343 22.37 -55.35 -34.45
CA GLY H 343 21.48 -54.18 -34.46
C GLY H 343 21.84 -53.15 -35.54
N GLY H 344 23.14 -52.90 -35.73
CA GLY H 344 23.68 -52.06 -36.80
C GLY H 344 23.44 -52.66 -38.19
N SER H 345 23.79 -53.94 -38.39
CA SER H 345 23.57 -54.73 -39.61
C SER H 345 22.11 -54.73 -40.07
N ILE H 346 21.16 -54.93 -39.13
CA ILE H 346 19.72 -54.88 -39.38
C ILE H 346 19.27 -53.48 -39.84
N LEU H 347 19.72 -52.42 -39.16
CA LEU H 347 19.35 -51.03 -39.43
C LEU H 347 20.00 -50.49 -40.72
N ALA H 348 21.11 -51.08 -41.16
CA ALA H 348 21.87 -50.68 -42.35
C ALA H 348 21.32 -51.27 -43.66
N SER H 349 20.18 -51.97 -43.63
CA SER H 349 19.54 -52.57 -44.79
C SER H 349 18.94 -51.50 -45.72
N LEU H 350 17.79 -50.93 -45.35
CA LEU H 350 16.98 -49.98 -46.13
C LEU H 350 17.73 -48.66 -46.30
N SER H 351 17.80 -48.14 -47.54
CA SER H 351 18.75 -47.09 -47.91
C SER H 351 18.29 -45.66 -47.55
N THR H 352 19.26 -44.85 -47.11
CA THR H 352 19.35 -43.39 -47.18
C THR H 352 18.89 -42.63 -45.91
N PHE H 353 19.81 -41.85 -45.29
CA PHE H 353 19.54 -40.90 -44.21
C PHE H 353 20.52 -39.73 -44.29
N GLN H 354 20.14 -38.65 -44.99
CA GLN H 354 21.04 -37.58 -45.42
C GLN H 354 21.61 -36.74 -44.26
N GLN H 355 20.92 -36.66 -43.11
CA GLN H 355 21.38 -35.90 -41.96
C GLN H 355 22.35 -36.71 -41.06
N MET H 356 22.53 -38.02 -41.30
CA MET H 356 23.39 -38.87 -40.49
C MET H 356 24.74 -39.11 -41.19
N TRP H 357 24.69 -39.55 -42.45
CA TRP H 357 25.85 -40.00 -43.22
C TRP H 357 26.59 -38.82 -43.84
N ILE H 358 27.90 -38.79 -43.68
CA ILE H 358 28.81 -37.81 -44.25
C ILE H 358 29.24 -38.37 -45.62
N THR H 359 29.17 -37.56 -46.67
CA THR H 359 29.77 -37.81 -47.97
C THR H 359 30.99 -36.85 -48.12
N LYS H 360 31.94 -37.20 -49.01
CA LYS H 360 33.21 -36.48 -49.16
C LYS H 360 33.05 -35.00 -49.55
N GLN H 361 32.01 -34.65 -50.33
CA GLN H 361 31.71 -33.27 -50.72
C GLN H 361 31.37 -32.36 -49.52
N GLU H 362 30.83 -32.93 -48.42
CA GLU H 362 30.48 -32.19 -47.21
C GLU H 362 31.70 -32.10 -46.28
N TYR H 363 32.57 -33.12 -46.30
CA TYR H 363 33.88 -33.13 -45.65
C TYR H 363 34.81 -32.09 -46.30
N ASP H 364 34.81 -31.96 -47.63
CA ASP H 364 35.64 -31.01 -48.39
C ASP H 364 35.12 -29.56 -48.32
N GLU H 365 34.00 -29.32 -47.61
CA GLU H 365 33.53 -27.99 -47.21
C GLU H 365 33.95 -27.73 -45.75
N ALA H 366 33.59 -28.65 -44.85
CA ALA H 366 33.58 -28.44 -43.40
C ALA H 366 34.84 -28.95 -42.69
N GLY H 367 35.68 -29.71 -43.39
CA GLY H 367 36.77 -30.53 -42.84
C GLY H 367 36.26 -31.80 -42.14
N PRO H 368 37.17 -32.64 -41.57
CA PRO H 368 36.85 -33.81 -40.73
C PRO H 368 35.81 -33.59 -39.62
N SER H 369 35.74 -32.35 -39.11
CA SER H 369 34.82 -31.81 -38.11
C SER H 369 33.33 -31.82 -38.55
N ILE H 370 33.00 -32.22 -39.78
CA ILE H 370 31.65 -32.55 -40.28
C ILE H 370 30.91 -33.55 -39.38
N VAL H 371 31.66 -34.47 -38.76
CA VAL H 371 31.21 -35.53 -37.85
C VAL H 371 30.68 -34.98 -36.50
N HIS H 372 30.81 -33.67 -36.25
CA HIS H 372 30.20 -32.98 -35.12
C HIS H 372 28.84 -32.41 -35.53
N ARG H 373 28.64 -32.06 -36.80
CA ARG H 373 27.42 -31.43 -37.32
C ARG H 373 26.30 -32.46 -37.48
N LYS H 374 26.58 -33.64 -38.07
CA LYS H 374 25.55 -34.61 -38.45
C LYS H 374 25.26 -35.57 -37.29
N CYS H 375 26.30 -36.22 -36.76
CA CYS H 375 26.20 -37.25 -35.74
C CYS H 375 26.13 -36.55 -34.36
N PHE H 376 24.97 -35.96 -34.03
CA PHE H 376 24.69 -35.12 -32.85
C PHE H 376 25.19 -35.74 -31.52
N NH2 H 377 24.71 -36.92 -31.16
HN1 NH2 H 377 24.95 -37.34 -30.28
HN2 NH2 H 377 24.02 -37.36 -31.76
C ACE I 1 75.31 -85.18 20.22
O ACE I 1 76.70 -85.19 20.05
CH3 ACE I 1 74.73 -86.43 19.56
H1 ACE I 1 74.98 -86.47 18.49
H2 ACE I 1 73.64 -86.46 19.66
H3 ACE I 1 75.13 -87.33 20.03
N ASP I 2 74.82 -84.01 19.50
CA ASP I 2 75.21 -82.68 20.03
C ASP I 2 74.91 -82.56 21.53
N GLU I 3 75.80 -81.92 22.28
CA GLU I 3 75.78 -81.80 23.75
C GLU I 3 75.61 -80.34 24.20
N ASP I 4 75.04 -79.49 23.32
CA ASP I 4 74.64 -78.10 23.59
C ASP I 4 73.15 -78.08 24.03
N GLU I 5 72.50 -76.92 24.01
CA GLU I 5 71.10 -76.70 24.39
C GLU I 5 70.12 -77.39 23.41
N THR I 6 68.89 -77.61 23.88
CA THR I 6 67.82 -78.24 23.10
C THR I 6 67.16 -77.18 22.20
N THR I 7 66.91 -77.52 20.92
CA THR I 7 66.41 -76.60 19.92
C THR I 7 65.58 -77.36 18.87
N ALA I 8 65.10 -76.64 17.85
CA ALA I 8 64.31 -77.17 16.75
C ALA I 8 65.21 -77.57 15.57
N LEU I 9 64.69 -78.45 14.71
CA LEU I 9 65.25 -78.84 13.43
C LEU I 9 64.75 -77.82 12.40
N VAL I 10 65.63 -77.33 11.53
CA VAL I 10 65.30 -76.34 10.50
C VAL I 10 65.34 -77.13 9.18
N CYS I 11 64.18 -77.41 8.59
CA CYS I 11 64.05 -77.97 7.25
C CYS I 11 63.73 -76.79 6.33
N ASP I 12 64.37 -76.73 5.15
CA ASP I 12 63.85 -75.96 4.02
C ASP I 12 63.52 -76.98 2.93
N ASN I 13 62.28 -76.91 2.43
CA ASN I 13 61.75 -77.67 1.30
C ASN I 13 62.31 -77.13 -0.03
N GLY I 14 62.71 -75.85 -0.01
CA GLY I 14 63.57 -75.23 -1.00
C GLY I 14 62.91 -75.01 -2.35
N SER I 15 63.70 -75.26 -3.39
CA SER I 15 63.41 -75.03 -4.79
C SER I 15 64.21 -76.06 -5.61
N GLY I 16 64.19 -77.33 -5.15
CA GLY I 16 64.93 -78.47 -5.69
C GLY I 16 66.01 -78.98 -4.72
N LEU I 17 66.61 -78.09 -3.91
CA LEU I 17 67.67 -78.40 -2.93
C LEU I 17 67.10 -78.27 -1.51
N VAL I 18 67.05 -79.38 -0.78
CA VAL I 18 66.66 -79.46 0.63
C VAL I 18 67.88 -79.03 1.47
N LYS I 19 67.63 -78.42 2.63
CA LYS I 19 68.64 -77.92 3.56
C LYS I 19 68.18 -78.33 4.96
N ALA I 20 69.11 -78.83 5.79
CA ALA I 20 68.84 -79.32 7.13
C ALA I 20 69.98 -79.02 8.12
N GLY I 21 69.62 -78.66 9.35
CA GLY I 21 70.50 -78.37 10.47
C GLY I 21 69.64 -77.98 11.67
N PHE I 22 70.27 -77.63 12.78
CA PHE I 22 69.60 -77.28 14.03
C PHE I 22 69.51 -75.75 14.12
N ALA I 23 68.43 -75.28 14.76
CA ALA I 23 68.10 -73.88 14.92
C ALA I 23 69.08 -73.21 15.89
N GLY I 24 70.11 -72.60 15.32
CA GLY I 24 71.28 -72.09 16.01
C GLY I 24 72.50 -72.14 15.10
N ASP I 25 72.59 -73.16 14.21
CA ASP I 25 73.68 -73.33 13.26
C ASP I 25 73.57 -72.24 12.18
N ASP I 26 74.68 -71.53 11.89
CA ASP I 26 74.75 -70.45 10.89
C ASP I 26 74.69 -70.95 9.44
N ALA I 27 74.88 -72.25 9.21
CA ALA I 27 74.85 -72.89 7.90
C ALA I 27 74.25 -74.30 8.05
N PRO I 28 73.56 -74.84 7.03
CA PRO I 28 72.99 -76.19 7.10
C PRO I 28 74.09 -77.25 7.12
N ARG I 29 73.91 -78.26 7.96
CA ARG I 29 74.85 -79.36 8.18
C ARG I 29 74.68 -80.42 7.09
N ALA I 30 73.42 -80.69 6.73
CA ALA I 30 73.02 -81.61 5.68
C ALA I 30 72.36 -80.78 4.59
N VAL I 31 72.77 -80.99 3.35
CA VAL I 31 72.16 -80.45 2.15
C VAL I 31 72.12 -81.60 1.16
N PHE I 32 70.95 -81.90 0.59
CA PHE I 32 70.75 -82.97 -0.38
C PHE I 32 69.77 -82.47 -1.44
N PRO I 33 69.88 -82.89 -2.71
CA PRO I 33 68.89 -82.55 -3.73
C PRO I 33 67.62 -83.39 -3.50
N SER I 34 66.46 -82.78 -3.69
CA SER I 34 65.15 -83.39 -3.45
C SER I 34 64.80 -84.33 -4.63
N ILE I 35 65.58 -85.40 -4.81
CA ILE I 35 65.38 -86.47 -5.78
C ILE I 35 64.89 -87.69 -5.00
N VAL I 36 63.95 -88.44 -5.57
CA VAL I 36 63.69 -89.84 -5.29
C VAL I 36 63.94 -90.57 -6.62
N GLY I 37 64.62 -91.71 -6.56
CA GLY I 37 64.89 -92.59 -7.69
C GLY I 37 63.99 -93.81 -7.56
N ARG I 38 63.14 -94.05 -8.56
CA ARG I 38 62.35 -95.27 -8.70
C ARG I 38 63.06 -96.13 -9.77
N PRO I 39 63.20 -97.46 -9.60
CA PRO I 39 63.78 -98.38 -10.61
C PRO I 39 63.16 -98.26 -12.03
N ARG I 40 63.98 -98.50 -13.06
CA ARG I 40 63.52 -98.85 -14.41
C ARG I 40 63.30 -100.38 -14.50
N HIS I 41 63.77 -101.17 -13.54
CA HIS I 41 63.55 -102.61 -13.43
C HIS I 41 63.59 -103.03 -11.95
N GLN I 42 64.63 -103.73 -11.53
CA GLN I 42 64.79 -104.23 -10.16
C GLN I 42 65.38 -103.14 -9.25
N GLY I 43 65.08 -103.24 -7.95
CA GLY I 43 65.80 -102.56 -6.88
C GLY I 43 67.17 -103.20 -6.66
N VAL I 44 68.19 -102.41 -6.33
CA VAL I 44 69.53 -102.91 -5.97
C VAL I 44 69.48 -103.46 -4.55
N MET I 45 69.29 -104.79 -4.45
CA MET I 45 69.29 -105.57 -3.22
C MET I 45 70.74 -105.90 -2.81
N VAL I 46 71.56 -104.85 -2.65
CA VAL I 46 72.98 -104.90 -2.31
C VAL I 46 73.22 -103.83 -1.24
N GLY I 47 73.22 -104.26 0.02
CA GLY I 47 73.34 -103.40 1.20
C GLY I 47 72.54 -104.04 2.34
N MET I 48 72.41 -103.33 3.47
CA MET I 48 71.57 -103.76 4.59
C MET I 48 70.17 -103.12 4.46
N GLY I 49 70.11 -101.84 4.09
CA GLY I 49 68.87 -101.13 3.80
C GLY I 49 68.57 -101.29 2.30
N GLN I 50 67.69 -102.25 1.99
CA GLN I 50 67.21 -102.60 0.66
C GLN I 50 66.34 -101.46 0.08
N LYS I 51 66.18 -101.42 -1.25
CA LYS I 51 65.68 -100.23 -1.95
C LYS I 51 64.72 -100.55 -3.10
N ASP I 52 63.42 -100.46 -2.81
CA ASP I 52 62.32 -100.34 -3.77
C ASP I 52 62.32 -98.93 -4.39
N SER I 53 62.88 -97.96 -3.67
CA SER I 53 63.13 -96.58 -4.09
C SER I 53 64.41 -96.09 -3.41
N TYR I 54 65.18 -95.27 -4.12
CA TYR I 54 66.41 -94.61 -3.70
C TYR I 54 66.04 -93.13 -3.42
N VAL I 55 66.74 -92.43 -2.52
CA VAL I 55 66.51 -91.02 -2.22
C VAL I 55 67.86 -90.29 -2.30
N GLY I 56 67.85 -88.97 -2.55
CA GLY I 56 68.95 -88.04 -2.34
C GLY I 56 70.29 -88.43 -2.94
N ASP I 57 71.23 -88.82 -2.07
CA ASP I 57 72.60 -89.25 -2.35
C ASP I 57 72.59 -90.55 -3.17
N GLU I 58 71.76 -91.52 -2.77
CA GLU I 58 71.65 -92.83 -3.38
C GLU I 58 70.93 -92.75 -4.74
N ALA I 59 70.07 -91.74 -4.92
CA ALA I 59 69.41 -91.43 -6.18
C ALA I 59 70.36 -90.75 -7.20
N GLN I 60 71.52 -90.23 -6.74
CA GLN I 60 72.61 -89.76 -7.61
C GLN I 60 73.67 -90.87 -7.80
N SER I 61 73.87 -91.72 -6.80
CA SER I 61 74.97 -92.71 -6.75
C SER I 61 74.58 -94.08 -7.33
N LYS I 62 73.32 -94.27 -7.75
CA LYS I 62 72.92 -95.39 -8.60
C LYS I 62 72.90 -94.85 -10.04
N ARG I 63 73.32 -95.68 -11.01
CA ARG I 63 73.36 -95.37 -12.43
C ARG I 63 72.57 -96.48 -13.16
N GLY I 64 71.95 -96.12 -14.29
CA GLY I 64 71.30 -96.94 -15.31
C GLY I 64 70.05 -97.75 -14.91
N ILE I 65 69.98 -98.22 -13.66
CA ILE I 65 68.93 -99.10 -13.15
C ILE I 65 67.64 -98.33 -12.76
N LEU I 66 67.63 -97.01 -12.85
CA LEU I 66 66.65 -96.12 -12.26
C LEU I 66 66.16 -95.03 -13.21
N THR I 67 65.10 -94.36 -12.79
CA THR I 67 64.57 -93.11 -13.30
C THR I 67 64.26 -92.24 -12.08
N LEU I 68 64.26 -90.92 -12.23
CA LEU I 68 64.27 -89.97 -11.12
C LEU I 68 62.96 -89.18 -11.12
N LYS I 69 62.50 -88.82 -9.92
CA LYS I 69 61.36 -87.99 -9.62
C LYS I 69 61.79 -86.97 -8.56
N TYR I 70 61.29 -85.74 -8.66
CA TYR I 70 61.75 -84.62 -7.86
C TYR I 70 60.50 -83.99 -7.23
N PRO I 71 59.98 -84.48 -6.10
CA PRO I 71 58.58 -84.24 -5.66
C PRO I 71 58.20 -82.80 -5.26
N ILE I 72 59.09 -81.84 -5.48
CA ILE I 72 58.96 -80.40 -5.33
C ILE I 72 59.16 -79.75 -6.73
N GLU I 73 58.78 -80.46 -7.82
CA GLU I 73 59.20 -80.29 -9.23
C GLU I 73 59.22 -78.82 -9.68
N HIS I 74 58.08 -78.15 -9.50
CA HIS I 74 57.84 -76.78 -9.95
C HIS I 74 57.84 -75.85 -8.73
N GLY I 75 58.73 -76.07 -7.76
CA GLY I 75 58.94 -75.18 -6.61
C GLY I 75 57.78 -75.17 -5.61
N ILE I 76 56.93 -76.19 -5.69
CA ILE I 76 55.74 -76.46 -4.92
C ILE I 76 55.61 -77.98 -4.94
N ILE I 77 55.06 -78.58 -3.88
CA ILE I 77 54.98 -80.04 -3.73
C ILE I 77 53.95 -80.56 -4.74
N THR I 78 54.45 -81.14 -5.83
CA THR I 78 53.70 -81.73 -6.92
C THR I 78 53.34 -83.18 -6.56
N ASN I 79 54.37 -83.97 -6.23
CA ASN I 79 54.33 -85.43 -6.20
C ASN I 79 54.41 -85.88 -4.75
N TRP I 80 53.32 -85.70 -4.01
CA TRP I 80 53.16 -85.99 -2.59
C TRP I 80 53.49 -87.43 -2.19
N ASP I 81 53.35 -88.39 -3.12
CA ASP I 81 53.65 -89.82 -3.01
C ASP I 81 55.16 -90.13 -3.13
N ASP I 82 56.03 -89.11 -3.19
CA ASP I 82 57.48 -89.21 -2.97
C ASP I 82 58.05 -88.13 -2.03
N MET I 83 57.27 -87.11 -1.64
CA MET I 83 57.71 -86.03 -0.75
C MET I 83 57.77 -86.49 0.71
N GLU I 84 57.03 -87.56 1.06
CA GLU I 84 57.11 -88.22 2.35
C GLU I 84 58.48 -88.88 2.52
N LYS I 85 59.06 -89.43 1.43
CA LYS I 85 60.39 -90.05 1.43
C LYS I 85 61.49 -88.99 1.59
N ILE I 86 61.31 -87.79 1.02
CA ILE I 86 62.19 -86.63 1.24
C ILE I 86 62.23 -86.26 2.74
N TRP I 87 61.08 -86.12 3.40
CA TRP I 87 60.99 -85.77 4.82
C TRP I 87 61.48 -86.92 5.72
N HIS I 88 61.10 -88.17 5.42
CA HIS I 88 61.61 -89.39 6.07
C HIS I 88 63.14 -89.48 6.01
N HIS I 89 63.74 -89.20 4.83
CA HIS I 89 65.18 -89.14 4.62
C HIS I 89 65.81 -87.96 5.39
N THR I 90 65.18 -86.78 5.40
CA THR I 90 65.65 -85.58 6.12
C THR I 90 65.81 -85.86 7.63
N PHE I 91 64.86 -86.60 8.21
CA PHE I 91 64.86 -86.90 9.65
C PHE I 91 65.77 -88.11 9.92
N TYR I 92 65.37 -89.31 9.47
CA TYR I 92 65.91 -90.57 9.97
C TYR I 92 67.22 -90.96 9.25
N ASN I 93 67.57 -90.33 8.12
CA ASN I 93 68.84 -90.54 7.42
C ASN I 93 69.77 -89.35 7.68
N GLU I 94 69.41 -88.11 7.32
CA GLU I 94 70.28 -86.93 7.42
C GLU I 94 70.44 -86.44 8.87
N LEU I 95 69.39 -85.85 9.49
CA LEU I 95 69.47 -85.12 10.76
C LEU I 95 69.82 -85.98 11.98
N ARG I 96 69.58 -87.30 11.91
CA ARG I 96 69.99 -88.35 12.83
C ARG I 96 69.03 -88.64 13.98
N VAL I 97 68.03 -87.77 14.19
CA VAL I 97 67.19 -87.71 15.38
C VAL I 97 65.71 -87.83 15.02
N ALA I 98 64.90 -88.17 16.02
CA ALA I 98 63.46 -88.44 15.95
C ALA I 98 62.66 -87.14 15.81
N PRO I 99 61.82 -86.95 14.76
CA PRO I 99 60.93 -85.79 14.65
C PRO I 99 59.78 -85.83 15.68
N GLU I 100 59.47 -87.00 16.26
CA GLU I 100 58.50 -87.21 17.32
C GLU I 100 59.01 -86.61 18.65
N GLU I 101 60.33 -86.52 18.83
CA GLU I 101 60.98 -85.85 19.95
C GLU I 101 61.24 -84.38 19.61
N HIS I 102 61.87 -84.09 18.46
CA HIS I 102 62.48 -82.79 18.18
C HIS I 102 61.63 -82.00 17.16
N PRO I 103 61.02 -80.85 17.54
CA PRO I 103 60.22 -79.97 16.66
C PRO I 103 60.92 -79.56 15.35
N THR I 104 60.15 -79.39 14.27
CA THR I 104 60.65 -79.06 12.94
C THR I 104 60.02 -77.74 12.45
N LEU I 105 60.85 -76.77 12.02
CA LEU I 105 60.41 -75.64 11.20
C LEU I 105 60.44 -76.10 9.74
N LEU I 106 59.38 -75.80 8.99
CA LEU I 106 59.27 -76.02 7.55
C LEU I 106 59.08 -74.67 6.85
N THR I 107 59.45 -74.59 5.58
CA THR I 107 59.30 -73.42 4.73
C THR I 107 58.16 -73.67 3.72
N GLU I 108 57.45 -72.60 3.35
CA GLU I 108 56.49 -72.56 2.26
C GLU I 108 57.08 -71.70 1.14
N ALA I 109 56.73 -72.05 -0.11
CA ALA I 109 57.18 -71.37 -1.31
C ALA I 109 56.21 -70.22 -1.61
N PRO I 110 56.69 -68.98 -1.90
CA PRO I 110 55.86 -67.84 -2.30
C PRO I 110 54.86 -68.15 -3.44
N LEU I 111 53.58 -67.82 -3.24
CA LEU I 111 52.47 -67.92 -4.21
C LEU I 111 51.86 -69.34 -4.23
N ASN I 112 51.92 -70.05 -3.10
CA ASN I 112 51.38 -71.38 -2.86
C ASN I 112 49.85 -71.34 -2.55
N PRO I 113 49.09 -72.41 -2.87
CA PRO I 113 47.68 -72.52 -2.48
C PRO I 113 47.54 -72.83 -0.99
N LYS I 114 46.38 -72.47 -0.40
CA LYS I 114 46.00 -72.71 1.01
C LYS I 114 46.19 -74.18 1.42
N ALA I 115 45.73 -75.10 0.56
CA ALA I 115 45.82 -76.55 0.69
C ALA I 115 47.26 -77.10 0.87
N ASN I 116 48.29 -76.36 0.44
CA ASN I 116 49.69 -76.77 0.61
C ASN I 116 50.15 -76.44 2.05
N ARG I 117 49.61 -75.39 2.69
CA ARG I 117 49.92 -75.05 4.08
C ARG I 117 49.29 -76.10 5.01
N GLU I 118 48.02 -76.42 4.73
CA GLU I 118 47.17 -77.37 5.43
C GLU I 118 47.79 -78.77 5.39
N LYS I 119 48.10 -79.29 4.20
CA LYS I 119 48.56 -80.67 4.04
C LYS I 119 50.05 -80.86 4.33
N MET I 120 50.83 -79.77 4.44
CA MET I 120 52.18 -79.78 5.01
C MET I 120 52.09 -79.89 6.55
N THR I 121 51.08 -79.26 7.18
CA THR I 121 50.85 -79.34 8.61
C THR I 121 50.24 -80.72 8.97
N GLN I 122 49.35 -81.24 8.12
CA GLN I 122 48.61 -82.50 8.26
C GLN I 122 49.51 -83.72 8.51
N ILE I 123 50.24 -84.19 7.49
CA ILE I 123 51.01 -85.43 7.57
C ILE I 123 52.28 -85.28 8.46
N MET I 124 52.69 -84.05 8.80
CA MET I 124 53.74 -83.80 9.78
C MET I 124 53.26 -84.12 11.21
N PHE I 125 52.00 -83.79 11.54
CA PHE I 125 51.43 -84.08 12.86
C PHE I 125 50.76 -85.47 12.92
N GLU I 126 50.34 -86.05 11.78
CA GLU I 126 49.66 -87.35 11.75
C GLU I 126 50.66 -88.50 11.53
N THR I 127 51.56 -88.40 10.54
CA THR I 127 52.45 -89.51 10.18
C THR I 127 53.75 -89.37 10.98
N PHE I 128 54.42 -88.21 10.92
CA PHE I 128 55.71 -87.99 11.58
C PHE I 128 55.53 -87.53 13.04
N ASN I 129 54.28 -87.30 13.49
CA ASN I 129 53.87 -87.16 14.90
C ASN I 129 54.51 -85.99 15.66
N VAL I 130 55.03 -84.99 14.93
CA VAL I 130 55.88 -83.90 15.44
C VAL I 130 55.24 -83.15 16.62
N PRO I 131 55.98 -82.82 17.72
CA PRO I 131 55.39 -82.15 18.88
C PRO I 131 55.07 -80.66 18.64
N ALA I 132 55.79 -80.01 17.72
CA ALA I 132 55.52 -78.65 17.28
C ALA I 132 56.16 -78.36 15.92
N MET I 133 55.60 -77.38 15.20
CA MET I 133 56.12 -76.87 13.94
C MET I 133 55.76 -75.40 13.67
N TYR I 134 56.37 -74.81 12.64
CA TYR I 134 56.09 -73.47 12.12
C TYR I 134 56.32 -73.50 10.61
N VAL I 135 55.46 -72.81 9.86
CA VAL I 135 55.47 -72.66 8.40
C VAL I 135 55.78 -71.16 8.14
N ALA I 136 56.79 -70.85 7.34
CA ALA I 136 57.26 -69.49 7.05
C ALA I 136 57.62 -69.31 5.56
N ILE I 137 57.42 -68.11 5.02
CA ILE I 137 57.68 -67.75 3.63
C ILE I 137 59.18 -67.44 3.48
N GLN I 138 59.85 -68.18 2.58
CA GLN I 138 61.31 -68.15 2.32
C GLN I 138 61.87 -66.75 2.02
N ALA I 139 61.11 -65.92 1.30
CA ALA I 139 61.52 -64.58 0.89
C ALA I 139 61.64 -63.63 2.11
N VAL I 140 60.69 -63.70 3.05
CA VAL I 140 60.65 -62.89 4.27
C VAL I 140 61.88 -63.21 5.14
N LEU I 141 62.23 -64.50 5.31
CA LEU I 141 63.43 -64.96 6.03
C LEU I 141 64.72 -64.39 5.43
N SER I 142 64.82 -64.40 4.10
CA SER I 142 65.99 -63.90 3.37
C SER I 142 66.06 -62.35 3.43
N LEU I 143 64.92 -61.67 3.27
CA LEU I 143 64.77 -60.21 3.31
C LEU I 143 65.14 -59.65 4.70
N TYR I 144 64.68 -60.32 5.77
CA TYR I 144 64.90 -59.92 7.16
C TYR I 144 66.35 -60.24 7.59
N ALA I 145 66.94 -61.34 7.11
CA ALA I 145 68.38 -61.64 7.28
C ALA I 145 69.27 -60.64 6.51
N SER I 146 68.74 -60.04 5.43
CA SER I 146 69.36 -58.95 4.68
C SER I 146 68.94 -57.57 5.26
N GLY I 147 68.23 -57.54 6.39
CA GLY I 147 67.97 -56.36 7.22
C GLY I 147 66.84 -55.45 6.72
N ARG I 148 65.97 -55.94 5.83
CA ARG I 148 64.84 -55.20 5.27
C ARG I 148 63.53 -55.80 5.80
N THR I 149 62.49 -54.97 5.89
CA THR I 149 61.11 -55.39 6.07
C THR I 149 60.32 -55.19 4.75
N THR I 150 60.70 -54.17 3.96
CA THR I 150 60.18 -53.84 2.64
C THR I 150 61.30 -54.09 1.62
N GLY I 151 60.97 -54.49 0.39
CA GLY I 151 61.92 -54.67 -0.70
C GLY I 151 61.41 -55.72 -1.67
N ILE I 152 62.28 -56.19 -2.56
CA ILE I 152 61.98 -57.24 -3.52
C ILE I 152 63.11 -58.28 -3.47
N VAL I 153 62.77 -59.51 -3.10
CA VAL I 153 63.67 -60.65 -3.13
C VAL I 153 63.52 -61.26 -4.52
N LEU I 154 64.63 -61.46 -5.21
CA LEU I 154 64.71 -62.30 -6.40
C LEU I 154 65.35 -63.60 -5.90
N ASP I 155 64.59 -64.70 -5.90
CA ASP I 155 65.13 -66.06 -5.71
C ASP I 155 65.33 -66.65 -7.11
N SER I 156 66.40 -67.43 -7.28
CA SER I 156 66.65 -68.26 -8.43
C SER I 156 67.20 -69.58 -7.89
N GLY I 157 66.31 -70.57 -7.77
CA GLY I 157 66.55 -71.88 -7.24
C GLY I 157 67.13 -72.83 -8.28
N ASP I 158 67.02 -74.13 -8.01
CA ASP I 158 67.34 -75.18 -8.98
C ASP I 158 66.13 -75.39 -9.90
N GLY I 159 64.92 -75.40 -9.34
CA GLY I 159 63.67 -75.70 -10.06
C GLY I 159 62.81 -74.50 -10.50
N VAL I 160 62.86 -73.34 -9.82
CA VAL I 160 62.07 -72.13 -10.12
C VAL I 160 62.87 -70.85 -9.80
N THR I 161 62.48 -69.72 -10.42
CA THR I 161 62.94 -68.36 -10.11
C THR I 161 61.70 -67.53 -9.72
N HIS I 162 61.70 -66.92 -8.52
CA HIS I 162 60.62 -66.09 -7.99
C HIS I 162 61.09 -64.63 -7.92
N ASN I 163 60.22 -63.69 -8.29
CA ASN I 163 60.35 -62.26 -8.03
C ASN I 163 59.24 -61.94 -7.02
N VAL I 164 59.61 -61.60 -5.77
CA VAL I 164 58.69 -61.45 -4.64
C VAL I 164 58.80 -60.02 -4.05
N PRO I 165 57.91 -59.07 -4.43
CA PRO I 165 57.83 -57.74 -3.82
C PRO I 165 57.09 -57.78 -2.48
N ILE I 166 57.66 -57.15 -1.45
CA ILE I 166 57.24 -57.14 -0.05
C ILE I 166 57.26 -55.68 0.44
N TYR I 167 56.25 -55.30 1.24
CA TYR I 167 56.17 -54.04 1.96
C TYR I 167 55.83 -54.38 3.42
N GLU I 168 56.73 -54.07 4.35
CA GLU I 168 56.68 -54.30 5.80
C GLU I 168 56.29 -55.75 6.18
N GLY I 169 56.88 -56.73 5.48
CA GLY I 169 56.64 -58.16 5.69
C GLY I 169 55.40 -58.69 4.96
N TYR I 170 54.53 -57.83 4.43
CA TYR I 170 53.36 -58.21 3.65
C TYR I 170 53.83 -58.28 2.18
N ALA I 171 53.82 -59.49 1.59
CA ALA I 171 54.13 -59.73 0.19
C ALA I 171 52.92 -59.29 -0.66
N LEU I 172 53.13 -58.46 -1.68
CA LEU I 172 52.07 -57.93 -2.56
C LEU I 172 51.73 -59.04 -3.59
N PRO I 173 50.62 -59.81 -3.42
CA PRO I 173 50.49 -61.16 -3.99
C PRO I 173 50.12 -61.19 -5.48
N HIS I 174 49.40 -60.17 -5.94
CA HIS I 174 48.96 -59.99 -7.32
C HIS I 174 50.15 -59.77 -8.25
N ALA I 175 51.18 -59.08 -7.76
CA ALA I 175 52.36 -58.67 -8.51
C ALA I 175 53.50 -59.70 -8.48
N ILE I 176 53.44 -60.76 -7.66
CA ILE I 176 54.43 -61.86 -7.67
C ILE I 176 54.41 -62.53 -9.06
N MET I 177 55.59 -62.58 -9.70
CA MET I 177 55.84 -63.16 -11.00
C MET I 177 56.94 -64.20 -10.80
N ARG I 178 56.60 -65.48 -10.95
CA ARG I 178 57.53 -66.59 -10.97
C ARG I 178 57.69 -67.00 -12.44
N LEU I 179 58.92 -67.26 -12.87
CA LEU I 179 59.19 -68.06 -14.06
C LEU I 179 59.79 -69.36 -13.54
N ASP I 180 59.29 -70.50 -14.01
CA ASP I 180 59.74 -71.83 -13.61
C ASP I 180 60.97 -72.26 -14.43
N LEU I 181 61.74 -71.26 -14.93
CA LEU I 181 63.05 -71.30 -15.55
C LEU I 181 64.07 -71.16 -14.40
N ALA I 182 65.08 -72.03 -14.31
CA ALA I 182 65.97 -72.05 -13.16
C ALA I 182 67.35 -72.70 -13.40
N GLY I 183 68.04 -72.96 -12.29
CA GLY I 183 69.40 -73.50 -12.20
C GLY I 183 69.58 -74.86 -12.85
N ARG I 184 68.53 -75.69 -12.86
CA ARG I 184 68.35 -76.94 -13.61
C ARG I 184 68.66 -76.72 -15.10
N ASP I 185 67.96 -75.78 -15.72
CA ASP I 185 67.91 -75.51 -17.16
C ASP I 185 69.21 -74.86 -17.63
N LEU I 186 69.84 -74.07 -16.74
CA LEU I 186 71.20 -73.58 -16.92
C LEU I 186 72.23 -74.73 -16.99
N THR I 187 72.01 -75.84 -16.28
CA THR I 187 72.88 -77.01 -16.29
C THR I 187 72.56 -77.87 -17.54
N ASP I 188 71.30 -77.91 -17.99
CA ASP I 188 70.84 -78.58 -19.22
C ASP I 188 71.52 -77.96 -20.46
N TYR I 189 71.59 -76.62 -20.48
CA TYR I 189 72.25 -75.79 -21.48
C TYR I 189 73.78 -75.92 -21.37
N LEU I 190 74.36 -75.80 -20.16
CA LEU I 190 75.80 -75.90 -19.89
C LEU I 190 76.44 -77.20 -20.40
N MET I 191 75.73 -78.33 -20.32
CA MET I 191 76.16 -79.62 -20.85
C MET I 191 76.28 -79.58 -22.39
N LYS I 192 75.37 -78.88 -23.08
CA LYS I 192 75.27 -78.85 -24.54
C LYS I 192 76.32 -77.90 -25.15
N ILE I 193 76.58 -76.75 -24.53
CA ILE I 193 77.58 -75.79 -25.02
C ILE I 193 79.02 -76.29 -24.74
N LEU I 194 79.19 -77.23 -23.81
CA LEU I 194 80.44 -77.98 -23.64
C LEU I 194 80.52 -79.14 -24.65
N THR I 195 79.39 -79.66 -25.14
CA THR I 195 79.35 -80.71 -26.16
C THR I 195 79.67 -80.14 -27.58
N GLU I 196 79.67 -78.80 -27.73
CA GLU I 196 80.25 -78.05 -28.86
C GLU I 196 81.79 -78.16 -28.86
N ARG I 197 82.42 -78.21 -27.67
CA ARG I 197 83.87 -78.17 -27.49
C ARG I 197 84.53 -79.55 -27.64
N GLY I 198 83.76 -80.58 -28.01
CA GLY I 198 84.27 -81.94 -28.23
C GLY I 198 84.09 -82.88 -27.04
N TYR I 199 83.47 -82.44 -25.94
CA TYR I 199 83.05 -83.31 -24.83
C TYR I 199 81.65 -83.89 -25.16
N SER I 200 81.05 -84.67 -24.26
CA SER I 200 79.67 -85.13 -24.32
C SER I 200 79.30 -85.47 -22.87
N PHE I 201 78.18 -84.96 -22.34
CA PHE I 201 77.75 -85.10 -20.95
C PHE I 201 76.23 -85.32 -20.98
N VAL I 202 75.70 -86.40 -20.39
CA VAL I 202 74.33 -86.87 -20.61
C VAL I 202 73.60 -87.28 -19.32
N THR I 203 74.24 -88.04 -18.43
CA THR I 203 73.54 -88.78 -17.37
C THR I 203 73.46 -87.96 -16.06
N THR I 204 72.92 -88.58 -15.01
CA THR I 204 72.91 -88.10 -13.63
C THR I 204 74.34 -87.85 -13.08
N ALA I 205 75.35 -88.59 -13.55
CA ALA I 205 76.72 -88.47 -13.07
C ALA I 205 77.41 -87.24 -13.68
N GLU I 206 77.50 -87.13 -15.02
CA GLU I 206 78.17 -86.01 -15.68
C GLU I 206 77.47 -84.67 -15.41
N ARG I 207 76.14 -84.70 -15.20
CA ARG I 207 75.34 -83.57 -14.71
C ARG I 207 75.88 -83.00 -13.39
N GLU I 208 76.34 -83.83 -12.44
CA GLU I 208 76.84 -83.34 -11.15
C GLU I 208 78.29 -82.82 -11.27
N ILE I 209 79.07 -83.30 -12.24
CA ILE I 209 80.36 -82.71 -12.59
C ILE I 209 80.11 -81.31 -13.20
N VAL I 210 79.15 -81.21 -14.13
CA VAL I 210 78.74 -79.95 -14.74
C VAL I 210 78.00 -79.01 -13.74
N ARG I 211 77.30 -79.53 -12.73
CA ARG I 211 76.74 -78.76 -11.61
C ARG I 211 77.88 -78.20 -10.75
N ASP I 212 78.96 -78.96 -10.55
CA ASP I 212 80.15 -78.52 -9.83
C ASP I 212 80.88 -77.41 -10.59
N ILE I 213 81.18 -77.61 -11.88
CA ILE I 213 81.73 -76.60 -12.82
C ILE I 213 80.94 -75.28 -12.78
N LYS I 214 79.61 -75.37 -12.72
CA LYS I 214 78.68 -74.24 -12.63
C LYS I 214 78.85 -73.42 -11.34
N GLU I 215 79.22 -74.05 -10.21
CA GLU I 215 79.53 -73.34 -8.98
C GLU I 215 80.97 -72.76 -9.05
N LYS I 216 81.95 -73.54 -9.51
CA LYS I 216 83.36 -73.23 -9.28
C LYS I 216 83.98 -72.36 -10.40
N LEU I 217 83.36 -72.27 -11.60
CA LEU I 217 83.98 -71.63 -12.76
C LEU I 217 83.10 -70.61 -13.52
N CYS I 218 81.78 -70.56 -13.32
CA CYS I 218 80.89 -69.69 -14.11
C CYS I 218 80.75 -68.28 -13.48
N TYR I 219 80.41 -67.28 -14.29
CA TYR I 219 80.24 -65.86 -13.93
C TYR I 219 79.28 -65.18 -14.91
N VAL I 220 78.65 -64.06 -14.55
CA VAL I 220 77.84 -63.27 -15.47
C VAL I 220 78.79 -62.33 -16.22
N ALA I 221 78.60 -62.23 -17.55
CA ALA I 221 79.32 -61.32 -18.44
C ALA I 221 78.78 -59.91 -18.24
N LEU I 222 79.62 -58.88 -18.32
CA LEU I 222 79.22 -57.50 -18.03
C LEU I 222 78.47 -56.87 -19.23
N ASP I 223 78.91 -57.13 -20.46
CA ASP I 223 78.28 -56.77 -21.72
C ASP I 223 78.54 -57.92 -22.69
N PHE I 224 77.52 -58.76 -22.93
CA PHE I 224 77.59 -60.02 -23.67
C PHE I 224 78.39 -60.00 -24.97
N GLU I 225 78.06 -59.11 -25.93
CA GLU I 225 78.73 -59.05 -27.23
C GLU I 225 80.20 -58.62 -27.12
N ASN I 226 80.57 -57.83 -26.09
CA ASN I 226 81.94 -57.40 -25.85
C ASN I 226 82.73 -58.55 -25.19
N GLU I 227 82.10 -59.24 -24.22
CA GLU I 227 82.62 -60.44 -23.57
C GLU I 227 82.84 -61.55 -24.60
N MET I 228 81.84 -61.83 -25.45
CA MET I 228 81.85 -62.83 -26.52
C MET I 228 82.86 -62.49 -27.62
N ALA I 229 83.07 -61.20 -27.93
CA ALA I 229 84.09 -60.76 -28.88
C ALA I 229 85.51 -60.94 -28.30
N THR I 230 85.69 -60.65 -27.01
CA THR I 230 86.95 -60.84 -26.30
C THR I 230 87.24 -62.33 -26.08
N ALA I 231 86.21 -63.13 -25.77
CA ALA I 231 86.27 -64.56 -25.49
C ALA I 231 86.56 -65.42 -26.73
N ALA I 232 86.32 -64.87 -27.93
CA ALA I 232 86.62 -65.49 -29.23
C ALA I 232 88.09 -65.25 -29.66
N SER I 233 88.90 -64.63 -28.79
CA SER I 233 90.27 -64.21 -29.06
C SER I 233 91.16 -64.46 -27.84
N SER I 234 90.81 -63.88 -26.68
CA SER I 234 91.59 -63.94 -25.46
C SER I 234 91.35 -65.30 -24.79
N SER I 235 92.32 -66.21 -24.94
CA SER I 235 92.38 -67.52 -24.29
C SER I 235 92.52 -67.42 -22.74
N SER I 236 92.63 -66.20 -22.20
CA SER I 236 92.56 -65.91 -20.78
C SER I 236 91.10 -65.97 -20.25
N LEU I 237 90.08 -66.08 -21.12
CA LEU I 237 88.68 -66.32 -20.73
C LEU I 237 88.57 -67.74 -20.14
N GLU I 238 88.92 -68.74 -20.96
CA GLU I 238 88.89 -70.19 -20.77
C GLU I 238 89.58 -70.64 -19.45
N LYS I 239 89.07 -71.66 -18.76
CA LYS I 239 89.62 -72.20 -17.51
C LYS I 239 89.60 -73.73 -17.54
N SER I 240 90.66 -74.37 -17.05
CA SER I 240 90.76 -75.82 -16.92
C SER I 240 90.06 -76.22 -15.61
N TYR I 241 89.17 -77.21 -15.67
CA TYR I 241 88.66 -77.97 -14.54
C TYR I 241 89.37 -79.34 -14.60
N GLU I 242 89.77 -79.88 -13.45
CA GLU I 242 90.36 -81.20 -13.30
C GLU I 242 89.20 -82.12 -12.94
N LEU I 243 88.97 -83.18 -13.73
CA LEU I 243 87.94 -84.18 -13.44
C LEU I 243 88.41 -85.07 -12.27
N PRO I 244 87.50 -85.61 -11.42
CA PRO I 244 87.80 -86.56 -10.33
C PRO I 244 88.69 -87.76 -10.72
N ASP I 245 88.65 -88.15 -11.99
CA ASP I 245 89.40 -89.22 -12.66
C ASP I 245 90.88 -88.84 -12.90
N GLY I 246 91.24 -87.56 -12.76
CA GLY I 246 92.57 -87.02 -13.03
C GLY I 246 92.79 -86.77 -14.53
N GLN I 247 91.87 -86.02 -15.15
CA GLN I 247 91.89 -85.61 -16.55
C GLN I 247 91.39 -84.16 -16.63
N VAL I 248 92.22 -83.26 -17.17
CA VAL I 248 91.90 -81.85 -17.34
C VAL I 248 90.97 -81.62 -18.55
N ILE I 249 89.95 -80.75 -18.37
CA ILE I 249 89.05 -80.29 -19.42
C ILE I 249 88.97 -78.75 -19.35
N THR I 250 89.06 -78.08 -20.49
CA THR I 250 88.93 -76.62 -20.59
C THR I 250 87.43 -76.29 -20.73
N ILE I 251 86.92 -75.50 -19.79
CA ILE I 251 85.59 -74.89 -19.77
C ILE I 251 85.84 -73.46 -20.29
N GLY I 252 85.24 -73.09 -21.42
CA GLY I 252 85.60 -71.91 -22.19
C GLY I 252 84.68 -70.72 -21.92
N ASN I 253 84.08 -70.22 -23.00
CA ASN I 253 83.15 -69.08 -23.06
C ASN I 253 81.81 -69.46 -22.38
N GLU I 254 81.57 -70.77 -22.24
CA GLU I 254 80.47 -71.46 -21.59
C GLU I 254 80.28 -71.03 -20.11
N ARG I 255 81.37 -70.51 -19.52
CA ARG I 255 81.44 -69.88 -18.21
C ARG I 255 80.46 -68.70 -18.04
N PHE I 256 80.07 -68.01 -19.12
CA PHE I 256 79.12 -66.89 -19.05
C PHE I 256 77.84 -67.14 -19.86
N ARG I 257 77.89 -67.91 -20.97
CA ARG I 257 76.71 -68.27 -21.76
C ARG I 257 75.62 -68.99 -20.93
N CYS I 258 76.06 -69.88 -20.02
CA CYS I 258 75.22 -70.48 -18.97
C CYS I 258 74.51 -69.40 -18.10
N PRO I 259 75.18 -68.65 -17.20
CA PRO I 259 74.61 -67.49 -16.48
C PRO I 259 73.75 -66.50 -17.29
N GLU I 260 74.14 -66.17 -18.53
CA GLU I 260 73.44 -65.27 -19.44
C GLU I 260 71.99 -65.73 -19.79
N THR I 261 71.71 -67.04 -19.69
CA THR I 261 70.39 -67.64 -19.91
C THR I 261 69.31 -67.13 -18.91
N LEU I 262 69.70 -66.48 -17.80
CA LEU I 262 68.77 -65.80 -16.89
C LEU I 262 68.30 -64.44 -17.45
N PHE I 263 69.15 -63.77 -18.22
CA PHE I 263 68.87 -62.48 -18.85
C PHE I 263 68.29 -62.72 -20.26
N GLN I 264 68.53 -63.89 -20.85
CA GLN I 264 68.16 -64.28 -22.20
C GLN I 264 67.49 -65.68 -22.19
N PRO I 265 66.20 -65.82 -21.77
CA PRO I 265 65.43 -67.09 -21.82
C PRO I 265 65.38 -67.78 -23.19
N SER I 266 65.57 -67.01 -24.27
CA SER I 266 65.74 -67.41 -25.65
C SER I 266 66.77 -68.54 -25.85
N PHE I 267 67.83 -68.59 -25.03
CA PHE I 267 68.83 -69.66 -24.98
C PHE I 267 68.29 -71.04 -24.58
N ILE I 268 67.04 -71.16 -24.10
CA ILE I 268 66.38 -72.45 -23.84
C ILE I 268 65.02 -72.55 -24.57
N GLY I 269 64.79 -71.66 -25.54
CA GLY I 269 63.67 -71.71 -26.49
C GLY I 269 62.40 -71.00 -26.01
N MET I 270 62.46 -70.19 -24.95
CA MET I 270 61.31 -69.48 -24.40
C MET I 270 61.16 -68.12 -25.11
N GLU I 271 59.91 -67.72 -25.42
CA GLU I 271 59.54 -66.43 -26.01
C GLU I 271 59.58 -65.27 -24.98
N SER I 272 59.82 -65.58 -23.70
CA SER I 272 59.56 -64.79 -22.50
C SER I 272 60.49 -63.56 -22.31
N ALA I 273 60.88 -63.28 -21.05
CA ALA I 273 61.55 -62.08 -20.55
C ALA I 273 62.51 -62.50 -19.43
N GLY I 274 63.64 -61.81 -19.26
CA GLY I 274 64.73 -62.14 -18.35
C GLY I 274 64.50 -61.70 -16.89
N ILE I 275 65.41 -62.07 -15.98
CA ILE I 275 65.39 -61.74 -14.54
C ILE I 275 65.20 -60.24 -14.22
N HIS I 276 65.95 -59.37 -14.94
CA HIS I 276 65.93 -57.92 -14.83
C HIS I 276 64.55 -57.34 -15.24
N GLU I 277 63.96 -57.89 -16.31
CA GLU I 277 62.63 -57.51 -16.80
C GLU I 277 61.56 -57.99 -15.82
N THR I 278 61.56 -59.27 -15.45
CA THR I 278 60.54 -59.89 -14.60
C THR I 278 60.52 -59.31 -13.17
N THR I 279 61.67 -58.89 -12.62
CA THR I 279 61.77 -58.06 -11.41
C THR I 279 61.08 -56.70 -11.63
N TYR I 280 61.46 -55.96 -12.68
CA TYR I 280 60.94 -54.61 -12.92
C TYR I 280 59.44 -54.63 -13.25
N ASN I 281 58.96 -55.61 -14.02
CA ASN I 281 57.55 -55.89 -14.31
C ASN I 281 56.72 -56.07 -13.04
N SER I 282 57.25 -56.83 -12.07
CA SER I 282 56.65 -57.09 -10.77
C SER I 282 56.55 -55.79 -9.95
N ILE I 283 57.60 -54.96 -9.93
CA ILE I 283 57.64 -53.63 -9.32
C ILE I 283 56.63 -52.67 -9.99
N MET I 284 56.39 -52.79 -11.30
CA MET I 284 55.48 -51.94 -12.06
C MET I 284 53.99 -52.32 -11.93
N LYS I 285 53.65 -53.58 -11.58
CA LYS I 285 52.27 -53.99 -11.26
C LYS I 285 51.98 -53.82 -9.74
N CYS I 286 52.98 -53.47 -8.91
CA CYS I 286 52.81 -53.06 -7.51
C CYS I 286 52.32 -51.61 -7.42
N ASP I 287 52.07 -51.14 -6.18
CA ASP I 287 51.90 -49.73 -5.78
C ASP I 287 53.06 -48.86 -6.28
N ILE I 288 52.72 -47.62 -6.61
CA ILE I 288 53.48 -46.65 -7.38
C ILE I 288 54.48 -45.90 -6.48
N ASP I 289 54.04 -45.43 -5.30
CA ASP I 289 54.87 -44.64 -4.37
C ASP I 289 56.01 -45.50 -3.83
N ILE I 290 55.69 -46.75 -3.45
CA ILE I 290 56.63 -47.71 -2.88
C ILE I 290 57.63 -48.27 -3.91
N ARG I 291 57.54 -47.90 -5.20
CA ARG I 291 58.53 -48.32 -6.20
C ARG I 291 59.92 -47.78 -5.84
N LYS I 292 60.00 -46.59 -5.24
CA LYS I 292 61.24 -46.00 -4.72
C LYS I 292 61.84 -46.82 -3.56
N ASP I 293 61.02 -47.41 -2.66
CA ASP I 293 61.48 -48.39 -1.65
C ASP I 293 62.00 -49.67 -2.31
N LEU I 294 61.26 -50.19 -3.30
CA LEU I 294 61.55 -51.44 -4.02
C LEU I 294 62.83 -51.31 -4.87
N TYR I 295 63.05 -50.17 -5.53
CA TYR I 295 64.26 -49.87 -6.31
C TYR I 295 65.53 -49.93 -5.45
N ALA I 296 65.44 -49.40 -4.23
CA ALA I 296 66.53 -49.25 -3.28
C ALA I 296 66.77 -50.53 -2.43
N ASN I 297 65.99 -51.60 -2.62
CA ASN I 297 65.94 -52.78 -1.76
C ASN I 297 65.72 -54.08 -2.52
N ASN I 298 66.42 -54.28 -3.66
CA ASN I 298 66.35 -55.55 -4.39
C ASN I 298 67.45 -56.49 -3.84
N VAL I 299 67.06 -57.57 -3.17
CA VAL I 299 67.94 -58.54 -2.55
C VAL I 299 68.04 -59.76 -3.49
N MET I 300 69.27 -60.15 -3.86
CA MET I 300 69.58 -61.36 -4.62
C MET I 300 69.67 -62.54 -3.63
N SER I 301 68.85 -63.58 -3.83
CA SER I 301 68.76 -64.78 -3.02
C SER I 301 68.65 -65.99 -3.97
N GLY I 302 68.60 -67.20 -3.42
CA GLY I 302 68.66 -68.44 -4.19
C GLY I 302 70.09 -68.86 -4.51
N GLY I 303 70.21 -70.02 -5.17
CA GLY I 303 71.50 -70.63 -5.50
C GLY I 303 72.05 -70.13 -6.84
N THR I 304 71.18 -69.86 -7.82
CA THR I 304 71.56 -69.53 -9.18
C THR I 304 71.88 -68.02 -9.31
N THR I 305 71.72 -67.23 -8.23
CA THR I 305 72.23 -65.87 -8.14
C THR I 305 73.66 -65.83 -7.54
N MET I 306 74.31 -66.98 -7.32
CA MET I 306 75.63 -67.06 -6.67
C MET I 306 76.78 -66.55 -7.55
N TYR I 307 76.56 -66.41 -8.87
CA TYR I 307 77.58 -66.03 -9.85
C TYR I 307 78.13 -64.62 -9.55
N PRO I 308 79.46 -64.36 -9.68
CA PRO I 308 79.99 -62.99 -9.68
C PRO I 308 79.60 -62.28 -10.99
N GLY I 309 79.51 -60.95 -10.93
CA GLY I 309 79.12 -60.09 -12.05
C GLY I 309 77.60 -59.84 -12.11
N ILE I 310 76.77 -60.58 -11.35
CA ILE I 310 75.32 -60.56 -11.50
C ILE I 310 74.69 -59.27 -10.93
N ALA I 311 75.20 -58.74 -9.81
CA ALA I 311 74.65 -57.54 -9.16
C ALA I 311 75.06 -56.29 -9.96
N ASP I 312 76.32 -56.32 -10.38
CA ASP I 312 77.06 -55.45 -11.28
C ASP I 312 76.31 -55.29 -12.62
N ARG I 313 75.94 -56.42 -13.23
CA ARG I 313 75.12 -56.50 -14.43
C ARG I 313 73.69 -55.99 -14.15
N MET I 314 73.00 -56.52 -13.13
CA MET I 314 71.63 -56.16 -12.76
C MET I 314 71.42 -54.64 -12.59
N GLN I 315 72.39 -53.95 -11.97
CA GLN I 315 72.45 -52.49 -11.87
C GLN I 315 72.33 -51.77 -13.23
N LYS I 316 73.16 -52.15 -14.22
CA LYS I 316 73.21 -51.49 -15.52
C LYS I 316 72.03 -51.90 -16.42
N GLU I 317 71.57 -53.16 -16.36
CA GLU I 317 70.48 -53.62 -17.22
C GLU I 317 69.13 -53.10 -16.68
N ILE I 318 68.94 -52.92 -15.35
CA ILE I 318 67.72 -52.35 -14.79
C ILE I 318 67.70 -50.81 -14.99
N THR I 319 68.83 -50.10 -14.97
CA THR I 319 68.86 -48.65 -15.27
C THR I 319 68.73 -48.34 -16.78
N ALA I 320 68.60 -49.36 -17.65
CA ALA I 320 68.13 -49.22 -19.01
C ALA I 320 66.59 -49.31 -19.09
N LEU I 321 65.94 -49.98 -18.12
CA LEU I 321 64.48 -50.12 -18.04
C LEU I 321 63.87 -48.98 -17.20
N ALA I 322 64.54 -48.63 -16.09
CA ALA I 322 64.07 -47.66 -15.11
C ALA I 322 64.42 -46.23 -15.53
N PRO I 323 63.60 -45.20 -15.17
CA PRO I 323 63.94 -43.79 -15.35
C PRO I 323 65.28 -43.45 -14.63
N SER I 324 66.21 -42.81 -15.33
CA SER I 324 67.61 -42.64 -14.96
C SER I 324 67.88 -41.82 -13.68
N THR I 325 66.86 -41.14 -13.16
CA THR I 325 66.84 -40.44 -11.88
C THR I 325 66.58 -41.39 -10.70
N MET I 326 66.04 -42.60 -10.95
CA MET I 326 65.58 -43.52 -9.91
C MET I 326 66.76 -44.32 -9.38
N LYS I 327 66.98 -44.16 -8.07
CA LYS I 327 68.10 -44.73 -7.34
C LYS I 327 67.88 -46.22 -7.07
N ILE I 328 68.27 -47.06 -8.03
CA ILE I 328 68.42 -48.51 -7.85
C ILE I 328 69.54 -48.77 -6.82
N LYS I 329 69.35 -49.74 -5.91
CA LYS I 329 70.34 -50.26 -4.98
C LYS I 329 70.07 -51.78 -4.89
N ILE I 330 70.94 -52.57 -5.51
CA ILE I 330 70.92 -54.02 -5.49
C ILE I 330 71.78 -54.48 -4.30
N ILE I 331 71.34 -55.49 -3.57
CA ILE I 331 72.03 -56.12 -2.45
C ILE I 331 72.21 -57.61 -2.79
N ALA I 332 73.39 -58.16 -2.48
CA ALA I 332 73.69 -59.59 -2.57
C ALA I 332 74.53 -59.97 -1.35
N PRO I 333 74.03 -60.81 -0.40
CA PRO I 333 74.85 -61.45 0.64
C PRO I 333 76.07 -62.22 0.04
N PRO I 334 77.19 -62.37 0.78
CA PRO I 334 78.46 -62.89 0.24
C PRO I 334 78.37 -64.34 -0.28
N GLU I 335 77.99 -65.28 0.60
CA GLU I 335 77.31 -66.52 0.20
C GLU I 335 75.82 -66.15 0.33
N ARG I 336 74.97 -66.77 -0.50
CA ARG I 336 73.55 -66.49 -0.59
C ARG I 336 72.68 -67.73 -0.86
N LYS I 337 73.26 -68.92 -1.12
CA LYS I 337 72.52 -70.09 -1.61
C LYS I 337 71.64 -70.76 -0.53
N TYR I 338 71.90 -70.43 0.74
CA TYR I 338 71.20 -70.95 1.91
C TYR I 338 70.46 -69.85 2.69
N SER I 339 70.47 -68.59 2.21
CA SER I 339 69.87 -67.40 2.86
C SER I 339 68.45 -67.60 3.44
N VAL I 340 67.59 -68.26 2.66
CA VAL I 340 66.21 -68.66 2.99
C VAL I 340 66.11 -69.61 4.21
N TRP I 341 67.14 -70.43 4.47
CA TRP I 341 67.18 -71.38 5.57
C TRP I 341 67.88 -70.75 6.78
N ILE I 342 68.94 -69.95 6.54
CA ILE I 342 69.75 -69.29 7.58
C ILE I 342 68.89 -68.36 8.44
N GLY I 343 68.00 -67.56 7.81
CA GLY I 343 67.04 -66.72 8.55
C GLY I 343 66.06 -67.55 9.40
N GLY I 344 65.66 -68.71 8.88
CA GLY I 344 64.80 -69.67 9.57
C GLY I 344 65.46 -70.30 10.80
N SER I 345 66.76 -70.63 10.72
CA SER I 345 67.55 -71.16 11.83
C SER I 345 67.61 -70.19 13.01
N ILE I 346 67.89 -68.91 12.74
CA ILE I 346 67.99 -67.87 13.75
C ILE I 346 66.61 -67.54 14.35
N LEU I 347 65.55 -67.47 13.54
CA LEU I 347 64.18 -67.24 14.01
C LEU I 347 63.68 -68.40 14.89
N ALA I 348 64.02 -69.64 14.56
CA ALA I 348 63.64 -70.82 15.32
C ALA I 348 64.41 -70.97 16.65
N SER I 349 65.60 -70.38 16.75
CA SER I 349 66.47 -70.44 17.95
C SER I 349 65.97 -69.49 19.07
N LEU I 350 65.06 -68.57 18.75
CA LEU I 350 64.56 -67.56 19.67
C LEU I 350 63.58 -68.20 20.65
N SER I 351 63.98 -68.30 21.92
CA SER I 351 63.14 -68.71 23.05
C SER I 351 62.39 -67.47 23.60
N THR I 352 61.61 -66.81 22.74
CA THR I 352 60.74 -65.66 22.97
C THR I 352 59.35 -66.15 23.48
N PHE I 353 58.31 -66.17 22.63
CA PHE I 353 56.93 -66.58 22.94
C PHE I 353 56.37 -67.40 21.76
N GLN I 354 55.42 -68.33 22.00
CA GLN I 354 54.92 -69.32 21.01
C GLN I 354 53.84 -68.73 20.08
N GLN I 355 54.11 -67.56 19.49
CA GLN I 355 53.11 -66.75 18.79
C GLN I 355 52.73 -67.35 17.42
N MET I 356 53.71 -67.76 16.61
CA MET I 356 53.47 -68.35 15.28
C MET I 356 53.68 -69.87 15.27
N TRP I 357 54.18 -70.41 16.38
CA TRP I 357 54.61 -71.78 16.56
C TRP I 357 53.39 -72.62 16.93
N ILE I 358 53.08 -73.63 16.11
CA ILE I 358 51.93 -74.51 16.28
C ILE I 358 52.47 -75.68 17.11
N THR I 359 51.96 -75.85 18.33
CA THR I 359 52.19 -77.03 19.16
C THR I 359 51.14 -78.09 18.78
N LYS I 360 51.47 -79.39 18.90
CA LYS I 360 50.65 -80.47 18.35
C LYS I 360 49.23 -80.58 18.93
N GLN I 361 48.97 -79.99 20.10
CA GLN I 361 47.65 -80.01 20.72
C GLN I 361 46.72 -79.00 20.02
N GLU I 362 47.26 -77.95 19.40
CA GLU I 362 46.51 -77.00 18.59
C GLU I 362 46.11 -77.60 17.23
N TYR I 363 46.69 -78.75 16.83
CA TYR I 363 46.21 -79.57 15.70
C TYR I 363 45.07 -80.47 16.20
N ASP I 364 45.18 -81.05 17.40
CA ASP I 364 44.15 -81.94 17.98
C ASP I 364 42.83 -81.18 18.25
N GLU I 365 42.92 -79.88 18.58
CA GLU I 365 41.80 -78.98 18.82
C GLU I 365 41.19 -78.43 17.51
N ALA I 366 42.01 -78.15 16.47
CA ALA I 366 41.62 -77.30 15.34
C ALA I 366 42.06 -77.78 13.94
N GLY I 367 42.73 -78.92 13.85
CA GLY I 367 43.15 -79.60 12.61
C GLY I 367 44.05 -78.75 11.69
N PRO I 368 44.13 -79.07 10.39
CA PRO I 368 44.91 -78.34 9.37
C PRO I 368 44.64 -76.82 9.24
N SER I 369 43.58 -76.29 9.86
CA SER I 369 43.23 -74.87 9.81
C SER I 369 44.15 -74.01 10.70
N ILE I 370 44.87 -74.61 11.66
CA ILE I 370 45.71 -73.92 12.65
C ILE I 370 46.84 -73.06 12.02
N VAL I 371 47.35 -73.46 10.85
CA VAL I 371 48.36 -72.73 10.08
C VAL I 371 47.83 -71.34 9.64
N HIS I 372 46.52 -71.23 9.36
CA HIS I 372 45.85 -69.99 8.98
C HIS I 372 45.36 -69.22 10.21
N ARG I 373 45.83 -69.57 11.42
CA ARG I 373 45.64 -68.83 12.67
C ARG I 373 46.99 -68.24 13.12
N LYS I 374 48.09 -69.01 13.03
CA LYS I 374 49.37 -68.63 13.65
C LYS I 374 50.41 -68.17 12.62
N CYS I 375 50.43 -68.72 11.40
CA CYS I 375 51.49 -68.44 10.42
C CYS I 375 51.03 -67.32 9.46
N PHE I 376 51.73 -66.18 9.53
CA PHE I 376 51.57 -65.00 8.69
C PHE I 376 52.04 -65.24 7.24
N NH2 I 377 52.12 -64.20 6.41
HN1 NH2 I 377 52.47 -64.38 5.48
HN2 NH2 I 377 51.96 -63.25 6.71
C ACE J 1 78.03 -65.09 -63.67
O ACE J 1 79.11 -64.22 -63.51
CH3 ACE J 1 77.37 -65.28 -62.30
H1 ACE J 1 78.07 -65.73 -61.60
H2 ACE J 1 76.49 -65.92 -62.37
H3 ACE J 1 77.05 -64.32 -61.90
N ASP J 2 78.57 -66.35 -64.11
CA ASP J 2 78.88 -66.36 -65.56
C ASP J 2 77.78 -67.18 -66.24
N GLU J 3 77.63 -67.04 -67.57
CA GLU J 3 76.50 -67.58 -68.33
C GLU J 3 76.76 -68.99 -68.90
N ASP J 4 78.01 -69.48 -68.89
CA ASP J 4 78.36 -70.87 -69.24
C ASP J 4 78.01 -71.79 -68.06
N GLU J 5 77.54 -73.01 -68.36
CA GLU J 5 77.26 -74.06 -67.39
C GLU J 5 78.56 -74.83 -67.08
N THR J 6 78.64 -75.42 -65.89
CA THR J 6 79.73 -76.26 -65.45
C THR J 6 79.21 -77.38 -64.53
N THR J 7 80.10 -78.28 -64.13
CA THR J 7 79.85 -79.37 -63.19
C THR J 7 80.16 -78.83 -61.78
N ALA J 8 79.40 -79.27 -60.76
CA ALA J 8 79.71 -79.04 -59.35
C ALA J 8 79.98 -80.39 -58.68
N LEU J 9 80.85 -80.40 -57.67
CA LEU J 9 81.11 -81.53 -56.79
C LEU J 9 80.20 -81.41 -55.56
N VAL J 10 79.85 -82.56 -54.98
CA VAL J 10 78.99 -82.65 -53.80
C VAL J 10 79.68 -83.58 -52.78
N CYS J 11 79.75 -83.12 -51.53
CA CYS J 11 80.43 -83.74 -50.40
C CYS J 11 79.49 -83.69 -49.18
N ASP J 12 79.45 -84.77 -48.40
CA ASP J 12 78.87 -84.81 -47.05
C ASP J 12 79.95 -85.32 -46.11
N ASN J 13 80.04 -84.67 -44.95
CA ASN J 13 80.92 -84.99 -43.82
C ASN J 13 80.44 -86.27 -43.11
N GLY J 14 79.14 -86.57 -43.16
CA GLY J 14 78.49 -87.72 -42.53
C GLY J 14 78.59 -87.64 -41.01
N SER J 15 78.95 -88.78 -40.41
CA SER J 15 79.28 -88.95 -38.99
C SER J 15 80.45 -89.93 -38.79
N GLY J 16 81.20 -90.26 -39.85
CA GLY J 16 82.27 -91.25 -39.83
C GLY J 16 82.37 -92.03 -41.15
N LEU J 17 81.27 -92.18 -41.90
CA LEU J 17 81.24 -92.70 -43.27
C LEU J 17 81.11 -91.50 -44.25
N VAL J 18 81.95 -91.43 -45.28
CA VAL J 18 81.95 -90.37 -46.31
C VAL J 18 80.80 -90.63 -47.31
N LYS J 19 80.30 -89.57 -47.95
CA LYS J 19 79.48 -89.60 -49.16
C LYS J 19 79.98 -88.46 -50.05
N ALA J 20 80.51 -88.74 -51.23
CA ALA J 20 80.98 -87.74 -52.19
C ALA J 20 80.81 -88.21 -53.65
N GLY J 21 80.68 -87.27 -54.58
CA GLY J 21 80.39 -87.52 -55.99
C GLY J 21 80.14 -86.19 -56.72
N PHE J 22 79.52 -86.26 -57.91
CA PHE J 22 79.21 -85.11 -58.75
C PHE J 22 77.73 -84.73 -58.59
N ALA J 23 77.40 -83.48 -58.91
CA ALA J 23 76.03 -82.96 -58.91
C ALA J 23 75.27 -83.49 -60.12
N GLY J 24 74.21 -84.27 -59.87
CA GLY J 24 73.43 -84.95 -60.89
C GLY J 24 73.55 -86.48 -60.80
N ASP J 25 74.44 -86.99 -59.94
CA ASP J 25 74.57 -88.42 -59.63
C ASP J 25 73.46 -88.79 -58.63
N ASP J 26 72.73 -89.88 -58.89
CA ASP J 26 71.67 -90.41 -58.01
C ASP J 26 72.24 -91.11 -56.75
N ALA J 27 73.54 -91.42 -56.73
CA ALA J 27 74.26 -92.06 -55.64
C ALA J 27 75.72 -91.61 -55.64
N PRO J 28 76.38 -91.47 -54.47
CA PRO J 28 77.78 -91.03 -54.38
C PRO J 28 78.77 -92.06 -54.95
N ARG J 29 79.90 -91.55 -55.44
CA ARG J 29 80.96 -92.29 -56.10
C ARG J 29 82.05 -92.72 -55.10
N ALA J 30 82.26 -91.92 -54.04
CA ALA J 30 83.22 -92.17 -52.98
C ALA J 30 82.43 -92.33 -51.68
N VAL J 31 82.51 -93.51 -51.06
CA VAL J 31 81.70 -93.92 -49.91
C VAL J 31 82.55 -94.69 -48.87
N PHE J 32 83.86 -94.43 -48.80
CA PHE J 32 84.80 -95.05 -47.87
C PHE J 32 84.62 -94.50 -46.43
N PRO J 33 85.15 -95.17 -45.37
CA PRO J 33 85.11 -94.63 -44.01
C PRO J 33 86.05 -93.41 -43.89
N SER J 34 85.60 -92.40 -43.14
CA SER J 34 86.32 -91.17 -42.83
C SER J 34 87.27 -91.49 -41.67
N ILE J 35 88.27 -92.33 -41.97
CA ILE J 35 89.41 -92.64 -41.14
C ILE J 35 90.63 -92.15 -41.94
N VAL J 36 91.53 -91.45 -41.27
CA VAL J 36 92.90 -91.28 -41.70
C VAL J 36 93.65 -92.38 -40.95
N GLY J 37 94.27 -93.29 -41.70
CA GLY J 37 95.11 -94.35 -41.18
C GLY J 37 96.53 -93.82 -41.06
N ARG J 38 96.85 -93.20 -39.93
CA ARG J 38 98.18 -92.63 -39.68
C ARG J 38 99.13 -93.80 -39.33
N PRO J 39 100.37 -93.86 -39.90
CA PRO J 39 101.33 -94.98 -39.76
C PRO J 39 101.57 -95.60 -38.36
N ARG J 40 102.07 -96.84 -38.38
CA ARG J 40 102.68 -97.54 -37.25
C ARG J 40 104.01 -98.18 -37.65
N HIS J 41 104.05 -98.85 -38.80
CA HIS J 41 105.19 -99.62 -39.32
C HIS J 41 105.14 -99.75 -40.85
N GLN J 42 104.24 -99.03 -41.50
CA GLN J 42 103.93 -99.09 -42.92
C GLN J 42 104.79 -98.07 -43.67
N GLY J 43 105.13 -98.36 -44.93
CA GLY J 43 105.64 -97.39 -45.89
C GLY J 43 104.52 -96.49 -46.42
N VAL J 44 104.88 -95.34 -47.01
CA VAL J 44 103.95 -94.39 -47.62
C VAL J 44 103.57 -94.84 -49.05
N MET J 45 102.36 -94.47 -49.48
CA MET J 45 101.81 -94.71 -50.82
C MET J 45 101.10 -93.47 -51.37
N VAL J 46 101.28 -92.31 -50.74
CA VAL J 46 100.70 -91.03 -51.15
C VAL J 46 101.59 -90.38 -52.25
N GLY J 47 101.06 -89.36 -52.94
CA GLY J 47 101.81 -88.60 -53.93
C GLY J 47 102.91 -87.74 -53.28
N MET J 48 104.01 -87.50 -54.01
CA MET J 48 105.13 -86.66 -53.56
C MET J 48 104.66 -85.21 -53.39
N GLY J 49 104.48 -84.77 -52.15
CA GLY J 49 103.96 -83.45 -51.78
C GLY J 49 102.62 -83.51 -51.04
N GLN J 50 101.98 -84.69 -50.97
CA GLN J 50 100.80 -84.92 -50.12
C GLN J 50 101.26 -85.27 -48.70
N LYS J 51 100.40 -85.03 -47.69
CA LYS J 51 100.68 -85.38 -46.30
C LYS J 51 100.74 -86.90 -46.03
N ASP J 52 101.37 -87.21 -44.90
CA ASP J 52 101.74 -88.48 -44.26
C ASP J 52 100.86 -89.72 -44.51
N SER J 53 99.53 -89.58 -44.37
CA SER J 53 98.63 -90.68 -44.08
C SER J 53 97.57 -90.89 -45.18
N TYR J 54 97.33 -92.15 -45.55
CA TYR J 54 96.27 -92.64 -46.44
C TYR J 54 94.93 -92.72 -45.67
N VAL J 55 93.83 -92.82 -46.42
CA VAL J 55 92.44 -92.71 -45.96
C VAL J 55 91.66 -93.99 -46.32
N GLY J 56 90.61 -94.27 -45.55
CA GLY J 56 89.53 -95.21 -45.87
C GLY J 56 89.99 -96.64 -46.17
N ASP J 57 89.48 -97.22 -47.25
CA ASP J 57 89.75 -98.56 -47.78
C ASP J 57 91.25 -98.83 -48.02
N GLU J 58 92.00 -97.77 -48.37
CA GLU J 58 93.45 -97.77 -48.54
C GLU J 58 94.12 -97.93 -47.15
N ALA J 59 93.58 -97.30 -46.10
CA ALA J 59 94.01 -97.45 -44.71
C ALA J 59 93.64 -98.84 -44.13
N GLN J 60 92.42 -99.34 -44.42
CA GLN J 60 91.96 -100.67 -44.02
C GLN J 60 92.80 -101.80 -44.66
N SER J 61 93.31 -101.56 -45.88
CA SER J 61 94.15 -102.50 -46.62
C SER J 61 95.56 -102.66 -46.03
N LYS J 62 96.04 -101.76 -45.14
CA LYS J 62 97.39 -101.81 -44.57
C LYS J 62 97.48 -102.80 -43.38
N ARG J 63 96.88 -103.98 -43.57
CA ARG J 63 96.48 -105.13 -42.74
C ARG J 63 97.17 -105.48 -41.40
N GLY J 64 98.13 -104.69 -40.92
CA GLY J 64 98.65 -104.74 -39.56
C GLY J 64 97.92 -103.73 -38.66
N ILE J 65 98.53 -103.35 -37.53
CA ILE J 65 98.07 -102.25 -36.68
C ILE J 65 98.36 -100.92 -37.40
N LEU J 66 97.47 -99.94 -37.25
CA LEU J 66 97.54 -98.61 -37.86
C LEU J 66 96.87 -97.65 -36.88
N THR J 67 97.24 -96.36 -36.86
CA THR J 67 96.69 -95.38 -35.93
C THR J 67 95.53 -94.69 -36.66
N LEU J 68 94.34 -95.31 -36.62
CA LEU J 68 93.13 -94.81 -37.27
C LEU J 68 92.57 -93.61 -36.47
N LYS J 69 92.82 -92.41 -36.96
CA LYS J 69 92.15 -91.20 -36.52
C LYS J 69 90.95 -90.99 -37.46
N TYR J 70 89.76 -91.00 -36.87
CA TYR J 70 88.59 -90.37 -37.47
C TYR J 70 88.78 -88.85 -37.24
N PRO J 71 88.44 -87.97 -38.20
CA PRO J 71 88.47 -86.53 -37.97
C PRO J 71 87.18 -86.04 -37.28
N ILE J 72 86.17 -86.90 -37.17
CA ILE J 72 84.86 -86.71 -36.58
C ILE J 72 84.69 -87.89 -35.63
N GLU J 73 84.96 -87.67 -34.34
CA GLU J 73 85.04 -88.75 -33.32
C GLU J 73 83.75 -88.82 -32.47
N HIS J 74 82.78 -87.93 -32.71
CA HIS J 74 81.38 -88.07 -32.32
C HIS J 74 80.55 -87.20 -33.26
N GLY J 75 79.65 -86.37 -32.74
CA GLY J 75 78.79 -85.48 -33.50
C GLY J 75 79.45 -84.15 -33.89
N ILE J 76 80.74 -83.99 -33.61
CA ILE J 76 81.58 -82.83 -33.87
C ILE J 76 82.83 -83.32 -34.62
N ILE J 77 83.38 -82.46 -35.49
CA ILE J 77 84.66 -82.66 -36.18
C ILE J 77 85.75 -82.17 -35.22
N THR J 78 86.74 -83.04 -34.96
CA THR J 78 87.64 -83.05 -33.82
C THR J 78 89.13 -83.21 -34.19
N ASN J 79 89.46 -83.37 -35.48
CA ASN J 79 90.77 -82.95 -36.02
C ASN J 79 90.59 -82.45 -37.45
N TRP J 80 90.79 -81.14 -37.64
CA TRP J 80 90.74 -80.46 -38.92
C TRP J 80 91.93 -80.82 -39.83
N ASP J 81 93.10 -81.18 -39.25
CA ASP J 81 94.26 -81.68 -40.02
C ASP J 81 93.93 -83.03 -40.69
N ASP J 82 93.12 -83.88 -40.05
CA ASP J 82 92.72 -85.18 -40.59
C ASP J 82 91.52 -85.02 -41.51
N MET J 83 90.59 -84.08 -41.26
CA MET J 83 89.43 -83.82 -42.13
C MET J 83 89.86 -83.31 -43.52
N GLU J 84 90.88 -82.45 -43.56
CA GLU J 84 91.49 -81.97 -44.80
C GLU J 84 92.18 -83.10 -45.60
N LYS J 85 92.74 -84.14 -44.95
CA LYS J 85 93.28 -85.31 -45.64
C LYS J 85 92.17 -86.17 -46.28
N ILE J 86 90.99 -86.27 -45.63
CA ILE J 86 89.81 -86.94 -46.19
C ILE J 86 89.35 -86.22 -47.47
N TRP J 87 89.26 -84.89 -47.42
CA TRP J 87 88.94 -84.07 -48.60
C TRP J 87 89.99 -84.19 -49.70
N HIS J 88 91.28 -84.12 -49.35
CA HIS J 88 92.39 -84.29 -50.27
C HIS J 88 92.35 -85.65 -50.97
N HIS J 89 92.14 -86.73 -50.20
CA HIS J 89 92.03 -88.09 -50.72
C HIS J 89 90.76 -88.26 -51.59
N THR J 90 89.62 -87.69 -51.15
CA THR J 90 88.37 -87.66 -51.91
C THR J 90 88.57 -87.01 -53.30
N PHE J 91 89.12 -85.79 -53.35
CA PHE J 91 89.27 -85.03 -54.58
C PHE J 91 90.41 -85.59 -55.45
N TYR J 92 91.66 -85.44 -55.01
CA TYR J 92 92.84 -85.65 -55.84
C TYR J 92 93.16 -87.14 -56.02
N ASN J 93 92.63 -88.05 -55.20
CA ASN J 93 93.06 -89.46 -55.18
C ASN J 93 91.94 -90.47 -55.46
N GLU J 94 90.65 -90.14 -55.24
CA GLU J 94 89.51 -91.08 -55.45
C GLU J 94 88.48 -90.59 -56.47
N LEU J 95 88.19 -89.30 -56.54
CA LEU J 95 87.54 -88.69 -57.72
C LEU J 95 88.58 -88.56 -58.85
N ARG J 96 89.82 -88.19 -58.50
CA ARG J 96 91.03 -88.25 -59.33
C ARG J 96 91.16 -87.05 -60.28
N VAL J 97 90.59 -85.91 -59.87
CA VAL J 97 90.56 -84.62 -60.57
C VAL J 97 90.98 -83.52 -59.58
N ALA J 98 91.26 -82.31 -60.10
CA ALA J 98 91.68 -81.15 -59.31
C ALA J 98 90.43 -80.41 -58.79
N PRO J 99 90.22 -80.27 -57.46
CA PRO J 99 89.06 -79.57 -56.89
C PRO J 99 89.07 -78.05 -57.11
N GLU J 100 90.23 -77.42 -57.38
CA GLU J 100 90.36 -76.02 -57.76
C GLU J 100 89.62 -75.66 -59.08
N GLU J 101 89.23 -76.66 -59.90
CA GLU J 101 88.40 -76.48 -61.09
C GLU J 101 86.91 -76.30 -60.74
N HIS J 102 86.42 -76.94 -59.65
CA HIS J 102 85.00 -77.27 -59.49
C HIS J 102 84.36 -76.51 -58.31
N PRO J 103 83.19 -75.85 -58.50
CA PRO J 103 82.29 -75.47 -57.40
C PRO J 103 81.93 -76.68 -56.51
N THR J 104 81.86 -76.50 -55.18
CA THR J 104 81.68 -77.61 -54.24
C THR J 104 80.52 -77.31 -53.28
N LEU J 105 79.52 -78.21 -53.19
CA LEU J 105 78.50 -78.19 -52.15
C LEU J 105 78.97 -79.13 -51.03
N LEU J 106 79.03 -78.60 -49.80
CA LEU J 106 79.41 -79.31 -48.60
C LEU J 106 78.17 -79.43 -47.70
N THR J 107 77.91 -80.61 -47.16
CA THR J 107 76.79 -80.89 -46.28
C THR J 107 77.34 -81.10 -44.85
N GLU J 108 76.91 -80.29 -43.87
CA GLU J 108 77.35 -80.34 -42.46
C GLU J 108 76.25 -80.88 -41.54
N ALA J 109 76.65 -81.28 -40.33
CA ALA J 109 75.81 -81.89 -39.31
C ALA J 109 75.18 -80.80 -38.41
N PRO J 110 73.85 -80.87 -38.13
CA PRO J 110 73.17 -80.09 -37.07
C PRO J 110 73.87 -80.17 -35.71
N LEU J 111 73.95 -79.03 -35.00
CA LEU J 111 74.59 -78.80 -33.70
C LEU J 111 76.07 -78.42 -33.80
N ASN J 112 76.65 -78.43 -35.01
CA ASN J 112 78.03 -78.02 -35.25
C ASN J 112 78.18 -76.49 -35.04
N PRO J 113 79.11 -76.04 -34.15
CA PRO J 113 79.41 -74.62 -33.89
C PRO J 113 79.77 -73.76 -35.12
N LYS J 114 79.64 -72.44 -34.93
CA LYS J 114 80.18 -71.39 -35.80
C LYS J 114 81.67 -71.61 -36.10
N ALA J 115 82.45 -71.90 -35.04
CA ALA J 115 83.91 -72.02 -35.04
C ALA J 115 84.45 -73.18 -35.88
N ASN J 116 83.58 -74.08 -36.36
CA ASN J 116 83.89 -75.10 -37.35
C ASN J 116 83.32 -74.72 -38.73
N ARG J 117 82.17 -74.01 -38.79
CA ARG J 117 81.54 -73.55 -40.03
C ARG J 117 82.41 -72.54 -40.77
N GLU J 118 83.07 -71.62 -40.04
CA GLU J 118 84.03 -70.66 -40.58
C GLU J 118 85.22 -71.40 -41.24
N LYS J 119 85.74 -72.45 -40.57
CA LYS J 119 86.84 -73.27 -41.07
C LYS J 119 86.47 -74.07 -42.33
N MET J 120 85.21 -74.54 -42.43
CA MET J 120 84.70 -75.26 -43.59
C MET J 120 84.52 -74.34 -44.81
N THR J 121 84.29 -73.05 -44.58
CA THR J 121 84.22 -72.03 -45.63
C THR J 121 85.67 -71.67 -46.03
N GLN J 122 86.53 -71.37 -45.05
CA GLN J 122 87.94 -71.00 -45.18
C GLN J 122 88.79 -72.00 -45.98
N ILE J 123 88.87 -73.26 -45.53
CA ILE J 123 89.78 -74.28 -46.08
C ILE J 123 89.45 -74.59 -47.55
N MET J 124 88.18 -74.49 -47.97
CA MET J 124 87.79 -74.70 -49.36
C MET J 124 88.27 -73.54 -50.26
N PHE J 125 88.16 -72.29 -49.81
CA PHE J 125 88.57 -71.11 -50.58
C PHE J 125 90.09 -70.85 -50.52
N GLU J 126 90.76 -71.11 -49.40
CA GLU J 126 92.16 -70.73 -49.19
C GLU J 126 93.14 -71.91 -49.41
N THR J 127 92.76 -73.16 -49.08
CA THR J 127 93.68 -74.30 -49.19
C THR J 127 93.38 -75.04 -50.50
N PHE J 128 92.13 -75.46 -50.73
CA PHE J 128 91.77 -76.25 -51.93
C PHE J 128 91.42 -75.35 -53.13
N ASN J 129 91.28 -74.04 -52.90
CA ASN J 129 91.21 -73.00 -53.95
C ASN J 129 89.94 -73.07 -54.81
N VAL J 130 88.86 -73.63 -54.24
CA VAL J 130 87.54 -73.76 -54.86
C VAL J 130 86.98 -72.36 -55.20
N PRO J 131 86.48 -72.11 -56.43
CA PRO J 131 86.08 -70.76 -56.86
C PRO J 131 84.75 -70.27 -56.26
N ALA J 132 83.84 -71.19 -55.88
CA ALA J 132 82.56 -70.88 -55.27
C ALA J 132 82.05 -72.11 -54.53
N MET J 133 81.45 -71.96 -53.35
CA MET J 133 80.98 -73.07 -52.51
C MET J 133 79.64 -72.82 -51.82
N TYR J 134 78.98 -73.90 -51.41
CA TYR J 134 77.67 -73.90 -50.75
C TYR J 134 77.79 -74.76 -49.49
N VAL J 135 77.38 -74.22 -48.33
CA VAL J 135 77.30 -74.92 -47.06
C VAL J 135 75.82 -75.27 -46.86
N ALA J 136 75.47 -76.55 -47.02
CA ALA J 136 74.17 -77.15 -46.78
C ALA J 136 74.21 -77.96 -45.48
N ILE J 137 73.05 -78.41 -44.99
CA ILE J 137 72.89 -79.14 -43.73
C ILE J 137 72.14 -80.45 -44.02
N GLN J 138 72.59 -81.56 -43.43
CA GLN J 138 72.11 -82.94 -43.60
C GLN J 138 70.58 -83.07 -43.46
N ALA J 139 70.02 -82.57 -42.36
CA ALA J 139 68.59 -82.63 -42.06
C ALA J 139 67.76 -81.75 -42.99
N VAL J 140 68.31 -80.61 -43.45
CA VAL J 140 67.65 -79.68 -44.36
C VAL J 140 67.60 -80.31 -45.78
N LEU J 141 68.71 -80.92 -46.26
CA LEU J 141 68.73 -81.60 -47.56
C LEU J 141 67.84 -82.86 -47.57
N SER J 142 67.82 -83.61 -46.46
CA SER J 142 67.07 -84.85 -46.34
C SER J 142 65.56 -84.59 -46.20
N LEU J 143 65.13 -83.57 -45.42
CA LEU J 143 63.71 -83.28 -45.22
C LEU J 143 63.11 -82.69 -46.50
N TYR J 144 63.81 -81.79 -47.20
CA TYR J 144 63.32 -81.21 -48.45
C TYR J 144 63.27 -82.28 -49.57
N ALA J 145 64.18 -83.27 -49.57
CA ALA J 145 64.13 -84.43 -50.44
C ALA J 145 63.03 -85.45 -50.04
N SER J 146 62.42 -85.28 -48.86
CA SER J 146 61.33 -86.10 -48.34
C SER J 146 59.96 -85.50 -48.73
N GLY J 147 59.94 -84.31 -49.38
CA GLY J 147 58.72 -83.63 -49.80
C GLY J 147 57.97 -82.99 -48.64
N ARG J 148 58.71 -82.38 -47.71
CA ARG J 148 58.21 -81.63 -46.57
C ARG J 148 59.12 -80.40 -46.37
N THR J 149 58.55 -79.43 -45.64
CA THR J 149 59.18 -78.23 -45.12
C THR J 149 58.99 -78.16 -43.59
N THR J 150 57.95 -78.79 -43.04
CA THR J 150 57.76 -79.09 -41.61
C THR J 150 57.75 -80.61 -41.44
N GLY J 151 58.44 -81.11 -40.42
CA GLY J 151 58.48 -82.51 -40.04
C GLY J 151 59.64 -82.76 -39.08
N ILE J 152 59.88 -84.03 -38.74
CA ILE J 152 60.99 -84.46 -37.89
C ILE J 152 61.75 -85.56 -38.63
N VAL J 153 63.06 -85.37 -38.76
CA VAL J 153 64.01 -86.33 -39.30
C VAL J 153 64.60 -87.08 -38.09
N LEU J 154 64.66 -88.41 -38.17
CA LEU J 154 65.54 -89.24 -37.36
C LEU J 154 66.68 -89.67 -38.28
N ASP J 155 67.93 -89.34 -37.93
CA ASP J 155 69.12 -90.01 -38.46
C ASP J 155 69.57 -91.02 -37.39
N SER J 156 70.14 -92.14 -37.84
CA SER J 156 70.94 -93.06 -37.06
C SER J 156 72.11 -93.40 -37.99
N GLY J 157 73.19 -92.63 -37.82
CA GLY J 157 74.29 -92.50 -38.76
C GLY J 157 75.35 -93.56 -38.50
N ASP J 158 76.60 -93.11 -38.38
CA ASP J 158 77.76 -93.96 -38.12
C ASP J 158 77.91 -94.15 -36.60
N GLY J 159 78.14 -93.06 -35.85
CA GLY J 159 78.37 -93.08 -34.40
C GLY J 159 77.45 -92.17 -33.60
N VAL J 160 76.47 -91.52 -34.23
CA VAL J 160 75.49 -90.66 -33.60
C VAL J 160 74.12 -90.91 -34.24
N THR J 161 73.08 -90.83 -33.42
CA THR J 161 71.68 -90.84 -33.81
C THR J 161 71.14 -89.45 -33.44
N HIS J 162 70.58 -88.71 -34.41
CA HIS J 162 70.02 -87.38 -34.22
C HIS J 162 68.51 -87.45 -34.45
N ASN J 163 67.72 -86.79 -33.59
CA ASN J 163 66.38 -86.32 -33.90
C ASN J 163 66.50 -84.84 -34.23
N VAL J 164 65.99 -84.41 -35.40
CA VAL J 164 66.06 -83.02 -35.87
C VAL J 164 64.65 -82.57 -36.32
N PRO J 165 63.87 -81.86 -35.47
CA PRO J 165 62.58 -81.27 -35.86
C PRO J 165 62.79 -79.92 -36.59
N ILE J 166 61.97 -79.68 -37.63
CA ILE J 166 61.99 -78.50 -38.48
C ILE J 166 60.52 -78.03 -38.63
N TYR J 167 60.32 -76.71 -38.70
CA TYR J 167 59.05 -76.02 -38.90
C TYR J 167 59.28 -74.99 -40.01
N GLU J 168 58.63 -75.22 -41.17
CA GLU J 168 58.71 -74.54 -42.46
C GLU J 168 60.12 -73.98 -42.79
N GLY J 169 61.09 -74.90 -42.84
CA GLY J 169 62.47 -74.68 -43.26
C GLY J 169 63.45 -74.29 -42.15
N TYR J 170 62.94 -73.88 -40.97
CA TYR J 170 63.74 -73.46 -39.83
C TYR J 170 63.76 -74.62 -38.82
N ALA J 171 64.96 -74.97 -38.32
CA ALA J 171 65.15 -76.02 -37.33
C ALA J 171 65.03 -75.38 -35.93
N LEU J 172 64.30 -76.02 -35.02
CA LEU J 172 64.04 -75.50 -33.66
C LEU J 172 65.17 -76.00 -32.72
N PRO J 173 66.12 -75.14 -32.28
CA PRO J 173 67.36 -75.56 -31.60
C PRO J 173 67.16 -76.42 -30.35
N HIS J 174 66.24 -76.00 -29.47
CA HIS J 174 65.99 -76.55 -28.13
C HIS J 174 65.31 -77.93 -28.15
N ALA J 175 64.94 -78.43 -29.33
CA ALA J 175 64.21 -79.66 -29.56
C ALA J 175 65.02 -80.70 -30.35
N ILE J 176 66.24 -80.37 -30.81
CA ILE J 176 67.18 -81.29 -31.44
C ILE J 176 67.81 -82.12 -30.30
N MET J 177 67.92 -83.44 -30.49
CA MET J 177 68.45 -84.39 -29.53
C MET J 177 69.40 -85.33 -30.26
N ARG J 178 70.64 -85.41 -29.78
CA ARG J 178 71.72 -86.23 -30.32
C ARG J 178 72.01 -87.32 -29.27
N LEU J 179 71.88 -88.59 -29.66
CA LEU J 179 72.24 -89.76 -28.88
C LEU J 179 73.52 -90.32 -29.52
N ASP J 180 74.64 -90.28 -28.80
CA ASP J 180 75.97 -90.67 -29.27
C ASP J 180 76.13 -92.20 -29.18
N LEU J 181 75.43 -92.90 -30.08
CA LEU J 181 75.45 -94.34 -30.32
C LEU J 181 74.81 -94.52 -31.71
N ALA J 182 75.45 -95.25 -32.63
CA ALA J 182 74.84 -95.70 -33.88
C ALA J 182 75.50 -96.96 -34.46
N GLY J 183 75.45 -97.09 -35.80
CA GLY J 183 75.70 -98.29 -36.58
C GLY J 183 77.13 -98.81 -36.62
N ARG J 184 78.14 -97.97 -36.36
CA ARG J 184 79.54 -98.37 -36.22
C ARG J 184 79.68 -99.14 -34.90
N ASP J 185 79.24 -98.56 -33.80
CA ASP J 185 79.33 -99.05 -32.42
C ASP J 185 78.54 -100.35 -32.24
N LEU J 186 77.39 -100.45 -32.94
CA LEU J 186 76.61 -101.67 -33.07
C LEU J 186 77.32 -102.79 -33.86
N THR J 187 78.36 -102.48 -34.67
CA THR J 187 79.17 -103.51 -35.34
C THR J 187 80.16 -104.11 -34.32
N ASP J 188 80.69 -103.30 -33.40
CA ASP J 188 81.49 -103.77 -32.25
C ASP J 188 80.64 -104.59 -31.29
N TYR J 189 79.38 -104.23 -31.07
CA TYR J 189 78.46 -105.07 -30.31
C TYR J 189 78.11 -106.37 -31.07
N LEU J 190 78.05 -106.36 -32.43
CA LEU J 190 77.92 -107.56 -33.24
C LEU J 190 79.17 -108.45 -33.15
N MET J 191 80.39 -107.88 -33.09
CA MET J 191 81.65 -108.59 -32.78
C MET J 191 81.57 -109.28 -31.41
N LYS J 192 81.02 -108.58 -30.39
CA LYS J 192 80.72 -109.14 -29.07
C LYS J 192 79.74 -110.33 -29.17
N ILE J 193 78.53 -110.14 -29.71
CA ILE J 193 77.52 -111.20 -29.70
C ILE J 193 77.83 -112.37 -30.67
N LEU J 194 78.78 -112.21 -31.61
CA LEU J 194 79.34 -113.30 -32.41
C LEU J 194 80.53 -113.98 -31.71
N THR J 195 81.29 -113.30 -30.82
CA THR J 195 82.27 -113.96 -29.95
C THR J 195 81.54 -114.67 -28.77
N GLU J 196 80.32 -114.26 -28.40
CA GLU J 196 79.36 -115.05 -27.61
C GLU J 196 78.86 -116.32 -28.36
N ARG J 197 79.31 -116.56 -29.60
CA ARG J 197 79.14 -117.78 -30.40
C ARG J 197 80.50 -118.37 -30.83
N GLY J 198 81.62 -117.84 -30.32
CA GLY J 198 82.97 -118.38 -30.53
C GLY J 198 83.64 -118.02 -31.86
N TYR J 199 83.07 -117.13 -32.69
CA TYR J 199 83.59 -116.84 -34.04
C TYR J 199 84.95 -116.09 -34.07
N SER J 200 85.41 -115.58 -32.91
CA SER J 200 86.82 -115.29 -32.63
C SER J 200 87.40 -114.00 -33.29
N PHE J 201 86.53 -113.14 -33.82
CA PHE J 201 86.86 -111.88 -34.47
C PHE J 201 87.29 -110.83 -33.41
N VAL J 202 88.30 -110.03 -33.69
CA VAL J 202 88.95 -109.14 -32.72
C VAL J 202 89.47 -107.80 -33.31
N THR J 203 89.92 -107.73 -34.58
CA THR J 203 90.59 -106.56 -35.15
C THR J 203 89.59 -105.70 -35.97
N THR J 204 90.11 -104.83 -36.84
CA THR J 204 89.32 -103.97 -37.74
C THR J 204 89.10 -104.65 -39.11
N ALA J 205 89.88 -105.69 -39.46
CA ALA J 205 89.70 -106.43 -40.71
C ALA J 205 88.37 -107.19 -40.71
N GLU J 206 88.03 -107.82 -39.58
CA GLU J 206 86.77 -108.49 -39.35
C GLU J 206 85.62 -107.51 -39.15
N ARG J 207 85.86 -106.26 -38.71
CA ARG J 207 84.80 -105.26 -38.48
C ARG J 207 84.13 -104.80 -39.79
N GLU J 208 84.83 -104.75 -40.92
CA GLU J 208 84.23 -104.47 -42.22
C GLU J 208 83.45 -105.70 -42.75
N ILE J 209 83.84 -106.92 -42.35
CA ILE J 209 83.17 -108.17 -42.72
C ILE J 209 81.93 -108.35 -41.82
N VAL J 210 82.04 -108.08 -40.52
CA VAL J 210 80.93 -108.04 -39.57
C VAL J 210 79.96 -106.87 -39.89
N ARG J 211 80.46 -105.74 -40.41
CA ARG J 211 79.65 -104.70 -41.04
C ARG J 211 78.88 -105.26 -42.25
N ASP J 212 79.51 -106.08 -43.11
CA ASP J 212 78.82 -106.73 -44.21
C ASP J 212 77.74 -107.72 -43.70
N ILE J 213 78.04 -108.58 -42.70
CA ILE J 213 77.08 -109.42 -41.97
C ILE J 213 75.86 -108.60 -41.48
N LYS J 214 76.15 -107.45 -40.84
CA LYS J 214 75.20 -106.47 -40.34
C LYS J 214 74.34 -105.88 -41.47
N GLU J 215 74.97 -105.27 -42.49
CA GLU J 215 74.29 -104.61 -43.62
C GLU J 215 73.57 -105.61 -44.54
N LYS J 216 73.96 -106.90 -44.58
CA LYS J 216 73.32 -107.95 -45.37
C LYS J 216 72.13 -108.62 -44.65
N LEU J 217 72.28 -109.05 -43.37
CA LEU J 217 71.44 -110.11 -42.81
C LEU J 217 70.61 -109.73 -41.56
N CYS J 218 70.88 -108.58 -40.93
CA CYS J 218 70.29 -108.22 -39.64
C CYS J 218 68.99 -107.42 -39.81
N TYR J 219 68.11 -107.47 -38.82
CA TYR J 219 66.76 -106.91 -38.82
C TYR J 219 66.38 -106.45 -37.40
N VAL J 220 65.41 -105.54 -37.29
CA VAL J 220 64.81 -105.16 -36.02
C VAL J 220 63.59 -106.07 -35.85
N ALA J 221 63.49 -106.73 -34.69
CA ALA J 221 62.36 -107.57 -34.28
C ALA J 221 61.15 -106.67 -34.01
N LEU J 222 59.92 -107.15 -34.23
CA LEU J 222 58.70 -106.38 -34.02
C LEU J 222 58.41 -106.18 -32.52
N ASP J 223 58.82 -107.14 -31.70
CA ASP J 223 59.08 -107.01 -30.28
C ASP J 223 60.16 -108.02 -29.92
N PHE J 224 60.93 -107.76 -28.86
CA PHE J 224 62.06 -108.60 -28.46
C PHE J 224 61.55 -109.92 -27.86
N GLU J 225 60.60 -109.86 -26.90
CA GLU J 225 60.23 -111.01 -26.06
C GLU J 225 59.60 -112.13 -26.88
N ASN J 226 58.71 -111.80 -27.84
CA ASN J 226 58.04 -112.79 -28.69
C ASN J 226 59.02 -113.37 -29.73
N GLU J 227 59.96 -112.56 -30.23
CA GLU J 227 60.98 -112.96 -31.22
C GLU J 227 62.01 -113.89 -30.52
N MET J 228 62.56 -113.44 -29.39
CA MET J 228 63.49 -114.16 -28.52
C MET J 228 62.91 -115.49 -28.03
N ALA J 229 61.62 -115.53 -27.64
CA ALA J 229 60.93 -116.76 -27.24
C ALA J 229 60.82 -117.76 -28.40
N THR J 230 60.49 -117.29 -29.62
CA THR J 230 60.33 -118.14 -30.80
C THR J 230 61.72 -118.64 -31.27
N ALA J 231 62.72 -117.75 -31.26
CA ALA J 231 64.08 -117.99 -31.73
C ALA J 231 64.91 -118.84 -30.75
N ALA J 232 64.48 -118.96 -29.50
CA ALA J 232 65.06 -119.88 -28.50
C ALA J 232 64.39 -121.26 -28.56
N SER J 233 63.20 -121.35 -29.16
CA SER J 233 62.39 -122.57 -29.25
C SER J 233 62.44 -123.16 -30.67
N SER J 234 63.42 -122.78 -31.49
CA SER J 234 63.58 -123.26 -32.86
C SER J 234 65.06 -123.20 -33.26
N SER J 235 65.33 -123.60 -34.49
CA SER J 235 66.61 -123.57 -35.18
C SER J 235 66.28 -123.53 -36.67
N SER J 236 65.83 -122.36 -37.15
CA SER J 236 65.23 -122.12 -38.47
C SER J 236 65.00 -120.62 -38.76
N LEU J 237 65.30 -119.72 -37.83
CA LEU J 237 65.21 -118.26 -38.00
C LEU J 237 66.57 -117.70 -38.43
N GLU J 238 67.58 -118.57 -38.45
CA GLU J 238 68.98 -118.33 -38.76
C GLU J 238 69.15 -118.13 -40.28
N LYS J 239 70.17 -117.37 -40.65
CA LYS J 239 70.60 -117.21 -42.03
C LYS J 239 72.13 -117.12 -41.99
N SER J 240 72.81 -118.03 -42.68
CA SER J 240 74.25 -118.06 -42.87
C SER J 240 74.77 -116.82 -43.60
N TYR J 241 75.99 -116.40 -43.27
CA TYR J 241 76.81 -115.52 -44.08
C TYR J 241 77.84 -116.45 -44.73
N GLU J 242 77.66 -116.66 -46.03
CA GLU J 242 78.47 -117.48 -46.91
C GLU J 242 79.56 -116.58 -47.50
N LEU J 243 80.80 -116.74 -47.03
CA LEU J 243 81.96 -116.00 -47.52
C LEU J 243 82.47 -116.63 -48.84
N PRO J 244 83.00 -115.83 -49.80
CA PRO J 244 83.70 -116.30 -51.01
C PRO J 244 84.81 -117.34 -50.73
N ASP J 245 85.47 -117.19 -49.58
CA ASP J 245 86.48 -118.01 -48.91
C ASP J 245 86.03 -119.45 -48.64
N GLY J 246 84.72 -119.72 -48.72
CA GLY J 246 84.08 -121.02 -48.51
C GLY J 246 83.58 -121.22 -47.08
N GLN J 247 83.78 -120.24 -46.20
CA GLN J 247 83.36 -120.25 -44.81
C GLN J 247 81.87 -119.87 -44.70
N VAL J 248 81.10 -120.70 -44.01
CA VAL J 248 79.68 -120.51 -43.73
C VAL J 248 79.61 -120.12 -42.25
N ILE J 249 79.46 -118.82 -41.95
CA ILE J 249 79.33 -118.29 -40.60
C ILE J 249 77.82 -118.22 -40.36
N THR J 250 77.28 -119.00 -39.42
CA THR J 250 75.84 -119.16 -39.22
C THR J 250 75.37 -118.10 -38.21
N ILE J 251 74.56 -117.14 -38.66
CA ILE J 251 74.06 -116.02 -37.87
C ILE J 251 72.60 -116.39 -37.53
N GLY J 252 72.34 -116.62 -36.24
CA GLY J 252 71.05 -117.02 -35.69
C GLY J 252 70.35 -115.83 -35.06
N ASN J 253 69.96 -115.97 -33.79
CA ASN J 253 69.45 -114.97 -32.84
C ASN J 253 70.16 -113.60 -32.91
N GLU J 254 71.47 -113.63 -33.18
CA GLU J 254 72.35 -112.49 -33.40
C GLU J 254 71.88 -111.54 -34.52
N ARG J 255 71.04 -112.02 -35.46
CA ARG J 255 70.43 -111.22 -36.52
C ARG J 255 69.52 -110.10 -36.01
N PHE J 256 68.95 -110.22 -34.79
CA PHE J 256 68.12 -109.18 -34.19
C PHE J 256 68.74 -108.60 -32.91
N ARG J 257 69.55 -109.38 -32.15
CA ARG J 257 70.17 -108.90 -30.91
C ARG J 257 71.16 -107.73 -31.13
N CYS J 258 71.81 -107.64 -32.31
CA CYS J 258 72.58 -106.46 -32.72
C CYS J 258 71.68 -105.21 -32.83
N PRO J 259 70.78 -105.03 -33.83
CA PRO J 259 69.85 -103.87 -33.91
C PRO J 259 69.08 -103.51 -32.62
N GLU J 260 68.61 -104.51 -31.86
CA GLU J 260 67.87 -104.32 -30.61
C GLU J 260 68.71 -103.59 -29.51
N THR J 261 70.05 -103.62 -29.57
CA THR J 261 70.93 -102.87 -28.66
C THR J 261 70.76 -101.33 -28.78
N LEU J 262 70.16 -100.82 -29.87
CA LEU J 262 69.79 -99.41 -30.04
C LEU J 262 68.38 -99.13 -29.46
N PHE J 263 67.47 -100.13 -29.48
CA PHE J 263 66.12 -100.05 -28.92
C PHE J 263 66.13 -100.26 -27.39
N GLN J 264 67.17 -100.91 -26.87
CA GLN J 264 67.51 -100.99 -25.45
C GLN J 264 69.01 -100.67 -25.26
N PRO J 265 69.39 -99.37 -25.16
CA PRO J 265 70.75 -98.91 -24.79
C PRO J 265 71.27 -99.48 -23.45
N SER J 266 70.34 -99.93 -22.59
CA SER J 266 70.54 -100.69 -21.36
C SER J 266 71.41 -101.95 -21.56
N PHE J 267 71.29 -102.62 -22.72
CA PHE J 267 72.09 -103.79 -23.11
C PHE J 267 73.56 -103.46 -23.43
N ILE J 268 73.93 -102.18 -23.49
CA ILE J 268 75.28 -101.66 -23.71
C ILE J 268 75.67 -100.68 -22.57
N GLY J 269 74.86 -100.62 -21.50
CA GLY J 269 75.16 -99.87 -20.28
C GLY J 269 74.90 -98.37 -20.34
N MET J 270 74.29 -97.89 -21.44
CA MET J 270 73.92 -96.48 -21.62
C MET J 270 72.66 -96.19 -20.78
N GLU J 271 72.74 -95.14 -19.96
CA GLU J 271 71.62 -94.59 -19.19
C GLU J 271 70.75 -93.66 -20.06
N SER J 272 71.31 -93.23 -21.19
CA SER J 272 70.71 -92.42 -22.24
C SER J 272 69.46 -93.12 -22.79
N ALA J 273 68.36 -92.37 -22.93
CA ALA J 273 67.04 -92.89 -23.29
C ALA J 273 67.03 -93.55 -24.68
N GLY J 274 66.12 -94.52 -24.90
CA GLY J 274 65.96 -95.20 -26.19
C GLY J 274 65.54 -94.24 -27.31
N ILE J 275 65.77 -94.60 -28.59
CA ILE J 275 65.50 -93.73 -29.74
C ILE J 275 64.02 -93.31 -29.84
N HIS J 276 63.08 -94.20 -29.50
CA HIS J 276 61.64 -93.94 -29.41
C HIS J 276 61.31 -92.97 -28.26
N GLU J 277 61.95 -93.13 -27.09
CA GLU J 277 61.87 -92.21 -25.96
C GLU J 277 62.37 -90.81 -26.35
N THR J 278 63.54 -90.74 -26.99
CA THR J 278 64.19 -89.51 -27.43
C THR J 278 63.40 -88.81 -28.56
N THR J 279 62.81 -89.56 -29.49
CA THR J 279 61.97 -89.04 -30.57
C THR J 279 60.69 -88.39 -30.01
N TYR J 280 60.04 -89.04 -29.02
CA TYR J 280 58.91 -88.49 -28.27
C TYR J 280 59.30 -87.17 -27.56
N ASN J 281 60.42 -87.18 -26.83
CA ASN J 281 60.91 -86.02 -26.06
C ASN J 281 61.30 -84.83 -26.96
N SER J 282 61.86 -85.12 -28.15
CA SER J 282 62.19 -84.17 -29.20
C SER J 282 60.91 -83.48 -29.75
N ILE J 283 59.87 -84.24 -30.11
CA ILE J 283 58.57 -83.72 -30.59
C ILE J 283 57.89 -82.87 -29.49
N MET J 284 57.96 -83.33 -28.24
CA MET J 284 57.36 -82.68 -27.07
C MET J 284 58.03 -81.34 -26.69
N LYS J 285 59.27 -81.10 -27.10
CA LYS J 285 59.97 -79.82 -26.90
C LYS J 285 59.52 -78.73 -27.90
N CYS J 286 58.84 -79.09 -29.00
CA CYS J 286 58.35 -78.15 -30.00
C CYS J 286 56.93 -77.71 -29.61
N ASP J 287 56.54 -76.48 -29.99
CA ASP J 287 55.29 -75.78 -29.71
C ASP J 287 54.02 -76.59 -30.03
N ILE J 288 52.96 -76.36 -29.24
CA ILE J 288 51.66 -77.05 -29.16
C ILE J 288 50.96 -77.39 -30.49
N ASP J 289 51.14 -76.58 -31.52
CA ASP J 289 50.50 -76.66 -32.83
C ASP J 289 51.43 -77.28 -33.87
N ILE J 290 52.74 -77.32 -33.63
CA ILE J 290 53.73 -77.96 -34.50
C ILE J 290 53.69 -79.48 -34.27
N ARG J 291 53.53 -79.92 -33.00
CA ARG J 291 53.66 -81.31 -32.55
C ARG J 291 52.88 -82.34 -33.39
N LYS J 292 51.64 -82.01 -33.75
CA LYS J 292 50.74 -82.81 -34.58
C LYS J 292 51.35 -83.19 -35.95
N ASP J 293 52.06 -82.26 -36.59
CA ASP J 293 52.61 -82.42 -37.93
C ASP J 293 54.04 -82.96 -37.86
N LEU J 294 54.67 -83.00 -36.68
CA LEU J 294 55.91 -83.75 -36.44
C LEU J 294 55.54 -85.23 -36.22
N TYR J 295 54.52 -85.52 -35.40
CA TYR J 295 53.92 -86.84 -35.21
C TYR J 295 53.54 -87.53 -36.54
N ALA J 296 52.94 -86.76 -37.47
CA ALA J 296 52.48 -87.21 -38.78
C ALA J 296 53.53 -87.09 -39.90
N ASN J 297 54.75 -86.59 -39.63
CA ASN J 297 55.83 -86.44 -40.60
C ASN J 297 57.16 -86.85 -39.98
N ASN J 298 57.20 -88.08 -39.46
CA ASN J 298 58.38 -88.75 -38.93
C ASN J 298 59.14 -89.39 -40.11
N VAL J 299 60.23 -88.74 -40.54
CA VAL J 299 61.07 -89.14 -41.65
C VAL J 299 62.25 -89.95 -41.09
N MET J 300 62.27 -91.26 -41.39
CA MET J 300 63.35 -92.16 -41.05
C MET J 300 64.43 -92.02 -42.14
N SER J 301 65.57 -91.44 -41.79
CA SER J 301 66.73 -91.23 -42.63
C SER J 301 67.93 -91.91 -41.95
N GLY J 302 69.12 -91.71 -42.48
CA GLY J 302 70.37 -92.23 -41.93
C GLY J 302 70.76 -93.60 -42.48
N GLY J 303 71.82 -94.17 -41.92
CA GLY J 303 72.47 -95.38 -42.44
C GLY J 303 72.04 -96.65 -41.72
N THR J 304 71.84 -96.58 -40.40
CA THR J 304 71.53 -97.71 -39.54
C THR J 304 70.04 -98.08 -39.62
N THR J 305 69.19 -97.17 -40.15
CA THR J 305 67.75 -97.37 -40.32
C THR J 305 67.40 -98.23 -41.56
N MET J 306 68.40 -98.87 -42.21
CA MET J 306 68.23 -99.75 -43.37
C MET J 306 67.84 -101.19 -42.99
N TYR J 307 67.81 -101.55 -41.70
CA TYR J 307 67.38 -102.86 -41.22
C TYR J 307 65.87 -103.08 -41.49
N PRO J 308 65.43 -104.23 -42.04
CA PRO J 308 64.01 -104.65 -42.08
C PRO J 308 63.37 -104.62 -40.68
N GLY J 309 62.06 -104.34 -40.61
CA GLY J 309 61.28 -104.35 -39.38
C GLY J 309 61.35 -103.05 -38.57
N ILE J 310 62.25 -102.11 -38.90
CA ILE J 310 62.47 -100.92 -38.08
C ILE J 310 61.35 -99.87 -38.24
N ALA J 311 60.73 -99.77 -39.42
CA ALA J 311 59.66 -98.81 -39.69
C ALA J 311 58.37 -99.27 -39.00
N ASP J 312 58.13 -100.58 -39.09
CA ASP J 312 57.11 -101.42 -38.47
C ASP J 312 57.19 -101.29 -36.94
N ARG J 313 58.40 -101.50 -36.39
CA ARG J 313 58.71 -101.37 -34.98
C ARG J 313 58.51 -99.91 -34.51
N MET J 314 59.00 -98.91 -35.26
CA MET J 314 58.83 -97.50 -34.89
C MET J 314 57.36 -97.06 -34.91
N GLN J 315 56.52 -97.58 -35.83
CA GLN J 315 55.07 -97.35 -35.85
C GLN J 315 54.40 -97.86 -34.55
N LYS J 316 54.84 -99.03 -34.05
CA LYS J 316 54.46 -99.58 -32.76
C LYS J 316 54.97 -98.71 -31.60
N GLU J 317 56.29 -98.46 -31.49
CA GLU J 317 56.86 -97.79 -30.31
C GLU J 317 56.38 -96.33 -30.17
N ILE J 318 56.10 -95.63 -31.28
CA ILE J 318 55.57 -94.27 -31.26
C ILE J 318 54.10 -94.27 -30.79
N THR J 319 53.25 -95.23 -31.23
CA THR J 319 51.85 -95.32 -30.77
C THR J 319 51.70 -95.81 -29.31
N ALA J 320 52.80 -96.22 -28.66
CA ALA J 320 52.86 -96.47 -27.22
C ALA J 320 53.19 -95.20 -26.42
N LEU J 321 53.58 -94.10 -27.07
CA LEU J 321 54.01 -92.84 -26.43
C LEU J 321 53.15 -91.65 -26.89
N ALA J 322 52.84 -91.58 -28.18
CA ALA J 322 52.07 -90.51 -28.80
C ALA J 322 50.55 -90.78 -28.61
N PRO J 323 49.73 -89.78 -28.23
CA PRO J 323 48.27 -89.89 -28.13
C PRO J 323 47.62 -90.49 -29.39
N SER J 324 46.72 -91.47 -29.23
CA SER J 324 46.08 -92.24 -30.29
C SER J 324 45.07 -91.44 -31.14
N THR J 325 44.87 -90.16 -30.85
CA THR J 325 44.13 -89.19 -31.63
C THR J 325 45.03 -88.54 -32.72
N MET J 326 46.36 -88.62 -32.58
CA MET J 326 47.32 -88.12 -33.56
C MET J 326 47.43 -89.10 -34.73
N LYS J 327 47.69 -88.56 -35.92
CA LYS J 327 47.89 -89.34 -37.14
C LYS J 327 49.39 -89.67 -37.14
N ILE J 328 49.77 -90.94 -36.96
CA ILE J 328 51.16 -91.38 -37.01
C ILE J 328 51.34 -92.07 -38.38
N LYS J 329 51.99 -91.36 -39.31
CA LYS J 329 52.46 -91.87 -40.59
C LYS J 329 54.00 -91.81 -40.54
N ILE J 330 54.67 -92.96 -40.45
CA ILE J 330 56.13 -93.10 -40.56
C ILE J 330 56.48 -93.09 -42.05
N ILE J 331 57.41 -92.22 -42.46
CA ILE J 331 57.97 -92.18 -43.81
C ILE J 331 59.36 -92.83 -43.73
N ALA J 332 59.61 -93.82 -44.57
CA ALA J 332 60.90 -94.49 -44.73
C ALA J 332 61.16 -94.69 -46.23
N PRO J 333 61.97 -93.82 -46.90
CA PRO J 333 62.37 -93.98 -48.31
C PRO J 333 62.99 -95.37 -48.62
N PRO J 334 62.76 -95.97 -49.82
CA PRO J 334 63.21 -97.32 -50.22
C PRO J 334 64.65 -97.71 -49.82
N GLU J 335 65.63 -96.96 -50.31
CA GLU J 335 66.96 -96.77 -49.73
C GLU J 335 66.88 -95.39 -49.06
N ARG J 336 67.71 -95.16 -48.03
CA ARG J 336 67.71 -93.96 -47.21
C ARG J 336 69.10 -93.45 -46.79
N LYS J 337 70.19 -94.24 -46.97
CA LYS J 337 71.52 -93.86 -46.44
C LYS J 337 72.21 -92.81 -47.32
N TYR J 338 71.78 -92.69 -48.57
CA TYR J 338 72.25 -91.70 -49.53
C TYR J 338 71.30 -90.49 -49.61
N SER J 339 70.11 -90.55 -48.98
CA SER J 339 69.02 -89.57 -49.13
C SER J 339 69.39 -88.15 -48.63
N VAL J 340 70.37 -88.08 -47.71
CA VAL J 340 70.94 -86.86 -47.17
C VAL J 340 71.85 -86.15 -48.20
N TRP J 341 72.51 -86.92 -49.07
CA TRP J 341 73.47 -86.44 -50.06
C TRP J 341 72.79 -86.21 -51.42
N ILE J 342 71.76 -87.01 -51.75
CA ILE J 342 70.91 -86.87 -52.95
C ILE J 342 70.28 -85.47 -53.01
N GLY J 343 69.83 -84.92 -51.87
CA GLY J 343 69.32 -83.55 -51.79
C GLY J 343 70.38 -82.50 -52.14
N GLY J 344 71.66 -82.82 -51.95
CA GLY J 344 72.80 -81.99 -52.33
C GLY J 344 73.09 -82.10 -53.82
N SER J 345 73.07 -83.33 -54.37
CA SER J 345 73.25 -83.61 -55.79
C SER J 345 72.18 -82.92 -56.65
N ILE J 346 70.91 -82.99 -56.22
CA ILE J 346 69.78 -82.37 -56.88
C ILE J 346 69.86 -80.83 -56.79
N LEU J 347 70.19 -80.28 -55.61
CA LEU J 347 70.34 -78.84 -55.38
C LEU J 347 71.53 -78.25 -56.15
N ALA J 348 72.66 -78.96 -56.22
CA ALA J 348 73.85 -78.53 -56.96
C ALA J 348 73.74 -78.73 -58.49
N SER J 349 72.60 -79.19 -59.01
CA SER J 349 72.37 -79.45 -60.43
C SER J 349 71.17 -78.65 -60.95
N LEU J 350 71.15 -77.34 -60.64
CA LEU J 350 70.15 -76.38 -61.10
C LEU J 350 70.86 -75.23 -61.81
N SER J 351 70.55 -75.05 -63.11
CA SER J 351 71.04 -74.04 -64.04
C SER J 351 70.34 -72.67 -63.79
N THR J 352 70.32 -72.26 -62.52
CA THR J 352 69.66 -71.10 -61.95
C THR J 352 70.76 -70.18 -61.39
N PHE J 353 70.57 -68.85 -61.48
CA PHE J 353 71.52 -67.85 -60.99
C PHE J 353 71.53 -67.85 -59.45
N GLN J 354 72.73 -67.80 -58.87
CA GLN J 354 73.00 -67.97 -57.46
C GLN J 354 72.56 -66.78 -56.59
N GLN J 355 72.26 -67.09 -55.33
CA GLN J 355 72.18 -66.13 -54.24
C GLN J 355 72.77 -66.72 -52.95
N MET J 356 72.44 -67.98 -52.63
CA MET J 356 72.83 -68.66 -51.40
C MET J 356 74.19 -69.38 -51.55
N TRP J 357 74.68 -69.55 -52.78
CA TRP J 357 76.05 -70.03 -53.06
C TRP J 357 77.01 -68.86 -52.79
N ILE J 358 78.17 -69.14 -52.21
CA ILE J 358 79.17 -68.16 -51.79
C ILE J 358 80.23 -68.19 -52.89
N THR J 359 80.53 -67.04 -53.51
CA THR J 359 81.63 -66.88 -54.46
C THR J 359 82.92 -66.54 -53.70
N LYS J 360 84.09 -66.70 -54.34
CA LYS J 360 85.39 -66.23 -53.83
C LYS J 360 85.39 -64.70 -53.60
N GLN J 361 84.66 -63.95 -54.42
CA GLN J 361 84.51 -62.48 -54.36
C GLN J 361 83.94 -62.05 -53.00
N GLU J 362 82.79 -62.63 -52.63
CA GLU J 362 82.08 -62.36 -51.38
C GLU J 362 82.83 -62.89 -50.14
N TYR J 363 83.80 -63.81 -50.33
CA TYR J 363 84.70 -64.26 -49.28
C TYR J 363 85.83 -63.24 -49.11
N ASP J 364 86.51 -62.83 -50.20
CA ASP J 364 87.66 -61.92 -50.15
C ASP J 364 87.28 -60.50 -49.69
N GLU J 365 85.99 -60.12 -49.82
CA GLU J 365 85.43 -58.85 -49.34
C GLU J 365 84.90 -58.94 -47.89
N ALA J 366 84.62 -60.13 -47.33
CA ALA J 366 83.88 -60.29 -46.06
C ALA J 366 84.37 -61.39 -45.10
N GLY J 367 85.36 -62.18 -45.50
CA GLY J 367 86.03 -63.22 -44.73
C GLY J 367 85.15 -64.43 -44.33
N PRO J 368 85.67 -65.34 -43.48
CA PRO J 368 84.97 -66.53 -42.96
C PRO J 368 83.56 -66.36 -42.35
N SER J 369 83.08 -65.12 -42.13
CA SER J 369 81.74 -64.85 -41.60
C SER J 369 80.71 -64.65 -42.71
N ILE J 370 81.06 -64.72 -44.02
CA ILE J 370 80.13 -64.61 -45.15
C ILE J 370 79.01 -65.68 -45.09
N VAL J 371 79.38 -66.91 -44.71
CA VAL J 371 78.54 -68.09 -44.55
C VAL J 371 77.30 -67.84 -43.67
N HIS J 372 77.47 -67.05 -42.59
CA HIS J 372 76.42 -66.77 -41.59
C HIS J 372 75.44 -65.69 -42.08
N ARG J 373 75.58 -65.22 -43.32
CA ARG J 373 74.58 -64.43 -44.04
C ARG J 373 73.84 -65.29 -45.08
N LYS J 374 74.46 -66.39 -45.53
CA LYS J 374 74.03 -67.20 -46.67
C LYS J 374 73.28 -68.47 -46.23
N CYS J 375 73.64 -69.05 -45.07
CA CYS J 375 73.00 -70.22 -44.47
C CYS J 375 73.23 -70.16 -42.94
N PHE J 376 72.67 -71.12 -42.19
CA PHE J 376 72.78 -71.19 -40.73
C PHE J 376 74.14 -71.77 -40.32
N NH2 J 377 74.71 -72.66 -41.13
HN1 NH2 J 377 75.58 -73.11 -40.87
HN2 NH2 J 377 74.27 -72.90 -42.01
C ACE K 1 -23.87 80.17 9.77
O ACE K 1 -23.13 80.87 10.74
CH3 ACE K 1 -24.47 78.94 10.44
H1 ACE K 1 -25.08 79.22 11.31
H2 ACE K 1 -23.70 78.27 10.79
H3 ACE K 1 -25.11 78.39 9.75
N MET K 2 -24.94 81.06 9.35
CA MET K 2 -24.55 82.37 8.73
C MET K 2 -25.74 83.34 8.60
N ALA K 3 -26.94 82.81 8.38
CA ALA K 3 -28.17 83.57 8.13
C ALA K 3 -29.40 82.89 8.73
N SER K 4 -30.54 83.60 8.68
CA SER K 4 -31.87 83.14 9.07
C SER K 4 -32.87 83.50 7.95
N GLY K 5 -32.37 83.56 6.71
CA GLY K 5 -33.00 84.18 5.56
C GLY K 5 -32.35 85.55 5.29
N VAL K 6 -32.68 86.16 4.14
CA VAL K 6 -32.21 87.46 3.72
C VAL K 6 -33.19 88.54 4.21
N THR K 7 -32.72 89.80 4.34
CA THR K 7 -33.56 90.91 4.82
C THR K 7 -34.38 91.51 3.66
N VAL K 8 -35.13 92.57 3.93
CA VAL K 8 -36.03 93.27 3.04
C VAL K 8 -35.67 94.76 3.17
N ASN K 9 -34.94 95.31 2.19
CA ASN K 9 -34.43 96.68 2.22
C ASN K 9 -35.56 97.57 1.67
N ASP K 10 -36.05 98.51 2.49
CA ASP K 10 -37.21 99.41 2.35
C ASP K 10 -37.51 100.10 1.02
N GLU K 11 -36.70 99.93 -0.01
CA GLU K 11 -36.98 100.30 -1.41
C GLU K 11 -38.27 99.61 -1.92
N VAL K 12 -38.49 98.35 -1.53
CA VAL K 12 -39.77 97.63 -1.69
C VAL K 12 -40.94 98.38 -1.02
N ILE K 13 -40.75 98.81 0.23
CA ILE K 13 -41.75 99.50 1.05
C ILE K 13 -42.05 100.93 0.52
N LYS K 14 -41.09 101.59 -0.16
CA LYS K 14 -41.29 102.86 -0.84
C LYS K 14 -42.24 102.72 -2.04
N VAL K 15 -41.90 101.85 -3.02
CA VAL K 15 -42.67 101.69 -4.25
C VAL K 15 -44.04 101.01 -3.98
N PHE K 16 -44.13 100.23 -2.90
CA PHE K 16 -45.38 99.73 -2.32
C PHE K 16 -46.24 100.90 -1.84
N ASN K 17 -45.73 101.74 -0.92
CA ASN K 17 -46.50 102.81 -0.28
C ASN K 17 -47.16 103.82 -1.22
N ASP K 18 -46.52 104.10 -2.38
CA ASP K 18 -47.05 105.06 -3.36
C ASP K 18 -48.25 104.50 -4.17
N MET K 19 -48.43 103.17 -4.23
CA MET K 19 -49.61 102.52 -4.84
C MET K 19 -50.54 101.90 -3.79
N LYS K 20 -50.07 101.72 -2.55
CA LYS K 20 -50.79 101.14 -1.43
C LYS K 20 -51.98 102.02 -1.04
N VAL K 21 -51.75 103.34 -0.93
CA VAL K 21 -52.82 104.32 -0.85
C VAL K 21 -53.16 104.77 -2.29
N ARG K 22 -54.44 105.11 -2.48
CA ARG K 22 -54.94 105.95 -3.54
C ARG K 22 -54.71 107.41 -3.09
N LYS K 23 -54.67 108.32 -4.04
CA LYS K 23 -54.52 109.76 -3.83
C LYS K 23 -55.42 110.51 -4.82
N SER K 24 -55.32 111.85 -4.86
CA SER K 24 -55.93 112.77 -5.84
C SER K 24 -55.97 112.30 -7.32
N SER K 25 -57.12 112.53 -7.99
CA SER K 25 -57.46 112.03 -9.32
C SER K 25 -56.51 112.51 -10.44
N THR K 26 -56.39 113.84 -10.57
CA THR K 26 -56.00 114.62 -11.75
C THR K 26 -54.64 114.23 -12.39
N GLN K 27 -53.74 113.52 -11.68
CA GLN K 27 -52.72 112.71 -12.33
C GLN K 27 -52.15 111.58 -11.47
N GLU K 28 -52.20 111.65 -10.13
CA GLU K 28 -51.54 110.66 -9.26
C GLU K 28 -52.15 109.26 -9.45
N GLU K 29 -53.48 109.11 -9.45
CA GLU K 29 -54.15 107.83 -9.75
C GLU K 29 -53.82 107.32 -11.15
N ILE K 30 -53.71 108.23 -12.12
CA ILE K 30 -53.45 107.94 -13.52
C ILE K 30 -51.95 107.62 -13.78
N LYS K 31 -51.07 107.65 -12.77
CA LYS K 31 -49.63 107.33 -12.90
C LYS K 31 -49.05 106.49 -11.76
N LYS K 32 -49.65 106.50 -10.55
CA LYS K 32 -49.17 105.77 -9.39
C LYS K 32 -49.79 104.37 -9.28
N ARG K 33 -51.11 104.22 -9.51
CA ARG K 33 -51.89 102.97 -9.39
C ARG K 33 -51.61 101.99 -10.56
N LYS K 34 -50.32 101.71 -10.79
CA LYS K 34 -49.84 100.69 -11.71
C LYS K 34 -50.01 99.31 -11.05
N LYS K 35 -50.41 98.34 -11.86
CA LYS K 35 -50.86 97.03 -11.44
C LYS K 35 -49.68 96.05 -11.50
N ALA K 36 -49.55 95.23 -10.45
CA ALA K 36 -48.62 94.10 -10.30
C ALA K 36 -47.18 94.56 -10.02
N VAL K 37 -46.93 95.16 -8.84
CA VAL K 37 -45.57 95.46 -8.39
C VAL K 37 -44.90 94.14 -7.94
N LEU K 38 -43.64 93.93 -8.35
CA LEU K 38 -42.83 92.74 -8.08
C LEU K 38 -41.70 93.15 -7.13
N PHE K 39 -41.22 92.21 -6.30
CA PHE K 39 -40.05 92.36 -5.42
C PHE K 39 -39.19 91.10 -5.58
N CYS K 40 -37.86 91.26 -5.59
CA CYS K 40 -36.87 90.25 -5.97
C CYS K 40 -35.63 90.26 -5.06
N LEU K 41 -34.86 89.18 -5.08
CA LEU K 41 -33.56 89.00 -4.44
C LEU K 41 -32.48 89.80 -5.20
N SER K 42 -31.56 90.45 -4.48
CA SER K 42 -30.49 91.29 -5.02
C SER K 42 -29.43 90.51 -5.84
N ASP K 43 -28.47 91.24 -6.41
CA ASP K 43 -27.23 90.72 -6.99
C ASP K 43 -26.37 90.11 -5.87
N ASP K 44 -26.20 90.84 -4.76
CA ASP K 44 -25.37 90.55 -3.60
C ASP K 44 -25.89 89.33 -2.79
N LYS K 45 -27.22 89.19 -2.65
CA LYS K 45 -27.94 88.05 -2.07
C LYS K 45 -27.98 88.09 -0.53
N ARG K 46 -28.03 89.29 0.05
CA ARG K 46 -28.24 89.51 1.48
C ARG K 46 -29.61 90.14 1.76
N GLN K 47 -30.30 90.63 0.72
CA GLN K 47 -31.50 91.47 0.81
C GLN K 47 -32.45 91.21 -0.37
N ILE K 48 -33.74 91.41 -0.13
CA ILE K 48 -34.78 91.58 -1.15
C ILE K 48 -34.90 93.09 -1.43
N ILE K 49 -35.17 93.41 -2.70
CA ILE K 49 -35.31 94.71 -3.32
C ILE K 49 -36.49 94.70 -4.32
N VAL K 50 -36.65 95.76 -5.13
CA VAL K 50 -37.63 95.89 -6.20
C VAL K 50 -37.02 95.26 -7.47
N GLU K 51 -37.82 94.56 -8.27
CA GLU K 51 -37.39 93.96 -9.53
C GLU K 51 -37.53 94.97 -10.68
N GLU K 52 -36.76 94.78 -11.76
CA GLU K 52 -36.93 95.45 -13.06
C GLU K 52 -38.07 94.72 -13.80
N ALA K 53 -39.27 94.79 -13.24
CA ALA K 53 -40.50 94.19 -13.72
C ALA K 53 -41.35 95.27 -14.40
N LYS K 54 -42.03 94.90 -15.48
CA LYS K 54 -42.92 95.78 -16.22
C LYS K 54 -44.30 95.75 -15.53
N GLN K 55 -44.57 96.77 -14.72
CA GLN K 55 -45.89 97.05 -14.14
C GLN K 55 -46.74 97.67 -15.26
N ILE K 56 -47.98 97.23 -15.41
CA ILE K 56 -48.94 97.81 -16.34
C ILE K 56 -49.43 99.12 -15.69
N LEU K 57 -49.37 100.23 -16.43
CA LEU K 57 -49.67 101.58 -15.94
C LEU K 57 -51.13 101.92 -16.29
N VAL K 58 -51.54 103.17 -16.03
CA VAL K 58 -52.89 103.66 -16.29
C VAL K 58 -52.80 104.58 -17.54
N GLY K 59 -52.57 103.92 -18.66
CA GLY K 59 -52.91 104.32 -20.02
C GLY K 59 -53.30 103.02 -20.74
N ASP K 60 -52.31 102.11 -20.78
CA ASP K 60 -52.20 100.77 -21.33
C ASP K 60 -53.47 99.92 -21.25
N ILE K 61 -54.10 99.90 -20.07
CA ILE K 61 -55.34 99.17 -19.75
C ILE K 61 -56.55 99.71 -20.55
N GLY K 62 -56.54 100.99 -20.93
CA GLY K 62 -57.55 101.60 -21.79
C GLY K 62 -57.22 101.47 -23.28
N ASP K 63 -55.92 101.43 -23.62
CA ASP K 63 -55.44 101.41 -25.00
C ASP K 63 -55.44 99.98 -25.59
N THR K 64 -54.90 98.99 -24.86
CA THR K 64 -54.64 97.64 -25.37
C THR K 64 -54.79 96.48 -24.36
N VAL K 65 -54.44 96.70 -23.08
CA VAL K 65 -54.21 95.63 -22.10
C VAL K 65 -55.53 95.16 -21.47
N GLU K 66 -56.18 94.22 -22.19
CA GLU K 66 -57.44 93.52 -21.95
C GLU K 66 -57.81 93.22 -20.48
N ASP K 67 -56.85 92.74 -19.68
CA ASP K 67 -56.76 93.02 -18.24
C ASP K 67 -55.27 93.00 -17.84
N PRO K 68 -54.87 93.80 -16.84
CA PRO K 68 -53.47 93.89 -16.40
C PRO K 68 -52.95 92.63 -15.67
N TYR K 69 -53.83 91.81 -15.10
CA TYR K 69 -53.45 90.59 -14.40
C TYR K 69 -53.02 89.53 -15.41
N THR K 70 -53.78 89.38 -16.51
CA THR K 70 -53.54 88.40 -17.57
C THR K 70 -52.28 88.80 -18.40
N SER K 71 -51.96 90.10 -18.50
CA SER K 71 -50.71 90.59 -19.07
C SER K 71 -49.50 90.36 -18.12
N PHE K 72 -49.67 90.53 -16.80
CA PHE K 72 -48.71 90.15 -15.75
C PHE K 72 -48.30 88.67 -15.86
N VAL K 73 -49.27 87.79 -16.11
CA VAL K 73 -49.11 86.38 -16.44
C VAL K 73 -48.32 86.11 -17.76
N LYS K 74 -47.97 87.12 -18.56
CA LYS K 74 -47.05 86.97 -19.70
C LYS K 74 -45.63 87.49 -19.37
N LEU K 75 -45.45 88.14 -18.21
CA LEU K 75 -44.22 88.79 -17.79
C LEU K 75 -43.56 88.08 -16.60
N LEU K 76 -44.22 87.08 -16.01
CA LEU K 76 -43.67 86.22 -14.96
C LEU K 76 -42.74 85.14 -15.56
N PRO K 77 -41.61 84.80 -14.91
CA PRO K 77 -40.74 83.69 -15.32
C PRO K 77 -41.36 82.33 -14.92
N LEU K 78 -41.10 81.32 -15.75
CA LEU K 78 -41.59 79.94 -15.58
C LEU K 78 -40.57 79.09 -14.79
N ASN K 79 -39.45 79.72 -14.42
CA ASN K 79 -38.16 79.11 -14.08
C ASN K 79 -37.50 79.76 -12.87
N ASP K 80 -38.15 80.76 -12.25
CA ASP K 80 -37.67 81.44 -11.05
C ASP K 80 -38.83 81.91 -10.17
N CYS K 81 -38.59 82.02 -8.86
CA CYS K 81 -39.54 82.44 -7.82
C CYS K 81 -39.40 83.96 -7.61
N ARG K 82 -40.38 84.59 -6.92
CA ARG K 82 -40.40 86.01 -6.55
C ARG K 82 -41.69 86.37 -5.80
N TYR K 83 -41.76 87.62 -5.31
CA TYR K 83 -42.95 88.18 -4.70
C TYR K 83 -43.67 89.05 -5.72
N ALA K 84 -44.99 89.08 -5.64
CA ALA K 84 -45.84 90.07 -6.31
C ALA K 84 -46.81 90.64 -5.28
N LEU K 85 -47.39 91.80 -5.57
CA LEU K 85 -48.38 92.47 -4.76
C LEU K 85 -49.35 93.14 -5.73
N TYR K 86 -50.66 92.99 -5.50
CA TYR K 86 -51.68 93.31 -6.47
C TYR K 86 -52.81 94.13 -5.84
N ASP K 87 -53.27 95.15 -6.58
CA ASP K 87 -54.32 96.12 -6.26
C ASP K 87 -55.56 95.67 -7.06
N ALA K 88 -56.39 94.83 -6.45
CA ALA K 88 -57.50 94.14 -7.10
C ALA K 88 -58.73 95.04 -7.03
N THR K 89 -59.20 95.54 -8.19
CA THR K 89 -60.39 96.36 -8.32
C THR K 89 -61.52 95.42 -8.72
N TYR K 90 -62.51 95.23 -7.84
CA TYR K 90 -63.53 94.19 -7.98
C TYR K 90 -64.90 94.69 -7.52
N GLU K 91 -65.92 93.92 -7.85
CA GLU K 91 -67.33 94.14 -7.58
C GLU K 91 -67.76 92.84 -6.89
N THR K 92 -68.39 92.92 -5.72
CA THR K 92 -68.93 91.79 -4.98
C THR K 92 -70.44 91.99 -4.79
N LYS K 93 -71.09 91.08 -4.08
CA LYS K 93 -72.55 90.93 -3.99
C LYS K 93 -73.27 92.14 -3.40
N GLU K 94 -72.55 92.95 -2.60
CA GLU K 94 -73.09 94.05 -1.80
C GLU K 94 -72.13 95.24 -1.71
N SER K 95 -71.08 95.31 -2.55
CA SER K 95 -70.08 96.39 -2.49
C SER K 95 -69.18 96.39 -3.73
N LYS K 96 -68.75 97.58 -4.15
CA LYS K 96 -67.55 97.82 -4.92
C LYS K 96 -66.35 97.69 -3.97
N LYS K 97 -65.23 97.11 -4.42
CA LYS K 97 -64.04 96.83 -3.64
C LYS K 97 -62.77 97.14 -4.45
N GLU K 98 -61.65 97.39 -3.77
CA GLU K 98 -60.44 97.98 -4.33
C GLU K 98 -59.26 97.64 -3.41
N ASP K 99 -58.98 96.35 -3.25
CA ASP K 99 -58.28 95.79 -2.09
C ASP K 99 -56.92 95.20 -2.52
N LEU K 100 -55.95 95.21 -1.60
CA LEU K 100 -54.58 94.76 -1.82
C LEU K 100 -54.38 93.30 -1.33
N VAL K 101 -53.71 92.50 -2.17
CA VAL K 101 -53.30 91.12 -1.93
C VAL K 101 -51.77 91.01 -2.08
N PHE K 102 -51.11 90.26 -1.19
CA PHE K 102 -49.68 89.90 -1.28
C PHE K 102 -49.60 88.48 -1.85
N ILE K 103 -48.62 88.24 -2.73
CA ILE K 103 -48.41 86.99 -3.46
C ILE K 103 -46.95 86.54 -3.27
N PHE K 104 -46.72 85.27 -2.91
CA PHE K 104 -45.44 84.58 -3.11
C PHE K 104 -45.66 83.64 -4.30
N TRP K 105 -44.93 83.89 -5.40
CA TRP K 105 -44.90 83.06 -6.60
C TRP K 105 -43.62 82.23 -6.56
N ALA K 106 -43.75 80.90 -6.74
CA ALA K 106 -42.64 79.97 -6.81
C ALA K 106 -42.97 78.80 -7.77
N PRO K 107 -42.64 78.84 -9.08
CA PRO K 107 -42.94 77.75 -10.01
C PRO K 107 -42.13 76.50 -9.64
N GLU K 108 -42.75 75.31 -9.69
CA GLU K 108 -42.17 74.09 -9.12
C GLU K 108 -40.77 73.70 -9.65
N SER K 109 -40.54 74.01 -10.94
CA SER K 109 -39.31 73.77 -11.69
C SER K 109 -38.22 74.84 -11.41
N ALA K 110 -38.51 75.88 -10.62
CA ALA K 110 -37.52 76.88 -10.21
C ALA K 110 -36.52 76.27 -9.19
N PRO K 111 -35.25 76.74 -9.17
CA PRO K 111 -34.22 76.26 -8.24
C PRO K 111 -34.65 76.20 -6.77
N LEU K 112 -34.27 75.13 -6.07
CA LEU K 112 -34.51 74.93 -4.63
C LEU K 112 -33.84 76.02 -3.79
N LYS K 113 -32.71 76.57 -4.28
CA LYS K 113 -32.00 77.72 -3.70
C LYS K 113 -32.45 79.07 -4.30
N SER K 114 -33.58 79.13 -5.01
CA SER K 114 -34.38 80.33 -5.16
C SER K 114 -35.55 80.19 -4.18
N LYS K 115 -36.29 79.06 -4.26
CA LYS K 115 -37.36 78.62 -3.37
C LYS K 115 -37.06 78.86 -1.88
N MET K 116 -35.98 78.26 -1.36
CA MET K 116 -35.51 78.37 0.03
C MET K 116 -35.27 79.82 0.48
N ILE K 117 -34.62 80.63 -0.37
CA ILE K 117 -34.29 82.03 -0.06
C ILE K 117 -35.58 82.85 -0.01
N TYR K 118 -36.36 82.85 -1.09
CA TYR K 118 -37.63 83.60 -1.17
C TYR K 118 -38.67 83.13 -0.15
N ALA K 119 -38.69 81.85 0.22
CA ALA K 119 -39.52 81.34 1.32
C ALA K 119 -39.02 81.89 2.66
N SER K 120 -37.72 81.82 2.97
CA SER K 120 -37.15 82.31 4.23
C SER K 120 -37.37 83.82 4.47
N SER K 121 -37.33 84.64 3.41
CA SER K 121 -37.59 86.08 3.49
C SER K 121 -39.06 86.45 3.23
N LYS K 122 -39.95 85.49 2.93
CA LYS K 122 -41.40 85.75 2.74
C LYS K 122 -42.00 86.19 4.08
N ASP K 123 -41.62 85.52 5.18
CA ASP K 123 -42.09 85.86 6.53
C ASP K 123 -41.27 87.01 7.14
N ALA K 124 -40.39 87.67 6.36
CA ALA K 124 -39.85 88.99 6.64
C ALA K 124 -40.68 90.05 5.89
N ILE K 125 -40.93 89.88 4.57
CA ILE K 125 -41.67 90.83 3.74
C ILE K 125 -43.15 90.96 4.20
N LYS K 126 -43.73 89.86 4.72
CA LYS K 126 -45.05 89.79 5.37
C LYS K 126 -45.19 90.75 6.56
N LYS K 127 -44.10 90.98 7.31
CA LYS K 127 -44.11 91.82 8.51
C LYS K 127 -43.96 93.31 8.14
N LYS K 128 -43.36 93.61 6.96
CA LYS K 128 -43.15 94.96 6.45
C LYS K 128 -44.42 95.57 5.80
N PHE K 129 -45.52 94.82 5.68
CA PHE K 129 -46.76 95.27 5.03
C PHE K 129 -47.91 95.30 6.06
N THR K 130 -48.88 96.20 5.85
CA THR K 130 -50.14 96.37 6.58
C THR K 130 -51.12 97.03 5.61
N GLY K 131 -52.42 96.73 5.72
CA GLY K 131 -53.46 97.14 4.77
C GLY K 131 -53.58 96.18 3.58
N ILE K 132 -52.87 95.05 3.63
CA ILE K 132 -53.05 93.90 2.77
C ILE K 132 -54.15 93.08 3.45
N LYS K 133 -55.20 92.71 2.72
CA LYS K 133 -56.32 91.97 3.28
C LYS K 133 -56.10 90.45 3.15
N HIS K 134 -55.29 90.01 2.15
CA HIS K 134 -55.15 88.60 1.77
C HIS K 134 -53.70 88.28 1.39
N GLU K 135 -53.23 87.09 1.78
CA GLU K 135 -51.95 86.49 1.41
C GLU K 135 -52.27 85.22 0.62
N TRP K 136 -51.52 84.91 -0.45
CA TRP K 136 -51.57 83.61 -1.12
C TRP K 136 -50.18 83.09 -1.54
N GLN K 137 -50.02 81.78 -1.35
CA GLN K 137 -48.92 80.92 -1.76
C GLN K 137 -49.37 80.30 -3.10
N VAL K 138 -48.55 80.40 -4.14
CA VAL K 138 -48.88 80.07 -5.52
C VAL K 138 -47.71 79.27 -6.12
N ASN K 139 -47.94 78.10 -6.74
CA ASN K 139 -46.87 77.18 -7.17
C ASN K 139 -47.03 76.55 -8.56
N GLY K 140 -48.26 76.27 -8.99
CA GLY K 140 -48.56 75.89 -10.36
C GLY K 140 -48.64 77.14 -11.23
N LEU K 141 -48.30 77.05 -12.51
CA LEU K 141 -48.47 78.14 -13.47
C LEU K 141 -49.96 78.49 -13.63
N ASP K 142 -50.80 77.46 -13.72
CA ASP K 142 -52.26 77.49 -13.75
C ASP K 142 -52.91 78.14 -12.52
N ASP K 143 -52.23 78.13 -11.37
CA ASP K 143 -52.67 78.78 -10.13
C ASP K 143 -52.64 80.31 -10.32
N ILE K 144 -51.51 80.84 -10.81
CA ILE K 144 -51.29 82.28 -10.98
C ILE K 144 -51.86 82.79 -12.33
N LYS K 145 -52.23 81.89 -13.25
CA LYS K 145 -52.60 82.14 -14.65
C LYS K 145 -53.85 83.02 -14.86
N ASP K 146 -54.76 83.08 -13.90
CA ASP K 146 -56.08 83.69 -14.07
C ASP K 146 -56.52 84.45 -12.83
N ARG K 147 -57.24 85.58 -13.01
CA ARG K 147 -57.72 86.43 -11.94
C ARG K 147 -58.79 85.71 -11.09
N SER K 148 -59.47 84.67 -11.61
CA SER K 148 -60.50 83.94 -10.87
C SER K 148 -59.92 83.15 -9.69
N THR K 149 -58.67 82.67 -9.81
CA THR K 149 -57.97 81.94 -8.76
C THR K 149 -57.45 82.93 -7.68
N LEU K 150 -57.15 84.19 -8.07
CA LEU K 150 -56.90 85.30 -7.14
C LEU K 150 -58.21 85.66 -6.44
N GLY K 151 -59.32 85.76 -7.19
CA GLY K 151 -60.68 86.03 -6.70
C GLY K 151 -61.22 85.02 -5.69
N GLU K 152 -60.80 83.76 -5.78
CA GLU K 152 -61.04 82.70 -4.79
C GLU K 152 -60.38 83.04 -3.44
N LYS K 153 -59.18 83.64 -3.45
CA LYS K 153 -58.47 84.13 -2.26
C LYS K 153 -59.00 85.48 -1.76
N LEU K 154 -59.89 86.15 -2.51
CA LEU K 154 -60.74 87.25 -2.02
C LEU K 154 -62.05 86.68 -1.42
N GLY K 155 -62.08 85.38 -1.07
CA GLY K 155 -63.21 84.68 -0.47
C GLY K 155 -64.25 84.22 -1.49
N GLY K 156 -63.96 84.31 -2.80
CA GLY K 156 -64.77 83.78 -3.91
C GLY K 156 -66.15 84.42 -4.10
N ASN K 157 -66.52 85.39 -3.24
CA ASN K 157 -67.82 86.08 -3.22
C ASN K 157 -67.86 87.21 -4.26
N VAL K 158 -66.74 87.49 -4.93
CA VAL K 158 -66.45 88.60 -5.85
C VAL K 158 -67.00 88.35 -7.26
N VAL K 159 -68.19 87.74 -7.34
CA VAL K 159 -68.76 87.10 -8.52
C VAL K 159 -69.13 88.06 -9.66
N VAL K 160 -69.32 89.35 -9.36
CA VAL K 160 -69.82 90.34 -10.32
C VAL K 160 -68.68 90.77 -11.27
N SER K 161 -67.52 91.14 -10.75
CA SER K 161 -66.34 91.49 -11.54
C SER K 161 -65.08 91.49 -10.68
N LEU K 162 -63.93 91.25 -11.32
CA LEU K 162 -62.57 91.48 -10.85
C LEU K 162 -61.79 91.98 -12.07
N GLU K 163 -61.42 93.26 -12.06
CA GLU K 163 -60.69 94.02 -13.09
C GLU K 163 -61.60 94.51 -14.23
N GLY K 164 -62.93 94.43 -14.09
CA GLY K 164 -63.90 94.71 -15.14
C GLY K 164 -64.31 93.46 -15.92
N LYS K 165 -63.62 92.33 -15.66
CA LYS K 165 -63.94 91.01 -16.18
C LYS K 165 -64.87 90.33 -15.15
N PRO K 166 -66.04 89.77 -15.56
CA PRO K 166 -66.83 88.85 -14.74
C PRO K 166 -66.00 87.66 -14.20
N LEU K 167 -66.34 87.14 -13.01
CA LEU K 167 -65.63 86.05 -12.36
C LEU K 167 -66.07 84.70 -12.99
N NH2 K 168 -65.76 84.52 -14.27
HN1 NH2 K 168 -65.96 83.65 -14.71
HN2 NH2 K 168 -65.29 85.28 -14.73
C ACE L 1 -63.02 10.97 12.97
O ACE L 1 -64.32 10.81 12.45
CH3 ACE L 1 -61.97 10.44 12.01
H1 ACE L 1 -62.04 10.93 11.04
H2 ACE L 1 -62.07 9.37 11.84
H3 ACE L 1 -60.96 10.61 12.40
N MET L 2 -63.03 10.23 14.21
CA MET L 2 -63.30 11.04 15.41
C MET L 2 -62.06 11.82 15.85
N ALA L 3 -62.25 12.95 16.53
CA ALA L 3 -61.28 13.81 17.24
C ALA L 3 -61.91 15.19 17.42
N SER L 4 -61.72 15.78 18.59
CA SER L 4 -62.10 17.13 18.94
C SER L 4 -61.40 17.51 20.26
N GLY L 5 -61.63 18.74 20.74
CA GLY L 5 -61.51 19.05 22.16
C GLY L 5 -62.87 18.72 22.79
N VAL L 6 -62.87 18.02 23.93
CA VAL L 6 -64.05 17.45 24.58
C VAL L 6 -65.13 18.48 24.95
N THR L 7 -66.41 18.05 24.93
CA THR L 7 -67.55 18.92 25.17
C THR L 7 -67.72 19.23 26.67
N VAL L 8 -68.41 20.33 27.00
CA VAL L 8 -69.01 20.54 28.30
C VAL L 8 -70.39 19.87 28.33
N ASN L 9 -70.77 19.33 29.50
CA ASN L 9 -72.16 19.01 29.80
C ASN L 9 -72.72 20.32 30.40
N ASP L 10 -73.58 21.02 29.65
CA ASP L 10 -74.19 22.32 29.97
C ASP L 10 -74.85 22.52 31.35
N GLU L 11 -74.96 21.48 32.19
CA GLU L 11 -75.19 21.62 33.63
C GLU L 11 -74.09 22.48 34.30
N VAL L 12 -72.84 22.43 33.79
CA VAL L 12 -71.73 23.28 34.22
C VAL L 12 -72.02 24.79 33.97
N ILE L 13 -72.75 25.12 32.89
CA ILE L 13 -73.20 26.47 32.57
C ILE L 13 -74.35 26.89 33.51
N LYS L 14 -75.20 25.97 33.99
CA LYS L 14 -76.29 26.30 34.93
C LYS L 14 -75.75 26.69 36.31
N VAL L 15 -74.77 25.94 36.86
CA VAL L 15 -74.10 26.28 38.12
C VAL L 15 -73.22 27.54 37.97
N PHE L 16 -72.63 27.77 36.79
CA PHE L 16 -71.99 29.05 36.45
C PHE L 16 -73.02 30.20 36.49
N ASN L 17 -74.20 30.04 35.85
CA ASN L 17 -75.24 31.07 35.81
C ASN L 17 -75.83 31.41 37.18
N ASP L 18 -75.90 30.44 38.12
CA ASP L 18 -76.31 30.65 39.52
C ASP L 18 -75.29 31.55 40.27
N MET L 19 -74.02 31.44 39.92
CA MET L 19 -72.93 32.27 40.44
C MET L 19 -72.76 33.56 39.62
N LYS L 20 -73.17 33.61 38.34
CA LYS L 20 -72.89 34.69 37.39
C LYS L 20 -73.48 36.04 37.85
N VAL L 21 -74.66 36.00 38.46
CA VAL L 21 -75.36 37.15 39.00
C VAL L 21 -75.72 36.87 40.47
N ARG L 22 -75.86 37.97 41.21
CA ARG L 22 -76.37 38.05 42.56
C ARG L 22 -77.90 38.05 42.49
N LYS L 23 -78.53 37.59 43.57
CA LYS L 23 -79.96 37.56 43.77
C LYS L 23 -80.22 38.37 45.05
N SER L 24 -81.14 37.91 45.93
CA SER L 24 -81.56 38.63 47.13
C SER L 24 -80.42 38.72 48.16
N SER L 25 -80.02 39.96 48.50
CA SER L 25 -79.04 40.32 49.53
C SER L 25 -79.35 39.73 50.91
N THR L 26 -80.63 39.50 51.18
CA THR L 26 -81.21 39.11 52.48
C THR L 26 -81.11 37.58 52.69
N GLN L 27 -80.77 36.78 51.67
CA GLN L 27 -80.78 35.33 51.72
C GLN L 27 -79.66 34.69 50.90
N GLU L 28 -79.80 34.69 49.57
CA GLU L 28 -78.95 34.09 48.56
C GLU L 28 -77.48 34.48 48.71
N GLU L 29 -77.22 35.78 48.80
CA GLU L 29 -75.87 36.34 48.88
C GLU L 29 -75.19 36.13 50.25
N ILE L 30 -75.91 35.54 51.22
CA ILE L 30 -75.36 35.06 52.48
C ILE L 30 -75.24 33.52 52.37
N LYS L 31 -76.35 32.79 52.19
CA LYS L 31 -76.42 31.35 52.43
C LYS L 31 -77.11 30.56 51.30
N LYS L 32 -76.90 30.92 50.01
CA LYS L 32 -77.15 30.01 48.88
C LYS L 32 -76.36 30.25 47.56
N ARG L 33 -75.62 31.37 47.42
CA ARG L 33 -74.56 31.51 46.42
C ARG L 33 -73.31 30.75 46.93
N LYS L 34 -72.64 30.00 46.06
CA LYS L 34 -71.43 29.23 46.33
C LYS L 34 -70.26 30.12 45.89
N LYS L 35 -69.17 30.15 46.65
CA LYS L 35 -68.01 30.98 46.32
C LYS L 35 -67.09 30.30 45.29
N ALA L 36 -67.10 28.96 45.19
CA ALA L 36 -66.26 28.17 44.29
C ALA L 36 -66.95 26.84 43.94
N VAL L 37 -66.59 26.25 42.79
CA VAL L 37 -66.99 24.90 42.30
C VAL L 37 -65.79 24.27 41.55
N LEU L 38 -65.79 22.93 41.41
CA LEU L 38 -64.78 22.10 40.74
C LEU L 38 -65.45 21.34 39.58
N PHE L 39 -64.69 21.03 38.52
CA PHE L 39 -65.14 20.28 37.35
C PHE L 39 -64.10 19.20 37.01
N CYS L 40 -64.58 18.05 36.52
CA CYS L 40 -63.81 16.87 36.16
C CYS L 40 -64.24 16.41 34.76
N LEU L 41 -63.32 15.77 34.04
CA LEU L 41 -63.52 15.06 32.78
C LEU L 41 -64.08 13.66 33.11
N SER L 42 -65.17 13.27 32.45
CA SER L 42 -65.98 12.04 32.61
C SER L 42 -65.18 10.73 32.70
N ASP L 43 -65.80 9.64 33.18
CA ASP L 43 -65.18 8.33 33.42
C ASP L 43 -64.57 7.71 32.14
N ASP L 44 -65.28 7.84 31.02
CA ASP L 44 -64.83 7.45 29.68
C ASP L 44 -63.90 8.51 29.08
N LYS L 45 -64.05 9.76 29.51
CA LYS L 45 -63.20 10.94 29.31
C LYS L 45 -63.61 11.76 28.06
N ARG L 46 -64.86 11.61 27.62
CA ARG L 46 -65.42 12.29 26.46
C ARG L 46 -66.01 13.69 26.76
N GLN L 47 -66.35 14.03 28.01
CA GLN L 47 -66.95 15.32 28.35
C GLN L 47 -66.59 15.82 29.75
N ILE L 48 -66.64 17.14 29.94
CA ILE L 48 -66.42 17.83 31.20
C ILE L 48 -67.78 17.92 31.93
N ILE L 49 -67.79 17.46 33.18
CA ILE L 49 -68.90 17.50 34.12
C ILE L 49 -68.46 18.32 35.36
N VAL L 50 -69.41 18.66 36.24
CA VAL L 50 -69.14 19.22 37.56
C VAL L 50 -68.81 18.06 38.51
N GLU L 51 -67.92 18.30 39.48
CA GLU L 51 -67.56 17.36 40.53
C GLU L 51 -68.02 17.94 41.87
N GLU L 52 -68.55 17.10 42.77
CA GLU L 52 -68.81 17.47 44.16
C GLU L 52 -67.45 17.66 44.85
N ALA L 53 -67.27 18.81 45.50
CA ALA L 53 -66.00 19.24 46.03
C ALA L 53 -66.20 19.95 47.38
N LYS L 54 -65.09 20.39 47.97
CA LYS L 54 -65.07 21.16 49.20
C LYS L 54 -65.31 22.63 48.83
N GLN L 55 -66.57 23.00 48.67
CA GLN L 55 -67.05 24.36 48.42
C GLN L 55 -67.59 24.93 49.74
N ILE L 56 -67.78 26.25 49.82
CA ILE L 56 -68.54 26.95 50.87
C ILE L 56 -69.40 28.05 50.23
N LEU L 57 -70.35 28.58 51.01
CA LEU L 57 -71.21 29.70 50.68
C LEU L 57 -70.50 31.00 51.11
N VAL L 58 -71.03 32.15 50.69
CA VAL L 58 -70.44 33.47 50.94
C VAL L 58 -70.44 33.82 52.45
N GLY L 59 -71.53 33.48 53.15
CA GLY L 59 -71.74 33.82 54.55
C GLY L 59 -70.92 32.97 55.52
N ASP L 60 -70.44 31.79 55.09
CA ASP L 60 -69.67 30.82 55.90
C ASP L 60 -68.28 31.36 56.32
N ILE L 61 -67.82 32.40 55.60
CA ILE L 61 -66.68 33.26 55.93
C ILE L 61 -66.97 34.12 57.17
N GLY L 62 -68.25 34.39 57.47
CA GLY L 62 -68.70 35.09 58.67
C GLY L 62 -68.88 34.14 59.85
N ASP L 63 -69.27 32.88 59.59
CA ASP L 63 -69.45 31.84 60.60
C ASP L 63 -68.11 31.40 61.22
N THR L 64 -67.12 31.02 60.39
CA THR L 64 -65.87 30.43 60.89
C THR L 64 -64.67 30.47 59.91
N VAL L 65 -64.89 30.38 58.58
CA VAL L 65 -63.83 29.98 57.65
C VAL L 65 -62.95 31.18 57.24
N GLU L 66 -61.63 30.96 57.16
CA GLU L 66 -60.57 31.92 56.81
C GLU L 66 -60.81 32.66 55.48
N ASP L 67 -61.22 31.91 54.45
CA ASP L 67 -61.17 32.29 53.03
C ASP L 67 -61.91 31.19 52.23
N PRO L 68 -62.34 31.44 50.97
CA PRO L 68 -63.05 30.45 50.16
C PRO L 68 -62.14 29.32 49.64
N TYR L 69 -60.89 29.61 49.29
CA TYR L 69 -59.88 28.67 48.80
C TYR L 69 -59.54 27.62 49.87
N THR L 70 -59.54 28.02 51.15
CA THR L 70 -59.33 27.19 52.33
C THR L 70 -60.24 25.96 52.44
N SER L 71 -61.46 25.98 51.87
CA SER L 71 -62.30 24.80 51.74
C SER L 71 -61.70 23.90 50.63
N PHE L 72 -61.60 24.49 49.44
CA PHE L 72 -61.17 23.99 48.15
C PHE L 72 -59.85 23.20 48.16
N VAL L 73 -58.73 23.85 48.53
CA VAL L 73 -57.36 23.35 48.33
C VAL L 73 -56.98 22.11 49.15
N LYS L 74 -57.83 21.67 50.08
CA LYS L 74 -57.47 20.67 51.09
C LYS L 74 -57.66 19.22 50.58
N LEU L 75 -58.25 19.01 49.40
CA LEU L 75 -58.44 17.70 48.76
C LEU L 75 -58.31 17.73 47.22
N LEU L 76 -57.63 18.73 46.62
CA LEU L 76 -57.44 18.76 45.16
C LEU L 76 -56.40 17.70 44.73
N PRO L 77 -56.62 16.96 43.61
CA PRO L 77 -55.74 15.87 43.20
C PRO L 77 -54.43 16.42 42.61
N LEU L 78 -53.29 16.11 43.24
CA LEU L 78 -51.95 16.56 42.83
C LEU L 78 -51.40 15.78 41.61
N ASN L 79 -52.18 14.82 41.10
CA ASN L 79 -51.81 13.86 40.06
C ASN L 79 -52.88 13.71 38.98
N ASP L 80 -53.88 14.59 38.92
CA ASP L 80 -54.82 14.73 37.80
C ASP L 80 -55.22 16.20 37.68
N CYS L 81 -55.55 16.66 36.47
CA CYS L 81 -55.99 18.03 36.23
C CYS L 81 -57.50 18.14 36.50
N ARG L 82 -57.97 19.35 36.73
CA ARG L 82 -59.36 19.75 36.94
C ARG L 82 -59.53 21.16 36.37
N TYR L 83 -60.77 21.64 36.28
CA TYR L 83 -61.04 23.07 36.26
C TYR L 83 -61.70 23.42 37.59
N ALA L 84 -61.64 24.70 37.94
CA ALA L 84 -62.42 25.30 39.00
C ALA L 84 -62.96 26.64 38.55
N LEU L 85 -64.03 27.09 39.20
CA LEU L 85 -64.68 28.38 39.03
C LEU L 85 -64.74 28.99 40.41
N TYR L 86 -64.54 30.30 40.53
CA TYR L 86 -64.80 31.06 41.74
C TYR L 86 -65.31 32.47 41.37
N ASP L 87 -66.08 33.08 42.26
CA ASP L 87 -66.54 34.46 42.15
C ASP L 87 -65.89 35.22 43.32
N ALA L 88 -65.09 36.22 43.00
CA ALA L 88 -64.26 36.96 43.93
C ALA L 88 -65.06 37.95 44.75
N THR L 89 -64.50 38.39 45.88
CA THR L 89 -64.90 39.55 46.64
C THR L 89 -63.61 40.26 47.06
N TYR L 90 -63.28 41.37 46.40
CA TYR L 90 -62.07 42.13 46.62
C TYR L 90 -62.39 43.63 46.74
N GLU L 91 -61.66 44.28 47.64
CA GLU L 91 -61.65 45.73 47.79
C GLU L 91 -60.40 46.15 46.99
N THR L 92 -60.56 47.16 46.15
CA THR L 92 -59.52 47.82 45.36
C THR L 92 -59.68 49.35 45.53
N LYS L 93 -58.74 50.13 44.97
CA LYS L 93 -58.62 51.57 45.12
C LYS L 93 -59.84 52.39 44.64
N GLU L 94 -60.71 51.80 43.81
CA GLU L 94 -61.89 52.47 43.26
C GLU L 94 -63.20 51.87 43.76
N SER L 95 -63.22 50.62 44.26
CA SER L 95 -64.44 49.84 44.40
C SER L 95 -64.30 48.64 45.33
N LYS L 96 -65.45 48.18 45.86
CA LYS L 96 -65.65 46.86 46.44
C LYS L 96 -66.25 46.03 45.29
N LYS L 97 -65.59 44.96 44.85
CA LYS L 97 -65.78 44.39 43.52
C LYS L 97 -65.90 42.86 43.58
N GLU L 98 -66.84 42.33 42.78
CA GLU L 98 -67.01 40.91 42.52
C GLU L 98 -66.74 40.65 41.03
N ASP L 99 -65.91 39.65 40.72
CA ASP L 99 -65.59 39.16 39.37
C ASP L 99 -65.49 37.64 39.37
N LEU L 100 -65.98 37.05 38.28
CA LEU L 100 -65.98 35.63 38.00
C LEU L 100 -64.64 35.26 37.36
N VAL L 101 -64.03 34.20 37.89
CA VAL L 101 -62.68 33.77 37.61
C VAL L 101 -62.75 32.27 37.27
N PHE L 102 -62.15 31.88 36.14
CA PHE L 102 -61.98 30.50 35.72
C PHE L 102 -60.57 30.09 36.13
N ILE L 103 -60.41 28.86 36.60
CA ILE L 103 -59.18 28.31 37.14
C ILE L 103 -58.91 27.00 36.37
N PHE L 104 -57.73 26.87 35.76
CA PHE L 104 -57.25 25.60 35.19
C PHE L 104 -56.23 25.06 36.20
N TRP L 105 -56.59 23.98 36.91
CA TRP L 105 -55.73 23.26 37.86
C TRP L 105 -55.10 22.12 37.04
N ALA L 106 -53.80 22.23 36.74
CA ALA L 106 -53.06 21.25 35.95
C ALA L 106 -51.71 20.91 36.62
N PRO L 107 -51.68 20.11 37.71
CA PRO L 107 -50.47 19.80 38.49
C PRO L 107 -49.26 19.36 37.65
N GLU L 108 -48.04 19.78 38.01
CA GLU L 108 -46.81 19.37 37.33
C GLU L 108 -46.66 17.83 37.22
N SER L 109 -47.14 17.11 38.24
CA SER L 109 -47.15 15.64 38.33
C SER L 109 -48.45 14.99 37.76
N ALA L 110 -49.37 15.76 37.17
CA ALA L 110 -50.56 15.22 36.49
C ALA L 110 -50.19 14.79 35.05
N PRO L 111 -50.72 13.66 34.52
CA PRO L 111 -50.43 13.11 33.18
C PRO L 111 -50.50 14.12 32.01
N LEU L 112 -49.64 13.91 31.00
CA LEU L 112 -49.55 14.73 29.79
C LEU L 112 -50.86 14.69 28.98
N LYS L 113 -51.53 13.53 28.94
CA LYS L 113 -52.81 13.38 28.25
C LYS L 113 -54.00 13.96 29.05
N SER L 114 -53.91 14.01 30.39
CA SER L 114 -54.86 14.78 31.21
C SER L 114 -54.68 16.28 30.91
N LYS L 115 -53.43 16.77 30.98
CA LYS L 115 -53.05 18.14 30.64
C LYS L 115 -53.54 18.57 29.25
N MET L 116 -53.35 17.70 28.24
CA MET L 116 -53.78 17.90 26.87
C MET L 116 -55.30 18.02 26.74
N ILE L 117 -56.07 17.04 27.26
CA ILE L 117 -57.53 17.01 27.08
C ILE L 117 -58.17 18.22 27.79
N TYR L 118 -57.82 18.48 29.07
CA TYR L 118 -58.36 19.63 29.81
C TYR L 118 -57.89 20.98 29.22
N ALA L 119 -56.70 21.06 28.59
CA ALA L 119 -56.27 22.28 27.90
C ALA L 119 -57.04 22.47 26.57
N SER L 120 -57.32 21.38 25.83
CA SER L 120 -58.03 21.42 24.55
C SER L 120 -59.49 21.91 24.68
N SER L 121 -60.18 21.54 25.76
CA SER L 121 -61.57 21.94 26.02
C SER L 121 -61.68 23.19 26.92
N LYS L 122 -60.54 23.80 27.31
CA LYS L 122 -60.47 24.95 28.23
C LYS L 122 -61.31 26.13 27.71
N ASP L 123 -61.10 26.50 26.43
CA ASP L 123 -61.86 27.56 25.77
C ASP L 123 -63.18 27.04 25.17
N ALA L 124 -63.53 25.75 25.34
CA ALA L 124 -64.88 25.26 25.08
C ALA L 124 -65.78 25.56 26.30
N ILE L 125 -65.25 25.45 27.53
CA ILE L 125 -65.95 25.85 28.75
C ILE L 125 -65.84 27.38 28.97
N LYS L 126 -64.65 27.99 28.83
CA LYS L 126 -64.43 29.39 29.18
C LYS L 126 -65.18 30.37 28.25
N LYS L 127 -65.45 29.99 26.98
CA LYS L 127 -66.25 30.81 26.06
C LYS L 127 -67.77 30.64 26.32
N LYS L 128 -68.20 29.48 26.84
CA LYS L 128 -69.58 29.22 27.25
C LYS L 128 -69.89 29.90 28.60
N PHE L 129 -68.88 30.04 29.46
CA PHE L 129 -68.89 30.84 30.69
C PHE L 129 -68.74 32.33 30.30
N THR L 130 -69.76 32.85 29.61
CA THR L 130 -69.95 34.18 29.03
C THR L 130 -69.91 35.36 30.05
N GLY L 131 -68.88 35.45 30.88
CA GLY L 131 -68.68 36.54 31.84
C GLY L 131 -67.46 36.37 32.75
N ILE L 132 -66.50 35.50 32.38
CA ILE L 132 -65.25 35.30 33.12
C ILE L 132 -64.30 36.45 32.77
N LYS L 133 -63.75 37.12 33.79
CA LYS L 133 -62.80 38.22 33.62
C LYS L 133 -61.33 37.73 33.70
N HIS L 134 -61.05 36.64 34.43
CA HIS L 134 -59.70 36.12 34.67
C HIS L 134 -59.64 34.63 34.40
N GLU L 135 -58.57 34.15 33.74
CA GLU L 135 -58.15 32.76 33.69
C GLU L 135 -56.96 32.64 34.65
N TRP L 136 -57.12 31.92 35.76
CA TRP L 136 -56.06 31.58 36.69
C TRP L 136 -55.45 30.24 36.25
N GLN L 137 -54.28 30.31 35.60
CA GLN L 137 -53.42 29.16 35.35
C GLN L 137 -52.81 28.72 36.70
N VAL L 138 -53.04 27.47 37.11
CA VAL L 138 -52.61 26.89 38.38
C VAL L 138 -51.96 25.53 38.08
N ASN L 139 -50.74 25.30 38.58
CA ASN L 139 -49.91 24.12 38.31
C ASN L 139 -49.20 23.60 39.57
N GLY L 140 -49.08 24.39 40.63
CA GLY L 140 -48.59 23.98 41.93
C GLY L 140 -49.64 24.23 43.01
N LEU L 141 -49.30 23.93 44.27
CA LEU L 141 -50.07 24.39 45.44
C LEU L 141 -49.71 25.85 45.73
N ASP L 142 -48.46 26.27 45.49
CA ASP L 142 -47.89 27.60 45.75
C ASP L 142 -48.37 28.67 44.75
N ASP L 143 -49.34 28.31 43.92
CA ASP L 143 -50.22 29.19 43.18
C ASP L 143 -51.43 29.64 44.01
N ILE L 144 -51.88 28.82 44.97
CA ILE L 144 -53.27 28.78 45.43
C ILE L 144 -53.46 28.50 46.94
N LYS L 145 -52.39 28.15 47.68
CA LYS L 145 -52.46 27.71 49.08
C LYS L 145 -52.75 28.82 50.11
N ASP L 146 -52.94 30.08 49.67
CA ASP L 146 -53.17 31.25 50.50
C ASP L 146 -54.08 32.28 49.80
N ARG L 147 -54.78 33.04 50.65
CA ARG L 147 -55.56 34.25 50.43
C ARG L 147 -54.90 35.30 49.52
N SER L 148 -53.75 35.82 49.95
CA SER L 148 -53.10 36.98 49.35
C SER L 148 -52.31 36.59 48.10
N THR L 149 -51.77 35.36 48.09
CA THR L 149 -50.99 34.73 47.02
C THR L 149 -51.70 34.77 45.65
N LEU L 150 -53.02 34.59 45.63
CA LEU L 150 -53.83 34.57 44.41
C LEU L 150 -54.10 35.97 43.84
N GLY L 151 -53.86 37.03 44.64
CA GLY L 151 -53.98 38.43 44.23
C GLY L 151 -52.94 38.83 43.17
N GLU L 152 -51.85 38.06 43.06
CA GLU L 152 -50.80 38.12 42.04
C GLU L 152 -51.37 37.86 40.61
N LYS L 153 -52.41 37.00 40.52
CA LYS L 153 -53.04 36.57 39.27
C LYS L 153 -54.26 37.44 38.90
N LEU L 154 -54.81 38.22 39.85
CA LEU L 154 -55.85 39.23 39.63
C LEU L 154 -55.18 40.59 39.32
N GLY L 155 -54.09 40.55 38.53
CA GLY L 155 -53.29 41.69 38.06
C GLY L 155 -52.48 42.41 39.14
N GLY L 156 -52.78 42.19 40.43
CA GLY L 156 -52.17 42.87 41.56
C GLY L 156 -52.93 44.15 41.98
N ASN L 157 -54.10 44.44 41.39
CA ASN L 157 -54.86 45.67 41.71
C ASN L 157 -55.73 45.50 42.96
N VAL L 158 -55.98 44.26 43.40
CA VAL L 158 -56.85 43.86 44.51
C VAL L 158 -56.23 44.12 45.92
N VAL L 159 -55.13 44.86 45.98
CA VAL L 159 -54.30 45.12 47.15
C VAL L 159 -54.92 46.17 48.12
N VAL L 160 -56.16 45.94 48.54
CA VAL L 160 -56.78 46.59 49.70
C VAL L 160 -57.33 45.48 50.60
N SER L 161 -58.18 44.59 50.06
CA SER L 161 -58.67 43.40 50.73
C SER L 161 -59.04 42.37 49.66
N LEU L 162 -58.86 41.09 49.98
CA LEU L 162 -59.17 39.95 49.12
C LEU L 162 -59.85 38.91 50.01
N GLU L 163 -61.15 38.72 49.81
CA GLU L 163 -62.00 37.69 50.42
C GLU L 163 -62.22 37.90 51.93
N GLY L 164 -62.13 39.16 52.38
CA GLY L 164 -62.30 39.60 53.77
C GLY L 164 -60.97 39.79 54.51
N LYS L 165 -59.85 39.37 53.91
CA LYS L 165 -58.51 39.49 54.48
C LYS L 165 -57.85 40.75 53.90
N PRO L 166 -57.42 41.71 54.74
CA PRO L 166 -56.85 42.98 54.27
C PRO L 166 -55.41 42.78 53.75
N LEU L 167 -55.16 43.27 52.54
CA LEU L 167 -53.84 43.38 51.93
C LEU L 167 -53.25 44.77 52.27
N NH2 L 168 -54.10 45.75 52.56
HN1 NH2 L 168 -53.73 46.66 52.79
HN2 NH2 L 168 -55.10 45.58 52.50
C ACE M 1 13.57 37.09 21.02
O ACE M 1 14.17 37.92 21.98
CH3 ACE M 1 14.40 35.83 20.89
H1 ACE M 1 15.44 36.05 20.62
H2 ACE M 1 13.99 35.16 20.12
H3 ACE M 1 14.41 35.27 21.82
N MET M 2 13.66 37.85 19.78
CA MET M 2 12.75 39.03 19.67
C MET M 2 11.25 38.67 19.71
N ALA M 3 10.54 38.84 18.59
CA ALA M 3 9.09 38.71 18.41
C ALA M 3 8.33 39.93 18.96
N SER M 4 8.13 40.93 18.10
CA SER M 4 7.20 42.04 18.30
C SER M 4 6.81 42.65 16.94
N GLY M 5 7.79 42.83 16.03
CA GLY M 5 7.64 43.56 14.78
C GLY M 5 8.31 44.93 14.88
N VAL M 6 8.74 45.53 13.75
CA VAL M 6 9.42 46.83 13.72
C VAL M 6 8.41 47.98 13.91
N THR M 7 8.91 49.09 14.47
CA THR M 7 8.14 50.28 14.80
C THR M 7 8.22 51.32 13.67
N VAL M 8 7.34 52.32 13.67
CA VAL M 8 7.37 53.45 12.76
C VAL M 8 8.22 54.57 13.39
N ASN M 9 8.95 55.32 12.55
CA ASN M 9 9.60 56.56 12.91
C ASN M 9 8.52 57.66 13.03
N ASP M 10 8.71 58.59 13.97
CA ASP M 10 7.88 59.77 14.25
C ASP M 10 7.59 60.66 13.02
N GLU M 11 8.52 60.71 12.04
CA GLU M 11 8.39 61.44 10.78
C GLU M 11 7.14 61.02 9.98
N VAL M 12 6.82 59.72 9.95
CA VAL M 12 5.71 59.15 9.18
C VAL M 12 4.37 59.56 9.82
N ILE M 13 4.34 59.70 11.16
CA ILE M 13 3.21 60.15 11.94
C ILE M 13 3.00 61.66 11.70
N LYS M 14 4.08 62.46 11.63
CA LYS M 14 4.06 63.89 11.29
C LYS M 14 3.35 64.21 9.96
N VAL M 15 3.78 63.58 8.86
CA VAL M 15 3.16 63.76 7.54
C VAL M 15 1.72 63.22 7.50
N PHE M 16 1.42 62.14 8.24
CA PHE M 16 0.05 61.64 8.44
C PHE M 16 -0.84 62.70 9.10
N ASN M 17 -0.38 63.36 10.18
CA ASN M 17 -1.13 64.40 10.88
C ASN M 17 -1.43 65.61 9.97
N ASP M 18 -0.43 65.99 9.16
CA ASP M 18 -0.51 67.11 8.20
C ASP M 18 -1.47 66.82 7.03
N MET M 19 -1.65 65.54 6.68
CA MET M 19 -2.54 65.07 5.63
C MET M 19 -3.98 64.79 6.14
N LYS M 20 -4.17 64.36 7.39
CA LYS M 20 -5.43 63.72 7.81
C LYS M 20 -6.63 64.66 8.01
N VAL M 21 -6.46 65.97 7.82
CA VAL M 21 -7.48 67.00 7.84
C VAL M 21 -7.21 67.96 6.67
N ARG M 22 -8.23 68.74 6.28
CA ARG M 22 -8.04 70.00 5.58
C ARG M 22 -7.60 71.05 6.61
N LYS M 23 -6.92 72.08 6.13
CA LYS M 23 -6.48 73.26 6.88
C LYS M 23 -6.71 74.50 6.01
N SER M 24 -6.10 75.63 6.40
CA SER M 24 -6.04 76.88 5.66
C SER M 24 -5.48 76.70 4.22
N SER M 25 -6.34 76.94 3.22
CA SER M 25 -6.06 76.94 1.79
C SER M 25 -4.95 77.93 1.37
N THR M 26 -4.70 78.95 2.20
CA THR M 26 -3.92 80.14 1.93
C THR M 26 -2.41 79.86 1.72
N GLN M 27 -1.90 78.69 2.15
CA GLN M 27 -0.58 78.17 1.76
C GLN M 27 -0.44 76.69 2.18
N GLU M 28 -0.93 76.35 3.39
CA GLU M 28 -0.74 75.05 4.05
C GLU M 28 -1.22 73.86 3.19
N GLU M 29 -2.22 74.09 2.34
CA GLU M 29 -2.81 73.09 1.44
C GLU M 29 -2.24 73.17 0.01
N ILE M 30 -1.26 74.04 -0.28
CA ILE M 30 -0.78 74.33 -1.63
C ILE M 30 0.67 73.85 -1.73
N LYS M 31 1.67 74.75 -1.68
CA LYS M 31 3.10 74.42 -1.70
C LYS M 31 3.53 74.12 -0.25
N LYS M 32 2.90 73.10 0.34
CA LYS M 32 3.21 72.55 1.65
C LYS M 32 2.57 71.16 1.75
N ARG M 33 1.26 71.04 1.48
CA ARG M 33 0.53 69.76 1.53
C ARG M 33 0.93 68.89 0.34
N LYS M 34 1.43 67.70 0.65
CA LYS M 34 1.49 66.54 -0.24
C LYS M 34 0.26 65.66 0.06
N LYS M 35 -0.28 64.99 -0.95
CA LYS M 35 -1.44 64.12 -0.82
C LYS M 35 -1.10 62.64 -1.02
N ALA M 36 0.19 62.29 -1.05
CA ALA M 36 0.71 60.94 -1.11
C ALA M 36 2.14 60.89 -0.58
N VAL M 37 2.56 59.76 -0.01
CA VAL M 37 3.91 59.52 0.50
C VAL M 37 4.20 58.01 0.46
N LEU M 38 5.46 57.62 0.23
CA LEU M 38 5.98 56.26 0.28
C LEU M 38 6.85 56.18 1.56
N PHE M 39 6.86 55.01 2.20
CA PHE M 39 7.66 54.69 3.37
C PHE M 39 8.44 53.40 3.08
N CYS M 40 9.62 53.29 3.68
CA CYS M 40 10.63 52.26 3.49
C CYS M 40 11.08 51.74 4.87
N LEU M 41 11.39 50.45 4.95
CA LEU M 41 12.00 49.76 6.08
C LEU M 41 13.50 50.11 6.13
N SER M 42 13.94 50.82 7.17
CA SER M 42 15.27 51.38 7.40
C SER M 42 16.42 50.39 7.18
N ASP M 43 17.64 50.89 6.90
CA ASP M 43 18.87 50.09 6.77
C ASP M 43 19.87 50.39 7.89
N ASP M 44 19.30 50.70 9.06
CA ASP M 44 19.80 50.16 10.32
C ASP M 44 19.07 48.80 10.56
N LYS M 45 17.82 48.69 10.11
CA LYS M 45 16.88 47.56 10.12
C LYS M 45 16.02 47.47 11.40
N ARG M 46 15.57 48.62 11.95
CA ARG M 46 14.72 48.71 13.13
C ARG M 46 13.45 49.55 12.95
N GLN M 47 13.28 50.31 11.87
CA GLN M 47 12.18 51.27 11.71
C GLN M 47 11.60 51.32 10.30
N ILE M 48 10.36 51.81 10.19
CA ILE M 48 9.75 52.28 8.95
C ILE M 48 9.94 53.82 8.93
N ILE M 49 10.59 54.31 7.89
CA ILE M 49 11.00 55.69 7.63
C ILE M 49 10.43 56.14 6.26
N VAL M 50 10.58 57.41 5.91
CA VAL M 50 10.34 57.96 4.56
C VAL M 50 11.55 57.63 3.66
N GLU M 51 11.31 57.53 2.34
CA GLU M 51 12.33 57.49 1.31
C GLU M 51 11.87 58.42 0.19
N GLU M 52 12.80 59.13 -0.46
CA GLU M 52 12.55 60.24 -1.39
C GLU M 52 12.09 59.77 -2.80
N ALA M 53 11.08 58.88 -2.82
CA ALA M 53 10.27 58.61 -3.99
C ALA M 53 9.29 59.79 -4.11
N LYS M 54 9.41 60.57 -5.19
CA LYS M 54 8.85 61.91 -5.34
C LYS M 54 7.34 62.05 -5.06
N GLN M 55 7.05 62.65 -3.91
CA GLN M 55 5.74 63.06 -3.45
C GLN M 55 5.47 64.44 -4.08
N ILE M 56 4.29 64.64 -4.66
CA ILE M 56 3.86 65.86 -5.32
C ILE M 56 3.13 66.71 -4.26
N LEU M 57 3.39 68.02 -4.22
CA LEU M 57 2.61 68.97 -3.42
C LEU M 57 1.39 69.40 -4.25
N VAL M 58 0.26 69.71 -3.60
CA VAL M 58 -1.01 70.10 -4.23
C VAL M 58 -0.92 71.43 -5.02
N GLY M 59 0.17 72.19 -4.87
CA GLY M 59 0.51 73.33 -5.70
C GLY M 59 1.28 72.98 -6.98
N ASP M 60 1.97 71.83 -7.05
CA ASP M 60 2.94 71.50 -8.12
C ASP M 60 2.28 71.13 -9.46
N ILE M 61 0.96 70.90 -9.43
CA ILE M 61 0.10 70.75 -10.59
C ILE M 61 -0.24 72.13 -11.23
N GLY M 62 0.13 73.24 -10.57
CA GLY M 62 0.13 74.57 -11.15
C GLY M 62 1.41 74.84 -11.94
N ASP M 63 2.52 74.19 -11.58
CA ASP M 63 3.83 74.33 -12.23
C ASP M 63 3.88 73.46 -13.48
N THR M 64 3.69 72.13 -13.34
CA THR M 64 4.01 71.18 -14.39
C THR M 64 3.36 69.79 -14.26
N VAL M 65 3.12 69.29 -13.03
CA VAL M 65 2.93 67.84 -12.81
C VAL M 65 1.54 67.37 -13.30
N GLU M 66 1.54 66.21 -13.99
CA GLU M 66 0.45 65.55 -14.75
C GLU M 66 -0.91 65.41 -14.01
N ASP M 67 -0.87 65.37 -12.68
CA ASP M 67 -1.92 65.38 -11.65
C ASP M 67 -1.15 65.12 -10.33
N PRO M 68 -1.78 65.28 -9.14
CA PRO M 68 -1.06 65.19 -7.87
C PRO M 68 -0.80 63.75 -7.39
N TYR M 69 -1.05 62.70 -8.20
CA TYR M 69 -0.86 61.31 -7.83
C TYR M 69 -0.24 60.40 -8.91
N THR M 70 -0.71 60.39 -10.17
CA THR M 70 -0.41 59.29 -11.12
C THR M 70 1.08 59.20 -11.55
N SER M 71 1.93 60.17 -11.18
CA SER M 71 3.39 60.07 -11.29
C SER M 71 4.01 59.13 -10.23
N PHE M 72 3.36 58.95 -9.08
CA PHE M 72 3.80 58.14 -7.93
C PHE M 72 3.77 56.65 -8.28
N VAL M 73 2.65 56.17 -8.84
CA VAL M 73 2.42 54.78 -9.26
C VAL M 73 3.28 54.37 -10.49
N LYS M 74 3.89 55.33 -11.17
CA LYS M 74 4.84 55.11 -12.26
C LYS M 74 6.30 55.09 -11.76
N LEU M 75 6.54 55.23 -10.43
CA LEU M 75 7.87 55.38 -9.82
C LEU M 75 8.06 54.49 -8.58
N LEU M 76 7.33 53.37 -8.47
CA LEU M 76 7.42 52.44 -7.35
C LEU M 76 8.55 51.41 -7.59
N PRO M 77 9.26 50.92 -6.55
CA PRO M 77 10.33 49.92 -6.71
C PRO M 77 9.73 48.52 -6.96
N LEU M 78 10.01 47.92 -8.11
CA LEU M 78 9.37 46.69 -8.58
C LEU M 78 9.92 45.41 -7.90
N ASN M 79 10.99 45.54 -7.12
CA ASN M 79 11.71 44.45 -6.47
C ASN M 79 11.96 44.72 -4.97
N ASP M 80 11.18 45.61 -4.36
CA ASP M 80 11.11 45.78 -2.90
C ASP M 80 9.66 46.04 -2.49
N CYS M 81 9.27 45.61 -1.29
CA CYS M 81 7.97 45.87 -0.70
C CYS M 81 8.05 47.24 0.00
N ARG M 82 6.94 47.98 0.06
CA ARG M 82 6.84 49.32 0.63
C ARG M 82 5.47 49.52 1.27
N TYR M 83 5.34 50.56 2.07
CA TYR M 83 4.05 51.11 2.45
C TYR M 83 3.90 52.45 1.74
N ALA M 84 2.66 52.83 1.45
CA ALA M 84 2.28 54.17 1.03
C ALA M 84 0.99 54.60 1.74
N LEU M 85 0.80 55.92 1.80
CA LEU M 85 -0.37 56.60 2.34
C LEU M 85 -0.79 57.57 1.22
N TYR M 86 -2.09 57.65 0.94
CA TYR M 86 -2.67 58.38 -0.18
C TYR M 86 -3.91 59.08 0.34
N ASP M 87 -4.06 60.36 -0.02
CA ASP M 87 -5.25 61.17 0.22
C ASP M 87 -5.91 61.37 -1.15
N ALA M 88 -7.05 60.71 -1.38
CA ALA M 88 -7.74 60.60 -2.66
C ALA M 88 -8.67 61.79 -2.85
N THR M 89 -8.83 62.25 -4.10
CA THR M 89 -9.74 63.33 -4.45
C THR M 89 -10.54 62.88 -5.69
N TYR M 90 -11.86 62.75 -5.54
CA TYR M 90 -12.74 62.18 -6.53
C TYR M 90 -14.10 62.90 -6.58
N GLU M 91 -14.78 62.76 -7.72
CA GLU M 91 -16.10 63.27 -8.05
C GLU M 91 -16.98 62.02 -8.22
N THR M 92 -18.22 62.06 -7.75
CA THR M 92 -19.20 61.00 -7.93
C THR M 92 -20.32 61.53 -8.86
N LYS M 93 -21.49 60.88 -8.90
CA LYS M 93 -22.67 61.36 -9.62
C LYS M 93 -23.60 62.08 -8.64
N GLU M 94 -23.11 62.33 -7.41
CA GLU M 94 -23.86 62.68 -6.22
C GLU M 94 -23.17 63.82 -5.48
N SER M 95 -21.83 63.75 -5.28
CA SER M 95 -21.09 64.73 -4.49
C SER M 95 -19.59 64.72 -4.85
N LYS M 96 -18.84 65.57 -4.14
CA LYS M 96 -17.39 65.70 -4.16
C LYS M 96 -16.86 64.88 -2.97
N LYS M 97 -15.72 64.21 -3.12
CA LYS M 97 -15.14 63.38 -2.06
C LYS M 97 -13.62 63.53 -1.94
N GLU M 98 -13.18 63.51 -0.68
CA GLU M 98 -11.83 63.66 -0.18
C GLU M 98 -11.68 62.58 0.92
N ASP M 99 -11.13 61.40 0.58
CA ASP M 99 -10.98 60.22 1.47
C ASP M 99 -9.51 59.80 1.52
N LEU M 100 -9.04 59.30 2.66
CA LEU M 100 -7.64 58.92 2.89
C LEU M 100 -7.55 57.38 2.93
N VAL M 101 -6.46 56.83 2.39
CA VAL M 101 -6.22 55.42 2.12
C VAL M 101 -4.78 55.04 2.51
N PHE M 102 -4.57 53.81 2.98
CA PHE M 102 -3.27 53.18 3.22
C PHE M 102 -3.02 52.11 2.14
N ILE M 103 -1.77 51.95 1.70
CA ILE M 103 -1.37 51.09 0.59
C ILE M 103 -0.24 50.16 1.07
N PHE M 104 -0.40 48.85 0.85
CA PHE M 104 0.60 47.81 1.05
C PHE M 104 1.09 47.42 -0.35
N TRP M 105 2.31 47.84 -0.70
CA TRP M 105 3.00 47.49 -1.94
C TRP M 105 3.92 46.32 -1.60
N ALA M 106 3.70 45.14 -2.19
CA ALA M 106 4.55 43.97 -2.00
C ALA M 106 4.68 43.17 -3.30
N PRO M 107 5.50 43.63 -4.30
CA PRO M 107 5.72 42.96 -5.58
C PRO M 107 6.11 41.48 -5.40
N GLU M 108 5.55 40.57 -6.20
CA GLU M 108 5.81 39.14 -6.01
C GLU M 108 7.26 38.72 -6.22
N SER M 109 8.04 39.53 -6.96
CA SER M 109 9.48 39.37 -7.20
C SER M 109 10.33 40.25 -6.26
N ALA M 110 9.75 40.79 -5.17
CA ALA M 110 10.51 41.40 -4.07
C ALA M 110 10.96 40.27 -3.10
N PRO M 111 12.11 40.42 -2.40
CA PRO M 111 12.64 39.44 -1.43
C PRO M 111 11.61 38.98 -0.38
N LEU M 112 11.60 37.67 -0.07
CA LEU M 112 10.68 37.04 0.88
C LEU M 112 10.91 37.54 2.33
N LYS M 113 12.12 38.03 2.62
CA LYS M 113 12.47 38.65 3.89
C LYS M 113 11.93 40.09 3.97
N SER M 114 11.80 40.81 2.84
CA SER M 114 11.09 42.09 2.79
C SER M 114 9.60 41.80 3.00
N LYS M 115 9.01 40.87 2.22
CA LYS M 115 7.62 40.40 2.34
C LYS M 115 7.21 40.04 3.78
N MET M 116 8.07 39.28 4.48
CA MET M 116 7.87 38.87 5.87
C MET M 116 7.85 40.06 6.84
N ILE M 117 8.78 41.02 6.72
CA ILE M 117 8.92 42.13 7.67
C ILE M 117 7.81 43.17 7.41
N TYR M 118 7.47 43.47 6.15
CA TYR M 118 6.37 44.37 5.80
C TYR M 118 4.98 43.71 5.99
N ALA M 119 4.90 42.39 6.22
CA ALA M 119 3.69 41.75 6.69
C ALA M 119 3.58 41.96 8.22
N SER M 120 4.60 41.53 8.98
CA SER M 120 4.73 41.65 10.43
C SER M 120 5.06 43.08 10.95
N SER M 121 4.63 44.13 10.24
CA SER M 121 4.62 45.50 10.72
C SER M 121 3.38 46.31 10.28
N LYS M 122 2.48 45.71 9.48
CA LYS M 122 1.36 46.39 8.84
C LYS M 122 0.27 46.79 9.86
N ASP M 123 0.14 46.04 10.96
CA ASP M 123 -0.73 46.36 12.10
C ASP M 123 -0.27 47.67 12.76
N ALA M 124 1.02 47.75 13.10
CA ALA M 124 1.64 48.79 13.90
C ALA M 124 1.52 50.19 13.27
N ILE M 125 1.71 50.29 11.95
CA ILE M 125 1.57 51.53 11.19
C ILE M 125 0.09 51.95 11.06
N LYS M 126 -0.83 51.00 10.78
CA LYS M 126 -2.28 51.25 10.76
C LYS M 126 -2.88 51.50 12.16
N LYS M 127 -2.09 51.31 13.22
CA LYS M 127 -2.47 51.62 14.58
C LYS M 127 -2.28 53.12 14.84
N LYS M 128 -1.39 53.79 14.09
CA LYS M 128 -1.13 55.22 14.22
C LYS M 128 -1.87 55.97 13.11
N PHE M 129 -1.87 55.43 11.89
CA PHE M 129 -2.55 55.99 10.72
C PHE M 129 -4.01 55.54 10.80
N THR M 130 -4.91 56.45 11.18
CA THR M 130 -6.33 56.17 11.40
C THR M 130 -7.16 57.36 10.89
N GLY M 131 -8.48 57.16 10.71
CA GLY M 131 -9.30 58.05 9.89
C GLY M 131 -9.04 57.86 8.40
N ILE M 132 -8.62 56.66 8.00
CA ILE M 132 -8.55 56.21 6.61
C ILE M 132 -9.86 55.45 6.32
N LYS M 133 -10.36 55.57 5.08
CA LYS M 133 -11.64 54.98 4.69
C LYS M 133 -11.43 53.62 4.02
N HIS M 134 -10.30 53.42 3.32
CA HIS M 134 -9.98 52.18 2.62
C HIS M 134 -8.51 51.79 2.82
N GLU M 135 -8.16 50.56 2.44
CA GLU M 135 -6.82 50.01 2.35
C GLU M 135 -6.66 49.32 0.99
N TRP M 136 -5.50 49.49 0.34
CA TRP M 136 -5.15 48.85 -0.93
C TRP M 136 -4.05 47.79 -0.70
N GLN M 137 -4.36 46.52 -1.00
CA GLN M 137 -3.36 45.47 -1.17
C GLN M 137 -2.92 45.52 -2.64
N VAL M 138 -1.61 45.61 -2.88
CA VAL M 138 -1.01 45.71 -4.20
C VAL M 138 0.20 44.78 -4.26
N ASN M 139 0.17 43.80 -5.17
CA ASN M 139 1.25 42.81 -5.35
C ASN M 139 1.83 42.79 -6.78
N GLY M 140 1.35 43.69 -7.65
CA GLY M 140 1.85 43.94 -8.99
C GLY M 140 1.49 45.37 -9.36
N LEU M 141 2.00 45.89 -10.48
CA LEU M 141 1.67 47.23 -10.97
C LEU M 141 0.18 47.34 -11.35
N ASP M 142 -0.39 46.29 -11.91
CA ASP M 142 -1.76 46.17 -12.44
C ASP M 142 -2.84 46.15 -11.37
N ASP M 143 -2.45 46.17 -10.09
CA ASP M 143 -3.36 46.40 -8.96
C ASP M 143 -3.29 47.88 -8.50
N ILE M 144 -2.45 48.75 -9.09
CA ILE M 144 -2.29 50.16 -8.71
C ILE M 144 -2.14 51.15 -9.88
N LYS M 145 -1.48 50.79 -10.98
CA LYS M 145 -1.08 51.69 -12.07
C LYS M 145 -2.30 52.28 -12.80
N ASP M 146 -3.35 51.46 -12.94
CA ASP M 146 -4.55 51.73 -13.71
C ASP M 146 -5.52 52.39 -12.75
N ARG M 147 -5.69 53.71 -12.84
CA ARG M 147 -6.60 54.51 -12.00
C ARG M 147 -8.10 54.10 -12.06
N SER M 148 -8.45 53.15 -12.93
CA SER M 148 -9.71 52.41 -12.96
C SER M 148 -9.79 51.33 -11.84
N THR M 149 -8.70 50.62 -11.48
CA THR M 149 -8.71 49.71 -10.32
C THR M 149 -8.50 50.52 -9.02
N LEU M 150 -7.92 51.73 -9.10
CA LEU M 150 -7.98 52.70 -7.99
C LEU M 150 -9.42 53.22 -7.83
N GLY M 151 -10.19 53.26 -8.92
CA GLY M 151 -11.63 53.42 -8.91
C GLY M 151 -12.34 52.26 -8.19
N GLU M 152 -12.02 51.00 -8.54
CA GLU M 152 -12.53 49.78 -7.87
C GLU M 152 -12.24 49.77 -6.36
N LYS M 153 -11.01 50.11 -5.97
CA LYS M 153 -10.52 50.15 -4.60
C LYS M 153 -10.81 51.51 -3.92
N LEU M 154 -11.67 52.34 -4.53
CA LEU M 154 -12.40 53.47 -3.94
C LEU M 154 -13.91 53.21 -4.12
N GLY M 155 -14.32 51.92 -4.09
CA GLY M 155 -15.71 51.48 -4.10
C GLY M 155 -16.34 51.28 -5.48
N GLY M 156 -15.65 51.63 -6.57
CA GLY M 156 -16.05 51.44 -7.96
C GLY M 156 -17.15 52.40 -8.41
N ASN M 157 -18.29 52.37 -7.70
CA ASN M 157 -19.56 53.09 -7.86
C ASN M 157 -19.47 54.63 -7.71
N VAL M 158 -18.31 55.22 -7.97
CA VAL M 158 -17.99 56.65 -7.92
C VAL M 158 -17.91 57.17 -9.37
N VAL M 159 -17.07 56.56 -10.20
CA VAL M 159 -16.95 56.60 -11.67
C VAL M 159 -16.47 57.92 -12.31
N VAL M 160 -16.96 59.09 -11.88
CA VAL M 160 -16.93 60.31 -12.70
C VAL M 160 -15.51 60.89 -12.87
N SER M 161 -14.83 61.26 -11.78
CA SER M 161 -13.47 61.80 -11.83
C SER M 161 -12.66 61.24 -10.67
N LEU M 162 -11.38 60.95 -10.91
CA LEU M 162 -10.49 60.16 -10.07
C LEU M 162 -9.10 60.79 -10.24
N GLU M 163 -8.73 61.70 -9.33
CA GLU M 163 -7.49 62.46 -9.28
C GLU M 163 -7.50 63.63 -10.29
N GLY M 164 -8.59 64.41 -10.26
CA GLY M 164 -8.80 65.63 -11.03
C GLY M 164 -9.23 65.37 -12.47
N LYS M 165 -8.53 64.48 -13.17
CA LYS M 165 -8.79 64.09 -14.54
C LYS M 165 -10.01 63.13 -14.58
N PRO M 166 -11.08 63.41 -15.38
CA PRO M 166 -12.25 62.54 -15.58
C PRO M 166 -11.90 61.06 -15.84
N LEU M 167 -12.69 60.14 -15.27
CA LEU M 167 -12.58 58.70 -15.44
C LEU M 167 -13.83 58.21 -16.18
N NH2 M 168 -14.98 58.86 -16.02
HN1 NH2 M 168 -15.78 58.55 -16.54
HN2 NH2 M 168 -15.06 59.56 -15.29
C ACE N 1 -22.26 -19.56 -19.86
O ACE N 1 -21.49 -20.64 -19.41
CH3 ACE N 1 -23.72 -19.99 -19.87
H1 ACE N 1 -24.08 -20.20 -18.86
H2 ACE N 1 -23.86 -20.88 -20.47
H3 ACE N 1 -24.37 -19.22 -20.30
N MET N 2 -22.06 -18.44 -18.93
CA MET N 2 -20.64 -18.05 -18.69
C MET N 2 -20.47 -17.30 -17.37
N ALA N 3 -21.44 -16.49 -16.94
CA ALA N 3 -21.46 -15.83 -15.64
C ALA N 3 -22.81 -15.17 -15.40
N SER N 4 -23.63 -15.74 -14.51
CA SER N 4 -24.86 -15.12 -14.05
C SER N 4 -25.26 -15.77 -12.72
N GLY N 5 -26.11 -15.08 -11.96
CA GLY N 5 -26.84 -15.67 -10.86
C GLY N 5 -28.17 -16.23 -11.35
N VAL N 6 -28.81 -17.04 -10.49
CA VAL N 6 -30.17 -17.54 -10.69
C VAL N 6 -31.19 -16.41 -10.42
N THR N 7 -32.28 -16.40 -11.17
CA THR N 7 -33.34 -15.39 -11.12
C THR N 7 -34.27 -15.64 -9.91
N VAL N 8 -34.96 -14.61 -9.44
CA VAL N 8 -35.97 -14.74 -8.39
C VAL N 8 -37.31 -14.90 -9.12
N ASN N 9 -38.05 -15.97 -8.82
CA ASN N 9 -39.42 -16.19 -9.27
C ASN N 9 -40.31 -15.15 -8.57
N ASP N 10 -41.10 -14.39 -9.33
CA ASP N 10 -41.73 -13.15 -8.85
C ASP N 10 -42.72 -13.33 -7.67
N GLU N 11 -43.27 -14.53 -7.48
CA GLU N 11 -44.16 -14.84 -6.37
C GLU N 11 -43.47 -14.67 -4.98
N VAL N 12 -42.13 -14.83 -4.93
CA VAL N 12 -41.23 -14.49 -3.80
C VAL N 12 -41.35 -13.01 -3.40
N ILE N 13 -41.54 -12.13 -4.38
CA ILE N 13 -41.60 -10.68 -4.25
C ILE N 13 -43.03 -10.25 -3.85
N LYS N 14 -44.05 -11.01 -4.26
CA LYS N 14 -45.44 -10.69 -3.95
C LYS N 14 -45.81 -11.20 -2.55
N VAL N 15 -45.30 -12.37 -2.10
CA VAL N 15 -45.44 -12.83 -0.71
C VAL N 15 -44.60 -11.95 0.24
N PHE N 16 -43.45 -11.43 -0.23
CA PHE N 16 -42.69 -10.38 0.43
C PHE N 16 -43.57 -9.13 0.65
N ASN N 17 -44.24 -8.64 -0.40
CA ASN N 17 -45.07 -7.44 -0.34
C ASN N 17 -46.32 -7.63 0.55
N ASP N 18 -46.87 -8.85 0.59
CA ASP N 18 -47.90 -9.25 1.55
C ASP N 18 -47.43 -9.11 3.02
N MET N 19 -46.20 -9.55 3.32
CA MET N 19 -45.62 -9.36 4.66
C MET N 19 -45.18 -7.92 4.88
N LYS N 20 -44.70 -7.24 3.84
CA LYS N 20 -44.18 -5.89 3.89
C LYS N 20 -45.24 -4.84 4.23
N VAL N 21 -46.51 -4.97 3.79
CA VAL N 21 -47.57 -3.99 4.04
C VAL N 21 -48.83 -4.67 4.60
N ARG N 22 -49.48 -3.95 5.52
CA ARG N 22 -50.63 -4.41 6.29
C ARG N 22 -51.90 -4.54 5.42
N LYS N 23 -52.82 -5.36 5.89
CA LYS N 23 -54.17 -5.51 5.37
C LYS N 23 -55.14 -4.80 6.33
N SER N 24 -56.42 -4.73 5.93
CA SER N 24 -57.53 -4.20 6.71
C SER N 24 -57.71 -5.01 8.02
N SER N 25 -57.99 -4.31 9.10
CA SER N 25 -57.95 -4.82 10.48
C SER N 25 -59.04 -5.89 10.75
N THR N 26 -60.24 -5.70 10.17
CA THR N 26 -61.51 -6.36 10.50
C THR N 26 -61.51 -7.91 10.46
N GLN N 27 -60.59 -8.54 9.74
CA GLN N 27 -60.40 -10.00 9.77
C GLN N 27 -59.02 -10.43 9.26
N GLU N 28 -58.47 -9.71 8.28
CA GLU N 28 -57.35 -10.18 7.47
C GLU N 28 -56.02 -10.27 8.26
N GLU N 29 -55.70 -9.25 9.06
CA GLU N 29 -54.50 -9.22 9.90
C GLU N 29 -54.47 -10.33 10.97
N ILE N 30 -55.64 -10.84 11.35
CA ILE N 30 -55.86 -11.78 12.45
C ILE N 30 -55.49 -13.24 12.04
N LYS N 31 -55.33 -13.53 10.74
CA LYS N 31 -55.06 -14.91 10.28
C LYS N 31 -54.27 -15.02 8.95
N LYS N 32 -54.17 -13.96 8.12
CA LYS N 32 -53.57 -14.06 6.79
C LYS N 32 -52.09 -13.64 6.75
N ARG N 33 -51.60 -12.98 7.81
CA ARG N 33 -50.22 -12.53 7.98
C ARG N 33 -49.30 -13.74 8.16
N LYS N 34 -48.31 -13.90 7.26
CA LYS N 34 -47.17 -14.78 7.46
C LYS N 34 -46.17 -13.98 8.28
N LYS N 35 -45.53 -14.62 9.25
CA LYS N 35 -44.56 -13.99 10.14
C LYS N 35 -43.14 -14.35 9.73
N ALA N 36 -42.93 -15.48 9.04
CA ALA N 36 -41.72 -15.80 8.30
C ALA N 36 -42.04 -16.61 7.05
N VAL N 37 -41.11 -16.65 6.09
CA VAL N 37 -41.14 -17.41 4.84
C VAL N 37 -39.70 -17.83 4.48
N LEU N 38 -39.56 -18.97 3.81
CA LEU N 38 -38.32 -19.60 3.37
C LEU N 38 -38.41 -19.73 1.84
N PHE N 39 -37.28 -19.52 1.15
CA PHE N 39 -37.14 -19.55 -0.30
C PHE N 39 -36.00 -20.52 -0.66
N CYS N 40 -36.22 -21.35 -1.68
CA CYS N 40 -35.37 -22.45 -2.14
C CYS N 40 -35.06 -22.24 -3.63
N LEU N 41 -33.90 -22.70 -4.09
CA LEU N 41 -33.52 -22.91 -5.49
C LEU N 41 -34.39 -24.03 -6.10
N SER N 42 -34.78 -23.93 -7.37
CA SER N 42 -35.48 -24.98 -8.11
C SER N 42 -34.65 -26.27 -8.24
N ASP N 43 -35.34 -27.39 -8.50
CA ASP N 43 -34.79 -28.69 -8.87
C ASP N 43 -34.03 -28.56 -10.21
N ASP N 44 -34.63 -27.82 -11.15
CA ASP N 44 -34.13 -27.35 -12.44
C ASP N 44 -32.81 -26.54 -12.30
N LYS N 45 -32.83 -25.52 -11.44
CA LYS N 45 -31.76 -24.63 -11.01
C LYS N 45 -31.61 -23.31 -11.78
N ARG N 46 -32.64 -22.80 -12.48
CA ARG N 46 -32.55 -21.44 -13.04
C ARG N 46 -32.94 -20.38 -12.00
N GLN N 47 -33.71 -20.75 -10.96
CA GLN N 47 -34.55 -19.82 -10.22
C GLN N 47 -34.64 -20.13 -8.72
N ILE N 48 -34.74 -19.08 -7.89
CA ILE N 48 -35.16 -19.15 -6.50
C ILE N 48 -36.70 -19.04 -6.50
N ILE N 49 -37.36 -19.96 -5.79
CA ILE N 49 -38.80 -20.13 -5.63
C ILE N 49 -39.14 -20.12 -4.12
N VAL N 50 -40.44 -20.13 -3.78
CA VAL N 50 -40.94 -20.16 -2.41
C VAL N 50 -41.13 -21.64 -2.01
N GLU N 51 -40.91 -21.94 -0.73
CA GLU N 51 -41.19 -23.23 -0.09
C GLU N 51 -42.70 -23.34 0.22
N GLU N 52 -43.21 -24.58 0.26
CA GLU N 52 -44.62 -24.93 0.42
C GLU N 52 -45.10 -24.65 1.86
N ALA N 53 -44.45 -25.35 2.80
CA ALA N 53 -44.51 -25.17 4.23
C ALA N 53 -43.38 -24.21 4.63
N LYS N 54 -42.97 -24.21 5.91
CA LYS N 54 -41.85 -23.45 6.48
C LYS N 54 -42.22 -21.95 6.66
N GLN N 55 -43.21 -21.50 5.89
CA GLN N 55 -44.07 -20.35 6.13
C GLN N 55 -44.90 -20.63 7.39
N ILE N 56 -45.00 -19.66 8.29
CA ILE N 56 -45.81 -19.71 9.51
C ILE N 56 -46.46 -18.34 9.72
N LEU N 57 -47.62 -18.32 10.35
CA LEU N 57 -48.56 -17.19 10.41
C LEU N 57 -48.84 -16.72 11.84
N VAL N 58 -49.52 -15.56 11.94
CA VAL N 58 -50.14 -14.99 13.15
C VAL N 58 -51.16 -15.95 13.80
N GLY N 59 -51.77 -16.83 12.99
CA GLY N 59 -52.70 -17.87 13.42
C GLY N 59 -52.02 -18.89 14.32
N ASP N 60 -51.16 -19.71 13.71
CA ASP N 60 -50.42 -20.86 14.23
C ASP N 60 -49.85 -20.66 15.64
N ILE N 61 -49.33 -19.47 15.94
CA ILE N 61 -48.76 -19.04 17.22
C ILE N 61 -49.85 -18.93 18.30
N GLY N 62 -50.99 -18.34 17.97
CA GLY N 62 -52.11 -18.16 18.89
C GLY N 62 -52.97 -19.43 18.99
N ASP N 63 -52.98 -20.24 17.92
CA ASP N 63 -53.74 -21.48 17.85
C ASP N 63 -52.95 -22.67 18.43
N THR N 64 -51.60 -22.61 18.56
CA THR N 64 -50.74 -23.67 19.13
C THR N 64 -49.28 -23.25 19.47
N VAL N 65 -48.55 -22.68 18.51
CA VAL N 65 -47.09 -22.70 18.42
C VAL N 65 -46.39 -21.69 19.36
N GLU N 66 -45.18 -22.03 19.84
CA GLU N 66 -44.41 -21.27 20.84
C GLU N 66 -44.07 -19.84 20.38
N ASP N 67 -43.52 -19.72 19.17
CA ASP N 67 -43.24 -18.49 18.42
C ASP N 67 -42.96 -18.94 16.98
N PRO N 68 -43.04 -18.03 15.98
CA PRO N 68 -42.89 -18.42 14.58
C PRO N 68 -41.45 -18.79 14.24
N TYR N 69 -40.44 -18.08 14.79
CA TYR N 69 -39.06 -18.28 14.41
C TYR N 69 -38.47 -19.55 15.07
N THR N 70 -38.88 -19.89 16.30
CA THR N 70 -38.58 -21.18 16.91
C THR N 70 -39.13 -22.36 16.04
N SER N 71 -40.32 -22.20 15.42
CA SER N 71 -40.87 -23.18 14.47
C SER N 71 -40.21 -23.14 13.08
N PHE N 72 -39.70 -21.99 12.65
CA PHE N 72 -38.91 -21.84 11.42
C PHE N 72 -37.62 -22.68 11.49
N VAL N 73 -36.90 -22.61 12.63
CA VAL N 73 -35.67 -23.35 12.87
C VAL N 73 -35.95 -24.85 13.16
N LYS N 74 -37.19 -25.23 13.53
CA LYS N 74 -37.62 -26.63 13.53
C LYS N 74 -37.84 -27.18 12.09
N LEU N 75 -37.70 -26.36 11.03
CA LEU N 75 -37.92 -26.74 9.63
C LEU N 75 -36.75 -26.35 8.68
N LEU N 76 -35.64 -25.79 9.15
CA LEU N 76 -34.53 -25.36 8.28
C LEU N 76 -33.65 -26.55 7.84
N PRO N 77 -33.16 -26.59 6.57
CA PRO N 77 -32.23 -27.63 6.10
C PRO N 77 -30.82 -27.38 6.65
N LEU N 78 -30.18 -28.41 7.21
CA LEU N 78 -28.91 -28.31 7.94
C LEU N 78 -27.71 -28.26 6.98
N ASN N 79 -27.88 -28.81 5.77
CA ASN N 79 -26.82 -29.08 4.78
C ASN N 79 -27.19 -28.52 3.40
N ASP N 80 -28.07 -27.52 3.34
CA ASP N 80 -28.36 -26.75 2.13
C ASP N 80 -28.65 -25.31 2.52
N CYS N 81 -28.41 -24.39 1.58
CA CYS N 81 -28.66 -22.97 1.73
C CYS N 81 -30.14 -22.67 1.40
N ARG N 82 -30.65 -21.55 1.92
CA ARG N 82 -31.97 -20.99 1.67
C ARG N 82 -31.87 -19.46 1.75
N TYR N 83 -32.85 -18.75 1.20
CA TYR N 83 -33.14 -17.38 1.63
C TYR N 83 -34.39 -17.41 2.51
N ALA N 84 -34.57 -16.40 3.35
CA ALA N 84 -35.67 -16.26 4.28
C ALA N 84 -36.05 -14.79 4.47
N LEU N 85 -37.25 -14.55 5.03
CA LEU N 85 -37.82 -13.25 5.33
C LEU N 85 -38.67 -13.40 6.59
N TYR N 86 -38.75 -12.36 7.43
CA TYR N 86 -39.41 -12.36 8.74
C TYR N 86 -40.00 -10.97 8.99
N ASP N 87 -41.27 -10.90 9.43
CA ASP N 87 -41.98 -9.69 9.89
C ASP N 87 -42.07 -9.89 11.40
N ALA N 88 -41.23 -9.19 12.17
CA ALA N 88 -41.06 -9.38 13.61
C ALA N 88 -42.23 -8.79 14.41
N THR N 89 -42.24 -8.96 15.73
CA THR N 89 -43.08 -8.25 16.68
C THR N 89 -42.15 -8.03 17.89
N TYR N 90 -41.47 -6.88 17.98
CA TYR N 90 -40.54 -6.59 19.07
C TYR N 90 -41.12 -5.54 20.02
N GLU N 91 -40.69 -5.60 21.28
CA GLU N 91 -40.89 -4.58 22.30
C GLU N 91 -39.50 -4.00 22.55
N THR N 92 -39.41 -2.68 22.74
CA THR N 92 -38.22 -2.00 23.22
C THR N 92 -38.64 -0.90 24.20
N LYS N 93 -37.75 0.05 24.50
CA LYS N 93 -38.00 1.10 25.50
C LYS N 93 -38.54 2.39 24.85
N GLU N 94 -38.33 2.58 23.54
CA GLU N 94 -38.85 3.70 22.77
C GLU N 94 -40.19 3.34 22.09
N SER N 95 -40.41 2.06 21.73
CA SER N 95 -41.43 1.65 20.78
C SER N 95 -41.73 0.16 20.88
N LYS N 96 -42.80 -0.24 20.18
CA LYS N 96 -43.10 -1.58 19.73
C LYS N 96 -43.55 -1.46 18.26
N LYS N 97 -42.77 -2.05 17.35
CA LYS N 97 -43.16 -2.30 15.97
C LYS N 97 -42.56 -3.62 15.50
N GLU N 98 -42.68 -3.87 14.20
CA GLU N 98 -42.82 -5.22 13.64
C GLU N 98 -41.93 -5.41 12.41
N ASP N 99 -40.77 -4.76 12.41
CA ASP N 99 -39.92 -4.56 11.24
C ASP N 99 -39.55 -5.82 10.44
N LEU N 100 -39.45 -5.63 9.12
CA LEU N 100 -39.31 -6.69 8.14
C LEU N 100 -37.80 -6.91 7.94
N VAL N 101 -37.38 -8.14 8.23
CA VAL N 101 -36.01 -8.61 8.18
C VAL N 101 -35.87 -9.47 6.91
N PHE N 102 -34.76 -9.31 6.16
CA PHE N 102 -34.34 -10.24 5.10
C PHE N 102 -33.15 -11.06 5.60
N ILE N 103 -33.13 -12.35 5.28
CA ILE N 103 -32.28 -13.36 5.90
C ILE N 103 -31.67 -14.23 4.78
N PHE N 104 -30.34 -14.43 4.81
CA PHE N 104 -29.65 -15.48 4.05
C PHE N 104 -29.30 -16.58 5.06
N TRP N 105 -29.77 -17.81 4.81
CA TRP N 105 -29.40 -19.01 5.55
C TRP N 105 -28.35 -19.74 4.70
N ALA N 106 -27.10 -19.79 5.17
CA ALA N 106 -26.00 -20.47 4.50
C ALA N 106 -25.24 -21.37 5.50
N PRO N 107 -25.80 -22.53 5.92
CA PRO N 107 -25.20 -23.35 6.96
C PRO N 107 -23.92 -24.00 6.47
N GLU N 108 -22.85 -23.97 7.27
CA GLU N 108 -21.49 -24.22 6.78
C GLU N 108 -21.23 -25.62 6.19
N SER N 109 -22.07 -26.60 6.52
CA SER N 109 -22.03 -27.97 6.00
C SER N 109 -22.78 -28.13 4.66
N ALA N 110 -23.36 -27.05 4.11
CA ALA N 110 -23.86 -27.01 2.73
C ALA N 110 -22.66 -26.88 1.77
N PRO N 111 -22.53 -27.75 0.75
CA PRO N 111 -21.48 -27.68 -0.29
C PRO N 111 -21.37 -26.30 -0.94
N LEU N 112 -20.13 -25.86 -1.24
CA LEU N 112 -19.81 -24.51 -1.71
C LEU N 112 -20.54 -24.08 -2.98
N LYS N 113 -20.96 -25.03 -3.84
CA LYS N 113 -21.72 -24.74 -5.04
C LYS N 113 -23.14 -24.22 -4.73
N SER N 114 -23.82 -24.71 -3.69
CA SER N 114 -25.14 -24.19 -3.31
C SER N 114 -24.98 -22.81 -2.65
N LYS N 115 -23.96 -22.66 -1.78
CA LYS N 115 -23.53 -21.39 -1.22
C LYS N 115 -23.31 -20.32 -2.32
N MET N 116 -22.59 -20.67 -3.39
CA MET N 116 -22.36 -19.82 -4.57
C MET N 116 -23.66 -19.46 -5.30
N ILE N 117 -24.52 -20.46 -5.61
CA ILE N 117 -25.75 -20.26 -6.38
C ILE N 117 -26.74 -19.35 -5.62
N TYR N 118 -26.99 -19.60 -4.34
CA TYR N 118 -27.86 -18.73 -3.54
C TYR N 118 -27.22 -17.34 -3.37
N ALA N 119 -25.90 -17.24 -3.09
CA ALA N 119 -25.19 -15.96 -2.99
C ALA N 119 -25.26 -15.13 -4.28
N SER N 120 -25.10 -15.77 -5.46
CA SER N 120 -25.18 -15.13 -6.77
C SER N 120 -26.53 -14.45 -7.07
N SER N 121 -27.61 -14.82 -6.37
CA SER N 121 -28.94 -14.27 -6.58
C SER N 121 -29.20 -13.03 -5.70
N LYS N 122 -28.31 -12.74 -4.72
CA LYS N 122 -28.46 -11.75 -3.65
C LYS N 122 -29.03 -10.39 -4.11
N ASP N 123 -28.39 -9.79 -5.11
CA ASP N 123 -28.71 -8.47 -5.68
C ASP N 123 -30.17 -8.40 -6.16
N ALA N 124 -30.56 -9.36 -6.99
CA ALA N 124 -31.86 -9.44 -7.66
C ALA N 124 -33.04 -9.51 -6.69
N ILE N 125 -32.90 -10.25 -5.58
CA ILE N 125 -33.92 -10.33 -4.52
C ILE N 125 -33.87 -9.04 -3.66
N LYS N 126 -32.67 -8.64 -3.21
CA LYS N 126 -32.37 -7.46 -2.39
C LYS N 126 -32.98 -6.15 -2.91
N LYS N 127 -32.77 -5.84 -4.20
CA LYS N 127 -33.18 -4.56 -4.79
C LYS N 127 -34.69 -4.51 -5.10
N LYS N 128 -35.32 -5.66 -5.42
CA LYS N 128 -36.76 -5.80 -5.60
C LYS N 128 -37.47 -5.72 -4.23
N PHE N 129 -36.84 -6.25 -3.17
CA PHE N 129 -37.30 -6.21 -1.77
C PHE N 129 -37.15 -4.81 -1.14
N THR N 130 -37.63 -3.76 -1.82
CA THR N 130 -37.71 -2.38 -1.35
C THR N 130 -38.78 -2.28 -0.22
N GLY N 131 -38.33 -2.47 1.01
CA GLY N 131 -39.15 -2.48 2.22
C GLY N 131 -38.59 -3.29 3.40
N ILE N 132 -37.32 -3.69 3.34
CA ILE N 132 -36.59 -4.34 4.43
C ILE N 132 -36.13 -3.24 5.42
N LYS N 133 -36.04 -3.56 6.70
CA LYS N 133 -35.58 -2.69 7.78
C LYS N 133 -34.40 -3.28 8.59
N HIS N 134 -34.09 -4.57 8.42
CA HIS N 134 -32.96 -5.27 9.05
C HIS N 134 -32.48 -6.38 8.11
N GLU N 135 -31.20 -6.77 8.18
CA GLU N 135 -30.63 -7.80 7.32
C GLU N 135 -29.76 -8.75 8.13
N TRP N 136 -29.99 -10.06 8.01
CA TRP N 136 -29.27 -11.12 8.72
C TRP N 136 -28.51 -12.00 7.72
N GLN N 137 -27.18 -12.03 7.86
CA GLN N 137 -26.32 -13.12 7.39
C GLN N 137 -26.35 -14.19 8.51
N VAL N 138 -26.62 -15.45 8.18
CA VAL N 138 -26.78 -16.55 9.14
C VAL N 138 -26.06 -17.81 8.59
N ASN N 139 -25.33 -18.53 9.44
CA ASN N 139 -24.33 -19.53 9.06
C ASN N 139 -24.32 -20.83 9.87
N GLY N 140 -25.11 -20.93 10.94
CA GLY N 140 -25.26 -22.15 11.73
C GLY N 140 -26.58 -22.14 12.50
N LEU N 141 -26.95 -23.31 13.04
CA LEU N 141 -28.14 -23.47 13.88
C LEU N 141 -27.99 -22.61 15.15
N ASP N 142 -26.80 -22.61 15.72
CA ASP N 142 -26.38 -21.91 16.94
C ASP N 142 -26.10 -20.41 16.71
N ASP N 143 -26.52 -19.86 15.57
CA ASP N 143 -26.59 -18.42 15.30
C ASP N 143 -28.03 -18.02 14.85
N ILE N 144 -28.99 -18.95 15.00
CA ILE N 144 -30.41 -18.76 14.65
C ILE N 144 -31.40 -19.34 15.66
N LYS N 145 -31.02 -20.35 16.47
CA LYS N 145 -31.86 -21.12 17.40
C LYS N 145 -32.50 -20.32 18.55
N ASP N 146 -32.20 -19.02 18.69
CA ASP N 146 -32.61 -18.23 19.83
C ASP N 146 -33.01 -16.78 19.52
N ARG N 147 -34.13 -16.35 20.09
CA ARG N 147 -34.76 -15.03 19.97
C ARG N 147 -33.91 -13.89 20.59
N SER N 148 -33.03 -14.21 21.55
CA SER N 148 -32.14 -13.28 22.25
C SER N 148 -30.88 -13.10 21.37
N THR N 149 -30.38 -14.19 20.79
CA THR N 149 -29.31 -14.25 19.80
C THR N 149 -29.72 -13.51 18.52
N LEU N 150 -30.98 -13.69 18.07
CA LEU N 150 -31.60 -12.93 16.98
C LEU N 150 -31.94 -11.47 17.40
N GLY N 151 -31.91 -11.18 18.70
CA GLY N 151 -31.95 -9.82 19.25
C GLY N 151 -30.65 -9.07 19.00
N GLU N 152 -29.49 -9.76 19.03
CA GLU N 152 -28.20 -9.19 18.61
C GLU N 152 -28.18 -8.99 17.08
N LYS N 153 -28.81 -9.88 16.30
CA LYS N 153 -28.95 -9.76 14.85
C LYS N 153 -29.79 -8.54 14.43
N LEU N 154 -30.73 -8.09 15.28
CA LEU N 154 -31.49 -6.84 15.15
C LEU N 154 -30.72 -5.65 15.77
N GLY N 155 -29.41 -5.79 16.00
CA GLY N 155 -28.51 -4.72 16.41
C GLY N 155 -28.48 -4.50 17.93
N GLY N 156 -28.90 -5.49 18.72
CA GLY N 156 -28.84 -5.57 20.18
C GLY N 156 -29.81 -4.65 20.93
N ASN N 157 -30.09 -3.49 20.33
CA ASN N 157 -30.87 -2.35 20.81
C ASN N 157 -32.31 -2.65 21.25
N VAL N 158 -32.85 -3.83 20.93
CA VAL N 158 -34.20 -4.28 21.28
C VAL N 158 -34.35 -4.41 22.81
N VAL N 159 -33.46 -5.18 23.46
CA VAL N 159 -33.24 -5.45 24.89
C VAL N 159 -34.44 -6.00 25.69
N VAL N 160 -35.68 -5.60 25.40
CA VAL N 160 -36.86 -5.98 26.19
C VAL N 160 -37.42 -7.32 25.67
N SER N 161 -38.00 -7.37 24.46
CA SER N 161 -38.65 -8.58 23.93
C SER N 161 -38.61 -8.66 22.41
N LEU N 162 -38.55 -9.88 21.89
CA LEU N 162 -38.82 -10.27 20.51
C LEU N 162 -39.85 -11.40 20.57
N GLU N 163 -40.96 -11.28 19.84
CA GLU N 163 -41.94 -12.32 19.55
C GLU N 163 -42.63 -12.85 20.84
N GLY N 164 -42.82 -11.92 21.79
CA GLY N 164 -43.43 -12.13 23.11
C GLY N 164 -42.53 -12.88 24.10
N LYS N 165 -41.25 -13.05 23.78
CA LYS N 165 -40.25 -13.72 24.61
C LYS N 165 -39.30 -12.63 25.14
N PRO N 166 -39.21 -12.40 26.48
CA PRO N 166 -38.23 -11.49 27.09
C PRO N 166 -36.78 -11.88 26.76
N LEU N 167 -35.92 -10.93 26.41
CA LEU N 167 -34.54 -11.19 25.98
C LEU N 167 -33.58 -11.25 27.19
N NH2 N 168 -34.00 -11.92 28.27
HN1 NH2 N 168 -33.39 -11.99 29.07
HN2 NH2 N 168 -34.87 -12.42 28.19
C ACE O 1 41.29 -14.78 25.97
O ACE O 1 40.74 -15.14 27.22
CH3 ACE O 1 42.74 -14.40 26.20
H1 ACE O 1 43.16 -13.92 25.32
H2 ACE O 1 43.34 -15.27 26.43
H3 ACE O 1 42.85 -13.69 27.03
N MET O 2 40.52 -13.62 25.53
CA MET O 2 39.10 -13.92 25.28
C MET O 2 38.76 -14.04 23.78
N ALA O 3 39.77 -14.00 22.89
CA ALA O 3 39.68 -13.94 21.43
C ALA O 3 38.81 -12.75 20.99
N SER O 4 39.14 -11.56 21.51
CA SER O 4 38.25 -10.43 21.57
C SER O 4 39.02 -9.17 21.17
N GLY O 5 38.66 -8.56 20.03
CA GLY O 5 39.32 -7.44 19.36
C GLY O 5 39.55 -6.18 20.20
N VAL O 6 40.56 -5.39 19.81
CA VAL O 6 41.13 -4.29 20.59
C VAL O 6 40.21 -3.06 20.75
N THR O 7 40.44 -2.31 21.83
CA THR O 7 39.65 -1.16 22.26
C THR O 7 40.23 0.16 21.74
N VAL O 8 39.35 1.09 21.34
CA VAL O 8 39.60 2.52 21.38
C VAL O 8 39.57 2.97 22.86
N ASN O 9 40.65 3.59 23.35
CA ASN O 9 40.91 3.90 24.75
C ASN O 9 39.97 4.98 25.37
N ASP O 10 40.50 6.21 25.53
CA ASP O 10 39.94 7.40 26.17
C ASP O 10 40.47 8.65 25.46
N GLU O 11 41.80 8.71 25.25
CA GLU O 11 42.53 9.66 24.40
C GLU O 11 41.87 9.91 23.03
N VAL O 12 41.55 8.84 22.29
CA VAL O 12 40.79 8.85 21.03
C VAL O 12 39.37 9.42 21.18
N ILE O 13 38.72 9.20 22.33
CA ILE O 13 37.33 9.55 22.62
C ILE O 13 37.21 11.05 22.89
N LYS O 14 38.25 11.66 23.47
CA LYS O 14 38.38 13.08 23.75
C LYS O 14 38.51 13.90 22.46
N VAL O 15 39.40 13.49 21.53
CA VAL O 15 39.54 14.14 20.22
C VAL O 15 38.31 13.86 19.32
N PHE O 16 37.73 12.65 19.39
CA PHE O 16 36.46 12.28 18.73
C PHE O 16 35.34 13.24 19.13
N ASN O 17 35.06 13.39 20.43
CA ASN O 17 33.96 14.22 20.92
C ASN O 17 34.26 15.73 20.84
N ASP O 18 35.50 16.13 20.51
CA ASP O 18 35.80 17.51 20.09
C ASP O 18 35.37 17.68 18.61
N MET O 19 35.83 16.78 17.73
CA MET O 19 35.56 16.79 16.29
C MET O 19 34.07 16.64 15.96
N LYS O 20 33.34 15.88 16.78
CA LYS O 20 31.93 15.52 16.63
C LYS O 20 30.98 16.71 16.81
N VAL O 21 31.42 17.82 17.41
CA VAL O 21 30.54 18.90 17.83
C VAL O 21 31.02 20.25 17.33
N ARG O 22 30.03 21.13 17.12
CA ARG O 22 30.21 22.56 16.85
C ARG O 22 30.66 23.27 18.13
N LYS O 23 31.09 24.52 17.98
CA LYS O 23 31.69 25.34 19.00
C LYS O 23 31.20 26.78 18.79
N SER O 24 31.78 27.75 19.52
CA SER O 24 31.65 29.19 19.30
C SER O 24 32.01 29.56 17.85
N SER O 25 31.11 30.29 17.19
CA SER O 25 31.21 30.73 15.81
C SER O 25 32.22 31.89 15.62
N THR O 26 32.56 32.64 16.69
CA THR O 26 33.48 33.76 16.64
C THR O 26 34.93 33.32 16.35
N GLN O 27 35.37 32.16 16.89
CA GLN O 27 36.74 31.65 16.75
C GLN O 27 36.80 30.13 16.67
N GLU O 28 36.09 29.43 17.56
CA GLU O 28 36.24 28.00 17.78
C GLU O 28 35.81 27.16 16.58
N GLU O 29 34.86 27.65 15.77
CA GLU O 29 34.43 27.02 14.52
C GLU O 29 35.33 27.36 13.32
N ILE O 30 36.34 28.23 13.48
CA ILE O 30 37.15 28.76 12.38
C ILE O 30 38.49 27.99 12.40
N LYS O 31 39.57 28.58 12.93
CA LYS O 31 40.89 27.96 13.06
C LYS O 31 40.97 27.01 14.26
N LYS O 32 39.83 26.43 14.69
CA LYS O 32 39.73 25.46 15.78
C LYS O 32 38.68 24.37 15.57
N ARG O 33 37.97 24.30 14.43
CA ARG O 33 37.08 23.18 14.12
C ARG O 33 38.01 22.11 13.54
N LYS O 34 38.17 20.99 14.25
CA LYS O 34 38.86 19.81 13.76
C LYS O 34 37.79 19.03 13.01
N LYS O 35 37.98 18.81 11.70
CA LYS O 35 36.97 18.21 10.82
C LYS O 35 37.31 16.78 10.38
N ALA O 36 38.45 16.25 10.82
CA ALA O 36 38.87 14.87 10.61
C ALA O 36 39.89 14.50 11.70
N VAL O 37 40.12 13.21 11.89
CA VAL O 37 41.18 12.62 12.71
C VAL O 37 41.46 11.21 12.15
N LEU O 38 42.67 10.69 12.37
CA LEU O 38 43.10 9.33 12.02
C LEU O 38 43.46 8.62 13.33
N PHE O 39 43.19 7.31 13.42
CA PHE O 39 43.61 6.44 14.51
C PHE O 39 44.42 5.29 13.91
N CYS O 40 45.37 4.79 14.69
CA CYS O 40 46.24 3.65 14.43
C CYS O 40 46.15 2.68 15.62
N LEU O 41 46.82 1.53 15.50
CA LEU O 41 46.99 0.49 16.50
C LEU O 41 48.31 0.78 17.26
N SER O 42 48.38 0.41 18.54
CA SER O 42 49.56 0.54 19.39
C SER O 42 50.74 -0.37 18.96
N ASP O 43 51.91 -0.10 19.56
CA ASP O 43 53.16 -0.85 19.50
C ASP O 43 52.98 -2.23 20.15
N ASP O 44 52.31 -2.26 21.31
CA ASP O 44 51.88 -3.44 22.08
C ASP O 44 50.89 -4.27 21.23
N LYS O 45 49.92 -3.61 20.59
CA LYS O 45 48.90 -4.07 19.67
C LYS O 45 47.58 -4.46 20.37
N ARG O 46 47.30 -3.91 21.56
CA ARG O 46 46.08 -4.16 22.32
C ARG O 46 45.15 -2.93 22.38
N GLN O 47 45.52 -1.76 21.82
CA GLN O 47 44.67 -0.56 21.84
C GLN O 47 44.77 0.21 20.52
N ILE O 48 43.68 0.91 20.17
CA ILE O 48 43.60 1.87 19.07
C ILE O 48 43.79 3.27 19.69
N ILE O 49 44.76 4.01 19.14
CA ILE O 49 45.31 5.30 19.56
C ILE O 49 45.18 6.31 18.42
N VAL O 50 45.20 7.62 18.70
CA VAL O 50 45.38 8.69 17.73
C VAL O 50 46.77 8.64 17.07
N GLU O 51 46.87 9.11 15.83
CA GLU O 51 48.04 9.07 14.98
C GLU O 51 48.09 10.35 14.13
N GLU O 52 49.19 10.56 13.41
CA GLU O 52 49.41 11.57 12.37
C GLU O 52 48.25 11.53 11.36
N ALA O 53 47.69 12.70 11.07
CA ALA O 53 46.48 12.87 10.28
C ALA O 53 46.67 14.10 9.42
N LYS O 54 46.20 14.07 8.17
CA LYS O 54 46.09 15.25 7.33
C LYS O 54 44.76 15.94 7.66
N GLN O 55 44.65 16.29 8.95
CA GLN O 55 43.60 17.03 9.62
C GLN O 55 43.87 18.50 9.31
N ILE O 56 42.90 19.17 8.73
CA ILE O 56 42.95 20.56 8.30
C ILE O 56 41.72 21.23 8.91
N LEU O 57 41.87 22.48 9.35
CA LEU O 57 40.86 23.24 10.06
C LEU O 57 39.97 23.96 9.04
N VAL O 58 38.73 24.30 9.44
CA VAL O 58 37.78 25.10 8.65
C VAL O 58 38.36 26.46 8.24
N GLY O 59 39.19 27.06 9.10
CA GLY O 59 39.89 28.32 8.84
C GLY O 59 40.95 28.21 7.74
N ASP O 60 41.59 27.04 7.56
CA ASP O 60 42.67 26.81 6.59
C ASP O 60 42.14 26.80 5.14
N ILE O 61 40.82 26.59 5.01
CA ILE O 61 40.05 26.65 3.76
C ILE O 61 39.67 28.13 3.48
N GLY O 62 39.91 29.04 4.43
CA GLY O 62 39.93 30.47 4.26
C GLY O 62 41.31 30.96 3.83
N ASP O 63 42.40 30.31 4.31
CA ASP O 63 43.79 30.59 3.93
C ASP O 63 44.03 30.31 2.44
N THR O 64 44.00 29.03 2.03
CA THR O 64 44.34 28.61 0.67
C THR O 64 43.92 27.16 0.30
N VAL O 65 43.54 26.29 1.25
CA VAL O 65 43.38 24.86 0.98
C VAL O 65 42.00 24.60 0.35
N GLU O 66 41.92 23.62 -0.57
CA GLU O 66 40.73 23.18 -1.30
C GLU O 66 39.51 22.87 -0.39
N ASP O 67 39.70 21.94 0.54
CA ASP O 67 38.75 21.51 1.58
C ASP O 67 39.57 20.75 2.66
N PRO O 68 38.98 20.37 3.81
CA PRO O 68 39.73 19.80 4.93
C PRO O 68 39.96 18.28 4.84
N TYR O 69 39.45 17.59 3.81
CA TYR O 69 39.43 16.12 3.76
C TYR O 69 39.88 15.55 2.39
N THR O 70 39.80 16.34 1.32
CA THR O 70 40.36 16.09 -0.02
C THR O 70 41.78 15.50 -0.02
N SER O 71 42.70 16.08 0.77
CA SER O 71 44.10 15.70 0.89
C SER O 71 44.24 14.41 1.72
N PHE O 72 43.46 14.29 2.81
CA PHE O 72 43.37 13.14 3.71
C PHE O 72 43.07 11.85 2.94
N VAL O 73 42.00 11.85 2.13
CA VAL O 73 41.53 10.69 1.36
C VAL O 73 42.45 10.30 0.18
N LYS O 74 43.39 11.18 -0.17
CA LYS O 74 44.43 10.94 -1.18
C LYS O 74 45.75 10.47 -0.53
N LEU O 75 45.87 10.51 0.81
CA LEU O 75 47.08 10.28 1.58
C LEU O 75 46.85 9.25 2.70
N LEU O 76 45.85 8.36 2.55
CA LEU O 76 45.61 7.23 3.45
C LEU O 76 46.74 6.21 3.27
N PRO O 77 47.51 5.83 4.32
CA PRO O 77 48.66 4.90 4.23
C PRO O 77 48.31 3.58 3.52
N LEU O 78 48.87 3.33 2.33
CA LEU O 78 48.51 2.17 1.50
C LEU O 78 49.05 0.83 2.04
N ASN O 79 50.00 0.87 2.97
CA ASN O 79 50.71 -0.29 3.51
C ASN O 79 50.51 -0.46 5.02
N ASP O 80 49.48 0.18 5.59
CA ASP O 80 48.94 -0.12 6.91
C ASP O 80 47.42 0.08 6.88
N CYS O 81 46.70 -0.53 7.81
CA CYS O 81 45.27 -0.29 8.02
C CYS O 81 45.15 0.91 8.97
N ARG O 82 44.05 1.66 8.89
CA ARG O 82 43.79 2.83 9.74
C ARG O 82 42.29 2.92 10.02
N TYR O 83 41.92 3.79 10.96
CA TYR O 83 40.57 4.28 11.08
C TYR O 83 40.62 5.78 10.84
N ALA O 84 39.58 6.36 10.24
CA ALA O 84 39.43 7.79 10.07
C ALA O 84 38.04 8.21 10.52
N LEU O 85 37.93 9.41 11.07
CA LEU O 85 36.67 10.14 11.20
C LEU O 85 36.70 11.31 10.24
N TYR O 86 35.50 11.77 9.84
CA TYR O 86 35.24 12.87 8.94
C TYR O 86 33.94 13.53 9.39
N ASP O 87 33.96 14.85 9.68
CA ASP O 87 32.77 15.69 9.82
C ASP O 87 32.43 16.14 8.39
N ALA O 88 31.28 15.69 7.86
CA ALA O 88 30.84 15.95 6.50
C ALA O 88 29.88 17.14 6.54
N THR O 89 30.26 18.26 5.91
CA THR O 89 29.42 19.44 5.74
C THR O 89 28.78 19.32 4.36
N TYR O 90 27.45 19.14 4.30
CA TYR O 90 26.72 18.79 3.10
C TYR O 90 25.37 19.50 3.00
N GLU O 91 25.02 19.86 1.77
CA GLU O 91 23.75 20.41 1.31
C GLU O 91 22.98 19.23 0.72
N THR O 92 21.73 19.02 1.15
CA THR O 92 20.80 18.10 0.53
C THR O 92 19.76 18.90 -0.25
N LYS O 93 18.86 18.19 -0.95
CA LYS O 93 17.66 18.75 -1.57
C LYS O 93 16.61 19.30 -0.57
N GLU O 94 16.88 19.28 0.76
CA GLU O 94 15.93 19.68 1.79
C GLU O 94 16.53 20.35 3.04
N SER O 95 17.85 20.34 3.27
CA SER O 95 18.48 20.83 4.49
C SER O 95 20.00 20.92 4.31
N LYS O 96 20.66 21.70 5.18
CA LYS O 96 22.11 21.76 5.36
C LYS O 96 22.42 20.99 6.64
N LYS O 97 23.34 20.02 6.59
CA LYS O 97 23.63 19.10 7.68
C LYS O 97 25.14 18.84 7.88
N GLU O 98 25.44 18.26 9.06
CA GLU O 98 26.74 17.93 9.61
C GLU O 98 26.62 16.59 10.35
N ASP O 99 26.46 15.49 9.60
CA ASP O 99 26.37 14.13 10.13
C ASP O 99 27.74 13.50 9.86
N LEU O 100 28.52 13.28 10.91
CA LEU O 100 29.90 12.81 10.83
C LEU O 100 29.98 11.29 10.59
N VAL O 101 31.07 10.90 9.92
CA VAL O 101 31.31 9.60 9.32
C VAL O 101 32.42 8.85 10.08
N PHE O 102 32.31 7.52 10.21
CA PHE O 102 33.35 6.59 10.62
C PHE O 102 33.85 5.84 9.37
N ILE O 103 35.16 5.76 9.19
CA ILE O 103 35.82 5.05 8.09
C ILE O 103 36.75 3.99 8.72
N PHE O 104 36.61 2.75 8.23
CA PHE O 104 37.51 1.63 8.42
C PHE O 104 38.31 1.50 7.12
N TRP O 105 39.60 1.83 7.15
CA TRP O 105 40.53 1.75 6.03
C TRP O 105 41.36 0.47 6.22
N ALA O 106 41.22 -0.50 5.31
CA ALA O 106 42.00 -1.74 5.32
C ALA O 106 42.45 -2.08 3.89
N PRO O 107 43.55 -1.49 3.38
CA PRO O 107 43.96 -1.65 1.98
C PRO O 107 44.64 -3.00 1.73
N GLU O 108 44.55 -3.49 0.49
CA GLU O 108 45.08 -4.77 0.03
C GLU O 108 46.56 -5.02 0.38
N SER O 109 47.38 -3.96 0.32
CA SER O 109 48.82 -4.02 0.57
C SER O 109 49.20 -3.80 2.06
N ALA O 110 48.23 -3.62 2.97
CA ALA O 110 48.50 -3.59 4.41
C ALA O 110 48.70 -5.01 4.97
N PRO O 111 49.61 -5.25 5.95
CA PRO O 111 49.84 -6.55 6.60
C PRO O 111 48.57 -7.27 7.10
N LEU O 112 48.57 -8.61 7.01
CA LEU O 112 47.47 -9.49 7.43
C LEU O 112 47.17 -9.36 8.93
N LYS O 113 48.23 -9.20 9.74
CA LYS O 113 48.15 -8.97 11.18
C LYS O 113 48.24 -7.47 11.52
N SER O 114 47.93 -6.60 10.56
CA SER O 114 47.27 -5.34 10.85
C SER O 114 45.77 -5.58 10.55
N LYS O 115 45.42 -5.96 9.30
CA LYS O 115 44.08 -6.25 8.77
C LYS O 115 43.09 -6.90 9.76
N MET O 116 43.48 -8.07 10.28
CA MET O 116 42.72 -8.90 11.22
C MET O 116 42.37 -8.16 12.52
N ILE O 117 43.30 -7.36 13.06
CA ILE O 117 43.14 -6.70 14.35
C ILE O 117 42.17 -5.51 14.17
N TYR O 118 42.23 -4.81 13.04
CA TYR O 118 41.30 -3.73 12.70
C TYR O 118 39.90 -4.31 12.38
N ALA O 119 39.81 -5.35 11.54
CA ALA O 119 38.53 -5.96 11.13
C ALA O 119 37.69 -6.54 12.28
N SER O 120 38.33 -6.94 13.40
CA SER O 120 37.68 -7.50 14.57
C SER O 120 37.56 -6.50 15.74
N SER O 121 38.18 -5.31 15.68
CA SER O 121 38.00 -4.25 16.68
C SER O 121 36.91 -3.25 16.27
N LYS O 122 36.51 -3.23 15.00
CA LYS O 122 35.54 -2.33 14.39
C LYS O 122 34.27 -2.04 15.22
N ASP O 123 33.59 -3.09 15.71
CA ASP O 123 32.36 -2.98 16.52
C ASP O 123 32.60 -2.36 17.91
N ALA O 124 33.82 -2.52 18.45
CA ALA O 124 34.26 -1.93 19.72
C ALA O 124 34.58 -0.44 19.55
N ILE O 125 34.76 0.06 18.32
CA ILE O 125 34.77 1.50 18.01
C ILE O 125 33.32 1.95 17.81
N LYS O 126 32.59 1.29 16.90
CA LYS O 126 31.19 1.52 16.51
C LYS O 126 30.27 1.86 17.69
N LYS O 127 30.21 0.94 18.67
CA LYS O 127 29.35 1.05 19.85
C LYS O 127 29.95 1.90 20.96
N LYS O 128 31.22 2.31 20.89
CA LYS O 128 31.84 3.24 21.83
C LYS O 128 31.64 4.70 21.33
N PHE O 129 31.54 4.89 20.02
CA PHE O 129 31.54 6.18 19.32
C PHE O 129 30.11 6.66 19.03
N THR O 130 29.24 6.68 20.07
CA THR O 130 27.86 7.15 20.00
C THR O 130 27.79 8.62 19.51
N GLY O 131 27.17 8.83 18.35
CA GLY O 131 27.09 10.11 17.64
C GLY O 131 27.78 10.11 16.26
N ILE O 132 28.35 8.98 15.83
CA ILE O 132 28.59 8.69 14.41
C ILE O 132 27.21 8.34 13.78
N LYS O 133 26.96 8.83 12.56
CA LYS O 133 25.76 8.52 11.79
C LYS O 133 26.11 7.57 10.62
N HIS O 134 27.09 7.96 9.79
CA HIS O 134 27.45 7.20 8.58
C HIS O 134 28.72 6.38 8.86
N GLU O 135 28.83 5.18 8.27
CA GLU O 135 29.89 4.22 8.54
C GLU O 135 30.30 3.48 7.26
N TRP O 136 31.58 3.56 6.88
CA TRP O 136 32.12 3.02 5.64
C TRP O 136 33.24 2.00 5.93
N GLN O 137 33.29 0.95 5.10
CA GLN O 137 34.46 0.09 4.89
C GLN O 137 35.10 0.59 3.59
N VAL O 138 36.42 0.79 3.58
CA VAL O 138 37.21 1.33 2.48
C VAL O 138 38.41 0.38 2.33
N ASN O 139 38.57 -0.21 1.14
CA ASN O 139 39.62 -1.20 0.84
C ASN O 139 40.46 -0.78 -0.37
N GLY O 140 39.98 0.14 -1.20
CA GLY O 140 40.75 0.87 -2.20
C GLY O 140 40.56 2.37 -1.96
N LEU O 141 41.45 3.22 -2.50
CA LEU O 141 41.29 4.68 -2.42
C LEU O 141 40.02 5.14 -3.16
N ASP O 142 39.66 4.44 -4.24
CA ASP O 142 38.51 4.66 -5.13
C ASP O 142 37.16 4.35 -4.47
N ASP O 143 37.17 3.90 -3.22
CA ASP O 143 36.02 3.83 -2.33
C ASP O 143 35.79 5.17 -1.60
N ILE O 144 36.70 6.16 -1.71
CA ILE O 144 36.71 7.40 -0.90
C ILE O 144 37.26 8.67 -1.60
N LYS O 145 38.25 8.57 -2.50
CA LYS O 145 39.18 9.63 -2.95
C LYS O 145 38.62 10.97 -3.50
N ASP O 146 37.32 11.06 -3.78
CA ASP O 146 36.64 12.24 -4.31
C ASP O 146 35.32 12.48 -3.57
N ARG O 147 34.99 13.76 -3.37
CA ARG O 147 33.74 14.30 -2.85
C ARG O 147 32.43 13.71 -3.42
N SER O 148 32.42 13.25 -4.67
CA SER O 148 31.26 12.58 -5.27
C SER O 148 31.08 11.19 -4.63
N THR O 149 32.20 10.47 -4.42
CA THR O 149 32.23 9.15 -3.79
C THR O 149 31.95 9.29 -2.27
N LEU O 150 32.40 10.37 -1.63
CA LEU O 150 32.01 10.73 -0.26
C LEU O 150 30.48 10.90 -0.14
N GLY O 151 29.88 11.69 -1.04
CA GLY O 151 28.44 11.97 -1.05
C GLY O 151 27.56 10.76 -1.41
N GLU O 152 28.02 9.94 -2.36
CA GLU O 152 27.48 8.63 -2.76
C GLU O 152 27.24 7.72 -1.54
N LYS O 153 28.30 7.50 -0.75
CA LYS O 153 28.25 6.67 0.46
C LYS O 153 27.66 7.41 1.68
N LEU O 154 27.34 8.70 1.60
CA LEU O 154 26.71 9.47 2.67
C LEU O 154 25.18 9.43 2.48
N GLY O 155 24.67 9.92 1.34
CA GLY O 155 23.24 10.09 1.11
C GLY O 155 22.80 9.90 -0.34
N GLY O 156 23.70 9.51 -1.26
CA GLY O 156 23.39 9.29 -2.66
C GLY O 156 22.74 10.49 -3.36
N ASN O 157 21.73 10.24 -4.21
CA ASN O 157 21.00 11.24 -5.01
C ASN O 157 19.95 12.02 -4.17
N VAL O 158 20.36 12.42 -2.97
CA VAL O 158 19.67 13.30 -2.02
C VAL O 158 20.61 14.46 -1.63
N VAL O 159 21.94 14.28 -1.76
CA VAL O 159 22.97 15.29 -1.53
C VAL O 159 23.13 16.11 -2.84
N VAL O 160 23.48 17.38 -2.74
CA VAL O 160 23.69 18.27 -3.90
C VAL O 160 25.03 19.04 -3.83
N SER O 161 25.57 19.29 -2.63
CA SER O 161 26.87 19.92 -2.43
C SER O 161 27.49 19.35 -1.14
N LEU O 162 28.81 19.19 -1.13
CA LEU O 162 29.59 18.58 -0.06
C LEU O 162 30.96 19.27 -0.04
N GLU O 163 31.41 19.71 1.15
CA GLU O 163 32.71 20.32 1.45
C GLU O 163 32.97 21.63 0.67
N GLY O 164 31.91 22.35 0.33
CA GLY O 164 31.94 23.56 -0.48
C GLY O 164 32.33 23.28 -1.94
N LYS O 165 31.95 22.10 -2.46
CA LYS O 165 32.11 21.64 -3.82
C LYS O 165 30.72 21.19 -4.31
N PRO O 166 30.34 21.39 -5.59
CA PRO O 166 29.08 20.87 -6.12
C PRO O 166 29.18 19.36 -6.37
N LEU O 167 28.08 18.63 -6.13
CA LEU O 167 27.86 17.27 -6.63
C LEU O 167 26.76 17.35 -7.69
N NH2 O 168 25.72 18.15 -7.46
HN1 NH2 O 168 24.99 18.20 -8.15
HN2 NH2 O 168 25.63 18.62 -6.57
C ACE P 1 22.99 -48.49 -47.36
O ACE P 1 22.95 -48.84 -45.98
CH3 ACE P 1 22.29 -49.60 -48.14
H1 ACE P 1 21.23 -49.66 -47.92
H2 ACE P 1 22.73 -50.58 -47.94
H3 ACE P 1 22.39 -49.44 -49.21
N MET P 2 22.24 -47.25 -47.48
CA MET P 2 22.78 -46.10 -46.73
C MET P 2 21.92 -45.78 -45.48
N ALA P 3 21.53 -46.83 -44.76
CA ALA P 3 20.87 -46.97 -43.46
C ALA P 3 19.83 -45.89 -43.10
N SER P 4 18.59 -46.06 -43.57
CA SER P 4 17.45 -45.21 -43.21
C SER P 4 16.88 -45.62 -41.84
N GLY P 5 16.75 -46.93 -41.60
CA GLY P 5 15.85 -47.46 -40.58
C GLY P 5 14.44 -47.52 -41.16
N VAL P 6 13.44 -47.02 -40.43
CA VAL P 6 12.06 -46.86 -40.88
C VAL P 6 11.55 -45.51 -40.35
N THR P 7 10.47 -44.99 -40.95
CA THR P 7 9.80 -43.76 -40.53
C THR P 7 8.29 -43.93 -40.71
N VAL P 8 7.50 -42.90 -40.39
CA VAL P 8 6.07 -43.00 -40.15
C VAL P 8 5.27 -42.06 -41.07
N ASN P 9 4.18 -42.62 -41.63
CA ASN P 9 3.16 -41.92 -42.39
C ASN P 9 2.41 -40.93 -41.50
N ASP P 10 2.16 -39.70 -41.97
CA ASP P 10 1.42 -38.65 -41.24
C ASP P 10 -0.09 -38.92 -41.05
N GLU P 11 -0.55 -40.14 -41.32
CA GLU P 11 -1.88 -40.66 -41.00
C GLU P 11 -2.05 -40.78 -39.47
N VAL P 12 -1.01 -41.16 -38.73
CA VAL P 12 -1.04 -41.47 -37.30
C VAL P 12 -1.46 -40.26 -36.44
N ILE P 13 -1.11 -39.04 -36.88
CA ILE P 13 -1.43 -37.78 -36.20
C ILE P 13 -2.94 -37.47 -36.31
N LYS P 14 -3.62 -38.01 -37.35
CA LYS P 14 -5.03 -37.77 -37.58
C LYS P 14 -5.89 -38.49 -36.51
N VAL P 15 -5.55 -39.74 -36.17
CA VAL P 15 -6.19 -40.46 -35.06
C VAL P 15 -5.73 -39.92 -33.69
N PHE P 16 -4.45 -39.51 -33.55
CA PHE P 16 -3.90 -38.85 -32.37
C PHE P 16 -4.64 -37.56 -32.01
N ASN P 17 -4.95 -36.72 -32.99
CA ASN P 17 -5.64 -35.44 -32.78
C ASN P 17 -7.04 -35.65 -32.21
N ASP P 18 -7.83 -36.56 -32.78
CA ASP P 18 -9.18 -36.90 -32.30
C ASP P 18 -9.15 -37.60 -30.91
N MET P 19 -8.10 -38.40 -30.66
CA MET P 19 -7.81 -39.01 -29.36
C MET P 19 -7.46 -37.94 -28.32
N LYS P 20 -6.62 -36.96 -28.68
CA LYS P 20 -6.17 -35.86 -27.82
C LYS P 20 -7.34 -34.94 -27.46
N VAL P 21 -8.00 -34.33 -28.46
CA VAL P 21 -8.96 -33.26 -28.25
C VAL P 21 -10.25 -33.79 -27.61
N ARG P 22 -10.59 -33.19 -26.47
CA ARG P 22 -11.80 -33.45 -25.71
C ARG P 22 -12.98 -32.72 -26.36
N LYS P 23 -14.18 -33.22 -26.12
CA LYS P 23 -15.43 -32.67 -26.61
C LYS P 23 -16.25 -32.16 -25.39
N SER P 24 -17.55 -31.88 -25.57
CA SER P 24 -18.48 -31.57 -24.48
C SER P 24 -18.66 -32.78 -23.53
N SER P 25 -18.64 -32.52 -22.21
CA SER P 25 -18.60 -33.53 -21.16
C SER P 25 -19.88 -34.38 -21.03
N THR P 26 -21.01 -33.97 -21.63
CA THR P 26 -22.32 -34.58 -21.41
C THR P 26 -22.50 -35.92 -22.17
N GLN P 27 -22.11 -35.99 -23.46
CA GLN P 27 -22.20 -37.21 -24.25
C GLN P 27 -21.13 -37.31 -25.34
N GLU P 28 -20.65 -36.18 -25.88
CA GLU P 28 -19.58 -36.12 -26.87
C GLU P 28 -18.28 -36.79 -26.37
N GLU P 29 -17.96 -36.59 -25.09
CA GLU P 29 -16.85 -37.25 -24.42
C GLU P 29 -17.12 -38.75 -24.18
N ILE P 30 -18.38 -39.18 -24.11
CA ILE P 30 -18.78 -40.51 -23.66
C ILE P 30 -18.98 -41.45 -24.86
N LYS P 31 -19.48 -40.97 -26.00
CA LYS P 31 -19.84 -41.80 -27.16
C LYS P 31 -19.24 -41.29 -28.48
N LYS P 32 -18.38 -40.26 -28.45
CA LYS P 32 -17.69 -39.72 -29.64
C LYS P 32 -16.17 -39.51 -29.41
N ARG P 33 -15.59 -40.05 -28.33
CA ARG P 33 -14.14 -40.10 -28.09
C ARG P 33 -13.65 -41.55 -28.14
N LYS P 34 -12.44 -41.76 -28.68
CA LYS P 34 -11.65 -42.97 -28.46
C LYS P 34 -10.71 -42.78 -27.26
N LYS P 35 -10.36 -43.89 -26.62
CA LYS P 35 -9.35 -44.02 -25.58
C LYS P 35 -8.12 -44.83 -26.05
N ALA P 36 -8.21 -45.60 -27.13
CA ALA P 36 -7.11 -46.43 -27.65
C ALA P 36 -7.10 -46.54 -29.18
N VAL P 37 -5.91 -46.61 -29.77
CA VAL P 37 -5.60 -46.89 -31.18
C VAL P 37 -4.20 -47.57 -31.26
N LEU P 38 -3.95 -48.35 -32.33
CA LEU P 38 -2.77 -49.20 -32.53
C LEU P 38 -2.03 -48.80 -33.83
N PHE P 39 -0.73 -49.11 -33.88
CA PHE P 39 0.17 -48.88 -35.01
C PHE P 39 0.90 -50.20 -35.34
N CYS P 40 1.44 -50.29 -36.57
CA CYS P 40 2.19 -51.41 -37.14
C CYS P 40 3.23 -50.87 -38.14
N LEU P 41 4.07 -51.74 -38.70
CA LEU P 41 4.99 -51.52 -39.81
C LEU P 41 4.38 -52.19 -41.06
N SER P 42 4.46 -51.55 -42.24
CA SER P 42 3.97 -51.96 -43.56
C SER P 42 4.55 -53.31 -44.03
N ASP P 43 4.01 -53.96 -45.06
CA ASP P 43 4.40 -55.33 -45.46
C ASP P 43 5.36 -55.40 -46.65
N ASP P 44 5.98 -54.26 -46.99
CA ASP P 44 7.35 -54.23 -47.53
C ASP P 44 8.33 -54.15 -46.34
N LYS P 45 7.93 -53.44 -45.28
CA LYS P 45 8.53 -53.26 -43.96
C LYS P 45 9.35 -51.98 -43.82
N ARG P 46 9.05 -50.95 -44.63
CA ARG P 46 9.73 -49.65 -44.63
C ARG P 46 8.96 -48.55 -43.87
N GLN P 47 7.62 -48.57 -43.85
CA GLN P 47 6.80 -47.45 -43.40
C GLN P 47 5.98 -47.89 -42.17
N ILE P 48 6.06 -47.12 -41.08
CA ILE P 48 5.19 -47.28 -39.92
C ILE P 48 3.84 -46.64 -40.26
N ILE P 49 2.78 -47.35 -39.89
CA ILE P 49 1.39 -47.15 -40.28
C ILE P 49 0.48 -47.29 -39.05
N VAL P 50 -0.77 -46.84 -39.17
CA VAL P 50 -1.88 -47.21 -38.29
C VAL P 50 -2.37 -48.63 -38.65
N GLU P 51 -2.91 -49.34 -37.65
CA GLU P 51 -3.51 -50.66 -37.79
C GLU P 51 -4.88 -50.60 -37.10
N GLU P 52 -5.78 -51.52 -37.46
CA GLU P 52 -7.08 -51.70 -36.84
C GLU P 52 -7.14 -53.15 -36.30
N ALA P 53 -7.80 -53.30 -35.16
CA ALA P 53 -8.12 -54.51 -34.42
C ALA P 53 -8.91 -54.18 -33.14
N LYS P 54 -9.17 -52.89 -32.88
CA LYS P 54 -9.74 -52.27 -31.68
C LYS P 54 -9.35 -50.78 -31.67
N GLN P 55 -10.27 -49.94 -32.16
CA GLN P 55 -10.40 -48.57 -31.71
C GLN P 55 -11.32 -48.68 -30.49
N ILE P 56 -10.83 -48.43 -29.27
CA ILE P 56 -11.64 -48.57 -28.05
C ILE P 56 -12.18 -47.17 -27.74
N LEU P 57 -13.49 -47.07 -27.52
CA LEU P 57 -14.27 -45.86 -27.24
C LEU P 57 -14.27 -45.61 -25.73
N VAL P 58 -14.61 -44.37 -25.31
CA VAL P 58 -14.94 -44.07 -23.90
C VAL P 58 -16.28 -44.74 -23.50
N GLY P 59 -17.11 -45.11 -24.48
CA GLY P 59 -18.41 -45.72 -24.27
C GLY P 59 -18.31 -47.19 -23.86
N ASP P 60 -17.27 -47.88 -24.35
CA ASP P 60 -16.99 -49.30 -24.16
C ASP P 60 -16.74 -49.65 -22.68
N ILE P 61 -16.37 -48.65 -21.87
CA ILE P 61 -16.18 -48.69 -20.42
C ILE P 61 -17.53 -48.95 -19.69
N GLY P 62 -18.66 -48.59 -20.32
CA GLY P 62 -20.00 -48.88 -19.83
C GLY P 62 -20.66 -49.98 -20.65
N ASP P 63 -20.41 -50.03 -21.96
CA ASP P 63 -21.14 -50.88 -22.89
C ASP P 63 -20.52 -52.29 -23.01
N THR P 64 -19.22 -52.52 -22.72
CA THR P 64 -18.61 -53.85 -22.92
C THR P 64 -17.46 -54.27 -21.99
N VAL P 65 -16.56 -53.38 -21.54
CA VAL P 65 -15.30 -53.75 -20.89
C VAL P 65 -15.06 -53.03 -19.56
N GLU P 66 -14.31 -53.71 -18.67
CA GLU P 66 -14.06 -53.35 -17.27
C GLU P 66 -13.24 -52.05 -17.08
N ASP P 67 -12.52 -51.60 -18.12
CA ASP P 67 -11.84 -50.31 -18.28
C ASP P 67 -11.62 -50.12 -19.81
N PRO P 68 -11.20 -48.94 -20.30
CA PRO P 68 -10.89 -48.71 -21.71
C PRO P 68 -9.56 -49.32 -22.23
N TYR P 69 -8.77 -50.06 -21.43
CA TYR P 69 -7.56 -50.74 -21.90
C TYR P 69 -7.76 -52.27 -21.96
N THR P 70 -8.70 -52.81 -21.20
CA THR P 70 -9.05 -54.22 -20.98
C THR P 70 -9.10 -55.13 -22.24
N SER P 71 -9.49 -54.59 -23.41
CA SER P 71 -9.54 -55.31 -24.69
C SER P 71 -8.16 -55.33 -25.40
N PHE P 72 -7.24 -54.41 -25.05
CA PHE P 72 -5.98 -54.19 -25.75
C PHE P 72 -4.98 -55.33 -25.48
N VAL P 73 -4.75 -55.63 -24.20
CA VAL P 73 -3.88 -56.70 -23.70
C VAL P 73 -4.39 -58.13 -23.98
N LYS P 74 -5.56 -58.29 -24.61
CA LYS P 74 -6.09 -59.61 -24.97
C LYS P 74 -5.54 -60.09 -26.32
N LEU P 75 -5.06 -59.16 -27.17
CA LEU P 75 -4.60 -59.39 -28.53
C LEU P 75 -3.42 -58.46 -28.87
N LEU P 76 -2.45 -58.29 -27.95
CA LEU P 76 -1.16 -57.66 -28.29
C LEU P 76 -0.23 -58.79 -28.75
N PRO P 77 0.44 -58.70 -29.93
CA PRO P 77 1.40 -59.70 -30.42
C PRO P 77 2.50 -60.04 -29.39
N LEU P 78 2.70 -61.33 -29.07
CA LEU P 78 3.71 -61.78 -28.12
C LEU P 78 5.07 -62.02 -28.81
N ASN P 79 5.09 -61.97 -30.16
CA ASN P 79 6.24 -62.28 -31.01
C ASN P 79 6.47 -61.21 -32.09
N ASP P 80 5.85 -60.03 -31.94
CA ASP P 80 6.11 -58.81 -32.69
C ASP P 80 6.13 -57.67 -31.67
N CYS P 81 7.02 -56.69 -31.85
CA CYS P 81 7.09 -55.48 -31.06
C CYS P 81 6.17 -54.46 -31.73
N ARG P 82 5.54 -53.58 -30.96
CA ARG P 82 4.55 -52.63 -31.42
C ARG P 82 4.67 -51.34 -30.62
N TYR P 83 3.87 -50.35 -31.03
CA TYR P 83 3.54 -49.20 -30.23
C TYR P 83 2.09 -48.78 -30.49
N ALA P 84 1.50 -48.07 -29.52
CA ALA P 84 0.09 -47.72 -29.44
C ALA P 84 -0.08 -46.38 -28.73
N LEU P 85 -1.19 -45.69 -29.01
CA LEU P 85 -1.56 -44.41 -28.41
C LEU P 85 -2.70 -44.69 -27.41
N TYR P 86 -2.60 -44.15 -26.19
CA TYR P 86 -3.55 -44.38 -25.11
C TYR P 86 -3.80 -43.08 -24.33
N ASP P 87 -5.03 -42.86 -23.88
CA ASP P 87 -5.44 -41.71 -23.05
C ASP P 87 -5.76 -42.31 -21.68
N ALA P 88 -4.78 -42.32 -20.77
CA ALA P 88 -4.82 -43.01 -19.48
C ALA P 88 -5.46 -42.13 -18.42
N THR P 89 -6.18 -42.73 -17.48
CA THR P 89 -7.20 -42.07 -16.68
C THR P 89 -6.85 -42.18 -15.18
N TYR P 90 -7.01 -41.11 -14.39
CA TYR P 90 -6.83 -41.15 -12.95
C TYR P 90 -7.87 -40.30 -12.20
N GLU P 91 -8.31 -40.82 -11.05
CA GLU P 91 -9.31 -40.24 -10.18
C GLU P 91 -8.60 -39.97 -8.86
N THR P 92 -8.65 -38.72 -8.39
CA THR P 92 -7.92 -38.22 -7.25
C THR P 92 -8.74 -37.13 -6.54
N LYS P 93 -8.29 -36.76 -5.34
CA LYS P 93 -9.01 -35.94 -4.38
C LYS P 93 -8.94 -34.43 -4.71
N GLU P 94 -8.24 -34.01 -5.78
CA GLU P 94 -8.04 -32.60 -6.15
C GLU P 94 -8.25 -32.30 -7.63
N SER P 95 -8.42 -33.30 -8.49
CA SER P 95 -8.67 -33.11 -9.92
C SER P 95 -9.28 -34.37 -10.51
N LYS P 96 -9.90 -34.24 -11.68
CA LYS P 96 -10.30 -35.34 -12.55
C LYS P 96 -9.40 -35.18 -13.78
N LYS P 97 -8.41 -36.06 -13.97
CA LYS P 97 -7.31 -35.86 -14.92
C LYS P 97 -7.03 -37.15 -15.70
N GLU P 98 -6.63 -36.98 -16.96
CA GLU P 98 -6.16 -38.02 -17.85
C GLU P 98 -4.98 -37.42 -18.61
N ASP P 99 -3.81 -38.05 -18.54
CA ASP P 99 -2.64 -37.67 -19.35
C ASP P 99 -2.49 -38.67 -20.49
N LEU P 100 -1.96 -38.16 -21.60
CA LEU P 100 -1.82 -38.86 -22.86
C LEU P 100 -0.53 -39.69 -22.82
N VAL P 101 -0.69 -40.98 -23.13
CA VAL P 101 0.33 -42.01 -23.11
C VAL P 101 0.63 -42.46 -24.55
N PHE P 102 1.91 -42.72 -24.80
CA PHE P 102 2.40 -43.48 -25.93
C PHE P 102 3.01 -44.77 -25.34
N ILE P 103 2.45 -45.92 -25.69
CA ILE P 103 2.87 -47.23 -25.20
C ILE P 103 3.84 -47.80 -26.23
N PHE P 104 5.04 -48.21 -25.80
CA PHE P 104 5.98 -49.02 -26.57
C PHE P 104 5.97 -50.41 -25.97
N TRP P 105 5.74 -51.40 -26.83
CA TRP P 105 5.60 -52.81 -26.53
C TRP P 105 6.75 -53.54 -27.24
N ALA P 106 7.64 -54.19 -26.49
CA ALA P 106 8.73 -55.01 -27.03
C ALA P 106 8.96 -56.33 -26.25
N PRO P 107 8.11 -57.36 -26.44
CA PRO P 107 8.27 -58.71 -25.84
C PRO P 107 9.64 -59.35 -26.13
N GLU P 108 10.17 -60.10 -25.17
CA GLU P 108 11.47 -60.75 -25.27
C GLU P 108 11.51 -61.96 -26.22
N SER P 109 10.35 -62.44 -26.69
CA SER P 109 10.20 -63.53 -27.65
C SER P 109 9.91 -63.02 -29.09
N ALA P 110 9.92 -61.69 -29.30
CA ALA P 110 9.84 -61.09 -30.63
C ALA P 110 11.26 -61.00 -31.21
N PRO P 111 11.52 -61.50 -32.45
CA PRO P 111 12.83 -61.46 -33.11
C PRO P 111 13.50 -60.07 -33.13
N LEU P 112 14.84 -60.04 -33.08
CA LEU P 112 15.68 -58.84 -33.03
C LEU P 112 15.39 -57.81 -34.15
N LYS P 113 14.96 -58.29 -35.32
CA LYS P 113 14.58 -57.46 -36.47
C LYS P 113 13.24 -56.72 -36.27
N SER P 114 12.34 -57.21 -35.40
CA SER P 114 11.14 -56.47 -34.99
C SER P 114 11.59 -55.45 -33.92
N LYS P 115 12.34 -55.91 -32.89
CA LYS P 115 12.88 -55.09 -31.80
C LYS P 115 13.62 -53.83 -32.28
N MET P 116 14.65 -53.99 -33.11
CA MET P 116 15.52 -52.91 -33.57
C MET P 116 14.76 -51.85 -34.37
N ILE P 117 13.88 -52.27 -35.28
CA ILE P 117 13.17 -51.41 -36.22
C ILE P 117 12.02 -50.67 -35.52
N TYR P 118 11.27 -51.33 -34.62
CA TYR P 118 10.24 -50.64 -33.84
C TYR P 118 10.87 -49.75 -32.75
N ALA P 119 11.99 -50.15 -32.12
CA ALA P 119 12.64 -49.36 -31.06
C ALA P 119 13.21 -48.04 -31.61
N SER P 120 13.90 -48.08 -32.75
CA SER P 120 14.51 -46.89 -33.37
C SER P 120 13.47 -45.94 -34.00
N SER P 121 12.26 -46.42 -34.35
CA SER P 121 11.20 -45.58 -34.88
C SER P 121 10.26 -45.06 -33.77
N LYS P 122 10.34 -45.61 -32.54
CA LYS P 122 9.62 -45.17 -31.34
C LYS P 122 9.95 -43.69 -31.05
N ASP P 123 11.24 -43.36 -31.11
CA ASP P 123 11.79 -42.03 -30.85
C ASP P 123 11.55 -41.06 -32.02
N ALA P 124 11.15 -41.57 -33.21
CA ALA P 124 10.72 -40.76 -34.34
C ALA P 124 9.22 -40.44 -34.22
N ILE P 125 8.36 -41.45 -34.05
CA ILE P 125 6.90 -41.28 -34.00
C ILE P 125 6.46 -40.51 -32.73
N LYS P 126 7.17 -40.69 -31.60
CA LYS P 126 7.08 -39.92 -30.36
C LYS P 126 6.95 -38.40 -30.63
N LYS P 127 7.85 -37.88 -31.48
CA LYS P 127 7.97 -36.47 -31.78
C LYS P 127 6.97 -35.99 -32.87
N LYS P 128 6.14 -36.88 -33.43
CA LYS P 128 4.99 -36.48 -34.25
C LYS P 128 3.79 -36.08 -33.35
N PHE P 129 3.73 -36.59 -32.11
CA PHE P 129 2.54 -36.52 -31.25
C PHE P 129 2.72 -35.44 -30.17
N THR P 130 2.52 -34.17 -30.53
CA THR P 130 2.63 -33.02 -29.62
C THR P 130 1.44 -33.01 -28.62
N GLY P 131 1.69 -33.53 -27.42
CA GLY P 131 0.71 -33.71 -26.36
C GLY P 131 0.90 -35.01 -25.57
N ILE P 132 1.79 -35.91 -26.01
CA ILE P 132 2.28 -37.02 -25.20
C ILE P 132 3.21 -36.42 -24.13
N LYS P 133 3.12 -36.94 -22.90
CA LYS P 133 3.85 -36.45 -21.74
C LYS P 133 4.54 -37.61 -21.03
N HIS P 134 3.77 -38.66 -20.73
CA HIS P 134 4.22 -39.92 -20.13
C HIS P 134 4.26 -40.93 -21.28
N GLU P 135 5.18 -41.90 -21.24
CA GLU P 135 5.32 -42.92 -22.26
C GLU P 135 5.79 -44.21 -21.59
N TRP P 136 5.14 -45.33 -21.90
CA TRP P 136 5.32 -46.61 -21.21
C TRP P 136 6.24 -47.48 -22.07
N GLN P 137 7.43 -47.82 -21.54
CA GLN P 137 8.31 -48.85 -22.09
C GLN P 137 7.89 -50.17 -21.43
N VAL P 138 7.16 -51.01 -22.16
CA VAL P 138 6.62 -52.28 -21.72
C VAL P 138 7.34 -53.40 -22.49
N ASN P 139 7.88 -54.38 -21.77
CA ASN P 139 8.62 -55.51 -22.30
C ASN P 139 8.05 -56.79 -21.67
N GLY P 140 7.10 -57.43 -22.36
CA GLY P 140 6.32 -58.56 -21.87
C GLY P 140 4.95 -58.09 -21.34
N LEU P 141 4.05 -59.04 -21.03
CA LEU P 141 2.79 -58.75 -20.33
C LEU P 141 3.09 -58.41 -18.85
N ASP P 142 4.20 -58.95 -18.35
CA ASP P 142 4.88 -58.94 -17.07
C ASP P 142 5.11 -57.53 -16.48
N ASP P 143 5.07 -56.49 -17.33
CA ASP P 143 5.25 -55.07 -17.00
C ASP P 143 3.95 -54.27 -17.19
N ILE P 144 2.78 -54.91 -17.36
CA ILE P 144 1.50 -54.24 -17.57
C ILE P 144 0.25 -55.00 -17.07
N LYS P 145 0.29 -56.33 -16.97
CA LYS P 145 -0.88 -57.20 -16.79
C LYS P 145 -1.65 -57.06 -15.46
N ASP P 146 -1.02 -56.51 -14.42
CA ASP P 146 -1.65 -56.25 -13.12
C ASP P 146 -2.17 -54.81 -13.16
N ARG P 147 -3.40 -54.58 -12.68
CA ARG P 147 -4.12 -53.31 -12.84
C ARG P 147 -3.44 -52.11 -12.13
N SER P 148 -2.61 -52.36 -11.11
CA SER P 148 -1.77 -51.36 -10.45
C SER P 148 -0.54 -51.01 -11.30
N THR P 149 0.03 -52.00 -11.99
CA THR P 149 1.25 -51.90 -12.81
C THR P 149 1.01 -51.14 -14.13
N LEU P 150 -0.26 -50.96 -14.52
CA LEU P 150 -0.69 -50.04 -15.56
C LEU P 150 -0.32 -48.58 -15.18
N GLY P 151 -0.33 -48.26 -13.88
CA GLY P 151 -0.05 -46.94 -13.35
C GLY P 151 1.43 -46.70 -13.04
N GLU P 152 2.24 -47.76 -12.91
CA GLU P 152 3.67 -47.67 -12.57
C GLU P 152 4.50 -46.95 -13.66
N LYS P 153 4.07 -47.05 -14.92
CA LYS P 153 4.74 -46.44 -16.07
C LYS P 153 4.16 -45.06 -16.39
N LEU P 154 2.98 -44.72 -15.85
CA LEU P 154 2.43 -43.36 -15.86
C LEU P 154 3.13 -42.58 -14.73
N GLY P 155 3.13 -43.15 -13.52
CA GLY P 155 3.83 -42.67 -12.34
C GLY P 155 3.18 -41.46 -11.69
N GLY P 156 3.85 -40.94 -10.65
CA GLY P 156 3.47 -39.73 -9.93
C GLY P 156 2.71 -40.06 -8.65
N ASN P 157 3.22 -39.61 -7.50
CA ASN P 157 2.72 -39.87 -6.14
C ASN P 157 1.44 -39.05 -5.84
N VAL P 158 0.51 -39.02 -6.80
CA VAL P 158 -0.75 -38.27 -6.86
C VAL P 158 -1.94 -39.22 -7.17
N VAL P 159 -1.66 -40.38 -7.80
CA VAL P 159 -2.55 -41.43 -8.31
C VAL P 159 -3.94 -41.58 -7.65
N VAL P 160 -4.04 -42.33 -6.54
CA VAL P 160 -5.24 -42.56 -5.72
C VAL P 160 -6.16 -43.62 -6.34
N SER P 161 -6.52 -43.45 -7.62
CA SER P 161 -7.26 -44.38 -8.44
C SER P 161 -6.80 -44.16 -9.88
N LEU P 162 -6.57 -45.24 -10.64
CA LEU P 162 -6.07 -45.24 -12.01
C LEU P 162 -6.97 -46.17 -12.81
N GLU P 163 -7.53 -45.68 -13.93
CA GLU P 163 -8.36 -46.41 -14.89
C GLU P 163 -9.68 -46.94 -14.26
N GLY P 164 -10.06 -46.36 -13.11
CA GLY P 164 -11.19 -46.78 -12.29
C GLY P 164 -10.83 -47.84 -11.24
N LYS P 165 -9.53 -48.12 -11.02
CA LYS P 165 -9.02 -49.14 -10.10
C LYS P 165 -8.21 -48.41 -8.99
N PRO P 166 -8.47 -48.64 -7.69
CA PRO P 166 -7.71 -48.04 -6.56
C PRO P 166 -6.18 -48.19 -6.67
N LEU P 167 -5.45 -47.10 -6.40
CA LEU P 167 -4.00 -46.99 -6.50
C LEU P 167 -3.52 -46.00 -5.43
N NH2 P 168 -3.91 -46.24 -4.18
HN1 NH2 P 168 -3.62 -45.60 -3.45
HN2 NH2 P 168 -4.50 -47.04 -3.99
C ACE Q 1 59.48 -72.82 20.73
O ACE Q 1 58.68 -73.15 21.86
CH3 ACE Q 1 60.55 -73.90 20.56
H1 ACE Q 1 60.10 -74.87 20.41
H2 ACE Q 1 61.20 -73.97 21.44
H3 ACE Q 1 61.18 -73.70 19.70
N MET Q 2 60.12 -71.57 21.08
CA MET Q 2 59.17 -70.45 21.04
C MET Q 2 58.97 -69.91 19.60
N ALA Q 3 60.02 -69.38 18.98
CA ALA Q 3 60.14 -69.16 17.53
C ALA Q 3 59.36 -67.96 16.98
N SER Q 4 59.00 -67.00 17.85
CA SER Q 4 58.50 -65.69 17.44
C SER Q 4 59.67 -64.72 17.36
N GLY Q 5 59.44 -63.58 16.70
CA GLY Q 5 60.27 -62.39 16.84
C GLY Q 5 60.23 -61.81 18.26
N VAL Q 6 61.26 -61.03 18.61
CA VAL Q 6 61.53 -60.49 19.94
C VAL Q 6 60.52 -59.40 20.35
N THR Q 7 60.16 -59.38 21.63
CA THR Q 7 59.14 -58.53 22.21
C THR Q 7 59.75 -57.22 22.78
N VAL Q 8 58.99 -56.12 22.77
CA VAL Q 8 59.44 -54.80 23.21
C VAL Q 8 58.95 -54.57 24.65
N ASN Q 9 59.86 -54.13 25.54
CA ASN Q 9 59.58 -53.79 26.95
C ASN Q 9 58.95 -52.39 27.08
N ASP Q 10 58.51 -52.06 28.31
CA ASP Q 10 57.71 -50.88 28.68
C ASP Q 10 58.48 -49.57 28.53
N GLU Q 11 59.76 -49.50 28.93
CA GLU Q 11 60.61 -48.31 28.93
C GLU Q 11 60.81 -47.73 27.51
N VAL Q 12 60.86 -48.62 26.52
CA VAL Q 12 60.87 -48.28 25.09
C VAL Q 12 59.61 -47.46 24.69
N ILE Q 13 58.45 -47.73 25.31
CA ILE Q 13 57.20 -47.01 25.11
C ILE Q 13 57.20 -45.70 25.93
N LYS Q 14 57.79 -45.68 27.13
CA LYS Q 14 57.94 -44.48 27.97
C LYS Q 14 58.81 -43.43 27.26
N VAL Q 15 59.96 -43.86 26.72
CA VAL Q 15 60.88 -43.05 25.93
C VAL Q 15 60.23 -42.52 24.64
N PHE Q 16 59.40 -43.33 23.95
CA PHE Q 16 58.58 -42.86 22.82
C PHE Q 16 57.59 -41.76 23.28
N ASN Q 17 56.90 -41.99 24.40
CA ASN Q 17 55.89 -41.08 24.94
C ASN Q 17 56.55 -39.75 25.37
N ASP Q 18 57.72 -39.82 26.01
CA ASP Q 18 58.57 -38.68 26.39
C ASP Q 18 58.97 -37.82 25.17
N MET Q 19 59.35 -38.46 24.06
CA MET Q 19 59.62 -37.79 22.78
C MET Q 19 58.35 -37.20 22.16
N LYS Q 20 57.23 -37.91 22.25
CA LYS Q 20 55.96 -37.53 21.61
C LYS Q 20 55.33 -36.34 22.32
N VAL Q 21 55.13 -36.40 23.65
CA VAL Q 21 54.40 -35.39 24.40
C VAL Q 21 55.22 -34.08 24.47
N ARG Q 22 54.52 -32.97 24.30
CA ARG Q 22 55.04 -31.62 24.51
C ARG Q 22 55.07 -31.32 26.02
N LYS Q 23 55.74 -30.22 26.39
CA LYS Q 23 55.92 -29.78 27.77
C LYS Q 23 55.72 -28.25 27.83
N SER Q 24 55.94 -27.62 29.00
CA SER Q 24 55.98 -26.16 29.14
C SER Q 24 57.15 -25.56 28.33
N SER Q 25 56.86 -24.47 27.63
CA SER Q 25 57.70 -23.87 26.59
C SER Q 25 58.91 -23.08 27.13
N THR Q 26 59.05 -22.98 28.44
CA THR Q 26 60.06 -22.26 29.20
C THR Q 26 61.40 -23.01 29.17
N GLN Q 27 61.41 -24.25 29.69
CA GLN Q 27 62.60 -25.06 29.92
C GLN Q 27 62.37 -26.57 29.75
N GLU Q 28 61.17 -27.09 30.03
CA GLU Q 28 60.85 -28.53 29.92
C GLU Q 28 60.86 -28.96 28.43
N GLU Q 29 60.32 -28.16 27.51
CA GLU Q 29 60.33 -28.42 26.05
C GLU Q 29 61.77 -28.46 25.51
N ILE Q 30 62.67 -27.69 26.12
CA ILE Q 30 64.06 -27.57 25.71
C ILE Q 30 64.83 -28.79 26.26
N LYS Q 31 64.91 -28.93 27.58
CA LYS Q 31 65.82 -29.85 28.24
C LYS Q 31 65.19 -31.23 28.55
N LYS Q 32 63.94 -31.49 28.14
CA LYS Q 32 63.26 -32.77 28.32
C LYS Q 32 62.51 -33.30 27.08
N ARG Q 33 62.52 -32.62 25.92
CA ARG Q 33 62.24 -33.32 24.66
C ARG Q 33 63.56 -34.00 24.28
N LYS Q 34 63.54 -35.32 24.13
CA LYS Q 34 64.59 -36.06 23.44
C LYS Q 34 64.39 -35.85 21.94
N LYS Q 35 65.49 -35.59 21.23
CA LYS Q 35 65.53 -35.38 19.79
C LYS Q 35 65.66 -36.74 19.09
N ALA Q 36 66.43 -37.65 19.67
CA ALA Q 36 66.67 -39.00 19.22
C ALA Q 36 67.30 -39.81 20.35
N VAL Q 37 67.25 -41.13 20.18
CA VAL Q 37 67.68 -42.18 21.09
C VAL Q 37 67.94 -43.42 20.24
N LEU Q 38 68.79 -44.33 20.72
CA LEU Q 38 69.13 -45.61 20.13
C LEU Q 38 68.57 -46.69 21.06
N PHE Q 39 67.95 -47.73 20.49
CA PHE Q 39 67.45 -48.90 21.19
C PHE Q 39 68.35 -50.09 20.85
N CYS Q 40 68.37 -51.09 21.73
CA CYS Q 40 69.23 -52.27 21.67
C CYS Q 40 68.36 -53.51 21.92
N LEU Q 41 68.82 -54.67 21.45
CA LEU Q 41 68.35 -55.99 21.82
C LEU Q 41 69.01 -56.34 23.16
N SER Q 42 68.28 -56.99 24.08
CA SER Q 42 68.81 -57.57 25.32
C SER Q 42 69.71 -58.76 24.93
N ASP Q 43 70.94 -58.86 25.47
CA ASP Q 43 71.93 -59.83 24.95
C ASP Q 43 71.59 -61.31 25.28
N ASP Q 44 70.53 -61.59 26.02
CA ASP Q 44 69.90 -62.92 26.10
C ASP Q 44 69.23 -63.29 24.75
N LYS Q 45 68.83 -62.26 24.00
CA LYS Q 45 68.38 -62.20 22.62
C LYS Q 45 66.86 -62.34 22.48
N ARG Q 46 66.10 -62.07 23.55
CA ARG Q 46 64.64 -62.23 23.57
C ARG Q 46 63.85 -60.93 23.43
N GLN Q 47 64.39 -59.75 23.77
CA GLN Q 47 63.58 -58.54 23.92
C GLN Q 47 64.32 -57.25 23.53
N ILE Q 48 63.56 -56.23 23.11
CA ILE Q 48 64.10 -54.92 22.74
C ILE Q 48 64.01 -54.01 23.98
N ILE Q 49 65.11 -53.31 24.24
CA ILE Q 49 65.39 -52.42 25.36
C ILE Q 49 65.90 -51.07 24.82
N VAL Q 50 66.08 -50.10 25.74
CA VAL Q 50 66.62 -48.78 25.51
C VAL Q 50 67.76 -48.59 26.51
N GLU Q 51 68.82 -47.90 26.07
CA GLU Q 51 70.04 -47.62 26.79
C GLU Q 51 70.65 -46.35 26.15
N GLU Q 52 71.82 -45.95 26.63
CA GLU Q 52 72.61 -44.83 26.15
C GLU Q 52 73.34 -45.19 24.84
N ALA Q 53 73.85 -44.15 24.15
CA ALA Q 53 74.59 -44.06 22.90
C ALA Q 53 74.49 -42.58 22.43
N LYS Q 54 74.85 -41.68 23.35
CA LYS Q 54 74.50 -40.26 23.49
C LYS Q 54 73.11 -39.88 22.98
N GLN Q 55 72.13 -39.98 23.89
CA GLN Q 55 70.84 -39.31 23.78
C GLN Q 55 71.04 -37.80 23.57
N ILE Q 56 70.25 -37.23 22.69
CA ILE Q 56 70.28 -35.84 22.30
C ILE Q 56 68.88 -35.29 22.60
N LEU Q 57 68.83 -34.09 23.15
CA LEU Q 57 67.64 -33.33 23.44
C LEU Q 57 67.48 -32.25 22.36
N VAL Q 58 66.38 -31.50 22.43
CA VAL Q 58 66.25 -30.15 21.86
C VAL Q 58 67.18 -29.16 22.62
N GLY Q 59 67.69 -29.58 23.78
CA GLY Q 59 68.56 -28.86 24.69
C GLY Q 59 70.00 -28.72 24.20
N ASP Q 60 70.58 -29.76 23.58
CA ASP Q 60 72.00 -29.83 23.16
C ASP Q 60 72.39 -28.75 22.15
N ILE Q 61 71.39 -28.31 21.37
CA ILE Q 61 71.50 -27.34 20.27
C ILE Q 61 71.75 -25.93 20.83
N GLY Q 62 71.21 -25.64 22.01
CA GLY Q 62 71.44 -24.37 22.71
C GLY Q 62 72.76 -24.37 23.50
N ASP Q 63 73.27 -25.56 23.84
CA ASP Q 63 74.47 -25.72 24.66
C ASP Q 63 75.73 -25.74 23.80
N THR Q 64 75.80 -26.55 22.73
CA THR Q 64 77.03 -26.77 21.98
C THR Q 64 76.86 -27.37 20.57
N VAL Q 65 75.87 -28.24 20.33
CA VAL Q 65 75.92 -29.16 19.19
C VAL Q 65 75.22 -28.52 17.96
N GLU Q 66 76.03 -28.18 16.93
CA GLU Q 66 75.71 -27.59 15.61
C GLU Q 66 74.34 -27.97 15.03
N ASP Q 67 74.02 -29.27 15.02
CA ASP Q 67 72.68 -29.81 15.14
C ASP Q 67 72.76 -31.24 15.69
N PRO Q 68 71.77 -31.72 16.47
CA PRO Q 68 71.92 -32.91 17.30
C PRO Q 68 71.87 -34.23 16.52
N TYR Q 69 70.93 -34.44 15.59
CA TYR Q 69 70.86 -35.73 14.87
C TYR Q 69 72.10 -35.96 13.98
N THR Q 70 72.72 -34.90 13.42
CA THR Q 70 73.96 -35.02 12.64
C THR Q 70 75.16 -35.40 13.53
N SER Q 71 75.10 -35.19 14.85
CA SER Q 71 76.09 -35.65 15.82
C SER Q 71 75.83 -37.12 16.19
N PHE Q 72 74.55 -37.51 16.39
CA PHE Q 72 74.09 -38.86 16.73
C PHE Q 72 74.56 -39.93 15.73
N VAL Q 73 74.34 -39.69 14.43
CA VAL Q 73 74.68 -40.59 13.32
C VAL Q 73 76.20 -40.79 13.08
N LYS Q 74 77.06 -40.23 13.95
CA LYS Q 74 78.48 -40.47 13.97
C LYS Q 74 78.83 -41.54 15.03
N LEU Q 75 77.92 -41.84 15.98
CA LEU Q 75 78.20 -42.67 17.17
C LEU Q 75 77.46 -44.01 17.13
N LEU Q 76 76.82 -44.35 16.00
CA LEU Q 76 76.08 -45.60 15.80
C LEU Q 76 77.05 -46.76 15.50
N PRO Q 77 76.73 -48.01 15.89
CA PRO Q 77 77.60 -49.16 15.60
C PRO Q 77 77.50 -49.53 14.10
N LEU Q 78 78.62 -49.48 13.38
CA LEU Q 78 78.69 -49.70 11.93
C LEU Q 78 78.74 -51.20 11.57
N ASN Q 79 78.78 -52.08 12.59
CA ASN Q 79 78.88 -53.54 12.50
C ASN Q 79 77.95 -54.26 13.48
N ASP Q 80 76.90 -53.57 13.95
CA ASP Q 80 75.75 -54.17 14.63
C ASP Q 80 74.48 -53.40 14.22
N CYS Q 81 73.32 -54.02 14.35
CA CYS Q 81 72.03 -53.42 14.07
C CYS Q 81 71.48 -52.77 15.35
N ARG Q 82 70.61 -51.77 15.21
CA ARG Q 82 69.90 -51.05 16.27
C ARG Q 82 68.54 -50.57 15.72
N TYR Q 83 67.67 -50.08 16.60
CA TYR Q 83 66.55 -49.21 16.21
C TYR Q 83 66.80 -47.83 16.81
N ALA Q 84 66.23 -46.78 16.20
CA ALA Q 84 66.30 -45.40 16.64
C ALA Q 84 64.97 -44.70 16.39
N LEU Q 85 64.75 -43.57 17.07
CA LEU Q 85 63.65 -42.64 16.85
C LEU Q 85 64.27 -41.29 16.43
N TYR Q 86 63.44 -40.42 15.86
CA TYR Q 86 63.79 -39.02 15.57
C TYR Q 86 62.54 -38.18 15.78
N ASP Q 87 62.65 -37.11 16.57
CA ASP Q 87 61.69 -36.01 16.67
C ASP Q 87 62.15 -34.98 15.63
N ALA Q 88 61.33 -34.74 14.61
CA ALA Q 88 61.77 -34.59 13.23
C ALA Q 88 61.86 -33.14 12.71
N THR Q 89 61.80 -32.13 13.59
CA THR Q 89 61.68 -30.66 13.37
C THR Q 89 61.96 -30.16 11.94
N TYR Q 90 60.92 -30.00 11.11
CA TYR Q 90 60.95 -29.70 9.70
C TYR Q 90 60.02 -28.55 9.32
N GLU Q 91 60.19 -28.01 8.11
CA GLU Q 91 59.24 -27.12 7.47
C GLU Q 91 58.76 -27.76 6.17
N THR Q 92 57.66 -27.27 5.62
CA THR Q 92 57.18 -27.56 4.29
C THR Q 92 56.45 -26.33 3.74
N LYS Q 93 56.02 -26.39 2.48
CA LYS Q 93 55.57 -25.27 1.65
C LYS Q 93 54.57 -24.28 2.29
N GLU Q 94 53.71 -24.76 3.20
CA GLU Q 94 52.81 -23.92 4.00
C GLU Q 94 52.52 -24.47 5.42
N SER Q 95 53.48 -25.21 6.04
CA SER Q 95 53.33 -25.77 7.39
C SER Q 95 54.71 -25.98 8.04
N LYS Q 96 54.80 -26.00 9.37
CA LYS Q 96 56.01 -26.24 10.17
C LYS Q 96 55.67 -27.36 11.16
N LYS Q 97 56.44 -28.46 11.22
CA LYS Q 97 56.02 -29.71 11.86
C LYS Q 97 57.24 -30.49 12.39
N GLU Q 98 57.07 -31.43 13.32
CA GLU Q 98 58.17 -32.13 14.00
C GLU Q 98 57.97 -33.63 14.20
N ASP Q 99 56.97 -34.25 13.58
CA ASP Q 99 56.31 -35.40 14.20
C ASP Q 99 56.97 -36.71 13.79
N LEU Q 100 56.94 -37.67 14.73
CA LEU Q 100 58.05 -38.56 15.02
C LEU Q 100 58.34 -39.58 13.90
N VAL Q 101 59.62 -39.91 13.75
CA VAL Q 101 60.10 -40.98 12.88
C VAL Q 101 60.39 -42.22 13.74
N PHE Q 102 60.15 -43.41 13.19
CA PHE Q 102 60.70 -44.67 13.69
C PHE Q 102 61.69 -45.20 12.63
N ILE Q 103 62.89 -45.61 13.07
CA ILE Q 103 64.06 -45.89 12.23
C ILE Q 103 64.64 -47.26 12.61
N PHE Q 104 64.77 -48.17 11.65
CA PHE Q 104 65.61 -49.37 11.78
C PHE Q 104 66.98 -49.06 11.17
N TRP Q 105 68.06 -49.26 11.96
CA TRP Q 105 69.44 -49.15 11.55
C TRP Q 105 69.97 -50.59 11.43
N ALA Q 106 70.29 -51.03 10.21
CA ALA Q 106 70.85 -52.36 9.95
C ALA Q 106 71.96 -52.31 8.89
N PRO Q 107 73.19 -51.85 9.25
CA PRO Q 107 74.37 -51.74 8.37
C PRO Q 107 74.60 -52.99 7.52
N GLU Q 108 74.82 -52.87 6.20
CA GLU Q 108 75.06 -53.98 5.26
C GLU Q 108 76.09 -55.02 5.77
N SER Q 109 77.15 -54.56 6.45
CA SER Q 109 78.23 -55.37 7.05
C SER Q 109 77.86 -55.98 8.42
N ALA Q 110 76.82 -55.51 9.13
CA ALA Q 110 76.44 -56.02 10.46
C ALA Q 110 75.88 -57.47 10.37
N PRO Q 111 76.19 -58.38 11.33
CA PRO Q 111 75.81 -59.80 11.31
C PRO Q 111 74.38 -60.12 10.88
N LEU Q 112 74.20 -61.09 9.97
CA LEU Q 112 72.92 -61.45 9.36
C LEU Q 112 71.93 -62.04 10.38
N LYS Q 113 72.42 -62.60 11.49
CA LYS Q 113 71.57 -63.03 12.61
C LYS Q 113 71.14 -61.83 13.48
N SER Q 114 71.94 -60.76 13.61
CA SER Q 114 71.53 -59.53 14.29
C SER Q 114 70.42 -58.85 13.47
N LYS Q 115 70.61 -58.79 12.14
CA LYS Q 115 69.60 -58.34 11.18
C LYS Q 115 68.26 -59.07 11.36
N MET Q 116 68.29 -60.41 11.28
CA MET Q 116 67.12 -61.29 11.44
C MET Q 116 66.43 -61.11 12.80
N ILE Q 117 67.18 -61.08 13.91
CA ILE Q 117 66.61 -60.95 15.25
C ILE Q 117 66.03 -59.53 15.45
N TYR Q 118 66.75 -58.45 15.11
CA TYR Q 118 66.23 -57.09 15.26
C TYR Q 118 65.01 -56.85 14.33
N ALA Q 119 65.11 -57.24 13.05
CA ALA Q 119 64.06 -57.04 12.03
C ALA Q 119 62.73 -57.73 12.40
N SER Q 120 62.77 -58.85 13.13
CA SER Q 120 61.61 -59.62 13.54
C SER Q 120 60.58 -58.81 14.37
N SER Q 121 61.03 -57.76 15.07
CA SER Q 121 60.22 -56.93 15.96
C SER Q 121 59.68 -55.65 15.29
N LYS Q 122 59.94 -55.42 13.99
CA LYS Q 122 59.58 -54.21 13.23
C LYS Q 122 58.05 -53.91 13.16
N ASP Q 123 57.21 -54.94 13.37
CA ASP Q 123 55.76 -54.81 13.49
C ASP Q 123 55.34 -54.74 14.98
N ALA Q 124 56.03 -55.47 15.85
CA ALA Q 124 55.78 -55.55 17.29
C ALA Q 124 56.12 -54.24 18.03
N ILE Q 125 57.02 -53.43 17.45
CA ILE Q 125 57.39 -52.09 17.91
C ILE Q 125 56.59 -51.01 17.17
N LYS Q 126 55.99 -51.32 16.01
CA LYS Q 126 55.04 -50.42 15.34
C LYS Q 126 53.73 -50.40 16.17
N LYS Q 127 53.28 -51.58 16.61
CA LYS Q 127 52.17 -51.85 17.52
C LYS Q 127 52.46 -51.39 18.97
N LYS Q 128 53.05 -50.19 19.12
CA LYS Q 128 53.38 -49.48 20.34
C LYS Q 128 53.27 -47.96 20.13
N PHE Q 129 53.69 -47.46 18.97
CA PHE Q 129 54.12 -46.07 18.79
C PHE Q 129 53.09 -45.27 17.98
N THR Q 130 51.93 -45.04 18.58
CA THR Q 130 50.83 -44.26 18.03
C THR Q 130 51.17 -42.77 18.20
N GLY Q 131 51.63 -42.11 17.13
CA GLY Q 131 52.18 -40.75 17.14
C GLY Q 131 53.45 -40.60 16.29
N ILE Q 132 53.89 -41.68 15.63
CA ILE Q 132 54.83 -41.65 14.50
C ILE Q 132 54.10 -41.09 13.27
N LYS Q 133 54.80 -40.34 12.42
CA LYS Q 133 54.29 -39.80 11.15
C LYS Q 133 55.17 -40.17 9.95
N HIS Q 134 56.43 -40.59 10.16
CA HIS Q 134 57.38 -40.96 9.11
C HIS Q 134 58.09 -42.27 9.52
N GLU Q 135 58.57 -43.09 8.59
CA GLU Q 135 59.03 -44.44 8.90
C GLU Q 135 60.15 -44.86 7.95
N TRP Q 136 61.34 -45.20 8.46
CA TRP Q 136 62.53 -45.52 7.67
C TRP Q 136 63.02 -46.94 8.02
N GLN Q 137 63.57 -47.64 7.03
CA GLN Q 137 64.59 -48.67 7.20
C GLN Q 137 65.86 -48.08 6.54
N VAL Q 138 67.00 -48.06 7.24
CA VAL Q 138 68.24 -47.48 6.77
C VAL Q 138 69.36 -48.51 6.98
N ASN Q 139 70.11 -48.79 5.91
CA ASN Q 139 70.89 -50.02 5.79
C ASN Q 139 72.35 -49.80 5.38
N GLY Q 140 72.71 -48.70 4.72
CA GLY Q 140 74.10 -48.37 4.42
C GLY Q 140 74.63 -47.38 5.45
N LEU Q 141 75.95 -47.19 5.48
CA LEU Q 141 76.62 -46.35 6.48
C LEU Q 141 76.46 -44.85 6.15
N ASP Q 142 76.41 -44.52 4.85
CA ASP Q 142 76.34 -43.13 4.36
C ASP Q 142 74.91 -42.64 4.26
N ASP Q 143 73.97 -43.56 4.02
CA ASP Q 143 72.51 -43.48 3.91
C ASP Q 143 71.77 -42.72 5.05
N ILE Q 144 72.48 -42.24 6.09
CA ILE Q 144 71.97 -41.51 7.26
C ILE Q 144 72.90 -40.37 7.73
N LYS Q 145 74.07 -40.14 7.11
CA LYS Q 145 75.19 -39.38 7.71
C LYS Q 145 74.95 -37.88 8.02
N ASP Q 146 73.92 -37.27 7.45
CA ASP Q 146 73.63 -35.83 7.48
C ASP Q 146 72.12 -35.62 7.36
N ARG Q 147 71.56 -34.55 7.96
CA ARG Q 147 70.20 -34.05 7.76
C ARG Q 147 69.70 -34.05 6.30
N SER Q 148 70.58 -33.71 5.35
CA SER Q 148 70.26 -33.68 3.91
C SER Q 148 69.99 -35.10 3.33
N THR Q 149 70.24 -36.16 4.09
CA THR Q 149 69.98 -37.56 3.74
C THR Q 149 68.96 -38.17 4.75
N LEU Q 150 68.25 -37.33 5.51
CA LEU Q 150 67.13 -37.74 6.37
C LEU Q 150 65.81 -37.22 5.77
N GLY Q 151 65.83 -35.98 5.25
CA GLY Q 151 64.63 -35.25 4.84
C GLY Q 151 63.87 -35.89 3.68
N GLU Q 152 64.57 -36.62 2.80
CA GLU Q 152 64.00 -37.35 1.66
C GLU Q 152 63.13 -38.53 2.12
N LYS Q 153 63.37 -39.05 3.33
CA LYS Q 153 62.68 -40.16 3.96
C LYS Q 153 61.58 -39.66 4.92
N LEU Q 154 61.50 -38.36 5.22
CA LEU Q 154 60.27 -37.73 5.71
C LEU Q 154 59.34 -37.54 4.51
N GLY Q 155 59.92 -37.11 3.38
CA GLY Q 155 59.33 -37.14 2.06
C GLY Q 155 60.10 -36.17 1.19
N GLY Q 156 60.45 -36.55 -0.05
CA GLY Q 156 61.23 -35.72 -0.97
C GLY Q 156 60.57 -34.40 -1.37
N ASN Q 157 59.24 -34.32 -1.22
CA ASN Q 157 58.40 -33.16 -1.50
C ASN Q 157 58.21 -32.26 -0.26
N VAL Q 158 58.78 -32.60 0.90
CA VAL Q 158 58.71 -31.80 2.13
C VAL Q 158 59.47 -30.48 1.92
N VAL Q 159 60.79 -30.59 1.67
CA VAL Q 159 61.77 -29.54 1.41
C VAL Q 159 61.77 -28.43 2.50
N VAL Q 160 62.26 -27.23 2.18
CA VAL Q 160 62.27 -26.02 3.01
C VAL Q 160 63.37 -26.09 4.09
N SER Q 161 63.14 -26.81 5.20
CA SER Q 161 64.04 -26.87 6.34
C SER Q 161 63.90 -28.19 7.10
N LEU Q 162 64.97 -28.61 7.77
CA LEU Q 162 65.08 -29.74 8.68
C LEU Q 162 66.16 -29.41 9.70
N GLU Q 163 65.88 -29.60 11.00
CA GLU Q 163 66.84 -29.58 12.12
C GLU Q 163 67.45 -28.17 12.35
N GLY Q 164 66.81 -27.13 11.80
CA GLY Q 164 67.28 -25.74 11.82
C GLY Q 164 68.20 -25.37 10.65
N LYS Q 165 68.45 -26.28 9.71
CA LYS Q 165 69.19 -26.02 8.47
C LYS Q 165 68.20 -25.99 7.28
N PRO Q 166 68.53 -25.32 6.16
CA PRO Q 166 67.67 -25.33 4.96
C PRO Q 166 67.79 -26.68 4.22
N LEU Q 167 66.65 -27.28 3.86
CA LEU Q 167 66.54 -28.56 3.17
C LEU Q 167 66.11 -28.19 1.74
N NH2 Q 168 67.06 -27.68 0.97
HN1 NH2 Q 168 66.84 -27.41 0.03
HN2 NH2 Q 168 67.99 -27.59 1.35
C ACE R 1 75.72 -74.26 -58.98
O ACE R 1 76.96 -73.93 -58.40
CH3 ACE R 1 75.94 -75.45 -59.91
H1 ACE R 1 76.29 -76.32 -59.34
H2 ACE R 1 76.68 -75.24 -60.68
H3 ACE R 1 75.02 -75.75 -60.41
N MET R 2 75.36 -73.11 -59.79
CA MET R 2 74.98 -71.88 -59.06
C MET R 2 73.84 -72.06 -58.04
N ALA R 3 72.77 -72.76 -58.44
CA ALA R 3 71.67 -73.20 -57.58
C ALA R 3 70.87 -72.04 -56.99
N SER R 4 70.45 -72.18 -55.72
CA SER R 4 69.52 -71.33 -54.96
C SER R 4 68.07 -71.77 -55.24
N GLY R 5 67.07 -71.05 -54.70
CA GLY R 5 65.65 -71.35 -54.93
C GLY R 5 65.13 -70.68 -56.21
N VAL R 6 64.28 -71.39 -56.97
CA VAL R 6 63.61 -70.88 -58.17
C VAL R 6 62.48 -69.89 -57.79
N THR R 7 62.00 -69.13 -58.78
CA THR R 7 61.11 -67.98 -58.61
C THR R 7 59.89 -68.06 -59.54
N VAL R 8 58.88 -67.23 -59.30
CA VAL R 8 57.64 -67.21 -60.07
C VAL R 8 57.74 -66.25 -61.25
N ASN R 9 56.95 -66.51 -62.29
CA ASN R 9 56.45 -65.47 -63.19
C ASN R 9 55.19 -64.94 -62.50
N ASP R 10 55.14 -63.65 -62.15
CA ASP R 10 54.07 -62.92 -61.46
C ASP R 10 52.65 -63.11 -62.04
N GLU R 11 52.54 -63.69 -63.24
CA GLU R 11 51.34 -64.21 -63.89
C GLU R 11 50.52 -65.16 -63.00
N VAL R 12 51.18 -65.95 -62.14
CA VAL R 12 50.53 -66.82 -61.15
C VAL R 12 49.76 -66.02 -60.08
N ILE R 13 50.22 -64.80 -59.78
CA ILE R 13 49.65 -63.92 -58.76
C ILE R 13 48.46 -63.14 -59.35
N LYS R 14 48.32 -63.05 -60.69
CA LYS R 14 47.14 -62.50 -61.33
C LYS R 14 45.90 -63.39 -61.14
N VAL R 15 46.08 -64.70 -60.92
CA VAL R 15 45.01 -65.61 -60.55
C VAL R 15 44.72 -65.42 -59.04
N PHE R 16 45.76 -65.34 -58.21
CA PHE R 16 45.63 -65.09 -56.77
C PHE R 16 44.92 -63.76 -56.47
N ASN R 17 45.27 -62.67 -57.18
CA ASN R 17 44.62 -61.35 -57.07
C ASN R 17 43.17 -61.35 -57.57
N ASP R 18 42.84 -62.17 -58.59
CA ASP R 18 41.46 -62.38 -59.02
C ASP R 18 40.64 -63.09 -57.92
N MET R 19 41.25 -64.06 -57.23
CA MET R 19 40.61 -64.89 -56.22
C MET R 19 40.52 -64.21 -54.85
N LYS R 20 41.61 -63.58 -54.36
CA LYS R 20 41.73 -63.13 -52.97
C LYS R 20 40.95 -61.84 -52.63
N VAL R 21 40.11 -61.36 -53.55
CA VAL R 21 39.16 -60.26 -53.39
C VAL R 21 37.89 -60.61 -54.17
N ARG R 22 36.74 -60.16 -53.64
CA ARG R 22 35.45 -60.25 -54.27
C ARG R 22 34.98 -58.86 -54.71
N LYS R 23 34.01 -58.88 -55.60
CA LYS R 23 33.28 -57.79 -56.21
C LYS R 23 31.96 -58.44 -56.69
N SER R 24 31.26 -57.80 -57.63
CA SER R 24 29.98 -58.23 -58.19
C SER R 24 30.03 -59.61 -58.89
N SER R 25 28.87 -60.28 -58.92
CA SER R 25 28.61 -61.50 -59.69
C SER R 25 28.32 -61.15 -61.16
N THR R 26 27.85 -59.91 -61.40
CA THR R 26 27.30 -59.30 -62.62
C THR R 26 26.25 -60.25 -63.26
N GLN R 27 26.37 -60.50 -64.56
CA GLN R 27 25.79 -61.62 -65.31
C GLN R 27 26.84 -62.22 -66.26
N GLU R 28 28.14 -61.97 -65.98
CA GLU R 28 29.27 -62.49 -66.73
C GLU R 28 30.44 -62.87 -65.81
N GLU R 29 30.64 -62.14 -64.70
CA GLU R 29 31.71 -62.35 -63.72
C GLU R 29 31.56 -63.69 -63.00
N ILE R 30 30.32 -64.17 -62.86
CA ILE R 30 29.93 -65.55 -62.55
C ILE R 30 30.71 -66.62 -63.34
N LYS R 31 30.96 -66.43 -64.65
CA LYS R 31 31.76 -67.32 -65.49
C LYS R 31 33.20 -66.78 -65.71
N LYS R 32 33.70 -65.93 -64.79
CA LYS R 32 35.10 -65.49 -64.73
C LYS R 32 35.74 -65.80 -63.36
N ARG R 33 34.95 -65.87 -62.26
CA ARG R 33 35.46 -66.29 -60.94
C ARG R 33 35.73 -67.80 -61.02
N LYS R 34 36.92 -68.24 -60.65
CA LYS R 34 37.29 -69.63 -60.43
C LYS R 34 37.98 -69.68 -59.07
N LYS R 35 37.81 -70.76 -58.29
CA LYS R 35 38.02 -70.73 -56.84
C LYS R 35 39.04 -71.74 -56.31
N ALA R 36 39.71 -72.46 -57.21
CA ALA R 36 40.88 -73.29 -56.96
C ALA R 36 41.74 -73.26 -58.21
N VAL R 37 43.07 -73.26 -58.06
CA VAL R 37 44.06 -73.22 -59.13
C VAL R 37 45.21 -74.17 -58.80
N LEU R 38 45.76 -74.83 -59.84
CA LEU R 38 46.98 -75.62 -59.82
C LEU R 38 48.06 -74.75 -60.48
N PHE R 39 49.27 -74.77 -59.92
CA PHE R 39 50.47 -74.17 -60.49
C PHE R 39 51.49 -75.29 -60.64
N CYS R 40 52.38 -75.10 -61.62
CA CYS R 40 53.40 -76.05 -62.03
C CYS R 40 54.71 -75.29 -62.15
N LEU R 41 55.81 -76.00 -61.89
CA LEU R 41 57.17 -75.61 -62.25
C LEU R 41 57.31 -75.90 -63.77
N SER R 42 57.87 -74.96 -64.55
CA SER R 42 57.98 -74.84 -66.02
C SER R 42 58.32 -76.08 -66.87
N ASP R 43 58.53 -75.89 -68.18
CA ASP R 43 58.93 -76.89 -69.16
C ASP R 43 60.36 -77.39 -68.88
N ASP R 44 61.27 -76.44 -68.64
CA ASP R 44 62.67 -76.67 -68.27
C ASP R 44 62.80 -76.93 -66.75
N LYS R 45 61.89 -76.35 -65.95
CA LYS R 45 61.69 -76.52 -64.52
C LYS R 45 62.51 -75.56 -63.65
N ARG R 46 62.62 -74.30 -64.08
CA ARG R 46 63.37 -73.24 -63.42
C ARG R 46 62.50 -72.03 -63.01
N GLN R 47 61.25 -71.94 -63.48
CA GLN R 47 60.31 -70.87 -63.12
C GLN R 47 58.93 -71.49 -62.81
N ILE R 48 58.11 -70.83 -62.00
CA ILE R 48 56.74 -71.29 -61.74
C ILE R 48 55.82 -70.64 -62.80
N ILE R 49 54.82 -71.42 -63.24
CA ILE R 49 53.77 -71.10 -64.19
C ILE R 49 52.41 -71.58 -63.62
N VAL R 50 51.31 -71.16 -64.25
CA VAL R 50 49.96 -71.68 -64.04
C VAL R 50 49.73 -72.75 -65.13
N GLU R 51 48.86 -73.71 -64.85
CA GLU R 51 48.65 -74.93 -65.63
C GLU R 51 47.15 -75.23 -65.75
N GLU R 52 46.80 -76.01 -66.78
CA GLU R 52 45.46 -76.53 -67.00
C GLU R 52 45.25 -77.66 -65.98
N ALA R 53 44.13 -77.59 -65.27
CA ALA R 53 43.70 -78.52 -64.25
C ALA R 53 42.18 -78.41 -64.16
N LYS R 54 41.50 -79.38 -63.54
CA LYS R 54 40.04 -79.36 -63.40
C LYS R 54 39.62 -78.57 -62.14
N GLN R 55 39.99 -77.29 -62.27
CA GLN R 55 39.41 -76.09 -61.68
C GLN R 55 38.03 -75.90 -62.33
N ILE R 56 37.15 -75.18 -61.65
CA ILE R 56 35.79 -74.86 -62.08
C ILE R 56 35.59 -73.37 -61.84
N LEU R 57 34.73 -72.75 -62.65
CA LEU R 57 34.21 -71.41 -62.42
C LEU R 57 33.06 -71.54 -61.41
N VAL R 58 32.82 -70.49 -60.61
CA VAL R 58 31.73 -70.45 -59.62
C VAL R 58 30.35 -70.55 -60.31
N GLY R 59 30.26 -70.11 -61.57
CA GLY R 59 29.10 -70.22 -62.43
C GLY R 59 28.91 -71.59 -63.10
N ASP R 60 29.74 -72.60 -62.83
CA ASP R 60 29.61 -73.96 -63.42
C ASP R 60 28.73 -74.86 -62.55
N ILE R 61 28.36 -74.39 -61.34
CA ILE R 61 27.45 -75.04 -60.39
C ILE R 61 25.99 -74.99 -60.92
N GLY R 62 25.70 -74.15 -61.92
CA GLY R 62 24.43 -74.17 -62.65
C GLY R 62 24.42 -75.18 -63.80
N ASP R 63 25.59 -75.64 -64.24
CA ASP R 63 25.79 -76.40 -65.47
C ASP R 63 25.90 -77.90 -65.12
N THR R 64 26.95 -78.29 -64.38
CA THR R 64 27.37 -79.70 -64.25
C THR R 64 28.34 -79.93 -63.06
N VAL R 65 28.30 -79.11 -62.01
CA VAL R 65 29.24 -79.20 -60.88
C VAL R 65 28.45 -79.32 -59.57
N GLU R 66 28.98 -80.11 -58.64
CA GLU R 66 28.51 -80.33 -57.26
C GLU R 66 29.13 -79.20 -56.41
N ASP R 67 29.80 -79.49 -55.27
CA ASP R 67 30.65 -78.50 -54.59
C ASP R 67 31.81 -78.06 -55.52
N PRO R 68 32.24 -76.78 -55.48
CA PRO R 68 33.30 -76.26 -56.36
C PRO R 68 34.72 -76.65 -55.90
N TYR R 69 34.95 -77.93 -55.54
CA TYR R 69 36.28 -78.46 -55.28
C TYR R 69 36.44 -79.95 -55.62
N THR R 70 35.36 -80.75 -55.61
CA THR R 70 35.32 -82.19 -55.93
C THR R 70 36.17 -82.69 -57.12
N SER R 71 36.23 -81.93 -58.23
CA SER R 71 36.93 -82.33 -59.45
C SER R 71 38.46 -82.19 -59.32
N PHE R 72 38.92 -81.24 -58.51
CA PHE R 72 40.33 -80.86 -58.41
C PHE R 72 41.10 -81.95 -57.65
N VAL R 73 40.60 -82.33 -56.47
CA VAL R 73 41.13 -83.33 -55.54
C VAL R 73 40.93 -84.80 -56.03
N LYS R 74 40.58 -84.98 -57.30
CA LYS R 74 40.53 -86.27 -58.00
C LYS R 74 41.35 -86.22 -59.30
N LEU R 75 41.95 -85.07 -59.65
CA LEU R 75 42.70 -84.81 -60.88
C LEU R 75 43.99 -84.05 -60.57
N LEU R 76 44.55 -84.28 -59.38
CA LEU R 76 45.92 -83.89 -59.01
C LEU R 76 46.87 -85.00 -59.54
N PRO R 77 47.98 -84.67 -60.25
CA PRO R 77 49.01 -85.64 -60.67
C PRO R 77 49.50 -86.55 -59.53
N LEU R 78 49.26 -87.87 -59.64
CA LEU R 78 49.60 -88.84 -58.60
C LEU R 78 51.10 -89.19 -58.62
N ASN R 79 51.81 -88.86 -59.72
CA ASN R 79 53.21 -89.20 -59.96
C ASN R 79 54.04 -87.97 -60.33
N ASP R 80 53.60 -86.78 -59.91
CA ASP R 80 54.40 -85.55 -59.89
C ASP R 80 53.93 -84.68 -58.73
N CYS R 81 54.76 -83.75 -58.27
CA CYS R 81 54.41 -82.75 -57.27
C CYS R 81 53.76 -81.55 -57.97
N ARG R 82 52.95 -80.78 -57.24
CA ARG R 82 52.31 -79.55 -57.70
C ARG R 82 52.25 -78.54 -56.55
N TYR R 83 52.03 -77.27 -56.88
CA TYR R 83 51.52 -76.30 -55.93
C TYR R 83 50.04 -76.09 -56.31
N ALA R 84 49.20 -75.72 -55.35
CA ALA R 84 47.84 -75.25 -55.59
C ALA R 84 47.49 -74.10 -54.65
N LEU R 85 46.48 -73.31 -55.01
CA LEU R 85 45.90 -72.26 -54.20
C LEU R 85 44.39 -72.46 -54.29
N TYR R 86 43.70 -72.36 -53.15
CA TYR R 86 42.30 -72.65 -52.94
C TYR R 86 41.71 -71.48 -52.14
N ASP R 87 40.58 -70.95 -52.61
CA ASP R 87 39.74 -70.00 -51.89
C ASP R 87 38.69 -70.86 -51.16
N ALA R 88 38.75 -70.90 -49.83
CA ALA R 88 37.95 -71.79 -48.98
C ALA R 88 36.71 -71.03 -48.52
N THR R 89 35.52 -71.56 -48.79
CA THR R 89 34.25 -70.99 -48.37
C THR R 89 33.69 -71.93 -47.29
N TYR R 90 33.43 -71.43 -46.08
CA TYR R 90 33.05 -72.24 -44.94
C TYR R 90 32.20 -71.47 -43.92
N GLU R 91 31.65 -72.20 -42.96
CA GLU R 91 30.98 -71.69 -41.78
C GLU R 91 31.58 -72.39 -40.57
N THR R 92 31.75 -71.65 -39.47
CA THR R 92 32.54 -72.02 -38.31
C THR R 92 31.74 -71.72 -37.04
N LYS R 93 32.19 -72.25 -35.90
CA LYS R 93 31.51 -72.33 -34.60
C LYS R 93 30.70 -71.11 -34.14
N GLU R 94 31.12 -69.89 -34.51
CA GLU R 94 30.54 -68.61 -34.14
C GLU R 94 30.53 -67.60 -35.31
N SER R 95 30.77 -68.00 -36.57
CA SER R 95 30.83 -67.09 -37.72
C SER R 95 30.72 -67.82 -39.07
N LYS R 96 30.46 -67.07 -40.15
CA LYS R 96 30.49 -67.52 -41.54
C LYS R 96 31.76 -66.88 -42.13
N LYS R 97 32.60 -67.60 -42.89
CA LYS R 97 33.94 -67.12 -43.25
C LYS R 97 34.39 -67.53 -44.66
N GLU R 98 35.31 -66.75 -45.23
CA GLU R 98 35.93 -66.96 -46.53
C GLU R 98 37.43 -66.69 -46.39
N ASP R 99 38.30 -67.65 -46.74
CA ASP R 99 39.75 -67.64 -46.56
C ASP R 99 40.48 -68.20 -47.76
N LEU R 100 41.82 -68.06 -47.80
CA LEU R 100 42.70 -68.54 -48.85
C LEU R 100 43.88 -69.27 -48.21
N VAL R 101 44.20 -70.45 -48.73
CA VAL R 101 45.18 -71.40 -48.20
C VAL R 101 46.03 -71.95 -49.36
N PHE R 102 47.36 -72.00 -49.18
CA PHE R 102 48.31 -72.51 -50.17
C PHE R 102 48.54 -73.99 -49.88
N ILE R 103 48.63 -74.77 -50.97
CA ILE R 103 48.72 -76.22 -50.95
C ILE R 103 50.05 -76.59 -51.60
N PHE R 104 50.89 -77.30 -50.84
CA PHE R 104 52.03 -78.05 -51.36
C PHE R 104 51.53 -79.50 -51.49
N TRP R 105 51.46 -80.00 -52.73
CA TRP R 105 51.07 -81.36 -53.07
C TRP R 105 52.36 -82.12 -53.40
N ALA R 106 52.72 -83.12 -52.57
CA ALA R 106 53.91 -83.94 -52.73
C ALA R 106 53.61 -85.43 -52.49
N PRO R 107 53.01 -86.15 -53.47
CA PRO R 107 52.72 -87.58 -53.34
C PRO R 107 54.03 -88.38 -53.46
N GLU R 108 54.18 -89.43 -52.64
CA GLU R 108 55.46 -90.09 -52.42
C GLU R 108 56.10 -90.74 -53.65
N SER R 109 55.26 -91.12 -54.62
CA SER R 109 55.62 -91.71 -55.91
C SER R 109 56.19 -90.67 -56.91
N ALA R 110 56.15 -89.37 -56.58
CA ALA R 110 56.67 -88.30 -57.44
C ALA R 110 58.22 -88.34 -57.51
N PRO R 111 58.84 -88.20 -58.71
CA PRO R 111 60.30 -88.14 -58.92
C PRO R 111 61.03 -87.18 -57.98
N LEU R 112 62.14 -87.64 -57.39
CA LEU R 112 62.89 -86.98 -56.32
C LEU R 112 63.38 -85.57 -56.65
N LYS R 113 63.73 -85.29 -57.93
CA LYS R 113 64.13 -83.95 -58.35
C LYS R 113 62.96 -82.96 -58.24
N SER R 114 61.74 -83.39 -58.57
CA SER R 114 60.52 -82.59 -58.45
C SER R 114 60.17 -82.41 -56.96
N LYS R 115 60.21 -83.51 -56.19
CA LYS R 115 59.96 -83.54 -54.74
C LYS R 115 60.90 -82.58 -53.98
N MET R 116 62.17 -82.48 -54.37
CA MET R 116 63.14 -81.55 -53.80
C MET R 116 62.84 -80.10 -54.22
N ILE R 117 62.58 -79.81 -55.51
CA ILE R 117 62.45 -78.43 -56.00
C ILE R 117 61.10 -77.83 -55.60
N TYR R 118 59.98 -78.57 -55.63
CA TYR R 118 58.67 -78.05 -55.21
C TYR R 118 58.66 -77.71 -53.70
N ALA R 119 59.45 -78.41 -52.88
CA ALA R 119 59.69 -78.08 -51.48
C ALA R 119 60.52 -76.77 -51.38
N SER R 120 61.69 -76.72 -52.04
CA SER R 120 62.60 -75.56 -52.03
C SER R 120 62.15 -74.41 -52.98
N SER R 121 60.84 -74.26 -53.17
CA SER R 121 60.21 -73.16 -53.89
C SER R 121 58.86 -72.74 -53.29
N LYS R 122 58.18 -73.62 -52.53
CA LYS R 122 56.96 -73.41 -51.75
C LYS R 122 56.93 -72.04 -51.05
N ASP R 123 57.92 -71.83 -50.19
CA ASP R 123 58.00 -70.69 -49.28
C ASP R 123 58.48 -69.41 -50.01
N ALA R 124 58.95 -69.52 -51.26
CA ALA R 124 59.33 -68.40 -52.12
C ALA R 124 58.12 -67.87 -52.91
N ILE R 125 57.23 -68.74 -53.42
CA ILE R 125 55.94 -68.31 -53.99
C ILE R 125 55.02 -67.77 -52.88
N LYS R 126 55.08 -68.34 -51.66
CA LYS R 126 54.34 -67.86 -50.48
C LYS R 126 54.82 -66.48 -49.94
N LYS R 127 55.96 -65.97 -50.41
CA LYS R 127 56.40 -64.59 -50.14
C LYS R 127 55.78 -63.61 -51.16
N LYS R 128 55.42 -64.08 -52.36
CA LYS R 128 54.75 -63.25 -53.38
C LYS R 128 53.22 -63.29 -53.18
N PHE R 129 52.67 -64.38 -52.62
CA PHE R 129 51.26 -64.56 -52.29
C PHE R 129 51.01 -64.17 -50.80
N THR R 130 50.92 -62.87 -50.51
CA THR R 130 50.58 -62.35 -49.17
C THR R 130 49.05 -62.37 -48.99
N GLY R 131 48.58 -62.68 -47.78
CA GLY R 131 47.16 -62.75 -47.44
C GLY R 131 46.60 -64.18 -47.47
N ILE R 132 47.47 -65.17 -47.70
CA ILE R 132 47.18 -66.58 -47.47
C ILE R 132 47.39 -66.81 -45.96
N LYS R 133 46.33 -67.23 -45.27
CA LYS R 133 46.24 -67.19 -43.82
C LYS R 133 46.72 -68.51 -43.19
N HIS R 134 46.58 -69.64 -43.90
CA HIS R 134 46.90 -70.99 -43.43
C HIS R 134 47.62 -71.76 -44.56
N GLU R 135 48.22 -72.92 -44.24
CA GLU R 135 49.02 -73.73 -45.14
C GLU R 135 48.48 -75.17 -45.13
N TRP R 136 48.49 -75.85 -46.28
CA TRP R 136 48.32 -77.30 -46.40
C TRP R 136 49.63 -77.89 -46.95
N GLN R 137 50.30 -78.73 -46.15
CA GLN R 137 51.19 -79.79 -46.63
C GLN R 137 50.26 -80.99 -46.86
N VAL R 138 50.27 -81.56 -48.08
CA VAL R 138 49.47 -82.68 -48.52
C VAL R 138 50.40 -83.70 -49.19
N ASN R 139 50.45 -84.93 -48.66
CA ASN R 139 51.44 -85.94 -49.06
C ASN R 139 50.83 -87.25 -49.59
N GLY R 140 49.51 -87.30 -49.78
CA GLY R 140 48.85 -88.44 -50.41
C GLY R 140 47.41 -88.11 -50.77
N LEU R 141 46.74 -88.97 -51.54
CA LEU R 141 45.31 -88.82 -51.84
C LEU R 141 44.44 -89.11 -50.60
N ASP R 142 44.97 -89.85 -49.60
CA ASP R 142 44.33 -90.15 -48.30
C ASP R 142 44.22 -88.88 -47.44
N ASP R 143 45.01 -87.87 -47.77
CA ASP R 143 45.25 -86.61 -47.07
C ASP R 143 44.38 -85.47 -47.60
N ILE R 144 43.63 -85.69 -48.70
CA ILE R 144 42.81 -84.71 -49.41
C ILE R 144 41.57 -85.37 -50.08
N LYS R 145 41.18 -86.58 -49.64
CA LYS R 145 40.20 -87.42 -50.34
C LYS R 145 38.73 -86.96 -50.22
N ASP R 146 38.40 -86.18 -49.18
CA ASP R 146 37.05 -85.94 -48.66
C ASP R 146 36.87 -84.45 -48.33
N ARG R 147 36.04 -84.11 -47.33
CA ARG R 147 35.83 -82.74 -46.84
C ARG R 147 36.48 -82.56 -45.47
N SER R 148 36.48 -83.61 -44.63
CA SER R 148 37.10 -83.67 -43.31
C SER R 148 38.63 -83.50 -43.36
N THR R 149 39.31 -84.10 -44.34
CA THR R 149 40.76 -83.94 -44.55
C THR R 149 41.15 -82.59 -45.18
N LEU R 150 40.18 -81.78 -45.61
CA LEU R 150 40.38 -80.38 -46.00
C LEU R 150 40.19 -79.54 -44.73
N GLY R 151 39.08 -79.75 -44.02
CA GLY R 151 38.67 -78.97 -42.85
C GLY R 151 39.61 -79.10 -41.64
N GLU R 152 40.28 -80.25 -41.51
CA GLU R 152 41.40 -80.54 -40.61
C GLU R 152 42.50 -79.45 -40.66
N LYS R 153 42.88 -79.11 -41.90
CA LYS R 153 43.98 -78.22 -42.23
C LYS R 153 43.46 -76.77 -42.42
N LEU R 154 42.18 -76.52 -42.11
CA LEU R 154 41.56 -75.21 -41.87
C LEU R 154 41.23 -75.08 -40.37
N GLY R 155 42.00 -75.75 -39.50
CA GLY R 155 41.93 -75.63 -38.06
C GLY R 155 40.75 -76.36 -37.40
N GLY R 156 40.03 -77.19 -38.16
CA GLY R 156 38.98 -78.11 -37.70
C GLY R 156 37.66 -77.45 -37.25
N ASN R 157 37.64 -76.13 -37.05
CA ASN R 157 36.52 -75.38 -36.47
C ASN R 157 35.35 -75.18 -37.46
N VAL R 158 35.59 -75.46 -38.73
CA VAL R 158 34.76 -75.27 -39.92
C VAL R 158 33.57 -76.27 -40.02
N VAL R 159 33.13 -76.82 -38.88
CA VAL R 159 32.20 -77.95 -38.78
C VAL R 159 30.79 -77.68 -39.38
N VAL R 160 30.34 -76.42 -39.33
CA VAL R 160 28.99 -76.00 -39.64
C VAL R 160 28.72 -76.15 -41.15
N SER R 161 29.68 -75.76 -41.99
CA SER R 161 29.69 -76.04 -43.43
C SER R 161 31.08 -75.76 -44.00
N LEU R 162 31.45 -76.51 -45.05
CA LEU R 162 32.62 -76.32 -45.89
C LEU R 162 32.13 -76.52 -47.32
N GLU R 163 32.17 -75.49 -48.16
CA GLU R 163 31.79 -75.49 -49.58
C GLU R 163 30.28 -75.76 -49.81
N GLY R 164 29.46 -75.41 -48.81
CA GLY R 164 28.03 -75.69 -48.75
C GLY R 164 27.68 -77.08 -48.22
N LYS R 165 28.68 -77.91 -47.87
CA LYS R 165 28.49 -79.23 -47.29
C LYS R 165 28.78 -79.14 -45.77
N PRO R 166 27.83 -79.49 -44.88
CA PRO R 166 28.09 -79.79 -43.47
C PRO R 166 29.23 -80.83 -43.31
N LEU R 167 30.11 -80.64 -42.32
CA LEU R 167 31.32 -81.44 -42.15
C LEU R 167 31.04 -82.71 -41.31
N NH2 R 168 29.81 -82.90 -40.84
HN1 NH2 R 168 29.61 -83.72 -40.29
HN2 NH2 R 168 29.11 -82.22 -41.08
#